data_7YED
#
_entry.id   7YED
#
_cell.length_a   1.00
_cell.length_b   1.00
_cell.length_c   1.00
_cell.angle_alpha   90.00
_cell.angle_beta   90.00
_cell.angle_gamma   90.00
#
_symmetry.space_group_name_H-M   'P 1'
#
loop_
_entity.id
_entity.type
_entity.pdbx_description
1 polymer 'RNA helicase'
2 polymer 'Lambda-2 protein'
3 polymer "RNA (5'-R(P*UP*UP*UP*AP*AP*AP*AP*AP*UP*UP*UP*UP*AP*AP*AP*AP*UP*AP*AP*UP*U)-3')"
4 polymer 'RNA (36-MER)'
5 polymer 'RNA-directed RNA polymerase'
6 polymer 'RNA (36-MER)'
7 polymer 'Mu-2 protein'
8 non-polymer 'ZINC ION'
9 non-polymer S-ADENOSYLMETHIONINE
10 non-polymer "GUANOSINE-5'-TRIPHOSPHATE"
11 non-polymer "URIDINE 5'-TRIPHOSPHATE"
12 non-polymer 'MAGNESIUM ION'
#
loop_
_entity_poly.entity_id
_entity_poly.type
_entity_poly.pdbx_seq_one_letter_code
_entity_poly.pdbx_strand_id
1 'polypeptide(L)'
;MKRIPRKTKGKSSGKGNDSTSRSDDGSSQLRDKQSNKANPATAEPGTSNCEHYKARPGIASVQKATESAELPMKNNDEGT
PDKRGNTKGALVNEHVEARDEADDATKKQAKDTEKAKAQVTYSDTGINNANELSRSGNVDNEGGSNQKPMSTRIAEATSA
IVSKHPARVGLPPTASSGHGYQCHVCSAVLFSPLDLDAHVASHGLHGNMTLTSSEIQRHITEFISSWQNHPIVQVSADVE
NRKTAQLLHADTPRLVTWDAGLCTSFKIVPIVPAQVPQDVLAYTFFTSSYAIQSPFPEAAVSRIVVHTRWASNVDFDRDS
SVIMAPPTENNIHLFKQLLNTETLSVRGANPLMFRANVLHMLLEFVLDNLYLNRHTGFSQDHTPFTEGANLRSLPGPDAE
KWYSIMYPTRMGTPNVSKICNFVASCVRNRVGRFDRAQMMNGAMSEWVDVFETSDALTVSIRGRWMARLARMNINPTEIE
WALTECAQGYVTVTSPYAPSVNRLMPYRISNAERQISQIIRVMNIGNNATVIQPVLQDISVLLQRISPLQIDPTIISNTM
STVSESTTQTLSPASSILGKLRPSNSDFSSFRVALAGWLYNGVVTTVIDDSSYPKDGGSVTSLENLWDFFILALALPLTT
DPCAPVKAFMTLANMMVGFETIPMDNQIYTQSRRASAFSTPHTWPRCFMNIQLISPIDAPILRQWAEIIHRYWPNPSQIR
YGTPNVFGSANLFTPPEVLLLPIDHQPANVTTPTLDFTNELTNWRARVCELMKNLVDNQRYQPGWTQSLVSSMRGTLGKL
KLIKSMTPMYLQQLAPVELAVIAPMLPFPPFQVPYVRLDRDRVPTMVGVTRQSRDTITQPALSLSTTNTTVGVPLALDAR
AITVALLSGKYPPDLVTNVWYADAIYPMYADTEVFSNLQRDVITCEAVQTLVTLVAQISETQYPVDRYLDWIPSLRASAA
TAATFAEWVNTSMKTAFDLSDMLLEPLLSGDPRMTQLAIQYQQYNGRTFNVIPEMPGSVIADCVQLTAEVFNHEYNLFGI
ARGDIIIGRVQSTHLWSPLAPPPDLVFDRDTPGVHIFGRDCRISFGMNGAAPMIRDETGMMVPFEGNWIFPLALWQMNTR
YFNQQFDAWIKTGELRIRIEMGAYPYMLHYYDPRQYANAWNLTSAWLEEITPTSIPSVPFMVPISSDHDISSAPAVQYII
STEYNDRSLFCTNSSSPQTIAGPDKHIPVERYNILTNPDAPPTQIQLPEVVDLYNVVTRYAYETPPITAVVMGVP
;
1,2,3,4,5,A,B,C,D,E,a,b,c,d,e
2 'polypeptide(L)'
;MANVWGVRLADSLSSPTIETRTRHYTLHDFYSDLDASVGKEPWRPLRNQRTNEIVAVQLFRPLQGLVFDTQLYGFPGTFS
QWEQFMKEKLRVLKYEVLRIYPISTYNHDRVNVFVANALVGAFLSNQAFYDLLPLLIVNDTMISDLLGTGAALSQFFQSH
GEVLEVAAGRKYLQMNNYSNDDDDPPLFAKDLSDYAKAFYSDTYEVLDRFFWTHDSSAGVLVHYDKPTNGNHYILGTLTQ
MVSAPPHIINATDALLLESCLEQFAANVRARSAQPVTRLDQCYHLRWGAQYVGEDSLTYRLGVLSLLATNGYQLARPIPK
QLTNRWLSSFVSQVVSDGINETPLWPQERYVQIAYDSPSVVDGATQYGYVRRNQLRLGMRISALQSLSDTPAPVQWLPQY
TIDQVAVDEGDAMVSQLTQLPLRPDYGSIWIGEALSYYVDYNRSHRVVLSSELPQLPDTYFDGDEQYGRSLFSLARKVGD
RSLVKDTAVLKHAYQAIDPNTGKEYLRAGQSVAYFGASAGHSGADQPLVIEPWMQGKISGVPPPSSVRQFGYDVAKGAIV
DLARPFPSGDYQFVYSDVDQVVDGHDDLSISSGLVESLLDSCVHATAPGGSFVMKINFPTRTVWHYIEQKILPNVTSYML
IKPFVTNNVEVFFVAFGVHQQSALTWTSGVYFFLVDHFYRYETLSAISRQLPSFGYVDDGSSVTGIEIISIENPGFSNMT
QAARVGISGLCANVGNARKSIAIYESHGARVLTITSRRSPASARRKARLRYLPLIDPRSLEVQARTILPSNPVLFDNING
ASPHVCLTMMYNFEVSSAVYDGDVVLDLGTGPEAKILELIPSTSPVTCVDIRPTAQPNGCWNVRTTFLELDYLSDGWITG
VRGDIVTCMLSLGAAAAGKSMTFDAAFQQLVRVLTRSTANVLLIQVNCPTDVIRTIKGYLEIDQTNKRYKFPKFGRDEPY
SDMDSLERICRAAWPNCSITWVPLSYDLRWTKLALLESTTLSSASVRIAELMYKYMPIMRIDIHGLPMEKQGNFIVGQNC
SLVIPGFNAQDVFNCYFNSALAFSTEDVNSAMIPQVTAQFDANKGEWSLDMVFSDAGIYTMQALVGSNANPVSLGSFVVD
SPDVDITDAWPAQLDFTIAGTDVDITVNPYYRLMAFVKIDGQWQIANPDKFQFFSSNTGTLVMNVKLDIADRYLLYYIRD
VQSRDVGFYIQHPLQLLNTITLPTNEDLFLSAPDMREWAVKESGNTICILNSPGFIPPQDWDVLTDTISWSPSLPTYVVP
PGDYTLTPL
;
H,I,J,K,L
3 'polyribonucleotide' UUUAAAAAUUUUAAAAUAAUU M
4 'polyribonucleotide' AUAUAUAUAUAUUAAAAUAAUUUUAUAUAUAUAUAU N
5 'polypeptide(L)'
;MSSMILTQFGPFIESISGITDQSNDVFENAAKAFSMFTRSDVYKALDEIPFSEDAMLPIPPTIYTKPSHDSYYYIDALNR
VRRKTYQGPDDVYVPNCSIVELLEPHETLTSYGRLSEAIENRAKDGDSQARIATTYGRIAESQARQIKAPLEKFVLALLV
AEAGGSLYDPVLQKYDEIPGLSHNCPLWCFREICRHISGPLPDRAPYLYLSAGVFWLMSPRMTSAIPPLLSDLVNLAILQ
QTAGLDPSLVRLGVQICLHAAASSSYAWFILKTKSIFPQNTLHSMYESLEGGYCPNLEWLEPRSDYKFMYMGAMPLSTKY
ARSAPSNDKKARELGEKYGLSSVVSELRRRTKTYSKHDFTSVRYIRDAMACTSGIFLVRTPTETVLQEYTQSPEIKVPIP
QKDWTGPIGEIRILKDTTSSIARYLYRTWYLAAARMAAQPRTWDPLFQAIMRSQYVTARGGSGATLRESLYAINVSLPDF
KGLPVKAATKIFQAAQLANLPFSHTSVAILADTSMGLRNQVQRRPRSIMPLNVPQQQVSAPHTLTADYINYHMNLSTTSG
SAVIEKVIPLGVYASSPPNQSINIDISACDASITWDFFLSVIMAAIHEGVASSSIGKPFMGVPASIVNDESVVGVRAARP
ISGMQNMIQHLSKLYKRGFSYRVNDSFSPGNDFTHMTTTFPSGSTATSTEHTANNSTMMETFLTVWGPEHTDDPDVLRLM
KSLTIQRNYVCQGDDGLMIIDGNTAGKVNSETIQKMLELISKYGEEFGWKYDIAYDGTAEYLKLYFIFGCRIPNLSRHPI
VGKERANSSAEEPWPAILDQIMGIFFNGVHDGLQWQRWIRYSWALCCAFSRQRTMTGESVGYLQYPMWSFVYWGLPLVKV
FGSDPWIFSWYMPTGDLGMYSWISLIRPLMTRWMVANGYVTDKCSPVFGNADYRKCFNELKLYQGYYMAQLPRNPKKSGR
AAPREVREQFTQALSDYLMQNPELKSRVLRGRSEWEKYGAGIIHNPPSLFDVPHKWYQGAQEAATATREELAEMDETLMR
ARKHSYSSFSKLLEAYLLVKWRMCEAREPSVDLRLPLCAGIDPLNSDPFLKMVSVGPMLQSTRKYFAQTLFMAKTVSGLD
VNAIDSALLRLRTLGADKKALTAQLLMVGLQESEADALAGKIMLQDVNTVQLARVVNLAVPDTWMSLDFDTMFKHHVKLL
PKDGRHLNTDIPPRMGWLRAILRFLGAGMAMTATGVAVDIYLEDIHGGGRSLGQRFMTWMRQEGRSA
;
R
6 'polyribonucleotide' AUAUAUAUAUAUAAAAUUAUUUUAAUAUAUAUAUAU T
7 'polypeptide(L)'
;MAYIAVPAVVDSRSSEAIGLLESFGVDAGSDANDVSYQDHDYVVDQLQYMLDGYEAGDVIDALVYRNWLHHSVYCLLPPK
SQLLEYWKSNPSVIPDNVDRRLRKRLMLKKDLRKDDEYNQLARAFKISDVYAPLISSTTSPMTMIQNLNQGEIVYTTTDR
VIGARVLLYAPRKYYASTLSFTMTRCVLPFGKEVSRVPHSRFNVGTFPSIATPKCSVMSGVDIESIPNEFIKLFYQRVKS
IHANILNDISPQIVSDMINRKRLRVHTPSNRRAAQLMHLPYHVKRGASHVDVYRVDVVNVLFEVVDVADGLRSVSRKLIM
HTVPVCILELLGIEIADYCIRQEDGMFTDWFLLLTMLSDGLTDRRTHCQYLINPSSMPPDVILNISITGFINRHTIDVMP
DVYDFIKPIGAVLPKGSFKSTIMRVLDSISVLGVKIMPRAHVVDSDEVGEQMEPTFEHAVMEIYKGIAGVDSLDDLTKWV
LNSDLVPHDDRLGQLFQAFLPLAKDLLAPMARQFYDNSMSEGRLLTFAHADSELLNANYFGHLLRLKIPYITEVNLMIRK
NREGGELFQLVLSYLYKMYATSAQPKWFGSLLRLLICPWLHMEKLIGEADPASTSAEIGWHVPREQLMQDGWCGCEDGFI
PYVSIRAPRLVIEELMEKNWGQYHAQVIVTDQLVVGEPRRVSAKAVIKGNHLPVKLISRFACFTLTSKYEMRLPCGHSTG
RGAAYNARLAFRSDLA
;
U
#
loop_
_chem_comp.id
_chem_comp.type
_chem_comp.name
_chem_comp.formula
A RNA linking ADENOSINE-5'-MONOPHOSPHATE 'C10 H14 N5 O7 P'
GTP non-polymer GUANOSINE-5'-TRIPHOSPHATE 'C10 H16 N5 O14 P3'
MG non-polymer 'MAGNESIUM ION' 'Mg 2'
SAM non-polymer S-ADENOSYLMETHIONINE 'C15 H22 N6 O5 S'
U RNA linking URIDINE-5'-MONOPHOSPHATE 'C9 H13 N2 O9 P'
UTP non-polymer 'URIDINE 5'-TRIPHOSPHATE' 'C9 H15 N2 O15 P3'
ZN non-polymer 'ZINC ION' 'Zn 2'
#
# COMPACT_ATOMS: atom_id res chain seq x y z
N LYS A 2 4.71 -50.30 -127.27
CA LYS A 2 4.69 -49.69 -125.95
C LYS A 2 3.97 -50.59 -124.95
N ARG A 3 4.46 -50.61 -123.71
CA ARG A 3 3.84 -51.40 -122.66
C ARG A 3 4.00 -50.67 -121.33
N ILE A 4 2.92 -50.58 -120.58
CA ILE A 4 2.90 -49.89 -119.29
C ILE A 4 2.69 -50.95 -118.21
N PRO A 5 3.64 -51.15 -117.30
CA PRO A 5 3.50 -52.21 -116.31
C PRO A 5 2.40 -51.90 -115.29
N ARG A 6 1.49 -52.84 -115.13
CA ARG A 6 0.49 -52.76 -114.07
C ARG A 6 1.16 -52.61 -112.72
N LYS A 7 0.49 -51.91 -111.81
CA LYS A 7 1.06 -51.64 -110.49
C LYS A 7 0.14 -52.12 -109.37
N THR A 8 -0.70 -53.11 -109.65
CA THR A 8 -1.55 -53.70 -108.64
C THR A 8 -1.97 -55.08 -109.11
N LYS A 9 -1.96 -56.05 -108.20
CA LYS A 9 -2.37 -57.40 -108.55
C LYS A 9 -3.82 -57.40 -109.00
N GLY A 10 -4.07 -57.98 -110.17
CA GLY A 10 -5.37 -57.95 -110.79
C GLY A 10 -6.11 -59.27 -110.69
N LYS A 11 -6.98 -59.52 -111.66
CA LYS A 11 -7.81 -60.71 -111.63
C LYS A 11 -6.97 -61.97 -111.86
N SER A 12 -6.02 -61.91 -112.78
CA SER A 12 -5.15 -63.06 -113.05
C SER A 12 -4.29 -63.40 -111.84
N PRO A 40 27.97 -21.88 -138.34
CA PRO A 40 27.15 -21.06 -137.45
C PRO A 40 26.86 -21.77 -136.13
N ALA A 41 25.68 -21.51 -135.57
CA ALA A 41 25.25 -22.14 -134.32
C ALA A 41 26.12 -21.72 -133.15
N THR A 42 26.72 -20.54 -133.23
CA THR A 42 27.56 -20.03 -132.15
C THR A 42 26.76 -19.88 -130.87
N ALA A 43 27.45 -19.93 -129.73
CA ALA A 43 26.81 -19.79 -128.43
C ALA A 43 26.10 -18.45 -128.34
N GLU A 44 24.84 -18.49 -127.90
CA GLU A 44 24.01 -17.30 -127.86
C GLU A 44 24.42 -16.40 -126.69
N PRO A 45 24.28 -15.08 -126.84
CA PRO A 45 24.79 -14.14 -125.84
C PRO A 45 23.95 -14.04 -124.56
N GLY A 46 23.04 -14.96 -124.31
CA GLY A 46 22.25 -14.88 -123.09
C GLY A 46 22.49 -16.00 -122.10
N THR A 47 23.01 -17.13 -122.58
CA THR A 47 23.08 -18.35 -121.78
C THR A 47 24.22 -18.30 -120.78
N SER A 48 24.13 -19.17 -119.77
CA SER A 48 25.15 -19.33 -118.74
C SER A 48 24.76 -20.43 -117.77
N ASN A 49 25.67 -20.78 -116.85
CA ASN A 49 25.35 -21.68 -115.74
C ASN A 49 25.98 -21.13 -114.47
N CYS A 50 25.24 -20.28 -113.76
CA CYS A 50 25.71 -19.69 -112.54
C CYS A 50 24.53 -19.56 -111.59
N GLU A 51 24.82 -19.43 -110.30
CA GLU A 51 23.77 -19.43 -109.28
C GLU A 51 23.32 -18.01 -108.96
N HIS A 52 24.20 -17.21 -108.37
CA HIS A 52 23.96 -15.79 -108.09
C HIS A 52 22.78 -15.50 -107.17
N TYR A 53 22.09 -16.52 -106.67
CA TYR A 53 20.86 -16.27 -105.91
C TYR A 53 20.48 -17.51 -105.13
N LYS A 54 20.39 -17.38 -103.82
CA LYS A 54 19.85 -18.41 -102.95
C LYS A 54 18.44 -18.00 -102.52
N ALA A 55 17.49 -18.90 -102.69
CA ALA A 55 16.09 -18.57 -102.42
C ALA A 55 15.90 -18.17 -100.97
N ARG A 56 14.87 -17.36 -100.73
CA ARG A 56 14.70 -16.75 -99.41
C ARG A 56 14.17 -17.78 -98.40
N PRO A 57 13.02 -18.43 -98.65
CA PRO A 57 12.61 -19.50 -97.73
C PRO A 57 13.48 -20.73 -97.83
N GLY A 58 13.80 -21.18 -99.04
CA GLY A 58 14.58 -22.38 -99.20
C GLY A 58 13.85 -23.47 -99.96
N ILE A 59 14.30 -23.75 -101.18
CA ILE A 59 13.60 -24.70 -102.04
C ILE A 59 13.57 -26.08 -101.41
N ALA A 60 14.68 -26.50 -100.80
CA ALA A 60 14.75 -27.85 -100.23
C ALA A 60 13.77 -28.01 -99.08
N SER A 61 13.75 -27.06 -98.16
CA SER A 61 12.85 -27.18 -97.01
C SER A 61 11.40 -27.07 -97.44
N VAL A 62 11.09 -26.17 -98.37
CA VAL A 62 9.71 -26.04 -98.84
C VAL A 62 9.27 -27.32 -99.54
N GLN A 63 10.16 -27.93 -100.33
CA GLN A 63 9.82 -29.18 -100.99
C GLN A 63 9.61 -30.30 -100.00
N LYS A 64 10.44 -30.38 -98.96
CA LYS A 64 10.26 -31.43 -97.95
C LYS A 64 8.93 -31.27 -97.24
N ALA A 65 8.59 -30.04 -96.84
CA ALA A 65 7.32 -29.81 -96.16
C ALA A 65 6.14 -30.13 -97.08
N THR A 66 6.22 -29.74 -98.35
CA THR A 66 5.13 -30.04 -99.27
C THR A 66 5.01 -31.53 -99.52
N GLU A 67 6.13 -32.24 -99.59
CA GLU A 67 6.09 -33.69 -99.71
C GLU A 67 5.36 -34.30 -98.53
N SER A 68 5.67 -33.83 -97.32
CA SER A 68 5.00 -34.37 -96.14
C SER A 68 3.50 -34.07 -96.17
N ALA A 69 3.12 -32.86 -96.57
CA ALA A 69 1.71 -32.47 -96.58
C ALA A 69 0.95 -33.02 -97.77
N GLU A 70 1.63 -33.61 -98.75
CA GLU A 70 1.04 -34.06 -100.00
C GLU A 70 0.47 -35.48 -99.93
N LEU A 71 0.73 -36.22 -98.85
CA LEU A 71 0.34 -37.62 -98.80
C LEU A 71 -1.17 -37.76 -98.78
N PRO A 72 -1.72 -38.78 -99.46
CA PRO A 72 -3.16 -39.02 -99.38
C PRO A 72 -3.57 -39.46 -97.99
N MET A 73 -4.82 -39.15 -97.65
CA MET A 73 -5.36 -39.46 -96.35
C MET A 73 -5.38 -40.97 -96.12
N LYS A 74 -5.35 -41.37 -94.85
CA LYS A 74 -5.35 -42.78 -94.49
C LYS A 74 -6.64 -43.45 -94.96
N ASN A 75 -6.58 -44.77 -95.07
CA ASN A 75 -7.72 -45.58 -95.53
C ASN A 75 -8.30 -46.33 -94.33
N ASN A 76 -9.23 -45.69 -93.64
CA ASN A 76 -9.94 -46.36 -92.55
C ASN A 76 -10.77 -47.50 -93.12
N ASP A 77 -10.60 -48.69 -92.55
CA ASP A 77 -11.11 -49.90 -93.20
C ASP A 77 -11.91 -50.76 -92.24
N GLU A 78 -11.60 -50.66 -90.94
CA GLU A 78 -12.19 -51.56 -89.95
C GLU A 78 -13.70 -51.40 -89.91
N GLY A 79 -14.41 -52.49 -90.17
CA GLY A 79 -15.86 -52.49 -90.18
C GLY A 79 -16.48 -52.83 -91.52
N THR A 80 -15.70 -53.16 -92.55
CA THR A 80 -16.24 -53.44 -93.86
C THR A 80 -15.90 -54.86 -94.29
N PRO A 81 -16.75 -55.50 -95.09
CA PRO A 81 -16.56 -56.91 -95.41
C PRO A 81 -15.47 -57.14 -96.45
N ASP A 82 -14.88 -58.33 -96.38
CA ASP A 82 -13.90 -58.77 -97.36
C ASP A 82 -14.63 -59.54 -98.47
N LYS A 83 -13.88 -60.27 -99.29
CA LYS A 83 -14.51 -61.01 -100.39
C LYS A 83 -15.47 -62.08 -99.88
N ARG A 84 -15.05 -62.84 -98.86
CA ARG A 84 -15.90 -63.93 -98.37
C ARG A 84 -17.10 -63.43 -97.59
N GLY A 85 -17.09 -62.17 -97.15
CA GLY A 85 -18.18 -61.61 -96.40
C GLY A 85 -17.91 -61.35 -94.94
N ASN A 86 -16.68 -61.55 -94.49
CA ASN A 86 -16.33 -61.39 -93.08
C ASN A 86 -15.81 -59.97 -92.84
N THR A 87 -16.44 -59.26 -91.92
CA THR A 87 -16.01 -57.89 -91.63
C THR A 87 -14.61 -57.89 -91.05
N LYS A 88 -13.72 -57.11 -91.66
CA LYS A 88 -12.32 -57.09 -91.28
C LYS A 88 -12.08 -56.08 -90.17
N GLY A 89 -11.38 -56.51 -89.14
CA GLY A 89 -11.10 -55.67 -87.99
C GLY A 89 -10.90 -56.51 -86.75
N ALA A 90 -10.53 -55.83 -85.67
CA ALA A 90 -10.28 -56.49 -84.39
C ALA A 90 -11.55 -56.48 -83.55
N LEU A 91 -11.82 -57.61 -82.90
CA LEU A 91 -13.00 -57.73 -82.05
C LEU A 91 -12.83 -56.93 -80.77
N VAL A 92 -13.33 -55.70 -80.76
CA VAL A 92 -13.20 -54.80 -79.62
C VAL A 92 -14.43 -53.90 -79.58
N ASN A 93 -14.72 -53.37 -78.40
CA ASN A 93 -15.90 -52.54 -78.23
C ASN A 93 -15.82 -51.30 -79.11
N GLU A 94 -16.99 -50.87 -79.61
CA GLU A 94 -17.02 -49.74 -80.53
C GLU A 94 -16.57 -48.44 -79.87
N HIS A 95 -16.72 -48.33 -78.55
CA HIS A 95 -16.24 -47.14 -77.84
C HIS A 95 -14.80 -47.29 -77.38
N VAL A 96 -14.41 -48.50 -76.99
CA VAL A 96 -13.01 -48.74 -76.64
C VAL A 96 -12.11 -48.50 -77.83
N GLU A 97 -12.60 -48.76 -79.05
CA GLU A 97 -11.82 -48.48 -80.24
C GLU A 97 -11.59 -46.99 -80.40
N ALA A 98 -12.64 -46.19 -80.23
CA ALA A 98 -12.51 -44.74 -80.35
C ALA A 98 -11.65 -44.16 -79.23
N ARG A 99 -11.62 -44.82 -78.08
CA ARG A 99 -10.77 -44.33 -76.99
C ARG A 99 -9.32 -44.75 -77.16
N ASP A 100 -9.07 -45.86 -77.87
CA ASP A 100 -7.71 -46.31 -78.12
C ASP A 100 -7.06 -45.54 -79.26
N GLU A 101 -7.85 -45.24 -80.31
CA GLU A 101 -7.32 -44.47 -81.43
C GLU A 101 -6.81 -43.10 -80.97
N ALA A 102 -7.45 -42.51 -79.97
CA ALA A 102 -7.03 -41.20 -79.49
C ALA A 102 -5.64 -41.28 -78.87
N ASP A 103 -5.40 -42.28 -78.03
CA ASP A 103 -4.08 -42.44 -77.43
C ASP A 103 -3.03 -42.76 -78.48
N ASP A 104 -3.39 -43.56 -79.48
CA ASP A 104 -2.46 -43.84 -80.57
C ASP A 104 -2.07 -42.56 -81.30
N ALA A 105 -3.06 -41.72 -81.61
CA ALA A 105 -2.77 -40.49 -82.34
C ALA A 105 -1.97 -39.51 -81.48
N THR A 106 -2.23 -39.49 -80.17
CA THR A 106 -1.44 -38.64 -79.29
C THR A 106 0.01 -39.09 -79.23
N LYS A 107 0.24 -40.40 -79.14
CA LYS A 107 1.61 -40.91 -79.18
C LYS A 107 2.30 -40.56 -80.49
N LYS A 108 1.59 -40.70 -81.60
CA LYS A 108 2.19 -40.36 -82.89
C LYS A 108 2.49 -38.87 -82.99
N GLN A 109 1.63 -38.03 -82.43
CA GLN A 109 1.87 -36.59 -82.38
C GLN A 109 3.13 -36.27 -81.58
N ALA A 110 3.27 -36.89 -80.42
CA ALA A 110 4.46 -36.67 -79.60
C ALA A 110 5.71 -37.13 -80.33
N LYS A 111 5.62 -38.26 -81.04
CA LYS A 111 6.78 -38.74 -81.79
C LYS A 111 7.13 -37.78 -82.92
N ASP A 112 6.13 -37.23 -83.61
CA ASP A 112 6.40 -36.28 -84.68
C ASP A 112 7.04 -35.01 -84.14
N THR A 113 6.54 -34.49 -83.03
CA THR A 113 7.13 -33.29 -82.44
C THR A 113 8.46 -33.56 -81.78
N GLU A 114 8.80 -34.84 -81.52
CA GLU A 114 10.08 -35.22 -80.93
C GLU A 114 10.19 -34.75 -79.49
N LYS A 115 9.11 -34.92 -78.72
CA LYS A 115 9.08 -34.63 -77.30
C LYS A 115 8.72 -35.90 -76.55
N ALA A 116 8.76 -35.81 -75.22
CA ALA A 116 8.35 -36.93 -74.39
C ALA A 116 6.84 -37.05 -74.34
N LYS A 117 6.16 -35.98 -73.94
CA LYS A 117 4.71 -35.91 -73.94
C LYS A 117 4.23 -34.92 -74.99
N ALA A 118 3.19 -35.29 -75.72
CA ALA A 118 2.67 -34.42 -76.76
C ALA A 118 2.06 -33.16 -76.16
N GLN A 119 2.14 -32.07 -76.91
CA GLN A 119 1.55 -30.81 -76.50
C GLN A 119 0.15 -30.61 -77.07
N VAL A 120 -0.16 -31.26 -78.18
CA VAL A 120 -1.48 -31.19 -78.81
C VAL A 120 -2.05 -32.60 -78.73
N THR A 121 -2.94 -32.83 -77.78
CA THR A 121 -3.41 -34.17 -77.49
C THR A 121 -4.81 -34.38 -78.03
N TYR A 122 -5.05 -35.54 -78.61
CA TYR A 122 -6.38 -35.90 -79.08
C TYR A 122 -7.18 -36.66 -78.03
N SER A 123 -6.54 -37.11 -76.96
CA SER A 123 -7.20 -37.86 -75.90
C SER A 123 -6.98 -37.16 -74.57
N ASP A 124 -7.88 -37.42 -73.63
CA ASP A 124 -7.82 -36.82 -72.31
C ASP A 124 -7.94 -35.30 -72.41
N THR A 125 -8.96 -34.84 -73.13
CA THR A 125 -9.28 -33.43 -73.20
C THR A 125 -10.21 -33.07 -72.04
N GLY A 126 -10.53 -31.80 -71.92
CA GLY A 126 -11.44 -31.39 -70.87
C GLY A 126 -12.91 -31.61 -71.19
N ILE A 127 -13.22 -32.27 -72.30
CA ILE A 127 -14.59 -32.40 -72.79
C ILE A 127 -15.05 -33.83 -72.57
N ASN A 128 -16.14 -33.99 -71.81
CA ASN A 128 -16.76 -35.30 -71.67
C ASN A 128 -17.30 -35.74 -73.02
N ASN A 129 -16.80 -36.88 -73.50
CA ASN A 129 -17.12 -37.33 -74.85
C ASN A 129 -17.37 -38.83 -74.83
N ALA A 130 -18.06 -39.31 -73.80
CA ALA A 130 -18.30 -40.74 -73.63
C ALA A 130 -19.53 -41.20 -74.38
N ASN A 131 -19.62 -40.83 -75.65
CA ASN A 131 -20.60 -41.42 -76.55
C ASN A 131 -20.02 -41.70 -77.93
N GLU A 132 -18.73 -41.49 -78.13
CA GLU A 132 -18.13 -41.72 -79.44
C GLU A 132 -18.24 -43.19 -79.82
N LEU A 133 -18.29 -43.43 -81.13
CA LEU A 133 -18.33 -44.77 -81.68
C LEU A 133 -17.42 -44.82 -82.89
N SER A 134 -16.43 -45.70 -82.87
CA SER A 134 -15.62 -45.98 -84.03
C SER A 134 -16.09 -47.27 -84.68
N ARG A 135 -15.58 -47.53 -85.87
CA ARG A 135 -15.94 -48.74 -86.60
C ARG A 135 -14.91 -49.82 -86.31
N SER A 136 -15.37 -50.93 -85.76
CA SER A 136 -14.52 -52.06 -85.43
C SER A 136 -15.13 -53.32 -86.03
N GLY A 137 -14.38 -54.42 -85.96
CA GLY A 137 -14.84 -55.69 -86.49
C GLY A 137 -15.69 -56.46 -85.52
N ASN A 138 -16.31 -55.76 -84.58
CA ASN A 138 -17.14 -56.39 -83.56
C ASN A 138 -18.57 -56.60 -84.02
N VAL A 139 -19.02 -55.87 -85.04
CA VAL A 139 -20.41 -55.91 -85.46
C VAL A 139 -20.47 -55.94 -86.97
N ASP A 140 -21.28 -56.85 -87.51
CA ASP A 140 -21.41 -57.01 -88.96
C ASP A 140 -22.34 -55.93 -89.51
N ASN A 141 -22.78 -56.11 -90.76
CA ASN A 141 -23.67 -55.16 -91.40
C ASN A 141 -25.12 -55.35 -90.99
N GLU A 142 -25.49 -56.53 -90.50
CA GLU A 142 -26.83 -56.76 -89.97
C GLU A 142 -27.03 -56.20 -88.58
N GLY A 143 -25.99 -55.60 -87.99
CA GLY A 143 -26.09 -55.16 -86.61
C GLY A 143 -26.09 -56.30 -85.62
N GLY A 144 -25.29 -57.34 -85.87
CA GLY A 144 -25.21 -58.47 -84.97
C GLY A 144 -23.95 -58.49 -84.14
N SER A 145 -23.14 -59.53 -84.31
CA SER A 145 -21.85 -59.61 -83.64
C SER A 145 -20.99 -60.60 -84.40
N ASN A 146 -19.68 -60.47 -84.23
CA ASN A 146 -18.70 -61.23 -85.00
C ASN A 146 -17.96 -62.25 -84.14
N GLN A 147 -18.68 -62.91 -83.22
CA GLN A 147 -18.07 -64.04 -82.52
C GLN A 147 -17.79 -65.18 -83.47
N LYS A 148 -18.54 -65.27 -84.57
CA LYS A 148 -18.27 -66.21 -85.63
C LYS A 148 -18.21 -65.47 -86.96
N PRO A 149 -17.25 -65.78 -87.82
CA PRO A 149 -17.24 -65.16 -89.15
C PRO A 149 -18.47 -65.56 -89.94
N MET A 150 -18.80 -64.71 -90.93
CA MET A 150 -20.01 -64.90 -91.69
C MET A 150 -19.99 -66.21 -92.47
N SER A 151 -18.81 -66.60 -92.96
CA SER A 151 -18.69 -67.90 -93.60
C SER A 151 -19.05 -69.02 -92.63
N THR A 152 -18.63 -68.88 -91.37
CA THR A 152 -18.94 -69.92 -90.39
C THR A 152 -20.42 -69.96 -90.08
N ARG A 153 -21.05 -68.79 -89.90
CA ARG A 153 -22.50 -68.77 -89.68
C ARG A 153 -23.24 -69.43 -90.84
N ILE A 154 -22.91 -69.06 -92.08
CA ILE A 154 -23.65 -69.59 -93.21
C ILE A 154 -23.38 -71.08 -93.40
N ALA A 155 -22.16 -71.53 -93.10
CA ALA A 155 -21.86 -72.95 -93.21
C ALA A 155 -22.65 -73.75 -92.17
N GLU A 156 -22.67 -73.28 -90.92
CA GLU A 156 -23.46 -73.96 -89.91
C GLU A 156 -24.94 -73.93 -90.25
N ALA A 157 -25.39 -72.89 -90.95
CA ALA A 157 -26.81 -72.80 -91.30
C ALA A 157 -27.17 -73.75 -92.44
N THR A 158 -26.27 -73.89 -93.41
CA THR A 158 -26.58 -74.71 -94.57
C THR A 158 -26.38 -76.19 -94.28
N SER A 159 -25.29 -76.54 -93.60
CA SER A 159 -24.98 -77.95 -93.35
C SER A 159 -25.96 -78.60 -92.40
N ALA A 160 -26.73 -77.82 -91.65
CA ALA A 160 -27.64 -78.36 -90.67
C ALA A 160 -28.93 -78.90 -91.27
N ILE A 161 -29.06 -78.93 -92.59
CA ILE A 161 -30.30 -79.43 -93.16
C ILE A 161 -30.05 -80.35 -94.35
N VAL A 162 -28.79 -80.66 -94.63
CA VAL A 162 -28.46 -81.55 -95.73
C VAL A 162 -28.91 -82.96 -95.38
N SER A 163 -28.93 -83.85 -96.38
CA SER A 163 -29.33 -85.23 -96.20
C SER A 163 -28.29 -86.13 -96.88
N LYS A 164 -28.51 -87.44 -96.79
CA LYS A 164 -27.58 -88.42 -97.33
C LYS A 164 -28.36 -89.51 -98.05
N HIS A 165 -27.62 -90.43 -98.67
CA HIS A 165 -28.26 -91.52 -99.39
C HIS A 165 -28.85 -92.52 -98.39
N PRO A 166 -29.91 -93.22 -98.79
CA PRO A 166 -30.47 -94.25 -97.91
C PRO A 166 -29.53 -95.43 -97.77
N ALA A 167 -29.68 -96.15 -96.66
CA ALA A 167 -28.85 -97.30 -96.39
C ALA A 167 -29.13 -98.42 -97.39
N LYS B 2 -45.80 -130.19 -14.75
CA LYS B 2 -46.64 -129.02 -14.59
C LYS B 2 -46.44 -128.38 -13.22
N ARG B 3 -45.57 -128.98 -12.41
CA ARG B 3 -45.30 -128.45 -11.08
C ARG B 3 -44.67 -127.08 -11.18
N ILE B 4 -45.31 -126.09 -10.55
CA ILE B 4 -44.84 -124.71 -10.60
C ILE B 4 -43.95 -124.44 -9.38
N PRO B 5 -42.73 -123.95 -9.59
CA PRO B 5 -41.88 -123.61 -8.45
C PRO B 5 -42.45 -122.46 -7.64
N ARG B 6 -41.80 -122.17 -6.52
CA ARG B 6 -42.20 -121.09 -5.64
C ARG B 6 -41.15 -119.98 -5.66
N LYS B 7 -41.62 -118.76 -5.42
CA LYS B 7 -40.74 -117.59 -5.46
C LYS B 7 -40.07 -117.30 -4.13
N THR B 8 -40.58 -117.85 -3.03
CA THR B 8 -40.00 -117.62 -1.71
C THR B 8 -39.94 -118.96 -0.98
N LYS B 9 -39.61 -118.90 0.31
CA LYS B 9 -39.56 -120.08 1.16
C LYS B 9 -40.58 -119.95 2.28
N GLY B 10 -41.23 -121.05 2.61
CA GLY B 10 -42.25 -121.05 3.64
C GLY B 10 -41.91 -121.89 4.85
N LYS B 11 -42.64 -122.98 5.03
CA LYS B 11 -42.42 -123.89 6.16
C LYS B 11 -41.56 -125.07 5.69
N SER B 12 -40.30 -124.76 5.42
CA SER B 12 -39.32 -125.76 5.00
C SER B 12 -37.91 -125.18 5.02
N PRO B 40 -51.82 -127.91 -50.20
CA PRO B 40 -51.22 -126.91 -51.10
C PRO B 40 -51.15 -125.53 -50.47
N ALA B 41 -50.57 -125.44 -49.28
CA ALA B 41 -50.51 -124.18 -48.55
C ALA B 41 -49.49 -123.23 -49.17
N THR B 42 -49.80 -122.71 -50.35
CA THR B 42 -48.94 -121.73 -50.98
C THR B 42 -48.90 -120.46 -50.14
N ALA B 43 -47.78 -119.72 -50.24
CA ALA B 43 -47.64 -118.47 -49.50
C ALA B 43 -48.66 -117.46 -50.01
N GLU B 44 -49.56 -117.04 -49.12
CA GLU B 44 -50.60 -116.10 -49.52
C GLU B 44 -49.99 -114.71 -49.73
N PRO B 45 -50.66 -113.87 -50.52
CA PRO B 45 -50.03 -112.65 -51.04
C PRO B 45 -49.87 -111.52 -50.04
N GLY B 46 -50.04 -111.74 -48.76
CA GLY B 46 -49.95 -110.63 -47.83
C GLY B 46 -48.68 -110.53 -47.03
N THR B 47 -48.12 -111.67 -46.62
CA THR B 47 -47.08 -111.70 -45.61
C THR B 47 -45.75 -111.16 -46.14
N SER B 48 -44.94 -110.64 -45.21
CA SER B 48 -43.58 -110.18 -45.45
C SER B 48 -43.03 -109.73 -44.11
N ASN B 49 -41.71 -109.56 -44.04
CA ASN B 49 -41.05 -109.11 -42.81
C ASN B 49 -39.95 -108.11 -43.11
N CYS B 50 -40.21 -107.15 -44.01
CA CYS B 50 -39.13 -106.33 -44.54
C CYS B 50 -38.73 -105.17 -43.64
N GLU B 51 -39.58 -104.76 -42.70
CA GLU B 51 -39.24 -103.71 -41.73
C GLU B 51 -38.96 -102.38 -42.44
N HIS B 52 -40.01 -101.81 -43.00
CA HIS B 52 -39.88 -100.54 -43.70
C HIS B 52 -39.88 -99.35 -42.74
N TYR B 53 -40.65 -99.42 -41.66
CA TYR B 53 -40.88 -98.28 -40.79
C TYR B 53 -40.01 -98.36 -39.54
N LYS B 54 -39.62 -97.18 -39.04
CA LYS B 54 -38.98 -97.03 -37.74
C LYS B 54 -39.67 -95.93 -36.96
N ALA B 55 -39.99 -96.19 -35.71
CA ALA B 55 -40.75 -95.24 -34.90
C ALA B 55 -39.85 -94.08 -34.47
N ARG B 56 -40.42 -92.87 -34.48
CA ARG B 56 -39.65 -91.70 -34.07
C ARG B 56 -39.49 -91.59 -32.55
N PRO B 57 -40.54 -91.84 -31.75
CA PRO B 57 -40.34 -91.82 -30.30
C PRO B 57 -39.27 -92.77 -29.81
N GLY B 58 -39.09 -93.91 -30.47
CA GLY B 58 -38.02 -94.81 -30.10
C GLY B 58 -38.49 -95.91 -29.19
N ILE B 59 -38.71 -97.11 -29.76
CA ILE B 59 -39.34 -98.17 -29.00
C ILE B 59 -38.44 -98.66 -27.89
N ALA B 60 -37.13 -98.72 -28.14
CA ALA B 60 -36.21 -99.18 -27.11
C ALA B 60 -36.11 -98.18 -25.96
N SER B 61 -36.04 -96.89 -26.27
CA SER B 61 -35.95 -95.89 -25.21
C SER B 61 -37.23 -95.83 -24.40
N VAL B 62 -38.38 -95.95 -25.06
CA VAL B 62 -39.65 -95.94 -24.33
C VAL B 62 -39.75 -97.17 -23.45
N GLN B 63 -39.28 -98.33 -23.93
CA GLN B 63 -39.32 -99.53 -23.11
C GLN B 63 -38.38 -99.41 -21.92
N LYS B 64 -37.22 -98.78 -22.10
CA LYS B 64 -36.30 -98.58 -20.99
C LYS B 64 -36.92 -97.69 -19.92
N ALA B 65 -37.51 -96.56 -20.34
CA ALA B 65 -38.16 -95.68 -19.39
C ALA B 65 -39.31 -96.37 -18.67
N THR B 66 -40.08 -97.18 -19.40
CA THR B 66 -41.18 -97.91 -18.77
C THR B 66 -40.66 -98.92 -17.76
N GLU B 67 -39.56 -99.61 -18.09
CA GLU B 67 -38.95 -100.53 -17.14
C GLU B 67 -38.54 -99.80 -15.86
N SER B 68 -37.94 -98.63 -16.00
CA SER B 68 -37.53 -97.89 -14.81
C SER B 68 -38.73 -97.44 -13.99
N ALA B 69 -39.81 -97.02 -14.65
CA ALA B 69 -40.96 -96.48 -13.92
C ALA B 69 -41.92 -97.55 -13.43
N GLU B 70 -41.77 -98.79 -13.87
CA GLU B 70 -42.68 -99.87 -13.53
C GLU B 70 -42.40 -100.48 -12.16
N LEU B 71 -41.28 -100.14 -11.54
CA LEU B 71 -40.84 -100.86 -10.35
C LEU B 71 -41.74 -100.56 -9.16
N PRO B 72 -42.05 -101.56 -8.34
CA PRO B 72 -42.83 -101.30 -7.13
C PRO B 72 -42.05 -100.42 -6.17
N MET B 73 -42.73 -100.01 -5.11
CA MET B 73 -42.13 -99.10 -4.14
C MET B 73 -41.28 -99.87 -3.13
N LYS B 74 -40.30 -99.16 -2.58
CA LYS B 74 -39.47 -99.72 -1.52
C LYS B 74 -40.32 -100.07 -0.31
N ASN B 75 -39.90 -101.09 0.43
CA ASN B 75 -40.60 -101.55 1.62
C ASN B 75 -39.98 -100.89 2.84
N ASN B 76 -40.73 -99.98 3.46
CA ASN B 76 -40.27 -99.25 4.64
C ASN B 76 -40.76 -99.99 5.87
N ASP B 77 -39.91 -100.87 6.41
CA ASP B 77 -40.35 -101.80 7.43
C ASP B 77 -39.81 -101.53 8.83
N GLU B 78 -38.78 -100.71 8.98
CA GLU B 78 -38.18 -100.52 10.29
C GLU B 78 -39.18 -99.86 11.23
N GLY B 79 -39.26 -100.40 12.45
CA GLY B 79 -40.28 -100.03 13.40
C GLY B 79 -41.27 -101.14 13.68
N THR B 80 -41.38 -102.10 12.80
CA THR B 80 -42.24 -103.27 12.87
C THR B 80 -41.49 -104.45 13.45
N PRO B 81 -42.17 -105.36 14.13
CA PRO B 81 -41.50 -106.47 14.80
C PRO B 81 -41.26 -107.66 13.89
N ASP B 82 -40.28 -108.48 14.28
CA ASP B 82 -40.02 -109.74 13.62
C ASP B 82 -40.77 -110.86 14.33
N LYS B 83 -40.41 -112.11 14.04
CA LYS B 83 -41.13 -113.24 14.60
C LYS B 83 -41.04 -113.27 16.12
N ARG B 84 -39.83 -113.09 16.66
CA ARG B 84 -39.64 -113.18 18.10
C ARG B 84 -40.28 -112.01 18.85
N GLY B 85 -40.61 -110.93 18.15
CA GLY B 85 -41.20 -109.76 18.77
C GLY B 85 -40.27 -108.58 18.93
N ASN B 86 -39.10 -108.61 18.31
CA ASN B 86 -38.15 -107.52 18.40
C ASN B 86 -38.29 -106.61 17.18
N THR B 87 -38.29 -105.31 17.41
CA THR B 87 -38.46 -104.37 16.32
C THR B 87 -37.26 -104.41 15.38
N LYS B 88 -37.49 -104.00 14.14
CA LYS B 88 -36.46 -104.00 13.11
C LYS B 88 -35.95 -102.60 12.87
N GLY B 89 -34.66 -102.49 12.57
CA GLY B 89 -34.05 -101.23 12.21
C GLY B 89 -33.00 -100.81 13.22
N ALA B 90 -32.36 -99.68 12.91
CA ALA B 90 -31.31 -99.15 13.76
C ALA B 90 -31.92 -98.51 15.00
N LEU B 91 -31.04 -98.15 15.95
CA LEU B 91 -31.44 -97.60 17.24
C LEU B 91 -31.19 -96.10 17.32
N VAL B 92 -31.46 -95.38 16.23
CA VAL B 92 -31.18 -93.96 16.17
C VAL B 92 -32.48 -93.18 16.38
N ASN B 93 -32.33 -91.91 16.74
CA ASN B 93 -33.46 -91.04 17.01
C ASN B 93 -34.37 -90.91 15.79
N GLU B 94 -35.62 -90.48 16.04
CA GLU B 94 -36.60 -90.35 14.96
C GLU B 94 -36.24 -89.23 14.01
N HIS B 95 -36.00 -88.02 14.54
CA HIS B 95 -35.79 -86.87 13.68
C HIS B 95 -34.47 -86.98 12.92
N VAL B 96 -33.41 -87.44 13.59
CA VAL B 96 -32.16 -87.65 12.87
C VAL B 96 -32.32 -88.74 11.83
N GLU B 97 -33.20 -89.70 12.08
CA GLU B 97 -33.53 -90.70 11.07
C GLU B 97 -34.14 -90.04 9.84
N ALA B 98 -35.08 -89.13 10.05
CA ALA B 98 -35.70 -88.42 8.93
C ALA B 98 -34.66 -87.60 8.16
N ARG B 99 -33.76 -86.93 8.88
CA ARG B 99 -32.75 -86.12 8.22
C ARG B 99 -31.79 -86.98 7.39
N ASP B 100 -31.37 -88.13 7.94
CA ASP B 100 -30.49 -89.02 7.21
C ASP B 100 -31.16 -89.59 5.98
N GLU B 101 -32.43 -89.97 6.10
CA GLU B 101 -33.14 -90.45 4.92
C GLU B 101 -33.27 -89.35 3.88
N ALA B 102 -33.46 -88.11 4.31
CA ALA B 102 -33.58 -87.00 3.38
C ALA B 102 -32.30 -86.81 2.59
N ASP B 103 -31.16 -86.69 3.27
CA ASP B 103 -29.94 -86.41 2.51
C ASP B 103 -29.43 -87.64 1.77
N ASP B 104 -29.79 -88.86 2.20
CA ASP B 104 -29.50 -90.01 1.38
C ASP B 104 -30.32 -89.98 0.09
N ALA B 105 -31.58 -89.54 0.17
CA ALA B 105 -32.37 -89.36 -1.05
C ALA B 105 -31.75 -88.31 -1.94
N THR B 106 -31.18 -87.25 -1.35
CA THR B 106 -30.50 -86.23 -2.15
C THR B 106 -29.30 -86.82 -2.88
N LYS B 107 -28.47 -87.58 -2.18
CA LYS B 107 -27.31 -88.21 -2.81
C LYS B 107 -27.74 -89.14 -3.93
N LYS B 108 -28.78 -89.92 -3.71
CA LYS B 108 -29.26 -90.83 -4.76
C LYS B 108 -29.78 -90.06 -5.95
N GLN B 109 -30.43 -88.92 -5.71
CA GLN B 109 -30.90 -88.07 -6.81
C GLN B 109 -29.73 -87.58 -7.65
N ALA B 110 -28.66 -87.12 -6.98
CA ALA B 110 -27.48 -86.69 -7.71
C ALA B 110 -26.88 -87.83 -8.51
N LYS B 111 -26.85 -89.03 -7.93
CA LYS B 111 -26.29 -90.18 -8.64
C LYS B 111 -27.12 -90.54 -9.87
N ASP B 112 -28.45 -90.45 -9.75
CA ASP B 112 -29.30 -90.74 -10.91
C ASP B 112 -29.12 -89.70 -11.99
N THR B 113 -29.06 -88.42 -11.63
CA THR B 113 -28.85 -87.38 -12.62
C THR B 113 -27.45 -87.40 -13.20
N GLU B 114 -26.52 -88.12 -12.56
CA GLU B 114 -25.14 -88.22 -13.04
C GLU B 114 -24.46 -86.86 -12.98
N LYS B 115 -24.42 -86.26 -11.80
CA LYS B 115 -23.72 -85.02 -11.57
C LYS B 115 -22.95 -85.15 -10.25
N ALA B 116 -22.42 -84.03 -9.77
CA ALA B 116 -21.77 -83.98 -8.47
C ALA B 116 -22.71 -83.50 -7.37
N LYS B 117 -23.57 -82.54 -7.67
CA LYS B 117 -24.56 -82.03 -6.74
C LYS B 117 -25.95 -82.22 -7.33
N ALA B 118 -26.86 -82.78 -6.54
CA ALA B 118 -28.23 -82.92 -6.98
C ALA B 118 -28.85 -81.55 -7.19
N GLN B 119 -29.67 -81.43 -8.23
CA GLN B 119 -30.38 -80.19 -8.52
C GLN B 119 -31.76 -80.14 -7.87
N VAL B 120 -32.34 -81.30 -7.59
CA VAL B 120 -33.62 -81.38 -6.90
C VAL B 120 -33.37 -81.97 -5.52
N THR B 121 -33.15 -81.11 -4.53
CA THR B 121 -32.75 -81.56 -3.21
C THR B 121 -33.96 -81.83 -2.33
N TYR B 122 -33.87 -82.89 -1.53
CA TYR B 122 -34.86 -83.18 -0.50
C TYR B 122 -34.43 -82.67 0.87
N SER B 123 -33.20 -82.22 1.01
CA SER B 123 -32.65 -81.79 2.28
C SER B 123 -32.22 -80.33 2.19
N ASP B 124 -32.27 -79.65 3.34
CA ASP B 124 -31.83 -78.26 3.44
C ASP B 124 -32.63 -77.37 2.50
N THR B 125 -33.93 -77.60 2.41
CA THR B 125 -34.82 -76.74 1.64
C THR B 125 -35.04 -75.44 2.41
N GLY B 126 -35.92 -74.59 1.90
CA GLY B 126 -36.24 -73.38 2.63
C GLY B 126 -37.25 -73.55 3.74
N ILE B 127 -37.88 -74.71 3.83
CA ILE B 127 -38.95 -74.95 4.78
C ILE B 127 -38.35 -75.40 6.10
N ASN B 128 -38.81 -74.80 7.20
CA ASN B 128 -38.43 -75.23 8.54
C ASN B 128 -39.28 -76.43 8.91
N ASN B 129 -38.65 -77.58 9.07
CA ASN B 129 -39.33 -78.86 9.23
C ASN B 129 -38.72 -79.62 10.39
N ALA B 130 -38.51 -78.93 11.51
CA ALA B 130 -37.84 -79.50 12.66
C ALA B 130 -38.72 -80.41 13.50
N ASN B 131 -40.00 -80.53 13.17
CA ASN B 131 -40.89 -81.42 13.90
C ASN B 131 -41.10 -82.75 13.19
N GLU B 132 -40.54 -82.92 12.00
CA GLU B 132 -40.79 -84.11 11.21
C GLU B 132 -40.21 -85.34 11.89
N LEU B 133 -40.99 -86.41 11.94
CA LEU B 133 -40.57 -87.69 12.49
C LEU B 133 -40.60 -88.74 11.40
N SER B 134 -39.63 -89.65 11.44
CA SER B 134 -39.56 -90.75 10.49
C SER B 134 -39.35 -92.04 11.27
N ARG B 135 -40.17 -93.05 10.97
CA ARG B 135 -40.20 -94.28 11.74
C ARG B 135 -38.84 -94.94 11.80
N SER B 136 -38.42 -95.32 13.01
CA SER B 136 -37.14 -95.94 13.25
C SER B 136 -37.30 -97.09 14.22
N GLY B 137 -36.21 -97.81 14.47
CA GLY B 137 -36.24 -98.97 15.33
C GLY B 137 -35.87 -98.67 16.77
N ASN B 138 -35.96 -97.41 17.15
CA ASN B 138 -35.65 -97.03 18.52
C ASN B 138 -36.81 -97.30 19.47
N VAL B 139 -38.04 -97.19 19.01
CA VAL B 139 -39.21 -97.29 19.85
C VAL B 139 -39.97 -98.57 19.52
N ASP B 140 -40.43 -99.26 20.56
CA ASP B 140 -41.20 -100.48 20.36
C ASP B 140 -42.66 -100.14 20.10
N ASN B 141 -43.54 -101.14 20.18
CA ASN B 141 -44.95 -100.92 19.91
C ASN B 141 -45.68 -100.33 21.12
N GLU B 142 -45.23 -100.67 22.33
CA GLU B 142 -45.85 -100.10 23.53
C GLU B 142 -45.66 -98.58 23.57
N GLY B 143 -44.45 -98.11 23.28
CA GLY B 143 -44.15 -96.70 23.39
C GLY B 143 -42.92 -96.46 24.24
N GLY B 144 -42.11 -97.50 24.43
CA GLY B 144 -40.89 -97.39 25.20
C GLY B 144 -39.68 -97.66 24.32
N SER B 145 -38.55 -97.11 24.71
CA SER B 145 -37.32 -97.37 23.98
C SER B 145 -36.91 -98.82 24.17
N ASN B 146 -36.24 -99.35 23.15
CA ASN B 146 -35.66 -100.69 23.27
C ASN B 146 -34.14 -100.56 23.20
N GLN B 147 -33.55 -100.21 24.34
CA GLN B 147 -32.13 -100.35 24.56
C GLN B 147 -31.79 -101.77 24.98
N LYS B 148 -32.80 -102.53 25.38
CA LYS B 148 -32.68 -103.94 25.71
C LYS B 148 -33.85 -104.60 25.01
N PRO B 149 -33.61 -105.44 24.02
CA PRO B 149 -34.69 -105.89 23.13
C PRO B 149 -35.82 -106.60 23.88
N MET B 150 -36.94 -106.73 23.17
CA MET B 150 -38.16 -107.24 23.78
C MET B 150 -37.98 -108.65 24.31
N SER B 151 -37.27 -109.49 23.55
CA SER B 151 -37.04 -110.87 24.00
C SER B 151 -36.21 -110.89 25.28
N THR B 152 -35.19 -110.04 25.37
CA THR B 152 -34.38 -109.99 26.58
C THR B 152 -35.19 -109.50 27.77
N ARG B 153 -36.00 -108.46 27.56
CA ARG B 153 -36.85 -107.96 28.64
C ARG B 153 -37.78 -109.05 29.15
N ILE B 154 -38.46 -109.74 28.23
CA ILE B 154 -39.37 -110.82 28.61
C ILE B 154 -38.62 -111.92 29.35
N ALA B 155 -37.44 -112.30 28.84
CA ALA B 155 -36.70 -113.41 29.42
C ALA B 155 -36.28 -113.10 30.85
N GLU B 156 -35.77 -111.90 31.09
CA GLU B 156 -35.32 -111.58 32.44
C GLU B 156 -36.50 -111.35 33.38
N ALA B 157 -37.57 -110.73 32.89
CA ALA B 157 -38.74 -110.54 33.74
C ALA B 157 -39.38 -111.86 34.12
N THR B 158 -39.24 -112.89 33.27
CA THR B 158 -39.77 -114.20 33.63
C THR B 158 -38.80 -114.97 34.51
N SER B 159 -37.49 -114.83 34.26
CA SER B 159 -36.50 -115.53 35.07
C SER B 159 -36.39 -114.96 36.47
N ALA B 160 -36.91 -113.75 36.69
CA ALA B 160 -36.83 -113.16 38.02
C ALA B 160 -37.62 -113.91 39.08
N ILE B 161 -38.46 -114.86 38.71
CA ILE B 161 -39.36 -115.43 39.71
C ILE B 161 -39.46 -116.95 39.64
N VAL B 162 -38.51 -117.61 38.97
CA VAL B 162 -38.47 -119.06 38.93
C VAL B 162 -37.99 -119.60 40.27
N SER B 163 -38.15 -120.90 40.50
CA SER B 163 -37.72 -121.52 41.74
C SER B 163 -37.20 -122.92 41.46
N LYS B 164 -36.39 -123.43 42.39
CA LYS B 164 -35.70 -124.71 42.25
C LYS B 164 -36.30 -125.75 43.18
N HIS B 165 -35.67 -126.92 43.24
CA HIS B 165 -36.03 -127.94 44.20
C HIS B 165 -35.44 -127.63 45.56
N PRO B 166 -36.02 -128.17 46.63
CA PRO B 166 -35.50 -127.89 47.97
C PRO B 166 -34.13 -128.49 48.20
N ALA B 167 -33.99 -129.79 47.92
CA ALA B 167 -32.72 -130.48 48.10
C ALA B 167 -32.83 -131.93 47.62
N LYS C 2 15.84 -82.30 110.60
CA LYS C 2 16.24 -82.30 109.20
C LYS C 2 16.68 -80.91 108.76
N ARG C 3 17.98 -80.72 108.63
CA ARG C 3 18.52 -79.40 108.31
C ARG C 3 18.05 -78.93 106.94
N ILE C 4 17.69 -77.65 106.86
CA ILE C 4 17.28 -77.01 105.63
C ILE C 4 18.43 -76.13 105.15
N PRO C 5 19.02 -76.40 103.99
CA PRO C 5 20.21 -75.64 103.59
C PRO C 5 19.88 -74.19 103.28
N ARG C 6 20.72 -73.31 103.82
CA ARG C 6 20.62 -71.88 103.53
C ARG C 6 21.15 -71.60 102.13
N LYS C 7 20.51 -70.67 101.42
CA LYS C 7 20.86 -70.40 100.03
C LYS C 7 21.83 -69.25 99.86
N THR C 8 21.70 -68.18 100.64
CA THR C 8 22.57 -67.03 100.54
C THR C 8 23.49 -66.96 101.75
N LYS C 9 24.74 -66.56 101.53
CA LYS C 9 25.70 -66.45 102.61
C LYS C 9 25.38 -65.25 103.50
N GLY C 10 25.71 -65.37 104.77
CA GLY C 10 25.45 -64.31 105.72
C GLY C 10 26.64 -63.93 106.56
N LYS C 11 26.43 -63.82 107.87
CA LYS C 11 27.46 -63.35 108.80
C LYS C 11 28.43 -64.50 109.09
N SER C 12 29.33 -64.73 108.14
CA SER C 12 30.32 -65.79 108.27
C SER C 12 31.72 -65.24 108.09
N PRO C 40 -8.54 -109.11 99.68
CA PRO C 40 -9.62 -108.63 98.82
C PRO C 40 -9.14 -108.40 97.40
N ALA C 41 -9.94 -107.67 96.61
CA ALA C 41 -9.61 -107.30 95.26
C ALA C 41 -9.28 -105.82 95.19
N THR C 42 -8.97 -105.36 93.99
CA THR C 42 -8.62 -103.96 93.75
C THR C 42 -9.16 -103.57 92.38
N ALA C 43 -8.67 -102.44 91.86
CA ALA C 43 -9.09 -101.94 90.56
C ALA C 43 -10.59 -101.60 90.56
N GLU C 44 -10.96 -100.73 91.51
CA GLU C 44 -12.33 -100.26 91.55
C GLU C 44 -12.65 -99.53 90.25
N PRO C 45 -13.89 -99.61 89.79
CA PRO C 45 -14.23 -99.04 88.47
C PRO C 45 -14.06 -97.53 88.46
N GLY C 46 -13.75 -97.00 87.27
CA GLY C 46 -13.65 -95.57 87.09
C GLY C 46 -12.24 -95.08 86.89
N THR C 47 -11.29 -95.60 87.66
CA THR C 47 -9.91 -95.17 87.55
C THR C 47 -9.29 -95.74 86.28
N SER C 48 -8.60 -94.89 85.53
CA SER C 48 -7.96 -95.33 84.30
C SER C 48 -7.04 -94.21 83.82
N ASN C 49 -6.36 -94.47 82.69
CA ASN C 49 -5.44 -93.51 82.10
C ASN C 49 -5.51 -93.69 80.59
N CYS C 50 -6.28 -92.84 79.92
CA CYS C 50 -6.44 -92.94 78.48
C CYS C 50 -6.10 -91.62 77.79
N GLU C 51 -6.32 -90.51 78.50
CA GLU C 51 -5.86 -89.18 78.09
C GLU C 51 -6.40 -88.81 76.70
N HIS C 52 -7.72 -88.64 76.65
CA HIS C 52 -8.42 -88.34 75.41
C HIS C 52 -8.56 -86.87 75.10
N TYR C 53 -8.26 -85.98 76.04
CA TYR C 53 -8.51 -84.55 75.87
C TYR C 53 -7.23 -83.82 75.49
N LYS C 54 -7.38 -82.81 74.62
CA LYS C 54 -6.28 -81.95 74.22
C LYS C 54 -6.72 -80.51 74.43
N ALA C 55 -5.95 -79.78 75.23
CA ALA C 55 -6.35 -78.44 75.66
C ALA C 55 -6.47 -77.49 74.48
N ARG C 56 -7.42 -76.56 74.58
CA ARG C 56 -7.69 -75.62 73.49
C ARG C 56 -6.65 -74.50 73.47
N PRO C 57 -6.42 -73.79 74.58
CA PRO C 57 -5.33 -72.80 74.56
C PRO C 57 -3.96 -73.43 74.53
N GLY C 58 -3.73 -74.48 75.31
CA GLY C 58 -2.45 -75.16 75.31
C GLY C 58 -1.71 -75.00 76.62
N ILE C 59 -1.60 -76.10 77.38
CA ILE C 59 -1.04 -76.01 78.71
C ILE C 59 0.43 -75.63 78.66
N ALA C 60 1.18 -76.19 77.71
CA ALA C 60 2.61 -75.87 77.62
C ALA C 60 2.82 -74.39 77.29
N SER C 61 2.05 -73.85 76.34
CA SER C 61 2.23 -72.47 75.96
C SER C 61 1.83 -71.52 77.09
N VAL C 62 0.71 -71.81 77.75
CA VAL C 62 0.28 -70.96 78.85
C VAL C 62 1.27 -71.03 80.00
N GLN C 63 1.84 -72.21 80.25
CA GLN C 63 2.84 -72.33 81.30
C GLN C 63 4.09 -71.53 80.96
N LYS C 64 4.53 -71.57 79.71
CA LYS C 64 5.70 -70.79 79.31
C LYS C 64 5.44 -69.30 79.47
N ALA C 65 4.24 -68.85 79.10
CA ALA C 65 3.90 -67.43 79.25
C ALA C 65 3.89 -67.01 80.71
N THR C 66 3.21 -67.78 81.56
CA THR C 66 3.17 -67.45 82.99
C THR C 66 4.55 -67.51 83.60
N GLU C 67 5.38 -68.45 83.14
CA GLU C 67 6.77 -68.53 83.61
C GLU C 67 7.51 -67.24 83.31
N SER C 68 7.42 -66.77 82.07
CA SER C 68 8.10 -65.53 81.72
C SER C 68 7.52 -64.32 82.45
N ALA C 69 6.23 -64.38 82.80
CA ALA C 69 5.58 -63.23 83.43
C ALA C 69 5.74 -63.17 84.94
N GLU C 70 6.06 -64.29 85.59
CA GLU C 70 6.17 -64.27 87.05
C GLU C 70 7.34 -63.41 87.53
N LEU C 71 8.39 -63.26 86.73
CA LEU C 71 9.69 -62.86 87.25
C LEU C 71 9.63 -61.49 87.92
N PRO C 72 10.17 -61.35 89.13
CA PRO C 72 10.10 -60.07 89.83
C PRO C 72 10.88 -58.99 89.11
N MET C 73 10.68 -57.76 89.55
CA MET C 73 11.31 -56.63 88.89
C MET C 73 12.80 -56.61 89.18
N LYS C 74 13.53 -55.86 88.36
CA LYS C 74 14.96 -55.70 88.57
C LYS C 74 15.22 -54.93 89.87
N ASN C 75 16.38 -55.20 90.46
CA ASN C 75 16.82 -54.50 91.66
C ASN C 75 17.65 -53.29 91.22
N ASN C 76 17.10 -52.10 91.38
CA ASN C 76 17.73 -50.86 90.91
C ASN C 76 18.42 -50.17 92.08
N ASP C 77 19.57 -50.69 92.48
CA ASP C 77 20.36 -50.11 93.55
C ASP C 77 21.49 -49.24 92.99
N GLU C 78 21.11 -48.25 92.18
CA GLU C 78 22.07 -47.33 91.57
C GLU C 78 22.08 -46.05 92.41
N GLY C 79 23.00 -46.00 93.38
CA GLY C 79 23.10 -44.82 94.19
C GLY C 79 22.99 -45.10 95.67
N THR C 80 22.49 -46.27 96.01
CA THR C 80 22.41 -46.66 97.41
C THR C 80 23.81 -47.03 97.93
N PRO C 81 24.12 -46.69 99.16
CA PRO C 81 25.46 -47.01 99.68
C PRO C 81 25.66 -48.49 99.90
N ASP C 82 26.88 -48.88 100.29
CA ASP C 82 27.17 -50.25 100.67
C ASP C 82 27.71 -50.27 102.08
N LYS C 83 28.22 -51.44 102.49
CA LYS C 83 28.74 -51.60 103.86
C LYS C 83 29.83 -50.59 104.17
N ARG C 84 30.72 -50.35 103.21
CA ARG C 84 31.87 -49.51 103.43
C ARG C 84 31.52 -48.03 103.49
N GLY C 85 30.35 -47.65 102.97
CA GLY C 85 29.92 -46.26 102.96
C GLY C 85 29.94 -45.60 101.60
N ASN C 86 30.33 -46.31 100.55
CA ASN C 86 30.42 -45.73 99.22
C ASN C 86 29.13 -45.96 98.46
N THR C 87 28.95 -45.19 97.39
CA THR C 87 27.75 -45.23 96.57
C THR C 87 27.97 -46.14 95.37
N LYS C 88 27.01 -47.03 95.12
CA LYS C 88 27.11 -47.96 94.01
C LYS C 88 26.87 -47.22 92.69
N GLY C 89 27.04 -47.94 91.59
CA GLY C 89 26.78 -47.38 90.27
C GLY C 89 28.03 -46.88 89.59
N ALA C 90 27.83 -46.24 88.45
CA ALA C 90 28.91 -45.70 87.64
C ALA C 90 28.75 -44.20 87.48
N LEU C 91 29.88 -43.50 87.48
CA LEU C 91 29.87 -42.04 87.42
C LEU C 91 29.44 -41.60 86.03
N VAL C 92 28.19 -41.14 85.93
CA VAL C 92 27.65 -40.62 84.67
C VAL C 92 26.42 -39.79 85.00
N ASN C 93 26.25 -38.69 84.28
CA ASN C 93 25.26 -37.67 84.60
C ASN C 93 23.87 -38.26 84.72
N GLU C 94 23.00 -37.59 85.49
CA GLU C 94 21.67 -38.10 85.77
C GLU C 94 20.83 -38.21 84.50
N HIS C 95 20.75 -37.12 83.74
CA HIS C 95 19.93 -37.13 82.54
C HIS C 95 20.50 -38.07 81.49
N VAL C 96 21.82 -38.14 81.37
CA VAL C 96 22.44 -39.07 80.44
C VAL C 96 22.13 -40.51 80.84
N GLU C 97 22.11 -40.77 82.14
CA GLU C 97 21.75 -42.11 82.62
C GLU C 97 20.31 -42.45 82.26
N ALA C 98 19.40 -41.49 82.42
CA ALA C 98 18.02 -41.72 82.01
C ALA C 98 17.92 -42.03 80.53
N ARG C 99 18.63 -41.25 79.71
CA ARG C 99 18.55 -41.42 78.26
C ARG C 99 19.08 -42.78 77.82
N ASP C 100 20.26 -43.16 78.32
CA ASP C 100 20.80 -44.43 77.84
C ASP C 100 20.15 -45.63 78.49
N GLU C 101 19.52 -45.48 79.66
CA GLU C 101 18.66 -46.54 80.16
C GLU C 101 17.46 -46.74 79.22
N ALA C 102 16.84 -45.66 78.78
CA ALA C 102 15.76 -45.78 77.80
C ALA C 102 16.25 -46.46 76.53
N ASP C 103 17.46 -46.11 76.08
CA ASP C 103 18.02 -46.71 74.87
C ASP C 103 18.23 -48.21 75.05
N ASP C 104 18.78 -48.62 76.20
CA ASP C 104 18.99 -50.05 76.44
C ASP C 104 17.66 -50.78 76.52
N ALA C 105 16.65 -50.17 77.12
CA ALA C 105 15.33 -50.79 77.16
C ALA C 105 14.77 -50.99 75.77
N THR C 106 14.95 -50.00 74.89
CA THR C 106 14.50 -50.15 73.52
C THR C 106 15.24 -51.28 72.80
N LYS C 107 16.56 -51.37 73.01
CA LYS C 107 17.32 -52.47 72.42
C LYS C 107 16.78 -53.82 72.86
N LYS C 108 16.56 -53.98 74.16
CA LYS C 108 16.06 -55.25 74.66
C LYS C 108 14.65 -55.54 74.16
N GLN C 109 13.83 -54.51 74.00
CA GLN C 109 12.49 -54.70 73.43
C GLN C 109 12.59 -55.22 72.00
N ALA C 110 13.48 -54.64 71.20
CA ALA C 110 13.65 -55.11 69.84
C ALA C 110 14.15 -56.55 69.81
N LYS C 111 15.07 -56.89 70.72
CA LYS C 111 15.57 -58.26 70.78
C LYS C 111 14.46 -59.24 71.17
N ASP C 112 13.59 -58.84 72.11
CA ASP C 112 12.49 -59.70 72.52
C ASP C 112 11.53 -59.93 71.36
N THR C 113 11.16 -58.85 70.66
CA THR C 113 10.30 -59.00 69.49
C THR C 113 10.99 -59.77 68.38
N GLU C 114 12.32 -59.86 68.41
CA GLU C 114 13.10 -60.57 67.39
C GLU C 114 13.05 -59.85 66.05
N LYS C 115 13.20 -58.54 66.10
CA LYS C 115 13.27 -57.69 64.91
C LYS C 115 14.60 -56.95 64.92
N ALA C 116 14.83 -56.19 63.85
CA ALA C 116 16.04 -55.36 63.79
C ALA C 116 15.84 -54.08 64.58
N LYS C 117 14.87 -53.27 64.19
CA LYS C 117 14.50 -52.06 64.91
C LYS C 117 13.19 -52.32 65.65
N ALA C 118 13.14 -51.90 66.90
CA ALA C 118 11.97 -52.15 67.73
C ALA C 118 10.76 -51.39 67.21
N GLN C 119 9.60 -51.79 67.69
CA GLN C 119 8.33 -51.15 67.35
C GLN C 119 7.75 -50.32 68.48
N VAL C 120 7.86 -50.80 69.71
CA VAL C 120 7.46 -50.06 70.89
C VAL C 120 8.75 -49.51 71.50
N THR C 121 9.02 -48.24 71.26
CA THR C 121 10.28 -47.63 71.67
C THR C 121 10.10 -46.79 72.92
N TYR C 122 11.16 -46.74 73.73
CA TYR C 122 11.18 -45.90 74.91
C TYR C 122 11.98 -44.63 74.74
N SER C 123 12.85 -44.58 73.73
CA SER C 123 13.67 -43.41 73.43
C SER C 123 13.18 -42.75 72.15
N ASP C 124 13.46 -41.46 72.04
CA ASP C 124 13.08 -40.68 70.87
C ASP C 124 11.56 -40.69 70.67
N THR C 125 10.82 -40.64 71.76
CA THR C 125 9.39 -40.49 71.66
C THR C 125 9.04 -39.07 71.21
N GLY C 126 7.75 -38.85 70.94
CA GLY C 126 7.32 -37.50 70.59
C GLY C 126 7.39 -36.52 71.74
N ILE C 127 7.52 -37.00 72.96
CA ILE C 127 7.49 -36.14 74.14
C ILE C 127 8.86 -35.53 74.37
N ASN C 128 8.91 -34.23 74.59
CA ASN C 128 10.13 -33.57 75.04
C ASN C 128 10.28 -33.84 76.52
N ASN C 129 11.26 -34.65 76.89
CA ASN C 129 11.45 -35.12 78.25
C ASN C 129 12.85 -34.80 78.72
N ALA C 130 13.27 -33.55 78.51
CA ALA C 130 14.65 -33.15 78.75
C ALA C 130 14.96 -32.93 80.23
N ASN C 131 13.97 -32.94 81.10
CA ASN C 131 14.20 -32.75 82.53
C ASN C 131 14.21 -34.04 83.32
N GLU C 132 14.01 -35.18 82.67
CA GLU C 132 13.96 -36.45 83.40
C GLU C 132 15.31 -36.76 84.03
N LEU C 133 15.25 -37.30 85.25
CA LEU C 133 16.45 -37.69 85.98
C LEU C 133 16.34 -39.15 86.38
N SER C 134 17.49 -39.81 86.45
CA SER C 134 17.55 -41.21 86.88
C SER C 134 18.82 -41.38 87.69
N ARG C 135 18.67 -41.91 88.91
CA ARG C 135 19.77 -41.90 89.87
C ARG C 135 20.95 -42.70 89.37
N SER C 136 22.15 -42.19 89.65
CA SER C 136 23.40 -42.83 89.25
C SER C 136 24.40 -42.66 90.40
N GLY C 137 25.66 -42.91 90.11
CA GLY C 137 26.70 -42.95 91.13
C GLY C 137 27.48 -41.68 91.36
N ASN C 138 27.10 -40.56 90.75
CA ASN C 138 27.82 -39.31 90.98
C ASN C 138 27.45 -38.66 92.30
N VAL C 139 26.21 -38.83 92.74
CA VAL C 139 25.68 -38.11 93.89
C VAL C 139 25.72 -39.01 95.10
N ASP C 140 26.31 -38.54 96.18
CA ASP C 140 26.27 -39.26 97.45
C ASP C 140 24.94 -39.00 98.12
N ASN C 141 24.82 -39.35 99.39
CA ASN C 141 23.56 -39.19 100.10
C ASN C 141 23.36 -37.76 100.62
N GLU C 142 24.42 -36.99 100.76
CA GLU C 142 24.30 -35.62 101.25
C GLU C 142 23.98 -34.63 100.13
N GLY C 143 24.60 -34.78 98.96
CA GLY C 143 24.34 -33.86 97.87
C GLY C 143 25.59 -33.51 97.09
N GLY C 144 26.74 -34.00 97.54
CA GLY C 144 27.99 -33.75 96.85
C GLY C 144 28.20 -34.73 95.71
N SER C 145 29.40 -34.64 95.13
CA SER C 145 29.78 -35.51 94.03
C SER C 145 30.68 -36.63 94.53
N ASN C 146 30.82 -37.66 93.72
CA ASN C 146 31.65 -38.82 94.04
C ASN C 146 32.91 -38.86 93.19
N GLN C 147 33.52 -37.70 92.97
CA GLN C 147 34.83 -37.66 92.33
C GLN C 147 35.85 -38.45 93.14
N LYS C 148 35.70 -38.45 94.46
CA LYS C 148 36.47 -39.26 95.37
C LYS C 148 35.51 -40.05 96.25
N PRO C 149 35.78 -41.32 96.50
CA PRO C 149 34.84 -42.12 97.30
C PRO C 149 34.72 -41.60 98.72
N MET C 150 33.57 -41.88 99.32
CA MET C 150 33.26 -41.39 100.66
C MET C 150 34.28 -41.88 101.68
N SER C 151 34.68 -43.14 101.57
CA SER C 151 35.68 -43.67 102.49
C SER C 151 37.00 -42.95 102.35
N THR C 152 37.39 -42.60 101.12
CA THR C 152 38.63 -41.87 100.92
C THR C 152 38.55 -40.47 101.50
N ARG C 153 37.42 -39.78 101.29
CA ARG C 153 37.24 -38.45 101.88
C ARG C 153 37.36 -38.51 103.39
N ILE C 154 36.69 -39.48 104.00
CA ILE C 154 36.72 -39.60 105.46
C ILE C 154 38.14 -39.92 105.93
N ALA C 155 38.82 -40.82 105.22
CA ALA C 155 40.17 -41.21 105.63
C ALA C 155 41.12 -40.02 105.57
N GLU C 156 41.02 -39.22 104.51
CA GLU C 156 41.91 -38.06 104.39
C GLU C 156 41.60 -37.03 105.47
N ALA C 157 40.31 -36.73 105.68
CA ALA C 157 39.95 -35.74 106.67
C ALA C 157 40.37 -36.17 108.08
N THR C 158 40.30 -37.47 108.36
CA THR C 158 40.70 -37.95 109.67
C THR C 158 42.22 -38.01 109.80
N SER C 159 42.91 -38.39 108.73
CA SER C 159 44.36 -38.58 108.81
C SER C 159 45.08 -37.26 108.91
N ALA C 160 44.62 -36.23 108.20
CA ALA C 160 45.40 -35.01 108.20
C ALA C 160 45.08 -34.12 109.38
N ILE C 161 44.97 -34.69 110.58
CA ILE C 161 45.10 -33.90 111.79
C ILE C 161 45.81 -34.71 112.86
N VAL C 162 46.29 -35.91 112.49
CA VAL C 162 46.91 -36.81 113.45
C VAL C 162 48.28 -36.27 113.86
N SER C 163 48.72 -36.65 115.06
CA SER C 163 50.02 -36.27 115.59
C SER C 163 50.87 -37.52 115.81
N LYS C 164 52.12 -37.30 116.20
CA LYS C 164 53.08 -38.40 116.38
C LYS C 164 53.88 -38.14 117.64
N HIS C 165 54.96 -38.91 117.82
CA HIS C 165 55.81 -38.78 118.99
C HIS C 165 56.87 -37.70 118.78
N PRO C 166 57.46 -37.21 119.86
CA PRO C 166 58.55 -36.23 119.80
C PRO C 166 59.78 -36.80 119.10
N LYS D 2 106.40 26.35 74.94
CA LYS D 2 106.11 27.47 74.05
C LYS D 2 106.31 27.07 72.59
N ARG D 3 106.64 28.05 71.75
CA ARG D 3 106.94 27.83 70.33
C ARG D 3 105.75 27.20 69.62
N ILE D 4 104.67 27.97 69.56
CA ILE D 4 103.47 27.53 68.85
C ILE D 4 103.77 27.45 67.36
N PRO D 5 103.52 26.34 66.70
CA PRO D 5 103.84 26.22 65.27
C PRO D 5 102.86 26.99 64.41
N ARG D 6 103.38 27.50 63.30
CA ARG D 6 102.58 28.18 62.30
C ARG D 6 101.85 27.15 61.45
N LYS D 7 100.65 27.51 60.97
CA LYS D 7 99.82 26.59 60.21
C LYS D 7 99.48 27.09 58.82
N THR D 8 100.05 28.21 58.39
CA THR D 8 99.85 28.70 57.03
C THR D 8 101.16 29.27 56.52
N LYS D 9 101.38 29.13 55.21
CA LYS D 9 102.59 29.66 54.60
C LYS D 9 102.58 31.18 54.67
N GLY D 10 103.52 31.74 55.43
CA GLY D 10 103.64 33.17 55.58
C GLY D 10 104.56 33.79 54.55
N LYS D 11 105.23 34.88 54.96
CA LYS D 11 106.14 35.59 54.06
C LYS D 11 107.55 35.02 54.21
N SER D 12 107.71 33.81 53.71
CA SER D 12 109.01 33.12 53.68
C SER D 12 108.89 31.77 52.97
N PRO D 40 96.42 8.26 104.98
CA PRO D 40 95.10 8.80 105.30
C PRO D 40 94.20 8.87 104.08
N ALA D 41 94.74 9.32 102.94
CA ALA D 41 93.95 9.48 101.73
C ALA D 41 93.39 8.15 101.27
N THR D 42 92.07 7.99 101.41
CA THR D 42 91.38 6.74 101.10
C THR D 42 90.29 7.03 100.08
N ALA D 43 89.92 6.01 99.31
CA ALA D 43 88.78 6.12 98.42
C ALA D 43 87.53 6.48 99.22
N GLU D 44 86.90 7.58 98.86
CA GLU D 44 85.80 8.15 99.61
C GLU D 44 84.47 7.68 99.07
N PRO D 45 83.38 7.90 99.82
CA PRO D 45 82.10 7.25 99.47
C PRO D 45 81.49 7.72 98.16
N GLY D 46 81.86 8.88 97.65
CA GLY D 46 81.18 9.40 96.48
C GLY D 46 81.67 8.88 95.14
N THR D 47 82.98 8.66 95.02
CA THR D 47 83.59 8.35 93.73
C THR D 47 83.21 6.94 93.30
N SER D 48 82.15 6.82 92.51
CA SER D 48 81.77 5.54 91.93
C SER D 48 80.88 5.82 90.70
N ASN D 49 81.48 5.70 89.51
CA ASN D 49 80.77 6.01 88.26
C ASN D 49 81.18 4.98 87.21
N CYS D 50 80.28 4.05 86.92
CA CYS D 50 80.57 3.01 85.92
C CYS D 50 79.59 3.00 84.76
N GLU D 51 78.29 2.89 85.01
CA GLU D 51 77.33 2.52 83.99
C GLU D 51 75.97 3.10 84.36
N HIS D 52 74.91 2.47 83.84
CA HIS D 52 73.52 2.68 84.23
C HIS D 52 72.84 3.85 83.53
N TYR D 53 73.45 4.40 82.49
CA TYR D 53 72.75 5.44 81.75
C TYR D 53 73.08 5.36 80.26
N LYS D 54 72.05 5.60 79.44
CA LYS D 54 72.19 5.71 78.00
C LYS D 54 71.27 6.83 77.53
N ALA D 55 71.86 7.90 76.98
CA ALA D 55 71.10 9.10 76.66
C ALA D 55 70.03 8.82 75.61
N ARG D 56 68.97 9.62 75.64
CA ARG D 56 67.81 9.40 74.78
C ARG D 56 68.05 9.86 73.35
N PRO D 57 68.49 11.10 73.11
CA PRO D 57 68.82 11.50 71.74
C PRO D 57 70.09 10.84 71.22
N GLY D 58 71.05 10.53 72.09
CA GLY D 58 72.25 9.85 71.67
C GLY D 58 73.44 10.77 71.50
N ILE D 59 74.46 10.58 72.35
CA ILE D 59 75.60 11.49 72.35
C ILE D 59 76.36 11.42 71.03
N ALA D 60 76.61 10.21 70.53
CA ALA D 60 77.39 10.08 69.30
C ALA D 60 76.65 10.67 68.11
N SER D 61 75.36 10.38 68.00
CA SER D 61 74.56 10.89 66.89
C SER D 61 74.51 12.42 66.92
N VAL D 62 74.23 12.98 68.09
CA VAL D 62 74.15 14.43 68.19
C VAL D 62 75.49 15.07 67.91
N GLN D 63 76.59 14.44 68.35
CA GLN D 63 77.91 15.01 68.09
C GLN D 63 78.25 14.99 66.61
N LYS D 64 77.93 13.90 65.91
CA LYS D 64 78.20 13.85 64.47
C LYS D 64 77.40 14.91 63.72
N ALA D 65 76.10 15.01 64.02
CA ALA D 65 75.27 16.03 63.36
C ALA D 65 75.76 17.43 63.69
N THR D 66 76.18 17.66 64.94
CA THR D 66 76.66 18.98 65.33
C THR D 66 77.95 19.33 64.62
N GLU D 67 78.83 18.34 64.43
CA GLU D 67 80.04 18.59 63.63
C GLU D 67 79.67 19.03 62.22
N SER D 68 78.81 18.26 61.56
CA SER D 68 78.47 18.58 60.18
C SER D 68 77.82 19.95 60.06
N ALA D 69 77.03 20.34 61.06
CA ALA D 69 76.49 21.70 61.06
C ALA D 69 77.54 22.74 61.44
N GLU D 70 78.57 22.34 62.16
CA GLU D 70 79.62 23.24 62.64
C GLU D 70 80.62 23.60 61.56
N LEU D 71 80.71 22.80 60.50
CA LEU D 71 81.61 23.12 59.39
C LEU D 71 81.36 24.54 58.88
N PRO D 72 82.41 25.36 58.72
CA PRO D 72 82.19 26.75 58.28
C PRO D 72 81.74 26.84 56.84
N MET D 73 81.50 28.06 56.36
CA MET D 73 80.89 28.26 55.05
C MET D 73 81.96 28.33 53.97
N LYS D 74 81.58 27.89 52.77
CA LYS D 74 82.50 27.82 51.64
C LYS D 74 82.99 29.21 51.25
N ASN D 75 84.17 29.25 50.64
CA ASN D 75 84.78 30.50 50.19
C ASN D 75 84.59 30.65 48.69
N ASN D 76 83.92 31.73 48.29
CA ASN D 76 83.59 31.99 46.89
C ASN D 76 84.41 33.19 46.43
N ASP D 77 85.64 32.93 45.97
CA ASP D 77 86.54 34.00 45.56
C ASP D 77 86.73 34.08 44.06
N GLU D 78 85.94 33.37 43.27
CA GLU D 78 86.03 33.49 41.83
C GLU D 78 85.55 34.87 41.40
N GLY D 79 86.37 35.54 40.60
CA GLY D 79 86.10 36.91 40.19
C GLY D 79 86.93 37.94 40.89
N THR D 80 87.68 37.56 41.90
CA THR D 80 88.54 38.49 42.60
C THR D 80 89.97 38.43 42.06
N PRO D 81 90.72 39.52 42.15
CA PRO D 81 92.06 39.55 41.55
C PRO D 81 93.10 38.95 42.47
N ASP D 82 94.02 38.19 41.89
CA ASP D 82 95.09 37.58 42.66
C ASP D 82 96.17 38.62 42.93
N LYS D 83 97.32 38.17 43.43
CA LYS D 83 98.34 39.11 43.85
C LYS D 83 99.10 39.73 42.69
N ARG D 84 99.01 39.15 41.50
CA ARG D 84 99.63 39.73 40.32
C ARG D 84 98.68 40.60 39.51
N GLY D 85 97.40 40.63 39.87
CA GLY D 85 96.42 41.46 39.21
C GLY D 85 95.39 40.71 38.39
N ASN D 86 95.72 39.48 37.97
CA ASN D 86 94.79 38.70 37.17
C ASN D 86 93.61 38.24 38.01
N THR D 87 92.40 38.38 37.48
CA THR D 87 91.23 37.88 38.18
C THR D 87 91.31 36.36 38.29
N LYS D 88 91.19 35.85 39.51
CA LYS D 88 91.38 34.42 39.75
C LYS D 88 90.07 33.64 39.71
N GLY D 89 89.11 34.07 38.90
CA GLY D 89 87.89 33.32 38.75
C GLY D 89 88.16 31.92 38.20
N ALA D 90 87.25 31.00 38.52
CA ALA D 90 87.39 29.64 38.04
C ALA D 90 87.28 29.58 36.52
N LEU D 91 86.29 30.26 35.95
CA LEU D 91 86.10 30.34 34.51
C LEU D 91 85.94 28.96 33.88
N ASP D 100 75.29 25.84 36.10
CA ASP D 100 76.45 25.11 36.59
C ASP D 100 76.36 24.88 38.09
N GLU D 101 76.33 25.98 38.84
CA GLU D 101 76.33 25.89 40.30
C GLU D 101 75.07 25.22 40.81
N ALA D 102 73.93 25.52 40.19
CA ALA D 102 72.68 24.91 40.64
C ALA D 102 72.69 23.40 40.41
N ASP D 103 73.17 22.96 39.25
CA ASP D 103 73.27 21.53 38.98
C ASP D 103 74.25 20.86 39.92
N ASP D 104 75.40 21.49 40.15
CA ASP D 104 76.39 20.92 41.07
C ASP D 104 75.81 20.80 42.48
N ALA D 105 75.05 21.80 42.93
CA ALA D 105 74.49 21.75 44.27
C ALA D 105 73.39 20.71 44.38
N THR D 106 72.55 20.57 43.36
CA THR D 106 71.52 19.53 43.42
C THR D 106 72.14 18.14 43.34
N LYS D 107 73.26 17.99 42.61
CA LYS D 107 73.94 16.71 42.59
C LYS D 107 74.57 16.39 43.95
N LYS D 108 75.14 17.40 44.59
CA LYS D 108 75.65 17.21 45.95
C LYS D 108 74.53 16.85 46.91
N GLN D 109 73.35 17.46 46.74
CA GLN D 109 72.19 17.11 47.55
C GLN D 109 71.81 15.66 47.35
N ALA D 110 71.78 15.21 46.09
CA ALA D 110 71.44 13.81 45.81
C ALA D 110 72.45 12.87 46.46
N LYS D 111 73.74 13.18 46.34
CA LYS D 111 74.77 12.34 46.94
C LYS D 111 74.63 12.31 48.46
N ASP D 112 74.35 13.47 49.07
CA ASP D 112 74.30 13.54 50.53
C ASP D 112 73.05 12.89 51.10
N THR D 113 71.95 12.89 50.34
CA THR D 113 70.75 12.17 50.77
C THR D 113 70.70 10.75 50.23
N GLU D 114 71.75 10.31 49.51
CA GLU D 114 71.91 8.92 49.10
C GLU D 114 70.73 8.44 48.26
N LYS D 115 70.42 9.20 47.21
CA LYS D 115 69.39 8.81 46.25
C LYS D 115 69.77 9.38 44.89
N ALA D 116 69.56 8.57 43.84
CA ALA D 116 69.95 8.98 42.50
C ALA D 116 69.17 10.19 42.00
N LYS D 117 67.99 10.45 42.56
CA LYS D 117 67.13 11.56 42.13
C LYS D 117 66.91 12.46 43.35
N ALA D 118 67.45 13.68 43.29
CA ALA D 118 67.33 14.61 44.40
C ALA D 118 65.87 14.99 44.63
N GLN D 119 65.63 15.67 45.74
CA GLN D 119 64.27 16.00 46.13
C GLN D 119 64.13 17.47 46.50
N VAL D 120 65.22 18.08 46.94
CA VAL D 120 65.26 19.51 47.27
C VAL D 120 66.27 20.12 46.30
N THR D 121 65.78 20.67 45.20
CA THR D 121 66.62 21.07 44.10
C THR D 121 66.79 22.58 44.05
N TYR D 122 67.86 23.02 43.41
CA TYR D 122 68.13 24.43 43.23
C TYR D 122 67.94 24.91 41.80
N SER D 123 67.83 23.99 40.84
CA SER D 123 67.69 24.34 39.44
C SER D 123 66.40 23.77 38.89
N ASP D 124 65.90 24.41 37.83
CA ASP D 124 64.67 23.98 37.18
C ASP D 124 63.48 24.10 38.12
N THR D 125 63.50 25.12 38.97
CA THR D 125 62.38 25.41 39.84
C THR D 125 61.27 26.06 39.02
N GLY D 126 60.22 26.53 39.70
CA GLY D 126 59.13 27.17 38.99
C GLY D 126 59.32 28.62 38.67
N ILE D 127 60.34 29.26 39.20
CA ILE D 127 60.56 30.68 39.03
C ILE D 127 61.40 30.93 37.79
N ASN D 128 61.04 31.96 37.03
CA ASN D 128 61.83 32.38 35.87
C ASN D 128 62.91 33.34 36.35
N ASN D 129 63.93 32.77 36.99
CA ASN D 129 65.05 33.54 37.52
C ASN D 129 66.12 33.71 36.45
N ALA D 130 65.73 34.32 35.35
CA ALA D 130 66.54 34.38 34.13
C ALA D 130 67.41 35.61 34.04
N ASN D 131 67.31 36.54 34.99
CA ASN D 131 68.17 37.71 35.00
C ASN D 131 69.29 37.62 36.03
N GLU D 132 69.38 36.52 36.76
CA GLU D 132 70.37 36.42 37.82
C GLU D 132 71.77 36.32 37.24
N LEU D 133 72.71 37.00 37.88
CA LEU D 133 74.11 36.97 37.50
C LEU D 133 74.91 36.19 38.53
N SER D 134 76.22 36.15 38.32
CA SER D 134 77.12 35.49 39.25
C SER D 134 78.54 35.97 38.94
N ARG D 135 79.43 35.76 39.90
CA ARG D 135 80.82 36.11 39.69
C ARG D 135 81.45 35.16 38.67
N SER D 136 82.25 35.73 37.78
CA SER D 136 82.88 34.95 36.73
C SER D 136 84.30 35.46 36.51
N GLY D 137 85.17 34.57 36.04
CA GLY D 137 86.50 34.98 35.67
C GLY D 137 86.60 35.75 34.38
N ASN D 138 85.47 35.99 33.72
CA ASN D 138 85.44 36.66 32.44
C ASN D 138 85.44 38.18 32.58
N VAL D 139 85.21 38.70 33.78
CA VAL D 139 85.05 40.12 34.01
C VAL D 139 86.13 40.58 34.98
N ASP D 140 86.88 41.60 34.61
CA ASP D 140 87.88 42.18 35.49
C ASP D 140 87.23 43.24 36.38
N ASN D 141 88.05 44.02 37.08
CA ASN D 141 87.52 45.02 38.00
C ASN D 141 87.12 46.32 37.32
N GLU D 142 87.62 46.57 36.11
CA GLU D 142 87.22 47.73 35.32
C GLU D 142 85.95 47.51 34.53
N GLY D 143 85.17 46.49 34.85
CA GLY D 143 84.03 46.15 34.04
C GLY D 143 84.37 45.74 32.62
N GLY D 144 85.60 45.27 32.40
CA GLY D 144 86.02 44.88 31.08
C GLY D 144 86.16 43.38 30.90
N SER D 145 86.23 42.93 29.66
CA SER D 145 86.33 41.50 29.39
C SER D 145 87.70 40.97 29.75
N ASN D 146 87.72 39.76 30.30
CA ASN D 146 88.97 39.12 30.73
C ASN D 146 89.25 37.99 29.75
N GLN D 147 89.87 38.34 28.64
CA GLN D 147 90.34 37.39 27.64
C GLN D 147 91.84 37.41 27.51
N LYS D 148 92.44 38.60 27.53
CA LYS D 148 93.86 38.76 27.72
C LYS D 148 94.09 39.22 29.14
N PRO D 149 94.82 38.48 29.98
CA PRO D 149 94.91 38.83 31.40
C PRO D 149 95.56 40.19 31.60
N MET D 150 95.26 40.79 32.76
CA MET D 150 95.69 42.15 33.02
C MET D 150 97.21 42.28 33.00
N SER D 151 97.93 41.24 33.42
CA SER D 151 99.38 41.27 33.36
C SER D 151 99.85 41.42 31.93
N THR D 152 99.30 40.61 31.02
CA THR D 152 99.68 40.70 29.62
C THR D 152 99.29 42.04 29.02
N ARG D 153 98.11 42.55 29.38
CA ARG D 153 97.68 43.85 28.89
C ARG D 153 98.65 44.94 29.31
N ILE D 154 99.06 44.94 30.57
CA ILE D 154 99.98 45.97 31.05
C ILE D 154 101.35 45.82 30.39
N ALA D 155 101.81 44.58 30.23
CA ALA D 155 103.11 44.36 29.60
C ALA D 155 103.11 44.87 28.17
N GLU D 156 102.04 44.61 27.41
CA GLU D 156 102.01 45.08 26.04
C GLU D 156 101.88 46.60 25.97
N ALA D 157 101.01 47.18 26.81
CA ALA D 157 100.85 48.62 26.79
C ALA D 157 102.12 49.35 27.19
N THR D 158 102.95 48.73 28.02
CA THR D 158 104.21 49.35 28.38
C THR D 158 105.27 49.11 27.31
N SER D 159 105.29 47.91 26.71
CA SER D 159 106.27 47.62 25.68
C SER D 159 106.06 48.45 24.43
N ALA D 160 104.85 48.93 24.20
CA ALA D 160 104.65 49.74 23.00
C ALA D 160 105.27 51.15 23.11
N ILE D 161 106.09 51.47 24.10
CA ILE D 161 106.65 52.81 24.25
C ILE D 161 108.14 52.80 24.53
N VAL D 162 108.78 51.64 24.56
CA VAL D 162 110.18 51.56 24.95
C VAL D 162 111.07 51.90 23.77
N SER D 163 112.26 52.40 24.06
CA SER D 163 113.26 52.78 23.06
C SER D 163 114.49 51.89 23.22
N LYS D 164 115.53 52.21 22.45
CA LYS D 164 116.76 51.43 22.46
C LYS D 164 117.96 52.35 22.25
N HIS D 165 119.15 51.77 22.31
CA HIS D 165 120.36 52.52 22.02
C HIS D 165 120.39 52.91 20.54
N PRO D 166 121.07 54.00 20.21
CA PRO D 166 121.43 54.24 18.80
C PRO D 166 122.67 53.44 18.43
N ALA D 167 122.75 53.09 17.15
CA ALA D 167 123.89 52.32 16.66
C ALA D 167 125.17 53.14 16.73
N LYS E 2 99.25 48.16 -69.54
CA LYS E 2 99.19 47.71 -70.92
C LYS E 2 98.82 46.25 -71.00
N ARG E 3 98.14 45.86 -72.09
CA ARG E 3 97.74 44.49 -72.35
C ARG E 3 96.82 43.97 -71.24
N ILE E 4 95.65 44.60 -71.16
CA ILE E 4 94.59 44.17 -70.27
C ILE E 4 93.84 43.02 -70.93
N PRO E 5 93.92 41.81 -70.40
CA PRO E 5 93.25 40.67 -71.05
C PRO E 5 91.74 40.74 -70.88
N ARG E 6 91.05 40.05 -71.79
CA ARG E 6 89.61 39.96 -71.75
C ARG E 6 89.18 38.87 -70.76
N LYS E 7 87.87 38.74 -70.59
CA LYS E 7 87.30 37.65 -69.79
C LYS E 7 86.18 36.93 -70.52
N THR E 8 85.89 37.27 -71.74
CA THR E 8 84.80 36.59 -72.40
C THR E 8 85.27 36.35 -73.79
N LYS E 9 85.04 35.16 -74.31
CA LYS E 9 85.47 34.94 -75.65
C LYS E 9 84.54 35.80 -76.44
N GLY E 10 85.08 36.63 -77.30
CA GLY E 10 84.25 37.46 -78.11
C GLY E 10 84.93 37.52 -79.45
N LYS E 11 84.15 37.50 -80.51
CA LYS E 11 84.75 37.58 -81.83
C LYS E 11 83.72 38.11 -82.79
N SER E 12 84.17 38.62 -83.92
CA SER E 12 83.25 39.08 -84.94
C SER E 12 83.66 38.53 -86.27
N PRO E 40 118.75 61.56 -40.96
CA PRO E 40 117.78 62.52 -40.43
C PRO E 40 116.39 61.93 -40.27
N ALA E 41 115.94 61.19 -41.30
CA ALA E 41 114.58 60.67 -41.35
C ALA E 41 114.45 59.53 -40.35
N THR E 42 114.27 59.90 -39.09
CA THR E 42 114.09 58.94 -38.01
C THR E 42 112.60 58.57 -37.92
N ALA E 43 112.24 57.83 -36.88
CA ALA E 43 110.86 57.40 -36.71
C ALA E 43 110.03 58.52 -36.12
N GLU E 44 108.89 58.81 -36.75
CA GLU E 44 108.03 59.88 -36.26
C GLU E 44 107.35 59.44 -34.95
N PRO E 45 107.08 60.39 -34.06
CA PRO E 45 106.58 60.04 -32.72
C PRO E 45 105.12 59.62 -32.67
N GLY E 46 104.47 59.29 -33.78
CA GLY E 46 103.05 58.99 -33.71
C GLY E 46 102.61 57.64 -34.24
N THR E 47 103.52 56.86 -34.82
CA THR E 47 103.17 55.64 -35.55
C THR E 47 103.39 54.41 -34.67
N SER E 48 102.37 53.55 -34.61
CA SER E 48 102.45 52.30 -33.87
C SER E 48 101.14 51.53 -34.05
N ASN E 49 101.22 50.21 -33.91
CA ASN E 49 100.02 49.38 -33.79
C ASN E 49 100.37 48.10 -33.04
N CYS E 50 99.74 47.91 -31.88
CA CYS E 50 99.90 46.68 -31.11
C CYS E 50 98.59 45.96 -30.86
N GLU E 51 97.60 46.66 -30.30
CA GLU E 51 96.44 46.01 -29.70
C GLU E 51 95.41 47.10 -29.38
N HIS E 52 94.43 46.78 -28.54
CA HIS E 52 93.63 47.79 -27.86
C HIS E 52 92.57 48.39 -28.77
N TYR E 53 92.07 47.58 -29.70
CA TYR E 53 90.75 47.84 -30.26
C TYR E 53 90.20 46.61 -30.97
N LYS E 54 89.00 46.18 -30.58
CA LYS E 54 88.28 45.11 -31.25
C LYS E 54 86.94 45.67 -31.70
N ALA E 55 86.71 45.70 -33.01
CA ALA E 55 85.46 46.21 -33.54
C ALA E 55 84.29 45.39 -33.03
N ARG E 56 83.29 46.07 -32.47
CA ARG E 56 82.24 45.39 -31.72
C ARG E 56 81.24 44.69 -32.62
N PRO E 57 80.65 45.36 -33.62
CA PRO E 57 79.73 44.66 -34.52
C PRO E 57 80.36 43.50 -35.28
N GLY E 58 81.69 43.48 -35.41
CA GLY E 58 82.36 42.36 -36.02
C GLY E 58 82.73 42.66 -37.46
N ILE E 59 83.99 43.03 -37.68
CA ILE E 59 84.40 43.48 -39.01
C ILE E 59 84.35 42.33 -40.00
N ALA E 60 84.83 41.15 -39.61
CA ALA E 60 84.83 40.01 -40.53
C ALA E 60 83.41 39.53 -40.81
N SER E 61 82.55 39.52 -39.78
CA SER E 61 81.17 39.08 -39.96
C SER E 61 80.40 40.01 -40.88
N VAL E 62 80.51 41.32 -40.63
CA VAL E 62 79.85 42.30 -41.50
C VAL E 62 80.41 42.21 -42.91
N GLN E 63 81.71 41.94 -43.03
CA GLN E 63 82.34 41.85 -44.34
C GLN E 63 81.82 40.65 -45.12
N LYS E 64 81.64 39.51 -44.45
CA LYS E 64 81.08 38.34 -45.12
C LYS E 64 79.62 38.56 -45.51
N ALA E 65 78.84 39.19 -44.63
CA ALA E 65 77.45 39.48 -44.97
C ALA E 65 77.36 40.40 -46.18
N THR E 66 78.24 41.40 -46.25
CA THR E 66 78.27 42.28 -47.41
C THR E 66 78.67 41.52 -48.66
N GLU E 67 79.68 40.65 -48.56
CA GLU E 67 80.08 39.83 -49.70
C GLU E 67 78.91 38.99 -50.21
N SER E 68 78.12 38.44 -49.30
CA SER E 68 76.97 37.64 -49.71
C SER E 68 75.93 38.51 -50.42
N ALA E 69 75.51 39.62 -49.79
CA ALA E 69 74.44 40.43 -50.35
C ALA E 69 74.89 41.28 -51.54
N GLU E 70 76.18 41.29 -51.87
CA GLU E 70 76.69 42.09 -52.98
C GLU E 70 76.46 41.46 -54.34
N LEU E 71 76.08 40.18 -54.40
CA LEU E 71 76.10 39.45 -55.66
C LEU E 71 75.04 39.99 -56.62
N PRO E 72 75.36 40.07 -57.91
CA PRO E 72 74.36 40.54 -58.87
C PRO E 72 73.19 39.58 -58.97
N MET E 73 72.05 40.12 -59.38
CA MET E 73 70.83 39.33 -59.51
C MET E 73 70.99 38.30 -60.62
N LYS E 74 70.29 37.17 -60.47
CA LYS E 74 70.40 36.08 -61.42
C LYS E 74 69.82 36.48 -62.77
N ASN E 75 70.27 35.79 -63.82
CA ASN E 75 69.84 36.06 -65.19
C ASN E 75 68.83 35.00 -65.59
N ASN E 76 67.59 35.41 -65.83
CA ASN E 76 66.52 34.51 -66.26
C ASN E 76 66.33 34.71 -67.76
N ASP E 77 67.06 33.94 -68.55
CA ASP E 77 67.08 34.11 -70.00
C ASP E 77 66.32 33.00 -70.72
N GLU E 78 65.26 32.47 -70.12
CA GLU E 78 64.45 31.48 -70.79
C GLU E 78 63.48 32.15 -71.76
N GLY E 79 63.06 31.39 -72.77
CA GLY E 79 62.16 31.92 -73.77
C GLY E 79 62.77 32.92 -74.73
N THR E 80 64.07 33.18 -74.63
CA THR E 80 64.80 34.12 -75.47
C THR E 80 65.58 33.36 -76.54
N PRO E 81 65.64 33.88 -77.76
CA PRO E 81 66.26 33.12 -78.85
C PRO E 81 67.76 32.95 -78.65
N ASP E 82 68.29 31.90 -79.27
CA ASP E 82 69.73 31.75 -79.43
C ASP E 82 70.18 32.63 -80.58
N LYS E 83 71.41 32.45 -81.04
CA LYS E 83 71.85 33.19 -82.22
C LYS E 83 71.25 32.62 -83.49
N ARG E 84 71.04 31.31 -83.54
CA ARG E 84 70.44 30.69 -84.71
C ARG E 84 68.95 30.93 -84.80
N GLY E 85 68.30 31.31 -83.71
CA GLY E 85 66.88 31.60 -83.70
C GLY E 85 66.02 30.65 -82.92
N ASN E 86 66.61 29.73 -82.15
CA ASN E 86 65.87 28.74 -81.38
C ASN E 86 65.74 29.24 -79.95
N THR E 87 64.50 29.41 -79.49
CA THR E 87 64.27 29.90 -78.13
C THR E 87 64.82 28.92 -77.12
N LYS E 88 65.71 29.40 -76.25
CA LYS E 88 66.36 28.55 -75.27
C LYS E 88 65.44 28.30 -74.08
N GLY E 89 65.47 27.07 -73.57
CA GLY E 89 64.66 26.71 -72.43
C GLY E 89 64.04 25.34 -72.56
N ALA E 90 63.44 24.84 -71.48
CA ALA E 90 62.82 23.53 -71.48
C ALA E 90 61.41 23.61 -72.08
N LEU E 91 60.90 22.46 -72.47
CA LEU E 91 59.61 22.35 -73.15
C LEU E 91 58.57 21.85 -72.15
N VAL E 92 57.91 22.78 -71.47
CA VAL E 92 56.79 22.44 -70.59
C VAL E 92 56.04 23.72 -70.29
N ASN E 93 54.77 23.58 -69.87
CA ASN E 93 53.84 24.69 -69.74
C ASN E 93 54.37 25.78 -68.81
N GLU E 94 53.88 27.00 -69.03
CA GLU E 94 54.38 28.16 -68.29
C GLU E 94 53.89 28.14 -66.84
N HIS E 95 52.66 27.69 -66.61
CA HIS E 95 52.19 27.58 -65.24
C HIS E 95 52.96 26.51 -64.48
N VAL E 96 53.27 25.39 -65.15
CA VAL E 96 54.14 24.38 -64.55
C VAL E 96 55.51 24.99 -64.26
N GLU E 97 55.98 25.86 -65.15
CA GLU E 97 57.23 26.59 -64.90
C GLU E 97 57.15 27.37 -63.60
N ALA E 98 56.07 28.14 -63.42
CA ALA E 98 55.95 28.96 -62.23
C ALA E 98 55.90 28.12 -60.97
N ARG E 99 55.13 27.02 -60.99
CA ARG E 99 55.06 26.17 -59.81
C ARG E 99 56.40 25.51 -59.51
N ASP E 100 57.08 25.01 -60.54
CA ASP E 100 58.37 24.36 -60.33
C ASP E 100 59.40 25.34 -59.80
N GLU E 101 59.37 26.58 -60.29
CA GLU E 101 60.33 27.58 -59.83
C GLU E 101 60.03 28.01 -58.41
N ALA E 102 58.76 28.12 -58.03
CA ALA E 102 58.43 28.39 -56.65
C ALA E 102 58.92 27.27 -55.74
N ASP E 103 58.72 26.01 -56.15
CA ASP E 103 59.19 24.90 -55.36
C ASP E 103 60.71 24.90 -55.23
N ASP E 104 61.41 25.19 -56.33
CA ASP E 104 62.87 25.23 -56.29
C ASP E 104 63.36 26.36 -55.39
N ALA E 105 62.69 27.51 -55.41
CA ALA E 105 63.07 28.60 -54.53
C ALA E 105 62.85 28.22 -53.07
N THR E 106 61.75 27.53 -52.76
CA THR E 106 61.53 27.08 -51.39
C THR E 106 62.61 26.11 -50.95
N LYS E 107 62.98 25.16 -51.82
CA LYS E 107 64.00 24.19 -51.46
C LYS E 107 65.35 24.86 -51.24
N LYS E 108 65.71 25.81 -52.11
CA LYS E 108 66.96 26.53 -51.93
C LYS E 108 66.93 27.38 -50.66
N GLN E 109 65.78 27.93 -50.30
CA GLN E 109 65.66 28.65 -49.04
C GLN E 109 65.89 27.71 -47.85
N ALA E 110 65.32 26.50 -47.92
CA ALA E 110 65.54 25.53 -46.85
C ALA E 110 67.01 25.18 -46.73
N LYS E 111 67.68 25.01 -47.87
CA LYS E 111 69.12 24.72 -47.83
C LYS E 111 69.91 25.89 -47.26
N ASP E 112 69.54 27.12 -47.63
CA ASP E 112 70.27 28.29 -47.16
C ASP E 112 70.10 28.49 -45.66
N THR E 113 68.92 28.19 -45.13
CA THR E 113 68.68 28.33 -43.69
C THR E 113 69.03 27.06 -42.92
N GLU E 114 69.48 26.00 -43.62
CA GLU E 114 70.00 24.80 -42.97
C GLU E 114 68.94 24.10 -42.12
N LYS E 115 67.77 23.87 -42.73
CA LYS E 115 66.68 23.17 -42.06
C LYS E 115 66.08 22.18 -43.04
N ALA E 116 65.38 21.18 -42.48
CA ALA E 116 64.72 20.20 -43.34
C ALA E 116 63.55 20.84 -44.10
N LYS E 117 62.84 21.76 -43.46
CA LYS E 117 61.74 22.47 -44.09
C LYS E 117 61.98 23.96 -43.94
N ALA E 118 61.98 24.68 -45.07
CA ALA E 118 62.18 26.12 -45.03
C ALA E 118 61.03 26.79 -44.31
N GLN E 119 61.35 27.87 -43.60
CA GLN E 119 60.35 28.62 -42.86
C GLN E 119 59.65 29.68 -43.70
N VAL E 120 60.39 30.32 -44.60
CA VAL E 120 59.83 31.29 -45.53
C VAL E 120 59.61 30.56 -46.85
N THR E 121 58.38 30.13 -47.09
CA THR E 121 58.05 29.32 -48.25
C THR E 121 57.45 30.17 -49.35
N TYR E 122 57.75 29.81 -50.60
CA TYR E 122 57.19 30.49 -51.76
C TYR E 122 56.07 29.69 -52.42
N SER E 123 55.85 28.45 -52.00
CA SER E 123 54.85 27.59 -52.61
C SER E 123 53.86 27.13 -51.54
N ASP E 124 52.64 26.83 -51.98
CA ASP E 124 51.58 26.38 -51.09
C ASP E 124 51.24 27.42 -50.03
N THR E 125 51.38 28.69 -50.37
CA THR E 125 50.88 29.75 -49.51
C THR E 125 49.35 29.73 -49.51
N GLY E 126 48.76 30.59 -48.68
CA GLY E 126 47.32 30.64 -48.64
C GLY E 126 46.68 31.28 -49.85
N ILE E 127 47.47 31.92 -50.71
CA ILE E 127 46.93 32.65 -51.84
C ILE E 127 46.60 31.70 -52.97
N ASN E 128 45.52 31.98 -53.69
CA ASN E 128 45.19 31.27 -54.92
C ASN E 128 45.88 31.99 -56.07
N ASN E 129 46.85 31.33 -56.69
CA ASN E 129 47.67 31.93 -57.74
C ASN E 129 47.69 31.03 -58.97
N ALA E 130 46.52 30.52 -59.35
CA ALA E 130 46.43 29.55 -60.44
C ALA E 130 46.51 30.18 -61.82
N ASN E 131 46.55 31.51 -61.91
CA ASN E 131 46.65 32.18 -63.19
C ASN E 131 48.07 32.64 -63.50
N GLU E 132 49.01 32.44 -62.59
CA GLU E 132 50.37 32.93 -62.80
C GLU E 132 51.05 32.15 -63.91
N LEU E 133 51.88 32.84 -64.68
CA LEU E 133 52.63 32.26 -65.77
C LEU E 133 54.13 32.47 -65.54
N SER E 134 54.92 32.01 -66.50
CA SER E 134 56.35 32.28 -66.53
C SER E 134 56.83 32.06 -67.96
N ARG E 135 58.13 32.25 -68.16
CA ARG E 135 58.72 32.16 -69.49
C ARG E 135 59.45 30.83 -69.63
N SER E 136 58.86 29.91 -70.38
CA SER E 136 59.47 28.63 -70.70
C SER E 136 59.93 28.65 -72.15
N GLY E 137 60.53 27.53 -72.57
CA GLY E 137 60.91 27.35 -73.95
C GLY E 137 59.82 26.74 -74.80
N ASN E 138 58.60 26.65 -74.29
CA ASN E 138 57.52 26.02 -75.02
C ASN E 138 56.96 26.92 -76.11
N VAL E 139 56.98 28.23 -75.92
CA VAL E 139 56.40 29.19 -76.85
C VAL E 139 57.48 30.09 -77.39
N ASP E 140 57.41 30.39 -78.69
CA ASP E 140 58.39 31.23 -79.35
C ASP E 140 57.93 32.69 -79.31
N ASN E 141 58.57 33.53 -80.12
CA ASN E 141 58.25 34.95 -80.15
C ASN E 141 57.02 35.26 -81.01
N GLU E 142 56.67 34.39 -81.95
CA GLU E 142 55.47 34.59 -82.75
C GLU E 142 54.19 34.30 -81.99
N GLY E 143 54.28 33.60 -80.86
CA GLY E 143 53.11 33.10 -80.17
C GLY E 143 52.78 31.66 -80.46
N GLY E 144 53.54 31.00 -81.35
CA GLY E 144 53.31 29.61 -81.66
C GLY E 144 54.11 28.67 -80.77
N SER E 145 53.73 27.41 -80.80
CA SER E 145 54.39 26.41 -79.99
C SER E 145 55.82 26.18 -80.50
N ASN E 146 56.60 25.47 -79.69
CA ASN E 146 58.01 25.22 -79.97
C ASN E 146 58.27 23.73 -80.07
N GLN E 147 57.40 23.01 -80.79
CA GLN E 147 57.59 21.58 -80.98
C GLN E 147 58.83 21.31 -81.84
N LYS E 148 59.11 22.19 -82.78
CA LYS E 148 60.28 22.11 -83.64
C LYS E 148 61.13 23.36 -83.51
N PRO E 149 62.45 23.24 -83.53
CA PRO E 149 63.28 24.44 -83.54
C PRO E 149 63.10 25.23 -84.83
N MET E 150 63.31 26.55 -84.71
CA MET E 150 63.06 27.44 -85.82
C MET E 150 63.94 27.13 -87.02
N SER E 151 65.16 26.62 -86.77
CA SER E 151 65.97 26.13 -87.86
C SER E 151 65.26 25.03 -88.63
N THR E 152 64.61 24.11 -87.90
CA THR E 152 63.93 23.01 -88.57
C THR E 152 62.70 23.50 -89.31
N ARG E 153 61.91 24.38 -88.70
CA ARG E 153 60.77 24.96 -89.40
C ARG E 153 61.20 25.63 -90.70
N ILE E 154 62.21 26.50 -90.62
CA ILE E 154 62.65 27.23 -91.80
C ILE E 154 63.21 26.30 -92.86
N ALA E 155 63.98 25.28 -92.43
CA ALA E 155 64.55 24.35 -93.39
C ALA E 155 63.47 23.57 -94.12
N GLU E 156 62.46 23.08 -93.38
CA GLU E 156 61.38 22.35 -94.03
C GLU E 156 60.57 23.25 -94.95
N ALA E 157 60.38 24.51 -94.57
CA ALA E 157 59.61 25.41 -95.42
C ALA E 157 60.37 25.80 -96.68
N THR E 158 61.70 25.89 -96.58
CA THR E 158 62.49 26.21 -97.76
C THR E 158 62.76 24.98 -98.63
N SER E 159 62.60 23.78 -98.07
CA SER E 159 62.82 22.58 -98.87
C SER E 159 61.70 22.33 -99.87
N ALA E 160 60.53 22.93 -99.68
CA ALA E 160 59.38 22.70 -100.53
C ALA E 160 59.36 23.63 -101.75
N ILE E 161 60.51 24.21 -102.11
CA ILE E 161 60.60 25.07 -103.29
C ILE E 161 61.72 24.67 -104.23
N VAL E 162 62.76 23.99 -103.76
CA VAL E 162 63.96 23.80 -104.55
C VAL E 162 63.68 22.82 -105.68
N SER E 163 64.06 23.21 -106.89
CA SER E 163 64.01 22.34 -108.05
C SER E 163 65.41 21.79 -108.34
N LYS E 164 65.54 21.06 -109.43
CA LYS E 164 66.80 20.44 -109.79
C LYS E 164 67.06 20.63 -111.28
N HIS E 165 68.24 20.21 -111.72
CA HIS E 165 68.54 20.23 -113.13
C HIS E 165 67.75 19.15 -113.86
N PRO E 166 67.37 19.39 -115.11
CA PRO E 166 66.74 18.33 -115.90
C PRO E 166 67.73 17.21 -116.18
N ALA E 167 67.19 16.02 -116.38
CA ALA E 167 68.04 14.85 -116.60
C ALA E 167 68.83 14.98 -117.90
N GLN F 147 40.12 -32.00 -55.12
CA GLN F 147 38.82 -32.65 -55.25
C GLN F 147 37.79 -31.97 -54.36
N LYS F 148 36.72 -31.47 -54.97
CA LYS F 148 35.70 -30.72 -54.24
C LYS F 148 36.33 -29.56 -53.48
N PRO F 149 36.72 -28.49 -54.16
CA PRO F 149 37.46 -27.40 -53.49
C PRO F 149 36.65 -26.78 -52.37
N MET F 150 37.36 -25.94 -51.59
CA MET F 150 36.75 -25.33 -50.41
C MET F 150 35.57 -24.44 -50.76
N SER F 151 35.58 -23.83 -51.94
CA SER F 151 34.45 -22.99 -52.32
C SER F 151 33.18 -23.81 -52.41
N THR F 152 33.23 -24.90 -53.19
CA THR F 152 32.07 -25.78 -53.30
C THR F 152 31.70 -26.39 -51.96
N ARG F 153 32.70 -26.70 -51.13
CA ARG F 153 32.41 -27.35 -49.85
C ARG F 153 31.65 -26.41 -48.91
N ILE F 154 32.17 -25.19 -48.70
CA ILE F 154 31.46 -24.24 -47.85
C ILE F 154 30.12 -23.86 -48.46
N ALA F 155 30.03 -23.83 -49.80
CA ALA F 155 28.74 -23.53 -50.41
C ALA F 155 27.72 -24.62 -50.11
N GLU F 156 28.14 -25.88 -50.20
CA GLU F 156 27.24 -26.98 -49.88
C GLU F 156 26.83 -26.95 -48.42
N ALA F 157 27.76 -26.62 -47.52
CA ALA F 157 27.40 -26.53 -46.11
C ALA F 157 26.40 -25.40 -45.87
N THR F 158 26.64 -24.24 -46.47
CA THR F 158 25.72 -23.11 -46.32
C THR F 158 24.33 -23.47 -46.86
N SER F 159 24.28 -24.18 -47.98
CA SER F 159 22.98 -24.60 -48.51
C SER F 159 22.31 -25.60 -47.57
N ALA F 160 23.09 -26.55 -47.03
CA ALA F 160 22.51 -27.54 -46.13
C ALA F 160 21.97 -26.90 -44.87
N ILE F 161 22.51 -25.75 -44.47
CA ILE F 161 21.97 -25.08 -43.29
C ILE F 161 20.79 -24.20 -43.65
N VAL F 162 20.92 -23.40 -44.71
CA VAL F 162 19.95 -22.35 -45.00
C VAL F 162 18.73 -22.83 -45.78
N SER F 163 18.82 -23.97 -46.47
CA SER F 163 17.76 -24.42 -47.36
C SER F 163 16.83 -25.41 -46.68
N LYS F 164 16.56 -25.20 -45.38
CA LYS F 164 15.65 -26.05 -44.64
C LYS F 164 14.18 -25.82 -44.98
N HIS F 165 13.87 -24.91 -45.90
CA HIS F 165 12.48 -24.68 -46.27
C HIS F 165 12.24 -25.05 -47.73
N PRO F 166 11.03 -25.54 -48.06
CA PRO F 166 10.75 -25.92 -49.45
C PRO F 166 10.71 -24.74 -50.41
N ALA F 167 9.83 -23.77 -50.15
CA ALA F 167 9.64 -22.64 -51.06
C ALA F 167 8.65 -21.63 -50.50
N ARG F 168 8.41 -20.56 -51.24
CA ARG F 168 7.45 -19.51 -50.86
C ARG F 168 6.50 -19.31 -52.03
N VAL F 169 5.34 -19.96 -51.97
CA VAL F 169 4.36 -19.95 -53.05
C VAL F 169 3.12 -19.19 -52.60
N GLY F 170 2.55 -18.42 -53.51
CA GLY F 170 1.31 -17.73 -53.24
C GLY F 170 0.09 -18.44 -53.82
N LEU F 171 -0.61 -19.20 -52.98
CA LEU F 171 -1.80 -19.93 -53.40
C LEU F 171 -2.63 -20.20 -52.16
N PRO F 172 -3.94 -20.40 -52.33
CA PRO F 172 -4.76 -20.78 -51.19
C PRO F 172 -4.34 -22.15 -50.68
N PRO F 173 -4.57 -22.43 -49.40
CA PRO F 173 -4.17 -23.72 -48.85
C PRO F 173 -5.03 -24.85 -49.39
N THR F 174 -4.60 -26.07 -49.09
CA THR F 174 -5.28 -27.24 -49.60
C THR F 174 -4.82 -28.46 -48.81
N ALA F 175 -5.77 -29.33 -48.46
CA ALA F 175 -5.42 -30.54 -47.73
C ALA F 175 -4.56 -31.46 -48.58
N SER F 176 -4.98 -31.68 -49.84
CA SER F 176 -4.27 -32.63 -50.69
C SER F 176 -3.02 -32.02 -51.31
N SER F 177 -3.21 -30.99 -52.13
CA SER F 177 -2.11 -30.37 -52.88
C SER F 177 -1.84 -28.95 -52.37
N GLY F 178 -1.95 -28.74 -51.08
CA GLY F 178 -1.69 -27.43 -50.51
C GLY F 178 -0.41 -27.41 -49.71
N HIS F 179 0.54 -28.25 -50.10
CA HIS F 179 1.81 -28.39 -49.38
C HIS F 179 1.59 -28.84 -47.94
N GLY F 180 0.51 -29.58 -47.71
CA GLY F 180 0.20 -30.06 -46.38
C GLY F 180 1.17 -31.12 -45.91
N TYR F 181 2.01 -30.76 -44.95
CA TYR F 181 2.97 -31.70 -44.39
C TYR F 181 2.27 -32.55 -43.35
N GLN F 182 2.05 -33.82 -43.68
CA GLN F 182 1.24 -34.70 -42.83
C GLN F 182 2.10 -35.33 -41.74
N CYS F 183 1.56 -35.34 -40.53
CA CYS F 183 2.20 -36.06 -39.44
C CYS F 183 1.82 -37.53 -39.49
N HIS F 184 2.28 -38.29 -38.50
CA HIS F 184 2.03 -39.73 -38.50
C HIS F 184 1.46 -40.22 -37.17
N VAL F 185 1.81 -39.53 -36.08
CA VAL F 185 1.23 -39.88 -34.77
C VAL F 185 -0.28 -39.72 -34.83
N CYS F 186 -0.77 -38.66 -35.45
CA CYS F 186 -2.16 -38.53 -35.84
C CYS F 186 -2.21 -38.05 -37.28
N SER F 187 -3.35 -38.32 -37.93
CA SER F 187 -3.49 -38.10 -39.37
C SER F 187 -3.59 -36.62 -39.77
N ALA F 188 -3.33 -35.67 -38.88
CA ALA F 188 -3.44 -34.26 -39.22
C ALA F 188 -2.46 -33.88 -40.34
N VAL F 189 -2.75 -32.76 -40.99
CA VAL F 189 -1.97 -32.27 -42.12
C VAL F 189 -1.66 -30.80 -41.85
N LEU F 190 -0.39 -30.49 -41.62
CA LEU F 190 0.05 -29.13 -41.34
C LEU F 190 0.63 -28.50 -42.59
N PHE F 191 0.67 -27.16 -42.59
CA PHE F 191 1.07 -26.38 -43.76
C PHE F 191 2.43 -25.71 -43.59
N SER F 192 3.31 -26.32 -42.79
CA SER F 192 4.65 -25.77 -42.60
C SER F 192 5.53 -26.79 -41.88
N PRO F 193 6.83 -26.83 -42.18
CA PRO F 193 7.71 -27.72 -41.44
C PRO F 193 7.74 -27.42 -39.95
N LEU F 194 7.85 -26.15 -39.59
CA LEU F 194 7.85 -25.78 -38.18
C LEU F 194 6.51 -26.09 -37.52
N ASP F 195 5.41 -25.96 -38.26
CA ASP F 195 4.10 -26.30 -37.69
C ASP F 195 4.00 -27.80 -37.43
N LEU F 196 4.39 -28.62 -38.41
CA LEU F 196 4.40 -30.06 -38.22
C LEU F 196 5.33 -30.45 -37.07
N ASP F 197 6.42 -29.72 -36.90
CA ASP F 197 7.37 -30.10 -35.88
C ASP F 197 6.89 -29.71 -34.49
N ALA F 198 6.24 -28.55 -34.36
CA ALA F 198 5.57 -28.21 -33.10
C ALA F 198 4.46 -29.20 -32.80
N HIS F 199 3.78 -29.68 -33.83
CA HIS F 199 2.82 -30.77 -33.71
C HIS F 199 3.45 -31.98 -33.04
N VAL F 200 4.51 -32.51 -33.65
CA VAL F 200 5.16 -33.71 -33.15
C VAL F 200 5.75 -33.49 -31.77
N ALA F 201 6.20 -32.26 -31.48
CA ALA F 201 6.80 -31.98 -30.19
C ALA F 201 5.74 -31.95 -29.10
N SER F 202 4.62 -31.27 -29.35
CA SER F 202 3.51 -31.27 -28.39
C SER F 202 2.89 -32.65 -28.24
N HIS F 203 3.13 -33.56 -29.20
CA HIS F 203 2.78 -34.96 -28.98
C HIS F 203 3.46 -35.52 -27.74
N GLY F 204 4.71 -35.14 -27.50
CA GLY F 204 5.61 -35.97 -26.72
C GLY F 204 5.80 -35.76 -25.22
N LEU F 205 4.75 -35.35 -24.49
CA LEU F 205 4.76 -35.39 -23.02
C LEU F 205 5.91 -34.56 -22.44
N HIS F 206 5.75 -33.24 -22.58
CA HIS F 206 6.78 -32.23 -22.36
C HIS F 206 7.73 -32.48 -21.19
N GLY F 207 7.22 -33.07 -20.10
CA GLY F 207 8.08 -33.34 -18.96
C GLY F 207 9.18 -34.33 -19.25
N ASN F 208 8.96 -35.24 -20.20
CA ASN F 208 9.90 -36.32 -20.50
C ASN F 208 10.72 -36.06 -21.76
N MET F 209 11.05 -34.79 -22.03
CA MET F 209 11.84 -34.48 -23.21
C MET F 209 13.32 -34.64 -22.93
N THR F 210 14.05 -35.15 -23.91
CA THR F 210 15.51 -35.26 -23.85
C THR F 210 16.08 -34.78 -25.18
N LEU F 211 17.39 -34.56 -25.19
CA LEU F 211 18.03 -34.06 -26.40
C LEU F 211 17.97 -35.09 -27.51
N THR F 212 17.88 -34.59 -28.75
CA THR F 212 17.73 -35.44 -29.91
C THR F 212 18.08 -34.63 -31.16
N SER F 213 18.59 -35.34 -32.17
CA SER F 213 18.80 -34.71 -33.47
C SER F 213 17.52 -34.09 -34.00
N SER F 214 16.36 -34.69 -33.71
CA SER F 214 15.10 -34.08 -34.09
C SER F 214 14.92 -32.72 -33.45
N GLU F 215 15.23 -32.61 -32.16
CA GLU F 215 15.12 -31.31 -31.49
C GLU F 215 16.11 -30.31 -32.05
N ILE F 216 17.33 -30.77 -32.36
CA ILE F 216 18.32 -29.89 -32.96
C ILE F 216 17.80 -29.32 -34.28
N GLN F 217 17.24 -30.18 -35.12
CA GLN F 217 16.71 -29.74 -36.40
C GLN F 217 15.52 -28.79 -36.21
N ARG F 218 14.67 -29.07 -35.21
CA ARG F 218 13.55 -28.17 -34.91
C ARG F 218 14.05 -26.78 -34.60
N HIS F 219 14.99 -26.68 -33.66
CA HIS F 219 15.50 -25.36 -33.29
C HIS F 219 16.19 -24.67 -34.44
N ILE F 220 16.89 -25.43 -35.29
CA ILE F 220 17.60 -24.81 -36.40
C ILE F 220 16.61 -24.24 -37.41
N THR F 221 15.52 -24.96 -37.70
CA THR F 221 14.53 -24.43 -38.63
C THR F 221 13.84 -23.20 -38.06
N GLU F 222 13.45 -23.27 -36.77
CA GLU F 222 12.84 -22.10 -36.13
C GLU F 222 13.78 -20.90 -36.18
N PHE F 223 15.07 -21.13 -36.01
CA PHE F 223 16.04 -20.04 -36.02
C PHE F 223 16.20 -19.44 -37.41
N ILE F 224 16.28 -20.29 -38.43
CA ILE F 224 16.54 -19.78 -39.77
C ILE F 224 15.31 -19.15 -40.41
N SER F 225 14.11 -19.49 -39.95
CA SER F 225 12.92 -18.81 -40.49
C SER F 225 12.97 -17.31 -40.19
N SER F 226 13.43 -16.92 -39.00
CA SER F 226 13.50 -15.51 -38.65
C SER F 226 14.50 -14.77 -39.52
N TRP F 227 15.68 -15.34 -39.71
CA TRP F 227 16.67 -14.70 -40.55
C TRP F 227 16.21 -14.62 -42.00
N GLN F 228 15.44 -15.61 -42.45
CA GLN F 228 14.90 -15.54 -43.80
C GLN F 228 13.83 -14.46 -43.92
N ASN F 229 13.04 -14.25 -42.87
CA ASN F 229 11.94 -13.31 -42.94
C ASN F 229 12.32 -11.88 -42.58
N HIS F 230 13.55 -11.65 -42.12
CA HIS F 230 13.96 -10.27 -41.86
C HIS F 230 13.97 -9.47 -43.16
N PRO F 231 13.51 -8.21 -43.13
CA PRO F 231 13.36 -7.48 -44.41
C PRO F 231 14.67 -7.02 -45.01
N ILE F 232 15.63 -6.54 -44.20
CA ILE F 232 16.92 -6.15 -44.75
C ILE F 232 17.63 -7.36 -45.35
N VAL F 233 17.46 -8.52 -44.72
CA VAL F 233 18.04 -9.74 -45.27
C VAL F 233 17.35 -10.12 -46.56
N GLN F 234 16.04 -9.92 -46.65
CA GLN F 234 15.32 -10.20 -47.88
C GLN F 234 15.85 -9.36 -49.03
N VAL F 235 15.89 -8.05 -48.85
CA VAL F 235 16.32 -7.13 -49.89
C VAL F 235 17.73 -6.66 -49.56
N SER F 236 18.72 -7.31 -50.17
CA SER F 236 20.12 -6.94 -49.96
C SER F 236 20.98 -7.80 -50.88
N ALA F 237 22.15 -7.28 -51.22
CA ALA F 237 23.10 -8.01 -52.04
C ALA F 237 24.46 -7.36 -51.90
N ASP F 238 25.50 -8.10 -52.30
CA ASP F 238 26.87 -7.61 -52.22
C ASP F 238 27.44 -7.19 -53.57
N VAL F 239 27.10 -7.92 -54.63
CA VAL F 239 27.67 -7.67 -55.96
C VAL F 239 26.72 -6.77 -56.73
N GLU F 240 27.31 -5.84 -57.50
CA GLU F 240 26.52 -4.87 -58.25
C GLU F 240 26.00 -5.47 -59.54
N ASN F 241 24.84 -5.00 -59.97
CA ASN F 241 24.27 -5.37 -61.25
C ASN F 241 24.66 -4.34 -62.31
N ARG F 242 24.40 -4.69 -63.57
CA ARG F 242 24.66 -3.75 -64.66
C ARG F 242 23.86 -2.48 -64.49
N LYS F 243 22.59 -2.60 -64.12
CA LYS F 243 21.73 -1.43 -64.02
C LYS F 243 22.12 -0.55 -62.84
N THR F 244 22.45 -1.15 -61.70
CA THR F 244 22.85 -0.36 -60.56
C THR F 244 24.20 0.31 -60.79
N ALA F 245 25.12 -0.39 -61.46
CA ALA F 245 26.41 0.22 -61.79
C ALA F 245 26.22 1.38 -62.77
N GLN F 246 25.35 1.20 -63.77
CA GLN F 246 25.00 2.29 -64.66
C GLN F 246 24.45 3.48 -63.89
N LEU F 247 23.59 3.22 -62.91
CA LEU F 247 22.96 4.31 -62.19
C LEU F 247 23.93 5.03 -61.27
N LEU F 248 24.84 4.28 -60.64
CA LEU F 248 25.74 4.88 -59.65
C LEU F 248 26.96 5.53 -60.29
N HIS F 249 27.40 5.05 -61.45
CA HIS F 249 28.47 5.73 -62.17
C HIS F 249 28.46 5.29 -63.62
N ALA F 250 28.34 6.26 -64.53
CA ALA F 250 28.26 5.99 -65.95
C ALA F 250 29.53 6.48 -66.64
N ASP F 251 29.89 5.79 -67.72
CA ASP F 251 31.13 6.11 -68.43
C ASP F 251 31.01 7.50 -69.04
N THR F 252 31.79 8.43 -68.54
CA THR F 252 31.75 9.80 -69.04
C THR F 252 32.32 9.84 -70.45
N PRO F 253 31.67 10.52 -71.39
CA PRO F 253 32.18 10.59 -72.75
C PRO F 253 33.41 11.46 -72.83
N ARG F 254 34.11 11.35 -73.95
CA ARG F 254 35.26 12.21 -74.23
C ARG F 254 34.88 13.11 -75.39
N LEU F 255 34.54 14.36 -75.09
CA LEU F 255 34.02 15.26 -76.09
C LEU F 255 34.97 16.38 -76.48
N VAL F 256 36.05 16.61 -75.74
CA VAL F 256 37.04 17.61 -76.10
C VAL F 256 38.26 16.89 -76.63
N THR F 257 38.40 16.84 -77.95
CA THR F 257 39.56 16.28 -78.62
C THR F 257 40.09 17.28 -79.64
N TRP F 258 41.38 17.22 -79.89
CA TRP F 258 42.06 18.22 -80.71
C TRP F 258 42.62 17.60 -81.98
N ASP F 259 42.74 18.44 -83.01
CA ASP F 259 43.31 18.05 -84.30
C ASP F 259 44.48 18.97 -84.63
N ALA F 260 45.49 18.41 -85.28
CA ALA F 260 46.68 19.17 -85.61
C ALA F 260 46.92 19.32 -87.10
N GLY F 261 46.59 18.32 -87.90
CA GLY F 261 46.71 18.44 -89.34
C GLY F 261 45.66 19.37 -89.91
N LEU F 262 45.66 19.47 -91.23
CA LEU F 262 44.73 20.39 -91.90
C LEU F 262 43.37 19.74 -92.06
N CYS F 263 42.32 20.47 -91.71
CA CYS F 263 40.97 19.93 -91.77
C CYS F 263 40.55 19.76 -93.22
N THR F 264 40.16 18.53 -93.58
CA THR F 264 39.76 18.25 -94.94
C THR F 264 39.23 16.83 -95.04
N SER F 265 38.36 16.58 -96.01
CA SER F 265 37.84 15.25 -96.22
C SER F 265 37.85 14.83 -97.68
N PHE F 266 38.22 15.72 -98.59
CA PHE F 266 38.23 15.44 -100.02
C PHE F 266 39.66 15.54 -100.52
N LYS F 267 40.13 14.50 -101.20
CA LYS F 267 41.49 14.45 -101.69
C LYS F 267 41.50 14.20 -103.20
N ILE F 268 42.48 14.78 -103.88
CA ILE F 268 42.64 14.64 -105.32
C ILE F 268 43.62 13.50 -105.58
N VAL F 269 43.23 12.56 -106.43
CA VAL F 269 44.05 11.39 -106.71
C VAL F 269 44.25 11.26 -108.21
N PRO F 270 45.46 10.94 -108.68
CA PRO F 270 45.66 10.71 -110.11
C PRO F 270 45.05 9.38 -110.53
N ILE F 271 44.31 9.40 -111.63
CA ILE F 271 43.65 8.22 -112.14
C ILE F 271 44.33 7.65 -113.38
N VAL F 272 45.03 8.47 -114.15
CA VAL F 272 45.75 8.00 -115.34
C VAL F 272 47.06 8.78 -115.43
N PRO F 273 48.20 8.10 -115.54
CA PRO F 273 49.46 8.81 -115.61
C PRO F 273 49.58 9.62 -116.89
N ALA F 274 50.29 10.74 -116.80
CA ALA F 274 50.52 11.56 -117.98
C ALA F 274 51.55 10.90 -118.88
N GLN F 275 51.93 11.60 -119.94
CA GLN F 275 52.99 11.17 -120.84
C GLN F 275 54.04 12.28 -120.89
N VAL F 276 55.00 12.25 -119.97
CA VAL F 276 55.96 13.34 -119.88
C VAL F 276 57.02 13.23 -120.97
N PRO F 277 57.43 12.03 -121.42
CA PRO F 277 58.14 11.98 -122.70
C PRO F 277 57.14 11.78 -123.84
N GLN F 278 57.18 12.63 -124.86
CA GLN F 278 56.30 12.46 -126.01
C GLN F 278 56.99 13.03 -127.23
N ASP F 279 56.35 12.89 -128.38
CA ASP F 279 56.98 13.28 -129.63
C ASP F 279 56.80 14.76 -129.93
N VAL F 280 55.63 15.32 -129.61
CA VAL F 280 55.32 16.68 -130.03
C VAL F 280 56.04 17.72 -129.17
N LEU F 281 56.24 17.43 -127.89
CA LEU F 281 56.67 18.45 -126.94
C LEU F 281 57.85 17.92 -126.15
N ALA F 282 58.98 18.62 -126.21
CA ALA F 282 60.19 18.18 -125.54
C ALA F 282 59.98 18.12 -124.03
N TYR F 283 60.74 17.24 -123.38
CA TYR F 283 60.56 17.01 -121.95
C TYR F 283 60.97 18.21 -121.11
N THR F 284 61.78 19.11 -121.66
CA THR F 284 62.17 20.30 -120.90
C THR F 284 61.02 21.25 -120.67
N PHE F 285 59.91 21.09 -121.38
CA PHE F 285 58.74 21.92 -121.14
C PHE F 285 58.16 21.68 -119.77
N PHE F 286 57.91 20.42 -119.42
CA PHE F 286 57.17 20.09 -118.22
C PHE F 286 57.99 20.41 -116.98
N THR F 287 57.29 20.69 -115.88
CA THR F 287 57.94 21.00 -114.62
C THR F 287 58.28 19.76 -113.82
N SER F 288 57.74 18.60 -114.19
CA SER F 288 58.15 17.36 -113.53
C SER F 288 59.59 17.03 -113.82
N SER F 289 60.10 17.42 -114.98
CA SER F 289 61.49 17.15 -115.33
C SER F 289 62.45 17.89 -114.43
N TYR F 290 62.02 18.98 -113.81
CA TYR F 290 62.84 19.77 -112.91
C TYR F 290 62.59 19.42 -111.45
N ALA F 291 61.78 18.39 -111.19
CA ALA F 291 61.50 17.94 -109.82
C ALA F 291 60.82 19.02 -108.99
N ILE F 292 60.04 19.87 -109.65
CA ILE F 292 59.29 20.91 -108.95
C ILE F 292 58.08 20.29 -108.27
N GLN F 293 57.82 20.70 -107.03
CA GLN F 293 56.69 20.20 -106.28
C GLN F 293 55.45 21.03 -106.59
N SER F 294 54.39 20.36 -107.03
CA SER F 294 53.17 21.07 -107.38
C SER F 294 52.05 20.74 -106.39
N PRO F 295 51.12 21.67 -106.16
CA PRO F 295 50.03 21.38 -105.22
C PRO F 295 49.03 20.38 -105.76
N PHE F 296 48.97 20.19 -107.07
CA PHE F 296 48.03 19.26 -107.67
C PHE F 296 48.78 18.23 -108.51
N PRO F 297 48.29 16.99 -108.54
CA PRO F 297 49.03 15.93 -109.25
C PRO F 297 49.04 16.17 -110.76
N GLU F 298 50.18 15.90 -111.37
CA GLU F 298 50.26 15.86 -112.82
C GLU F 298 49.77 14.51 -113.30
N ALA F 299 48.83 14.51 -114.25
CA ALA F 299 48.27 13.27 -114.73
C ALA F 299 47.34 13.59 -115.88
N ALA F 300 47.01 12.56 -116.65
CA ALA F 300 46.06 12.74 -117.74
C ALA F 300 44.65 12.95 -117.20
N VAL F 301 44.32 12.31 -116.08
CA VAL F 301 43.01 12.42 -115.46
C VAL F 301 43.20 12.47 -113.95
N SER F 302 42.54 13.41 -113.30
CA SER F 302 42.61 13.56 -111.85
C SER F 302 41.20 13.67 -111.31
N ARG F 303 40.82 12.73 -110.46
CA ARG F 303 39.52 12.77 -109.83
C ARG F 303 39.64 13.38 -108.44
N ILE F 304 38.54 13.37 -107.71
CA ILE F 304 38.47 13.94 -106.37
C ILE F 304 37.57 13.02 -105.53
N VAL F 305 38.16 12.35 -104.55
CA VAL F 305 37.47 11.31 -103.79
C VAL F 305 37.47 11.70 -102.33
N VAL F 306 36.93 10.82 -101.48
CA VAL F 306 36.60 11.17 -100.11
C VAL F 306 37.35 10.24 -99.16
N HIS F 307 38.05 10.83 -98.20
CA HIS F 307 38.82 10.07 -97.22
C HIS F 307 38.88 10.93 -95.97
N THR F 308 38.02 10.64 -95.00
CA THR F 308 37.91 11.47 -93.82
C THR F 308 39.19 11.39 -93.00
N ARG F 309 39.81 12.55 -92.76
CA ARG F 309 41.04 12.65 -91.99
C ARG F 309 42.20 11.90 -92.67
N TRP F 310 42.46 12.29 -93.91
CA TRP F 310 43.65 11.82 -94.60
C TRP F 310 44.87 12.69 -94.32
N ALA F 311 44.67 13.85 -93.71
CA ALA F 311 45.74 14.80 -93.44
C ALA F 311 45.65 15.29 -92.00
N SER F 312 45.24 14.41 -91.09
CA SER F 312 44.94 14.81 -89.73
C SER F 312 45.90 14.12 -88.76
N ASN F 313 46.26 14.84 -87.71
CA ASN F 313 47.19 14.37 -86.67
C ASN F 313 46.46 14.59 -85.35
N VAL F 314 45.78 13.56 -84.87
CA VAL F 314 44.73 13.72 -83.89
C VAL F 314 45.24 13.39 -82.49
N ASP F 315 44.44 13.74 -81.49
CA ASP F 315 44.72 13.50 -80.08
C ASP F 315 44.10 12.18 -79.62
N PHE F 316 42.79 12.05 -79.78
CA PHE F 316 42.06 10.81 -79.54
C PHE F 316 41.40 10.38 -80.83
N ASP F 317 41.34 9.09 -81.08
CA ASP F 317 40.93 8.56 -82.38
C ASP F 317 39.48 8.10 -82.32
N ARG F 318 38.59 8.90 -82.89
CA ARG F 318 37.26 8.42 -83.21
C ARG F 318 37.39 7.23 -84.17
N ASP F 319 36.62 6.17 -83.91
CA ASP F 319 36.79 4.93 -84.65
C ASP F 319 35.72 4.75 -85.72
N SER F 320 35.34 5.85 -86.38
CA SER F 320 34.31 5.81 -87.42
C SER F 320 34.82 6.64 -88.58
N SER F 321 35.25 5.98 -89.66
CA SER F 321 35.87 6.67 -90.79
C SER F 321 35.20 6.24 -92.09
N VAL F 322 35.13 7.17 -93.04
CA VAL F 322 34.54 6.93 -94.34
C VAL F 322 35.67 7.02 -95.36
N ILE F 323 36.20 5.86 -95.74
CA ILE F 323 37.35 5.77 -96.65
C ILE F 323 36.87 5.21 -97.97
N MET F 324 37.24 5.86 -99.06
CA MET F 324 36.80 5.45 -100.39
C MET F 324 37.99 5.32 -101.32
N ALA F 325 37.88 4.40 -102.26
CA ALA F 325 38.87 4.20 -103.30
C ALA F 325 38.52 5.06 -104.51
N PRO F 326 39.45 5.25 -105.44
CA PRO F 326 39.16 6.03 -106.63
C PRO F 326 38.07 5.36 -107.46
N PRO F 327 37.50 6.08 -108.44
CA PRO F 327 36.37 5.51 -109.18
C PRO F 327 36.70 4.26 -109.97
N THR F 328 37.96 4.05 -110.35
CA THR F 328 38.29 2.86 -111.12
C THR F 328 38.61 1.68 -110.21
N GLU F 329 37.74 1.46 -109.23
CA GLU F 329 37.86 0.39 -108.26
C GLU F 329 36.50 0.18 -107.64
N ASN F 330 36.30 -1.01 -107.08
CA ASN F 330 34.98 -1.37 -106.56
C ASN F 330 34.76 -0.68 -105.22
N ASN F 331 33.60 -0.04 -105.08
CA ASN F 331 33.21 0.60 -103.83
C ASN F 331 31.88 0.08 -103.30
N ILE F 332 31.41 -1.06 -103.81
CA ILE F 332 30.11 -1.59 -103.41
C ILE F 332 30.09 -2.03 -101.95
N HIS F 333 31.26 -2.30 -101.36
CA HIS F 333 31.28 -2.72 -99.97
C HIS F 333 30.97 -1.58 -99.02
N LEU F 334 31.04 -0.33 -99.50
CA LEU F 334 30.63 0.79 -98.65
C LEU F 334 29.12 0.86 -98.53
N PHE F 335 28.39 0.39 -99.53
CA PHE F 335 26.95 0.48 -99.56
C PHE F 335 26.25 -0.84 -99.33
N LYS F 336 26.97 -1.94 -99.22
CA LYS F 336 26.37 -3.22 -98.88
C LYS F 336 26.61 -3.61 -97.43
N GLN F 337 26.56 -2.65 -96.51
CA GLN F 337 27.07 -2.89 -95.16
C GLN F 337 25.99 -3.12 -94.11
N LEU F 338 24.88 -2.39 -94.13
CA LEU F 338 23.96 -2.43 -92.99
C LEU F 338 23.01 -3.63 -93.03
N LEU F 339 22.12 -3.68 -94.02
CA LEU F 339 21.04 -4.66 -94.01
C LEU F 339 21.19 -5.72 -95.09
N ASN F 340 22.39 -5.89 -95.64
CA ASN F 340 22.63 -6.88 -96.68
C ASN F 340 23.22 -8.15 -96.09
N THR F 341 22.44 -8.78 -95.21
CA THR F 341 22.83 -10.04 -94.60
C THR F 341 22.31 -11.23 -95.38
N GLU F 342 21.62 -11.01 -96.49
CA GLU F 342 21.10 -12.06 -97.33
C GLU F 342 21.76 -12.12 -98.69
N THR F 343 22.53 -11.10 -99.06
CA THR F 343 23.13 -11.02 -100.38
C THR F 343 24.32 -11.96 -100.48
N LEU F 344 24.32 -12.81 -101.52
CA LEU F 344 25.40 -13.77 -101.69
C LEU F 344 26.67 -13.09 -102.21
N SER F 345 26.58 -12.47 -103.38
CA SER F 345 27.76 -12.07 -104.12
C SER F 345 28.56 -11.01 -103.37
N VAL F 346 29.89 -11.14 -103.39
CA VAL F 346 30.75 -10.18 -102.74
C VAL F 346 30.76 -8.85 -103.48
N ARG F 347 30.29 -8.84 -104.73
CA ARG F 347 30.26 -7.64 -105.54
C ARG F 347 28.83 -7.16 -105.82
N GLY F 348 27.89 -7.51 -104.96
CA GLY F 348 26.51 -7.11 -105.15
C GLY F 348 25.94 -6.48 -103.90
N ALA F 349 24.98 -5.60 -104.11
CA ALA F 349 24.31 -4.90 -103.02
C ALA F 349 22.84 -4.74 -103.35
N ASN F 350 22.01 -4.80 -102.31
CA ASN F 350 20.56 -4.71 -102.51
C ASN F 350 20.17 -3.26 -102.78
N PRO F 351 19.52 -2.96 -103.90
CA PRO F 351 19.21 -1.56 -104.22
C PRO F 351 18.22 -0.93 -103.27
N LEU F 352 17.38 -1.71 -102.59
CA LEU F 352 16.34 -1.16 -101.73
C LEU F 352 16.86 -0.70 -100.39
N MET F 353 18.18 -0.57 -100.23
CA MET F 353 18.76 -0.18 -98.95
C MET F 353 19.88 0.84 -99.12
N PHE F 354 20.02 1.39 -100.33
CA PHE F 354 20.99 2.46 -100.55
C PHE F 354 20.72 3.65 -99.63
N ARG F 355 19.45 3.95 -99.37
CA ARG F 355 19.14 5.10 -98.53
C ARG F 355 19.60 4.88 -97.10
N ALA F 356 19.30 3.72 -96.53
CA ALA F 356 19.75 3.43 -95.17
C ALA F 356 21.27 3.43 -95.09
N ASN F 357 21.93 2.83 -96.08
CA ASN F 357 23.38 2.80 -96.06
C ASN F 357 23.96 4.21 -96.18
N VAL F 358 23.37 5.06 -97.00
CA VAL F 358 23.89 6.41 -97.17
C VAL F 358 23.64 7.25 -95.93
N LEU F 359 22.51 7.03 -95.25
CA LEU F 359 22.28 7.73 -93.99
C LEU F 359 23.32 7.35 -92.96
N HIS F 360 23.63 6.06 -92.86
CA HIS F 360 24.66 5.64 -91.92
C HIS F 360 26.02 6.20 -92.32
N MET F 361 26.30 6.27 -93.62
CA MET F 361 27.57 6.82 -94.08
C MET F 361 27.69 8.29 -93.69
N LEU F 362 26.62 9.06 -93.88
CA LEU F 362 26.67 10.48 -93.52
C LEU F 362 26.82 10.65 -92.02
N LEU F 363 26.14 9.81 -91.23
CA LEU F 363 26.30 9.88 -89.79
C LEU F 363 27.74 9.60 -89.38
N GLU F 364 28.37 8.59 -89.96
CA GLU F 364 29.76 8.31 -89.61
C GLU F 364 30.68 9.42 -90.07
N PHE F 365 30.39 10.02 -91.22
CA PHE F 365 31.16 11.18 -91.69
C PHE F 365 31.15 12.30 -90.66
N VAL F 366 29.94 12.67 -90.21
CA VAL F 366 29.83 13.75 -89.23
C VAL F 366 30.49 13.36 -87.91
N LEU F 367 30.27 12.14 -87.45
CA LEU F 367 30.87 11.70 -86.18
C LEU F 367 32.38 11.69 -86.27
N ASP F 368 32.94 11.46 -87.44
CA ASP F 368 34.38 11.46 -87.57
C ASP F 368 34.93 12.88 -87.55
N ASN F 369 34.26 13.80 -88.24
CA ASN F 369 34.78 15.17 -88.26
C ASN F 369 34.31 16.01 -87.08
N LEU F 370 34.47 15.51 -85.85
CA LEU F 370 34.11 16.28 -84.65
C LEU F 370 35.35 16.46 -83.79
N TYR F 371 36.20 17.41 -84.17
CA TYR F 371 37.43 17.72 -83.46
C TYR F 371 37.54 19.23 -83.35
N LEU F 372 38.45 19.68 -82.50
CA LEU F 372 38.83 21.08 -82.44
C LEU F 372 40.15 21.27 -83.19
N ASN F 373 40.53 22.52 -83.38
CA ASN F 373 41.67 22.87 -84.23
C ASN F 373 42.80 23.42 -83.37
N ARG F 374 43.94 22.74 -83.38
CA ARG F 374 45.09 23.17 -82.61
C ARG F 374 45.81 24.33 -83.27
N HIS F 375 46.47 25.12 -82.45
CA HIS F 375 47.36 26.18 -82.89
C HIS F 375 48.79 25.65 -82.74
N THR F 376 49.42 25.35 -83.88
CA THR F 376 50.72 24.68 -83.84
C THR F 376 51.87 25.67 -83.71
N GLY F 377 52.02 26.56 -84.67
CA GLY F 377 53.13 27.49 -84.69
C GLY F 377 53.57 27.76 -86.11
N PHE F 378 54.01 29.00 -86.34
CA PHE F 378 54.21 29.51 -87.68
C PHE F 378 55.70 29.78 -87.92
N SER F 379 56.01 30.35 -89.09
CA SER F 379 57.38 30.60 -89.47
C SER F 379 57.41 31.62 -90.61
N GLN F 380 58.22 32.67 -90.45
CA GLN F 380 58.39 33.66 -91.50
C GLN F 380 58.88 33.00 -92.78
N ASP F 381 58.53 33.58 -93.92
CA ASP F 381 58.94 33.06 -95.22
C ASP F 381 60.22 33.77 -95.63
N HIS F 382 61.31 33.01 -95.73
CA HIS F 382 62.62 33.57 -96.05
C HIS F 382 62.90 33.60 -97.55
N THR F 383 61.98 33.14 -98.38
CA THR F 383 62.12 33.14 -99.82
C THR F 383 61.17 34.13 -100.47
N PRO F 384 61.41 34.49 -101.73
CA PRO F 384 60.59 35.51 -102.39
C PRO F 384 59.31 35.00 -103.02
N PHE F 385 58.88 33.78 -102.72
CA PHE F 385 57.67 33.27 -103.36
C PHE F 385 56.43 34.00 -102.85
N THR F 386 56.39 34.32 -101.57
CA THR F 386 55.31 35.12 -100.99
C THR F 386 55.89 36.41 -100.46
N GLU F 387 55.00 37.34 -100.10
CA GLU F 387 55.40 38.63 -99.57
C GLU F 387 55.68 38.53 -98.07
N GLY F 388 56.63 37.65 -97.74
CA GLY F 388 57.00 37.43 -96.34
C GLY F 388 55.87 36.94 -95.47
N ALA F 389 55.04 36.03 -95.98
CA ALA F 389 53.91 35.55 -95.20
C ALA F 389 54.37 34.59 -94.12
N ASN F 390 53.48 34.37 -93.15
CA ASN F 390 53.72 33.43 -92.06
C ASN F 390 53.06 32.10 -92.41
N LEU F 391 53.82 31.02 -92.32
CA LEU F 391 53.39 29.71 -92.77
C LEU F 391 53.33 28.74 -91.60
N ARG F 392 52.34 27.87 -91.62
CA ARG F 392 52.21 26.88 -90.55
C ARG F 392 53.36 25.89 -90.60
N SER F 393 53.41 25.01 -89.60
CA SER F 393 54.32 23.87 -89.62
C SER F 393 53.63 22.76 -88.82
N LEU F 394 52.91 21.91 -89.53
CA LEU F 394 52.17 20.89 -88.84
C LEU F 394 53.08 19.73 -88.46
N PRO F 395 52.83 19.08 -87.32
CA PRO F 395 53.77 18.09 -86.82
C PRO F 395 53.72 16.81 -87.65
N GLY F 396 54.88 16.15 -87.73
CA GLY F 396 55.01 14.94 -88.49
C GLY F 396 56.43 14.74 -88.99
N PRO F 397 56.77 13.49 -89.28
CA PRO F 397 58.14 13.20 -89.74
C PRO F 397 58.45 13.79 -91.10
N ASP F 398 57.60 13.51 -92.09
CA ASP F 398 57.78 14.00 -93.45
C ASP F 398 56.95 15.27 -93.67
N ALA F 399 57.30 16.31 -92.90
CA ALA F 399 56.49 17.51 -92.87
C ALA F 399 56.79 18.48 -94.01
N GLU F 400 57.92 18.31 -94.69
CA GLU F 400 58.27 19.25 -95.76
C GLU F 400 57.40 19.10 -96.99
N LYS F 401 56.60 18.05 -97.09
CA LYS F 401 55.73 17.84 -98.23
C LYS F 401 54.41 18.58 -98.11
N TRP F 402 54.12 19.20 -96.97
CA TRP F 402 52.85 19.84 -96.75
C TRP F 402 52.83 21.31 -97.17
N TYR F 403 54.00 21.92 -97.36
CA TYR F 403 54.03 23.33 -97.73
C TYR F 403 53.60 23.56 -99.17
N SER F 404 53.51 22.51 -99.97
CA SER F 404 52.99 22.62 -101.33
C SER F 404 51.56 22.12 -101.46
N ILE F 405 51.07 21.41 -100.45
CA ILE F 405 49.67 21.00 -100.45
C ILE F 405 48.79 22.01 -99.73
N MET F 406 49.31 22.65 -98.68
CA MET F 406 48.51 23.63 -97.96
C MET F 406 48.36 24.93 -98.74
N TYR F 407 49.35 25.29 -99.55
CA TYR F 407 49.42 26.62 -100.15
C TYR F 407 49.55 26.51 -101.66
N PRO F 408 48.44 26.41 -102.38
CA PRO F 408 48.53 26.32 -103.84
C PRO F 408 49.04 27.58 -104.51
N THR F 409 48.93 28.74 -103.86
CA THR F 409 49.33 30.00 -104.48
C THR F 409 50.74 30.41 -104.09
N ARG F 410 51.59 29.46 -103.75
CA ARG F 410 52.97 29.74 -103.38
C ARG F 410 53.98 29.23 -104.40
N MET F 411 53.59 28.35 -105.31
CA MET F 411 54.51 27.87 -106.32
C MET F 411 54.80 28.97 -107.35
N GLY F 412 55.82 28.74 -108.15
CA GLY F 412 56.11 29.62 -109.25
C GLY F 412 55.28 29.30 -110.47
N THR F 413 55.17 30.26 -111.38
CA THR F 413 54.38 30.11 -112.60
C THR F 413 55.27 30.36 -113.81
N PRO F 414 56.18 29.44 -114.11
CA PRO F 414 57.08 29.61 -115.25
C PRO F 414 56.54 29.09 -116.57
N ASN F 415 55.34 28.53 -116.58
CA ASN F 415 54.86 27.76 -117.71
C ASN F 415 53.42 28.15 -118.01
N VAL F 416 52.95 27.76 -119.19
CA VAL F 416 51.57 27.99 -119.59
C VAL F 416 50.72 26.72 -119.43
N SER F 417 51.14 25.78 -118.59
CA SER F 417 50.33 24.62 -118.31
C SER F 417 49.07 25.04 -117.56
N LYS F 418 48.20 24.07 -117.30
CA LYS F 418 46.93 24.39 -116.64
C LYS F 418 47.14 24.78 -115.19
N ILE F 419 48.02 24.08 -114.47
CA ILE F 419 48.28 24.41 -113.08
C ILE F 419 48.89 25.81 -112.98
N CYS F 420 49.82 26.13 -113.89
CA CYS F 420 50.45 27.44 -113.85
C CYS F 420 49.46 28.53 -114.24
N ASN F 421 48.59 28.25 -115.21
CA ASN F 421 47.54 29.21 -115.54
C ASN F 421 46.68 29.51 -114.33
N PHE F 422 46.30 28.48 -113.59
CA PHE F 422 45.46 28.69 -112.42
C PHE F 422 46.20 29.50 -111.36
N VAL F 423 47.43 29.11 -111.04
CA VAL F 423 48.17 29.80 -109.99
C VAL F 423 48.44 31.24 -110.39
N ALA F 424 48.59 31.52 -111.67
CA ALA F 424 48.77 32.90 -112.12
C ALA F 424 47.46 33.67 -112.12
N SER F 425 46.33 32.98 -112.20
CA SER F 425 45.05 33.65 -112.04
C SER F 425 44.75 33.98 -110.58
N CYS F 426 45.27 33.19 -109.65
CA CYS F 426 44.98 33.41 -108.24
C CYS F 426 45.50 34.77 -107.76
N VAL F 427 45.13 35.13 -106.55
CA VAL F 427 45.59 36.37 -105.93
C VAL F 427 46.72 36.06 -104.96
N ARG F 428 47.41 37.10 -104.50
CA ARG F 428 48.72 36.92 -103.88
C ARG F 428 48.73 37.08 -102.36
N ASN F 429 47.80 37.83 -101.78
CA ASN F 429 47.93 38.24 -100.38
C ASN F 429 47.07 37.43 -99.43
N ARG F 430 46.62 36.24 -99.84
CA ARG F 430 45.81 35.37 -98.98
C ARG F 430 46.59 34.08 -98.74
N VAL F 431 47.49 34.12 -97.77
CA VAL F 431 48.35 32.98 -97.46
C VAL F 431 48.71 33.02 -95.98
N GLY F 432 48.66 31.87 -95.33
CA GLY F 432 49.13 31.78 -93.96
C GLY F 432 48.24 32.55 -92.99
N ARG F 433 48.88 33.09 -91.96
CA ARG F 433 48.16 33.82 -90.93
C ARG F 433 47.88 35.26 -91.36
N PHE F 434 46.73 35.77 -90.91
CA PHE F 434 46.41 37.18 -91.11
C PHE F 434 45.72 37.78 -89.89
N ASP F 435 45.66 37.07 -88.77
CA ASP F 435 44.94 37.57 -87.61
C ASP F 435 45.27 36.70 -86.40
N ARG F 436 45.33 37.31 -85.23
CA ARG F 436 45.65 36.60 -84.01
C ARG F 436 45.28 37.47 -82.82
N ALA F 437 45.09 36.82 -81.68
CA ALA F 437 44.76 37.51 -80.43
C ALA F 437 45.84 37.13 -79.41
N GLN F 438 46.79 38.04 -79.20
CA GLN F 438 47.93 37.80 -78.30
C GLN F 438 47.67 38.56 -77.01
N MET F 439 46.97 37.91 -76.08
CA MET F 439 46.58 38.55 -74.82
C MET F 439 47.67 38.49 -73.77
N MET F 440 48.87 38.02 -74.10
CA MET F 440 49.92 37.87 -73.11
C MET F 440 51.27 38.03 -73.79
N ASN F 441 52.27 38.38 -72.99
CA ASN F 441 53.64 38.46 -73.45
C ASN F 441 54.33 37.13 -73.13
N GLY F 442 54.88 36.49 -74.17
CA GLY F 442 55.54 35.22 -73.96
C GLY F 442 54.60 34.06 -73.70
N ALA F 443 53.42 34.07 -74.32
CA ALA F 443 52.50 32.95 -74.24
C ALA F 443 51.86 32.77 -75.60
N MET F 444 51.31 31.56 -75.82
CA MET F 444 50.73 31.26 -77.13
C MET F 444 49.53 32.14 -77.39
N SER F 445 49.42 32.62 -78.64
CA SER F 445 48.26 33.42 -79.01
C SER F 445 47.00 32.60 -78.89
N GLU F 446 45.91 33.27 -78.48
CA GLU F 446 44.71 32.53 -78.10
C GLU F 446 44.04 31.85 -79.29
N TRP F 447 44.14 32.44 -80.47
CA TRP F 447 43.54 31.86 -81.67
C TRP F 447 44.05 32.64 -82.87
N VAL F 448 44.01 32.01 -84.03
CA VAL F 448 44.46 32.63 -85.26
C VAL F 448 43.49 32.29 -86.39
N ASP F 449 43.56 33.08 -87.46
CA ASP F 449 42.84 32.80 -88.69
C ASP F 449 43.85 32.63 -89.80
N VAL F 450 43.80 31.51 -90.50
CA VAL F 450 44.80 31.13 -91.47
C VAL F 450 44.14 30.68 -92.75
N PHE F 451 44.69 31.10 -93.89
CA PHE F 451 44.31 30.55 -95.17
C PHE F 451 45.05 29.25 -95.40
N GLU F 452 44.33 28.21 -95.83
CA GLU F 452 44.97 26.93 -96.10
C GLU F 452 43.97 25.99 -96.73
N THR F 453 44.49 24.91 -97.30
CA THR F 453 43.64 23.92 -97.94
C THR F 453 42.72 23.27 -96.92
N SER F 454 41.42 23.30 -97.20
CA SER F 454 40.42 22.74 -96.31
C SER F 454 39.05 22.85 -96.96
N ASP F 455 38.12 21.95 -96.64
CA ASP F 455 36.80 22.01 -97.25
C ASP F 455 35.80 22.71 -96.35
N ALA F 456 34.92 23.50 -96.98
CA ALA F 456 33.97 24.32 -96.23
C ALA F 456 33.05 23.45 -95.40
N LEU F 457 32.78 22.22 -95.82
CA LEU F 457 31.87 21.37 -95.06
C LEU F 457 32.45 21.02 -93.70
N THR F 458 33.66 20.45 -93.68
CA THR F 458 34.25 20.11 -92.39
C THR F 458 34.56 21.36 -91.58
N VAL F 459 34.91 22.46 -92.24
CA VAL F 459 35.11 23.70 -91.49
C VAL F 459 33.82 24.10 -90.78
N SER F 460 32.68 23.98 -91.46
CA SER F 460 31.40 24.33 -90.86
C SER F 460 31.05 23.38 -89.71
N ILE F 461 31.28 22.09 -89.91
CA ILE F 461 30.97 21.12 -88.86
C ILE F 461 31.76 21.43 -87.60
N ARG F 462 33.06 21.68 -87.75
CA ARG F 462 33.88 21.94 -86.57
C ARG F 462 33.55 23.30 -85.97
N GLY F 463 33.14 24.27 -86.78
CA GLY F 463 32.67 25.52 -86.22
C GLY F 463 31.45 25.36 -85.35
N ARG F 464 30.49 24.55 -85.80
CA ARG F 464 29.28 24.34 -85.01
C ARG F 464 29.58 23.56 -83.74
N TRP F 465 30.49 22.59 -83.82
CA TRP F 465 30.90 21.85 -82.63
C TRP F 465 31.54 22.80 -81.61
N MET F 466 32.43 23.69 -82.08
CA MET F 466 33.03 24.65 -81.17
C MET F 466 32.00 25.60 -80.59
N ALA F 467 30.98 25.96 -81.37
CA ALA F 467 29.93 26.83 -80.85
C ALA F 467 29.17 26.15 -79.72
N ARG F 468 28.82 24.87 -79.91
CA ARG F 468 28.16 24.13 -78.84
C ARG F 468 29.01 24.07 -77.57
N LEU F 469 30.30 23.77 -77.73
CA LEU F 469 31.17 23.71 -76.56
C LEU F 469 31.28 25.07 -75.88
N ALA F 470 31.37 26.15 -76.67
CA ALA F 470 31.43 27.49 -76.09
C ALA F 470 30.17 27.81 -75.31
N ARG F 471 29.01 27.31 -75.76
CA ARG F 471 27.82 27.41 -74.93
C ARG F 471 28.00 26.66 -73.62
N MET F 472 28.57 25.45 -73.68
CA MET F 472 28.74 24.68 -72.45
C MET F 472 29.74 25.30 -71.48
N ASN F 473 30.58 26.23 -71.94
CA ASN F 473 31.68 26.77 -71.13
C ASN F 473 31.19 27.42 -69.84
N ILE F 474 32.04 27.39 -68.81
CA ILE F 474 31.86 28.10 -67.54
C ILE F 474 33.23 28.50 -67.03
N ASN F 475 33.26 29.32 -65.99
CA ASN F 475 34.52 29.87 -65.50
C ASN F 475 34.70 29.62 -64.00
N PRO F 476 35.94 29.80 -63.50
CA PRO F 476 36.20 29.44 -62.11
C PRO F 476 35.47 30.26 -61.08
N THR F 477 35.17 31.53 -61.36
CA THR F 477 34.41 32.32 -60.39
C THR F 477 33.00 31.78 -60.22
N GLU F 478 32.34 31.44 -61.33
CA GLU F 478 31.02 30.85 -61.25
C GLU F 478 31.07 29.49 -60.58
N ILE F 479 32.13 28.71 -60.83
CA ILE F 479 32.26 27.43 -60.13
C ILE F 479 32.41 27.65 -58.63
N GLU F 480 33.17 28.67 -58.24
CA GLU F 480 33.35 28.99 -56.82
C GLU F 480 32.02 29.35 -56.17
N TRP F 481 31.27 30.23 -56.81
CA TRP F 481 29.96 30.61 -56.26
C TRP F 481 29.04 29.41 -56.16
N ALA F 482 29.04 28.55 -57.17
CA ALA F 482 28.18 27.38 -57.16
C ALA F 482 28.54 26.45 -56.01
N LEU F 483 29.83 26.13 -55.86
CA LEU F 483 30.23 25.21 -54.79
C LEU F 483 29.96 25.80 -53.42
N THR F 484 30.16 27.11 -53.27
CA THR F 484 29.89 27.73 -51.98
C THR F 484 28.40 27.69 -51.64
N GLU F 485 27.54 27.99 -52.61
CA GLU F 485 26.11 27.92 -52.36
C GLU F 485 25.67 26.49 -52.06
N CYS F 486 26.25 25.51 -52.76
CA CYS F 486 25.89 24.12 -52.51
C CYS F 486 26.27 23.70 -51.09
N ALA F 487 27.52 23.97 -50.70
CA ALA F 487 27.95 23.61 -49.35
C ALA F 487 27.27 24.44 -48.28
N GLN F 488 26.70 25.59 -48.64
CA GLN F 488 25.93 26.42 -47.71
C GLN F 488 26.84 27.07 -46.68
N GLY F 489 28.03 27.49 -47.10
CA GLY F 489 28.92 28.24 -46.26
C GLY F 489 29.88 27.43 -45.43
N TYR F 490 29.66 26.12 -45.30
CA TYR F 490 30.54 25.29 -44.50
C TYR F 490 31.85 24.96 -45.19
N VAL F 491 32.02 25.37 -46.44
CA VAL F 491 33.23 25.08 -47.21
C VAL F 491 33.57 26.30 -48.05
N THR F 492 34.81 26.77 -47.97
CA THR F 492 35.24 27.94 -48.71
C THR F 492 36.24 27.50 -49.78
N VAL F 493 35.87 27.71 -51.04
CA VAL F 493 36.78 27.50 -52.16
C VAL F 493 37.17 28.86 -52.70
N THR F 494 38.34 28.91 -53.33
CA THR F 494 38.90 30.15 -53.80
C THR F 494 39.19 30.07 -55.29
N SER F 495 39.02 31.20 -55.97
CA SER F 495 39.35 31.31 -57.38
C SER F 495 40.31 32.47 -57.60
N PRO F 496 41.22 32.36 -58.56
CA PRO F 496 42.20 33.41 -58.78
C PRO F 496 41.57 34.65 -59.40
N TYR F 497 42.27 35.77 -59.24
CA TYR F 497 41.77 37.08 -59.67
C TYR F 497 42.86 37.76 -60.49
N ALA F 498 42.90 37.45 -61.78
CA ALA F 498 43.94 38.01 -62.64
C ALA F 498 43.66 37.66 -64.09
N PRO F 499 44.38 38.26 -65.04
CA PRO F 499 44.17 37.93 -66.46
C PRO F 499 44.41 36.46 -66.76
N SER F 500 43.39 35.82 -67.30
CA SER F 500 43.34 34.36 -67.44
C SER F 500 44.16 33.92 -68.64
N VAL F 501 43.97 32.66 -69.04
CA VAL F 501 44.67 32.09 -70.19
C VAL F 501 43.64 31.39 -71.07
N ASN F 502 42.37 31.73 -70.91
CA ASN F 502 41.28 31.21 -71.74
C ASN F 502 41.17 29.69 -71.66
N ARG F 503 40.77 29.23 -70.48
CA ARG F 503 40.42 27.84 -70.28
C ARG F 503 39.20 27.48 -71.14
N LEU F 504 38.90 26.17 -71.18
CA LEU F 504 37.71 25.67 -71.86
C LEU F 504 37.14 24.54 -71.00
N MET F 505 36.12 24.87 -70.21
CA MET F 505 35.56 23.97 -69.20
C MET F 505 34.09 23.76 -69.51
N PRO F 506 33.77 22.90 -70.45
CA PRO F 506 32.37 22.73 -70.89
C PRO F 506 31.53 21.91 -69.93
N TYR F 507 30.92 22.55 -68.92
CA TYR F 507 30.17 21.83 -67.91
C TYR F 507 28.77 22.37 -67.63
N ARG F 508 28.26 23.30 -68.45
CA ARG F 508 26.96 23.91 -68.19
C ARG F 508 25.95 23.45 -69.23
N ILE F 509 24.78 23.00 -68.76
CA ILE F 509 23.73 22.51 -69.65
C ILE F 509 22.37 22.99 -69.15
N SER F 510 21.40 22.95 -70.06
CA SER F 510 20.08 23.49 -69.80
C SER F 510 19.32 22.62 -68.80
N ASN F 511 18.07 23.00 -68.55
CA ASN F 511 17.20 22.21 -67.68
C ASN F 511 16.50 21.08 -68.40
N ALA F 512 16.17 21.27 -69.68
CA ALA F 512 15.55 20.20 -70.44
C ALA F 512 16.50 19.04 -70.65
N GLU F 513 17.77 19.34 -70.96
CA GLU F 513 18.77 18.30 -71.15
C GLU F 513 19.02 17.50 -69.88
N ARG F 514 18.63 18.02 -68.74
CA ARG F 514 18.78 17.34 -67.47
C ARG F 514 17.52 16.59 -67.06
N GLN F 515 16.35 17.18 -67.28
CA GLN F 515 15.10 16.48 -67.02
C GLN F 515 14.92 15.27 -67.92
N ILE F 516 15.39 15.34 -69.17
CA ILE F 516 15.29 14.19 -70.05
C ILE F 516 16.07 13.00 -69.50
N SER F 517 17.31 13.25 -69.08
CA SER F 517 18.11 12.18 -68.51
C SER F 517 17.52 11.67 -67.21
N GLN F 518 16.93 12.55 -66.40
CA GLN F 518 16.25 12.09 -65.19
C GLN F 518 15.12 11.15 -65.53
N ILE F 519 14.32 11.49 -66.55
CA ILE F 519 13.23 10.61 -66.97
C ILE F 519 13.78 9.27 -67.43
N ILE F 520 14.87 9.28 -68.19
CA ILE F 520 15.42 8.03 -68.70
C ILE F 520 15.89 7.14 -67.56
N ARG F 521 16.65 7.70 -66.62
CA ARG F 521 17.16 6.87 -65.54
C ARG F 521 16.09 6.49 -64.54
N VAL F 522 14.95 7.19 -64.52
CA VAL F 522 13.83 6.71 -63.72
C VAL F 522 13.10 5.61 -64.47
N MET F 523 13.13 5.64 -65.80
CA MET F 523 12.53 4.56 -66.58
C MET F 523 13.34 3.27 -66.44
N ASN F 524 14.65 3.40 -66.25
CA ASN F 524 15.52 2.25 -66.08
C ASN F 524 15.47 1.63 -64.68
N ILE F 525 14.54 2.04 -63.83
CA ILE F 525 14.55 1.63 -62.43
C ILE F 525 13.21 1.12 -61.94
N GLY F 526 12.18 1.10 -62.78
CA GLY F 526 10.83 0.86 -62.29
C GLY F 526 10.65 -0.59 -61.85
N ASN F 527 10.08 -0.76 -60.66
CA ASN F 527 9.59 -2.03 -60.12
C ASN F 527 10.68 -3.00 -59.69
N ASN F 528 11.96 -2.63 -59.79
CA ASN F 528 13.03 -3.60 -59.57
C ASN F 528 13.28 -3.83 -58.08
N ALA F 529 13.65 -2.78 -57.36
CA ALA F 529 13.94 -2.76 -55.93
C ALA F 529 15.29 -3.38 -55.58
N THR F 530 15.99 -3.99 -56.53
CA THR F 530 17.40 -4.32 -56.35
C THR F 530 18.30 -3.35 -57.08
N VAL F 531 17.72 -2.35 -57.74
CA VAL F 531 18.47 -1.33 -58.45
C VAL F 531 18.50 -0.08 -57.60
N ILE F 532 17.49 0.09 -56.74
CA ILE F 532 17.37 1.30 -55.94
C ILE F 532 17.80 1.12 -54.50
N GLN F 533 17.85 -0.11 -53.99
CA GLN F 533 18.31 -0.33 -52.63
C GLN F 533 19.75 0.11 -52.42
N PRO F 534 20.72 -0.23 -53.29
CA PRO F 534 22.10 0.19 -53.04
C PRO F 534 22.29 1.70 -52.98
N VAL F 535 21.50 2.47 -53.73
CA VAL F 535 21.62 3.92 -53.64
C VAL F 535 21.24 4.41 -52.26
N LEU F 536 20.13 3.89 -51.73
CA LEU F 536 19.72 4.25 -50.38
C LEU F 536 20.76 3.81 -49.36
N GLN F 537 21.39 2.64 -49.57
CA GLN F 537 22.41 2.19 -48.64
C GLN F 537 23.63 3.12 -48.65
N ASP F 538 24.03 3.55 -49.84
CA ASP F 538 25.18 4.46 -49.93
C ASP F 538 24.87 5.79 -49.25
N ILE F 539 23.69 6.35 -49.50
CA ILE F 539 23.31 7.58 -48.82
C ILE F 539 23.22 7.36 -47.32
N SER F 540 22.84 6.15 -46.89
CA SER F 540 22.76 5.85 -45.47
C SER F 540 24.13 5.91 -44.82
N VAL F 541 25.10 5.24 -45.41
CA VAL F 541 26.45 5.26 -44.83
C VAL F 541 27.02 6.67 -44.87
N LEU F 542 26.70 7.44 -45.91
CA LEU F 542 27.19 8.83 -45.96
C LEU F 542 26.58 9.67 -44.85
N LEU F 543 25.28 9.50 -44.61
CA LEU F 543 24.62 10.22 -43.52
C LEU F 543 25.24 9.85 -42.17
N GLN F 544 25.51 8.56 -41.97
CA GLN F 544 26.13 8.16 -40.71
C GLN F 544 27.51 8.76 -40.55
N ARG F 545 28.26 8.88 -41.64
CA ARG F 545 29.60 9.44 -41.52
C ARG F 545 29.58 10.95 -41.31
N ILE F 546 28.57 11.63 -41.84
CA ILE F 546 28.51 13.09 -41.72
C ILE F 546 27.79 13.57 -40.45
N SER F 547 26.97 12.73 -39.83
CA SER F 547 26.13 13.17 -38.74
C SER F 547 26.90 13.21 -37.42
N PRO F 548 26.63 14.19 -36.56
CA PRO F 548 27.23 14.21 -35.23
C PRO F 548 26.42 13.44 -34.21
N LEU F 549 25.49 12.62 -34.66
CA LEU F 549 24.57 11.92 -33.76
C LEU F 549 25.09 10.53 -33.45
N GLN F 550 24.91 10.11 -32.21
CA GLN F 550 25.25 8.77 -31.76
C GLN F 550 23.98 8.06 -31.30
N ILE F 551 24.05 6.75 -31.19
CA ILE F 551 22.94 5.93 -30.71
C ILE F 551 23.47 5.03 -29.60
N ASP F 552 22.76 4.99 -28.48
CA ASP F 552 23.09 4.00 -27.46
C ASP F 552 21.89 3.68 -26.58
N PRO F 553 21.51 2.40 -26.51
CA PRO F 553 20.35 2.02 -25.68
C PRO F 553 20.58 2.15 -24.19
N THR F 554 21.79 2.49 -23.75
CA THR F 554 22.02 2.66 -22.33
C THR F 554 21.19 3.80 -21.76
N ILE F 555 20.84 4.78 -22.59
CA ILE F 555 19.95 5.85 -22.14
C ILE F 555 18.60 5.28 -21.74
N ILE F 556 18.03 4.43 -22.60
CA ILE F 556 16.75 3.80 -22.30
C ILE F 556 16.89 2.91 -21.06
N SER F 557 17.99 2.18 -20.97
CA SER F 557 18.20 1.30 -19.83
C SER F 557 18.22 2.08 -18.52
N ASN F 558 19.00 3.15 -18.46
CA ASN F 558 19.10 3.95 -17.24
C ASN F 558 17.79 4.66 -16.92
N THR F 559 17.05 5.09 -17.94
CA THR F 559 15.76 5.71 -17.68
C THR F 559 14.79 4.70 -17.09
N MET F 560 14.77 3.47 -17.62
CA MET F 560 13.84 2.47 -17.12
C MET F 560 14.23 2.01 -15.71
N SER F 561 15.53 1.95 -15.42
CA SER F 561 15.97 1.38 -14.15
C SER F 561 15.55 2.16 -12.92
N THR F 562 14.99 3.37 -13.09
CA THR F 562 14.61 4.19 -11.95
C THR F 562 13.19 3.90 -11.45
N VAL F 563 12.32 3.33 -12.28
CA VAL F 563 10.98 3.01 -11.83
C VAL F 563 11.02 1.81 -10.89
N SER F 564 10.18 1.82 -9.87
CA SER F 564 10.13 0.76 -8.88
C SER F 564 9.09 -0.28 -9.28
N GLU F 565 9.54 -1.54 -9.40
CA GLU F 565 8.65 -2.66 -9.70
C GLU F 565 8.70 -3.66 -8.56
N SER F 566 7.57 -4.32 -8.34
CA SER F 566 7.47 -5.29 -7.26
C SER F 566 8.18 -6.58 -7.62
N THR F 567 8.92 -7.12 -6.67
CA THR F 567 9.62 -8.38 -6.89
C THR F 567 8.65 -9.56 -6.97
N THR F 568 7.51 -9.46 -6.29
CA THR F 568 6.51 -10.53 -6.28
C THR F 568 5.39 -10.16 -7.24
N GLN F 569 5.67 -10.32 -8.53
CA GLN F 569 4.68 -10.06 -9.57
C GLN F 569 4.93 -11.01 -10.73
N THR F 570 4.04 -10.96 -11.72
CA THR F 570 4.18 -11.75 -12.92
C THR F 570 4.33 -10.91 -14.18
N LEU F 571 4.30 -9.59 -14.07
CA LEU F 571 4.42 -8.72 -15.23
C LEU F 571 5.34 -7.56 -14.88
N SER F 572 6.34 -7.32 -15.73
CA SER F 572 7.33 -6.28 -15.50
C SER F 572 7.34 -5.30 -16.66
N PRO F 573 6.68 -4.16 -16.53
CA PRO F 573 6.60 -3.22 -17.66
C PRO F 573 7.95 -2.68 -18.09
N ALA F 574 8.80 -2.30 -17.14
CA ALA F 574 10.12 -1.79 -17.51
C ALA F 574 10.98 -2.88 -18.13
N SER F 575 10.82 -4.12 -17.67
CA SER F 575 11.65 -5.21 -18.19
C SER F 575 11.09 -5.83 -19.47
N SER F 576 9.90 -5.42 -19.90
CA SER F 576 9.36 -5.95 -21.14
C SER F 576 9.77 -5.13 -22.36
N ILE F 577 9.69 -3.80 -22.26
CA ILE F 577 10.13 -2.96 -23.36
C ILE F 577 11.62 -3.06 -23.57
N LEU F 578 12.39 -3.22 -22.47
CA LEU F 578 13.83 -3.41 -22.62
C LEU F 578 14.13 -4.67 -23.41
N GLY F 579 13.29 -5.69 -23.28
CA GLY F 579 13.49 -6.90 -24.05
C GLY F 579 13.11 -6.70 -25.51
N LYS F 580 11.92 -6.16 -25.76
CA LYS F 580 11.44 -6.04 -27.12
C LYS F 580 11.91 -4.76 -27.81
N LEU F 581 12.89 -4.06 -27.24
CA LEU F 581 13.45 -2.88 -27.87
C LEU F 581 14.88 -3.12 -28.37
N ARG F 582 15.26 -4.39 -28.53
CA ARG F 582 16.55 -4.74 -29.11
C ARG F 582 16.33 -5.22 -30.54
N PRO F 583 16.86 -4.50 -31.55
CA PRO F 583 16.52 -4.94 -32.90
C PRO F 583 16.99 -6.32 -33.30
N SER F 584 16.26 -7.00 -34.17
CA SER F 584 16.66 -8.32 -34.64
C SER F 584 17.82 -8.26 -35.58
N ASN F 585 18.70 -9.24 -35.56
CA ASN F 585 19.88 -9.28 -36.41
C ASN F 585 20.61 -8.02 -36.11
N SER F 586 20.46 -7.56 -34.88
CA SER F 586 21.11 -6.33 -34.44
C SER F 586 21.50 -5.32 -35.49
N ASP F 587 20.56 -4.87 -36.31
CA ASP F 587 20.85 -3.81 -37.27
C ASP F 587 20.07 -2.56 -36.98
N PHE F 588 20.77 -1.44 -36.86
CA PHE F 588 20.13 -0.19 -36.54
C PHE F 588 20.11 0.66 -37.79
N SER F 589 20.39 0.06 -38.93
CA SER F 589 20.40 0.78 -40.18
C SER F 589 19.06 1.34 -40.59
N SER F 590 17.99 0.61 -40.37
CA SER F 590 16.70 1.06 -40.85
C SER F 590 16.37 2.50 -40.55
N PHE F 591 16.99 3.09 -39.57
CA PHE F 591 16.81 4.51 -39.27
C PHE F 591 17.41 5.37 -40.38
N ARG F 592 18.69 5.17 -40.68
CA ARG F 592 19.32 5.95 -41.73
C ARG F 592 18.73 5.64 -43.09
N VAL F 593 18.30 4.39 -43.32
CA VAL F 593 17.71 4.08 -44.63
C VAL F 593 16.37 4.79 -44.80
N ALA F 594 15.55 4.83 -43.75
CA ALA F 594 14.30 5.57 -43.82
C ALA F 594 14.58 7.06 -43.97
N LEU F 595 15.63 7.55 -43.33
CA LEU F 595 15.95 8.97 -43.42
C LEU F 595 16.47 9.34 -44.80
N ALA F 596 17.07 8.38 -45.51
CA ALA F 596 17.52 8.60 -46.87
C ALA F 596 16.42 8.38 -47.89
N GLY F 597 15.40 7.60 -47.56
CA GLY F 597 14.28 7.42 -48.47
C GLY F 597 13.42 8.65 -48.66
N TRP F 598 13.61 9.69 -47.84
CA TRP F 598 12.84 10.91 -48.03
C TRP F 598 13.15 11.57 -49.36
N LEU F 599 14.37 11.40 -49.85
CA LEU F 599 14.75 11.99 -51.13
C LEU F 599 14.11 11.28 -52.31
N TYR F 600 13.50 10.12 -52.11
CA TYR F 600 12.92 9.35 -53.21
C TYR F 600 11.59 8.76 -52.74
N ASN F 601 10.51 9.50 -52.99
CA ASN F 601 9.18 8.98 -52.74
C ASN F 601 8.38 8.77 -54.02
N GLY F 602 8.94 9.12 -55.16
CA GLY F 602 8.24 8.90 -56.42
C GLY F 602 8.58 7.55 -57.01
N VAL F 603 9.65 6.93 -56.54
CA VAL F 603 10.10 5.66 -57.10
C VAL F 603 10.35 4.65 -55.98
N VAL F 604 10.31 5.10 -54.74
CA VAL F 604 10.53 4.24 -53.58
C VAL F 604 9.60 4.67 -52.47
N THR F 605 8.95 3.69 -51.82
CA THR F 605 8.02 3.95 -50.73
C THR F 605 8.42 3.08 -49.54
N THR F 606 9.01 3.69 -48.52
CA THR F 606 9.48 2.95 -47.36
C THR F 606 8.30 2.64 -46.45
N VAL F 607 7.87 1.38 -46.44
CA VAL F 607 6.83 0.93 -45.55
C VAL F 607 7.48 0.16 -44.41
N ILE F 608 6.73 -0.05 -43.35
CA ILE F 608 7.21 -0.80 -42.20
C ILE F 608 6.84 -2.27 -42.38
N ASP F 609 7.76 -3.14 -42.00
CA ASP F 609 7.62 -4.56 -42.31
C ASP F 609 6.41 -5.16 -41.60
N ASP F 610 5.82 -6.17 -42.24
CA ASP F 610 4.69 -6.86 -41.66
C ASP F 610 5.05 -7.61 -40.38
N SER F 611 6.33 -7.93 -40.19
CA SER F 611 6.75 -8.65 -39.00
C SER F 611 6.68 -7.80 -37.75
N SER F 612 6.70 -6.48 -37.89
CA SER F 612 6.73 -5.58 -36.74
C SER F 612 5.38 -5.49 -36.03
N TYR F 613 4.32 -6.01 -36.63
CA TYR F 613 2.99 -5.87 -36.07
C TYR F 613 2.74 -6.93 -35.01
N PRO F 614 1.62 -6.87 -34.30
CA PRO F 614 1.45 -7.69 -33.10
C PRO F 614 1.17 -9.17 -33.34
N LYS F 615 1.49 -9.70 -34.51
CA LYS F 615 1.34 -11.14 -34.74
C LYS F 615 -0.11 -11.59 -34.67
N ASP F 616 -0.88 -11.28 -35.70
CA ASP F 616 -2.24 -11.82 -35.83
C ASP F 616 -3.17 -11.29 -34.75
N GLY F 617 -3.38 -9.98 -34.75
CA GLY F 617 -4.30 -9.36 -33.83
C GLY F 617 -3.66 -9.08 -32.50
N GLY F 618 -3.78 -7.86 -32.03
CA GLY F 618 -3.27 -7.49 -30.72
C GLY F 618 -4.27 -7.80 -29.64
N SER F 619 -4.08 -7.16 -28.49
CA SER F 619 -5.05 -7.19 -27.41
C SER F 619 -4.62 -6.19 -26.34
N VAL F 620 -5.53 -5.31 -25.94
CA VAL F 620 -5.19 -4.30 -24.95
C VAL F 620 -4.90 -4.88 -23.59
N THR F 621 -5.27 -6.13 -23.36
CA THR F 621 -5.02 -6.82 -22.09
C THR F 621 -3.63 -7.44 -22.02
N SER F 622 -2.79 -7.25 -23.04
CA SER F 622 -1.47 -7.86 -23.09
C SER F 622 -0.42 -6.77 -23.05
N LEU F 623 0.52 -6.89 -22.10
CA LEU F 623 1.53 -5.87 -21.90
C LEU F 623 2.55 -5.88 -23.04
N GLU F 624 3.15 -7.06 -23.29
CA GLU F 624 4.08 -7.22 -24.40
C GLU F 624 3.45 -6.90 -25.73
N ASN F 625 2.13 -6.95 -25.82
CA ASN F 625 1.40 -6.65 -27.03
C ASN F 625 1.01 -5.18 -27.12
N LEU F 626 1.01 -4.48 -25.98
CA LEU F 626 0.76 -3.05 -25.93
C LEU F 626 2.02 -2.25 -26.25
N TRP F 627 3.18 -2.76 -25.82
CA TRP F 627 4.43 -2.12 -26.21
C TRP F 627 4.62 -2.14 -27.73
N ASP F 628 4.06 -3.16 -28.40
CA ASP F 628 4.15 -3.20 -29.86
C ASP F 628 3.41 -2.04 -30.49
N PHE F 629 2.20 -1.73 -29.99
CA PHE F 629 1.49 -0.56 -30.48
C PHE F 629 2.29 0.70 -30.21
N PHE F 630 2.90 0.80 -29.02
CA PHE F 630 3.69 1.97 -28.71
C PHE F 630 4.81 2.17 -29.74
N ILE F 631 5.54 1.09 -30.02
CA ILE F 631 6.67 1.18 -30.95
C ILE F 631 6.18 1.54 -32.35
N LEU F 632 5.09 0.92 -32.80
CA LEU F 632 4.58 1.25 -34.14
C LEU F 632 4.12 2.69 -34.22
N ALA F 633 3.45 3.19 -33.18
CA ALA F 633 2.99 4.57 -33.20
C ALA F 633 4.15 5.53 -33.26
N LEU F 634 5.23 5.25 -32.53
CA LEU F 634 6.38 6.14 -32.62
C LEU F 634 7.11 6.02 -33.96
N ALA F 635 7.09 4.84 -34.58
CA ALA F 635 7.91 4.63 -35.76
C ALA F 635 7.23 5.01 -37.07
N LEU F 636 5.90 4.99 -37.13
CA LEU F 636 5.22 5.24 -38.40
C LEU F 636 5.47 6.62 -39.02
N PRO F 637 5.48 7.72 -38.27
CA PRO F 637 5.55 9.04 -38.95
C PRO F 637 6.82 9.28 -39.76
N LEU F 638 7.86 8.48 -39.56
CA LEU F 638 9.12 8.69 -40.28
C LEU F 638 9.17 7.97 -41.61
N THR F 639 8.13 7.22 -41.97
CA THR F 639 8.09 6.49 -43.23
C THR F 639 7.46 7.32 -44.33
N THR F 640 7.72 6.93 -45.56
CA THR F 640 7.21 7.61 -46.74
C THR F 640 5.87 7.07 -47.20
N ASP F 641 5.42 5.96 -46.61
CA ASP F 641 4.16 5.32 -46.94
C ASP F 641 3.01 6.32 -46.87
N PRO F 642 2.33 6.62 -47.98
CA PRO F 642 1.22 7.58 -47.93
C PRO F 642 0.08 7.12 -47.04
N CYS F 643 -0.11 5.81 -46.90
CA CYS F 643 -1.14 5.26 -46.03
C CYS F 643 -0.62 4.97 -44.63
N ALA F 644 0.42 5.67 -44.20
CA ALA F 644 0.90 5.54 -42.83
C ALA F 644 -0.16 5.88 -41.80
N PRO F 645 -0.95 6.96 -41.93
CA PRO F 645 -1.88 7.30 -40.85
C PRO F 645 -2.99 6.30 -40.63
N VAL F 646 -3.48 5.62 -41.66
CA VAL F 646 -4.60 4.70 -41.44
C VAL F 646 -4.16 3.52 -40.61
N LYS F 647 -2.92 3.06 -40.79
CA LYS F 647 -2.28 2.24 -39.80
C LYS F 647 -1.89 3.12 -38.62
N ALA F 648 -1.80 2.52 -37.44
CA ALA F 648 -1.75 3.16 -36.13
C ALA F 648 -3.13 3.65 -35.72
N PHE F 649 -4.11 3.66 -36.62
CA PHE F 649 -5.50 3.65 -36.22
C PHE F 649 -6.05 2.23 -36.25
N MET F 650 -5.85 1.53 -37.37
CA MET F 650 -6.31 0.16 -37.42
C MET F 650 -5.48 -0.77 -36.55
N THR F 651 -4.27 -0.36 -36.16
CA THR F 651 -3.53 -1.18 -35.20
C THR F 651 -4.23 -1.21 -33.85
N LEU F 652 -4.60 -0.03 -33.33
CA LEU F 652 -5.34 0.00 -32.07
C LEU F 652 -6.73 -0.59 -32.22
N ALA F 653 -7.36 -0.39 -33.39
CA ALA F 653 -8.65 -1.01 -33.63
C ALA F 653 -8.56 -2.53 -33.57
N ASN F 654 -7.53 -3.11 -34.20
CA ASN F 654 -7.31 -4.54 -34.10
C ASN F 654 -7.07 -4.96 -32.66
N MET F 655 -6.27 -4.18 -31.94
CA MET F 655 -5.87 -4.60 -30.60
C MET F 655 -7.07 -4.61 -29.65
N MET F 656 -7.97 -3.66 -29.75
CA MET F 656 -9.17 -3.69 -28.94
C MET F 656 -10.36 -4.09 -29.81
N VAL F 657 -10.52 -5.40 -29.99
CA VAL F 657 -11.69 -6.00 -30.62
C VAL F 657 -12.36 -6.85 -29.55
N GLY F 658 -13.64 -6.59 -29.32
CA GLY F 658 -14.34 -7.11 -28.17
C GLY F 658 -14.45 -6.14 -27.02
N PHE F 659 -13.68 -5.06 -27.05
CA PHE F 659 -13.81 -3.96 -26.10
C PHE F 659 -14.50 -2.75 -26.70
N GLU F 660 -14.23 -2.43 -27.96
CA GLU F 660 -14.93 -1.37 -28.67
C GLU F 660 -15.10 -1.76 -30.12
N THR F 661 -16.26 -1.42 -30.68
CA THR F 661 -16.56 -1.74 -32.07
C THR F 661 -16.82 -0.47 -32.85
N ILE F 662 -16.49 -0.49 -34.14
CA ILE F 662 -16.74 0.64 -35.03
C ILE F 662 -17.18 0.13 -36.38
N PRO F 663 -18.03 0.89 -37.07
CA PRO F 663 -18.63 0.41 -38.33
C PRO F 663 -17.62 0.44 -39.47
N MET F 664 -17.34 -0.74 -40.02
CA MET F 664 -16.41 -0.88 -41.12
C MET F 664 -17.13 -0.61 -42.44
N ASP F 665 -16.48 -0.93 -43.55
CA ASP F 665 -17.05 -0.76 -44.89
C ASP F 665 -17.52 -2.04 -45.52
N ASN F 666 -16.80 -3.14 -45.33
CA ASN F 666 -17.10 -4.41 -45.97
C ASN F 666 -17.26 -5.51 -44.93
N GLN F 667 -17.58 -6.71 -45.42
CA GLN F 667 -17.45 -7.93 -44.63
C GLN F 667 -16.04 -8.49 -44.71
N ILE F 668 -15.18 -7.88 -45.51
CA ILE F 668 -13.85 -8.40 -45.80
C ILE F 668 -12.77 -7.61 -45.09
N TYR F 669 -12.82 -6.28 -45.19
CA TYR F 669 -11.94 -5.43 -44.40
C TYR F 669 -12.57 -5.10 -43.05
N THR F 670 -12.96 -6.14 -42.33
CA THR F 670 -13.59 -6.00 -41.02
C THR F 670 -12.60 -5.41 -40.03
N GLN F 671 -13.05 -5.13 -38.80
CA GLN F 671 -12.16 -4.55 -37.82
C GLN F 671 -11.07 -5.52 -37.38
N SER F 672 -11.22 -6.81 -37.66
CA SER F 672 -10.23 -7.79 -37.25
C SER F 672 -9.24 -8.12 -38.36
N ARG F 673 -9.32 -7.43 -39.49
CA ARG F 673 -8.32 -7.59 -40.53
C ARG F 673 -7.00 -6.97 -40.08
N ARG F 674 -5.88 -7.58 -40.50
CA ARG F 674 -4.57 -7.12 -40.08
C ARG F 674 -4.36 -5.67 -40.51
N ALA F 675 -3.78 -4.88 -39.61
CA ALA F 675 -3.62 -3.45 -39.88
C ALA F 675 -2.67 -3.19 -41.03
N SER F 676 -1.76 -4.11 -41.30
CA SER F 676 -0.79 -3.93 -42.38
C SER F 676 -1.37 -4.19 -43.75
N ALA F 677 -2.65 -4.57 -43.84
CA ALA F 677 -3.28 -4.83 -45.13
C ALA F 677 -3.91 -3.60 -45.74
N PHE F 678 -3.98 -2.49 -45.01
CA PHE F 678 -4.68 -1.29 -45.47
C PHE F 678 -3.67 -0.33 -46.11
N SER F 679 -3.15 -0.74 -47.27
CA SER F 679 -2.17 0.08 -47.99
C SER F 679 -2.69 0.38 -49.39
N THR F 680 -3.60 1.36 -49.47
CA THR F 680 -4.19 2.02 -50.62
C THR F 680 -5.04 3.15 -50.07
N PRO F 681 -5.25 4.23 -50.82
CA PRO F 681 -6.27 5.21 -50.40
C PRO F 681 -7.68 4.65 -50.42
N HIS F 682 -7.91 3.60 -51.20
CA HIS F 682 -9.26 3.06 -51.36
C HIS F 682 -9.76 2.40 -50.09
N THR F 683 -8.87 1.84 -49.27
CA THR F 683 -9.27 0.98 -48.17
C THR F 683 -9.42 1.71 -46.84
N TRP F 684 -9.31 3.04 -46.83
CA TRP F 684 -9.47 3.76 -45.58
C TRP F 684 -10.92 3.68 -45.13
N PRO F 685 -11.19 3.25 -43.90
CA PRO F 685 -12.58 3.10 -43.45
C PRO F 685 -13.29 4.44 -43.39
N ARG F 686 -14.59 4.41 -43.66
CA ARG F 686 -15.38 5.64 -43.65
C ARG F 686 -15.42 6.29 -42.27
N CYS F 687 -15.30 5.49 -41.21
CA CYS F 687 -15.29 5.98 -39.85
C CYS F 687 -13.97 6.63 -39.46
N PHE F 688 -13.02 6.72 -40.40
CA PHE F 688 -11.77 7.42 -40.18
C PHE F 688 -11.79 8.83 -40.78
N MET F 689 -12.65 9.06 -41.78
CA MET F 689 -12.86 10.40 -42.32
C MET F 689 -14.10 11.07 -41.76
N ASN F 690 -15.11 10.32 -41.34
CA ASN F 690 -16.30 10.86 -40.69
C ASN F 690 -16.30 10.36 -39.26
N ILE F 691 -15.60 11.08 -38.39
CA ILE F 691 -15.32 10.55 -37.06
C ILE F 691 -16.57 10.45 -36.20
N GLN F 692 -17.65 11.14 -36.55
CA GLN F 692 -18.85 11.02 -35.74
C GLN F 692 -19.50 9.65 -35.86
N LEU F 693 -19.11 8.84 -36.85
CA LEU F 693 -19.54 7.45 -36.86
C LEU F 693 -18.97 6.69 -35.69
N ILE F 694 -17.80 7.09 -35.20
CA ILE F 694 -17.28 6.57 -33.94
C ILE F 694 -18.00 7.28 -32.80
N SER F 695 -18.48 6.52 -31.86
CA SER F 695 -19.23 7.30 -30.89
C SER F 695 -18.44 7.48 -29.60
N PRO F 696 -18.61 8.60 -28.92
CA PRO F 696 -17.92 8.79 -27.64
C PRO F 696 -18.43 7.90 -26.54
N ILE F 697 -19.61 7.30 -26.69
CA ILE F 697 -20.16 6.41 -25.68
C ILE F 697 -19.70 4.98 -25.88
N ASP F 698 -19.57 4.54 -27.13
CA ASP F 698 -19.16 3.18 -27.43
C ASP F 698 -17.63 3.07 -27.50
N ALA F 699 -17.00 3.86 -28.36
CA ALA F 699 -15.56 3.75 -28.65
C ALA F 699 -14.86 5.05 -28.29
N PRO F 700 -14.77 5.37 -27.00
CA PRO F 700 -14.07 6.61 -26.61
C PRO F 700 -12.60 6.61 -26.95
N ILE F 701 -11.90 5.49 -26.74
CA ILE F 701 -10.46 5.46 -27.01
C ILE F 701 -10.19 5.60 -28.49
N LEU F 702 -10.98 4.90 -29.33
CA LEU F 702 -10.82 5.06 -30.77
C LEU F 702 -11.12 6.47 -31.22
N ARG F 703 -12.18 7.07 -30.67
CA ARG F 703 -12.50 8.46 -31.03
C ARG F 703 -11.35 9.39 -30.68
N GLN F 704 -10.78 9.23 -29.48
CA GLN F 704 -9.70 10.10 -29.05
C GLN F 704 -8.45 9.88 -29.89
N TRP F 705 -8.13 8.63 -30.21
CA TRP F 705 -6.94 8.35 -31.01
C TRP F 705 -7.11 8.91 -32.42
N ALA F 706 -8.31 8.82 -32.98
CA ALA F 706 -8.56 9.40 -34.30
C ALA F 706 -8.39 10.90 -34.27
N GLU F 707 -8.92 11.58 -33.25
CA GLU F 707 -8.73 13.02 -33.14
C GLU F 707 -7.26 13.37 -33.01
N ILE F 708 -6.52 12.59 -32.21
CA ILE F 708 -5.08 12.84 -32.05
C ILE F 708 -4.36 12.70 -33.38
N ILE F 709 -4.71 11.68 -34.16
CA ILE F 709 -4.05 11.49 -35.46
C ILE F 709 -4.36 12.65 -36.39
N HIS F 710 -5.63 13.07 -36.44
CA HIS F 710 -5.97 14.15 -37.36
C HIS F 710 -5.38 15.48 -36.95
N ARG F 711 -5.13 15.69 -35.67
CA ARG F 711 -4.72 17.02 -35.21
C ARG F 711 -3.26 17.14 -34.80
N TYR F 712 -2.51 16.04 -34.69
CA TYR F 712 -1.15 16.13 -34.21
C TYR F 712 -0.12 15.36 -35.03
N TRP F 713 -0.53 14.74 -36.13
CA TRP F 713 0.43 14.16 -37.05
C TRP F 713 1.38 15.24 -37.56
N PRO F 714 2.66 14.92 -37.76
CA PRO F 714 3.62 15.96 -38.18
C PRO F 714 3.29 16.55 -39.54
N ASN F 715 3.79 17.78 -39.77
CA ASN F 715 3.50 18.58 -40.95
C ASN F 715 4.71 18.67 -41.87
N PRO F 716 4.52 18.60 -43.18
CA PRO F 716 5.65 18.69 -44.10
C PRO F 716 6.19 20.11 -44.24
N SER F 717 7.43 20.19 -44.69
CA SER F 717 8.15 21.46 -44.88
C SER F 717 9.16 21.26 -46.00
N GLN F 718 10.13 22.16 -46.10
CA GLN F 718 11.11 22.09 -47.19
C GLN F 718 12.37 22.85 -46.81
N ILE F 719 13.44 22.62 -47.58
CA ILE F 719 14.77 23.08 -47.20
C ILE F 719 15.50 23.88 -48.28
N ARG F 720 15.17 23.75 -49.57
CA ARG F 720 15.77 24.58 -50.62
C ARG F 720 17.29 24.37 -50.75
N TYR F 721 17.64 23.20 -51.26
CA TYR F 721 19.04 22.86 -51.53
C TYR F 721 19.53 23.50 -52.82
N GLY F 722 20.74 23.12 -53.22
CA GLY F 722 21.24 23.30 -54.58
C GLY F 722 21.46 24.70 -55.08
N THR F 723 22.09 24.82 -56.25
CA THR F 723 22.21 26.10 -56.96
C THR F 723 22.09 25.87 -58.46
N PRO F 724 20.97 26.28 -59.06
CA PRO F 724 20.70 25.93 -60.46
C PRO F 724 21.43 26.77 -61.48
N ASN F 725 22.29 27.70 -61.07
CA ASN F 725 23.01 28.50 -62.06
C ASN F 725 23.93 27.64 -62.91
N VAL F 726 24.91 27.00 -62.27
CA VAL F 726 25.85 26.15 -62.99
C VAL F 726 25.21 24.80 -63.29
N PHE F 727 24.73 24.12 -62.26
CA PHE F 727 24.03 22.85 -62.44
C PHE F 727 22.59 23.11 -62.83
N GLY F 728 22.07 22.32 -63.75
CA GLY F 728 20.65 22.37 -64.03
C GLY F 728 19.85 21.91 -62.83
N SER F 729 18.54 22.06 -62.94
CA SER F 729 17.62 21.52 -61.94
C SER F 729 17.02 20.23 -62.49
N ALA F 730 17.13 19.15 -61.71
CA ALA F 730 16.72 17.84 -62.18
C ALA F 730 15.33 17.43 -61.73
N ASN F 731 14.76 18.09 -60.73
CA ASN F 731 13.46 17.64 -60.24
C ASN F 731 12.36 17.97 -61.24
N LEU F 732 11.40 17.06 -61.34
CA LEU F 732 10.35 17.10 -62.34
C LEU F 732 9.04 17.66 -61.80
N PHE F 733 8.54 17.11 -60.69
CA PHE F 733 7.23 17.48 -60.17
C PHE F 733 7.31 18.40 -58.97
N THR F 734 8.43 19.06 -58.76
CA THR F 734 8.56 20.14 -57.79
C THR F 734 9.26 21.30 -58.48
N PRO F 735 9.19 22.50 -57.90
CA PRO F 735 9.93 23.62 -58.48
C PRO F 735 11.43 23.36 -58.38
N PRO F 736 12.24 24.03 -59.19
CA PRO F 736 13.68 23.82 -59.10
C PRO F 736 14.23 24.39 -57.81
N GLU F 737 15.26 23.73 -57.28
CA GLU F 737 15.98 24.22 -56.10
C GLU F 737 15.09 24.18 -54.85
N VAL F 738 14.44 23.03 -54.63
CA VAL F 738 13.61 22.86 -53.45
C VAL F 738 13.55 21.38 -53.09
N LEU F 739 13.51 21.11 -51.79
CA LEU F 739 13.53 19.75 -51.27
C LEU F 739 12.39 19.61 -50.27
N LEU F 740 11.54 18.62 -50.47
CA LEU F 740 10.39 18.41 -49.61
C LEU F 740 10.78 17.53 -48.43
N LEU F 741 10.04 17.67 -47.33
CA LEU F 741 10.32 16.92 -46.12
C LEU F 741 9.02 16.48 -45.47
N PRO F 742 8.97 15.26 -44.93
CA PRO F 742 7.77 14.80 -44.23
C PRO F 742 7.66 15.29 -42.80
N ILE F 743 8.53 16.21 -42.36
CA ILE F 743 8.47 16.79 -41.02
C ILE F 743 8.89 18.24 -41.14
N ASP F 744 8.53 19.03 -40.12
CA ASP F 744 8.83 20.45 -40.15
C ASP F 744 10.29 20.70 -39.84
N HIS F 745 10.88 21.67 -40.53
CA HIS F 745 12.25 22.07 -40.30
C HIS F 745 12.29 23.47 -39.71
N GLN F 746 13.24 23.69 -38.81
CA GLN F 746 13.39 24.96 -38.12
C GLN F 746 14.85 25.16 -37.74
N PRO F 747 15.53 26.12 -38.37
CA PRO F 747 16.98 26.24 -38.17
C PRO F 747 17.32 26.60 -36.74
N ALA F 748 18.37 25.96 -36.22
CA ALA F 748 18.87 26.30 -34.91
C ALA F 748 19.53 27.68 -34.95
N ASN F 749 19.82 28.22 -33.76
CA ASN F 749 20.43 29.54 -33.66
C ASN F 749 21.61 29.56 -32.69
N VAL F 750 22.17 28.41 -32.36
CA VAL F 750 23.35 28.33 -31.50
C VAL F 750 24.18 27.13 -31.96
N THR F 751 25.48 27.36 -32.15
CA THR F 751 26.40 26.28 -32.54
C THR F 751 27.06 25.67 -31.32
N THR F 752 26.25 25.27 -30.36
CA THR F 752 26.71 24.56 -29.18
C THR F 752 25.47 24.00 -28.50
N PRO F 753 24.79 23.07 -29.16
CA PRO F 753 23.41 22.76 -28.81
C PRO F 753 23.28 22.11 -27.43
N THR F 754 22.20 22.46 -26.75
CA THR F 754 21.79 21.83 -25.52
C THR F 754 20.34 21.41 -25.66
N LEU F 755 19.90 20.49 -24.80
CA LEU F 755 18.62 19.84 -24.96
C LEU F 755 17.45 20.82 -24.82
N ASP F 756 16.37 20.54 -25.55
CA ASP F 756 15.10 21.22 -25.33
C ASP F 756 13.98 20.29 -25.80
N PHE F 757 12.75 20.62 -25.40
CA PHE F 757 11.60 19.76 -25.65
C PHE F 757 10.67 20.26 -26.73
N THR F 758 10.83 21.49 -27.22
CA THR F 758 9.81 22.12 -28.07
C THR F 758 10.01 21.72 -29.52
N ASN F 759 9.34 20.64 -29.92
CA ASN F 759 9.33 20.22 -31.32
C ASN F 759 8.22 19.20 -31.52
N GLU F 760 7.89 18.98 -32.80
CA GLU F 760 6.75 18.14 -33.12
C GLU F 760 7.01 16.67 -32.83
N LEU F 761 8.26 16.22 -32.98
CA LEU F 761 8.55 14.81 -32.71
C LEU F 761 8.53 14.48 -31.23
N THR F 762 8.72 15.48 -30.36
CA THR F 762 8.50 15.23 -28.94
C THR F 762 7.05 15.41 -28.54
N ASN F 763 6.34 16.36 -29.17
CA ASN F 763 4.92 16.48 -28.91
C ASN F 763 4.16 15.23 -29.32
N TRP F 764 4.59 14.58 -30.41
CA TRP F 764 3.95 13.34 -30.81
C TRP F 764 4.14 12.24 -29.78
N ARG F 765 5.36 12.12 -29.24
CA ARG F 765 5.60 11.14 -28.20
C ARG F 765 4.78 11.45 -26.96
N ALA F 766 4.63 12.74 -26.63
CA ALA F 766 3.81 13.11 -25.48
C ALA F 766 2.36 12.70 -25.70
N ARG F 767 1.82 12.96 -26.90
CA ARG F 767 0.44 12.57 -27.19
C ARG F 767 0.25 11.07 -27.12
N VAL F 768 1.19 10.31 -27.69
CA VAL F 768 1.08 8.85 -27.66
C VAL F 768 1.12 8.33 -26.24
N CYS F 769 2.02 8.88 -25.41
CA CYS F 769 2.08 8.42 -24.03
C CYS F 769 0.84 8.81 -23.25
N GLU F 770 0.26 9.97 -23.55
CA GLU F 770 -0.98 10.35 -22.87
C GLU F 770 -2.11 9.39 -23.21
N LEU F 771 -2.24 9.01 -24.48
CA LEU F 771 -3.33 8.10 -24.82
C LEU F 771 -3.05 6.68 -24.32
N MET F 772 -1.78 6.29 -24.23
CA MET F 772 -1.45 5.01 -23.61
C MET F 772 -1.87 5.00 -22.15
N LYS F 773 -1.56 6.09 -21.43
CA LYS F 773 -2.01 6.23 -20.05
C LYS F 773 -3.53 6.14 -19.96
N ASN F 774 -4.23 6.77 -20.90
CA ASN F 774 -5.69 6.70 -20.90
C ASN F 774 -6.17 5.25 -21.04
N LEU F 775 -5.73 4.56 -22.09
CA LEU F 775 -6.22 3.21 -22.32
C LEU F 775 -5.72 2.22 -21.28
N VAL F 776 -4.75 2.60 -20.45
CA VAL F 776 -4.44 1.79 -19.27
C VAL F 776 -5.32 2.17 -18.09
N ASP F 777 -5.82 3.40 -18.06
CA ASP F 777 -6.53 3.94 -16.90
C ASP F 777 -7.74 3.11 -16.45
N ASN F 778 -8.78 3.04 -17.27
CA ASN F 778 -10.00 2.40 -16.85
C ASN F 778 -9.78 0.91 -16.58
N GLN F 779 -10.63 0.35 -15.74
CA GLN F 779 -10.70 -1.10 -15.58
C GLN F 779 -11.60 -1.74 -16.63
N ARG F 780 -12.06 -0.95 -17.60
CA ARG F 780 -12.87 -1.48 -18.69
C ARG F 780 -12.07 -2.31 -19.67
N TYR F 781 -10.73 -2.25 -19.64
CA TYR F 781 -9.91 -2.90 -20.64
C TYR F 781 -8.89 -3.88 -20.06
N GLN F 782 -8.66 -3.86 -18.77
CA GLN F 782 -7.57 -4.60 -18.17
C GLN F 782 -7.97 -4.94 -16.76
N PRO F 783 -8.96 -5.82 -16.58
CA PRO F 783 -9.64 -5.94 -15.29
C PRO F 783 -8.84 -6.72 -14.26
N GLY F 784 -8.06 -7.70 -14.71
CA GLY F 784 -7.34 -8.52 -13.78
C GLY F 784 -6.07 -7.94 -13.19
N TRP F 785 -5.84 -6.64 -13.35
CA TRP F 785 -4.58 -6.06 -12.93
C TRP F 785 -4.67 -5.49 -11.52
N THR F 786 -3.50 -5.24 -10.95
CA THR F 786 -3.33 -4.77 -9.58
C THR F 786 -2.97 -3.28 -9.60
N GLN F 787 -3.23 -2.61 -8.49
CA GLN F 787 -2.79 -1.23 -8.34
C GLN F 787 -1.29 -1.10 -8.58
N SER F 788 -0.51 -2.10 -8.13
CA SER F 788 0.92 -2.06 -8.33
C SER F 788 1.26 -2.05 -9.83
N LEU F 789 0.67 -2.97 -10.59
CA LEU F 789 0.96 -3.04 -12.01
C LEU F 789 0.48 -1.79 -12.74
N VAL F 790 -0.68 -1.26 -12.35
CA VAL F 790 -1.19 -0.07 -13.01
C VAL F 790 -0.27 1.12 -12.74
N SER F 791 0.17 1.29 -11.50
CA SER F 791 1.05 2.40 -11.18
C SER F 791 2.41 2.23 -11.86
N SER F 792 2.90 1.00 -11.98
CA SER F 792 4.17 0.79 -12.68
C SER F 792 4.04 1.13 -14.15
N MET F 793 2.93 0.73 -14.78
CA MET F 793 2.73 1.09 -16.18
C MET F 793 2.64 2.61 -16.35
N ARG F 794 1.91 3.27 -15.45
CA ARG F 794 1.83 4.73 -15.50
C ARG F 794 3.21 5.37 -15.36
N GLY F 795 4.02 4.88 -14.41
CA GLY F 795 5.33 5.45 -14.22
C GLY F 795 6.23 5.25 -15.42
N THR F 796 6.21 4.05 -16.00
CA THR F 796 7.03 3.79 -17.16
C THR F 796 6.62 4.69 -18.33
N LEU F 797 5.32 4.87 -18.53
CA LEU F 797 4.89 5.76 -19.60
C LEU F 797 5.27 7.21 -19.33
N GLY F 798 5.01 7.69 -18.11
CA GLY F 798 5.31 9.06 -17.76
C GLY F 798 6.78 9.39 -17.75
N LYS F 799 7.65 8.38 -17.63
CA LYS F 799 9.08 8.61 -17.69
C LYS F 799 9.63 8.44 -19.09
N LEU F 800 9.11 7.48 -19.85
CA LEU F 800 9.44 7.35 -21.26
C LEU F 800 8.99 8.56 -22.05
N LYS F 801 8.00 9.29 -21.55
CA LYS F 801 7.63 10.56 -22.18
C LYS F 801 8.67 11.64 -21.94
N LEU F 802 9.42 11.55 -20.84
CA LEU F 802 10.37 12.59 -20.47
C LEU F 802 11.82 12.16 -20.66
N ILE F 803 12.06 11.02 -21.31
CA ILE F 803 13.41 10.60 -21.68
C ILE F 803 14.13 11.73 -22.42
N LYS F 804 15.44 11.82 -22.23
CA LYS F 804 16.23 12.94 -22.75
C LYS F 804 16.98 12.50 -24.00
N SER F 805 16.30 12.55 -25.13
CA SER F 805 16.88 12.20 -26.42
C SER F 805 17.20 13.45 -27.22
N MET F 806 18.26 13.35 -28.03
CA MET F 806 18.63 14.41 -28.95
C MET F 806 18.13 14.15 -30.35
N THR F 807 17.45 13.04 -30.59
CA THR F 807 17.05 12.65 -31.93
C THR F 807 15.96 13.56 -32.51
N PRO F 808 14.91 13.91 -31.75
CA PRO F 808 13.92 14.84 -32.32
C PRO F 808 14.49 16.21 -32.61
N MET F 809 15.26 16.77 -31.68
CA MET F 809 15.99 18.01 -31.93
C MET F 809 16.82 17.90 -33.19
N TYR F 810 17.54 16.79 -33.34
CA TYR F 810 18.36 16.58 -34.52
C TYR F 810 17.54 16.60 -35.79
N LEU F 811 16.50 15.78 -35.85
CA LEU F 811 15.67 15.68 -37.04
C LEU F 811 15.01 17.01 -37.38
N GLN F 812 14.77 17.86 -36.38
CA GLN F 812 14.21 19.17 -36.69
C GLN F 812 15.28 20.12 -37.23
N GLN F 813 16.42 20.20 -36.57
CA GLN F 813 17.36 21.29 -36.80
C GLN F 813 18.48 20.94 -37.76
N LEU F 814 19.11 19.78 -37.61
CA LEU F 814 20.36 19.49 -38.31
C LEU F 814 20.22 18.51 -39.47
N ALA F 815 19.29 17.56 -39.40
CA ALA F 815 19.20 16.55 -40.45
C ALA F 815 18.87 17.14 -41.81
N PRO F 816 17.87 18.00 -41.95
CA PRO F 816 17.62 18.62 -43.26
C PRO F 816 18.79 19.41 -43.82
N VAL F 817 19.59 20.04 -42.97
CA VAL F 817 20.77 20.73 -43.47
C VAL F 817 21.74 19.74 -44.09
N GLU F 818 21.89 18.58 -43.46
CA GLU F 818 22.76 17.54 -44.00
C GLU F 818 22.22 17.00 -45.31
N LEU F 819 20.90 16.83 -45.40
CA LEU F 819 20.30 16.38 -46.65
C LEU F 819 20.53 17.40 -47.76
N ALA F 820 20.42 18.68 -47.43
CA ALA F 820 20.62 19.72 -48.44
C ALA F 820 22.08 19.82 -48.85
N VAL F 821 23.00 19.48 -47.95
CA VAL F 821 24.42 19.50 -48.32
C VAL F 821 24.79 18.25 -49.11
N ILE F 822 24.08 17.15 -48.91
CA ILE F 822 24.40 15.92 -49.61
C ILE F 822 23.76 15.86 -50.99
N ALA F 823 22.60 16.48 -51.17
CA ALA F 823 21.85 16.33 -52.41
C ALA F 823 22.62 16.79 -53.65
N PRO F 824 23.25 17.95 -53.69
CA PRO F 824 23.88 18.39 -54.94
C PRO F 824 25.03 17.51 -55.41
N MET F 825 25.66 16.75 -54.52
CA MET F 825 26.81 15.91 -54.87
C MET F 825 26.39 14.46 -55.00
N LEU F 826 25.21 14.21 -55.56
CA LEU F 826 24.57 12.92 -55.55
C LEU F 826 24.45 12.39 -56.97
N PRO F 827 24.92 11.17 -57.25
CA PRO F 827 24.94 10.69 -58.65
C PRO F 827 23.57 10.42 -59.23
N PHE F 828 22.53 10.35 -58.40
CA PHE F 828 21.16 10.16 -58.86
C PHE F 828 20.33 11.23 -58.15
N PRO F 829 19.92 12.28 -58.86
CA PRO F 829 19.29 13.43 -58.19
C PRO F 829 17.98 13.03 -57.54
N PRO F 830 17.51 13.81 -56.57
CA PRO F 830 16.26 13.45 -55.89
C PRO F 830 15.08 13.46 -56.84
N PHE F 831 14.16 12.52 -56.62
CA PHE F 831 12.96 12.39 -57.44
C PHE F 831 11.79 12.28 -56.48
N GLN F 832 11.08 13.37 -56.26
CA GLN F 832 10.06 13.45 -55.24
C GLN F 832 8.69 13.75 -55.84
N VAL F 833 7.66 13.39 -55.07
CA VAL F 833 6.30 13.85 -55.30
C VAL F 833 5.79 14.45 -53.99
N PRO F 834 4.72 15.22 -54.03
CA PRO F 834 4.29 15.96 -52.85
C PRO F 834 3.93 15.04 -51.69
N TYR F 835 4.10 15.56 -50.47
CA TYR F 835 3.70 14.87 -49.25
C TYR F 835 2.34 15.39 -48.83
N VAL F 836 1.31 14.57 -49.04
CA VAL F 836 -0.02 14.87 -48.53
C VAL F 836 -0.13 14.28 -47.14
N ARG F 837 -0.58 15.10 -46.18
CA ARG F 837 -0.50 14.70 -44.78
C ARG F 837 -1.56 13.67 -44.42
N LEU F 838 -2.84 14.04 -44.51
CA LEU F 838 -3.92 13.18 -44.08
C LEU F 838 -5.09 13.13 -45.04
N ASP F 839 -5.04 13.81 -46.17
CA ASP F 839 -6.19 13.84 -47.07
C ASP F 839 -6.15 12.66 -48.04
N ARG F 840 -7.32 12.05 -48.24
CA ARG F 840 -7.45 10.88 -49.09
C ARG F 840 -7.50 11.23 -50.57
N ASP F 841 -7.70 12.49 -50.91
CA ASP F 841 -7.93 12.88 -52.30
C ASP F 841 -6.66 13.23 -53.04
N ARG F 842 -5.55 13.44 -52.35
CA ARG F 842 -4.32 13.86 -52.98
C ARG F 842 -3.20 12.84 -52.88
N VAL F 843 -3.46 11.67 -52.30
CA VAL F 843 -2.43 10.63 -52.22
C VAL F 843 -2.12 10.13 -53.62
N PRO F 844 -0.86 10.15 -54.06
CA PRO F 844 -0.55 9.70 -55.42
C PRO F 844 -0.69 8.20 -55.56
N THR F 845 -1.34 7.77 -56.64
CA THR F 845 -1.63 6.37 -56.86
C THR F 845 -0.81 5.74 -57.98
N MET F 846 0.02 6.50 -58.67
CA MET F 846 0.88 5.93 -59.70
C MET F 846 1.91 6.97 -60.12
N VAL F 847 2.94 6.50 -60.81
CA VAL F 847 3.90 7.35 -61.49
C VAL F 847 4.30 6.66 -62.78
N GLY F 848 3.93 7.24 -63.91
CA GLY F 848 4.15 6.57 -65.17
C GLY F 848 5.12 7.28 -66.10
N VAL F 849 5.73 6.52 -67.00
CA VAL F 849 6.63 7.08 -68.01
C VAL F 849 6.21 6.53 -69.36
N THR F 850 6.24 7.39 -70.37
CA THR F 850 5.90 7.00 -71.73
C THR F 850 7.13 7.10 -72.61
N ARG F 851 7.17 6.27 -73.65
CA ARG F 851 8.25 6.37 -74.62
C ARG F 851 7.78 6.15 -76.06
N GLN F 852 6.50 6.31 -76.33
CA GLN F 852 5.99 6.16 -77.69
C GLN F 852 4.52 6.54 -77.73
N SER F 853 4.07 6.94 -78.92
CA SER F 853 2.67 7.28 -79.14
C SER F 853 1.85 6.01 -79.34
N ARG F 854 0.55 6.13 -79.55
CA ARG F 854 -0.33 4.99 -79.43
C ARG F 854 -0.89 4.49 -80.76
N ASP F 855 -1.71 5.28 -81.46
CA ASP F 855 -2.21 4.85 -82.75
C ASP F 855 -1.87 5.83 -83.86
N THR F 856 -2.37 7.05 -83.76
CA THR F 856 -2.07 8.14 -84.67
C THR F 856 -1.93 9.45 -83.92
N ILE F 857 -2.36 9.51 -82.66
CA ILE F 857 -2.35 10.74 -81.89
C ILE F 857 -0.89 11.14 -81.67
N THR F 858 -0.47 12.21 -82.35
CA THR F 858 0.92 12.62 -82.36
C THR F 858 1.30 13.50 -81.19
N GLN F 859 0.34 14.06 -80.51
CA GLN F 859 0.63 14.99 -79.44
C GLN F 859 0.81 14.23 -78.13
N PRO F 860 1.93 14.41 -77.44
CA PRO F 860 2.19 13.60 -76.23
C PRO F 860 1.16 13.78 -75.15
N ALA F 861 0.53 14.95 -75.06
CA ALA F 861 -0.40 15.20 -73.97
C ALA F 861 -1.65 14.34 -74.07
N LEU F 862 -1.92 13.76 -75.24
CA LEU F 862 -3.11 12.94 -75.43
C LEU F 862 -2.85 11.45 -75.34
N SER F 863 -1.60 11.01 -75.54
CA SER F 863 -1.25 9.61 -75.41
C SER F 863 -0.49 9.29 -74.14
N LEU F 864 -0.12 10.30 -73.35
CA LEU F 864 0.62 10.04 -72.13
C LEU F 864 -0.21 9.28 -71.11
N SER F 865 -1.54 9.41 -71.17
CA SER F 865 -2.39 8.74 -70.19
C SER F 865 -2.72 7.31 -70.57
N THR F 866 -2.41 6.88 -71.78
CA THR F 866 -2.74 5.54 -72.22
C THR F 866 -1.58 4.78 -72.84
N THR F 867 -0.38 5.35 -72.86
CA THR F 867 0.80 4.61 -73.31
C THR F 867 1.96 4.80 -72.34
N ASN F 868 1.70 4.64 -71.04
CA ASN F 868 2.75 4.80 -70.05
C ASN F 868 2.96 3.49 -69.29
N THR F 869 4.03 3.47 -68.49
CA THR F 869 4.37 2.34 -67.64
C THR F 869 4.55 2.83 -66.21
N THR F 870 4.01 2.09 -65.26
CA THR F 870 4.09 2.49 -63.86
C THR F 870 5.45 2.12 -63.27
N VAL F 871 5.98 3.00 -62.44
CA VAL F 871 7.26 2.77 -61.78
C VAL F 871 7.04 2.85 -60.27
N GLY F 872 7.99 2.29 -59.53
CA GLY F 872 7.92 2.33 -58.09
C GLY F 872 7.98 0.95 -57.46
N VAL F 873 8.37 0.89 -56.19
CA VAL F 873 8.47 -0.38 -55.48
C VAL F 873 8.61 -0.12 -53.99
N PRO F 874 7.87 -0.82 -53.14
CA PRO F 874 8.01 -0.61 -51.69
C PRO F 874 9.32 -1.19 -51.18
N LEU F 875 9.71 -0.72 -49.99
CA LEU F 875 10.92 -1.18 -49.32
C LEU F 875 10.63 -1.26 -47.83
N ALA F 876 10.75 -2.46 -47.27
CA ALA F 876 10.39 -2.68 -45.88
C ALA F 876 11.47 -2.18 -44.94
N LEU F 877 11.06 -1.82 -43.73
CA LEU F 877 11.98 -1.34 -42.70
C LEU F 877 11.63 -2.02 -41.38
N ASP F 878 12.28 -1.57 -40.30
CA ASP F 878 12.15 -2.22 -39.00
C ASP F 878 11.71 -1.20 -37.96
N ALA F 879 10.49 -1.37 -37.45
CA ALA F 879 9.93 -0.42 -36.50
C ALA F 879 10.72 -0.41 -35.21
N ARG F 880 11.21 -1.58 -34.75
CA ARG F 880 11.98 -1.62 -33.52
C ARG F 880 13.27 -0.82 -33.65
N ALA F 881 13.96 -0.96 -34.77
CA ALA F 881 15.18 -0.20 -34.99
C ALA F 881 14.90 1.29 -35.05
N ILE F 882 13.86 1.68 -35.80
CA ILE F 882 13.55 3.10 -35.93
C ILE F 882 13.18 3.69 -34.58
N THR F 883 12.43 2.96 -33.77
CA THR F 883 11.98 3.52 -32.50
C THR F 883 13.10 3.56 -31.48
N VAL F 884 13.99 2.56 -31.46
CA VAL F 884 15.11 2.66 -30.55
C VAL F 884 16.02 3.82 -30.96
N ALA F 885 16.16 4.06 -32.26
CA ALA F 885 16.93 5.21 -32.71
C ALA F 885 16.28 6.52 -32.27
N LEU F 886 14.96 6.59 -32.37
CA LEU F 886 14.27 7.81 -31.93
C LEU F 886 14.37 8.00 -30.42
N LEU F 887 14.40 6.91 -29.65
CA LEU F 887 14.40 7.05 -28.20
C LEU F 887 15.77 7.31 -27.63
N SER F 888 16.84 6.81 -28.25
CA SER F 888 18.18 6.96 -27.69
C SER F 888 19.06 7.73 -28.68
N GLY F 889 19.22 9.03 -28.45
CA GLY F 889 20.13 9.84 -29.23
C GLY F 889 21.08 10.59 -28.33
N LYS F 890 22.14 11.11 -28.93
CA LYS F 890 23.17 11.73 -28.11
C LYS F 890 24.14 12.51 -28.98
N TYR F 891 24.65 13.61 -28.44
CA TYR F 891 25.70 14.41 -29.02
C TYR F 891 27.00 14.22 -28.24
N PRO F 892 28.15 14.42 -28.87
CA PRO F 892 29.39 14.42 -28.12
C PRO F 892 29.45 15.63 -27.21
N PRO F 893 30.11 15.51 -26.05
CA PRO F 893 30.13 16.63 -25.10
C PRO F 893 30.89 17.85 -25.61
N ASP F 894 31.76 17.67 -26.61
CA ASP F 894 32.55 18.76 -27.16
C ASP F 894 31.98 19.24 -28.49
N LEU F 895 30.66 19.27 -28.63
CA LEU F 895 30.05 19.57 -29.92
C LEU F 895 30.01 21.07 -30.15
N VAL F 896 30.76 21.54 -31.13
CA VAL F 896 30.60 22.87 -31.70
C VAL F 896 30.23 22.69 -33.15
N THR F 897 29.04 23.15 -33.52
CA THR F 897 28.41 22.74 -34.77
C THR F 897 29.21 23.19 -35.99
N ASN F 898 29.63 24.45 -36.00
CA ASN F 898 30.33 24.96 -37.18
C ASN F 898 31.66 24.25 -37.36
N VAL F 899 32.39 24.02 -36.28
CA VAL F 899 33.68 23.34 -36.39
C VAL F 899 33.49 21.89 -36.82
N TRP F 900 32.42 21.25 -36.35
CA TRP F 900 32.16 19.87 -36.75
C TRP F 900 31.90 19.80 -38.24
N TYR F 901 30.93 20.57 -38.73
CA TYR F 901 30.57 20.44 -40.13
C TYR F 901 31.65 20.96 -41.06
N ALA F 902 32.46 21.94 -40.61
CA ALA F 902 33.45 22.53 -41.49
C ALA F 902 34.47 21.52 -41.98
N ASP F 903 34.76 20.49 -41.20
CA ASP F 903 35.66 19.44 -41.64
C ASP F 903 34.97 18.11 -41.87
N ALA F 904 33.70 17.97 -41.49
CA ALA F 904 32.97 16.77 -41.92
C ALA F 904 32.54 16.88 -43.38
N ILE F 905 32.21 18.10 -43.83
CA ILE F 905 31.67 18.30 -45.17
C ILE F 905 32.75 18.52 -46.21
N TYR F 906 33.97 18.85 -45.80
CA TYR F 906 35.02 19.21 -46.76
C TYR F 906 35.38 18.08 -47.72
N PRO F 907 35.68 16.86 -47.26
CA PRO F 907 36.23 15.86 -48.19
C PRO F 907 35.30 15.45 -49.31
N MET F 908 34.00 15.73 -49.23
CA MET F 908 33.10 15.34 -50.30
C MET F 908 32.97 16.39 -51.39
N TYR F 909 33.42 17.62 -51.14
CA TYR F 909 33.45 18.66 -52.16
C TYR F 909 34.82 18.83 -52.76
N ALA F 910 35.74 17.89 -52.53
CA ALA F 910 37.04 17.90 -53.16
C ALA F 910 37.12 16.98 -54.37
N ASP F 911 36.15 16.10 -54.56
CA ASP F 911 36.07 15.29 -55.77
C ASP F 911 35.11 15.94 -56.77
N THR F 912 35.37 15.69 -58.05
CA THR F 912 34.70 16.41 -59.13
C THR F 912 33.91 15.49 -60.03
N GLU F 913 33.37 14.38 -59.49
CA GLU F 913 32.58 13.48 -60.31
C GLU F 913 31.25 14.12 -60.73
N VAL F 914 30.75 15.08 -59.96
CA VAL F 914 29.46 15.68 -60.27
C VAL F 914 29.54 16.47 -61.57
N PHE F 915 30.66 17.14 -61.81
CA PHE F 915 30.80 17.92 -63.04
C PHE F 915 30.88 17.02 -64.26
N SER F 916 31.49 15.84 -64.12
CA SER F 916 31.56 14.91 -65.23
C SER F 916 30.25 14.17 -65.43
N ASN F 917 29.37 14.15 -64.43
CA ASN F 917 28.07 13.54 -64.65
C ASN F 917 27.15 14.37 -65.56
N LEU F 918 27.56 15.55 -66.02
CA LEU F 918 26.72 16.38 -66.87
C LEU F 918 26.95 16.13 -68.35
N GLN F 919 28.19 15.87 -68.75
CA GLN F 919 28.47 15.60 -70.14
C GLN F 919 27.81 14.31 -70.60
N ARG F 920 27.63 13.36 -69.66
CA ARG F 920 26.86 12.16 -69.97
C ARG F 920 25.42 12.52 -70.36
N ASP F 921 24.81 13.47 -69.65
CA ASP F 921 23.46 13.89 -70.00
C ASP F 921 23.43 14.60 -71.35
N VAL F 922 24.46 15.41 -71.62
CA VAL F 922 24.57 16.05 -72.93
C VAL F 922 24.54 15.00 -74.03
N ILE F 923 25.39 13.97 -73.89
CA ILE F 923 25.47 12.97 -74.94
C ILE F 923 24.19 12.15 -75.03
N THR F 924 23.51 11.94 -73.90
CA THR F 924 22.23 11.23 -73.93
C THR F 924 21.21 11.99 -74.77
N CYS F 925 21.07 13.29 -74.51
CA CYS F 925 20.12 14.10 -75.28
C CYS F 925 20.50 14.15 -76.75
N GLU F 926 21.79 14.30 -77.04
CA GLU F 926 22.25 14.31 -78.43
C GLU F 926 21.89 13.01 -79.13
N ALA F 927 22.08 11.87 -78.46
CA ALA F 927 21.78 10.59 -79.06
C ALA F 927 20.29 10.44 -79.34
N VAL F 928 19.45 10.84 -78.38
CA VAL F 928 18.01 10.73 -78.59
C VAL F 928 17.57 11.57 -79.78
N GLN F 929 18.06 12.80 -79.86
CA GLN F 929 17.65 13.66 -80.96
C GLN F 929 18.17 13.14 -82.30
N THR F 930 19.40 12.61 -82.31
CA THR F 930 19.94 12.07 -83.56
C THR F 930 19.13 10.88 -84.05
N LEU F 931 18.74 9.99 -83.13
CA LEU F 931 17.90 8.86 -83.53
C LEU F 931 16.56 9.33 -84.08
N VAL F 932 15.94 10.30 -83.40
CA VAL F 932 14.64 10.80 -83.86
C VAL F 932 14.76 11.43 -85.24
N THR F 933 15.87 12.11 -85.51
CA THR F 933 16.02 12.77 -86.79
C THR F 933 16.40 11.81 -87.91
N LEU F 934 17.09 10.72 -87.59
CA LEU F 934 17.50 9.79 -88.63
C LEU F 934 16.38 8.82 -88.99
N VAL F 935 15.64 8.31 -88.01
CA VAL F 935 14.63 7.30 -88.33
C VAL F 935 13.50 7.90 -89.16
N ALA F 936 13.28 9.21 -89.06
CA ALA F 936 12.25 9.85 -89.86
C ALA F 936 12.59 9.84 -91.34
N GLN F 937 13.85 9.60 -91.69
CA GLN F 937 14.24 9.59 -93.10
C GLN F 937 13.77 8.33 -93.80
N ILE F 938 13.59 7.23 -93.06
CA ILE F 938 13.15 5.98 -93.65
C ILE F 938 11.75 5.58 -93.23
N SER F 939 11.22 6.15 -92.16
CA SER F 939 9.86 5.82 -91.72
C SER F 939 8.99 7.07 -91.77
N GLU F 940 7.78 6.95 -91.23
CA GLU F 940 6.83 8.06 -91.15
C GLU F 940 6.61 8.36 -89.67
N THR F 941 7.28 9.40 -89.17
CA THR F 941 7.14 9.83 -87.80
C THR F 941 6.25 11.06 -87.73
N GLN F 942 6.01 11.54 -86.52
CA GLN F 942 5.21 12.73 -86.29
C GLN F 942 6.07 13.96 -86.06
N TYR F 943 7.29 13.96 -86.54
CA TYR F 943 8.13 15.12 -86.34
C TYR F 943 8.39 15.82 -87.66
N PRO F 944 8.36 17.15 -87.69
CA PRO F 944 8.63 17.89 -88.94
C PRO F 944 10.12 17.89 -89.23
N VAL F 945 10.50 17.30 -90.36
CA VAL F 945 11.89 17.29 -90.80
C VAL F 945 11.91 17.41 -92.31
N ASP F 946 13.01 17.92 -92.84
CA ASP F 946 13.19 18.03 -94.27
C ASP F 946 13.80 16.75 -94.82
N ARG F 947 13.42 16.40 -96.04
CA ARG F 947 13.79 15.12 -96.66
C ARG F 947 14.54 15.42 -97.95
N TYR F 948 15.87 15.29 -97.90
CA TYR F 948 16.69 15.49 -99.09
C TYR F 948 16.91 14.20 -99.85
N LEU F 949 17.15 13.11 -99.15
CA LEU F 949 17.47 11.83 -99.78
C LEU F 949 16.22 11.04 -100.10
N ASP F 950 15.28 11.66 -100.82
CA ASP F 950 14.09 10.97 -101.28
C ASP F 950 14.26 10.35 -102.65
N TRP F 951 15.21 10.82 -103.45
CA TRP F 951 15.45 10.25 -104.76
C TRP F 951 16.20 8.94 -104.69
N ILE F 952 16.82 8.61 -103.56
CA ILE F 952 17.50 7.34 -103.37
C ILE F 952 16.46 6.26 -103.13
N PRO F 953 16.60 5.08 -103.74
CA PRO F 953 15.63 4.01 -103.50
C PRO F 953 15.68 3.54 -102.06
N SER F 954 14.51 3.15 -101.56
CA SER F 954 14.42 2.65 -100.19
C SER F 954 13.25 1.68 -100.10
N LEU F 955 13.34 0.78 -99.13
CA LEU F 955 12.33 -0.26 -98.97
C LEU F 955 11.25 0.21 -98.01
N ARG F 956 10.13 -0.50 -98.04
CA ARG F 956 9.02 -0.22 -97.13
C ARG F 956 9.38 -0.83 -95.78
N ALA F 957 9.91 -0.02 -94.89
CA ALA F 957 10.48 -0.51 -93.64
C ALA F 957 9.40 -0.78 -92.61
N SER F 958 9.63 -1.81 -91.80
CA SER F 958 8.74 -2.19 -90.72
C SER F 958 9.42 -1.92 -89.37
N ALA F 959 8.76 -2.35 -88.29
CA ALA F 959 9.31 -2.12 -86.97
C ALA F 959 10.66 -2.82 -86.79
N ALA F 960 10.82 -4.00 -87.38
CA ALA F 960 12.10 -4.70 -87.27
C ALA F 960 13.20 -3.94 -87.98
N THR F 961 12.91 -3.41 -89.18
CA THR F 961 13.91 -2.63 -89.90
C THR F 961 14.29 -1.38 -89.11
N ALA F 962 13.29 -0.69 -88.54
CA ALA F 962 13.59 0.50 -87.75
C ALA F 962 14.45 0.14 -86.54
N ALA F 963 14.15 -0.98 -85.88
CA ALA F 963 14.94 -1.39 -84.72
C ALA F 963 16.38 -1.70 -85.11
N THR F 964 16.57 -2.37 -86.23
CA THR F 964 17.92 -2.67 -86.69
C THR F 964 18.70 -1.39 -86.98
N PHE F 965 18.09 -0.47 -87.73
CA PHE F 965 18.75 0.80 -88.05
C PHE F 965 19.10 1.57 -86.78
N ALA F 966 18.20 1.57 -85.80
CA ALA F 966 18.49 2.24 -84.54
C ALA F 966 19.64 1.57 -83.81
N GLU F 967 19.74 0.24 -83.90
CA GLU F 967 20.88 -0.44 -83.29
C GLU F 967 22.19 0.02 -83.91
N TRP F 968 22.21 0.16 -85.24
CA TRP F 968 23.43 0.63 -85.89
C TRP F 968 23.78 2.05 -85.45
N VAL F 969 22.77 2.92 -85.36
CA VAL F 969 23.01 4.29 -84.89
C VAL F 969 23.60 4.28 -83.50
N ASN F 970 23.01 3.50 -82.60
CA ASN F 970 23.48 3.41 -81.23
C ASN F 970 24.93 2.93 -81.17
N THR F 971 25.26 1.89 -81.94
CA THR F 971 26.60 1.34 -81.89
C THR F 971 27.62 2.34 -82.39
N SER F 972 27.32 3.04 -83.49
CA SER F 972 28.27 4.01 -84.00
C SER F 972 28.45 5.18 -83.03
N MET F 973 27.35 5.62 -82.39
CA MET F 973 27.45 6.73 -81.47
C MET F 973 28.09 6.36 -80.14
N LYS F 974 28.19 5.07 -79.83
CA LYS F 974 28.99 4.67 -78.68
C LYS F 974 30.46 4.54 -79.05
N THR F 975 30.75 3.94 -80.21
CA THR F 975 32.12 3.82 -80.68
C THR F 975 32.78 5.20 -80.78
N ALA F 976 32.14 6.14 -81.45
CA ALA F 976 32.50 7.52 -81.23
C ALA F 976 32.08 7.92 -79.82
N PHE F 977 32.88 8.76 -79.18
CA PHE F 977 32.74 9.21 -77.80
C PHE F 977 33.16 8.15 -76.79
N ASP F 978 33.39 6.90 -77.19
CA ASP F 978 34.16 5.94 -76.39
C ASP F 978 33.50 5.69 -75.02
N LEU F 979 32.30 5.12 -75.06
CA LEU F 979 31.65 4.68 -73.85
C LEU F 979 31.02 3.31 -74.10
N SER F 980 31.16 2.42 -73.13
CA SER F 980 30.85 1.02 -73.32
C SER F 980 29.55 0.56 -72.70
N ASP F 981 28.95 1.34 -71.81
CA ASP F 981 27.75 0.92 -71.12
C ASP F 981 26.52 1.29 -71.95
N MET F 982 25.33 1.19 -71.36
CA MET F 982 24.11 1.45 -72.09
C MET F 982 24.04 2.90 -72.54
N LEU F 983 23.42 3.11 -73.71
CA LEU F 983 23.11 4.44 -74.21
C LEU F 983 22.09 4.26 -75.32
N LEU F 984 20.93 4.91 -75.19
CA LEU F 984 19.86 4.86 -76.18
C LEU F 984 19.19 3.49 -76.23
N GLU F 985 19.60 2.54 -75.40
CA GLU F 985 19.03 1.19 -75.35
C GLU F 985 17.68 1.13 -74.63
N PRO F 986 17.44 1.89 -73.55
CA PRO F 986 16.09 1.92 -72.97
C PRO F 986 15.00 2.29 -73.96
N LEU F 987 15.31 3.09 -74.99
CA LEU F 987 14.31 3.45 -75.98
C LEU F 987 14.13 2.39 -77.06
N LEU F 988 15.07 1.47 -77.20
CA LEU F 988 15.02 0.51 -78.29
C LEU F 988 14.12 -0.69 -78.01
N SER F 989 13.60 -0.83 -76.80
CA SER F 989 12.74 -1.97 -76.50
C SER F 989 11.44 -1.88 -77.29
N GLY F 990 10.82 -0.71 -77.34
CA GLY F 990 9.65 -0.49 -78.18
C GLY F 990 10.05 -0.36 -79.63
N ASP F 991 9.24 0.38 -80.40
CA ASP F 991 9.82 0.65 -81.72
C ASP F 991 10.17 2.13 -81.85
N PRO F 992 11.32 2.44 -82.41
CA PRO F 992 11.75 3.84 -82.53
C PRO F 992 11.19 4.56 -83.75
N ARG F 993 9.87 4.43 -83.96
CA ARG F 993 9.20 5.17 -85.01
C ARG F 993 8.23 6.21 -84.48
N MET F 994 7.84 6.13 -83.21
CA MET F 994 6.92 7.09 -82.62
C MET F 994 7.40 7.46 -81.22
N THR F 995 8.69 7.73 -81.08
CA THR F 995 9.28 7.96 -79.78
C THR F 995 8.82 9.30 -79.20
N GLN F 996 8.81 9.36 -77.87
CA GLN F 996 8.45 10.57 -77.14
C GLN F 996 8.74 10.34 -75.68
N LEU F 997 9.24 11.36 -74.99
CA LEU F 997 9.59 11.26 -73.58
C LEU F 997 8.65 12.14 -72.76
N ALA F 998 8.04 11.55 -71.75
CA ALA F 998 7.11 12.26 -70.89
C ALA F 998 6.90 11.45 -69.62
N ILE F 999 6.35 12.10 -68.60
CA ILE F 999 6.15 11.47 -67.29
C ILE F 999 4.97 12.16 -66.61
N GLN F 1000 4.35 11.46 -65.67
CA GLN F 1000 3.20 12.00 -64.96
C GLN F 1000 2.92 11.17 -63.73
N TYR F 1001 2.23 11.78 -62.77
CA TYR F 1001 1.61 11.04 -61.69
C TYR F 1001 0.15 11.46 -61.57
N GLN F 1002 -0.60 10.67 -60.80
CA GLN F 1002 -2.03 10.84 -60.68
C GLN F 1002 -2.43 10.77 -59.21
N GLN F 1003 -3.34 11.66 -58.82
CA GLN F 1003 -3.83 11.67 -57.44
C GLN F 1003 -4.99 10.68 -57.29
N TYR F 1004 -5.50 10.58 -56.07
CA TYR F 1004 -6.63 9.71 -55.83
C TYR F 1004 -7.89 10.23 -56.52
N ASN F 1005 -7.99 11.54 -56.71
CA ASN F 1005 -9.17 12.11 -57.37
C ASN F 1005 -9.26 11.65 -58.82
N GLY F 1006 -8.11 11.45 -59.47
CA GLY F 1006 -8.05 11.31 -60.90
C GLY F 1006 -7.39 12.49 -61.58
N ARG F 1007 -6.99 13.50 -60.82
CA ARG F 1007 -6.29 14.65 -61.37
C ARG F 1007 -4.84 14.28 -61.63
N THR F 1008 -4.41 14.40 -62.88
CA THR F 1008 -3.09 13.95 -63.30
C THR F 1008 -2.20 15.12 -63.65
N PHE F 1009 -0.96 15.06 -63.18
CA PHE F 1009 0.05 16.09 -63.45
C PHE F 1009 1.12 15.48 -64.34
N ASN F 1010 1.32 16.05 -65.51
CA ASN F 1010 2.30 15.52 -66.44
C ASN F 1010 3.40 16.56 -66.69
N VAL F 1011 4.58 16.05 -67.07
CA VAL F 1011 5.73 16.88 -67.39
C VAL F 1011 6.27 16.41 -68.73
N ILE F 1012 6.27 17.31 -69.71
CA ILE F 1012 6.72 17.01 -71.05
C ILE F 1012 7.91 17.92 -71.36
N PRO F 1013 9.13 17.42 -71.25
CA PRO F 1013 10.29 18.28 -71.47
C PRO F 1013 10.41 18.68 -72.93
N GLU F 1014 10.84 19.91 -73.15
CA GLU F 1014 11.04 20.40 -74.51
C GLU F 1014 12.34 19.86 -75.08
N MET F 1015 12.25 19.21 -76.22
CA MET F 1015 13.43 18.60 -76.81
C MET F 1015 14.40 19.68 -77.28
N PRO F 1016 15.54 19.86 -76.62
CA PRO F 1016 16.50 20.87 -77.08
C PRO F 1016 17.13 20.46 -78.40
N GLY F 1017 17.93 21.34 -78.98
CA GLY F 1017 18.55 21.04 -80.25
C GLY F 1017 19.60 19.94 -80.13
N SER F 1018 20.34 19.77 -81.23
CA SER F 1018 21.45 18.83 -81.24
C SER F 1018 22.35 19.16 -82.42
N VAL F 1019 23.59 19.55 -82.13
CA VAL F 1019 24.52 19.90 -83.19
C VAL F 1019 24.79 18.70 -84.09
N ILE F 1020 24.71 17.49 -83.54
CA ILE F 1020 25.01 16.30 -84.34
C ILE F 1020 23.92 16.07 -85.38
N ALA F 1021 22.65 16.16 -84.97
CA ALA F 1021 21.58 16.01 -85.94
C ALA F 1021 21.58 17.16 -86.94
N ASP F 1022 21.90 18.37 -86.47
CA ASP F 1022 22.00 19.50 -87.40
C ASP F 1022 23.08 19.26 -88.44
N CYS F 1023 24.24 18.76 -88.02
CA CYS F 1023 25.33 18.52 -88.95
C CYS F 1023 25.03 17.37 -89.89
N VAL F 1024 24.31 16.34 -89.40
CA VAL F 1024 23.90 15.26 -90.29
C VAL F 1024 22.96 15.78 -91.37
N GLN F 1025 22.02 16.65 -90.98
CA GLN F 1025 21.12 17.22 -91.98
C GLN F 1025 21.86 18.11 -92.96
N LEU F 1026 22.82 18.89 -92.48
CA LEU F 1026 23.63 19.71 -93.38
C LEU F 1026 24.41 18.84 -94.36
N THR F 1027 24.99 17.75 -93.86
CA THR F 1027 25.75 16.87 -94.74
C THR F 1027 24.85 16.21 -95.78
N ALA F 1028 23.61 15.87 -95.40
CA ALA F 1028 22.68 15.34 -96.39
C ALA F 1028 22.33 16.39 -97.43
N GLU F 1029 22.12 17.62 -96.99
CA GLU F 1029 21.81 18.69 -97.93
C GLU F 1029 22.96 18.95 -98.89
N VAL F 1030 24.19 18.76 -98.43
CA VAL F 1030 25.33 18.91 -99.34
C VAL F 1030 25.49 17.68 -100.23
N PHE F 1031 25.15 16.50 -99.72
CA PHE F 1031 25.17 15.30 -100.53
C PHE F 1031 24.22 15.42 -101.71
N ASN F 1032 23.08 16.08 -101.49
CA ASN F 1032 22.10 16.29 -102.54
C ASN F 1032 22.71 16.92 -103.79
N HIS F 1033 23.74 17.74 -103.64
CA HIS F 1033 24.39 18.38 -104.77
C HIS F 1033 25.74 17.79 -105.14
N GLU F 1034 26.46 17.20 -104.18
CA GLU F 1034 27.78 16.65 -104.42
C GLU F 1034 27.78 15.13 -104.29
N TYR F 1035 26.70 14.49 -104.72
CA TYR F 1035 26.60 13.04 -104.58
C TYR F 1035 27.66 12.30 -105.38
N ASN F 1036 28.15 12.89 -106.47
CA ASN F 1036 29.15 12.21 -107.28
C ASN F 1036 30.45 12.01 -106.51
N LEU F 1037 30.78 12.91 -105.58
CA LEU F 1037 32.03 12.77 -104.87
C LEU F 1037 32.06 11.55 -103.97
N PHE F 1038 30.89 11.02 -103.60
CA PHE F 1038 30.81 9.81 -102.80
C PHE F 1038 30.59 8.56 -103.67
N GLY F 1039 30.91 8.65 -104.96
CA GLY F 1039 30.78 7.51 -105.83
C GLY F 1039 29.37 7.09 -106.14
N ILE F 1040 28.41 8.01 -106.10
CA ILE F 1040 27.02 7.73 -106.38
C ILE F 1040 26.63 8.43 -107.67
N ALA F 1041 25.85 7.74 -108.49
CA ALA F 1041 25.28 8.31 -109.70
C ALA F 1041 23.79 8.53 -109.48
N ARG F 1042 23.23 9.51 -110.18
CA ARG F 1042 21.84 9.89 -110.02
C ARG F 1042 21.14 9.85 -111.37
N GLY F 1043 19.99 9.20 -111.42
CA GLY F 1043 19.21 9.12 -112.64
C GLY F 1043 18.93 7.69 -113.02
N ASP F 1044 19.10 7.36 -114.29
CA ASP F 1044 18.97 5.99 -114.74
C ASP F 1044 19.77 5.82 -116.01
N ILE F 1045 20.06 4.57 -116.35
CA ILE F 1045 20.94 4.26 -117.45
C ILE F 1045 20.11 3.87 -118.67
N ILE F 1046 20.76 3.81 -119.83
CA ILE F 1046 20.09 3.49 -121.09
C ILE F 1046 20.96 2.46 -121.80
N ILE F 1047 20.58 1.19 -121.70
CA ILE F 1047 21.30 0.13 -122.37
C ILE F 1047 21.03 0.21 -123.87
N GLY F 1048 22.08 0.23 -124.67
CA GLY F 1048 21.90 0.32 -126.10
C GLY F 1048 23.20 0.50 -126.86
N ARG F 1049 23.34 -0.21 -127.97
CA ARG F 1049 24.59 -0.19 -128.73
C ARG F 1049 24.77 1.14 -129.42
N VAL F 1050 25.98 1.70 -129.32
CA VAL F 1050 26.34 2.94 -129.99
C VAL F 1050 27.78 2.79 -130.48
N GLN F 1051 27.97 2.60 -131.78
CA GLN F 1051 29.28 2.43 -132.37
C GLN F 1051 29.66 3.68 -133.14
N SER F 1052 30.75 4.32 -132.73
CA SER F 1052 31.21 5.55 -133.36
C SER F 1052 32.67 5.76 -133.03
N THR F 1053 33.22 6.87 -133.52
CA THR F 1053 34.58 7.26 -133.21
C THR F 1053 34.65 8.49 -132.32
N HIS F 1054 33.50 9.00 -131.86
CA HIS F 1054 33.47 10.21 -131.06
C HIS F 1054 33.97 9.93 -129.65
N LEU F 1055 34.31 11.01 -128.95
CA LEU F 1055 34.98 10.92 -127.66
C LEU F 1055 34.16 11.50 -126.52
N TRP F 1056 32.85 11.64 -126.70
CA TRP F 1056 32.00 12.12 -125.62
C TRP F 1056 32.01 11.13 -124.47
N SER F 1057 32.18 11.62 -123.25
CA SER F 1057 32.23 10.73 -122.10
C SER F 1057 30.85 10.17 -121.80
N PRO F 1058 30.76 8.87 -121.47
CA PRO F 1058 29.43 8.29 -121.21
C PRO F 1058 28.75 8.86 -119.98
N LEU F 1059 29.47 9.55 -119.10
CA LEU F 1059 28.85 10.21 -117.96
C LEU F 1059 28.33 11.59 -118.31
N ALA F 1060 28.52 12.04 -119.54
CA ALA F 1060 27.99 13.33 -120.01
C ALA F 1060 27.46 13.14 -121.42
N PRO F 1061 26.47 12.26 -121.60
CA PRO F 1061 26.12 11.82 -122.94
C PRO F 1061 25.43 12.92 -123.71
N PRO F 1062 25.52 12.92 -125.03
CA PRO F 1062 24.80 13.90 -125.82
C PRO F 1062 23.30 13.69 -125.72
N PRO F 1063 22.52 14.76 -125.60
CA PRO F 1063 21.08 14.61 -125.31
C PRO F 1063 20.26 14.04 -126.46
N ASP F 1064 20.85 13.83 -127.63
CA ASP F 1064 20.05 13.37 -128.76
C ASP F 1064 19.63 11.91 -128.63
N LEU F 1065 20.40 11.10 -127.90
CA LEU F 1065 20.14 9.67 -127.82
C LEU F 1065 19.70 9.23 -126.44
N VAL F 1066 19.07 10.12 -125.69
CA VAL F 1066 18.40 9.79 -124.43
C VAL F 1066 16.92 10.09 -124.58
N PHE F 1067 16.09 9.14 -124.18
CA PHE F 1067 14.65 9.26 -124.26
C PHE F 1067 14.05 9.14 -122.87
N ASP F 1068 12.78 9.51 -122.75
CA ASP F 1068 12.07 9.40 -121.48
C ASP F 1068 10.63 9.00 -121.74
N ARG F 1069 9.82 9.02 -120.69
CA ARG F 1069 8.40 8.68 -120.83
C ARG F 1069 7.66 9.66 -121.73
N ASP F 1070 8.16 10.88 -121.86
CA ASP F 1070 7.54 11.91 -122.67
C ASP F 1070 8.09 11.93 -124.10
N THR F 1071 8.62 10.81 -124.57
CA THR F 1071 9.15 10.76 -125.92
C THR F 1071 8.18 10.05 -126.85
N PRO F 1072 7.92 10.61 -128.03
CA PRO F 1072 7.00 9.96 -128.97
C PRO F 1072 7.54 8.62 -129.43
N GLY F 1073 6.70 7.59 -129.30
CA GLY F 1073 7.08 6.26 -129.75
C GLY F 1073 7.77 5.40 -128.72
N VAL F 1074 7.64 5.72 -127.44
CA VAL F 1074 8.25 4.96 -126.37
C VAL F 1074 7.23 4.00 -125.79
N HIS F 1075 7.65 2.77 -125.50
CA HIS F 1075 6.79 1.74 -124.94
C HIS F 1075 7.15 1.57 -123.47
N ILE F 1076 6.17 1.72 -122.59
CA ILE F 1076 6.36 1.68 -121.15
C ILE F 1076 5.85 0.35 -120.63
N PHE F 1077 6.73 -0.41 -120.00
CA PHE F 1077 6.39 -1.73 -119.49
C PHE F 1077 6.31 -1.68 -117.97
N GLY F 1078 5.18 -2.08 -117.42
CA GLY F 1078 4.94 -1.98 -115.99
C GLY F 1078 4.89 -3.33 -115.32
N ARG F 1079 3.72 -3.68 -114.77
CA ARG F 1079 3.60 -4.90 -113.99
C ARG F 1079 3.17 -6.10 -114.84
N ASP F 1080 2.00 -6.00 -115.48
CA ASP F 1080 1.43 -7.16 -116.17
C ASP F 1080 2.09 -7.32 -117.54
N CYS F 1081 3.25 -7.98 -117.57
CA CYS F 1081 3.97 -8.23 -118.80
C CYS F 1081 4.10 -9.74 -119.00
N ARG F 1082 3.79 -10.20 -120.21
CA ARG F 1082 4.02 -11.57 -120.62
C ARG F 1082 4.72 -11.57 -121.97
N ILE F 1083 5.51 -12.61 -122.21
CA ILE F 1083 6.16 -12.83 -123.48
C ILE F 1083 5.47 -14.00 -124.16
N SER F 1084 5.28 -13.89 -125.48
CA SER F 1084 4.73 -14.98 -126.27
C SER F 1084 5.67 -15.23 -127.45
N PHE F 1085 6.08 -16.47 -127.61
CA PHE F 1085 7.04 -16.80 -128.64
C PHE F 1085 6.44 -16.56 -130.03
N GLY F 1086 7.31 -16.52 -131.02
CA GLY F 1086 6.90 -16.41 -132.41
C GLY F 1086 7.00 -17.77 -133.08
N MET F 1087 6.03 -18.08 -133.93
CA MET F 1087 5.91 -19.38 -134.55
C MET F 1087 5.94 -19.24 -136.07
N ASN F 1088 6.57 -20.20 -136.73
CA ASN F 1088 6.66 -20.25 -138.18
C ASN F 1088 7.41 -19.08 -138.77
N GLY F 1089 8.26 -18.42 -137.98
CA GLY F 1089 9.06 -17.32 -138.47
C GLY F 1089 8.61 -15.95 -138.04
N ALA F 1090 7.51 -15.84 -137.30
CA ALA F 1090 7.04 -14.55 -136.83
C ALA F 1090 7.82 -14.13 -135.60
N ALA F 1091 8.00 -12.82 -135.45
CA ALA F 1091 8.82 -12.31 -134.36
C ALA F 1091 8.09 -12.45 -133.03
N PRO F 1092 8.81 -12.72 -131.95
CA PRO F 1092 8.17 -12.81 -130.63
C PRO F 1092 7.60 -11.47 -130.20
N MET F 1093 6.79 -11.51 -129.15
CA MET F 1093 6.05 -10.35 -128.69
C MET F 1093 6.23 -10.18 -127.19
N ILE F 1094 5.96 -8.97 -126.72
CA ILE F 1094 5.94 -8.65 -125.31
C ILE F 1094 4.81 -7.64 -125.07
N ARG F 1095 4.23 -7.68 -123.87
CA ARG F 1095 3.00 -6.96 -123.59
C ARG F 1095 3.32 -5.61 -122.94
N ASP F 1096 2.94 -4.54 -123.65
CA ASP F 1096 2.95 -3.19 -123.13
C ASP F 1096 2.02 -3.09 -121.91
N GLU F 1097 2.12 -1.97 -121.17
CA GLU F 1097 1.15 -1.71 -120.11
C GLU F 1097 -0.27 -1.69 -120.66
N THR F 1098 -0.47 -1.01 -121.78
CA THR F 1098 -1.78 -0.83 -122.39
C THR F 1098 -2.34 -2.09 -123.02
N GLY F 1099 -1.71 -3.25 -122.86
CA GLY F 1099 -2.20 -4.47 -123.46
C GLY F 1099 -1.72 -4.75 -124.87
N MET F 1100 -0.85 -3.90 -125.41
CA MET F 1100 -0.35 -4.11 -126.76
C MET F 1100 0.82 -5.08 -126.76
N MET F 1101 1.09 -5.64 -127.93
CA MET F 1101 2.22 -6.52 -128.15
C MET F 1101 3.22 -5.82 -129.07
N VAL F 1102 4.49 -5.88 -128.72
CA VAL F 1102 5.51 -5.19 -129.50
C VAL F 1102 6.68 -6.13 -129.78
N PRO F 1103 7.25 -6.10 -130.98
CA PRO F 1103 8.44 -6.91 -131.27
C PRO F 1103 9.62 -6.47 -130.42
N PHE F 1104 10.67 -7.27 -130.45
CA PHE F 1104 11.87 -7.01 -129.65
C PHE F 1104 12.73 -5.98 -130.38
N GLU F 1105 12.34 -4.72 -130.26
CA GLU F 1105 13.08 -3.62 -130.87
C GLU F 1105 12.46 -2.30 -130.42
N GLY F 1106 13.18 -1.21 -130.65
CA GLY F 1106 12.68 0.10 -130.36
C GLY F 1106 13.28 0.73 -129.12
N ASN F 1107 12.52 1.60 -128.46
CA ASN F 1107 12.95 2.29 -127.25
C ASN F 1107 11.98 1.95 -126.13
N TRP F 1108 12.48 1.28 -125.10
CA TRP F 1108 11.63 0.77 -124.03
C TRP F 1108 12.03 1.40 -122.70
N ILE F 1109 11.18 1.17 -121.70
CA ILE F 1109 11.40 1.69 -120.35
C ILE F 1109 11.03 0.60 -119.36
N PHE F 1110 12.01 0.11 -118.60
CA PHE F 1110 11.78 -0.87 -117.56
C PHE F 1110 11.89 -0.24 -116.18
N PRO F 1111 11.00 -0.58 -115.25
CA PRO F 1111 11.37 -0.48 -113.85
C PRO F 1111 12.45 -1.51 -113.55
N LEU F 1112 13.37 -1.15 -112.67
CA LEU F 1112 14.46 -2.07 -112.36
C LEU F 1112 13.95 -3.36 -111.74
N ALA F 1113 12.87 -3.28 -110.95
CA ALA F 1113 12.38 -4.46 -110.26
C ALA F 1113 11.82 -5.49 -111.22
N LEU F 1114 11.30 -5.06 -112.37
CA LEU F 1114 10.79 -6.01 -113.37
C LEU F 1114 11.91 -6.93 -113.84
N TRP F 1115 12.99 -6.34 -114.38
CA TRP F 1115 14.16 -7.12 -114.75
C TRP F 1115 14.69 -7.92 -113.57
N GLN F 1116 14.75 -7.28 -112.39
CA GLN F 1116 15.35 -7.91 -111.23
C GLN F 1116 14.57 -9.12 -110.78
N MET F 1117 13.27 -9.17 -111.06
CA MET F 1117 12.44 -10.31 -110.73
C MET F 1117 12.39 -11.35 -111.85
N ASN F 1118 12.73 -10.97 -113.08
CA ASN F 1118 12.74 -11.92 -114.18
C ASN F 1118 14.10 -11.92 -114.87
N THR F 1119 15.17 -11.97 -114.06
CA THR F 1119 16.52 -11.74 -114.56
C THR F 1119 16.96 -12.80 -115.56
N ARG F 1120 16.63 -14.07 -115.31
CA ARG F 1120 17.16 -15.10 -116.21
C ARG F 1120 16.28 -15.33 -117.43
N TYR F 1121 14.97 -15.26 -117.27
CA TYR F 1121 14.09 -15.40 -118.42
C TYR F 1121 14.22 -14.21 -119.37
N PHE F 1122 14.65 -13.06 -118.86
CA PHE F 1122 14.84 -11.89 -119.72
C PHE F 1122 16.18 -11.91 -120.43
N ASN F 1123 17.24 -12.40 -119.77
CA ASN F 1123 18.55 -12.47 -120.41
C ASN F 1123 18.49 -13.28 -121.70
N GLN F 1124 17.95 -14.49 -121.61
CA GLN F 1124 17.87 -15.38 -122.76
C GLN F 1124 17.12 -14.75 -123.92
N GLN F 1125 16.03 -14.03 -123.61
CA GLN F 1125 15.19 -13.49 -124.66
C GLN F 1125 15.78 -12.22 -125.27
N PHE F 1126 16.42 -11.37 -124.47
CA PHE F 1126 16.75 -10.03 -124.90
C PHE F 1126 18.22 -9.82 -125.26
N ASP F 1127 19.14 -10.52 -124.61
CA ASP F 1127 20.55 -10.17 -124.77
C ASP F 1127 21.05 -10.36 -126.19
N ALA F 1128 20.40 -11.23 -126.97
CA ALA F 1128 20.80 -11.37 -128.36
C ALA F 1128 20.38 -10.18 -129.20
N TRP F 1129 19.34 -9.46 -128.78
CA TRP F 1129 18.84 -8.33 -129.53
C TRP F 1129 19.50 -7.02 -129.14
N ILE F 1130 19.85 -6.86 -127.87
CA ILE F 1130 20.55 -5.66 -127.45
C ILE F 1130 21.93 -5.59 -128.08
N LYS F 1131 22.59 -6.74 -128.24
CA LYS F 1131 23.98 -6.76 -128.66
C LYS F 1131 24.13 -6.31 -130.11
N THR F 1132 23.41 -6.92 -131.03
CA THR F 1132 23.55 -6.62 -132.44
C THR F 1132 22.18 -6.47 -133.10
N GLY F 1133 21.21 -5.93 -132.37
CA GLY F 1133 19.90 -5.72 -132.92
C GLY F 1133 19.53 -4.26 -133.03
N GLU F 1134 18.33 -3.90 -132.58
CA GLU F 1134 17.91 -2.51 -132.54
C GLU F 1134 17.14 -2.19 -131.27
N LEU F 1135 17.44 -2.90 -130.19
CA LEU F 1135 16.74 -2.74 -128.93
C LEU F 1135 17.52 -1.80 -128.02
N ARG F 1136 16.79 -0.95 -127.30
CA ARG F 1136 17.40 0.01 -126.37
C ARG F 1136 16.47 0.16 -125.18
N ILE F 1137 16.93 -0.25 -124.01
CA ILE F 1137 16.12 -0.26 -122.80
C ILE F 1137 16.66 0.78 -121.83
N ARG F 1138 15.75 1.45 -121.14
CA ARG F 1138 16.09 2.45 -120.13
C ARG F 1138 15.66 1.94 -118.76
N ILE F 1139 16.54 1.19 -118.10
CA ILE F 1139 16.25 0.72 -116.76
C ILE F 1139 16.17 1.91 -115.81
N GLU F 1140 15.15 1.91 -114.95
CA GLU F 1140 14.92 2.99 -114.00
C GLU F 1140 15.48 2.58 -112.65
N MET F 1141 16.47 3.32 -112.16
CA MET F 1141 17.14 3.00 -110.91
C MET F 1141 17.02 4.11 -109.87
N GLY F 1142 17.25 5.35 -110.26
CA GLY F 1142 17.20 6.46 -109.32
C GLY F 1142 18.50 6.79 -108.64
N ALA F 1143 19.22 5.76 -108.20
CA ALA F 1143 20.53 5.94 -107.59
C ALA F 1143 21.30 4.64 -107.73
N TYR F 1144 22.59 4.74 -107.98
CA TYR F 1144 23.38 3.54 -108.20
C TYR F 1144 24.87 3.83 -108.15
N PRO F 1145 25.68 2.96 -107.56
CA PRO F 1145 27.13 3.15 -107.61
C PRO F 1145 27.67 2.90 -109.01
N TYR F 1146 28.95 3.12 -109.23
CA TYR F 1146 29.50 2.92 -110.56
C TYR F 1146 31.01 2.71 -110.47
N MET F 1147 31.54 2.03 -111.48
CA MET F 1147 32.97 1.88 -111.69
C MET F 1147 33.35 2.57 -112.98
N LEU F 1148 34.65 2.61 -113.28
CA LEU F 1148 35.14 3.29 -114.47
C LEU F 1148 36.27 2.50 -115.09
N HIS F 1149 36.18 2.27 -116.39
CA HIS F 1149 37.22 1.59 -117.15
C HIS F 1149 37.65 2.53 -118.26
N TYR F 1150 38.89 3.01 -118.19
CA TYR F 1150 39.44 3.86 -119.23
C TYR F 1150 40.02 3.02 -120.35
N TYR F 1151 40.21 3.65 -121.51
CA TYR F 1151 40.76 2.96 -122.65
C TYR F 1151 41.47 3.94 -123.56
N ASP F 1152 42.51 3.45 -124.23
CA ASP F 1152 43.24 4.25 -125.20
C ASP F 1152 42.31 4.61 -126.34
N PRO F 1153 42.07 5.89 -126.62
CA PRO F 1153 41.06 6.26 -127.62
C PRO F 1153 41.39 5.82 -129.02
N ARG F 1154 42.65 5.53 -129.35
CA ARG F 1154 43.04 5.21 -130.71
C ARG F 1154 43.26 3.71 -130.91
N GLN F 1155 42.45 2.89 -130.25
CA GLN F 1155 42.41 1.46 -130.50
C GLN F 1155 40.99 0.97 -130.33
N TYR F 1156 40.70 -0.17 -130.94
CA TYR F 1156 39.35 -0.73 -130.86
C TYR F 1156 38.98 -1.06 -129.43
N ALA F 1157 37.75 -0.71 -129.06
CA ALA F 1157 37.24 -1.00 -127.73
C ALA F 1157 35.80 -1.47 -127.84
N ASN F 1158 35.39 -2.31 -126.90
CA ASN F 1158 34.07 -2.93 -126.96
C ASN F 1158 33.64 -3.28 -125.56
N ALA F 1159 32.56 -2.68 -125.09
CA ALA F 1159 32.11 -2.81 -123.71
C ALA F 1159 31.10 -3.93 -123.52
N TRP F 1160 30.93 -4.81 -124.50
CA TRP F 1160 29.92 -5.84 -124.35
C TRP F 1160 30.25 -6.82 -123.25
N ASN F 1161 31.53 -7.10 -123.01
CA ASN F 1161 31.87 -8.06 -121.95
C ASN F 1161 31.47 -7.52 -120.59
N LEU F 1162 31.81 -6.27 -120.31
CA LEU F 1162 31.42 -5.65 -119.04
C LEU F 1162 29.89 -5.56 -118.93
N THR F 1163 29.23 -5.11 -120.00
CA THR F 1163 27.79 -4.95 -119.94
C THR F 1163 27.08 -6.29 -119.74
N SER F 1164 27.54 -7.33 -120.44
CA SER F 1164 26.93 -8.64 -120.31
C SER F 1164 27.18 -9.21 -118.93
N ALA F 1165 28.36 -8.98 -118.36
CA ALA F 1165 28.61 -9.41 -116.99
C ALA F 1165 27.63 -8.75 -116.02
N TRP F 1166 27.42 -7.44 -116.17
CA TRP F 1166 26.50 -6.74 -115.28
C TRP F 1166 25.08 -7.28 -115.41
N LEU F 1167 24.57 -7.34 -116.65
CA LEU F 1167 23.21 -7.82 -116.88
C LEU F 1167 23.04 -9.25 -116.39
N GLU F 1168 24.03 -10.10 -116.66
CA GLU F 1168 23.98 -11.50 -116.23
C GLU F 1168 24.00 -11.62 -114.72
N GLU F 1169 24.65 -10.69 -114.02
CA GLU F 1169 24.80 -10.79 -112.58
C GLU F 1169 23.71 -10.06 -111.81
N ILE F 1170 22.82 -9.32 -112.49
CA ILE F 1170 21.64 -8.80 -111.81
C ILE F 1170 20.85 -9.96 -111.20
N THR F 1171 20.23 -9.70 -110.05
CA THR F 1171 19.63 -10.74 -109.22
C THR F 1171 18.50 -10.11 -108.42
N PRO F 1172 17.46 -10.87 -108.09
CA PRO F 1172 16.30 -10.30 -107.38
C PRO F 1172 16.63 -9.63 -106.05
N THR F 1173 17.84 -9.78 -105.51
CA THR F 1173 18.19 -9.13 -104.25
C THR F 1173 19.52 -8.40 -104.32
N SER F 1174 20.02 -8.11 -105.51
CA SER F 1174 21.32 -7.45 -105.60
C SER F 1174 21.60 -7.06 -107.04
N ILE F 1175 22.44 -6.04 -107.21
CA ILE F 1175 22.96 -5.65 -108.51
C ILE F 1175 24.42 -5.27 -108.33
N PRO F 1176 25.30 -5.67 -109.24
CA PRO F 1176 26.69 -5.19 -109.19
C PRO F 1176 26.81 -3.77 -109.69
N SER F 1177 27.91 -3.13 -109.28
CA SER F 1177 28.16 -1.74 -109.64
C SER F 1177 28.16 -1.55 -111.15
N VAL F 1178 27.62 -0.41 -111.60
CA VAL F 1178 27.41 -0.16 -113.02
C VAL F 1178 28.72 0.21 -113.69
N PRO F 1179 29.20 -0.58 -114.66
CA PRO F 1179 30.49 -0.29 -115.28
C PRO F 1179 30.39 0.64 -116.48
N PHE F 1180 31.19 1.70 -116.49
CA PHE F 1180 31.26 2.61 -117.62
C PHE F 1180 32.61 2.47 -118.32
N MET F 1181 32.66 2.93 -119.56
CA MET F 1181 33.86 2.83 -120.38
C MET F 1181 34.20 4.22 -120.91
N VAL F 1182 35.17 4.88 -120.28
CA VAL F 1182 35.46 6.28 -120.55
C VAL F 1182 36.75 6.39 -121.36
N PRO F 1183 36.84 7.32 -122.31
CA PRO F 1183 38.10 7.53 -123.02
C PRO F 1183 39.09 8.32 -122.18
N ILE F 1184 40.35 8.24 -122.59
CA ILE F 1184 41.44 8.96 -121.93
C ILE F 1184 41.69 10.24 -122.69
N SER F 1185 41.88 11.34 -121.96
CA SER F 1185 42.18 12.61 -122.58
C SER F 1185 43.55 12.55 -123.25
N SER F 1186 43.75 13.42 -124.23
CA SER F 1186 44.97 13.43 -125.03
C SER F 1186 45.54 14.85 -125.07
N ASP F 1187 46.79 14.98 -124.67
CA ASP F 1187 47.46 16.27 -124.70
C ASP F 1187 47.60 16.79 -126.12
N HIS F 1188 47.91 15.91 -127.06
CA HIS F 1188 48.24 16.29 -128.43
C HIS F 1188 47.28 15.58 -129.38
N ASP F 1189 47.48 15.81 -130.67
CA ASP F 1189 46.69 15.14 -131.69
C ASP F 1189 46.86 13.63 -131.58
N ILE F 1190 45.82 12.91 -131.96
CA ILE F 1190 45.84 11.46 -132.03
C ILE F 1190 45.06 11.02 -133.27
N SER F 1191 44.98 9.72 -133.47
CA SER F 1191 44.20 9.12 -134.54
C SER F 1191 42.95 8.49 -133.92
N SER F 1192 41.89 8.41 -134.72
CA SER F 1192 40.60 7.92 -134.25
C SER F 1192 40.43 6.46 -134.61
N ALA F 1193 39.93 5.68 -133.66
CA ALA F 1193 39.63 4.27 -133.85
C ALA F 1193 38.25 3.96 -133.32
N PRO F 1194 37.55 3.00 -133.94
CA PRO F 1194 36.16 2.75 -133.55
C PRO F 1194 36.05 2.26 -132.11
N ALA F 1195 34.92 2.56 -131.49
CA ALA F 1195 34.60 2.10 -130.16
C ALA F 1195 33.13 1.77 -130.09
N VAL F 1196 32.80 0.68 -129.39
CA VAL F 1196 31.42 0.25 -129.23
C VAL F 1196 31.05 0.42 -127.76
N GLN F 1197 30.03 1.24 -127.52
CA GLN F 1197 29.62 1.64 -126.18
C GLN F 1197 28.19 1.19 -125.93
N TYR F 1198 27.92 0.65 -124.75
CA TYR F 1198 26.61 0.07 -124.48
C TYR F 1198 25.83 0.75 -123.37
N ILE F 1199 26.49 1.13 -122.27
CA ILE F 1199 25.80 1.74 -121.13
C ILE F 1199 26.12 3.23 -121.10
N ILE F 1200 25.10 4.04 -120.81
CA ILE F 1200 25.25 5.48 -120.67
C ILE F 1200 24.30 5.97 -119.60
N SER F 1201 24.71 6.99 -118.85
CA SER F 1201 23.82 7.60 -117.89
C SER F 1201 22.83 8.52 -118.59
N THR F 1202 21.88 9.06 -117.82
CA THR F 1202 20.83 9.91 -118.37
C THR F 1202 21.10 11.39 -118.15
N GLU F 1203 21.55 11.78 -116.97
CA GLU F 1203 21.87 13.16 -116.67
C GLU F 1203 23.35 13.28 -116.36
N TYR F 1204 23.86 14.50 -116.51
CA TYR F 1204 25.28 14.77 -116.27
C TYR F 1204 25.65 14.52 -114.82
N ASN F 1205 26.47 13.49 -114.57
CA ASN F 1205 27.02 13.30 -113.23
C ASN F 1205 28.50 12.98 -113.28
N ASP F 1206 29.21 13.53 -114.26
CA ASP F 1206 30.67 13.46 -114.32
C ASP F 1206 31.27 14.67 -113.60
N ARG F 1207 30.89 14.81 -112.33
CA ARG F 1207 31.21 16.00 -111.55
C ARG F 1207 32.45 15.84 -110.69
N SER F 1208 32.84 14.61 -110.35
CA SER F 1208 34.06 14.41 -109.57
C SER F 1208 35.31 14.55 -110.42
N LEU F 1209 35.19 14.77 -111.71
CA LEU F 1209 36.35 15.03 -112.55
C LEU F 1209 36.98 16.35 -112.15
N PHE F 1210 38.26 16.32 -111.79
CA PHE F 1210 38.93 17.53 -111.33
C PHE F 1210 39.63 18.26 -112.47
N CYS F 1211 40.57 17.58 -113.14
CA CYS F 1211 41.31 18.20 -114.23
C CYS F 1211 41.80 17.12 -115.17
N THR F 1212 41.87 17.46 -116.45
CA THR F 1212 42.35 16.55 -117.48
C THR F 1212 43.58 17.13 -118.16
N ASN F 1213 44.59 16.30 -118.36
CA ASN F 1213 45.83 16.72 -118.98
C ASN F 1213 46.49 17.86 -118.21
N SER F 1214 46.44 17.76 -116.88
CA SER F 1214 47.17 18.69 -116.05
C SER F 1214 48.66 18.63 -116.39
N SER F 1215 49.34 19.76 -116.20
CA SER F 1215 50.74 19.94 -116.54
C SER F 1215 50.98 20.11 -118.03
N SER F 1216 49.94 20.10 -118.85
CA SER F 1216 50.06 20.38 -120.27
C SER F 1216 49.38 21.69 -120.61
N PRO F 1217 49.71 22.28 -121.76
CA PRO F 1217 49.11 23.59 -122.10
C PRO F 1217 47.63 23.51 -122.35
N GLN F 1218 47.16 22.48 -123.04
CA GLN F 1218 45.72 22.34 -123.29
C GLN F 1218 45.43 20.89 -123.61
N THR F 1219 44.13 20.58 -123.67
CA THR F 1219 43.64 19.27 -124.08
C THR F 1219 43.06 19.37 -125.47
N ILE F 1220 43.49 18.48 -126.36
CA ILE F 1220 43.11 18.54 -127.77
C ILE F 1220 41.98 17.59 -128.10
N ALA F 1221 41.95 16.41 -127.48
CA ALA F 1221 40.96 15.40 -127.82
C ALA F 1221 40.53 14.68 -126.55
N GLY F 1222 39.23 14.69 -126.28
CA GLY F 1222 38.68 13.97 -125.16
C GLY F 1222 37.97 14.87 -124.16
N PRO F 1223 37.56 14.30 -123.04
CA PRO F 1223 36.90 15.12 -122.01
C PRO F 1223 37.82 16.18 -121.45
N ASP F 1224 37.50 17.44 -121.72
CA ASP F 1224 38.30 18.57 -121.27
C ASP F 1224 37.69 19.19 -120.03
N LYS F 1225 38.55 19.56 -119.07
CA LYS F 1225 38.09 20.28 -117.90
C LYS F 1225 39.29 20.93 -117.23
N HIS F 1226 39.31 22.26 -117.19
CA HIS F 1226 40.36 22.97 -116.49
C HIS F 1226 40.13 22.86 -114.97
N ILE F 1227 41.02 23.49 -114.21
CA ILE F 1227 40.86 23.47 -112.75
C ILE F 1227 39.58 24.22 -112.39
N PRO F 1228 38.78 23.70 -111.46
CA PRO F 1228 37.49 24.35 -111.17
C PRO F 1228 37.67 25.68 -110.46
N VAL F 1229 37.45 26.77 -111.19
CA VAL F 1229 37.65 28.10 -110.61
C VAL F 1229 36.57 28.41 -109.58
N GLU F 1230 35.34 27.97 -109.83
CA GLU F 1230 34.27 28.18 -108.87
C GLU F 1230 34.54 27.48 -107.56
N ARG F 1231 35.38 26.44 -107.57
CA ARG F 1231 35.76 25.78 -106.33
C ARG F 1231 36.63 26.69 -105.48
N TYR F 1232 37.62 27.33 -106.07
CA TYR F 1232 38.54 28.19 -105.31
C TYR F 1232 38.08 29.63 -105.47
N ASN F 1233 37.10 30.01 -104.65
CA ASN F 1233 36.46 31.31 -104.77
C ASN F 1233 37.31 32.40 -104.15
N ILE F 1234 37.84 32.16 -102.95
CA ILE F 1234 38.56 33.21 -102.22
C ILE F 1234 39.80 33.67 -102.98
N LEU F 1235 40.37 32.80 -103.81
CA LEU F 1235 41.58 33.15 -104.54
C LEU F 1235 41.31 33.75 -105.90
N THR F 1236 40.34 33.20 -106.64
CA THR F 1236 40.12 33.59 -108.02
C THR F 1236 39.21 34.80 -108.18
N ASN F 1237 38.50 35.20 -107.13
CA ASN F 1237 37.62 36.37 -107.18
C ASN F 1237 38.11 37.40 -106.19
N PRO F 1238 38.76 38.48 -106.65
CA PRO F 1238 39.33 39.45 -105.69
C PRO F 1238 38.29 40.18 -104.87
N ASP F 1239 37.04 40.22 -105.33
CA ASP F 1239 36.01 40.98 -104.63
C ASP F 1239 35.36 40.19 -103.50
N ALA F 1240 35.42 38.86 -103.54
CA ALA F 1240 34.81 38.06 -102.50
C ALA F 1240 35.53 38.31 -101.17
N PRO F 1241 34.80 38.49 -100.08
CA PRO F 1241 35.44 38.67 -98.78
C PRO F 1241 36.15 37.39 -98.36
N PRO F 1242 37.04 37.46 -97.37
CA PRO F 1242 37.77 36.25 -96.98
C PRO F 1242 36.88 35.13 -96.47
N THR F 1243 35.96 35.43 -95.57
CA THR F 1243 35.09 34.42 -94.97
C THR F 1243 33.78 34.40 -95.74
N GLN F 1244 33.73 33.58 -96.78
CA GLN F 1244 32.55 33.54 -97.65
C GLN F 1244 32.48 32.18 -98.31
N ILE F 1245 31.51 31.37 -97.91
CA ILE F 1245 31.34 30.02 -98.43
C ILE F 1245 29.97 29.91 -99.08
N GLN F 1246 29.94 29.33 -100.28
CA GLN F 1246 28.68 28.98 -100.94
C GLN F 1246 28.51 27.48 -100.79
N LEU F 1247 27.97 27.08 -99.65
CA LEU F 1247 28.11 25.71 -99.17
C LEU F 1247 27.25 24.69 -99.90
N PRO F 1248 25.92 24.87 -99.97
CA PRO F 1248 25.08 23.77 -100.48
C PRO F 1248 25.32 23.38 -101.93
N GLU F 1249 26.18 24.06 -102.66
CA GLU F 1249 26.47 23.70 -104.05
C GLU F 1249 27.92 23.34 -104.30
N VAL F 1250 28.87 23.91 -103.56
CA VAL F 1250 30.28 23.60 -103.71
C VAL F 1250 30.95 23.65 -102.34
N VAL F 1251 31.95 22.80 -102.14
CA VAL F 1251 32.67 22.74 -100.87
C VAL F 1251 33.91 23.62 -100.86
N ASP F 1252 34.37 24.07 -102.02
CA ASP F 1252 35.35 25.14 -102.19
C ASP F 1252 36.80 24.77 -101.90
N LEU F 1253 37.05 23.68 -101.18
CA LEU F 1253 38.38 23.08 -101.05
C LEU F 1253 39.50 24.01 -100.59
N TYR F 1254 39.18 25.24 -100.19
CA TYR F 1254 40.20 26.19 -99.74
C TYR F 1254 39.52 27.42 -99.16
N ASN F 1255 39.86 27.80 -97.94
CA ASN F 1255 39.17 28.89 -97.27
C ASN F 1255 39.94 29.26 -96.02
N VAL F 1256 39.35 30.12 -95.19
CA VAL F 1256 39.95 30.55 -93.93
C VAL F 1256 39.41 29.67 -92.82
N VAL F 1257 40.30 29.08 -92.04
CA VAL F 1257 39.95 28.25 -90.90
C VAL F 1257 40.64 28.83 -89.67
N THR F 1258 39.98 28.74 -88.53
CA THR F 1258 40.49 29.30 -87.29
C THR F 1258 40.97 28.17 -86.38
N ARG F 1259 42.24 28.21 -86.01
CA ARG F 1259 42.86 27.22 -85.14
C ARG F 1259 42.92 27.80 -83.73
N TYR F 1260 42.62 26.97 -82.74
CA TYR F 1260 42.56 27.43 -81.35
C TYR F 1260 43.72 26.86 -80.54
N ALA F 1261 44.05 27.56 -79.46
CA ALA F 1261 44.97 27.05 -78.45
C ALA F 1261 44.38 27.38 -77.08
N TYR F 1262 43.51 26.50 -76.60
CA TYR F 1262 42.89 26.62 -75.29
C TYR F 1262 43.49 25.60 -74.34
N GLU F 1263 43.24 25.80 -73.06
CA GLU F 1263 43.72 24.90 -72.01
C GLU F 1263 42.52 24.23 -71.35
N THR F 1264 42.58 22.91 -71.25
CA THR F 1264 41.52 22.15 -70.62
C THR F 1264 42.02 21.55 -69.32
N PRO F 1265 42.06 22.31 -68.24
CA PRO F 1265 42.55 21.78 -66.97
C PRO F 1265 41.41 21.15 -66.19
N PRO F 1266 41.72 20.27 -65.24
CA PRO F 1266 40.70 19.80 -64.32
C PRO F 1266 40.26 20.91 -63.39
N ILE F 1267 39.09 20.73 -62.79
CA ILE F 1267 38.55 21.78 -61.94
C ILE F 1267 39.37 21.94 -60.66
N THR F 1268 40.02 20.87 -60.21
CA THR F 1268 40.82 20.96 -58.99
C THR F 1268 42.09 21.77 -59.19
N ALA F 1269 42.50 22.01 -60.43
CA ALA F 1269 43.68 22.81 -60.69
C ALA F 1269 43.38 24.30 -60.71
N VAL F 1270 42.11 24.69 -60.75
CA VAL F 1270 41.71 26.09 -60.80
C VAL F 1270 40.97 26.52 -59.56
N VAL F 1271 40.12 25.66 -59.01
CA VAL F 1271 39.34 26.02 -57.82
C VAL F 1271 39.87 25.28 -56.62
N MET F 1272 40.79 25.91 -55.89
CA MET F 1272 41.38 25.30 -54.70
C MET F 1272 40.49 25.57 -53.49
N GLY F 1273 40.55 24.65 -52.54
CA GLY F 1273 39.79 24.79 -51.31
C GLY F 1273 40.64 25.13 -50.12
N VAL F 1274 40.04 25.74 -49.10
CA VAL F 1274 40.77 26.10 -47.89
C VAL F 1274 40.41 25.08 -46.81
N PRO F 1275 41.28 24.11 -46.50
CA PRO F 1275 41.03 23.07 -45.51
C PRO F 1275 40.76 23.61 -44.12
N PRO G 172 -0.33 -42.35 -25.35
CA PRO G 172 0.06 -42.08 -23.96
C PRO G 172 1.54 -41.70 -23.86
N PRO G 173 2.02 -41.44 -22.65
CA PRO G 173 3.47 -41.23 -22.45
C PRO G 173 4.25 -42.53 -22.42
N THR G 174 4.36 -43.17 -23.59
CA THR G 174 5.15 -44.38 -23.67
C THR G 174 6.64 -44.05 -23.63
N ALA G 175 7.43 -45.06 -23.29
CA ALA G 175 8.88 -44.97 -23.37
C ALA G 175 9.38 -46.15 -24.18
N SER G 176 10.68 -46.40 -24.19
CA SER G 176 11.25 -47.53 -24.90
C SER G 176 12.30 -48.20 -24.02
N SER G 177 12.63 -49.45 -24.34
CA SER G 177 13.48 -50.22 -23.44
C SER G 177 14.24 -51.30 -24.18
N GLY G 178 15.57 -51.20 -24.19
CA GLY G 178 16.43 -52.35 -24.38
C GLY G 178 16.92 -52.75 -25.76
N HIS G 179 16.03 -53.28 -26.61
CA HIS G 179 16.46 -54.26 -27.59
C HIS G 179 17.16 -53.66 -28.81
N GLY G 180 16.45 -52.86 -29.59
CA GLY G 180 16.92 -52.54 -30.95
C GLY G 180 18.03 -51.49 -30.95
N TYR G 181 19.00 -51.70 -31.86
CA TYR G 181 20.05 -50.70 -32.10
C TYR G 181 20.62 -50.91 -33.50
N GLN G 182 20.16 -50.09 -34.46
CA GLN G 182 20.72 -50.07 -35.81
C GLN G 182 20.35 -48.70 -36.42
N CYS G 183 21.32 -47.78 -36.48
CA CYS G 183 20.97 -46.48 -37.06
C CYS G 183 21.04 -46.51 -38.58
N HIS G 184 22.04 -47.21 -39.13
CA HIS G 184 22.18 -47.54 -40.56
C HIS G 184 22.01 -46.34 -41.51
N VAL G 185 22.16 -45.11 -41.03
CA VAL G 185 22.38 -43.97 -41.92
C VAL G 185 23.65 -43.28 -41.47
N CYS G 186 23.76 -43.06 -40.17
CA CYS G 186 25.03 -42.79 -39.48
C CYS G 186 25.21 -43.92 -38.48
N SER G 187 26.32 -44.65 -38.60
CA SER G 187 26.37 -45.96 -37.99
C SER G 187 26.40 -45.88 -36.46
N ALA G 188 25.25 -45.54 -35.88
CA ALA G 188 25.07 -45.43 -34.44
C ALA G 188 24.15 -46.54 -33.95
N VAL G 189 24.19 -46.77 -32.65
CA VAL G 189 23.37 -47.79 -32.00
C VAL G 189 22.51 -47.11 -30.95
N LEU G 190 21.20 -47.38 -30.99
CA LEU G 190 20.26 -46.67 -30.15
C LEU G 190 19.85 -47.55 -28.96
N PHE G 191 18.89 -47.06 -28.18
CA PHE G 191 18.46 -47.67 -26.93
C PHE G 191 17.27 -48.59 -27.10
N SER G 192 16.59 -48.56 -28.23
CA SER G 192 15.36 -49.32 -28.42
C SER G 192 14.93 -49.18 -29.88
N PRO G 193 14.16 -50.16 -30.39
CA PRO G 193 13.70 -50.03 -31.78
C PRO G 193 12.72 -48.88 -31.99
N LEU G 194 11.96 -48.50 -30.97
CA LEU G 194 11.08 -47.33 -31.11
C LEU G 194 11.90 -46.06 -31.25
N ASP G 195 12.93 -45.90 -30.40
CA ASP G 195 13.84 -44.77 -30.55
C ASP G 195 14.53 -44.81 -31.89
N LEU G 196 14.87 -46.00 -32.37
CA LEU G 196 15.45 -46.14 -33.71
C LEU G 196 14.50 -45.63 -34.78
N ASP G 197 13.22 -45.99 -34.68
CA ASP G 197 12.23 -45.55 -35.66
C ASP G 197 12.09 -44.03 -35.65
N ALA G 198 11.97 -43.44 -34.46
CA ALA G 198 11.87 -41.99 -34.35
C ALA G 198 13.12 -41.32 -34.91
N HIS G 199 14.29 -41.92 -34.67
CA HIS G 199 15.55 -41.37 -35.12
C HIS G 199 15.65 -41.37 -36.64
N VAL G 200 15.33 -42.50 -37.27
CA VAL G 200 15.37 -42.56 -38.72
C VAL G 200 14.31 -41.67 -39.35
N ALA G 201 13.15 -41.55 -38.68
CA ALA G 201 12.13 -40.63 -39.18
C ALA G 201 12.63 -39.20 -39.15
N SER G 202 13.35 -38.82 -38.10
CA SER G 202 13.95 -37.49 -38.05
C SER G 202 14.95 -37.32 -39.19
N HIS G 203 15.75 -38.35 -39.46
CA HIS G 203 16.64 -38.31 -40.62
C HIS G 203 15.88 -37.98 -41.90
N GLY G 204 14.88 -38.79 -42.22
CA GLY G 204 14.15 -38.61 -43.46
C GLY G 204 13.38 -37.31 -43.51
N LEU G 205 12.96 -36.78 -42.35
CA LEU G 205 12.17 -35.56 -42.31
C LEU G 205 13.04 -34.32 -42.49
N HIS G 206 14.24 -34.32 -41.89
CA HIS G 206 15.15 -33.18 -41.99
C HIS G 206 16.35 -33.58 -42.82
N GLY G 207 16.51 -32.95 -43.98
CA GLY G 207 17.63 -33.25 -44.86
C GLY G 207 17.21 -33.93 -46.14
N ALA G 237 -14.70 -64.10 -35.45
CA ALA G 237 -15.74 -63.27 -36.04
C ALA G 237 -17.12 -63.65 -35.50
N ASP G 238 -17.58 -62.90 -34.50
CA ASP G 238 -18.88 -63.16 -33.90
C ASP G 238 -20.00 -62.55 -34.76
N VAL G 239 -21.24 -62.80 -34.34
CA VAL G 239 -22.37 -62.20 -35.04
C VAL G 239 -22.34 -60.69 -34.91
N GLU G 240 -21.75 -60.16 -33.83
CA GLU G 240 -21.57 -58.72 -33.72
C GLU G 240 -20.61 -58.21 -34.79
N ASN G 241 -19.52 -58.95 -35.03
CA ASN G 241 -18.62 -58.58 -36.13
C ASN G 241 -19.34 -58.64 -37.47
N ARG G 242 -20.17 -59.67 -37.66
CA ARG G 242 -20.91 -59.80 -38.90
C ARG G 242 -21.85 -58.62 -39.09
N LYS G 243 -22.56 -58.20 -38.03
CA LYS G 243 -23.48 -57.08 -38.14
C LYS G 243 -22.72 -55.77 -38.37
N THR G 244 -21.56 -55.61 -37.76
CA THR G 244 -20.77 -54.41 -37.97
C THR G 244 -20.31 -54.30 -39.42
N ALA G 245 -19.72 -55.36 -39.94
CA ALA G 245 -19.34 -55.38 -41.34
C ALA G 245 -20.55 -55.19 -42.24
N GLN G 246 -21.71 -55.73 -41.83
CA GLN G 246 -22.95 -55.54 -42.57
C GLN G 246 -23.28 -54.06 -42.71
N LEU G 247 -23.30 -53.34 -41.58
CA LEU G 247 -23.60 -51.91 -41.64
C LEU G 247 -22.57 -51.16 -42.47
N LEU G 248 -21.28 -51.46 -42.27
CA LEU G 248 -20.25 -50.69 -42.94
C LEU G 248 -20.25 -50.93 -44.44
N HIS G 249 -20.58 -52.14 -44.89
CA HIS G 249 -20.74 -52.42 -46.30
C HIS G 249 -21.41 -53.77 -46.50
N ALA G 250 -22.46 -53.82 -47.31
CA ALA G 250 -23.18 -55.05 -47.55
C ALA G 250 -22.61 -55.75 -48.79
N ASP G 251 -23.31 -56.77 -49.27
CA ASP G 251 -22.93 -57.47 -50.48
C ASP G 251 -23.90 -57.11 -51.59
N THR G 252 -23.42 -56.47 -52.64
CA THR G 252 -24.28 -56.13 -53.75
C THR G 252 -24.66 -57.38 -54.54
N PRO G 253 -25.91 -57.54 -54.90
CA PRO G 253 -26.35 -58.73 -55.62
C PRO G 253 -26.00 -58.64 -57.10
N ARG G 254 -26.41 -59.67 -57.85
CA ARG G 254 -26.19 -59.75 -59.28
C ARG G 254 -27.53 -59.56 -59.98
N LEU G 255 -27.83 -58.32 -60.36
CA LEU G 255 -29.10 -58.05 -61.00
C LEU G 255 -29.08 -58.39 -62.48
N VAL G 256 -28.18 -57.77 -63.24
CA VAL G 256 -28.15 -57.93 -64.68
C VAL G 256 -27.30 -59.14 -65.03
N THR G 257 -27.92 -60.14 -65.63
CA THR G 257 -27.23 -61.32 -66.15
C THR G 257 -27.85 -61.70 -67.47
N TRP G 258 -27.01 -62.00 -68.46
CA TRP G 258 -27.46 -62.19 -69.82
C TRP G 258 -27.53 -63.67 -70.18
N ASP G 259 -28.37 -63.95 -71.18
CA ASP G 259 -28.60 -65.31 -71.68
C ASP G 259 -28.55 -65.29 -73.19
N ALA G 260 -27.77 -66.19 -73.77
CA ALA G 260 -27.63 -66.26 -75.22
C ALA G 260 -28.24 -67.50 -75.83
N GLY G 261 -28.66 -68.48 -75.02
CA GLY G 261 -29.39 -69.62 -75.55
C GLY G 261 -30.88 -69.36 -75.60
N LEU G 262 -31.58 -70.22 -76.33
CA LEU G 262 -33.01 -70.04 -76.50
C LEU G 262 -33.73 -70.21 -75.17
N CYS G 263 -34.68 -69.32 -74.91
CA CYS G 263 -35.31 -69.20 -73.59
C CYS G 263 -36.44 -70.22 -73.45
N THR G 264 -36.11 -71.40 -72.93
CA THR G 264 -37.12 -72.41 -72.71
C THR G 264 -36.78 -73.18 -71.46
N SER G 265 -37.78 -73.92 -70.96
CA SER G 265 -37.62 -74.78 -69.80
C SER G 265 -38.22 -76.16 -69.99
N PHE G 266 -38.97 -76.39 -71.06
CA PHE G 266 -39.61 -77.67 -71.34
C PHE G 266 -38.92 -78.31 -72.53
N LYS G 267 -38.48 -79.55 -72.37
CA LYS G 267 -37.85 -80.28 -73.45
C LYS G 267 -38.66 -81.54 -73.75
N ILE G 268 -38.44 -82.09 -74.94
CA ILE G 268 -39.13 -83.29 -75.40
C ILE G 268 -38.10 -84.40 -75.50
N VAL G 269 -38.37 -85.51 -74.82
CA VAL G 269 -37.46 -86.64 -74.75
C VAL G 269 -38.16 -87.86 -75.31
N PRO G 270 -37.52 -88.65 -76.16
CA PRO G 270 -38.14 -89.89 -76.63
C PRO G 270 -38.12 -90.95 -75.56
N ILE G 271 -39.27 -91.60 -75.37
CA ILE G 271 -39.42 -92.59 -74.32
C ILE G 271 -39.36 -94.01 -74.85
N VAL G 272 -39.75 -94.25 -76.09
CA VAL G 272 -39.70 -95.59 -76.69
C VAL G 272 -39.22 -95.44 -78.13
N PRO G 273 -38.17 -96.17 -78.53
CA PRO G 273 -37.63 -95.98 -79.87
C PRO G 273 -38.58 -96.50 -80.94
N ALA G 274 -38.61 -95.79 -82.07
CA ALA G 274 -39.47 -96.19 -83.17
C ALA G 274 -39.03 -97.53 -83.74
N GLN G 275 -39.97 -98.21 -84.39
CA GLN G 275 -39.69 -99.48 -85.05
C GLN G 275 -39.40 -99.23 -86.53
N VAL G 276 -38.26 -98.60 -86.77
CA VAL G 276 -37.91 -98.11 -88.10
C VAL G 276 -37.76 -99.27 -89.07
N PRO G 277 -36.86 -100.24 -88.83
CA PRO G 277 -36.81 -101.42 -89.70
C PRO G 277 -37.95 -102.37 -89.36
N GLN G 278 -38.96 -102.40 -90.22
CA GLN G 278 -40.14 -103.24 -90.01
C GLN G 278 -40.47 -103.93 -91.33
N ASP G 279 -41.46 -104.83 -91.28
CA ASP G 279 -41.81 -105.63 -92.45
C ASP G 279 -43.17 -105.27 -93.03
N VAL G 280 -43.68 -104.07 -92.74
CA VAL G 280 -44.86 -103.55 -93.38
C VAL G 280 -44.53 -102.37 -94.28
N LEU G 281 -43.67 -101.47 -93.83
CA LEU G 281 -43.18 -100.36 -94.63
C LEU G 281 -41.70 -100.59 -94.95
N ALA G 282 -41.33 -100.37 -96.20
CA ALA G 282 -39.92 -100.37 -96.55
C ALA G 282 -39.21 -99.25 -95.82
N TYR G 283 -37.92 -99.47 -95.54
CA TYR G 283 -37.16 -98.46 -94.82
C TYR G 283 -36.98 -97.17 -95.60
N THR G 284 -37.25 -97.17 -96.90
CA THR G 284 -37.10 -95.98 -97.71
C THR G 284 -38.19 -94.95 -97.46
N PHE G 285 -39.24 -95.31 -96.72
CA PHE G 285 -40.28 -94.33 -96.40
C PHE G 285 -39.77 -93.30 -95.40
N PHE G 286 -39.18 -93.76 -94.30
CA PHE G 286 -38.89 -92.89 -93.17
C PHE G 286 -37.78 -91.90 -93.52
N THR G 287 -37.80 -90.76 -92.84
CA THR G 287 -36.76 -89.76 -93.02
C THR G 287 -35.46 -90.14 -92.33
N SER G 288 -35.50 -91.04 -91.37
CA SER G 288 -34.29 -91.46 -90.69
C SER G 288 -33.30 -92.10 -91.64
N SER G 289 -33.82 -92.84 -92.63
CA SER G 289 -32.95 -93.51 -93.60
C SER G 289 -32.10 -92.52 -94.37
N TYR G 290 -32.62 -91.32 -94.63
CA TYR G 290 -31.92 -90.31 -95.39
C TYR G 290 -31.12 -89.36 -94.52
N ALA G 291 -31.06 -89.60 -93.22
CA ALA G 291 -30.33 -88.77 -92.27
C ALA G 291 -30.91 -87.37 -92.14
N ILE G 292 -32.13 -87.15 -92.66
CA ILE G 292 -32.80 -85.87 -92.44
C ILE G 292 -33.05 -85.70 -90.95
N GLN G 293 -32.56 -84.61 -90.40
CA GLN G 293 -32.72 -84.33 -88.97
C GLN G 293 -33.94 -83.44 -88.78
N SER G 294 -34.88 -83.92 -87.98
CA SER G 294 -36.16 -83.27 -87.75
C SER G 294 -36.14 -82.49 -86.46
N PRO G 295 -37.11 -81.59 -86.26
CA PRO G 295 -37.12 -80.77 -85.03
C PRO G 295 -37.66 -81.51 -83.82
N PHE G 296 -38.29 -82.66 -84.00
CA PHE G 296 -38.93 -83.38 -82.92
C PHE G 296 -38.33 -84.76 -82.77
N PRO G 297 -38.30 -85.32 -81.56
CA PRO G 297 -37.78 -86.67 -81.38
C PRO G 297 -38.59 -87.68 -82.16
N GLU G 298 -37.90 -88.42 -83.03
CA GLU G 298 -38.54 -89.35 -83.94
C GLU G 298 -38.59 -90.73 -83.28
N ALA G 299 -39.57 -90.90 -82.40
CA ALA G 299 -39.69 -92.12 -81.60
C ALA G 299 -41.12 -92.61 -81.62
N ALA G 300 -41.34 -93.78 -81.02
CA ALA G 300 -42.69 -94.33 -80.95
C ALA G 300 -43.54 -93.60 -79.92
N VAL G 301 -42.92 -93.09 -78.86
CA VAL G 301 -43.64 -92.35 -77.83
C VAL G 301 -42.75 -91.22 -77.32
N SER G 302 -43.14 -89.99 -77.59
CA SER G 302 -42.45 -88.83 -77.06
C SER G 302 -43.17 -88.35 -75.80
N ARG G 303 -42.57 -87.38 -75.12
CA ARG G 303 -43.19 -86.88 -73.90
C ARG G 303 -42.43 -85.64 -73.44
N ILE G 304 -43.16 -84.73 -72.81
CA ILE G 304 -42.61 -83.46 -72.37
C ILE G 304 -42.12 -83.59 -70.94
N VAL G 305 -40.91 -83.11 -70.68
CA VAL G 305 -40.33 -83.06 -69.35
C VAL G 305 -39.87 -81.63 -69.09
N VAL G 306 -39.27 -81.42 -67.92
CA VAL G 306 -38.94 -80.08 -67.45
C VAL G 306 -37.49 -80.07 -67.00
N HIS G 307 -36.68 -79.28 -67.69
CA HIS G 307 -35.25 -79.15 -67.40
C HIS G 307 -34.92 -77.68 -67.58
N THR G 308 -34.96 -76.92 -66.50
CA THR G 308 -34.81 -75.48 -66.58
C THR G 308 -33.45 -75.11 -67.15
N ARG G 309 -33.44 -74.29 -68.20
CA ARG G 309 -32.21 -73.74 -68.74
C ARG G 309 -31.36 -74.84 -69.38
N TRP G 310 -32.00 -75.68 -70.18
CA TRP G 310 -31.29 -76.76 -70.86
C TRP G 310 -30.65 -76.34 -72.16
N ALA G 311 -31.17 -75.31 -72.81
CA ALA G 311 -30.64 -74.82 -74.08
C ALA G 311 -29.97 -73.46 -73.93
N SER G 312 -29.52 -73.14 -72.72
CA SER G 312 -29.11 -71.78 -72.39
C SER G 312 -27.61 -71.69 -72.21
N ASN G 313 -27.04 -70.61 -72.72
CA ASN G 313 -25.61 -70.30 -72.63
C ASN G 313 -25.50 -69.00 -71.83
N VAL G 314 -25.49 -69.12 -70.51
CA VAL G 314 -25.64 -67.97 -69.63
C VAL G 314 -24.31 -67.29 -69.33
N ASP G 315 -24.39 -66.07 -68.80
CA ASP G 315 -23.22 -65.35 -68.32
C ASP G 315 -22.84 -65.78 -66.91
N PHE G 316 -23.83 -66.03 -66.07
CA PHE G 316 -23.60 -66.29 -64.65
C PHE G 316 -24.72 -67.20 -64.17
N ASP G 317 -24.42 -68.45 -63.87
CA ASP G 317 -25.46 -69.36 -63.43
C ASP G 317 -25.88 -69.04 -62.00
N ARG G 318 -27.15 -69.31 -61.70
CA ARG G 318 -27.72 -68.96 -60.40
C ARG G 318 -27.87 -70.16 -59.48
N ASP G 319 -27.36 -71.33 -59.88
CA ASP G 319 -27.20 -72.49 -59.01
C ASP G 319 -28.53 -73.18 -58.71
N SER G 320 -29.63 -72.57 -59.09
CA SER G 320 -30.94 -73.17 -58.93
C SER G 320 -31.30 -73.91 -60.22
N SER G 321 -31.98 -75.03 -60.06
CA SER G 321 -32.32 -75.83 -61.23
C SER G 321 -33.36 -76.88 -60.85
N VAL G 322 -34.36 -77.03 -61.71
CA VAL G 322 -35.36 -78.08 -61.57
C VAL G 322 -35.14 -79.03 -62.74
N ILE G 323 -34.38 -80.08 -62.50
CA ILE G 323 -34.05 -81.07 -63.52
C ILE G 323 -34.88 -82.32 -63.23
N MET G 324 -35.55 -82.82 -64.25
CA MET G 324 -36.43 -83.97 -64.11
C MET G 324 -36.04 -85.04 -65.13
N ALA G 325 -35.89 -86.27 -64.65
CA ALA G 325 -35.70 -87.37 -65.56
C ALA G 325 -37.02 -87.70 -66.24
N PRO G 326 -36.98 -88.46 -67.33
CA PRO G 326 -38.22 -88.89 -67.98
C PRO G 326 -39.05 -89.72 -67.03
N PRO G 327 -40.36 -89.82 -67.28
CA PRO G 327 -41.23 -90.53 -66.32
C PRO G 327 -40.90 -92.00 -66.18
N THR G 328 -40.21 -92.61 -67.15
CA THR G 328 -39.84 -94.02 -67.00
C THR G 328 -38.87 -94.22 -65.85
N GLU G 329 -38.08 -93.21 -65.52
CA GLU G 329 -37.19 -93.25 -64.37
C GLU G 329 -37.97 -92.78 -63.14
N ASN G 330 -37.28 -92.56 -62.03
CA ASN G 330 -37.92 -92.23 -60.77
C ASN G 330 -37.58 -90.80 -60.39
N ASN G 331 -38.61 -89.97 -60.20
CA ASN G 331 -38.45 -88.56 -59.84
C ASN G 331 -38.95 -88.29 -58.43
N ILE G 332 -38.91 -89.29 -57.55
CA ILE G 332 -39.43 -89.09 -56.20
C ILE G 332 -38.55 -88.15 -55.39
N HIS G 333 -37.28 -88.01 -55.74
CA HIS G 333 -36.37 -87.19 -54.95
C HIS G 333 -36.60 -85.70 -55.11
N LEU G 334 -37.43 -85.29 -56.08
CA LEU G 334 -37.76 -83.89 -56.22
C LEU G 334 -38.80 -83.43 -55.20
N PHE G 335 -39.35 -84.35 -54.40
CA PHE G 335 -40.44 -84.03 -53.51
C PHE G 335 -40.18 -84.50 -52.08
N LYS G 336 -38.91 -84.69 -51.73
CA LYS G 336 -38.56 -85.16 -50.39
C LYS G 336 -37.35 -84.41 -49.87
N GLN G 337 -37.26 -83.11 -50.15
CA GLN G 337 -36.08 -82.35 -49.78
C GLN G 337 -36.24 -81.53 -48.50
N LEU G 338 -37.37 -80.85 -48.31
CA LEU G 338 -37.42 -79.80 -47.29
C LEU G 338 -37.60 -80.35 -45.88
N LEU G 339 -38.75 -80.95 -45.59
CA LEU G 339 -39.06 -81.37 -44.23
C LEU G 339 -39.05 -82.88 -44.09
N ASN G 340 -38.62 -83.59 -45.13
CA ASN G 340 -38.65 -85.05 -45.13
C ASN G 340 -37.32 -85.61 -44.64
N THR G 341 -37.01 -85.31 -43.38
CA THR G 341 -35.72 -85.63 -42.79
C THR G 341 -35.71 -86.94 -42.01
N GLU G 342 -36.85 -87.64 -41.93
CA GLU G 342 -36.89 -88.90 -41.20
C GLU G 342 -37.72 -89.92 -41.96
N THR G 343 -37.50 -90.02 -43.27
CA THR G 343 -38.06 -91.09 -44.08
C THR G 343 -36.95 -92.10 -44.31
N LEU G 344 -37.12 -93.30 -43.75
CA LEU G 344 -36.04 -94.29 -43.80
C LEU G 344 -35.75 -94.72 -45.23
N SER G 345 -36.79 -94.95 -46.02
CA SER G 345 -36.60 -95.44 -47.37
C SER G 345 -35.89 -94.41 -48.23
N VAL G 346 -35.23 -94.89 -49.28
CA VAL G 346 -34.56 -93.99 -50.21
C VAL G 346 -35.51 -93.53 -51.30
N ARG G 347 -36.32 -94.43 -51.84
CA ARG G 347 -37.37 -94.07 -52.79
C ARG G 347 -38.71 -93.88 -52.10
N GLY G 348 -38.74 -93.08 -51.05
CA GLY G 348 -39.97 -92.84 -50.31
C GLY G 348 -40.08 -91.38 -49.93
N ALA G 349 -41.32 -90.88 -49.95
CA ALA G 349 -41.60 -89.49 -49.64
C ALA G 349 -42.83 -89.40 -48.74
N ASN G 350 -42.87 -88.34 -47.95
CA ASN G 350 -43.98 -88.13 -47.01
C ASN G 350 -45.07 -87.33 -47.70
N PRO G 351 -46.29 -87.85 -47.80
CA PRO G 351 -47.33 -87.14 -48.58
C PRO G 351 -47.77 -85.83 -47.96
N LEU G 352 -47.56 -85.63 -46.66
CA LEU G 352 -48.03 -84.42 -45.99
C LEU G 352 -47.09 -83.25 -46.17
N MET G 353 -46.20 -83.32 -47.14
CA MET G 353 -45.25 -82.25 -47.40
C MET G 353 -45.10 -81.98 -48.89
N PHE G 354 -45.99 -82.56 -49.72
CA PHE G 354 -45.96 -82.31 -51.14
C PHE G 354 -46.16 -80.83 -51.45
N ARG G 355 -47.04 -80.15 -50.70
CA ARG G 355 -47.29 -78.74 -50.99
C ARG G 355 -46.06 -77.89 -50.70
N ALA G 356 -45.41 -78.13 -49.55
CA ALA G 356 -44.21 -77.37 -49.24
C ALA G 356 -43.11 -77.63 -50.26
N ASN G 357 -42.91 -78.90 -50.63
CA ASN G 357 -41.87 -79.22 -51.60
C ASN G 357 -42.19 -78.61 -52.96
N VAL G 358 -43.46 -78.59 -53.36
CA VAL G 358 -43.81 -78.02 -54.65
C VAL G 358 -43.66 -76.51 -54.64
N LEU G 359 -43.97 -75.87 -53.52
CA LEU G 359 -43.75 -74.43 -53.43
C LEU G 359 -42.27 -74.10 -53.55
N HIS G 360 -41.42 -74.85 -52.86
CA HIS G 360 -39.99 -74.62 -52.99
C HIS G 360 -39.51 -74.88 -54.41
N MET G 361 -40.07 -75.91 -55.05
CA MET G 361 -39.71 -76.21 -56.43
C MET G 361 -40.08 -75.07 -57.37
N LEU G 362 -41.25 -74.47 -57.16
CA LEU G 362 -41.66 -73.36 -58.02
C LEU G 362 -40.81 -72.13 -57.78
N LEU G 363 -40.42 -71.89 -56.52
CA LEU G 363 -39.50 -70.78 -56.25
C LEU G 363 -38.17 -71.00 -56.96
N GLU G 364 -37.65 -72.23 -56.94
CA GLU G 364 -36.44 -72.53 -57.71
C GLU G 364 -36.66 -72.30 -59.19
N PHE G 365 -37.80 -72.75 -59.71
CA PHE G 365 -38.10 -72.60 -61.13
C PHE G 365 -38.14 -71.15 -61.55
N VAL G 366 -38.53 -70.26 -60.64
CA VAL G 366 -38.52 -68.84 -60.97
C VAL G 366 -37.11 -68.27 -60.84
N LEU G 367 -36.42 -68.56 -59.74
CA LEU G 367 -35.09 -68.00 -59.54
C LEU G 367 -34.11 -68.44 -60.61
N ASP G 368 -34.36 -69.59 -61.23
CA ASP G 368 -33.45 -70.06 -62.26
C ASP G 368 -33.57 -69.29 -63.55
N ASN G 369 -34.63 -68.50 -63.72
CA ASN G 369 -34.95 -67.88 -64.99
C ASN G 369 -34.93 -66.37 -64.91
N LEU G 370 -34.13 -65.82 -64.00
CA LEU G 370 -34.02 -64.37 -63.88
C LEU G 370 -32.86 -63.86 -64.72
N TYR G 371 -32.97 -64.06 -66.03
CA TYR G 371 -31.94 -63.68 -66.97
C TYR G 371 -32.49 -62.74 -68.02
N LEU G 372 -31.59 -62.08 -68.72
CA LEU G 372 -31.94 -61.23 -69.84
C LEU G 372 -31.65 -61.94 -71.15
N ASN G 373 -32.57 -61.85 -72.09
CA ASN G 373 -32.36 -62.43 -73.41
C ASN G 373 -31.35 -61.58 -74.17
N ARG G 374 -30.25 -62.17 -74.56
CA ARG G 374 -29.15 -61.46 -75.18
C ARG G 374 -29.23 -61.57 -76.71
N HIS G 375 -28.77 -60.53 -77.38
CA HIS G 375 -28.77 -60.46 -78.84
C HIS G 375 -27.42 -60.96 -79.35
N THR G 376 -27.46 -62.00 -80.19
CA THR G 376 -26.22 -62.63 -80.65
C THR G 376 -25.84 -62.21 -82.07
N GLY G 377 -26.69 -62.46 -83.05
CA GLY G 377 -26.33 -62.20 -84.43
C GLY G 377 -27.12 -63.07 -85.37
N PHE G 378 -27.13 -62.67 -86.64
CA PHE G 378 -27.99 -63.30 -87.64
C PHE G 378 -27.21 -63.59 -88.91
N SER G 379 -27.82 -64.42 -89.74
CA SER G 379 -27.35 -64.69 -91.10
C SER G 379 -28.56 -64.99 -91.96
N GLN G 380 -28.40 -64.83 -93.26
CA GLN G 380 -29.52 -65.03 -94.17
C GLN G 380 -29.52 -66.45 -94.70
N ASP G 381 -30.71 -66.94 -95.02
CA ASP G 381 -30.89 -68.32 -95.48
C ASP G 381 -30.57 -68.36 -96.97
N HIS G 382 -29.47 -69.01 -97.33
CA HIS G 382 -29.07 -69.16 -98.72
C HIS G 382 -29.72 -70.37 -99.40
N THR G 383 -30.60 -71.07 -98.70
CA THR G 383 -31.36 -72.18 -99.25
C THR G 383 -32.79 -71.75 -99.53
N PRO G 384 -33.51 -72.53 -100.33
CA PRO G 384 -34.92 -72.18 -100.64
C PRO G 384 -35.93 -72.65 -99.60
N PHE G 385 -35.49 -73.09 -98.43
CA PHE G 385 -36.43 -73.61 -97.44
C PHE G 385 -37.30 -72.49 -96.87
N THR G 386 -36.79 -71.27 -96.89
CA THR G 386 -37.53 -70.11 -96.42
C THR G 386 -37.30 -68.97 -97.40
N GLU G 387 -38.25 -68.04 -97.45
CA GLU G 387 -38.09 -66.91 -98.37
C GLU G 387 -37.06 -65.93 -97.83
N GLY G 388 -35.79 -66.34 -97.83
CA GLY G 388 -34.70 -65.51 -97.37
C GLY G 388 -34.88 -64.97 -95.97
N ALA G 389 -34.94 -65.87 -94.99
CA ALA G 389 -35.15 -65.46 -93.61
C ALA G 389 -33.82 -65.21 -92.91
N ASN G 390 -33.88 -64.43 -91.84
CA ASN G 390 -32.72 -64.17 -91.00
C ASN G 390 -32.76 -65.09 -89.80
N LEU G 391 -31.71 -65.89 -89.63
CA LEU G 391 -31.72 -66.99 -88.68
C LEU G 391 -30.68 -66.71 -87.59
N ARG G 392 -31.13 -66.68 -86.35
CA ARG G 392 -30.22 -66.38 -85.25
C ARG G 392 -29.21 -67.51 -85.09
N SER G 393 -27.97 -67.14 -84.77
CA SER G 393 -26.89 -68.10 -84.58
C SER G 393 -26.46 -68.04 -83.12
N LEU G 394 -26.70 -69.09 -82.40
CA LEU G 394 -26.34 -68.95 -81.01
C LEU G 394 -24.96 -69.54 -80.75
N PRO G 395 -24.21 -68.95 -79.82
CA PRO G 395 -22.82 -69.38 -79.63
C PRO G 395 -22.75 -70.75 -78.99
N GLY G 396 -21.57 -71.35 -79.09
CA GLY G 396 -21.34 -72.65 -78.53
C GLY G 396 -20.45 -73.51 -79.42
N PRO G 397 -19.97 -74.62 -78.88
CA PRO G 397 -19.10 -75.49 -79.69
C PRO G 397 -19.85 -76.17 -80.82
N ASP G 398 -20.97 -76.79 -80.50
CA ASP G 398 -21.79 -77.54 -81.46
C ASP G 398 -23.04 -76.72 -81.73
N ALA G 399 -23.01 -75.94 -82.82
CA ALA G 399 -24.10 -75.04 -83.14
C ALA G 399 -24.96 -75.51 -84.29
N GLU G 400 -24.49 -76.48 -85.08
CA GLU G 400 -25.28 -76.97 -86.21
C GLU G 400 -26.56 -77.64 -85.75
N LYS G 401 -26.58 -78.18 -84.54
CA LYS G 401 -27.73 -78.93 -84.05
C LYS G 401 -28.86 -78.05 -83.57
N TRP G 402 -28.72 -76.72 -83.63
CA TRP G 402 -29.73 -75.83 -83.09
C TRP G 402 -30.66 -75.24 -84.14
N TYR G 403 -30.25 -75.24 -85.41
CA TYR G 403 -31.09 -74.66 -86.43
C TYR G 403 -32.28 -75.53 -86.80
N SER G 404 -32.28 -76.79 -86.39
CA SER G 404 -33.43 -77.66 -86.55
C SER G 404 -34.29 -77.73 -85.30
N ILE G 405 -33.78 -77.24 -84.16
CA ILE G 405 -34.58 -77.18 -82.94
C ILE G 405 -35.28 -75.83 -82.82
N MET G 406 -34.61 -74.76 -83.23
CA MET G 406 -35.21 -73.43 -83.08
C MET G 406 -36.30 -73.19 -84.10
N TYR G 407 -36.21 -73.78 -85.28
CA TYR G 407 -37.06 -73.44 -86.41
C TYR G 407 -37.76 -74.68 -86.93
N PRO G 408 -38.90 -75.03 -86.34
CA PRO G 408 -39.61 -76.25 -86.76
C PRO G 408 -40.09 -76.21 -88.20
N THR G 409 -40.36 -75.04 -88.74
CA THR G 409 -40.99 -74.92 -90.04
C THR G 409 -40.01 -74.67 -91.17
N ARG G 410 -38.76 -75.05 -91.00
CA ARG G 410 -37.81 -75.07 -92.12
C ARG G 410 -37.68 -76.42 -92.78
N MET G 411 -38.01 -77.50 -92.07
CA MET G 411 -37.84 -78.84 -92.60
C MET G 411 -38.67 -79.02 -93.87
N GLY G 412 -38.13 -79.83 -94.79
CA GLY G 412 -38.90 -80.24 -95.93
C GLY G 412 -40.09 -81.08 -95.51
N THR G 413 -41.00 -81.32 -96.46
CA THR G 413 -42.24 -82.03 -96.19
C THR G 413 -42.44 -83.10 -97.26
N PRO G 414 -41.60 -84.14 -97.25
CA PRO G 414 -41.71 -85.16 -98.30
C PRO G 414 -42.71 -86.26 -98.00
N ASN G 415 -42.94 -86.54 -96.72
CA ASN G 415 -43.75 -87.68 -96.31
C ASN G 415 -45.14 -87.25 -95.89
N VAL G 416 -45.96 -88.26 -95.58
CA VAL G 416 -47.20 -88.06 -94.83
C VAL G 416 -47.04 -88.57 -93.40
N SER G 417 -45.81 -88.67 -92.91
CA SER G 417 -45.59 -88.94 -91.50
C SER G 417 -46.14 -87.79 -90.67
N LYS G 418 -46.33 -88.03 -89.38
CA LYS G 418 -47.02 -87.05 -88.54
C LYS G 418 -46.25 -85.74 -88.46
N ILE G 419 -44.91 -85.80 -88.42
CA ILE G 419 -44.11 -84.59 -88.39
C ILE G 419 -44.36 -83.74 -89.62
N CYS G 420 -44.44 -84.38 -90.79
CA CYS G 420 -44.66 -83.64 -92.02
C CYS G 420 -46.11 -83.20 -92.16
N ASN G 421 -47.06 -84.02 -91.70
CA ASN G 421 -48.45 -83.57 -91.62
C ASN G 421 -48.54 -82.28 -90.82
N PHE G 422 -47.77 -82.18 -89.74
CA PHE G 422 -47.81 -80.96 -88.96
C PHE G 422 -47.15 -79.81 -89.69
N VAL G 423 -45.92 -80.02 -90.18
CA VAL G 423 -45.15 -78.93 -90.75
C VAL G 423 -45.81 -78.39 -92.01
N ALA G 424 -46.59 -79.21 -92.71
CA ALA G 424 -47.23 -78.75 -93.93
C ALA G 424 -48.48 -77.93 -93.67
N SER G 425 -48.88 -77.76 -92.41
CA SER G 425 -50.06 -76.97 -92.07
C SER G 425 -49.70 -75.68 -91.35
N CYS G 426 -48.42 -75.36 -91.23
CA CYS G 426 -47.99 -74.17 -90.52
C CYS G 426 -47.89 -72.98 -91.48
N VAL G 427 -47.66 -71.82 -90.91
CA VAL G 427 -47.53 -70.59 -91.67
C VAL G 427 -46.10 -70.46 -92.16
N ARG G 428 -45.94 -69.87 -93.35
CA ARG G 428 -44.63 -69.83 -93.99
C ARG G 428 -43.77 -68.68 -93.47
N ASN G 429 -44.37 -67.51 -93.24
CA ASN G 429 -43.60 -66.28 -93.04
C ASN G 429 -43.44 -65.90 -91.58
N ARG G 430 -43.33 -66.86 -90.68
CA ARG G 430 -43.05 -66.57 -89.27
C ARG G 430 -41.82 -67.38 -88.88
N VAL G 431 -40.65 -66.83 -89.19
CA VAL G 431 -39.37 -67.49 -88.96
C VAL G 431 -38.31 -66.42 -88.80
N GLY G 432 -37.43 -66.59 -87.81
CA GLY G 432 -36.29 -65.71 -87.68
C GLY G 432 -36.67 -64.33 -87.17
N ARG G 433 -35.96 -63.32 -87.66
CA ARG G 433 -36.16 -61.95 -87.25
C ARG G 433 -37.21 -61.27 -88.12
N PHE G 434 -37.99 -60.39 -87.50
CA PHE G 434 -38.98 -59.63 -88.24
C PHE G 434 -39.09 -58.18 -87.79
N ASP G 435 -38.22 -57.71 -86.89
CA ASP G 435 -38.26 -56.32 -86.47
C ASP G 435 -37.02 -56.02 -85.65
N ARG G 436 -36.52 -54.79 -85.79
CA ARG G 436 -35.32 -54.38 -85.08
C ARG G 436 -35.28 -52.87 -85.00
N ALA G 437 -34.51 -52.37 -84.04
CA ALA G 437 -34.29 -50.93 -83.87
C ALA G 437 -32.81 -50.67 -84.16
N GLN G 438 -32.51 -50.20 -85.37
CA GLN G 438 -31.16 -49.89 -85.78
C GLN G 438 -30.96 -48.39 -85.68
N MET G 439 -30.57 -47.92 -84.49
CA MET G 439 -30.49 -46.48 -84.24
C MET G 439 -29.18 -45.86 -84.70
N MET G 440 -28.11 -46.64 -84.80
CA MET G 440 -26.81 -46.13 -85.21
C MET G 440 -26.33 -46.92 -86.42
N ASN G 441 -25.35 -46.34 -87.13
CA ASN G 441 -24.83 -46.94 -88.35
C ASN G 441 -23.78 -47.98 -88.00
N GLY G 442 -24.13 -49.25 -88.20
CA GLY G 442 -23.23 -50.34 -87.89
C GLY G 442 -22.81 -50.38 -86.44
N ALA G 443 -23.78 -50.44 -85.53
CA ALA G 443 -23.47 -50.42 -84.10
C ALA G 443 -24.36 -51.38 -83.34
N MET G 444 -24.64 -52.56 -83.91
CA MET G 444 -25.31 -53.61 -83.14
C MET G 444 -26.68 -53.20 -82.65
N SER G 445 -27.67 -53.21 -83.56
CA SER G 445 -29.06 -52.79 -83.31
C SER G 445 -29.55 -53.16 -81.91
N GLU G 446 -30.28 -52.22 -81.30
CA GLU G 446 -30.51 -52.26 -79.86
C GLU G 446 -31.30 -53.49 -79.44
N TRP G 447 -32.43 -53.75 -80.08
CA TRP G 447 -33.25 -54.90 -79.74
C TRP G 447 -33.86 -55.47 -81.00
N VAL G 448 -34.28 -56.72 -80.93
CA VAL G 448 -34.90 -57.41 -82.06
C VAL G 448 -36.03 -58.28 -81.55
N ASP G 449 -36.93 -58.64 -82.47
CA ASP G 449 -38.01 -59.58 -82.21
C ASP G 449 -37.88 -60.73 -83.19
N VAL G 450 -37.85 -61.95 -82.67
CA VAL G 450 -37.58 -63.13 -83.47
C VAL G 450 -38.56 -64.23 -83.11
N PHE G 451 -39.05 -64.94 -84.12
CA PHE G 451 -39.79 -66.17 -83.90
C PHE G 451 -38.82 -67.31 -83.65
N GLU G 452 -39.07 -68.10 -82.61
CA GLU G 452 -38.21 -69.24 -82.33
C GLU G 452 -38.79 -70.03 -81.16
N THR G 453 -38.26 -71.24 -80.98
CA THR G 453 -38.75 -72.13 -79.94
C THR G 453 -38.49 -71.55 -78.55
N SER G 454 -39.54 -71.45 -77.76
CA SER G 454 -39.50 -70.96 -76.39
C SER G 454 -40.90 -71.07 -75.84
N ASP G 455 -41.02 -71.21 -74.53
CA ASP G 455 -42.34 -71.36 -73.94
C ASP G 455 -42.79 -70.09 -73.22
N ALA G 456 -44.11 -69.88 -73.26
CA ALA G 456 -44.70 -68.64 -72.79
C ALA G 456 -44.41 -68.40 -71.32
N LEU G 457 -44.23 -69.45 -70.54
CA LEU G 457 -44.01 -69.28 -69.10
C LEU G 457 -42.69 -68.54 -68.84
N THR G 458 -41.59 -69.08 -69.35
CA THR G 458 -40.32 -68.41 -69.10
C THR G 458 -40.22 -67.12 -69.88
N VAL G 459 -40.89 -67.01 -71.03
CA VAL G 459 -40.89 -65.74 -71.75
C VAL G 459 -41.58 -64.67 -70.92
N SER G 460 -42.70 -65.00 -70.28
CA SER G 460 -43.39 -64.04 -69.44
C SER G 460 -42.58 -63.69 -68.20
N ILE G 461 -41.90 -64.68 -67.61
CA ILE G 461 -41.08 -64.41 -66.43
C ILE G 461 -39.97 -63.42 -66.77
N ARG G 462 -39.28 -63.67 -67.89
CA ARG G 462 -38.19 -62.77 -68.25
C ARG G 462 -38.71 -61.41 -68.70
N GLY G 463 -39.90 -61.36 -69.31
CA GLY G 463 -40.49 -60.07 -69.61
C GLY G 463 -40.80 -59.26 -68.37
N ARG G 464 -41.34 -59.92 -67.34
CA ARG G 464 -41.58 -59.23 -66.08
C ARG G 464 -40.28 -58.74 -65.46
N TRP G 465 -39.23 -59.57 -65.51
CA TRP G 465 -37.95 -59.16 -64.94
C TRP G 465 -37.39 -57.95 -65.66
N MET G 466 -37.49 -57.92 -67.00
CA MET G 466 -37.00 -56.75 -67.73
C MET G 466 -37.86 -55.53 -67.48
N ALA G 467 -39.17 -55.70 -67.33
CA ALA G 467 -40.03 -54.56 -67.01
C ALA G 467 -39.77 -54.03 -65.61
N ARG G 468 -39.29 -54.87 -64.70
CA ARG G 468 -38.88 -54.38 -63.40
C ARG G 468 -37.56 -53.64 -63.46
N LEU G 469 -36.61 -54.16 -64.24
CA LEU G 469 -35.31 -53.48 -64.35
C LEU G 469 -35.44 -52.16 -65.07
N ALA G 470 -36.32 -52.08 -66.07
CA ALA G 470 -36.44 -50.85 -66.84
C ALA G 470 -37.03 -49.70 -66.03
N ARG G 471 -37.66 -50.01 -64.90
CA ARG G 471 -38.22 -48.98 -64.04
C ARG G 471 -37.16 -48.32 -63.15
N MET G 472 -36.05 -48.99 -62.92
CA MET G 472 -34.96 -48.46 -62.10
C MET G 472 -33.92 -47.71 -62.92
N ASN G 473 -34.12 -47.56 -64.22
CA ASN G 473 -33.08 -47.05 -65.10
C ASN G 473 -32.95 -45.54 -64.95
N ILE G 474 -31.71 -45.08 -64.75
CA ILE G 474 -31.39 -43.67 -64.69
C ILE G 474 -30.39 -43.36 -65.79
N ASN G 475 -30.34 -42.10 -66.19
CA ASN G 475 -29.45 -41.67 -67.25
C ASN G 475 -28.37 -40.73 -66.73
N PRO G 476 -27.32 -40.50 -67.52
CA PRO G 476 -26.17 -39.71 -67.02
C PRO G 476 -26.54 -38.29 -66.63
N THR G 477 -27.50 -37.68 -67.33
CA THR G 477 -27.91 -36.32 -66.96
C THR G 477 -28.49 -36.29 -65.56
N GLU G 478 -29.42 -37.20 -65.28
CA GLU G 478 -30.01 -37.24 -63.94
C GLU G 478 -28.96 -37.59 -62.90
N ILE G 479 -28.01 -38.46 -63.25
CA ILE G 479 -26.96 -38.80 -62.28
C ILE G 479 -26.12 -37.58 -61.94
N GLU G 480 -25.73 -36.80 -62.95
CA GLU G 480 -24.88 -35.65 -62.67
C GLU G 480 -25.65 -34.56 -61.95
N TRP G 481 -26.93 -34.38 -62.28
CA TRP G 481 -27.75 -33.43 -61.51
C TRP G 481 -27.81 -33.83 -60.05
N ALA G 482 -28.05 -35.11 -59.77
CA ALA G 482 -28.13 -35.57 -58.39
C ALA G 482 -26.81 -35.39 -57.67
N LEU G 483 -25.69 -35.73 -58.31
CA LEU G 483 -24.40 -35.59 -57.66
C LEU G 483 -24.06 -34.13 -57.39
N THR G 484 -24.35 -33.25 -58.35
CA THR G 484 -24.07 -31.84 -58.15
C THR G 484 -24.93 -31.27 -57.03
N GLU G 485 -26.20 -31.68 -56.96
CA GLU G 485 -27.06 -31.19 -55.89
C GLU G 485 -26.63 -31.75 -54.54
N CYS G 486 -26.13 -32.98 -54.49
CA CYS G 486 -25.63 -33.53 -53.23
C CYS G 486 -24.39 -32.79 -52.76
N ALA G 487 -23.45 -32.57 -53.66
CA ALA G 487 -22.21 -31.90 -53.29
C ALA G 487 -22.38 -30.40 -53.09
N GLN G 488 -23.51 -29.83 -53.52
CA GLN G 488 -23.84 -28.45 -53.23
C GLN G 488 -22.86 -27.47 -53.91
N GLY G 489 -22.59 -27.72 -55.18
CA GLY G 489 -21.83 -26.79 -55.99
C GLY G 489 -20.33 -26.83 -55.80
N TYR G 490 -19.83 -27.57 -54.82
CA TYR G 490 -18.38 -27.63 -54.62
C TYR G 490 -17.72 -28.55 -55.64
N VAL G 491 -18.44 -29.54 -56.14
CA VAL G 491 -17.91 -30.51 -57.08
C VAL G 491 -18.78 -30.52 -58.32
N THR G 492 -18.15 -30.42 -59.49
CA THR G 492 -18.85 -30.46 -60.77
C THR G 492 -18.57 -31.78 -61.47
N VAL G 493 -19.59 -32.30 -62.14
CA VAL G 493 -19.48 -33.52 -62.92
C VAL G 493 -20.15 -33.29 -64.26
N THR G 494 -19.58 -33.87 -65.31
CA THR G 494 -20.05 -33.63 -66.67
C THR G 494 -20.62 -34.91 -67.26
N SER G 495 -21.66 -34.76 -68.07
CA SER G 495 -22.22 -35.85 -68.86
C SER G 495 -22.15 -35.50 -70.34
N PRO G 496 -22.25 -36.48 -71.23
CA PRO G 496 -22.18 -36.19 -72.66
C PRO G 496 -23.51 -35.66 -73.20
N TYR G 497 -23.46 -35.20 -74.44
CA TYR G 497 -24.59 -34.57 -75.13
C TYR G 497 -24.72 -35.13 -76.55
N ALA G 498 -24.78 -36.44 -76.67
CA ALA G 498 -24.92 -36.99 -78.01
C ALA G 498 -25.93 -38.13 -78.04
N PRO G 499 -26.32 -38.58 -79.22
CA PRO G 499 -27.17 -39.78 -79.32
C PRO G 499 -26.51 -40.97 -78.64
N SER G 500 -27.21 -41.52 -77.64
CA SER G 500 -26.64 -42.54 -76.77
C SER G 500 -26.62 -43.88 -77.50
N VAL G 501 -26.32 -44.94 -76.76
CA VAL G 501 -26.30 -46.29 -77.30
C VAL G 501 -27.12 -47.19 -76.38
N ASN G 502 -28.07 -46.60 -75.66
CA ASN G 502 -29.01 -47.35 -74.82
C ASN G 502 -28.29 -48.14 -73.73
N ARG G 503 -27.67 -47.39 -72.81
CA ARG G 503 -27.17 -47.96 -71.58
C ARG G 503 -28.31 -48.56 -70.77
N LEU G 504 -27.95 -49.34 -69.76
CA LEU G 504 -28.92 -49.88 -68.80
C LEU G 504 -28.25 -49.95 -67.44
N MET G 505 -28.62 -49.04 -66.55
CA MET G 505 -28.02 -48.98 -65.22
C MET G 505 -29.13 -48.80 -64.19
N PRO G 506 -29.66 -49.89 -63.67
CA PRO G 506 -30.79 -49.81 -62.72
C PRO G 506 -30.32 -49.40 -61.34
N TYR G 507 -30.63 -48.17 -60.95
CA TYR G 507 -30.21 -47.69 -59.64
C TYR G 507 -31.28 -46.90 -58.89
N ARG G 508 -32.44 -46.63 -59.48
CA ARG G 508 -33.46 -45.81 -58.83
C ARG G 508 -34.51 -46.69 -58.17
N ILE G 509 -34.89 -46.32 -56.94
CA ILE G 509 -35.84 -47.09 -56.15
C ILE G 509 -36.78 -46.13 -55.42
N SER G 510 -37.95 -46.64 -55.07
CA SER G 510 -38.96 -45.85 -54.40
C SER G 510 -38.51 -45.54 -52.97
N ASN G 511 -39.36 -44.81 -52.25
CA ASN G 511 -39.05 -44.44 -50.88
C ASN G 511 -39.45 -45.52 -49.88
N ALA G 512 -40.47 -46.31 -50.20
CA ALA G 512 -40.89 -47.37 -49.29
C ALA G 512 -39.78 -48.40 -49.09
N GLU G 513 -39.06 -48.72 -50.17
CA GLU G 513 -37.98 -49.69 -50.06
C GLU G 513 -36.86 -49.18 -49.15
N ARG G 514 -36.50 -47.91 -49.29
CA ARG G 514 -35.47 -47.36 -48.44
C ARG G 514 -35.93 -47.28 -46.99
N GLN G 515 -37.20 -46.96 -46.76
CA GLN G 515 -37.68 -46.91 -45.39
C GLN G 515 -37.69 -48.28 -44.75
N ILE G 516 -38.07 -49.30 -45.51
CA ILE G 516 -38.04 -50.67 -44.98
C ILE G 516 -36.62 -51.11 -44.68
N SER G 517 -35.69 -50.80 -45.58
CA SER G 517 -34.29 -51.13 -45.34
C SER G 517 -33.77 -50.44 -44.10
N GLN G 518 -34.13 -49.18 -43.90
CA GLN G 518 -33.70 -48.46 -42.70
C GLN G 518 -34.27 -49.07 -41.44
N ILE G 519 -35.55 -49.49 -41.49
CA ILE G 519 -36.14 -50.15 -40.33
C ILE G 519 -35.39 -51.41 -39.99
N ILE G 520 -35.07 -52.23 -41.00
CA ILE G 520 -34.35 -53.46 -40.73
C ILE G 520 -32.95 -53.17 -40.17
N ARG G 521 -32.29 -52.12 -40.68
CA ARG G 521 -30.97 -51.78 -40.17
C ARG G 521 -31.03 -51.39 -38.69
N VAL G 522 -32.00 -50.56 -38.32
CA VAL G 522 -32.12 -50.17 -36.91
C VAL G 522 -32.46 -51.38 -36.06
N MET G 523 -33.32 -52.26 -36.59
CA MET G 523 -33.64 -53.50 -35.88
C MET G 523 -32.39 -54.33 -35.62
N ASN G 524 -31.44 -54.33 -36.55
CA ASN G 524 -30.18 -55.01 -36.31
C ASN G 524 -29.34 -54.28 -35.26
N ILE G 525 -29.31 -52.95 -35.33
CA ILE G 525 -28.40 -52.20 -34.45
C ILE G 525 -28.84 -52.28 -32.99
N GLY G 526 -30.14 -52.32 -32.73
CA GLY G 526 -30.69 -52.06 -31.40
C GLY G 526 -30.03 -52.64 -30.17
N ASN G 527 -29.55 -51.75 -29.28
CA ASN G 527 -29.07 -52.12 -27.94
C ASN G 527 -27.73 -52.87 -27.97
N ASN G 528 -26.79 -52.42 -28.79
CA ASN G 528 -25.48 -53.06 -28.85
C ASN G 528 -24.34 -52.16 -28.44
N ALA G 529 -24.20 -51.00 -29.06
CA ALA G 529 -23.18 -49.98 -28.81
C ALA G 529 -21.82 -50.35 -29.36
N THR G 530 -21.61 -51.58 -29.84
CA THR G 530 -20.43 -51.90 -30.62
C THR G 530 -20.72 -52.07 -32.10
N VAL G 531 -21.99 -52.25 -32.46
CA VAL G 531 -22.38 -52.28 -33.86
C VAL G 531 -22.51 -50.88 -34.44
N ILE G 532 -22.71 -49.86 -33.59
CA ILE G 532 -22.91 -48.51 -34.08
C ILE G 532 -21.67 -47.63 -33.93
N GLN G 533 -20.78 -47.94 -33.01
CA GLN G 533 -19.63 -47.08 -32.73
C GLN G 533 -18.65 -46.95 -33.90
N PRO G 534 -18.34 -48.02 -34.64
CA PRO G 534 -17.46 -47.86 -35.82
C PRO G 534 -17.98 -46.86 -36.84
N VAL G 535 -19.30 -46.72 -36.96
CA VAL G 535 -19.86 -45.74 -37.89
C VAL G 535 -19.50 -44.33 -37.43
N LEU G 536 -19.69 -44.04 -36.14
CA LEU G 536 -19.27 -42.74 -35.62
C LEU G 536 -17.78 -42.55 -35.78
N GLN G 537 -17.01 -43.62 -35.62
CA GLN G 537 -15.55 -43.52 -35.72
C GLN G 537 -15.13 -43.07 -37.11
N ASP G 538 -15.56 -43.79 -38.15
CA ASP G 538 -15.09 -43.42 -39.47
C ASP G 538 -15.75 -42.14 -39.99
N ILE G 539 -16.94 -41.80 -39.48
CA ILE G 539 -17.48 -40.47 -39.78
C ILE G 539 -16.57 -39.39 -39.23
N SER G 540 -16.08 -39.58 -37.99
CA SER G 540 -15.13 -38.62 -37.44
C SER G 540 -13.85 -38.58 -38.24
N VAL G 541 -13.43 -39.73 -38.76
CA VAL G 541 -12.22 -39.78 -39.58
C VAL G 541 -12.36 -38.91 -40.81
N LEU G 542 -13.46 -39.08 -41.56
CA LEU G 542 -13.56 -38.27 -42.76
C LEU G 542 -13.90 -36.81 -42.44
N LEU G 543 -14.50 -36.53 -41.29
CA LEU G 543 -14.60 -35.14 -40.85
C LEU G 543 -13.23 -34.54 -40.62
N GLN G 544 -12.31 -35.31 -40.05
CA GLN G 544 -10.94 -34.82 -39.91
C GLN G 544 -10.30 -34.59 -41.26
N ARG G 545 -10.57 -35.47 -42.22
CA ARG G 545 -9.97 -35.30 -43.54
C ARG G 545 -10.50 -34.06 -44.25
N ILE G 546 -11.78 -33.74 -44.06
CA ILE G 546 -12.41 -32.69 -44.85
C ILE G 546 -12.35 -31.32 -44.18
N SER G 547 -12.48 -31.27 -42.87
CA SER G 547 -12.73 -30.00 -42.18
C SER G 547 -11.49 -29.10 -42.23
N PRO G 548 -11.68 -27.79 -42.42
CA PRO G 548 -10.56 -26.86 -42.37
C PRO G 548 -10.18 -26.41 -40.98
N LEU G 549 -11.01 -26.65 -39.98
CA LEU G 549 -10.69 -26.25 -38.62
C LEU G 549 -9.50 -27.05 -38.10
N GLN G 550 -8.73 -26.43 -37.21
CA GLN G 550 -7.55 -27.05 -36.63
C GLN G 550 -7.43 -26.59 -35.20
N ILE G 551 -7.51 -27.53 -34.26
CA ILE G 551 -7.49 -27.21 -32.84
C ILE G 551 -6.04 -27.17 -32.38
N ASP G 552 -5.55 -25.98 -32.05
CA ASP G 552 -4.21 -25.81 -31.50
C ASP G 552 -4.30 -25.27 -30.09
N PRO G 553 -4.20 -26.11 -29.06
CA PRO G 553 -4.40 -25.64 -27.68
C PRO G 553 -3.21 -24.89 -27.11
N THR G 554 -2.64 -23.97 -27.89
CA THR G 554 -1.70 -23.00 -27.35
C THR G 554 -2.33 -21.63 -27.22
N ILE G 555 -3.50 -21.41 -27.81
CA ILE G 555 -4.24 -20.18 -27.58
C ILE G 555 -4.55 -20.02 -26.10
N ILE G 556 -4.98 -21.10 -25.46
CA ILE G 556 -5.32 -21.05 -24.04
C ILE G 556 -4.09 -20.70 -23.21
N SER G 557 -2.95 -21.32 -23.52
CA SER G 557 -1.73 -21.04 -22.77
C SER G 557 -1.28 -19.60 -22.98
N ASN G 558 -1.29 -19.13 -24.23
CA ASN G 558 -0.82 -17.78 -24.51
C ASN G 558 -1.75 -16.72 -23.93
N THR G 559 -3.03 -17.05 -23.76
CA THR G 559 -3.94 -16.09 -23.15
C THR G 559 -3.92 -16.16 -21.63
N MET G 560 -3.59 -17.31 -21.05
CA MET G 560 -3.51 -17.41 -19.60
C MET G 560 -2.16 -16.98 -19.05
N SER G 561 -1.11 -16.97 -19.87
CA SER G 561 0.18 -16.50 -19.39
C SER G 561 0.25 -14.99 -19.20
N THR G 562 -0.71 -14.25 -19.76
CA THR G 562 -0.73 -12.79 -19.64
C THR G 562 -1.56 -12.33 -18.45
N VAL G 563 -1.94 -13.23 -17.55
CA VAL G 563 -2.72 -12.85 -16.39
C VAL G 563 -1.81 -12.24 -15.35
N SER G 564 -2.28 -11.19 -14.69
CA SER G 564 -1.52 -10.51 -13.66
C SER G 564 -2.03 -10.95 -12.30
N GLU G 565 -1.17 -11.64 -11.55
CA GLU G 565 -1.52 -12.07 -10.21
C GLU G 565 -0.24 -12.13 -9.37
N SER G 566 -0.39 -11.89 -8.07
CA SER G 566 0.76 -11.81 -7.19
C SER G 566 1.41 -13.18 -7.02
N THR G 567 2.46 -13.22 -6.21
CA THR G 567 3.17 -14.45 -5.92
C THR G 567 3.09 -14.87 -4.46
N THR G 568 2.88 -13.93 -3.54
CA THR G 568 2.68 -14.26 -2.13
C THR G 568 1.21 -14.59 -1.91
N GLN G 569 0.81 -15.73 -2.46
CA GLN G 569 -0.59 -16.12 -2.48
C GLN G 569 -0.71 -17.60 -2.81
N THR G 570 -1.49 -18.34 -2.03
CA THR G 570 -1.53 -19.79 -2.15
C THR G 570 -2.53 -20.30 -3.18
N LEU G 571 -3.20 -19.42 -3.91
CA LEU G 571 -4.13 -19.84 -4.96
C LEU G 571 -3.84 -19.08 -6.23
N SER G 572 -4.10 -19.73 -7.37
CA SER G 572 -3.89 -19.12 -8.67
C SER G 572 -4.89 -19.66 -9.67
N PRO G 573 -5.88 -18.85 -10.07
CA PRO G 573 -6.90 -19.35 -11.01
C PRO G 573 -6.33 -19.75 -12.35
N ALA G 574 -5.30 -19.06 -12.84
CA ALA G 574 -4.70 -19.40 -14.12
C ALA G 574 -4.11 -20.81 -14.08
N SER G 575 -3.23 -21.07 -13.12
CA SER G 575 -2.65 -22.40 -12.96
C SER G 575 -3.74 -23.44 -12.70
N SER G 576 -4.78 -23.06 -11.97
CA SER G 576 -5.83 -24.02 -11.64
C SER G 576 -6.56 -24.47 -12.89
N ILE G 577 -6.95 -23.53 -13.75
CA ILE G 577 -7.64 -23.93 -14.97
C ILE G 577 -6.69 -24.61 -15.94
N LEU G 578 -5.41 -24.21 -15.98
CA LEU G 578 -4.49 -24.92 -16.86
C LEU G 578 -4.35 -26.38 -16.44
N GLY G 579 -4.34 -26.64 -15.14
CA GLY G 579 -4.31 -28.02 -14.68
C GLY G 579 -5.61 -28.76 -14.95
N LYS G 580 -6.75 -28.09 -14.73
CA LYS G 580 -8.04 -28.75 -14.93
C LYS G 580 -8.31 -29.02 -16.40
N LEU G 581 -7.76 -28.20 -17.29
CA LEU G 581 -8.07 -28.21 -18.71
C LEU G 581 -7.08 -29.04 -19.51
N ARG G 582 -5.78 -28.92 -19.20
CA ARG G 582 -4.72 -29.74 -19.78
C ARG G 582 -4.78 -29.69 -21.31
N PRO G 583 -4.45 -28.56 -21.91
CA PRO G 583 -4.52 -28.47 -23.37
C PRO G 583 -3.48 -29.35 -24.05
N SER G 584 -3.94 -30.40 -24.72
CA SER G 584 -3.04 -31.32 -25.42
C SER G 584 -3.79 -31.91 -26.60
N ASN G 585 -3.23 -31.77 -27.80
CA ASN G 585 -3.85 -32.28 -29.00
C ASN G 585 -3.58 -33.77 -29.16
N SER G 586 -3.90 -34.54 -28.14
CA SER G 586 -3.77 -35.99 -28.21
C SER G 586 -5.05 -36.62 -28.74
N ASP G 587 -6.17 -36.36 -28.07
CA ASP G 587 -7.45 -36.94 -28.44
C ASP G 587 -8.48 -35.81 -28.47
N PHE G 588 -8.63 -35.18 -29.63
CA PHE G 588 -9.76 -34.31 -29.90
C PHE G 588 -10.73 -34.96 -30.87
N SER G 589 -10.68 -36.29 -30.96
CA SER G 589 -11.70 -37.04 -31.67
C SER G 589 -13.02 -37.04 -30.93
N SER G 590 -13.03 -36.68 -29.64
CA SER G 590 -14.29 -36.56 -28.93
C SER G 590 -15.17 -35.48 -29.54
N PHE G 591 -14.54 -34.37 -29.95
CA PHE G 591 -15.28 -33.31 -30.63
C PHE G 591 -15.94 -33.83 -31.90
N ARG G 592 -15.21 -34.59 -32.70
CA ARG G 592 -15.77 -35.09 -33.95
C ARG G 592 -16.81 -36.16 -33.71
N VAL G 593 -16.64 -36.99 -32.69
CA VAL G 593 -17.65 -37.99 -32.38
C VAL G 593 -18.92 -37.33 -31.91
N ALA G 594 -18.79 -36.23 -31.15
CA ALA G 594 -19.97 -35.46 -30.78
C ALA G 594 -20.64 -34.87 -32.01
N LEU G 595 -19.85 -34.34 -32.94
CA LEU G 595 -20.46 -33.77 -34.16
C LEU G 595 -21.15 -34.85 -34.99
N ALA G 596 -20.62 -36.07 -34.98
CA ALA G 596 -21.22 -37.12 -35.79
C ALA G 596 -22.43 -37.74 -35.12
N GLY G 597 -22.48 -37.72 -33.79
CA GLY G 597 -23.65 -38.22 -33.09
C GLY G 597 -24.91 -37.42 -33.33
N TRP G 598 -24.80 -36.22 -33.90
CA TRP G 598 -25.99 -35.45 -34.23
C TRP G 598 -26.81 -36.15 -35.30
N LEU G 599 -26.16 -36.86 -36.21
CA LEU G 599 -26.85 -37.59 -37.26
C LEU G 599 -27.62 -38.79 -36.72
N TYR G 600 -27.42 -39.17 -35.46
CA TYR G 600 -28.02 -40.39 -34.90
C TYR G 600 -28.41 -40.10 -33.46
N ASN G 601 -29.65 -39.69 -33.24
CA ASN G 601 -30.19 -39.61 -31.88
C ASN G 601 -31.34 -40.57 -31.66
N GLY G 602 -31.79 -41.27 -32.70
CA GLY G 602 -32.77 -42.31 -32.52
C GLY G 602 -32.18 -43.60 -31.99
N VAL G 603 -30.92 -43.88 -32.31
CA VAL G 603 -30.23 -45.07 -31.84
C VAL G 603 -29.13 -44.74 -30.84
N VAL G 604 -28.33 -43.71 -31.12
CA VAL G 604 -27.21 -43.33 -30.27
C VAL G 604 -27.56 -42.08 -29.51
N THR G 605 -27.12 -41.99 -28.27
CA THR G 605 -27.35 -40.83 -27.43
C THR G 605 -26.06 -40.50 -26.71
N THR G 606 -25.36 -39.46 -27.15
CA THR G 606 -24.11 -39.08 -26.55
C THR G 606 -24.35 -38.34 -25.24
N VAL G 607 -23.69 -38.78 -24.18
CA VAL G 607 -23.86 -38.22 -22.86
C VAL G 607 -22.49 -37.98 -22.25
N ILE G 608 -22.35 -36.90 -21.48
CA ILE G 608 -21.09 -36.61 -20.82
C ILE G 608 -20.80 -37.69 -19.78
N ASP G 609 -19.58 -38.19 -19.77
CA ASP G 609 -19.19 -39.18 -18.78
C ASP G 609 -19.29 -38.61 -17.38
N ASP G 610 -19.48 -39.50 -16.40
CA ASP G 610 -19.56 -39.05 -15.02
C ASP G 610 -18.19 -38.92 -14.36
N SER G 611 -17.11 -39.20 -15.09
CA SER G 611 -15.78 -38.89 -14.60
C SER G 611 -15.46 -37.41 -14.72
N SER G 612 -16.31 -36.64 -15.39
CA SER G 612 -16.12 -35.21 -15.55
C SER G 612 -16.78 -34.40 -14.43
N TYR G 613 -17.55 -35.04 -13.57
CA TYR G 613 -18.27 -34.35 -12.51
C TYR G 613 -17.39 -34.24 -11.27
N PRO G 614 -17.77 -33.39 -10.33
CA PRO G 614 -16.84 -32.94 -9.28
C PRO G 614 -16.51 -33.93 -8.17
N LYS G 615 -16.75 -35.23 -8.37
CA LYS G 615 -16.34 -36.25 -7.40
C LYS G 615 -17.08 -36.06 -6.07
N ASP G 616 -18.37 -36.38 -6.11
CA ASP G 616 -19.21 -36.50 -4.91
C ASP G 616 -19.28 -35.16 -4.17
N GLY G 617 -19.89 -34.19 -4.84
CA GLY G 617 -20.11 -32.91 -4.21
C GLY G 617 -19.47 -31.77 -4.96
N GLY G 618 -18.43 -31.19 -4.36
CA GLY G 618 -17.82 -30.00 -4.90
C GLY G 618 -18.57 -28.79 -4.39
N SER G 619 -17.84 -27.81 -3.86
CA SER G 619 -18.47 -26.62 -3.30
C SER G 619 -17.98 -25.39 -4.05
N VAL G 620 -18.74 -24.30 -3.93
CA VAL G 620 -18.40 -23.06 -4.61
C VAL G 620 -17.16 -22.41 -4.03
N THR G 621 -16.70 -22.85 -2.86
CA THR G 621 -15.46 -22.32 -2.30
C THR G 621 -14.22 -22.99 -2.88
N SER G 622 -14.38 -24.02 -3.70
CA SER G 622 -13.27 -24.77 -4.24
C SER G 622 -13.04 -24.37 -5.69
N LEU G 623 -11.82 -23.91 -5.98
CA LEU G 623 -11.51 -23.40 -7.31
C LEU G 623 -11.57 -24.51 -8.35
N GLU G 624 -11.13 -25.71 -7.99
CA GLU G 624 -11.26 -26.85 -8.89
C GLU G 624 -12.72 -27.08 -9.28
N ASN G 625 -13.62 -27.01 -8.31
CA ASN G 625 -15.03 -27.27 -8.62
C ASN G 625 -15.64 -26.13 -9.42
N LEU G 626 -15.18 -24.90 -9.21
CA LEU G 626 -15.63 -23.80 -10.07
C LEU G 626 -15.23 -24.05 -11.51
N TRP G 627 -13.97 -24.40 -11.74
CA TRP G 627 -13.56 -24.65 -13.12
C TRP G 627 -14.25 -25.88 -13.70
N ASP G 628 -14.54 -26.89 -12.87
CA ASP G 628 -15.30 -28.05 -13.33
C ASP G 628 -16.69 -27.64 -13.80
N PHE G 629 -17.34 -26.76 -13.02
CA PHE G 629 -18.64 -26.25 -13.44
C PHE G 629 -18.54 -25.54 -14.77
N PHE G 630 -17.51 -24.72 -14.95
CA PHE G 630 -17.35 -24.01 -16.23
C PHE G 630 -17.20 -24.97 -17.38
N ILE G 631 -16.33 -25.97 -17.23
CA ILE G 631 -16.07 -26.93 -18.30
C ILE G 631 -17.35 -27.69 -18.66
N LEU G 632 -18.07 -28.17 -17.65
CA LEU G 632 -19.30 -28.91 -17.93
C LEU G 632 -20.35 -28.01 -18.57
N ALA G 633 -20.45 -26.75 -18.12
CA ALA G 633 -21.45 -25.86 -18.66
C ALA G 633 -21.17 -25.53 -20.12
N LEU G 634 -19.91 -25.49 -20.52
CA LEU G 634 -19.64 -25.30 -21.94
C LEU G 634 -19.81 -26.59 -22.74
N ALA G 635 -19.51 -27.74 -22.15
CA ALA G 635 -19.53 -28.97 -22.94
C ALA G 635 -20.92 -29.55 -23.11
N LEU G 636 -21.84 -29.27 -22.18
CA LEU G 636 -23.15 -29.92 -22.23
C LEU G 636 -23.98 -29.58 -23.47
N PRO G 637 -24.06 -28.34 -23.95
CA PRO G 637 -24.95 -28.05 -25.08
C PRO G 637 -24.60 -28.74 -26.40
N LEU G 638 -23.48 -29.44 -26.46
CA LEU G 638 -23.05 -30.11 -27.68
C LEU G 638 -23.32 -31.61 -27.66
N THR G 639 -24.23 -32.07 -26.82
CA THR G 639 -24.59 -33.47 -26.75
C THR G 639 -26.07 -33.64 -27.08
N THR G 640 -26.40 -34.78 -27.68
CA THR G 640 -27.78 -35.09 -28.04
C THR G 640 -28.56 -35.70 -26.88
N ASP G 641 -28.05 -35.61 -25.67
CA ASP G 641 -28.78 -36.08 -24.52
C ASP G 641 -29.89 -35.09 -24.16
N PRO G 642 -31.15 -35.53 -24.07
CA PRO G 642 -32.23 -34.58 -23.79
C PRO G 642 -32.20 -33.98 -22.39
N CYS G 643 -31.43 -34.56 -21.46
CA CYS G 643 -31.42 -34.11 -20.08
C CYS G 643 -30.21 -33.26 -19.74
N ALA G 644 -29.49 -32.78 -20.75
CA ALA G 644 -28.33 -31.92 -20.51
C ALA G 644 -28.65 -30.65 -19.73
N PRO G 645 -29.73 -29.91 -20.02
CA PRO G 645 -29.99 -28.70 -19.24
C PRO G 645 -30.17 -28.96 -17.76
N VAL G 646 -30.95 -29.98 -17.41
CA VAL G 646 -31.16 -30.30 -16.01
C VAL G 646 -29.90 -30.82 -15.37
N LYS G 647 -29.07 -31.56 -16.11
CA LYS G 647 -27.81 -31.99 -15.54
C LYS G 647 -26.92 -30.79 -15.24
N ALA G 648 -26.95 -29.75 -16.07
CA ALA G 648 -26.18 -28.55 -15.78
C ALA G 648 -26.71 -27.82 -14.55
N PHE G 649 -28.02 -27.59 -14.52
CA PHE G 649 -28.64 -26.91 -13.39
C PHE G 649 -28.34 -27.61 -12.09
N MET G 650 -28.41 -28.94 -12.07
CA MET G 650 -28.15 -29.65 -10.84
C MET G 650 -26.68 -29.86 -10.57
N THR G 651 -25.82 -29.71 -11.57
CA THR G 651 -24.40 -29.55 -11.27
C THR G 651 -24.19 -28.34 -10.38
N LEU G 652 -24.78 -27.21 -10.76
CA LEU G 652 -24.65 -26.03 -9.91
C LEU G 652 -25.34 -26.23 -8.56
N ALA G 653 -26.51 -26.87 -8.56
CA ALA G 653 -27.25 -27.08 -7.32
C ALA G 653 -26.46 -27.93 -6.33
N ASN G 654 -25.91 -29.06 -6.80
CA ASN G 654 -25.03 -29.85 -5.95
C ASN G 654 -23.84 -29.03 -5.48
N MET G 655 -23.21 -28.30 -6.41
CA MET G 655 -21.98 -27.60 -6.10
C MET G 655 -22.18 -26.53 -5.04
N MET G 656 -23.39 -26.01 -4.88
CA MET G 656 -23.65 -25.05 -3.80
C MET G 656 -24.80 -25.55 -2.92
N VAL G 657 -24.45 -26.37 -1.94
CA VAL G 657 -25.37 -26.86 -0.93
C VAL G 657 -24.85 -26.40 0.43
N GLY G 658 -25.75 -25.92 1.27
CA GLY G 658 -25.37 -25.25 2.49
C GLY G 658 -25.24 -23.75 2.35
N PHE G 659 -25.10 -23.25 1.12
CA PHE G 659 -25.14 -21.82 0.83
C PHE G 659 -26.54 -21.37 0.40
N GLU G 660 -27.16 -22.11 -0.51
CA GLU G 660 -28.53 -21.86 -0.92
C GLU G 660 -29.31 -23.16 -0.83
N THR G 661 -30.62 -23.08 -1.04
CA THR G 661 -31.49 -24.23 -0.85
C THR G 661 -32.71 -24.11 -1.73
N ILE G 662 -33.18 -25.25 -2.24
CA ILE G 662 -34.40 -25.29 -3.05
C ILE G 662 -35.17 -26.55 -2.72
N PRO G 663 -36.49 -26.53 -2.90
CA PRO G 663 -37.30 -27.69 -2.58
C PRO G 663 -37.25 -28.71 -3.71
N MET G 664 -37.00 -29.97 -3.36
CA MET G 664 -36.93 -31.05 -4.32
C MET G 664 -38.23 -31.85 -4.30
N ASP G 665 -38.33 -32.82 -5.21
CA ASP G 665 -39.58 -33.56 -5.36
C ASP G 665 -39.79 -34.57 -4.26
N ASN G 666 -38.74 -35.24 -3.82
CA ASN G 666 -38.86 -36.25 -2.76
C ASN G 666 -37.57 -36.24 -1.95
N GLN G 667 -37.36 -37.29 -1.18
CA GLN G 667 -36.17 -37.38 -0.33
C GLN G 667 -35.11 -38.30 -0.90
N ILE G 668 -35.33 -38.85 -2.10
CA ILE G 668 -34.34 -39.70 -2.76
C ILE G 668 -33.47 -38.84 -3.65
N TYR G 669 -34.09 -38.16 -4.62
CA TYR G 669 -33.38 -37.23 -5.49
C TYR G 669 -33.29 -35.85 -4.84
N THR G 670 -32.59 -35.82 -3.70
CA THR G 670 -32.41 -34.59 -2.96
C THR G 670 -31.43 -33.67 -3.69
N GLN G 671 -31.12 -32.54 -3.06
CA GLN G 671 -30.22 -31.58 -3.68
C GLN G 671 -28.77 -32.03 -3.65
N SER G 672 -28.39 -32.88 -2.70
CA SER G 672 -27.05 -33.40 -2.64
C SER G 672 -26.84 -34.64 -3.49
N ARG G 673 -27.89 -35.12 -4.16
CA ARG G 673 -27.75 -36.27 -5.04
C ARG G 673 -26.83 -35.92 -6.20
N ARG G 674 -26.07 -36.92 -6.65
CA ARG G 674 -25.11 -36.72 -7.73
C ARG G 674 -25.80 -36.21 -8.97
N ALA G 675 -25.26 -35.14 -9.55
CA ALA G 675 -25.94 -34.45 -10.63
C ALA G 675 -26.11 -35.32 -11.87
N SER G 676 -25.19 -36.26 -12.08
CA SER G 676 -25.23 -37.09 -13.28
C SER G 676 -26.33 -38.14 -13.24
N ALA G 677 -27.11 -38.21 -12.16
CA ALA G 677 -28.16 -39.21 -12.04
C ALA G 677 -29.51 -38.71 -12.52
N PHE G 678 -29.65 -37.43 -12.82
CA PHE G 678 -30.91 -36.90 -13.35
C PHE G 678 -30.88 -37.12 -14.86
N SER G 679 -31.32 -38.29 -15.29
CA SER G 679 -31.14 -38.69 -16.68
C SER G 679 -32.42 -39.20 -17.32
N THR G 680 -33.58 -38.76 -16.83
CA THR G 680 -34.84 -39.07 -17.47
C THR G 680 -35.77 -37.89 -17.31
N PRO G 681 -36.78 -37.77 -18.17
CA PRO G 681 -37.72 -36.64 -18.04
C PRO G 681 -38.49 -36.64 -16.73
N HIS G 682 -38.78 -37.83 -16.18
CA HIS G 682 -39.51 -37.89 -14.92
C HIS G 682 -38.78 -37.22 -13.78
N THR G 683 -37.45 -37.12 -13.87
CA THR G 683 -36.61 -36.75 -12.75
C THR G 683 -36.43 -35.25 -12.59
N TRP G 684 -36.86 -34.45 -13.57
CA TRP G 684 -36.60 -33.02 -13.52
C TRP G 684 -37.36 -32.40 -12.35
N PRO G 685 -36.68 -31.66 -11.47
CA PRO G 685 -37.34 -31.16 -10.27
C PRO G 685 -38.42 -30.15 -10.59
N ARG G 686 -39.45 -30.12 -9.74
CA ARG G 686 -40.56 -29.20 -9.95
C ARG G 686 -40.11 -27.74 -9.87
N CYS G 687 -39.07 -27.46 -9.09
CA CYS G 687 -38.56 -26.11 -8.96
C CYS G 687 -37.78 -25.64 -10.19
N PHE G 688 -37.45 -26.55 -11.10
CA PHE G 688 -36.85 -26.16 -12.37
C PHE G 688 -37.87 -25.87 -13.44
N MET G 689 -39.11 -26.34 -13.26
CA MET G 689 -40.20 -26.06 -14.18
C MET G 689 -41.15 -24.99 -13.66
N ASN G 690 -41.09 -24.68 -12.37
CA ASN G 690 -41.80 -23.55 -11.78
C ASN G 690 -40.78 -22.63 -11.14
N ILE G 691 -40.40 -21.56 -11.84
CA ILE G 691 -39.24 -20.77 -11.45
C ILE G 691 -39.45 -20.07 -10.11
N GLN G 692 -40.70 -19.80 -9.74
CA GLN G 692 -40.95 -19.01 -8.54
C GLN G 692 -40.81 -19.82 -7.24
N LEU G 693 -40.22 -21.01 -7.30
CA LEU G 693 -39.86 -21.78 -6.12
C LEU G 693 -38.38 -21.68 -5.80
N ILE G 694 -37.67 -20.79 -6.48
CA ILE G 694 -36.23 -20.58 -6.30
C ILE G 694 -36.03 -19.15 -5.85
N SER G 695 -36.89 -18.67 -4.94
CA SER G 695 -37.06 -17.29 -4.50
C SER G 695 -35.75 -16.53 -4.35
N PRO G 696 -35.64 -15.35 -4.96
CA PRO G 696 -34.35 -14.66 -5.02
C PRO G 696 -33.82 -14.19 -3.68
N ILE G 697 -34.63 -14.19 -2.63
CA ILE G 697 -34.11 -13.83 -1.32
C ILE G 697 -33.20 -14.92 -0.78
N ASP G 698 -33.45 -16.17 -1.14
CA ASP G 698 -32.71 -17.31 -0.63
C ASP G 698 -31.72 -17.89 -1.64
N ALA G 699 -32.12 -18.05 -2.90
CA ALA G 699 -31.27 -18.64 -3.93
C ALA G 699 -31.18 -17.69 -5.12
N PRO G 700 -30.55 -16.53 -4.94
CA PRO G 700 -30.48 -15.55 -6.03
C PRO G 700 -29.68 -16.04 -7.22
N ILE G 701 -28.45 -16.52 -6.96
CA ILE G 701 -27.61 -17.01 -8.04
C ILE G 701 -28.23 -18.22 -8.71
N LEU G 702 -28.90 -19.07 -7.93
CA LEU G 702 -29.48 -20.27 -8.50
C LEU G 702 -30.67 -19.94 -9.39
N ARG G 703 -31.52 -19.00 -8.95
CA ARG G 703 -32.60 -18.52 -9.80
C ARG G 703 -32.06 -17.87 -11.07
N GLN G 704 -30.96 -17.12 -10.94
CA GLN G 704 -30.35 -16.50 -12.11
C GLN G 704 -29.87 -17.55 -13.10
N TRP G 705 -29.20 -18.59 -12.61
CA TRP G 705 -28.73 -19.65 -13.50
C TRP G 705 -29.90 -20.36 -14.16
N ALA G 706 -30.99 -20.56 -13.42
CA ALA G 706 -32.17 -21.18 -14.02
C ALA G 706 -32.72 -20.33 -15.16
N GLU G 707 -32.87 -19.02 -14.93
CA GLU G 707 -33.40 -18.15 -15.98
C GLU G 707 -32.45 -18.11 -17.18
N ILE G 708 -31.15 -18.14 -16.93
CA ILE G 708 -30.19 -18.15 -18.04
C ILE G 708 -30.35 -19.41 -18.87
N ILE G 709 -30.51 -20.56 -18.21
CA ILE G 709 -30.72 -21.80 -18.94
C ILE G 709 -31.99 -21.72 -19.78
N HIS G 710 -33.06 -21.18 -19.20
CA HIS G 710 -34.33 -21.15 -19.93
C HIS G 710 -34.28 -20.21 -21.12
N ARG G 711 -33.59 -19.08 -20.99
CA ARG G 711 -33.66 -18.09 -22.05
C ARG G 711 -32.60 -18.29 -23.14
N TYR G 712 -31.38 -18.65 -22.77
CA TYR G 712 -30.24 -18.52 -23.68
C TYR G 712 -29.65 -19.83 -24.15
N TRP G 713 -30.26 -20.97 -23.79
CA TRP G 713 -29.79 -22.24 -24.29
C TRP G 713 -29.86 -22.28 -25.82
N PRO G 714 -28.94 -22.97 -26.48
CA PRO G 714 -28.94 -23.02 -27.94
C PRO G 714 -30.23 -23.58 -28.52
N ASN G 715 -30.55 -23.14 -29.75
CA ASN G 715 -31.78 -23.48 -30.46
C ASN G 715 -31.51 -24.44 -31.61
N PRO G 716 -32.42 -25.36 -31.89
CA PRO G 716 -32.24 -26.27 -33.02
C PRO G 716 -32.36 -25.54 -34.36
N SER G 717 -32.08 -26.28 -35.43
CA SER G 717 -32.13 -25.77 -36.79
C SER G 717 -32.10 -26.96 -37.74
N GLN G 718 -31.90 -26.71 -39.03
CA GLN G 718 -31.83 -27.78 -40.02
C GLN G 718 -31.08 -27.28 -41.25
N ILE G 719 -30.66 -28.21 -42.10
CA ILE G 719 -29.75 -27.88 -43.20
C ILE G 719 -30.19 -28.41 -44.57
N ARG G 720 -31.08 -29.39 -44.68
CA ARG G 720 -31.64 -29.80 -45.98
C ARG G 720 -30.56 -30.36 -46.92
N TYR G 721 -30.08 -31.55 -46.57
CA TYR G 721 -29.09 -32.27 -47.36
C TYR G 721 -29.73 -32.99 -48.54
N GLY G 722 -28.91 -33.78 -49.25
CA GLY G 722 -29.37 -34.80 -50.16
C GLY G 722 -30.18 -34.35 -51.36
N THR G 723 -30.52 -35.31 -52.24
CA THR G 723 -31.47 -35.09 -53.32
C THR G 723 -32.25 -36.36 -53.62
N PRO G 724 -33.55 -36.37 -53.31
CA PRO G 724 -34.35 -37.59 -53.44
C PRO G 724 -34.89 -37.86 -54.84
N ASN G 725 -34.37 -37.20 -55.87
CA ASN G 725 -34.79 -37.54 -57.22
C ASN G 725 -34.25 -38.90 -57.62
N VAL G 726 -32.92 -39.06 -57.60
CA VAL G 726 -32.32 -40.34 -57.94
C VAL G 726 -32.35 -41.29 -56.74
N PHE G 727 -31.91 -40.81 -55.59
CA PHE G 727 -32.02 -41.58 -54.37
C PHE G 727 -33.42 -41.41 -53.79
N GLY G 728 -33.66 -42.04 -52.65
CA GLY G 728 -34.95 -41.87 -52.02
C GLY G 728 -34.83 -41.05 -50.75
N SER G 729 -35.74 -41.25 -49.81
CA SER G 729 -35.71 -40.60 -48.51
C SER G 729 -35.65 -41.70 -47.47
N ALA G 730 -34.46 -41.97 -46.95
CA ALA G 730 -34.32 -43.00 -45.93
C ALA G 730 -34.91 -42.57 -44.60
N ASN G 731 -35.02 -41.28 -44.32
CA ASN G 731 -35.47 -40.84 -43.00
C ASN G 731 -36.93 -41.19 -42.79
N LEU G 732 -37.26 -41.50 -41.54
CA LEU G 732 -38.54 -42.07 -41.18
C LEU G 732 -39.47 -41.10 -40.48
N PHE G 733 -38.95 -40.20 -39.63
CA PHE G 733 -39.79 -39.30 -38.88
C PHE G 733 -39.67 -37.84 -39.30
N THR G 734 -38.50 -37.39 -39.71
CA THR G 734 -38.40 -36.06 -40.27
C THR G 734 -38.89 -36.06 -41.70
N PRO G 735 -39.24 -34.91 -42.26
CA PRO G 735 -39.62 -34.85 -43.66
C PRO G 735 -38.44 -35.21 -44.54
N PRO G 736 -38.68 -35.55 -45.81
CA PRO G 736 -37.57 -35.92 -46.68
C PRO G 736 -36.63 -34.75 -46.90
N GLU G 737 -35.35 -35.07 -47.06
CA GLU G 737 -34.25 -34.12 -47.26
C GLU G 737 -34.30 -32.97 -46.26
N VAL G 738 -34.21 -33.31 -44.98
CA VAL G 738 -33.97 -32.34 -43.92
C VAL G 738 -33.03 -32.97 -42.90
N LEU G 739 -32.19 -32.15 -42.30
CA LEU G 739 -31.18 -32.62 -41.35
C LEU G 739 -31.26 -31.74 -40.11
N LEU G 740 -31.76 -32.29 -39.02
CA LEU G 740 -31.92 -31.52 -37.79
C LEU G 740 -30.57 -31.31 -37.10
N LEU G 741 -30.47 -30.21 -36.37
CA LEU G 741 -29.23 -29.83 -35.72
C LEU G 741 -29.52 -29.26 -34.34
N PRO G 742 -28.68 -29.54 -33.35
CA PRO G 742 -28.89 -28.99 -32.01
C PRO G 742 -28.57 -27.52 -31.86
N ILE G 743 -28.09 -26.86 -32.90
CA ILE G 743 -27.69 -25.46 -32.83
C ILE G 743 -28.15 -24.74 -34.08
N ASP G 744 -28.27 -23.42 -33.96
CA ASP G 744 -28.68 -22.59 -35.08
C ASP G 744 -27.61 -22.59 -36.17
N HIS G 745 -28.04 -22.37 -37.41
CA HIS G 745 -27.14 -22.31 -38.55
C HIS G 745 -27.60 -21.21 -39.49
N GLN G 746 -26.71 -20.27 -39.77
CA GLN G 746 -26.93 -19.29 -40.82
C GLN G 746 -25.67 -19.23 -41.66
N PRO G 747 -25.77 -19.30 -42.98
CA PRO G 747 -24.57 -19.43 -43.82
C PRO G 747 -23.62 -18.26 -43.71
N ALA G 748 -22.48 -18.37 -44.38
CA ALA G 748 -21.47 -17.33 -44.37
C ALA G 748 -21.70 -16.35 -45.51
N ASN G 749 -21.13 -15.15 -45.37
CA ASN G 749 -21.24 -14.13 -46.38
C ASN G 749 -19.99 -13.98 -47.23
N VAL G 750 -18.86 -14.52 -46.77
CA VAL G 750 -17.58 -14.40 -47.45
C VAL G 750 -16.87 -15.74 -47.39
N THR G 751 -15.95 -15.94 -48.33
CA THR G 751 -15.15 -17.15 -48.37
C THR G 751 -13.81 -17.01 -47.66
N THR G 752 -13.41 -15.79 -47.30
CA THR G 752 -12.20 -15.56 -46.53
C THR G 752 -12.61 -15.21 -45.11
N PRO G 753 -12.83 -16.19 -44.24
CA PRO G 753 -13.41 -15.90 -42.93
C PRO G 753 -12.46 -15.15 -42.03
N THR G 754 -13.03 -14.31 -41.17
CA THR G 754 -12.29 -13.59 -40.15
C THR G 754 -13.12 -13.59 -38.88
N LEU G 755 -12.46 -13.32 -37.76
CA LEU G 755 -13.07 -13.56 -36.46
C LEU G 755 -14.27 -12.64 -36.23
N ASP G 756 -15.25 -13.16 -35.49
CA ASP G 756 -16.35 -12.33 -35.00
C ASP G 756 -16.95 -12.99 -33.76
N PHE G 757 -17.51 -12.15 -32.89
CA PHE G 757 -18.10 -12.58 -31.63
C PHE G 757 -19.62 -12.44 -31.65
N THR G 758 -20.24 -12.75 -32.79
CA THR G 758 -21.66 -12.47 -32.95
C THR G 758 -22.47 -13.72 -33.22
N ASN G 759 -22.25 -14.78 -32.43
CA ASN G 759 -22.98 -16.02 -32.65
C ASN G 759 -23.45 -16.61 -31.34
N GLU G 760 -24.33 -17.60 -31.49
CA GLU G 760 -25.05 -18.20 -30.37
C GLU G 760 -24.10 -18.87 -29.39
N LEU G 761 -23.13 -19.60 -29.90
CA LEU G 761 -22.26 -20.39 -29.04
C LEU G 761 -21.25 -19.51 -28.30
N THR G 762 -21.01 -18.29 -28.79
CA THR G 762 -20.20 -17.35 -28.03
C THR G 762 -21.03 -16.59 -27.02
N ASN G 763 -22.28 -16.26 -27.37
CA ASN G 763 -23.15 -15.63 -26.38
C ASN G 763 -23.40 -16.54 -25.18
N TRP G 764 -23.48 -17.86 -25.41
CA TRP G 764 -23.66 -18.77 -24.29
C TRP G 764 -22.46 -18.71 -23.34
N ARG G 765 -21.24 -18.71 -23.89
CA ARG G 765 -20.06 -18.61 -23.04
C ARG G 765 -20.02 -17.28 -22.33
N ALA G 766 -20.44 -16.20 -23.00
CA ALA G 766 -20.47 -14.90 -22.35
C ALA G 766 -21.41 -14.91 -21.16
N ARG G 767 -22.58 -15.52 -21.31
CA ARG G 767 -23.53 -15.57 -20.21
C ARG G 767 -23.01 -16.42 -19.05
N VAL G 768 -22.38 -17.56 -19.37
CA VAL G 768 -21.82 -18.40 -18.31
C VAL G 768 -20.73 -17.66 -17.56
N CYS G 769 -19.86 -16.96 -18.27
CA CYS G 769 -18.81 -16.21 -17.61
C CYS G 769 -19.38 -15.07 -16.77
N GLU G 770 -20.45 -14.44 -17.25
CA GLU G 770 -21.08 -13.38 -16.46
C GLU G 770 -21.67 -13.93 -15.17
N LEU G 771 -22.31 -15.09 -15.24
CA LEU G 771 -22.88 -15.65 -14.01
C LEU G 771 -21.79 -16.10 -13.05
N MET G 772 -20.70 -16.70 -13.56
CA MET G 772 -19.62 -17.06 -12.66
C MET G 772 -18.96 -15.82 -12.07
N LYS G 773 -18.95 -14.71 -12.81
CA LYS G 773 -18.48 -13.44 -12.26
C LYS G 773 -19.34 -13.02 -11.08
N ASN G 774 -20.67 -13.04 -11.26
CA ASN G 774 -21.57 -12.72 -10.16
C ASN G 774 -21.38 -13.68 -8.99
N LEU G 775 -21.11 -14.96 -9.28
CA LEU G 775 -20.97 -15.95 -8.23
C LEU G 775 -19.73 -15.68 -7.38
N VAL G 776 -18.60 -15.40 -8.04
CA VAL G 776 -17.39 -15.08 -7.31
C VAL G 776 -17.50 -13.72 -6.63
N ASP G 777 -18.45 -12.89 -7.06
CA ASP G 777 -18.59 -11.53 -6.54
C ASP G 777 -18.71 -11.50 -5.01
N ASN G 778 -19.76 -12.11 -4.48
CA ASN G 778 -20.09 -11.92 -3.08
C ASN G 778 -19.04 -12.56 -2.16
N GLN G 779 -18.93 -12.01 -0.96
CA GLN G 779 -18.18 -12.65 0.12
C GLN G 779 -19.00 -13.70 0.85
N ARG G 780 -20.29 -13.82 0.52
CA ARG G 780 -21.11 -14.85 1.13
C ARG G 780 -20.63 -16.25 0.77
N TYR G 781 -20.07 -16.42 -0.42
CA TYR G 781 -19.75 -17.73 -0.95
C TYR G 781 -18.27 -18.08 -0.86
N GLN G 782 -17.41 -17.09 -0.68
CA GLN G 782 -15.98 -17.33 -0.45
C GLN G 782 -15.52 -16.37 0.63
N PRO G 783 -15.84 -16.67 1.90
CA PRO G 783 -15.56 -15.69 2.96
C PRO G 783 -14.08 -15.45 3.21
N GLY G 784 -13.21 -16.38 2.84
CA GLY G 784 -11.81 -16.23 3.17
C GLY G 784 -10.97 -15.53 2.13
N TRP G 785 -11.49 -15.42 0.90
CA TRP G 785 -10.71 -14.86 -0.19
C TRP G 785 -10.39 -13.39 0.07
N THR G 786 -9.40 -12.89 -0.67
CA THR G 786 -8.93 -11.52 -0.54
C THR G 786 -9.29 -10.71 -1.78
N GLN G 787 -9.04 -9.41 -1.70
CA GLN G 787 -9.33 -8.53 -2.84
C GLN G 787 -8.44 -8.87 -4.02
N SER G 788 -7.18 -9.22 -3.77
CA SER G 788 -6.29 -9.58 -4.86
C SER G 788 -6.79 -10.84 -5.57
N LEU G 789 -7.22 -11.84 -4.81
CA LEU G 789 -7.69 -13.07 -5.43
C LEU G 789 -9.00 -12.85 -6.16
N VAL G 790 -9.90 -12.03 -5.60
CA VAL G 790 -11.15 -11.73 -6.28
C VAL G 790 -10.88 -11.02 -7.59
N SER G 791 -9.96 -10.05 -7.58
CA SER G 791 -9.64 -9.33 -8.80
C SER G 791 -8.98 -10.25 -9.82
N SER G 792 -8.12 -11.16 -9.37
CA SER G 792 -7.48 -12.09 -10.31
C SER G 792 -8.51 -13.05 -10.93
N MET G 793 -9.47 -13.50 -10.13
CA MET G 793 -10.53 -14.35 -10.67
C MET G 793 -11.36 -13.58 -11.69
N ARG G 794 -11.66 -12.31 -11.40
CA ARG G 794 -12.33 -11.46 -12.38
C ARG G 794 -11.54 -11.37 -13.67
N GLY G 795 -10.23 -11.14 -13.54
CA GLY G 795 -9.40 -11.02 -14.73
C GLY G 795 -9.39 -12.29 -15.56
N THR G 796 -9.30 -13.44 -14.90
CA THR G 796 -9.29 -14.70 -15.64
C THR G 796 -10.63 -14.94 -16.32
N LEU G 797 -11.74 -14.66 -15.64
CA LEU G 797 -13.04 -14.88 -16.25
C LEU G 797 -13.27 -13.92 -17.42
N GLY G 798 -12.94 -12.65 -17.23
CA GLY G 798 -13.13 -11.68 -18.29
C GLY G 798 -12.21 -11.91 -19.48
N LYS G 799 -11.04 -12.51 -19.24
CA LYS G 799 -10.15 -12.86 -20.32
C LYS G 799 -10.52 -14.17 -20.98
N LEU G 800 -11.25 -15.02 -20.28
CA LEU G 800 -11.72 -16.28 -20.84
C LEU G 800 -13.02 -16.11 -21.61
N LYS G 801 -13.80 -15.07 -21.31
CA LYS G 801 -15.05 -14.87 -22.03
C LYS G 801 -14.81 -14.34 -23.44
N LEU G 802 -13.74 -13.59 -23.66
CA LEU G 802 -13.36 -13.11 -24.99
C LEU G 802 -12.01 -13.71 -25.32
N ILE G 803 -12.04 -14.91 -25.89
CA ILE G 803 -10.84 -15.63 -26.33
C ILE G 803 -10.98 -15.88 -27.82
N LYS G 804 -9.96 -15.48 -28.57
CA LYS G 804 -10.06 -15.46 -30.03
C LYS G 804 -10.02 -16.88 -30.56
N SER G 805 -11.19 -17.53 -30.53
CA SER G 805 -11.37 -18.89 -30.98
C SER G 805 -12.32 -18.92 -32.16
N MET G 806 -12.02 -19.77 -33.14
CA MET G 806 -12.83 -19.86 -34.36
C MET G 806 -13.85 -20.98 -34.30
N THR G 807 -13.87 -21.76 -33.24
CA THR G 807 -14.72 -22.95 -33.17
C THR G 807 -16.21 -22.63 -33.17
N PRO G 808 -16.68 -21.64 -32.41
CA PRO G 808 -18.11 -21.31 -32.48
C PRO G 808 -18.54 -20.80 -33.86
N MET G 809 -17.75 -19.93 -34.46
CA MET G 809 -18.05 -19.46 -35.81
C MET G 809 -18.06 -20.62 -36.79
N TYR G 810 -17.13 -21.56 -36.63
CA TYR G 810 -17.13 -22.76 -37.45
C TYR G 810 -18.42 -23.55 -37.28
N LEU G 811 -18.79 -23.84 -36.04
CA LEU G 811 -19.99 -24.63 -35.79
C LEU G 811 -21.24 -23.94 -36.32
N GLN G 812 -21.23 -22.61 -36.38
CA GLN G 812 -22.39 -21.91 -36.93
C GLN G 812 -22.41 -21.99 -38.45
N GLN G 813 -21.27 -21.76 -39.10
CA GLN G 813 -21.27 -21.49 -40.53
C GLN G 813 -20.88 -22.67 -41.41
N LEU G 814 -19.91 -23.48 -41.00
CA LEU G 814 -19.33 -24.48 -41.89
C LEU G 814 -19.61 -25.91 -41.49
N ALA G 815 -19.80 -26.20 -40.20
CA ALA G 815 -19.99 -27.59 -39.78
C ALA G 815 -21.25 -28.21 -40.37
N PRO G 816 -22.42 -27.58 -40.31
CA PRO G 816 -23.60 -28.16 -40.95
C PRO G 816 -23.44 -28.35 -42.45
N VAL G 817 -22.70 -27.47 -43.12
CA VAL G 817 -22.48 -27.65 -44.55
C VAL G 817 -21.69 -28.92 -44.81
N GLU G 818 -20.68 -29.19 -43.97
CA GLU G 818 -19.89 -30.41 -44.13
C GLU G 818 -20.73 -31.64 -43.81
N LEU G 819 -21.56 -31.56 -42.77
CA LEU G 819 -22.42 -32.70 -42.46
C LEU G 819 -23.39 -32.98 -43.59
N ALA G 820 -23.93 -31.93 -44.22
CA ALA G 820 -24.86 -32.13 -45.33
C ALA G 820 -24.16 -32.62 -46.58
N VAL G 821 -22.89 -32.25 -46.76
CA VAL G 821 -22.14 -32.75 -47.91
C VAL G 821 -21.72 -34.19 -47.69
N ILE G 822 -21.55 -34.60 -46.44
CA ILE G 822 -21.11 -35.97 -46.15
C ILE G 822 -22.28 -36.94 -46.05
N ALA G 823 -23.47 -36.47 -45.68
CA ALA G 823 -24.59 -37.36 -45.40
C ALA G 823 -24.99 -38.24 -46.57
N PRO G 824 -25.20 -37.73 -47.79
CA PRO G 824 -25.72 -38.58 -48.86
C PRO G 824 -24.80 -39.73 -49.25
N MET G 825 -23.53 -39.68 -48.91
CA MET G 825 -22.58 -40.74 -49.26
C MET G 825 -22.34 -41.70 -48.11
N LEU G 826 -23.11 -41.61 -47.03
CA LEU G 826 -22.89 -42.49 -45.89
C LEU G 826 -23.49 -43.87 -46.18
N PRO G 827 -22.84 -44.94 -45.70
CA PRO G 827 -23.42 -46.28 -45.90
C PRO G 827 -24.68 -46.50 -45.09
N PHE G 828 -24.78 -45.87 -43.93
CA PHE G 828 -25.96 -45.98 -43.07
C PHE G 828 -26.61 -44.62 -42.94
N PRO G 829 -27.75 -44.37 -43.58
CA PRO G 829 -28.31 -43.02 -43.63
C PRO G 829 -28.69 -42.52 -42.25
N PRO G 830 -28.80 -41.21 -42.07
CA PRO G 830 -29.11 -40.67 -40.74
C PRO G 830 -30.46 -41.13 -40.23
N PHE G 831 -30.58 -41.22 -38.91
CA PHE G 831 -31.80 -41.67 -38.25
C PHE G 831 -32.03 -40.78 -37.04
N GLN G 832 -32.80 -39.71 -37.24
CA GLN G 832 -32.96 -38.67 -36.23
C GLN G 832 -34.37 -38.64 -35.68
N VAL G 833 -34.51 -37.96 -34.55
CA VAL G 833 -35.79 -37.56 -33.99
C VAL G 833 -35.66 -36.09 -33.60
N PRO G 834 -36.74 -35.38 -33.34
CA PRO G 834 -36.63 -33.94 -33.11
C PRO G 834 -35.83 -33.59 -31.87
N TYR G 835 -35.16 -32.45 -31.94
CA TYR G 835 -34.39 -31.93 -30.81
C TYR G 835 -35.27 -30.95 -30.04
N VAL G 836 -36.03 -31.47 -29.08
CA VAL G 836 -36.79 -30.59 -28.20
C VAL G 836 -35.81 -29.76 -27.38
N ARG G 837 -35.99 -28.45 -27.38
CA ARG G 837 -34.97 -27.57 -26.82
C ARG G 837 -34.93 -27.65 -25.30
N LEU G 838 -36.00 -27.21 -24.64
CA LEU G 838 -36.08 -27.30 -23.18
C LEU G 838 -37.42 -27.79 -22.67
N ASP G 839 -38.42 -28.01 -23.51
CA ASP G 839 -39.70 -28.44 -22.98
C ASP G 839 -39.61 -29.90 -22.51
N ARG G 840 -40.28 -30.18 -21.40
CA ARG G 840 -40.25 -31.52 -20.83
C ARG G 840 -41.33 -32.41 -21.41
N ASP G 841 -42.45 -31.83 -21.83
CA ASP G 841 -43.58 -32.61 -22.34
C ASP G 841 -43.26 -33.35 -23.62
N ARG G 842 -42.20 -32.95 -24.33
CA ARG G 842 -41.97 -33.43 -25.68
C ARG G 842 -40.69 -34.27 -25.81
N VAL G 843 -39.99 -34.52 -24.71
CA VAL G 843 -38.77 -35.35 -24.77
C VAL G 843 -39.13 -36.76 -25.18
N PRO G 844 -38.44 -37.37 -26.14
CA PRO G 844 -38.76 -38.75 -26.53
C PRO G 844 -38.24 -39.73 -25.48
N THR G 845 -39.09 -40.67 -25.09
CA THR G 845 -38.73 -41.66 -24.08
C THR G 845 -38.48 -43.04 -24.64
N MET G 846 -38.73 -43.27 -25.94
CA MET G 846 -38.42 -44.56 -26.52
C MET G 846 -38.50 -44.45 -28.04
N VAL G 847 -37.91 -45.44 -28.70
CA VAL G 847 -38.14 -45.68 -30.12
C VAL G 847 -37.99 -47.17 -30.34
N GLY G 848 -39.04 -47.80 -30.87
CA GLY G 848 -39.06 -49.25 -30.98
C GLY G 848 -39.61 -49.69 -32.33
N VAL G 849 -39.23 -50.90 -32.72
CA VAL G 849 -39.59 -51.48 -34.00
C VAL G 849 -40.32 -52.79 -33.76
N THR G 850 -41.29 -53.08 -34.60
CA THR G 850 -42.05 -54.32 -34.53
C THR G 850 -41.74 -55.18 -35.74
N ARG G 851 -41.83 -56.50 -35.57
CA ARG G 851 -41.60 -57.38 -36.71
C ARG G 851 -42.57 -58.55 -36.74
N GLN G 852 -43.69 -58.46 -36.03
CA GLN G 852 -44.72 -59.49 -36.08
C GLN G 852 -45.94 -59.00 -35.32
N SER G 853 -47.11 -59.51 -35.70
CA SER G 853 -48.34 -59.19 -34.99
C SER G 853 -48.36 -59.92 -33.65
N ARG G 854 -49.42 -59.71 -32.89
CA ARG G 854 -49.48 -60.15 -31.50
C ARG G 854 -50.54 -61.20 -31.21
N ASP G 855 -51.64 -61.19 -31.95
CA ASP G 855 -52.83 -61.91 -31.54
C ASP G 855 -53.68 -62.10 -32.80
N THR G 856 -54.98 -62.35 -32.62
CA THR G 856 -55.91 -62.19 -33.72
C THR G 856 -56.11 -60.69 -33.99
N ILE G 857 -55.05 -60.03 -34.47
CA ILE G 857 -55.01 -58.60 -34.70
C ILE G 857 -54.33 -58.41 -36.04
N THR G 858 -55.08 -58.02 -37.05
CA THR G 858 -54.55 -57.96 -38.40
C THR G 858 -53.93 -56.60 -38.73
N GLN G 859 -54.25 -55.55 -37.98
CA GLN G 859 -53.90 -54.21 -38.38
C GLN G 859 -52.67 -53.74 -37.63
N PRO G 860 -51.60 -53.36 -38.32
CA PRO G 860 -50.38 -52.94 -37.62
C PRO G 860 -50.57 -51.71 -36.76
N ALA G 861 -51.42 -50.77 -37.18
CA ALA G 861 -51.64 -49.58 -36.37
C ALA G 861 -52.23 -49.91 -35.02
N LEU G 862 -52.91 -51.04 -34.89
CA LEU G 862 -53.46 -51.49 -33.62
C LEU G 862 -52.57 -52.48 -32.89
N SER G 863 -51.75 -53.23 -33.62
CA SER G 863 -50.86 -54.22 -33.02
C SER G 863 -49.47 -53.67 -32.72
N LEU G 864 -49.19 -52.42 -33.06
CA LEU G 864 -47.84 -51.87 -32.92
C LEU G 864 -47.53 -51.37 -31.51
N SER G 865 -48.55 -51.11 -30.69
CA SER G 865 -48.28 -50.52 -29.39
C SER G 865 -47.62 -51.50 -28.44
N THR G 866 -47.96 -52.79 -28.52
CA THR G 866 -47.52 -53.77 -27.54
C THR G 866 -46.73 -54.91 -28.16
N THR G 867 -46.12 -54.68 -29.32
CA THR G 867 -45.28 -55.68 -29.96
C THR G 867 -44.05 -55.03 -30.57
N ASN G 868 -43.41 -54.15 -29.81
CA ASN G 868 -42.20 -53.49 -30.28
C ASN G 868 -41.05 -53.78 -29.32
N THR G 869 -39.83 -53.54 -29.81
CA THR G 869 -38.61 -53.69 -29.03
C THR G 869 -37.87 -52.37 -29.04
N THR G 870 -37.57 -51.85 -27.85
CA THR G 870 -36.89 -50.57 -27.75
C THR G 870 -35.49 -50.65 -28.37
N VAL G 871 -35.03 -49.52 -28.91
CA VAL G 871 -33.74 -49.45 -29.58
C VAL G 871 -33.00 -48.22 -29.06
N GLY G 872 -31.69 -48.36 -28.86
CA GLY G 872 -30.90 -47.23 -28.44
C GLY G 872 -29.78 -47.59 -27.49
N VAL G 873 -28.64 -46.92 -27.63
CA VAL G 873 -27.47 -47.15 -26.77
C VAL G 873 -26.79 -45.82 -26.50
N PRO G 874 -26.42 -45.53 -25.26
CA PRO G 874 -25.69 -44.28 -24.97
C PRO G 874 -24.19 -44.44 -25.15
N LEU G 875 -23.56 -43.33 -25.54
CA LEU G 875 -22.12 -43.25 -25.67
C LEU G 875 -21.59 -42.16 -24.76
N ALA G 876 -20.61 -42.49 -23.92
CA ALA G 876 -20.03 -41.51 -23.04
C ALA G 876 -19.00 -40.66 -23.78
N LEU G 877 -18.81 -39.43 -23.31
CA LEU G 877 -17.83 -38.52 -23.91
C LEU G 877 -16.96 -37.86 -22.85
N ASP G 878 -16.17 -36.89 -23.26
CA ASP G 878 -15.22 -36.22 -22.38
C ASP G 878 -15.47 -34.72 -22.43
N ALA G 879 -16.02 -34.18 -21.35
CA ALA G 879 -16.30 -32.75 -21.31
C ALA G 879 -15.02 -31.94 -21.42
N ARG G 880 -13.93 -32.42 -20.80
CA ARG G 880 -12.66 -31.73 -20.90
C ARG G 880 -12.21 -31.59 -22.34
N ALA G 881 -12.24 -32.69 -23.09
CA ALA G 881 -11.81 -32.66 -24.49
C ALA G 881 -12.71 -31.78 -25.32
N ILE G 882 -14.03 -31.89 -25.12
CA ILE G 882 -14.95 -31.08 -25.92
C ILE G 882 -14.74 -29.60 -25.65
N THR G 883 -14.55 -29.23 -24.38
CA THR G 883 -14.36 -27.82 -24.07
C THR G 883 -13.00 -27.31 -24.53
N VAL G 884 -11.97 -28.14 -24.51
CA VAL G 884 -10.68 -27.72 -25.05
C VAL G 884 -10.79 -27.46 -26.55
N ALA G 885 -11.46 -28.37 -27.26
CA ALA G 885 -11.65 -28.16 -28.70
C ALA G 885 -12.53 -26.95 -28.96
N LEU G 886 -13.44 -26.65 -28.05
CA LEU G 886 -14.36 -25.53 -28.23
C LEU G 886 -13.73 -24.19 -27.88
N LEU G 887 -12.68 -24.19 -27.05
CA LEU G 887 -11.96 -22.97 -26.75
C LEU G 887 -10.79 -22.72 -27.70
N SER G 888 -10.15 -23.77 -28.20
CA SER G 888 -9.02 -23.63 -29.10
C SER G 888 -9.47 -23.99 -30.51
N GLY G 889 -9.33 -23.05 -31.43
CA GLY G 889 -9.73 -23.29 -32.81
C GLY G 889 -9.24 -22.19 -33.72
N LYS G 890 -8.63 -22.56 -34.83
CA LYS G 890 -8.05 -21.58 -35.74
C LYS G 890 -8.04 -22.14 -37.15
N TYR G 891 -8.10 -21.25 -38.12
CA TYR G 891 -8.04 -21.62 -39.52
C TYR G 891 -6.61 -21.57 -40.03
N PRO G 892 -6.36 -22.07 -41.24
CA PRO G 892 -5.06 -21.86 -41.88
C PRO G 892 -4.82 -20.39 -42.12
N PRO G 893 -3.62 -20.00 -42.61
CA PRO G 893 -3.27 -18.57 -42.68
C PRO G 893 -4.23 -17.73 -43.52
N ASP G 894 -4.39 -18.06 -44.80
CA ASP G 894 -5.40 -17.39 -45.62
C ASP G 894 -6.15 -18.45 -46.42
N LEU G 895 -7.17 -19.03 -45.81
CA LEU G 895 -7.96 -20.04 -46.48
C LEU G 895 -9.06 -19.38 -47.28
N VAL G 896 -9.38 -19.97 -48.42
CA VAL G 896 -10.51 -19.57 -49.25
C VAL G 896 -11.41 -20.78 -49.33
N THR G 897 -12.55 -20.72 -48.64
CA THR G 897 -13.33 -21.92 -48.38
C THR G 897 -13.81 -22.58 -49.65
N ASN G 898 -14.09 -21.81 -50.70
CA ASN G 898 -14.56 -22.43 -51.93
C ASN G 898 -13.49 -23.34 -52.52
N VAL G 899 -12.24 -22.88 -52.56
CA VAL G 899 -11.15 -23.69 -53.08
C VAL G 899 -10.87 -24.87 -52.15
N TRP G 900 -10.86 -24.61 -50.84
CA TRP G 900 -10.61 -25.67 -49.87
C TRP G 900 -11.58 -26.83 -50.04
N TYR G 901 -12.88 -26.54 -50.03
CA TYR G 901 -13.84 -27.62 -50.19
C TYR G 901 -13.84 -28.16 -51.61
N ALA G 902 -13.56 -27.33 -52.61
CA ALA G 902 -13.57 -27.81 -53.98
C ALA G 902 -12.52 -28.88 -54.22
N ASP G 903 -11.38 -28.79 -53.53
CA ASP G 903 -10.35 -29.81 -53.71
C ASP G 903 -10.20 -30.73 -52.51
N ALA G 904 -11.05 -30.60 -51.49
CA ALA G 904 -11.11 -31.57 -50.41
C ALA G 904 -12.34 -32.48 -50.48
N ILE G 905 -13.34 -32.13 -51.30
CA ILE G 905 -14.58 -32.89 -51.41
C ILE G 905 -14.60 -33.78 -52.65
N TYR G 906 -13.61 -33.66 -53.52
CA TYR G 906 -13.63 -34.37 -54.79
C TYR G 906 -13.56 -35.89 -54.64
N PRO G 907 -12.64 -36.46 -53.86
CA PRO G 907 -12.49 -37.93 -53.87
C PRO G 907 -13.71 -38.68 -53.39
N MET G 908 -14.38 -38.20 -52.34
CA MET G 908 -15.50 -38.96 -51.79
C MET G 908 -16.70 -38.98 -52.73
N TYR G 909 -16.73 -38.09 -53.72
CA TYR G 909 -17.76 -38.15 -54.76
C TYR G 909 -17.28 -38.80 -56.04
N ALA G 910 -15.97 -38.85 -56.27
CA ALA G 910 -15.46 -39.71 -57.34
C ALA G 910 -15.59 -41.18 -56.99
N ASP G 911 -15.63 -41.51 -55.71
CA ASP G 911 -15.84 -42.89 -55.27
C ASP G 911 -17.34 -43.21 -55.34
N THR G 912 -17.71 -44.03 -56.33
CA THR G 912 -19.12 -44.41 -56.54
C THR G 912 -19.37 -45.77 -55.91
N GLU G 913 -19.95 -45.75 -54.70
CA GLU G 913 -20.35 -46.99 -54.03
C GLU G 913 -21.73 -46.89 -53.41
N VAL G 914 -22.30 -45.70 -53.25
CA VAL G 914 -23.65 -45.58 -52.71
C VAL G 914 -24.68 -46.03 -53.71
N PHE G 915 -24.35 -46.07 -55.00
CA PHE G 915 -25.30 -46.53 -56.00
C PHE G 915 -25.53 -48.03 -55.91
N SER G 916 -24.56 -48.78 -55.40
CA SER G 916 -24.69 -50.22 -55.31
C SER G 916 -25.42 -50.69 -54.07
N ASN G 917 -25.80 -49.78 -53.17
CA ASN G 917 -26.59 -50.13 -52.00
C ASN G 917 -28.08 -50.10 -52.28
N LEU G 918 -28.51 -49.29 -53.25
CA LEU G 918 -29.92 -49.25 -53.60
C LEU G 918 -30.38 -50.60 -54.15
N GLN G 919 -29.50 -51.29 -54.87
CA GLN G 919 -29.84 -52.61 -55.37
C GLN G 919 -29.99 -53.60 -54.22
N ARG G 920 -29.13 -53.50 -53.21
CA ARG G 920 -29.27 -54.33 -52.02
C ARG G 920 -30.61 -54.07 -51.34
N ASP G 921 -31.04 -52.81 -51.30
CA ASP G 921 -32.35 -52.50 -50.72
C ASP G 921 -33.48 -53.13 -51.52
N VAL G 922 -33.37 -53.07 -52.85
CA VAL G 922 -34.34 -53.74 -53.73
C VAL G 922 -34.44 -55.20 -53.38
N ILE G 923 -33.29 -55.87 -53.26
CA ILE G 923 -33.29 -57.31 -52.99
C ILE G 923 -33.88 -57.60 -51.62
N THR G 924 -33.60 -56.74 -50.64
CA THR G 924 -34.17 -56.94 -49.30
C THR G 924 -35.69 -56.90 -49.33
N CYS G 925 -36.25 -55.89 -50.00
CA CYS G 925 -37.71 -55.78 -50.05
C CYS G 925 -38.32 -56.95 -50.84
N GLU G 926 -37.68 -57.34 -51.95
CA GLU G 926 -38.17 -58.48 -52.71
C GLU G 926 -38.18 -59.74 -51.87
N ALA G 927 -37.14 -59.93 -51.06
CA ALA G 927 -37.06 -61.14 -50.24
C ALA G 927 -38.13 -61.17 -49.17
N VAL G 928 -38.36 -60.03 -48.50
CA VAL G 928 -39.37 -60.02 -47.45
C VAL G 928 -40.76 -60.26 -48.04
N GLN G 929 -41.04 -59.67 -49.20
CA GLN G 929 -42.35 -59.90 -49.81
C GLN G 929 -42.51 -61.35 -50.25
N THR G 930 -41.45 -61.94 -50.81
CA THR G 930 -41.55 -63.34 -51.23
C THR G 930 -41.77 -64.25 -50.03
N LEU G 931 -41.10 -63.96 -48.91
CA LEU G 931 -41.32 -64.74 -47.71
C LEU G 931 -42.77 -64.68 -47.27
N VAL G 932 -43.35 -63.49 -47.25
CA VAL G 932 -44.75 -63.36 -46.84
C VAL G 932 -45.65 -64.15 -47.78
N THR G 933 -45.47 -63.97 -49.09
CA THR G 933 -46.38 -64.59 -50.05
C THR G 933 -46.25 -66.11 -50.05
N LEU G 934 -45.08 -66.65 -49.73
CA LEU G 934 -44.94 -68.10 -49.71
C LEU G 934 -45.37 -68.72 -48.40
N VAL G 935 -45.14 -68.05 -47.27
CA VAL G 935 -45.59 -68.62 -46.00
C VAL G 935 -47.10 -68.59 -45.92
N ALA G 936 -47.74 -67.61 -46.57
CA ALA G 936 -49.20 -67.58 -46.55
C ALA G 936 -49.83 -68.80 -47.22
N GLN G 937 -49.07 -69.52 -48.06
CA GLN G 937 -49.63 -70.66 -48.77
C GLN G 937 -49.75 -71.90 -47.89
N ILE G 938 -48.80 -72.10 -46.98
CA ILE G 938 -48.86 -73.25 -46.09
C ILE G 938 -49.46 -72.91 -44.73
N SER G 939 -49.50 -71.64 -44.35
CA SER G 939 -50.08 -71.27 -43.06
C SER G 939 -51.28 -70.35 -43.28
N GLU G 940 -51.79 -69.81 -42.17
CA GLU G 940 -52.94 -68.91 -42.19
C GLU G 940 -52.47 -67.55 -41.68
N THR G 941 -52.27 -66.61 -42.60
CA THR G 941 -51.71 -65.32 -42.27
C THR G 941 -52.74 -64.21 -42.46
N GLN G 942 -52.29 -62.97 -42.29
CA GLN G 942 -53.14 -61.79 -42.29
C GLN G 942 -53.25 -61.12 -43.65
N TYR G 943 -52.58 -61.62 -44.63
CA TYR G 943 -52.59 -60.87 -45.87
C TYR G 943 -53.55 -61.50 -46.88
N PRO G 944 -54.13 -60.71 -47.77
CA PRO G 944 -55.10 -61.21 -48.74
C PRO G 944 -54.45 -61.96 -49.89
N VAL G 945 -53.67 -62.99 -49.56
CA VAL G 945 -52.97 -63.74 -50.59
C VAL G 945 -53.95 -64.59 -51.38
N ASP G 946 -53.53 -64.97 -52.57
CA ASP G 946 -54.28 -65.89 -53.42
C ASP G 946 -53.77 -67.31 -53.18
N ARG G 947 -54.64 -68.29 -53.41
CA ARG G 947 -54.33 -69.69 -53.11
C ARG G 947 -54.74 -70.57 -54.28
N TYR G 948 -53.76 -71.27 -54.84
CA TYR G 948 -53.97 -72.15 -55.98
C TYR G 948 -53.74 -73.62 -55.68
N LEU G 949 -52.84 -73.94 -54.77
CA LEU G 949 -52.38 -75.30 -54.56
C LEU G 949 -53.02 -75.96 -53.33
N ASP G 950 -54.27 -75.61 -53.02
CA ASP G 950 -54.93 -76.22 -51.88
C ASP G 950 -55.27 -77.69 -52.12
N TRP G 951 -55.22 -78.15 -53.36
CA TRP G 951 -55.58 -79.54 -53.64
C TRP G 951 -54.43 -80.50 -53.35
N ILE G 952 -53.21 -80.00 -53.20
CA ILE G 952 -52.08 -80.85 -52.82
C ILE G 952 -52.13 -81.03 -51.31
N PRO G 953 -51.91 -82.24 -50.79
CA PRO G 953 -51.98 -82.44 -49.35
C PRO G 953 -50.86 -81.72 -48.62
N SER G 954 -51.09 -81.46 -47.34
CA SER G 954 -50.04 -80.89 -46.50
C SER G 954 -50.46 -81.02 -45.04
N LEU G 955 -49.46 -81.00 -44.18
CA LEU G 955 -49.65 -81.16 -42.74
C LEU G 955 -50.15 -79.86 -42.13
N ARG G 956 -50.29 -79.86 -40.81
CA ARG G 956 -50.76 -78.70 -40.06
C ARG G 956 -49.52 -77.99 -39.51
N ALA G 957 -49.08 -76.95 -40.21
CA ALA G 957 -47.81 -76.32 -39.90
C ALA G 957 -47.87 -75.59 -38.57
N SER G 958 -46.81 -75.75 -37.79
CA SER G 958 -46.62 -75.04 -36.54
C SER G 958 -45.49 -74.02 -36.69
N ALA G 959 -45.10 -73.40 -35.58
CA ALA G 959 -44.05 -72.39 -35.63
C ALA G 959 -42.73 -72.96 -36.12
N ALA G 960 -42.39 -74.17 -35.69
CA ALA G 960 -41.14 -74.79 -36.14
C ALA G 960 -41.18 -75.07 -37.64
N THR G 961 -42.30 -75.58 -38.14
CA THR G 961 -42.42 -75.84 -39.57
C THR G 961 -42.29 -74.56 -40.37
N ALA G 962 -42.98 -73.50 -39.93
CA ALA G 962 -42.90 -72.23 -40.66
C ALA G 962 -41.50 -71.67 -40.63
N ALA G 963 -40.81 -71.75 -39.49
CA ALA G 963 -39.45 -71.24 -39.41
C ALA G 963 -38.50 -72.02 -40.32
N THR G 964 -38.66 -73.34 -40.36
CA THR G 964 -37.84 -74.14 -41.27
C THR G 964 -38.08 -73.75 -42.72
N PHE G 965 -39.34 -73.66 -43.13
CA PHE G 965 -39.66 -73.28 -44.49
C PHE G 965 -39.08 -71.91 -44.84
N ALA G 966 -39.16 -70.97 -43.89
CA ALA G 966 -38.58 -69.65 -44.12
C ALA G 966 -37.06 -69.74 -44.29
N GLU G 967 -36.42 -70.62 -43.53
CA GLU G 967 -34.97 -70.80 -43.68
C GLU G 967 -34.62 -71.33 -45.06
N TRP G 968 -35.41 -72.29 -45.55
CA TRP G 968 -35.19 -72.80 -46.90
C TRP G 968 -35.32 -71.70 -47.94
N VAL G 969 -36.37 -70.88 -47.82
CA VAL G 969 -36.55 -69.77 -48.76
C VAL G 969 -35.38 -68.80 -48.69
N ASN G 970 -34.92 -68.48 -47.47
CA ASN G 970 -33.80 -67.56 -47.32
C ASN G 970 -32.56 -68.09 -48.00
N THR G 971 -32.20 -69.34 -47.74
CA THR G 971 -31.00 -69.89 -48.35
C THR G 971 -31.14 -69.98 -49.87
N SER G 972 -32.33 -70.31 -50.35
CA SER G 972 -32.51 -70.43 -51.79
C SER G 972 -32.45 -69.08 -52.48
N MET G 973 -32.85 -68.01 -51.80
CA MET G 973 -32.72 -66.69 -52.41
C MET G 973 -31.32 -66.11 -52.26
N LYS G 974 -30.56 -66.55 -51.26
CA LYS G 974 -29.17 -66.13 -51.15
C LYS G 974 -28.27 -66.86 -52.12
N THR G 975 -28.58 -68.13 -52.44
CA THR G 975 -27.77 -68.86 -53.40
C THR G 975 -27.79 -68.18 -54.77
N ALA G 976 -28.98 -67.89 -55.28
CA ALA G 976 -29.07 -66.95 -56.38
C ALA G 976 -28.73 -65.55 -55.87
N PHE G 977 -28.37 -64.67 -56.81
CA PHE G 977 -28.01 -63.29 -56.52
C PHE G 977 -26.65 -63.16 -55.86
N ASP G 978 -26.03 -64.28 -55.49
CA ASP G 978 -24.65 -64.32 -55.00
C ASP G 978 -24.48 -63.46 -53.75
N LEU G 979 -25.20 -63.84 -52.70
CA LEU G 979 -25.11 -63.15 -51.41
C LEU G 979 -24.44 -64.06 -50.38
N SER G 980 -23.77 -63.43 -49.43
CA SER G 980 -23.02 -64.15 -48.41
C SER G 980 -23.40 -63.70 -47.01
N ASP G 981 -23.76 -62.44 -46.86
CA ASP G 981 -24.09 -61.89 -45.56
C ASP G 981 -25.51 -62.26 -45.18
N MET G 982 -26.05 -61.61 -44.15
CA MET G 982 -27.41 -61.86 -43.71
C MET G 982 -28.40 -61.14 -44.61
N LEU G 983 -29.55 -61.79 -44.83
CA LEU G 983 -30.68 -61.24 -45.56
C LEU G 983 -31.91 -62.03 -45.15
N LEU G 984 -32.91 -61.35 -44.57
CA LEU G 984 -34.14 -61.94 -44.06
C LEU G 984 -33.96 -62.65 -42.73
N GLU G 985 -32.74 -62.74 -42.21
CA GLU G 985 -32.50 -63.31 -40.88
C GLU G 985 -33.02 -62.47 -39.73
N PRO G 986 -33.02 -61.13 -39.79
CA PRO G 986 -33.65 -60.36 -38.71
C PRO G 986 -35.13 -60.67 -38.52
N LEU G 987 -35.82 -61.15 -39.55
CA LEU G 987 -37.23 -61.48 -39.43
C LEU G 987 -37.47 -62.92 -39.03
N LEU G 988 -36.43 -63.75 -38.95
CA LEU G 988 -36.61 -65.18 -38.73
C LEU G 988 -36.53 -65.57 -37.26
N SER G 989 -36.04 -64.69 -36.39
CA SER G 989 -35.93 -65.03 -34.97
C SER G 989 -37.26 -65.02 -34.25
N GLY G 990 -38.39 -64.82 -34.93
CA GLY G 990 -39.68 -64.85 -34.28
C GLY G 990 -40.65 -65.80 -34.96
N ASP G 991 -41.91 -65.41 -35.06
CA ASP G 991 -42.93 -66.24 -35.69
C ASP G 991 -43.11 -65.76 -37.12
N PRO G 992 -42.56 -66.45 -38.11
CA PRO G 992 -42.54 -65.89 -39.48
C PRO G 992 -43.91 -65.77 -40.13
N ARG G 993 -44.97 -66.32 -39.54
CA ARG G 993 -46.27 -66.31 -40.18
C ARG G 993 -47.19 -65.24 -39.62
N MET G 994 -46.64 -64.20 -39.00
CA MET G 994 -47.42 -63.01 -38.65
C MET G 994 -46.61 -61.75 -38.87
N THR G 995 -45.72 -61.75 -39.85
CA THR G 995 -44.72 -60.70 -39.98
C THR G 995 -45.35 -59.38 -40.39
N GLN G 996 -44.69 -58.30 -40.00
CA GLN G 996 -45.09 -56.94 -40.31
C GLN G 996 -43.98 -56.02 -39.84
N LEU G 997 -43.79 -54.91 -40.55
CA LEU G 997 -42.72 -53.97 -40.22
C LEU G 997 -43.33 -52.62 -39.87
N ALA G 998 -42.79 -52.00 -38.83
CA ALA G 998 -43.24 -50.69 -38.39
C ALA G 998 -42.34 -50.15 -37.29
N ILE G 999 -42.26 -48.83 -37.16
CA ILE G 999 -41.40 -48.19 -36.17
C ILE G 999 -42.17 -47.03 -35.56
N GLN G 1000 -41.73 -46.58 -34.39
CA GLN G 1000 -42.41 -45.50 -33.71
C GLN G 1000 -41.55 -45.00 -32.55
N TYR G 1001 -41.80 -43.77 -32.14
CA TYR G 1001 -41.29 -43.26 -30.87
C TYR G 1001 -42.42 -42.62 -30.10
N GLN G 1002 -42.18 -42.39 -28.81
CA GLN G 1002 -43.17 -41.87 -27.89
C GLN G 1002 -42.55 -40.72 -27.10
N GLN G 1003 -43.38 -39.74 -26.77
CA GLN G 1003 -42.95 -38.59 -26.00
C GLN G 1003 -43.30 -38.78 -24.53
N TYR G 1004 -42.84 -37.84 -23.71
CA TYR G 1004 -43.19 -37.87 -22.30
C TYR G 1004 -44.69 -37.67 -22.09
N ASN G 1005 -45.38 -37.05 -23.05
CA ASN G 1005 -46.82 -36.91 -22.99
C ASN G 1005 -47.54 -38.25 -23.15
N GLY G 1006 -46.85 -39.27 -23.65
CA GLY G 1006 -47.50 -40.49 -24.06
C GLY G 1006 -48.04 -40.46 -25.47
N ARG G 1007 -47.84 -39.37 -26.19
CA ARG G 1007 -48.27 -39.27 -27.58
C ARG G 1007 -47.25 -39.97 -28.47
N THR G 1008 -47.70 -40.95 -29.25
CA THR G 1008 -46.82 -41.77 -30.05
C THR G 1008 -46.94 -41.41 -31.53
N PHE G 1009 -45.81 -41.49 -32.22
CA PHE G 1009 -45.74 -41.30 -33.66
C PHE G 1009 -45.24 -42.60 -34.28
N ASN G 1010 -46.00 -43.16 -35.21
CA ASN G 1010 -45.62 -44.41 -35.85
C ASN G 1010 -45.44 -44.20 -37.35
N VAL G 1011 -44.68 -45.11 -37.95
CA VAL G 1011 -44.41 -45.07 -39.39
C VAL G 1011 -44.59 -46.45 -39.99
N ILE G 1012 -45.76 -46.72 -40.55
CA ILE G 1012 -46.02 -48.00 -41.19
C ILE G 1012 -45.74 -47.86 -42.68
N PRO G 1013 -44.59 -48.32 -43.16
CA PRO G 1013 -44.28 -48.16 -44.58
C PRO G 1013 -45.10 -49.12 -45.43
N GLU G 1014 -45.52 -48.64 -46.60
CA GLU G 1014 -46.34 -49.45 -47.49
C GLU G 1014 -45.48 -50.42 -48.28
N MET G 1015 -45.93 -51.67 -48.36
CA MET G 1015 -45.17 -52.71 -49.03
C MET G 1015 -45.37 -52.62 -50.54
N PRO G 1016 -44.35 -52.20 -51.29
CA PRO G 1016 -44.46 -52.22 -52.75
C PRO G 1016 -44.47 -53.66 -53.26
N GLY G 1017 -44.90 -53.82 -54.51
CA GLY G 1017 -44.97 -55.14 -55.09
C GLY G 1017 -43.62 -55.80 -55.21
N SER G 1018 -43.60 -57.06 -55.66
CA SER G 1018 -42.36 -57.78 -55.88
C SER G 1018 -42.52 -58.68 -57.09
N VAL G 1019 -41.68 -58.46 -58.10
CA VAL G 1019 -41.78 -59.24 -59.33
C VAL G 1019 -41.55 -60.72 -59.05
N ILE G 1020 -40.73 -61.05 -58.06
CA ILE G 1020 -40.45 -62.45 -57.78
C ILE G 1020 -41.68 -63.14 -57.21
N ALA G 1021 -42.41 -62.46 -56.31
CA ALA G 1021 -43.64 -63.05 -55.80
C ALA G 1021 -44.71 -63.11 -56.88
N ASP G 1022 -44.77 -62.10 -57.74
CA ASP G 1022 -45.70 -62.14 -58.85
C ASP G 1022 -45.41 -63.32 -59.76
N CYS G 1023 -44.13 -63.58 -60.04
CA CYS G 1023 -43.78 -64.68 -60.93
C CYS G 1023 -43.99 -66.03 -60.25
N VAL G 1024 -43.78 -66.11 -58.94
CA VAL G 1024 -44.10 -67.35 -58.23
C VAL G 1024 -45.59 -67.64 -58.31
N GLN G 1025 -46.41 -66.60 -58.14
CA GLN G 1025 -47.85 -66.80 -58.25
C GLN G 1025 -48.26 -67.19 -59.66
N LEU G 1026 -47.61 -66.60 -60.67
CA LEU G 1026 -47.90 -66.99 -62.05
C LEU G 1026 -47.54 -68.45 -62.30
N THR G 1027 -46.38 -68.88 -61.77
CA THR G 1027 -45.97 -70.26 -61.96
C THR G 1027 -46.91 -71.22 -61.25
N ALA G 1028 -47.44 -70.83 -60.09
CA ALA G 1028 -48.41 -71.66 -59.41
C ALA G 1028 -49.71 -71.75 -60.21
N GLU G 1029 -50.18 -70.61 -60.73
CA GLU G 1029 -51.40 -70.61 -61.54
C GLU G 1029 -51.24 -71.44 -62.79
N VAL G 1030 -50.02 -71.51 -63.34
CA VAL G 1030 -49.80 -72.38 -64.50
C VAL G 1030 -49.65 -73.84 -64.08
N PHE G 1031 -49.06 -74.09 -62.92
CA PHE G 1031 -48.95 -75.45 -62.39
C PHE G 1031 -50.32 -76.05 -62.22
N ASN G 1032 -51.30 -75.24 -61.80
CA ASN G 1032 -52.66 -75.73 -61.58
C ASN G 1032 -53.22 -76.42 -62.81
N HIS G 1033 -52.80 -76.01 -64.01
CA HIS G 1033 -53.26 -76.65 -65.24
C HIS G 1033 -52.25 -77.60 -65.85
N GLU G 1034 -50.95 -77.34 -65.71
CA GLU G 1034 -49.91 -78.13 -66.34
C GLU G 1034 -49.13 -78.97 -65.32
N TYR G 1035 -49.83 -79.45 -64.30
CA TYR G 1035 -49.17 -80.22 -63.25
C TYR G 1035 -48.55 -81.51 -63.77
N ASN G 1036 -49.09 -82.10 -64.84
CA ASN G 1036 -48.56 -83.36 -65.32
C ASN G 1036 -47.12 -83.22 -65.82
N LEU G 1037 -46.81 -82.07 -66.43
CA LEU G 1037 -45.47 -81.88 -66.98
C LEU G 1037 -44.40 -81.86 -65.90
N PHE G 1038 -44.77 -81.55 -64.65
CA PHE G 1038 -43.83 -81.55 -63.55
C PHE G 1038 -43.81 -82.86 -62.79
N GLY G 1039 -44.53 -83.88 -63.28
CA GLY G 1039 -44.47 -85.21 -62.69
C GLY G 1039 -45.56 -85.53 -61.70
N ILE G 1040 -46.46 -84.62 -61.42
CA ILE G 1040 -47.53 -84.81 -60.45
C ILE G 1040 -48.82 -85.16 -61.18
N ALA G 1041 -49.67 -85.95 -60.52
CA ALA G 1041 -50.99 -86.29 -61.04
C ALA G 1041 -52.03 -85.95 -59.99
N ARG G 1042 -53.25 -85.71 -60.45
CA ARG G 1042 -54.35 -85.30 -59.57
C ARG G 1042 -55.32 -86.44 -59.35
N GLY G 1043 -56.25 -86.21 -58.42
CA GLY G 1043 -57.26 -87.20 -58.12
C GLY G 1043 -56.73 -88.27 -57.19
N ASP G 1044 -57.28 -89.46 -57.32
CA ASP G 1044 -56.85 -90.61 -56.55
C ASP G 1044 -56.83 -91.82 -57.47
N ILE G 1045 -56.47 -92.97 -56.90
CA ILE G 1045 -56.30 -94.18 -57.67
C ILE G 1045 -57.31 -95.22 -57.19
N ILE G 1046 -57.58 -96.19 -58.05
CA ILE G 1046 -58.57 -97.23 -57.79
C ILE G 1046 -57.87 -98.57 -57.96
N ILE G 1047 -57.55 -99.21 -56.85
CA ILE G 1047 -56.82 -100.48 -56.86
C ILE G 1047 -57.83 -101.60 -57.05
N GLY G 1048 -57.76 -102.28 -58.19
CA GLY G 1048 -58.65 -103.39 -58.48
C GLY G 1048 -58.25 -104.09 -59.75
N ARG G 1049 -58.53 -105.39 -59.86
CA ARG G 1049 -58.07 -106.15 -61.01
C ARG G 1049 -58.96 -105.90 -62.22
N VAL G 1050 -58.31 -105.75 -63.38
CA VAL G 1050 -58.99 -105.61 -64.66
C VAL G 1050 -58.17 -106.39 -65.68
N GLN G 1051 -58.73 -107.48 -66.19
CA GLN G 1051 -58.06 -108.31 -67.18
C GLN G 1051 -58.83 -108.25 -68.49
N SER G 1052 -58.16 -107.81 -69.55
CA SER G 1052 -58.75 -107.75 -70.87
C SER G 1052 -57.68 -107.37 -71.86
N THR G 1053 -57.95 -107.62 -73.14
CA THR G 1053 -56.99 -107.36 -74.21
C THR G 1053 -57.01 -105.92 -74.67
N HIS G 1054 -57.76 -105.05 -74.02
CA HIS G 1054 -57.92 -103.69 -74.52
C HIS G 1054 -56.64 -102.87 -74.30
N LEU G 1055 -56.52 -101.78 -75.05
CA LEU G 1055 -55.30 -100.99 -75.09
C LEU G 1055 -55.49 -99.58 -74.56
N TRP G 1056 -56.51 -99.34 -73.76
CA TRP G 1056 -56.68 -98.02 -73.16
C TRP G 1056 -55.56 -97.75 -72.17
N SER G 1057 -55.27 -96.47 -71.96
CA SER G 1057 -54.14 -96.14 -71.10
C SER G 1057 -54.59 -95.89 -69.67
N PRO G 1058 -53.88 -96.42 -68.67
CA PRO G 1058 -54.31 -96.26 -67.29
C PRO G 1058 -54.36 -94.82 -66.81
N LEU G 1059 -53.66 -93.91 -67.46
CA LEU G 1059 -53.73 -92.50 -67.13
C LEU G 1059 -54.92 -91.81 -67.79
N ALA G 1060 -55.79 -92.56 -68.44
CA ALA G 1060 -57.01 -92.03 -69.04
C ALA G 1060 -58.02 -93.17 -69.15
N PRO G 1061 -58.48 -93.70 -68.04
CA PRO G 1061 -59.26 -94.94 -68.08
C PRO G 1061 -60.67 -94.68 -68.60
N PRO G 1062 -61.38 -95.73 -68.99
CA PRO G 1062 -62.76 -95.55 -69.44
C PRO G 1062 -63.66 -95.13 -68.28
N PRO G 1063 -64.87 -94.66 -68.56
CA PRO G 1063 -65.70 -94.11 -67.48
C PRO G 1063 -66.23 -95.17 -66.53
N ASP G 1064 -66.70 -96.30 -67.03
CA ASP G 1064 -67.33 -97.27 -66.15
C ASP G 1064 -66.31 -98.17 -65.46
N LEU G 1065 -65.28 -97.56 -64.89
CA LEU G 1065 -64.37 -98.24 -63.98
C LEU G 1065 -64.08 -97.43 -62.74
N VAL G 1066 -64.45 -96.15 -62.70
CA VAL G 1066 -64.24 -95.31 -61.54
C VAL G 1066 -65.57 -95.15 -60.81
N PHE G 1067 -65.49 -94.92 -59.51
CA PHE G 1067 -66.65 -94.66 -58.69
C PHE G 1067 -66.27 -93.62 -57.64
N ASP G 1068 -67.27 -92.95 -57.07
CA ASP G 1068 -67.02 -91.87 -56.13
C ASP G 1068 -67.96 -92.04 -54.94
N ARG G 1069 -68.04 -90.99 -54.12
CA ARG G 1069 -68.85 -91.03 -52.92
C ARG G 1069 -70.32 -91.28 -53.25
N ASP G 1070 -70.88 -90.47 -54.15
CA ASP G 1070 -72.32 -90.55 -54.44
C ASP G 1070 -72.60 -91.60 -55.53
N THR G 1071 -72.16 -92.83 -55.24
CA THR G 1071 -72.44 -93.96 -56.10
C THR G 1071 -73.20 -95.02 -55.32
N PRO G 1072 -74.25 -95.59 -55.90
CA PRO G 1072 -75.01 -96.63 -55.20
C PRO G 1072 -74.15 -97.86 -54.97
N GLY G 1073 -74.21 -98.39 -53.75
CA GLY G 1073 -73.47 -99.60 -53.42
C GLY G 1073 -72.00 -99.39 -53.14
N VAL G 1074 -71.63 -98.25 -52.56
CA VAL G 1074 -70.25 -97.96 -52.20
C VAL G 1074 -70.19 -97.79 -50.68
N HIS G 1075 -69.11 -98.25 -50.08
CA HIS G 1075 -68.92 -98.19 -48.64
C HIS G 1075 -67.77 -97.25 -48.32
N ILE G 1076 -68.05 -96.22 -47.53
CA ILE G 1076 -67.05 -95.24 -47.12
C ILE G 1076 -66.60 -95.59 -45.70
N PHE G 1077 -65.29 -95.63 -45.48
CA PHE G 1077 -64.71 -96.00 -44.20
C PHE G 1077 -63.94 -94.81 -43.63
N GLY G 1078 -63.40 -95.00 -42.43
CA GLY G 1078 -62.46 -94.02 -41.91
C GLY G 1078 -62.48 -93.66 -40.44
N ARG G 1079 -63.64 -93.63 -39.79
CA ARG G 1079 -63.67 -93.05 -38.45
C ARG G 1079 -63.27 -94.05 -37.37
N ASP G 1080 -63.87 -95.24 -37.38
CA ASP G 1080 -63.42 -96.32 -36.49
C ASP G 1080 -63.49 -97.63 -37.28
N CYS G 1081 -62.39 -97.96 -37.93
CA CYS G 1081 -62.32 -99.14 -38.78
C CYS G 1081 -61.86 -100.31 -37.93
N ARG G 1082 -62.76 -101.28 -37.72
CA ARG G 1082 -62.46 -102.47 -36.94
C ARG G 1082 -62.66 -103.70 -37.80
N ILE G 1083 -61.79 -104.67 -37.63
CA ILE G 1083 -61.88 -105.95 -38.32
C ILE G 1083 -62.36 -107.00 -37.33
N SER G 1084 -63.16 -107.94 -37.81
CA SER G 1084 -63.64 -109.05 -36.99
C SER G 1084 -63.40 -110.34 -37.75
N PHE G 1085 -62.63 -111.25 -37.15
CA PHE G 1085 -62.28 -112.48 -37.84
C PHE G 1085 -63.52 -113.34 -38.07
N GLY G 1086 -63.51 -114.05 -39.19
CA GLY G 1086 -64.56 -115.01 -39.47
C GLY G 1086 -64.28 -116.33 -38.77
N MET G 1087 -65.35 -117.02 -38.39
CA MET G 1087 -65.24 -118.25 -37.63
C MET G 1087 -66.18 -119.30 -38.20
N ASN G 1088 -65.67 -120.53 -38.31
CA ASN G 1088 -66.46 -121.66 -38.79
C ASN G 1088 -66.92 -121.48 -40.22
N GLY G 1089 -66.11 -120.83 -41.05
CA GLY G 1089 -66.39 -120.67 -42.45
C GLY G 1089 -66.97 -119.32 -42.83
N ALA G 1090 -67.62 -118.64 -41.89
CA ALA G 1090 -68.19 -117.34 -42.17
C ALA G 1090 -67.07 -116.34 -42.47
N ALA G 1091 -67.32 -115.46 -43.44
CA ALA G 1091 -66.29 -114.56 -43.90
C ALA G 1091 -66.01 -113.47 -42.87
N PRO G 1092 -64.80 -112.92 -42.87
CA PRO G 1092 -64.51 -111.78 -41.99
C PRO G 1092 -65.30 -110.55 -42.43
N MET G 1093 -65.28 -109.53 -41.57
CA MET G 1093 -66.06 -108.33 -41.82
C MET G 1093 -65.29 -107.11 -41.34
N ILE G 1094 -65.51 -106.00 -42.04
CA ILE G 1094 -64.92 -104.71 -41.70
C ILE G 1094 -66.06 -103.74 -41.46
N ARG G 1095 -65.80 -102.71 -40.65
CA ARG G 1095 -66.86 -101.83 -40.17
C ARG G 1095 -66.97 -100.59 -41.05
N ASP G 1096 -68.16 -100.41 -41.62
CA ASP G 1096 -68.50 -99.21 -42.36
C ASP G 1096 -68.35 -97.97 -41.46
N GLU G 1097 -68.28 -96.81 -42.10
CA GLU G 1097 -68.26 -95.56 -41.35
C GLU G 1097 -69.57 -95.32 -40.59
N THR G 1098 -70.66 -95.96 -41.00
CA THR G 1098 -71.96 -95.77 -40.39
C THR G 1098 -72.34 -96.91 -39.45
N GLY G 1099 -71.38 -97.72 -39.05
CA GLY G 1099 -71.62 -98.76 -38.07
C GLY G 1099 -71.95 -100.13 -38.64
N MET G 1100 -72.15 -100.24 -39.95
CA MET G 1100 -72.40 -101.54 -40.56
C MET G 1100 -71.08 -102.27 -40.80
N MET G 1101 -71.15 -103.60 -40.80
CA MET G 1101 -70.00 -104.45 -41.05
C MET G 1101 -70.25 -105.26 -42.31
N VAL G 1102 -69.27 -105.25 -43.22
CA VAL G 1102 -69.44 -105.86 -44.53
C VAL G 1102 -68.29 -106.83 -44.78
N PRO G 1103 -68.47 -107.74 -45.73
CA PRO G 1103 -67.39 -108.68 -46.07
C PRO G 1103 -66.34 -108.04 -46.95
N PHE G 1104 -65.37 -108.83 -47.42
CA PHE G 1104 -64.27 -108.32 -48.24
C PHE G 1104 -64.63 -108.48 -49.71
N GLU G 1105 -65.46 -107.57 -50.20
CA GLU G 1105 -65.84 -107.57 -51.60
C GLU G 1105 -66.65 -106.32 -51.90
N GLY G 1106 -66.53 -105.83 -53.12
CA GLY G 1106 -67.26 -104.67 -53.57
C GLY G 1106 -66.37 -103.47 -53.80
N ASN G 1107 -66.98 -102.29 -53.75
CA ASN G 1107 -66.30 -101.03 -53.95
C ASN G 1107 -66.16 -100.31 -52.62
N TRP G 1108 -64.93 -99.93 -52.29
CA TRP G 1108 -64.63 -99.27 -51.02
C TRP G 1108 -63.99 -97.92 -51.28
N ILE G 1109 -63.84 -97.14 -50.20
CA ILE G 1109 -63.22 -95.83 -50.26
C ILE G 1109 -62.42 -95.62 -48.99
N PHE G 1110 -61.09 -95.55 -49.12
CA PHE G 1110 -60.20 -95.37 -47.99
C PHE G 1110 -59.59 -93.97 -48.00
N PRO G 1111 -59.37 -93.37 -46.84
CA PRO G 1111 -58.36 -92.31 -46.74
C PRO G 1111 -56.96 -92.90 -46.69
N LEU G 1112 -56.06 -92.26 -47.43
CA LEU G 1112 -54.67 -92.72 -47.47
C LEU G 1112 -54.05 -92.76 -46.09
N ALA G 1113 -54.42 -91.82 -45.21
CA ALA G 1113 -53.95 -91.89 -43.83
C ALA G 1113 -54.51 -93.11 -43.12
N LEU G 1114 -55.76 -93.48 -43.44
CA LEU G 1114 -56.32 -94.69 -42.84
C LEU G 1114 -55.55 -95.92 -43.25
N TRP G 1115 -55.07 -95.96 -44.49
CA TRP G 1115 -54.23 -97.09 -44.87
C TRP G 1115 -52.87 -97.03 -44.21
N GLN G 1116 -52.26 -95.84 -44.17
CA GLN G 1116 -50.92 -95.71 -43.63
C GLN G 1116 -50.87 -96.11 -42.17
N MET G 1117 -51.90 -95.74 -41.40
CA MET G 1117 -51.90 -96.07 -39.98
C MET G 1117 -52.00 -97.57 -39.72
N ASN G 1118 -52.35 -98.37 -40.71
CA ASN G 1118 -52.50 -99.80 -40.55
C ASN G 1118 -51.91 -100.53 -41.75
N THR G 1119 -50.77 -100.04 -42.24
CA THR G 1119 -50.15 -100.57 -43.45
C THR G 1119 -49.90 -102.08 -43.40
N ARG G 1120 -49.63 -102.64 -42.22
CA ARG G 1120 -49.32 -104.07 -42.17
C ARG G 1120 -50.52 -104.93 -41.87
N TYR G 1121 -51.36 -104.53 -40.91
CA TYR G 1121 -52.56 -105.29 -40.62
C TYR G 1121 -53.49 -105.34 -41.82
N PHE G 1122 -53.45 -104.33 -42.69
CA PHE G 1122 -54.33 -104.30 -43.84
C PHE G 1122 -53.80 -105.12 -45.01
N ASN G 1123 -52.48 -105.15 -45.21
CA ASN G 1123 -51.93 -105.93 -46.32
C ASN G 1123 -52.28 -107.40 -46.18
N GLN G 1124 -52.05 -107.96 -45.00
CA GLN G 1124 -52.30 -109.39 -44.79
C GLN G 1124 -53.76 -109.74 -44.95
N GLN G 1125 -54.66 -108.84 -44.58
CA GLN G 1125 -56.08 -109.14 -44.64
C GLN G 1125 -56.65 -108.92 -46.03
N PHE G 1126 -56.15 -107.92 -46.77
CA PHE G 1126 -56.80 -107.46 -47.98
C PHE G 1126 -56.13 -107.95 -49.26
N ASP G 1127 -54.80 -108.10 -49.26
CA ASP G 1127 -54.09 -108.34 -50.51
C ASP G 1127 -54.51 -109.64 -51.18
N ALA G 1128 -54.83 -110.67 -50.40
CA ALA G 1128 -55.28 -111.92 -50.99
C ALA G 1128 -56.60 -111.78 -51.72
N TRP G 1129 -57.42 -110.79 -51.35
CA TRP G 1129 -58.72 -110.60 -51.97
C TRP G 1129 -58.67 -109.65 -53.16
N ILE G 1130 -57.77 -108.67 -53.14
CA ILE G 1130 -57.62 -107.79 -54.29
C ILE G 1130 -57.02 -108.55 -55.46
N LYS G 1131 -56.10 -109.48 -55.19
CA LYS G 1131 -55.38 -110.17 -56.25
C LYS G 1131 -56.31 -111.06 -57.06
N THR G 1132 -56.97 -112.01 -56.40
CA THR G 1132 -57.84 -112.96 -57.09
C THR G 1132 -59.32 -112.78 -56.79
N GLY G 1133 -59.68 -112.08 -55.72
CA GLY G 1133 -61.06 -111.93 -55.33
C GLY G 1133 -61.81 -110.89 -56.12
N GLU G 1134 -62.75 -110.22 -55.46
CA GLU G 1134 -63.61 -109.22 -56.10
C GLU G 1134 -63.54 -107.87 -55.39
N LEU G 1135 -62.51 -107.64 -54.61
CA LEU G 1135 -62.39 -106.39 -53.88
C LEU G 1135 -61.84 -105.28 -54.76
N ARG G 1136 -62.26 -104.06 -54.48
CA ARG G 1136 -61.78 -102.88 -55.19
C ARG G 1136 -61.79 -101.72 -54.22
N ILE G 1137 -60.70 -100.97 -54.17
CA ILE G 1137 -60.52 -99.90 -53.20
C ILE G 1137 -60.11 -98.62 -53.93
N ARG G 1138 -60.65 -97.50 -53.47
CA ARG G 1138 -60.31 -96.18 -54.03
C ARG G 1138 -59.57 -95.39 -52.95
N ILE G 1139 -58.26 -95.59 -52.89
CA ILE G 1139 -57.43 -94.84 -51.95
C ILE G 1139 -57.38 -93.39 -52.44
N GLU G 1140 -57.98 -92.47 -51.69
CA GLU G 1140 -58.06 -91.08 -52.11
C GLU G 1140 -56.87 -90.31 -51.56
N MET G 1141 -56.11 -89.68 -52.45
CA MET G 1141 -54.85 -89.03 -52.13
C MET G 1141 -54.83 -87.55 -52.45
N GLY G 1142 -55.41 -87.14 -53.56
CA GLY G 1142 -55.37 -85.74 -53.97
C GLY G 1142 -54.24 -85.38 -54.91
N ALA G 1143 -53.02 -85.80 -54.58
CA ALA G 1143 -51.86 -85.55 -55.42
C ALA G 1143 -50.80 -86.60 -55.11
N TYR G 1144 -50.09 -87.05 -56.14
CA TYR G 1144 -49.12 -88.11 -55.95
C TYR G 1144 -48.17 -88.16 -57.13
N PRO G 1145 -46.89 -88.39 -56.92
CA PRO G 1145 -45.97 -88.60 -58.05
C PRO G 1145 -46.13 -90.00 -58.61
N TYR G 1146 -45.95 -90.11 -59.92
CA TYR G 1146 -46.18 -91.36 -60.63
C TYR G 1146 -44.93 -91.78 -61.38
N MET G 1147 -44.98 -93.00 -61.89
CA MET G 1147 -43.90 -93.58 -62.67
C MET G 1147 -44.51 -94.52 -63.69
N LEU G 1148 -43.87 -94.65 -64.85
CA LEU G 1148 -44.46 -95.34 -65.99
C LEU G 1148 -43.67 -96.60 -66.33
N HIS G 1149 -44.40 -97.60 -66.82
CA HIS G 1149 -43.80 -98.86 -67.25
C HIS G 1149 -44.47 -99.26 -68.55
N TYR G 1150 -43.71 -99.30 -69.63
CA TYR G 1150 -44.25 -99.67 -70.94
C TYR G 1150 -44.04 -101.14 -71.22
N TYR G 1151 -45.00 -101.75 -71.91
CA TYR G 1151 -44.93 -103.17 -72.23
C TYR G 1151 -45.41 -103.40 -73.65
N ASP G 1152 -44.97 -104.50 -74.23
CA ASP G 1152 -45.38 -104.89 -75.58
C ASP G 1152 -46.78 -105.46 -75.53
N PRO G 1153 -47.73 -104.91 -76.29
CA PRO G 1153 -49.12 -105.39 -76.18
C PRO G 1153 -49.32 -106.82 -76.64
N ARG G 1154 -48.48 -107.34 -77.52
CA ARG G 1154 -48.69 -108.67 -78.08
C ARG G 1154 -48.00 -109.76 -77.26
N GLN G 1155 -47.84 -109.57 -75.96
CA GLN G 1155 -47.32 -110.59 -75.07
C GLN G 1155 -47.98 -110.43 -73.70
N TYR G 1156 -48.14 -111.57 -73.01
CA TYR G 1156 -48.79 -111.55 -71.71
C TYR G 1156 -48.05 -110.66 -70.73
N ALA G 1157 -48.79 -109.84 -70.01
CA ALA G 1157 -48.23 -108.94 -69.00
C ALA G 1157 -49.12 -108.93 -67.78
N ASN G 1158 -48.51 -108.70 -66.62
CA ASN G 1158 -49.24 -108.74 -65.36
C ASN G 1158 -48.66 -107.71 -64.41
N ALA G 1159 -49.53 -107.00 -63.71
CA ALA G 1159 -49.14 -105.84 -62.92
C ALA G 1159 -48.96 -106.13 -61.44
N TRP G 1160 -49.24 -107.35 -60.99
CA TRP G 1160 -49.27 -107.60 -59.56
C TRP G 1160 -47.91 -107.43 -58.92
N ASN G 1161 -46.84 -107.79 -59.63
CA ASN G 1161 -45.51 -107.63 -59.03
C ASN G 1161 -45.16 -106.17 -58.82
N LEU G 1162 -45.71 -105.28 -59.63
CA LEU G 1162 -45.49 -103.85 -59.42
C LEU G 1162 -46.42 -103.31 -58.34
N THR G 1163 -47.69 -103.66 -58.40
CA THR G 1163 -48.68 -103.09 -57.50
C THR G 1163 -48.71 -103.74 -56.12
N SER G 1164 -47.91 -104.79 -55.90
CA SER G 1164 -47.79 -105.37 -54.56
C SER G 1164 -46.63 -104.76 -53.80
N ALA G 1165 -45.52 -104.50 -54.50
CA ALA G 1165 -44.36 -103.86 -53.90
C ALA G 1165 -44.61 -102.41 -53.55
N TRP G 1166 -45.73 -101.83 -53.99
CA TRP G 1166 -46.14 -100.50 -53.58
C TRP G 1166 -47.01 -100.56 -52.33
N LEU G 1167 -48.01 -101.44 -52.34
CA LEU G 1167 -48.89 -101.59 -51.19
C LEU G 1167 -48.12 -102.04 -49.96
N GLU G 1168 -47.19 -102.98 -50.13
CA GLU G 1168 -46.44 -103.43 -48.95
C GLU G 1168 -45.34 -102.47 -48.55
N GLU G 1169 -45.13 -101.38 -49.29
CA GLU G 1169 -44.17 -100.37 -48.90
C GLU G 1169 -44.82 -99.08 -48.42
N ILE G 1170 -46.14 -98.93 -48.57
CA ILE G 1170 -46.82 -97.83 -47.91
C ILE G 1170 -46.55 -97.89 -46.41
N THR G 1171 -46.31 -96.73 -45.82
CA THR G 1171 -45.76 -96.61 -44.48
C THR G 1171 -46.45 -95.45 -43.79
N PRO G 1172 -46.51 -95.45 -42.45
CA PRO G 1172 -47.10 -94.31 -41.74
C PRO G 1172 -46.38 -92.98 -41.92
N THR G 1173 -45.29 -92.95 -42.68
CA THR G 1173 -44.58 -91.72 -42.96
C THR G 1173 -44.26 -91.51 -44.43
N SER G 1174 -44.21 -92.54 -45.26
CA SER G 1174 -43.78 -92.39 -46.64
C SER G 1174 -44.65 -93.23 -47.56
N ILE G 1175 -44.61 -92.87 -48.84
CA ILE G 1175 -45.19 -93.69 -49.91
C ILE G 1175 -44.26 -93.58 -51.11
N PRO G 1176 -44.04 -94.65 -51.86
CA PRO G 1176 -43.24 -94.53 -53.08
C PRO G 1176 -44.08 -94.07 -54.26
N SER G 1177 -43.47 -93.90 -55.42
CA SER G 1177 -44.21 -93.50 -56.61
C SER G 1177 -45.23 -94.57 -56.98
N VAL G 1178 -46.26 -94.15 -57.71
CA VAL G 1178 -47.36 -95.02 -58.09
C VAL G 1178 -47.04 -95.60 -59.47
N PRO G 1179 -46.85 -96.91 -59.58
CA PRO G 1179 -46.46 -97.48 -60.87
C PRO G 1179 -47.66 -97.79 -61.77
N PHE G 1180 -47.66 -97.25 -62.98
CA PHE G 1180 -48.66 -97.56 -63.98
C PHE G 1180 -48.05 -98.36 -65.12
N MET G 1181 -48.86 -99.18 -65.78
CA MET G 1181 -48.44 -99.95 -66.95
C MET G 1181 -49.09 -99.37 -68.19
N VAL G 1182 -48.28 -98.79 -69.07
CA VAL G 1182 -48.81 -98.21 -70.30
C VAL G 1182 -48.40 -99.08 -71.48
N PRO G 1183 -49.29 -99.34 -72.42
CA PRO G 1183 -48.91 -100.10 -73.61
C PRO G 1183 -48.19 -99.23 -74.63
N ILE G 1184 -47.52 -99.89 -75.55
CA ILE G 1184 -46.78 -99.21 -76.60
C ILE G 1184 -47.68 -99.04 -77.82
N SER G 1185 -47.52 -97.93 -78.52
CA SER G 1185 -48.31 -97.67 -79.71
C SER G 1185 -47.66 -98.35 -80.92
N SER G 1186 -48.49 -98.69 -81.91
CA SER G 1186 -48.03 -99.44 -83.07
C SER G 1186 -48.66 -98.85 -84.32
N ASP G 1187 -47.81 -98.50 -85.29
CA ASP G 1187 -48.29 -97.91 -86.53
C ASP G 1187 -48.83 -98.93 -87.52
N HIS G 1188 -48.82 -100.21 -87.17
CA HIS G 1188 -49.42 -101.24 -88.00
C HIS G 1188 -50.10 -102.25 -87.08
N ASP G 1189 -51.08 -102.97 -87.62
CA ASP G 1189 -51.88 -103.86 -86.80
C ASP G 1189 -51.01 -104.97 -86.19
N ILE G 1190 -51.51 -105.51 -85.08
CA ILE G 1190 -50.82 -106.53 -84.31
C ILE G 1190 -51.86 -107.52 -83.78
N SER G 1191 -51.37 -108.55 -83.09
CA SER G 1191 -52.24 -109.47 -82.38
C SER G 1191 -52.28 -109.10 -80.91
N SER G 1192 -53.44 -109.30 -80.30
CA SER G 1192 -53.65 -108.89 -78.93
C SER G 1192 -53.31 -110.02 -77.96
N ALA G 1193 -53.03 -109.63 -76.71
CA ALA G 1193 -52.69 -110.56 -75.66
C ALA G 1193 -53.23 -110.02 -74.35
N PRO G 1194 -53.63 -110.88 -73.42
CA PRO G 1194 -54.29 -110.41 -72.20
C PRO G 1194 -53.32 -109.65 -71.30
N ALA G 1195 -53.83 -108.58 -70.70
CA ALA G 1195 -53.11 -107.80 -69.71
C ALA G 1195 -53.90 -107.80 -68.42
N VAL G 1196 -53.22 -107.50 -67.31
CA VAL G 1196 -53.82 -107.54 -65.98
C VAL G 1196 -53.41 -106.25 -65.28
N GLN G 1197 -54.29 -105.25 -65.32
CA GLN G 1197 -54.07 -103.97 -64.65
C GLN G 1197 -54.58 -104.03 -63.23
N TYR G 1198 -53.96 -103.25 -62.35
CA TYR G 1198 -54.43 -103.18 -60.97
C TYR G 1198 -54.64 -101.75 -60.50
N ILE G 1199 -53.85 -100.82 -61.00
CA ILE G 1199 -53.95 -99.42 -60.60
C ILE G 1199 -54.38 -98.60 -61.81
N ILE G 1200 -55.32 -97.68 -61.60
CA ILE G 1200 -55.76 -96.75 -62.62
C ILE G 1200 -56.09 -95.42 -61.96
N SER G 1201 -56.12 -94.37 -62.78
CA SER G 1201 -56.45 -93.05 -62.28
C SER G 1201 -57.95 -92.82 -62.32
N THR G 1202 -58.39 -91.75 -61.68
CA THR G 1202 -59.78 -91.36 -61.69
C THR G 1202 -60.04 -90.09 -62.48
N GLU G 1203 -59.01 -89.51 -63.08
CA GLU G 1203 -59.15 -88.33 -63.92
C GLU G 1203 -58.30 -88.56 -65.16
N TYR G 1204 -58.11 -87.50 -65.95
CA TYR G 1204 -57.23 -87.54 -67.11
C TYR G 1204 -55.89 -86.97 -66.70
N ASN G 1205 -54.86 -87.81 -66.67
CA ASN G 1205 -53.51 -87.40 -66.31
C ASN G 1205 -52.51 -87.55 -67.45
N ASP G 1206 -52.97 -87.98 -68.62
CA ASP G 1206 -52.09 -88.22 -69.76
C ASP G 1206 -51.94 -86.94 -70.57
N ARG G 1207 -51.32 -85.94 -69.95
CA ARG G 1207 -51.18 -84.63 -70.58
C ARG G 1207 -49.77 -84.33 -71.05
N SER G 1208 -48.76 -84.98 -70.48
CA SER G 1208 -47.39 -84.80 -70.97
C SER G 1208 -47.12 -85.60 -72.23
N LEU G 1209 -48.08 -86.40 -72.70
CA LEU G 1209 -47.89 -87.16 -73.92
C LEU G 1209 -47.83 -86.20 -75.11
N PHE G 1210 -46.73 -86.23 -75.85
CA PHE G 1210 -46.54 -85.30 -76.94
C PHE G 1210 -46.99 -85.90 -78.27
N CYS G 1211 -46.39 -87.00 -78.69
CA CYS G 1211 -46.75 -87.64 -79.93
C CYS G 1211 -46.44 -89.13 -79.84
N THR G 1212 -47.22 -89.93 -80.55
CA THR G 1212 -47.03 -91.38 -80.59
C THR G 1212 -46.84 -91.82 -82.02
N ASN G 1213 -45.74 -92.52 -82.30
CA ASN G 1213 -45.39 -92.93 -83.65
C ASN G 1213 -45.23 -91.72 -84.55
N SER G 1214 -44.36 -90.80 -84.14
CA SER G 1214 -44.26 -89.51 -84.79
C SER G 1214 -43.68 -89.60 -86.19
N SER G 1215 -43.05 -90.72 -86.55
CA SER G 1215 -42.43 -90.86 -87.86
C SER G 1215 -43.26 -91.70 -88.83
N SER G 1216 -44.27 -92.39 -88.34
CA SER G 1216 -45.09 -93.26 -89.17
C SER G 1216 -46.30 -92.52 -89.68
N PRO G 1217 -46.97 -93.05 -90.70
CA PRO G 1217 -48.17 -92.37 -91.22
C PRO G 1217 -49.31 -92.33 -90.23
N GLN G 1218 -49.47 -93.36 -89.40
CA GLN G 1218 -50.65 -93.49 -88.55
C GLN G 1218 -50.26 -94.16 -87.25
N THR G 1219 -51.23 -94.25 -86.34
CA THR G 1219 -51.13 -95.06 -85.14
C THR G 1219 -52.37 -95.92 -85.06
N ILE G 1220 -52.19 -97.24 -85.19
CA ILE G 1220 -53.32 -98.14 -85.37
C ILE G 1220 -53.69 -98.90 -84.10
N ALA G 1221 -52.73 -99.16 -83.22
CA ALA G 1221 -53.00 -99.90 -81.98
C ALA G 1221 -52.36 -99.16 -80.82
N GLY G 1222 -53.18 -98.68 -79.90
CA GLY G 1222 -52.68 -98.04 -78.70
C GLY G 1222 -53.08 -96.59 -78.62
N PRO G 1223 -52.63 -95.91 -77.57
CA PRO G 1223 -52.96 -94.49 -77.41
C PRO G 1223 -52.25 -93.63 -78.44
N ASP G 1224 -52.98 -93.06 -79.40
CA ASP G 1224 -52.37 -92.18 -80.37
C ASP G 1224 -52.63 -90.72 -80.01
N LYS G 1225 -51.72 -89.85 -80.45
CA LYS G 1225 -51.87 -88.43 -80.21
C LYS G 1225 -51.00 -87.69 -81.21
N HIS G 1226 -51.62 -86.91 -82.08
CA HIS G 1226 -50.86 -86.12 -83.03
C HIS G 1226 -50.16 -84.96 -82.32
N ILE G 1227 -49.36 -84.22 -83.07
CA ILE G 1227 -48.65 -83.08 -82.49
C ILE G 1227 -49.68 -82.07 -81.99
N PRO G 1228 -49.59 -81.61 -80.74
CA PRO G 1228 -50.63 -80.71 -80.23
C PRO G 1228 -50.60 -79.35 -80.90
N VAL G 1229 -51.60 -79.09 -81.76
CA VAL G 1229 -51.61 -77.84 -82.51
C VAL G 1229 -51.87 -76.66 -81.60
N GLU G 1230 -52.70 -76.83 -80.56
CA GLU G 1230 -52.96 -75.73 -79.64
C GLU G 1230 -51.71 -75.26 -78.93
N ARG G 1231 -50.71 -76.12 -78.80
CA ARG G 1231 -49.43 -75.70 -78.25
C ARG G 1231 -48.70 -74.74 -79.17
N TYR G 1232 -49.04 -74.69 -80.46
CA TYR G 1232 -48.29 -73.90 -81.41
C TYR G 1232 -49.23 -72.91 -82.11
N ASN G 1233 -49.99 -72.16 -81.32
CA ASN G 1233 -51.11 -71.37 -81.83
C ASN G 1233 -50.68 -70.41 -82.93
N ILE G 1234 -49.68 -69.56 -82.66
CA ILE G 1234 -49.31 -68.52 -83.61
C ILE G 1234 -48.71 -69.06 -84.91
N LEU G 1235 -48.49 -70.37 -84.99
CA LEU G 1235 -47.90 -70.99 -86.14
C LEU G 1235 -48.88 -71.78 -86.99
N THR G 1236 -49.99 -72.24 -86.40
CA THR G 1236 -51.01 -72.97 -87.13
C THR G 1236 -52.29 -72.18 -87.36
N ASN G 1237 -52.54 -71.14 -86.56
CA ASN G 1237 -53.73 -70.31 -86.72
C ASN G 1237 -53.33 -69.02 -87.40
N PRO G 1238 -53.64 -68.82 -88.68
CA PRO G 1238 -53.20 -67.60 -89.36
C PRO G 1238 -53.81 -66.33 -88.81
N ASP G 1239 -54.98 -66.41 -88.19
CA ASP G 1239 -55.66 -65.22 -87.72
C ASP G 1239 -55.13 -64.70 -86.39
N ALA G 1240 -54.47 -65.55 -85.61
CA ALA G 1240 -53.94 -65.10 -84.33
C ALA G 1240 -52.79 -64.14 -84.55
N PRO G 1241 -52.75 -63.00 -83.86
CA PRO G 1241 -51.62 -62.10 -84.00
C PRO G 1241 -50.35 -62.72 -83.46
N PRO G 1242 -49.18 -62.28 -83.93
CA PRO G 1242 -47.94 -62.99 -83.56
C PRO G 1242 -47.59 -62.94 -82.09
N THR G 1243 -48.18 -62.04 -81.31
CA THR G 1243 -47.79 -61.85 -79.92
C THR G 1243 -48.82 -62.39 -78.93
N GLN G 1244 -49.67 -63.31 -79.35
CA GLN G 1244 -50.71 -63.83 -78.47
C GLN G 1244 -50.17 -64.97 -77.62
N ILE G 1245 -50.69 -65.06 -76.40
CA ILE G 1245 -50.34 -66.13 -75.46
C ILE G 1245 -51.59 -66.50 -74.67
N GLN G 1246 -51.78 -67.79 -74.47
CA GLN G 1246 -52.88 -68.31 -73.65
C GLN G 1246 -52.24 -68.93 -72.40
N LEU G 1247 -52.03 -68.08 -71.38
CA LEU G 1247 -51.08 -68.42 -70.33
C LEU G 1247 -51.58 -69.51 -69.38
N PRO G 1248 -52.72 -69.35 -68.70
CA PRO G 1248 -53.01 -70.25 -67.57
C PRO G 1248 -53.19 -71.70 -67.94
N GLU G 1249 -53.63 -72.02 -69.17
CA GLU G 1249 -53.94 -73.40 -69.49
C GLU G 1249 -53.08 -74.00 -70.60
N VAL G 1250 -52.22 -73.22 -71.25
CA VAL G 1250 -51.33 -73.75 -72.28
C VAL G 1250 -50.02 -72.99 -72.20
N VAL G 1251 -48.92 -73.69 -72.51
CA VAL G 1251 -47.59 -73.10 -72.38
C VAL G 1251 -47.03 -72.59 -73.70
N ASP G 1252 -47.47 -73.12 -74.83
CA ASP G 1252 -47.34 -72.60 -76.19
C ASP G 1252 -45.98 -72.80 -76.85
N LEU G 1253 -44.92 -73.20 -76.15
CA LEU G 1253 -43.78 -73.92 -76.73
C LEU G 1253 -43.11 -73.30 -77.95
N TYR G 1254 -43.59 -72.16 -78.45
CA TYR G 1254 -43.06 -71.48 -79.62
C TYR G 1254 -43.75 -70.14 -79.75
N ASN G 1255 -43.00 -69.06 -79.84
CA ASN G 1255 -43.62 -67.74 -79.90
C ASN G 1255 -42.53 -66.71 -80.18
N VAL G 1256 -42.94 -65.44 -80.22
CA VAL G 1256 -42.02 -64.35 -80.47
C VAL G 1256 -41.33 -63.96 -79.16
N VAL G 1257 -40.01 -63.91 -79.20
CA VAL G 1257 -39.21 -63.46 -78.06
C VAL G 1257 -38.41 -62.25 -78.50
N THR G 1258 -38.22 -61.32 -77.57
CA THR G 1258 -37.48 -60.09 -77.84
C THR G 1258 -36.12 -60.18 -77.18
N ARG G 1259 -35.10 -59.67 -77.87
CA ARG G 1259 -33.72 -59.82 -77.43
C ARG G 1259 -33.02 -58.47 -77.44
N TYR G 1260 -32.26 -58.20 -76.39
CA TYR G 1260 -31.68 -56.90 -76.16
C TYR G 1260 -30.17 -56.93 -76.38
N ALA G 1261 -29.62 -55.74 -76.62
CA ALA G 1261 -28.17 -55.56 -76.75
C ALA G 1261 -27.73 -54.34 -75.98
N TYR G 1262 -28.37 -54.08 -74.84
CA TYR G 1262 -27.97 -52.98 -74.00
C TYR G 1262 -26.59 -53.25 -73.40
N GLU G 1263 -26.04 -52.23 -72.76
CA GLU G 1263 -24.73 -52.37 -72.14
C GLU G 1263 -24.72 -51.69 -70.80
N THR G 1264 -24.09 -52.33 -69.82
CA THR G 1264 -24.12 -51.88 -68.44
C THR G 1264 -22.74 -51.43 -68.00
N PRO G 1265 -22.34 -50.21 -68.34
CA PRO G 1265 -21.04 -49.72 -67.92
C PRO G 1265 -21.10 -49.21 -66.50
N PRO G 1266 -19.96 -49.03 -65.84
CA PRO G 1266 -19.97 -48.41 -64.51
C PRO G 1266 -20.33 -46.94 -64.61
N ILE G 1267 -20.69 -46.36 -63.45
CA ILE G 1267 -21.09 -44.96 -63.42
C ILE G 1267 -19.95 -44.07 -63.87
N THR G 1268 -18.76 -44.28 -63.31
CA THR G 1268 -17.61 -43.43 -63.59
C THR G 1268 -17.14 -43.50 -65.04
N ALA G 1269 -17.56 -44.50 -65.80
CA ALA G 1269 -17.22 -44.55 -67.21
C ALA G 1269 -18.10 -43.63 -68.06
N VAL G 1270 -19.17 -43.10 -67.48
CA VAL G 1270 -20.09 -42.21 -68.19
C VAL G 1270 -20.09 -40.81 -67.60
N VAL G 1271 -20.07 -40.71 -66.27
CA VAL G 1271 -20.14 -39.42 -65.59
C VAL G 1271 -18.78 -39.06 -65.02
N MET G 1272 -18.00 -38.29 -65.76
CA MET G 1272 -16.66 -37.90 -65.33
C MET G 1272 -16.72 -36.57 -64.60
N GLY G 1273 -15.95 -36.47 -63.51
CA GLY G 1273 -15.81 -35.23 -62.81
C GLY G 1273 -14.67 -34.39 -63.34
N VAL G 1274 -14.69 -33.10 -63.00
CA VAL G 1274 -13.66 -32.15 -63.42
C VAL G 1274 -12.74 -31.90 -62.22
N PRO G 1275 -11.47 -32.32 -62.29
CA PRO G 1275 -10.55 -32.24 -61.15
C PRO G 1275 -10.29 -30.81 -60.70
N GLY H 180 7.40 -49.57 -22.09
CA GLY H 180 7.55 -48.99 -20.77
C GLY H 180 6.94 -47.60 -20.65
N TYR H 181 6.22 -47.37 -19.57
CA TYR H 181 5.52 -46.11 -19.34
C TYR H 181 6.22 -45.35 -18.23
N GLN H 182 6.62 -44.11 -18.51
CA GLN H 182 7.42 -43.32 -17.60
C GLN H 182 6.60 -42.18 -17.02
N CYS H 183 6.87 -41.86 -15.75
CA CYS H 183 6.27 -40.70 -15.13
C CYS H 183 6.76 -39.42 -15.79
N HIS H 184 6.11 -38.32 -15.44
CA HIS H 184 6.51 -36.99 -15.93
C HIS H 184 6.74 -36.01 -14.79
N VAL H 185 6.82 -36.48 -13.55
CA VAL H 185 7.04 -35.61 -12.41
C VAL H 185 8.37 -35.94 -11.75
N CYS H 186 8.80 -37.21 -11.83
CA CYS H 186 10.09 -37.61 -11.31
C CYS H 186 10.84 -38.54 -12.26
N SER H 187 10.30 -38.80 -13.45
CA SER H 187 10.92 -39.62 -14.49
C SER H 187 10.94 -41.10 -14.15
N ALA H 188 10.28 -41.52 -13.07
CA ALA H 188 10.24 -42.92 -12.74
C ALA H 188 9.50 -43.71 -13.81
N VAL H 189 10.00 -44.89 -14.13
CA VAL H 189 9.51 -45.70 -15.24
C VAL H 189 8.73 -46.89 -14.69
N LEU H 190 7.55 -47.13 -15.26
CA LEU H 190 6.69 -48.25 -14.88
C LEU H 190 6.41 -49.09 -16.13
N PHE H 191 5.52 -50.09 -15.98
CA PHE H 191 5.31 -51.08 -17.04
C PHE H 191 3.84 -51.29 -17.40
N SER H 192 2.95 -50.40 -16.98
CA SER H 192 1.55 -50.54 -17.36
C SER H 192 0.79 -49.26 -17.04
N PRO H 193 -0.23 -48.92 -17.85
CA PRO H 193 -0.90 -47.63 -17.68
C PRO H 193 -1.59 -47.46 -16.33
N LEU H 194 -2.19 -48.52 -15.79
CA LEU H 194 -2.82 -48.41 -14.48
C LEU H 194 -1.78 -48.14 -13.40
N ASP H 195 -0.63 -48.82 -13.49
CA ASP H 195 0.46 -48.53 -12.57
C ASP H 195 0.90 -47.08 -12.69
N LEU H 196 1.02 -46.58 -13.92
CA LEU H 196 1.43 -45.19 -14.12
C LEU H 196 0.41 -44.23 -13.52
N ASP H 197 -0.88 -44.56 -13.63
CA ASP H 197 -1.91 -43.68 -13.13
C ASP H 197 -1.93 -43.64 -11.61
N ALA H 198 -1.83 -44.82 -10.98
CA ALA H 198 -1.70 -44.84 -9.52
C ALA H 198 -0.44 -44.12 -9.09
N HIS H 199 0.62 -44.21 -9.88
CA HIS H 199 1.89 -43.57 -9.56
C HIS H 199 1.76 -42.05 -9.59
N VAL H 200 1.12 -41.52 -10.62
CA VAL H 200 0.95 -40.08 -10.71
C VAL H 200 -0.04 -39.57 -9.66
N ALA H 201 -1.04 -40.37 -9.31
CA ALA H 201 -1.93 -40.00 -8.22
C ALA H 201 -1.18 -39.97 -6.90
N SER H 202 -0.22 -40.87 -6.73
CA SER H 202 0.66 -40.81 -5.56
C SER H 202 1.51 -39.54 -5.59
N HIS H 203 1.99 -39.15 -6.77
CA HIS H 203 2.75 -37.90 -6.88
C HIS H 203 1.91 -36.72 -6.40
N GLY H 204 0.84 -36.43 -7.12
CA GLY H 204 0.05 -35.24 -6.84
C GLY H 204 -0.60 -35.26 -5.48
N LEU H 205 -1.27 -34.17 -5.11
CA LEU H 205 -2.12 -34.22 -3.93
C LEU H 205 -3.19 -35.29 -4.13
N HIS H 206 -4.05 -35.06 -5.11
CA HIS H 206 -4.92 -36.10 -5.66
C HIS H 206 -4.92 -35.87 -7.17
N GLY H 207 -3.96 -36.49 -7.85
CA GLY H 207 -3.74 -36.20 -9.25
C GLY H 207 -2.73 -35.10 -9.44
N ASN H 208 -3.19 -33.88 -9.65
CA ASN H 208 -2.28 -32.77 -9.89
C ASN H 208 -1.70 -32.23 -8.59
N MET H 209 -0.60 -31.50 -8.71
CA MET H 209 0.01 -30.76 -7.61
C MET H 209 0.08 -29.28 -7.91
N THR H 210 -0.69 -28.81 -8.88
CA THR H 210 -0.67 -27.43 -9.31
C THR H 210 -1.58 -26.53 -8.50
N LEU H 211 -2.23 -27.05 -7.45
CA LEU H 211 -3.14 -26.24 -6.65
C LEU H 211 -2.83 -26.34 -5.15
N THR H 212 -1.63 -26.77 -4.78
CA THR H 212 -1.27 -26.92 -3.38
C THR H 212 0.16 -26.47 -3.18
N SER H 213 0.36 -25.44 -2.35
CA SER H 213 1.69 -25.07 -1.94
C SER H 213 2.37 -26.21 -1.20
N SER H 214 3.70 -26.26 -1.28
CA SER H 214 4.43 -27.34 -0.62
C SER H 214 4.28 -27.28 0.89
N GLU H 215 4.08 -26.10 1.45
CA GLU H 215 3.82 -25.89 2.86
C GLU H 215 2.62 -26.70 3.33
N ILE H 216 1.45 -26.34 2.81
CA ILE H 216 0.21 -27.02 3.17
C ILE H 216 0.27 -28.48 2.75
N GLN H 217 0.98 -28.78 1.66
CA GLN H 217 1.07 -30.15 1.20
C GLN H 217 1.78 -31.04 2.20
N ARG H 218 2.96 -30.61 2.67
CA ARG H 218 3.67 -31.39 3.67
C ARG H 218 2.91 -31.45 4.98
N HIS H 219 2.18 -30.39 5.34
CA HIS H 219 1.37 -30.44 6.55
C HIS H 219 0.31 -31.54 6.45
N ILE H 220 -0.41 -31.61 5.33
CA ILE H 220 -1.47 -32.60 5.24
C ILE H 220 -0.89 -34.00 5.05
N THR H 221 0.29 -34.12 4.45
CA THR H 221 0.93 -35.44 4.40
C THR H 221 1.28 -35.92 5.79
N GLU H 222 1.83 -35.04 6.63
CA GLU H 222 2.14 -35.45 8.01
C GLU H 222 0.87 -35.78 8.77
N PHE H 223 -0.20 -35.01 8.54
CA PHE H 223 -1.48 -35.28 9.19
C PHE H 223 -2.01 -36.66 8.84
N ILE H 224 -2.07 -36.97 7.55
CA ILE H 224 -2.59 -38.26 7.10
C ILE H 224 -1.69 -39.39 7.60
N SER H 225 -0.37 -39.21 7.52
CA SER H 225 0.53 -40.25 7.99
C SER H 225 0.38 -40.47 9.49
N SER H 226 0.03 -39.43 10.23
CA SER H 226 -0.22 -39.59 11.66
C SER H 226 -1.47 -40.41 11.92
N TRP H 227 -2.56 -40.08 11.23
CA TRP H 227 -3.82 -40.79 11.45
C TRP H 227 -3.95 -42.05 10.62
N GLN H 228 -2.88 -42.49 9.96
CA GLN H 228 -2.94 -43.65 9.08
C GLN H 228 -3.42 -44.91 9.80
N ASN H 229 -2.68 -45.38 10.80
CA ASN H 229 -2.92 -46.70 11.37
C ASN H 229 -3.62 -46.66 12.72
N HIS H 230 -4.14 -45.52 13.13
CA HIS H 230 -4.84 -45.42 14.41
C HIS H 230 -6.11 -46.27 14.36
N PRO H 231 -6.54 -46.82 15.50
CA PRO H 231 -7.78 -47.62 15.49
C PRO H 231 -9.04 -46.76 15.52
N ILE H 232 -9.06 -45.69 14.73
CA ILE H 232 -10.29 -45.06 14.29
C ILE H 232 -10.50 -45.26 12.81
N VAL H 233 -9.43 -45.37 12.02
CA VAL H 233 -9.51 -45.79 10.63
C VAL H 233 -9.41 -47.31 10.50
N GLN H 234 -8.98 -48.00 11.56
CA GLN H 234 -8.76 -49.45 11.60
C GLN H 234 -8.07 -50.01 10.37
N ALA H 245 -12.12 -62.24 32.08
CA ALA H 245 -13.25 -62.43 31.18
C ALA H 245 -14.40 -63.13 31.88
N GLN H 246 -14.36 -63.13 33.21
CA GLN H 246 -15.45 -63.73 33.98
C GLN H 246 -16.74 -62.96 33.76
N LEU H 247 -16.67 -61.63 33.72
CA LEU H 247 -17.87 -60.84 33.48
C LEU H 247 -18.41 -61.09 32.08
N LEU H 248 -17.56 -61.48 31.14
CA LEU H 248 -17.99 -61.82 29.79
C LEU H 248 -18.38 -63.28 29.63
N HIS H 249 -18.11 -64.12 30.63
CA HIS H 249 -18.50 -65.52 30.55
C HIS H 249 -18.49 -66.12 31.94
N ALA H 250 -19.63 -66.68 32.34
CA ALA H 250 -19.76 -67.43 33.59
C ALA H 250 -20.20 -68.85 33.27
N ASP H 251 -19.84 -69.78 34.15
CA ASP H 251 -20.12 -71.19 33.89
C ASP H 251 -21.63 -71.43 33.86
N THR H 252 -22.04 -72.44 33.10
CA THR H 252 -23.46 -72.76 32.96
C THR H 252 -23.77 -74.01 33.76
N PRO H 253 -24.80 -73.97 34.62
CA PRO H 253 -25.09 -75.13 35.47
C PRO H 253 -25.88 -76.20 34.72
N ARG H 254 -25.80 -77.42 35.25
CA ARG H 254 -26.53 -78.56 34.72
C ARG H 254 -27.89 -78.60 35.41
N LEU H 255 -28.93 -78.19 34.71
CA LEU H 255 -30.28 -78.22 35.27
C LEU H 255 -30.98 -79.56 34.99
N VAL H 256 -31.07 -79.95 33.73
CA VAL H 256 -31.83 -81.12 33.34
C VAL H 256 -30.91 -82.33 33.35
N THR H 257 -31.12 -83.22 34.33
CA THR H 257 -30.41 -84.48 34.40
C THR H 257 -31.42 -85.57 34.73
N TRP H 258 -31.24 -86.75 34.13
CA TRP H 258 -32.24 -87.79 34.14
C TRP H 258 -31.80 -88.98 34.98
N ASP H 259 -32.73 -89.56 35.72
CA ASP H 259 -32.52 -90.77 36.50
C ASP H 259 -33.43 -91.86 35.97
N ALA H 260 -32.91 -93.09 35.91
CA ALA H 260 -33.65 -94.17 35.29
C ALA H 260 -33.75 -95.43 36.14
N GLY H 261 -33.24 -95.43 37.37
CA GLY H 261 -33.29 -96.65 38.16
C GLY H 261 -34.47 -96.80 39.09
N LEU H 262 -34.64 -95.85 40.02
CA LEU H 262 -35.73 -95.90 40.98
C LEU H 262 -35.81 -94.53 41.64
N CYS H 263 -36.82 -94.37 42.49
CA CYS H 263 -37.06 -93.11 43.19
C CYS H 263 -37.14 -93.37 44.68
N THR H 264 -36.17 -94.11 45.21
CA THR H 264 -36.12 -94.45 46.62
C THR H 264 -34.77 -94.07 47.19
N SER H 265 -34.77 -93.61 48.44
CA SER H 265 -33.54 -93.30 49.16
C SER H 265 -33.39 -94.12 50.43
N PHE H 266 -34.37 -94.95 50.76
CA PHE H 266 -34.32 -95.80 51.93
C PHE H 266 -34.25 -97.26 51.49
N LYS H 267 -33.39 -98.03 52.13
CA LYS H 267 -33.23 -99.44 51.80
C LYS H 267 -33.37 -100.27 53.06
N ILE H 268 -33.87 -101.49 52.90
CA ILE H 268 -34.05 -102.42 54.00
C ILE H 268 -32.86 -103.38 54.02
N VAL H 269 -32.06 -103.32 55.08
CA VAL H 269 -30.88 -104.15 55.20
C VAL H 269 -31.10 -105.19 56.29
N PRO H 270 -30.70 -106.43 56.11
CA PRO H 270 -30.78 -107.41 57.20
C PRO H 270 -29.68 -107.17 58.21
N ILE H 271 -29.99 -107.45 59.47
CA ILE H 271 -29.09 -107.22 60.58
C ILE H 271 -28.55 -108.52 61.16
N VAL H 272 -29.41 -109.49 61.40
CA VAL H 272 -28.99 -110.77 61.95
C VAL H 272 -29.62 -111.91 61.15
N PRO H 273 -28.85 -112.92 60.77
CA PRO H 273 -29.39 -113.98 59.92
C PRO H 273 -30.46 -114.78 60.64
N ALA H 274 -31.33 -115.39 59.84
CA ALA H 274 -32.38 -116.23 60.36
C ALA H 274 -31.79 -117.60 60.74
N GLN H 275 -32.65 -118.57 61.05
CA GLN H 275 -32.21 -119.94 61.31
C GLN H 275 -33.07 -120.89 60.46
N VAL H 276 -32.65 -121.09 59.22
CA VAL H 276 -33.31 -122.03 58.33
C VAL H 276 -32.97 -123.48 58.69
N PRO H 277 -31.78 -123.81 59.26
CA PRO H 277 -31.59 -125.18 59.75
C PRO H 277 -32.21 -125.42 61.12
N GLN H 278 -33.12 -124.54 61.52
CA GLN H 278 -33.97 -124.70 62.71
C GLN H 278 -34.54 -126.12 62.77
N ASP H 279 -34.68 -126.67 63.97
CA ASP H 279 -35.08 -128.07 64.08
C ASP H 279 -36.58 -128.28 64.27
N VAL H 280 -37.29 -127.34 64.92
CA VAL H 280 -38.71 -127.54 65.14
C VAL H 280 -39.49 -127.46 63.83
N LEU H 281 -39.04 -126.61 62.90
CA LEU H 281 -39.63 -126.52 61.58
C LEU H 281 -38.67 -127.11 60.57
N ALA H 282 -39.13 -128.08 59.79
CA ALA H 282 -38.30 -128.66 58.76
C ALA H 282 -37.91 -127.59 57.74
N TYR H 283 -36.78 -127.82 57.07
CA TYR H 283 -36.29 -126.83 56.11
C TYR H 283 -37.23 -126.68 54.92
N THR H 284 -38.11 -127.66 54.67
CA THR H 284 -39.03 -127.57 53.55
C THR H 284 -40.12 -126.54 53.74
N PHE H 285 -40.22 -125.94 54.93
CA PHE H 285 -41.21 -124.91 55.18
C PHE H 285 -40.81 -123.57 54.56
N PHE H 286 -39.58 -123.14 54.82
CA PHE H 286 -39.15 -121.80 54.46
C PHE H 286 -39.09 -121.63 52.95
N THR H 287 -39.33 -120.39 52.50
CA THR H 287 -39.14 -120.06 51.09
C THR H 287 -37.71 -119.59 50.84
N SER H 288 -36.76 -120.39 51.30
CA SER H 288 -35.34 -120.16 51.05
C SER H 288 -34.75 -121.48 50.55
N SER H 289 -35.38 -122.58 50.96
CA SER H 289 -35.00 -123.88 50.42
C SER H 289 -35.26 -123.96 48.93
N TYR H 290 -36.26 -123.23 48.45
CA TYR H 290 -36.67 -123.28 47.05
C TYR H 290 -36.07 -122.17 46.22
N ALA H 291 -35.23 -121.33 46.81
CA ALA H 291 -34.59 -120.22 46.10
C ALA H 291 -35.59 -119.18 45.61
N ILE H 292 -36.80 -119.19 46.18
CA ILE H 292 -37.81 -118.19 45.83
C ILE H 292 -37.34 -116.85 46.36
N GLN H 293 -36.95 -115.94 45.47
CA GLN H 293 -36.46 -114.64 45.90
C GLN H 293 -37.63 -113.71 46.20
N SER H 294 -37.54 -113.02 47.32
CA SER H 294 -38.62 -112.20 47.86
C SER H 294 -38.22 -110.73 47.85
N PRO H 295 -39.19 -109.82 47.96
CA PRO H 295 -38.88 -108.40 47.97
C PRO H 295 -38.29 -107.93 49.28
N PHE H 296 -38.38 -108.71 50.35
CA PHE H 296 -37.88 -108.30 51.63
C PHE H 296 -36.92 -109.33 52.17
N PRO H 297 -35.80 -108.91 52.75
CA PRO H 297 -34.77 -109.86 53.15
C PRO H 297 -35.22 -110.73 54.31
N GLU H 298 -35.12 -112.04 54.12
CA GLU H 298 -35.42 -112.98 55.19
C GLU H 298 -34.31 -112.93 56.23
N ALA H 299 -34.66 -112.52 57.44
CA ALA H 299 -33.68 -112.40 58.51
C ALA H 299 -34.40 -112.28 59.83
N ALA H 300 -33.67 -112.53 60.92
CA ALA H 300 -34.27 -112.41 62.24
C ALA H 300 -34.57 -110.96 62.58
N VAL H 301 -33.84 -110.02 62.00
CA VAL H 301 -34.04 -108.60 62.25
C VAL H 301 -33.71 -107.84 60.98
N SER H 302 -34.55 -106.85 60.65
CA SER H 302 -34.35 -105.99 59.50
C SER H 302 -34.42 -104.54 59.93
N ARG H 303 -33.82 -103.66 59.13
CA ARG H 303 -33.80 -102.25 59.44
C ARG H 303 -33.89 -101.42 58.18
N ILE H 304 -34.31 -100.18 58.34
CA ILE H 304 -34.35 -99.22 57.25
C ILE H 304 -33.18 -98.26 57.43
N VAL H 305 -32.24 -98.29 56.50
CA VAL H 305 -31.12 -97.37 56.50
C VAL H 305 -31.30 -96.38 55.36
N VAL H 306 -30.42 -95.39 55.31
CA VAL H 306 -30.56 -94.28 54.38
C VAL H 306 -29.34 -94.25 53.49
N HIS H 307 -29.55 -94.53 52.21
CA HIS H 307 -28.49 -94.60 51.22
C HIS H 307 -29.06 -93.90 49.99
N THR H 308 -28.84 -92.59 49.88
CA THR H 308 -29.46 -91.84 48.80
C THR H 308 -28.96 -92.33 47.46
N ARG H 309 -29.90 -92.60 46.55
CA ARG H 309 -29.57 -92.90 45.17
C ARG H 309 -28.85 -94.24 45.06
N TRP H 310 -29.34 -95.25 45.80
CA TRP H 310 -28.73 -96.58 45.75
C TRP H 310 -29.23 -97.40 44.57
N ALA H 311 -30.45 -97.14 44.11
CA ALA H 311 -31.03 -97.88 42.99
C ALA H 311 -31.34 -96.88 41.88
N SER H 312 -30.34 -96.58 41.07
CA SER H 312 -30.51 -95.54 40.07
C SER H 312 -29.38 -95.61 39.05
N ASN H 313 -29.66 -95.07 37.88
CA ASN H 313 -28.72 -95.08 36.75
C ASN H 313 -28.79 -93.69 36.12
N VAL H 314 -27.95 -92.79 36.60
CA VAL H 314 -27.99 -91.40 36.18
C VAL H 314 -26.94 -91.17 35.11
N ASP H 315 -27.08 -90.05 34.40
CA ASP H 315 -26.10 -89.67 33.38
C ASP H 315 -25.05 -88.68 33.90
N PHE H 316 -25.42 -87.86 34.87
CA PHE H 316 -24.50 -86.93 35.52
C PHE H 316 -24.86 -86.89 36.99
N ASP H 317 -23.89 -87.13 37.87
CA ASP H 317 -24.18 -87.26 39.28
C ASP H 317 -23.96 -85.96 40.02
N ARG H 318 -25.02 -85.44 40.65
CA ARG H 318 -24.82 -84.48 41.71
C ARG H 318 -23.94 -85.15 42.76
N ASP H 319 -22.70 -84.67 42.94
CA ASP H 319 -21.73 -85.44 43.72
C ASP H 319 -22.11 -85.52 45.20
N SER H 320 -22.96 -84.62 45.68
CA SER H 320 -23.46 -84.73 47.04
C SER H 320 -24.16 -86.07 47.23
N SER H 321 -24.01 -86.65 48.41
CA SER H 321 -24.55 -87.98 48.63
C SER H 321 -24.50 -88.31 50.11
N VAL H 322 -25.59 -88.88 50.62
CA VAL H 322 -25.70 -89.28 52.01
C VAL H 322 -25.79 -90.80 52.05
N ILE H 323 -24.85 -91.44 52.74
CA ILE H 323 -24.73 -92.89 52.77
C ILE H 323 -24.58 -93.32 54.22
N MET H 324 -25.69 -93.71 54.86
CA MET H 324 -25.61 -94.27 56.19
C MET H 324 -25.00 -95.67 56.14
N ALA H 325 -24.90 -96.29 57.30
CA ALA H 325 -24.51 -97.69 57.44
C ALA H 325 -25.54 -98.36 58.33
N PRO H 326 -25.51 -99.69 58.41
CA PRO H 326 -26.43 -100.37 59.32
C PRO H 326 -26.17 -99.94 60.75
N PRO H 327 -27.21 -99.88 61.58
CA PRO H 327 -27.04 -99.37 62.95
C PRO H 327 -26.13 -100.22 63.83
N THR H 328 -25.79 -101.43 63.39
CA THR H 328 -24.84 -102.24 64.14
C THR H 328 -23.40 -101.77 63.99
N GLU H 329 -23.15 -100.79 63.12
CA GLU H 329 -21.83 -100.23 62.90
C GLU H 329 -21.83 -98.76 63.32
N ASN H 330 -20.66 -98.14 63.25
CA ASN H 330 -20.46 -96.80 63.78
C ASN H 330 -20.74 -95.77 62.68
N ASN H 331 -21.66 -94.84 62.96
CA ASN H 331 -22.00 -93.77 62.04
C ASN H 331 -21.60 -92.40 62.57
N ILE H 332 -20.67 -92.35 63.52
CA ILE H 332 -20.34 -91.08 64.15
C ILE H 332 -19.55 -90.15 63.24
N HIS H 333 -19.05 -90.64 62.12
CA HIS H 333 -18.28 -89.78 61.23
C HIS H 333 -19.16 -88.95 60.30
N LEU H 334 -20.47 -89.20 60.29
CA LEU H 334 -21.36 -88.39 59.46
C LEU H 334 -21.79 -87.12 60.17
N PHE H 335 -21.85 -87.14 61.51
CA PHE H 335 -22.17 -85.96 62.30
C PHE H 335 -20.92 -85.30 62.86
N LYS H 336 -19.84 -85.34 62.08
CA LYS H 336 -18.53 -84.87 62.52
C LYS H 336 -17.86 -84.03 61.45
N GLN H 337 -18.51 -83.80 60.32
CA GLN H 337 -17.84 -83.19 59.18
C GLN H 337 -17.59 -81.70 59.39
N LEU H 338 -18.55 -80.98 59.96
CA LEU H 338 -18.64 -79.56 59.68
C LEU H 338 -17.64 -78.75 60.50
N LEU H 339 -17.79 -78.73 61.82
CA LEU H 339 -16.96 -77.86 62.65
C LEU H 339 -16.18 -78.63 63.70
N ASN H 340 -16.00 -79.93 63.52
CA ASN H 340 -15.23 -80.74 64.46
C ASN H 340 -13.77 -80.81 64.02
N THR H 341 -13.15 -79.64 63.92
CA THR H 341 -11.73 -79.54 63.61
C THR H 341 -10.86 -79.55 64.85
N GLU H 342 -11.45 -79.71 66.02
CA GLU H 342 -10.71 -79.76 67.27
C GLU H 342 -10.90 -81.05 68.04
N THR H 343 -11.93 -81.83 67.75
CA THR H 343 -12.14 -83.08 68.46
C THR H 343 -11.03 -84.05 68.15
N LEU H 344 -10.43 -84.61 69.20
CA LEU H 344 -9.22 -85.41 69.03
C LEU H 344 -9.54 -86.81 68.52
N SER H 345 -10.47 -87.50 69.17
CA SER H 345 -10.69 -88.92 68.88
C SER H 345 -11.27 -89.11 67.49
N VAL H 346 -11.17 -90.35 67.02
CA VAL H 346 -11.78 -90.73 65.74
C VAL H 346 -13.22 -91.17 65.90
N ARG H 347 -13.63 -91.57 67.10
CA ARG H 347 -14.97 -92.04 67.37
C ARG H 347 -15.80 -91.01 68.11
N GLY H 348 -15.31 -89.79 68.27
CA GLY H 348 -16.03 -88.78 69.03
C GLY H 348 -16.55 -87.65 68.18
N ALA H 349 -17.55 -86.94 68.68
CA ALA H 349 -18.13 -85.80 67.98
C ALA H 349 -18.60 -84.78 69.00
N ASN H 350 -18.47 -83.52 68.66
CA ASN H 350 -18.84 -82.44 69.57
C ASN H 350 -20.35 -82.28 69.58
N PRO H 351 -21.02 -82.46 70.73
CA PRO H 351 -22.48 -82.41 70.73
C PRO H 351 -23.06 -81.05 70.40
N LEU H 352 -22.31 -79.97 70.55
CA LEU H 352 -22.83 -78.64 70.32
C LEU H 352 -22.88 -78.26 68.85
N MET H 353 -22.75 -79.24 67.94
CA MET H 353 -22.75 -78.95 66.51
C MET H 353 -23.59 -79.96 65.75
N PHE H 354 -24.39 -80.76 66.46
CA PHE H 354 -25.27 -81.71 65.80
C PHE H 354 -26.26 -81.01 64.88
N ARG H 355 -26.76 -79.84 65.27
CA ARG H 355 -27.74 -79.17 64.43
C ARG H 355 -27.12 -78.69 63.13
N ALA H 356 -25.92 -78.12 63.19
CA ALA H 356 -25.24 -77.71 61.96
C ALA H 356 -24.96 -78.91 61.07
N ASN H 357 -24.48 -80.01 61.66
CA ASN H 357 -24.21 -81.20 60.86
C ASN H 357 -25.48 -81.76 60.23
N VAL H 358 -26.59 -81.75 60.97
CA VAL H 358 -27.83 -82.29 60.44
C VAL H 358 -28.40 -81.39 59.34
N LEU H 359 -28.25 -80.08 59.50
CA LEU H 359 -28.68 -79.17 58.43
C LEU H 359 -27.89 -79.42 57.16
N HIS H 360 -26.57 -79.58 57.29
CA HIS H 360 -25.78 -79.87 56.10
C HIS H 360 -26.14 -81.23 55.51
N MET H 361 -26.48 -82.21 56.35
CA MET H 361 -26.88 -83.50 55.85
C MET H 361 -28.18 -83.41 55.05
N LEU H 362 -29.15 -82.64 55.54
CA LEU H 362 -30.39 -82.50 54.81
C LEU H 362 -30.19 -81.77 53.50
N LEU H 363 -29.31 -80.76 53.49
CA LEU H 363 -28.98 -80.10 52.24
C LEU H 363 -28.35 -81.06 51.25
N GLU H 364 -27.43 -81.91 51.73
CA GLU H 364 -26.88 -82.97 50.88
C GLU H 364 -27.98 -83.85 50.31
N PHE H 365 -28.93 -84.24 51.16
CA PHE H 365 -30.01 -85.11 50.73
C PHE H 365 -30.79 -84.50 49.57
N VAL H 366 -31.19 -83.24 49.72
CA VAL H 366 -31.96 -82.59 48.66
C VAL H 366 -31.13 -82.44 47.39
N LEU H 367 -29.91 -81.88 47.53
CA LEU H 367 -29.09 -81.62 46.35
C LEU H 367 -28.72 -82.90 45.63
N ASP H 368 -28.66 -84.02 46.34
CA ASP H 368 -28.44 -85.29 45.68
C ASP H 368 -29.69 -85.75 44.96
N ASN H 369 -30.86 -85.57 45.57
CA ASN H 369 -32.08 -86.06 44.94
C ASN H 369 -32.60 -85.15 43.84
N LEU H 370 -31.92 -84.03 43.54
CA LEU H 370 -32.37 -83.18 42.44
C LEU H 370 -32.10 -83.84 41.10
N TYR H 371 -32.93 -84.82 40.75
CA TYR H 371 -32.88 -85.46 39.42
C TYR H 371 -34.22 -85.41 38.73
N LEU H 372 -34.37 -86.17 37.65
CA LEU H 372 -35.57 -86.11 36.84
C LEU H 372 -35.88 -87.51 36.30
N ASN H 373 -37.06 -88.03 36.63
CA ASN H 373 -37.37 -89.42 36.37
C ASN H 373 -37.46 -89.70 34.87
N ARG H 374 -36.94 -90.86 34.46
CA ARG H 374 -36.81 -91.23 33.07
C ARG H 374 -37.70 -92.42 32.73
N HIS H 375 -38.04 -92.55 31.45
CA HIS H 375 -38.96 -93.55 30.94
C HIS H 375 -38.21 -94.56 30.09
N THR H 376 -38.42 -95.86 30.35
CA THR H 376 -37.59 -96.89 29.73
C THR H 376 -38.34 -97.84 28.81
N GLY H 377 -39.33 -98.58 29.29
CA GLY H 377 -39.97 -99.62 28.50
C GLY H 377 -40.44 -100.77 29.39
N PHE H 378 -41.48 -101.47 28.92
CA PHE H 378 -42.29 -102.28 29.83
C PHE H 378 -42.31 -103.77 29.55
N SER H 379 -42.65 -104.21 28.35
CA SER H 379 -42.65 -105.66 28.10
C SER H 379 -43.62 -106.47 28.96
N GLN H 380 -44.92 -106.41 28.65
CA GLN H 380 -46.00 -107.08 29.36
C GLN H 380 -45.65 -108.47 29.88
N ASP H 381 -46.11 -108.76 31.09
CA ASP H 381 -45.92 -110.04 31.74
C ASP H 381 -46.50 -111.18 30.89
N HIS H 382 -45.88 -112.36 31.00
CA HIS H 382 -46.33 -113.57 30.34
C HIS H 382 -46.63 -114.70 31.33
N THR H 383 -46.82 -114.37 32.61
CA THR H 383 -47.04 -115.36 33.66
C THR H 383 -48.34 -115.05 34.39
N PRO H 384 -48.85 -116.02 35.15
CA PRO H 384 -50.09 -115.81 35.91
C PRO H 384 -49.92 -115.10 37.24
N PHE H 385 -48.70 -114.68 37.58
CA PHE H 385 -48.48 -113.98 38.82
C PHE H 385 -49.20 -112.63 38.83
N THR H 386 -49.38 -112.03 37.67
CA THR H 386 -50.10 -110.78 37.53
C THR H 386 -51.08 -110.92 36.37
N GLU H 387 -52.15 -110.12 36.39
CA GLU H 387 -53.15 -110.16 35.33
C GLU H 387 -52.67 -109.40 34.10
N GLY H 388 -51.54 -109.86 33.56
CA GLY H 388 -50.99 -109.27 32.35
C GLY H 388 -50.59 -107.82 32.48
N ALA H 389 -49.99 -107.44 33.61
CA ALA H 389 -49.61 -106.06 33.82
C ALA H 389 -48.24 -105.79 33.21
N ASN H 390 -48.04 -104.55 32.77
CA ASN H 390 -46.75 -104.15 32.22
C ASN H 390 -45.75 -103.93 33.35
N LEU H 391 -44.53 -104.43 33.16
CA LEU H 391 -43.53 -104.47 34.22
C LEU H 391 -42.28 -103.75 33.71
N ARG H 392 -42.07 -102.52 34.17
CA ARG H 392 -41.00 -101.69 33.64
C ARG H 392 -39.63 -102.34 33.85
N SER H 393 -38.75 -102.17 32.87
CA SER H 393 -37.43 -102.79 32.87
C SER H 393 -36.35 -101.74 33.07
N LEU H 394 -35.36 -102.06 33.89
CA LEU H 394 -34.29 -101.14 34.25
C LEU H 394 -33.09 -101.33 33.33
N PRO H 395 -32.42 -100.24 32.96
CA PRO H 395 -31.16 -100.34 32.21
C PRO H 395 -30.01 -100.63 33.16
N GLY H 396 -29.34 -101.76 32.95
CA GLY H 396 -28.23 -102.13 33.80
C GLY H 396 -27.70 -103.52 33.49
N PRO H 397 -26.63 -103.91 34.17
CA PRO H 397 -26.03 -105.22 33.91
C PRO H 397 -26.87 -106.39 34.42
N ASP H 398 -27.36 -106.27 35.65
CA ASP H 398 -28.08 -107.35 36.32
C ASP H 398 -29.49 -106.85 36.61
N ALA H 399 -30.39 -107.03 35.64
CA ALA H 399 -31.76 -106.55 35.77
C ALA H 399 -32.70 -107.61 36.33
N GLU H 400 -32.27 -108.86 36.43
CA GLU H 400 -33.13 -109.89 37.00
C GLU H 400 -33.42 -109.64 38.48
N LYS H 401 -32.55 -108.91 39.16
CA LYS H 401 -32.68 -108.70 40.60
C LYS H 401 -33.59 -107.54 40.96
N TRP H 402 -34.24 -106.91 39.98
CA TRP H 402 -35.06 -105.74 40.24
C TRP H 402 -36.55 -105.99 40.13
N TYR H 403 -36.96 -107.01 39.39
CA TYR H 403 -38.39 -107.28 39.26
C TYR H 403 -39.01 -107.76 40.56
N SER H 404 -38.19 -108.24 41.50
CA SER H 404 -38.68 -108.63 42.81
C SER H 404 -38.53 -107.52 43.84
N ILE H 405 -37.58 -106.59 43.65
CA ILE H 405 -37.46 -105.47 44.55
C ILE H 405 -38.54 -104.43 44.25
N MET H 406 -38.82 -104.18 42.98
CA MET H 406 -39.78 -103.14 42.63
C MET H 406 -41.21 -103.55 42.99
N TYR H 407 -41.58 -104.78 42.70
CA TYR H 407 -42.97 -105.19 42.71
C TYR H 407 -43.24 -106.19 43.81
N PRO H 408 -43.50 -105.74 45.05
CA PRO H 408 -43.69 -106.69 46.15
C PRO H 408 -44.88 -107.61 45.97
N THR H 409 -45.98 -107.09 45.45
CA THR H 409 -47.21 -107.87 45.36
C THR H 409 -47.24 -108.78 44.14
N ARG H 410 -46.11 -109.02 43.48
CA ARG H 410 -46.08 -109.89 42.32
C ARG H 410 -45.71 -111.33 42.66
N MET H 411 -45.01 -111.56 43.77
CA MET H 411 -44.65 -112.92 44.13
C MET H 411 -45.88 -113.72 44.53
N GLY H 412 -45.69 -115.02 44.70
CA GLY H 412 -46.74 -115.87 45.21
C GLY H 412 -46.70 -115.99 46.71
N THR H 413 -47.83 -116.39 47.30
CA THR H 413 -47.98 -116.52 48.74
C THR H 413 -48.36 -117.95 49.07
N PRO H 414 -47.39 -118.88 49.03
CA PRO H 414 -47.67 -120.27 49.39
C PRO H 414 -47.50 -120.59 50.85
N ASN H 415 -47.19 -119.58 51.68
CA ASN H 415 -46.68 -119.80 53.01
C ASN H 415 -47.49 -119.00 54.02
N VAL H 416 -47.35 -119.35 55.30
CA VAL H 416 -47.92 -118.59 56.40
C VAL H 416 -46.90 -117.63 57.00
N SER H 417 -45.70 -117.56 56.41
CA SER H 417 -44.67 -116.65 56.89
C SER H 417 -45.16 -115.21 56.84
N LYS H 418 -44.41 -114.32 57.48
CA LYS H 418 -44.86 -112.93 57.62
C LYS H 418 -44.91 -112.22 56.28
N ILE H 419 -43.92 -112.46 55.41
CA ILE H 419 -43.92 -111.81 54.11
C ILE H 419 -45.10 -112.26 53.28
N CYS H 420 -45.46 -113.55 53.36
CA CYS H 420 -46.63 -114.02 52.64
C CYS H 420 -47.90 -113.50 53.26
N ASN H 421 -47.95 -113.38 54.59
CA ASN H 421 -49.12 -112.78 55.24
C ASN H 421 -49.30 -111.34 54.81
N PHE H 422 -48.21 -110.63 54.53
CA PHE H 422 -48.32 -109.27 54.03
C PHE H 422 -48.79 -109.26 52.59
N VAL H 423 -48.16 -110.06 51.74
CA VAL H 423 -48.49 -110.06 50.32
C VAL H 423 -49.92 -110.54 50.08
N ALA H 424 -50.47 -111.36 50.98
CA ALA H 424 -51.84 -111.83 50.81
C ALA H 424 -52.87 -110.81 51.21
N SER H 425 -52.47 -109.61 51.63
CA SER H 425 -53.39 -108.56 51.99
C SER H 425 -53.44 -107.42 50.99
N CYS H 426 -52.39 -107.24 50.19
CA CYS H 426 -52.36 -106.16 49.21
C CYS H 426 -53.41 -106.39 48.12
N VAL H 427 -53.75 -105.32 47.42
CA VAL H 427 -54.66 -105.41 46.28
C VAL H 427 -53.84 -105.88 45.08
N ARG H 428 -54.53 -106.26 44.00
CA ARG H 428 -53.87 -106.96 42.90
C ARG H 428 -53.67 -106.12 41.65
N ASN H 429 -54.35 -105.01 41.50
CA ASN H 429 -54.33 -104.27 40.25
C ASN H 429 -53.30 -103.14 40.22
N ARG H 430 -52.64 -102.86 41.34
CA ARG H 430 -51.73 -101.72 41.43
C ARG H 430 -50.29 -102.17 41.24
N VAL H 431 -49.97 -102.55 40.01
CA VAL H 431 -48.62 -102.94 39.61
C VAL H 431 -48.34 -102.40 38.22
N GLY H 432 -47.10 -102.00 37.99
CA GLY H 432 -46.69 -101.57 36.68
C GLY H 432 -47.43 -100.32 36.19
N ARG H 433 -47.33 -100.11 34.88
CA ARG H 433 -47.93 -98.94 34.26
C ARG H 433 -49.44 -99.00 34.29
N PHE H 434 -50.08 -97.84 34.47
CA PHE H 434 -51.53 -97.76 34.43
C PHE H 434 -52.04 -96.49 33.73
N ASP H 435 -51.17 -95.71 33.11
CA ASP H 435 -51.60 -94.52 32.39
C ASP H 435 -50.44 -93.99 31.57
N ARG H 436 -50.75 -93.55 30.35
CA ARG H 436 -49.72 -93.05 29.45
C ARG H 436 -50.35 -92.06 28.49
N ALA H 437 -49.51 -91.18 27.93
CA ALA H 437 -49.94 -90.15 26.99
C ALA H 437 -49.20 -90.38 25.68
N GLN H 438 -49.85 -91.08 24.75
CA GLN H 438 -49.25 -91.43 23.47
C GLN H 438 -49.74 -90.46 22.41
N MET H 439 -49.10 -89.30 22.34
CA MET H 439 -49.54 -88.29 21.39
C MET H 439 -49.30 -88.72 19.96
N MET H 440 -48.15 -89.32 19.67
CA MET H 440 -47.75 -89.64 18.32
C MET H 440 -47.71 -91.15 18.12
N ASN H 441 -48.08 -91.60 16.92
CA ASN H 441 -47.97 -93.00 16.57
C ASN H 441 -46.53 -93.35 16.24
N GLY H 442 -46.07 -94.48 16.76
CA GLY H 442 -44.71 -94.90 16.53
C GLY H 442 -43.69 -93.94 17.10
N ALA H 443 -43.89 -93.53 18.35
CA ALA H 443 -42.96 -92.66 19.04
C ALA H 443 -43.05 -92.94 20.53
N MET H 444 -42.12 -92.35 21.28
CA MET H 444 -42.09 -92.56 22.71
C MET H 444 -43.33 -91.99 23.37
N SER H 445 -43.94 -92.77 24.26
CA SER H 445 -44.94 -92.21 25.16
C SER H 445 -44.33 -91.04 25.91
N GLU H 446 -45.11 -89.97 26.09
CA GLU H 446 -44.54 -88.74 26.62
C GLU H 446 -44.51 -88.70 28.14
N TRP H 447 -45.23 -89.58 28.81
CA TRP H 447 -45.12 -89.76 30.26
C TRP H 447 -46.00 -90.92 30.65
N VAL H 448 -45.66 -91.55 31.78
CA VAL H 448 -46.40 -92.71 32.27
C VAL H 448 -46.51 -92.64 33.79
N ASP H 449 -47.57 -93.26 34.30
CA ASP H 449 -47.77 -93.41 35.74
C ASP H 449 -47.61 -94.87 36.09
N VAL H 450 -46.66 -95.18 36.97
CA VAL H 450 -46.31 -96.55 37.29
C VAL H 450 -46.34 -96.73 38.79
N PHE H 451 -46.96 -97.81 39.25
CA PHE H 451 -46.76 -98.26 40.62
C PHE H 451 -45.43 -99.00 40.70
N GLU H 452 -44.62 -98.65 41.69
CA GLU H 452 -43.35 -99.33 41.85
C GLU H 452 -42.74 -98.89 43.17
N THR H 453 -41.83 -99.73 43.68
CA THR H 453 -41.13 -99.42 44.93
C THR H 453 -40.45 -98.07 44.84
N SER H 454 -40.89 -97.15 45.67
CA SER H 454 -40.43 -95.78 45.59
C SER H 454 -40.36 -95.20 46.99
N ASP H 455 -40.26 -93.88 47.08
CA ASP H 455 -40.04 -93.19 48.34
C ASP H 455 -40.76 -91.85 48.26
N ALA H 456 -41.76 -91.64 49.12
CA ALA H 456 -42.61 -90.47 48.98
C ALA H 456 -41.85 -89.17 49.12
N LEU H 457 -40.81 -89.16 49.96
CA LEU H 457 -40.03 -87.94 50.13
C LEU H 457 -39.31 -87.56 48.85
N THR H 458 -38.58 -88.50 48.25
CA THR H 458 -37.89 -88.19 47.02
C THR H 458 -38.86 -87.97 45.87
N VAL H 459 -40.02 -88.62 45.90
CA VAL H 459 -41.02 -88.37 44.88
C VAL H 459 -41.52 -86.93 44.97
N SER H 460 -41.77 -86.44 46.17
CA SER H 460 -42.20 -85.07 46.34
C SER H 460 -41.12 -84.09 45.93
N ILE H 461 -39.86 -84.39 46.26
CA ILE H 461 -38.76 -83.50 45.89
C ILE H 461 -38.65 -83.41 44.37
N ARG H 462 -38.71 -84.55 43.69
CA ARG H 462 -38.58 -84.52 42.24
C ARG H 462 -39.80 -83.93 41.57
N GLY H 463 -40.98 -84.07 42.19
CA GLY H 463 -42.15 -83.37 41.68
C GLY H 463 -41.99 -81.86 41.76
N ARG H 464 -41.48 -81.37 42.89
CA ARG H 464 -41.20 -79.94 43.02
C ARG H 464 -40.18 -79.50 41.97
N TRP H 465 -39.13 -80.28 41.76
CA TRP H 465 -38.10 -79.90 40.80
C TRP H 465 -38.67 -79.85 39.38
N MET H 466 -39.50 -80.83 39.03
CA MET H 466 -40.08 -80.83 37.70
C MET H 466 -41.07 -79.67 37.52
N ALA H 467 -41.80 -79.32 38.58
CA ALA H 467 -42.69 -78.16 38.48
C ALA H 467 -41.89 -76.89 38.28
N ARG H 468 -40.78 -76.73 39.01
CA ARG H 468 -39.94 -75.56 38.83
C ARG H 468 -39.41 -75.48 37.41
N LEU H 469 -38.91 -76.60 36.87
CA LEU H 469 -38.41 -76.58 35.51
C LEU H 469 -39.52 -76.35 34.49
N ALA H 470 -40.73 -76.83 34.78
CA ALA H 470 -41.84 -76.64 33.85
C ALA H 470 -42.35 -75.21 33.85
N ARG H 471 -42.12 -74.47 34.93
CA ARG H 471 -42.48 -73.06 34.92
C ARG H 471 -41.57 -72.24 34.02
N MET H 472 -40.38 -72.74 33.69
CA MET H 472 -39.41 -72.04 32.87
C MET H 472 -39.52 -72.37 31.38
N ASN H 473 -40.46 -73.23 31.00
CA ASN H 473 -40.46 -73.76 29.64
C ASN H 473 -40.90 -72.71 28.63
N ILE H 474 -40.26 -72.70 27.47
CA ILE H 474 -40.63 -71.83 26.35
C ILE H 474 -40.62 -72.66 25.08
N ASN H 475 -41.34 -72.18 24.08
CA ASN H 475 -41.47 -72.95 22.85
C ASN H 475 -40.88 -72.22 21.66
N PRO H 476 -40.71 -72.90 20.52
CA PRO H 476 -40.04 -72.28 19.38
C PRO H 476 -40.72 -71.04 18.86
N THR H 477 -42.06 -70.97 18.92
CA THR H 477 -42.74 -69.77 18.44
C THR H 477 -42.41 -68.57 19.31
N GLU H 478 -42.43 -68.74 20.63
CA GLU H 478 -42.07 -67.64 21.51
C GLU H 478 -40.62 -67.23 21.31
N ILE H 479 -39.72 -68.20 21.14
CA ILE H 479 -38.32 -67.87 20.88
C ILE H 479 -38.18 -67.11 19.58
N GLU H 480 -38.94 -67.50 18.55
CA GLU H 480 -38.89 -66.82 17.26
C GLU H 480 -39.35 -65.38 17.39
N TRP H 481 -40.48 -65.15 18.06
CA TRP H 481 -40.96 -63.79 18.23
C TRP H 481 -39.97 -62.95 19.01
N ALA H 482 -39.37 -63.53 20.05
CA ALA H 482 -38.39 -62.79 20.85
C ALA H 482 -37.19 -62.40 20.01
N LEU H 483 -36.65 -63.34 19.23
CA LEU H 483 -35.47 -63.04 18.43
C LEU H 483 -35.79 -62.02 17.35
N THR H 484 -36.96 -62.13 16.73
CA THR H 484 -37.34 -61.17 15.70
C THR H 484 -37.49 -59.77 16.28
N GLU H 485 -38.14 -59.66 17.44
CA GLU H 485 -38.32 -58.35 18.06
C GLU H 485 -37.01 -57.77 18.54
N CYS H 486 -36.07 -58.62 18.96
CA CYS H 486 -34.75 -58.11 19.32
C CYS H 486 -34.00 -57.60 18.10
N ALA H 487 -34.00 -58.38 17.02
CA ALA H 487 -33.30 -57.98 15.80
C ALA H 487 -33.91 -56.75 15.16
N GLN H 488 -35.20 -56.49 15.39
CA GLN H 488 -35.89 -55.33 14.83
C GLN H 488 -36.04 -55.44 13.32
N GLY H 489 -36.40 -56.64 12.85
CA GLY H 489 -36.70 -56.85 11.46
C GLY H 489 -35.52 -57.15 10.57
N TYR H 490 -34.30 -56.86 11.01
CA TYR H 490 -33.12 -57.12 10.20
C TYR H 490 -32.73 -58.59 10.20
N VAL H 491 -33.38 -59.42 10.99
CA VAL H 491 -33.10 -60.85 11.04
C VAL H 491 -34.41 -61.61 10.93
N THR H 492 -34.42 -62.65 10.11
CA THR H 492 -35.61 -63.46 9.88
C THR H 492 -35.33 -64.88 10.36
N VAL H 493 -35.99 -65.28 11.43
CA VAL H 493 -35.88 -66.63 11.97
C VAL H 493 -37.23 -67.31 11.81
N THR H 494 -37.20 -68.63 11.67
CA THR H 494 -38.41 -69.41 11.46
C THR H 494 -38.55 -70.46 12.54
N SER H 495 -39.77 -70.98 12.68
CA SER H 495 -40.06 -72.08 13.59
C SER H 495 -41.04 -73.01 12.89
N PRO H 496 -41.05 -74.29 13.27
CA PRO H 496 -41.94 -75.24 12.61
C PRO H 496 -43.39 -75.02 13.02
N TYR H 497 -44.29 -75.54 12.19
CA TYR H 497 -45.74 -75.45 12.45
C TYR H 497 -46.35 -76.81 12.21
N ALA H 498 -46.39 -77.63 13.25
CA ALA H 498 -46.97 -78.96 13.16
C ALA H 498 -46.98 -79.61 14.54
N PRO H 499 -47.68 -80.73 14.71
CA PRO H 499 -47.70 -81.39 16.02
C PRO H 499 -46.32 -81.88 16.42
N SER H 500 -45.75 -81.26 17.46
CA SER H 500 -44.41 -81.61 17.91
C SER H 500 -44.44 -82.97 18.57
N VAL H 501 -43.32 -83.36 19.16
CA VAL H 501 -43.29 -84.61 19.91
C VAL H 501 -43.47 -84.30 21.40
N ASN H 502 -42.53 -83.55 21.98
CA ASN H 502 -42.58 -82.73 23.18
C ASN H 502 -41.17 -82.23 23.41
N ARG H 503 -41.05 -81.16 24.18
CA ARG H 503 -39.74 -80.56 24.40
C ARG H 503 -39.72 -79.90 25.76
N LEU H 504 -38.53 -79.78 26.33
CA LEU H 504 -38.33 -79.13 27.62
C LEU H 504 -37.05 -78.31 27.53
N MET H 505 -37.21 -77.00 27.30
CA MET H 505 -36.09 -76.07 27.25
C MET H 505 -36.31 -74.97 28.29
N PRO H 506 -35.87 -75.17 29.52
CA PRO H 506 -36.15 -74.22 30.60
C PRO H 506 -35.23 -73.01 30.50
N TYR H 507 -35.80 -71.88 30.07
CA TYR H 507 -35.02 -70.65 29.93
C TYR H 507 -35.69 -69.41 30.48
N ARG H 508 -37.01 -69.38 30.58
CA ARG H 508 -37.70 -68.17 31.00
C ARG H 508 -37.61 -67.97 32.51
N ILE H 509 -37.16 -66.80 32.93
CA ILE H 509 -37.08 -66.43 34.33
C ILE H 509 -37.77 -65.10 34.53
N SER H 510 -37.72 -64.60 35.76
CA SER H 510 -38.52 -63.46 36.17
C SER H 510 -37.69 -62.19 36.33
N ASN H 511 -38.40 -61.07 36.32
CA ASN H 511 -37.75 -59.77 36.46
C ASN H 511 -37.02 -59.67 37.79
N ALA H 512 -37.57 -60.26 38.84
CA ALA H 512 -36.92 -60.21 40.15
C ALA H 512 -35.58 -60.92 40.12
N GLU H 513 -35.53 -62.09 39.49
CA GLU H 513 -34.27 -62.82 39.39
C GLU H 513 -33.26 -62.07 38.53
N ARG H 514 -33.73 -61.50 37.42
CA ARG H 514 -32.83 -60.70 36.58
C ARG H 514 -32.25 -59.53 37.37
N GLN H 515 -33.08 -58.85 38.16
CA GLN H 515 -32.60 -57.67 38.88
C GLN H 515 -31.66 -58.06 40.01
N ILE H 516 -31.95 -59.16 40.71
CA ILE H 516 -31.04 -59.61 41.77
C ILE H 516 -29.68 -59.97 41.19
N SER H 517 -29.68 -60.68 40.06
CA SER H 517 -28.42 -61.02 39.41
C SER H 517 -27.65 -59.76 38.99
N GLN H 518 -28.37 -58.77 38.43
CA GLN H 518 -27.70 -57.54 38.02
C GLN H 518 -27.11 -56.81 39.22
N ILE H 519 -27.80 -56.83 40.35
CA ILE H 519 -27.27 -56.15 41.55
C ILE H 519 -26.01 -56.84 42.03
N ILE H 520 -26.03 -58.17 42.10
CA ILE H 520 -24.84 -58.90 42.51
C ILE H 520 -23.68 -58.62 41.57
N ARG H 521 -23.96 -58.51 40.28
CA ARG H 521 -22.88 -58.29 39.31
C ARG H 521 -22.32 -56.88 39.43
N VAL H 522 -23.18 -55.90 39.69
CA VAL H 522 -22.72 -54.53 39.87
C VAL H 522 -21.87 -54.40 41.13
N MET H 523 -22.26 -55.10 42.19
CA MET H 523 -21.42 -55.07 43.39
C MET H 523 -20.16 -55.89 43.22
N ASN H 524 -20.12 -56.79 42.24
CA ASN H 524 -18.86 -57.41 41.87
C ASN H 524 -17.92 -56.39 41.25
N ILE H 525 -18.37 -55.68 40.22
CA ILE H 525 -17.50 -54.72 39.52
C ILE H 525 -17.75 -53.33 40.11
N GLY H 526 -17.00 -53.02 41.17
CA GLY H 526 -17.08 -51.70 41.77
C GLY H 526 -15.71 -51.14 42.10
N ASN H 527 -15.35 -50.00 41.50
CA ASN H 527 -14.04 -49.40 41.68
C ASN H 527 -12.94 -50.32 41.17
N ASN H 528 -13.23 -51.01 40.07
CA ASN H 528 -12.38 -52.09 39.57
C ASN H 528 -12.19 -51.95 38.06
N ALA H 529 -11.74 -50.76 37.64
CA ALA H 529 -11.68 -50.38 36.22
C ALA H 529 -11.02 -51.43 35.32
N THR H 530 -10.14 -52.27 35.86
CA THR H 530 -9.56 -53.34 35.06
C THR H 530 -10.57 -54.42 34.72
N VAL H 531 -11.76 -54.40 35.31
CA VAL H 531 -12.77 -55.40 35.04
C VAL H 531 -13.88 -54.88 34.13
N ILE H 532 -14.17 -53.58 34.15
CA ILE H 532 -15.24 -53.04 33.33
C ILE H 532 -14.75 -52.57 31.96
N GLN H 533 -13.48 -52.24 31.83
CA GLN H 533 -12.93 -51.73 30.56
C GLN H 533 -12.95 -52.74 29.42
N PRO H 534 -12.57 -54.01 29.65
CA PRO H 534 -12.69 -55.00 28.58
C PRO H 534 -14.08 -55.12 27.99
N VAL H 535 -15.13 -54.91 28.79
CA VAL H 535 -16.48 -54.93 28.25
C VAL H 535 -16.66 -53.82 27.23
N LEU H 536 -16.23 -52.61 27.57
CA LEU H 536 -16.34 -51.49 26.66
C LEU H 536 -15.51 -51.71 25.40
N GLN H 537 -14.34 -52.34 25.55
CA GLN H 537 -13.51 -52.59 24.38
C GLN H 537 -14.14 -53.63 23.46
N ASP H 538 -14.74 -54.67 24.04
CA ASP H 538 -15.45 -55.66 23.23
C ASP H 538 -16.61 -55.02 22.48
N ILE H 539 -17.40 -54.21 23.17
CA ILE H 539 -18.51 -53.53 22.50
C ILE H 539 -18.01 -52.60 21.42
N SER H 540 -16.84 -51.99 21.63
CA SER H 540 -16.25 -51.14 20.61
C SER H 540 -15.91 -51.93 19.36
N VAL H 541 -15.28 -53.09 19.54
CA VAL H 541 -14.95 -53.93 18.39
C VAL H 541 -16.22 -54.37 17.67
N LEU H 542 -17.26 -54.69 18.43
CA LEU H 542 -18.51 -55.14 17.82
C LEU H 542 -19.17 -54.01 17.02
N LEU H 543 -19.14 -52.80 17.55
CA LEU H 543 -19.65 -51.65 16.81
C LEU H 543 -18.85 -51.42 15.54
N GLN H 544 -17.52 -51.55 15.63
CA GLN H 544 -16.70 -51.39 14.43
C GLN H 544 -17.01 -52.45 13.39
N ARG H 545 -17.37 -53.65 13.82
CA ARG H 545 -17.75 -54.68 12.86
C ARG H 545 -19.10 -54.39 12.21
N ILE H 546 -20.07 -53.92 13.00
CA ILE H 546 -21.44 -53.82 12.50
C ILE H 546 -21.68 -52.53 11.73
N SER H 547 -21.10 -51.41 12.18
CA SER H 547 -21.51 -50.11 11.69
C SER H 547 -21.07 -49.89 10.25
N PRO H 548 -21.89 -49.20 9.45
CA PRO H 548 -21.49 -48.85 8.08
C PRO H 548 -20.67 -47.59 7.95
N LEU H 549 -20.51 -46.83 9.04
CA LEU H 549 -19.75 -45.59 8.97
C LEU H 549 -18.26 -45.86 8.84
N GLN H 550 -17.57 -44.95 8.16
CA GLN H 550 -16.13 -45.06 7.97
C GLN H 550 -15.49 -43.71 8.23
N ILE H 551 -14.48 -43.68 9.09
CA ILE H 551 -13.79 -42.44 9.43
C ILE H 551 -12.73 -42.20 8.36
N ASP H 552 -12.89 -41.13 7.60
CA ASP H 552 -11.98 -40.79 6.51
C ASP H 552 -11.29 -39.48 6.83
N PRO H 553 -10.07 -39.50 7.38
CA PRO H 553 -9.39 -38.24 7.73
C PRO H 553 -9.07 -37.36 6.53
N THR H 554 -9.13 -37.89 5.31
CA THR H 554 -8.80 -37.08 4.14
C THR H 554 -9.83 -35.98 3.88
N ILE H 555 -11.00 -36.05 4.50
CA ILE H 555 -12.00 -34.99 4.29
C ILE H 555 -11.52 -33.67 4.85
N ILE H 556 -10.97 -33.70 6.06
CA ILE H 556 -10.44 -32.48 6.68
C ILE H 556 -9.31 -31.92 5.83
N SER H 557 -8.41 -32.78 5.37
CA SER H 557 -7.28 -32.31 4.56
C SER H 557 -7.75 -31.71 3.24
N ASN H 558 -8.70 -32.37 2.58
CA ASN H 558 -9.20 -31.87 1.31
C ASN H 558 -9.88 -30.52 1.49
N THR H 559 -10.68 -30.37 2.54
CA THR H 559 -11.35 -29.09 2.74
C THR H 559 -10.36 -28.01 3.15
N MET H 560 -9.31 -28.36 3.89
CA MET H 560 -8.37 -27.35 4.35
C MET H 560 -7.37 -26.94 3.28
N SER H 561 -7.09 -27.79 2.30
CA SER H 561 -6.22 -27.38 1.21
C SER H 561 -6.94 -26.58 0.14
N THR H 562 -7.71 -25.58 0.55
CA THR H 562 -8.33 -24.63 -0.37
C THR H 562 -8.41 -23.24 0.24
N VAL H 563 -7.89 -23.04 1.45
CA VAL H 563 -7.95 -21.74 2.09
C VAL H 563 -7.02 -20.78 1.38
N SER H 564 -7.52 -19.57 1.13
CA SER H 564 -6.70 -18.51 0.57
C SER H 564 -6.03 -17.75 1.72
N GLU H 565 -4.72 -17.62 1.65
CA GLU H 565 -3.98 -16.97 2.72
C GLU H 565 -2.62 -16.55 2.20
N SER H 566 -2.10 -15.45 2.76
CA SER H 566 -0.81 -14.96 2.33
C SER H 566 0.30 -15.92 2.76
N THR H 567 1.37 -15.93 1.97
CA THR H 567 2.55 -16.73 2.31
C THR H 567 3.53 -15.97 3.17
N THR H 568 3.43 -14.64 3.23
CA THR H 568 4.33 -13.83 4.02
C THR H 568 3.90 -13.71 5.48
N GLN H 569 2.81 -14.35 5.87
CA GLN H 569 2.34 -14.29 7.25
C GLN H 569 3.08 -15.32 8.09
N THR H 570 3.20 -15.01 9.39
CA THR H 570 3.88 -15.93 10.29
C THR H 570 2.93 -17.02 10.80
N LEU H 571 1.69 -16.67 11.08
CA LEU H 571 0.70 -17.60 11.61
C LEU H 571 -0.23 -18.06 10.50
N SER H 572 -0.53 -19.36 10.49
CA SER H 572 -1.39 -19.95 9.47
C SER H 572 -2.44 -20.81 10.16
N PRO H 573 -3.73 -20.46 10.05
CA PRO H 573 -4.76 -21.26 10.73
C PRO H 573 -4.87 -22.69 10.22
N ALA H 574 -4.78 -22.89 8.91
CA ALA H 574 -4.86 -24.23 8.36
C ALA H 574 -3.73 -25.11 8.88
N SER H 575 -2.49 -24.62 8.78
CA SER H 575 -1.35 -25.35 9.30
C SER H 575 -1.49 -25.62 10.79
N SER H 576 -2.02 -24.63 11.52
CA SER H 576 -2.13 -24.80 12.96
C SER H 576 -3.11 -25.91 13.32
N ILE H 577 -4.27 -25.95 12.67
CA ILE H 577 -5.23 -27.00 13.00
C ILE H 577 -4.74 -28.36 12.54
N LEU H 578 -4.12 -28.43 11.36
CA LEU H 578 -3.62 -29.71 10.88
C LEU H 578 -2.48 -30.23 11.75
N GLY H 579 -1.74 -29.33 12.39
CA GLY H 579 -0.73 -29.78 13.32
C GLY H 579 -1.29 -30.10 14.69
N LYS H 580 -2.42 -29.48 15.05
CA LYS H 580 -3.02 -29.74 16.35
C LYS H 580 -3.73 -31.08 16.41
N LEU H 581 -4.35 -31.50 15.32
CA LEU H 581 -5.04 -32.79 15.33
C LEU H 581 -4.03 -33.93 15.32
N ARG H 582 -3.73 -34.48 16.49
CA ARG H 582 -2.84 -35.62 16.61
C ARG H 582 -3.39 -36.57 17.68
N PRO H 583 -3.08 -37.88 17.53
CA PRO H 583 -3.63 -38.79 18.50
C PRO H 583 -2.74 -38.97 19.68
N SER H 584 -3.25 -38.78 20.88
CA SER H 584 -2.44 -39.00 22.07
C SER H 584 -2.01 -40.44 22.31
N ASN H 585 -2.91 -41.38 22.14
CA ASN H 585 -2.58 -42.79 22.34
C ASN H 585 -3.24 -43.63 21.28
N SER H 586 -2.66 -44.78 21.00
CA SER H 586 -3.21 -45.63 19.98
C SER H 586 -3.95 -46.84 20.52
N ASP H 587 -4.13 -46.91 21.82
CA ASP H 587 -4.75 -48.09 22.39
C ASP H 587 -6.21 -48.41 22.00
N PHE H 588 -7.11 -47.43 22.00
CA PHE H 588 -8.51 -47.74 21.73
C PHE H 588 -9.24 -46.68 20.92
N SER H 589 -10.35 -47.05 20.29
CA SER H 589 -11.06 -46.12 19.45
C SER H 589 -11.88 -45.22 20.29
N SER H 590 -11.29 -44.17 20.81
CA SER H 590 -12.00 -43.29 21.74
C SER H 590 -13.43 -43.01 21.30
N PHE H 591 -13.67 -42.90 19.99
CA PHE H 591 -15.01 -42.62 19.49
C PHE H 591 -15.99 -43.74 19.86
N ARG H 592 -15.70 -44.96 19.40
CA ARG H 592 -16.58 -46.07 19.65
C ARG H 592 -16.69 -46.38 21.14
N VAL H 593 -15.63 -46.13 21.90
CA VAL H 593 -15.77 -46.43 23.33
C VAL H 593 -16.57 -45.35 24.03
N ALA H 594 -16.52 -44.10 23.55
CA ALA H 594 -17.44 -43.10 24.07
C ALA H 594 -18.88 -43.48 23.76
N LEU H 595 -19.11 -44.05 22.58
CA LEU H 595 -20.44 -44.55 22.26
C LEU H 595 -20.85 -45.69 23.17
N ALA H 596 -19.96 -46.65 23.39
CA ALA H 596 -20.31 -47.80 24.21
C ALA H 596 -20.52 -47.43 25.67
N GLY H 597 -19.84 -46.38 26.13
CA GLY H 597 -20.02 -45.94 27.50
C GLY H 597 -21.39 -45.38 27.80
N TRP H 598 -22.17 -45.06 26.77
CA TRP H 598 -23.53 -44.58 26.99
C TRP H 598 -24.38 -45.61 27.70
N LEU H 599 -24.09 -46.89 27.49
CA LEU H 599 -24.89 -47.95 28.09
C LEU H 599 -24.59 -48.15 29.57
N TYR H 600 -23.54 -47.55 30.11
CA TYR H 600 -23.12 -47.86 31.46
C TYR H 600 -22.75 -46.60 32.24
N ASN H 601 -23.61 -45.58 32.21
CA ASN H 601 -23.30 -44.41 33.01
C ASN H 601 -23.46 -44.66 34.51
N GLY H 602 -24.15 -45.72 34.90
CA GLY H 602 -24.30 -46.00 36.32
C GLY H 602 -23.00 -46.45 36.96
N VAL H 603 -22.20 -47.20 36.24
CA VAL H 603 -20.95 -47.75 36.76
C VAL H 603 -19.74 -47.00 36.19
N VAL H 604 -19.73 -46.75 34.89
CA VAL H 604 -18.60 -46.12 34.23
C VAL H 604 -18.96 -44.69 33.86
N THR H 605 -17.99 -43.79 34.01
CA THR H 605 -18.16 -42.39 33.62
C THR H 605 -17.00 -42.02 32.72
N THR H 606 -17.29 -41.67 31.47
CA THR H 606 -16.26 -41.32 30.50
C THR H 606 -15.98 -39.83 30.59
N VAL H 607 -14.74 -39.46 30.88
CA VAL H 607 -14.34 -38.07 30.99
C VAL H 607 -13.23 -37.81 29.98
N ILE H 608 -13.16 -36.55 29.51
CA ILE H 608 -12.10 -36.16 28.61
C ILE H 608 -10.78 -36.12 29.36
N ASP H 609 -9.73 -36.60 28.73
CA ASP H 609 -8.42 -36.68 29.37
C ASP H 609 -7.91 -35.30 29.71
N ASP H 610 -7.07 -35.22 30.75
CA ASP H 610 -6.47 -33.96 31.13
C ASP H 610 -5.52 -33.45 30.05
N SER H 611 -4.83 -34.37 29.36
CA SER H 611 -3.85 -33.97 28.36
C SER H 611 -4.45 -33.33 27.13
N SER H 612 -5.78 -33.27 27.01
CA SER H 612 -6.44 -32.66 25.87
C SER H 612 -6.86 -31.22 26.13
N TYR H 613 -6.28 -30.59 27.14
CA TYR H 613 -6.61 -29.23 27.53
C TYR H 613 -5.48 -28.28 27.18
N PRO H 614 -5.71 -26.98 27.28
CA PRO H 614 -4.76 -26.01 26.71
C PRO H 614 -3.47 -25.82 27.49
N LYS H 615 -3.14 -26.73 28.41
CA LYS H 615 -1.84 -26.69 29.09
C LYS H 615 -1.67 -25.40 29.88
N ASP H 616 -2.45 -25.32 30.97
CA ASP H 616 -2.42 -24.16 31.86
C ASP H 616 -2.94 -22.90 31.18
N GLY H 617 -4.22 -22.93 30.80
CA GLY H 617 -4.92 -21.73 30.41
C GLY H 617 -4.91 -21.40 28.94
N GLY H 618 -3.76 -21.03 28.41
CA GLY H 618 -3.75 -20.50 27.07
C GLY H 618 -4.34 -19.11 27.08
N SER H 619 -4.60 -18.60 25.87
CA SER H 619 -5.14 -17.26 25.74
C SER H 619 -6.01 -17.19 24.50
N VAL H 620 -6.90 -16.20 24.47
CA VAL H 620 -7.64 -15.91 23.26
C VAL H 620 -6.73 -15.31 22.19
N THR H 621 -5.54 -14.86 22.58
CA THR H 621 -4.57 -14.31 21.63
C THR H 621 -3.73 -15.39 20.96
N SER H 622 -3.91 -16.65 21.34
CA SER H 622 -3.10 -17.74 20.83
C SER H 622 -3.94 -18.61 19.91
N LEU H 623 -3.46 -18.76 18.67
CA LEU H 623 -4.22 -19.49 17.65
C LEU H 623 -4.41 -20.95 18.05
N GLU H 624 -3.34 -21.60 18.52
CA GLU H 624 -3.45 -23.01 18.89
C GLU H 624 -4.39 -23.20 20.06
N ASN H 625 -4.42 -22.26 21.00
CA ASN H 625 -5.36 -22.38 22.10
C ASN H 625 -6.80 -22.18 21.63
N LEU H 626 -7.01 -21.29 20.64
CA LEU H 626 -8.33 -21.20 20.03
C LEU H 626 -8.76 -22.53 19.43
N TRP H 627 -7.86 -23.17 18.68
CA TRP H 627 -8.21 -24.46 18.09
C TRP H 627 -8.47 -25.50 19.17
N ASP H 628 -7.70 -25.46 20.26
CA ASP H 628 -7.94 -26.38 21.36
C ASP H 628 -9.33 -26.20 21.95
N PHE H 629 -9.75 -24.95 22.11
CA PHE H 629 -11.11 -24.69 22.57
C PHE H 629 -12.14 -25.28 21.61
N PHE H 630 -11.93 -25.09 20.31
CA PHE H 630 -12.87 -25.64 19.33
C PHE H 630 -12.97 -27.15 19.45
N ILE H 631 -11.83 -27.82 19.59
CA ILE H 631 -11.82 -29.28 19.68
C ILE H 631 -12.56 -29.74 20.93
N LEU H 632 -12.27 -29.12 22.08
CA LEU H 632 -12.95 -29.50 23.31
C LEU H 632 -14.46 -29.26 23.21
N ALA H 633 -14.85 -28.12 22.63
CA ALA H 633 -16.27 -27.81 22.54
C ALA H 633 -17.01 -28.80 21.65
N LEU H 634 -16.37 -29.29 20.59
CA LEU H 634 -17.02 -30.31 19.79
C LEU H 634 -17.03 -31.67 20.47
N ALA H 635 -15.99 -32.00 21.24
CA ALA H 635 -15.87 -33.35 21.77
C ALA H 635 -16.65 -33.57 23.06
N LEU H 636 -16.87 -32.53 23.86
CA LEU H 636 -17.46 -32.74 25.19
C LEU H 636 -18.87 -33.31 25.19
N PRO H 637 -19.80 -32.89 24.32
CA PRO H 637 -21.18 -33.41 24.43
C PRO H 637 -21.29 -34.91 24.25
N LEU H 638 -20.28 -35.58 23.69
CA LEU H 638 -20.34 -37.02 23.46
C LEU H 638 -19.96 -37.84 24.67
N THR H 639 -19.54 -37.20 25.77
CA THR H 639 -19.11 -37.92 26.95
C THR H 639 -20.25 -38.02 27.97
N THR H 640 -20.09 -38.96 28.88
CA THR H 640 -21.10 -39.28 29.87
C THR H 640 -20.90 -38.53 31.19
N ASP H 641 -19.82 -37.75 31.29
CA ASP H 641 -19.55 -36.97 32.49
C ASP H 641 -20.69 -36.01 32.78
N PRO H 642 -21.31 -36.08 33.97
CA PRO H 642 -22.41 -35.16 34.26
C PRO H 642 -21.99 -33.71 34.28
N CYS H 643 -20.73 -33.44 34.63
CA CYS H 643 -20.21 -32.08 34.71
C CYS H 643 -19.61 -31.62 33.40
N ALA H 644 -20.03 -32.20 32.28
CA ALA H 644 -19.54 -31.76 30.98
C ALA H 644 -19.89 -30.31 30.66
N PRO H 645 -21.09 -29.80 30.95
CA PRO H 645 -21.38 -28.41 30.56
C PRO H 645 -20.59 -27.36 31.30
N VAL H 646 -20.26 -27.55 32.58
CA VAL H 646 -19.53 -26.50 33.29
C VAL H 646 -18.13 -26.35 32.73
N LYS H 647 -17.53 -27.45 32.32
CA LYS H 647 -16.38 -27.39 31.44
C LYS H 647 -16.86 -27.04 30.04
N ALA H 648 -15.96 -26.45 29.25
CA ALA H 648 -16.26 -25.77 27.99
C ALA H 648 -16.92 -24.42 28.22
N PHE H 649 -17.31 -24.13 29.46
CA PHE H 649 -17.52 -22.76 29.90
C PHE H 649 -16.31 -22.25 30.67
N MET H 650 -15.87 -23.02 31.66
CA MET H 650 -14.66 -22.61 32.36
C MET H 650 -13.42 -22.78 31.50
N THR H 651 -13.49 -23.57 30.43
CA THR H 651 -12.38 -23.61 29.49
C THR H 651 -12.16 -22.24 28.84
N LEU H 652 -13.21 -21.64 28.32
CA LEU H 652 -13.07 -20.32 27.71
C LEU H 652 -12.83 -19.26 28.78
N ALA H 653 -13.43 -19.42 29.96
CA ALA H 653 -13.16 -18.50 31.05
C ALA H 653 -11.68 -18.49 31.42
N ASN H 654 -11.05 -19.66 31.43
CA ASN H 654 -9.61 -19.74 31.65
C ASN H 654 -8.86 -19.09 30.49
N MET H 655 -9.27 -19.41 29.26
CA MET H 655 -8.56 -18.91 28.09
C MET H 655 -8.54 -17.39 28.04
N MET H 656 -9.55 -16.74 28.58
CA MET H 656 -9.58 -15.27 28.55
C MET H 656 -9.58 -14.71 29.98
N VAL H 657 -8.37 -14.55 30.52
CA VAL H 657 -8.16 -13.95 31.82
C VAL H 657 -7.30 -12.71 31.60
N GLY H 658 -7.83 -11.56 31.98
CA GLY H 658 -7.24 -10.28 31.64
C GLY H 658 -8.00 -9.53 30.56
N PHE H 659 -8.89 -10.21 29.86
CA PHE H 659 -9.78 -9.61 28.87
C PHE H 659 -11.20 -9.46 29.38
N GLU H 660 -11.68 -10.45 30.13
CA GLU H 660 -12.98 -10.40 30.76
C GLU H 660 -12.90 -11.12 32.09
N THR H 661 -13.79 -10.74 33.01
CA THR H 661 -13.80 -11.34 34.34
C THR H 661 -15.22 -11.68 34.74
N ILE H 662 -15.33 -12.63 35.68
CA ILE H 662 -16.61 -13.04 36.24
C ILE H 662 -16.42 -13.30 37.73
N PRO H 663 -17.43 -13.09 38.56
CA PRO H 663 -17.27 -13.32 40.01
C PRO H 663 -17.38 -14.80 40.33
N MET H 664 -16.32 -15.36 40.91
CA MET H 664 -16.31 -16.77 41.26
C MET H 664 -16.78 -16.97 42.70
N ASP H 665 -16.86 -18.23 43.12
CA ASP H 665 -17.42 -18.53 44.44
C ASP H 665 -16.48 -18.13 45.56
N ASN H 666 -15.20 -18.46 45.44
CA ASN H 666 -14.25 -18.22 46.51
C ASN H 666 -12.89 -17.93 45.88
N GLN H 667 -11.83 -18.03 46.67
CA GLN H 667 -10.48 -17.75 46.19
C GLN H 667 -9.67 -19.01 45.93
N ILE H 668 -10.30 -20.18 45.97
CA ILE H 668 -9.62 -21.43 45.66
C ILE H 668 -9.97 -21.84 44.24
N TYR H 669 -11.26 -21.93 43.95
CA TYR H 669 -11.71 -22.23 42.60
C TYR H 669 -11.96 -20.93 41.82
N THR H 670 -10.88 -20.18 41.66
CA THR H 670 -10.94 -18.88 40.99
C THR H 670 -11.05 -19.09 39.48
N GLN H 671 -11.14 -17.97 38.76
CA GLN H 671 -11.28 -18.02 37.31
C GLN H 671 -10.04 -18.52 36.61
N SER H 672 -8.89 -18.57 37.29
CA SER H 672 -7.67 -19.07 36.69
C SER H 672 -7.40 -20.53 37.02
N ARG H 673 -8.18 -21.13 37.91
CA ARG H 673 -8.10 -22.56 38.16
C ARG H 673 -8.39 -23.33 36.88
N ARG H 674 -7.83 -24.52 36.77
CA ARG H 674 -8.01 -25.33 35.57
C ARG H 674 -9.49 -25.64 35.35
N ALA H 675 -9.79 -26.11 34.14
CA ALA H 675 -11.15 -26.51 33.82
C ALA H 675 -11.43 -27.95 34.20
N SER H 676 -10.41 -28.82 34.15
CA SER H 676 -10.61 -30.20 34.56
C SER H 676 -10.92 -30.34 36.03
N ALA H 677 -10.57 -29.35 36.84
CA ALA H 677 -10.77 -29.43 38.29
C ALA H 677 -12.22 -29.25 38.69
N PHE H 678 -13.10 -28.88 37.77
CA PHE H 678 -14.51 -28.64 38.07
C PHE H 678 -15.33 -29.88 37.78
N SER H 679 -14.97 -31.00 38.41
CA SER H 679 -15.70 -32.25 38.21
C SER H 679 -16.43 -32.59 39.52
N THR H 680 -17.54 -31.91 39.74
CA THR H 680 -18.50 -32.19 40.80
C THR H 680 -19.65 -31.20 40.64
N PRO H 681 -20.87 -31.55 41.04
CA PRO H 681 -21.95 -30.55 41.02
C PRO H 681 -21.75 -29.46 42.05
N HIS H 682 -21.00 -29.74 43.12
CA HIS H 682 -20.81 -28.76 44.17
C HIS H 682 -20.00 -27.56 43.71
N THR H 683 -19.25 -27.69 42.61
CA THR H 683 -18.29 -26.68 42.19
C THR H 683 -18.73 -25.88 40.98
N TRP H 684 -20.00 -25.94 40.62
CA TRP H 684 -20.45 -25.12 39.48
C TRP H 684 -20.61 -23.67 39.93
N PRO H 685 -20.07 -22.71 39.19
CA PRO H 685 -20.09 -21.32 39.67
C PRO H 685 -21.50 -20.73 39.70
N ARG H 686 -21.75 -19.98 40.77
CA ARG H 686 -22.98 -19.22 40.90
C ARG H 686 -23.22 -18.34 39.67
N CYS H 687 -22.15 -17.77 39.11
CA CYS H 687 -22.26 -16.94 37.92
C CYS H 687 -22.55 -17.74 36.67
N PHE H 688 -22.43 -19.06 36.72
CA PHE H 688 -22.88 -19.90 35.61
C PHE H 688 -24.32 -20.35 35.81
N MET H 689 -24.70 -20.66 37.05
CA MET H 689 -26.09 -20.98 37.33
C MET H 689 -26.99 -19.76 37.24
N ASN H 690 -26.42 -18.55 37.25
CA ASN H 690 -27.15 -17.32 37.04
C ASN H 690 -26.48 -16.57 35.90
N ILE H 691 -27.22 -16.35 34.81
CA ILE H 691 -26.67 -15.73 33.61
C ILE H 691 -26.61 -14.23 33.79
N GLN H 692 -27.09 -13.75 34.94
CA GLN H 692 -27.21 -12.32 35.21
C GLN H 692 -25.94 -11.72 35.78
N LEU H 693 -25.15 -12.50 36.51
CA LEU H 693 -23.92 -11.99 37.10
C LEU H 693 -22.81 -11.78 36.07
N ILE H 694 -22.95 -12.37 34.89
CA ILE H 694 -22.03 -12.11 33.78
C ILE H 694 -22.52 -10.82 33.11
N SER H 695 -21.83 -9.73 33.36
CA SER H 695 -22.30 -8.43 32.88
C SER H 695 -22.26 -8.40 31.36
N PRO H 696 -23.32 -7.95 30.69
CA PRO H 696 -23.35 -8.01 29.23
C PRO H 696 -22.33 -7.11 28.55
N ILE H 697 -21.82 -6.11 29.25
CA ILE H 697 -20.81 -5.20 28.70
C ILE H 697 -19.48 -5.34 29.40
N ASP H 698 -19.37 -6.21 30.40
CA ASP H 698 -18.10 -6.58 31.01
C ASP H 698 -17.53 -7.85 30.43
N ALA H 699 -18.37 -8.86 30.21
CA ALA H 699 -17.95 -10.14 29.62
C ALA H 699 -18.98 -10.55 28.59
N PRO H 700 -19.04 -9.83 27.46
CA PRO H 700 -20.07 -10.14 26.46
C PRO H 700 -19.91 -11.52 25.84
N ILE H 701 -18.69 -11.94 25.55
CA ILE H 701 -18.50 -13.23 24.91
C ILE H 701 -18.77 -14.36 25.90
N LEU H 702 -18.38 -14.19 27.16
CA LEU H 702 -18.73 -15.18 28.17
C LEU H 702 -20.24 -15.27 28.34
N ARG H 703 -20.93 -14.13 28.29
CA ARG H 703 -22.39 -14.14 28.37
C ARG H 703 -23.01 -14.90 27.20
N GLN H 704 -22.52 -14.64 25.99
CA GLN H 704 -23.05 -15.34 24.82
C GLN H 704 -22.77 -16.83 24.89
N TRP H 705 -21.57 -17.21 25.35
CA TRP H 705 -21.25 -18.63 25.45
C TRP H 705 -22.10 -19.31 26.50
N ALA H 706 -22.41 -18.61 27.60
CA ALA H 706 -23.31 -19.17 28.59
C ALA H 706 -24.70 -19.38 28.00
N GLU H 707 -25.23 -18.38 27.28
CA GLU H 707 -26.53 -18.54 26.62
C GLU H 707 -26.52 -19.73 25.68
N ILE H 708 -25.46 -19.86 24.89
CA ILE H 708 -25.38 -20.94 23.91
C ILE H 708 -25.37 -22.29 24.62
N ILE H 709 -24.59 -22.42 25.70
CA ILE H 709 -24.56 -23.68 26.43
C ILE H 709 -25.93 -24.01 27.00
N HIS H 710 -26.60 -23.03 27.61
CA HIS H 710 -27.89 -23.33 28.22
C HIS H 710 -28.96 -23.67 27.20
N ARG H 711 -28.91 -23.08 26.01
CA ARG H 711 -30.03 -23.22 25.09
C ARG H 711 -29.82 -24.23 23.98
N TYR H 712 -28.58 -24.50 23.56
CA TYR H 712 -28.34 -25.35 22.41
C TYR H 712 -27.55 -26.61 22.72
N TRP H 713 -27.27 -26.88 23.99
CA TRP H 713 -26.67 -28.15 24.35
C TRP H 713 -27.61 -29.29 23.99
N PRO H 714 -27.10 -30.42 23.49
CA PRO H 714 -27.98 -31.49 23.01
C PRO H 714 -28.87 -32.05 24.10
N ASN H 715 -30.02 -32.58 23.68
CA ASN H 715 -31.09 -33.12 24.50
C ASN H 715 -31.07 -34.64 24.52
N PRO H 716 -31.29 -35.27 25.66
CA PRO H 716 -31.34 -36.73 25.71
C PRO H 716 -32.63 -37.29 25.10
N SER H 717 -32.61 -38.58 24.85
CA SER H 717 -33.73 -39.29 24.22
C SER H 717 -33.61 -40.77 24.55
N GLN H 718 -34.34 -41.62 23.85
CA GLN H 718 -34.36 -43.04 24.18
C GLN H 718 -34.75 -43.86 22.95
N ILE H 719 -34.51 -45.16 23.01
CA ILE H 719 -34.62 -46.02 21.84
C ILE H 719 -35.49 -47.26 22.04
N ARG H 720 -35.71 -47.77 23.25
CA ARG H 720 -36.61 -48.90 23.49
C ARG H 720 -36.15 -50.18 22.77
N TYR H 721 -35.07 -50.74 23.29
CA TYR H 721 -34.55 -52.02 22.81
C TYR H 721 -35.36 -53.18 23.37
N GLY H 722 -34.84 -54.40 23.14
CA GLY H 722 -35.19 -55.55 23.96
C GLY H 722 -36.55 -56.15 23.69
N THR H 723 -36.81 -57.25 24.41
CA THR H 723 -38.14 -57.84 24.51
C THR H 723 -38.29 -58.58 25.84
N PRO H 724 -39.13 -58.07 26.74
CA PRO H 724 -39.26 -58.69 28.06
C PRO H 724 -40.17 -59.89 28.12
N ASN H 725 -40.62 -60.43 26.99
CA ASN H 725 -41.48 -61.61 27.05
C ASN H 725 -40.69 -62.84 27.41
N VAL H 726 -39.72 -63.22 26.58
CA VAL H 726 -38.88 -64.37 26.88
C VAL H 726 -37.85 -64.01 27.94
N PHE H 727 -37.02 -63.00 27.67
CA PHE H 727 -36.12 -62.48 28.68
C PHE H 727 -36.91 -61.70 29.72
N GLY H 728 -36.20 -61.22 30.73
CA GLY H 728 -36.84 -60.35 31.70
C GLY H 728 -36.52 -58.90 31.42
N SER H 729 -36.09 -58.18 32.45
CA SER H 729 -35.65 -56.79 32.28
C SER H 729 -34.67 -56.49 33.39
N ALA H 730 -33.39 -56.46 33.05
CA ALA H 730 -32.35 -56.31 34.07
C ALA H 730 -32.14 -54.87 34.51
N ASN H 731 -32.78 -53.89 33.86
CA ASN H 731 -32.57 -52.52 34.27
C ASN H 731 -33.28 -52.23 35.59
N LEU H 732 -32.68 -51.34 36.37
CA LEU H 732 -33.11 -51.08 37.73
C LEU H 732 -33.74 -49.71 37.91
N PHE H 733 -33.12 -48.66 37.35
CA PHE H 733 -33.57 -47.30 37.57
C PHE H 733 -34.19 -46.67 36.33
N THR H 734 -34.56 -47.47 35.36
CA THR H 734 -35.38 -47.06 34.23
C THR H 734 -36.50 -48.07 34.08
N PRO H 735 -37.55 -47.75 33.32
CA PRO H 735 -38.57 -48.73 33.03
C PRO H 735 -37.99 -49.88 32.23
N PRO H 736 -38.64 -51.04 32.22
CA PRO H 736 -38.14 -52.13 31.38
C PRO H 736 -38.31 -51.81 29.92
N GLU H 737 -37.37 -52.32 29.10
CA GLU H 737 -37.44 -52.19 27.66
C GLU H 737 -37.24 -50.74 27.21
N VAL H 738 -36.25 -50.05 27.78
CA VAL H 738 -35.96 -48.67 27.40
C VAL H 738 -34.48 -48.42 27.56
N LEU H 739 -33.94 -47.57 26.68
CA LEU H 739 -32.51 -47.27 26.63
C LEU H 739 -32.33 -45.78 26.49
N LEU H 740 -31.55 -45.18 27.38
CA LEU H 740 -31.37 -43.73 27.39
C LEU H 740 -30.17 -43.33 26.57
N LEU H 741 -30.23 -42.10 26.02
CA LEU H 741 -29.20 -41.60 25.14
C LEU H 741 -28.92 -40.13 25.45
N PRO H 742 -27.65 -39.71 25.41
CA PRO H 742 -27.32 -38.31 25.66
C PRO H 742 -27.66 -37.37 24.53
N ILE H 743 -28.18 -37.87 23.41
CA ILE H 743 -28.51 -37.04 22.26
C ILE H 743 -29.82 -37.52 21.65
N ASP H 744 -30.42 -36.66 20.85
CA ASP H 744 -31.75 -36.90 20.33
C ASP H 744 -31.72 -37.90 19.18
N HIS H 745 -32.56 -38.92 19.27
CA HIS H 745 -32.68 -39.92 18.22
C HIS H 745 -33.89 -39.60 17.34
N GLN H 746 -33.75 -39.88 16.05
CA GLN H 746 -34.80 -39.62 15.09
C GLN H 746 -34.66 -40.57 13.91
N PRO H 747 -35.65 -41.43 13.65
CA PRO H 747 -35.49 -42.46 12.63
C PRO H 747 -35.27 -41.88 11.24
N ALA H 748 -34.73 -42.71 10.36
CA ALA H 748 -34.43 -42.29 8.99
C ALA H 748 -35.59 -42.65 8.08
N ASN H 749 -35.80 -41.80 7.07
CA ASN H 749 -36.90 -41.99 6.14
C ASN H 749 -36.55 -42.93 4.99
N VAL H 750 -35.31 -42.92 4.54
CA VAL H 750 -34.89 -43.67 3.36
C VAL H 750 -33.72 -44.56 3.71
N THR H 751 -33.58 -45.66 2.96
CA THR H 751 -32.44 -46.55 3.11
C THR H 751 -31.28 -46.17 2.21
N THR H 752 -31.45 -45.20 1.34
CA THR H 752 -30.37 -44.70 0.50
C THR H 752 -29.95 -43.34 1.03
N PRO H 753 -29.12 -43.29 2.07
CA PRO H 753 -28.89 -42.03 2.77
C PRO H 753 -28.09 -41.06 1.94
N THR H 754 -28.29 -39.77 2.23
CA THR H 754 -27.58 -38.69 1.58
C THR H 754 -27.41 -37.56 2.57
N LEU H 755 -26.45 -36.68 2.30
CA LEU H 755 -26.05 -35.68 3.29
C LEU H 755 -27.19 -34.72 3.60
N ASP H 756 -27.29 -34.34 4.87
CA ASP H 756 -28.21 -33.29 5.29
C ASP H 756 -27.64 -32.59 6.52
N PHE H 757 -28.02 -31.33 6.69
CA PHE H 757 -27.46 -30.49 7.75
C PHE H 757 -28.48 -30.17 8.83
N THR H 758 -29.57 -30.93 8.93
CA THR H 758 -30.62 -30.66 9.91
C THR H 758 -30.52 -31.68 11.04
N ASN H 759 -29.65 -31.38 12.00
CA ASN H 759 -29.53 -32.21 13.20
C ASN H 759 -28.78 -31.42 14.27
N GLU H 760 -29.00 -31.83 15.51
CA GLU H 760 -28.53 -31.04 16.64
C GLU H 760 -27.02 -30.98 16.71
N LEU H 761 -26.31 -31.98 16.20
CA LEU H 761 -24.85 -31.93 16.26
C LEU H 761 -24.29 -30.96 15.24
N THR H 762 -24.85 -30.93 14.02
CA THR H 762 -24.42 -29.91 13.06
C THR H 762 -24.78 -28.52 13.56
N ASN H 763 -25.95 -28.38 14.20
CA ASN H 763 -26.30 -27.08 14.76
C ASN H 763 -25.36 -26.67 15.89
N TRP H 764 -24.91 -27.63 16.70
CA TRP H 764 -23.92 -27.33 17.73
C TRP H 764 -22.62 -26.86 17.11
N ARG H 765 -22.16 -27.55 16.06
CA ARG H 765 -20.96 -27.12 15.36
C ARG H 765 -21.13 -25.70 14.81
N ALA H 766 -22.30 -25.41 14.25
CA ALA H 766 -22.54 -24.07 13.72
C ALA H 766 -22.51 -23.02 14.80
N ARG H 767 -23.10 -23.31 15.96
CA ARG H 767 -23.11 -22.34 17.05
C ARG H 767 -21.69 -22.08 17.57
N VAL H 768 -20.89 -23.14 17.69
CA VAL H 768 -19.52 -22.96 18.14
C VAL H 768 -18.72 -22.14 17.15
N CYS H 769 -18.91 -22.41 15.85
CA CYS H 769 -18.21 -21.62 14.85
C CYS H 769 -18.66 -20.17 14.85
N GLU H 770 -19.94 -19.91 15.13
CA GLU H 770 -20.40 -18.53 15.20
C GLU H 770 -19.76 -17.79 16.36
N LEU H 771 -19.70 -18.43 17.52
CA LEU H 771 -19.06 -17.76 18.65
C LEU H 771 -17.59 -17.50 18.36
N MET H 772 -16.90 -18.46 17.78
CA MET H 772 -15.49 -18.24 17.47
C MET H 772 -15.32 -17.15 16.41
N LYS H 773 -16.28 -17.01 15.49
CA LYS H 773 -16.22 -15.90 14.55
C LYS H 773 -16.31 -14.57 15.29
N ASN H 774 -17.22 -14.45 16.25
CA ASN H 774 -17.30 -13.20 17.02
C ASN H 774 -16.03 -12.98 17.84
N LEU H 775 -15.46 -14.05 18.38
CA LEU H 775 -14.28 -13.94 19.23
C LEU H 775 -13.06 -13.51 18.42
N VAL H 776 -12.97 -13.94 17.17
CA VAL H 776 -11.91 -13.45 16.30
C VAL H 776 -12.24 -12.06 15.78
N ASP H 777 -13.53 -11.76 15.64
CA ASP H 777 -14.00 -10.46 15.19
C ASP H 777 -13.50 -9.36 16.12
N ASN H 778 -13.79 -9.49 17.41
CA ASN H 778 -13.41 -8.45 18.34
C ASN H 778 -11.90 -8.31 18.43
N GLN H 779 -11.35 -7.23 17.87
CA GLN H 779 -9.92 -6.92 18.00
C GLN H 779 -9.59 -6.29 19.34
N ARG H 780 -10.53 -6.31 20.29
CA ARG H 780 -10.19 -6.16 21.70
C ARG H 780 -9.36 -7.32 22.21
N TYR H 781 -9.38 -8.46 21.50
CA TYR H 781 -8.80 -9.70 22.01
C TYR H 781 -7.54 -10.14 21.28
N GLN H 782 -7.26 -9.57 20.10
CA GLN H 782 -6.01 -9.84 19.39
C GLN H 782 -5.53 -8.52 18.80
N PRO H 783 -4.73 -7.77 19.55
CA PRO H 783 -4.38 -6.42 19.10
C PRO H 783 -3.38 -6.38 17.97
N GLY H 784 -2.67 -7.47 17.71
CA GLY H 784 -1.62 -7.42 16.70
C GLY H 784 -1.97 -8.11 15.40
N TRP H 785 -3.10 -8.80 15.35
CA TRP H 785 -3.44 -9.55 14.15
C TRP H 785 -3.75 -8.61 12.99
N THR H 786 -3.36 -9.03 11.79
CA THR H 786 -3.60 -8.24 10.59
C THR H 786 -4.93 -8.60 9.96
N GLN H 787 -5.39 -7.73 9.06
CA GLN H 787 -6.66 -7.98 8.39
C GLN H 787 -6.63 -9.26 7.57
N SER H 788 -5.49 -9.57 6.96
CA SER H 788 -5.36 -10.81 6.22
C SER H 788 -5.53 -12.02 7.13
N LEU H 789 -4.90 -11.99 8.30
CA LEU H 789 -5.04 -13.11 9.23
C LEU H 789 -6.47 -13.23 9.73
N VAL H 790 -7.13 -12.10 10.00
CA VAL H 790 -8.51 -12.15 10.46
C VAL H 790 -9.41 -12.76 9.39
N SER H 791 -9.23 -12.33 8.14
CA SER H 791 -10.05 -12.88 7.07
C SER H 791 -9.78 -14.36 6.87
N SER H 792 -8.52 -14.78 6.98
CA SER H 792 -8.19 -16.19 6.83
C SER H 792 -8.82 -17.03 7.93
N MET H 793 -8.79 -16.52 9.16
CA MET H 793 -9.43 -17.24 10.26
C MET H 793 -10.92 -17.36 10.04
N ARG H 794 -11.56 -16.29 9.56
CA ARG H 794 -12.98 -16.34 9.22
C ARG H 794 -13.25 -17.40 8.17
N GLY H 795 -12.44 -17.42 7.11
CA GLY H 795 -12.64 -18.40 6.06
C GLY H 795 -12.51 -19.82 6.55
N THR H 796 -11.50 -20.08 7.39
CA THR H 796 -11.33 -21.43 7.92
C THR H 796 -12.51 -21.82 8.81
N LEU H 797 -12.99 -20.89 9.63
CA LEU H 797 -14.13 -21.21 10.49
C LEU H 797 -15.38 -21.48 9.65
N GLY H 798 -15.60 -20.71 8.59
CA GLY H 798 -16.74 -20.97 7.73
C GLY H 798 -16.65 -22.32 7.04
N LYS H 799 -15.44 -22.68 6.60
CA LYS H 799 -15.28 -23.98 5.94
C LYS H 799 -15.48 -25.12 6.92
N LEU H 800 -15.02 -24.97 8.16
CA LEU H 800 -15.29 -26.00 9.17
C LEU H 800 -16.78 -26.08 9.48
N LYS H 801 -17.48 -24.95 9.47
CA LYS H 801 -18.92 -24.98 9.69
C LYS H 801 -19.64 -25.72 8.57
N LEU H 802 -19.19 -25.53 7.33
CA LEU H 802 -19.85 -26.14 6.18
C LEU H 802 -19.20 -27.44 5.73
N ILE H 803 -18.32 -28.03 6.54
CA ILE H 803 -17.70 -29.30 6.17
C ILE H 803 -18.75 -30.37 5.97
N LYS H 804 -18.55 -31.22 4.97
CA LYS H 804 -19.52 -32.26 4.62
C LYS H 804 -19.14 -33.53 5.35
N SER H 805 -19.85 -33.82 6.43
CA SER H 805 -19.54 -34.95 7.30
C SER H 805 -20.81 -35.73 7.59
N MET H 806 -20.71 -37.05 7.54
CA MET H 806 -21.84 -37.93 7.77
C MET H 806 -21.99 -38.36 9.22
N THR H 807 -21.08 -37.96 10.09
CA THR H 807 -21.07 -38.46 11.46
C THR H 807 -22.25 -37.96 12.28
N PRO H 808 -22.62 -36.68 12.22
CA PRO H 808 -23.81 -36.25 12.95
C PRO H 808 -25.09 -36.93 12.50
N MET H 809 -25.30 -37.03 11.18
CA MET H 809 -26.47 -37.75 10.68
C MET H 809 -26.44 -39.20 11.13
N TYR H 810 -25.27 -39.81 11.12
CA TYR H 810 -25.13 -41.19 11.60
C TYR H 810 -25.57 -41.29 13.05
N LEU H 811 -25.01 -40.44 13.91
CA LEU H 811 -25.33 -40.49 15.33
C LEU H 811 -26.82 -40.28 15.57
N GLN H 812 -27.45 -39.42 14.77
CA GLN H 812 -28.88 -39.17 14.99
C GLN H 812 -29.73 -40.35 14.54
N GLN H 813 -29.40 -40.95 13.40
CA GLN H 813 -30.33 -41.88 12.78
C GLN H 813 -29.98 -43.36 12.98
N LEU H 814 -28.72 -43.75 12.84
CA LEU H 814 -28.38 -45.17 12.77
C LEU H 814 -27.69 -45.71 14.01
N ALA H 815 -26.92 -44.90 14.72
CA ALA H 815 -26.15 -45.41 15.86
C ALA H 815 -27.04 -45.96 16.97
N PRO H 816 -28.07 -45.26 17.43
CA PRO H 816 -28.95 -45.82 18.45
C PRO H 816 -29.63 -47.10 18.03
N VAL H 817 -29.96 -47.25 16.75
CA VAL H 817 -30.54 -48.51 16.27
C VAL H 817 -29.55 -49.64 16.46
N GLU H 818 -28.27 -49.39 16.18
CA GLU H 818 -27.26 -50.42 16.36
C GLU H 818 -27.06 -50.76 17.83
N LEU H 819 -27.09 -49.74 18.70
CA LEU H 819 -26.98 -50.01 20.12
C LEU H 819 -28.15 -50.84 20.62
N ALA H 820 -29.35 -50.57 20.11
CA ALA H 820 -30.52 -51.34 20.52
C ALA H 820 -30.49 -52.75 19.95
N VAL H 821 -29.87 -52.93 18.79
CA VAL H 821 -29.75 -54.28 18.23
C VAL H 821 -28.68 -55.08 18.96
N ILE H 822 -27.69 -54.39 19.53
CA ILE H 822 -26.61 -55.08 20.23
C ILE H 822 -26.93 -55.36 21.70
N ALA H 823 -27.76 -54.52 22.33
CA ALA H 823 -27.97 -54.64 23.77
C ALA H 823 -28.51 -55.98 24.23
N PRO H 824 -29.51 -56.60 23.59
CA PRO H 824 -30.02 -57.87 24.11
C PRO H 824 -28.99 -58.99 24.10
N MET H 825 -28.25 -59.16 23.00
CA MET H 825 -27.21 -60.19 22.93
C MET H 825 -25.96 -59.63 23.59
N LEU H 826 -25.98 -59.61 24.91
CA LEU H 826 -24.91 -58.94 25.65
C LEU H 826 -24.83 -59.52 27.05
N PRO H 827 -23.64 -59.96 27.49
CA PRO H 827 -23.54 -60.66 28.78
C PRO H 827 -23.83 -59.76 29.97
N PHE H 828 -23.23 -58.58 29.97
CA PHE H 828 -23.41 -57.60 31.04
C PHE H 828 -24.49 -56.61 30.62
N PRO H 829 -25.72 -56.76 31.07
CA PRO H 829 -26.82 -55.94 30.57
C PRO H 829 -26.61 -54.47 30.90
N PRO H 830 -27.20 -53.57 30.14
CA PRO H 830 -26.98 -52.14 30.36
C PRO H 830 -27.46 -51.69 31.73
N PHE H 831 -26.66 -50.82 32.35
CA PHE H 831 -26.94 -50.31 33.68
C PHE H 831 -26.83 -48.79 33.62
N GLN H 832 -27.96 -48.11 33.73
CA GLN H 832 -28.02 -46.69 33.45
C GLN H 832 -28.68 -45.92 34.57
N VAL H 833 -28.34 -44.64 34.64
CA VAL H 833 -29.07 -43.65 35.42
C VAL H 833 -29.50 -42.54 34.47
N PRO H 834 -30.44 -41.70 34.86
CA PRO H 834 -30.98 -40.70 33.92
C PRO H 834 -29.92 -39.71 33.46
N TYR H 835 -29.94 -39.42 32.16
CA TYR H 835 -29.09 -38.38 31.60
C TYR H 835 -29.75 -37.04 31.82
N VAL H 836 -29.24 -36.27 32.78
CA VAL H 836 -29.76 -34.94 33.07
C VAL H 836 -28.92 -33.92 32.32
N ARG H 837 -29.59 -33.01 31.62
CA ARG H 837 -28.90 -32.14 30.67
C ARG H 837 -28.09 -31.08 31.39
N LEU H 838 -28.77 -30.14 32.07
CA LEU H 838 -28.08 -29.14 32.86
C LEU H 838 -28.76 -28.90 34.19
N ASP H 839 -29.57 -29.83 34.67
CA ASP H 839 -30.22 -29.71 35.97
C ASP H 839 -29.20 -30.05 37.05
N ARG H 840 -28.57 -29.00 37.58
CA ARG H 840 -27.63 -29.17 38.68
C ARG H 840 -28.29 -29.82 39.89
N ASP H 841 -29.58 -29.61 40.06
CA ASP H 841 -30.28 -30.27 41.16
C ASP H 841 -30.41 -31.77 40.93
N ARG H 842 -30.47 -32.20 39.67
CA ARG H 842 -30.73 -33.59 39.34
C ARG H 842 -29.48 -34.36 38.95
N VAL H 843 -28.32 -33.71 38.91
CA VAL H 843 -27.08 -34.45 38.64
C VAL H 843 -26.89 -35.52 39.71
N PRO H 844 -26.65 -36.78 39.35
CA PRO H 844 -26.45 -37.82 40.36
C PRO H 844 -25.10 -37.68 41.05
N THR H 845 -25.03 -38.24 42.26
CA THR H 845 -23.85 -38.05 43.09
C THR H 845 -23.25 -39.37 43.57
N MET H 846 -24.08 -40.37 43.82
CA MET H 846 -23.57 -41.67 44.23
C MET H 846 -24.47 -42.76 43.70
N VAL H 847 -23.93 -43.98 43.65
CA VAL H 847 -24.69 -45.19 43.36
C VAL H 847 -24.09 -46.30 44.20
N GLY H 848 -24.85 -46.81 45.15
CA GLY H 848 -24.32 -47.75 46.13
C GLY H 848 -25.22 -48.95 46.30
N VAL H 849 -24.58 -50.09 46.55
CA VAL H 849 -25.29 -51.34 46.80
C VAL H 849 -25.12 -51.71 48.26
N THR H 850 -26.15 -52.30 48.83
CA THR H 850 -26.12 -52.81 50.20
C THR H 850 -26.21 -54.32 50.17
N ARG H 851 -25.68 -54.95 51.22
CA ARG H 851 -25.80 -56.41 51.30
C ARG H 851 -26.02 -56.91 52.71
N GLN H 852 -26.47 -56.06 53.64
CA GLN H 852 -26.76 -56.49 54.99
C GLN H 852 -27.41 -55.35 55.77
N SER H 853 -28.29 -55.71 56.69
CA SER H 853 -28.87 -54.74 57.60
C SER H 853 -27.81 -54.27 58.59
N ARG H 854 -28.12 -53.20 59.32
CA ARG H 854 -27.07 -52.49 60.07
C ARG H 854 -26.94 -52.97 61.50
N ASP H 855 -27.91 -52.65 62.36
CA ASP H 855 -27.80 -52.98 63.78
C ASP H 855 -28.98 -53.79 64.28
N THR H 856 -30.18 -53.22 64.21
CA THR H 856 -31.42 -53.89 64.59
C THR H 856 -32.53 -53.65 63.58
N ILE H 857 -32.43 -52.60 62.78
CA ILE H 857 -33.45 -52.23 61.82
C ILE H 857 -33.63 -53.36 60.82
N THR H 858 -34.80 -54.00 60.86
CA THR H 858 -35.09 -55.14 60.02
C THR H 858 -35.42 -54.76 58.58
N GLN H 859 -35.78 -53.50 58.34
CA GLN H 859 -36.35 -53.14 57.05
C GLN H 859 -35.29 -52.56 56.13
N PRO H 860 -35.15 -53.11 54.93
CA PRO H 860 -34.13 -52.60 54.00
C PRO H 860 -34.33 -51.13 53.66
N ALA H 861 -35.56 -50.66 53.60
CA ALA H 861 -35.81 -49.26 53.30
C ALA H 861 -35.20 -48.33 54.34
N LEU H 862 -34.92 -48.83 55.54
CA LEU H 862 -34.27 -48.04 56.58
C LEU H 862 -32.79 -48.37 56.73
N SER H 863 -32.37 -49.58 56.36
CA SER H 863 -30.94 -49.89 56.43
C SER H 863 -30.15 -49.31 55.26
N LEU H 864 -30.78 -49.22 54.08
CA LEU H 864 -30.06 -48.94 52.84
C LEU H 864 -29.38 -47.59 52.87
N SER H 865 -29.90 -46.63 53.63
CA SER H 865 -29.36 -45.28 53.58
C SER H 865 -27.96 -45.22 54.20
N THR H 866 -27.66 -46.09 55.15
CA THR H 866 -26.39 -46.02 55.87
C THR H 866 -25.61 -47.33 55.82
N THR H 867 -26.07 -48.33 55.07
CA THR H 867 -25.32 -49.57 54.97
C THR H 867 -25.08 -49.93 53.50
N ASN H 868 -24.53 -48.98 52.74
CA ASN H 868 -24.24 -49.22 51.33
C ASN H 868 -22.79 -48.94 51.02
N THR H 869 -22.33 -49.49 49.90
CA THR H 869 -20.99 -49.25 49.36
C THR H 869 -21.12 -48.61 47.99
N THR H 870 -20.36 -47.56 47.75
CA THR H 870 -20.46 -46.83 46.49
C THR H 870 -19.63 -47.49 45.40
N VAL H 871 -20.13 -47.42 44.17
CA VAL H 871 -19.49 -48.05 43.02
C VAL H 871 -19.32 -47.00 41.93
N GLY H 872 -18.40 -47.29 41.01
CA GLY H 872 -18.17 -46.43 39.86
C GLY H 872 -16.69 -46.20 39.62
N VAL H 873 -16.32 -46.09 38.34
CA VAL H 873 -14.93 -45.83 37.96
C VAL H 873 -14.90 -44.82 36.82
N PRO H 874 -14.01 -43.85 36.87
CA PRO H 874 -13.87 -42.91 35.74
C PRO H 874 -13.01 -43.49 34.64
N LEU H 875 -13.16 -42.92 33.45
CA LEU H 875 -12.39 -43.36 32.30
C LEU H 875 -12.08 -42.14 31.44
N ALA H 876 -10.89 -42.12 30.85
CA ALA H 876 -10.42 -40.98 30.08
C ALA H 876 -10.52 -41.28 28.59
N LEU H 877 -10.79 -40.23 27.81
CA LEU H 877 -10.92 -40.33 26.37
C LEU H 877 -10.08 -39.24 25.71
N ASP H 878 -9.90 -39.36 24.41
CA ASP H 878 -9.08 -38.43 23.64
C ASP H 878 -9.98 -37.49 22.86
N ALA H 879 -9.98 -36.22 23.26
CA ALA H 879 -10.85 -35.24 22.60
C ALA H 879 -10.49 -35.10 21.13
N ARG H 880 -9.22 -35.21 20.79
CA ARG H 880 -8.82 -35.03 19.40
C ARG H 880 -9.24 -36.21 18.54
N ALA H 881 -9.15 -37.43 19.07
CA ALA H 881 -9.67 -38.58 18.34
C ALA H 881 -11.17 -38.47 18.14
N ILE H 882 -11.89 -38.07 19.19
CA ILE H 882 -13.33 -37.92 19.07
C ILE H 882 -13.68 -36.86 18.04
N THR H 883 -12.94 -35.75 18.03
CA THR H 883 -13.25 -34.67 17.10
C THR H 883 -12.90 -35.04 15.66
N VAL H 884 -11.83 -35.80 15.44
CA VAL H 884 -11.53 -36.27 14.10
C VAL H 884 -12.65 -37.18 13.61
N ALA H 885 -13.06 -38.12 14.45
CA ALA H 885 -14.15 -39.02 14.06
C ALA H 885 -15.43 -38.25 13.83
N LEU H 886 -15.64 -37.15 14.56
CA LEU H 886 -16.86 -36.38 14.48
C LEU H 886 -16.84 -35.34 13.37
N LEU H 887 -15.68 -35.07 12.79
CA LEU H 887 -15.59 -34.20 11.63
C LEU H 887 -15.51 -34.94 10.31
N SER H 888 -14.85 -36.10 10.27
CA SER H 888 -14.59 -36.79 9.02
C SER H 888 -15.27 -38.16 9.02
N GLY H 889 -16.49 -38.22 8.51
CA GLY H 889 -17.20 -39.48 8.38
C GLY H 889 -17.81 -39.60 7.00
N LYS H 890 -17.91 -40.84 6.53
CA LYS H 890 -18.39 -41.09 5.18
C LYS H 890 -19.00 -42.48 5.09
N TYR H 891 -20.10 -42.59 4.37
CA TYR H 891 -20.68 -43.88 4.06
C TYR H 891 -20.01 -44.46 2.83
N PRO H 892 -20.17 -45.76 2.60
CA PRO H 892 -19.71 -46.35 1.33
C PRO H 892 -20.41 -45.70 0.16
N PRO H 893 -19.90 -45.87 -1.06
CA PRO H 893 -20.44 -45.14 -2.21
C PRO H 893 -21.88 -45.52 -2.51
N ASP H 894 -22.15 -46.82 -2.64
CA ASP H 894 -23.49 -47.34 -2.88
C ASP H 894 -23.90 -48.12 -1.64
N LEU H 895 -24.62 -47.46 -0.74
CA LEU H 895 -25.06 -48.07 0.50
C LEU H 895 -26.57 -48.27 0.47
N VAL H 896 -27.02 -49.41 0.97
CA VAL H 896 -28.44 -49.69 1.16
C VAL H 896 -28.56 -50.34 2.54
N THR H 897 -29.13 -49.60 3.50
CA THR H 897 -28.97 -49.97 4.89
C THR H 897 -29.67 -51.27 5.24
N ASN H 898 -30.81 -51.57 4.62
CA ASN H 898 -31.49 -52.81 4.94
C ASN H 898 -30.62 -54.01 4.56
N VAL H 899 -29.99 -53.96 3.39
CA VAL H 899 -29.11 -55.04 2.97
C VAL H 899 -27.87 -55.10 3.86
N TRP H 900 -27.29 -53.93 4.16
CA TRP H 900 -26.08 -53.90 4.97
C TRP H 900 -26.31 -54.53 6.34
N TYR H 901 -27.37 -54.11 7.03
CA TYR H 901 -27.61 -54.65 8.36
C TYR H 901 -28.10 -56.09 8.31
N ALA H 902 -28.87 -56.46 7.28
CA ALA H 902 -29.26 -57.87 7.15
C ALA H 902 -28.04 -58.76 6.94
N ASP H 903 -26.98 -58.22 6.35
CA ASP H 903 -25.75 -58.97 6.22
C ASP H 903 -24.95 -58.98 7.51
N ALA H 904 -24.93 -57.86 8.23
CA ALA H 904 -24.00 -57.72 9.35
C ALA H 904 -24.55 -58.35 10.64
N ILE H 905 -25.82 -58.12 10.96
CA ILE H 905 -26.34 -58.51 12.27
C ILE H 905 -26.57 -60.01 12.39
N TYR H 906 -26.61 -60.73 11.28
CA TYR H 906 -26.96 -62.15 11.31
C TYR H 906 -26.00 -63.01 12.13
N PRO H 907 -24.68 -62.92 11.99
CA PRO H 907 -23.79 -63.81 12.74
C PRO H 907 -23.90 -63.68 14.24
N MET H 908 -24.23 -62.49 14.76
CA MET H 908 -24.35 -62.34 16.20
C MET H 908 -25.68 -62.82 16.73
N TYR H 909 -26.66 -63.09 15.87
CA TYR H 909 -27.90 -63.71 16.30
C TYR H 909 -27.97 -65.18 15.96
N ALA H 910 -27.01 -65.71 15.21
CA ALA H 910 -26.87 -67.16 15.11
C ALA H 910 -26.40 -67.79 16.42
N ASP H 911 -25.90 -66.99 17.36
CA ASP H 911 -25.37 -67.48 18.63
C ASP H 911 -26.49 -67.66 19.64
N THR H 912 -26.24 -68.51 20.64
CA THR H 912 -27.21 -68.84 21.67
C THR H 912 -26.64 -68.72 23.07
N GLU H 913 -25.52 -68.01 23.25
CA GLU H 913 -24.92 -67.88 24.57
C GLU H 913 -25.74 -67.02 25.51
N VAL H 914 -26.77 -66.32 25.01
CA VAL H 914 -27.57 -65.46 25.88
C VAL H 914 -28.59 -66.24 26.69
N PHE H 915 -28.97 -67.44 26.25
CA PHE H 915 -30.01 -68.19 26.94
C PHE H 915 -29.50 -68.94 28.15
N SER H 916 -28.19 -69.21 28.23
CA SER H 916 -27.65 -69.89 29.40
C SER H 916 -27.36 -68.95 30.56
N ASN H 917 -27.16 -67.67 30.28
CA ASN H 917 -27.03 -66.70 31.36
C ASN H 917 -28.28 -66.65 32.22
N LEU H 918 -29.44 -66.94 31.64
CA LEU H 918 -30.67 -66.97 32.41
C LEU H 918 -30.66 -68.11 33.41
N GLN H 919 -30.16 -69.28 33.01
CA GLN H 919 -30.01 -70.39 33.94
C GLN H 919 -29.00 -70.05 35.02
N ARG H 920 -27.92 -69.36 34.66
CA ARG H 920 -26.96 -68.93 35.68
C ARG H 920 -27.62 -68.01 36.69
N ASP H 921 -28.50 -67.10 36.22
CA ASP H 921 -29.18 -66.19 37.13
C ASP H 921 -30.13 -66.92 38.06
N VAL H 922 -30.88 -67.89 37.53
CA VAL H 922 -31.81 -68.62 38.40
C VAL H 922 -31.05 -69.40 39.46
N ILE H 923 -29.90 -69.96 39.09
CA ILE H 923 -29.11 -70.68 40.10
C ILE H 923 -28.57 -69.71 41.15
N THR H 924 -28.17 -68.52 40.72
CA THR H 924 -27.69 -67.52 41.69
C THR H 924 -28.77 -67.19 42.72
N CYS H 925 -29.98 -66.93 42.24
CA CYS H 925 -31.07 -66.58 43.17
C CYS H 925 -31.40 -67.75 44.08
N GLU H 926 -31.43 -68.97 43.54
CA GLU H 926 -31.66 -70.15 44.38
C GLU H 926 -30.61 -70.25 45.48
N ALA H 927 -29.35 -70.00 45.13
CA ALA H 927 -28.29 -70.12 46.13
C ALA H 927 -28.44 -69.09 47.23
N VAL H 928 -28.74 -67.84 46.87
CA VAL H 928 -28.85 -66.81 47.89
C VAL H 928 -30.03 -67.10 48.82
N GLN H 929 -31.15 -67.55 48.25
CA GLN H 929 -32.30 -67.85 49.10
C GLN H 929 -32.01 -69.05 50.01
N THR H 930 -31.29 -70.05 49.49
CA THR H 930 -30.97 -71.20 50.32
C THR H 930 -30.07 -70.81 51.49
N LEU H 931 -29.09 -69.95 51.23
CA LEU H 931 -28.23 -69.48 52.32
C LEU H 931 -29.04 -68.75 53.38
N VAL H 932 -29.92 -67.84 52.94
CA VAL H 932 -30.72 -67.07 53.89
C VAL H 932 -31.63 -67.98 54.69
N THR H 933 -32.15 -69.04 54.07
CA THR H 933 -33.05 -69.94 54.79
C THR H 933 -32.30 -70.85 55.75
N LEU H 934 -31.08 -71.27 55.41
CA LEU H 934 -30.35 -72.18 56.28
C LEU H 934 -29.73 -71.47 57.47
N VAL H 935 -29.21 -70.25 57.28
CA VAL H 935 -28.53 -69.58 58.38
C VAL H 935 -29.50 -69.25 59.51
N ALA H 936 -30.78 -69.02 59.19
CA ALA H 936 -31.76 -68.68 60.20
C ALA H 936 -32.05 -69.84 61.14
N GLN H 937 -31.63 -71.06 60.82
CA GLN H 937 -31.86 -72.19 61.71
C GLN H 937 -30.89 -72.17 62.89
N ILE H 938 -29.64 -71.76 62.65
CA ILE H 938 -28.64 -71.73 63.70
C ILE H 938 -28.43 -70.34 64.27
N SER H 939 -28.99 -69.31 63.64
CA SER H 939 -28.77 -67.97 64.17
C SER H 939 -30.06 -67.17 64.27
N GLU H 940 -29.94 -65.88 64.56
CA GLU H 940 -31.07 -64.95 64.65
C GLU H 940 -31.03 -64.05 63.43
N THR H 941 -32.03 -64.19 62.56
CA THR H 941 -32.17 -63.35 61.38
C THR H 941 -33.48 -62.58 61.47
N GLN H 942 -33.78 -61.84 60.41
CA GLN H 942 -35.01 -61.05 60.34
C GLN H 942 -35.98 -61.60 59.31
N TYR H 943 -35.88 -62.88 58.99
CA TYR H 943 -36.76 -63.50 58.02
C TYR H 943 -37.64 -64.52 58.72
N PRO H 944 -38.94 -64.51 58.47
CA PRO H 944 -39.86 -65.41 59.20
C PRO H 944 -39.88 -66.83 58.65
N VAL H 945 -38.92 -67.64 59.08
CA VAL H 945 -38.84 -69.04 58.69
C VAL H 945 -39.21 -69.90 59.88
N ASP H 946 -39.91 -71.00 59.63
CA ASP H 946 -40.26 -71.92 60.69
C ASP H 946 -39.04 -72.73 61.10
N ARG H 947 -39.08 -73.23 62.34
CA ARG H 947 -37.94 -73.92 62.93
C ARG H 947 -38.38 -75.25 63.48
N TYR H 948 -37.79 -76.33 62.97
CA TYR H 948 -38.12 -77.68 63.39
C TYR H 948 -37.02 -78.33 64.21
N LEU H 949 -35.76 -78.07 63.88
CA LEU H 949 -34.64 -78.74 64.53
C LEU H 949 -34.11 -77.90 65.69
N ASP H 950 -35.01 -77.61 66.63
CA ASP H 950 -34.62 -76.94 67.86
C ASP H 950 -34.35 -77.92 68.99
N TRP H 951 -34.86 -79.15 68.89
CA TRP H 951 -34.60 -80.14 69.92
C TRP H 951 -33.20 -80.71 69.82
N ILE H 952 -32.45 -80.38 68.78
CA ILE H 952 -31.07 -80.81 68.63
C ILE H 952 -30.16 -79.76 69.27
N PRO H 953 -29.14 -80.15 70.02
CA PRO H 953 -28.26 -79.14 70.63
C PRO H 953 -27.49 -78.36 69.59
N SER H 954 -27.02 -77.18 69.99
CA SER H 954 -26.14 -76.40 69.13
C SER H 954 -25.51 -75.28 69.94
N LEU H 955 -24.32 -74.86 69.53
CA LEU H 955 -23.57 -73.83 70.20
C LEU H 955 -24.18 -72.46 69.94
N ARG H 956 -23.73 -71.48 70.71
CA ARG H 956 -24.12 -70.09 70.50
C ARG H 956 -23.24 -69.54 69.38
N ALA H 957 -23.78 -69.49 68.18
CA ALA H 957 -22.99 -69.19 67.00
C ALA H 957 -22.50 -67.75 67.03
N SER H 958 -21.42 -67.49 66.28
CA SER H 958 -20.88 -66.15 66.13
C SER H 958 -20.60 -65.85 64.67
N ALA H 959 -19.93 -64.74 64.40
CA ALA H 959 -19.62 -64.37 63.01
C ALA H 959 -18.78 -65.44 62.34
N ALA H 960 -17.80 -66.00 63.04
CA ALA H 960 -16.96 -67.02 62.43
C ALA H 960 -17.75 -68.27 62.12
N THR H 961 -18.62 -68.71 63.03
CA THR H 961 -19.41 -69.90 62.77
C THR H 961 -20.35 -69.70 61.60
N ALA H 962 -21.01 -68.54 61.55
CA ALA H 962 -21.92 -68.25 60.44
C ALA H 962 -21.17 -68.24 59.11
N ALA H 963 -20.00 -67.58 59.08
CA ALA H 963 -19.23 -67.51 57.84
C ALA H 963 -18.79 -68.91 57.39
N THR H 964 -18.34 -69.73 58.34
CA THR H 964 -17.93 -71.09 58.00
C THR H 964 -19.08 -71.88 57.42
N PHE H 965 -20.22 -71.89 58.11
CA PHE H 965 -21.39 -72.63 57.64
C PHE H 965 -21.82 -72.16 56.25
N ALA H 966 -21.78 -70.85 56.01
CA ALA H 966 -22.13 -70.35 54.69
C ALA H 966 -21.14 -70.83 53.63
N GLU H 967 -19.86 -70.90 53.97
CA GLU H 967 -18.88 -71.41 53.02
C GLU H 967 -19.14 -72.85 52.67
N TRP H 968 -19.52 -73.67 53.66
CA TRP H 968 -19.84 -75.06 53.37
C TRP H 968 -21.05 -75.18 52.47
N VAL H 969 -22.09 -74.37 52.74
CA VAL H 969 -23.27 -74.38 51.87
C VAL H 969 -22.88 -74.01 50.44
N ASN H 970 -22.02 -73.00 50.30
CA ASN H 970 -21.60 -72.56 48.96
C ASN H 970 -20.85 -73.67 48.24
N THR H 971 -19.92 -74.32 48.92
CA THR H 971 -19.16 -75.38 48.28
C THR H 971 -20.07 -76.54 47.86
N SER H 972 -21.06 -76.86 48.70
CA SER H 972 -21.97 -77.94 48.33
C SER H 972 -22.79 -77.58 47.10
N MET H 973 -23.30 -76.36 47.05
CA MET H 973 -24.12 -75.95 45.91
C MET H 973 -23.29 -75.67 44.66
N LYS H 974 -21.97 -75.59 44.78
CA LYS H 974 -21.12 -75.60 43.58
C LYS H 974 -20.90 -77.03 43.11
N THR H 975 -20.50 -77.91 44.04
CA THR H 975 -20.22 -79.31 43.69
C THR H 975 -21.41 -79.95 43.00
N ALA H 976 -22.60 -79.82 43.59
CA ALA H 976 -23.80 -80.04 42.80
C ALA H 976 -23.97 -78.85 41.87
N PHE H 977 -24.47 -79.12 40.67
CA PHE H 977 -24.67 -78.18 39.57
C PHE H 977 -23.37 -77.87 38.83
N ASP H 978 -22.19 -78.30 39.32
CA ASP H 978 -20.97 -78.32 38.51
C ASP H 978 -20.56 -76.91 38.10
N LEU H 979 -20.29 -76.08 39.09
CA LEU H 979 -19.86 -74.71 38.86
C LEU H 979 -18.43 -74.53 39.37
N SER H 980 -17.76 -73.50 38.86
CA SER H 980 -16.38 -73.25 39.24
C SER H 980 -16.02 -71.78 39.39
N ASP H 981 -16.96 -70.85 39.24
CA ASP H 981 -16.63 -69.43 39.35
C ASP H 981 -17.66 -68.68 40.18
N MET H 982 -17.33 -68.49 41.46
CA MET H 982 -17.90 -67.44 42.31
C MET H 982 -19.44 -67.46 42.34
N LEU H 983 -19.99 -68.50 42.96
CA LEU H 983 -21.43 -68.53 43.17
C LEU H 983 -21.87 -67.52 44.22
N LEU H 984 -21.21 -67.49 45.38
CA LEU H 984 -21.76 -66.80 46.55
C LEU H 984 -20.72 -65.97 47.30
N GLU H 985 -19.57 -65.75 46.68
CA GLU H 985 -18.52 -64.94 47.29
C GLU H 985 -18.89 -63.47 47.54
N PRO H 986 -19.67 -62.79 46.67
CA PRO H 986 -20.02 -61.39 46.96
C PRO H 986 -20.73 -61.18 48.29
N LEU H 987 -21.51 -62.16 48.74
CA LEU H 987 -22.24 -62.02 49.99
C LEU H 987 -21.48 -62.56 51.20
N LEU H 988 -20.37 -63.28 50.99
CA LEU H 988 -19.69 -63.92 52.10
C LEU H 988 -18.67 -63.03 52.80
N SER H 989 -18.28 -61.92 52.18
CA SER H 989 -17.36 -60.99 52.83
C SER H 989 -18.07 -60.01 53.75
N GLY H 990 -19.32 -60.30 54.12
CA GLY H 990 -20.02 -59.54 55.14
C GLY H 990 -20.47 -60.45 56.25
N ASP H 991 -21.46 -60.02 57.04
CA ASP H 991 -22.00 -60.85 58.09
C ASP H 991 -23.23 -61.58 57.56
N PRO H 992 -23.15 -62.89 57.30
CA PRO H 992 -24.27 -63.58 56.65
C PRO H 992 -25.53 -63.67 57.48
N ARG H 993 -25.50 -63.24 58.74
CA ARG H 993 -26.68 -63.36 59.60
C ARG H 993 -27.76 -62.34 59.25
N MET H 994 -27.44 -61.27 58.54
CA MET H 994 -28.40 -60.23 58.25
C MET H 994 -28.29 -59.80 56.79
N THR H 995 -28.18 -60.76 55.89
CA THR H 995 -27.96 -60.44 54.48
C THR H 995 -29.25 -59.93 53.87
N GLN H 996 -29.23 -58.70 53.39
CA GLN H 996 -30.28 -58.13 52.56
C GLN H 996 -29.66 -57.79 51.21
N LEU H 997 -30.43 -57.12 50.35
CA LEU H 997 -29.95 -56.85 49.00
C LEU H 997 -30.76 -55.73 48.40
N ALA H 998 -30.10 -54.64 48.01
CA ALA H 998 -30.78 -53.48 47.46
C ALA H 998 -29.75 -52.58 46.81
N ILE H 999 -30.24 -51.52 46.17
CA ILE H 999 -29.39 -50.57 45.47
C ILE H 999 -30.10 -49.23 45.43
N GLN H 1000 -29.33 -48.15 45.29
CA GLN H 1000 -29.90 -46.82 45.24
C GLN H 1000 -28.88 -45.85 44.68
N TYR H 1001 -29.38 -44.72 44.16
CA TYR H 1001 -28.54 -43.57 43.88
C TYR H 1001 -29.18 -42.33 44.49
N GLN H 1002 -28.43 -41.24 44.48
CA GLN H 1002 -28.81 -40.03 45.19
C GLN H 1002 -28.52 -38.83 44.31
N GLN H 1003 -29.54 -38.02 44.05
CA GLN H 1003 -29.34 -36.81 43.27
C GLN H 1003 -28.53 -35.80 44.08
N TYR H 1004 -28.27 -34.64 43.47
CA TYR H 1004 -27.47 -33.64 44.16
C TYR H 1004 -28.21 -33.05 45.35
N ASN H 1005 -29.50 -32.79 45.19
CA ASN H 1005 -30.25 -32.11 46.24
C ASN H 1005 -30.68 -33.02 47.38
N GLY H 1006 -30.08 -34.21 47.49
CA GLY H 1006 -30.36 -35.12 48.57
C GLY H 1006 -31.45 -36.12 48.32
N ARG H 1007 -32.20 -35.97 47.23
CA ARG H 1007 -33.27 -36.91 46.93
C ARG H 1007 -32.68 -38.28 46.60
N THR H 1008 -33.40 -39.33 46.99
CA THR H 1008 -32.88 -40.69 46.92
C THR H 1008 -33.88 -41.61 46.24
N PHE H 1009 -33.37 -42.50 45.39
CA PHE H 1009 -34.15 -43.53 44.73
C PHE H 1009 -33.53 -44.87 45.04
N ASN H 1010 -34.34 -45.83 45.45
CA ASN H 1010 -33.84 -47.16 45.76
C ASN H 1010 -34.63 -48.21 44.98
N VAL H 1011 -34.04 -49.39 44.84
CA VAL H 1011 -34.66 -50.52 44.17
C VAL H 1011 -34.48 -51.73 45.07
N ILE H 1012 -35.48 -52.02 45.89
CA ILE H 1012 -35.42 -53.16 46.79
C ILE H 1012 -36.14 -54.33 46.11
N PRO H 1013 -35.41 -55.21 45.42
CA PRO H 1013 -36.07 -56.21 44.58
C PRO H 1013 -36.82 -57.23 45.41
N GLU H 1014 -37.89 -57.77 44.82
CA GLU H 1014 -38.66 -58.80 45.49
C GLU H 1014 -37.81 -60.06 45.64
N MET H 1015 -38.12 -60.84 46.67
CA MET H 1015 -37.36 -62.05 46.92
C MET H 1015 -38.15 -63.27 46.46
N PRO H 1016 -37.93 -63.73 45.24
CA PRO H 1016 -38.68 -64.89 44.74
C PRO H 1016 -38.28 -66.15 45.49
N GLY H 1017 -39.21 -67.11 45.52
CA GLY H 1017 -38.97 -68.33 46.25
C GLY H 1017 -37.84 -69.16 45.71
N SER H 1018 -37.50 -70.26 46.40
CA SER H 1018 -36.47 -71.18 45.93
C SER H 1018 -36.93 -72.59 46.25
N VAL H 1019 -37.12 -73.41 45.21
CA VAL H 1019 -37.60 -74.76 45.41
C VAL H 1019 -36.60 -75.57 46.22
N ILE H 1020 -35.31 -75.24 46.16
CA ILE H 1020 -34.34 -75.96 46.96
C ILE H 1020 -34.56 -75.70 48.44
N ALA H 1021 -34.80 -74.44 48.82
CA ALA H 1021 -35.05 -74.16 50.22
C ALA H 1021 -36.39 -74.74 50.66
N ASP H 1022 -37.38 -74.73 49.77
CA ASP H 1022 -38.65 -75.39 50.10
C ASP H 1022 -38.44 -76.87 50.37
N CYS H 1023 -37.66 -77.54 49.52
CA CYS H 1023 -37.41 -78.96 49.72
C CYS H 1023 -36.59 -79.21 50.97
N VAL H 1024 -35.66 -78.31 51.30
CA VAL H 1024 -34.89 -78.46 52.52
C VAL H 1024 -35.78 -78.36 53.74
N GLN H 1025 -36.71 -77.39 53.75
CA GLN H 1025 -37.63 -77.26 54.87
C GLN H 1025 -38.55 -78.47 54.95
N LEU H 1026 -38.99 -78.99 53.81
CA LEU H 1026 -39.82 -80.20 53.84
C LEU H 1026 -39.04 -81.38 54.40
N THR H 1027 -37.78 -81.52 54.00
CA THR H 1027 -36.98 -82.63 54.51
C THR H 1027 -36.74 -82.49 56.01
N ALA H 1028 -36.57 -81.26 56.50
CA ALA H 1028 -36.44 -81.07 57.94
C ALA H 1028 -37.74 -81.44 58.66
N GLU H 1029 -38.87 -81.03 58.10
CA GLU H 1029 -40.16 -81.37 58.70
C GLU H 1029 -40.39 -82.87 58.72
N VAL H 1030 -39.85 -83.59 57.74
CA VAL H 1030 -39.98 -85.04 57.75
C VAL H 1030 -38.99 -85.66 58.72
N PHE H 1031 -37.80 -85.07 58.84
CA PHE H 1031 -36.82 -85.55 59.81
C PHE H 1031 -37.38 -85.47 61.22
N ASN H 1032 -38.17 -84.44 61.50
CA ASN H 1032 -38.78 -84.27 62.82
C ASN H 1032 -39.54 -85.51 63.28
N HIS H 1033 -40.11 -86.27 62.34
CA HIS H 1033 -40.83 -87.49 62.66
C HIS H 1033 -40.07 -88.76 62.37
N GLU H 1034 -39.17 -88.75 61.38
CA GLU H 1034 -38.47 -89.94 60.95
C GLU H 1034 -36.98 -89.87 61.25
N TYR H 1035 -36.61 -89.22 62.36
CA TYR H 1035 -35.20 -89.04 62.67
C TYR H 1035 -34.47 -90.36 62.88
N ASN H 1036 -35.18 -91.41 63.31
CA ASN H 1036 -34.53 -92.69 63.58
C ASN H 1036 -33.94 -93.32 62.32
N LEU H 1037 -34.47 -92.99 61.15
CA LEU H 1037 -33.94 -93.56 59.92
C LEU H 1037 -32.56 -93.03 59.59
N PHE H 1038 -32.19 -91.86 60.13
CA PHE H 1038 -30.87 -91.29 59.91
C PHE H 1038 -29.90 -91.64 61.03
N GLY H 1039 -30.25 -92.59 61.89
CA GLY H 1039 -29.35 -92.97 62.97
C GLY H 1039 -29.29 -91.98 64.11
N ILE H 1040 -30.35 -91.21 64.32
CA ILE H 1040 -30.41 -90.24 65.40
C ILE H 1040 -31.45 -90.69 66.42
N ALA H 1041 -31.15 -90.45 67.68
CA ALA H 1041 -32.06 -90.72 68.78
C ALA H 1041 -32.59 -89.40 69.32
N ARG H 1042 -33.65 -89.48 70.11
CA ARG H 1042 -34.27 -88.30 70.67
C ARG H 1042 -34.53 -88.50 72.15
N GLY H 1043 -34.36 -87.43 72.92
CA GLY H 1043 -34.61 -87.47 74.34
C GLY H 1043 -33.33 -87.47 75.15
N ASP H 1044 -33.27 -88.31 76.17
CA ASP H 1044 -32.09 -88.43 77.00
C ASP H 1044 -32.04 -89.84 77.56
N ILE H 1045 -30.88 -90.23 78.09
CA ILE H 1045 -30.65 -91.60 78.51
C ILE H 1045 -30.60 -91.67 80.03
N ILE H 1046 -30.91 -92.85 80.56
CA ILE H 1046 -30.89 -93.12 81.99
C ILE H 1046 -29.88 -94.23 82.24
N ILE H 1047 -28.84 -93.92 83.00
CA ILE H 1047 -27.77 -94.87 83.30
C ILE H 1047 -28.08 -95.51 84.65
N GLY H 1048 -28.26 -96.82 84.67
CA GLY H 1048 -28.57 -97.51 85.89
C GLY H 1048 -28.62 -99.02 85.74
N ARG H 1049 -28.22 -99.74 86.77
CA ARG H 1049 -28.17 -101.19 86.69
C ARG H 1049 -29.58 -101.77 86.68
N VAL H 1050 -29.83 -102.67 85.72
CA VAL H 1050 -31.11 -103.36 85.61
C VAL H 1050 -30.87 -104.81 85.24
N GLN H 1051 -30.96 -105.71 86.22
CA GLN H 1051 -30.74 -107.13 85.98
C GLN H 1051 -32.05 -107.88 86.07
N SER H 1052 -32.35 -108.66 85.03
CA SER H 1052 -33.53 -109.51 84.98
C SER H 1052 -33.48 -110.30 83.69
N THR H 1053 -34.41 -111.25 83.55
CA THR H 1053 -34.57 -112.02 82.32
C THR H 1053 -35.88 -111.56 81.68
N HIS H 1054 -35.81 -110.47 80.92
CA HIS H 1054 -36.95 -109.93 80.22
C HIS H 1054 -36.49 -109.39 78.89
N LEU H 1055 -37.17 -109.78 77.82
CA LEU H 1055 -36.72 -109.47 76.47
C LEU H 1055 -37.40 -108.22 75.93
N TRP H 1056 -37.23 -107.12 76.66
CA TRP H 1056 -37.74 -105.83 76.23
C TRP H 1056 -36.61 -104.99 75.67
N SER H 1057 -36.84 -104.37 74.52
CA SER H 1057 -35.77 -103.62 73.88
C SER H 1057 -35.48 -102.35 74.65
N PRO H 1058 -34.20 -102.01 74.85
CA PRO H 1058 -33.87 -100.78 75.57
C PRO H 1058 -34.18 -99.51 74.78
N LEU H 1059 -34.46 -99.62 73.50
CA LEU H 1059 -34.92 -98.48 72.72
C LEU H 1059 -36.41 -98.25 72.86
N ALA H 1060 -37.10 -99.09 73.64
CA ALA H 1060 -38.52 -98.91 73.93
C ALA H 1060 -38.79 -99.45 75.32
N PRO H 1061 -38.25 -98.80 76.34
CA PRO H 1061 -38.22 -99.38 77.68
C PRO H 1061 -39.59 -99.33 78.32
N PRO H 1062 -39.81 -100.13 79.37
CA PRO H 1062 -41.07 -100.04 80.09
C PRO H 1062 -41.18 -98.70 80.79
N PRO H 1063 -42.40 -98.19 80.96
CA PRO H 1063 -42.57 -96.84 81.51
C PRO H 1063 -42.18 -96.71 82.96
N ASP H 1064 -41.98 -97.80 83.68
CA ASP H 1064 -41.68 -97.70 85.11
C ASP H 1064 -40.24 -97.27 85.33
N LEU H 1065 -39.31 -97.74 84.50
CA LEU H 1065 -37.89 -97.49 84.74
C LEU H 1065 -37.54 -96.02 84.59
N VAL H 1066 -38.20 -95.30 83.69
CA VAL H 1066 -37.83 -93.91 83.43
C VAL H 1066 -38.43 -93.01 84.50
N PHE H 1067 -37.74 -91.91 84.79
CA PHE H 1067 -38.22 -90.93 85.73
C PHE H 1067 -37.95 -89.54 85.18
N ASP H 1068 -38.77 -88.57 85.60
CA ASP H 1068 -38.77 -87.22 85.08
C ASP H 1068 -38.42 -86.25 86.21
N ARG H 1069 -38.22 -84.97 85.84
CA ARG H 1069 -38.05 -83.93 86.85
C ARG H 1069 -39.24 -83.88 87.81
N ASP H 1070 -40.43 -84.18 87.32
CA ASP H 1070 -41.64 -84.13 88.14
C ASP H 1070 -41.80 -85.35 89.04
N THR H 1071 -40.92 -86.34 88.94
CA THR H 1071 -41.03 -87.51 89.79
C THR H 1071 -40.70 -87.13 91.23
N PRO H 1072 -41.45 -87.65 92.20
CA PRO H 1072 -41.12 -87.36 93.60
C PRO H 1072 -39.79 -87.97 94.00
N GLY H 1073 -39.06 -87.26 94.85
CA GLY H 1073 -37.80 -87.77 95.35
C GLY H 1073 -36.68 -87.80 94.33
N VAL H 1074 -36.63 -86.81 93.44
CA VAL H 1074 -35.56 -86.71 92.45
C VAL H 1074 -34.72 -85.49 92.79
N HIS H 1075 -33.42 -85.60 92.54
CA HIS H 1075 -32.47 -84.54 92.85
C HIS H 1075 -31.92 -83.96 91.55
N ILE H 1076 -32.13 -82.67 91.35
CA ILE H 1076 -31.74 -81.99 90.11
C ILE H 1076 -30.46 -81.21 90.37
N PHE H 1077 -29.41 -81.53 89.62
CA PHE H 1077 -28.10 -80.93 89.84
C PHE H 1077 -27.79 -79.97 88.70
N GLY H 1078 -27.53 -78.72 89.06
CA GLY H 1078 -27.35 -77.66 88.08
C GLY H 1078 -25.94 -77.09 88.02
N ARG H 1079 -25.75 -75.93 88.66
CA ARG H 1079 -24.56 -75.12 88.46
C ARG H 1079 -23.51 -75.31 89.54
N ASP H 1080 -23.86 -75.04 90.80
CA ASP H 1080 -22.87 -74.99 91.87
C ASP H 1080 -22.81 -76.32 92.62
N CYS H 1081 -22.43 -77.37 91.89
CA CYS H 1081 -22.28 -78.68 92.49
C CYS H 1081 -20.91 -78.81 93.13
N ARG H 1082 -20.87 -79.39 94.33
CA ARG H 1082 -19.65 -79.68 95.04
C ARG H 1082 -19.71 -81.10 95.56
N ILE H 1083 -18.55 -81.70 95.74
CA ILE H 1083 -18.45 -83.04 96.32
C ILE H 1083 -17.61 -82.93 97.59
N SER H 1084 -18.12 -83.50 98.67
CA SER H 1084 -17.46 -83.46 99.97
C SER H 1084 -17.19 -84.88 100.42
N PHE H 1085 -15.92 -85.21 100.62
CA PHE H 1085 -15.55 -86.57 100.97
C PHE H 1085 -16.16 -86.98 102.30
N GLY H 1086 -16.41 -88.27 102.45
CA GLY H 1086 -16.85 -88.82 103.71
C GLY H 1086 -15.66 -89.16 104.59
N MET H 1087 -15.87 -89.01 105.90
CA MET H 1087 -14.79 -89.18 106.85
C MET H 1087 -15.23 -90.11 107.96
N ASN H 1088 -14.36 -91.05 108.32
CA ASN H 1088 -14.57 -91.96 109.43
C ASN H 1088 -15.74 -92.90 109.19
N GLY H 1089 -16.03 -93.21 107.93
CA GLY H 1089 -17.08 -94.14 107.58
C GLY H 1089 -18.31 -93.52 106.98
N ALA H 1090 -18.55 -92.23 107.22
CA ALA H 1090 -19.69 -91.56 106.65
C ALA H 1090 -19.61 -91.55 105.13
N ALA H 1091 -20.73 -91.29 104.50
CA ALA H 1091 -20.67 -91.38 103.04
C ALA H 1091 -20.39 -90.02 102.43
N PRO H 1092 -19.79 -90.00 101.24
CA PRO H 1092 -19.57 -88.74 100.55
C PRO H 1092 -20.89 -88.08 100.20
N MET H 1093 -20.82 -86.82 99.77
CA MET H 1093 -22.02 -86.06 99.47
C MET H 1093 -21.75 -85.10 98.34
N ILE H 1094 -22.72 -84.97 97.44
CA ILE H 1094 -22.68 -84.00 96.37
C ILE H 1094 -23.74 -82.94 96.64
N ARG H 1095 -23.46 -81.71 96.23
CA ARG H 1095 -24.35 -80.60 96.55
C ARG H 1095 -25.45 -80.51 95.50
N ASP H 1096 -26.69 -80.64 95.96
CA ASP H 1096 -27.86 -80.44 95.13
C ASP H 1096 -27.89 -79.00 94.60
N GLU H 1097 -28.71 -78.78 93.58
CA GLU H 1097 -28.88 -77.43 93.05
C GLU H 1097 -29.68 -76.54 93.99
N THR H 1098 -30.52 -77.12 94.84
CA THR H 1098 -31.29 -76.32 95.78
C THR H 1098 -30.50 -75.94 97.02
N GLY H 1099 -29.31 -76.49 97.20
CA GLY H 1099 -28.47 -76.20 98.35
C GLY H 1099 -28.15 -77.43 99.20
N MET H 1100 -29.04 -78.40 99.22
CA MET H 1100 -28.83 -79.59 100.02
C MET H 1100 -27.64 -80.39 99.50
N MET H 1101 -27.22 -81.38 100.29
CA MET H 1101 -26.15 -82.29 99.92
C MET H 1101 -26.62 -83.71 100.18
N VAL H 1102 -26.57 -84.56 99.17
CA VAL H 1102 -27.18 -85.89 99.23
C VAL H 1102 -26.12 -86.96 98.98
N PRO H 1103 -26.28 -88.16 99.55
CA PRO H 1103 -25.31 -89.23 99.32
C PRO H 1103 -25.36 -89.75 97.90
N PHE H 1104 -24.54 -90.75 97.59
CA PHE H 1104 -24.47 -91.30 96.24
C PHE H 1104 -25.50 -92.41 96.12
N GLU H 1105 -26.74 -92.00 95.88
CA GLU H 1105 -27.85 -92.95 95.87
C GLU H 1105 -29.10 -92.24 95.39
N GLY H 1106 -29.97 -92.99 94.73
CA GLY H 1106 -31.24 -92.47 94.29
C GLY H 1106 -31.28 -92.14 92.81
N ASN H 1107 -32.22 -91.28 92.45
CA ASN H 1107 -32.43 -90.84 91.09
C ASN H 1107 -31.92 -89.42 90.93
N TRP H 1108 -31.00 -89.22 89.99
CA TRP H 1108 -30.41 -87.90 89.77
C TRP H 1108 -30.73 -87.44 88.35
N ILE H 1109 -30.37 -86.19 88.07
CA ILE H 1109 -30.57 -85.59 86.75
C ILE H 1109 -29.39 -84.68 86.46
N PHE H 1110 -28.52 -85.10 85.52
CA PHE H 1110 -27.37 -84.30 85.16
C PHE H 1110 -27.60 -83.59 83.82
N PRO H 1111 -27.06 -82.38 83.67
CA PRO H 1111 -26.79 -81.87 82.32
C PRO H 1111 -25.51 -82.47 81.76
N LEU H 1112 -25.59 -82.85 80.48
CA LEU H 1112 -24.43 -83.41 79.81
C LEU H 1112 -23.25 -82.45 79.82
N ALA H 1113 -23.52 -81.15 79.79
CA ALA H 1113 -22.43 -80.19 79.91
C ALA H 1113 -21.73 -80.30 81.24
N LEU H 1114 -22.49 -80.54 82.32
CA LEU H 1114 -21.88 -80.74 83.62
C LEU H 1114 -20.99 -81.97 83.64
N TRP H 1115 -21.53 -83.09 83.14
CA TRP H 1115 -20.72 -84.31 83.10
C TRP H 1115 -19.46 -84.11 82.26
N GLN H 1116 -19.58 -83.43 81.12
CA GLN H 1116 -18.41 -83.20 80.28
C GLN H 1116 -17.38 -82.36 81.01
N MET H 1117 -17.81 -81.23 81.58
CA MET H 1117 -16.88 -80.33 82.24
C MET H 1117 -16.27 -80.93 83.50
N ASN H 1118 -16.82 -82.03 84.02
CA ASN H 1118 -16.19 -82.70 85.17
C ASN H 1118 -16.11 -84.20 84.94
N THR H 1119 -15.67 -84.61 83.75
CA THR H 1119 -15.72 -86.02 83.37
C THR H 1119 -14.85 -86.90 84.26
N ARG H 1120 -13.58 -86.54 84.46
CA ARG H 1120 -12.70 -87.46 85.16
C ARG H 1120 -13.00 -87.50 86.65
N TYR H 1121 -13.20 -86.33 87.26
CA TYR H 1121 -13.49 -86.29 88.69
C TYR H 1121 -14.80 -86.96 89.04
N PHE H 1122 -15.72 -87.10 88.07
CA PHE H 1122 -16.98 -87.79 88.32
C PHE H 1122 -16.88 -89.30 88.09
N ASN H 1123 -16.06 -89.74 87.14
CA ASN H 1123 -15.94 -91.17 86.89
C ASN H 1123 -15.45 -91.91 88.12
N GLN H 1124 -14.34 -91.43 88.71
CA GLN H 1124 -13.79 -92.10 89.87
C GLN H 1124 -14.74 -92.06 91.06
N GLN H 1125 -15.53 -90.99 91.20
CA GLN H 1125 -16.40 -90.86 92.35
C GLN H 1125 -17.68 -91.68 92.20
N PHE H 1126 -18.17 -91.85 90.97
CA PHE H 1126 -19.51 -92.38 90.76
C PHE H 1126 -19.54 -93.78 90.17
N ASP H 1127 -18.58 -94.16 89.32
CA ASP H 1127 -18.69 -95.40 88.58
C ASP H 1127 -18.74 -96.62 89.50
N ALA H 1128 -18.06 -96.57 90.64
CA ALA H 1128 -18.13 -97.69 91.57
C ALA H 1128 -19.51 -97.83 92.19
N TRP H 1129 -20.32 -96.79 92.17
CA TRP H 1129 -21.65 -96.82 92.75
C TRP H 1129 -22.75 -97.11 91.74
N ILE H 1130 -22.53 -96.77 90.46
CA ILE H 1130 -23.51 -97.14 89.44
C ILE H 1130 -23.45 -98.63 89.16
N LYS H 1131 -22.25 -99.21 89.22
CA LYS H 1131 -22.06 -100.60 88.81
C LYS H 1131 -22.68 -101.57 89.81
N THR H 1132 -22.64 -101.25 91.10
CA THR H 1132 -23.14 -102.18 92.10
C THR H 1132 -24.13 -101.50 93.04
N GLY H 1133 -23.97 -100.20 93.27
CA GLY H 1133 -24.81 -99.49 94.20
C GLY H 1133 -26.21 -99.24 93.69
N GLU H 1134 -26.84 -98.17 94.17
CA GLU H 1134 -28.22 -97.83 93.84
C GLU H 1134 -28.32 -96.48 93.15
N LEU H 1135 -27.30 -96.10 92.40
CA LEU H 1135 -27.25 -94.79 91.77
C LEU H 1135 -27.72 -94.89 90.32
N ARG H 1136 -28.67 -94.05 89.96
CA ARG H 1136 -29.20 -93.98 88.61
C ARG H 1136 -29.22 -92.52 88.18
N ILE H 1137 -28.50 -92.20 87.11
CA ILE H 1137 -28.40 -90.83 86.62
C ILE H 1137 -29.09 -90.74 85.27
N ARG H 1138 -29.76 -89.62 85.02
CA ARG H 1138 -30.43 -89.34 83.75
C ARG H 1138 -29.69 -88.22 83.04
N ILE H 1139 -28.67 -88.59 82.27
CA ILE H 1139 -27.98 -87.60 81.45
C ILE H 1139 -28.97 -87.04 80.45
N GLU H 1140 -28.81 -85.76 80.10
CA GLU H 1140 -29.75 -85.05 79.24
C GLU H 1140 -29.04 -84.57 77.98
N MET H 1141 -29.20 -85.32 76.89
CA MET H 1141 -28.64 -84.89 75.62
C MET H 1141 -29.62 -84.06 74.80
N GLY H 1142 -30.82 -84.59 74.58
CA GLY H 1142 -31.76 -83.97 73.67
C GLY H 1142 -31.72 -84.63 72.30
N ALA H 1143 -30.53 -85.00 71.87
CA ALA H 1143 -30.33 -85.73 70.62
C ALA H 1143 -28.96 -86.39 70.68
N TYR H 1144 -28.86 -87.56 70.05
CA TYR H 1144 -27.59 -88.28 70.11
C TYR H 1144 -27.58 -89.44 69.14
N PRO H 1145 -26.44 -89.75 68.52
CA PRO H 1145 -26.36 -90.93 67.67
C PRO H 1145 -26.15 -92.18 68.51
N TYR H 1146 -26.78 -93.27 68.07
CA TYR H 1146 -26.71 -94.53 68.79
C TYR H 1146 -26.03 -95.59 67.94
N MET H 1147 -25.65 -96.69 68.60
CA MET H 1147 -25.02 -97.83 67.94
C MET H 1147 -25.47 -99.08 68.68
N LEU H 1148 -25.94 -100.08 67.95
CA LEU H 1148 -26.65 -101.21 68.53
C LEU H 1148 -25.78 -102.45 68.57
N HIS H 1149 -25.91 -103.22 69.64
CA HIS H 1149 -25.17 -104.46 69.87
C HIS H 1149 -26.17 -105.54 70.25
N TYR H 1150 -26.25 -106.59 69.43
CA TYR H 1150 -27.20 -107.67 69.68
C TYR H 1150 -26.53 -108.81 70.44
N TYR H 1151 -27.33 -109.52 71.22
CA TYR H 1151 -26.84 -110.68 71.97
C TYR H 1151 -27.86 -111.80 71.87
N ASP H 1152 -27.44 -112.98 72.35
CA ASP H 1152 -28.28 -114.16 72.32
C ASP H 1152 -28.97 -114.32 73.68
N PRO H 1153 -30.29 -114.35 73.74
CA PRO H 1153 -30.97 -114.37 75.04
C PRO H 1153 -30.86 -115.67 75.80
N ARG H 1154 -30.17 -116.68 75.27
CA ARG H 1154 -30.00 -117.95 75.96
C ARG H 1154 -28.71 -118.02 76.77
N GLN H 1155 -27.97 -116.91 76.87
CA GLN H 1155 -26.69 -116.91 77.54
C GLN H 1155 -26.51 -115.60 78.31
N TYR H 1156 -25.65 -115.66 79.32
CA TYR H 1156 -25.35 -114.49 80.13
C TYR H 1156 -24.80 -113.35 79.28
N ALA H 1157 -25.22 -112.13 79.61
CA ALA H 1157 -24.75 -110.95 78.90
C ALA H 1157 -24.68 -109.78 79.88
N ASN H 1158 -23.60 -109.01 79.80
CA ASN H 1158 -23.36 -107.90 80.71
C ASN H 1158 -22.81 -106.72 79.92
N ALA H 1159 -23.33 -105.54 80.20
CA ALA H 1159 -23.05 -104.35 79.39
C ALA H 1159 -22.12 -103.36 80.08
N TRP H 1160 -21.42 -103.77 81.14
CA TRP H 1160 -20.53 -102.84 81.80
C TRP H 1160 -19.33 -102.49 80.92
N ASN H 1161 -18.81 -103.46 80.18
CA ASN H 1161 -17.65 -103.18 79.34
C ASN H 1161 -17.95 -102.16 78.25
N LEU H 1162 -19.22 -102.02 77.87
CA LEU H 1162 -19.63 -101.01 76.89
C LEU H 1162 -19.99 -99.70 77.57
N THR H 1163 -20.75 -99.76 78.66
CA THR H 1163 -21.18 -98.54 79.33
C THR H 1163 -20.00 -97.80 79.94
N SER H 1164 -19.07 -98.53 80.56
CA SER H 1164 -17.89 -97.88 81.11
C SER H 1164 -17.02 -97.30 80.02
N ALA H 1165 -16.88 -98.03 78.91
CA ALA H 1165 -16.12 -97.49 77.79
C ALA H 1165 -16.74 -96.22 77.25
N TRP H 1166 -18.07 -96.11 77.29
CA TRP H 1166 -18.72 -94.87 76.86
C TRP H 1166 -18.48 -93.76 77.88
N LEU H 1167 -18.76 -94.02 79.15
CA LEU H 1167 -18.62 -93.00 80.18
C LEU H 1167 -17.19 -92.53 80.35
N GLU H 1168 -16.21 -93.36 79.99
CA GLU H 1168 -14.81 -93.07 80.27
C GLU H 1168 -14.20 -92.09 79.30
N GLU H 1169 -14.80 -91.90 78.13
CA GLU H 1169 -14.24 -91.01 77.12
C GLU H 1169 -15.22 -89.92 76.73
N ILE H 1170 -16.00 -89.43 77.70
CA ILE H 1170 -16.83 -88.26 77.51
C ILE H 1170 -15.95 -87.04 77.77
N THR H 1171 -15.38 -86.52 76.72
CA THR H 1171 -14.49 -85.37 76.73
C THR H 1171 -15.30 -84.08 76.85
N PRO H 1172 -14.71 -83.01 77.38
CA PRO H 1172 -15.40 -81.71 77.35
C PRO H 1172 -15.75 -81.21 75.96
N THR H 1173 -15.28 -81.84 74.88
CA THR H 1173 -15.63 -81.42 73.54
C THR H 1173 -15.94 -82.61 72.63
N SER H 1174 -16.48 -83.69 73.20
CA SER H 1174 -16.83 -84.84 72.37
C SER H 1174 -17.57 -85.87 73.22
N ILE H 1175 -18.35 -86.70 72.53
CA ILE H 1175 -18.98 -87.88 73.11
C ILE H 1175 -19.03 -88.95 72.02
N PRO H 1176 -18.78 -90.22 72.34
CA PRO H 1176 -18.95 -91.27 71.34
C PRO H 1176 -20.41 -91.69 71.24
N SER H 1177 -20.68 -92.57 70.27
CA SER H 1177 -22.04 -93.05 70.09
C SER H 1177 -22.50 -93.83 71.31
N VAL H 1178 -23.80 -93.78 71.57
CA VAL H 1178 -24.37 -94.39 72.77
C VAL H 1178 -24.61 -95.87 72.51
N PRO H 1179 -23.91 -96.77 73.20
CA PRO H 1179 -24.04 -98.21 72.93
C PRO H 1179 -25.25 -98.79 73.65
N PHE H 1180 -26.15 -99.39 72.88
CA PHE H 1180 -27.28 -100.12 73.42
C PHE H 1180 -27.06 -101.61 73.21
N MET H 1181 -27.65 -102.43 74.07
CA MET H 1181 -27.47 -103.87 74.02
C MET H 1181 -28.85 -104.51 73.87
N VAL H 1182 -29.19 -104.86 72.63
CA VAL H 1182 -30.53 -105.33 72.29
C VAL H 1182 -30.56 -106.84 72.18
N PRO H 1183 -31.64 -107.51 72.55
CA PRO H 1183 -31.75 -108.95 72.34
C PRO H 1183 -32.10 -109.25 70.89
N ILE H 1184 -32.19 -110.55 70.58
CA ILE H 1184 -32.52 -111.01 69.24
C ILE H 1184 -33.84 -111.77 69.30
N SER H 1185 -34.73 -111.49 68.36
CA SER H 1185 -36.00 -112.18 68.30
C SER H 1185 -35.79 -113.65 68.00
N SER H 1186 -36.77 -114.47 68.38
CA SER H 1186 -36.68 -115.90 68.19
C SER H 1186 -37.97 -116.43 67.60
N ASP H 1187 -37.84 -117.27 66.57
CA ASP H 1187 -39.01 -117.86 65.94
C ASP H 1187 -39.72 -118.83 66.88
N HIS H 1188 -38.96 -119.57 67.68
CA HIS H 1188 -39.48 -120.65 68.48
C HIS H 1188 -39.18 -120.42 69.96
N ASP H 1189 -39.57 -121.37 70.79
CA ASP H 1189 -39.33 -121.26 72.23
C ASP H 1189 -37.83 -121.29 72.52
N ILE H 1190 -37.44 -120.59 73.58
CA ILE H 1190 -36.06 -120.59 74.05
C ILE H 1190 -36.09 -120.46 75.56
N SER H 1191 -35.03 -120.95 76.21
CA SER H 1191 -34.88 -120.73 77.64
C SER H 1191 -34.46 -119.28 77.87
N SER H 1192 -34.21 -118.95 79.14
CA SER H 1192 -33.91 -117.58 79.50
C SER H 1192 -32.72 -117.54 80.45
N ALA H 1193 -31.86 -116.55 80.24
CA ALA H 1193 -30.68 -116.32 81.05
C ALA H 1193 -30.65 -114.87 81.49
N PRO H 1194 -29.99 -114.57 82.60
CA PRO H 1194 -29.99 -113.19 83.10
C PRO H 1194 -29.17 -112.27 82.21
N ALA H 1195 -29.75 -111.12 81.90
CA ALA H 1195 -29.07 -110.05 81.19
C ALA H 1195 -29.01 -108.82 82.09
N VAL H 1196 -28.03 -107.96 81.85
CA VAL H 1196 -27.72 -106.85 82.74
C VAL H 1196 -27.63 -105.58 81.91
N GLN H 1197 -28.73 -104.83 81.83
CA GLN H 1197 -28.78 -103.59 81.09
C GLN H 1197 -28.30 -102.43 81.96
N TYR H 1198 -27.64 -101.47 81.34
CA TYR H 1198 -27.20 -100.28 82.04
C TYR H 1198 -27.71 -98.99 81.44
N ILE H 1199 -27.72 -98.87 80.11
CA ILE H 1199 -28.20 -97.68 79.42
C ILE H 1199 -29.51 -98.00 78.73
N ILE H 1200 -30.52 -97.15 78.95
CA ILE H 1200 -31.81 -97.28 78.29
C ILE H 1200 -32.30 -95.91 77.89
N SER H 1201 -32.97 -95.83 76.75
CA SER H 1201 -33.52 -94.56 76.30
C SER H 1201 -34.68 -94.14 77.21
N THR H 1202 -35.19 -92.94 76.96
CA THR H 1202 -36.23 -92.37 77.79
C THR H 1202 -37.58 -92.28 77.10
N GLU H 1203 -37.61 -92.42 75.78
CA GLU H 1203 -38.86 -92.43 75.03
C GLU H 1203 -38.74 -93.44 73.90
N TYR H 1204 -39.85 -93.70 73.22
CA TYR H 1204 -39.83 -94.71 72.16
C TYR H 1204 -38.88 -94.29 71.05
N ASN H 1205 -37.98 -95.19 70.70
CA ASN H 1205 -36.86 -94.84 69.84
C ASN H 1205 -36.58 -95.95 68.83
N ASP H 1206 -37.55 -96.83 68.61
CA ASP H 1206 -37.40 -98.06 67.84
C ASP H 1206 -38.26 -98.01 66.59
N ARG H 1207 -38.25 -96.87 65.91
CA ARG H 1207 -39.05 -96.69 64.71
C ARG H 1207 -38.35 -97.16 63.46
N SER H 1208 -37.04 -97.43 63.53
CA SER H 1208 -36.31 -97.91 62.37
C SER H 1208 -36.45 -99.41 62.17
N LEU H 1209 -36.89 -100.14 63.21
CA LEU H 1209 -37.09 -101.57 63.08
C LEU H 1209 -38.19 -101.85 62.06
N PHE H 1210 -37.89 -102.72 61.10
CA PHE H 1210 -38.81 -102.99 60.00
C PHE H 1210 -39.63 -104.26 60.23
N CYS H 1211 -38.95 -105.39 60.39
CA CYS H 1211 -39.65 -106.66 60.60
C CYS H 1211 -38.69 -107.65 61.25
N THR H 1212 -39.24 -108.51 62.09
CA THR H 1212 -38.45 -109.51 62.79
C THR H 1212 -38.98 -110.90 62.43
N ASN H 1213 -38.07 -111.80 62.07
CA ASN H 1213 -38.43 -113.13 61.61
C ASN H 1213 -39.32 -113.06 60.38
N SER H 1214 -38.77 -112.48 59.32
CA SER H 1214 -39.55 -112.22 58.12
C SER H 1214 -40.09 -113.51 57.52
N SER H 1215 -39.28 -114.57 57.53
CA SER H 1215 -39.63 -115.81 56.86
C SER H 1215 -40.28 -116.82 57.79
N SER H 1216 -40.63 -116.42 59.00
CA SER H 1216 -41.22 -117.32 59.98
C SER H 1216 -42.70 -117.05 60.16
N PRO H 1217 -43.44 -118.00 60.73
CA PRO H 1217 -44.88 -117.78 60.91
C PRO H 1217 -45.20 -116.75 61.97
N GLN H 1218 -44.49 -116.77 63.10
CA GLN H 1218 -44.72 -115.81 64.16
C GLN H 1218 -43.40 -115.52 64.85
N THR H 1219 -43.48 -114.83 65.98
CA THR H 1219 -42.32 -114.52 66.81
C THR H 1219 -42.68 -114.80 68.26
N ILE H 1220 -42.02 -115.78 68.87
CA ILE H 1220 -42.43 -116.24 70.19
C ILE H 1220 -41.75 -115.46 71.31
N ALA H 1221 -40.49 -115.06 71.13
CA ALA H 1221 -39.75 -114.40 72.18
C ALA H 1221 -39.00 -113.20 71.62
N GLY H 1222 -38.83 -112.18 72.45
CA GLY H 1222 -38.11 -111.00 72.07
C GLY H 1222 -39.00 -110.01 71.34
N PRO H 1223 -38.43 -108.86 70.96
CA PRO H 1223 -39.22 -107.84 70.26
C PRO H 1223 -39.62 -108.34 68.89
N ASP H 1224 -40.89 -108.15 68.53
CA ASP H 1224 -41.37 -108.50 67.22
C ASP H 1224 -42.20 -107.37 66.64
N LYS H 1225 -42.36 -107.40 65.31
CA LYS H 1225 -43.29 -106.50 64.65
C LYS H 1225 -43.50 -106.94 63.21
N HIS H 1226 -44.75 -107.07 62.80
CA HIS H 1226 -45.03 -107.42 61.42
C HIS H 1226 -44.63 -106.28 60.50
N ILE H 1227 -44.66 -106.56 59.21
CA ILE H 1227 -44.25 -105.53 58.23
C ILE H 1227 -45.22 -104.36 58.30
N PRO H 1228 -44.74 -103.13 58.41
CA PRO H 1228 -45.64 -102.01 58.70
C PRO H 1228 -46.60 -101.69 57.57
N VAL H 1229 -47.90 -101.90 57.79
CA VAL H 1229 -48.87 -101.58 56.77
C VAL H 1229 -48.97 -100.08 56.57
N GLU H 1230 -48.64 -99.28 57.59
CA GLU H 1230 -48.64 -97.83 57.44
C GLU H 1230 -47.68 -97.38 56.36
N ARG H 1231 -46.56 -98.10 56.20
CA ARG H 1231 -45.61 -97.82 55.13
C ARG H 1231 -46.08 -98.37 53.80
N TYR H 1232 -47.31 -98.88 53.70
CA TYR H 1232 -47.90 -99.31 52.43
C TYR H 1232 -49.38 -98.98 52.50
N ASN H 1233 -49.72 -97.77 52.07
CA ASN H 1233 -51.11 -97.30 52.15
C ASN H 1233 -51.89 -97.66 50.90
N ILE H 1234 -51.24 -97.60 49.74
CA ILE H 1234 -51.92 -97.84 48.47
C ILE H 1234 -52.39 -99.28 48.33
N LEU H 1235 -51.87 -100.19 49.16
CA LEU H 1235 -52.09 -101.61 48.99
C LEU H 1235 -52.95 -102.21 50.09
N THR H 1236 -52.59 -102.00 51.35
CA THR H 1236 -53.37 -102.53 52.45
C THR H 1236 -54.75 -101.89 52.53
N ASN H 1237 -54.90 -100.66 52.03
CA ASN H 1237 -56.17 -99.94 52.11
C ASN H 1237 -56.78 -99.85 50.71
N PRO H 1238 -57.79 -100.65 50.40
CA PRO H 1238 -58.38 -100.60 49.05
C PRO H 1238 -59.13 -99.32 48.75
N ASP H 1239 -59.36 -98.45 49.74
CA ASP H 1239 -60.16 -97.26 49.54
C ASP H 1239 -59.33 -96.01 49.22
N ALA H 1240 -58.05 -95.99 49.57
CA ALA H 1240 -57.24 -94.82 49.31
C ALA H 1240 -57.03 -94.65 47.81
N PRO H 1241 -57.13 -93.44 47.29
CA PRO H 1241 -56.80 -93.20 45.89
C PRO H 1241 -55.35 -93.49 45.63
N PRO H 1242 -54.97 -93.80 44.39
CA PRO H 1242 -53.58 -94.18 44.12
C PRO H 1242 -52.58 -93.09 44.43
N THR H 1243 -52.93 -91.83 44.21
CA THR H 1243 -52.00 -90.72 44.42
C THR H 1243 -52.27 -90.05 45.76
N GLN H 1244 -52.04 -90.79 46.85
CA GLN H 1244 -52.18 -90.25 48.18
C GLN H 1244 -50.92 -90.51 48.99
N ILE H 1245 -50.42 -89.48 49.68
CA ILE H 1245 -49.25 -89.59 50.52
C ILE H 1245 -49.53 -88.87 51.84
N GLN H 1246 -49.33 -89.58 52.95
CA GLN H 1246 -49.35 -88.95 54.27
C GLN H 1246 -47.90 -88.68 54.65
N LEU H 1247 -47.40 -87.53 54.16
CA LEU H 1247 -45.96 -87.35 54.07
C LEU H 1247 -45.31 -87.03 55.40
N PRO H 1248 -45.75 -86.03 56.16
CA PRO H 1248 -44.98 -85.64 57.36
C PRO H 1248 -44.91 -86.71 58.43
N GLU H 1249 -45.85 -87.65 58.47
CA GLU H 1249 -45.86 -88.63 59.55
C GLU H 1249 -45.13 -89.91 59.17
N VAL H 1250 -45.40 -90.44 57.98
CA VAL H 1250 -44.75 -91.66 57.49
C VAL H 1250 -44.31 -91.42 56.06
N VAL H 1251 -43.66 -92.43 55.47
CA VAL H 1251 -43.00 -92.27 54.19
C VAL H 1251 -43.62 -93.13 53.09
N ASP H 1252 -44.21 -94.27 53.42
CA ASP H 1252 -45.09 -95.08 52.60
C ASP H 1252 -44.38 -95.92 51.54
N LEU H 1253 -43.09 -95.71 51.25
CA LEU H 1253 -42.22 -96.72 50.65
C LEU H 1253 -42.66 -97.32 49.32
N TYR H 1254 -43.82 -96.92 48.79
CA TYR H 1254 -44.37 -97.51 47.58
C TYR H 1254 -45.56 -96.69 47.13
N ASN H 1255 -45.55 -96.20 45.90
CA ASN H 1255 -46.63 -95.33 45.44
C ASN H 1255 -46.49 -95.14 43.94
N VAL H 1256 -47.38 -94.31 43.38
CA VAL H 1256 -47.34 -93.98 41.97
C VAL H 1256 -46.27 -92.94 41.73
N VAL H 1257 -45.38 -93.21 40.78
CA VAL H 1257 -44.35 -92.28 40.36
C VAL H 1257 -44.48 -92.09 38.85
N THR H 1258 -44.38 -90.85 38.39
CA THR H 1258 -44.59 -90.52 36.99
C THR H 1258 -43.25 -90.37 36.29
N ARG H 1259 -43.15 -90.93 35.09
CA ARG H 1259 -41.93 -90.97 34.32
C ARG H 1259 -42.10 -90.14 33.06
N TYR H 1260 -41.07 -89.39 32.68
CA TYR H 1260 -41.14 -88.51 31.53
C TYR H 1260 -40.21 -89.00 30.43
N ALA H 1261 -40.46 -88.51 29.21
CA ALA H 1261 -39.66 -88.85 28.04
C ALA H 1261 -39.43 -87.62 27.19
N TYR H 1262 -39.24 -86.46 27.83
CA TYR H 1262 -39.10 -85.22 27.09
C TYR H 1262 -37.76 -85.18 26.36
N GLU H 1263 -37.71 -84.34 25.32
CA GLU H 1263 -36.48 -84.03 24.61
C GLU H 1263 -36.04 -82.61 24.97
N THR H 1264 -34.73 -82.43 25.12
CA THR H 1264 -34.15 -81.13 25.46
C THR H 1264 -33.09 -80.75 24.44
N PRO H 1265 -33.47 -80.57 23.19
CA PRO H 1265 -32.50 -80.28 22.14
C PRO H 1265 -31.98 -78.86 22.28
N PRO H 1266 -30.93 -78.52 21.56
CA PRO H 1266 -30.45 -77.13 21.57
C PRO H 1266 -31.40 -76.22 20.80
N ILE H 1267 -31.31 -74.93 21.11
CA ILE H 1267 -32.24 -73.97 20.55
C ILE H 1267 -32.06 -73.85 19.04
N THR H 1268 -30.82 -73.90 18.56
CA THR H 1268 -30.55 -73.75 17.14
C THR H 1268 -31.02 -74.94 16.33
N ALA H 1269 -31.26 -76.08 16.97
CA ALA H 1269 -31.78 -77.24 16.25
C ALA H 1269 -33.26 -77.13 15.95
N VAL H 1270 -33.94 -76.15 16.51
CA VAL H 1270 -35.38 -76.00 16.31
C VAL H 1270 -35.68 -74.64 15.70
N VAL H 1271 -34.84 -73.65 15.96
CA VAL H 1271 -35.10 -72.31 15.45
C VAL H 1271 -34.04 -71.95 14.42
N MET H 1272 -34.32 -72.25 13.14
CA MET H 1272 -33.38 -71.97 12.07
C MET H 1272 -33.66 -70.60 11.47
N GLY H 1273 -32.64 -69.75 11.45
CA GLY H 1273 -32.76 -68.47 10.76
C GLY H 1273 -32.61 -68.62 9.26
N VAL H 1274 -33.07 -67.60 8.56
CA VAL H 1274 -32.94 -67.52 7.11
C VAL H 1274 -31.72 -66.66 6.80
N PRO H 1275 -30.70 -67.19 6.11
CA PRO H 1275 -29.42 -66.50 5.94
C PRO H 1275 -29.54 -65.22 5.14
N SER I 213 8.31 -20.04 9.76
CA SER I 213 8.90 -18.77 10.13
C SER I 213 10.12 -18.97 11.02
N SER I 214 11.11 -19.72 10.51
CA SER I 214 12.25 -20.15 11.31
C SER I 214 13.06 -18.99 11.87
N GLU I 215 12.88 -17.77 11.36
CA GLU I 215 13.60 -16.62 11.90
C GLU I 215 13.28 -16.40 13.37
N ILE I 216 12.04 -16.71 13.78
CA ILE I 216 11.67 -16.50 15.17
C ILE I 216 12.14 -17.65 16.04
N GLN I 217 12.09 -18.88 15.54
CA GLN I 217 12.55 -20.00 16.35
C GLN I 217 14.05 -19.96 16.56
N ARG I 218 14.82 -19.44 15.59
CA ARG I 218 16.25 -19.29 15.81
C ARG I 218 16.52 -18.32 16.97
N HIS I 219 15.81 -17.20 16.99
CA HIS I 219 16.00 -16.23 18.07
C HIS I 219 15.54 -16.80 19.41
N ILE I 220 14.47 -17.59 19.40
CA ILE I 220 14.01 -18.20 20.65
C ILE I 220 15.06 -19.18 21.17
N THR I 221 15.64 -19.98 20.27
CA THR I 221 16.69 -20.90 20.69
C THR I 221 17.89 -20.16 21.25
N GLU I 222 18.27 -19.05 20.61
CA GLU I 222 19.41 -18.28 21.10
C GLU I 222 19.11 -17.66 22.47
N PHE I 223 17.90 -17.14 22.65
CA PHE I 223 17.51 -16.57 23.94
C PHE I 223 17.57 -17.61 25.05
N ILE I 224 16.95 -18.77 24.82
CA ILE I 224 16.94 -19.82 25.83
C ILE I 224 18.36 -20.30 26.12
N SER I 225 19.18 -20.46 25.08
CA SER I 225 20.54 -20.92 25.30
C SER I 225 21.38 -19.88 26.03
N SER I 226 21.07 -18.60 25.84
CA SER I 226 21.81 -17.57 26.57
C SER I 226 21.45 -17.58 28.04
N TRP I 227 20.17 -17.75 28.36
CA TRP I 227 19.75 -17.81 29.75
C TRP I 227 19.79 -19.23 30.31
N GLN I 228 20.43 -20.17 29.60
CA GLN I 228 20.42 -21.58 29.99
C GLN I 228 21.00 -21.78 31.38
N ASN I 229 22.28 -21.47 31.55
CA ASN I 229 22.96 -21.60 32.84
C ASN I 229 23.26 -20.20 33.35
N HIS I 230 22.48 -19.75 34.34
CA HIS I 230 22.64 -18.44 34.93
C HIS I 230 22.13 -18.51 36.35
N PRO I 231 22.75 -17.78 37.28
CA PRO I 231 22.34 -17.90 38.69
C PRO I 231 20.91 -17.46 38.99
N ILE I 232 20.19 -16.84 38.06
CA ILE I 232 18.78 -16.58 38.32
C ILE I 232 17.94 -17.81 38.00
N VAL I 233 18.38 -18.63 37.06
CA VAL I 233 17.66 -19.86 36.75
C VAL I 233 18.10 -21.01 37.63
N GLN I 234 19.35 -21.01 38.08
CA GLN I 234 19.89 -22.07 38.92
C GLN I 234 19.14 -22.13 40.25
N LEU I 247 33.04 -10.49 60.25
CA LEU I 247 31.62 -10.25 60.05
C LEU I 247 30.87 -11.54 59.77
N LEU I 248 31.39 -12.31 58.82
CA LEU I 248 30.80 -13.61 58.52
C LEU I 248 30.89 -14.57 59.68
N HIS I 249 31.82 -14.34 60.60
CA HIS I 249 31.97 -15.17 61.78
C HIS I 249 32.95 -14.48 62.74
N ALA I 250 32.68 -14.61 64.03
CA ALA I 250 33.50 -13.98 65.06
C ALA I 250 33.65 -14.92 66.25
N ASP I 251 34.78 -14.81 66.93
CA ASP I 251 35.06 -15.69 68.07
C ASP I 251 34.11 -15.42 69.22
N THR I 252 33.67 -16.48 69.88
CA THR I 252 32.79 -16.33 71.03
C THR I 252 33.60 -16.45 72.31
N PRO I 253 33.38 -15.57 73.27
CA PRO I 253 34.18 -15.61 74.50
C PRO I 253 33.86 -16.81 75.36
N ARG I 254 34.49 -16.91 76.52
CA ARG I 254 34.24 -17.98 77.47
C ARG I 254 33.75 -17.35 78.77
N LEU I 255 32.43 -17.30 78.96
CA LEU I 255 31.87 -16.64 80.12
C LEU I 255 31.89 -17.55 81.34
N VAL I 256 31.19 -18.67 81.26
CA VAL I 256 31.06 -19.58 82.40
C VAL I 256 32.36 -20.36 82.56
N THR I 257 32.97 -20.27 83.74
CA THR I 257 34.20 -20.98 84.04
C THR I 257 34.24 -21.28 85.52
N TRP I 258 34.41 -22.55 85.87
CA TRP I 258 34.21 -23.01 87.24
C TRP I 258 35.55 -23.14 87.98
N ASP I 259 35.44 -23.15 89.31
CA ASP I 259 36.58 -23.25 90.19
C ASP I 259 36.21 -24.14 91.38
N ALA I 260 37.13 -25.03 91.76
CA ALA I 260 36.88 -25.97 92.83
C ALA I 260 37.98 -25.95 93.87
N GLY I 261 38.58 -24.80 94.11
CA GLY I 261 39.64 -24.69 95.09
C GLY I 261 39.27 -23.81 96.26
N LEU I 262 40.08 -22.81 96.55
CA LEU I 262 39.82 -21.85 97.60
C LEU I 262 39.69 -20.45 97.00
N CYS I 263 38.60 -19.77 97.32
CA CYS I 263 38.35 -18.42 96.80
C CYS I 263 39.23 -17.43 97.56
N THR I 264 40.52 -17.47 97.26
CA THR I 264 41.49 -16.65 97.96
C THR I 264 42.60 -16.24 97.02
N SER I 265 43.14 -15.05 97.26
CA SER I 265 44.29 -14.54 96.52
C SER I 265 45.49 -14.27 97.40
N PHE I 266 45.28 -13.90 98.66
CA PHE I 266 46.37 -13.61 99.57
C PHE I 266 46.84 -14.90 100.23
N LYS I 267 48.15 -14.99 100.46
CA LYS I 267 48.74 -16.16 101.09
C LYS I 267 49.74 -15.71 102.13
N ILE I 268 50.04 -16.61 103.07
CA ILE I 268 50.93 -16.31 104.18
C ILE I 268 52.20 -17.12 103.99
N VAL I 269 53.35 -16.45 103.97
CA VAL I 269 54.63 -17.12 103.78
C VAL I 269 55.53 -16.86 104.98
N PRO I 270 56.22 -17.87 105.49
CA PRO I 270 57.21 -17.62 106.55
C PRO I 270 58.47 -17.01 105.97
N ILE I 271 59.00 -15.98 106.63
CA ILE I 271 60.15 -15.25 106.11
C ILE I 271 61.41 -15.67 106.85
N VAL I 272 61.27 -16.03 108.13
CA VAL I 272 62.41 -16.43 108.94
C VAL I 272 62.04 -17.71 109.69
N PRO I 273 62.93 -18.71 109.72
CA PRO I 273 62.62 -19.94 110.45
C PRO I 273 62.50 -19.67 111.94
N ALA I 274 61.80 -20.55 112.63
CA ALA I 274 61.65 -20.46 114.07
C ALA I 274 62.76 -21.24 114.76
N GLN I 275 63.25 -20.70 115.88
CA GLN I 275 64.30 -21.36 116.65
C GLN I 275 63.67 -22.49 117.45
N VAL I 276 63.42 -23.60 116.76
CA VAL I 276 62.67 -24.72 117.32
C VAL I 276 63.46 -25.34 118.47
N PRO I 277 64.71 -25.76 118.26
CA PRO I 277 65.52 -26.15 119.43
C PRO I 277 66.24 -24.95 120.00
N GLN I 278 66.02 -24.65 121.27
CA GLN I 278 66.65 -23.51 121.91
C GLN I 278 67.02 -23.90 123.33
N ASP I 279 67.66 -22.97 124.04
CA ASP I 279 68.16 -23.25 125.37
C ASP I 279 67.13 -23.03 126.46
N VAL I 280 66.38 -21.92 126.39
CA VAL I 280 65.50 -21.56 127.49
C VAL I 280 64.31 -22.50 127.60
N LEU I 281 63.78 -22.95 126.46
CA LEU I 281 62.52 -23.68 126.43
C LEU I 281 62.75 -25.02 125.76
N ALA I 282 62.45 -26.10 126.48
CA ALA I 282 62.69 -27.44 125.97
C ALA I 282 61.86 -27.70 124.72
N TYR I 283 62.34 -28.62 123.89
CA TYR I 283 61.71 -28.86 122.60
C TYR I 283 60.36 -29.55 122.73
N THR I 284 60.09 -30.20 123.86
CA THR I 284 58.79 -30.85 124.05
C THR I 284 57.66 -29.85 124.19
N PHE I 285 57.95 -28.56 124.35
CA PHE I 285 56.90 -27.55 124.42
C PHE I 285 56.24 -27.38 123.06
N PHE I 286 57.04 -27.26 122.00
CA PHE I 286 56.52 -26.84 120.71
C PHE I 286 55.66 -27.93 120.08
N THR I 287 54.66 -27.51 119.33
CA THR I 287 53.82 -28.44 118.60
C THR I 287 54.49 -28.96 117.33
N SER I 288 55.56 -28.31 116.87
CA SER I 288 56.30 -28.84 115.74
C SER I 288 56.96 -30.15 116.10
N SER I 289 57.31 -30.35 117.36
CA SER I 289 57.97 -31.58 117.78
C SER I 289 57.05 -32.78 117.61
N TYR I 290 55.74 -32.57 117.68
CA TYR I 290 54.77 -33.64 117.59
C TYR I 290 54.20 -33.81 116.19
N ALA I 291 54.73 -33.06 115.22
CA ALA I 291 54.27 -33.14 113.84
C ALA I 291 52.82 -32.69 113.69
N ILE I 292 52.35 -31.86 114.62
CA ILE I 292 51.00 -31.33 114.52
C ILE I 292 50.93 -30.30 113.40
N GLN I 293 49.85 -30.34 112.62
CA GLN I 293 49.68 -29.47 111.47
C GLN I 293 48.84 -28.26 111.85
N SER I 294 49.36 -27.07 111.56
CA SER I 294 48.70 -25.83 111.95
C SER I 294 48.34 -25.02 110.71
N PRO I 295 47.25 -24.24 110.79
CA PRO I 295 46.85 -23.45 109.62
C PRO I 295 47.77 -22.30 109.31
N PHE I 296 48.60 -21.88 110.27
CA PHE I 296 49.51 -20.80 110.01
C PHE I 296 50.94 -21.25 110.23
N PRO I 297 51.87 -20.84 109.37
CA PRO I 297 53.22 -21.39 109.43
C PRO I 297 53.94 -20.96 110.69
N GLU I 298 54.60 -21.92 111.33
CA GLU I 298 55.46 -21.62 112.47
C GLU I 298 56.73 -20.95 111.96
N ALA I 299 57.04 -19.78 112.51
CA ALA I 299 58.21 -19.04 112.06
C ALA I 299 58.44 -17.88 113.00
N ALA I 300 59.68 -17.38 113.00
CA ALA I 300 59.97 -16.19 113.80
C ALA I 300 59.23 -14.98 113.26
N VAL I 301 59.13 -14.86 111.94
CA VAL I 301 58.50 -13.71 111.30
C VAL I 301 57.72 -14.22 110.09
N SER I 302 56.39 -14.18 110.19
CA SER I 302 55.53 -14.46 109.05
C SER I 302 55.18 -13.16 108.35
N ARG I 303 54.64 -13.28 107.14
CA ARG I 303 54.30 -12.11 106.36
C ARG I 303 53.45 -12.54 105.17
N ILE I 304 52.41 -11.79 104.88
CA ILE I 304 51.41 -12.20 103.90
C ILE I 304 51.65 -11.47 102.59
N VAL I 305 51.64 -12.21 101.49
CA VAL I 305 51.89 -11.66 100.16
C VAL I 305 50.74 -12.08 99.26
N VAL I 306 50.85 -11.78 97.97
CA VAL I 306 49.74 -11.93 97.04
C VAL I 306 50.11 -12.93 95.95
N HIS I 307 49.17 -13.82 95.64
CA HIS I 307 49.37 -14.84 94.63
C HIS I 307 47.98 -15.25 94.14
N THR I 308 47.57 -14.73 92.99
CA THR I 308 46.22 -14.99 92.53
C THR I 308 46.05 -16.45 92.15
N ARG I 309 45.10 -17.12 92.79
CA ARG I 309 44.80 -18.53 92.54
C ARG I 309 45.94 -19.43 92.97
N TRP I 310 46.46 -19.20 94.18
CA TRP I 310 47.48 -20.10 94.71
C TRP I 310 46.88 -21.41 95.20
N ALA I 311 45.57 -21.47 95.42
CA ALA I 311 44.90 -22.65 95.94
C ALA I 311 43.73 -23.07 95.06
N SER I 312 43.76 -22.69 93.79
CA SER I 312 42.60 -22.80 92.92
C SER I 312 42.80 -23.92 91.91
N ASN I 313 41.78 -24.77 91.78
CA ASN I 313 41.74 -25.86 90.82
C ASN I 313 40.68 -25.49 89.79
N VAL I 314 41.11 -24.90 88.69
CA VAL I 314 40.21 -24.23 87.76
C VAL I 314 39.88 -25.15 86.60
N ASP I 315 38.85 -24.77 85.84
CA ASP I 315 38.41 -25.49 84.66
C ASP I 315 39.09 -24.98 83.39
N PHE I 316 39.43 -23.70 83.36
CA PHE I 316 40.03 -23.08 82.17
C PHE I 316 40.75 -21.83 82.66
N ASP I 317 42.08 -21.83 82.58
CA ASP I 317 42.81 -20.68 83.10
C ASP I 317 42.61 -19.46 82.22
N ARG I 318 42.70 -18.29 82.84
CA ARG I 318 42.57 -17.03 82.14
C ARG I 318 43.88 -16.49 81.60
N ASP I 319 44.98 -17.22 81.80
CA ASP I 319 46.32 -16.77 81.42
C ASP I 319 46.70 -15.46 82.09
N SER I 320 46.06 -15.14 83.21
CA SER I 320 46.36 -13.94 83.98
C SER I 320 46.78 -14.34 85.38
N SER I 321 47.65 -13.55 85.97
CA SER I 321 48.13 -13.85 87.31
C SER I 321 48.96 -12.69 87.82
N VAL I 322 48.89 -12.47 89.13
CA VAL I 322 49.70 -11.48 89.81
C VAL I 322 50.43 -12.25 90.92
N ILE I 323 51.62 -12.74 90.60
CA ILE I 323 52.38 -13.58 91.51
C ILE I 323 53.50 -12.72 92.09
N MET I 324 53.38 -12.38 93.37
CA MET I 324 54.26 -11.43 94.02
C MET I 324 55.13 -12.18 95.02
N ALA I 325 56.44 -12.19 94.79
CA ALA I 325 57.36 -12.95 95.61
C ALA I 325 57.46 -12.33 97.01
N PRO I 326 58.07 -13.04 97.95
CA PRO I 326 58.19 -12.52 99.31
C PRO I 326 59.01 -11.24 99.34
N PRO I 327 58.79 -10.38 100.34
CA PRO I 327 59.49 -9.09 100.36
C PRO I 327 60.99 -9.21 100.48
N THR I 328 61.52 -10.31 101.02
CA THR I 328 62.97 -10.46 101.11
C THR I 328 63.63 -10.65 99.75
N GLU I 329 62.85 -10.93 98.70
CA GLU I 329 63.36 -11.03 97.35
C GLU I 329 62.96 -9.77 96.58
N ASN I 330 63.42 -9.68 95.34
CA ASN I 330 63.19 -8.49 94.53
C ASN I 330 61.90 -8.62 93.75
N ASN I 331 61.11 -7.55 93.74
CA ASN I 331 59.81 -7.54 93.06
C ASN I 331 59.69 -6.38 92.08
N ILE I 332 60.81 -5.75 91.72
CA ILE I 332 60.73 -4.61 90.81
C ILE I 332 60.29 -5.00 89.42
N HIS I 333 60.35 -6.28 89.07
CA HIS I 333 59.93 -6.70 87.74
C HIS I 333 58.43 -6.64 87.55
N LEU I 334 57.65 -6.48 88.62
CA LEU I 334 56.21 -6.35 88.50
C LEU I 334 55.77 -4.93 88.16
N PHE I 335 56.66 -3.95 88.31
CA PHE I 335 56.30 -2.55 88.11
C PHE I 335 57.09 -1.91 86.98
N LYS I 336 57.60 -2.72 86.06
CA LYS I 336 58.37 -2.19 84.93
C LYS I 336 58.01 -2.91 83.65
N GLN I 337 56.72 -3.18 83.45
CA GLN I 337 56.29 -3.94 82.28
C GLN I 337 55.79 -3.09 81.13
N LEU I 338 54.98 -2.07 81.40
CA LEU I 338 54.26 -1.40 80.31
C LEU I 338 55.14 -0.49 79.46
N LEU I 339 55.66 0.58 80.04
CA LEU I 339 56.31 1.62 79.25
C LEU I 339 57.80 1.77 79.58
N ASN I 340 58.37 0.84 80.32
CA ASN I 340 59.79 0.90 80.67
C ASN I 340 60.62 0.16 79.62
N THR I 341 60.73 0.79 78.46
CA THR I 341 61.55 0.24 77.37
C THR I 341 62.95 0.83 77.34
N GLU I 342 63.12 2.08 77.75
CA GLU I 342 64.42 2.73 77.76
C GLU I 342 65.16 2.55 79.09
N THR I 343 64.71 1.63 79.94
CA THR I 343 65.36 1.39 81.22
C THR I 343 66.41 0.31 81.04
N LEU I 344 67.68 0.69 81.23
CA LEU I 344 68.78 -0.26 81.05
C LEU I 344 68.77 -1.34 82.12
N SER I 345 68.89 -0.92 83.38
CA SER I 345 69.18 -1.85 84.46
C SER I 345 68.04 -2.83 84.66
N VAL I 346 68.38 -4.11 84.80
CA VAL I 346 67.38 -5.14 85.07
C VAL I 346 66.73 -4.93 86.42
N ARG I 347 67.40 -4.24 87.34
CA ARG I 347 66.92 -4.02 88.68
C ARG I 347 66.31 -2.63 88.86
N GLY I 348 66.06 -1.90 87.78
CA GLY I 348 65.56 -0.54 87.87
C GLY I 348 64.23 -0.39 87.16
N ALA I 349 63.44 0.55 87.65
CA ALA I 349 62.15 0.88 87.05
C ALA I 349 61.99 2.39 87.05
N ASN I 350 61.23 2.89 86.08
CA ASN I 350 61.00 4.32 85.98
C ASN I 350 59.87 4.73 86.91
N PRO I 351 60.10 5.64 87.86
CA PRO I 351 59.06 5.97 88.84
C PRO I 351 57.93 6.82 88.29
N LEU I 352 58.04 7.34 87.07
CA LEU I 352 56.95 8.12 86.49
C LEU I 352 55.88 7.25 85.85
N MET I 353 55.92 5.94 86.06
CA MET I 353 54.99 5.03 85.42
C MET I 353 54.44 4.01 86.39
N PHE I 354 54.68 4.20 87.69
CA PHE I 354 54.13 3.31 88.70
C PHE I 354 52.61 3.26 88.61
N ARG I 355 51.97 4.39 88.28
CA ARG I 355 50.51 4.41 88.24
C ARG I 355 49.98 3.55 87.11
N ALA I 356 50.57 3.69 85.91
CA ALA I 356 50.13 2.87 84.80
C ALA I 356 50.36 1.40 85.07
N ASN I 357 51.53 1.07 85.63
CA ASN I 357 51.82 -0.33 85.92
C ASN I 357 50.86 -0.88 86.97
N VAL I 358 50.53 -0.08 87.99
CA VAL I 358 49.64 -0.55 89.04
C VAL I 358 48.21 -0.71 88.51
N LEU I 359 47.77 0.21 87.64
CA LEU I 359 46.46 0.06 87.05
C LEU I 359 46.37 -1.22 86.23
N HIS I 360 47.39 -1.49 85.42
CA HIS I 360 47.40 -2.73 84.67
C HIS I 360 47.43 -3.94 85.60
N MET I 361 48.16 -3.83 86.71
CA MET I 361 48.19 -4.91 87.68
C MET I 361 46.81 -5.19 88.25
N LEU I 362 46.03 -4.14 88.51
CA LEU I 362 44.70 -4.34 89.07
C LEU I 362 43.76 -4.96 88.05
N LEU I 363 43.82 -4.51 86.80
CA LEU I 363 43.03 -5.15 85.76
C LEU I 363 43.39 -6.62 85.63
N GLU I 364 44.69 -6.92 85.66
CA GLU I 364 45.18 -8.29 85.67
C GLU I 364 44.57 -9.09 86.82
N PHE I 365 44.57 -8.50 88.01
CA PHE I 365 44.02 -9.14 89.19
C PHE I 365 42.56 -9.53 89.00
N VAL I 366 41.74 -8.59 88.54
CA VAL I 366 40.31 -8.87 88.37
C VAL I 366 40.10 -9.92 87.30
N LEU I 367 40.72 -9.73 86.13
CA LEU I 367 40.56 -10.68 85.03
C LEU I 367 40.99 -12.08 85.44
N ASP I 368 41.99 -12.18 86.30
CA ASP I 368 42.37 -13.49 86.82
C ASP I 368 41.30 -14.04 87.73
N ASN I 369 40.69 -13.19 88.55
CA ASN I 369 39.74 -13.71 89.53
C ASN I 369 38.34 -13.95 88.97
N LEU I 370 38.08 -13.66 87.69
CA LEU I 370 36.75 -13.89 87.12
C LEU I 370 36.48 -15.39 86.95
N TYR I 371 35.99 -16.03 88.01
CA TYR I 371 35.55 -17.42 87.95
C TYR I 371 34.27 -17.59 88.74
N LEU I 372 33.73 -18.80 88.73
CA LEU I 372 32.59 -19.17 89.55
C LEU I 372 32.99 -20.31 90.49
N ASN I 373 32.35 -20.35 91.65
CA ASN I 373 32.66 -21.38 92.62
C ASN I 373 31.85 -22.65 92.35
N ARG I 374 32.52 -23.79 92.38
CA ARG I 374 31.92 -25.09 92.13
C ARG I 374 31.48 -25.71 93.46
N HIS I 375 30.87 -26.89 93.37
CA HIS I 375 30.38 -27.64 94.51
C HIS I 375 30.91 -29.07 94.45
N THR I 376 31.53 -29.55 95.53
CA THR I 376 32.30 -30.79 95.47
C THR I 376 31.72 -31.92 96.33
N GLY I 377 31.61 -31.76 97.63
CA GLY I 377 31.25 -32.86 98.51
C GLY I 377 31.94 -32.73 99.85
N PHE I 378 31.32 -33.30 100.88
CA PHE I 378 31.63 -32.86 102.24
C PHE I 378 32.21 -33.90 103.17
N SER I 379 31.58 -35.07 103.34
CA SER I 379 32.16 -36.09 104.21
C SER I 379 32.29 -35.67 105.68
N GLN I 380 31.16 -35.66 106.40
CA GLN I 380 31.09 -35.28 107.82
C GLN I 380 32.25 -35.80 108.66
N ASP I 381 32.67 -34.97 109.61
CA ASP I 381 33.77 -35.29 110.51
C ASP I 381 33.42 -36.50 111.38
N HIS I 382 34.46 -37.28 111.72
CA HIS I 382 34.33 -38.41 112.63
C HIS I 382 35.18 -38.28 113.87
N THR I 383 35.85 -37.15 114.05
CA THR I 383 36.70 -36.88 115.20
C THR I 383 35.98 -35.97 116.18
N PRO I 384 36.50 -35.84 117.40
CA PRO I 384 35.88 -34.95 118.39
C PRO I 384 36.30 -33.49 118.30
N PHE I 385 36.95 -33.09 117.21
CA PHE I 385 37.41 -31.71 117.10
C PHE I 385 36.25 -30.77 116.85
N THR I 386 35.30 -31.17 116.03
CA THR I 386 34.08 -30.41 115.78
C THR I 386 32.87 -31.26 116.17
N GLU I 387 31.71 -30.63 116.22
CA GLU I 387 30.47 -31.32 116.59
C GLU I 387 29.81 -31.88 115.33
N GLY I 388 30.53 -32.81 114.71
CA GLY I 388 30.03 -33.41 113.48
C GLY I 388 29.90 -32.41 112.35
N ALA I 389 30.83 -31.46 112.26
CA ALA I 389 30.79 -30.49 111.19
C ALA I 389 30.95 -31.18 109.84
N ASN I 390 30.43 -30.53 108.81
CA ASN I 390 30.52 -31.05 107.44
C ASN I 390 31.71 -30.37 106.76
N LEU I 391 32.87 -31.02 106.83
CA LEU I 391 34.05 -30.51 106.15
C LEU I 391 33.85 -30.60 104.64
N ARG I 392 34.83 -30.14 103.88
CA ARG I 392 34.73 -30.15 102.43
C ARG I 392 36.01 -30.70 101.83
N SER I 393 35.88 -31.43 100.73
CA SER I 393 36.99 -32.12 100.09
C SER I 393 37.33 -31.42 98.79
N LEU I 394 38.59 -31.00 98.65
CA LEU I 394 39.10 -30.40 97.43
C LEU I 394 39.59 -31.48 96.47
N PRO I 395 39.29 -31.35 95.18
CA PRO I 395 39.82 -32.30 94.21
C PRO I 395 41.28 -31.97 93.92
N GLY I 396 42.13 -33.00 93.95
CA GLY I 396 43.54 -32.79 93.71
C GLY I 396 44.39 -33.97 94.13
N PRO I 397 45.69 -33.91 93.84
CA PRO I 397 46.58 -35.02 94.16
C PRO I 397 46.77 -35.23 95.65
N ASP I 398 47.13 -34.17 96.36
CA ASP I 398 47.42 -34.24 97.79
C ASP I 398 46.40 -33.37 98.51
N ALA I 399 45.25 -33.96 98.82
CA ALA I 399 44.17 -33.24 99.47
C ALA I 399 44.28 -33.24 100.99
N GLU I 400 45.17 -34.04 101.56
CA GLU I 400 45.30 -34.07 103.02
C GLU I 400 45.82 -32.75 103.56
N LYS I 401 46.62 -32.03 102.79
CA LYS I 401 47.22 -30.80 103.30
C LYS I 401 46.20 -29.68 103.46
N TRP I 402 45.04 -29.79 102.82
CA TRP I 402 44.13 -28.65 102.71
C TRP I 402 43.21 -28.47 103.90
N TYR I 403 42.95 -29.50 104.68
CA TYR I 403 42.00 -29.36 105.78
C TYR I 403 42.53 -28.42 106.85
N SER I 404 43.80 -28.58 107.23
CA SER I 404 44.37 -27.73 108.26
C SER I 404 44.54 -26.30 107.79
N ILE I 405 44.63 -26.07 106.48
CA ILE I 405 44.71 -24.71 105.98
C ILE I 405 43.33 -24.08 105.82
N MET I 406 42.32 -24.89 105.48
CA MET I 406 40.98 -24.36 105.29
C MET I 406 40.30 -24.03 106.61
N TYR I 407 40.43 -24.91 107.60
CA TYR I 407 39.65 -24.76 108.82
C TYR I 407 40.56 -24.43 110.00
N PRO I 408 40.80 -23.14 110.27
CA PRO I 408 41.72 -22.80 111.37
C PRO I 408 41.23 -23.24 112.73
N THR I 409 39.93 -23.13 113.00
CA THR I 409 39.39 -23.43 114.32
C THR I 409 39.05 -24.89 114.50
N ARG I 410 39.68 -25.78 113.74
CA ARG I 410 39.51 -27.22 113.91
C ARG I 410 40.67 -27.88 114.62
N MET I 411 41.81 -27.20 114.73
CA MET I 411 42.97 -27.79 115.39
C MET I 411 42.80 -27.73 116.90
N GLY I 412 43.41 -28.70 117.58
CA GLY I 412 43.40 -28.70 119.03
C GLY I 412 44.24 -27.57 119.59
N THR I 413 44.01 -27.28 120.86
CA THR I 413 44.65 -26.15 121.56
C THR I 413 45.38 -26.68 122.78
N PRO I 414 46.51 -27.36 122.58
CA PRO I 414 47.26 -27.92 123.71
C PRO I 414 48.19 -26.93 124.38
N ASN I 415 48.38 -25.75 123.81
CA ASN I 415 49.56 -24.96 124.04
C ASN I 415 49.17 -23.53 124.39
N VAL I 416 50.13 -22.80 124.96
CA VAL I 416 49.98 -21.37 125.23
C VAL I 416 50.58 -20.51 124.11
N SER I 417 51.09 -21.14 123.07
CA SER I 417 51.67 -20.40 121.95
C SER I 417 50.62 -19.51 121.30
N LYS I 418 51.09 -18.64 120.40
CA LYS I 418 50.22 -17.60 119.86
C LYS I 418 49.11 -18.18 119.00
N ILE I 419 49.43 -19.19 118.18
CA ILE I 419 48.41 -19.82 117.35
C ILE I 419 47.33 -20.45 118.23
N CYS I 420 47.75 -21.11 119.32
CA CYS I 420 46.78 -21.75 120.19
C CYS I 420 45.95 -20.72 120.94
N ASN I 421 46.57 -19.61 121.35
CA ASN I 421 45.81 -18.50 121.92
C ASN I 421 44.73 -18.03 120.97
N PHE I 422 45.06 -17.90 119.69
CA PHE I 422 44.08 -17.44 118.73
C PHE I 422 42.96 -18.45 118.54
N VAL I 423 43.31 -19.72 118.38
CA VAL I 423 42.29 -20.73 118.15
C VAL I 423 41.38 -20.87 119.35
N ALA I 424 41.91 -20.68 120.56
CA ALA I 424 41.05 -20.67 121.74
C ALA I 424 40.18 -19.43 121.78
N SER I 425 40.67 -18.32 121.26
CA SER I 425 39.85 -17.11 121.19
C SER I 425 38.68 -17.28 120.23
N CYS I 426 38.86 -18.05 119.17
CA CYS I 426 37.83 -18.17 118.14
C CYS I 426 36.52 -18.78 118.63
N VAL I 427 35.52 -18.83 117.76
CA VAL I 427 34.20 -19.41 118.04
C VAL I 427 34.13 -20.78 117.37
N ARG I 428 33.38 -21.68 117.98
CA ARG I 428 33.44 -23.10 117.64
C ARG I 428 32.55 -23.51 116.47
N ASN I 429 31.35 -22.93 116.34
CA ASN I 429 30.33 -23.50 115.47
C ASN I 429 30.23 -22.82 114.11
N ARG I 430 31.35 -22.42 113.52
CA ARG I 430 31.34 -21.78 112.20
C ARG I 430 32.35 -22.42 111.26
N VAL I 431 32.33 -23.74 111.18
CA VAL I 431 33.16 -24.50 110.24
C VAL I 431 32.26 -25.28 109.30
N GLY I 432 32.70 -25.40 108.05
CA GLY I 432 32.00 -26.26 107.11
C GLY I 432 30.67 -25.71 106.65
N ARG I 433 29.89 -26.60 106.06
CA ARG I 433 28.59 -26.22 105.51
C ARG I 433 27.61 -25.86 106.62
N PHE I 434 26.74 -24.90 106.32
CA PHE I 434 25.66 -24.56 107.23
C PHE I 434 24.37 -24.25 106.50
N ASP I 435 24.25 -24.60 105.22
CA ASP I 435 23.04 -24.34 104.47
C ASP I 435 23.14 -25.00 103.11
N ARG I 436 22.00 -25.42 102.57
CA ARG I 436 21.96 -26.04 101.26
C ARG I 436 20.56 -25.88 100.70
N ALA I 437 20.40 -26.27 99.44
CA ALA I 437 19.11 -26.23 98.75
C ALA I 437 18.92 -27.58 98.07
N GLN I 438 18.25 -28.49 98.76
CA GLN I 438 18.07 -29.86 98.28
C GLN I 438 16.71 -29.95 97.59
N MET I 439 16.68 -29.57 96.32
CA MET I 439 15.43 -29.49 95.58
C MET I 439 15.02 -30.82 94.95
N MET I 440 15.89 -31.81 94.96
CA MET I 440 15.59 -33.12 94.38
C MET I 440 16.17 -34.20 95.27
N ASN I 441 15.46 -35.31 95.38
CA ASN I 441 15.94 -36.45 96.16
C ASN I 441 16.86 -37.28 95.27
N GLY I 442 18.16 -37.17 95.49
CA GLY I 442 19.10 -37.92 94.70
C GLY I 442 19.70 -37.12 93.57
N ALA I 443 19.98 -35.85 93.82
CA ALA I 443 20.66 -35.00 92.86
C ALA I 443 21.55 -34.04 93.61
N MET I 444 22.45 -33.38 92.89
CA MET I 444 23.37 -32.44 93.50
C MET I 444 22.61 -31.29 94.15
N SER I 445 23.07 -30.87 95.32
CA SER I 445 22.52 -29.67 95.94
C SER I 445 22.72 -28.48 95.01
N GLU I 446 21.71 -27.62 94.93
CA GLU I 446 21.79 -26.52 93.97
C GLU I 446 22.81 -25.47 94.37
N TRP I 447 23.14 -25.35 95.65
CA TRP I 447 24.16 -24.44 96.13
C TRP I 447 24.30 -24.67 97.63
N VAL I 448 25.41 -24.20 98.19
CA VAL I 448 25.68 -24.38 99.61
C VAL I 448 26.41 -23.14 100.13
N ASP I 449 26.23 -22.85 101.40
CA ASP I 449 27.00 -21.83 102.10
C ASP I 449 27.97 -22.51 103.05
N VAL I 450 29.24 -22.15 102.95
CA VAL I 450 30.30 -22.81 103.71
C VAL I 450 31.19 -21.76 104.34
N PHE I 451 31.58 -22.01 105.59
CA PHE I 451 32.65 -21.25 106.23
C PHE I 451 33.98 -21.92 105.86
N GLU I 452 34.83 -21.19 105.15
CA GLU I 452 36.15 -21.70 104.83
C GLU I 452 37.11 -20.53 104.63
N THR I 453 38.39 -20.80 104.77
CA THR I 453 39.39 -19.77 104.60
C THR I 453 39.35 -19.24 103.17
N SER I 454 39.14 -17.95 103.03
CA SER I 454 38.92 -17.35 101.73
C SER I 454 39.47 -15.93 101.76
N ASP I 455 39.05 -15.11 100.81
CA ASP I 455 39.49 -13.74 100.70
C ASP I 455 38.28 -12.87 100.44
N ALA I 456 38.07 -11.86 101.30
CA ALA I 456 36.86 -11.03 101.19
C ALA I 456 36.78 -10.34 99.84
N LEU I 457 37.92 -9.84 99.34
CA LEU I 457 37.91 -9.14 98.06
C LEU I 457 37.57 -10.07 96.91
N THR I 458 38.19 -11.25 96.88
CA THR I 458 37.90 -12.18 95.80
C THR I 458 36.47 -12.69 95.86
N VAL I 459 35.96 -12.91 97.06
CA VAL I 459 34.57 -13.32 97.22
C VAL I 459 33.64 -12.24 96.69
N SER I 460 33.98 -10.97 96.96
CA SER I 460 33.17 -9.87 96.46
C SER I 460 33.19 -9.81 94.94
N ILE I 461 34.37 -9.97 94.33
CA ILE I 461 34.48 -9.94 92.88
C ILE I 461 33.67 -11.06 92.25
N ARG I 462 33.78 -12.27 92.80
CA ARG I 462 33.05 -13.38 92.20
C ARG I 462 31.55 -13.27 92.44
N GLY I 463 31.14 -12.66 93.55
CA GLY I 463 29.73 -12.37 93.72
C GLY I 463 29.21 -11.40 92.67
N ARG I 464 29.97 -10.33 92.40
CA ARG I 464 29.61 -9.41 91.34
C ARG I 464 29.48 -10.13 90.01
N TRP I 465 30.45 -10.99 89.69
CA TRP I 465 30.44 -11.69 88.41
C TRP I 465 29.23 -12.62 88.30
N MET I 466 28.91 -13.34 89.38
CA MET I 466 27.75 -14.22 89.34
C MET I 466 26.46 -13.43 89.21
N ALA I 467 26.38 -12.27 89.85
CA ALA I 467 25.19 -11.44 89.68
C ALA I 467 25.05 -10.98 88.24
N ARG I 468 26.15 -10.57 87.62
CA ARG I 468 26.10 -10.18 86.21
C ARG I 468 25.61 -11.33 85.35
N LEU I 469 26.15 -12.54 85.56
CA LEU I 469 25.73 -13.67 84.73
C LEU I 469 24.27 -14.04 84.99
N ALA I 470 23.85 -14.03 86.25
CA ALA I 470 22.47 -14.38 86.57
C ALA I 470 21.48 -13.37 86.00
N ARG I 471 21.89 -12.13 85.76
CA ARG I 471 20.97 -11.21 85.09
C ARG I 471 20.72 -11.60 83.65
N MET I 472 21.63 -12.38 83.03
CA MET I 472 21.52 -12.77 81.64
C MET I 472 20.77 -14.07 81.42
N ASN I 473 20.35 -14.75 82.48
CA ASN I 473 19.80 -16.09 82.35
C ASN I 473 18.44 -16.07 81.63
N ILE I 474 18.20 -17.11 80.84
CA ILE I 474 16.92 -17.34 80.19
C ILE I 474 16.60 -18.82 80.30
N ASN I 475 15.33 -19.14 80.22
CA ASN I 475 14.86 -20.51 80.41
C ASN I 475 14.30 -21.11 79.13
N PRO I 476 14.09 -22.43 79.11
CA PRO I 476 13.64 -23.09 77.87
C PRO I 476 12.31 -22.59 77.36
N THR I 477 11.40 -22.19 78.24
CA THR I 477 10.11 -21.71 77.77
C THR I 477 10.25 -20.38 77.03
N GLU I 478 11.04 -19.46 77.56
CA GLU I 478 11.27 -18.20 76.88
C GLU I 478 12.01 -18.42 75.56
N ILE I 479 12.96 -19.37 75.54
CA ILE I 479 13.65 -19.67 74.29
C ILE I 479 12.66 -20.22 73.26
N GLU I 480 11.77 -21.12 73.69
CA GLU I 480 10.78 -21.68 72.78
C GLU I 480 9.89 -20.59 72.20
N TRP I 481 9.38 -19.70 73.06
CA TRP I 481 8.51 -18.64 72.58
C TRP I 481 9.24 -17.72 71.62
N ALA I 482 10.50 -17.38 71.92
CA ALA I 482 11.26 -16.51 71.03
C ALA I 482 11.47 -17.15 69.67
N LEU I 483 11.85 -18.44 69.65
CA LEU I 483 12.09 -19.10 68.39
C LEU I 483 10.80 -19.26 67.59
N THR I 484 9.69 -19.57 68.25
CA THR I 484 8.44 -19.71 67.52
C THR I 484 7.99 -18.37 66.96
N GLU I 485 8.12 -17.29 67.73
CA GLU I 485 7.74 -15.98 67.23
C GLU I 485 8.65 -15.53 66.09
N CYS I 486 9.93 -15.90 66.12
CA CYS I 486 10.80 -15.62 64.98
C CYS I 486 10.35 -16.38 63.74
N ALA I 487 10.22 -17.71 63.86
CA ALA I 487 9.88 -18.54 62.70
C ALA I 487 8.50 -18.24 62.17
N GLN I 488 7.63 -17.61 62.97
CA GLN I 488 6.30 -17.19 62.50
C GLN I 488 5.41 -18.40 62.21
N GLY I 489 5.46 -19.40 63.10
CA GLY I 489 4.61 -20.56 62.97
C GLY I 489 5.07 -21.61 62.01
N TYR I 490 6.05 -21.32 61.16
CA TYR I 490 6.54 -22.32 60.21
C TYR I 490 7.47 -23.33 60.87
N VAL I 491 7.86 -23.12 62.13
CA VAL I 491 8.70 -24.05 62.86
C VAL I 491 8.20 -24.09 64.30
N THR I 492 7.98 -25.29 64.83
CA THR I 492 7.44 -25.47 66.17
C THR I 492 8.46 -26.20 67.02
N VAL I 493 8.99 -25.53 68.02
CA VAL I 493 9.92 -26.11 68.95
C VAL I 493 9.15 -26.53 70.21
N THR I 494 9.78 -27.35 71.04
CA THR I 494 9.13 -27.91 72.21
C THR I 494 10.03 -27.70 73.43
N SER I 495 9.40 -27.58 74.59
CA SER I 495 10.12 -27.41 75.84
C SER I 495 9.53 -28.31 76.91
N PRO I 496 10.34 -28.80 77.84
CA PRO I 496 9.81 -29.68 78.89
C PRO I 496 8.98 -28.91 79.89
N TYR I 497 8.22 -29.65 80.69
CA TYR I 497 7.32 -29.07 81.69
C TYR I 497 7.41 -29.92 82.95
N ALA I 498 8.36 -29.56 83.82
CA ALA I 498 8.60 -30.31 85.05
C ALA I 498 9.64 -29.58 85.89
N PRO I 499 9.81 -29.95 87.16
CA PRO I 499 10.82 -29.28 87.99
C PRO I 499 12.23 -29.50 87.47
N SER I 500 12.92 -28.38 87.20
CA SER I 500 14.24 -28.39 86.57
C SER I 500 15.35 -28.71 87.56
N VAL I 501 16.59 -28.49 87.16
CA VAL I 501 17.74 -28.63 88.05
C VAL I 501 18.59 -27.37 88.05
N ASN I 502 17.96 -26.23 87.78
CA ASN I 502 18.62 -24.92 87.85
C ASN I 502 19.81 -24.84 86.90
N ARG I 503 19.47 -24.84 85.60
CA ARG I 503 20.44 -24.63 84.56
C ARG I 503 20.98 -23.20 84.62
N LEU I 504 21.95 -22.90 83.76
CA LEU I 504 22.47 -21.55 83.63
C LEU I 504 22.90 -21.37 82.18
N MET I 505 22.22 -20.47 81.47
CA MET I 505 22.54 -20.20 80.07
C MET I 505 22.41 -18.70 79.83
N PRO I 506 23.49 -17.95 80.07
CA PRO I 506 23.43 -16.50 79.99
C PRO I 506 23.44 -16.01 78.55
N TYR I 507 22.29 -15.54 78.08
CA TYR I 507 22.20 -15.08 76.70
C TYR I 507 21.48 -13.73 76.55
N ARG I 508 20.56 -13.43 77.45
CA ARG I 508 19.75 -12.22 77.29
C ARG I 508 20.56 -10.97 77.60
N ILE I 509 20.55 -10.01 76.67
CA ILE I 509 21.26 -8.76 76.83
C ILE I 509 20.34 -7.61 76.45
N SER I 510 20.84 -6.40 76.65
CA SER I 510 20.02 -5.20 76.58
C SER I 510 20.13 -4.52 75.22
N ASN I 511 19.11 -3.73 74.91
CA ASN I 511 19.06 -3.02 73.65
C ASN I 511 20.22 -2.04 73.52
N ALA I 512 20.69 -1.48 74.64
CA ALA I 512 21.84 -0.59 74.58
C ALA I 512 23.09 -1.32 74.12
N GLU I 513 23.30 -2.53 74.63
CA GLU I 513 24.46 -3.32 74.20
C GLU I 513 24.31 -3.72 72.75
N ARG I 514 23.11 -4.13 72.34
CA ARG I 514 22.89 -4.46 70.93
C ARG I 514 23.21 -3.27 70.02
N GLN I 515 22.76 -2.08 70.41
CA GLN I 515 22.98 -0.90 69.59
C GLN I 515 24.45 -0.51 69.54
N ILE I 516 25.15 -0.60 70.67
CA ILE I 516 26.56 -0.25 70.67
C ILE I 516 27.35 -1.22 69.82
N SER I 517 27.04 -2.52 69.91
CA SER I 517 27.72 -3.49 69.06
C SER I 517 27.42 -3.23 67.59
N GLN I 518 26.17 -2.85 67.27
CA GLN I 518 25.83 -2.56 65.89
C GLN I 518 26.58 -1.33 65.39
N ILE I 519 26.73 -0.31 66.23
CA ILE I 519 27.44 0.89 65.82
C ILE I 519 28.90 0.57 65.55
N ILE I 520 29.54 -0.20 66.43
CA ILE I 520 30.93 -0.56 66.21
C ILE I 520 31.08 -1.41 64.96
N ARG I 521 30.14 -2.33 64.74
CA ARG I 521 30.24 -3.21 63.58
C ARG I 521 30.05 -2.45 62.29
N VAL I 522 29.20 -1.42 62.29
CA VAL I 522 29.05 -0.57 61.13
C VAL I 522 30.30 0.28 60.93
N MET I 523 30.89 0.74 62.04
CA MET I 523 32.15 1.48 61.97
C MET I 523 33.22 0.66 61.28
N ASN I 524 33.21 -0.66 61.49
CA ASN I 524 34.12 -1.54 60.75
C ASN I 524 33.69 -1.68 59.30
N ILE I 525 32.48 -2.19 59.07
CA ILE I 525 32.10 -2.70 57.76
C ILE I 525 31.96 -1.59 56.74
N GLY I 526 31.57 -0.39 57.16
CA GLY I 526 31.36 0.68 56.21
C GLY I 526 32.66 1.05 55.51
N ASN I 527 32.54 1.37 54.22
CA ASN I 527 33.62 1.80 53.32
C ASN I 527 34.45 0.63 52.80
N ASN I 528 34.10 -0.62 53.09
CA ASN I 528 34.93 -1.74 52.68
C ASN I 528 34.38 -2.43 51.43
N ALA I 529 33.18 -2.97 51.51
CA ALA I 529 32.44 -3.59 50.41
C ALA I 529 32.99 -4.94 49.99
N THR I 530 34.22 -5.27 50.37
CA THR I 530 34.76 -6.59 50.13
C THR I 530 34.41 -7.55 51.25
N VAL I 531 33.96 -7.04 52.39
CA VAL I 531 33.29 -7.84 53.39
C VAL I 531 31.79 -7.64 53.36
N ILE I 532 31.29 -6.76 52.50
CA ILE I 532 29.86 -6.54 52.39
C ILE I 532 29.25 -7.38 51.28
N GLN I 533 29.83 -7.36 50.09
CA GLN I 533 29.27 -8.12 48.98
C GLN I 533 29.18 -9.62 49.27
N PRO I 534 30.14 -10.26 49.94
CA PRO I 534 29.94 -11.67 50.32
C PRO I 534 28.73 -11.89 51.20
N VAL I 535 28.42 -10.95 52.09
CA VAL I 535 27.22 -11.07 52.93
C VAL I 535 25.97 -11.12 52.06
N LEU I 536 25.88 -10.20 51.10
CA LEU I 536 24.71 -10.16 50.23
C LEU I 536 24.63 -11.41 49.37
N GLN I 537 25.75 -11.93 48.90
CA GLN I 537 25.70 -13.15 48.10
C GLN I 537 25.28 -14.35 48.93
N ASP I 538 25.73 -14.41 50.18
CA ASP I 538 25.26 -15.47 51.08
C ASP I 538 23.76 -15.39 51.29
N ILE I 539 23.24 -14.19 51.55
CA ILE I 539 21.79 -14.05 51.72
C ILE I 539 21.05 -14.40 50.44
N SER I 540 21.64 -14.08 49.30
CA SER I 540 21.04 -14.44 48.02
C SER I 540 20.91 -15.95 47.87
N VAL I 541 21.99 -16.67 48.19
CA VAL I 541 21.93 -18.13 48.08
C VAL I 541 20.95 -18.71 49.08
N LEU I 542 20.84 -18.11 50.26
CA LEU I 542 19.87 -18.58 51.24
C LEU I 542 18.44 -18.39 50.73
N LEU I 543 18.15 -17.22 50.15
CA LEU I 543 16.84 -17.00 49.55
C LEU I 543 16.58 -18.00 48.43
N GLN I 544 17.59 -18.30 47.62
CA GLN I 544 17.40 -19.26 46.54
C GLN I 544 17.07 -20.65 47.08
N ARG I 545 17.68 -21.03 48.20
CA ARG I 545 17.36 -22.32 48.78
C ARG I 545 15.97 -22.33 49.40
N ILE I 546 15.52 -21.21 49.96
CA ILE I 546 14.27 -21.20 50.71
C ILE I 546 13.06 -21.03 49.81
N SER I 547 13.13 -20.12 48.84
CA SER I 547 11.93 -19.63 48.17
C SER I 547 11.32 -20.69 47.26
N PRO I 548 10.00 -20.65 47.06
CA PRO I 548 9.35 -21.62 46.17
C PRO I 548 9.32 -21.17 44.73
N LEU I 549 9.51 -19.88 44.48
CA LEU I 549 9.45 -19.36 43.13
C LEU I 549 10.57 -19.93 42.27
N GLN I 550 10.30 -20.04 40.97
CA GLN I 550 11.27 -20.54 40.00
C GLN I 550 11.23 -19.66 38.77
N ILE I 551 12.39 -19.17 38.36
CA ILE I 551 12.48 -18.29 37.19
C ILE I 551 12.54 -19.19 35.95
N ASP I 552 11.41 -19.33 35.26
CA ASP I 552 11.37 -20.12 34.04
C ASP I 552 11.35 -19.17 32.85
N PRO I 553 12.47 -18.98 32.14
CA PRO I 553 12.49 -18.00 31.06
C PRO I 553 11.76 -18.43 29.80
N THR I 554 11.17 -19.63 29.77
CA THR I 554 10.43 -20.06 28.60
C THR I 554 9.07 -19.37 28.47
N ILE I 555 8.62 -18.68 29.50
CA ILE I 555 7.34 -17.98 29.42
C ILE I 555 7.39 -16.91 28.34
N ILE I 556 8.48 -16.14 28.32
CA ILE I 556 8.62 -15.08 27.33
C ILE I 556 8.70 -15.65 25.92
N SER I 557 9.40 -16.77 25.76
CA SER I 557 9.49 -17.38 24.44
C SER I 557 8.15 -17.91 23.97
N ASN I 558 7.40 -18.57 24.86
CA ASN I 558 6.08 -19.06 24.50
C ASN I 558 5.15 -17.92 24.13
N THR I 559 5.23 -16.81 24.86
CA THR I 559 4.34 -15.70 24.55
C THR I 559 4.77 -14.94 23.29
N MET I 560 6.06 -14.94 22.97
CA MET I 560 6.52 -14.24 21.77
C MET I 560 6.37 -15.09 20.52
N SER I 561 6.27 -16.41 20.66
CA SER I 561 6.03 -17.23 19.47
C SER I 561 4.60 -17.11 18.95
N THR I 562 3.75 -16.37 19.63
CA THR I 562 2.37 -16.14 19.22
C THR I 562 2.21 -14.87 18.40
N VAL I 563 3.24 -14.01 18.36
CA VAL I 563 3.12 -12.72 17.70
C VAL I 563 2.85 -12.92 16.21
N SER I 564 1.82 -12.24 15.71
CA SER I 564 1.45 -12.30 14.31
C SER I 564 2.05 -11.12 13.57
N GLU I 565 2.95 -11.38 12.65
CA GLU I 565 3.55 -10.35 11.83
C GLU I 565 3.85 -10.94 10.46
N SER I 566 4.66 -10.25 9.67
CA SER I 566 4.94 -10.66 8.31
C SER I 566 6.43 -10.72 8.06
N THR I 567 6.81 -11.52 7.07
CA THR I 567 8.17 -11.53 6.55
C THR I 567 8.47 -10.27 5.73
N THR I 568 7.45 -9.51 5.37
CA THR I 568 7.58 -8.28 4.60
C THR I 568 8.55 -7.29 5.23
N GLN I 569 8.20 -6.79 6.40
CA GLN I 569 8.99 -5.76 7.06
C GLN I 569 10.37 -6.31 7.42
N THR I 570 11.31 -5.39 7.62
CA THR I 570 12.66 -5.76 8.02
C THR I 570 12.89 -5.64 9.51
N LEU I 571 11.91 -5.14 10.27
CA LEU I 571 12.04 -4.93 11.70
C LEU I 571 10.99 -5.78 12.42
N SER I 572 11.44 -6.62 13.33
CA SER I 572 10.54 -7.51 14.07
C SER I 572 10.62 -7.22 15.56
N PRO I 573 9.55 -6.70 16.17
CA PRO I 573 9.64 -6.33 17.60
C PRO I 573 9.87 -7.50 18.54
N ALA I 574 9.19 -8.62 18.31
CA ALA I 574 9.36 -9.78 19.18
C ALA I 574 10.78 -10.30 19.13
N SER I 575 11.30 -10.53 17.93
CA SER I 575 12.69 -10.94 17.79
C SER I 575 13.65 -9.92 18.36
N SER I 576 13.30 -8.63 18.28
CA SER I 576 14.19 -7.61 18.81
C SER I 576 14.29 -7.67 20.32
N ILE I 577 13.16 -7.85 21.01
CA ILE I 577 13.24 -7.96 22.47
C ILE I 577 13.91 -9.27 22.87
N LEU I 578 13.68 -10.33 22.10
CA LEU I 578 14.38 -11.59 22.37
C LEU I 578 15.88 -11.41 22.23
N GLY I 579 16.33 -10.58 21.30
CA GLY I 579 17.75 -10.29 21.19
C GLY I 579 18.24 -9.38 22.29
N LYS I 580 17.39 -8.46 22.75
CA LYS I 580 17.81 -7.50 23.78
C LYS I 580 18.04 -8.20 25.12
N LEU I 581 17.11 -9.06 25.53
CA LEU I 581 17.24 -9.66 26.85
C LEU I 581 18.38 -10.68 26.89
N ARG I 582 19.57 -10.24 27.29
CA ARG I 582 20.75 -11.09 27.40
C ARG I 582 21.50 -10.75 28.68
N PRO I 583 22.06 -11.75 29.35
CA PRO I 583 22.79 -11.47 30.59
C PRO I 583 24.05 -10.68 30.33
N SER I 584 24.51 -10.00 31.38
CA SER I 584 25.73 -9.20 31.30
C SER I 584 26.88 -9.77 32.11
N ASN I 585 26.60 -10.59 33.13
CA ASN I 585 27.65 -11.26 33.88
C ASN I 585 27.14 -12.63 34.28
N SER I 586 27.89 -13.33 35.11
CA SER I 586 27.46 -14.60 35.65
C SER I 586 27.82 -14.76 37.12
N ASP I 587 28.23 -13.68 37.80
CA ASP I 587 28.74 -13.79 39.16
C ASP I 587 27.65 -14.18 40.13
N PHE I 588 26.50 -13.52 40.07
CA PHE I 588 25.46 -13.72 41.07
C PHE I 588 24.10 -13.52 40.41
N SER I 589 23.05 -13.69 41.20
CA SER I 589 21.69 -13.42 40.77
C SER I 589 21.36 -11.97 41.12
N SER I 590 21.27 -11.12 40.09
CA SER I 590 20.98 -9.71 40.32
C SER I 590 19.64 -9.53 41.00
N PHE I 591 18.66 -10.37 40.67
CA PHE I 591 17.34 -10.30 41.28
C PHE I 591 17.41 -10.50 42.79
N ARG I 592 17.98 -11.64 43.22
CA ARG I 592 18.02 -11.94 44.63
C ARG I 592 18.95 -11.01 45.39
N VAL I 593 20.01 -10.52 44.76
CA VAL I 593 20.85 -9.57 45.47
C VAL I 593 20.12 -8.23 45.61
N ALA I 594 19.28 -7.88 44.63
CA ALA I 594 18.44 -6.70 44.80
C ALA I 594 17.46 -6.89 45.96
N LEU I 595 16.87 -8.08 46.07
CA LEU I 595 15.98 -8.36 47.20
C LEU I 595 16.72 -8.27 48.53
N ALA I 596 17.87 -8.92 48.63
CA ALA I 596 18.63 -8.94 49.87
C ALA I 596 19.28 -7.60 50.19
N GLY I 597 19.37 -6.68 49.23
CA GLY I 597 19.86 -5.36 49.54
C GLY I 597 18.87 -4.50 50.29
N TRP I 598 17.60 -4.89 50.29
CA TRP I 598 16.58 -4.13 51.02
C TRP I 598 16.86 -4.06 52.50
N LEU I 599 17.58 -5.04 53.04
CA LEU I 599 17.86 -5.06 54.48
C LEU I 599 19.01 -4.15 54.87
N TYR I 600 19.73 -3.56 53.92
CA TYR I 600 20.94 -2.84 54.24
C TYR I 600 21.07 -1.55 53.45
N ASN I 601 20.01 -0.77 53.35
CA ASN I 601 20.19 0.49 52.60
C ASN I 601 20.99 1.52 53.38
N GLY I 602 21.42 1.22 54.61
CA GLY I 602 22.22 2.17 55.35
C GLY I 602 23.69 2.14 54.99
N VAL I 603 24.19 1.01 54.51
CA VAL I 603 25.59 0.91 54.12
C VAL I 603 25.70 0.57 52.63
N VAL I 604 24.70 -0.13 52.10
CA VAL I 604 24.71 -0.57 50.72
C VAL I 604 23.60 0.13 49.97
N THR I 605 23.86 0.48 48.72
CA THR I 605 22.88 1.12 47.85
C THR I 605 23.00 0.49 46.47
N THR I 606 22.14 -0.48 46.19
CA THR I 606 22.16 -1.16 44.89
C THR I 606 21.67 -0.20 43.81
N VAL I 607 22.49 0.03 42.80
CA VAL I 607 22.15 0.89 41.68
C VAL I 607 22.21 0.08 40.40
N ILE I 608 21.37 0.45 39.43
CA ILE I 608 21.42 -0.21 38.14
C ILE I 608 22.76 0.05 37.48
N ASP I 609 23.29 -0.97 36.80
CA ASP I 609 24.60 -0.87 36.18
C ASP I 609 24.59 0.22 35.11
N ASP I 610 25.80 0.67 34.78
CA ASP I 610 25.94 1.67 33.73
C ASP I 610 25.70 1.08 32.35
N SER I 611 26.08 -0.17 32.14
CA SER I 611 25.96 -0.81 30.84
C SER I 611 24.53 -1.16 30.46
N SER I 612 23.56 -0.93 31.34
CA SER I 612 22.18 -1.23 31.06
C SER I 612 21.44 -0.10 30.37
N TYR I 613 22.09 1.03 30.16
CA TYR I 613 21.46 2.20 29.56
C TYR I 613 21.63 2.19 28.06
N PRO I 614 20.99 3.13 27.35
CA PRO I 614 20.98 3.08 25.88
C PRO I 614 22.28 3.50 25.20
N LYS I 615 23.41 3.49 25.92
CA LYS I 615 24.76 3.58 25.34
C LYS I 615 24.94 4.88 24.54
N ASP I 616 25.02 5.97 25.31
CA ASP I 616 25.25 7.30 24.79
C ASP I 616 24.04 7.83 24.02
N GLY I 617 22.88 7.80 24.66
CA GLY I 617 21.71 8.46 24.13
C GLY I 617 20.92 7.54 23.22
N GLY I 618 19.70 7.22 23.61
CA GLY I 618 18.83 6.42 22.77
C GLY I 618 18.13 7.28 21.74
N SER I 619 16.97 6.81 21.30
CA SER I 619 16.10 7.57 20.43
C SER I 619 14.76 6.88 20.38
N VAL I 620 13.69 7.67 20.34
CA VAL I 620 12.36 7.10 20.19
C VAL I 620 12.23 6.45 18.82
N THR I 621 13.01 6.91 17.83
CA THR I 621 12.97 6.32 16.51
C THR I 621 13.55 4.91 16.46
N SER I 622 14.28 4.50 17.49
CA SER I 622 14.99 3.23 17.47
C SER I 622 14.27 2.20 18.32
N LEU I 623 13.94 1.06 17.72
CA LEU I 623 13.16 0.03 18.40
C LEU I 623 13.95 -0.60 19.53
N GLU I 624 15.25 -0.83 19.33
CA GLU I 624 16.08 -1.38 20.40
C GLU I 624 16.14 -0.43 21.59
N ASN I 625 16.23 0.88 21.32
CA ASN I 625 16.23 1.82 22.43
C ASN I 625 14.87 1.85 23.12
N LEU I 626 13.78 1.65 22.37
CA LEU I 626 12.48 1.53 23.01
C LEU I 626 12.45 0.37 24.00
N TRP I 627 12.95 -0.79 23.57
CA TRP I 627 12.96 -1.93 24.49
C TRP I 627 13.93 -1.72 25.65
N ASP I 628 15.04 -1.01 25.41
CA ASP I 628 15.92 -0.62 26.52
C ASP I 628 15.16 0.19 27.56
N PHE I 629 14.40 1.17 27.10
CA PHE I 629 13.61 1.98 28.02
C PHE I 629 12.62 1.12 28.79
N PHE I 630 11.98 0.17 28.10
CA PHE I 630 11.02 -0.71 28.79
C PHE I 630 11.71 -1.50 29.90
N ILE I 631 12.87 -2.08 29.60
CA ILE I 631 13.57 -2.91 30.57
C ILE I 631 13.99 -2.06 31.77
N LEU I 632 14.52 -0.87 31.52
CA LEU I 632 14.93 0.00 32.63
C LEU I 632 13.73 0.41 33.48
N ALA I 633 12.61 0.75 32.84
CA ALA I 633 11.44 1.19 33.59
C ALA I 633 10.91 0.08 34.47
N LEU I 634 10.98 -1.17 33.99
CA LEU I 634 10.53 -2.26 34.85
C LEU I 634 11.51 -2.56 35.97
N ALA I 635 12.82 -2.42 35.72
CA ALA I 635 13.79 -2.86 36.71
C ALA I 635 14.07 -1.83 37.78
N LEU I 636 13.95 -0.54 37.47
CA LEU I 636 14.36 0.50 38.41
C LEU I 636 13.64 0.48 39.75
N PRO I 637 12.33 0.24 39.85
CA PRO I 637 11.68 0.32 41.17
C PRO I 637 12.20 -0.68 42.21
N LEU I 638 12.95 -1.71 41.80
CA LEU I 638 13.42 -2.70 42.76
C LEU I 638 14.71 -2.29 43.44
N THR I 639 15.56 -1.51 42.78
CA THR I 639 16.78 -1.05 43.42
C THR I 639 16.45 -0.13 44.59
N THR I 640 17.41 0.01 45.50
CA THR I 640 17.26 0.89 46.65
C THR I 640 17.93 2.23 46.43
N ASP I 641 18.28 2.54 45.20
CA ASP I 641 18.86 3.83 44.85
C ASP I 641 17.82 4.93 45.04
N PRO I 642 18.08 5.95 45.86
CA PRO I 642 17.07 7.00 46.06
C PRO I 642 16.75 7.81 44.81
N CYS I 643 17.63 7.85 43.82
CA CYS I 643 17.42 8.65 42.62
C CYS I 643 16.89 7.83 41.45
N ALA I 644 16.36 6.64 41.73
CA ALA I 644 15.76 5.81 40.69
C ALA I 644 14.64 6.52 39.93
N PRO I 645 13.73 7.25 40.56
CA PRO I 645 12.69 7.93 39.76
C PRO I 645 13.25 8.97 38.80
N VAL I 646 14.21 9.78 39.24
CA VAL I 646 14.73 10.78 38.33
C VAL I 646 15.51 10.11 37.21
N LYS I 647 16.18 8.99 37.48
CA LYS I 647 16.84 8.29 36.39
C LYS I 647 15.84 7.72 35.40
N ALA I 648 14.73 7.17 35.90
CA ALA I 648 13.69 6.65 35.02
C ALA I 648 13.09 7.75 34.16
N PHE I 649 13.00 8.96 34.69
CA PHE I 649 12.48 10.07 33.89
C PHE I 649 13.51 10.51 32.85
N MET I 650 14.74 10.76 33.28
CA MET I 650 15.72 11.29 32.35
C MET I 650 16.17 10.28 31.31
N THR I 651 15.88 8.98 31.48
CA THR I 651 16.13 8.06 30.39
C THR I 651 15.29 8.39 29.17
N LEU I 652 13.97 8.49 29.35
CA LEU I 652 13.13 8.90 28.25
C LEU I 652 13.42 10.34 27.82
N ALA I 653 13.81 11.20 28.77
CA ALA I 653 14.20 12.55 28.40
C ALA I 653 15.36 12.56 27.43
N ASN I 654 16.39 11.75 27.69
CA ASN I 654 17.51 11.66 26.76
C ASN I 654 17.07 11.06 25.43
N MET I 655 16.26 10.00 25.47
CA MET I 655 15.86 9.35 24.23
C MET I 655 15.08 10.31 23.34
N MET I 656 14.27 11.16 23.94
CA MET I 656 13.40 12.07 23.18
C MET I 656 14.01 13.47 23.09
N VAL I 657 15.17 13.56 22.44
CA VAL I 657 15.86 14.82 22.23
C VAL I 657 15.77 15.15 20.75
N GLY I 658 15.22 16.32 20.43
CA GLY I 658 14.92 16.72 19.08
C GLY I 658 13.45 16.64 18.73
N PHE I 659 12.68 15.87 19.48
CA PHE I 659 11.24 15.79 19.31
C PHE I 659 10.47 16.58 20.36
N GLU I 660 10.85 16.46 21.62
CA GLU I 660 10.29 17.26 22.69
C GLU I 660 11.43 17.84 23.52
N THR I 661 11.20 19.02 24.08
CA THR I 661 12.23 19.70 24.86
C THR I 661 11.66 20.15 26.19
N ILE I 662 12.54 20.28 27.17
CA ILE I 662 12.17 20.75 28.50
C ILE I 662 13.27 21.66 29.02
N PRO I 663 12.91 22.60 29.91
CA PRO I 663 13.92 23.51 30.47
C PRO I 663 14.69 22.83 31.59
N MET I 664 16.00 22.73 31.43
CA MET I 664 16.86 22.15 32.44
C MET I 664 17.44 23.26 33.32
N ASP I 665 18.17 22.85 34.36
CA ASP I 665 18.64 23.82 35.34
C ASP I 665 19.75 24.70 34.79
N ASN I 666 20.81 24.10 34.25
CA ASN I 666 21.95 24.85 33.76
C ASN I 666 22.41 24.23 32.45
N GLN I 667 23.60 24.62 32.00
CA GLN I 667 24.14 24.15 30.73
C GLN I 667 25.12 23.01 30.90
N ILE I 668 25.30 22.51 32.11
CA ILE I 668 26.09 21.30 32.34
C ILE I 668 25.21 20.06 32.27
N TYR I 669 24.11 20.07 33.02
CA TYR I 669 23.17 18.95 33.01
C TYR I 669 22.03 19.21 32.04
N THR I 670 22.39 19.40 30.77
CA THR I 670 21.38 19.62 29.75
C THR I 670 20.54 18.36 29.56
N GLN I 671 19.49 18.48 28.75
CA GLN I 671 18.62 17.34 28.50
C GLN I 671 19.36 16.21 27.80
N SER I 672 20.43 16.51 27.08
CA SER I 672 21.22 15.50 26.41
C SER I 672 22.27 14.87 27.32
N ARG I 673 22.42 15.36 28.55
CA ARG I 673 23.33 14.74 29.49
C ARG I 673 22.83 13.35 29.85
N ARG I 674 23.77 12.43 30.02
CA ARG I 674 23.42 11.03 30.19
C ARG I 674 22.60 10.80 31.45
N ALA I 675 21.66 9.86 31.38
CA ALA I 675 20.71 9.69 32.46
C ALA I 675 21.38 9.16 33.72
N SER I 676 22.38 8.29 33.57
CA SER I 676 22.99 7.66 34.74
C SER I 676 23.82 8.62 35.58
N ALA I 677 24.02 9.85 35.12
CA ALA I 677 24.80 10.83 35.85
C ALA I 677 24.01 11.59 36.89
N PHE I 678 22.69 11.40 36.94
CA PHE I 678 21.83 12.14 37.86
C PHE I 678 21.62 11.36 39.16
N SER I 679 22.71 11.09 39.86
CA SER I 679 22.65 10.33 41.10
C SER I 679 23.03 11.26 42.25
N THR I 680 22.08 12.08 42.65
CA THR I 680 22.13 12.92 43.84
C THR I 680 20.80 13.63 43.95
N PRO I 681 20.35 13.99 45.15
CA PRO I 681 19.15 14.83 45.25
C PRO I 681 19.35 16.22 44.69
N HIS I 682 20.59 16.72 44.64
CA HIS I 682 20.82 18.06 44.13
C HIS I 682 20.52 18.17 42.65
N THR I 683 20.67 17.08 41.91
CA THR I 683 20.65 17.14 40.46
C THR I 683 19.29 16.86 39.85
N TRP I 684 18.23 16.81 40.63
CA TRP I 684 16.92 16.59 40.06
C TRP I 684 16.48 17.86 39.34
N PRO I 685 16.06 17.78 38.09
CA PRO I 685 15.71 19.00 37.36
C PRO I 685 14.50 19.69 37.96
N ARG I 686 14.47 21.01 37.82
CA ARG I 686 13.36 21.81 38.32
C ARG I 686 12.05 21.47 37.62
N CYS I 687 12.11 21.11 36.34
CA CYS I 687 10.93 20.77 35.58
C CYS I 687 10.38 19.40 35.93
N PHE I 688 11.06 18.65 36.79
CA PHE I 688 10.54 17.39 37.29
C PHE I 688 9.81 17.58 38.61
N MET I 689 10.17 18.60 39.37
CA MET I 689 9.46 18.94 40.59
C MET I 689 8.26 19.86 40.33
N ASN I 690 8.36 20.74 39.34
CA ASN I 690 7.20 21.49 38.88
C ASN I 690 6.80 20.95 37.51
N ILE I 691 5.49 20.82 37.29
CA ILE I 691 4.98 20.24 36.06
C ILE I 691 4.34 21.29 35.16
N GLN I 692 4.26 22.55 35.60
CA GLN I 692 3.95 23.63 34.67
C GLN I 692 4.99 23.70 33.57
N LEU I 693 6.25 23.47 33.91
CA LEU I 693 7.34 23.72 32.98
C LEU I 693 7.44 22.67 31.88
N ILE I 694 6.70 21.57 32.00
CA ILE I 694 6.58 20.59 30.93
C ILE I 694 5.26 20.90 30.26
N SER I 695 5.31 21.74 29.24
CA SER I 695 4.07 22.19 28.60
C SER I 695 3.38 21.04 27.90
N PRO I 696 2.08 20.86 28.08
CA PRO I 696 1.40 19.67 27.57
C PRO I 696 1.11 19.68 26.08
N ILE I 697 1.68 20.60 25.31
CA ILE I 697 1.49 20.58 23.85
C ILE I 697 2.84 20.71 23.16
N ASP I 698 3.89 20.95 23.93
CA ASP I 698 5.25 20.84 23.41
C ASP I 698 5.93 19.55 23.80
N ALA I 699 5.54 18.96 24.93
CA ALA I 699 6.12 17.71 25.42
C ALA I 699 5.05 16.88 26.10
N PRO I 700 4.02 16.45 25.36
CA PRO I 700 2.92 15.72 26.01
C PRO I 700 3.34 14.38 26.57
N ILE I 701 4.23 13.66 25.87
CA ILE I 701 4.65 12.36 26.36
C ILE I 701 5.46 12.49 27.64
N LEU I 702 6.32 13.52 27.72
CA LEU I 702 7.10 13.72 28.92
C LEU I 702 6.21 14.19 30.08
N ARG I 703 5.24 15.05 29.79
CA ARG I 703 4.24 15.41 30.78
C ARG I 703 3.56 14.17 31.34
N GLN I 704 3.12 13.28 30.46
CA GLN I 704 2.41 12.08 30.88
C GLN I 704 3.31 11.15 31.68
N TRP I 705 4.55 10.95 31.24
CA TRP I 705 5.46 10.06 31.96
C TRP I 705 5.80 10.61 33.33
N ALA I 706 5.96 11.93 33.45
CA ALA I 706 6.21 12.52 34.76
C ALA I 706 5.01 12.34 35.68
N GLU I 707 3.80 12.56 35.18
CA GLU I 707 2.62 12.34 36.01
C GLU I 707 2.52 10.89 36.45
N ILE I 708 2.83 9.96 35.55
CA ILE I 708 2.77 8.55 35.90
C ILE I 708 3.79 8.21 36.98
N ILE I 709 4.98 8.79 36.88
CA ILE I 709 6.00 8.54 37.90
C ILE I 709 5.56 9.08 39.24
N HIS I 710 4.97 10.28 39.27
CA HIS I 710 4.56 10.84 40.55
C HIS I 710 3.36 10.12 41.14
N ARG I 711 2.52 9.51 40.31
CA ARG I 711 1.29 8.93 40.83
C ARG I 711 1.41 7.44 41.16
N TYR I 712 1.95 6.64 40.23
CA TYR I 712 1.83 5.20 40.32
C TYR I 712 3.11 4.48 40.72
N TRP I 713 4.17 5.20 41.08
CA TRP I 713 5.38 4.57 41.57
C TRP I 713 5.07 3.78 42.85
N PRO I 714 5.71 2.65 43.07
CA PRO I 714 5.35 1.81 44.23
C PRO I 714 5.62 2.50 45.55
N ASN I 715 4.86 2.11 46.58
CA ASN I 715 4.81 2.64 47.93
C ASN I 715 5.58 1.74 48.89
N PRO I 716 6.30 2.31 49.85
CA PRO I 716 6.99 1.50 50.85
C PRO I 716 6.07 1.03 51.96
N SER I 717 6.54 0.02 52.69
CA SER I 717 5.75 -0.64 53.72
C SER I 717 6.70 -1.32 54.71
N GLN I 718 6.17 -2.24 55.52
CA GLN I 718 6.97 -2.88 56.56
C GLN I 718 6.35 -4.22 56.95
N ILE I 719 7.13 -5.03 57.67
CA ILE I 719 6.76 -6.42 57.89
C ILE I 719 6.85 -6.88 59.35
N ARG I 720 7.59 -6.23 60.24
CA ARG I 720 7.62 -6.58 61.67
C ARG I 720 8.18 -8.00 61.90
N TYR I 721 9.48 -8.13 61.70
CA TYR I 721 10.19 -9.36 62.01
C TYR I 721 10.51 -9.48 63.49
N GLY I 722 11.25 -10.53 63.85
CA GLY I 722 11.99 -10.59 65.11
C GLY I 722 11.12 -10.78 66.34
N THR I 723 11.82 -10.94 67.48
CA THR I 723 11.21 -10.93 68.81
C THR I 723 12.22 -10.43 69.84
N PRO I 724 12.04 -9.22 70.34
CA PRO I 724 13.07 -8.63 71.20
C PRO I 724 12.94 -8.99 72.67
N ASN I 725 12.21 -10.05 72.99
CA ASN I 725 12.15 -10.50 74.38
C ASN I 725 13.49 -11.13 74.78
N VAL I 726 13.87 -12.21 74.11
CA VAL I 726 15.13 -12.87 74.42
C VAL I 726 16.29 -12.10 73.80
N PHE I 727 16.15 -11.70 72.54
CA PHE I 727 17.13 -10.86 71.89
C PHE I 727 16.85 -9.40 72.25
N GLY I 728 17.59 -8.49 71.63
CA GLY I 728 17.26 -7.09 71.75
C GLY I 728 16.86 -6.56 70.38
N SER I 729 16.87 -5.25 70.21
CA SER I 729 16.64 -4.64 68.91
C SER I 729 17.93 -3.96 68.49
N ALA I 730 18.59 -4.50 67.47
CA ALA I 730 19.85 -3.97 66.98
C ALA I 730 19.68 -2.87 65.95
N ASN I 731 18.46 -2.40 65.73
CA ASN I 731 18.24 -1.33 64.78
C ASN I 731 18.37 0.02 65.45
N LEU I 732 18.77 1.03 64.68
CA LEU I 732 19.16 2.32 65.22
C LEU I 732 18.22 3.44 64.83
N PHE I 733 17.87 3.55 63.55
CA PHE I 733 17.07 4.67 63.08
C PHE I 733 15.63 4.31 62.75
N THR I 734 15.22 3.08 62.99
CA THR I 734 13.82 2.68 62.87
C THR I 734 13.34 2.12 64.19
N PRO I 735 12.03 2.02 64.40
CA PRO I 735 11.54 1.48 65.66
C PRO I 735 11.93 0.01 65.79
N PRO I 736 12.03 -0.49 67.01
CA PRO I 736 12.45 -1.87 67.20
C PRO I 736 11.40 -2.83 66.68
N GLU I 737 11.87 -3.97 66.14
CA GLU I 737 10.99 -5.02 65.64
C GLU I 737 10.20 -4.54 64.42
N VAL I 738 10.89 -3.89 63.48
CA VAL I 738 10.27 -3.33 62.28
C VAL I 738 11.25 -3.47 61.13
N LEU I 739 10.71 -3.81 59.95
CA LEU I 739 11.52 -3.99 58.76
C LEU I 739 10.90 -3.18 57.63
N LEU I 740 11.62 -2.18 57.15
CA LEU I 740 11.11 -1.35 56.07
C LEU I 740 11.22 -2.10 54.74
N LEU I 741 10.38 -1.72 53.79
CA LEU I 741 10.35 -2.33 52.47
C LEU I 741 10.07 -1.26 51.43
N PRO I 742 10.68 -1.38 50.25
CA PRO I 742 10.41 -0.42 49.17
C PRO I 742 9.18 -0.73 48.33
N ILE I 743 8.33 -1.67 48.74
CA ILE I 743 7.10 -1.99 48.02
C ILE I 743 6.04 -2.36 49.04
N ASP I 744 4.79 -2.44 48.57
CA ASP I 744 3.65 -2.70 49.45
C ASP I 744 3.54 -4.19 49.75
N HIS I 745 3.38 -4.52 51.02
CA HIS I 745 3.18 -5.89 51.45
C HIS I 745 1.71 -6.13 51.75
N GLN I 746 1.25 -7.33 51.46
CA GLN I 746 -0.13 -7.72 51.71
C GLN I 746 -0.21 -9.23 51.88
N PRO I 747 -0.62 -9.73 53.04
CA PRO I 747 -0.64 -11.18 53.28
C PRO I 747 -1.56 -11.89 52.30
N ALA I 748 -1.38 -13.21 52.24
CA ALA I 748 -2.18 -14.05 51.35
C ALA I 748 -3.32 -14.70 52.10
N ASN I 749 -4.32 -15.13 51.33
CA ASN I 749 -5.51 -15.76 51.89
C ASN I 749 -5.52 -17.27 51.74
N VAL I 750 -4.82 -17.80 50.75
CA VAL I 750 -4.83 -19.22 50.44
C VAL I 750 -3.41 -19.74 50.43
N THR I 751 -3.28 -21.04 50.67
CA THR I 751 -2.00 -21.72 50.60
C THR I 751 -1.77 -22.39 49.25
N THR I 752 -2.80 -22.51 48.43
CA THR I 752 -2.64 -23.00 47.07
C THR I 752 -2.72 -21.81 46.13
N PRO I 753 -1.62 -21.12 45.87
CA PRO I 753 -1.70 -19.86 45.15
C PRO I 753 -2.07 -20.08 43.69
N THR I 754 -2.78 -19.10 43.16
CA THR I 754 -3.17 -19.07 41.75
C THR I 754 -3.10 -17.64 41.27
N LEU I 755 -2.87 -17.47 39.97
CA LEU I 755 -2.50 -16.17 39.42
C LEU I 755 -3.64 -15.16 39.52
N ASP I 756 -3.30 -13.92 39.84
CA ASP I 756 -4.22 -12.81 39.73
C ASP I 756 -3.43 -11.54 39.43
N PHE I 757 -4.11 -10.54 38.89
CA PHE I 757 -3.48 -9.35 38.34
C PHE I 757 -3.42 -8.16 39.29
N THR I 758 -4.03 -8.25 40.47
CA THR I 758 -4.24 -7.07 41.30
C THR I 758 -3.07 -6.85 42.24
N ASN I 759 -2.07 -6.11 41.77
CA ASN I 759 -0.96 -5.70 42.62
C ASN I 759 -0.23 -4.53 41.97
N GLU I 760 0.55 -3.81 42.79
CA GLU I 760 1.12 -2.55 42.32
C GLU I 760 2.18 -2.77 41.26
N LEU I 761 2.83 -3.93 41.25
CA LEU I 761 3.85 -4.16 40.22
C LEU I 761 3.21 -4.44 38.86
N THR I 762 2.14 -5.23 38.84
CA THR I 762 1.42 -5.40 37.58
C THR I 762 0.80 -4.10 37.12
N ASN I 763 0.32 -3.28 38.06
CA ASN I 763 -0.23 -1.99 37.67
C ASN I 763 0.86 -1.07 37.11
N TRP I 764 2.05 -1.12 37.69
CA TRP I 764 3.17 -0.35 37.14
C TRP I 764 3.50 -0.80 35.72
N ARG I 765 3.57 -2.11 35.50
CA ARG I 765 3.85 -2.63 34.17
C ARG I 765 2.76 -2.21 33.19
N ALA I 766 1.50 -2.22 33.61
CA ALA I 766 0.42 -1.81 32.73
C ALA I 766 0.53 -0.33 32.38
N ARG I 767 0.87 0.50 33.36
CA ARG I 767 1.04 1.93 33.09
C ARG I 767 2.16 2.17 32.08
N VAL I 768 3.28 1.48 32.25
CA VAL I 768 4.40 1.63 31.32
C VAL I 768 4.01 1.19 29.92
N CYS I 769 3.38 0.03 29.81
CA CYS I 769 2.98 -0.48 28.50
C CYS I 769 1.99 0.46 27.83
N GLU I 770 1.07 1.03 28.59
CA GLU I 770 0.10 1.94 28.00
C GLU I 770 0.77 3.23 27.53
N LEU I 771 1.77 3.71 28.27
CA LEU I 771 2.47 4.91 27.82
C LEU I 771 3.18 4.65 26.50
N MET I 772 3.91 3.54 26.39
CA MET I 772 4.56 3.30 25.10
C MET I 772 3.53 3.01 24.01
N LYS I 773 2.38 2.44 24.37
CA LYS I 773 1.34 2.19 23.39
C LYS I 773 0.86 3.49 22.75
N ASN I 774 0.57 4.49 23.57
CA ASN I 774 0.16 5.77 23.00
C ASN I 774 1.35 6.67 22.68
N LEU I 775 2.58 6.17 22.83
CA LEU I 775 3.76 6.85 22.32
C LEU I 775 4.09 6.45 20.89
N VAL I 776 3.82 5.20 20.52
CA VAL I 776 4.12 4.73 19.17
C VAL I 776 3.23 5.49 18.18
N ASP I 777 3.83 6.39 17.39
CA ASP I 777 3.07 7.22 16.45
C ASP I 777 3.98 7.60 15.28
N ASN I 778 3.86 6.84 14.18
CA ASN I 778 4.74 7.00 13.02
C ASN I 778 4.82 8.43 12.54
N GLN I 779 3.72 9.18 12.66
CA GLN I 779 3.78 10.62 12.52
C GLN I 779 4.20 11.21 13.86
N ARG I 780 5.28 11.98 13.84
CA ARG I 780 5.85 12.75 14.94
C ARG I 780 6.76 11.94 15.87
N TYR I 781 6.86 10.61 15.75
CA TYR I 781 7.90 10.00 16.59
C TYR I 781 8.78 8.99 15.84
N GLN I 782 8.22 8.31 14.84
CA GLN I 782 8.98 7.35 14.03
C GLN I 782 8.57 7.51 12.58
N PRO I 783 9.27 8.35 11.82
CA PRO I 783 8.80 8.63 10.45
C PRO I 783 8.86 7.44 9.51
N GLY I 784 9.89 6.61 9.60
CA GLY I 784 10.07 5.54 8.64
C GLY I 784 9.26 4.30 8.85
N TRP I 785 8.26 4.31 9.73
CA TRP I 785 7.50 3.11 10.05
C TRP I 785 6.21 3.05 9.23
N THR I 786 5.75 1.83 9.01
CA THR I 786 4.49 1.58 8.33
C THR I 786 3.39 1.26 9.33
N GLN I 787 2.16 1.33 8.85
CA GLN I 787 1.01 1.04 9.70
C GLN I 787 1.07 -0.40 10.21
N SER I 788 1.53 -1.32 9.36
CA SER I 788 1.69 -2.71 9.78
C SER I 788 2.67 -2.83 10.94
N LEU I 789 3.80 -2.12 10.84
CA LEU I 789 4.79 -2.17 11.91
C LEU I 789 4.24 -1.56 13.19
N VAL I 790 3.48 -0.47 13.08
CA VAL I 790 2.90 0.14 14.26
C VAL I 790 1.93 -0.83 14.95
N SER I 791 1.08 -1.48 14.15
CA SER I 791 0.12 -2.41 14.73
C SER I 791 0.83 -3.61 15.36
N SER I 792 1.89 -4.10 14.73
CA SER I 792 2.63 -5.22 15.31
C SER I 792 3.27 -4.83 16.63
N MET I 793 3.84 -3.61 16.70
CA MET I 793 4.44 -3.15 17.94
C MET I 793 3.42 -3.02 19.05
N ARG I 794 2.24 -2.47 18.73
CA ARG I 794 1.21 -2.35 19.76
C ARG I 794 0.71 -3.72 20.20
N GLY I 795 0.63 -4.68 19.28
CA GLY I 795 0.24 -6.02 19.68
C GLY I 795 1.26 -6.68 20.59
N THR I 796 2.55 -6.49 20.28
CA THR I 796 3.59 -7.01 21.17
C THR I 796 3.51 -6.36 22.54
N LEU I 797 3.25 -5.05 22.59
CA LEU I 797 3.09 -4.38 23.88
C LEU I 797 1.92 -4.96 24.66
N GLY I 798 0.79 -5.20 23.99
CA GLY I 798 -0.36 -5.77 24.69
C GLY I 798 -0.08 -7.16 25.23
N LYS I 799 0.55 -8.01 24.42
CA LYS I 799 0.89 -9.36 24.89
C LYS I 799 1.85 -9.30 26.07
N LEU I 800 2.83 -8.41 26.00
CA LEU I 800 3.82 -8.31 27.07
C LEU I 800 3.21 -7.72 28.34
N LYS I 801 2.18 -6.91 28.20
CA LYS I 801 1.47 -6.43 29.38
C LYS I 801 0.64 -7.54 30.02
N LEU I 802 -0.05 -8.33 29.21
CA LEU I 802 -0.90 -9.39 29.73
C LEU I 802 -0.14 -10.69 29.98
N ILE I 803 1.19 -10.67 29.89
CA ILE I 803 1.97 -11.85 30.23
C ILE I 803 1.66 -12.29 31.65
N LYS I 804 1.60 -13.61 31.86
CA LYS I 804 1.18 -14.18 33.14
C LYS I 804 2.40 -14.66 33.92
N SER I 805 3.01 -13.72 34.64
CA SER I 805 4.14 -14.01 35.51
C SER I 805 3.69 -13.88 36.95
N MET I 806 4.21 -14.77 37.81
CA MET I 806 3.84 -14.79 39.21
C MET I 806 4.87 -14.14 40.10
N THR I 807 5.85 -13.45 39.52
CA THR I 807 6.85 -12.73 40.29
C THR I 807 6.27 -11.53 41.04
N PRO I 808 5.37 -10.74 40.44
CA PRO I 808 4.77 -9.65 41.23
C PRO I 808 3.92 -10.15 42.39
N MET I 809 3.09 -11.16 42.15
CA MET I 809 2.36 -11.81 43.24
C MET I 809 3.30 -12.27 44.33
N TYR I 810 4.40 -12.91 43.93
CA TYR I 810 5.39 -13.37 44.89
C TYR I 810 5.93 -12.21 45.72
N LEU I 811 6.40 -11.16 45.04
CA LEU I 811 6.98 -10.02 45.73
C LEU I 811 5.99 -9.38 46.69
N GLN I 812 4.70 -9.42 46.36
CA GLN I 812 3.74 -8.81 47.27
C GLN I 812 3.42 -9.70 48.46
N GLN I 813 3.33 -11.01 48.24
CA GLN I 813 2.74 -11.87 49.26
C GLN I 813 3.75 -12.68 50.06
N LEU I 814 4.81 -13.22 49.44
CA LEU I 814 5.65 -14.19 50.10
C LEU I 814 7.07 -13.70 50.37
N ALA I 815 7.64 -12.87 49.51
CA ALA I 815 9.03 -12.43 49.69
C ALA I 815 9.25 -11.70 51.00
N PRO I 816 8.41 -10.74 51.39
CA PRO I 816 8.60 -10.10 52.71
C PRO I 816 8.52 -11.08 53.87
N VAL I 817 7.67 -12.09 53.77
CA VAL I 817 7.62 -13.09 54.83
C VAL I 817 8.93 -13.85 54.91
N GLU I 818 9.54 -14.16 53.77
CA GLU I 818 10.81 -14.86 53.79
C GLU I 818 11.92 -14.00 54.35
N LEU I 819 11.93 -12.71 54.01
CA LEU I 819 12.92 -11.80 54.59
C LEU I 819 12.73 -11.68 56.10
N ALA I 820 11.49 -11.61 56.56
CA ALA I 820 11.23 -11.53 58.00
C ALA I 820 11.62 -12.82 58.71
N VAL I 821 11.52 -13.95 58.02
CA VAL I 821 11.93 -15.22 58.61
C VAL I 821 13.45 -15.35 58.65
N ILE I 822 14.14 -14.75 57.68
CA ILE I 822 15.59 -14.89 57.63
C ILE I 822 16.29 -13.88 58.54
N ALA I 823 15.69 -12.70 58.73
CA ALA I 823 16.38 -11.62 59.44
C ALA I 823 16.79 -11.95 60.86
N PRO I 824 15.96 -12.55 61.72
CA PRO I 824 16.35 -12.70 63.13
C PRO I 824 17.60 -13.52 63.36
N MET I 825 17.87 -14.51 62.50
CA MET I 825 19.02 -15.38 62.67
C MET I 825 19.95 -15.12 61.49
N LEU I 826 20.84 -14.14 61.67
CA LEU I 826 21.66 -13.54 60.64
C LEU I 826 22.81 -12.81 61.32
N PRO I 827 24.05 -12.98 60.85
CA PRO I 827 25.20 -12.50 61.63
C PRO I 827 25.30 -10.99 61.70
N PHE I 828 24.95 -10.29 60.63
CA PHE I 828 25.03 -8.82 60.57
C PHE I 828 23.60 -8.29 60.50
N PRO I 829 23.03 -7.83 61.62
CA PRO I 829 21.59 -7.54 61.66
C PRO I 829 21.23 -6.43 60.70
N PRO I 830 19.94 -6.31 60.35
CA PRO I 830 19.53 -5.32 59.35
C PRO I 830 19.80 -3.90 59.82
N PHE I 831 20.30 -3.08 58.91
CA PHE I 831 20.67 -1.69 59.19
C PHE I 831 20.07 -0.83 58.09
N GLN I 832 18.90 -0.24 58.36
CA GLN I 832 18.14 0.46 57.35
C GLN I 832 17.96 1.93 57.70
N VAL I 833 17.77 2.73 56.67
CA VAL I 833 17.26 4.10 56.81
C VAL I 833 15.98 4.17 56.00
N PRO I 834 15.11 5.14 56.30
CA PRO I 834 13.76 5.13 55.72
C PRO I 834 13.76 5.23 54.21
N TYR I 835 12.75 4.62 53.60
CA TYR I 835 12.56 4.67 52.16
C TYR I 835 11.65 5.83 51.83
N VAL I 836 12.23 6.99 51.56
CA VAL I 836 11.45 8.14 51.08
C VAL I 836 11.13 7.89 49.61
N ARG I 837 9.85 7.86 49.29
CA ARG I 837 9.41 7.46 47.97
C ARG I 837 9.90 8.40 46.87
N LEU I 838 9.45 9.66 46.91
CA LEU I 838 9.65 10.52 45.75
C LEU I 838 9.90 11.99 46.09
N ASP I 839 10.24 12.33 47.33
CA ASP I 839 10.50 13.72 47.69
C ASP I 839 11.99 13.94 47.92
N ARG I 840 12.54 14.95 47.23
CA ARG I 840 13.95 15.30 47.42
C ARG I 840 14.20 15.92 48.79
N ASP I 841 13.19 16.48 49.43
CA ASP I 841 13.39 17.13 50.72
C ASP I 841 13.76 16.15 51.82
N ARG I 842 13.54 14.85 51.60
CA ARG I 842 13.70 13.87 52.66
C ARG I 842 14.65 12.74 52.27
N VAL I 843 15.40 12.89 51.20
CA VAL I 843 16.33 11.84 50.77
C VAL I 843 17.56 11.88 51.67
N PRO I 844 18.02 10.74 52.19
CA PRO I 844 19.18 10.74 53.10
C PRO I 844 20.48 10.90 52.32
N THR I 845 21.28 11.89 52.71
CA THR I 845 22.49 12.23 51.99
C THR I 845 23.76 11.75 52.67
N MET I 846 23.68 11.15 53.86
CA MET I 846 24.88 10.62 54.49
C MET I 846 24.49 9.79 55.70
N VAL I 847 25.44 8.97 56.14
CA VAL I 847 25.33 8.22 57.39
C VAL I 847 26.73 8.15 57.98
N GLY I 848 26.93 8.80 59.13
CA GLY I 848 28.24 8.89 59.73
C GLY I 848 28.23 8.40 61.17
N VAL I 849 29.42 8.00 61.63
CA VAL I 849 29.60 7.50 62.98
C VAL I 849 30.79 8.20 63.61
N THR I 850 30.62 8.66 64.85
CA THR I 850 31.67 9.33 65.59
C THR I 850 32.28 8.38 66.60
N ARG I 851 33.57 8.58 66.89
CA ARG I 851 34.21 7.79 67.94
C ARG I 851 35.15 8.62 68.79
N GLN I 852 34.94 9.94 68.87
CA GLN I 852 35.72 10.79 69.75
C GLN I 852 35.13 12.18 69.74
N SER I 853 35.21 12.86 70.88
CA SER I 853 34.81 14.25 70.96
C SER I 853 35.86 15.13 70.30
N ARG I 854 35.45 16.33 69.91
CA ARG I 854 36.27 17.10 68.99
C ARG I 854 37.39 17.84 69.70
N ASP I 855 37.08 18.92 70.44
CA ASP I 855 38.13 19.73 71.04
C ASP I 855 37.99 19.84 72.55
N THR I 856 36.90 20.43 73.02
CA THR I 856 36.61 20.58 74.43
C THR I 856 35.13 20.33 74.71
N ILE I 857 34.29 20.33 73.69
CA ILE I 857 32.87 20.09 73.85
C ILE I 857 32.68 18.66 74.34
N THR I 858 32.07 18.53 75.53
CA THR I 858 31.88 17.22 76.13
C THR I 858 30.64 16.51 75.60
N GLN I 859 29.64 17.26 75.18
CA GLN I 859 28.38 16.64 74.78
C GLN I 859 28.53 15.95 73.43
N PRO I 860 28.24 14.64 73.35
CA PRO I 860 28.23 13.98 72.03
C PRO I 860 27.26 14.61 71.06
N ALA I 861 26.14 15.13 71.54
CA ALA I 861 25.19 15.79 70.66
C ALA I 861 25.79 17.02 70.00
N LEU I 862 26.82 17.61 70.60
CA LEU I 862 27.51 18.76 70.02
C LEU I 862 28.75 18.37 69.24
N SER I 863 29.38 17.25 69.55
CA SER I 863 30.56 16.83 68.77
C SER I 863 30.17 16.08 67.50
N LEU I 864 28.99 15.46 67.50
CA LEU I 864 28.63 14.52 66.44
C LEU I 864 28.51 15.19 65.09
N SER I 865 28.15 16.47 65.06
CA SER I 865 27.95 17.14 63.78
C SER I 865 29.24 17.33 63.02
N THR I 866 30.40 17.25 63.69
CA THR I 866 31.66 17.55 63.04
C THR I 866 32.74 16.50 63.31
N THR I 867 32.42 15.41 63.99
CA THR I 867 33.42 14.36 64.20
C THR I 867 32.88 13.01 63.72
N ASN I 868 32.37 12.97 62.49
CA ASN I 868 31.83 11.74 61.94
C ASN I 868 32.61 11.30 60.70
N THR I 869 32.39 10.05 60.29
CA THR I 869 33.00 9.49 59.10
C THR I 869 31.90 8.83 58.27
N THR I 870 31.68 9.34 57.06
CA THR I 870 30.57 8.88 56.24
C THR I 870 30.72 7.41 55.88
N VAL I 871 29.60 6.71 55.84
CA VAL I 871 29.57 5.27 55.59
C VAL I 871 28.70 5.00 54.38
N GLY I 872 29.07 4.00 53.60
CA GLY I 872 28.26 3.57 52.48
C GLY I 872 29.12 3.10 51.32
N VAL I 873 28.59 2.14 50.57
CA VAL I 873 29.23 1.63 49.36
C VAL I 873 28.17 1.30 48.33
N PRO I 874 28.31 1.75 47.09
CA PRO I 874 27.35 1.36 46.05
C PRO I 874 27.63 -0.04 45.53
N LEU I 875 26.65 -0.56 44.80
CA LEU I 875 26.73 -1.91 44.24
C LEU I 875 25.85 -1.97 43.01
N ALA I 876 26.43 -2.33 41.88
CA ALA I 876 25.70 -2.31 40.61
C ALA I 876 25.03 -3.64 40.34
N LEU I 877 23.91 -3.60 39.61
CA LEU I 877 23.10 -4.76 39.31
C LEU I 877 22.77 -4.79 37.82
N ASP I 878 22.11 -5.85 37.39
CA ASP I 878 21.82 -6.07 35.97
C ASP I 878 20.33 -5.88 35.72
N ALA I 879 19.99 -4.80 35.01
CA ALA I 879 18.59 -4.51 34.72
C ALA I 879 17.97 -5.59 33.87
N ARG I 880 18.72 -6.16 32.93
CA ARG I 880 18.18 -7.22 32.08
C ARG I 880 17.82 -8.45 32.91
N ALA I 881 18.71 -8.84 33.83
CA ALA I 881 18.43 -10.00 34.67
C ALA I 881 17.24 -9.74 35.57
N ILE I 882 17.16 -8.55 36.17
CA ILE I 882 16.02 -8.25 37.03
C ILE I 882 14.73 -8.27 36.23
N THR I 883 14.75 -7.74 35.01
CA THR I 883 13.53 -7.71 34.21
C THR I 883 13.12 -9.09 33.75
N VAL I 884 14.08 -9.96 33.43
CA VAL I 884 13.73 -11.33 33.07
C VAL I 884 13.13 -12.05 34.27
N ALA I 885 13.70 -11.84 35.45
CA ALA I 885 13.13 -12.44 36.66
C ALA I 885 11.74 -11.91 36.94
N LEU I 886 11.46 -10.66 36.58
CA LEU I 886 10.12 -10.13 36.78
C LEU I 886 9.14 -10.67 35.75
N LEU I 887 9.57 -10.82 34.51
CA LEU I 887 8.65 -11.22 33.44
C LEU I 887 8.37 -12.72 33.46
N SER I 888 9.31 -13.53 33.92
CA SER I 888 9.12 -14.98 33.98
C SER I 888 9.16 -15.43 35.42
N GLY I 889 8.15 -16.19 35.83
CA GLY I 889 8.09 -16.70 37.19
C GLY I 889 6.95 -17.67 37.36
N LYS I 890 7.22 -18.82 37.99
CA LYS I 890 6.21 -19.86 38.10
C LYS I 890 6.42 -20.62 39.40
N TYR I 891 5.33 -20.90 40.09
CA TYR I 891 5.40 -21.81 41.22
C TYR I 891 5.38 -23.25 40.71
N PRO I 892 5.75 -24.20 41.56
CA PRO I 892 5.63 -25.61 41.19
C PRO I 892 4.18 -25.96 40.88
N PRO I 893 3.94 -27.05 40.16
CA PRO I 893 2.58 -27.32 39.68
C PRO I 893 1.56 -27.53 40.79
N ASP I 894 1.94 -28.21 41.87
CA ASP I 894 1.03 -28.49 42.97
C ASP I 894 1.80 -28.28 44.28
N LEU I 895 1.74 -27.05 44.81
CA LEU I 895 2.41 -26.72 46.06
C LEU I 895 1.42 -26.15 47.06
N VAL I 896 1.67 -26.46 48.33
CA VAL I 896 0.99 -25.82 49.45
C VAL I 896 2.05 -25.12 50.28
N THR I 897 1.88 -23.81 50.48
CA THR I 897 2.95 -23.01 51.05
C THR I 897 3.25 -23.40 52.49
N ASN I 898 2.24 -23.82 53.24
CA ASN I 898 2.49 -24.23 54.62
C ASN I 898 3.47 -25.40 54.67
N VAL I 899 3.24 -26.41 53.82
CA VAL I 899 4.13 -27.57 53.78
C VAL I 899 5.49 -27.18 53.24
N TRP I 900 5.51 -26.36 52.19
CA TRP I 900 6.79 -25.96 51.58
C TRP I 900 7.68 -25.24 52.60
N TYR I 901 7.15 -24.21 53.24
CA TYR I 901 7.98 -23.47 54.17
C TYR I 901 8.27 -24.26 55.44
N ALA I 902 7.35 -25.12 55.87
CA ALA I 902 7.65 -25.97 57.02
C ALA I 902 8.81 -26.91 56.72
N ASP I 903 8.93 -27.35 55.47
CA ASP I 903 10.09 -28.16 55.10
C ASP I 903 11.35 -27.30 54.99
N ALA I 904 11.23 -26.12 54.38
CA ALA I 904 12.43 -25.35 54.03
C ALA I 904 13.04 -24.66 55.24
N ILE I 905 12.23 -23.96 56.04
CA ILE I 905 12.75 -23.13 57.12
C ILE I 905 13.37 -23.96 58.23
N TYR I 906 13.01 -25.23 58.36
CA TYR I 906 13.43 -26.01 59.52
C TYR I 906 14.94 -26.15 59.69
N PRO I 907 15.72 -26.46 58.66
CA PRO I 907 17.17 -26.63 58.88
C PRO I 907 17.86 -25.41 59.42
N MET I 908 17.45 -24.21 59.03
CA MET I 908 18.16 -23.02 59.46
C MET I 908 17.78 -22.57 60.87
N TYR I 909 16.82 -23.23 61.51
CA TYR I 909 16.46 -22.90 62.88
C TYR I 909 16.85 -23.99 63.86
N ALA I 910 17.82 -24.82 63.49
CA ALA I 910 18.40 -25.80 64.40
C ALA I 910 19.88 -25.50 64.67
N ASP I 911 20.35 -24.33 64.27
CA ASP I 911 21.74 -23.93 64.45
C ASP I 911 21.76 -22.72 65.38
N THR I 912 22.31 -22.89 66.58
CA THR I 912 22.35 -21.81 67.56
C THR I 912 23.65 -21.02 67.46
N GLU I 913 23.99 -20.57 66.26
CA GLU I 913 25.07 -19.62 66.09
C GLU I 913 24.63 -18.21 66.43
N VAL I 914 23.33 -17.98 66.61
CA VAL I 914 22.82 -16.66 66.90
C VAL I 914 22.83 -16.36 68.40
N PHE I 915 22.92 -17.38 69.25
CA PHE I 915 22.92 -17.14 70.69
C PHE I 915 24.29 -16.76 71.23
N SER I 916 25.36 -17.04 70.49
CA SER I 916 26.71 -16.70 70.95
C SER I 916 27.12 -15.28 70.56
N ASN I 917 26.52 -14.74 69.50
CA ASN I 917 26.79 -13.35 69.16
C ASN I 917 26.37 -12.41 70.27
N LEU I 918 25.37 -12.80 71.05
CA LEU I 918 24.95 -11.98 72.18
C LEU I 918 26.03 -11.92 73.24
N GLN I 919 26.66 -13.06 73.55
CA GLN I 919 27.76 -13.05 74.48
C GLN I 919 28.93 -12.23 73.95
N ARG I 920 29.17 -12.30 72.64
CA ARG I 920 30.20 -11.47 72.04
C ARG I 920 29.90 -9.99 72.23
N ASP I 921 28.64 -9.61 72.09
CA ASP I 921 28.26 -8.20 72.32
C ASP I 921 28.48 -7.80 73.77
N VAL I 922 28.15 -8.69 74.70
CA VAL I 922 28.44 -8.46 76.11
C VAL I 922 29.91 -8.11 76.31
N ILE I 923 30.79 -8.94 75.75
CA ILE I 923 32.21 -8.75 75.97
C ILE I 923 32.70 -7.47 75.30
N THR I 924 32.14 -7.14 74.14
CA THR I 924 32.54 -5.90 73.47
C THR I 924 32.21 -4.68 74.33
N CYS I 925 30.98 -4.61 74.84
CA CYS I 925 30.61 -3.47 75.66
C CYS I 925 31.43 -3.42 76.94
N GLU I 926 31.69 -4.59 77.55
CA GLU I 926 32.53 -4.62 78.75
C GLU I 926 33.92 -4.05 78.47
N ALA I 927 34.52 -4.45 77.34
CA ALA I 927 35.84 -3.95 77.01
C ALA I 927 35.83 -2.45 76.80
N VAL I 928 34.82 -1.95 76.09
CA VAL I 928 34.74 -0.50 75.83
C VAL I 928 34.67 0.27 77.14
N GLN I 929 33.78 -0.16 78.05
CA GLN I 929 33.64 0.56 79.31
C GLN I 929 34.90 0.46 80.16
N THR I 930 35.56 -0.71 80.15
CA THR I 930 36.78 -0.85 80.94
C THR I 930 37.88 0.07 80.43
N LEU I 931 38.01 0.18 79.10
CA LEU I 931 39.00 1.10 78.54
C LEU I 931 38.69 2.53 78.94
N VAL I 932 37.42 2.93 78.81
CA VAL I 932 37.04 4.31 79.14
C VAL I 932 37.29 4.61 80.60
N THR I 933 37.09 3.64 81.48
CA THR I 933 37.32 3.88 82.90
C THR I 933 38.80 3.90 83.26
N LEU I 934 39.62 3.07 82.60
CA LEU I 934 41.02 3.01 82.98
C LEU I 934 41.80 4.20 82.42
N VAL I 935 41.46 4.68 81.23
CA VAL I 935 42.25 5.77 80.65
C VAL I 935 42.06 7.05 81.44
N ALA I 936 40.90 7.23 82.06
CA ALA I 936 40.63 8.43 82.85
C ALA I 936 41.44 8.49 84.14
N GLN I 937 42.12 7.40 84.51
CA GLN I 937 42.97 7.41 85.69
C GLN I 937 44.30 8.10 85.41
N ILE I 938 44.76 8.07 84.17
CA ILE I 938 46.03 8.68 83.80
C ILE I 938 45.84 10.00 83.05
N SER I 939 44.78 10.14 82.25
CA SER I 939 44.56 11.37 81.51
C SER I 939 43.36 12.12 82.07
N GLU I 940 42.99 13.20 81.39
CA GLU I 940 41.85 14.02 81.76
C GLU I 940 40.77 13.82 80.72
N THR I 941 39.70 13.12 81.09
CA THR I 941 38.59 12.85 80.20
C THR I 941 37.36 13.62 80.67
N GLN I 942 36.24 13.37 79.99
CA GLN I 942 34.99 14.03 80.32
C GLN I 942 34.06 13.17 81.16
N TYR I 943 34.37 11.91 81.32
CA TYR I 943 33.48 11.05 82.11
C TYR I 943 33.79 11.19 83.59
N PRO I 944 32.76 11.27 84.43
CA PRO I 944 32.99 11.42 85.88
C PRO I 944 33.34 10.09 86.52
N VAL I 945 34.60 9.96 86.93
CA VAL I 945 35.06 8.78 87.65
C VAL I 945 35.83 9.25 88.88
N ASP I 946 35.89 8.38 89.88
CA ASP I 946 36.62 8.68 91.09
C ASP I 946 38.08 8.28 90.96
N ARG I 947 38.94 8.97 91.70
CA ARG I 947 40.37 8.77 91.64
C ARG I 947 40.86 8.34 93.01
N TYR I 948 41.58 7.21 93.04
CA TYR I 948 42.17 6.72 94.28
C TYR I 948 43.68 6.71 94.26
N LEU I 949 44.28 6.50 93.09
CA LEU I 949 45.73 6.34 92.96
C LEU I 949 46.43 7.66 92.65
N ASP I 950 45.87 8.79 93.07
CA ASP I 950 46.52 10.05 92.83
C ASP I 950 47.82 10.18 93.59
N TRP I 951 47.96 9.47 94.72
CA TRP I 951 49.18 9.56 95.49
C TRP I 951 50.35 8.84 94.84
N ILE I 952 50.11 8.06 93.79
CA ILE I 952 51.18 7.39 93.06
C ILE I 952 51.69 8.33 91.97
N PRO I 953 52.99 8.42 91.73
CA PRO I 953 53.49 9.28 90.67
C PRO I 953 53.04 8.78 89.30
N SER I 954 53.07 9.70 88.33
CA SER I 954 52.75 9.33 86.95
C SER I 954 53.20 10.48 86.05
N LEU I 955 53.52 10.13 84.80
CA LEU I 955 54.00 11.11 83.86
C LEU I 955 52.82 11.87 83.26
N ARG I 956 53.14 12.84 82.42
CA ARG I 956 52.13 13.63 81.72
C ARG I 956 51.83 12.94 80.40
N ALA I 957 50.75 12.16 80.38
CA ALA I 957 50.47 11.32 79.22
C ALA I 957 50.10 12.16 78.00
N SER I 958 50.41 11.62 76.84
CA SER I 958 50.03 12.22 75.56
C SER I 958 49.21 11.19 74.78
N ALA I 959 48.90 11.53 73.53
CA ALA I 959 48.11 10.63 72.69
C ALA I 959 48.83 9.30 72.50
N ALA I 960 50.15 9.34 72.36
CA ALA I 960 50.90 8.10 72.14
C ALA I 960 50.91 7.23 73.40
N THR I 961 51.11 7.84 74.57
CA THR I 961 51.06 7.06 75.80
C THR I 961 49.68 6.45 76.02
N ALA I 962 48.63 7.23 75.76
CA ALA I 962 47.29 6.71 75.91
C ALA I 962 47.01 5.58 74.94
N ALA I 963 47.47 5.70 73.70
CA ALA I 963 47.26 4.63 72.73
C ALA I 963 48.00 3.36 73.14
N THR I 964 49.22 3.51 73.65
CA THR I 964 49.96 2.35 74.15
C THR I 964 49.21 1.67 75.28
N PHE I 965 48.82 2.44 76.30
CA PHE I 965 48.09 1.88 77.44
C PHE I 965 46.81 1.19 76.99
N ALA I 966 46.11 1.77 76.01
CA ALA I 966 44.91 1.14 75.49
C ALA I 966 45.23 -0.18 74.81
N GLU I 967 46.35 -0.26 74.09
CA GLU I 967 46.76 -1.51 73.47
C GLU I 967 47.00 -2.58 74.53
N TRP I 968 47.65 -2.20 75.63
CA TRP I 968 47.90 -3.17 76.70
C TRP I 968 46.59 -3.67 77.30
N VAL I 969 45.65 -2.75 77.56
CA VAL I 969 44.36 -3.16 78.12
C VAL I 969 43.63 -4.08 77.15
N ASN I 970 43.70 -3.77 75.86
CA ASN I 970 43.04 -4.61 74.86
C ASN I 970 43.63 -6.02 74.84
N THR I 971 44.95 -6.11 74.85
CA THR I 971 45.58 -7.42 74.81
C THR I 971 45.23 -8.23 76.05
N SER I 972 45.16 -7.58 77.22
CA SER I 972 44.77 -8.31 78.42
C SER I 972 43.33 -8.81 78.32
N MET I 973 42.43 -7.94 77.84
CA MET I 973 41.02 -8.29 77.73
C MET I 973 40.80 -9.40 76.72
N LYS I 974 41.68 -9.54 75.74
CA LYS I 974 41.56 -10.66 74.79
C LYS I 974 42.16 -11.94 75.35
N THR I 975 43.35 -11.84 75.96
CA THR I 975 43.99 -12.99 76.58
C THR I 975 43.07 -13.67 77.58
N ALA I 976 42.53 -12.90 78.51
CA ALA I 976 41.37 -13.39 79.24
C ALA I 976 40.20 -13.49 78.27
N PHE I 977 39.40 -14.53 78.42
CA PHE I 977 38.26 -14.88 77.57
C PHE I 977 38.69 -15.51 76.25
N ASP I 978 39.97 -15.49 75.89
CA ASP I 978 40.50 -16.31 74.80
C ASP I 978 39.76 -16.07 73.48
N LEU I 979 39.83 -14.83 73.02
CA LEU I 979 39.32 -14.47 71.71
C LEU I 979 40.40 -13.68 71.00
N SER I 980 40.60 -13.97 69.71
CA SER I 980 41.77 -13.48 68.98
C SER I 980 41.34 -12.89 67.63
N ASP I 981 40.33 -12.02 67.64
CA ASP I 981 40.01 -11.34 66.39
C ASP I 981 39.48 -9.93 66.60
N MET I 982 40.39 -8.96 66.60
CA MET I 982 40.08 -7.53 66.48
C MET I 982 38.98 -7.08 67.44
N LEU I 983 39.27 -7.13 68.74
CA LEU I 983 38.36 -6.58 69.73
C LEU I 983 38.84 -5.22 70.20
N LEU I 984 37.96 -4.23 70.10
CA LEU I 984 38.20 -2.89 70.65
C LEU I 984 39.21 -2.09 69.82
N GLU I 985 39.66 -2.66 68.72
CA GLU I 985 40.59 -2.03 67.78
C GLU I 985 39.95 -0.97 66.87
N PRO I 986 38.67 -1.10 66.46
CA PRO I 986 38.06 0.01 65.71
C PRO I 986 38.10 1.35 66.43
N LEU I 987 38.12 1.36 67.77
CA LEU I 987 38.15 2.59 68.54
C LEU I 987 39.55 3.11 68.81
N LEU I 988 40.59 2.40 68.35
CA LEU I 988 41.96 2.81 68.65
C LEU I 988 42.58 3.68 67.57
N SER I 989 41.94 3.81 66.42
CA SER I 989 42.47 4.68 65.37
C SER I 989 42.45 6.14 65.81
N GLY I 990 41.54 6.52 66.68
CA GLY I 990 41.44 7.89 67.13
C GLY I 990 42.26 8.17 68.37
N ASP I 991 41.66 8.89 69.32
CA ASP I 991 42.33 9.24 70.58
C ASP I 991 41.56 8.60 71.72
N PRO I 992 42.13 7.61 72.41
CA PRO I 992 41.36 6.85 73.40
C PRO I 992 40.91 7.65 74.61
N ARG I 993 41.43 8.86 74.80
CA ARG I 993 41.08 9.66 75.97
C ARG I 993 39.95 10.65 75.68
N MET I 994 39.28 10.52 74.53
CA MET I 994 38.07 11.29 74.25
C MET I 994 37.03 10.44 73.53
N THR I 995 37.01 9.14 73.79
CA THR I 995 36.16 8.24 73.04
C THR I 995 34.69 8.48 73.33
N GLN I 996 33.86 8.12 72.35
CA GLN I 996 32.41 8.22 72.45
C GLN I 996 31.82 7.49 71.26
N LEU I 997 30.54 7.15 71.36
CA LEU I 997 29.87 6.42 70.30
C LEU I 997 28.55 7.09 69.96
N ALA I 998 28.30 7.23 68.66
CA ALA I 998 27.08 7.85 68.17
C ALA I 998 27.02 7.67 66.67
N ILE I 999 25.83 7.85 66.11
CA ILE I 999 25.62 7.68 64.69
C ILE I 999 24.47 8.59 64.26
N GLN I 1000 24.51 9.03 63.01
CA GLN I 1000 23.49 9.95 62.51
C GLN I 1000 23.43 9.85 61.00
N TYR I 1001 22.25 10.16 60.45
CA TYR I 1001 22.12 10.44 59.03
C TYR I 1001 21.47 11.81 58.87
N GLN I 1002 21.53 12.32 57.64
CA GLN I 1002 21.12 13.68 57.37
C GLN I 1002 20.30 13.72 56.08
N GLN I 1003 19.12 14.32 56.15
CA GLN I 1003 18.28 14.45 54.98
C GLN I 1003 18.83 15.51 54.04
N TYR I 1004 18.11 15.75 52.94
CA TYR I 1004 18.57 16.73 51.97
C TYR I 1004 18.35 18.15 52.44
N ASN I 1005 17.26 18.40 53.17
CA ASN I 1005 16.97 19.75 53.64
C ASN I 1005 17.77 20.13 54.87
N GLY I 1006 18.63 19.25 55.38
CA GLY I 1006 19.49 19.57 56.50
C GLY I 1006 19.06 18.96 57.82
N ARG I 1007 17.84 18.45 57.91
CA ARG I 1007 17.36 17.85 59.14
C ARG I 1007 18.16 16.59 59.45
N THR I 1008 18.86 16.59 60.58
CA THR I 1008 19.72 15.48 60.97
C THR I 1008 19.09 14.69 62.10
N PHE I 1009 19.15 13.38 62.00
CA PHE I 1009 18.72 12.46 63.05
C PHE I 1009 19.94 11.76 63.61
N ASN I 1010 19.97 11.56 64.92
CA ASN I 1010 21.10 10.91 65.56
C ASN I 1010 20.61 9.91 66.61
N VAL I 1011 21.50 9.01 66.99
CA VAL I 1011 21.21 7.97 67.96
C VAL I 1011 22.42 7.86 68.88
N ILE I 1012 22.30 8.40 70.08
CA ILE I 1012 23.38 8.35 71.06
C ILE I 1012 23.04 7.31 72.10
N PRO I 1013 23.51 6.07 71.96
CA PRO I 1013 23.12 5.03 72.91
C PRO I 1013 23.74 5.28 74.27
N GLU I 1014 22.99 4.88 75.31
CA GLU I 1014 23.45 5.05 76.67
C GLU I 1014 24.39 3.92 77.05
N MET I 1015 25.50 4.28 77.69
CA MET I 1015 26.51 3.29 78.03
C MET I 1015 26.11 2.54 79.29
N PRO I 1016 25.72 1.28 79.18
CA PRO I 1016 25.39 0.51 80.39
C PRO I 1016 26.65 0.25 81.21
N GLY I 1017 26.43 -0.07 82.48
CA GLY I 1017 27.53 -0.36 83.37
C GLY I 1017 28.31 -1.59 82.93
N SER I 1018 29.48 -1.75 83.53
CA SER I 1018 30.32 -2.92 83.27
C SER I 1018 30.86 -3.45 84.58
N VAL I 1019 30.56 -4.72 84.87
CA VAL I 1019 31.00 -5.33 86.11
C VAL I 1019 32.51 -5.35 86.21
N ILE I 1020 33.21 -5.45 85.07
CA ILE I 1020 34.66 -5.49 85.13
C ILE I 1020 35.22 -4.15 85.56
N ALA I 1021 34.67 -3.05 85.04
CA ALA I 1021 35.13 -1.73 85.48
C ALA I 1021 34.75 -1.47 86.93
N ASP I 1022 33.57 -1.93 87.35
CA ASP I 1022 33.20 -1.81 88.75
C ASP I 1022 34.18 -2.57 89.65
N CYS I 1023 34.57 -3.78 89.24
CA CYS I 1023 35.50 -4.55 90.04
C CYS I 1023 36.89 -3.92 90.05
N VAL I 1024 37.30 -3.33 88.94
CA VAL I 1024 38.59 -2.65 88.90
C VAL I 1024 38.59 -1.46 89.85
N GLN I 1025 37.50 -0.70 89.87
CA GLN I 1025 37.42 0.43 90.79
C GLN I 1025 37.41 -0.04 92.23
N LEU I 1026 36.69 -1.12 92.53
CA LEU I 1026 36.69 -1.66 93.88
C LEU I 1026 38.08 -2.12 94.30
N THR I 1027 38.80 -2.77 93.38
CA THR I 1027 40.14 -3.24 93.70
C THR I 1027 41.08 -2.07 93.93
N ALA I 1028 40.96 -1.00 93.15
CA ALA I 1028 41.77 0.18 93.40
C ALA I 1028 41.44 0.80 94.76
N GLU I 1029 40.16 0.81 95.12
CA GLU I 1029 39.76 1.36 96.42
C GLU I 1029 40.33 0.54 97.56
N VAL I 1030 40.39 -0.79 97.40
CA VAL I 1030 40.97 -1.63 98.44
C VAL I 1030 42.48 -1.48 98.46
N PHE I 1031 43.09 -1.30 97.30
CA PHE I 1031 44.52 -1.03 97.22
C PHE I 1031 44.88 0.23 97.99
N ASN I 1032 43.99 1.22 97.96
CA ASN I 1032 44.22 2.47 98.66
C ASN I 1032 44.53 2.27 100.14
N HIS I 1033 43.95 1.23 100.75
CA HIS I 1033 44.19 0.97 102.17
C HIS I 1033 45.15 -0.18 102.42
N GLU I 1034 45.28 -1.13 101.50
CA GLU I 1034 46.15 -2.27 101.71
C GLU I 1034 47.21 -2.36 100.61
N TYR I 1035 47.81 -1.22 100.28
CA TYR I 1035 48.89 -1.19 99.30
C TYR I 1035 50.11 -2.00 99.73
N ASN I 1036 50.30 -2.23 101.03
CA ASN I 1036 51.49 -2.94 101.47
C ASN I 1036 51.48 -4.40 101.03
N LEU I 1037 50.29 -5.01 100.93
CA LEU I 1037 50.23 -6.41 100.57
C LEU I 1037 50.74 -6.66 99.15
N PHE I 1038 50.63 -5.67 98.28
CA PHE I 1038 51.11 -5.79 96.92
C PHE I 1038 52.56 -5.36 96.77
N GLY I 1039 53.24 -5.10 97.87
CA GLY I 1039 54.65 -4.74 97.81
C GLY I 1039 54.93 -3.29 97.49
N ILE I 1040 54.12 -2.37 98.02
CA ILE I 1040 54.30 -0.95 97.79
C ILE I 1040 54.35 -0.24 99.14
N ALA I 1041 55.17 0.80 99.23
CA ALA I 1041 55.19 1.69 100.37
C ALA I 1041 54.66 3.04 99.96
N ARG I 1042 54.21 3.81 100.95
CA ARG I 1042 53.57 5.09 100.71
C ARG I 1042 54.30 6.19 101.47
N GLY I 1043 54.39 7.36 100.86
CA GLY I 1043 55.06 8.48 101.51
C GLY I 1043 56.41 8.76 100.90
N ASP I 1044 57.43 8.86 101.73
CA ASP I 1044 58.79 9.09 101.27
C ASP I 1044 59.75 8.61 102.35
N ILE I 1045 61.04 8.79 102.09
CA ILE I 1045 62.08 8.23 102.94
C ILE I 1045 62.99 9.35 103.43
N ILE I 1046 63.71 9.07 104.51
CA ILE I 1046 64.60 10.03 105.15
C ILE I 1046 65.96 9.38 105.29
N ILE I 1047 66.93 9.83 104.51
CA ILE I 1047 68.28 9.27 104.54
C ILE I 1047 69.10 10.00 105.59
N GLY I 1048 69.68 9.23 106.51
CA GLY I 1048 70.47 9.80 107.59
C GLY I 1048 70.88 8.75 108.60
N ARG I 1049 72.07 8.87 109.15
CA ARG I 1049 72.60 7.84 110.03
C ARG I 1049 71.86 7.81 111.36
N VAL I 1050 71.65 6.61 111.90
CA VAL I 1050 71.05 6.42 113.21
C VAL I 1050 71.79 5.31 113.95
N GLN I 1051 72.67 5.70 114.88
CA GLN I 1051 73.47 4.77 115.66
C GLN I 1051 72.76 4.50 116.98
N SER I 1052 72.37 3.25 117.20
CA SER I 1052 71.69 2.88 118.44
C SER I 1052 71.58 1.37 118.52
N THR I 1053 71.20 0.89 119.71
CA THR I 1053 71.02 -0.52 119.96
C THR I 1053 69.55 -0.91 120.05
N HIS I 1054 68.66 -0.08 119.54
CA HIS I 1054 67.22 -0.30 119.68
C HIS I 1054 66.69 -1.16 118.54
N LEU I 1055 65.48 -1.68 118.74
CA LEU I 1055 64.93 -2.71 117.87
C LEU I 1055 63.64 -2.28 117.18
N TRP I 1056 63.42 -0.98 117.04
CA TRP I 1056 62.26 -0.50 116.30
C TRP I 1056 62.42 -0.83 114.82
N SER I 1057 61.29 -0.86 114.12
CA SER I 1057 61.48 -1.29 112.74
C SER I 1057 61.44 -0.12 111.79
N PRO I 1058 62.29 -0.11 110.77
CA PRO I 1058 62.36 1.05 109.86
C PRO I 1058 61.06 1.32 109.12
N LEU I 1059 60.18 0.34 109.00
CA LEU I 1059 58.87 0.54 108.40
C LEU I 1059 57.84 1.06 109.39
N ALA I 1060 58.27 1.43 110.59
CA ALA I 1060 57.41 2.04 111.60
C ALA I 1060 58.26 2.82 112.57
N PRO I 1061 58.95 3.86 112.09
CA PRO I 1061 59.95 4.52 112.92
C PRO I 1061 59.30 5.38 113.98
N PRO I 1062 60.06 5.80 114.99
CA PRO I 1062 59.52 6.70 116.00
C PRO I 1062 59.25 8.07 115.41
N PRO I 1063 58.35 8.85 116.01
CA PRO I 1063 58.00 10.15 115.43
C PRO I 1063 59.12 11.17 115.51
N ASP I 1064 60.11 10.95 116.37
CA ASP I 1064 61.16 11.95 116.54
C ASP I 1064 62.07 12.02 115.31
N LEU I 1065 62.35 10.88 114.69
CA LEU I 1065 63.28 10.85 113.58
C LEU I 1065 62.73 11.42 112.29
N VAL I 1066 61.47 11.86 112.27
CA VAL I 1066 60.81 12.32 111.06
C VAL I 1066 60.56 13.81 111.15
N PHE I 1067 60.81 14.52 110.06
CA PHE I 1067 60.51 15.94 109.92
C PHE I 1067 59.76 16.14 108.61
N ASP I 1068 59.17 17.33 108.45
CA ASP I 1068 58.43 17.64 107.23
C ASP I 1068 58.64 19.12 106.91
N ARG I 1069 57.91 19.60 105.90
CA ARG I 1069 57.99 21.01 105.55
C ARG I 1069 57.53 21.91 106.68
N ASP I 1070 56.69 21.40 107.57
CA ASP I 1070 56.25 22.19 108.72
C ASP I 1070 57.36 22.36 109.75
N THR I 1071 58.28 21.41 109.82
CA THR I 1071 59.28 21.40 110.89
C THR I 1071 60.16 22.64 110.81
N PRO I 1072 60.36 23.35 111.92
CA PRO I 1072 61.19 24.56 111.87
C PRO I 1072 62.65 24.22 111.64
N GLY I 1073 63.33 25.08 110.88
CA GLY I 1073 64.73 24.88 110.56
C GLY I 1073 65.00 24.02 109.36
N VAL I 1074 63.97 23.50 108.71
CA VAL I 1074 64.15 22.67 107.53
C VAL I 1074 64.40 23.54 106.32
N HIS I 1075 65.27 23.10 105.43
CA HIS I 1075 65.59 23.80 104.20
C HIS I 1075 65.02 23.03 103.02
N ILE I 1076 64.31 23.72 102.13
CA ILE I 1076 63.64 23.12 101.00
C ILE I 1076 64.38 23.51 99.73
N PHE I 1077 64.54 22.54 98.82
CA PHE I 1077 65.29 22.74 97.59
C PHE I 1077 64.41 22.37 96.41
N GLY I 1078 64.35 23.26 95.43
CA GLY I 1078 63.42 23.12 94.32
C GLY I 1078 64.12 23.30 92.99
N ARG I 1079 63.44 24.00 92.09
CA ARG I 1079 63.85 24.09 90.69
C ARG I 1079 65.05 25.01 90.48
N ASP I 1080 65.58 25.64 91.52
CA ASP I 1080 66.70 26.57 91.38
C ASP I 1080 67.71 26.27 92.48
N CYS I 1081 68.79 25.57 92.13
CA CYS I 1081 69.82 25.24 93.11
C CYS I 1081 71.15 25.02 92.41
N ARG I 1082 72.18 25.72 92.86
CA ARG I 1082 73.55 25.50 92.45
C ARG I 1082 74.38 25.20 93.68
N ILE I 1083 75.59 24.68 93.44
CA ILE I 1083 76.54 24.40 94.50
C ILE I 1083 77.79 25.25 94.26
N SER I 1084 78.28 25.87 95.31
CA SER I 1084 79.45 26.73 95.25
C SER I 1084 80.56 26.11 96.09
N PHE I 1085 81.70 25.84 95.47
CA PHE I 1085 82.76 25.15 96.17
C PHE I 1085 83.28 25.99 97.33
N GLY I 1086 83.90 25.32 98.29
CA GLY I 1086 84.58 26.01 99.36
C GLY I 1086 85.99 26.37 98.97
N MET I 1087 86.52 27.39 99.63
CA MET I 1087 87.84 27.90 99.29
C MET I 1087 88.56 28.32 100.56
N ASN I 1088 89.79 27.86 100.72
CA ASN I 1088 90.64 28.19 101.86
C ASN I 1088 90.12 27.64 103.17
N GLY I 1089 89.26 26.63 103.13
CA GLY I 1089 88.73 26.01 104.31
C GLY I 1089 87.29 26.34 104.61
N ALA I 1090 86.67 27.25 103.86
CA ALA I 1090 85.27 27.55 104.05
C ALA I 1090 84.41 26.43 103.47
N ALA I 1091 83.38 26.04 104.21
CA ALA I 1091 82.56 24.92 103.80
C ALA I 1091 81.82 25.25 102.51
N PRO I 1092 81.54 24.25 101.68
CA PRO I 1092 80.76 24.50 100.46
C PRO I 1092 79.32 24.85 100.79
N MET I 1093 78.52 25.20 99.79
CA MET I 1093 77.17 25.67 100.03
C MET I 1093 76.27 25.27 98.88
N ILE I 1094 74.96 25.45 99.08
CA ILE I 1094 73.95 25.10 98.08
C ILE I 1094 72.80 26.09 98.19
N ARG I 1095 72.12 26.33 97.07
CA ARG I 1095 71.10 27.36 96.99
C ARG I 1095 69.79 26.86 97.57
N ASP I 1096 69.37 27.48 98.67
CA ASP I 1096 68.01 27.27 99.17
C ASP I 1096 67.00 27.68 98.11
N GLU I 1097 65.76 27.21 98.27
CA GLU I 1097 64.70 27.61 97.35
C GLU I 1097 64.37 29.09 97.48
N THR I 1098 64.66 29.71 98.62
CA THR I 1098 64.44 31.13 98.81
C THR I 1098 65.65 31.98 98.47
N GLY I 1099 66.73 31.38 97.97
CA GLY I 1099 67.90 32.10 97.57
C GLY I 1099 69.02 32.16 98.59
N MET I 1100 68.96 31.37 99.64
CA MET I 1100 69.99 31.38 100.66
C MET I 1100 71.05 30.32 100.38
N MET I 1101 72.24 30.55 100.93
CA MET I 1101 73.33 29.58 100.90
C MET I 1101 73.35 28.84 102.23
N VAL I 1102 73.46 27.52 102.17
CA VAL I 1102 73.49 26.73 103.39
C VAL I 1102 74.63 25.72 103.32
N PRO I 1103 75.33 25.46 104.41
CA PRO I 1103 76.36 24.41 104.40
C PRO I 1103 75.73 23.04 104.24
N PHE I 1104 76.60 22.04 104.08
CA PHE I 1104 76.15 20.66 103.96
C PHE I 1104 75.92 20.12 105.36
N GLU I 1105 74.75 20.44 105.91
CA GLU I 1105 74.46 20.15 107.30
C GLU I 1105 73.00 20.47 107.58
N GLY I 1106 72.41 19.73 108.51
CA GLY I 1106 71.05 19.98 108.93
C GLY I 1106 70.04 19.07 108.24
N ASN I 1107 68.80 19.55 108.21
CA ASN I 1107 67.67 18.82 107.65
C ASN I 1107 67.27 19.44 106.32
N TRP I 1108 67.19 18.62 105.29
CA TRP I 1108 66.85 19.08 103.95
C TRP I 1108 65.63 18.35 103.43
N ILE I 1109 65.12 18.82 102.29
CA ILE I 1109 63.99 18.19 101.60
C ILE I 1109 64.24 18.31 100.09
N PHE I 1110 64.30 17.17 99.41
CA PHE I 1110 64.46 17.12 97.97
C PHE I 1110 63.23 16.52 97.30
N PRO I 1111 62.84 17.03 96.13
CA PRO I 1111 62.04 16.20 95.23
C PRO I 1111 62.91 15.11 94.64
N LEU I 1112 62.29 14.01 94.25
CA LEU I 1112 63.09 12.91 93.70
C LEU I 1112 63.70 13.29 92.37
N ALA I 1113 63.00 14.10 91.57
CA ALA I 1113 63.51 14.45 90.25
C ALA I 1113 64.76 15.31 90.35
N LEU I 1114 64.88 16.12 91.41
CA LEU I 1114 66.09 16.93 91.57
C LEU I 1114 67.31 16.04 91.75
N TRP I 1115 67.18 14.95 92.51
CA TRP I 1115 68.29 14.02 92.63
C TRP I 1115 68.49 13.23 91.34
N GLN I 1116 67.40 12.84 90.68
CA GLN I 1116 67.53 12.05 89.46
C GLN I 1116 68.30 12.81 88.40
N MET I 1117 68.00 14.08 88.21
CA MET I 1117 68.65 14.87 87.19
C MET I 1117 70.07 15.28 87.56
N ASN I 1118 70.54 14.95 88.76
CA ASN I 1118 71.90 15.24 89.18
C ASN I 1118 72.46 14.07 89.96
N THR I 1119 72.16 12.86 89.53
CA THR I 1119 72.48 11.64 90.26
C THR I 1119 73.98 11.37 90.43
N ARG I 1120 74.84 12.17 89.82
CA ARG I 1120 76.28 11.99 89.99
C ARG I 1120 76.95 13.18 90.65
N TYR I 1121 76.63 14.40 90.22
CA TYR I 1121 77.18 15.59 90.85
C TYR I 1121 76.75 15.67 92.30
N PHE I 1122 75.45 15.48 92.57
CA PHE I 1122 75.00 15.40 93.96
C PHE I 1122 75.56 14.18 94.66
N ASN I 1123 75.85 13.12 93.91
CA ASN I 1123 76.13 11.85 94.53
C ASN I 1123 77.50 11.80 95.20
N GLN I 1124 78.44 12.63 94.75
CA GLN I 1124 79.77 12.67 95.33
C GLN I 1124 80.04 13.95 96.11
N GLN I 1125 79.13 14.92 96.05
CA GLN I 1125 79.22 16.06 96.94
C GLN I 1125 78.62 15.78 98.30
N PHE I 1126 77.74 14.79 98.40
CA PHE I 1126 76.91 14.60 99.58
C PHE I 1126 77.21 13.34 100.36
N ASP I 1127 77.66 12.26 99.72
CA ASP I 1127 77.77 10.98 100.42
C ASP I 1127 78.74 11.02 101.59
N ALA I 1128 79.84 11.77 101.46
CA ALA I 1128 80.79 11.86 102.56
C ALA I 1128 80.18 12.53 103.78
N TRP I 1129 79.15 13.34 103.59
CA TRP I 1129 78.51 14.05 104.70
C TRP I 1129 77.33 13.30 105.27
N ILE I 1130 76.67 12.47 104.45
CA ILE I 1130 75.60 11.62 104.96
C ILE I 1130 76.18 10.47 105.79
N LYS I 1131 77.35 9.97 105.38
CA LYS I 1131 77.91 8.79 106.02
C LYS I 1131 78.41 9.09 107.42
N THR I 1132 79.35 10.02 107.55
CA THR I 1132 79.91 10.38 108.84
C THR I 1132 79.43 11.72 109.37
N GLY I 1133 79.06 12.64 108.50
CA GLY I 1133 78.67 13.97 108.93
C GLY I 1133 77.35 14.02 109.65
N GLU I 1134 76.68 15.17 109.60
CA GLU I 1134 75.43 15.40 110.29
C GLU I 1134 74.34 15.81 109.30
N LEU I 1135 74.31 15.18 108.14
CA LEU I 1135 73.39 15.53 107.07
C LEU I 1135 72.26 14.51 107.01
N ARG I 1136 71.03 15.00 106.94
CA ARG I 1136 69.84 14.17 106.77
C ARG I 1136 68.99 14.77 105.67
N ILE I 1137 68.48 13.93 104.78
CA ILE I 1137 67.77 14.39 103.60
C ILE I 1137 66.48 13.59 103.45
N ARG I 1138 65.36 14.29 103.29
CA ARG I 1138 64.08 13.67 103.01
C ARG I 1138 63.83 13.74 101.51
N ILE I 1139 63.64 12.57 100.88
CA ILE I 1139 63.46 12.48 99.44
C ILE I 1139 61.98 12.25 99.20
N GLU I 1140 61.27 13.31 98.79
CA GLU I 1140 59.84 13.22 98.52
C GLU I 1140 59.63 12.45 97.22
N MET I 1141 59.02 11.27 97.30
CA MET I 1141 58.84 10.46 96.11
C MET I 1141 57.49 9.77 95.99
N GLY I 1142 56.60 9.91 96.98
CA GLY I 1142 55.23 9.45 96.82
C GLY I 1142 55.01 7.98 97.06
N ALA I 1143 55.40 7.14 96.10
CA ALA I 1143 55.23 5.70 96.23
C ALA I 1143 56.47 5.00 95.69
N TYR I 1144 56.73 3.81 96.20
CA TYR I 1144 57.95 3.12 95.82
C TYR I 1144 57.92 1.66 96.26
N PRO I 1145 58.46 0.74 95.47
CA PRO I 1145 58.66 -0.63 95.95
C PRO I 1145 59.74 -0.67 97.00
N TYR I 1146 59.75 -1.75 97.79
CA TYR I 1146 60.75 -1.91 98.84
C TYR I 1146 61.23 -3.35 98.87
N MET I 1147 62.27 -3.56 99.66
CA MET I 1147 62.91 -4.86 99.77
C MET I 1147 63.54 -4.97 101.16
N LEU I 1148 63.29 -6.07 101.85
CA LEU I 1148 63.65 -6.21 103.25
C LEU I 1148 64.94 -7.01 103.40
N HIS I 1149 65.75 -6.63 104.38
CA HIS I 1149 66.96 -7.35 104.76
C HIS I 1149 66.93 -7.53 106.27
N TYR I 1150 66.86 -8.78 106.72
CA TYR I 1150 66.84 -9.07 108.14
C TYR I 1150 68.25 -9.35 108.66
N TYR I 1151 68.46 -9.08 109.94
CA TYR I 1151 69.76 -9.29 110.56
C TYR I 1151 69.57 -9.78 111.99
N ASP I 1152 70.62 -10.41 112.51
CA ASP I 1152 70.59 -10.91 113.88
C ASP I 1152 70.87 -9.78 114.86
N PRO I 1153 69.98 -9.49 115.81
CA PRO I 1153 70.18 -8.33 116.68
C PRO I 1153 71.29 -8.47 117.69
N ARG I 1154 72.01 -9.58 117.73
CA ARG I 1154 73.11 -9.72 118.67
C ARG I 1154 74.46 -9.37 118.07
N GLN I 1155 74.51 -9.04 116.78
CA GLN I 1155 75.77 -8.79 116.09
C GLN I 1155 75.73 -7.42 115.42
N TYR I 1156 76.91 -6.85 115.25
CA TYR I 1156 77.05 -5.56 114.59
C TYR I 1156 76.49 -5.63 113.18
N ALA I 1157 75.75 -4.59 112.79
CA ALA I 1157 75.17 -4.51 111.46
C ALA I 1157 75.27 -3.09 110.95
N ASN I 1158 75.49 -2.93 109.65
CA ASN I 1158 75.70 -1.62 109.06
C ASN I 1158 75.10 -1.60 107.66
N ALA I 1159 74.23 -0.62 107.41
CA ALA I 1159 73.46 -0.57 106.19
C ALA I 1159 74.06 0.33 105.12
N TRP I 1160 75.30 0.78 105.31
CA TRP I 1160 75.87 1.73 104.37
C TRP I 1160 76.06 1.13 103.00
N ASN I 1161 76.37 -0.17 102.91
CA ASN I 1161 76.56 -0.78 101.60
C ASN I 1161 75.28 -0.75 100.79
N LEU I 1162 74.17 -1.14 101.42
CA LEU I 1162 72.88 -1.14 100.74
C LEU I 1162 72.46 0.27 100.36
N THR I 1163 72.57 1.21 101.31
CA THR I 1163 72.14 2.58 101.02
C THR I 1163 73.00 3.20 99.94
N SER I 1164 74.29 2.90 99.93
CA SER I 1164 75.18 3.46 98.92
C SER I 1164 74.88 2.89 97.55
N ALA I 1165 74.63 1.57 97.47
CA ALA I 1165 74.26 0.99 96.19
C ALA I 1165 72.97 1.60 95.66
N TRP I 1166 71.98 1.79 96.53
CA TRP I 1166 70.73 2.39 96.10
C TRP I 1166 70.93 3.81 95.61
N LEU I 1167 71.63 4.63 96.40
CA LEU I 1167 71.86 6.02 96.00
C LEU I 1167 72.66 6.11 94.71
N GLU I 1168 73.61 5.18 94.51
CA GLU I 1168 74.45 5.25 93.33
C GLU I 1168 73.68 4.84 92.07
N GLU I 1169 72.79 3.85 92.18
CA GLU I 1169 72.11 3.36 91.00
C GLU I 1169 70.85 4.16 90.66
N ILE I 1170 70.74 5.40 91.14
CA ILE I 1170 69.67 6.28 90.72
C ILE I 1170 70.05 6.91 89.39
N THR I 1171 69.05 7.20 88.57
CA THR I 1171 69.26 7.58 87.18
C THR I 1171 68.11 8.48 86.77
N PRO I 1172 68.30 9.32 85.75
CA PRO I 1172 67.18 10.14 85.25
C PRO I 1172 66.03 9.34 84.63
N THR I 1173 66.12 8.01 84.65
CA THR I 1173 65.06 7.17 84.13
C THR I 1173 64.61 6.08 85.09
N SER I 1174 65.39 5.71 86.10
CA SER I 1174 65.06 4.56 86.91
C SER I 1174 65.55 4.76 88.33
N ILE I 1175 65.00 3.96 89.24
CA ILE I 1175 65.46 3.84 90.62
C ILE I 1175 65.28 2.40 91.06
N PRO I 1176 66.23 1.81 91.78
CA PRO I 1176 66.05 0.45 92.29
C PRO I 1176 65.09 0.45 93.47
N SER I 1177 64.75 -0.77 93.91
CA SER I 1177 63.94 -0.91 95.12
C SER I 1177 64.67 -0.32 96.31
N VAL I 1178 63.90 0.14 97.29
CA VAL I 1178 64.45 0.79 98.48
C VAL I 1178 64.84 -0.30 99.47
N PRO I 1179 66.11 -0.41 99.84
CA PRO I 1179 66.51 -1.47 100.77
C PRO I 1179 66.34 -1.08 102.22
N PHE I 1180 65.58 -1.86 102.98
CA PHE I 1180 65.41 -1.66 104.40
C PHE I 1180 66.16 -2.75 105.16
N MET I 1181 66.50 -2.43 106.41
CA MET I 1181 67.24 -3.35 107.27
C MET I 1181 66.42 -3.58 108.54
N VAL I 1182 65.74 -4.71 108.61
CA VAL I 1182 64.79 -4.99 109.69
C VAL I 1182 65.42 -5.98 110.66
N PRO I 1183 65.17 -5.84 111.96
CA PRO I 1183 65.68 -6.82 112.93
C PRO I 1183 64.77 -8.00 113.09
N ILE I 1184 65.36 -9.13 113.46
CA ILE I 1184 64.63 -10.37 113.67
C ILE I 1184 64.20 -10.45 115.12
N SER I 1185 62.88 -10.55 115.33
CA SER I 1185 62.35 -10.62 116.69
C SER I 1185 62.56 -12.02 117.26
N SER I 1186 62.99 -12.09 118.51
CA SER I 1186 63.30 -13.36 119.16
C SER I 1186 62.49 -13.49 120.44
N ASP I 1187 62.13 -14.74 120.76
CA ASP I 1187 61.36 -15.04 121.95
C ASP I 1187 62.11 -14.68 123.23
N HIS I 1188 63.19 -15.39 123.50
CA HIS I 1188 63.83 -15.28 124.79
C HIS I 1188 64.73 -14.04 124.84
N ASP I 1189 65.23 -13.76 126.04
CA ASP I 1189 66.09 -12.60 126.23
C ASP I 1189 67.39 -12.76 125.45
N ILE I 1190 67.84 -11.66 124.85
CA ILE I 1190 69.08 -11.64 124.09
C ILE I 1190 69.86 -10.39 124.49
N SER I 1191 71.17 -10.46 124.29
CA SER I 1191 72.01 -9.28 124.49
C SER I 1191 71.79 -8.30 123.34
N SER I 1192 72.46 -7.16 123.42
CA SER I 1192 72.24 -6.09 122.46
C SER I 1192 73.56 -5.67 121.84
N ALA I 1193 73.52 -5.34 120.55
CA ALA I 1193 74.69 -4.90 119.81
C ALA I 1193 74.31 -3.72 118.94
N PRO I 1194 75.25 -2.85 118.60
CA PRO I 1194 74.91 -1.63 117.86
C PRO I 1194 74.50 -1.95 116.43
N ALA I 1195 73.71 -1.06 115.85
CA ALA I 1195 73.27 -1.17 114.47
C ALA I 1195 73.20 0.22 113.86
N VAL I 1196 73.47 0.29 112.56
CA VAL I 1196 73.53 1.56 111.85
C VAL I 1196 72.45 1.57 110.78
N GLN I 1197 71.39 2.33 111.02
CA GLN I 1197 70.34 2.53 110.04
C GLN I 1197 70.64 3.77 109.19
N TYR I 1198 70.20 3.75 107.96
CA TYR I 1198 70.32 4.94 107.13
C TYR I 1198 69.01 5.37 106.49
N ILE I 1199 68.19 4.42 106.05
CA ILE I 1199 66.93 4.71 105.37
C ILE I 1199 65.79 4.26 106.26
N ILE I 1200 64.85 5.17 106.52
CA ILE I 1200 63.68 4.86 107.32
C ILE I 1200 62.47 5.53 106.69
N SER I 1201 61.35 4.82 106.68
CA SER I 1201 60.13 5.39 106.14
C SER I 1201 59.67 6.57 106.99
N THR I 1202 58.76 7.36 106.44
CA THR I 1202 58.21 8.52 107.13
C THR I 1202 56.81 8.29 107.66
N GLU I 1203 56.27 7.09 107.47
CA GLU I 1203 54.96 6.75 108.02
C GLU I 1203 54.88 5.24 108.12
N TYR I 1204 53.78 4.74 108.67
CA TYR I 1204 53.64 3.32 108.95
C TYR I 1204 53.45 2.55 107.65
N ASN I 1205 54.42 1.69 107.32
CA ASN I 1205 54.33 0.83 106.14
C ASN I 1205 54.51 -0.64 106.52
N ASP I 1206 54.19 -1.00 107.75
CA ASP I 1206 54.44 -2.33 108.31
C ASP I 1206 53.18 -3.17 108.36
N ARG I 1207 52.33 -3.06 107.34
CA ARG I 1207 51.01 -3.68 107.40
C ARG I 1207 50.99 -5.11 106.90
N SER I 1208 51.96 -5.52 106.10
CA SER I 1208 51.98 -6.90 105.61
C SER I 1208 52.53 -7.87 106.65
N LEU I 1209 53.08 -7.38 107.75
CA LEU I 1209 53.55 -8.27 108.81
C LEU I 1209 52.36 -9.00 109.42
N PHE I 1210 52.46 -10.32 109.52
CA PHE I 1210 51.35 -11.12 109.99
C PHE I 1210 51.50 -11.56 111.44
N CYS I 1211 52.65 -12.11 111.81
CA CYS I 1211 52.83 -12.59 113.18
C CYS I 1211 54.29 -12.90 113.39
N THR I 1212 54.80 -12.56 114.57
CA THR I 1212 56.19 -12.81 114.94
C THR I 1212 56.24 -13.82 116.07
N ASN I 1213 57.10 -14.82 115.95
CA ASN I 1213 57.21 -15.89 116.93
C ASN I 1213 55.87 -16.60 117.08
N SER I 1214 55.41 -17.20 115.99
CA SER I 1214 54.08 -17.76 115.93
C SER I 1214 53.91 -18.92 116.89
N SER I 1215 54.90 -19.81 116.95
CA SER I 1215 54.78 -21.05 117.72
C SER I 1215 55.34 -20.91 119.13
N SER I 1216 55.27 -19.72 119.70
CA SER I 1216 55.96 -19.42 120.95
C SER I 1216 55.03 -18.62 121.85
N PRO I 1217 55.27 -18.65 123.17
CA PRO I 1217 54.35 -17.95 124.08
C PRO I 1217 54.34 -16.44 123.92
N GLN I 1218 55.40 -15.83 123.40
CA GLN I 1218 55.51 -14.37 123.46
C GLN I 1218 56.67 -13.91 122.60
N THR I 1219 56.80 -12.59 122.49
CA THR I 1219 57.94 -11.94 121.87
C THR I 1219 58.52 -10.95 122.85
N ILE I 1220 59.81 -11.08 123.14
CA ILE I 1220 60.45 -10.25 124.15
C ILE I 1220 61.35 -9.17 123.54
N ALA I 1221 61.91 -9.38 122.35
CA ALA I 1221 62.82 -8.41 121.75
C ALA I 1221 62.52 -8.32 120.26
N GLY I 1222 62.26 -7.11 119.78
CA GLY I 1222 62.01 -6.88 118.38
C GLY I 1222 60.59 -6.47 118.11
N PRO I 1223 60.23 -6.36 116.83
CA PRO I 1223 58.85 -6.03 116.48
C PRO I 1223 57.90 -7.13 116.89
N ASP I 1224 56.90 -6.77 117.70
CA ASP I 1224 55.92 -7.71 118.20
C ASP I 1224 54.60 -7.55 117.45
N LYS I 1225 53.95 -8.67 117.16
CA LYS I 1225 52.62 -8.62 116.54
C LYS I 1225 51.94 -9.97 116.73
N HIS I 1226 50.80 -9.96 117.41
CA HIS I 1226 49.97 -11.14 117.49
C HIS I 1226 49.14 -11.28 116.22
N ILE I 1227 48.46 -12.41 116.09
CA ILE I 1227 47.68 -12.66 114.86
C ILE I 1227 46.57 -11.63 114.77
N PRO I 1228 46.39 -10.96 113.63
CA PRO I 1228 45.41 -9.87 113.56
C PRO I 1228 43.98 -10.35 113.71
N VAL I 1229 43.35 -10.02 114.83
CA VAL I 1229 42.00 -10.50 115.06
C VAL I 1229 41.00 -9.77 114.18
N GLU I 1230 41.31 -8.53 113.78
CA GLU I 1230 40.35 -7.78 112.96
C GLU I 1230 40.17 -8.41 111.59
N ARG I 1231 41.18 -9.13 111.10
CA ARG I 1231 41.01 -9.87 109.86
C ARG I 1231 39.91 -10.91 110.01
N TYR I 1232 39.97 -11.70 111.09
CA TYR I 1232 39.05 -12.81 111.30
C TYR I 1232 37.92 -12.32 112.20
N ASN I 1233 36.99 -11.57 111.60
CA ASN I 1233 35.94 -10.92 112.38
C ASN I 1233 34.83 -11.91 112.74
N ILE I 1234 34.54 -12.85 111.85
CA ILE I 1234 33.43 -13.78 112.07
C ILE I 1234 33.68 -14.66 113.29
N LEU I 1235 34.93 -14.83 113.69
CA LEU I 1235 35.29 -15.75 114.76
C LEU I 1235 35.53 -15.04 116.08
N THR I 1236 36.44 -14.06 116.09
CA THR I 1236 36.78 -13.38 117.33
C THR I 1236 35.64 -12.53 117.87
N ASN I 1237 34.65 -12.20 117.04
CA ASN I 1237 33.50 -11.43 117.46
C ASN I 1237 32.25 -12.30 117.46
N PRO I 1238 31.73 -12.71 118.61
CA PRO I 1238 30.57 -13.62 118.62
C PRO I 1238 29.29 -12.98 118.14
N ASP I 1239 29.23 -11.66 118.00
CA ASP I 1239 27.98 -10.99 117.70
C ASP I 1239 27.85 -10.55 116.25
N ALA I 1240 28.95 -10.50 115.50
CA ALA I 1240 28.86 -10.11 114.11
C ALA I 1240 28.16 -11.20 113.31
N PRO I 1241 27.22 -10.86 112.44
CA PRO I 1241 26.54 -11.88 111.65
C PRO I 1241 27.50 -12.57 110.70
N PRO I 1242 27.18 -13.78 110.24
CA PRO I 1242 28.13 -14.54 109.43
C PRO I 1242 28.42 -13.94 108.06
N THR I 1243 27.69 -12.92 107.62
CA THR I 1243 27.86 -12.37 106.29
C THR I 1243 28.58 -11.03 106.27
N GLN I 1244 28.78 -10.40 107.43
CA GLN I 1244 29.41 -9.09 107.46
C GLN I 1244 30.81 -9.11 106.87
N ILE I 1245 31.16 -8.03 106.18
CA ILE I 1245 32.49 -7.83 105.64
C ILE I 1245 32.83 -6.34 105.76
N GLN I 1246 34.13 -6.04 105.71
CA GLN I 1246 34.63 -4.67 105.84
C GLN I 1246 35.54 -4.42 104.65
N LEU I 1247 34.96 -4.02 103.52
CA LEU I 1247 35.68 -4.11 102.25
C LEU I 1247 36.77 -3.05 102.13
N PRO I 1248 36.47 -1.76 102.18
CA PRO I 1248 37.50 -0.76 101.86
C PRO I 1248 38.61 -0.68 102.88
N GLU I 1249 38.49 -1.34 104.03
CA GLU I 1249 39.43 -1.17 105.13
C GLU I 1249 40.32 -2.38 105.36
N VAL I 1250 39.76 -3.57 105.54
CA VAL I 1250 40.54 -4.75 105.86
C VAL I 1250 39.95 -5.96 105.12
N VAL I 1251 40.81 -6.69 104.42
CA VAL I 1251 40.41 -7.97 103.83
C VAL I 1251 40.39 -9.02 104.92
N ASP I 1252 39.34 -9.84 104.95
CA ASP I 1252 39.06 -10.63 106.16
C ASP I 1252 39.87 -11.91 106.22
N LEU I 1253 40.10 -12.57 105.09
CA LEU I 1253 40.86 -13.81 104.98
C LEU I 1253 40.11 -15.03 105.51
N TYR I 1254 38.90 -14.87 106.02
CA TYR I 1254 38.08 -16.03 106.39
C TYR I 1254 36.64 -15.57 106.53
N ASN I 1255 35.76 -16.07 105.67
CA ASN I 1255 34.37 -15.65 105.67
C ASN I 1255 33.52 -16.75 105.05
N VAL I 1256 32.28 -16.41 104.72
CA VAL I 1256 31.33 -17.35 104.13
C VAL I 1256 31.28 -17.15 102.62
N VAL I 1257 31.42 -18.23 101.89
CA VAL I 1257 31.39 -18.21 100.43
C VAL I 1257 30.34 -19.21 99.96
N THR I 1258 29.62 -18.86 98.91
CA THR I 1258 28.54 -19.69 98.40
C THR I 1258 29.03 -20.45 97.16
N ARG I 1259 29.04 -21.77 97.25
CA ARG I 1259 29.51 -22.64 96.18
C ARG I 1259 28.32 -23.15 95.39
N TYR I 1260 28.33 -22.93 94.07
CA TYR I 1260 27.19 -23.30 93.25
C TYR I 1260 27.38 -24.66 92.61
N ALA I 1261 26.28 -25.19 92.05
CA ALA I 1261 26.32 -26.47 91.34
C ALA I 1261 25.46 -26.45 90.10
N TYR I 1262 25.24 -25.28 89.51
CA TYR I 1262 24.45 -25.18 88.29
C TYR I 1262 25.13 -25.95 87.16
N GLU I 1263 24.37 -26.19 86.10
CA GLU I 1263 24.90 -26.89 84.94
C GLU I 1263 24.49 -26.17 83.68
N THR I 1264 25.43 -26.06 82.74
CA THR I 1264 25.26 -25.26 81.53
C THR I 1264 25.12 -26.19 80.32
N PRO I 1265 23.91 -26.61 79.97
CA PRO I 1265 23.75 -27.46 78.79
C PRO I 1265 23.58 -26.61 77.55
N PRO I 1266 23.89 -27.16 76.38
CA PRO I 1266 23.64 -26.42 75.13
C PRO I 1266 22.16 -26.37 74.82
N ILE I 1267 21.75 -25.33 74.10
CA ILE I 1267 20.34 -25.06 73.84
C ILE I 1267 19.69 -26.19 73.06
N THR I 1268 20.46 -26.88 72.22
CA THR I 1268 19.90 -27.97 71.43
C THR I 1268 19.57 -29.18 72.27
N ALA I 1269 20.18 -29.32 73.45
CA ALA I 1269 19.90 -30.43 74.33
C ALA I 1269 18.63 -30.23 75.13
N VAL I 1270 18.11 -29.01 75.21
CA VAL I 1270 16.90 -28.70 75.95
C VAL I 1270 15.74 -28.39 75.03
N VAL I 1271 15.88 -27.37 74.18
CA VAL I 1271 14.78 -26.91 73.33
C VAL I 1271 14.83 -27.72 72.05
N MET I 1272 14.16 -28.86 72.04
CA MET I 1272 14.08 -29.69 70.86
C MET I 1272 13.09 -29.12 69.86
N GLY I 1273 13.22 -29.54 68.61
CA GLY I 1273 12.29 -29.13 67.59
C GLY I 1273 11.65 -30.32 66.91
N VAL I 1274 10.33 -30.30 66.75
CA VAL I 1274 9.64 -31.41 66.10
C VAL I 1274 9.84 -31.27 64.59
N PRO I 1275 10.44 -32.26 63.94
CA PRO I 1275 10.73 -32.23 62.50
C PRO I 1275 9.50 -32.52 61.66
N SER J 213 99.75 33.43 -41.20
CA SER J 213 99.21 32.87 -39.97
C SER J 213 98.59 33.92 -39.07
N SER J 214 99.00 35.18 -39.30
CA SER J 214 98.51 36.29 -38.47
C SER J 214 97.00 36.37 -38.48
N GLU J 215 96.38 36.01 -39.61
CA GLU J 215 94.93 35.84 -39.65
C GLU J 215 94.49 34.78 -38.65
N ILE J 216 95.27 33.71 -38.51
CA ILE J 216 94.91 32.63 -37.59
C ILE J 216 95.01 33.11 -36.14
N GLN J 217 96.06 33.84 -35.82
CA GLN J 217 96.16 34.38 -34.46
C GLN J 217 95.08 35.42 -34.20
N ARG J 218 94.66 36.16 -35.22
CA ARG J 218 93.50 37.03 -35.08
C ARG J 218 92.27 36.21 -34.71
N HIS J 219 92.06 35.07 -35.37
CA HIS J 219 90.98 34.17 -34.99
C HIS J 219 91.10 33.74 -33.53
N ILE J 220 92.31 33.41 -33.10
CA ILE J 220 92.51 32.94 -31.72
C ILE J 220 92.12 34.03 -30.73
N THR J 221 92.59 35.25 -30.98
CA THR J 221 92.28 36.35 -30.07
C THR J 221 90.80 36.65 -30.06
N GLU J 222 90.15 36.57 -31.22
CA GLU J 222 88.71 36.80 -31.28
C GLU J 222 87.96 35.74 -30.49
N PHE J 223 88.39 34.49 -30.57
CA PHE J 223 87.69 33.46 -29.79
C PHE J 223 87.91 33.65 -28.30
N ILE J 224 89.12 34.05 -27.89
CA ILE J 224 89.34 34.24 -26.47
C ILE J 224 88.51 35.40 -25.95
N SER J 225 88.37 36.45 -26.75
CA SER J 225 87.52 37.58 -26.35
C SER J 225 86.06 37.14 -26.22
N SER J 226 85.56 36.42 -27.23
CA SER J 226 84.19 35.93 -27.17
C SER J 226 83.97 35.00 -25.99
N TRP J 227 84.99 34.23 -25.61
CA TRP J 227 84.88 33.36 -24.45
C TRP J 227 84.85 34.17 -23.16
N GLN J 228 85.59 35.28 -23.10
CA GLN J 228 85.54 36.15 -21.93
C GLN J 228 84.22 36.89 -21.84
N ASN J 229 83.51 37.04 -22.95
CA ASN J 229 82.27 37.83 -22.98
C ASN J 229 81.05 37.10 -22.38
N HIS J 230 81.23 36.02 -21.61
CA HIS J 230 80.11 35.25 -21.09
C HIS J 230 79.23 36.07 -20.15
N PRO J 231 78.01 35.60 -19.88
CA PRO J 231 77.17 36.26 -18.87
C PRO J 231 77.56 35.83 -17.47
N ILE J 232 77.21 36.68 -16.51
CA ILE J 232 77.56 36.48 -15.12
C ILE J 232 76.38 35.95 -14.32
N VAL J 233 75.24 36.63 -14.40
CA VAL J 233 74.03 36.24 -13.69
C VAL J 233 72.96 35.95 -14.72
N GLN J 234 72.52 34.69 -14.79
CA GLN J 234 71.55 34.29 -15.80
C GLN J 234 70.70 33.16 -15.23
N VAL J 235 69.43 33.43 -14.99
CA VAL J 235 68.47 32.43 -14.53
C VAL J 235 67.72 31.94 -15.76
N SER J 236 68.04 30.71 -16.20
CA SER J 236 67.45 30.16 -17.41
C SER J 236 66.59 28.93 -17.17
N ALA J 237 66.69 28.30 -16.00
CA ALA J 237 65.82 27.19 -15.66
C ALA J 237 64.49 27.75 -15.18
N ASP J 238 63.64 26.88 -14.63
CA ASP J 238 62.34 27.28 -14.11
C ASP J 238 62.41 27.31 -12.58
N VAL J 239 61.89 28.39 -12.00
CA VAL J 239 61.96 28.58 -10.55
C VAL J 239 60.55 28.54 -9.95
N GLU J 240 60.11 27.36 -9.57
CA GLU J 240 58.83 27.18 -8.88
C GLU J 240 58.98 26.43 -7.57
N ASN J 241 59.78 25.36 -7.55
CA ASN J 241 60.13 24.75 -6.28
C ASN J 241 60.85 25.75 -5.39
N ARG J 242 61.68 26.62 -5.99
CA ARG J 242 62.35 27.65 -5.21
C ARG J 242 61.34 28.65 -4.66
N LYS J 243 60.31 29.00 -5.44
CA LYS J 243 59.30 29.91 -4.93
C LYS J 243 58.54 29.28 -3.77
N THR J 244 58.19 28.01 -3.88
CA THR J 244 57.46 27.34 -2.80
C THR J 244 58.32 27.26 -1.53
N ALA J 245 59.59 26.91 -1.68
CA ALA J 245 60.48 26.85 -0.52
C ALA J 245 60.68 28.22 0.09
N GLN J 246 60.81 29.25 -0.75
CA GLN J 246 60.87 30.63 -0.27
C GLN J 246 59.63 30.99 0.51
N LEU J 247 58.47 30.51 0.07
CA LEU J 247 57.22 30.85 0.73
C LEU J 247 57.10 30.17 2.09
N LEU J 248 57.49 28.91 2.18
CA LEU J 248 57.32 28.18 3.43
C LEU J 248 58.47 28.38 4.42
N HIS J 249 59.65 28.75 3.95
CA HIS J 249 60.79 28.96 4.86
C HIS J 249 61.80 29.84 4.14
N ALA J 250 62.02 31.04 4.63
CA ALA J 250 62.94 31.99 4.01
C ALA J 250 64.18 32.13 4.89
N ASP J 251 65.34 32.25 4.23
CA ASP J 251 66.58 32.37 4.97
C ASP J 251 66.60 33.64 5.80
N THR J 252 67.14 33.55 7.00
CA THR J 252 67.18 34.72 7.87
C THR J 252 68.44 35.53 7.59
N PRO J 253 68.32 36.86 7.56
CA PRO J 253 69.49 37.70 7.33
C PRO J 253 70.36 37.81 8.57
N ARG J 254 71.62 38.16 8.34
CA ARG J 254 72.59 38.33 9.41
C ARG J 254 72.66 39.82 9.75
N LEU J 255 72.02 40.20 10.85
CA LEU J 255 71.92 41.60 11.25
C LEU J 255 72.97 41.99 12.27
N VAL J 256 73.14 41.20 13.32
CA VAL J 256 73.99 41.57 14.45
C VAL J 256 75.38 40.96 14.23
N THR J 257 76.36 41.82 14.00
CA THR J 257 77.75 41.42 13.85
C THR J 257 78.62 42.39 14.62
N TRP J 258 79.62 41.87 15.32
CA TRP J 258 80.42 42.65 16.24
C TRP J 258 81.83 42.86 15.69
N ASP J 259 82.38 44.04 15.96
CA ASP J 259 83.73 44.41 15.56
C ASP J 259 84.52 44.76 16.80
N ALA J 260 85.66 44.08 16.99
CA ALA J 260 86.50 44.32 18.15
C ALA J 260 87.71 45.19 17.84
N GLY J 261 88.03 45.40 16.57
CA GLY J 261 89.12 46.29 16.22
C GLY J 261 88.63 47.72 16.05
N LEU J 262 89.58 48.63 15.86
CA LEU J 262 89.25 50.04 15.79
C LEU J 262 88.55 50.37 14.48
N CYS J 263 87.50 51.18 14.58
CA CYS J 263 86.68 51.49 13.41
C CYS J 263 87.38 52.56 12.56
N THR J 264 87.71 52.19 11.34
CA THR J 264 88.38 53.10 10.43
C THR J 264 88.43 52.46 9.06
N SER J 265 88.48 53.30 8.03
CA SER J 265 88.60 52.82 6.66
C SER J 265 89.70 53.52 5.88
N PHE J 266 90.41 54.45 6.50
CA PHE J 266 91.47 55.21 5.85
C PHE J 266 92.78 54.88 6.55
N LYS J 267 93.81 54.56 5.78
CA LYS J 267 95.11 54.23 6.33
C LYS J 267 96.18 55.07 5.67
N ILE J 268 97.13 55.57 6.46
CA ILE J 268 98.23 56.37 5.95
C ILE J 268 99.35 55.43 5.55
N VAL J 269 99.79 55.52 4.29
CA VAL J 269 100.86 54.66 3.80
C VAL J 269 102.04 55.52 3.38
N PRO J 270 103.28 55.09 3.65
CA PRO J 270 104.45 55.83 3.15
C PRO J 270 104.70 55.49 1.69
N ILE J 271 104.93 56.51 0.89
CA ILE J 271 105.13 56.34 -0.55
C ILE J 271 106.60 56.27 -0.91
N VAL J 272 107.43 57.14 -0.34
CA VAL J 272 108.86 57.10 -0.60
C VAL J 272 109.62 57.20 0.72
N PRO J 273 110.62 56.36 0.96
CA PRO J 273 111.28 56.33 2.26
C PRO J 273 112.15 57.56 2.47
N ALA J 274 112.34 57.91 3.74
CA ALA J 274 113.17 59.04 4.10
C ALA J 274 114.64 58.69 3.89
N GLN J 275 115.51 59.63 4.24
CA GLN J 275 116.95 59.42 4.23
C GLN J 275 117.46 59.63 5.65
N VAL J 276 117.67 58.54 6.38
CA VAL J 276 118.13 58.64 7.76
C VAL J 276 119.63 58.93 7.74
N PRO J 277 120.44 58.14 7.04
CA PRO J 277 121.84 58.54 6.85
C PRO J 277 121.93 59.60 5.76
N GLN J 278 122.23 60.83 6.17
CA GLN J 278 122.42 61.92 5.22
C GLN J 278 123.54 62.81 5.72
N ASP J 279 124.07 63.63 4.81
CA ASP J 279 125.27 64.39 5.11
C ASP J 279 124.99 65.62 5.97
N VAL J 280 123.81 66.22 5.81
CA VAL J 280 123.54 67.48 6.50
C VAL J 280 123.32 67.25 7.99
N LEU J 281 122.46 66.30 8.33
CA LEU J 281 121.97 66.12 9.69
C LEU J 281 122.44 64.76 10.20
N ALA J 282 123.15 64.77 11.32
CA ALA J 282 123.69 63.54 11.88
C ALA J 282 122.58 62.56 12.22
N TYR J 283 122.89 61.26 12.14
CA TYR J 283 121.87 60.24 12.32
C TYR J 283 121.32 60.20 13.74
N THR J 284 121.98 60.83 14.70
CA THR J 284 121.49 60.83 16.07
C THR J 284 120.32 61.79 16.28
N PHE J 285 119.87 62.48 15.24
CA PHE J 285 118.72 63.36 15.36
C PHE J 285 117.42 62.56 15.32
N PHE J 286 117.27 61.72 14.31
CA PHE J 286 115.99 61.10 14.02
C PHE J 286 115.60 60.08 15.07
N THR J 287 114.31 59.98 15.34
CA THR J 287 113.79 58.94 16.23
C THR J 287 113.51 57.65 15.47
N SER J 288 114.51 57.22 14.70
CA SER J 288 114.48 55.92 14.04
C SER J 288 115.77 55.21 14.42
N SER J 289 116.81 55.99 14.67
CA SER J 289 118.03 55.45 15.23
C SER J 289 117.80 54.88 16.62
N TYR J 290 116.75 55.34 17.30
CA TYR J 290 116.41 54.87 18.64
C TYR J 290 115.30 53.84 18.64
N ALA J 291 114.76 53.50 17.47
CA ALA J 291 113.68 52.53 17.35
C ALA J 291 112.44 52.98 18.12
N ILE J 292 112.21 54.28 18.17
CA ILE J 292 111.05 54.83 18.86
C ILE J 292 109.83 54.71 17.96
N GLN J 293 108.86 53.90 18.39
CA GLN J 293 107.65 53.72 17.61
C GLN J 293 106.87 55.03 17.54
N SER J 294 106.35 55.34 16.36
CA SER J 294 105.62 56.57 16.12
C SER J 294 104.24 56.24 15.57
N PRO J 295 103.28 57.15 15.72
CA PRO J 295 101.93 56.87 15.21
C PRO J 295 101.81 57.01 13.71
N PHE J 296 102.75 57.66 13.05
CA PHE J 296 102.70 57.91 11.63
C PHE J 296 103.95 57.39 10.96
N PRO J 297 103.88 57.08 9.66
CA PRO J 297 105.07 56.63 8.95
C PRO J 297 106.11 57.75 8.89
N GLU J 298 107.37 57.35 8.92
CA GLU J 298 108.50 58.28 8.91
C GLU J 298 109.14 58.36 7.54
N ALA J 299 108.32 58.29 6.49
CA ALA J 299 108.82 58.36 5.12
C ALA J 299 109.07 59.81 4.73
N ALA J 300 109.37 60.04 3.45
CA ALA J 300 109.50 61.39 2.92
C ALA J 300 108.23 61.88 2.24
N VAL J 301 107.35 60.97 1.83
CA VAL J 301 106.08 61.32 1.24
C VAL J 301 105.04 60.31 1.69
N SER J 302 104.06 60.76 2.47
CA SER J 302 103.02 59.89 3.01
C SER J 302 101.68 60.31 2.41
N ARG J 303 100.98 59.35 1.82
CA ARG J 303 99.63 59.59 1.32
C ARG J 303 98.65 58.70 2.07
N ILE J 304 97.38 59.08 2.01
CA ILE J 304 96.32 58.42 2.76
C ILE J 304 95.40 57.72 1.77
N VAL J 305 95.35 56.39 1.84
CA VAL J 305 94.58 55.58 0.90
C VAL J 305 93.43 54.92 1.63
N VAL J 306 92.62 54.16 0.91
CA VAL J 306 91.37 53.61 1.44
C VAL J 306 91.47 52.10 1.48
N HIS J 307 91.12 51.53 2.63
CA HIS J 307 91.18 50.08 2.81
C HIS J 307 90.20 49.76 3.94
N THR J 308 89.01 49.29 3.58
CA THR J 308 87.99 49.07 4.60
C THR J 308 88.36 47.88 5.47
N ARG J 309 88.36 48.09 6.78
CA ARG J 309 88.60 47.03 7.76
C ARG J 309 90.06 46.57 7.76
N TRP J 310 90.99 47.50 7.59
CA TRP J 310 92.39 47.13 7.77
C TRP J 310 92.75 46.95 9.24
N ALA J 311 91.87 47.33 10.15
CA ALA J 311 92.14 47.29 11.58
C ALA J 311 90.96 46.71 12.32
N SER J 312 90.31 45.70 11.75
CA SER J 312 89.03 45.20 12.23
C SER J 312 89.14 43.72 12.52
N ASN J 313 89.11 43.36 13.80
CA ASN J 313 89.01 41.97 14.22
C ASN J 313 87.53 41.64 14.31
N VAL J 314 86.97 41.15 13.21
CA VAL J 314 85.54 41.06 13.04
C VAL J 314 85.07 39.63 13.31
N ASP J 315 83.83 39.52 13.79
CA ASP J 315 83.22 38.23 14.09
C ASP J 315 82.62 37.57 12.85
N PHE J 316 82.30 38.33 11.81
CA PHE J 316 81.68 37.79 10.61
C PHE J 316 82.14 38.64 9.43
N ASP J 317 82.61 37.98 8.37
CA ASP J 317 83.03 38.66 7.17
C ASP J 317 81.84 38.89 6.25
N ARG J 318 81.80 40.06 5.61
CA ARG J 318 80.71 40.40 4.72
C ARG J 318 81.09 40.38 3.25
N ASP J 319 82.33 40.03 2.92
CA ASP J 319 82.78 39.76 1.55
C ASP J 319 82.91 41.03 0.72
N SER J 320 82.45 42.16 1.26
CA SER J 320 82.61 43.43 0.60
C SER J 320 83.88 44.09 1.12
N SER J 321 84.60 44.74 0.21
CA SER J 321 85.82 45.43 0.62
C SER J 321 86.29 46.37 -0.46
N VAL J 322 86.44 47.65 -0.13
CA VAL J 322 87.01 48.62 -1.05
C VAL J 322 88.48 48.72 -0.69
N ILE J 323 89.28 47.84 -1.26
CA ILE J 323 90.71 47.79 -1.01
C ILE J 323 91.42 48.47 -2.17
N MET J 324 92.37 49.35 -1.85
CA MET J 324 93.04 50.13 -2.86
C MET J 324 94.54 50.17 -2.62
N ALA J 325 95.31 49.97 -3.67
CA ALA J 325 96.75 50.14 -3.58
C ALA J 325 97.09 51.62 -3.57
N PRO J 326 98.31 51.97 -3.19
CA PRO J 326 98.71 53.37 -3.15
C PRO J 326 98.64 54.00 -4.53
N PRO J 327 98.71 55.33 -4.62
CA PRO J 327 98.62 55.98 -5.93
C PRO J 327 99.74 55.60 -6.87
N THR J 328 100.87 55.09 -6.36
CA THR J 328 101.97 54.71 -7.22
C THR J 328 101.79 53.33 -7.84
N GLU J 329 100.61 52.75 -7.73
CA GLU J 329 100.27 51.51 -8.40
C GLU J 329 98.97 51.72 -9.15
N ASN J 330 98.63 50.76 -10.01
CA ASN J 330 97.50 50.92 -10.92
C ASN J 330 96.22 50.48 -10.24
N ASN J 331 95.28 51.41 -10.10
CA ASN J 331 93.97 51.13 -9.52
C ASN J 331 92.87 51.09 -10.57
N ILE J 332 93.23 50.91 -11.83
CA ILE J 332 92.23 50.94 -12.90
C ILE J 332 91.28 49.77 -12.83
N HIS J 333 91.66 48.67 -12.16
CA HIS J 333 90.77 47.53 -12.09
C HIS J 333 89.54 47.80 -11.23
N LEU J 334 89.62 48.78 -10.33
CA LEU J 334 88.46 49.10 -9.50
C LEU J 334 87.35 49.77 -10.30
N PHE J 335 87.66 50.30 -11.47
CA PHE J 335 86.70 51.08 -12.24
C PHE J 335 86.33 50.43 -13.57
N LYS J 336 86.67 49.16 -13.76
CA LYS J 336 86.27 48.41 -14.94
C LYS J 336 85.60 47.11 -14.52
N GLN J 337 84.72 47.18 -13.53
CA GLN J 337 84.07 45.99 -13.00
C GLN J 337 82.74 45.69 -13.67
N LEU J 338 81.85 46.69 -13.75
CA LEU J 338 80.44 46.39 -14.04
C LEU J 338 80.15 46.17 -15.51
N LEU J 339 80.33 47.20 -16.33
CA LEU J 339 79.84 47.16 -17.71
C LEU J 339 80.97 47.24 -18.72
N ASN J 340 82.12 46.68 -18.38
CA ASN J 340 83.31 46.74 -19.23
C ASN J 340 83.63 45.37 -19.83
N THR J 341 82.60 44.60 -20.16
CA THR J 341 82.80 43.30 -20.77
C THR J 341 83.36 43.41 -22.19
N GLU J 342 83.28 44.60 -22.80
CA GLU J 342 83.79 44.81 -24.15
C GLU J 342 85.20 45.39 -24.16
N THR J 343 85.69 45.87 -23.02
CA THR J 343 87.04 46.43 -22.96
C THR J 343 88.06 45.33 -23.14
N LEU J 344 88.80 45.37 -24.25
CA LEU J 344 89.78 44.33 -24.54
C LEU J 344 91.01 44.46 -23.66
N SER J 345 91.48 45.69 -23.46
CA SER J 345 92.72 45.90 -22.73
C SER J 345 92.62 45.41 -21.29
N VAL J 346 93.79 45.25 -20.66
CA VAL J 346 93.86 44.95 -19.24
C VAL J 346 94.19 46.18 -18.41
N ARG J 347 94.68 47.25 -19.04
CA ARG J 347 95.00 48.49 -18.34
C ARG J 347 94.09 49.64 -18.76
N GLY J 348 92.96 49.34 -19.38
CA GLY J 348 92.05 50.38 -19.81
C GLY J 348 90.65 50.22 -19.26
N ALA J 349 89.86 51.29 -19.32
CA ALA J 349 88.50 51.27 -18.82
C ALA J 349 87.67 52.25 -19.64
N ASN J 350 86.39 51.96 -19.76
CA ASN J 350 85.50 52.78 -20.58
C ASN J 350 85.01 53.96 -19.75
N PRO J 351 85.19 55.21 -20.22
CA PRO J 351 84.82 56.36 -19.39
C PRO J 351 83.33 56.55 -19.18
N LEU J 352 82.49 55.89 -19.96
CA LEU J 352 81.06 56.15 -19.84
C LEU J 352 80.41 55.38 -18.71
N MET J 353 81.12 54.46 -18.07
CA MET J 353 80.60 53.74 -16.91
C MET J 353 81.27 54.16 -15.61
N PHE J 354 81.91 55.34 -15.59
CA PHE J 354 82.61 55.77 -14.39
C PHE J 354 81.66 55.92 -13.20
N ARG J 355 80.59 56.70 -13.34
CA ARG J 355 79.76 56.92 -12.16
C ARG J 355 78.95 55.70 -11.78
N ALA J 356 78.67 54.81 -12.73
CA ALA J 356 78.06 53.54 -12.36
C ALA J 356 79.00 52.72 -11.48
N ASN J 357 80.27 52.58 -11.91
CA ASN J 357 81.23 51.87 -11.09
C ASN J 357 81.43 52.55 -9.75
N VAL J 358 81.39 53.87 -9.70
CA VAL J 358 81.61 54.58 -8.45
C VAL J 358 80.42 54.40 -7.51
N LEU J 359 79.20 54.39 -8.05
CA LEU J 359 78.05 54.09 -7.22
C LEU J 359 78.15 52.69 -6.64
N HIS J 360 78.59 51.72 -7.44
CA HIS J 360 78.73 50.37 -6.91
C HIS J 360 79.82 50.31 -5.85
N MET J 361 80.91 51.04 -6.05
CA MET J 361 81.98 51.08 -5.05
C MET J 361 81.48 51.69 -3.75
N LEU J 362 80.64 52.72 -3.84
CA LEU J 362 80.12 53.33 -2.62
C LEU J 362 79.15 52.40 -1.91
N LEU J 363 78.34 51.64 -2.66
CA LEU J 363 77.48 50.67 -2.02
C LEU J 363 78.28 49.59 -1.31
N GLU J 364 79.33 49.09 -1.96
CA GLU J 364 80.23 48.16 -1.28
C GLU J 364 80.83 48.77 -0.03
N PHE J 365 81.26 50.03 -0.12
CA PHE J 365 81.89 50.69 1.01
C PHE J 365 80.95 50.80 2.18
N VAL J 366 79.67 51.04 1.92
CA VAL J 366 78.71 51.12 3.01
C VAL J 366 78.39 49.74 3.56
N LEU J 367 78.18 48.76 2.68
CA LEU J 367 77.85 47.42 3.15
C LEU J 367 79.00 46.78 3.91
N ASP J 368 80.24 47.22 3.69
CA ASP J 368 81.36 46.55 4.32
C ASP J 368 81.38 46.76 5.82
N ASN J 369 81.12 47.98 6.28
CA ASN J 369 81.06 48.22 7.70
C ASN J 369 79.61 48.52 8.08
N LEU J 370 78.84 47.44 8.21
CA LEU J 370 77.57 47.44 8.93
C LEU J 370 77.84 46.52 10.10
N TYR J 371 78.48 47.07 11.13
CA TYR J 371 78.99 46.29 12.23
C TYR J 371 78.52 46.89 13.53
N LEU J 372 79.10 46.44 14.63
CA LEU J 372 78.62 46.88 15.93
C LEU J 372 79.84 46.90 16.84
N ASN J 373 80.26 48.11 17.22
CA ASN J 373 81.51 48.29 17.95
C ASN J 373 81.49 47.51 19.26
N ARG J 374 82.49 46.67 19.45
CA ARG J 374 82.56 45.75 20.58
C ARG J 374 83.40 46.35 21.70
N HIS J 375 83.13 45.89 22.92
CA HIS J 375 83.75 46.39 24.13
C HIS J 375 84.72 45.35 24.67
N THR J 376 86.01 45.69 24.73
CA THR J 376 87.05 44.71 25.08
C THR J 376 88.10 45.34 25.99
N GLY J 377 87.86 45.29 27.30
CA GLY J 377 88.93 45.48 28.28
C GLY J 377 89.61 46.84 28.32
N PHE J 378 90.36 47.10 29.39
CA PHE J 378 91.16 48.30 29.52
C PHE J 378 92.38 47.98 30.37
N SER J 379 93.17 49.01 30.69
CA SER J 379 94.30 48.86 31.59
C SER J 379 94.85 50.21 32.02
N GLN J 380 95.04 50.39 33.33
CA GLN J 380 95.60 51.62 33.86
C GLN J 380 97.02 51.82 33.34
N ASP J 381 97.28 52.99 32.77
CA ASP J 381 98.60 53.29 32.26
C ASP J 381 99.60 53.38 33.42
N HIS J 382 100.68 52.62 33.31
CA HIS J 382 101.70 52.55 34.37
C HIS J 382 102.92 53.39 34.05
N THR J 383 102.83 54.32 33.11
CA THR J 383 103.95 55.15 32.70
C THR J 383 103.53 56.61 32.73
N PRO J 384 104.50 57.53 32.77
CA PRO J 384 104.17 58.95 32.83
C PRO J 384 103.81 59.59 31.51
N PHE J 385 103.68 58.81 30.43
CA PHE J 385 103.33 59.38 29.14
C PHE J 385 101.93 59.96 29.13
N THR J 386 101.05 59.48 30.01
CA THR J 386 99.72 60.06 30.17
C THR J 386 99.45 60.21 31.66
N GLU J 387 98.32 60.82 31.97
CA GLU J 387 97.93 61.04 33.36
C GLU J 387 97.19 59.83 33.92
N GLY J 388 97.78 58.65 33.78
CA GLY J 388 97.13 57.44 34.25
C GLY J 388 95.86 57.13 33.51
N ALA J 389 95.83 57.36 32.21
CA ALA J 389 94.64 57.12 31.43
C ALA J 389 94.43 55.63 31.21
N ASN J 390 93.19 55.27 30.90
CA ASN J 390 92.85 53.89 30.55
C ASN J 390 93.08 53.68 29.07
N LEU J 391 93.49 52.47 28.70
CA LEU J 391 93.85 52.16 27.33
C LEU J 391 93.16 50.87 26.91
N ARG J 392 92.42 50.92 25.81
CA ARG J 392 91.70 49.75 25.32
C ARG J 392 92.67 48.78 24.67
N SER J 393 92.66 47.52 25.12
CA SER J 393 93.50 46.48 24.56
C SER J 393 92.66 45.61 23.63
N LEU J 394 92.95 45.67 22.35
CA LEU J 394 92.19 44.91 21.38
C LEU J 394 92.86 43.57 21.10
N PRO J 395 92.08 42.57 20.69
CA PRO J 395 92.62 41.22 20.54
C PRO J 395 93.40 41.07 19.24
N GLY J 396 94.23 40.04 19.20
CA GLY J 396 95.02 39.75 18.03
C GLY J 396 96.34 39.10 18.36
N PRO J 397 97.06 38.66 17.34
CA PRO J 397 98.36 38.02 17.57
C PRO J 397 99.40 38.98 18.10
N ASP J 398 99.58 40.10 17.41
CA ASP J 398 100.60 41.09 17.75
C ASP J 398 99.88 42.39 18.09
N ALA J 399 99.49 42.52 19.37
CA ALA J 399 98.72 43.68 19.81
C ALA J 399 99.59 44.81 20.34
N GLU J 400 100.90 44.61 20.45
CA GLU J 400 101.75 45.69 20.92
C GLU J 400 101.96 46.78 19.89
N LYS J 401 101.54 46.56 18.65
CA LYS J 401 101.69 47.55 17.59
C LYS J 401 100.53 48.53 17.51
N TRP J 402 99.43 48.26 18.20
CA TRP J 402 98.25 49.10 18.11
C TRP J 402 98.24 50.23 19.12
N TYR J 403 99.00 50.12 20.21
CA TYR J 403 99.01 51.18 21.20
C TYR J 403 99.66 52.44 20.70
N SER J 404 100.45 52.35 19.62
CA SER J 404 101.06 53.52 19.02
C SER J 404 100.25 54.09 17.87
N ILE J 405 99.35 53.31 17.29
CA ILE J 405 98.50 53.81 16.22
C ILE J 405 97.18 54.34 16.77
N MET J 406 96.72 53.81 17.89
CA MET J 406 95.44 54.24 18.47
C MET J 406 95.55 55.54 19.23
N TYR J 407 96.75 55.95 19.64
CA TYR J 407 96.93 57.09 20.53
C TYR J 407 98.09 57.94 20.06
N PRO J 408 97.86 58.83 19.09
CA PRO J 408 98.95 59.65 18.57
C PRO J 408 99.52 60.62 19.59
N THR J 409 98.80 60.91 20.66
CA THR J 409 99.25 61.89 21.64
C THR J 409 99.89 61.25 22.85
N ARG J 410 100.03 59.93 22.87
CA ARG J 410 100.75 59.24 23.94
C ARG J 410 102.16 58.93 23.42
N MET J 411 102.97 59.97 23.36
CA MET J 411 104.30 59.84 22.79
C MET J 411 105.17 61.01 23.24
N GLY J 412 106.43 60.74 23.50
CA GLY J 412 107.36 61.81 23.81
C GLY J 412 107.56 62.73 22.63
N THR J 413 108.13 63.90 22.91
CA THR J 413 108.41 64.90 21.89
C THR J 413 109.86 65.34 21.99
N PRO J 414 110.79 64.49 21.57
CA PRO J 414 112.21 64.83 21.71
C PRO J 414 112.66 65.88 20.71
N ASN J 415 112.24 65.74 19.47
CA ASN J 415 112.77 66.53 18.37
C ASN J 415 111.92 67.76 18.09
N VAL J 416 112.36 68.53 17.10
CA VAL J 416 111.52 69.53 16.48
C VAL J 416 111.00 69.05 15.13
N SER J 417 110.96 67.73 14.92
CA SER J 417 110.45 67.18 13.68
C SER J 417 108.96 67.48 13.52
N LYS J 418 108.38 67.12 12.38
CA LYS J 418 106.98 67.46 12.16
C LYS J 418 106.05 66.63 13.03
N ILE J 419 106.35 65.34 13.18
CA ILE J 419 105.56 64.49 14.07
C ILE J 419 105.58 65.04 15.49
N CYS J 420 106.76 65.42 15.96
CA CYS J 420 106.88 65.91 17.33
C CYS J 420 106.21 67.27 17.48
N ASN J 421 106.30 68.12 16.46
CA ASN J 421 105.60 69.40 16.52
C ASN J 421 104.10 69.20 16.64
N PHE J 422 103.54 68.27 15.86
CA PHE J 422 102.11 68.02 15.95
C PHE J 422 101.73 67.48 17.32
N VAL J 423 102.40 66.40 17.75
CA VAL J 423 102.10 65.80 19.04
C VAL J 423 102.32 66.77 20.18
N ALA J 424 103.17 67.79 19.99
CA ALA J 424 103.33 68.83 20.98
C ALA J 424 102.20 69.83 20.94
N SER J 425 101.60 70.04 19.76
CA SER J 425 100.47 70.95 19.66
C SER J 425 99.16 70.32 20.14
N CYS J 426 99.08 68.99 20.22
CA CYS J 426 97.84 68.35 20.64
C CYS J 426 97.52 68.66 22.10
N VAL J 427 96.38 68.14 22.56
CA VAL J 427 95.90 68.30 23.93
C VAL J 427 96.10 66.97 24.65
N ARG J 428 96.26 67.05 25.97
CA ARG J 428 96.76 65.92 26.75
C ARG J 428 95.68 64.98 27.26
N ASN J 429 94.53 65.49 27.70
CA ASN J 429 93.59 64.68 28.47
C ASN J 429 92.53 63.98 27.62
N ARG J 430 92.62 64.04 26.30
CA ARG J 430 91.64 63.36 25.45
C ARG J 430 92.22 62.03 24.96
N VAL J 431 92.39 61.11 25.90
CA VAL J 431 93.00 59.81 25.62
C VAL J 431 92.22 58.73 26.35
N GLY J 432 92.07 57.58 25.72
CA GLY J 432 91.47 56.42 26.37
C GLY J 432 90.02 56.64 26.72
N ARG J 433 89.53 55.75 27.59
CA ARG J 433 88.15 55.83 28.04
C ARG J 433 87.92 57.07 28.89
N PHE J 434 86.72 57.63 28.79
CA PHE J 434 86.35 58.77 29.61
C PHE J 434 84.91 58.71 30.09
N ASP J 435 84.18 57.63 29.80
CA ASP J 435 82.78 57.54 30.20
C ASP J 435 82.28 56.11 30.08
N ARG J 436 81.64 55.60 31.12
CA ARG J 436 81.11 54.25 31.14
C ARG J 436 79.77 54.23 31.85
N ALA J 437 79.08 53.10 31.74
CA ALA J 437 77.79 52.88 32.41
C ALA J 437 77.89 51.54 33.14
N GLN J 438 78.24 51.59 34.41
CA GLN J 438 78.42 50.39 35.22
C GLN J 438 77.15 50.17 36.03
N MET J 439 76.36 49.17 35.63
CA MET J 439 75.08 48.91 36.28
C MET J 439 75.23 47.97 37.47
N MET J 440 75.76 46.78 37.24
CA MET J 440 76.05 45.86 38.33
C MET J 440 77.56 45.75 38.48
N ASN J 441 78.01 45.43 39.69
CA ASN J 441 79.43 45.21 39.91
C ASN J 441 79.78 43.76 39.60
N GLY J 442 81.03 43.54 39.21
CA GLY J 442 81.42 42.22 38.81
C GLY J 442 80.72 41.75 37.55
N ALA J 443 80.24 42.67 36.72
CA ALA J 443 79.65 42.36 35.44
C ALA J 443 80.22 43.30 34.40
N MET J 444 79.98 42.98 33.13
CA MET J 444 80.51 43.79 32.05
C MET J 444 79.88 45.17 32.07
N SER J 445 80.69 46.18 31.78
CA SER J 445 80.15 47.52 31.60
C SER J 445 79.29 47.56 30.36
N GLU J 446 78.20 48.33 30.42
CA GLU J 446 77.22 48.29 29.32
C GLU J 446 77.77 48.93 28.06
N TRP J 447 78.40 50.09 28.18
CA TRP J 447 78.97 50.79 27.04
C TRP J 447 80.01 51.76 27.58
N VAL J 448 80.85 52.28 26.67
CA VAL J 448 81.87 53.24 27.03
C VAL J 448 82.10 54.19 25.86
N ASP J 449 82.66 55.36 26.17
CA ASP J 449 83.08 56.33 25.16
C ASP J 449 84.59 56.45 25.25
N VAL J 450 85.28 56.19 24.13
CA VAL J 450 86.73 56.15 24.11
C VAL J 450 87.26 57.03 22.99
N PHE J 451 88.30 57.79 23.28
CA PHE J 451 89.04 58.49 22.25
C PHE J 451 90.04 57.53 21.60
N GLU J 452 90.12 57.55 20.28
CA GLU J 452 91.03 56.67 19.58
C GLU J 452 90.97 56.96 18.09
N THR J 453 91.94 56.40 17.36
CA THR J 453 92.00 56.57 15.92
C THR J 453 90.79 55.90 15.26
N SER J 454 89.97 56.72 14.61
CA SER J 454 88.79 56.28 13.88
C SER J 454 88.60 57.25 12.73
N ASP J 455 87.40 57.30 12.16
CA ASP J 455 87.10 58.46 11.33
C ASP J 455 85.61 58.68 11.27
N ALA J 456 85.25 59.94 11.01
CA ALA J 456 83.87 60.39 11.16
C ALA J 456 82.92 59.63 10.27
N LEU J 457 83.37 59.22 9.08
CA LEU J 457 82.46 58.60 8.14
C LEU J 457 82.00 57.23 8.64
N THR J 458 82.94 56.35 8.96
CA THR J 458 82.52 55.03 9.42
C THR J 458 81.89 55.11 10.80
N VAL J 459 82.31 56.07 11.63
CA VAL J 459 81.65 56.26 12.91
C VAL J 459 80.18 56.63 12.70
N SER J 460 79.90 57.49 11.74
CA SER J 460 78.52 57.89 11.47
C SER J 460 77.71 56.74 10.90
N ILE J 461 78.31 55.95 10.00
CA ILE J 461 77.60 54.83 9.43
C ILE J 461 77.21 53.82 10.52
N ARG J 462 78.16 53.51 11.39
CA ARG J 462 77.85 52.53 12.43
C ARG J 462 76.91 53.11 13.47
N GLY J 463 76.94 54.42 13.70
CA GLY J 463 75.95 55.03 14.56
C GLY J 463 74.55 54.91 13.99
N ARG J 464 74.40 55.18 12.69
CA ARG J 464 73.10 55.00 12.04
C ARG J 464 72.64 53.56 12.15
N TRP J 465 73.56 52.61 11.96
CA TRP J 465 73.19 51.20 12.03
C TRP J 465 72.72 50.82 13.43
N MET J 466 73.44 51.28 14.46
CA MET J 466 73.02 50.97 15.81
C MET J 466 71.70 51.64 16.16
N ALA J 467 71.46 52.85 15.66
CA ALA J 467 70.18 53.49 15.90
C ALA J 467 69.04 52.71 15.27
N ARG J 468 69.23 52.28 14.02
CA ARG J 468 68.21 51.47 13.36
C ARG J 468 67.95 50.18 14.11
N LEU J 469 69.00 49.52 14.61
CA LEU J 469 68.79 48.28 15.33
C LEU J 469 68.11 48.53 16.67
N ALA J 470 68.49 49.60 17.36
CA ALA J 470 67.87 49.90 18.65
C ALA J 470 66.43 50.30 18.52
N ARG J 471 66.01 50.81 17.37
CA ARG J 471 64.59 51.10 17.19
C ARG J 471 63.74 49.84 17.12
N MET J 472 64.34 48.70 16.80
CA MET J 472 63.63 47.44 16.70
C MET J 472 63.57 46.67 18.01
N ASN J 473 64.18 47.18 19.07
CA ASN J 473 64.40 46.39 20.27
C ASN J 473 63.09 46.14 21.00
N ILE J 474 62.90 44.91 21.46
CA ILE J 474 61.77 44.52 22.29
C ILE J 474 62.32 43.89 23.56
N ASN J 475 61.46 43.73 24.56
CA ASN J 475 61.90 43.18 25.83
C ASN J 475 61.01 42.04 26.30
N PRO J 476 61.47 41.27 27.29
CA PRO J 476 60.77 40.03 27.65
C PRO J 476 59.36 40.23 28.12
N THR J 477 59.06 41.32 28.82
CA THR J 477 57.70 41.53 29.32
C THR J 477 56.70 41.64 28.18
N GLU J 478 57.02 42.47 27.19
CA GLU J 478 56.08 42.62 26.08
C GLU J 478 56.09 41.41 25.17
N ILE J 479 57.20 40.69 25.08
CA ILE J 479 57.14 39.41 24.36
C ILE J 479 56.18 38.46 25.05
N GLU J 480 56.21 38.43 26.38
CA GLU J 480 55.27 37.62 27.15
C GLU J 480 53.83 38.02 26.87
N TRP J 481 53.55 39.33 26.92
CA TRP J 481 52.20 39.80 26.66
C TRP J 481 51.73 39.44 25.26
N ALA J 482 52.61 39.59 24.27
CA ALA J 482 52.24 39.28 22.89
C ALA J 482 51.94 37.81 22.72
N LEU J 483 52.80 36.94 23.24
CA LEU J 483 52.56 35.51 23.10
C LEU J 483 51.29 35.07 23.84
N THR J 484 51.03 35.67 25.01
CA THR J 484 49.82 35.32 25.74
C THR J 484 48.57 35.75 24.99
N GLU J 485 48.58 36.97 24.43
CA GLU J 485 47.44 37.42 23.65
C GLU J 485 47.24 36.55 22.41
N CYS J 486 48.34 36.14 21.77
CA CYS J 486 48.22 35.29 20.59
C CYS J 486 47.62 33.94 20.93
N ALA J 487 48.16 33.27 21.96
CA ALA J 487 47.66 31.96 22.33
C ALA J 487 46.26 32.03 22.95
N GLN J 488 45.83 33.21 23.39
CA GLN J 488 44.46 33.40 23.88
C GLN J 488 44.20 32.60 25.15
N GLY J 489 45.08 32.78 26.14
CA GLY J 489 44.83 32.20 27.45
C GLY J 489 44.97 30.70 27.51
N TYR J 490 45.42 30.04 26.46
CA TYR J 490 45.66 28.61 26.49
C TYR J 490 47.11 28.25 26.77
N VAL J 491 48.02 29.23 26.73
CA VAL J 491 49.44 28.99 26.87
C VAL J 491 50.02 30.10 27.72
N THR J 492 50.43 29.77 28.94
CA THR J 492 51.07 30.73 29.82
C THR J 492 52.57 30.74 29.58
N VAL J 493 53.17 31.92 29.64
CA VAL J 493 54.61 32.08 29.53
C VAL J 493 55.05 33.03 30.62
N THR J 494 56.30 32.89 31.04
CA THR J 494 56.83 33.63 32.17
C THR J 494 57.99 34.50 31.71
N SER J 495 58.20 35.61 32.41
CA SER J 495 59.29 36.53 32.13
C SER J 495 59.86 37.02 33.45
N PRO J 496 61.17 37.26 33.52
CA PRO J 496 61.78 37.65 34.80
C PRO J 496 61.37 39.05 35.21
N TYR J 497 61.50 39.31 36.50
CA TYR J 497 61.20 40.63 37.08
C TYR J 497 62.34 41.01 38.02
N ALA J 498 63.36 41.65 37.48
CA ALA J 498 64.51 42.07 38.25
C ALA J 498 65.44 42.88 37.36
N PRO J 499 66.38 43.64 37.95
CA PRO J 499 67.34 44.37 37.12
C PRO J 499 68.13 43.43 36.23
N SER J 500 68.41 43.89 35.01
CA SER J 500 68.96 43.01 33.99
C SER J 500 70.25 43.56 33.41
N VAL J 501 70.73 42.96 32.32
CA VAL J 501 72.03 43.29 31.77
C VAL J 501 71.90 43.75 30.32
N ASN J 502 70.78 44.41 29.99
CA ASN J 502 70.64 45.17 28.76
C ASN J 502 70.85 44.31 27.50
N ARG J 503 69.91 43.39 27.32
CA ARG J 503 69.88 42.57 26.13
C ARG J 503 69.55 43.38 24.88
N LEU J 504 69.80 42.79 23.72
CA LEU J 504 69.46 43.38 22.44
C LEU J 504 68.84 42.31 21.55
N MET J 505 67.60 42.52 21.14
CA MET J 505 66.91 41.56 20.27
C MET J 505 66.06 42.34 19.26
N PRO J 506 66.61 42.60 18.09
CA PRO J 506 65.94 43.46 17.12
C PRO J 506 64.84 42.75 16.33
N TYR J 507 63.62 42.73 16.85
CA TYR J 507 62.53 42.02 16.18
C TYR J 507 61.35 42.90 15.77
N ARG J 508 61.02 43.94 16.51
CA ARG J 508 59.86 44.76 16.18
C ARG J 508 60.08 45.53 14.89
N ILE J 509 59.02 45.61 14.06
CA ILE J 509 59.04 46.38 12.83
C ILE J 509 57.67 47.03 12.63
N SER J 510 57.59 47.90 11.63
CA SER J 510 56.39 48.69 11.39
C SER J 510 55.41 47.92 10.52
N ASN J 511 54.30 48.57 10.17
CA ASN J 511 53.23 47.95 9.40
C ASN J 511 53.46 48.04 7.90
N ALA J 512 54.07 49.13 7.43
CA ALA J 512 54.34 49.27 6.01
C ALA J 512 55.27 48.17 5.51
N GLU J 513 56.23 47.76 6.34
CA GLU J 513 57.14 46.71 5.93
C GLU J 513 56.45 45.36 5.82
N ARG J 514 55.59 45.03 6.79
CA ARG J 514 54.78 43.82 6.70
C ARG J 514 53.92 43.84 5.46
N GLN J 515 53.32 44.99 5.14
CA GLN J 515 52.43 45.05 3.98
C GLN J 515 53.21 44.91 2.68
N ILE J 516 54.38 45.54 2.58
CA ILE J 516 55.18 45.41 1.37
C ILE J 516 55.65 43.97 1.19
N SER J 517 56.07 43.32 2.28
CA SER J 517 56.47 41.93 2.18
C SER J 517 55.30 41.05 1.76
N GLN J 518 54.10 41.37 2.25
CA GLN J 518 52.93 40.58 1.86
C GLN J 518 52.62 40.75 0.38
N ILE J 519 52.74 41.99 -0.12
CA ILE J 519 52.50 42.21 -1.54
C ILE J 519 53.51 41.45 -2.38
N ILE J 520 54.77 41.44 -1.97
CA ILE J 520 55.78 40.71 -2.73
C ILE J 520 55.51 39.21 -2.71
N ARG J 521 55.15 38.67 -1.54
CA ARG J 521 54.82 37.25 -1.48
C ARG J 521 53.64 36.91 -2.37
N VAL J 522 52.63 37.79 -2.42
CA VAL J 522 51.46 37.51 -3.25
C VAL J 522 51.84 37.57 -4.73
N MET J 523 52.66 38.53 -5.13
CA MET J 523 53.01 38.62 -6.53
C MET J 523 53.95 37.50 -6.96
N ASN J 524 54.66 36.87 -6.02
CA ASN J 524 55.34 35.62 -6.32
C ASN J 524 54.33 34.49 -6.51
N ILE J 525 53.49 34.28 -5.49
CA ILE J 525 52.56 33.16 -5.47
C ILE J 525 51.48 33.23 -6.54
N GLY J 526 51.33 34.37 -7.21
CA GLY J 526 50.22 34.58 -8.11
C GLY J 526 50.07 33.60 -9.26
N ASN J 527 48.89 32.99 -9.33
CA ASN J 527 48.43 32.30 -10.54
C ASN J 527 49.17 30.98 -10.80
N ASN J 528 49.53 30.26 -9.76
CA ASN J 528 50.22 28.99 -10.00
C ASN J 528 49.57 27.80 -9.32
N ALA J 529 49.12 27.95 -8.07
CA ALA J 529 48.42 26.95 -7.29
C ALA J 529 49.31 25.81 -6.80
N THR J 530 50.48 25.65 -7.39
CA THR J 530 51.46 24.71 -6.86
C THR J 530 52.30 25.38 -5.78
N VAL J 531 52.41 26.71 -5.82
CA VAL J 531 53.06 27.43 -4.75
C VAL J 531 52.17 27.51 -3.53
N ILE J 532 50.86 27.32 -3.68
CA ILE J 532 49.93 27.51 -2.58
C ILE J 532 49.34 26.21 -2.04
N GLN J 533 49.32 25.13 -2.83
CA GLN J 533 48.88 23.84 -2.32
C GLN J 533 49.61 23.39 -1.05
N PRO J 534 50.94 23.42 -0.97
CA PRO J 534 51.61 22.94 0.24
C PRO J 534 51.29 23.74 1.49
N VAL J 535 51.01 25.04 1.36
CA VAL J 535 50.64 25.82 2.54
C VAL J 535 49.34 25.30 3.13
N LEU J 536 48.36 25.05 2.27
CA LEU J 536 47.09 24.53 2.75
C LEU J 536 47.25 23.13 3.33
N GLN J 537 48.12 22.31 2.74
CA GLN J 537 48.36 20.98 3.32
C GLN J 537 48.99 21.09 4.70
N ASP J 538 49.92 22.02 4.88
CA ASP J 538 50.54 22.19 6.19
C ASP J 538 49.51 22.65 7.23
N ILE J 539 48.64 23.58 6.85
CA ILE J 539 47.60 24.01 7.78
C ILE J 539 46.67 22.85 8.10
N SER J 540 46.43 21.97 7.12
CA SER J 540 45.63 20.78 7.38
C SER J 540 46.28 19.90 8.44
N VAL J 541 47.58 19.68 8.35
CA VAL J 541 48.23 18.83 9.34
C VAL J 541 48.27 19.52 10.71
N LEU J 542 48.37 20.85 10.73
CA LEU J 542 48.30 21.54 12.02
C LEU J 542 46.94 21.35 12.67
N LEU J 543 45.88 21.52 11.90
CA LEU J 543 44.54 21.24 12.41
C LEU J 543 44.40 19.80 12.86
N GLN J 544 45.14 18.87 12.25
CA GLN J 544 45.17 17.49 12.71
C GLN J 544 45.76 17.38 14.12
N ARG J 545 46.96 17.91 14.32
CA ARG J 545 47.52 17.79 15.68
C ARG J 545 46.80 18.65 16.71
N ILE J 546 45.95 19.58 16.31
CA ILE J 546 45.29 20.49 17.26
C ILE J 546 43.86 20.08 17.55
N SER J 547 43.01 19.93 16.54
CA SER J 547 41.57 19.92 16.75
C SER J 547 41.12 18.69 17.53
N PRO J 548 40.11 18.85 18.40
CA PRO J 548 39.62 17.71 19.19
C PRO J 548 38.59 16.89 18.44
N LEU J 549 37.97 17.47 17.42
CA LEU J 549 36.94 16.76 16.67
C LEU J 549 37.55 15.56 15.95
N GLN J 550 36.73 14.54 15.74
CA GLN J 550 37.13 13.38 14.97
C GLN J 550 35.89 12.76 14.35
N ILE J 551 35.96 12.47 13.06
CA ILE J 551 34.79 12.09 12.28
C ILE J 551 34.43 10.63 12.54
N ASP J 552 33.14 10.32 12.48
CA ASP J 552 32.63 8.98 12.74
C ASP J 552 31.40 8.74 11.87
N PRO J 553 31.62 8.39 10.60
CA PRO J 553 30.48 8.11 9.71
C PRO J 553 29.57 6.96 10.12
N THR J 554 29.88 6.22 11.19
CA THR J 554 28.94 5.22 11.69
C THR J 554 27.69 5.85 12.30
N ILE J 555 27.71 7.15 12.59
CA ILE J 555 26.50 7.82 13.04
C ILE J 555 25.44 7.78 11.94
N ILE J 556 25.88 7.94 10.69
CA ILE J 556 24.95 7.87 9.56
C ILE J 556 24.32 6.48 9.48
N SER J 557 25.12 5.44 9.69
CA SER J 557 24.59 4.09 9.64
C SER J 557 23.62 3.83 10.80
N ASN J 558 23.97 4.30 12.00
CA ASN J 558 23.06 4.18 13.14
C ASN J 558 21.72 4.83 12.83
N THR J 559 21.76 6.04 12.27
CA THR J 559 20.51 6.74 12.00
C THR J 559 19.71 6.06 10.91
N MET J 560 20.37 5.60 9.85
CA MET J 560 19.66 5.03 8.71
C MET J 560 19.23 3.59 8.94
N SER J 561 19.78 2.90 9.93
CA SER J 561 19.53 1.48 10.13
C SER J 561 18.29 1.21 10.96
N THR J 562 17.33 2.12 10.97
CA THR J 562 16.06 1.91 11.67
C THR J 562 14.91 2.32 10.76
N VAL J 563 14.92 1.83 9.53
CA VAL J 563 13.86 2.04 8.57
C VAL J 563 13.45 0.69 8.00
N SER J 564 12.16 0.38 8.03
CA SER J 564 11.63 -0.88 7.54
C SER J 564 11.16 -0.73 6.11
N GLU J 565 11.37 -1.78 5.31
CA GLU J 565 11.02 -1.73 3.90
C GLU J 565 10.10 -2.89 3.51
N LEU J 571 16.03 0.00 -5.36
CA LEU J 571 15.52 1.23 -4.78
C LEU J 571 15.34 1.11 -3.29
N SER J 572 16.33 1.59 -2.54
CA SER J 572 16.31 1.59 -1.08
C SER J 572 16.99 2.86 -0.57
N PRO J 573 16.24 3.78 0.03
CA PRO J 573 16.84 5.06 0.46
C PRO J 573 17.95 4.90 1.48
N ALA J 574 17.93 3.82 2.25
CA ALA J 574 18.86 3.66 3.36
C ALA J 574 20.25 3.19 2.93
N SER J 575 20.55 3.16 1.63
CA SER J 575 21.83 2.63 1.17
C SER J 575 22.39 3.48 0.03
N SER J 576 22.40 4.79 0.19
CA SER J 576 22.83 5.66 -0.90
C SER J 576 24.06 6.50 -0.59
N ILE J 577 24.05 7.29 0.49
CA ILE J 577 25.09 8.30 0.67
C ILE J 577 26.44 7.66 0.93
N LEU J 578 26.58 7.04 2.09
CA LEU J 578 27.89 6.57 2.54
C LEU J 578 28.27 5.29 1.83
N GLY J 579 27.49 4.23 2.03
CA GLY J 579 27.89 2.91 1.57
C GLY J 579 28.07 2.81 0.08
N LYS J 580 27.44 3.69 -0.68
CA LYS J 580 27.53 3.66 -2.14
C LYS J 580 28.24 4.89 -2.70
N LEU J 581 27.73 6.09 -2.43
CA LEU J 581 28.15 7.28 -3.15
C LEU J 581 29.27 7.95 -2.35
N ARG J 582 30.47 7.37 -2.48
CA ARG J 582 31.62 7.74 -1.67
C ARG J 582 32.86 7.46 -2.51
N PRO J 583 33.86 8.34 -2.45
CA PRO J 583 35.03 8.16 -3.33
C PRO J 583 35.84 6.91 -3.03
N SER J 584 35.83 6.43 -1.80
CA SER J 584 36.50 5.22 -1.32
C SER J 584 38.00 5.40 -1.18
N ASN J 585 38.58 6.52 -1.62
CA ASN J 585 39.96 6.85 -1.34
C ASN J 585 40.13 8.20 -0.68
N SER J 586 39.14 9.08 -0.76
CA SER J 586 39.21 10.41 -0.14
C SER J 586 38.72 10.28 1.29
N ASP J 587 39.66 10.31 2.24
CA ASP J 587 39.29 10.53 3.63
C ASP J 587 39.04 12.02 3.80
N PHE J 588 38.97 12.48 5.04
CA PHE J 588 38.41 13.80 5.31
C PHE J 588 39.48 14.86 5.53
N SER J 589 40.56 14.78 4.75
CA SER J 589 41.50 15.89 4.66
C SER J 589 40.95 17.01 3.78
N SER J 590 40.07 16.68 2.83
CA SER J 590 39.42 17.70 2.03
C SER J 590 38.62 18.66 2.90
N PHE J 591 38.06 18.16 4.00
CA PHE J 591 37.29 18.99 4.92
C PHE J 591 38.15 20.12 5.48
N ARG J 592 39.25 19.77 6.14
CA ARG J 592 40.06 20.81 6.76
C ARG J 592 40.90 21.57 5.74
N VAL J 593 41.08 21.03 4.53
CA VAL J 593 41.64 21.87 3.48
C VAL J 593 40.65 22.96 3.10
N ALA J 594 39.36 22.62 3.05
CA ALA J 594 38.34 23.65 2.88
C ALA J 594 38.38 24.66 4.02
N LEU J 595 38.56 24.17 5.25
CA LEU J 595 38.66 25.07 6.40
C LEU J 595 39.87 25.99 6.29
N ALA J 596 41.00 25.46 5.85
CA ALA J 596 42.20 26.28 5.72
C ALA J 596 42.11 27.24 4.54
N GLY J 597 41.27 26.94 3.56
CA GLY J 597 41.08 27.87 2.46
C GLY J 597 40.36 29.15 2.85
N TRP J 598 39.78 29.21 4.05
CA TRP J 598 39.12 30.44 4.48
C TRP J 598 40.12 31.57 4.69
N LEU J 599 41.33 31.24 5.12
CA LEU J 599 42.32 32.26 5.40
C LEU J 599 42.90 32.90 4.15
N TYR J 600 42.58 32.39 2.96
CA TYR J 600 43.28 32.79 1.75
C TYR J 600 42.32 32.95 0.58
N ASN J 601 41.18 33.62 0.79
CA ASN J 601 40.27 33.77 -0.34
C ASN J 601 40.73 34.83 -1.34
N GLY J 602 41.84 35.52 -1.08
CA GLY J 602 42.36 36.47 -2.05
C GLY J 602 43.13 35.82 -3.18
N VAL J 603 43.87 34.75 -2.88
CA VAL J 603 44.62 34.04 -3.89
C VAL J 603 44.02 32.69 -4.23
N VAL J 604 43.46 31.98 -3.27
CA VAL J 604 42.89 30.65 -3.49
C VAL J 604 41.38 30.74 -3.35
N THR J 605 40.66 30.04 -4.22
CA THR J 605 39.20 30.03 -4.23
C THR J 605 38.75 28.58 -4.32
N THR J 606 38.49 27.97 -3.17
CA THR J 606 38.06 26.58 -3.15
C THR J 606 36.71 26.43 -3.82
N VAL J 607 36.61 25.46 -4.72
CA VAL J 607 35.38 25.20 -5.47
C VAL J 607 35.14 23.70 -5.48
N ILE J 608 33.87 23.33 -5.63
CA ILE J 608 33.49 21.93 -5.67
C ILE J 608 33.92 21.34 -7.01
N ASP J 609 34.52 20.15 -6.96
CA ASP J 609 35.03 19.51 -8.15
C ASP J 609 33.89 19.20 -9.12
N ASP J 610 34.22 19.18 -10.41
CA ASP J 610 33.21 18.90 -11.43
C ASP J 610 32.64 17.49 -11.27
N SER J 611 33.48 16.52 -10.90
CA SER J 611 33.07 15.13 -10.88
C SER J 611 32.10 14.80 -9.75
N SER J 612 31.67 15.78 -8.96
CA SER J 612 30.73 15.54 -7.87
C SER J 612 29.34 16.08 -8.18
N TYR J 613 29.03 16.31 -9.44
CA TYR J 613 27.71 16.73 -9.87
C TYR J 613 26.96 15.55 -10.48
N PRO J 614 25.67 15.70 -10.74
CA PRO J 614 24.84 14.52 -11.09
C PRO J 614 25.05 13.99 -12.49
N LYS J 615 26.14 14.36 -13.16
CA LYS J 615 26.50 13.76 -14.44
C LYS J 615 25.45 14.06 -15.52
N ASP J 616 25.38 15.34 -15.87
CA ASP J 616 24.57 15.79 -17.00
C ASP J 616 23.09 15.56 -16.77
N GLY J 617 22.54 16.21 -15.76
CA GLY J 617 21.10 16.19 -15.55
C GLY J 617 20.73 15.38 -14.33
N GLY J 618 19.77 15.90 -13.57
CA GLY J 618 19.36 15.25 -12.34
C GLY J 618 18.23 14.26 -12.53
N SER J 619 17.11 14.70 -13.11
CA SER J 619 15.95 13.83 -13.24
C SER J 619 15.46 13.37 -11.87
N VAL J 620 14.88 14.33 -11.14
CA VAL J 620 14.38 14.15 -9.78
C VAL J 620 13.56 12.88 -9.57
N THR J 621 12.98 12.35 -10.64
CA THR J 621 12.40 11.01 -10.60
C THR J 621 13.40 9.98 -10.09
N SER J 622 14.69 10.15 -10.38
CA SER J 622 15.71 9.25 -9.87
C SER J 622 15.88 9.43 -8.36
N LEU J 623 16.72 8.58 -7.77
CA LEU J 623 16.97 8.59 -6.34
C LEU J 623 18.39 8.99 -5.99
N GLU J 624 19.37 8.39 -6.68
CA GLU J 624 20.76 8.78 -6.52
C GLU J 624 20.96 10.26 -6.81
N ASN J 625 20.18 10.82 -7.73
CA ASN J 625 20.31 12.23 -8.04
C ASN J 625 19.70 13.11 -6.95
N LEU J 626 18.63 12.66 -6.30
CA LEU J 626 18.14 13.36 -5.12
C LEU J 626 19.20 13.39 -4.03
N TRP J 627 19.87 12.26 -3.81
CA TRP J 627 20.91 12.25 -2.78
C TRP J 627 22.09 13.14 -3.18
N ASP J 628 22.45 13.14 -4.46
CA ASP J 628 23.52 14.01 -4.94
C ASP J 628 23.16 15.48 -4.73
N PHE J 629 21.91 15.85 -4.98
CA PHE J 629 21.49 17.22 -4.74
C PHE J 629 21.60 17.56 -3.26
N PHE J 630 21.11 16.67 -2.39
CA PHE J 630 21.18 16.90 -0.95
C PHE J 630 22.62 17.16 -0.52
N ILE J 631 23.55 16.35 -1.01
CA ILE J 631 24.92 16.43 -0.56
C ILE J 631 25.62 17.68 -1.12
N LEU J 632 25.33 18.04 -2.37
CA LEU J 632 25.88 19.29 -2.90
C LEU J 632 25.32 20.49 -2.14
N ALA J 633 24.03 20.46 -1.81
CA ALA J 633 23.43 21.57 -1.09
C ALA J 633 24.01 21.71 0.30
N LEU J 634 24.38 20.60 0.94
CA LEU J 634 25.03 20.71 2.24
C LEU J 634 26.47 21.18 2.11
N ALA J 635 27.17 20.76 1.05
CA ALA J 635 28.60 21.02 0.98
C ALA J 635 28.95 22.39 0.42
N LEU J 636 28.06 22.98 -0.39
CA LEU J 636 28.39 24.24 -1.04
C LEU J 636 28.68 25.42 -0.09
N PRO J 637 27.94 25.63 1.00
CA PRO J 637 28.20 26.82 1.83
C PRO J 637 29.60 26.91 2.42
N LEU J 638 30.35 25.82 2.47
CA LEU J 638 31.67 25.85 3.09
C LEU J 638 32.78 26.26 2.14
N THR J 639 32.51 26.34 0.84
CA THR J 639 33.52 26.81 -0.09
C THR J 639 33.66 28.32 0.00
N THR J 640 34.63 28.86 -0.74
CA THR J 640 34.90 30.29 -0.69
C THR J 640 34.72 31.01 -2.01
N ASP J 641 34.28 30.33 -3.07
CA ASP J 641 33.96 31.09 -4.27
C ASP J 641 32.63 31.80 -4.11
N PRO J 642 32.45 32.93 -4.77
CA PRO J 642 31.22 33.71 -4.58
C PRO J 642 30.00 33.16 -5.28
N CYS J 643 30.15 32.20 -6.19
CA CYS J 643 29.05 31.72 -7.01
C CYS J 643 28.47 30.40 -6.49
N ALA J 644 28.84 30.02 -5.28
CA ALA J 644 28.22 28.86 -4.64
C ALA J 644 26.70 28.94 -4.56
N PRO J 645 26.08 30.07 -4.22
CA PRO J 645 24.61 30.11 -4.20
C PRO J 645 23.99 29.85 -5.56
N VAL J 646 24.50 30.46 -6.63
CA VAL J 646 23.90 30.22 -7.93
C VAL J 646 24.13 28.80 -8.39
N LYS J 647 25.26 28.19 -8.00
CA LYS J 647 25.45 26.78 -8.33
C LYS J 647 24.47 25.90 -7.57
N ALA J 648 24.21 26.23 -6.31
CA ALA J 648 23.23 25.48 -5.53
C ALA J 648 21.84 25.59 -6.12
N PHE J 649 21.51 26.76 -6.67
CA PHE J 649 20.21 26.92 -7.31
C PHE J 649 20.13 26.15 -8.61
N MET J 650 21.16 26.25 -9.44
CA MET J 650 21.09 25.64 -10.75
C MET J 650 21.28 24.14 -10.73
N THR J 651 21.78 23.56 -9.64
CA THR J 651 21.74 22.11 -9.52
C THR J 651 20.31 21.61 -9.55
N LEU J 652 19.44 22.17 -8.69
CA LEU J 652 18.04 21.78 -8.72
C LEU J 652 17.36 22.22 -10.01
N ALA J 653 17.74 23.38 -10.54
CA ALA J 653 17.17 23.81 -11.81
C ALA J 653 17.45 22.81 -12.93
N ASN J 654 18.66 22.26 -12.95
CA ASN J 654 18.98 21.22 -13.92
C ASN J 654 18.20 19.95 -13.64
N MET J 655 18.13 19.54 -12.37
CA MET J 655 17.48 18.29 -12.04
C MET J 655 15.99 18.30 -12.40
N MET J 656 15.36 19.47 -12.33
CA MET J 656 13.92 19.56 -12.55
C MET J 656 13.57 20.00 -13.96
N VAL J 657 14.38 19.64 -14.95
CA VAL J 657 14.03 19.91 -16.34
C VAL J 657 12.93 18.97 -16.77
N GLY J 658 11.94 19.50 -17.50
CA GLY J 658 10.81 18.72 -17.92
C GLY J 658 9.61 18.77 -16.98
N PHE J 659 9.84 19.10 -15.71
CA PHE J 659 8.76 19.25 -14.74
C PHE J 659 8.44 20.72 -14.47
N GLU J 660 9.45 21.52 -14.17
CA GLU J 660 9.25 22.94 -13.90
C GLU J 660 10.25 23.74 -14.72
N THR J 661 9.79 24.86 -15.27
CA THR J 661 10.60 25.67 -16.18
C THR J 661 10.71 27.09 -15.65
N ILE J 662 11.81 27.75 -16.00
CA ILE J 662 12.02 29.14 -15.61
C ILE J 662 12.70 29.88 -16.74
N PRO J 663 12.43 31.18 -16.86
CA PRO J 663 13.03 31.96 -17.93
C PRO J 663 14.50 32.26 -17.64
N MET J 664 15.33 32.09 -18.66
CA MET J 664 16.76 32.29 -18.56
C MET J 664 17.16 33.58 -19.29
N ASP J 665 18.47 33.83 -19.32
CA ASP J 665 18.97 35.09 -19.87
C ASP J 665 19.22 35.02 -21.37
N ASN J 666 19.59 33.87 -21.90
CA ASN J 666 19.80 33.70 -23.33
C ASN J 666 19.62 32.23 -23.67
N GLN J 667 20.06 31.84 -24.86
CA GLN J 667 19.93 30.46 -25.31
C GLN J 667 21.24 29.69 -25.25
N ILE J 668 22.28 30.30 -24.70
CA ILE J 668 23.51 29.57 -24.40
C ILE J 668 23.47 28.97 -23.01
N TYR J 669 23.08 29.77 -22.03
CA TYR J 669 22.94 29.31 -20.65
C TYR J 669 21.50 28.92 -20.35
N THR J 670 20.97 27.99 -21.14
CA THR J 670 19.61 27.53 -20.92
C THR J 670 19.52 26.77 -19.61
N GLN J 671 18.30 26.37 -19.25
CA GLN J 671 18.09 25.67 -17.99
C GLN J 671 18.77 24.30 -17.96
N SER J 672 19.12 23.75 -19.12
CA SER J 672 19.73 22.44 -19.19
C SER J 672 21.25 22.49 -19.26
N ARG J 673 21.86 23.57 -18.79
CA ARG J 673 23.31 23.65 -18.70
C ARG J 673 23.79 22.77 -17.56
N ARG J 674 25.09 22.83 -17.29
CA ARG J 674 25.64 22.26 -16.08
C ARG J 674 25.64 23.32 -14.98
N ALA J 675 25.43 22.87 -13.75
CA ALA J 675 25.46 23.82 -12.64
C ALA J 675 26.87 24.38 -12.44
N SER J 676 27.89 23.64 -12.84
CA SER J 676 29.27 24.07 -12.65
C SER J 676 29.78 24.96 -13.77
N ALA J 677 29.12 24.96 -14.93
CA ALA J 677 29.54 25.82 -16.03
C ALA J 677 29.32 27.30 -15.75
N PHE J 678 28.57 27.61 -14.69
CA PHE J 678 28.36 28.96 -14.19
C PHE J 678 29.58 29.37 -13.37
N SER J 679 29.38 30.25 -12.39
CA SER J 679 30.45 30.82 -11.56
C SER J 679 31.26 31.88 -12.29
N THR J 680 30.56 32.87 -12.81
CA THR J 680 31.03 34.24 -12.88
C THR J 680 29.83 35.10 -12.52
N PRO J 681 30.04 36.25 -11.86
CA PRO J 681 28.90 37.09 -11.48
C PRO J 681 28.05 37.53 -12.66
N HIS J 682 28.58 37.50 -13.87
CA HIS J 682 27.82 37.85 -15.06
C HIS J 682 26.83 36.77 -15.46
N THR J 683 26.90 35.57 -14.88
CA THR J 683 26.10 34.44 -15.34
C THR J 683 24.98 34.08 -14.37
N TRP J 684 24.67 34.94 -13.42
CA TRP J 684 23.56 34.64 -12.54
C TRP J 684 22.26 34.95 -13.26
N PRO J 685 21.29 34.04 -13.28
CA PRO J 685 20.06 34.28 -14.03
C PRO J 685 19.30 35.47 -13.48
N ARG J 686 18.66 36.22 -14.38
CA ARG J 686 17.81 37.33 -13.98
C ARG J 686 16.66 36.85 -13.11
N CYS J 687 16.16 35.63 -13.35
CA CYS J 687 15.08 35.10 -12.54
C CYS J 687 15.54 34.69 -11.15
N PHE J 688 16.85 34.56 -10.94
CA PHE J 688 17.37 34.29 -9.61
C PHE J 688 17.46 35.57 -8.78
N MET J 689 17.55 36.72 -9.43
CA MET J 689 17.57 38.00 -8.74
C MET J 689 16.18 38.60 -8.59
N ASN J 690 15.29 38.34 -9.52
CA ASN J 690 13.88 38.72 -9.38
C ASN J 690 13.09 37.45 -9.15
N ILE J 691 12.76 37.18 -7.88
CA ILE J 691 11.99 35.99 -7.54
C ILE J 691 10.58 36.06 -8.11
N GLN J 692 10.13 37.25 -8.49
CA GLN J 692 8.83 37.42 -9.12
C GLN J 692 8.72 36.74 -10.47
N LEU J 693 9.85 36.46 -11.13
CA LEU J 693 9.81 35.83 -12.45
C LEU J 693 9.57 34.33 -12.37
N ILE J 694 9.89 33.70 -11.24
CA ILE J 694 9.58 32.29 -11.03
C ILE J 694 8.14 32.22 -10.53
N SER J 695 7.22 31.84 -11.41
CA SER J 695 5.82 31.84 -11.05
C SER J 695 5.56 30.80 -9.96
N PRO J 696 4.77 31.13 -8.94
CA PRO J 696 4.45 30.15 -7.89
C PRO J 696 3.47 29.09 -8.33
N ILE J 697 3.07 29.05 -9.59
CA ILE J 697 2.17 28.05 -10.12
C ILE J 697 2.88 27.08 -11.04
N ASP J 698 3.82 27.57 -11.85
CA ASP J 698 4.55 26.70 -12.77
C ASP J 698 5.75 26.06 -12.10
N ALA J 699 6.47 26.81 -11.27
CA ALA J 699 7.70 26.34 -10.64
C ALA J 699 7.67 26.63 -9.14
N PRO J 700 6.76 25.99 -8.41
CA PRO J 700 6.69 26.26 -6.97
C PRO J 700 7.93 25.80 -6.22
N ILE J 701 8.48 24.64 -6.58
CA ILE J 701 9.66 24.15 -5.88
C ILE J 701 10.86 25.05 -6.14
N LEU J 702 11.05 25.48 -7.39
CA LEU J 702 12.17 26.38 -7.66
C LEU J 702 11.97 27.72 -6.97
N ARG J 703 10.74 28.23 -6.94
CA ARG J 703 10.44 29.46 -6.21
C ARG J 703 10.82 29.33 -4.74
N GLN J 704 10.39 28.23 -4.12
CA GLN J 704 10.66 28.02 -2.70
C GLN J 704 12.15 27.87 -2.43
N TRP J 705 12.84 27.09 -3.26
CA TRP J 705 14.28 26.90 -3.06
C TRP J 705 15.02 28.21 -3.24
N ALA J 706 14.59 29.03 -4.18
CA ALA J 706 15.21 30.35 -4.36
C ALA J 706 15.06 31.19 -3.10
N GLU J 707 13.84 31.32 -2.59
CA GLU J 707 13.67 32.19 -1.43
C GLU J 707 14.34 31.60 -0.19
N ILE J 708 14.45 30.28 -0.11
CA ILE J 708 15.21 29.66 0.97
C ILE J 708 16.68 30.06 0.89
N ILE J 709 17.26 29.99 -0.31
CA ILE J 709 18.65 30.40 -0.48
C ILE J 709 18.82 31.86 -0.12
N HIS J 710 17.83 32.70 -0.44
CA HIS J 710 17.97 34.12 -0.15
C HIS J 710 17.88 34.39 1.34
N ARG J 711 17.06 33.64 2.07
CA ARG J 711 16.84 33.97 3.46
C ARG J 711 17.79 33.26 4.42
N TYR J 712 18.03 31.96 4.23
CA TYR J 712 18.65 31.14 5.27
C TYR J 712 20.08 30.73 4.94
N TRP J 713 20.72 31.35 3.97
CA TRP J 713 22.12 31.09 3.72
C TRP J 713 22.96 31.60 4.89
N PRO J 714 24.07 30.92 5.22
CA PRO J 714 24.87 31.35 6.36
C PRO J 714 25.46 32.74 6.17
N ASN J 715 25.70 33.41 7.28
CA ASN J 715 26.16 34.79 7.43
C ASN J 715 27.63 34.85 7.79
N PRO J 716 28.39 35.77 7.20
CA PRO J 716 29.80 35.93 7.56
C PRO J 716 29.98 36.56 8.93
N SER J 717 31.14 36.31 9.52
CA SER J 717 31.48 36.79 10.86
C SER J 717 32.99 37.00 10.93
N GLN J 718 33.54 37.09 12.14
CA GLN J 718 34.96 37.34 12.30
C GLN J 718 35.40 36.97 13.71
N ILE J 719 36.71 36.87 13.91
CA ILE J 719 37.25 36.32 15.15
C ILE J 719 38.30 37.18 15.83
N ARG J 720 39.01 38.08 15.13
CA ARG J 720 39.95 39.01 15.77
C ARG J 720 41.12 38.29 16.47
N TYR J 721 41.99 37.72 15.64
CA TYR J 721 43.20 37.06 16.11
C TYR J 721 44.30 38.08 16.43
N GLY J 722 45.51 37.57 16.66
CA GLY J 722 46.74 38.34 16.60
C GLY J 722 46.96 39.42 17.63
N THR J 723 48.17 39.98 17.66
CA THR J 723 48.46 41.16 18.48
C THR J 723 49.53 42.03 17.81
N PRO J 724 49.16 43.22 17.34
CA PRO J 724 50.09 44.05 16.58
C PRO J 724 51.06 44.87 17.41
N ASN J 725 51.17 44.63 18.71
CA ASN J 725 52.14 45.39 19.49
C ASN J 725 53.57 44.99 19.11
N VAL J 726 53.88 43.70 19.19
CA VAL J 726 55.19 43.19 18.83
C VAL J 726 55.22 42.94 17.33
N PHE J 727 54.37 42.03 16.87
CA PHE J 727 54.24 41.79 15.44
C PHE J 727 53.59 43.00 14.77
N GLY J 728 53.81 43.12 13.48
CA GLY J 728 53.16 44.19 12.76
C GLY J 728 51.72 43.82 12.45
N SER J 729 51.25 44.13 11.26
CA SER J 729 49.92 43.73 10.82
C SER J 729 49.96 43.60 9.31
N ALA J 730 49.99 42.36 8.82
CA ALA J 730 50.10 42.10 7.40
C ALA J 730 48.77 42.21 6.66
N ASN J 731 47.70 42.61 7.34
CA ASN J 731 46.40 42.72 6.68
C ASN J 731 46.42 43.86 5.67
N LEU J 732 45.91 43.59 4.48
CA LEU J 732 45.92 44.54 3.38
C LEU J 732 44.55 45.15 3.13
N PHE J 733 43.52 44.32 2.92
CA PHE J 733 42.19 44.81 2.58
C PHE J 733 41.20 44.64 3.72
N THR J 734 41.67 44.50 4.94
CA THR J 734 40.83 44.45 6.13
C THR J 734 41.54 45.19 7.24
N PRO J 735 40.84 45.54 8.31
CA PRO J 735 41.50 46.21 9.44
C PRO J 735 42.52 45.31 10.08
N PRO J 736 43.40 45.85 10.91
CA PRO J 736 44.38 45.01 11.60
C PRO J 736 43.72 44.14 12.65
N GLU J 737 44.36 43.00 12.91
CA GLU J 737 43.92 41.99 13.89
C GLU J 737 42.43 41.67 13.73
N VAL J 738 42.07 41.19 12.54
CA VAL J 738 40.71 40.75 12.27
C VAL J 738 40.77 39.63 11.25
N LEU J 739 39.81 38.72 11.33
CA LEU J 739 39.83 37.50 10.52
C LEU J 739 38.40 37.24 10.04
N LEU J 740 38.19 37.33 8.73
CA LEU J 740 36.85 37.14 8.17
C LEU J 740 36.53 35.65 8.07
N LEU J 741 35.27 35.31 8.32
CA LEU J 741 34.80 33.93 8.28
C LEU J 741 33.53 33.84 7.46
N PRO J 742 33.34 32.76 6.70
CA PRO J 742 32.11 32.60 5.93
C PRO J 742 30.91 32.18 6.76
N ILE J 743 31.05 32.01 8.07
CA ILE J 743 29.97 31.57 8.93
C ILE J 743 29.98 32.40 10.20
N ASP J 744 28.96 32.22 11.03
CA ASP J 744 28.80 32.99 12.24
C ASP J 744 29.52 32.30 13.40
N HIS J 745 30.33 33.07 14.12
CA HIS J 745 31.04 32.56 15.28
C HIS J 745 30.34 32.97 16.56
N GLN J 746 30.39 32.09 17.55
CA GLN J 746 29.78 32.33 18.85
C GLN J 746 30.52 31.56 19.93
N PRO J 747 31.11 32.24 20.91
CA PRO J 747 31.92 31.54 21.91
C PRO J 747 31.09 30.52 22.69
N ALA J 748 31.80 29.57 23.28
CA ALA J 748 31.16 28.50 24.04
C ALA J 748 31.04 28.90 25.50
N ASN J 749 30.00 28.41 26.15
CA ASN J 749 29.70 28.76 27.53
C ASN J 749 30.22 27.74 28.54
N VAL J 750 30.61 26.54 28.08
CA VAL J 750 31.08 25.48 28.95
C VAL J 750 32.28 24.81 28.30
N THR J 751 33.02 24.05 29.12
CA THR J 751 34.18 23.31 28.63
C THR J 751 33.92 21.82 28.51
N THR J 752 32.82 21.32 29.05
CA THR J 752 32.44 19.92 28.84
C THR J 752 31.27 19.89 27.88
N PRO J 753 31.51 19.94 26.56
CA PRO J 753 30.44 20.18 25.61
C PRO J 753 29.43 19.04 25.57
N THR J 754 28.17 19.42 25.34
CA THR J 754 27.10 18.49 25.07
C THR J 754 26.31 19.03 23.89
N LEU J 755 25.56 18.14 23.24
CA LEU J 755 24.98 18.44 21.94
C LEU J 755 23.93 19.54 22.03
N ASP J 756 23.87 20.38 21.00
CA ASP J 756 22.80 21.35 20.83
C ASP J 756 22.46 21.47 19.36
N PHE J 757 21.36 22.16 19.07
CA PHE J 757 20.86 22.27 17.70
C PHE J 757 20.72 23.70 17.22
N THR J 758 21.16 24.68 18.00
CA THR J 758 20.96 26.09 17.66
C THR J 758 22.18 26.60 16.92
N ASN J 759 22.13 26.55 15.59
CA ASN J 759 23.22 27.09 14.79
C ASN J 759 22.84 27.09 13.31
N GLU J 760 23.58 27.89 12.54
CA GLU J 760 23.23 28.11 11.15
C GLU J 760 23.33 26.84 10.33
N LEU J 761 24.31 25.99 10.63
CA LEU J 761 24.48 24.78 9.83
C LEU J 761 23.31 23.82 10.04
N THR J 762 22.86 23.66 11.28
CA THR J 762 21.72 22.78 11.51
C THR J 762 20.44 23.38 10.96
N ASN J 763 20.28 24.70 11.04
CA ASN J 763 19.10 25.32 10.43
C ASN J 763 19.12 25.13 8.92
N TRP J 764 20.30 25.20 8.31
CA TRP J 764 20.41 24.97 6.88
C TRP J 764 20.04 23.54 6.52
N ARG J 765 20.55 22.57 7.30
CA ARG J 765 20.19 21.18 7.07
C ARG J 765 18.68 20.97 7.20
N ALA J 766 18.08 21.62 8.20
CA ALA J 766 16.63 21.49 8.38
C ALA J 766 15.87 22.07 7.20
N ARG J 767 16.29 23.23 6.70
CA ARG J 767 15.61 23.83 5.56
C ARG J 767 15.72 22.95 4.33
N VAL J 768 16.90 22.39 4.08
CA VAL J 768 17.08 21.52 2.92
C VAL J 768 16.23 20.28 3.05
N CYS J 769 16.19 19.68 4.23
CA CYS J 769 15.37 18.48 4.42
C CYS J 769 13.89 18.80 4.23
N GLU J 770 13.46 19.99 4.67
CA GLU J 770 12.06 20.36 4.50
C GLU J 770 11.71 20.52 3.02
N LEU J 771 12.56 21.20 2.26
CA LEU J 771 12.24 21.35 0.85
C LEU J 771 12.28 20.02 0.12
N MET J 772 13.18 19.11 0.51
CA MET J 772 13.16 17.81 -0.15
C MET J 772 11.96 16.97 0.27
N LYS J 773 11.44 17.17 1.48
CA LYS J 773 10.15 16.56 1.82
C LYS J 773 9.05 17.06 0.90
N ASN J 774 8.98 18.39 0.73
CA ASN J 774 7.97 18.94 -0.17
C ASN J 774 8.14 18.46 -1.59
N LEU J 775 9.38 18.18 -1.99
CA LEU J 775 9.63 17.71 -3.35
C LEU J 775 9.26 16.24 -3.53
N VAL J 776 9.50 15.42 -2.50
CA VAL J 776 9.29 13.98 -2.65
C VAL J 776 7.88 13.54 -2.31
N ASP J 777 7.10 14.35 -1.58
CA ASP J 777 5.78 13.90 -1.13
C ASP J 777 4.82 13.64 -2.28
N ASN J 778 5.09 14.16 -3.47
CA ASN J 778 4.10 14.15 -4.55
C ASN J 778 4.24 12.94 -5.45
N GLN J 779 3.09 12.42 -5.88
CA GLN J 779 3.01 11.58 -7.08
C GLN J 779 2.75 12.47 -8.30
N ARG J 780 3.59 13.49 -8.42
CA ARG J 780 3.47 14.52 -9.44
C ARG J 780 4.81 14.68 -10.13
N TYR J 781 5.88 14.44 -9.38
CA TYR J 781 7.25 14.44 -9.89
C TYR J 781 7.78 13.03 -10.11
N GLN J 782 7.67 12.17 -9.10
CA GLN J 782 8.05 10.78 -9.25
C GLN J 782 6.82 9.94 -9.56
N PRO J 783 6.56 9.64 -10.85
CA PRO J 783 5.28 8.97 -11.17
C PRO J 783 5.22 7.52 -10.73
N GLY J 784 6.30 6.77 -10.90
CA GLY J 784 6.25 5.35 -10.66
C GLY J 784 6.48 4.89 -9.25
N TRP J 785 6.84 5.79 -8.33
CA TRP J 785 7.16 5.37 -6.98
C TRP J 785 5.92 4.86 -6.25
N THR J 786 6.15 3.89 -5.37
CA THR J 786 5.09 3.33 -4.54
C THR J 786 4.94 4.12 -3.25
N GLN J 787 3.79 3.94 -2.60
CA GLN J 787 3.55 4.63 -1.33
C GLN J 787 4.54 4.20 -0.26
N SER J 788 4.94 2.92 -0.29
CA SER J 788 5.95 2.46 0.67
C SER J 788 7.27 3.20 0.46
N LEU J 789 7.69 3.34 -0.80
CA LEU J 789 8.94 4.04 -1.08
C LEU J 789 8.83 5.51 -0.70
N VAL J 790 7.67 6.13 -0.94
CA VAL J 790 7.49 7.53 -0.56
C VAL J 790 7.59 7.69 0.94
N SER J 791 6.95 6.81 1.69
CA SER J 791 7.01 6.88 3.15
C SER J 791 8.43 6.64 3.65
N SER J 792 9.15 5.71 3.03
CA SER J 792 10.54 5.47 3.44
C SER J 792 11.40 6.70 3.19
N MET J 793 11.22 7.35 2.04
CA MET J 793 11.99 8.56 1.76
C MET J 793 11.67 9.67 2.73
N ARG J 794 10.38 9.87 3.04
CA ARG J 794 10.00 10.89 4.00
C ARG J 794 10.59 10.60 5.37
N GLY J 795 10.58 9.34 5.79
CA GLY J 795 11.15 8.99 7.09
C GLY J 795 12.65 9.18 7.13
N THR J 796 13.34 8.79 6.05
CA THR J 796 14.78 9.00 5.99
C THR J 796 15.11 10.48 6.09
N LEU J 797 14.35 11.32 5.39
CA LEU J 797 14.58 12.77 5.49
C LEU J 797 14.31 13.26 6.91
N GLY J 798 13.24 12.77 7.54
CA GLY J 798 12.91 13.21 8.88
C GLY J 798 13.98 12.85 9.90
N LYS J 799 14.60 11.68 9.75
CA LYS J 799 15.64 11.28 10.69
C LYS J 799 16.95 11.98 10.39
N LEU J 800 17.29 12.15 9.11
CA LEU J 800 18.49 12.87 8.74
C LEU J 800 18.42 14.33 9.13
N LYS J 801 17.21 14.88 9.26
CA LYS J 801 17.05 16.23 9.78
C LYS J 801 17.49 16.33 11.24
N LEU J 802 17.46 15.23 11.99
CA LEU J 802 17.77 15.24 13.41
C LEU J 802 18.92 14.31 13.76
N ILE J 803 19.75 13.95 12.79
CA ILE J 803 20.97 13.20 13.08
C ILE J 803 21.78 13.93 14.15
N LYS J 804 22.44 13.15 15.01
CA LYS J 804 23.16 13.69 16.17
C LYS J 804 24.63 13.89 15.80
N SER J 805 24.90 15.00 15.12
CA SER J 805 26.25 15.37 14.72
C SER J 805 26.71 16.60 15.49
N MET J 806 28.01 16.66 15.75
CA MET J 806 28.59 17.77 16.49
C MET J 806 29.48 18.65 15.61
N THR J 807 29.61 18.34 14.34
CA THR J 807 30.39 19.20 13.45
C THR J 807 29.84 20.62 13.32
N PRO J 808 28.54 20.86 13.27
CA PRO J 808 28.08 22.26 13.19
C PRO J 808 28.41 23.09 14.41
N MET J 809 28.10 22.58 15.61
CA MET J 809 28.48 23.32 16.82
C MET J 809 29.98 23.44 16.95
N TYR J 810 30.72 22.44 16.44
CA TYR J 810 32.17 22.58 16.37
C TYR J 810 32.56 23.78 15.51
N LEU J 811 32.03 23.84 14.29
CA LEU J 811 32.37 24.92 13.37
C LEU J 811 32.01 26.28 13.94
N GLN J 812 30.96 26.37 14.76
CA GLN J 812 30.62 27.69 15.28
C GLN J 812 31.26 28.00 16.63
N GLN J 813 31.80 27.02 17.34
CA GLN J 813 32.31 27.31 18.68
C GLN J 813 33.80 27.10 18.85
N LEU J 814 34.40 26.13 18.15
CA LEU J 814 35.80 25.80 18.37
C LEU J 814 36.68 26.01 17.15
N ALA J 815 36.16 25.82 15.95
CA ALA J 815 37.01 25.95 14.76
C ALA J 815 37.56 27.36 14.59
N PRO J 816 36.78 28.43 14.67
CA PRO J 816 37.36 29.77 14.53
C PRO J 816 38.38 30.10 15.61
N VAL J 817 38.22 29.57 16.82
CA VAL J 817 39.23 29.79 17.84
C VAL J 817 40.55 29.15 17.43
N GLU J 818 40.49 27.94 16.87
CA GLU J 818 41.71 27.28 16.43
C GLU J 818 42.34 28.01 15.26
N LEU J 819 41.53 28.52 14.35
CA LEU J 819 42.08 29.28 13.23
C LEU J 819 42.76 30.55 13.73
N ALA J 820 42.15 31.24 14.69
CA ALA J 820 42.78 32.44 15.22
C ALA J 820 44.03 32.13 16.03
N VAL J 821 44.08 30.96 16.67
CA VAL J 821 45.27 30.59 17.43
C VAL J 821 46.39 30.15 16.50
N ILE J 822 46.06 29.64 15.32
CA ILE J 822 47.08 29.20 14.39
C ILE J 822 47.57 30.34 13.50
N ALA J 823 46.74 31.36 13.31
CA ALA J 823 47.07 32.42 12.35
C ALA J 823 48.37 33.15 12.65
N PRO J 824 48.64 33.59 13.88
CA PRO J 824 49.91 34.31 14.14
C PRO J 824 51.15 33.46 13.86
N MET J 825 51.25 32.29 14.48
CA MET J 825 52.36 31.39 14.24
C MET J 825 52.12 30.73 12.89
N LEU J 826 52.59 31.36 11.83
CA LEU J 826 52.29 30.90 10.48
C LEU J 826 53.22 31.56 9.48
N PRO J 827 53.78 30.81 8.54
CA PRO J 827 54.82 31.39 7.68
C PRO J 827 54.30 32.44 6.71
N PHE J 828 53.11 32.23 6.16
CA PHE J 828 52.53 33.15 5.18
C PHE J 828 51.21 33.68 5.72
N PRO J 829 51.17 34.95 6.15
CA PRO J 829 50.01 35.46 6.89
C PRO J 829 48.75 35.40 6.05
N PRO J 830 47.58 35.52 6.69
CA PRO J 830 46.33 35.43 5.93
C PRO J 830 46.18 36.57 4.93
N PHE J 831 45.46 36.29 3.85
CA PHE J 831 45.24 37.27 2.77
C PHE J 831 43.79 37.11 2.33
N GLN J 832 42.92 38.00 2.81
CA GLN J 832 41.49 37.86 2.64
C GLN J 832 40.89 39.08 1.95
N VAL J 833 39.83 38.83 1.18
CA VAL J 833 38.93 39.88 0.71
C VAL J 833 37.58 39.61 1.33
N PRO J 834 36.68 40.59 1.34
CA PRO J 834 35.43 40.45 2.09
C PRO J 834 34.56 39.31 1.57
N TYR J 835 34.05 38.52 2.49
CA TYR J 835 33.08 37.47 2.17
C TYR J 835 31.74 38.14 1.94
N VAL J 836 31.38 38.30 0.69
CA VAL J 836 30.10 38.89 0.32
C VAL J 836 29.07 37.78 0.19
N ARG J 837 27.89 38.00 0.76
CA ARG J 837 26.97 36.88 0.96
C ARG J 837 26.17 36.56 -0.31
N LEU J 838 25.29 37.47 -0.74
CA LEU J 838 24.49 37.14 -1.92
C LEU J 838 24.24 38.27 -2.92
N ASP J 839 24.96 39.37 -2.90
CA ASP J 839 24.73 40.41 -3.91
C ASP J 839 25.89 40.49 -4.88
N ARG J 840 25.57 40.68 -6.16
CA ARG J 840 26.58 40.76 -7.20
C ARG J 840 27.52 41.94 -6.96
N ASP J 841 26.97 43.06 -6.51
CA ASP J 841 27.71 44.32 -6.53
C ASP J 841 28.94 44.30 -5.65
N ARG J 842 29.01 43.40 -4.67
CA ARG J 842 30.17 43.31 -3.80
C ARG J 842 30.95 42.01 -4.02
N VAL J 843 30.80 41.39 -5.18
CA VAL J 843 31.51 40.15 -5.50
C VAL J 843 32.86 40.53 -6.10
N PRO J 844 33.98 40.08 -5.54
CA PRO J 844 35.30 40.45 -6.08
C PRO J 844 35.59 39.70 -7.37
N THR J 845 35.91 40.45 -8.43
CA THR J 845 36.16 39.87 -9.73
C THR J 845 37.62 39.91 -10.14
N MET J 846 38.49 40.51 -9.34
CA MET J 846 39.92 40.43 -9.62
C MET J 846 40.69 41.03 -8.44
N VAL J 847 41.91 40.56 -8.26
CA VAL J 847 42.87 41.18 -7.35
C VAL J 847 44.21 41.25 -8.08
N GLY J 848 44.80 42.43 -8.15
CA GLY J 848 45.99 42.64 -8.93
C GLY J 848 47.04 43.39 -8.15
N VAL J 849 48.29 43.25 -8.61
CA VAL J 849 49.43 43.93 -8.01
C VAL J 849 50.21 44.62 -9.12
N THR J 850 50.80 45.77 -8.78
CA THR J 850 51.59 46.53 -9.71
C THR J 850 53.03 46.60 -9.22
N ARG J 851 53.97 46.63 -10.15
CA ARG J 851 55.38 46.75 -9.79
C ARG J 851 56.10 47.76 -10.67
N GLN J 852 55.38 48.61 -11.40
CA GLN J 852 55.97 49.66 -12.20
C GLN J 852 54.86 50.57 -12.72
N SER J 853 55.25 51.76 -13.16
CA SER J 853 54.28 52.70 -13.71
C SER J 853 54.09 52.41 -15.20
N ARG J 854 53.39 53.30 -15.89
CA ARG J 854 52.89 53.03 -17.22
C ARG J 854 53.42 53.97 -18.29
N ASP J 855 53.72 55.22 -17.95
CA ASP J 855 53.96 56.23 -18.96
C ASP J 855 54.73 57.37 -18.29
N THR J 856 54.73 58.54 -18.91
CA THR J 856 55.17 59.75 -18.24
C THR J 856 54.45 60.01 -16.92
N ILE J 857 53.25 59.44 -16.73
CA ILE J 857 52.55 59.59 -15.46
C ILE J 857 53.39 59.02 -14.33
N THR J 858 53.11 59.51 -13.12
CA THR J 858 53.98 59.26 -11.97
C THR J 858 53.24 58.74 -10.75
N GLN J 859 51.95 58.93 -10.64
CA GLN J 859 51.30 58.64 -9.38
C GLN J 859 50.70 57.24 -9.36
N PRO J 860 50.96 56.48 -8.30
CA PRO J 860 50.46 55.10 -8.26
C PRO J 860 48.94 55.02 -8.31
N ALA J 861 48.25 55.94 -7.64
CA ALA J 861 46.80 55.91 -7.64
C ALA J 861 46.21 56.15 -9.03
N LEU J 862 47.01 56.65 -9.96
CA LEU J 862 46.58 56.85 -11.33
C LEU J 862 47.03 55.75 -12.28
N SER J 863 48.24 55.20 -12.09
CA SER J 863 48.72 54.16 -12.99
C SER J 863 48.36 52.74 -12.53
N LEU J 864 47.78 52.60 -11.34
CA LEU J 864 47.50 51.28 -10.80
C LEU J 864 46.37 50.58 -11.54
N SER J 865 45.43 51.34 -12.11
CA SER J 865 44.30 50.71 -12.78
C SER J 865 44.68 50.05 -14.09
N THR J 866 45.82 50.43 -14.68
CA THR J 866 46.22 49.89 -15.96
C THR J 866 47.62 49.27 -15.95
N THR J 867 48.29 49.21 -14.81
CA THR J 867 49.55 48.48 -14.73
C THR J 867 49.51 47.45 -13.60
N ASN J 868 48.46 46.63 -13.58
CA ASN J 868 48.34 45.57 -12.60
C ASN J 868 48.38 44.21 -13.27
N THR J 869 48.64 43.18 -12.48
CA THR J 869 48.60 41.79 -12.92
C THR J 869 47.66 41.03 -12.01
N THR J 870 46.70 40.31 -12.58
CA THR J 870 45.75 39.56 -11.79
C THR J 870 46.42 38.35 -11.17
N VAL J 871 46.00 38.03 -9.94
CA VAL J 871 46.52 36.88 -9.21
C VAL J 871 45.36 36.04 -8.71
N GLY J 872 45.66 34.80 -8.34
CA GLY J 872 44.63 33.91 -7.84
C GLY J 872 44.46 32.68 -8.69
N VAL J 873 43.88 31.62 -8.13
CA VAL J 873 43.68 30.37 -8.85
C VAL J 873 42.74 29.46 -8.09
N PRO J 874 41.85 28.73 -8.77
CA PRO J 874 40.89 27.87 -8.06
C PRO J 874 41.54 26.65 -7.42
N LEU J 875 40.74 25.85 -6.72
CA LEU J 875 41.23 24.63 -6.08
C LEU J 875 40.05 23.74 -5.80
N ALA J 876 40.01 22.56 -6.43
CA ALA J 876 38.85 21.69 -6.32
C ALA J 876 38.79 21.02 -4.95
N LEU J 877 37.60 20.52 -4.62
CA LEU J 877 37.38 19.82 -3.36
C LEU J 877 36.45 18.63 -3.62
N ASP J 878 35.93 18.03 -2.56
CA ASP J 878 35.12 16.83 -2.65
C ASP J 878 33.85 17.02 -1.84
N ALA J 879 32.72 17.15 -2.53
CA ALA J 879 31.45 17.35 -1.86
C ALA J 879 31.11 16.17 -0.96
N ARG J 880 31.45 14.97 -1.39
CA ARG J 880 31.20 13.78 -0.57
C ARG J 880 31.93 13.88 0.75
N ALA J 881 33.24 14.17 0.71
CA ALA J 881 34.02 14.25 1.93
C ALA J 881 33.51 15.35 2.84
N ILE J 882 33.22 16.53 2.27
CA ILE J 882 32.77 17.63 3.11
C ILE J 882 31.43 17.33 3.75
N THR J 883 30.48 16.79 2.98
CA THR J 883 29.15 16.54 3.54
C THR J 883 29.20 15.42 4.57
N VAL J 884 30.02 14.40 4.35
CA VAL J 884 30.06 13.33 5.34
C VAL J 884 30.75 13.81 6.61
N ALA J 885 31.77 14.67 6.48
CA ALA J 885 32.37 15.26 7.67
C ALA J 885 31.37 16.12 8.42
N LEU J 886 30.50 16.82 7.70
CA LEU J 886 29.44 17.57 8.37
C LEU J 886 28.48 16.64 9.10
N LEU J 887 28.08 15.55 8.44
CA LEU J 887 27.03 14.70 9.01
C LEU J 887 27.53 13.88 10.18
N SER J 888 28.80 13.48 10.19
CA SER J 888 29.29 12.55 11.21
C SER J 888 30.46 13.17 11.95
N GLY J 889 30.17 13.89 13.02
CA GLY J 889 31.20 14.44 13.88
C GLY J 889 30.93 14.08 15.32
N LYS J 890 32.01 13.96 16.09
CA LYS J 890 31.89 13.60 17.50
C LYS J 890 33.18 13.93 18.22
N TYR J 891 33.04 14.33 19.48
CA TYR J 891 34.16 14.56 20.36
C TYR J 891 34.51 13.27 21.10
N PRO J 892 35.67 13.21 21.74
CA PRO J 892 36.00 12.04 22.56
C PRO J 892 35.05 11.92 23.74
N PRO J 893 35.12 10.84 24.50
CA PRO J 893 34.12 10.62 25.57
C PRO J 893 34.17 11.67 26.67
N ASP J 894 35.33 11.89 27.28
CA ASP J 894 35.47 12.88 28.35
C ASP J 894 36.34 14.02 27.85
N LEU J 895 35.72 14.97 27.15
CA LEU J 895 36.45 16.12 26.65
C LEU J 895 36.36 17.24 27.67
N VAL J 896 37.52 17.76 28.07
CA VAL J 896 37.61 18.99 28.85
C VAL J 896 38.37 19.99 27.98
N THR J 897 37.67 21.05 27.58
CA THR J 897 38.16 21.93 26.53
C THR J 897 39.49 22.58 26.91
N ASN J 898 39.56 23.16 28.10
CA ASN J 898 40.76 23.92 28.45
C ASN J 898 41.98 23.01 28.55
N VAL J 899 41.81 21.82 29.15
CA VAL J 899 42.93 20.88 29.26
C VAL J 899 43.38 20.43 27.88
N TRP J 900 42.42 20.06 27.02
CA TRP J 900 42.76 19.56 25.70
C TRP J 900 43.53 20.60 24.91
N TYR J 901 43.01 21.84 24.87
CA TYR J 901 43.69 22.83 24.04
C TYR J 901 45.00 23.27 24.64
N ALA J 902 45.12 23.33 25.98
CA ALA J 902 46.41 23.65 26.57
C ALA J 902 47.46 22.63 26.14
N ASP J 903 47.15 21.34 26.28
CA ASP J 903 48.09 20.31 25.88
C ASP J 903 48.41 20.39 24.38
N ALA J 904 47.38 20.44 23.54
CA ALA J 904 47.59 20.37 22.11
C ALA J 904 48.19 21.64 21.52
N ILE J 905 48.17 22.74 22.27
CA ILE J 905 48.61 24.02 21.73
C ILE J 905 49.96 24.46 22.29
N TYR J 906 50.36 23.99 23.46
CA TYR J 906 51.69 24.32 23.98
C TYR J 906 52.84 24.05 23.03
N PRO J 907 52.92 22.93 22.31
CA PRO J 907 54.15 22.64 21.55
C PRO J 907 54.49 23.62 20.45
N MET J 908 53.50 24.24 19.80
CA MET J 908 53.80 25.11 18.67
C MET J 908 54.00 26.56 19.07
N TYR J 909 54.18 26.84 20.36
CA TYR J 909 54.60 28.17 20.81
C TYR J 909 55.97 28.13 21.48
N ALA J 910 56.76 27.11 21.16
CA ALA J 910 58.15 27.05 21.61
C ALA J 910 59.13 27.45 20.53
N ASP J 911 58.73 27.44 19.26
CA ASP J 911 59.60 27.85 18.18
C ASP J 911 59.47 29.36 17.93
N THR J 912 60.50 29.92 17.29
CA THR J 912 60.63 31.37 17.13
C THR J 912 60.89 31.74 15.66
N GLU J 913 60.38 30.94 14.73
CA GLU J 913 60.65 31.17 13.32
C GLU J 913 60.03 32.46 12.81
N VAL J 914 58.90 32.86 13.40
CA VAL J 914 58.18 34.04 12.92
C VAL J 914 58.99 35.30 13.15
N PHE J 915 59.78 35.34 14.23
CA PHE J 915 60.60 36.53 14.50
C PHE J 915 61.67 36.70 13.43
N SER J 916 62.32 35.61 13.04
CA SER J 916 63.25 35.66 11.92
C SER J 916 62.54 36.08 10.63
N ASN J 917 61.27 35.68 10.48
CA ASN J 917 60.49 36.20 9.36
C ASN J 917 60.41 37.73 9.40
N LEU J 918 60.16 38.29 10.58
CA LEU J 918 60.13 39.74 10.75
C LEU J 918 61.45 40.37 10.28
N GLN J 919 62.56 39.81 10.72
CA GLN J 919 63.86 40.37 10.33
C GLN J 919 64.06 40.33 8.82
N ARG J 920 63.62 39.24 8.18
CA ARG J 920 63.74 39.19 6.73
C ARG J 920 62.85 40.24 6.05
N ASP J 921 61.69 40.54 6.64
CA ASP J 921 60.87 41.62 6.11
C ASP J 921 61.63 42.94 6.14
N VAL J 922 62.33 43.21 7.25
CA VAL J 922 63.20 44.39 7.33
C VAL J 922 64.15 44.43 6.15
N ILE J 923 64.86 43.34 5.92
CA ILE J 923 65.90 43.35 4.89
C ILE J 923 65.29 43.54 3.51
N THR J 924 64.12 42.95 3.26
CA THR J 924 63.47 43.09 1.97
C THR J 924 63.14 44.55 1.67
N CYS J 925 62.53 45.24 2.64
CA CYS J 925 62.19 46.65 2.42
C CYS J 925 63.44 47.50 2.22
N GLU J 926 64.50 47.23 3.01
CA GLU J 926 65.74 47.97 2.84
C GLU J 926 66.30 47.80 1.43
N ALA J 927 66.25 46.56 0.92
CA ALA J 927 66.78 46.31 -0.42
C ALA J 927 65.98 47.04 -1.48
N VAL J 928 64.65 47.06 -1.35
CA VAL J 928 63.83 47.76 -2.34
C VAL J 928 64.18 49.25 -2.37
N GLN J 929 64.30 49.86 -1.20
CA GLN J 929 64.60 51.30 -1.18
C GLN J 929 65.99 51.59 -1.73
N THR J 930 66.98 50.76 -1.39
CA THR J 930 68.31 50.97 -1.94
C THR J 930 68.31 50.85 -3.46
N LEU J 931 67.54 49.90 -3.99
CA LEU J 931 67.44 49.75 -5.43
C LEU J 931 66.89 51.01 -6.08
N VAL J 932 65.77 51.53 -5.54
CA VAL J 932 65.16 52.70 -6.18
C VAL J 932 66.10 53.89 -6.15
N THR J 933 66.79 54.10 -5.01
CA THR J 933 67.69 55.25 -4.93
C THR J 933 68.85 55.11 -5.90
N LEU J 934 69.55 53.97 -5.88
CA LEU J 934 70.72 53.83 -6.74
C LEU J 934 70.35 53.85 -8.22
N VAL J 935 69.17 53.33 -8.58
CA VAL J 935 68.79 53.35 -9.99
C VAL J 935 68.41 54.75 -10.42
N ALA J 936 67.73 55.51 -9.54
CA ALA J 936 67.47 56.90 -9.85
C ALA J 936 68.75 57.71 -9.99
N GLN J 937 69.83 57.27 -9.36
CA GLN J 937 71.10 57.99 -9.52
C GLN J 937 71.58 58.03 -10.95
N ILE J 938 71.30 56.99 -11.76
CA ILE J 938 71.83 56.93 -13.11
C ILE J 938 70.76 57.11 -14.18
N SER J 939 69.51 56.77 -13.91
CA SER J 939 68.46 56.93 -14.91
C SER J 939 67.35 57.82 -14.35
N GLU J 940 66.70 58.56 -15.25
CA GLU J 940 65.66 59.48 -14.84
C GLU J 940 64.46 58.73 -14.27
N THR J 941 64.06 59.08 -13.06
CA THR J 941 62.97 58.38 -12.39
C THR J 941 61.93 59.35 -11.84
N GLN J 942 60.99 58.83 -11.08
CA GLN J 942 59.90 59.63 -10.53
C GLN J 942 60.15 60.09 -9.10
N TYR J 943 60.91 59.34 -8.32
CA TYR J 943 61.12 59.70 -6.93
C TYR J 943 62.09 60.87 -6.81
N PRO J 944 61.87 61.78 -5.86
CA PRO J 944 62.78 62.92 -5.67
C PRO J 944 63.99 62.50 -4.84
N VAL J 945 65.17 62.68 -5.41
CA VAL J 945 66.42 62.40 -4.70
C VAL J 945 67.46 63.41 -5.15
N ASP J 946 68.37 63.74 -4.26
CA ASP J 946 69.47 64.61 -4.65
C ASP J 946 70.57 63.80 -5.32
N ARG J 947 71.28 64.44 -6.24
CA ARG J 947 72.32 63.79 -7.01
C ARG J 947 73.61 64.59 -6.86
N TYR J 948 74.67 63.90 -6.44
CA TYR J 948 75.96 64.53 -6.21
C TYR J 948 77.00 64.20 -7.25
N LEU J 949 76.83 63.11 -8.00
CA LEU J 949 77.87 62.58 -8.88
C LEU J 949 77.63 62.93 -10.34
N ASP J 950 77.01 64.07 -10.62
CA ASP J 950 76.81 64.48 -12.00
C ASP J 950 78.12 64.80 -12.70
N TRP J 951 79.15 65.18 -11.94
CA TRP J 951 80.40 65.61 -12.56
C TRP J 951 81.18 64.46 -13.16
N ILE J 952 80.91 63.23 -12.74
CA ILE J 952 81.54 62.05 -13.29
C ILE J 952 80.90 61.76 -14.64
N PRO J 953 81.67 61.37 -15.66
CA PRO J 953 81.06 60.98 -16.93
C PRO J 953 80.18 59.75 -16.75
N SER J 954 79.16 59.63 -17.59
CA SER J 954 78.31 58.45 -17.54
C SER J 954 77.63 58.26 -18.89
N LEU J 955 76.93 57.13 -18.99
CA LEU J 955 76.33 56.63 -20.20
C LEU J 955 74.84 56.95 -20.24
N ARG J 956 74.28 56.98 -21.44
CA ARG J 956 72.84 57.13 -21.60
C ARG J 956 72.21 55.76 -21.41
N ALA J 957 71.58 55.55 -20.26
CA ALA J 957 71.15 54.22 -19.84
C ALA J 957 69.82 53.85 -20.46
N SER J 958 69.71 52.60 -20.89
CA SER J 958 68.46 52.00 -21.34
C SER J 958 68.01 50.95 -20.34
N ALA J 959 66.92 50.26 -20.68
CA ALA J 959 66.37 49.26 -19.77
C ALA J 959 67.34 48.13 -19.53
N ALA J 960 68.13 47.75 -20.54
CA ALA J 960 69.08 46.66 -20.37
C ALA J 960 70.15 47.01 -19.35
N THR J 961 70.74 48.20 -19.48
CA THR J 961 71.77 48.60 -18.53
C THR J 961 71.20 48.85 -17.15
N ALA J 962 69.97 49.34 -17.06
CA ALA J 962 69.33 49.48 -15.75
C ALA J 962 69.16 48.11 -15.09
N ALA J 963 68.69 47.12 -15.85
CA ALA J 963 68.53 45.78 -15.29
C ALA J 963 69.87 45.20 -14.85
N THR J 964 70.93 45.44 -15.63
CA THR J 964 72.24 44.92 -15.27
C THR J 964 72.74 45.54 -13.97
N PHE J 965 72.67 46.87 -13.88
CA PHE J 965 73.09 47.54 -12.65
C PHE J 965 72.28 47.06 -11.45
N ALA J 966 70.98 46.86 -11.65
CA ALA J 966 70.16 46.33 -10.56
C ALA J 966 70.60 44.92 -10.17
N GLU J 967 71.02 44.11 -11.14
CA GLU J 967 71.50 42.77 -10.81
C GLU J 967 72.79 42.83 -9.98
N TRP J 968 73.69 43.75 -10.32
CA TRP J 968 74.89 43.91 -9.50
C TRP J 968 74.55 44.33 -8.07
N VAL J 969 73.63 45.28 -7.93
CA VAL J 969 73.21 45.72 -6.59
C VAL J 969 72.60 44.55 -5.82
N ASN J 970 71.76 43.76 -6.48
CA ASN J 970 71.12 42.62 -5.85
C ASN J 970 72.15 41.60 -5.38
N THR J 971 73.13 41.29 -6.24
CA THR J 971 74.13 40.31 -5.86
C THR J 971 74.96 40.79 -4.68
N SER J 972 75.30 42.08 -4.66
CA SER J 972 76.06 42.61 -3.53
C SER J 972 75.26 42.52 -2.25
N MET J 973 73.98 42.84 -2.30
CA MET J 973 73.18 42.81 -1.07
C MET J 973 72.85 41.40 -0.63
N LYS J 974 72.84 40.42 -1.54
CA LYS J 974 72.74 39.04 -1.12
C LYS J 974 74.04 38.55 -0.49
N THR J 975 75.17 38.94 -1.08
CA THR J 975 76.47 38.53 -0.54
C THR J 975 76.64 39.03 0.87
N ALA J 976 76.45 40.33 1.10
CA ALA J 976 76.27 40.78 2.45
C ALA J 976 74.97 40.22 3.01
N PHE J 977 74.89 40.15 4.34
CA PHE J 977 73.70 39.68 5.05
C PHE J 977 73.50 38.17 4.95
N ASP J 978 74.28 37.49 4.12
CA ASP J 978 74.36 36.03 4.10
C ASP J 978 72.99 35.38 3.87
N LEU J 979 72.41 35.65 2.72
CA LEU J 979 71.18 34.98 2.30
C LEU J 979 71.34 34.47 0.88
N SER J 980 70.66 33.37 0.59
CA SER J 980 70.94 32.60 -0.62
C SER J 980 69.86 32.72 -1.69
N ASP J 981 68.68 33.26 -1.38
CA ASP J 981 67.55 33.11 -2.28
C ASP J 981 66.71 34.37 -2.42
N MET J 982 66.40 34.70 -3.67
CA MET J 982 65.23 35.49 -4.07
C MET J 982 65.03 36.77 -3.24
N LEU J 983 65.95 37.70 -3.41
CA LEU J 983 65.80 39.08 -2.94
C LEU J 983 65.89 40.00 -4.16
N LEU J 984 64.78 40.68 -4.48
CA LEU J 984 64.63 41.62 -5.60
C LEU J 984 64.35 41.02 -6.97
N GLU J 985 64.27 39.70 -7.11
CA GLU J 985 63.96 39.10 -8.40
C GLU J 985 62.57 39.42 -8.93
N PRO J 986 61.52 39.44 -8.10
CA PRO J 986 60.21 39.90 -8.59
C PRO J 986 60.24 41.28 -9.23
N LEU J 987 60.97 42.22 -8.63
CA LEU J 987 61.11 43.53 -9.25
C LEU J 987 61.98 43.46 -10.50
N LEU J 988 63.06 42.68 -10.46
CA LEU J 988 63.98 42.63 -11.58
C LEU J 988 63.38 41.98 -12.81
N SER J 989 62.32 41.18 -12.66
CA SER J 989 61.71 40.54 -13.82
C SER J 989 61.25 41.57 -14.85
N GLY J 990 60.67 42.67 -14.39
CA GLY J 990 60.20 43.73 -15.27
C GLY J 990 61.25 44.79 -15.53
N ASP J 991 60.78 46.04 -15.66
CA ASP J 991 61.68 47.17 -15.86
C ASP J 991 61.87 47.89 -14.55
N PRO J 992 63.08 47.99 -14.02
CA PRO J 992 63.30 48.60 -12.70
C PRO J 992 63.54 50.10 -12.71
N ARG J 993 63.44 50.77 -13.86
CA ARG J 993 63.75 52.20 -13.87
C ARG J 993 62.74 53.00 -13.07
N MET J 994 61.46 52.71 -13.23
CA MET J 994 60.42 53.40 -12.46
C MET J 994 59.49 52.34 -11.88
N THR J 995 59.73 51.98 -10.63
CA THR J 995 59.01 50.92 -9.96
C THR J 995 58.06 51.50 -8.92
N GLN J 996 57.26 50.60 -8.34
CA GLN J 996 56.28 50.96 -7.33
C GLN J 996 55.64 49.66 -6.84
N LEU J 997 54.98 49.74 -5.69
CA LEU J 997 54.29 48.59 -5.13
C LEU J 997 52.90 49.02 -4.70
N ALA J 998 51.89 48.39 -5.29
CA ALA J 998 50.51 48.66 -4.92
C ALA J 998 49.69 47.41 -5.22
N ILE J 999 48.50 47.36 -4.64
CA ILE J 999 47.62 46.21 -4.80
C ILE J 999 46.18 46.70 -4.71
N GLN J 1000 45.29 46.03 -5.42
CA GLN J 1000 43.89 46.41 -5.45
C GLN J 1000 43.05 45.22 -5.84
N TYR J 1001 41.77 45.27 -5.48
CA TYR J 1001 40.77 44.41 -6.08
C TYR J 1001 39.61 45.26 -6.56
N GLN J 1002 38.84 44.70 -7.48
CA GLN J 1002 37.71 45.38 -8.07
C GLN J 1002 36.46 44.56 -7.84
N GLN J 1003 35.37 45.21 -7.42
CA GLN J 1003 34.11 44.53 -7.20
C GLN J 1003 33.42 44.28 -8.53
N TYR J 1004 32.17 43.86 -8.49
CA TYR J 1004 31.45 43.64 -9.74
C TYR J 1004 30.93 44.95 -10.33
N ASN J 1005 30.53 45.90 -9.50
CA ASN J 1005 29.94 47.14 -9.97
C ASN J 1005 30.98 48.21 -10.28
N GLY J 1006 32.23 47.81 -10.53
CA GLY J 1006 33.28 48.75 -10.87
C GLY J 1006 33.96 49.41 -9.69
N ARG J 1007 33.39 49.31 -8.50
CA ARG J 1007 34.02 49.89 -7.31
C ARG J 1007 35.34 49.20 -7.05
N THR J 1008 36.41 49.99 -6.94
CA THR J 1008 37.76 49.46 -6.76
C THR J 1008 38.35 49.96 -5.45
N PHE J 1009 39.11 49.10 -4.80
CA PHE J 1009 39.81 49.42 -3.56
C PHE J 1009 41.29 49.16 -3.76
N ASN J 1010 42.13 50.11 -3.38
CA ASN J 1010 43.56 49.98 -3.56
C ASN J 1010 44.28 50.18 -2.22
N VAL J 1011 45.53 49.75 -2.18
CA VAL J 1011 46.37 49.88 -0.99
C VAL J 1011 47.77 50.26 -1.47
N ILE J 1012 48.16 51.50 -1.24
CA ILE J 1012 49.47 51.97 -1.66
C ILE J 1012 50.31 52.19 -0.42
N PRO J 1013 51.09 51.20 0.02
CA PRO J 1013 51.81 51.33 1.28
C PRO J 1013 52.92 52.36 1.19
N GLU J 1014 53.05 53.16 2.24
CA GLU J 1014 54.06 54.21 2.26
C GLU J 1014 55.43 53.59 2.46
N MET J 1015 56.38 54.02 1.64
CA MET J 1015 57.73 53.46 1.70
C MET J 1015 58.47 54.03 2.90
N PRO J 1016 58.73 53.23 3.93
CA PRO J 1016 59.49 53.72 5.07
C PRO J 1016 60.95 53.90 4.69
N GLY J 1017 61.65 54.71 5.48
CA GLY J 1017 63.03 55.02 5.21
C GLY J 1017 63.91 53.78 5.22
N SER J 1018 65.13 53.96 4.73
CA SER J 1018 66.11 52.88 4.69
C SER J 1018 67.47 53.41 5.10
N VAL J 1019 68.01 52.83 6.18
CA VAL J 1019 69.30 53.26 6.69
C VAL J 1019 70.39 53.05 5.65
N ILE J 1020 70.29 52.00 4.84
CA ILE J 1020 71.34 51.72 3.89
C ILE J 1020 71.36 52.76 2.78
N ALA J 1021 70.19 53.14 2.26
CA ALA J 1021 70.17 54.19 1.24
C ALA J 1021 70.60 55.53 1.83
N ASP J 1022 70.21 55.81 3.07
CA ASP J 1022 70.66 57.05 3.70
C ASP J 1022 72.18 57.08 3.83
N CYS J 1023 72.77 55.96 4.20
CA CYS J 1023 74.22 55.91 4.36
C CYS J 1023 74.93 55.97 3.02
N VAL J 1024 74.35 55.37 1.98
CA VAL J 1024 74.94 55.50 0.64
C VAL J 1024 74.92 56.96 0.19
N GLN J 1025 73.83 57.66 0.46
CA GLN J 1025 73.75 59.07 0.10
C GLN J 1025 74.76 59.89 0.89
N LEU J 1026 74.93 59.59 2.17
CA LEU J 1026 75.94 60.29 2.97
C LEU J 1026 77.33 60.03 2.42
N THR J 1027 77.61 58.79 2.02
CA THR J 1027 78.92 58.47 1.47
C THR J 1027 79.16 59.20 0.16
N ALA J 1028 78.14 59.32 -0.68
CA ALA J 1028 78.31 60.08 -1.92
C ALA J 1028 78.52 61.56 -1.61
N GLU J 1029 77.81 62.10 -0.63
CA GLU J 1029 77.98 63.50 -0.27
C GLU J 1029 79.37 63.77 0.27
N VAL J 1030 79.99 62.78 0.90
CA VAL J 1030 81.38 62.94 1.36
C VAL J 1030 82.36 62.74 0.21
N PHE J 1031 82.06 61.81 -0.70
CA PHE J 1031 82.91 61.62 -1.87
C PHE J 1031 82.98 62.88 -2.70
N ASN J 1032 81.89 63.65 -2.75
CA ASN J 1032 81.87 64.90 -3.50
C ASN J 1032 82.97 65.86 -3.07
N HIS J 1033 83.44 65.76 -1.82
CA HIS J 1033 84.53 66.59 -1.33
C HIS J 1033 85.86 65.87 -1.23
N GLU J 1034 85.86 64.57 -0.97
CA GLU J 1034 87.08 63.80 -0.77
C GLU J 1034 87.27 62.75 -1.85
N TYR J 1035 86.97 63.11 -3.10
CA TYR J 1035 87.16 62.19 -4.21
C TYR J 1035 88.61 61.78 -4.41
N ASN J 1036 89.57 62.60 -3.96
CA ASN J 1036 90.97 62.24 -4.18
C ASN J 1036 91.38 61.02 -3.37
N LEU J 1037 90.70 60.75 -2.27
CA LEU J 1037 91.11 59.61 -1.44
C LEU J 1037 90.76 58.29 -2.08
N PHE J 1038 89.78 58.25 -2.98
CA PHE J 1038 89.39 57.03 -3.67
C PHE J 1038 90.08 56.89 -5.02
N GLY J 1039 91.10 57.69 -5.28
CA GLY J 1039 91.86 57.59 -6.51
C GLY J 1039 91.38 58.46 -7.65
N ILE J 1040 90.20 59.06 -7.53
CA ILE J 1040 89.65 59.86 -8.62
C ILE J 1040 90.19 61.29 -8.55
N ALA J 1041 90.33 61.90 -9.71
CA ALA J 1041 90.67 63.32 -9.82
C ALA J 1041 89.60 64.02 -10.65
N ARG J 1042 89.30 65.26 -10.28
CA ARG J 1042 88.23 66.02 -10.91
C ARG J 1042 88.81 67.09 -11.82
N GLY J 1043 88.12 67.35 -12.92
CA GLY J 1043 88.52 68.39 -13.85
C GLY J 1043 89.15 67.81 -15.12
N ASP J 1044 89.65 68.71 -15.94
CA ASP J 1044 90.27 68.35 -17.20
C ASP J 1044 91.79 68.34 -17.04
N ILE J 1045 92.49 68.04 -18.12
CA ILE J 1045 93.95 68.03 -18.12
C ILE J 1045 94.44 68.75 -19.37
N ILE J 1046 95.64 69.31 -19.27
CA ILE J 1046 96.22 70.12 -20.34
C ILE J 1046 97.53 69.47 -20.77
N ILE J 1047 97.63 69.18 -22.06
CA ILE J 1047 98.80 68.54 -22.64
C ILE J 1047 99.64 69.58 -23.37
N GLY J 1048 100.95 69.50 -23.23
CA GLY J 1048 101.86 70.47 -23.80
C GLY J 1048 103.08 70.60 -22.93
N ARG J 1049 104.27 70.62 -23.53
CA ARG J 1049 105.48 70.51 -22.74
C ARG J 1049 105.75 71.78 -21.95
N VAL J 1050 106.28 71.60 -20.75
CA VAL J 1050 106.72 72.69 -19.90
C VAL J 1050 108.07 72.31 -19.32
N GLN J 1051 109.14 72.84 -19.89
CA GLN J 1051 110.50 72.51 -19.46
C GLN J 1051 111.03 73.63 -18.59
N SER J 1052 111.38 73.29 -17.35
CA SER J 1052 111.96 74.23 -16.41
C SER J 1052 112.47 73.45 -15.21
N THR J 1053 113.23 74.13 -14.36
CA THR J 1053 113.80 73.50 -13.18
C THR J 1053 112.90 73.64 -11.94
N HIS J 1054 111.72 74.22 -12.09
CA HIS J 1054 110.86 74.47 -10.94
C HIS J 1054 110.30 73.16 -10.40
N LEU J 1055 109.93 73.17 -9.13
CA LEU J 1055 109.59 71.96 -8.40
C LEU J 1055 108.12 71.94 -7.97
N TRP J 1056 107.25 72.61 -8.71
CA TRP J 1056 105.83 72.58 -8.39
C TRP J 1056 105.22 71.24 -8.78
N SER J 1057 104.20 70.84 -8.04
CA SER J 1057 103.59 69.52 -8.25
C SER J 1057 102.54 69.59 -9.34
N PRO J 1058 102.54 68.65 -10.28
CA PRO J 1058 101.58 68.74 -11.41
C PRO J 1058 100.14 68.61 -10.98
N LEU J 1059 99.87 68.07 -9.80
CA LEU J 1059 98.51 68.00 -9.26
C LEU J 1059 98.09 69.30 -8.58
N ALA J 1060 98.93 70.33 -8.63
CA ALA J 1060 98.61 71.64 -8.08
C ALA J 1060 99.33 72.70 -8.91
N PRO J 1061 98.99 72.83 -10.19
CA PRO J 1061 99.82 73.61 -11.10
C PRO J 1061 99.70 75.09 -10.83
N PRO J 1062 100.64 75.90 -11.34
CA PRO J 1062 100.48 77.34 -11.24
C PRO J 1062 99.34 77.80 -12.15
N PRO J 1063 98.63 78.86 -11.76
CA PRO J 1063 97.40 79.21 -12.49
C PRO J 1063 97.63 79.77 -13.88
N ASP J 1064 98.84 80.23 -14.20
CA ASP J 1064 99.04 80.87 -15.50
C ASP J 1064 99.31 79.86 -16.61
N LEU J 1065 99.30 78.57 -16.33
CA LEU J 1065 99.44 77.54 -17.36
C LEU J 1065 98.11 76.93 -17.77
N VAL J 1066 97.02 77.28 -17.09
CA VAL J 1066 95.72 76.70 -17.36
C VAL J 1066 94.86 77.73 -18.09
N PHE J 1067 94.11 77.26 -19.08
CA PHE J 1067 93.17 78.09 -19.82
C PHE J 1067 91.84 77.37 -19.88
N ASP J 1068 90.82 78.06 -20.39
CA ASP J 1068 89.49 77.45 -20.51
C ASP J 1068 88.80 78.04 -21.73
N ARG J 1069 87.49 77.81 -21.82
CA ARG J 1069 86.73 78.29 -22.97
C ARG J 1069 86.67 79.81 -23.00
N ASP J 1070 86.60 80.45 -21.84
CA ASP J 1070 86.49 81.90 -21.76
C ASP J 1070 87.86 82.56 -21.68
N THR J 1071 88.73 82.22 -22.63
CA THR J 1071 90.05 82.82 -22.70
C THR J 1071 90.26 83.47 -24.06
N PRO J 1072 90.82 84.66 -24.10
CA PRO J 1072 91.02 85.33 -25.39
C PRO J 1072 92.11 84.68 -26.22
N GLY J 1073 91.72 83.97 -27.28
CA GLY J 1073 92.67 83.33 -28.18
C GLY J 1073 92.56 81.83 -28.27
N VAL J 1074 91.65 81.20 -27.56
CA VAL J 1074 91.50 79.75 -27.59
C VAL J 1074 90.66 79.34 -28.78
N HIS J 1075 90.97 78.19 -29.36
CA HIS J 1075 90.16 77.57 -30.40
C HIS J 1075 89.42 76.37 -29.81
N ILE J 1076 88.15 76.22 -30.17
CA ILE J 1076 87.29 75.20 -29.57
C ILE J 1076 86.82 74.27 -30.68
N PHE J 1077 87.14 72.99 -30.53
CA PHE J 1077 86.86 71.98 -31.55
C PHE J 1077 85.76 71.06 -31.04
N GLY J 1078 84.57 71.17 -31.62
CA GLY J 1078 83.49 70.26 -31.31
C GLY J 1078 83.33 69.22 -32.39
N ARG J 1079 82.09 68.93 -32.75
CA ARG J 1079 81.81 67.94 -33.80
C ARG J 1079 82.18 68.54 -35.16
N ASP J 1080 81.87 67.78 -36.21
CA ASP J 1080 82.04 68.11 -37.65
C ASP J 1080 83.30 68.94 -37.92
N CYS J 1081 84.43 68.37 -37.53
CA CYS J 1081 85.74 68.95 -37.79
C CYS J 1081 86.47 68.10 -38.81
N ARG J 1082 87.34 68.74 -39.58
CA ARG J 1082 88.06 68.07 -40.66
C ARG J 1082 89.51 68.52 -40.64
N ILE J 1083 90.35 67.72 -41.30
CA ILE J 1083 91.76 68.04 -41.48
C ILE J 1083 92.07 68.02 -42.96
N SER J 1084 92.82 69.01 -43.43
CA SER J 1084 93.24 69.10 -44.82
C SER J 1084 94.75 69.24 -44.85
N PHE J 1085 95.41 68.42 -45.66
CA PHE J 1085 96.86 68.42 -45.70
C PHE J 1085 97.38 69.75 -46.25
N GLY J 1086 98.67 69.96 -46.07
CA GLY J 1086 99.30 71.18 -46.53
C GLY J 1086 100.24 70.91 -47.68
N MET J 1087 99.93 71.47 -48.83
CA MET J 1087 100.65 71.18 -50.06
C MET J 1087 101.72 72.24 -50.32
N ASN J 1088 102.83 71.79 -50.91
CA ASN J 1088 103.93 72.68 -51.29
C ASN J 1088 104.54 73.40 -50.09
N GLY J 1089 104.55 72.76 -48.93
CA GLY J 1089 105.22 73.34 -47.79
C GLY J 1089 104.39 74.31 -46.98
N ALA J 1090 103.07 74.27 -47.11
CA ALA J 1090 102.20 75.08 -46.27
C ALA J 1090 101.66 74.22 -45.13
N ALA J 1091 101.30 74.89 -44.04
CA ALA J 1091 100.90 74.17 -42.85
C ALA J 1091 99.56 73.47 -43.08
N PRO J 1092 99.39 72.25 -42.57
CA PRO J 1092 98.06 71.63 -42.58
C PRO J 1092 97.12 72.37 -41.64
N MET J 1093 95.83 72.06 -41.75
CA MET J 1093 94.84 72.82 -41.02
C MET J 1093 93.70 71.91 -40.58
N ILE J 1094 93.11 72.26 -39.43
CA ILE J 1094 91.96 71.55 -38.89
C ILE J 1094 90.81 72.55 -38.76
N ARG J 1095 89.59 72.03 -38.86
CA ARG J 1095 88.41 72.89 -38.90
C ARG J 1095 87.93 73.21 -37.50
N ASP J 1096 87.96 74.50 -37.16
CA ASP J 1096 87.39 75.00 -35.92
C ASP J 1096 85.90 74.68 -35.85
N GLU J 1097 85.34 74.77 -34.65
CA GLU J 1097 83.90 74.56 -34.50
C GLU J 1097 83.09 75.65 -35.19
N THR J 1098 83.64 76.86 -35.27
CA THR J 1098 82.94 77.97 -35.91
C THR J 1098 83.11 77.97 -37.43
N GLY J 1099 83.95 77.09 -37.97
CA GLY J 1099 84.16 77.01 -39.41
C GLY J 1099 85.51 77.50 -39.88
N MET J 1100 86.40 77.89 -38.98
CA MET J 1100 87.72 78.36 -39.37
C MET J 1100 88.67 77.18 -39.52
N MET J 1101 89.81 77.45 -40.16
CA MET J 1101 90.88 76.47 -40.32
C MET J 1101 92.12 77.05 -39.67
N VAL J 1102 92.67 76.33 -38.69
CA VAL J 1102 93.79 76.86 -37.91
C VAL J 1102 94.98 75.90 -37.98
N PRO J 1103 96.20 76.41 -38.05
CA PRO J 1103 97.37 75.52 -38.06
C PRO J 1103 97.54 74.78 -36.75
N PHE J 1104 98.55 73.91 -36.67
CA PHE J 1104 98.76 73.08 -35.49
C PHE J 1104 99.65 73.83 -34.50
N GLU J 1105 99.06 74.81 -33.82
CA GLU J 1105 99.76 75.58 -32.81
C GLU J 1105 98.73 76.25 -31.92
N GLY J 1106 99.20 77.09 -30.99
CA GLY J 1106 98.33 77.67 -30.01
C GLY J 1106 97.80 76.61 -29.07
N ASN J 1107 96.81 77.00 -28.27
CA ASN J 1107 96.16 76.10 -27.34
C ASN J 1107 94.72 75.87 -27.78
N TRP J 1108 94.25 74.64 -27.61
CA TRP J 1108 92.97 74.18 -28.14
C TRP J 1108 92.11 73.61 -27.01
N ILE J 1109 90.91 73.16 -27.38
CA ILE J 1109 90.02 72.50 -26.44
C ILE J 1109 89.29 71.37 -27.14
N PHE J 1110 89.48 70.13 -26.66
CA PHE J 1110 88.84 68.96 -27.22
C PHE J 1110 87.89 68.34 -26.21
N PRO J 1111 86.73 67.86 -26.64
CA PRO J 1111 86.05 66.83 -25.87
C PRO J 1111 86.86 65.55 -25.94
N LEU J 1112 86.62 64.66 -24.98
CA LEU J 1112 87.35 63.39 -25.00
C LEU J 1112 86.81 62.46 -26.07
N ALA J 1113 85.53 62.56 -26.40
CA ALA J 1113 84.94 61.65 -27.37
C ALA J 1113 85.49 61.89 -28.77
N LEU J 1114 85.81 63.13 -29.11
CA LEU J 1114 86.42 63.42 -30.41
C LEU J 1114 87.73 62.66 -30.56
N TRP J 1115 88.61 62.77 -29.56
CA TRP J 1115 89.86 62.02 -29.58
C TRP J 1115 89.61 60.52 -29.61
N GLN J 1116 88.66 60.04 -28.81
CA GLN J 1116 88.42 58.61 -28.76
C GLN J 1116 87.95 58.07 -30.11
N MET J 1117 87.17 58.86 -30.83
CA MET J 1117 86.66 58.41 -32.13
C MET J 1117 87.67 58.64 -33.25
N ASN J 1118 88.69 59.47 -33.05
CA ASN J 1118 89.73 59.61 -34.06
C ASN J 1118 91.10 59.38 -33.46
N THR J 1119 91.25 58.32 -32.67
CA THR J 1119 92.46 58.15 -31.86
C THR J 1119 93.71 57.94 -32.69
N ARG J 1120 93.62 57.22 -33.81
CA ARG J 1120 94.83 56.92 -34.56
C ARG J 1120 95.12 57.97 -35.63
N TYR J 1121 94.09 58.53 -36.25
CA TYR J 1121 94.29 59.60 -37.21
C TYR J 1121 94.80 60.88 -36.54
N PHE J 1122 94.55 61.05 -35.25
CA PHE J 1122 95.05 62.22 -34.53
C PHE J 1122 96.43 62.03 -33.94
N ASN J 1123 96.76 60.82 -33.48
CA ASN J 1123 98.11 60.55 -32.99
C ASN J 1123 99.15 60.87 -34.06
N GLN J 1124 98.94 60.38 -35.27
CA GLN J 1124 99.92 60.56 -36.33
C GLN J 1124 100.04 62.02 -36.75
N GLN J 1125 98.97 62.79 -36.60
CA GLN J 1125 98.98 64.17 -37.06
C GLN J 1125 99.47 65.15 -36.01
N PHE J 1126 99.32 64.84 -34.72
CA PHE J 1126 99.54 65.84 -33.69
C PHE J 1126 100.71 65.56 -32.76
N ASP J 1127 101.11 64.30 -32.59
CA ASP J 1127 102.12 63.98 -31.59
C ASP J 1127 103.45 64.65 -31.89
N ALA J 1128 103.79 64.81 -33.16
CA ALA J 1128 105.04 65.49 -33.49
C ALA J 1128 105.00 66.97 -33.12
N TRP J 1129 103.80 67.55 -33.06
CA TRP J 1129 103.66 68.96 -32.76
C TRP J 1129 103.51 69.24 -31.28
N ILE J 1130 102.83 68.35 -30.55
CA ILE J 1130 102.79 68.47 -29.09
C ILE J 1130 104.19 68.35 -28.51
N LYS J 1131 104.97 67.40 -29.04
CA LYS J 1131 106.28 67.09 -28.45
C LYS J 1131 107.26 68.25 -28.63
N THR J 1132 107.55 68.61 -29.87
CA THR J 1132 108.55 69.63 -30.15
C THR J 1132 107.98 70.94 -30.67
N GLY J 1133 106.67 71.01 -30.92
CA GLY J 1133 106.10 72.21 -31.50
C GLY J 1133 105.60 73.19 -30.47
N GLU J 1134 104.39 73.68 -30.66
CA GLU J 1134 103.77 74.62 -29.73
C GLU J 1134 102.35 74.24 -29.38
N LEU J 1135 101.80 73.18 -29.95
CA LEU J 1135 100.42 72.81 -29.70
C LEU J 1135 100.22 72.44 -28.24
N ARG J 1136 99.09 72.90 -27.68
CA ARG J 1136 98.69 72.56 -26.32
C ARG J 1136 97.21 72.29 -26.33
N ILE J 1137 96.82 71.10 -25.88
CA ILE J 1137 95.44 70.63 -25.97
C ILE J 1137 94.90 70.42 -24.57
N ARG J 1138 93.64 70.79 -24.36
CA ARG J 1138 92.96 70.59 -23.09
C ARG J 1138 91.85 69.56 -23.30
N ILE J 1139 92.16 68.30 -23.01
CA ILE J 1139 91.14 67.26 -23.07
C ILE J 1139 90.12 67.51 -21.96
N GLU J 1140 88.85 67.28 -22.27
CA GLU J 1140 87.75 67.50 -21.33
C GLU J 1140 87.22 66.17 -20.87
N MET J 1141 87.61 65.75 -19.66
CA MET J 1141 87.22 64.46 -19.12
C MET J 1141 86.23 64.55 -17.97
N GLY J 1142 86.43 65.47 -17.04
CA GLY J 1142 85.54 65.66 -15.91
C GLY J 1142 85.84 64.75 -14.73
N ALA J 1143 86.37 63.56 -14.98
CA ALA J 1143 86.71 62.63 -13.92
C ALA J 1143 87.57 61.53 -14.51
N TYR J 1144 88.64 61.17 -13.80
CA TYR J 1144 89.56 60.19 -14.34
C TYR J 1144 90.44 59.65 -13.23
N PRO J 1145 90.76 58.35 -13.25
CA PRO J 1145 91.74 57.83 -12.29
C PRO J 1145 93.15 58.22 -12.71
N TYR J 1146 93.99 58.52 -11.72
CA TYR J 1146 95.34 58.98 -11.99
C TYR J 1146 96.36 57.99 -11.41
N MET J 1147 97.61 58.20 -11.77
CA MET J 1147 98.71 57.36 -11.32
C MET J 1147 99.96 58.22 -11.22
N LEU J 1148 100.69 58.10 -10.12
CA LEU J 1148 101.80 58.98 -9.82
C LEU J 1148 103.13 58.30 -10.11
N HIS J 1149 104.10 59.11 -10.54
CA HIS J 1149 105.46 58.65 -10.79
C HIS J 1149 106.41 59.67 -10.17
N TYR J 1150 107.08 59.29 -9.08
CA TYR J 1150 108.00 60.18 -8.41
C TYR J 1150 109.39 60.06 -9.01
N TYR J 1151 110.15 61.15 -8.97
CA TYR J 1151 111.47 61.18 -9.55
C TYR J 1151 112.40 62.01 -8.69
N ASP J 1152 113.69 61.75 -8.85
CA ASP J 1152 114.71 62.55 -8.18
C ASP J 1152 114.86 63.89 -8.88
N PRO J 1153 114.71 65.00 -8.16
CA PRO J 1153 114.80 66.31 -8.81
C PRO J 1153 116.22 66.75 -9.12
N ARG J 1154 117.24 66.02 -8.67
CA ARG J 1154 118.61 66.40 -8.95
C ARG J 1154 119.10 65.94 -10.31
N GLN J 1155 118.26 65.25 -11.09
CA GLN J 1155 118.69 64.68 -12.35
C GLN J 1155 117.64 64.94 -13.42
N TYR J 1156 118.06 64.78 -14.66
CA TYR J 1156 117.17 64.98 -15.80
C TYR J 1156 115.99 64.03 -15.74
N ALA J 1157 114.82 64.53 -16.12
CA ALA J 1157 113.60 63.74 -16.15
C ALA J 1157 112.74 64.19 -17.32
N ASN J 1158 112.12 63.24 -17.99
CA ASN J 1158 111.34 63.53 -19.19
C ASN J 1158 110.13 62.61 -19.23
N ALA J 1159 108.95 63.18 -19.35
CA ALA J 1159 107.70 62.43 -19.26
C ALA J 1159 107.12 62.08 -20.62
N TRP J 1160 107.89 62.22 -21.70
CA TRP J 1160 107.31 62.00 -23.01
C TRP J 1160 106.93 60.53 -23.22
N ASN J 1161 107.73 59.60 -22.69
CA ASN J 1161 107.43 58.20 -22.89
C ASN J 1161 106.09 57.84 -22.26
N LEU J 1162 105.86 58.28 -21.03
CA LEU J 1162 104.59 58.00 -20.35
C LEU J 1162 103.43 58.69 -21.06
N THR J 1163 103.58 59.97 -21.41
CA THR J 1163 102.48 60.68 -22.03
C THR J 1163 102.16 60.12 -23.40
N SER J 1164 103.17 59.68 -24.15
CA SER J 1164 102.94 59.09 -25.45
C SER J 1164 102.30 57.72 -25.33
N ALA J 1165 102.69 56.94 -24.33
CA ALA J 1165 102.02 55.68 -24.08
C ALA J 1165 100.54 55.90 -23.81
N TRP J 1166 100.22 56.89 -22.98
CA TRP J 1166 98.81 57.17 -22.69
C TRP J 1166 98.06 57.58 -23.96
N LEU J 1167 98.63 58.53 -24.71
CA LEU J 1167 97.95 59.03 -25.91
C LEU J 1167 97.72 57.92 -26.92
N GLU J 1168 98.76 57.14 -27.23
CA GLU J 1168 98.58 56.03 -28.16
C GLU J 1168 97.66 54.97 -27.60
N GLU J 1169 97.53 54.90 -26.26
CA GLU J 1169 96.70 53.88 -25.64
C GLU J 1169 95.22 54.26 -25.62
N ILE J 1170 94.88 55.53 -25.77
CA ILE J 1170 93.47 55.91 -25.83
C ILE J 1170 92.78 55.18 -26.96
N THR J 1171 91.55 54.71 -26.70
CA THR J 1171 90.78 53.84 -27.57
C THR J 1171 89.34 54.33 -27.59
N PRO J 1172 88.60 54.07 -28.67
CA PRO J 1172 87.20 54.50 -28.73
C PRO J 1172 86.32 54.00 -27.59
N THR J 1173 86.74 52.99 -26.82
CA THR J 1173 85.94 52.53 -25.69
C THR J 1173 86.81 52.28 -24.47
N SER J 1174 87.86 53.08 -24.28
CA SER J 1174 88.71 52.90 -23.12
C SER J 1174 89.78 53.99 -23.00
N ILE J 1175 90.24 54.24 -21.79
CA ILE J 1175 91.42 55.07 -21.54
C ILE J 1175 92.17 54.48 -20.34
N PRO J 1176 93.48 54.42 -20.37
CA PRO J 1176 94.23 54.01 -19.18
C PRO J 1176 94.29 55.15 -18.18
N SER J 1177 94.97 54.89 -17.07
CA SER J 1177 95.15 55.94 -16.07
C SER J 1177 95.97 57.09 -16.65
N VAL J 1178 95.90 58.24 -15.99
CA VAL J 1178 96.60 59.44 -16.43
C VAL J 1178 97.91 59.53 -15.65
N PRO J 1179 99.06 59.36 -16.28
CA PRO J 1179 100.32 59.33 -15.54
C PRO J 1179 100.88 60.71 -15.24
N PHE J 1180 101.00 61.05 -13.96
CA PHE J 1180 101.64 62.29 -13.54
C PHE J 1180 103.04 62.01 -13.05
N MET J 1181 103.95 62.96 -13.31
CA MET J 1181 105.35 62.84 -12.91
C MET J 1181 105.61 63.86 -11.81
N VAL J 1182 105.68 63.39 -10.57
CA VAL J 1182 105.77 64.27 -9.41
C VAL J 1182 107.18 64.22 -8.83
N PRO J 1183 107.72 65.33 -8.36
CA PRO J 1183 109.06 65.34 -7.78
C PRO J 1183 109.03 64.81 -6.35
N ILE J 1184 110.20 64.70 -5.74
CA ILE J 1184 110.36 64.20 -4.38
C ILE J 1184 110.82 65.34 -3.49
N SER J 1185 110.24 65.42 -2.30
CA SER J 1185 110.59 66.48 -1.36
C SER J 1185 111.94 66.21 -0.72
N SER J 1186 112.54 67.27 -0.18
CA SER J 1186 113.87 67.18 0.39
C SER J 1186 113.96 67.96 1.69
N ASP J 1187 114.88 67.53 2.55
CA ASP J 1187 115.10 68.14 3.85
C ASP J 1187 116.19 69.19 3.84
N HIS J 1188 117.06 69.19 2.84
CA HIS J 1188 118.20 70.08 2.78
C HIS J 1188 118.30 70.64 1.37
N ASP J 1189 119.31 71.48 1.15
CA ASP J 1189 119.52 72.03 -0.17
C ASP J 1189 119.84 70.93 -1.17
N ILE J 1190 119.39 71.13 -2.40
CA ILE J 1190 119.68 70.22 -3.50
C ILE J 1190 119.87 71.04 -4.76
N SER J 1191 120.86 70.69 -5.56
CA SER J 1191 121.04 71.35 -6.84
C SER J 1191 119.89 71.00 -7.77
N SER J 1192 119.49 71.96 -8.58
CA SER J 1192 118.36 71.78 -9.47
C SER J 1192 118.80 71.10 -10.77
N ALA J 1193 117.83 70.67 -11.55
CA ALA J 1193 118.08 70.05 -12.84
C ALA J 1193 116.81 70.16 -13.68
N PRO J 1194 116.93 70.14 -15.00
CA PRO J 1194 115.76 70.37 -15.85
C PRO J 1194 114.86 69.15 -15.90
N ALA J 1195 113.56 69.41 -15.80
CA ALA J 1195 112.54 68.39 -15.92
C ALA J 1195 111.50 68.85 -16.94
N VAL J 1196 110.97 67.91 -17.71
CA VAL J 1196 110.07 68.21 -18.82
C VAL J 1196 108.72 67.60 -18.52
N GLN J 1197 107.72 68.45 -18.30
CA GLN J 1197 106.36 68.04 -18.01
C GLN J 1197 105.51 68.04 -19.27
N TYR J 1198 104.53 67.16 -19.31
CA TYR J 1198 103.60 67.18 -20.43
C TYR J 1198 102.14 67.20 -20.00
N ILE J 1199 101.79 66.51 -18.92
CA ILE J 1199 100.42 66.44 -18.44
C ILE J 1199 100.36 67.15 -17.09
N ILE J 1200 99.38 68.04 -16.93
CA ILE J 1200 99.13 68.71 -15.66
C ILE J 1200 97.64 68.81 -15.46
N SER J 1201 97.20 68.69 -14.21
CA SER J 1201 95.79 68.82 -13.89
C SER J 1201 95.34 70.26 -14.09
N THR J 1202 94.04 70.49 -13.95
CA THR J 1202 93.49 71.82 -14.13
C THR J 1202 92.92 72.39 -12.84
N GLU J 1203 93.08 71.69 -11.72
CA GLU J 1203 92.64 72.19 -10.42
C GLU J 1203 93.32 71.37 -9.34
N TYR J 1204 93.18 71.82 -8.11
CA TYR J 1204 93.89 71.20 -7.00
C TYR J 1204 93.46 69.75 -6.81
N ASN J 1205 94.43 68.85 -6.79
CA ASN J 1205 94.15 67.43 -6.58
C ASN J 1205 95.18 66.80 -5.64
N ASP J 1206 95.74 67.60 -4.73
CA ASP J 1206 96.62 67.08 -3.68
C ASP J 1206 95.89 66.91 -2.36
N ARG J 1207 94.58 66.66 -2.41
CA ARG J 1207 93.81 66.42 -1.20
C ARG J 1207 94.22 65.15 -0.49
N SER J 1208 94.96 64.26 -1.16
CA SER J 1208 95.39 63.00 -0.56
C SER J 1208 96.77 63.08 0.07
N LEU J 1209 97.58 64.07 -0.28
CA LEU J 1209 98.90 64.19 0.32
C LEU J 1209 98.77 64.48 1.80
N PHE J 1210 99.47 63.70 2.62
CA PHE J 1210 99.35 63.78 4.07
C PHE J 1210 100.46 64.60 4.70
N CYS J 1211 101.71 64.20 4.50
CA CYS J 1211 102.84 64.90 5.08
C CYS J 1211 104.09 64.56 4.28
N THR J 1212 104.97 65.54 4.15
CA THR J 1212 106.23 65.37 3.43
C THR J 1212 107.38 65.56 4.41
N ASN J 1213 108.28 64.58 4.44
CA ASN J 1213 109.44 64.62 5.33
C ASN J 1213 108.99 64.69 6.78
N SER J 1214 108.25 63.67 7.19
CA SER J 1214 107.58 63.68 8.48
C SER J 1214 108.52 63.50 9.65
N SER J 1215 109.79 63.19 9.42
CA SER J 1215 110.73 62.97 10.50
C SER J 1215 111.82 64.01 10.58
N SER J 1216 111.77 65.03 9.75
CA SER J 1216 112.79 66.08 9.71
C SER J 1216 112.23 67.40 10.17
N PRO J 1217 113.09 68.37 10.46
CA PRO J 1217 112.60 69.66 10.95
C PRO J 1217 111.80 70.44 9.92
N GLN J 1218 111.92 70.15 8.64
CA GLN J 1218 111.33 71.01 7.63
C GLN J 1218 111.51 70.41 6.25
N THR J 1219 110.74 70.91 5.30
CA THR J 1219 110.94 70.67 3.89
C THR J 1219 111.51 71.94 3.25
N ILE J 1220 112.49 71.77 2.37
CA ILE J 1220 113.16 72.92 1.77
C ILE J 1220 113.03 72.96 0.25
N ALA J 1221 112.78 71.83 -0.41
CA ALA J 1221 112.58 71.83 -1.85
C ALA J 1221 111.51 70.83 -2.22
N GLY J 1222 110.57 71.24 -3.06
CA GLY J 1222 109.51 70.37 -3.49
C GLY J 1222 108.20 70.64 -2.79
N PRO J 1223 107.20 69.80 -3.04
CA PRO J 1223 105.90 69.97 -2.37
C PRO J 1223 106.06 69.85 -0.86
N ASP J 1224 105.55 70.87 -0.16
CA ASP J 1224 105.65 70.94 1.29
C ASP J 1224 104.26 70.98 1.90
N LYS J 1225 104.07 70.23 2.98
CA LYS J 1225 102.87 70.36 3.79
C LYS J 1225 103.05 69.58 5.07
N HIS J 1226 102.62 70.18 6.18
CA HIS J 1226 102.69 69.54 7.48
C HIS J 1226 101.48 68.63 7.68
N ILE J 1227 101.40 68.02 8.86
CA ILE J 1227 100.28 67.12 9.12
C ILE J 1227 98.99 67.91 9.13
N PRO J 1228 97.91 67.41 8.53
CA PRO J 1228 96.70 68.23 8.42
C PRO J 1228 96.04 68.44 9.76
N VAL J 1229 96.17 69.65 10.30
CA VAL J 1229 95.69 69.94 11.64
C VAL J 1229 94.17 70.01 11.69
N GLU J 1230 93.50 70.14 10.54
CA GLU J 1230 92.05 70.22 10.55
C GLU J 1230 91.41 68.84 10.70
N ARG J 1231 92.11 67.78 10.31
CA ARG J 1231 91.61 66.44 10.57
C ARG J 1231 91.48 66.19 12.07
N TYR J 1232 92.60 66.20 12.77
CA TYR J 1232 92.62 65.95 14.21
C TYR J 1232 92.14 67.22 14.91
N ASN J 1233 90.82 67.40 14.88
CA ASN J 1233 90.23 68.65 15.35
C ASN J 1233 90.06 68.67 16.86
N ILE J 1234 89.52 67.59 17.44
CA ILE J 1234 89.30 67.57 18.87
C ILE J 1234 90.61 67.54 19.66
N LEU J 1235 91.73 67.29 19.01
CA LEU J 1235 93.03 67.36 19.65
C LEU J 1235 93.66 68.75 19.55
N THR J 1236 93.61 69.35 18.36
CA THR J 1236 94.31 70.61 18.13
C THR J 1236 93.52 71.83 18.54
N ASN J 1237 92.24 71.68 18.86
CA ASN J 1237 91.40 72.81 19.24
C ASN J 1237 90.93 72.66 20.67
N PRO J 1238 91.45 73.46 21.60
CA PRO J 1238 91.06 73.26 23.02
C PRO J 1238 89.60 73.56 23.28
N ASP J 1239 88.97 74.42 22.48
CA ASP J 1239 87.60 74.83 22.70
C ASP J 1239 86.60 74.04 21.88
N ALA J 1240 86.97 72.85 21.41
CA ALA J 1240 85.93 72.16 20.69
C ALA J 1240 85.33 71.06 21.55
N PRO J 1241 84.02 70.82 21.44
CA PRO J 1241 83.41 69.75 22.21
C PRO J 1241 83.95 68.40 21.76
N PRO J 1242 83.92 67.40 22.63
CA PRO J 1242 84.49 66.09 22.26
C PRO J 1242 83.75 65.38 21.15
N THR J 1243 82.59 65.87 20.72
CA THR J 1243 81.74 65.15 19.78
C THR J 1243 81.60 65.86 18.45
N GLN J 1244 82.18 67.05 18.29
CA GLN J 1244 82.05 67.78 17.03
C GLN J 1244 82.68 67.00 15.87
N ILE J 1245 82.00 67.01 14.73
CA ILE J 1245 82.50 66.40 13.51
C ILE J 1245 82.24 67.33 12.34
N GLN J 1246 83.25 67.53 11.51
CA GLN J 1246 83.14 68.34 10.29
C GLN J 1246 82.90 67.43 9.09
N LEU J 1247 81.81 66.66 9.16
CA LEU J 1247 81.70 65.45 8.35
C LEU J 1247 81.72 65.69 6.84
N PRO J 1248 80.84 66.52 6.26
CA PRO J 1248 80.75 66.54 4.78
C PRO J 1248 82.00 67.05 4.09
N GLU J 1249 82.92 67.70 4.80
CA GLU J 1249 84.12 68.24 4.17
C GLU J 1249 85.41 67.66 4.71
N VAL J 1250 85.40 67.05 5.89
CA VAL J 1250 86.61 66.46 6.48
C VAL J 1250 86.17 65.24 7.28
N VAL J 1251 87.02 64.20 7.29
CA VAL J 1251 86.73 62.99 8.04
C VAL J 1251 87.36 62.99 9.43
N ASP J 1252 88.40 63.80 9.65
CA ASP J 1252 88.96 64.11 10.95
C ASP J 1252 89.80 63.00 11.59
N LEU J 1253 89.69 61.77 11.10
CA LEU J 1253 90.66 60.71 11.38
C LEU J 1253 90.96 60.43 12.86
N TYR J 1254 90.20 61.03 13.78
CA TYR J 1254 90.36 60.80 15.21
C TYR J 1254 89.19 61.44 15.95
N ASN J 1255 88.46 60.66 16.74
CA ASN J 1255 87.28 61.21 17.41
C ASN J 1255 86.77 60.20 18.44
N VAL J 1256 85.78 60.65 19.21
CA VAL J 1256 85.15 59.78 20.20
C VAL J 1256 84.30 58.75 19.50
N VAL J 1257 84.32 57.52 20.02
CA VAL J 1257 83.54 56.42 19.47
C VAL J 1257 83.00 55.61 20.64
N THR J 1258 81.71 55.28 20.59
CA THR J 1258 81.06 54.54 21.66
C THR J 1258 81.09 53.06 21.36
N ARG J 1259 81.26 52.26 22.40
CA ARG J 1259 81.42 50.82 22.27
C ARG J 1259 80.46 50.11 23.20
N TYR J 1260 79.79 49.08 22.68
CA TYR J 1260 78.71 48.42 23.40
C TYR J 1260 79.15 47.04 23.87
N ALA J 1261 78.40 46.51 24.83
CA ALA J 1261 78.62 45.17 25.35
C ALA J 1261 77.30 44.43 25.52
N TYR J 1262 76.32 44.76 24.69
CA TYR J 1262 75.02 44.09 24.76
C TYR J 1262 75.16 42.61 24.44
N GLU J 1263 74.22 41.82 24.93
CA GLU J 1263 74.18 40.40 24.65
C GLU J 1263 72.87 40.07 23.95
N THR J 1264 72.93 39.09 23.06
CA THR J 1264 71.80 38.72 22.19
C THR J 1264 71.42 37.28 22.45
N PRO J 1265 70.65 37.01 23.50
CA PRO J 1265 70.25 35.64 23.80
C PRO J 1265 69.06 35.24 22.96
N PRO J 1266 68.84 33.94 22.76
CA PRO J 1266 67.62 33.51 22.08
C PRO J 1266 66.40 33.79 22.94
N ILE J 1267 65.26 33.96 22.29
CA ILE J 1267 64.03 34.32 23.00
C ILE J 1267 63.64 33.23 23.99
N THR J 1268 63.92 31.98 23.67
CA THR J 1268 63.49 30.88 24.54
C THR J 1268 64.31 30.81 25.81
N ALA J 1269 65.49 31.41 25.84
CA ALA J 1269 66.28 31.43 27.06
C ALA J 1269 65.84 32.50 28.04
N VAL J 1270 64.98 33.42 27.61
CA VAL J 1270 64.53 34.52 28.44
C VAL J 1270 63.05 34.42 28.77
N VAL J 1271 62.24 33.96 27.83
CA VAL J 1271 60.81 33.80 28.03
C VAL J 1271 60.52 32.30 28.10
N MET J 1272 60.40 31.77 29.30
CA MET J 1272 60.21 30.34 29.50
C MET J 1272 58.76 29.97 29.21
N GLY J 1273 58.38 28.73 29.52
CA GLY J 1273 57.12 28.23 29.01
C GLY J 1273 56.08 27.73 30.00
N VAL J 1274 56.49 27.29 31.18
CA VAL J 1274 55.57 26.66 32.13
C VAL J 1274 54.90 25.47 31.45
N PRO J 1275 55.63 24.37 31.22
CA PRO J 1275 55.07 23.22 30.51
C PRO J 1275 54.01 22.52 31.34
CA ALA K 2 -29.54 32.75 -58.46
C ALA K 2 -28.86 31.94 -57.35
N ASN K 3 -28.23 30.83 -57.73
CA ASN K 3 -27.56 29.99 -56.75
C ASN K 3 -26.37 29.30 -57.39
N VAL K 4 -25.34 29.04 -56.58
CA VAL K 4 -24.15 28.37 -57.06
C VAL K 4 -24.27 26.86 -56.80
N TRP K 5 -24.37 26.48 -55.54
CA TRP K 5 -24.69 25.11 -55.17
C TRP K 5 -25.69 25.15 -54.02
N GLY K 6 -25.62 26.20 -53.22
CA GLY K 6 -26.64 26.52 -52.23
C GLY K 6 -27.13 27.93 -52.46
N VAL K 7 -28.46 28.11 -52.39
CA VAL K 7 -29.08 29.33 -52.91
C VAL K 7 -28.59 30.55 -52.14
N ARG K 8 -28.24 31.59 -52.88
CA ARG K 8 -27.84 32.87 -52.33
C ARG K 8 -28.92 33.90 -52.65
N LEU K 9 -29.02 34.91 -51.79
CA LEU K 9 -29.99 35.98 -51.99
C LEU K 9 -29.79 36.65 -53.33
N ALA K 10 -30.81 36.54 -54.18
CA ALA K 10 -30.84 37.29 -55.42
C ALA K 10 -31.61 38.58 -55.22
N ASP K 11 -31.81 39.32 -56.31
CA ASP K 11 -32.71 40.46 -56.34
C ASP K 11 -32.15 41.68 -55.62
N SER K 12 -30.99 41.55 -54.96
CA SER K 12 -30.41 42.72 -54.30
C SER K 12 -28.97 42.42 -53.97
N LEU K 13 -28.25 43.47 -53.60
CA LEU K 13 -26.80 43.41 -53.54
C LEU K 13 -26.28 44.63 -52.79
N SER K 14 -25.46 44.43 -51.75
CA SER K 14 -25.01 45.55 -50.93
C SER K 14 -23.59 45.29 -50.45
N SER K 15 -23.02 46.29 -49.80
CA SER K 15 -21.67 46.21 -49.26
C SER K 15 -21.39 47.48 -48.46
N PRO K 16 -20.39 47.45 -47.57
CA PRO K 16 -20.07 48.64 -46.78
C PRO K 16 -19.61 49.79 -47.65
N THR K 17 -19.52 50.97 -47.04
CA THR K 17 -19.18 52.17 -47.79
C THR K 17 -18.05 52.97 -47.16
N ILE K 18 -17.92 52.92 -45.83
CA ILE K 18 -16.94 53.73 -45.12
C ILE K 18 -15.97 52.82 -44.39
N GLU K 19 -14.70 53.20 -44.37
CA GLU K 19 -13.65 52.43 -43.75
C GLU K 19 -12.85 53.33 -42.81
N THR K 20 -12.63 52.87 -41.58
CA THR K 20 -11.92 53.67 -40.61
C THR K 20 -10.43 53.72 -40.94
N ARG K 21 -9.80 54.83 -40.59
CA ARG K 21 -8.38 55.02 -40.84
C ARG K 21 -7.55 54.31 -39.79
N THR K 22 -6.40 53.78 -40.22
CA THR K 22 -5.56 52.99 -39.35
C THR K 22 -5.01 53.83 -38.20
N ARG K 23 -4.69 53.15 -37.11
CA ARG K 23 -4.15 53.78 -35.91
C ARG K 23 -2.85 53.09 -35.53
N HIS K 24 -1.76 53.84 -35.47
CA HIS K 24 -0.49 53.26 -35.10
C HIS K 24 -0.50 52.84 -33.63
N TYR K 25 0.36 51.87 -33.31
CA TYR K 25 0.36 51.22 -32.01
C TYR K 25 1.57 51.72 -31.23
N THR K 26 1.33 52.37 -30.11
CA THR K 26 2.36 53.05 -29.34
C THR K 26 2.58 52.35 -28.00
N LEU K 27 3.66 52.75 -27.33
CA LEU K 27 4.03 52.08 -26.09
C LEU K 27 2.99 52.28 -25.01
N HIS K 28 2.35 53.45 -24.98
CA HIS K 28 1.26 53.67 -24.03
C HIS K 28 0.13 52.69 -24.28
N ASP K 29 -0.23 52.49 -25.55
CA ASP K 29 -1.26 51.50 -25.88
C ASP K 29 -0.83 50.11 -25.47
N PHE K 30 0.44 49.77 -25.69
CA PHE K 30 0.93 48.45 -25.30
C PHE K 30 0.78 48.24 -23.80
N TYR K 31 1.18 49.23 -23.02
CA TYR K 31 1.08 49.12 -21.56
C TYR K 31 -0.38 49.04 -21.12
N SER K 32 -1.26 49.83 -21.73
CA SER K 32 -2.66 49.81 -21.32
C SER K 32 -3.32 48.48 -21.67
N ASP K 33 -2.95 47.90 -22.81
CA ASP K 33 -3.46 46.57 -23.14
C ASP K 33 -2.86 45.51 -22.24
N LEU K 34 -1.62 45.71 -21.78
CA LEU K 34 -0.94 44.71 -20.99
C LEU K 34 -1.45 44.68 -19.56
N ASP K 35 -1.84 45.82 -19.01
CA ASP K 35 -2.49 45.86 -17.69
C ASP K 35 -4.01 45.84 -17.87
N ALA K 36 -4.50 44.64 -18.22
CA ALA K 36 -5.88 44.43 -18.61
C ALA K 36 -6.84 44.90 -17.52
N SER K 37 -7.59 45.95 -17.82
CA SER K 37 -8.55 46.52 -16.87
C SER K 37 -9.89 45.81 -17.01
N VAL K 38 -10.86 46.21 -16.20
CA VAL K 38 -12.14 45.53 -16.19
C VAL K 38 -12.93 45.82 -17.46
N GLY K 39 -12.75 47.00 -18.05
CA GLY K 39 -13.54 47.36 -19.21
C GLY K 39 -13.02 46.79 -20.51
N LYS K 40 -11.69 46.65 -20.64
CA LYS K 40 -11.11 46.29 -21.93
C LYS K 40 -9.94 45.32 -21.69
N GLU K 41 -10.25 44.02 -21.75
CA GLU K 41 -9.23 42.99 -21.73
C GLU K 41 -8.81 42.65 -23.15
N PRO K 42 -7.63 42.06 -23.32
CA PRO K 42 -7.18 41.63 -24.65
C PRO K 42 -7.85 40.36 -25.15
N TRP K 43 -8.84 39.82 -24.45
CA TRP K 43 -9.54 38.61 -24.87
C TRP K 43 -11.04 38.85 -24.84
N ARG K 44 -11.79 37.82 -25.23
CA ARG K 44 -13.24 37.89 -25.21
C ARG K 44 -13.82 36.48 -25.17
N PRO K 45 -14.65 36.16 -24.18
CA PRO K 45 -15.09 34.78 -24.00
C PRO K 45 -16.14 34.37 -25.03
N LEU K 46 -15.95 33.18 -25.58
CA LEU K 46 -16.94 32.54 -26.43
C LEU K 46 -17.60 31.42 -25.63
N ARG K 47 -18.91 31.29 -25.75
CA ARG K 47 -19.65 30.35 -24.93
C ARG K 47 -20.62 29.53 -25.78
N ASN K 48 -20.91 28.33 -25.28
CA ASN K 48 -21.78 27.40 -25.98
C ASN K 48 -23.19 27.95 -26.10
N GLN K 49 -23.87 27.57 -27.18
CA GLN K 49 -25.18 28.12 -27.49
C GLN K 49 -26.32 27.36 -26.84
N ARG K 50 -26.06 26.22 -26.20
CA ARG K 50 -27.11 25.47 -25.52
C ARG K 50 -26.94 25.53 -24.00
N THR K 51 -25.77 25.14 -23.49
CA THR K 51 -25.54 25.21 -22.06
C THR K 51 -25.22 26.63 -21.59
N ASN K 52 -24.82 27.51 -22.50
CA ASN K 52 -24.54 28.90 -22.19
C ASN K 52 -23.39 29.01 -21.19
N GLU K 53 -22.27 28.37 -21.51
CA GLU K 53 -21.09 28.38 -20.67
C GLU K 53 -19.86 28.61 -21.53
N ILE K 54 -18.83 29.17 -20.92
CA ILE K 54 -17.61 29.51 -21.65
C ILE K 54 -16.90 28.23 -22.07
N VAL K 55 -16.52 28.15 -23.35
CA VAL K 55 -15.89 26.95 -23.88
C VAL K 55 -14.63 27.30 -24.65
N ALA K 56 -14.46 28.58 -24.98
CA ALA K 56 -13.30 29.01 -25.75
C ALA K 56 -13.07 30.49 -25.51
N VAL K 57 -12.01 31.01 -26.10
CA VAL K 57 -11.63 32.42 -25.93
C VAL K 57 -11.05 32.92 -27.24
N GLN K 58 -11.34 34.18 -27.56
CA GLN K 58 -10.71 34.85 -28.69
C GLN K 58 -9.65 35.82 -28.18
N LEU K 59 -8.53 35.88 -28.88
CA LEU K 59 -7.37 36.63 -28.43
C LEU K 59 -7.15 37.87 -29.30
N PHE K 60 -6.63 38.93 -28.68
CA PHE K 60 -6.45 40.19 -29.38
C PHE K 60 -5.01 40.69 -29.30
N ARG K 61 -4.79 41.93 -29.75
CA ARG K 61 -3.53 42.58 -30.11
C ARG K 61 -2.32 42.16 -29.28
N PRO K 62 -2.34 42.29 -27.96
CA PRO K 62 -1.14 41.97 -27.18
C PRO K 62 -0.75 40.51 -27.27
N LEU K 63 -1.66 39.61 -26.89
CA LEU K 63 -1.38 38.18 -26.90
C LEU K 63 -1.98 37.56 -28.16
N GLN K 64 -1.20 37.61 -29.23
CA GLN K 64 -1.64 37.05 -30.51
C GLN K 64 -0.49 36.31 -31.18
N GLY K 65 0.50 35.90 -30.41
CA GLY K 65 1.71 35.27 -30.91
C GLY K 65 2.06 33.98 -30.19
N LEU K 66 1.06 33.13 -29.95
CA LEU K 66 1.20 31.96 -29.09
C LEU K 66 1.59 30.71 -29.86
N VAL K 67 2.45 30.87 -30.86
CA VAL K 67 2.86 29.84 -31.81
C VAL K 67 3.22 28.49 -31.19
N PHE K 68 3.77 28.49 -29.98
CA PHE K 68 4.26 27.24 -29.41
C PHE K 68 3.11 26.28 -29.12
N ASP K 69 3.46 25.08 -28.64
CA ASP K 69 2.47 24.08 -28.32
C ASP K 69 1.70 24.49 -27.06
N THR K 70 0.51 23.91 -26.90
CA THR K 70 -0.37 24.31 -25.80
C THR K 70 0.15 23.85 -24.46
N GLN K 71 0.92 22.76 -24.42
CA GLN K 71 1.37 22.24 -23.13
C GLN K 71 2.47 23.11 -22.52
N LEU K 72 3.22 23.85 -23.33
CA LEU K 72 4.29 24.67 -22.80
C LEU K 72 3.74 25.80 -21.93
N TYR K 73 2.53 26.28 -22.22
CA TYR K 73 2.01 27.43 -21.50
C TYR K 73 1.42 27.05 -20.16
N GLY K 74 0.81 25.86 -20.07
CA GLY K 74 0.23 25.41 -18.83
C GLY K 74 -0.86 26.32 -18.31
N PHE K 75 -1.88 26.56 -19.11
CA PHE K 75 -2.96 27.42 -18.66
C PHE K 75 -3.88 26.66 -17.70
N PRO K 76 -4.58 27.38 -16.83
CA PRO K 76 -5.59 26.72 -16.00
C PRO K 76 -6.77 26.21 -16.82
N GLY K 77 -7.75 25.61 -16.16
CA GLY K 77 -8.85 25.01 -16.88
C GLY K 77 -10.06 25.89 -17.10
N THR K 78 -10.59 26.47 -16.02
CA THR K 78 -11.79 27.28 -16.13
C THR K 78 -11.44 28.68 -16.62
N PHE K 79 -12.46 29.38 -17.13
CA PHE K 79 -12.22 30.70 -17.71
C PHE K 79 -11.82 31.72 -16.64
N SER K 80 -12.48 31.67 -15.48
CA SER K 80 -12.16 32.63 -14.43
C SER K 80 -10.74 32.44 -13.93
N GLN K 81 -10.36 31.19 -13.65
CA GLN K 81 -8.99 30.89 -13.24
C GLN K 81 -8.01 31.30 -14.32
N TRP K 82 -8.33 31.03 -15.59
CA TRP K 82 -7.47 31.42 -16.69
C TRP K 82 -7.21 32.91 -16.70
N GLU K 83 -8.28 33.71 -16.63
CA GLU K 83 -8.12 35.14 -16.73
C GLU K 83 -7.41 35.72 -15.51
N GLN K 84 -7.64 35.13 -14.32
CA GLN K 84 -6.92 35.61 -13.15
C GLN K 84 -5.43 35.31 -13.25
N PHE K 85 -5.10 34.09 -13.68
CA PHE K 85 -3.72 33.70 -13.98
C PHE K 85 -3.06 34.69 -14.93
N MET K 86 -3.71 34.96 -16.05
CA MET K 86 -3.07 35.78 -17.06
C MET K 86 -2.98 37.23 -16.62
N LYS K 87 -3.95 37.72 -15.87
CA LYS K 87 -3.85 39.08 -15.33
C LYS K 87 -2.69 39.19 -14.35
N GLU K 88 -2.47 38.17 -13.53
CA GLU K 88 -1.38 38.26 -12.56
C GLU K 88 -0.03 38.08 -13.21
N LYS K 89 0.04 37.44 -14.39
CA LYS K 89 1.33 37.31 -15.08
C LYS K 89 1.66 38.50 -15.97
N LEU K 90 0.65 39.11 -16.60
CA LEU K 90 0.91 40.27 -17.43
C LEU K 90 1.44 41.44 -16.62
N ARG K 91 1.13 41.52 -15.33
CA ARG K 91 1.70 42.58 -14.51
C ARG K 91 3.21 42.44 -14.39
N VAL K 92 3.69 41.21 -14.21
CA VAL K 92 5.14 40.98 -14.15
C VAL K 92 5.77 41.37 -15.49
N LEU K 93 5.15 40.96 -16.59
CA LEU K 93 5.69 41.34 -17.90
C LEU K 93 5.73 42.86 -18.06
N LYS K 94 4.67 43.55 -17.61
CA LYS K 94 4.62 44.99 -17.68
C LYS K 94 5.73 45.63 -16.85
N TYR K 95 5.98 45.09 -15.66
CA TYR K 95 7.03 45.66 -14.83
C TYR K 95 8.39 45.53 -15.48
N GLU K 96 8.63 44.38 -16.13
CA GLU K 96 9.90 44.20 -16.83
C GLU K 96 10.04 45.20 -17.98
N VAL K 97 8.98 45.33 -18.78
CA VAL K 97 9.03 46.22 -19.94
C VAL K 97 9.22 47.67 -19.50
N LEU K 98 8.56 48.06 -18.42
CA LEU K 98 8.74 49.42 -17.90
C LEU K 98 10.14 49.62 -17.33
N ARG K 99 10.69 48.58 -16.68
CA ARG K 99 12.03 48.69 -16.15
C ARG K 99 13.05 48.94 -17.24
N ILE K 100 12.84 48.36 -18.42
CA ILE K 100 13.79 48.62 -19.50
C ILE K 100 13.46 49.90 -20.28
N TYR K 101 12.19 50.26 -20.40
CA TYR K 101 11.78 51.46 -21.13
C TYR K 101 11.00 52.38 -20.22
N PRO K 102 11.56 53.51 -19.77
CA PRO K 102 10.78 54.47 -18.99
C PRO K 102 9.68 55.09 -19.84
N ILE K 103 8.50 55.22 -19.24
CA ILE K 103 7.35 55.74 -19.99
C ILE K 103 7.55 57.20 -20.35
N SER K 104 8.13 57.98 -19.45
CA SER K 104 8.27 59.41 -19.68
C SER K 104 9.15 59.71 -20.88
N THR K 105 10.23 58.95 -21.04
CA THR K 105 11.09 59.16 -22.21
C THR K 105 10.55 58.43 -23.44
N TYR K 106 9.91 57.28 -23.26
CA TYR K 106 9.29 56.55 -24.36
C TYR K 106 7.80 56.46 -24.08
N ASN K 107 7.07 57.51 -24.42
CA ASN K 107 5.61 57.53 -24.31
C ASN K 107 4.91 57.57 -25.66
N HIS K 108 5.42 58.33 -26.63
CA HIS K 108 4.68 58.58 -27.86
C HIS K 108 5.43 58.11 -29.10
N ASP K 109 5.96 56.89 -29.08
CA ASP K 109 6.70 56.38 -30.22
C ASP K 109 6.26 54.96 -30.55
N ARG K 110 6.31 54.64 -31.84
CA ARG K 110 5.77 53.38 -32.34
C ARG K 110 6.49 52.19 -31.72
N VAL K 111 5.71 51.19 -31.34
CA VAL K 111 6.24 49.93 -30.85
C VAL K 111 6.01 48.86 -31.90
N ASN K 112 6.95 47.94 -32.01
CA ASN K 112 6.90 46.90 -33.04
C ASN K 112 5.90 45.82 -32.64
N VAL K 113 4.90 45.60 -33.49
CA VAL K 113 3.81 44.69 -33.14
C VAL K 113 4.29 43.24 -33.14
N PHE K 114 5.16 42.90 -34.09
CA PHE K 114 5.75 41.56 -34.10
C PHE K 114 6.44 41.26 -32.80
N VAL K 115 7.31 42.19 -32.38
CA VAL K 115 8.05 42.00 -31.15
C VAL K 115 7.11 41.93 -29.97
N ALA K 116 6.06 42.76 -29.96
CA ALA K 116 5.14 42.76 -28.82
C ALA K 116 4.43 41.41 -28.68
N ASN K 117 3.87 40.91 -29.78
CA ASN K 117 3.21 39.61 -29.73
C ASN K 117 4.19 38.50 -29.38
N ALA K 118 5.35 38.48 -30.03
CA ALA K 118 6.36 37.46 -29.74
C ALA K 118 6.83 37.54 -28.30
N LEU K 119 6.86 38.76 -27.74
CA LEU K 119 7.34 38.94 -26.38
C LEU K 119 6.36 38.37 -25.37
N VAL K 120 5.07 38.65 -25.55
CA VAL K 120 4.09 38.06 -24.64
C VAL K 120 4.07 36.54 -24.80
N GLY K 121 4.23 36.07 -26.04
CA GLY K 121 4.21 34.62 -26.26
C GLY K 121 5.40 33.92 -25.64
N ALA K 122 6.58 34.54 -25.71
CA ALA K 122 7.77 33.95 -25.12
C ALA K 122 7.73 34.04 -23.60
N PHE K 123 7.19 35.13 -23.06
CA PHE K 123 7.10 35.24 -21.61
C PHE K 123 6.12 34.23 -21.04
N LEU K 124 4.99 34.00 -21.72
CA LEU K 124 4.01 33.06 -21.22
C LEU K 124 4.51 31.62 -21.25
N SER K 125 5.55 31.33 -22.04
CA SER K 125 6.07 29.98 -22.17
C SER K 125 7.48 29.82 -21.64
N ASN K 126 8.08 30.89 -21.11
CA ASN K 126 9.42 30.82 -20.52
C ASN K 126 10.47 30.42 -21.55
N GLN K 127 10.60 31.25 -22.58
CA GLN K 127 11.48 30.96 -23.70
C GLN K 127 12.50 32.06 -23.93
N ALA K 128 13.04 32.63 -22.84
CA ALA K 128 14.14 33.59 -22.90
C ALA K 128 13.75 34.81 -23.75
N PHE K 129 12.77 35.55 -23.23
CA PHE K 129 12.23 36.69 -23.95
C PHE K 129 13.16 37.89 -24.01
N TYR K 130 14.29 37.86 -23.29
CA TYR K 130 15.14 39.03 -23.20
C TYR K 130 15.69 39.44 -24.56
N ASP K 131 15.98 38.46 -25.42
CA ASP K 131 16.46 38.77 -26.77
C ASP K 131 15.47 39.59 -27.57
N LEU K 132 14.19 39.56 -27.20
CA LEU K 132 13.16 40.35 -27.86
C LEU K 132 13.06 41.77 -27.33
N LEU K 133 13.56 42.03 -26.13
CA LEU K 133 13.34 43.34 -25.51
C LEU K 133 14.00 44.49 -26.25
N PRO K 134 15.27 44.42 -26.66
CA PRO K 134 15.87 45.57 -27.36
C PRO K 134 15.33 45.79 -28.77
N LEU K 135 14.35 45.01 -29.23
CA LEU K 135 13.75 45.18 -30.53
C LEU K 135 12.34 45.76 -30.46
N LEU K 136 11.91 46.20 -29.28
CA LEU K 136 10.51 46.54 -29.08
C LEU K 136 10.13 47.88 -29.70
N ILE K 137 11.08 48.81 -29.81
CA ILE K 137 10.82 50.14 -30.36
C ILE K 137 11.29 50.19 -31.80
N VAL K 138 10.41 50.59 -32.70
CA VAL K 138 10.69 50.53 -34.13
C VAL K 138 11.57 51.70 -34.55
N ASN K 139 12.25 51.52 -35.68
CA ASN K 139 12.96 52.63 -36.32
C ASN K 139 13.09 52.39 -37.82
N ASP K 140 12.47 53.26 -38.59
CA ASP K 140 12.58 53.35 -40.05
C ASP K 140 11.78 52.27 -40.78
N THR K 141 11.32 51.23 -40.08
CA THR K 141 10.34 50.30 -40.64
C THR K 141 10.05 49.23 -39.59
N MET K 142 8.84 48.67 -39.62
CA MET K 142 8.50 47.57 -38.72
C MET K 142 8.90 46.22 -39.29
N ILE K 143 9.36 46.16 -40.53
CA ILE K 143 9.80 44.93 -41.18
C ILE K 143 11.30 44.93 -41.41
N SER K 144 11.84 46.03 -41.93
CA SER K 144 13.28 46.09 -42.20
C SER K 144 14.08 45.99 -40.92
N ASP K 145 13.51 46.41 -39.80
CA ASP K 145 14.19 46.25 -38.52
C ASP K 145 14.45 44.78 -38.22
N LEU K 146 13.44 43.93 -38.43
CA LEU K 146 13.60 42.50 -38.19
C LEU K 146 14.42 41.84 -39.29
N LEU K 147 14.39 42.37 -40.51
CA LEU K 147 15.26 41.83 -41.55
C LEU K 147 16.73 42.13 -41.27
N GLY K 148 17.01 43.28 -40.66
CA GLY K 148 18.38 43.68 -40.40
C GLY K 148 18.92 43.23 -39.07
N THR K 149 18.03 42.87 -38.14
CA THR K 149 18.49 42.38 -36.86
C THR K 149 19.30 41.10 -37.03
N GLY K 150 20.18 40.85 -36.07
CA GLY K 150 21.01 39.66 -36.11
C GLY K 150 20.81 38.77 -34.90
N ALA K 151 19.79 39.07 -34.11
CA ALA K 151 19.51 38.26 -32.94
C ALA K 151 19.10 36.85 -33.34
N ALA K 152 19.44 35.88 -32.50
CA ALA K 152 19.17 34.48 -32.78
C ALA K 152 17.80 34.13 -32.23
N LEU K 153 16.78 34.31 -33.06
CA LEU K 153 15.40 34.00 -32.67
C LEU K 153 14.66 33.51 -33.91
N SER K 154 14.61 32.19 -34.06
CA SER K 154 13.97 31.57 -35.21
C SER K 154 12.72 30.80 -34.85
N GLN K 155 12.35 30.74 -33.57
CA GLN K 155 11.05 30.17 -33.22
C GLN K 155 9.93 31.05 -33.72
N PHE K 156 10.19 32.34 -33.92
CA PHE K 156 9.16 33.32 -34.19
C PHE K 156 9.20 33.87 -35.61
N PHE K 157 10.38 33.98 -36.21
CA PHE K 157 10.50 34.50 -37.56
C PHE K 157 11.92 34.31 -38.04
N GLN K 158 12.08 34.36 -39.36
CA GLN K 158 13.39 34.14 -39.98
C GLN K 158 13.41 34.80 -41.34
N SER K 159 14.42 35.62 -41.59
CA SER K 159 14.50 36.39 -42.82
C SER K 159 15.00 35.52 -43.97
N HIS K 160 14.64 35.92 -45.18
CA HIS K 160 15.03 35.23 -46.41
C HIS K 160 15.53 36.23 -47.45
N GLY K 161 16.27 37.25 -47.01
CA GLY K 161 16.76 38.22 -47.97
C GLY K 161 15.67 39.10 -48.54
N GLU K 162 15.14 40.00 -47.72
CA GLU K 162 14.06 40.94 -48.05
C GLU K 162 12.67 40.30 -47.98
N VAL K 163 12.54 39.12 -47.39
CA VAL K 163 11.22 38.51 -47.20
C VAL K 163 11.14 37.93 -45.80
N LEU K 164 10.52 38.66 -44.89
CA LEU K 164 10.39 38.19 -43.51
C LEU K 164 9.31 37.11 -43.44
N GLU K 165 9.58 36.08 -42.66
CA GLU K 165 8.67 34.95 -42.48
C GLU K 165 8.31 34.82 -41.01
N VAL K 166 7.06 35.09 -40.67
CA VAL K 166 6.57 34.94 -39.31
C VAL K 166 5.52 33.85 -39.29
N ALA K 167 5.41 33.18 -38.14
CA ALA K 167 4.46 32.09 -37.97
C ALA K 167 3.23 32.61 -37.24
N ALA K 168 2.10 32.61 -37.93
CA ALA K 168 0.85 33.05 -37.32
C ALA K 168 0.43 32.10 -36.21
N GLY K 169 -0.29 32.63 -35.22
CA GLY K 169 -0.70 31.79 -34.12
C GLY K 169 -1.95 32.15 -33.35
N ARG K 170 -2.86 31.18 -33.23
CA ARG K 170 -3.89 31.13 -32.19
C ARG K 170 -4.71 32.42 -32.10
N LYS K 171 -5.50 32.65 -33.14
CA LYS K 171 -6.58 33.62 -33.03
C LYS K 171 -7.54 33.25 -31.89
N TYR K 172 -7.75 31.96 -31.66
CA TYR K 172 -8.70 31.46 -30.68
C TYR K 172 -7.95 30.73 -29.57
N LEU K 173 -8.71 30.12 -28.67
CA LEU K 173 -8.13 29.34 -27.59
C LEU K 173 -9.18 28.45 -26.96
N GLN K 174 -8.83 27.21 -26.67
CA GLN K 174 -9.79 26.19 -26.27
C GLN K 174 -9.69 25.89 -24.78
N MET K 175 -10.83 25.56 -24.19
CA MET K 175 -10.93 25.25 -22.78
C MET K 175 -11.20 23.75 -22.60
N ASN K 176 -11.39 23.34 -21.34
CA ASN K 176 -11.60 21.92 -21.06
C ASN K 176 -13.00 21.47 -21.46
N ASN K 177 -14.02 22.25 -21.12
CA ASN K 177 -15.39 21.85 -21.40
C ASN K 177 -15.77 21.97 -22.87
N TYR K 178 -14.86 22.41 -23.72
CA TYR K 178 -15.08 22.38 -25.17
C TYR K 178 -14.84 20.97 -25.65
N SER K 179 -15.90 20.25 -25.98
CA SER K 179 -15.79 18.90 -26.53
C SER K 179 -16.65 18.80 -27.77
N ASN K 180 -16.13 19.30 -28.89
CA ASN K 180 -16.61 19.08 -30.26
C ASN K 180 -18.13 19.02 -30.39
N ASP K 181 -18.84 19.89 -29.68
CA ASP K 181 -20.28 19.78 -29.63
C ASP K 181 -20.91 20.47 -30.84
N ASP K 182 -22.14 20.04 -31.17
CA ASP K 182 -22.85 20.63 -32.29
C ASP K 182 -23.24 22.08 -32.03
N ASP K 183 -23.21 22.53 -30.78
CA ASP K 183 -23.51 23.91 -30.45
C ASP K 183 -22.28 24.71 -30.04
N ASP K 184 -21.11 24.08 -29.98
CA ASP K 184 -19.90 24.81 -29.69
C ASP K 184 -19.50 25.68 -30.88
N PRO K 185 -18.84 26.80 -30.64
CA PRO K 185 -18.43 27.67 -31.74
C PRO K 185 -17.30 27.06 -32.53
N PRO K 186 -17.32 27.14 -33.85
CA PRO K 186 -16.21 26.61 -34.65
C PRO K 186 -14.99 27.50 -34.51
N LEU K 187 -13.82 26.87 -34.47
CA LEU K 187 -12.57 27.59 -34.27
C LEU K 187 -11.74 27.72 -35.55
N PHE K 188 -12.09 27.00 -36.61
CA PHE K 188 -11.50 27.19 -37.93
C PHE K 188 -10.01 26.87 -37.94
N ALA K 189 -9.57 25.96 -37.09
CA ALA K 189 -8.19 25.47 -37.02
C ALA K 189 -7.22 26.50 -36.50
N LYS K 190 -7.67 27.71 -36.14
CA LYS K 190 -6.79 28.74 -35.65
C LYS K 190 -6.57 28.65 -34.15
N ASP K 191 -6.77 27.49 -33.55
CA ASP K 191 -6.59 27.33 -32.12
C ASP K 191 -5.32 26.57 -31.76
N LEU K 192 -4.72 25.85 -32.70
CA LEU K 192 -3.49 25.11 -32.45
C LEU K 192 -2.29 25.86 -33.02
N SER K 193 -1.11 25.30 -32.78
CA SER K 193 0.16 26.01 -32.92
C SER K 193 0.41 26.58 -34.31
N ASP K 194 0.54 25.72 -35.32
CA ASP K 194 1.00 26.14 -36.64
C ASP K 194 -0.02 25.72 -37.70
N TYR K 195 -0.80 26.68 -38.18
CA TYR K 195 -1.77 26.44 -39.23
C TYR K 195 -1.43 27.16 -40.53
N ALA K 196 -0.45 28.04 -40.52
CA ALA K 196 -0.06 28.78 -41.71
C ALA K 196 1.19 29.57 -41.38
N LYS K 197 1.83 30.09 -42.44
CA LYS K 197 2.99 30.95 -42.31
C LYS K 197 2.74 32.23 -43.10
N ALA K 198 3.25 33.33 -42.58
CA ALA K 198 3.07 34.65 -43.18
C ALA K 198 4.40 35.15 -43.71
N PHE K 199 4.44 35.54 -44.98
CA PHE K 199 5.64 36.04 -45.63
C PHE K 199 5.44 37.52 -45.89
N TYR K 200 6.06 38.37 -45.08
CA TYR K 200 5.91 39.80 -45.26
C TYR K 200 7.07 40.34 -46.08
N SER K 201 6.77 41.32 -46.93
CA SER K 201 7.82 42.00 -47.69
C SER K 201 7.38 43.44 -47.91
N ASP K 202 8.05 44.12 -48.83
CA ASP K 202 7.71 45.49 -49.17
C ASP K 202 7.00 45.62 -50.50
N THR K 203 7.17 44.65 -51.40
CA THR K 203 6.55 44.73 -52.72
C THR K 203 6.07 43.36 -53.16
N TYR K 204 4.88 43.34 -53.76
CA TYR K 204 4.32 42.09 -54.24
C TYR K 204 5.16 41.48 -55.36
N GLU K 205 5.94 42.30 -56.07
CA GLU K 205 6.87 41.74 -57.04
C GLU K 205 7.92 40.89 -56.35
N VAL K 206 8.49 41.40 -55.26
CA VAL K 206 9.48 40.64 -54.51
C VAL K 206 8.85 39.36 -53.95
N LEU K 207 7.62 39.45 -53.45
CA LEU K 207 6.97 38.25 -52.93
C LEU K 207 6.75 37.22 -54.03
N ASP K 208 6.23 37.67 -55.18
CA ASP K 208 5.97 36.75 -56.29
C ASP K 208 7.26 36.10 -56.76
N ARG K 209 8.37 36.84 -56.75
CA ARG K 209 9.63 36.22 -57.13
C ARG K 209 10.11 35.26 -56.04
N PHE K 210 9.79 35.54 -54.78
CA PHE K 210 10.12 34.59 -53.72
C PHE K 210 9.42 33.26 -53.94
N PHE K 211 8.17 33.28 -54.35
CA PHE K 211 7.43 32.04 -54.52
C PHE K 211 7.71 31.31 -55.82
N TRP K 212 8.83 31.60 -56.49
CA TRP K 212 9.23 30.74 -57.60
C TRP K 212 9.96 29.51 -57.10
N THR K 213 10.84 29.67 -56.11
CA THR K 213 11.62 28.58 -55.54
C THR K 213 11.05 28.12 -54.21
N HIS K 214 9.76 28.34 -53.97
CA HIS K 214 9.09 27.90 -52.77
C HIS K 214 7.87 27.10 -53.18
N ASP K 215 7.58 26.05 -52.41
CA ASP K 215 6.46 25.17 -52.74
C ASP K 215 5.16 25.83 -52.33
N SER K 216 4.32 26.16 -53.31
CA SER K 216 2.99 26.68 -53.05
C SER K 216 2.00 25.71 -53.68
N SER K 217 1.68 24.65 -52.93
CA SER K 217 0.73 23.64 -53.37
C SER K 217 -0.50 23.56 -52.49
N ALA K 218 -0.42 23.99 -51.24
CA ALA K 218 -1.58 24.12 -50.37
C ALA K 218 -2.33 25.42 -50.61
N GLY K 219 -1.97 26.16 -51.65
CA GLY K 219 -2.60 27.44 -51.93
C GLY K 219 -2.03 28.57 -51.10
N VAL K 220 -1.78 29.71 -51.73
CA VAL K 220 -1.25 30.90 -51.06
C VAL K 220 -2.30 31.99 -51.15
N LEU K 221 -2.53 32.68 -50.04
CA LEU K 221 -3.65 33.60 -49.90
C LEU K 221 -3.12 35.00 -49.65
N VAL K 222 -3.69 35.97 -50.34
CA VAL K 222 -3.27 37.36 -50.20
C VAL K 222 -4.42 38.13 -49.56
N HIS K 223 -4.23 39.39 -49.28
CA HIS K 223 -5.40 40.06 -48.72
C HIS K 223 -5.78 41.35 -49.44
N TYR K 224 -4.79 42.15 -49.85
CA TYR K 224 -4.99 43.25 -50.80
C TYR K 224 -5.72 44.47 -50.27
N ASP K 225 -6.35 44.37 -49.10
CA ASP K 225 -7.18 45.50 -48.71
C ASP K 225 -6.49 46.38 -47.69
N LYS K 226 -6.16 45.81 -46.54
CA LYS K 226 -5.51 46.55 -45.46
C LYS K 226 -4.93 45.53 -44.50
N PRO K 227 -3.89 44.82 -44.92
CA PRO K 227 -3.37 43.70 -44.12
C PRO K 227 -2.83 44.19 -42.78
N THR K 228 -2.54 43.20 -41.92
CA THR K 228 -2.27 43.50 -40.52
C THR K 228 -1.04 44.36 -40.36
N ASN K 229 0.09 43.94 -40.91
CA ASN K 229 1.34 44.63 -40.67
C ASN K 229 2.09 44.87 -41.96
N GLY K 230 1.36 45.20 -43.02
CA GLY K 230 1.96 45.47 -44.31
C GLY K 230 1.65 44.36 -45.29
N ASN K 231 2.19 44.53 -46.50
CA ASN K 231 1.91 43.60 -47.59
C ASN K 231 2.39 42.20 -47.25
N HIS K 232 1.62 41.19 -47.64
CA HIS K 232 2.06 39.83 -47.34
C HIS K 232 1.15 38.81 -47.98
N TYR K 233 1.71 37.62 -48.21
CA TYR K 233 0.99 36.43 -48.60
C TYR K 233 0.85 35.51 -47.40
N ILE K 234 -0.11 34.60 -47.48
CA ILE K 234 -0.34 33.58 -46.46
C ILE K 234 -0.26 32.22 -47.14
N LEU K 235 0.39 31.27 -46.48
CA LEU K 235 0.49 29.90 -46.95
C LEU K 235 0.07 28.97 -45.83
N GLY K 236 -1.01 28.22 -46.06
CA GLY K 236 -1.54 27.33 -45.04
C GLY K 236 -0.85 25.98 -45.06
N THR K 237 -0.66 25.43 -43.87
CA THR K 237 -0.08 24.09 -43.73
C THR K 237 -1.17 23.06 -44.02
N LEU K 238 -0.89 21.80 -43.70
CA LEU K 238 -1.80 20.70 -44.01
C LEU K 238 -2.54 20.18 -42.78
N THR K 239 -2.62 20.98 -41.71
CA THR K 239 -3.43 20.58 -40.57
C THR K 239 -4.90 20.56 -40.97
N GLN K 240 -5.74 20.09 -40.06
CA GLN K 240 -7.15 19.90 -40.39
C GLN K 240 -8.02 20.30 -39.20
N MET K 241 -9.22 20.78 -39.53
CA MET K 241 -10.22 21.10 -38.53
C MET K 241 -11.16 19.92 -38.37
N VAL K 242 -11.44 19.55 -37.11
CA VAL K 242 -12.20 18.34 -36.83
C VAL K 242 -13.59 18.64 -36.27
N SER K 243 -13.81 19.82 -35.69
CA SER K 243 -15.07 20.09 -35.01
C SER K 243 -16.17 20.48 -36.00
N ALA K 244 -16.38 19.65 -37.01
CA ALA K 244 -17.46 19.77 -37.98
C ALA K 244 -17.59 18.40 -38.62
N PRO K 245 -18.25 17.46 -37.95
CA PRO K 245 -17.94 16.02 -38.12
C PRO K 245 -18.02 15.53 -39.56
N PRO K 246 -19.09 15.84 -40.30
CA PRO K 246 -19.19 15.28 -41.67
C PRO K 246 -18.07 15.70 -42.60
N HIS K 247 -17.34 16.76 -42.28
CA HIS K 247 -16.31 17.29 -43.17
C HIS K 247 -15.01 17.48 -42.39
N ILE K 248 -13.91 17.48 -43.13
CA ILE K 248 -12.59 17.76 -42.56
C ILE K 248 -11.85 18.66 -43.55
N ILE K 249 -11.52 19.87 -43.12
CA ILE K 249 -10.94 20.89 -43.96
C ILE K 249 -9.51 21.13 -43.52
N ASN K 250 -8.63 21.39 -44.49
CA ASN K 250 -7.19 21.41 -44.26
C ASN K 250 -6.66 22.83 -44.01
N ALA K 251 -7.50 23.68 -43.44
CA ALA K 251 -7.12 24.98 -42.88
C ALA K 251 -6.78 26.03 -43.91
N THR K 252 -6.45 25.63 -45.13
CA THR K 252 -6.38 26.60 -46.21
C THR K 252 -7.75 26.80 -46.82
N ASP K 253 -8.64 25.83 -46.64
CA ASP K 253 -10.06 26.06 -46.83
C ASP K 253 -10.68 26.68 -45.59
N ALA K 254 -10.09 26.44 -44.42
CA ALA K 254 -10.67 26.97 -43.17
C ALA K 254 -10.54 28.48 -43.10
N LEU K 255 -9.32 29.00 -43.33
CA LEU K 255 -9.14 30.45 -43.34
C LEU K 255 -10.06 31.10 -44.36
N LEU K 256 -10.16 30.50 -45.54
CA LEU K 256 -10.96 31.10 -46.61
C LEU K 256 -12.43 31.07 -46.28
N LEU K 257 -12.90 29.96 -45.68
CA LEU K 257 -14.30 29.86 -45.28
C LEU K 257 -14.64 30.86 -44.19
N GLU K 258 -13.75 31.01 -43.21
CA GLU K 258 -14.00 31.96 -42.13
C GLU K 258 -14.14 33.37 -42.69
N SER K 259 -13.16 33.81 -43.48
CA SER K 259 -13.21 35.17 -44.02
C SER K 259 -14.43 35.36 -44.92
N CYS K 260 -14.77 34.31 -45.68
CA CYS K 260 -15.90 34.41 -46.60
C CYS K 260 -17.21 34.60 -45.85
N LEU K 261 -17.45 33.77 -44.83
CA LEU K 261 -18.65 33.96 -44.02
C LEU K 261 -18.65 35.31 -43.31
N GLU K 262 -17.49 35.77 -42.86
CA GLU K 262 -17.44 37.09 -42.22
C GLU K 262 -17.83 38.20 -43.19
N GLN K 263 -17.39 38.10 -44.44
CA GLN K 263 -17.78 39.11 -45.42
C GLN K 263 -19.27 39.03 -45.77
N PHE K 264 -19.82 37.82 -45.88
CA PHE K 264 -21.25 37.72 -46.09
C PHE K 264 -22.04 38.34 -44.93
N ALA K 265 -21.56 38.13 -43.70
CA ALA K 265 -22.20 38.78 -42.56
C ALA K 265 -22.12 40.29 -42.68
N ALA K 266 -20.94 40.80 -43.06
CA ALA K 266 -20.76 42.25 -43.14
C ALA K 266 -21.59 42.87 -44.23
N ASN K 267 -21.88 42.13 -45.32
CA ASN K 267 -22.69 42.70 -46.39
C ASN K 267 -24.11 43.00 -45.93
N VAL K 268 -24.70 42.12 -45.12
CA VAL K 268 -26.09 42.29 -44.72
C VAL K 268 -26.27 43.43 -43.73
N ARG K 269 -25.24 43.78 -42.96
CA ARG K 269 -25.36 44.77 -41.90
C ARG K 269 -24.83 46.14 -42.30
N ALA K 270 -24.57 46.37 -43.58
CA ALA K 270 -24.15 47.70 -44.02
C ALA K 270 -25.27 48.70 -43.82
N ARG K 271 -24.90 49.94 -43.52
CA ARG K 271 -25.89 50.97 -43.26
C ARG K 271 -25.60 52.31 -43.90
N SER K 272 -24.48 52.47 -44.61
CA SER K 272 -24.15 53.68 -45.35
C SER K 272 -23.74 54.83 -44.44
N ALA K 273 -23.82 54.63 -43.12
CA ALA K 273 -23.38 55.64 -42.18
C ALA K 273 -22.64 55.03 -41.00
N GLN K 274 -22.26 53.76 -41.08
CA GLN K 274 -21.58 53.07 -39.98
C GLN K 274 -20.28 52.47 -40.52
N PRO K 275 -19.13 53.04 -40.19
CA PRO K 275 -17.89 52.57 -40.80
C PRO K 275 -17.50 51.19 -40.30
N VAL K 276 -16.77 50.47 -41.16
CA VAL K 276 -16.21 49.18 -40.83
C VAL K 276 -14.69 49.30 -40.82
N THR K 277 -14.05 48.35 -40.15
CA THR K 277 -12.60 48.35 -40.08
C THR K 277 -11.94 47.86 -41.36
N ARG K 278 -12.72 47.38 -42.32
CA ARG K 278 -12.17 46.81 -43.54
C ARG K 278 -13.26 46.58 -44.57
N LEU K 279 -13.01 46.94 -45.83
CA LEU K 279 -14.06 46.89 -46.83
C LEU K 279 -14.33 45.47 -47.33
N ASP K 280 -13.31 44.61 -47.38
CA ASP K 280 -13.53 43.20 -47.69
C ASP K 280 -12.64 42.33 -46.82
N GLN K 281 -13.15 41.15 -46.48
CA GLN K 281 -12.43 40.21 -45.64
C GLN K 281 -11.91 39.00 -46.39
N CYS K 282 -12.37 38.78 -47.63
CA CYS K 282 -12.00 37.59 -48.37
C CYS K 282 -10.50 37.58 -48.67
N TYR K 283 -10.01 36.45 -49.17
CA TYR K 283 -8.58 36.25 -49.40
C TYR K 283 -8.15 36.32 -50.86
N HIS K 284 -8.92 35.73 -51.78
CA HIS K 284 -8.45 35.67 -53.16
C HIS K 284 -7.14 34.91 -53.30
N LEU K 285 -7.21 33.58 -53.17
CA LEU K 285 -6.13 32.67 -53.50
C LEU K 285 -5.37 33.12 -54.75
N ARG K 286 -4.04 33.15 -54.65
CA ARG K 286 -3.20 33.82 -55.62
C ARG K 286 -2.44 32.87 -56.54
N TRP K 287 -1.73 31.88 -56.01
CA TRP K 287 -0.84 31.07 -56.83
C TRP K 287 -1.28 29.63 -57.02
N GLY K 288 -1.51 28.88 -55.94
CA GLY K 288 -1.58 27.44 -56.05
C GLY K 288 -2.77 26.83 -56.76
N ALA K 289 -3.53 27.64 -57.50
CA ALA K 289 -4.80 27.15 -58.06
C ALA K 289 -4.60 26.01 -59.04
N GLN K 290 -3.42 25.92 -59.66
CA GLN K 290 -3.14 24.81 -60.57
C GLN K 290 -3.24 23.45 -59.88
N TYR K 291 -3.06 23.39 -58.57
CA TYR K 291 -3.17 22.14 -57.84
C TYR K 291 -4.59 21.84 -57.39
N VAL K 292 -5.54 22.74 -57.61
CA VAL K 292 -6.93 22.54 -57.19
C VAL K 292 -7.84 23.03 -58.32
N GLY K 293 -8.48 22.09 -58.99
CA GLY K 293 -9.32 22.38 -60.13
C GLY K 293 -10.80 22.42 -59.76
N GLU K 294 -11.63 21.94 -60.68
CA GLU K 294 -13.07 21.93 -60.49
C GLU K 294 -13.42 21.10 -59.25
N ASP K 295 -14.68 21.24 -58.83
CA ASP K 295 -15.37 20.50 -57.77
C ASP K 295 -14.50 20.21 -56.54
N SER K 296 -13.66 21.17 -56.17
CA SER K 296 -12.89 21.10 -54.93
C SER K 296 -13.34 22.22 -54.01
N LEU K 297 -13.28 21.94 -52.71
CA LEU K 297 -13.77 22.91 -51.73
C LEU K 297 -13.02 24.23 -51.83
N THR K 298 -11.72 24.19 -52.13
CA THR K 298 -10.96 25.43 -52.27
C THR K 298 -11.45 26.25 -53.45
N TYR K 299 -11.73 25.60 -54.58
CA TYR K 299 -12.22 26.33 -55.75
C TYR K 299 -13.59 26.92 -55.47
N ARG K 300 -14.49 26.13 -54.88
CA ARG K 300 -15.83 26.65 -54.58
C ARG K 300 -15.77 27.79 -53.59
N LEU K 301 -14.89 27.71 -52.59
CA LEU K 301 -14.76 28.80 -51.63
C LEU K 301 -14.15 30.03 -52.29
N GLY K 302 -13.25 29.86 -53.24
CA GLY K 302 -12.76 31.01 -53.99
C GLY K 302 -13.87 31.70 -54.74
N VAL K 303 -14.74 30.93 -55.39
CA VAL K 303 -15.88 31.53 -56.10
C VAL K 303 -16.78 32.27 -55.13
N LEU K 304 -17.09 31.65 -53.99
CA LEU K 304 -17.97 32.30 -53.03
C LEU K 304 -17.34 33.56 -52.46
N SER K 305 -16.03 33.55 -52.24
CA SER K 305 -15.39 34.75 -51.72
C SER K 305 -15.40 35.87 -52.74
N LEU K 306 -15.21 35.54 -54.02
CA LEU K 306 -15.34 36.56 -55.06
C LEU K 306 -16.75 37.14 -55.07
N LEU K 307 -17.76 36.28 -54.95
CA LEU K 307 -19.14 36.77 -54.95
C LEU K 307 -19.39 37.68 -53.75
N ALA K 308 -18.93 37.27 -52.57
CA ALA K 308 -19.14 38.08 -51.37
C ALA K 308 -18.42 39.42 -51.48
N THR K 309 -17.24 39.43 -52.09
CA THR K 309 -16.53 40.69 -52.29
C THR K 309 -17.29 41.60 -53.23
N ASN K 310 -17.82 41.05 -54.32
CA ASN K 310 -18.61 41.89 -55.22
C ASN K 310 -19.92 42.35 -54.59
N GLY K 311 -20.42 41.64 -53.59
CA GLY K 311 -21.51 42.20 -52.80
C GLY K 311 -22.78 41.38 -52.72
N TYR K 312 -22.69 40.09 -52.99
CA TYR K 312 -23.85 39.23 -52.90
C TYR K 312 -24.23 39.00 -51.44
N GLN K 313 -25.32 38.26 -51.23
CA GLN K 313 -25.84 38.02 -49.90
C GLN K 313 -26.46 36.63 -49.86
N LEU K 314 -26.38 35.98 -48.71
CA LEU K 314 -26.96 34.65 -48.55
C LEU K 314 -28.45 34.75 -48.28
N ALA K 315 -29.23 33.89 -48.94
CA ALA K 315 -30.66 33.87 -48.73
C ALA K 315 -31.02 33.37 -47.34
N ARG K 316 -30.15 32.57 -46.72
CA ARG K 316 -30.44 32.13 -45.37
C ARG K 316 -29.74 33.02 -44.36
N PRO K 317 -30.41 33.42 -43.28
CA PRO K 317 -29.77 34.31 -42.30
C PRO K 317 -28.68 33.57 -41.54
N ILE K 318 -27.50 34.17 -41.50
CA ILE K 318 -26.37 33.59 -40.77
C ILE K 318 -26.39 34.13 -39.34
N PRO K 319 -26.29 33.28 -38.33
CA PRO K 319 -26.41 33.74 -36.95
C PRO K 319 -25.26 34.67 -36.56
N LYS K 320 -25.39 35.24 -35.37
CA LYS K 320 -24.36 36.15 -34.88
C LYS K 320 -23.20 35.39 -34.24
N GLN K 321 -23.46 34.21 -33.68
CA GLN K 321 -22.44 33.34 -33.12
C GLN K 321 -22.56 31.98 -33.81
N LEU K 322 -21.64 31.70 -34.73
CA LEU K 322 -21.72 30.48 -35.52
C LEU K 322 -21.68 29.24 -34.63
N THR K 323 -22.12 28.13 -35.19
CA THR K 323 -22.09 26.86 -34.49
C THR K 323 -21.60 25.77 -35.44
N ASN K 324 -21.14 24.68 -34.85
CA ASN K 324 -20.59 23.59 -35.64
C ASN K 324 -21.64 22.99 -36.57
N ARG K 325 -22.87 22.85 -36.09
CA ARG K 325 -23.90 22.26 -36.94
C ARG K 325 -24.24 23.16 -38.11
N TRP K 326 -24.32 24.47 -37.87
CA TRP K 326 -24.60 25.40 -38.96
C TRP K 326 -23.48 25.37 -39.99
N LEU K 327 -22.23 25.41 -39.51
CA LEU K 327 -21.10 25.39 -40.43
C LEU K 327 -21.06 24.10 -41.23
N SER K 328 -21.38 22.97 -40.59
CA SER K 328 -21.42 21.70 -41.29
C SER K 328 -22.50 21.70 -42.37
N SER K 329 -23.68 22.24 -42.05
CA SER K 329 -24.74 22.29 -43.04
C SER K 329 -24.35 23.19 -44.22
N PHE K 330 -23.71 24.32 -43.93
CA PHE K 330 -23.30 25.22 -44.99
C PHE K 330 -22.27 24.59 -45.90
N VAL K 331 -21.28 23.91 -45.31
CA VAL K 331 -20.26 23.26 -46.13
C VAL K 331 -20.87 22.12 -46.94
N SER K 332 -21.82 21.39 -46.35
CA SER K 332 -22.49 20.34 -47.09
C SER K 332 -23.28 20.91 -48.26
N GLN K 333 -23.86 22.10 -48.09
CA GLN K 333 -24.54 22.73 -49.22
C GLN K 333 -23.54 23.17 -50.28
N VAL K 334 -22.39 23.72 -49.87
CA VAL K 334 -21.48 24.28 -50.85
C VAL K 334 -20.81 23.17 -51.67
N VAL K 335 -20.44 22.06 -51.03
CA VAL K 335 -19.90 20.91 -51.77
C VAL K 335 -21.10 20.02 -52.10
N SER K 336 -21.76 20.33 -53.20
CA SER K 336 -22.88 19.56 -53.69
C SER K 336 -22.87 19.60 -55.21
N ASP K 337 -23.98 19.21 -55.82
CA ASP K 337 -24.08 19.16 -57.28
C ASP K 337 -24.81 20.39 -57.79
N GLY K 338 -24.40 20.86 -58.97
CA GLY K 338 -24.92 22.09 -59.53
C GLY K 338 -23.87 22.82 -60.33
N ILE K 339 -24.16 24.06 -60.73
CA ILE K 339 -23.21 24.85 -61.50
C ILE K 339 -23.20 26.27 -60.97
N ASN K 340 -22.11 26.98 -61.28
CA ASN K 340 -22.02 28.40 -60.97
C ASN K 340 -22.92 29.18 -61.93
N GLU K 341 -24.01 29.73 -61.41
CA GLU K 341 -24.98 30.43 -62.24
C GLU K 341 -24.73 31.93 -62.28
N THR K 342 -23.51 32.37 -61.99
CA THR K 342 -23.21 33.78 -61.99
C THR K 342 -22.20 34.13 -63.09
N PRO K 343 -22.07 35.40 -63.45
CA PRO K 343 -21.07 35.80 -64.44
C PRO K 343 -19.65 35.85 -63.90
N LEU K 344 -19.44 35.60 -62.62
CA LEU K 344 -18.15 35.81 -61.98
C LEU K 344 -17.36 34.50 -61.96
N TRP K 345 -16.16 34.52 -62.53
CA TRP K 345 -15.26 33.39 -62.49
C TRP K 345 -13.92 33.84 -61.93
N PRO K 346 -13.31 33.08 -61.02
CA PRO K 346 -12.12 33.58 -60.34
C PRO K 346 -10.89 33.55 -61.23
N GLN K 347 -10.12 34.63 -61.17
CA GLN K 347 -8.83 34.76 -61.83
C GLN K 347 -7.72 34.59 -60.80
N GLU K 348 -6.49 34.83 -61.21
CA GLU K 348 -5.38 34.96 -60.28
C GLU K 348 -4.66 36.29 -60.35
N ARG K 349 -4.66 36.95 -61.51
CA ARG K 349 -3.97 38.22 -61.62
C ARG K 349 -4.54 39.26 -60.67
N TYR K 350 -5.84 39.21 -60.44
CA TYR K 350 -6.52 40.25 -59.69
C TYR K 350 -7.96 39.83 -59.46
N VAL K 351 -8.51 40.23 -58.33
CA VAL K 351 -9.91 39.99 -58.03
C VAL K 351 -10.74 41.06 -58.75
N GLN K 352 -11.46 40.66 -59.78
CA GLN K 352 -12.19 41.61 -60.60
C GLN K 352 -13.53 41.94 -59.96
N ILE K 353 -13.95 43.19 -60.14
CA ILE K 353 -15.20 43.70 -59.59
C ILE K 353 -16.11 44.08 -60.75
N ALA K 354 -17.38 43.71 -60.65
CA ALA K 354 -18.33 44.00 -61.71
C ALA K 354 -18.46 45.51 -61.91
N TYR K 355 -18.94 45.89 -63.09
CA TYR K 355 -19.04 47.30 -63.43
C TYR K 355 -20.03 48.04 -62.53
N ASP K 356 -21.04 47.34 -62.03
CA ASP K 356 -22.09 47.96 -61.24
C ASP K 356 -22.16 47.36 -59.84
N SER K 357 -21.02 46.98 -59.29
CA SER K 357 -21.07 46.54 -57.92
C SER K 357 -20.95 47.74 -56.98
N PRO K 358 -21.75 47.76 -55.91
CA PRO K 358 -21.73 48.91 -54.98
C PRO K 358 -20.47 49.01 -54.16
N SER K 359 -19.59 48.00 -54.19
CA SER K 359 -18.37 48.06 -53.41
C SER K 359 -17.45 49.14 -53.96
N VAL K 360 -16.82 49.87 -53.06
CA VAL K 360 -15.93 50.97 -53.42
C VAL K 360 -14.50 50.69 -52.99
N VAL K 361 -14.17 49.42 -52.75
CA VAL K 361 -12.87 49.10 -52.16
C VAL K 361 -11.73 49.44 -53.11
N ASP K 362 -11.96 49.34 -54.43
CA ASP K 362 -10.94 49.74 -55.38
C ASP K 362 -10.64 51.23 -55.31
N GLY K 363 -11.58 52.04 -54.81
CA GLY K 363 -11.29 53.44 -54.58
C GLY K 363 -10.41 53.71 -53.38
N ALA K 364 -10.26 52.72 -52.50
CA ALA K 364 -9.45 52.86 -51.30
C ALA K 364 -8.22 51.98 -51.30
N THR K 365 -7.96 51.24 -52.38
CA THR K 365 -6.82 50.36 -52.48
C THR K 365 -5.99 50.74 -53.70
N GLN K 366 -4.67 50.63 -53.55
CA GLN K 366 -3.76 51.04 -54.62
C GLN K 366 -3.42 49.92 -55.58
N TYR K 367 -3.60 48.67 -55.19
CA TYR K 367 -3.12 47.55 -56.01
C TYR K 367 -3.95 46.31 -55.73
N GLY K 368 -4.37 45.62 -56.79
CA GLY K 368 -5.03 44.33 -56.67
C GLY K 368 -6.45 44.28 -57.15
N TYR K 369 -7.06 45.41 -57.53
CA TYR K 369 -8.46 45.48 -57.88
C TYR K 369 -8.63 46.02 -59.30
N VAL K 370 -9.65 45.54 -59.99
CA VAL K 370 -9.94 45.97 -61.35
C VAL K 370 -11.44 45.90 -61.57
N ARG K 371 -12.01 46.96 -62.17
CA ARG K 371 -13.42 46.97 -62.52
C ARG K 371 -13.56 46.54 -63.96
N ARG K 372 -14.03 45.31 -64.18
CA ARG K 372 -14.28 44.82 -65.52
C ARG K 372 -15.49 45.53 -66.09
N ASN K 373 -15.26 46.43 -67.04
CA ASN K 373 -16.35 47.23 -67.59
C ASN K 373 -17.35 46.38 -68.36
N GLN K 374 -16.89 45.31 -69.00
CA GLN K 374 -17.72 44.55 -69.92
C GLN K 374 -18.40 43.35 -69.27
N LEU K 375 -18.62 43.38 -67.96
CA LEU K 375 -19.46 42.38 -67.29
C LEU K 375 -20.39 43.10 -66.33
N ARG K 376 -21.68 42.83 -66.46
CA ARG K 376 -22.71 43.50 -65.67
C ARG K 376 -23.45 42.50 -64.80
N LEU K 377 -24.08 43.03 -63.76
CA LEU K 377 -24.92 42.27 -62.84
C LEU K 377 -26.26 43.00 -62.75
N GLY K 378 -27.28 42.44 -63.38
CA GLY K 378 -28.55 43.14 -63.52
C GLY K 378 -29.33 43.35 -62.25
N MET K 379 -28.85 42.87 -61.11
CA MET K 379 -29.60 42.97 -59.87
C MET K 379 -29.38 44.32 -59.19
N ARG K 380 -30.42 44.78 -58.50
CA ARG K 380 -30.40 46.08 -57.85
C ARG K 380 -29.53 46.04 -56.60
N ILE K 381 -29.47 47.17 -55.90
CA ILE K 381 -28.64 47.32 -54.71
C ILE K 381 -29.52 47.68 -53.54
N SER K 382 -29.55 46.82 -52.52
CA SER K 382 -30.27 47.06 -51.29
C SER K 382 -29.94 45.96 -50.30
N ALA K 383 -29.90 46.31 -49.03
CA ALA K 383 -29.57 45.32 -48.00
C ALA K 383 -30.67 44.27 -47.89
N LEU K 384 -30.31 43.13 -47.32
CA LEU K 384 -31.29 42.08 -47.07
C LEU K 384 -32.34 42.56 -46.08
N GLN K 385 -33.61 42.42 -46.44
CA GLN K 385 -34.72 42.74 -45.56
C GLN K 385 -35.41 41.45 -45.16
N SER K 386 -35.20 41.04 -43.91
CA SER K 386 -35.74 39.79 -43.40
C SER K 386 -36.98 40.06 -42.57
N LEU K 387 -38.03 39.29 -42.80
CA LEU K 387 -39.24 39.37 -42.01
C LEU K 387 -39.03 38.65 -40.69
N SER K 388 -40.08 38.50 -39.90
CA SER K 388 -40.00 37.86 -38.60
C SER K 388 -40.57 36.45 -38.65
N ASP K 389 -40.23 35.67 -37.62
CA ASP K 389 -40.67 34.30 -37.51
C ASP K 389 -41.82 34.19 -36.52
N THR K 390 -42.68 33.19 -36.73
CA THR K 390 -43.80 32.94 -35.84
C THR K 390 -43.98 31.45 -35.62
N PRO K 391 -44.39 31.03 -34.43
CA PRO K 391 -44.46 29.61 -34.10
C PRO K 391 -45.71 28.90 -34.59
N ALA K 392 -46.59 29.57 -35.33
CA ALA K 392 -47.81 28.95 -35.80
C ALA K 392 -48.12 29.44 -37.21
N PRO K 393 -48.84 28.65 -38.00
CA PRO K 393 -49.15 29.06 -39.37
C PRO K 393 -50.11 30.23 -39.40
N VAL K 394 -50.03 31.01 -40.47
CA VAL K 394 -50.85 32.21 -40.63
C VAL K 394 -51.78 32.02 -41.82
N GLN K 395 -52.94 32.66 -41.74
CA GLN K 395 -53.92 32.56 -42.81
C GLN K 395 -53.38 33.20 -44.08
N TRP K 396 -53.91 32.75 -45.22
CA TRP K 396 -53.52 33.28 -46.51
C TRP K 396 -54.77 33.47 -47.36
N LEU K 397 -54.77 34.53 -48.16
CA LEU K 397 -55.88 34.84 -49.04
C LEU K 397 -55.38 34.91 -50.48
N PRO K 398 -55.85 34.03 -51.37
CA PRO K 398 -55.35 34.04 -52.74
C PRO K 398 -55.90 35.20 -53.54
N GLN K 399 -55.19 35.52 -54.62
CA GLN K 399 -55.60 36.56 -55.56
C GLN K 399 -55.27 36.07 -56.96
N TYR K 400 -56.12 36.43 -57.92
CA TYR K 400 -56.18 35.76 -59.20
C TYR K 400 -55.69 36.66 -60.33
N THR K 401 -55.29 35.99 -61.42
CA THR K 401 -54.77 36.67 -62.60
C THR K 401 -55.54 36.22 -63.84
N ILE K 402 -55.05 36.58 -65.02
CA ILE K 402 -55.81 36.38 -66.25
C ILE K 402 -55.54 35.00 -66.85
N ASP K 403 -54.30 34.53 -66.81
CA ASP K 403 -53.92 33.31 -67.50
C ASP K 403 -54.67 32.11 -66.94
N GLN K 404 -54.77 31.06 -67.77
CA GLN K 404 -55.59 29.90 -67.47
C GLN K 404 -54.91 28.64 -67.97
N VAL K 405 -55.29 27.51 -67.36
CA VAL K 405 -54.78 26.20 -67.77
C VAL K 405 -55.89 25.17 -67.62
N ALA K 406 -55.59 23.91 -67.97
CA ALA K 406 -56.58 22.85 -67.96
C ALA K 406 -56.81 22.31 -66.56
N VAL K 407 -58.08 22.04 -66.24
CA VAL K 407 -58.46 21.60 -64.91
C VAL K 407 -57.82 20.25 -64.61
N ASP K 408 -57.81 19.35 -65.59
CA ASP K 408 -57.14 18.06 -65.38
C ASP K 408 -55.65 18.24 -65.16
N GLU K 409 -55.03 19.22 -65.82
CA GLU K 409 -53.62 19.51 -65.56
C GLU K 409 -53.41 19.94 -64.12
N GLY K 410 -54.25 20.84 -63.64
CA GLY K 410 -54.15 21.27 -62.25
C GLY K 410 -54.36 20.12 -61.28
N ASP K 411 -55.30 19.23 -61.59
CA ASP K 411 -55.56 18.10 -60.71
C ASP K 411 -54.38 17.13 -60.70
N ALA K 412 -53.77 16.88 -61.85
CA ALA K 412 -52.59 16.03 -61.89
C ALA K 412 -51.44 16.65 -61.11
N MET K 413 -51.28 17.97 -61.21
CA MET K 413 -50.20 18.62 -60.48
C MET K 413 -50.43 18.56 -58.98
N VAL K 414 -51.67 18.77 -58.54
CA VAL K 414 -51.94 18.67 -57.10
C VAL K 414 -51.78 17.23 -56.63
N SER K 415 -52.09 16.26 -57.49
CA SER K 415 -51.84 14.86 -57.11
C SER K 415 -50.35 14.58 -56.99
N GLN K 416 -49.52 15.23 -57.81
CA GLN K 416 -48.08 15.07 -57.68
C GLN K 416 -47.59 15.71 -56.38
N LEU K 417 -48.10 16.87 -56.03
CA LEU K 417 -47.59 17.63 -54.88
C LEU K 417 -48.27 17.27 -53.57
N THR K 418 -49.31 16.44 -53.58
CA THR K 418 -50.13 16.28 -52.40
C THR K 418 -49.38 15.55 -51.28
N GLN K 419 -50.03 15.52 -50.10
CA GLN K 419 -49.61 14.73 -48.97
C GLN K 419 -50.81 14.11 -48.26
N LEU K 420 -51.87 13.79 -49.02
CA LEU K 420 -53.13 13.44 -48.40
C LEU K 420 -53.10 12.23 -47.47
N PRO K 421 -52.40 11.13 -47.76
CA PRO K 421 -52.53 9.95 -46.90
C PRO K 421 -51.97 10.17 -45.50
N LEU K 422 -52.72 10.89 -44.66
CA LEU K 422 -52.35 11.06 -43.26
C LEU K 422 -53.61 11.16 -42.42
N ARG K 423 -53.51 10.74 -41.17
CA ARG K 423 -54.66 10.74 -40.27
C ARG K 423 -54.69 12.06 -39.50
N PRO K 424 -55.64 12.94 -39.76
CA PRO K 424 -55.74 14.18 -38.99
C PRO K 424 -56.53 14.01 -37.71
N ASP K 425 -56.25 14.88 -36.74
CA ASP K 425 -57.07 14.93 -35.54
C ASP K 425 -58.48 15.34 -35.92
N TYR K 426 -59.46 14.55 -35.47
CA TYR K 426 -60.82 14.76 -35.95
C TYR K 426 -61.40 16.06 -35.43
N GLY K 427 -61.49 16.22 -34.12
CA GLY K 427 -61.99 17.44 -33.54
C GLY K 427 -63.27 17.24 -32.75
N SER K 428 -64.29 18.05 -33.05
CA SER K 428 -65.57 17.94 -32.37
C SER K 428 -66.64 18.58 -33.23
N ILE K 429 -67.68 17.82 -33.57
CA ILE K 429 -68.77 18.36 -34.38
C ILE K 429 -69.53 19.41 -33.59
N TRP K 430 -70.12 19.00 -32.48
CA TRP K 430 -71.01 19.82 -31.67
C TRP K 430 -70.37 20.07 -30.31
N ILE K 431 -70.61 21.26 -29.75
CA ILE K 431 -70.12 21.59 -28.42
C ILE K 431 -71.16 22.44 -27.71
N GLY K 432 -71.05 22.47 -26.39
CA GLY K 432 -71.90 23.28 -25.55
C GLY K 432 -72.82 22.43 -24.69
N GLU K 433 -73.88 23.08 -24.20
CA GLU K 433 -74.89 22.42 -23.39
C GLU K 433 -75.98 21.84 -24.30
N ALA K 434 -77.07 21.40 -23.70
CA ALA K 434 -78.15 20.77 -24.46
C ALA K 434 -79.20 21.80 -24.84
N LEU K 435 -79.90 21.51 -25.93
CA LEU K 435 -81.04 22.30 -26.38
C LEU K 435 -82.31 21.65 -25.88
N SER K 436 -83.16 22.44 -25.24
CA SER K 436 -84.41 21.94 -24.67
C SER K 436 -85.56 22.21 -25.61
N TYR K 437 -86.41 21.22 -25.80
CA TYR K 437 -87.58 21.33 -26.66
C TYR K 437 -88.73 20.64 -25.95
N TYR K 438 -89.80 21.38 -25.69
CA TYR K 438 -90.88 20.89 -24.84
C TYR K 438 -92.23 21.27 -25.44
N VAL K 439 -93.25 20.54 -25.01
CA VAL K 439 -94.64 20.88 -25.30
C VAL K 439 -95.50 20.33 -24.17
N ASP K 440 -96.31 21.20 -23.58
CA ASP K 440 -97.13 20.83 -22.44
C ASP K 440 -98.61 20.90 -22.81
N TYR K 441 -99.41 20.14 -22.07
CA TYR K 441 -100.82 20.01 -22.39
C TYR K 441 -101.55 21.33 -22.23
N ASN K 442 -102.47 21.61 -23.15
CA ASN K 442 -103.37 22.74 -23.04
C ASN K 442 -104.75 22.28 -23.50
N ARG K 443 -105.77 22.64 -22.73
CA ARG K 443 -107.12 22.13 -22.96
C ARG K 443 -107.80 22.79 -24.15
N SER K 444 -107.14 23.72 -24.82
CA SER K 444 -107.78 24.54 -25.84
C SER K 444 -107.36 24.20 -27.26
N HIS K 445 -106.34 23.35 -27.46
CA HIS K 445 -105.83 23.14 -28.81
C HIS K 445 -106.72 22.25 -29.65
N ARG K 446 -106.81 20.97 -29.30
CA ARG K 446 -107.46 20.02 -30.18
C ARG K 446 -107.38 18.64 -29.52
N VAL K 447 -108.23 17.73 -30.00
CA VAL K 447 -108.13 16.32 -29.66
C VAL K 447 -107.66 15.57 -30.90
N VAL K 448 -106.76 14.62 -30.70
CA VAL K 448 -106.20 13.83 -31.79
C VAL K 448 -105.96 12.41 -31.29
N LEU K 449 -106.30 11.44 -32.13
CA LEU K 449 -106.16 10.04 -31.75
C LEU K 449 -104.72 9.60 -31.87
N SER K 450 -104.36 8.59 -31.06
CA SER K 450 -102.99 8.07 -31.05
C SER K 450 -102.55 7.61 -32.42
N SER K 451 -103.47 6.99 -33.18
CA SER K 451 -103.15 6.51 -34.51
C SER K 451 -102.73 7.62 -35.47
N GLU K 452 -103.02 8.88 -35.14
CA GLU K 452 -102.62 10.00 -35.98
C GLU K 452 -101.25 10.54 -35.63
N LEU K 453 -100.52 9.92 -34.71
CA LEU K 453 -99.24 10.46 -34.33
C LEU K 453 -98.11 9.76 -35.06
N PRO K 454 -97.01 10.47 -35.32
CA PRO K 454 -95.84 9.82 -35.93
C PRO K 454 -95.13 8.93 -34.92
N GLN K 455 -94.33 8.01 -35.44
CA GLN K 455 -93.63 7.04 -34.61
C GLN K 455 -92.21 6.88 -35.12
N LEU K 456 -91.52 5.89 -34.57
CA LEU K 456 -90.14 5.63 -34.95
C LEU K 456 -90.07 5.25 -36.42
N PRO K 457 -89.03 5.69 -37.15
CA PRO K 457 -88.90 5.30 -38.55
C PRO K 457 -88.52 3.83 -38.68
N ASP K 458 -88.83 3.27 -39.84
CA ASP K 458 -88.57 1.86 -40.07
C ASP K 458 -87.06 1.57 -40.11
N THR K 459 -86.32 2.32 -40.92
CA THR K 459 -84.89 2.11 -41.07
C THR K 459 -84.11 2.81 -39.96
N TYR K 460 -84.38 2.39 -38.73
CA TYR K 460 -83.75 2.99 -37.57
C TYR K 460 -82.64 2.13 -36.98
N PHE K 461 -82.66 0.82 -37.22
CA PHE K 461 -81.66 -0.09 -36.68
C PHE K 461 -80.75 -0.65 -37.78
N ASP K 462 -80.49 0.13 -38.82
CA ASP K 462 -79.67 -0.32 -39.92
C ASP K 462 -78.20 0.03 -39.67
N GLY K 463 -77.33 -0.54 -40.52
CA GLY K 463 -75.91 -0.35 -40.34
C GLY K 463 -75.49 1.10 -40.49
N ASP K 464 -75.90 1.75 -41.58
CA ASP K 464 -75.55 3.14 -41.79
C ASP K 464 -76.19 4.05 -40.75
N GLU K 465 -77.40 3.72 -40.30
CA GLU K 465 -78.05 4.53 -39.27
C GLU K 465 -77.27 4.47 -37.97
N GLN K 466 -76.88 3.26 -37.55
CA GLN K 466 -76.07 3.12 -36.36
C GLN K 466 -74.72 3.80 -36.53
N TYR K 467 -74.15 3.75 -37.74
CA TYR K 467 -72.91 4.46 -38.01
C TYR K 467 -73.06 5.94 -37.75
N GLY K 468 -74.13 6.54 -38.29
CA GLY K 468 -74.34 7.96 -38.09
C GLY K 468 -74.51 8.32 -36.63
N ARG K 469 -75.34 7.56 -35.92
CA ARG K 469 -75.55 7.86 -34.50
C ARG K 469 -74.26 7.72 -33.71
N SER K 470 -73.47 6.67 -33.97
CA SER K 470 -72.24 6.48 -33.22
C SER K 470 -71.22 7.56 -33.55
N LEU K 471 -71.14 7.98 -34.80
CA LEU K 471 -70.22 9.06 -35.16
C LEU K 471 -70.60 10.34 -34.43
N PHE K 472 -71.88 10.69 -34.43
CA PHE K 472 -72.29 11.91 -33.76
C PHE K 472 -72.03 11.82 -32.26
N SER K 473 -72.27 10.64 -31.67
CA SER K 473 -72.04 10.48 -30.24
C SER K 473 -70.56 10.59 -29.90
N LEU K 474 -69.70 10.04 -30.75
CA LEU K 474 -68.26 10.14 -30.51
C LEU K 474 -67.75 11.56 -30.66
N ALA K 475 -68.27 12.30 -31.65
CA ALA K 475 -67.79 13.64 -31.89
C ALA K 475 -68.39 14.67 -30.95
N ARG K 476 -69.50 14.35 -30.28
CA ARG K 476 -70.08 15.26 -29.31
C ARG K 476 -69.10 15.48 -28.16
N LYS K 477 -68.92 16.74 -27.77
CA LYS K 477 -68.01 17.12 -26.69
C LYS K 477 -68.82 17.73 -25.55
N VAL K 478 -69.13 16.93 -24.54
CA VAL K 478 -69.88 17.40 -23.38
C VAL K 478 -69.34 16.70 -22.14
N GLY K 479 -69.86 17.06 -20.97
CA GLY K 479 -69.44 16.43 -19.73
C GLY K 479 -70.28 15.21 -19.41
N ASP K 480 -71.14 15.33 -18.40
CA ASP K 480 -72.02 14.23 -18.01
C ASP K 480 -73.37 14.43 -18.70
N ARG K 481 -73.67 13.55 -19.65
CA ARG K 481 -74.94 13.62 -20.37
C ARG K 481 -76.11 13.52 -19.40
N SER K 482 -76.03 12.61 -18.44
CA SER K 482 -77.11 12.44 -17.48
C SER K 482 -77.30 13.70 -16.64
N LEU K 483 -76.20 14.32 -16.21
CA LEU K 483 -76.31 15.54 -15.42
C LEU K 483 -76.98 16.65 -16.22
N VAL K 484 -76.55 16.83 -17.48
CA VAL K 484 -77.13 17.88 -18.30
C VAL K 484 -78.62 17.64 -18.52
N LYS K 485 -78.99 16.41 -18.89
CA LYS K 485 -80.38 16.08 -19.13
C LYS K 485 -81.22 16.30 -17.88
N ASP K 486 -80.74 15.83 -16.73
CA ASP K 486 -81.53 15.92 -15.51
C ASP K 486 -81.71 17.37 -15.07
N THR K 487 -80.66 18.18 -15.18
CA THR K 487 -80.80 19.60 -14.82
C THR K 487 -81.82 20.27 -15.72
N ALA K 488 -81.74 20.05 -17.03
CA ALA K 488 -82.69 20.67 -17.94
C ALA K 488 -84.12 20.22 -17.63
N VAL K 489 -84.30 18.92 -17.39
CA VAL K 489 -85.64 18.40 -17.17
C VAL K 489 -86.22 18.92 -15.87
N LEU K 490 -85.41 19.01 -14.82
CA LEU K 490 -85.93 19.52 -13.56
C LEU K 490 -86.29 21.00 -13.68
N LYS K 491 -85.45 21.78 -14.37
CA LYS K 491 -85.78 23.18 -14.57
C LYS K 491 -87.10 23.34 -15.32
N HIS K 492 -87.31 22.55 -16.38
CA HIS K 492 -88.56 22.65 -17.11
C HIS K 492 -89.72 21.97 -16.40
N ALA K 493 -89.46 21.18 -15.36
CA ALA K 493 -90.53 20.48 -14.65
C ALA K 493 -91.05 21.23 -13.44
N TYR K 494 -90.21 22.01 -12.77
CA TYR K 494 -90.72 22.81 -11.66
C TYR K 494 -91.39 24.11 -12.09
N GLN K 495 -91.78 24.24 -13.36
CA GLN K 495 -92.49 25.41 -13.81
C GLN K 495 -93.99 25.19 -13.91
N ALA K 496 -94.45 23.94 -13.99
CA ALA K 496 -95.86 23.66 -14.18
C ALA K 496 -96.67 23.97 -12.93
N ILE K 497 -97.94 24.28 -13.13
CA ILE K 497 -98.86 24.60 -12.05
C ILE K 497 -100.20 23.93 -12.34
N ASP K 498 -100.78 23.30 -11.33
CA ASP K 498 -102.02 22.57 -11.52
C ASP K 498 -103.20 23.52 -11.69
N PRO K 499 -104.25 23.09 -12.37
CA PRO K 499 -105.44 23.93 -12.51
C PRO K 499 -106.33 23.86 -11.28
N ASN K 500 -106.32 22.71 -10.59
CA ASN K 500 -107.17 22.54 -9.42
C ASN K 500 -106.78 23.45 -8.27
N THR K 501 -105.54 23.94 -8.26
CA THR K 501 -105.14 24.96 -7.29
C THR K 501 -104.34 26.03 -8.03
N GLY K 502 -103.67 26.90 -7.29
CA GLY K 502 -103.01 28.02 -7.93
C GLY K 502 -101.50 27.95 -8.00
N LYS K 503 -100.86 27.37 -6.98
CA LYS K 503 -99.43 27.61 -6.82
C LYS K 503 -98.58 26.85 -7.83
N GLU K 504 -98.52 25.52 -7.70
CA GLU K 504 -97.78 24.68 -8.64
C GLU K 504 -97.88 23.24 -8.16
N TYR K 505 -97.37 22.32 -8.97
CA TYR K 505 -97.34 20.90 -8.58
C TYR K 505 -96.22 20.63 -7.58
N LEU K 506 -94.98 20.84 -7.98
CA LEU K 506 -93.83 20.46 -7.18
C LEU K 506 -93.40 21.61 -6.27
N ARG K 507 -92.97 21.27 -5.07
CA ARG K 507 -92.57 22.27 -4.07
C ARG K 507 -91.38 21.72 -3.30
N ALA K 508 -91.05 22.36 -2.18
CA ALA K 508 -89.89 21.98 -1.40
C ALA K 508 -90.21 20.80 -0.49
N GLY K 509 -89.25 19.90 -0.35
CA GLY K 509 -89.43 18.75 0.51
C GLY K 509 -90.50 17.80 0.03
N GLN K 510 -90.26 17.12 -1.08
CA GLN K 510 -91.28 16.29 -1.71
C GLN K 510 -91.06 14.79 -1.54
N SER K 511 -89.94 14.35 -0.95
CA SER K 511 -89.65 12.93 -0.77
C SER K 511 -89.60 12.21 -2.12
N VAL K 512 -88.61 12.60 -2.90
CA VAL K 512 -88.43 12.08 -4.26
C VAL K 512 -87.81 10.69 -4.21
N ALA K 513 -88.06 9.91 -5.26
CA ALA K 513 -87.42 8.61 -5.47
C ALA K 513 -86.84 8.58 -6.88
N TYR K 514 -85.64 8.04 -7.01
CA TYR K 514 -84.89 8.07 -8.26
C TYR K 514 -84.78 6.65 -8.81
N PHE K 515 -85.71 6.28 -9.69
CA PHE K 515 -85.65 4.97 -10.33
C PHE K 515 -84.54 4.96 -11.36
N GLY K 516 -83.70 3.94 -11.32
CA GLY K 516 -82.63 3.80 -12.28
C GLY K 516 -81.34 4.49 -11.90
N ALA K 517 -80.98 4.50 -10.62
CA ALA K 517 -79.70 5.03 -10.20
C ALA K 517 -78.57 4.29 -10.92
N SER K 518 -77.44 4.96 -11.09
CA SER K 518 -76.46 4.46 -12.03
C SER K 518 -75.09 4.24 -11.43
N ALA K 519 -74.14 3.89 -12.28
CA ALA K 519 -72.79 3.53 -11.87
C ALA K 519 -72.02 4.78 -11.43
N GLY K 520 -70.75 4.58 -11.14
CA GLY K 520 -69.88 5.71 -10.88
C GLY K 520 -69.81 6.65 -12.07
N HIS K 521 -69.59 7.93 -11.78
CA HIS K 521 -69.52 8.96 -12.81
C HIS K 521 -68.23 9.76 -12.71
N SER K 522 -67.18 9.12 -12.18
CA SER K 522 -65.85 9.72 -12.01
C SER K 522 -65.82 10.71 -10.85
N GLY K 523 -66.98 10.97 -10.24
CA GLY K 523 -67.05 11.79 -9.05
C GLY K 523 -67.60 10.98 -7.89
N ALA K 524 -68.84 11.25 -7.50
CA ALA K 524 -69.50 10.42 -6.51
C ALA K 524 -69.99 9.13 -7.16
N ASP K 525 -70.36 8.18 -6.32
CA ASP K 525 -70.90 6.89 -6.78
C ASP K 525 -72.42 6.94 -6.81
N GLN K 526 -72.94 7.91 -7.56
CA GLN K 526 -74.37 8.09 -7.72
C GLN K 526 -74.60 9.15 -8.79
N PRO K 527 -75.85 9.39 -9.21
CA PRO K 527 -76.09 10.44 -10.19
C PRO K 527 -75.63 11.80 -9.70
N LEU K 528 -74.98 12.54 -10.59
CA LEU K 528 -74.36 13.81 -10.21
C LEU K 528 -75.37 14.91 -9.93
N VAL K 529 -76.67 14.66 -10.12
CA VAL K 529 -77.67 15.68 -9.83
C VAL K 529 -78.08 15.69 -8.36
N ILE K 530 -77.84 14.59 -7.65
CA ILE K 530 -78.37 14.46 -6.29
C ILE K 530 -77.76 15.50 -5.37
N GLU K 531 -76.44 15.68 -5.43
CA GLU K 531 -75.77 16.59 -4.50
C GLU K 531 -76.22 18.03 -4.72
N PRO K 532 -76.10 18.60 -5.93
CA PRO K 532 -76.57 19.98 -6.13
C PRO K 532 -78.06 20.14 -5.91
N TRP K 533 -78.85 19.14 -6.28
CA TRP K 533 -80.30 19.28 -6.16
C TRP K 533 -80.76 19.15 -4.71
N MET K 534 -79.96 18.51 -3.86
CA MET K 534 -80.26 18.53 -2.44
C MET K 534 -79.75 19.79 -1.78
N GLN K 535 -78.58 20.28 -2.20
CA GLN K 535 -78.03 21.49 -1.60
C GLN K 535 -78.71 22.76 -2.10
N GLY K 536 -79.54 22.67 -3.13
CA GLY K 536 -80.23 23.84 -3.64
C GLY K 536 -79.32 24.70 -4.51
N LYS K 537 -78.71 24.09 -5.53
CA LYS K 537 -77.75 24.78 -6.37
C LYS K 537 -78.22 24.96 -7.81
N ILE K 538 -79.31 24.30 -8.21
CA ILE K 538 -79.75 24.38 -9.61
C ILE K 538 -80.40 25.72 -9.93
N SER K 539 -80.73 26.52 -8.92
CA SER K 539 -81.23 27.89 -9.07
C SER K 539 -82.64 27.95 -9.62
N GLY K 540 -83.30 26.82 -9.82
CA GLY K 540 -84.67 26.82 -10.28
C GLY K 540 -85.49 25.75 -9.60
N VAL K 541 -84.87 25.06 -8.65
CA VAL K 541 -85.48 23.92 -7.99
C VAL K 541 -85.34 24.06 -6.49
N PRO K 542 -86.42 23.94 -5.71
CA PRO K 542 -86.26 23.86 -4.27
C PRO K 542 -85.77 22.47 -3.86
N PRO K 543 -84.93 22.38 -2.84
CA PRO K 543 -84.37 21.07 -2.46
C PRO K 543 -85.45 20.19 -1.86
N PRO K 544 -85.46 18.91 -2.19
CA PRO K 544 -86.44 17.98 -1.63
C PRO K 544 -86.04 17.57 -0.21
N SER K 545 -86.82 16.65 0.36
CA SER K 545 -86.53 16.17 1.69
C SER K 545 -85.49 15.07 1.68
N SER K 546 -85.64 14.10 0.78
CA SER K 546 -84.70 12.99 0.69
C SER K 546 -84.80 12.37 -0.70
N VAL K 547 -83.78 11.58 -1.05
CA VAL K 547 -83.69 10.97 -2.37
C VAL K 547 -83.25 9.53 -2.19
N ARG K 548 -84.14 8.58 -2.45
CA ARG K 548 -83.80 7.17 -2.42
C ARG K 548 -83.60 6.67 -3.85
N GLN K 549 -82.69 5.70 -3.99
CA GLN K 549 -82.22 5.26 -5.29
C GLN K 549 -82.58 3.80 -5.53
N PHE K 550 -82.80 3.45 -6.79
CA PHE K 550 -83.16 2.09 -7.17
C PHE K 550 -82.60 1.80 -8.55
N GLY K 551 -82.27 0.54 -8.79
CA GLY K 551 -81.82 0.12 -10.10
C GLY K 551 -80.79 -0.99 -10.01
N TYR K 552 -80.57 -1.64 -11.15
CA TYR K 552 -79.59 -2.73 -11.21
C TYR K 552 -78.20 -2.24 -10.84
N ASP K 553 -77.84 -1.02 -11.26
CA ASP K 553 -76.47 -0.52 -11.15
C ASP K 553 -76.34 0.54 -10.06
N VAL K 554 -77.10 0.40 -8.98
CA VAL K 554 -77.05 1.39 -7.92
C VAL K 554 -75.95 1.02 -6.92
N ALA K 555 -75.48 2.01 -6.18
CA ALA K 555 -74.44 1.82 -5.18
C ALA K 555 -74.85 2.24 -3.77
N LYS K 556 -75.90 3.04 -3.62
CA LYS K 556 -76.37 3.50 -2.33
C LYS K 556 -77.86 3.31 -2.21
N GLY K 557 -78.37 2.21 -2.74
CA GLY K 557 -79.79 1.92 -2.66
C GLY K 557 -80.04 0.48 -3.05
N ALA K 558 -81.29 0.07 -2.93
CA ALA K 558 -81.65 -1.29 -3.27
C ALA K 558 -81.51 -1.53 -4.76
N ILE K 559 -81.35 -2.80 -5.12
CA ILE K 559 -81.34 -3.23 -6.52
C ILE K 559 -82.53 -4.15 -6.73
N VAL K 560 -83.36 -3.82 -7.72
CA VAL K 560 -84.62 -4.52 -7.95
C VAL K 560 -84.92 -4.51 -9.45
N ASP K 561 -85.91 -5.31 -9.84
CA ASP K 561 -86.44 -5.27 -11.20
C ASP K 561 -87.63 -4.32 -11.18
N LEU K 562 -87.42 -3.10 -11.70
CA LEU K 562 -88.43 -2.06 -11.60
C LEU K 562 -89.67 -2.35 -12.44
N ALA K 563 -89.61 -3.33 -13.34
CA ALA K 563 -90.76 -3.69 -14.16
C ALA K 563 -91.77 -4.55 -13.42
N ARG K 564 -91.65 -4.69 -12.10
CA ARG K 564 -92.54 -5.52 -11.32
C ARG K 564 -92.71 -4.89 -9.95
N PRO K 565 -93.74 -5.27 -9.21
CA PRO K 565 -93.91 -4.72 -7.85
C PRO K 565 -92.77 -5.18 -6.95
N PHE K 566 -92.56 -4.41 -5.89
CA PHE K 566 -91.47 -4.67 -4.96
C PHE K 566 -91.76 -3.97 -3.65
N PRO K 567 -91.15 -4.41 -2.55
CA PRO K 567 -91.46 -3.82 -1.23
C PRO K 567 -90.82 -2.46 -1.08
N SER K 568 -91.66 -1.43 -1.03
CA SER K 568 -91.18 -0.07 -0.88
C SER K 568 -92.29 0.80 -0.31
N GLY K 569 -91.92 2.02 0.08
CA GLY K 569 -92.88 2.97 0.58
C GLY K 569 -93.65 3.64 -0.54
N ASP K 570 -93.89 4.94 -0.40
CA ASP K 570 -94.59 5.72 -1.41
C ASP K 570 -93.91 7.08 -1.53
N TYR K 571 -93.84 7.60 -2.76
CA TYR K 571 -93.04 8.78 -3.03
C TYR K 571 -93.86 9.80 -3.82
N GLN K 572 -93.75 11.06 -3.41
CA GLN K 572 -94.51 12.13 -4.05
C GLN K 572 -93.96 12.51 -5.42
N PHE K 573 -92.76 12.06 -5.77
CA PHE K 573 -92.17 12.38 -7.07
C PHE K 573 -91.14 11.32 -7.37
N VAL K 574 -91.39 10.51 -8.39
CA VAL K 574 -90.48 9.45 -8.82
C VAL K 574 -89.92 9.83 -10.19
N TYR K 575 -88.60 9.86 -10.29
CA TYR K 575 -87.90 10.26 -11.50
C TYR K 575 -87.19 9.03 -12.06
N SER K 576 -87.79 8.42 -13.08
CA SER K 576 -87.27 7.18 -13.65
C SER K 576 -86.39 7.49 -14.84
N ASP K 577 -85.16 6.98 -14.80
CA ASP K 577 -84.23 7.08 -15.90
C ASP K 577 -83.90 5.72 -16.49
N VAL K 578 -84.63 4.68 -16.09
CA VAL K 578 -84.35 3.33 -16.56
C VAL K 578 -84.70 3.24 -18.04
N ASP K 579 -83.81 2.62 -18.80
CA ASP K 579 -83.94 2.51 -20.25
C ASP K 579 -84.50 1.15 -20.65
N GLN K 580 -84.96 1.07 -21.91
CA GLN K 580 -85.58 -0.13 -22.42
C GLN K 580 -84.65 -0.96 -23.29
N VAL K 581 -83.36 -0.96 -22.97
CA VAL K 581 -82.37 -1.68 -23.76
C VAL K 581 -81.83 -2.89 -23.01
N VAL K 582 -81.65 -2.78 -21.69
CA VAL K 582 -81.01 -3.87 -20.95
C VAL K 582 -81.93 -5.09 -20.87
N ASP K 583 -83.24 -4.87 -20.70
CA ASP K 583 -84.18 -5.98 -20.63
C ASP K 583 -84.88 -6.24 -21.95
N GLY K 584 -84.99 -5.25 -22.82
CA GLY K 584 -85.52 -5.49 -24.14
C GLY K 584 -84.51 -6.24 -24.98
N HIS K 585 -84.80 -7.51 -25.28
CA HIS K 585 -83.82 -8.39 -25.92
C HIS K 585 -83.72 -8.10 -27.42
N ASP K 586 -83.36 -6.85 -27.73
CA ASP K 586 -83.18 -6.38 -29.09
C ASP K 586 -84.44 -6.62 -29.93
N ASP K 587 -85.57 -6.18 -29.39
CA ASP K 587 -86.85 -6.37 -30.07
C ASP K 587 -87.75 -5.18 -29.75
N LEU K 588 -88.27 -4.53 -30.79
CA LEU K 588 -89.06 -3.32 -30.59
C LEU K 588 -90.35 -3.62 -29.85
N SER K 589 -90.99 -4.76 -30.14
CA SER K 589 -92.22 -5.11 -29.44
C SER K 589 -91.96 -5.37 -27.96
N ILE K 590 -90.86 -6.08 -27.66
CA ILE K 590 -90.53 -6.34 -26.25
C ILE K 590 -90.22 -5.03 -25.54
N SER K 591 -89.53 -4.11 -26.22
CA SER K 591 -89.24 -2.82 -25.59
C SER K 591 -90.51 -2.03 -25.34
N SER K 592 -91.47 -2.09 -26.26
CA SER K 592 -92.74 -1.40 -26.04
C SER K 592 -93.50 -1.99 -24.86
N GLY K 593 -93.53 -3.33 -24.77
CA GLY K 593 -94.16 -3.95 -23.63
C GLY K 593 -93.48 -3.58 -22.32
N LEU K 594 -92.15 -3.49 -22.35
CA LEU K 594 -91.42 -3.06 -21.16
C LEU K 594 -91.77 -1.63 -20.79
N VAL K 595 -91.94 -0.77 -21.80
CA VAL K 595 -92.35 0.61 -21.52
C VAL K 595 -93.70 0.63 -20.84
N GLU K 596 -94.62 -0.22 -21.30
CA GLU K 596 -95.94 -0.30 -20.68
C GLU K 596 -95.82 -0.74 -19.23
N SER K 597 -95.04 -1.78 -18.97
CA SER K 597 -94.90 -2.28 -17.61
C SER K 597 -94.25 -1.25 -16.70
N LEU K 598 -93.27 -0.50 -17.21
CA LEU K 598 -92.60 0.49 -16.39
C LEU K 598 -93.50 1.69 -16.11
N LEU K 599 -94.31 2.11 -17.09
CA LEU K 599 -95.34 3.10 -16.79
C LEU K 599 -96.27 2.61 -15.70
N ASP K 600 -96.68 1.34 -15.78
CA ASP K 600 -97.59 0.79 -14.77
C ASP K 600 -96.96 0.83 -13.38
N SER K 601 -95.72 0.37 -13.27
CA SER K 601 -95.03 0.40 -11.99
C SER K 601 -94.86 1.82 -11.46
N CYS K 602 -94.35 2.71 -12.31
CA CYS K 602 -94.11 4.09 -11.91
C CYS K 602 -95.38 4.82 -11.54
N VAL K 603 -96.55 4.38 -12.04
CA VAL K 603 -97.78 4.99 -11.60
C VAL K 603 -98.32 4.33 -10.32
N HIS K 604 -98.04 3.04 -10.11
CA HIS K 604 -98.43 2.45 -8.82
C HIS K 604 -97.64 3.02 -7.66
N ALA K 605 -96.38 3.41 -7.89
CA ALA K 605 -95.50 3.80 -6.79
C ALA K 605 -95.33 5.31 -6.69
N THR K 606 -96.40 6.09 -6.87
CA THR K 606 -96.20 7.53 -7.02
C THR K 606 -97.15 8.39 -6.21
N ALA K 607 -97.61 7.90 -5.05
CA ALA K 607 -98.19 8.76 -4.01
C ALA K 607 -99.34 9.65 -4.50
N PRO K 608 -100.57 9.12 -4.63
CA PRO K 608 -101.66 9.83 -5.32
C PRO K 608 -101.81 11.30 -4.96
N GLY K 609 -101.61 12.15 -5.95
CA GLY K 609 -101.44 13.58 -5.76
C GLY K 609 -100.09 14.11 -6.20
N GLY K 610 -99.19 13.26 -6.68
CA GLY K 610 -97.87 13.67 -7.07
C GLY K 610 -97.63 13.55 -8.56
N SER K 611 -96.36 13.43 -8.94
CA SER K 611 -95.96 13.42 -10.34
C SER K 611 -94.78 12.49 -10.53
N PHE K 612 -94.51 12.15 -11.79
CA PHE K 612 -93.38 11.29 -12.13
C PHE K 612 -92.81 11.72 -13.48
N VAL K 613 -91.67 11.13 -13.82
CA VAL K 613 -90.96 11.41 -15.06
C VAL K 613 -90.38 10.11 -15.58
N MET K 614 -90.76 9.73 -16.79
CA MET K 614 -90.26 8.51 -17.40
C MET K 614 -89.70 8.82 -18.78
N LYS K 615 -88.60 8.15 -19.13
CA LYS K 615 -88.00 8.28 -20.45
C LYS K 615 -88.48 7.15 -21.35
N ILE K 616 -88.61 7.47 -22.63
CA ILE K 616 -89.06 6.52 -23.64
C ILE K 616 -88.00 6.49 -24.73
N ASN K 617 -87.29 5.38 -24.84
CA ASN K 617 -86.24 5.28 -25.85
C ASN K 617 -86.83 5.23 -27.24
N PHE K 618 -87.83 4.37 -27.45
CA PHE K 618 -88.29 4.00 -28.78
C PHE K 618 -89.79 4.30 -28.88
N PRO K 619 -90.16 5.57 -29.09
CA PRO K 619 -91.58 5.93 -29.14
C PRO K 619 -92.28 5.26 -30.31
N THR K 620 -93.28 4.46 -30.02
CA THR K 620 -94.06 3.77 -31.04
C THR K 620 -95.55 3.94 -30.77
N ARG K 621 -96.33 3.73 -31.83
CA ARG K 621 -97.78 3.96 -31.73
C ARG K 621 -98.42 3.07 -30.68
N THR K 622 -97.87 1.88 -30.44
CA THR K 622 -98.37 1.07 -29.34
C THR K 622 -98.19 1.79 -28.01
N VAL K 623 -97.03 2.39 -27.79
CA VAL K 623 -96.79 3.14 -26.56
C VAL K 623 -97.74 4.32 -26.47
N TRP K 624 -97.94 5.04 -27.58
CA TRP K 624 -98.84 6.19 -27.54
C TRP K 624 -100.26 5.76 -27.20
N HIS K 625 -100.74 4.67 -27.83
CA HIS K 625 -102.09 4.19 -27.58
C HIS K 625 -102.23 3.74 -26.13
N TYR K 626 -101.25 3.02 -25.61
CA TYR K 626 -101.33 2.57 -24.23
C TYR K 626 -101.37 3.75 -23.26
N ILE K 627 -100.54 4.76 -23.50
CA ILE K 627 -100.53 5.92 -22.63
C ILE K 627 -101.88 6.63 -22.68
N GLU K 628 -102.42 6.81 -23.89
CA GLU K 628 -103.71 7.47 -24.03
C GLU K 628 -104.82 6.69 -23.35
N GLN K 629 -104.74 5.36 -23.38
CA GLN K 629 -105.82 4.55 -22.83
C GLN K 629 -105.73 4.40 -21.32
N LYS K 630 -104.53 4.41 -20.75
CA LYS K 630 -104.37 4.04 -19.35
C LYS K 630 -103.85 5.15 -18.45
N ILE K 631 -103.02 6.05 -18.94
CA ILE K 631 -102.34 7.02 -18.09
C ILE K 631 -103.04 8.37 -18.10
N LEU K 632 -103.47 8.83 -19.27
CA LEU K 632 -104.08 10.16 -19.36
C LEU K 632 -105.35 10.29 -18.53
N PRO K 633 -106.31 9.35 -18.58
CA PRO K 633 -107.54 9.52 -17.78
C PRO K 633 -107.31 9.58 -16.28
N ASN K 634 -106.13 9.23 -15.78
CA ASN K 634 -105.85 9.26 -14.35
C ASN K 634 -104.82 10.32 -13.98
N VAL K 635 -104.64 11.34 -14.82
CA VAL K 635 -103.64 12.37 -14.61
C VAL K 635 -104.29 13.73 -14.82
N THR K 636 -103.82 14.72 -14.05
CA THR K 636 -104.38 16.07 -14.17
C THR K 636 -103.77 16.83 -15.34
N SER K 637 -102.45 16.78 -15.50
CA SER K 637 -101.78 17.48 -16.58
C SER K 637 -100.48 16.76 -16.88
N TYR K 638 -99.84 17.14 -17.99
CA TYR K 638 -98.62 16.48 -18.41
C TYR K 638 -97.85 17.37 -19.35
N MET K 639 -96.58 17.03 -19.54
CA MET K 639 -95.76 17.59 -20.60
C MET K 639 -94.69 16.58 -20.95
N LEU K 640 -94.11 16.74 -22.14
CA LEU K 640 -93.04 15.85 -22.60
C LEU K 640 -91.96 16.69 -23.24
N ILE K 641 -90.73 16.50 -22.81
CA ILE K 641 -89.61 17.35 -23.19
C ILE K 641 -88.53 16.49 -23.83
N LYS K 642 -87.54 17.17 -24.42
CA LYS K 642 -86.44 16.51 -25.11
C LYS K 642 -85.19 17.38 -24.99
N PRO K 643 -84.33 17.10 -24.02
CA PRO K 643 -83.04 17.79 -23.96
C PRO K 643 -82.08 17.21 -24.98
N PHE K 644 -81.84 17.95 -26.06
CA PHE K 644 -81.02 17.47 -27.16
C PHE K 644 -79.55 17.52 -26.77
N VAL K 645 -78.95 16.35 -26.56
CA VAL K 645 -77.51 16.27 -26.36
C VAL K 645 -76.84 15.32 -27.34
N THR K 646 -77.55 14.33 -27.88
CA THR K 646 -77.00 13.40 -28.86
C THR K 646 -78.10 12.98 -29.80
N ASN K 647 -77.74 12.67 -31.04
CA ASN K 647 -78.72 12.40 -32.07
C ASN K 647 -79.42 11.07 -31.78
N ASN K 648 -80.69 11.14 -31.45
CA ASN K 648 -81.50 9.94 -31.18
C ASN K 648 -82.94 10.39 -31.00
N VAL K 649 -83.84 9.42 -30.83
CA VAL K 649 -85.27 9.69 -30.80
C VAL K 649 -85.86 9.45 -29.41
N GLU K 650 -85.05 9.47 -28.37
CA GLU K 650 -85.60 9.32 -27.03
C GLU K 650 -86.36 10.56 -26.63
N VAL K 651 -87.38 10.38 -25.80
CA VAL K 651 -88.19 11.49 -25.30
C VAL K 651 -88.56 11.21 -23.84
N PHE K 652 -88.75 12.28 -23.07
CA PHE K 652 -89.18 12.17 -21.70
C PHE K 652 -90.67 12.46 -21.59
N PHE K 653 -91.32 11.81 -20.65
CA PHE K 653 -92.74 11.99 -20.39
C PHE K 653 -92.93 12.36 -18.93
N VAL K 654 -93.60 13.48 -18.69
CA VAL K 654 -93.82 14.01 -17.35
C VAL K 654 -95.32 14.11 -17.12
N ALA K 655 -95.81 13.41 -16.11
CA ALA K 655 -97.23 13.43 -15.74
C ALA K 655 -97.38 14.08 -14.38
N PHE K 656 -98.41 14.90 -14.24
CA PHE K 656 -98.64 15.67 -13.02
C PHE K 656 -99.97 15.28 -12.39
N GLY K 657 -99.97 15.14 -11.06
CA GLY K 657 -101.19 14.85 -10.33
C GLY K 657 -101.82 13.53 -10.70
N VAL K 658 -101.17 12.43 -10.35
CA VAL K 658 -101.64 11.10 -10.69
C VAL K 658 -102.79 10.71 -9.77
N HIS K 659 -103.52 9.65 -10.14
CA HIS K 659 -104.60 9.10 -9.32
C HIS K 659 -105.75 10.10 -9.16
N GLN K 660 -106.00 10.90 -10.20
CA GLN K 660 -107.11 11.83 -10.20
C GLN K 660 -107.84 11.72 -11.53
N GLN K 661 -109.15 11.54 -11.47
CA GLN K 661 -109.93 11.37 -12.69
C GLN K 661 -109.89 12.65 -13.52
N SER K 662 -109.77 12.48 -14.83
CA SER K 662 -109.73 13.61 -15.75
C SER K 662 -109.80 13.08 -17.17
N ALA K 663 -110.27 13.93 -18.07
CA ALA K 663 -110.36 13.60 -19.49
C ALA K 663 -109.23 14.32 -20.23
N LEU K 664 -108.22 13.56 -20.65
CA LEU K 664 -107.08 14.12 -21.35
C LEU K 664 -106.79 13.30 -22.60
N THR K 665 -106.31 13.98 -23.63
CA THR K 665 -105.97 13.34 -24.90
C THR K 665 -104.78 14.05 -25.51
N TRP K 666 -104.11 13.38 -26.45
CA TRP K 666 -103.04 14.04 -27.17
C TRP K 666 -103.61 15.16 -28.04
N THR K 667 -102.77 16.15 -28.35
CA THR K 667 -103.26 17.37 -28.97
C THR K 667 -102.38 17.74 -30.16
N SER K 668 -102.81 18.79 -30.87
CA SER K 668 -102.07 19.27 -32.03
C SER K 668 -100.69 19.77 -31.65
N GLY K 669 -100.54 20.31 -30.44
CA GLY K 669 -99.22 20.69 -29.97
C GLY K 669 -98.28 19.49 -29.92
N VAL K 670 -98.76 18.38 -29.36
CA VAL K 670 -97.95 17.17 -29.31
C VAL K 670 -97.67 16.67 -30.73
N TYR K 671 -98.65 16.81 -31.62
CA TYR K 671 -98.45 16.41 -33.00
C TYR K 671 -97.30 17.19 -33.64
N PHE K 672 -97.35 18.51 -33.54
CA PHE K 672 -96.29 19.35 -34.11
C PHE K 672 -94.95 19.05 -33.46
N PHE K 673 -94.94 18.85 -32.14
CA PHE K 673 -93.71 18.52 -31.44
C PHE K 673 -93.09 17.24 -31.98
N LEU K 674 -93.90 16.19 -32.12
CA LEU K 674 -93.39 14.92 -32.60
C LEU K 674 -92.90 15.03 -34.04
N VAL K 675 -93.61 15.80 -34.86
CA VAL K 675 -93.20 16.00 -36.25
C VAL K 675 -91.81 16.64 -36.30
N ASP K 676 -91.64 17.76 -35.60
CA ASP K 676 -90.34 18.42 -35.58
C ASP K 676 -89.26 17.53 -35.01
N HIS K 677 -89.60 16.77 -33.96
CA HIS K 677 -88.66 15.84 -33.35
C HIS K 677 -88.11 14.85 -34.36
N PHE K 678 -89.02 14.09 -35.00
CA PHE K 678 -88.59 13.07 -35.94
C PHE K 678 -87.90 13.66 -37.16
N TYR K 679 -88.34 14.83 -37.62
CA TYR K 679 -87.74 15.39 -38.82
C TYR K 679 -86.33 15.91 -38.54
N ARG K 680 -86.11 16.50 -37.37
CA ARG K 680 -84.75 16.92 -37.04
C ARG K 680 -83.85 15.72 -36.81
N TYR K 681 -84.38 14.63 -36.25
CA TYR K 681 -83.60 13.40 -36.20
C TYR K 681 -83.19 12.98 -37.60
N GLU K 682 -84.14 12.96 -38.53
CA GLU K 682 -83.84 12.54 -39.89
C GLU K 682 -82.77 13.43 -40.53
N THR K 683 -82.89 14.75 -40.34
CA THR K 683 -81.95 15.67 -40.96
C THR K 683 -80.54 15.47 -40.39
N LEU K 684 -80.42 15.40 -39.07
CA LEU K 684 -79.10 15.20 -38.48
C LEU K 684 -78.52 13.85 -38.86
N SER K 685 -79.36 12.82 -39.01
CA SER K 685 -78.84 11.53 -39.44
C SER K 685 -78.32 11.59 -40.87
N ALA K 686 -79.08 12.23 -41.77
CA ALA K 686 -78.62 12.36 -43.15
C ALA K 686 -77.35 13.19 -43.23
N ILE K 687 -77.16 14.15 -42.32
CA ILE K 687 -75.93 14.91 -42.31
C ILE K 687 -74.78 14.05 -41.81
N SER K 688 -74.97 13.37 -40.69
CA SER K 688 -73.89 12.63 -40.06
C SER K 688 -73.50 11.38 -40.83
N ARG K 689 -74.37 10.86 -41.69
CA ARG K 689 -74.00 9.70 -42.48
C ARG K 689 -73.16 10.06 -43.70
N GLN K 690 -72.78 11.32 -43.87
CA GLN K 690 -71.93 11.74 -44.97
C GLN K 690 -70.53 12.16 -44.52
N LEU K 691 -70.29 12.27 -43.22
CA LEU K 691 -68.98 12.62 -42.73
C LEU K 691 -68.07 11.40 -42.67
N PRO K 692 -66.76 11.61 -42.62
CA PRO K 692 -65.85 10.47 -42.51
C PRO K 692 -65.89 9.85 -41.12
N SER K 693 -65.24 8.71 -40.99
CA SER K 693 -65.22 8.01 -39.70
C SER K 693 -64.45 8.83 -38.67
N PHE K 694 -64.35 8.29 -37.46
CA PHE K 694 -63.79 9.07 -36.37
C PHE K 694 -62.26 9.11 -36.42
N GLY K 695 -61.63 7.98 -36.68
CA GLY K 695 -60.19 7.95 -36.78
C GLY K 695 -59.70 7.64 -38.17
N TYR K 696 -60.35 8.21 -39.18
CA TYR K 696 -60.05 7.85 -40.56
C TYR K 696 -58.69 8.41 -40.97
N VAL K 697 -58.16 7.85 -42.06
CA VAL K 697 -56.99 8.40 -42.73
C VAL K 697 -57.45 8.91 -44.09
N ASP K 698 -57.26 10.20 -44.33
CA ASP K 698 -57.78 10.82 -45.54
C ASP K 698 -56.84 10.57 -46.70
N ASP K 699 -57.43 10.46 -47.89
CA ASP K 699 -56.62 10.34 -49.10
C ASP K 699 -57.23 11.09 -50.28
N GLY K 700 -58.24 11.92 -50.07
CA GLY K 700 -58.87 12.64 -51.14
C GLY K 700 -60.11 12.01 -51.73
N SER K 701 -60.61 10.93 -51.14
CA SER K 701 -61.79 10.27 -51.66
C SER K 701 -63.09 10.80 -51.06
N SER K 702 -63.11 11.04 -49.75
CA SER K 702 -64.31 11.55 -49.10
C SER K 702 -64.66 12.94 -49.64
N VAL K 703 -65.96 13.19 -49.80
CA VAL K 703 -66.39 14.47 -50.36
C VAL K 703 -66.05 15.61 -49.43
N THR K 704 -65.96 15.36 -48.14
CA THR K 704 -65.55 16.35 -47.15
C THR K 704 -64.33 15.84 -46.41
N GLY K 705 -63.33 16.69 -46.26
CA GLY K 705 -62.12 16.28 -45.59
C GLY K 705 -61.03 17.32 -45.75
N ILE K 706 -59.86 16.98 -45.21
CA ILE K 706 -58.72 17.87 -45.22
C ILE K 706 -57.90 17.61 -46.48
N GLU K 707 -57.04 18.57 -46.83
CA GLU K 707 -56.12 18.38 -47.94
C GLU K 707 -55.00 19.40 -47.88
N ILE K 708 -53.76 18.94 -48.02
CA ILE K 708 -52.58 19.80 -47.93
C ILE K 708 -51.58 19.39 -48.99
N ILE K 709 -50.74 20.34 -49.39
CA ILE K 709 -49.69 20.10 -50.37
C ILE K 709 -48.41 20.75 -49.89
N SER K 710 -47.30 20.28 -50.41
CA SER K 710 -45.98 20.80 -50.06
C SER K 710 -45.19 21.05 -51.32
N ILE K 711 -44.69 22.27 -51.47
CA ILE K 711 -43.87 22.66 -52.61
C ILE K 711 -42.60 23.32 -52.09
N GLU K 712 -41.50 23.09 -52.80
CA GLU K 712 -40.19 23.57 -52.37
C GLU K 712 -39.91 24.93 -53.00
N ASN K 713 -39.72 25.95 -52.15
CA ASN K 713 -39.36 27.28 -52.62
C ASN K 713 -38.00 27.69 -52.07
N PRO K 714 -36.94 27.58 -52.85
CA PRO K 714 -35.60 27.91 -52.35
C PRO K 714 -35.37 29.41 -52.34
N GLY K 715 -35.44 30.02 -51.16
CA GLY K 715 -35.07 31.42 -51.00
C GLY K 715 -35.90 32.36 -51.85
N PHE K 716 -35.22 33.29 -52.50
CA PHE K 716 -35.86 34.31 -53.32
C PHE K 716 -35.93 33.82 -54.76
N SER K 717 -37.13 33.75 -55.31
CA SER K 717 -37.27 33.24 -56.67
C SER K 717 -38.71 33.41 -57.12
N ASN K 718 -38.90 33.40 -58.43
CA ASN K 718 -40.22 33.37 -59.03
C ASN K 718 -40.63 31.91 -59.20
N MET K 719 -41.70 31.50 -58.54
CA MET K 719 -42.09 30.10 -58.57
C MET K 719 -42.49 29.70 -59.98
N THR K 720 -42.13 28.48 -60.37
CA THR K 720 -42.27 28.02 -61.74
C THR K 720 -43.75 27.86 -62.09
N GLN K 721 -43.98 27.50 -63.36
CA GLN K 721 -45.35 27.28 -63.83
C GLN K 721 -45.99 26.08 -63.12
N ALA K 722 -45.19 25.07 -62.81
CA ALA K 722 -45.73 23.84 -62.22
C ALA K 722 -46.28 24.09 -60.82
N ALA K 723 -45.47 24.70 -59.95
CA ALA K 723 -45.93 24.98 -58.60
C ALA K 723 -47.10 25.94 -58.60
N ARG K 724 -47.08 26.91 -59.50
CA ARG K 724 -48.20 27.84 -59.62
C ARG K 724 -49.48 27.11 -60.00
N VAL K 725 -49.40 26.21 -60.97
CA VAL K 725 -50.58 25.43 -61.38
C VAL K 725 -51.05 24.55 -60.24
N GLY K 726 -50.12 23.98 -59.47
CA GLY K 726 -50.51 23.15 -58.35
C GLY K 726 -51.26 23.92 -57.29
N ILE K 727 -50.75 25.10 -56.93
CA ILE K 727 -51.43 25.92 -55.93
C ILE K 727 -52.78 26.39 -56.45
N SER K 728 -52.86 26.72 -57.74
CA SER K 728 -54.15 27.12 -58.31
C SER K 728 -55.14 25.98 -58.27
N GLY K 729 -54.67 24.75 -58.53
CA GLY K 729 -55.56 23.61 -58.44
C GLY K 729 -56.05 23.37 -57.04
N LEU K 730 -55.16 23.52 -56.05
CA LEU K 730 -55.59 23.38 -54.66
C LEU K 730 -56.62 24.45 -54.29
N CYS K 731 -56.42 25.67 -54.77
CA CYS K 731 -57.38 26.74 -54.48
C CYS K 731 -58.73 26.44 -55.10
N ALA K 732 -58.73 26.00 -56.37
CA ALA K 732 -59.98 25.65 -57.02
C ALA K 732 -60.66 24.46 -56.35
N ASN K 733 -59.87 23.56 -55.77
CA ASN K 733 -60.44 22.41 -55.08
C ASN K 733 -61.02 22.80 -53.74
N VAL K 734 -60.40 23.78 -53.07
CA VAL K 734 -60.87 24.19 -51.75
C VAL K 734 -62.10 25.07 -51.84
N GLY K 735 -62.11 26.03 -52.76
CA GLY K 735 -63.29 26.87 -52.87
C GLY K 735 -63.45 27.81 -51.69
N ASN K 736 -62.60 28.84 -51.63
CA ASN K 736 -62.60 29.96 -50.69
C ASN K 736 -62.93 29.58 -49.24
N ALA K 737 -62.45 28.44 -48.79
CA ALA K 737 -62.39 28.17 -47.37
C ALA K 737 -61.12 28.80 -46.79
N ARG K 738 -60.96 28.72 -45.48
CA ARG K 738 -59.77 29.27 -44.87
C ARG K 738 -58.54 28.46 -45.26
N LYS K 739 -57.46 29.16 -45.58
CA LYS K 739 -56.23 28.53 -46.05
C LYS K 739 -55.06 29.10 -45.27
N SER K 740 -54.25 28.23 -44.68
CA SER K 740 -53.10 28.63 -43.89
C SER K 740 -51.84 28.05 -44.50
N ILE K 741 -50.73 28.76 -44.32
CA ILE K 741 -49.45 28.36 -44.89
C ILE K 741 -48.41 28.27 -43.78
N ALA K 742 -47.36 27.51 -44.06
CA ALA K 742 -46.24 27.37 -43.14
C ALA K 742 -44.96 27.19 -43.94
N ILE K 743 -43.90 27.85 -43.51
CA ILE K 743 -42.61 27.78 -44.18
C ILE K 743 -41.56 27.36 -43.17
N TYR K 744 -40.70 26.42 -43.55
CA TYR K 744 -39.73 25.87 -42.62
C TYR K 744 -38.78 24.97 -43.39
N GLU K 745 -37.63 24.69 -42.78
CA GLU K 745 -36.61 23.84 -43.37
C GLU K 745 -36.80 22.42 -42.87
N SER K 746 -37.00 21.49 -43.79
CA SER K 746 -37.31 20.10 -43.46
C SER K 746 -36.33 19.19 -44.18
N HIS K 747 -35.41 18.60 -43.42
CA HIS K 747 -34.45 17.65 -43.97
C HIS K 747 -33.48 18.34 -44.93
N GLY K 748 -32.97 19.48 -44.51
CA GLY K 748 -32.03 20.21 -45.32
C GLY K 748 -32.61 20.83 -46.57
N ALA K 749 -33.93 21.01 -46.61
CA ALA K 749 -34.58 21.72 -47.70
C ALA K 749 -35.60 22.68 -47.11
N ARG K 750 -35.90 23.73 -47.84
CA ARG K 750 -36.86 24.75 -47.43
C ARG K 750 -38.14 24.55 -48.22
N VAL K 751 -39.24 24.34 -47.53
CA VAL K 751 -40.50 23.96 -48.17
C VAL K 751 -41.65 24.61 -47.40
N LEU K 752 -42.69 25.00 -48.14
CA LEU K 752 -43.90 25.53 -47.53
C LEU K 752 -45.07 24.61 -47.85
N THR K 753 -46.03 24.57 -46.93
CA THR K 753 -47.21 23.72 -47.06
C THR K 753 -48.46 24.59 -46.96
N ILE K 754 -49.50 24.16 -47.66
CA ILE K 754 -50.77 24.88 -47.69
C ILE K 754 -51.85 23.92 -47.23
N THR K 755 -52.51 24.25 -46.13
CA THR K 755 -53.51 23.40 -45.52
C THR K 755 -54.90 24.01 -45.69
N SER K 756 -55.90 23.16 -45.93
CA SER K 756 -57.27 23.63 -46.05
C SER K 756 -58.17 22.42 -46.20
N ARG K 757 -59.47 22.65 -45.99
CA ARG K 757 -60.49 21.61 -46.08
C ARG K 757 -61.35 21.82 -47.31
N ARG K 758 -61.91 20.72 -47.81
CA ARG K 758 -62.84 20.76 -48.93
C ARG K 758 -64.25 20.44 -48.45
N SER K 759 -65.21 20.57 -49.35
CA SER K 759 -66.62 20.55 -48.97
C SER K 759 -67.46 20.34 -50.22
N PRO K 760 -68.68 19.82 -50.08
CA PRO K 760 -69.55 19.71 -51.25
C PRO K 760 -69.88 21.05 -51.88
N ALA K 761 -69.93 22.12 -51.10
CA ALA K 761 -70.05 23.45 -51.69
C ALA K 761 -68.82 23.76 -52.56
N SER K 762 -67.64 23.38 -52.07
CA SER K 762 -66.43 23.53 -52.87
C SER K 762 -66.53 22.76 -54.17
N ALA K 763 -67.05 21.54 -54.12
CA ALA K 763 -67.20 20.74 -55.33
C ALA K 763 -68.20 21.38 -56.29
N ARG K 764 -69.29 21.93 -55.75
CA ARG K 764 -70.27 22.59 -56.60
C ARG K 764 -69.67 23.81 -57.28
N ARG K 765 -68.83 24.56 -56.57
CA ARG K 765 -68.14 25.68 -57.20
C ARG K 765 -67.18 25.19 -58.28
N LYS K 766 -66.38 24.17 -57.97
CA LYS K 766 -65.44 23.63 -58.94
C LYS K 766 -66.12 23.07 -60.17
N ALA K 767 -67.39 22.66 -60.05
CA ALA K 767 -68.11 22.16 -61.21
C ALA K 767 -68.48 23.24 -62.20
N ARG K 768 -68.33 24.52 -61.85
CA ARG K 768 -68.67 25.59 -62.78
C ARG K 768 -67.51 25.91 -63.72
N LEU K 769 -66.34 26.18 -63.17
CA LEU K 769 -65.25 26.75 -63.96
C LEU K 769 -64.75 25.76 -65.01
N ARG K 770 -64.55 26.27 -66.22
CA ARG K 770 -64.04 25.46 -67.32
C ARG K 770 -62.52 25.38 -67.28
N TYR K 771 -61.85 26.52 -67.14
CA TYR K 771 -60.40 26.59 -67.00
C TYR K 771 -60.07 27.06 -65.60
N LEU K 772 -59.15 26.38 -64.95
CA LEU K 772 -58.81 26.77 -63.59
C LEU K 772 -57.94 28.04 -63.63
N PRO K 773 -58.33 29.11 -62.94
CA PRO K 773 -57.51 30.31 -62.93
C PRO K 773 -56.17 30.07 -62.27
N LEU K 774 -55.27 31.03 -62.44
CA LEU K 774 -53.93 30.96 -61.88
C LEU K 774 -53.70 32.15 -60.96
N ILE K 775 -53.35 31.86 -59.71
CA ILE K 775 -53.08 32.93 -58.75
C ILE K 775 -51.81 33.68 -59.16
N ASP K 776 -51.63 34.86 -58.57
CA ASP K 776 -50.34 35.52 -58.72
C ASP K 776 -49.46 35.20 -57.52
N PRO K 777 -48.22 34.81 -57.73
CA PRO K 777 -47.44 34.24 -56.63
C PRO K 777 -46.70 35.29 -55.81
N ARG K 778 -47.06 36.56 -55.93
CA ARG K 778 -46.27 37.60 -55.27
C ARG K 778 -46.35 37.50 -53.76
N SER K 779 -47.55 37.30 -53.22
CA SER K 779 -47.72 37.28 -51.77
C SER K 779 -46.97 36.14 -51.11
N LEU K 780 -46.71 35.06 -51.85
CA LEU K 780 -45.93 33.96 -51.32
C LEU K 780 -44.45 34.11 -51.61
N GLU K 781 -44.08 34.70 -52.75
CA GLU K 781 -42.68 34.93 -53.05
C GLU K 781 -42.06 35.94 -52.10
N VAL K 782 -42.83 36.90 -51.62
CA VAL K 782 -42.28 37.92 -50.74
C VAL K 782 -41.89 37.35 -49.39
N GLN K 783 -42.45 36.21 -49.00
CA GLN K 783 -42.22 35.65 -47.67
C GLN K 783 -40.77 35.22 -47.53
N ALA K 784 -40.02 35.91 -46.67
CA ALA K 784 -38.64 35.56 -46.39
C ALA K 784 -38.48 35.25 -44.91
N ARG K 785 -39.42 34.49 -44.36
CA ARG K 785 -39.52 34.27 -42.93
C ARG K 785 -39.62 32.78 -42.63
N THR K 786 -39.91 32.42 -41.39
CA THR K 786 -40.08 31.03 -40.99
C THR K 786 -41.36 30.91 -40.19
N ILE K 787 -42.26 30.03 -40.63
CA ILE K 787 -43.57 29.86 -40.02
C ILE K 787 -43.67 28.38 -39.63
N LEU K 788 -43.54 28.09 -38.34
CA LEU K 788 -43.50 26.72 -37.88
C LEU K 788 -44.85 26.02 -38.12
N PRO K 789 -44.83 24.74 -38.41
CA PRO K 789 -46.07 24.03 -38.74
C PRO K 789 -46.93 23.73 -37.51
N SER K 790 -48.00 22.98 -37.74
CA SER K 790 -48.85 22.47 -36.66
C SER K 790 -49.61 21.27 -37.19
N ASN K 791 -50.03 20.41 -36.27
CA ASN K 791 -50.73 19.19 -36.66
C ASN K 791 -52.08 19.54 -37.28
N PRO K 792 -52.43 18.92 -38.40
CA PRO K 792 -53.71 19.24 -39.04
C PRO K 792 -54.89 18.68 -38.26
N VAL K 793 -55.98 19.43 -38.26
CA VAL K 793 -57.21 19.07 -37.56
C VAL K 793 -58.38 19.29 -38.51
N LEU K 794 -59.34 18.36 -38.49
CA LEU K 794 -60.49 18.50 -39.39
C LEU K 794 -61.39 19.64 -38.94
N PHE K 795 -61.86 19.60 -37.69
CA PHE K 795 -62.68 20.68 -37.15
C PHE K 795 -61.78 21.56 -36.27
N ASP K 796 -61.07 22.47 -36.94
CA ASP K 796 -60.07 23.28 -36.24
C ASP K 796 -60.71 24.29 -35.30
N ASN K 797 -61.87 24.82 -35.68
CA ASN K 797 -62.52 25.87 -34.89
C ASN K 797 -62.98 25.28 -33.56
N ILE K 798 -62.29 25.65 -32.48
CA ILE K 798 -62.57 25.04 -31.18
C ILE K 798 -63.66 25.78 -30.40
N ASN K 799 -63.92 27.04 -30.71
CA ASN K 799 -64.94 27.81 -30.01
C ASN K 799 -66.30 27.75 -30.68
N GLY K 800 -66.41 27.05 -31.81
CA GLY K 800 -67.67 26.98 -32.52
C GLY K 800 -67.98 28.24 -33.28
N ALA K 801 -68.82 28.14 -34.31
CA ALA K 801 -69.18 29.31 -35.08
C ALA K 801 -69.93 30.33 -34.22
N SER K 802 -70.02 31.55 -34.72
CA SER K 802 -70.68 32.62 -34.01
C SER K 802 -72.11 32.79 -34.51
N PRO K 803 -72.96 33.48 -33.75
CA PRO K 803 -74.36 33.63 -34.17
C PRO K 803 -74.51 34.39 -35.48
N HIS K 804 -73.65 35.35 -35.77
CA HIS K 804 -73.70 36.02 -37.07
C HIS K 804 -73.44 35.03 -38.19
N VAL K 805 -72.45 34.15 -38.02
CA VAL K 805 -72.17 33.13 -39.02
C VAL K 805 -73.37 32.19 -39.16
N CYS K 806 -73.99 31.81 -38.05
CA CYS K 806 -75.14 30.91 -38.12
C CYS K 806 -76.29 31.55 -38.87
N LEU K 807 -76.55 32.84 -38.62
CA LEU K 807 -77.61 33.54 -39.34
C LEU K 807 -77.32 33.62 -40.83
N THR K 808 -76.07 33.96 -41.18
CA THR K 808 -75.68 33.97 -42.58
C THR K 808 -75.86 32.60 -43.22
N MET K 809 -75.62 31.54 -42.47
CA MET K 809 -75.77 30.21 -43.04
C MET K 809 -77.24 29.83 -43.20
N MET K 810 -78.09 30.29 -42.29
CA MET K 810 -79.54 30.15 -42.50
C MET K 810 -79.96 30.81 -43.80
N TYR K 811 -79.49 32.05 -44.00
CA TYR K 811 -79.81 32.77 -45.24
C TYR K 811 -79.32 32.00 -46.47
N ASN K 812 -78.09 31.49 -46.40
CA ASN K 812 -77.52 30.78 -47.53
C ASN K 812 -78.31 29.52 -47.84
N PHE K 813 -78.68 28.76 -46.81
CA PHE K 813 -79.49 27.56 -47.03
C PHE K 813 -80.83 27.92 -47.66
N GLU K 814 -81.45 29.01 -47.20
CA GLU K 814 -82.72 29.41 -47.79
C GLU K 814 -82.57 29.74 -49.26
N VAL K 815 -81.49 30.45 -49.62
CA VAL K 815 -81.25 30.78 -51.02
C VAL K 815 -81.07 29.50 -51.85
N SER K 816 -80.21 28.60 -51.35
CA SER K 816 -79.92 27.39 -52.11
C SER K 816 -81.16 26.53 -52.28
N SER K 817 -82.02 26.48 -51.27
CA SER K 817 -83.26 25.73 -51.41
C SER K 817 -84.24 26.42 -52.35
N ALA K 818 -84.23 27.76 -52.39
CA ALA K 818 -85.16 28.47 -53.25
C ALA K 818 -84.79 28.32 -54.72
N VAL K 819 -83.50 28.40 -55.04
CA VAL K 819 -83.08 28.36 -56.44
C VAL K 819 -83.18 26.94 -56.97
N TYR K 820 -83.75 26.80 -58.16
CA TYR K 820 -83.84 25.54 -58.86
C TYR K 820 -82.69 25.43 -59.87
N ASP K 821 -82.74 24.42 -60.73
CA ASP K 821 -81.71 24.19 -61.72
C ASP K 821 -82.02 24.95 -63.01
N GLY K 822 -80.97 25.43 -63.66
CA GLY K 822 -81.12 26.11 -64.94
C GLY K 822 -81.95 27.37 -64.89
N ASP K 823 -81.76 28.18 -63.85
CA ASP K 823 -82.51 29.41 -63.67
C ASP K 823 -81.57 30.60 -63.65
N VAL K 824 -81.95 31.67 -64.33
CA VAL K 824 -81.15 32.88 -64.34
C VAL K 824 -81.41 33.65 -63.05
N VAL K 825 -80.35 33.99 -62.34
CA VAL K 825 -80.45 34.67 -61.06
C VAL K 825 -79.62 35.95 -61.13
N LEU K 826 -79.77 36.78 -60.10
CA LEU K 826 -78.92 37.95 -59.94
C LEU K 826 -79.00 38.40 -58.49
N ASP K 827 -77.87 38.37 -57.79
CA ASP K 827 -77.81 38.76 -56.40
C ASP K 827 -77.36 40.20 -56.27
N LEU K 828 -77.89 40.90 -55.28
CA LEU K 828 -77.63 42.31 -55.08
C LEU K 828 -76.67 42.46 -53.90
N GLY K 829 -75.44 42.86 -54.18
CA GLY K 829 -74.45 43.04 -53.14
C GLY K 829 -73.89 41.73 -52.62
N THR K 830 -73.18 41.00 -53.48
CA THR K 830 -72.65 39.70 -53.09
C THR K 830 -71.39 39.83 -52.24
N GLY K 831 -70.49 40.74 -52.60
CA GLY K 831 -69.24 40.89 -51.90
C GLY K 831 -68.06 40.54 -52.78
N PRO K 832 -66.85 40.83 -52.28
CA PRO K 832 -65.65 40.47 -53.05
C PRO K 832 -65.53 38.99 -53.32
N GLU K 833 -66.05 38.13 -52.45
CA GLU K 833 -66.08 36.69 -52.65
C GLU K 833 -67.52 36.29 -52.97
N ALA K 834 -67.74 35.79 -54.18
CA ALA K 834 -69.08 35.44 -54.64
C ALA K 834 -69.50 34.13 -53.98
N LYS K 835 -69.89 34.23 -52.71
CA LYS K 835 -70.30 33.05 -51.96
C LYS K 835 -71.50 32.36 -52.61
N ILE K 836 -72.35 33.13 -53.29
CA ILE K 836 -73.50 32.54 -53.96
C ILE K 836 -73.09 31.55 -55.03
N LEU K 837 -71.88 31.70 -55.58
CA LEU K 837 -71.38 30.74 -56.55
C LEU K 837 -71.31 29.33 -55.99
N GLU K 838 -71.18 29.20 -54.67
CA GLU K 838 -71.14 27.90 -54.03
C GLU K 838 -72.51 27.42 -53.58
N LEU K 839 -73.55 28.26 -53.67
CA LEU K 839 -74.86 27.89 -53.16
C LEU K 839 -75.74 27.29 -54.24
N ILE K 840 -76.02 28.05 -55.29
CA ILE K 840 -76.97 27.63 -56.31
C ILE K 840 -76.31 26.63 -57.24
N PRO K 841 -77.07 25.91 -58.07
CA PRO K 841 -76.48 24.84 -58.89
C PRO K 841 -75.51 25.39 -59.92
N SER K 842 -74.68 24.48 -60.41
CA SER K 842 -73.59 24.81 -61.33
C SER K 842 -74.00 24.87 -62.78
N THR K 843 -75.30 24.99 -63.07
CA THR K 843 -75.80 25.03 -64.44
C THR K 843 -76.81 26.16 -64.60
N SER K 844 -76.46 27.35 -64.11
CA SER K 844 -77.35 28.48 -64.18
C SER K 844 -76.55 29.78 -64.17
N PRO K 845 -76.87 30.73 -65.04
CA PRO K 845 -76.15 32.01 -65.01
C PRO K 845 -76.44 32.79 -63.75
N VAL K 846 -75.41 33.42 -63.21
CA VAL K 846 -75.44 33.92 -61.83
C VAL K 846 -75.03 35.38 -61.74
N THR K 847 -75.32 36.17 -62.78
CA THR K 847 -74.87 37.56 -62.86
C THR K 847 -75.23 38.38 -61.62
N CYS K 848 -74.21 38.83 -60.89
CA CYS K 848 -74.39 39.48 -59.60
C CYS K 848 -73.75 40.86 -59.59
N VAL K 849 -74.22 41.71 -58.68
CA VAL K 849 -73.82 43.11 -58.61
C VAL K 849 -73.39 43.45 -57.19
N ASP K 850 -72.44 44.39 -57.08
CA ASP K 850 -71.95 44.86 -55.79
C ASP K 850 -71.19 46.16 -56.02
N ILE K 851 -71.30 47.08 -55.05
CA ILE K 851 -70.64 48.37 -55.21
C ILE K 851 -69.13 48.24 -55.06
N ARG K 852 -68.67 47.24 -54.32
CA ARG K 852 -67.23 47.14 -54.20
C ARG K 852 -66.69 46.12 -55.20
N PRO K 853 -65.55 46.41 -55.84
CA PRO K 853 -65.09 45.54 -56.92
C PRO K 853 -64.78 44.13 -56.44
N THR K 854 -65.06 43.16 -57.29
CA THR K 854 -65.00 41.75 -56.90
C THR K 854 -63.56 41.30 -56.76
N ALA K 855 -63.40 40.03 -56.37
CA ALA K 855 -62.09 39.40 -56.24
C ALA K 855 -62.06 38.03 -56.89
N GLN K 856 -63.09 37.67 -57.65
CA GLN K 856 -63.15 36.39 -58.33
C GLN K 856 -62.50 36.47 -59.70
N PRO K 857 -62.24 35.33 -60.34
CA PRO K 857 -61.68 35.35 -61.69
C PRO K 857 -62.63 35.98 -62.69
N ASN K 858 -62.15 36.12 -63.91
CA ASN K 858 -62.95 36.59 -65.03
C ASN K 858 -62.74 35.62 -66.19
N GLY K 859 -63.82 35.31 -66.90
CA GLY K 859 -63.74 34.23 -67.86
C GLY K 859 -63.61 32.90 -67.13
N CYS K 860 -63.36 31.86 -67.92
CA CYS K 860 -63.25 30.47 -67.45
C CYS K 860 -64.40 30.07 -66.52
N TRP K 861 -65.61 30.09 -67.08
CA TRP K 861 -66.78 29.54 -66.42
C TRP K 861 -67.64 28.86 -67.48
N ASN K 862 -68.22 27.72 -67.12
CA ASN K 862 -69.06 27.00 -68.08
C ASN K 862 -70.32 27.80 -68.40
N VAL K 863 -71.14 28.04 -67.40
CA VAL K 863 -72.29 28.92 -67.56
C VAL K 863 -71.84 30.35 -67.33
N ARG K 864 -72.43 31.28 -68.05
CA ARG K 864 -71.96 32.67 -68.01
C ARG K 864 -72.26 33.29 -66.65
N THR K 865 -71.22 33.86 -66.04
CA THR K 865 -71.36 34.63 -64.82
C THR K 865 -70.67 35.97 -64.99
N THR K 866 -71.40 37.05 -64.75
CA THR K 866 -70.88 38.40 -64.95
C THR K 866 -70.89 39.17 -63.64
N PHE K 867 -69.88 40.00 -63.46
CA PHE K 867 -69.76 40.88 -62.32
C PHE K 867 -69.87 42.32 -62.78
N LEU K 868 -70.35 43.19 -61.89
CA LEU K 868 -70.50 44.59 -62.25
C LEU K 868 -70.82 45.40 -61.00
N GLU K 869 -70.20 46.57 -60.89
CA GLU K 869 -70.34 47.44 -59.73
C GLU K 869 -71.02 48.73 -60.17
N LEU K 870 -72.31 48.87 -59.82
CA LEU K 870 -73.04 50.04 -60.29
C LEU K 870 -74.03 50.62 -59.28
N ASP K 871 -73.95 50.25 -58.00
CA ASP K 871 -74.86 50.79 -56.99
C ASP K 871 -76.32 50.49 -57.35
N TYR K 872 -76.66 49.21 -57.23
CA TYR K 872 -77.94 48.67 -57.70
C TYR K 872 -79.15 49.48 -57.23
N LEU K 873 -79.03 50.16 -56.09
CA LEU K 873 -80.12 51.01 -55.61
C LEU K 873 -80.11 52.35 -56.34
N SER K 874 -80.19 52.31 -57.67
CA SER K 874 -80.17 53.51 -58.49
C SER K 874 -80.96 53.22 -59.77
N ASP K 875 -81.09 54.25 -60.60
CA ASP K 875 -81.95 54.18 -61.78
C ASP K 875 -81.13 53.97 -63.05
N GLY K 876 -81.71 53.21 -63.98
CA GLY K 876 -81.18 53.12 -65.32
C GLY K 876 -80.14 52.06 -65.57
N TRP K 877 -80.27 50.89 -64.94
CA TRP K 877 -79.35 49.80 -65.21
C TRP K 877 -80.01 48.44 -65.36
N ILE K 878 -81.28 48.27 -64.99
CA ILE K 878 -81.90 46.95 -65.01
C ILE K 878 -82.45 46.58 -66.37
N THR K 879 -82.77 47.57 -67.21
CA THR K 879 -83.46 47.31 -68.47
C THR K 879 -82.67 46.36 -69.37
N GLY K 880 -81.35 46.33 -69.24
CA GLY K 880 -80.55 45.42 -70.03
C GLY K 880 -80.27 44.10 -69.35
N VAL K 881 -80.35 44.06 -68.03
CA VAL K 881 -79.96 42.86 -67.30
C VAL K 881 -81.10 41.85 -67.34
N ARG K 882 -80.74 40.57 -67.23
CA ARG K 882 -81.69 39.48 -67.32
C ARG K 882 -81.68 38.66 -66.04
N GLY K 883 -82.83 38.11 -65.68
CA GLY K 883 -82.94 37.28 -64.51
C GLY K 883 -84.36 36.85 -64.19
N ASP K 884 -84.51 35.76 -63.44
CA ASP K 884 -85.81 35.28 -63.00
C ASP K 884 -86.04 35.49 -61.51
N ILE K 885 -85.05 35.14 -60.68
CA ILE K 885 -85.14 35.36 -59.24
C ILE K 885 -84.01 36.29 -58.83
N VAL K 886 -84.28 37.11 -57.83
CA VAL K 886 -83.32 38.08 -57.32
C VAL K 886 -83.21 37.91 -55.81
N THR K 887 -81.99 38.02 -55.30
CA THR K 887 -81.71 37.83 -53.88
C THR K 887 -80.92 39.01 -53.36
N CYS K 888 -81.35 39.55 -52.22
CA CYS K 888 -80.68 40.68 -51.57
C CYS K 888 -80.72 40.45 -50.07
N MET K 889 -79.66 39.87 -49.52
CA MET K 889 -79.60 39.50 -48.12
C MET K 889 -78.42 40.16 -47.45
N LEU K 890 -78.67 40.77 -46.29
CA LEU K 890 -77.64 41.43 -45.50
C LEU K 890 -77.03 42.62 -46.23
N SER K 891 -77.79 43.23 -47.14
CA SER K 891 -77.26 44.35 -47.90
C SER K 891 -78.23 45.53 -47.91
N LEU K 892 -79.52 45.26 -47.77
CA LEU K 892 -80.50 46.33 -47.89
C LEU K 892 -80.40 47.30 -46.71
N GLY K 893 -80.30 46.78 -45.49
CA GLY K 893 -80.11 47.64 -44.35
C GLY K 893 -78.81 48.41 -44.41
N ALA K 894 -77.75 47.77 -44.92
CA ALA K 894 -76.48 48.45 -45.08
C ALA K 894 -76.59 49.62 -46.05
N ALA K 895 -77.26 49.41 -47.18
CA ALA K 895 -77.44 50.50 -48.14
C ALA K 895 -78.30 51.60 -47.57
N ALA K 896 -79.36 51.24 -46.83
CA ALA K 896 -80.22 52.25 -46.22
C ALA K 896 -79.45 53.09 -45.21
N ALA K 897 -78.58 52.46 -44.42
CA ALA K 897 -77.76 53.22 -43.49
C ALA K 897 -76.74 54.07 -44.21
N GLY K 898 -76.19 53.56 -45.32
CA GLY K 898 -75.19 54.31 -46.05
C GLY K 898 -75.76 55.58 -46.67
N LYS K 899 -76.92 55.46 -47.32
CA LYS K 899 -77.57 56.64 -47.88
C LYS K 899 -78.30 57.47 -46.84
N SER K 900 -78.34 57.01 -45.59
CA SER K 900 -78.94 57.77 -44.49
C SER K 900 -80.41 58.04 -44.73
N MET K 901 -81.15 56.99 -45.12
CA MET K 901 -82.58 57.09 -45.34
C MET K 901 -83.28 56.03 -44.50
N THR K 902 -84.60 56.09 -44.49
CA THR K 902 -85.39 55.12 -43.75
C THR K 902 -85.48 53.80 -44.50
N PHE K 903 -85.71 52.72 -43.75
CA PHE K 903 -85.76 51.41 -44.36
C PHE K 903 -86.92 51.29 -45.33
N ASP K 904 -88.08 51.85 -44.97
CA ASP K 904 -89.21 51.81 -45.88
C ASP K 904 -88.93 52.56 -47.16
N ALA K 905 -88.27 53.71 -47.07
CA ALA K 905 -87.93 54.48 -48.28
C ALA K 905 -86.96 53.70 -49.16
N ALA K 906 -85.94 53.09 -48.55
CA ALA K 906 -84.99 52.30 -49.32
C ALA K 906 -85.68 51.11 -49.98
N PHE K 907 -86.56 50.43 -49.24
CA PHE K 907 -87.30 49.31 -49.80
C PHE K 907 -88.17 49.74 -50.97
N GLN K 908 -88.82 50.91 -50.84
CA GLN K 908 -89.67 51.39 -51.92
C GLN K 908 -88.85 51.74 -53.14
N GLN K 909 -87.68 52.35 -52.95
CA GLN K 909 -86.81 52.61 -54.09
C GLN K 909 -86.37 51.32 -54.76
N LEU K 910 -86.02 50.31 -53.96
CA LEU K 910 -85.62 49.03 -54.52
C LEU K 910 -86.75 48.38 -55.32
N VAL K 911 -87.97 48.45 -54.80
CA VAL K 911 -89.08 47.80 -55.50
C VAL K 911 -89.43 48.57 -56.76
N ARG K 912 -89.37 49.91 -56.71
CA ARG K 912 -89.68 50.69 -57.90
C ARG K 912 -88.63 50.48 -58.99
N VAL K 913 -87.37 50.25 -58.60
CA VAL K 913 -86.37 49.98 -59.62
C VAL K 913 -86.48 48.54 -60.12
N LEU K 914 -86.90 47.61 -59.27
CA LEU K 914 -87.09 46.24 -59.73
C LEU K 914 -88.32 46.06 -60.59
N THR K 915 -89.28 47.00 -60.52
CA THR K 915 -90.43 46.96 -61.42
C THR K 915 -89.99 46.97 -62.88
N ARG K 916 -88.89 47.65 -63.20
CA ARG K 916 -88.35 47.61 -64.55
C ARG K 916 -87.82 46.23 -64.90
N SER K 917 -87.42 45.46 -63.90
CA SER K 917 -86.79 44.16 -64.14
C SER K 917 -87.79 43.19 -64.75
N THR K 918 -87.27 42.05 -65.20
CA THR K 918 -88.07 41.01 -65.82
C THR K 918 -88.25 39.79 -64.92
N ALA K 919 -87.80 39.86 -63.67
CA ALA K 919 -87.95 38.75 -62.76
C ALA K 919 -89.43 38.52 -62.44
N ASN K 920 -89.72 37.35 -61.87
CA ASN K 920 -91.09 37.01 -61.50
C ASN K 920 -91.17 36.61 -60.03
N VAL K 921 -90.12 35.98 -59.52
CA VAL K 921 -90.02 35.61 -58.12
C VAL K 921 -88.93 36.47 -57.49
N LEU K 922 -89.15 36.85 -56.23
CA LEU K 922 -88.24 37.75 -55.55
C LEU K 922 -88.20 37.39 -54.07
N LEU K 923 -87.00 37.18 -53.55
CA LEU K 923 -86.81 36.89 -52.13
C LEU K 923 -85.63 37.70 -51.64
N ILE K 924 -85.85 38.53 -50.61
CA ILE K 924 -84.83 39.40 -50.07
C ILE K 924 -84.84 39.29 -48.56
N GLN K 925 -83.78 39.82 -47.94
CA GLN K 925 -83.66 39.83 -46.48
C GLN K 925 -84.15 41.18 -45.98
N VAL K 926 -85.47 41.28 -45.84
CA VAL K 926 -86.08 42.48 -45.30
C VAL K 926 -85.74 42.56 -43.83
N ASN K 927 -85.99 43.72 -43.22
CA ASN K 927 -85.56 43.99 -41.85
C ASN K 927 -86.79 44.45 -41.06
N CYS K 928 -87.43 43.50 -40.37
CA CYS K 928 -88.67 43.77 -39.67
C CYS K 928 -88.82 42.85 -38.47
N PRO K 929 -89.21 43.36 -37.31
CA PRO K 929 -89.45 42.50 -36.14
C PRO K 929 -90.80 41.80 -36.27
N THR K 930 -90.78 40.48 -36.23
CA THR K 930 -92.00 39.67 -36.34
C THR K 930 -92.41 39.08 -35.00
N ASP K 931 -92.17 39.79 -33.91
CA ASP K 931 -92.49 39.30 -32.57
C ASP K 931 -92.27 40.47 -31.61
N VAL K 932 -92.53 40.23 -30.33
CA VAL K 932 -92.33 41.27 -29.33
C VAL K 932 -90.85 41.61 -29.24
N ILE K 933 -90.54 42.91 -29.38
CA ILE K 933 -89.16 43.35 -29.38
C ILE K 933 -88.51 43.04 -28.05
N ARG K 934 -87.34 42.39 -28.09
CA ARG K 934 -86.71 41.86 -26.90
C ARG K 934 -85.34 42.46 -26.59
N THR K 935 -84.62 42.96 -27.60
CA THR K 935 -83.30 43.56 -27.41
C THR K 935 -82.31 42.56 -26.81
N ILE K 936 -81.99 41.56 -27.63
CA ILE K 936 -81.03 40.50 -27.30
C ILE K 936 -79.75 41.12 -26.76
N LYS K 937 -79.41 40.78 -25.52
CA LYS K 937 -78.31 41.45 -24.85
C LYS K 937 -76.98 41.07 -25.47
N GLY K 938 -76.16 42.09 -25.78
CA GLY K 938 -74.83 41.87 -26.29
C GLY K 938 -74.73 41.65 -27.79
N TYR K 939 -75.84 41.43 -28.48
CA TYR K 939 -75.77 41.16 -29.91
C TYR K 939 -76.69 42.06 -30.72
N LEU K 940 -77.83 42.43 -30.14
CA LEU K 940 -78.80 43.27 -30.85
C LEU K 940 -79.73 43.91 -29.84
N GLU K 941 -79.62 45.23 -29.66
CA GLU K 941 -80.54 45.96 -28.80
C GLU K 941 -81.33 46.95 -29.66
N ILE K 942 -82.63 46.78 -29.69
CA ILE K 942 -83.50 47.54 -30.59
C ILE K 942 -83.85 48.86 -29.93
N ASP K 943 -83.89 49.92 -30.73
CA ASP K 943 -84.25 51.26 -30.28
C ASP K 943 -85.69 51.54 -30.70
N GLN K 944 -86.59 51.61 -29.71
CA GLN K 944 -88.00 51.87 -30.00
C GLN K 944 -88.18 53.25 -30.63
N THR K 945 -87.50 54.26 -30.10
CA THR K 945 -87.75 55.63 -30.52
C THR K 945 -87.23 55.87 -31.93
N ASN K 946 -85.93 55.73 -32.13
CA ASN K 946 -85.29 56.03 -33.40
C ASN K 946 -85.35 54.87 -34.39
N LYS K 947 -85.69 53.66 -33.94
CA LYS K 947 -85.80 52.49 -34.79
C LYS K 947 -84.46 52.18 -35.47
N ARG K 948 -83.48 51.86 -34.64
CA ARG K 948 -82.16 51.43 -35.09
C ARG K 948 -81.81 50.12 -34.38
N TYR K 949 -80.65 49.57 -34.72
CA TYR K 949 -80.22 48.29 -34.14
C TYR K 949 -78.94 48.39 -33.33
N LYS K 950 -77.87 48.95 -33.89
CA LYS K 950 -76.59 49.07 -33.18
C LYS K 950 -76.05 47.69 -32.79
N PHE K 951 -75.69 46.92 -33.81
CA PHE K 951 -75.03 45.64 -33.60
C PHE K 951 -73.74 45.86 -32.83
N PRO K 952 -73.66 45.46 -31.56
CA PRO K 952 -72.48 45.77 -30.76
C PRO K 952 -71.23 44.97 -31.15
N LYS K 953 -71.39 43.88 -31.90
CA LYS K 953 -70.23 43.11 -32.32
C LYS K 953 -69.58 43.64 -33.58
N PHE K 954 -70.22 44.58 -34.28
CA PHE K 954 -69.65 45.17 -35.48
C PHE K 954 -69.74 46.69 -35.50
N GLY K 955 -70.32 47.30 -34.48
CA GLY K 955 -70.46 48.74 -34.46
C GLY K 955 -71.32 49.31 -35.56
N ARG K 956 -72.21 48.50 -36.12
CA ARG K 956 -73.10 48.93 -37.21
C ARG K 956 -74.50 49.17 -36.67
N ASP K 957 -75.32 49.81 -37.49
CA ASP K 957 -76.71 50.04 -37.17
C ASP K 957 -77.43 50.59 -38.39
N GLU K 958 -78.68 50.18 -38.55
CA GLU K 958 -79.50 50.65 -39.67
C GLU K 958 -80.95 50.59 -39.24
N PRO K 959 -81.82 51.35 -39.92
CA PRO K 959 -83.22 51.40 -39.51
C PRO K 959 -83.97 50.13 -39.87
N TYR K 960 -85.25 50.07 -39.50
CA TYR K 960 -86.11 48.95 -39.87
C TYR K 960 -87.52 49.49 -40.12
N SER K 961 -88.43 48.57 -40.45
CA SER K 961 -89.81 48.91 -40.74
C SER K 961 -90.69 47.84 -40.12
N ASP K 962 -91.96 47.80 -40.54
CA ASP K 962 -92.91 46.83 -40.04
C ASP K 962 -93.63 46.14 -41.19
N MET K 963 -94.25 45.01 -40.83
CA MET K 963 -94.78 44.07 -41.83
C MET K 963 -95.87 44.71 -42.67
N ASP K 964 -96.78 45.45 -42.05
CA ASP K 964 -97.88 46.03 -42.81
C ASP K 964 -97.38 47.09 -43.79
N SER K 965 -96.39 47.89 -43.39
CA SER K 965 -95.84 48.88 -44.30
C SER K 965 -95.15 48.22 -45.48
N LEU K 966 -94.33 47.21 -45.20
CA LEU K 966 -93.64 46.52 -46.30
C LEU K 966 -94.64 45.86 -47.24
N GLU K 967 -95.69 45.24 -46.69
CA GLU K 967 -96.69 44.60 -47.53
C GLU K 967 -97.47 45.62 -48.34
N ARG K 968 -97.73 46.79 -47.76
CA ARG K 968 -98.41 47.84 -48.52
C ARG K 968 -97.55 48.32 -49.67
N ILE K 969 -96.25 48.49 -49.44
CA ILE K 969 -95.36 48.89 -50.52
C ILE K 969 -95.33 47.83 -51.61
N CYS K 970 -95.26 46.55 -51.22
CA CYS K 970 -95.24 45.49 -52.21
C CYS K 970 -96.55 45.43 -53.00
N ARG K 971 -97.68 45.65 -52.34
CA ARG K 971 -98.97 45.64 -53.03
C ARG K 971 -99.08 46.81 -53.99
N ALA K 972 -98.64 48.01 -53.57
CA ALA K 972 -98.63 49.15 -54.47
C ALA K 972 -97.73 48.90 -55.67
N ALA K 973 -96.63 48.16 -55.47
CA ALA K 973 -95.79 47.78 -56.59
C ALA K 973 -96.53 46.84 -57.54
N TRP K 974 -96.98 45.70 -57.03
CA TRP K 974 -97.70 44.72 -57.83
C TRP K 974 -99.01 44.38 -57.14
N PRO K 975 -100.13 44.37 -57.87
CA PRO K 975 -101.41 44.01 -57.25
C PRO K 975 -101.56 42.52 -57.03
N ASN K 976 -101.00 41.71 -57.94
CA ASN K 976 -101.12 40.26 -57.88
C ASN K 976 -99.95 39.59 -57.17
N CYS K 977 -99.17 40.35 -56.41
CA CYS K 977 -98.06 39.76 -55.67
C CYS K 977 -98.59 38.84 -54.58
N SER K 978 -97.78 37.84 -54.22
CA SER K 978 -98.12 36.87 -53.18
C SER K 978 -97.00 36.89 -52.15
N ILE K 979 -97.13 37.78 -51.16
CA ILE K 979 -96.10 37.90 -50.13
C ILE K 979 -96.16 36.71 -49.20
N THR K 980 -94.99 36.22 -48.80
CA THR K 980 -94.91 35.10 -47.88
C THR K 980 -93.69 35.26 -47.00
N TRP K 981 -93.87 35.06 -45.70
CA TRP K 981 -92.80 35.18 -44.71
C TRP K 981 -92.28 33.78 -44.41
N VAL K 982 -91.07 33.47 -44.88
CA VAL K 982 -90.52 32.14 -44.65
C VAL K 982 -90.26 31.94 -43.17
N PRO K 983 -90.69 30.84 -42.57
CA PRO K 983 -90.49 30.62 -41.14
C PRO K 983 -89.14 30.00 -40.83
N LEU K 984 -88.61 30.35 -39.66
CA LEU K 984 -87.35 29.77 -39.22
C LEU K 984 -87.54 28.29 -38.95
N SER K 985 -86.52 27.50 -39.29
CA SER K 985 -86.60 26.05 -39.21
C SER K 985 -86.12 25.58 -37.85
N TYR K 986 -87.04 25.13 -37.01
CA TYR K 986 -86.67 24.53 -35.73
C TYR K 986 -86.05 23.16 -35.88
N ASP K 987 -86.16 22.56 -37.06
CA ASP K 987 -85.66 21.22 -37.34
C ASP K 987 -84.18 21.19 -37.72
N LEU K 988 -83.51 22.34 -37.72
CA LEU K 988 -82.07 22.41 -37.95
C LEU K 988 -81.67 21.89 -39.33
N ARG K 989 -82.55 22.06 -40.31
CA ARG K 989 -82.22 21.59 -41.65
C ARG K 989 -81.07 22.36 -42.27
N TRP K 990 -80.80 23.58 -41.81
CA TRP K 990 -79.70 24.39 -42.32
C TRP K 990 -78.35 23.93 -41.79
N THR K 991 -78.34 22.99 -40.85
CA THR K 991 -77.10 22.57 -40.23
C THR K 991 -76.19 21.84 -41.21
N LYS K 992 -76.74 21.37 -42.33
CA LYS K 992 -75.93 20.70 -43.36
C LYS K 992 -74.80 21.60 -43.85
N LEU K 993 -75.10 22.88 -44.10
CA LEU K 993 -74.08 23.80 -44.60
C LEU K 993 -72.94 23.99 -43.60
N ALA K 994 -73.19 23.73 -42.32
CA ALA K 994 -72.18 23.93 -41.29
C ALA K 994 -71.37 22.67 -41.03
N LEU K 995 -72.05 21.54 -40.84
CA LEU K 995 -71.34 20.31 -40.54
C LEU K 995 -70.65 19.74 -41.77
N LEU K 996 -71.26 19.86 -42.94
CA LEU K 996 -70.55 19.25 -44.06
C LEU K 996 -69.39 20.09 -44.55
N GLU K 997 -69.00 21.18 -43.90
CA GLU K 997 -67.81 21.92 -44.31
C GLU K 997 -66.94 22.28 -43.11
N SER K 998 -66.92 21.42 -42.09
CA SER K 998 -65.99 21.49 -40.98
C SER K 998 -66.14 22.80 -40.20
N THR K 999 -67.30 22.92 -39.55
CA THR K 999 -67.55 24.04 -38.64
C THR K 999 -68.33 23.55 -37.43
N THR K 1000 -67.81 23.86 -36.24
CA THR K 1000 -68.47 23.50 -34.99
C THR K 1000 -69.59 24.50 -34.70
N LEU K 1001 -70.61 24.05 -33.97
CA LEU K 1001 -71.83 24.83 -33.85
C LEU K 1001 -71.97 25.59 -32.54
N SER K 1002 -71.61 25.00 -31.39
CA SER K 1002 -71.64 25.73 -30.12
C SER K 1002 -73.06 26.21 -29.77
N SER K 1003 -73.88 25.24 -29.39
CA SER K 1003 -75.34 25.34 -29.21
C SER K 1003 -75.86 26.66 -28.64
N ALA K 1004 -75.15 27.28 -27.70
CA ALA K 1004 -75.54 28.60 -27.24
C ALA K 1004 -75.59 29.59 -28.41
N SER K 1005 -74.61 29.48 -29.31
CA SER K 1005 -74.58 30.35 -30.48
C SER K 1005 -75.77 30.10 -31.40
N VAL K 1006 -76.14 28.83 -31.60
CA VAL K 1006 -77.27 28.56 -32.49
C VAL K 1006 -78.57 29.02 -31.85
N ARG K 1007 -78.68 28.93 -30.52
CA ARG K 1007 -79.87 29.46 -29.87
C ARG K 1007 -79.96 30.98 -30.02
N ILE K 1008 -78.83 31.67 -29.86
CA ILE K 1008 -78.84 33.12 -30.05
C ILE K 1008 -79.19 33.46 -31.48
N ALA K 1009 -78.70 32.68 -32.44
CA ALA K 1009 -79.03 32.94 -33.84
C ALA K 1009 -80.51 32.72 -34.11
N GLU K 1010 -81.11 31.70 -33.49
CA GLU K 1010 -82.54 31.48 -33.66
C GLU K 1010 -83.33 32.64 -33.06
N LEU K 1011 -82.89 33.16 -31.91
CA LEU K 1011 -83.56 34.32 -31.33
C LEU K 1011 -83.44 35.53 -32.24
N MET K 1012 -82.27 35.71 -32.86
CA MET K 1012 -82.01 36.90 -33.66
C MET K 1012 -82.62 36.83 -35.06
N TYR K 1013 -82.95 35.63 -35.54
CA TYR K 1013 -83.54 35.52 -36.87
C TYR K 1013 -84.91 36.17 -36.92
N LYS K 1014 -85.68 36.08 -35.83
CA LYS K 1014 -87.05 36.57 -35.85
C LYS K 1014 -87.16 38.06 -36.10
N TYR K 1015 -86.10 38.82 -35.82
CA TYR K 1015 -86.09 40.25 -36.08
C TYR K 1015 -85.56 40.60 -37.46
N MET K 1016 -84.94 39.65 -38.15
CA MET K 1016 -84.43 39.87 -39.51
C MET K 1016 -84.89 38.72 -40.40
N PRO K 1017 -86.19 38.64 -40.67
CA PRO K 1017 -86.69 37.59 -41.56
C PRO K 1017 -86.35 37.89 -43.02
N ILE K 1018 -86.84 37.06 -43.93
CA ILE K 1018 -86.68 37.28 -45.36
C ILE K 1018 -88.00 36.95 -46.03
N MET K 1019 -88.61 37.94 -46.69
CA MET K 1019 -89.89 37.73 -47.36
C MET K 1019 -89.67 37.25 -48.78
N ARG K 1020 -90.51 36.33 -49.21
CA ARG K 1020 -90.54 35.88 -50.60
C ARG K 1020 -91.72 36.52 -51.30
N ILE K 1021 -91.49 36.99 -52.52
CA ILE K 1021 -92.49 37.71 -53.28
C ILE K 1021 -92.60 37.07 -54.67
N ASP K 1022 -93.81 36.67 -55.04
CA ASP K 1022 -94.10 36.16 -56.37
C ASP K 1022 -94.86 37.22 -57.14
N ILE K 1023 -94.25 37.74 -58.20
CA ILE K 1023 -94.87 38.81 -58.96
C ILE K 1023 -96.14 38.32 -59.65
N HIS K 1024 -96.12 37.07 -60.13
CA HIS K 1024 -97.28 36.48 -60.78
C HIS K 1024 -97.90 35.48 -59.79
N GLY K 1025 -98.77 35.99 -58.94
CA GLY K 1025 -99.41 35.15 -57.94
C GLY K 1025 -100.92 35.20 -57.99
N LEU K 1026 -101.57 34.67 -56.97
CA LEU K 1026 -103.02 34.65 -56.90
C LEU K 1026 -103.47 35.44 -55.68
N PRO K 1027 -104.20 36.54 -55.86
CA PRO K 1027 -104.66 37.32 -54.70
C PRO K 1027 -105.75 36.57 -53.95
N MET K 1028 -105.95 36.99 -52.70
CA MET K 1028 -106.97 36.39 -51.85
C MET K 1028 -107.40 37.40 -50.80
N GLU K 1029 -108.71 37.62 -50.71
CA GLU K 1029 -109.25 38.54 -49.73
C GLU K 1029 -109.09 37.96 -48.32
N LYS K 1030 -109.35 38.81 -47.32
CA LYS K 1030 -109.23 38.39 -45.93
C LYS K 1030 -110.09 39.32 -45.07
N GLN K 1031 -110.10 39.04 -43.77
CA GLN K 1031 -110.83 39.83 -42.80
C GLN K 1031 -109.87 40.76 -42.07
N GLY K 1032 -110.37 41.43 -41.04
CA GLY K 1032 -109.57 42.40 -40.32
C GLY K 1032 -108.66 41.83 -39.25
N ASN K 1033 -109.20 40.96 -38.40
CA ASN K 1033 -108.47 40.53 -37.21
C ASN K 1033 -107.69 39.22 -37.44
N PHE K 1034 -108.38 38.14 -37.78
CA PHE K 1034 -107.77 36.82 -37.82
C PHE K 1034 -107.12 36.47 -36.49
N ILE K 1035 -107.81 36.77 -35.40
CA ILE K 1035 -107.32 36.49 -34.07
C ILE K 1035 -107.86 35.13 -33.62
N VAL K 1036 -107.10 34.45 -32.77
CA VAL K 1036 -107.50 33.12 -32.34
C VAL K 1036 -108.77 33.19 -31.51
N GLY K 1037 -109.55 32.11 -31.55
CA GLY K 1037 -110.79 32.03 -30.83
C GLY K 1037 -111.99 32.58 -31.55
N GLN K 1038 -111.79 33.40 -32.58
CA GLN K 1038 -112.89 34.00 -33.33
C GLN K 1038 -112.91 33.47 -34.74
N ASN K 1039 -114.03 33.68 -35.42
CA ASN K 1039 -114.18 33.20 -36.79
C ASN K 1039 -113.23 33.94 -37.72
N CYS K 1040 -112.83 33.25 -38.79
CA CYS K 1040 -111.88 33.81 -39.75
C CYS K 1040 -112.27 33.27 -41.14
N SER K 1041 -112.81 34.15 -41.97
CA SER K 1041 -113.15 33.80 -43.34
C SER K 1041 -112.02 34.16 -44.28
N LEU K 1042 -112.02 33.53 -45.45
CA LEU K 1042 -110.99 33.76 -46.45
C LEU K 1042 -111.56 33.44 -47.83
N VAL K 1043 -111.31 34.30 -48.80
CA VAL K 1043 -111.86 34.19 -50.14
C VAL K 1043 -110.71 34.01 -51.12
N ILE K 1044 -110.79 32.95 -51.93
CA ILE K 1044 -109.78 32.67 -52.95
C ILE K 1044 -110.48 32.15 -54.20
N PRO K 1045 -110.60 32.96 -55.25
CA PRO K 1045 -111.39 32.58 -56.42
C PRO K 1045 -110.58 31.95 -57.54
N GLY K 1046 -111.27 31.08 -58.28
CA GLY K 1046 -110.82 30.68 -59.60
C GLY K 1046 -109.88 29.50 -59.72
N PHE K 1047 -110.11 28.44 -58.95
CA PHE K 1047 -109.32 27.22 -59.05
C PHE K 1047 -110.18 26.03 -59.46
N ASN K 1048 -111.23 26.29 -60.25
CA ASN K 1048 -112.06 25.34 -61.01
C ASN K 1048 -112.31 24.02 -60.27
N ALA K 1049 -112.91 24.15 -59.09
CA ALA K 1049 -113.51 23.04 -58.36
C ALA K 1049 -112.51 21.97 -57.94
N GLN K 1050 -111.21 22.27 -57.98
CA GLN K 1050 -110.17 21.39 -57.45
C GLN K 1050 -109.35 22.24 -56.48
N ASP K 1051 -109.60 22.05 -55.19
CA ASP K 1051 -109.18 22.99 -54.15
C ASP K 1051 -108.34 22.30 -53.09
N VAL K 1052 -107.29 21.60 -53.52
CA VAL K 1052 -106.40 20.96 -52.55
C VAL K 1052 -105.50 22.05 -51.97
N PHE K 1053 -105.89 22.57 -50.81
CA PHE K 1053 -105.15 23.58 -50.09
C PHE K 1053 -104.56 22.98 -48.83
N ASN K 1054 -103.47 23.57 -48.35
CA ASN K 1054 -102.86 23.11 -47.10
C ASN K 1054 -102.01 24.23 -46.51
N CYS K 1055 -102.54 24.90 -45.49
CA CYS K 1055 -101.77 25.91 -44.78
C CYS K 1055 -100.88 25.23 -43.75
N TYR K 1056 -99.70 25.81 -43.53
CA TYR K 1056 -98.67 25.23 -42.69
C TYR K 1056 -98.41 26.16 -41.51
N PHE K 1057 -98.43 25.61 -40.29
CA PHE K 1057 -98.14 26.39 -39.10
C PHE K 1057 -96.71 26.93 -39.17
N ASN K 1058 -95.74 26.01 -39.17
CA ASN K 1058 -94.35 26.34 -39.49
C ASN K 1058 -93.85 25.54 -40.68
N SER K 1059 -93.83 24.22 -40.55
CA SER K 1059 -93.60 23.34 -41.69
C SER K 1059 -94.55 22.16 -41.73
N ALA K 1060 -95.28 21.87 -40.66
CA ALA K 1060 -96.23 20.78 -40.65
C ALA K 1060 -97.54 21.21 -41.32
N LEU K 1061 -98.28 20.22 -41.80
CA LEU K 1061 -99.54 20.48 -42.49
C LEU K 1061 -100.66 20.74 -41.49
N ALA K 1062 -101.60 21.57 -41.90
CA ALA K 1062 -102.79 21.86 -41.11
C ALA K 1062 -103.91 22.18 -42.08
N PHE K 1063 -105.02 21.43 -42.00
CA PHE K 1063 -106.13 21.61 -42.91
C PHE K 1063 -105.70 21.37 -44.36
N SER K 1064 -105.37 20.11 -44.63
CA SER K 1064 -105.10 19.69 -46.00
C SER K 1064 -106.34 19.75 -46.88
N THR K 1065 -107.53 19.98 -46.32
CA THR K 1065 -108.80 20.25 -46.99
C THR K 1065 -109.26 19.10 -47.90
N GLU K 1066 -108.53 18.00 -47.93
CA GLU K 1066 -109.06 16.78 -48.49
C GLU K 1066 -110.07 16.14 -47.55
N ASP K 1067 -109.98 16.44 -46.26
CA ASP K 1067 -110.97 16.04 -45.27
C ASP K 1067 -110.83 16.97 -44.07
N VAL K 1068 -111.84 17.82 -43.85
CA VAL K 1068 -111.75 18.82 -42.79
C VAL K 1068 -111.72 18.18 -41.41
N ASN K 1069 -112.16 16.92 -41.29
CA ASN K 1069 -112.16 16.23 -40.01
C ASN K 1069 -110.76 15.82 -39.55
N SER K 1070 -109.75 15.94 -40.41
CA SER K 1070 -108.39 15.58 -40.06
C SER K 1070 -107.50 16.80 -39.82
N ALA K 1071 -108.08 17.99 -39.74
CA ALA K 1071 -107.30 19.19 -39.53
C ALA K 1071 -106.73 19.22 -38.11
N MET K 1072 -105.79 20.14 -37.89
CA MET K 1072 -105.16 20.31 -36.60
C MET K 1072 -105.58 21.60 -35.91
N ILE K 1073 -106.65 22.24 -36.39
CA ILE K 1073 -107.17 23.46 -35.76
C ILE K 1073 -108.52 23.14 -35.13
N PRO K 1074 -109.04 24.03 -34.28
CA PRO K 1074 -110.31 23.70 -33.60
C PRO K 1074 -111.48 23.50 -34.54
N GLN K 1075 -111.49 24.15 -35.70
CA GLN K 1075 -112.63 24.01 -36.60
C GLN K 1075 -112.29 24.67 -37.93
N VAL K 1076 -112.84 24.11 -39.01
CA VAL K 1076 -112.60 24.63 -40.34
C VAL K 1076 -113.59 24.03 -41.31
N THR K 1077 -114.02 24.82 -42.30
CA THR K 1077 -114.99 24.40 -43.30
C THR K 1077 -114.62 25.01 -44.64
N ALA K 1078 -115.30 24.58 -45.70
CA ALA K 1078 -115.05 25.10 -47.03
C ALA K 1078 -116.30 24.93 -47.89
N GLN K 1079 -116.41 25.79 -48.90
CA GLN K 1079 -117.49 25.74 -49.87
C GLN K 1079 -116.98 26.27 -51.20
N PHE K 1080 -117.59 25.81 -52.29
CA PHE K 1080 -117.10 26.17 -53.63
C PHE K 1080 -117.77 27.42 -54.20
N ASP K 1081 -119.09 27.54 -54.06
CA ASP K 1081 -119.83 28.68 -54.60
C ASP K 1081 -119.66 28.78 -56.12
N ALA K 1082 -120.21 27.77 -56.79
CA ALA K 1082 -120.01 27.60 -58.23
C ALA K 1082 -120.42 28.84 -59.02
N ASN K 1083 -121.45 29.55 -58.57
CA ASN K 1083 -121.87 30.75 -59.28
C ASN K 1083 -120.82 31.85 -59.22
N LYS K 1084 -120.06 31.91 -58.13
CA LYS K 1084 -119.01 32.91 -57.98
C LYS K 1084 -117.64 32.39 -58.38
N GLY K 1085 -117.40 31.09 -58.23
CA GLY K 1085 -116.09 30.53 -58.52
C GLY K 1085 -115.04 30.88 -57.50
N GLU K 1086 -115.40 30.86 -56.21
CA GLU K 1086 -114.47 31.20 -55.15
C GLU K 1086 -114.86 30.47 -53.88
N TRP K 1087 -113.85 29.94 -53.17
CA TRP K 1087 -114.06 29.25 -51.91
C TRP K 1087 -114.11 30.24 -50.77
N SER K 1088 -114.92 29.91 -49.76
CA SER K 1088 -115.06 30.71 -48.54
C SER K 1088 -114.56 29.86 -47.38
N LEU K 1089 -113.25 29.90 -47.16
CA LEU K 1089 -112.63 29.13 -46.08
C LEU K 1089 -112.82 29.88 -44.77
N ASP K 1090 -113.65 29.33 -43.89
CA ASP K 1090 -113.90 29.91 -42.58
C ASP K 1090 -113.47 28.90 -41.52
N MET K 1091 -112.62 29.35 -40.59
CA MET K 1091 -112.09 28.45 -39.56
C MET K 1091 -111.69 29.28 -38.35
N VAL K 1092 -111.45 28.59 -37.24
CA VAL K 1092 -111.00 29.20 -36.00
C VAL K 1092 -109.66 28.58 -35.62
N PHE K 1093 -108.70 29.41 -35.25
CA PHE K 1093 -107.36 28.96 -34.93
C PHE K 1093 -107.14 28.97 -33.43
N SER K 1094 -106.06 28.30 -33.01
CA SER K 1094 -105.71 28.20 -31.61
C SER K 1094 -104.29 28.63 -31.29
N ASP K 1095 -103.46 28.92 -32.28
CA ASP K 1095 -102.08 29.31 -32.04
C ASP K 1095 -101.73 30.51 -32.92
N ALA K 1096 -101.20 31.55 -32.29
CA ALA K 1096 -100.81 32.75 -33.02
C ALA K 1096 -99.52 32.51 -33.79
N GLY K 1097 -99.44 33.09 -34.98
CA GLY K 1097 -98.26 32.95 -35.80
C GLY K 1097 -98.57 33.30 -37.25
N ILE K 1098 -97.68 32.85 -38.13
CA ILE K 1098 -97.77 33.10 -39.57
C ILE K 1098 -98.01 31.78 -40.27
N TYR K 1099 -98.97 31.77 -41.20
CA TYR K 1099 -99.32 30.58 -41.94
C TYR K 1099 -99.00 30.78 -43.42
N THR K 1100 -98.74 29.68 -44.12
CA THR K 1100 -98.28 29.73 -45.49
C THR K 1100 -99.40 29.61 -46.52
N MET K 1101 -100.33 28.68 -46.35
CA MET K 1101 -101.43 28.48 -47.29
C MET K 1101 -100.89 28.15 -48.67
N GLN K 1102 -100.22 26.99 -48.76
CA GLN K 1102 -99.43 26.65 -49.94
C GLN K 1102 -100.29 26.54 -51.19
N ALA K 1103 -101.54 26.10 -51.05
CA ALA K 1103 -102.49 26.09 -52.15
C ALA K 1103 -102.01 25.20 -53.30
N LEU K 1104 -101.95 23.91 -53.01
CA LEU K 1104 -101.62 22.91 -54.03
C LEU K 1104 -102.52 23.07 -55.25
N VAL K 1105 -101.90 23.10 -56.43
CA VAL K 1105 -102.64 23.37 -57.66
C VAL K 1105 -103.66 22.28 -57.92
N GLY K 1106 -104.75 22.65 -58.59
CA GLY K 1106 -105.74 21.68 -59.02
C GLY K 1106 -105.28 20.90 -60.23
N SER K 1107 -104.20 20.13 -60.07
CA SER K 1107 -103.59 19.37 -61.15
C SER K 1107 -102.45 18.56 -60.54
N ASN K 1108 -101.85 17.71 -61.37
CA ASN K 1108 -100.76 16.87 -60.92
C ASN K 1108 -99.44 17.62 -60.78
N ALA K 1109 -99.36 18.85 -61.28
CA ALA K 1109 -98.14 19.63 -61.17
C ALA K 1109 -97.91 20.06 -59.72
N ASN K 1110 -96.73 20.63 -59.47
CA ASN K 1110 -96.39 21.09 -58.14
C ASN K 1110 -97.35 22.18 -57.66
N PRO K 1111 -97.37 22.45 -56.35
CA PRO K 1111 -98.30 23.45 -55.83
C PRO K 1111 -97.82 24.87 -56.09
N VAL K 1112 -98.75 25.72 -56.51
CA VAL K 1112 -98.49 27.15 -56.67
C VAL K 1112 -98.82 27.85 -55.37
N SER K 1113 -97.86 28.58 -54.83
CA SER K 1113 -98.02 29.17 -53.51
C SER K 1113 -98.97 30.36 -53.54
N LEU K 1114 -99.60 30.61 -52.39
CA LEU K 1114 -100.38 31.81 -52.15
C LEU K 1114 -99.70 32.63 -51.06
N GLY K 1115 -100.30 33.77 -50.73
CA GLY K 1115 -99.75 34.62 -49.70
C GLY K 1115 -99.78 33.97 -48.33
N SER K 1116 -99.17 34.64 -47.38
CA SER K 1116 -99.18 34.24 -45.98
C SER K 1116 -100.04 35.20 -45.17
N PHE K 1117 -100.38 34.79 -43.96
CA PHE K 1117 -101.21 35.63 -43.09
C PHE K 1117 -100.90 35.30 -41.65
N VAL K 1118 -100.93 36.34 -40.81
CA VAL K 1118 -100.59 36.24 -39.40
C VAL K 1118 -101.88 36.30 -38.59
N VAL K 1119 -101.94 35.50 -37.52
CA VAL K 1119 -103.06 35.49 -36.60
C VAL K 1119 -102.61 36.11 -35.29
N ASP K 1120 -103.47 36.93 -34.70
CA ASP K 1120 -103.13 37.65 -33.49
C ASP K 1120 -103.54 36.85 -32.26
N SER K 1121 -102.87 37.12 -31.15
CA SER K 1121 -103.13 36.47 -29.88
C SER K 1121 -104.55 36.78 -29.40
N PRO K 1122 -105.07 36.07 -28.41
CA PRO K 1122 -106.43 36.34 -27.93
C PRO K 1122 -106.55 37.73 -27.33
N ASP K 1123 -107.74 38.31 -27.46
CA ASP K 1123 -108.03 39.57 -26.81
C ASP K 1123 -108.11 39.39 -25.29
N VAL K 1124 -108.02 40.51 -24.58
CA VAL K 1124 -108.07 40.48 -23.12
C VAL K 1124 -109.31 41.23 -22.64
N ASP K 1125 -110.37 41.20 -23.45
CA ASP K 1125 -111.60 41.92 -23.14
C ASP K 1125 -112.65 40.94 -22.63
N ILE K 1126 -113.21 41.24 -21.46
CA ILE K 1126 -114.15 40.37 -20.78
C ILE K 1126 -115.24 41.21 -20.14
N THR K 1127 -116.46 40.65 -20.10
CA THR K 1127 -117.60 41.34 -19.52
C THR K 1127 -118.56 40.31 -18.95
N ASP K 1128 -119.10 40.62 -17.77
CA ASP K 1128 -120.03 39.74 -17.07
C ASP K 1128 -121.39 40.42 -16.90
N ALA K 1129 -122.40 39.60 -16.63
CA ALA K 1129 -123.74 40.11 -16.37
C ALA K 1129 -124.57 38.98 -15.78
N TRP K 1130 -125.63 39.35 -15.08
CA TRP K 1130 -126.54 38.39 -14.47
C TRP K 1130 -127.96 38.88 -14.60
N PRO K 1131 -128.93 37.98 -14.49
CA PRO K 1131 -130.34 38.38 -14.63
C PRO K 1131 -130.78 39.28 -13.48
N ALA K 1132 -131.94 39.90 -13.66
CA ALA K 1132 -132.45 40.83 -12.66
C ALA K 1132 -132.82 40.12 -11.37
N GLN K 1133 -133.24 38.86 -11.44
CA GLN K 1133 -133.64 38.08 -10.29
C GLN K 1133 -132.59 37.03 -9.95
N LEU K 1134 -132.40 36.77 -8.66
CA LEU K 1134 -131.47 35.78 -8.18
C LEU K 1134 -132.07 35.06 -6.98
N ASP K 1135 -131.72 33.79 -6.83
CA ASP K 1135 -132.22 32.96 -5.75
C ASP K 1135 -131.07 32.40 -4.93
N PHE K 1136 -131.35 32.11 -3.65
CA PHE K 1136 -130.36 31.56 -2.73
C PHE K 1136 -130.79 30.13 -2.41
N THR K 1137 -130.40 29.19 -3.25
CA THR K 1137 -130.78 27.79 -3.10
C THR K 1137 -129.58 26.92 -3.45
N ILE K 1138 -129.82 25.62 -3.59
CA ILE K 1138 -128.77 24.71 -4.02
C ILE K 1138 -128.48 24.90 -5.50
N ALA K 1139 -129.49 25.30 -6.28
CA ALA K 1139 -129.25 25.57 -7.69
C ALA K 1139 -128.57 26.91 -7.91
N GLY K 1140 -128.75 27.85 -6.98
CA GLY K 1140 -128.13 29.16 -7.06
C GLY K 1140 -128.55 29.92 -8.31
N THR K 1141 -127.77 30.95 -8.62
CA THR K 1141 -127.98 31.78 -9.79
C THR K 1141 -126.92 31.48 -10.84
N ASP K 1142 -127.06 32.11 -12.00
CA ASP K 1142 -126.13 31.96 -13.10
C ASP K 1142 -125.95 33.29 -13.82
N VAL K 1143 -124.72 33.59 -14.20
CA VAL K 1143 -124.39 34.83 -14.89
C VAL K 1143 -123.94 34.49 -16.30
N ASP K 1144 -124.00 35.48 -17.19
CA ASP K 1144 -123.49 35.34 -18.54
C ASP K 1144 -122.28 36.23 -18.73
N ILE K 1145 -121.34 35.77 -19.56
CA ILE K 1145 -120.05 36.42 -19.71
C ILE K 1145 -119.66 36.41 -21.17
N THR K 1146 -119.02 37.50 -21.61
CA THR K 1146 -118.50 37.62 -22.97
C THR K 1146 -116.99 37.60 -22.90
N VAL K 1147 -116.38 36.56 -23.47
CA VAL K 1147 -114.94 36.39 -23.43
C VAL K 1147 -114.54 35.36 -24.49
N ASN K 1148 -113.32 35.45 -24.96
CA ASN K 1148 -112.82 34.49 -25.94
C ASN K 1148 -112.79 33.10 -25.32
N PRO K 1149 -113.32 32.08 -26.00
CA PRO K 1149 -113.33 30.72 -25.42
C PRO K 1149 -111.96 30.08 -25.25
N TYR K 1150 -110.87 30.78 -25.56
CA TYR K 1150 -109.54 30.21 -25.42
C TYR K 1150 -109.12 30.03 -23.96
N TYR K 1151 -109.81 30.67 -23.02
CA TYR K 1151 -109.37 30.74 -21.64
C TYR K 1151 -110.02 29.63 -20.81
N ARG K 1152 -109.74 29.65 -19.50
CA ARG K 1152 -110.27 28.64 -18.57
C ARG K 1152 -111.00 29.26 -17.39
N LEU K 1153 -110.52 30.39 -16.87
CA LEU K 1153 -111.29 31.25 -15.97
C LEU K 1153 -111.67 30.53 -14.66
N MET K 1154 -110.65 30.22 -13.87
CA MET K 1154 -110.93 29.77 -12.52
C MET K 1154 -111.20 30.96 -11.60
N ALA K 1155 -111.60 30.67 -10.36
CA ALA K 1155 -112.12 31.70 -9.46
C ALA K 1155 -110.99 32.47 -8.77
N PHE K 1156 -110.22 31.79 -7.92
CA PHE K 1156 -109.10 32.39 -7.20
C PHE K 1156 -109.55 33.55 -6.31
N VAL K 1157 -110.38 33.22 -5.33
CA VAL K 1157 -110.86 34.19 -4.34
C VAL K 1157 -109.73 34.40 -3.34
N LYS K 1158 -109.00 35.51 -3.46
CA LYS K 1158 -107.85 35.72 -2.61
C LYS K 1158 -108.27 36.20 -1.23
N ILE K 1159 -107.40 35.95 -0.25
CA ILE K 1159 -107.57 36.47 1.09
C ILE K 1159 -106.35 37.20 1.62
N ASP K 1160 -105.16 36.92 1.09
CA ASP K 1160 -103.91 37.48 1.56
C ASP K 1160 -102.96 37.53 0.37
N GLY K 1161 -101.65 37.58 0.64
CA GLY K 1161 -100.68 37.39 -0.42
C GLY K 1161 -100.92 36.13 -1.24
N GLN K 1162 -101.40 35.06 -0.59
CA GLN K 1162 -101.84 33.88 -1.32
C GLN K 1162 -103.16 34.15 -2.03
N TRP K 1163 -103.52 33.24 -2.93
CA TRP K 1163 -104.72 33.44 -3.77
C TRP K 1163 -105.88 32.53 -3.39
N GLN K 1164 -105.63 31.26 -3.10
CA GLN K 1164 -106.66 30.37 -2.55
C GLN K 1164 -107.86 30.27 -3.49
N ILE K 1165 -107.61 29.61 -4.63
CA ILE K 1165 -108.67 29.39 -5.63
C ILE K 1165 -109.92 28.82 -4.96
N ALA K 1166 -109.80 27.64 -4.34
CA ALA K 1166 -110.66 27.16 -3.27
C ALA K 1166 -112.16 27.30 -3.56
N ASN K 1167 -112.57 27.07 -4.81
CA ASN K 1167 -113.99 27.11 -5.17
C ASN K 1167 -114.32 25.95 -6.10
N PRO K 1168 -114.37 24.72 -5.56
CA PRO K 1168 -114.72 23.58 -6.41
C PRO K 1168 -116.18 23.58 -6.81
N ASP K 1169 -117.08 23.90 -5.88
CA ASP K 1169 -118.51 23.83 -6.13
C ASP K 1169 -119.21 25.17 -6.06
N LYS K 1170 -118.48 26.24 -5.75
CA LYS K 1170 -119.10 27.56 -5.71
C LYS K 1170 -119.31 28.12 -7.11
N PHE K 1171 -118.31 27.99 -7.98
CA PHE K 1171 -118.40 28.39 -9.36
C PHE K 1171 -118.33 27.15 -10.25
N GLN K 1172 -118.96 27.22 -11.42
CA GLN K 1172 -119.02 26.06 -12.29
C GLN K 1172 -119.48 26.51 -13.68
N PHE K 1173 -118.72 26.10 -14.69
CA PHE K 1173 -118.94 26.52 -16.07
C PHE K 1173 -119.35 25.32 -16.91
N PHE K 1174 -120.13 25.55 -17.97
CA PHE K 1174 -120.58 24.48 -18.84
C PHE K 1174 -119.67 24.29 -20.05
N SER K 1175 -119.57 25.30 -20.91
CA SER K 1175 -118.79 25.14 -22.15
C SER K 1175 -118.39 26.53 -22.65
N SER K 1176 -117.10 26.85 -22.54
CA SER K 1176 -116.62 28.21 -22.80
C SER K 1176 -116.85 28.67 -24.24
N ASN K 1177 -117.15 27.75 -25.16
CA ASN K 1177 -117.37 28.15 -26.56
C ASN K 1177 -118.58 29.07 -26.67
N THR K 1178 -119.66 28.76 -25.96
CA THR K 1178 -120.84 29.61 -25.94
C THR K 1178 -120.80 30.52 -24.71
N GLY K 1179 -121.88 31.26 -24.49
CA GLY K 1179 -121.99 32.06 -23.29
C GLY K 1179 -121.96 31.23 -22.02
N THR K 1180 -122.44 29.98 -22.11
CA THR K 1180 -122.28 28.88 -21.16
C THR K 1180 -122.83 29.15 -19.76
N LEU K 1181 -123.49 30.29 -19.55
CA LEU K 1181 -124.04 30.70 -18.26
C LEU K 1181 -123.03 30.46 -17.13
N VAL K 1182 -121.93 31.21 -17.21
CA VAL K 1182 -120.83 31.03 -16.27
C VAL K 1182 -121.29 31.34 -14.85
N MET K 1183 -120.50 30.83 -13.90
CA MET K 1183 -120.57 31.25 -12.50
C MET K 1183 -121.94 30.98 -11.90
N ASN K 1184 -122.26 29.68 -11.80
CA ASN K 1184 -123.42 29.24 -11.06
C ASN K 1184 -123.13 29.38 -9.56
N VAL K 1185 -123.07 30.62 -9.08
CA VAL K 1185 -122.61 30.90 -7.73
C VAL K 1185 -123.71 30.61 -6.72
N LYS K 1186 -123.31 30.12 -5.55
CA LYS K 1186 -124.21 29.87 -4.44
C LYS K 1186 -123.93 30.96 -3.40
N LEU K 1187 -124.77 31.98 -3.38
CA LEU K 1187 -124.47 33.18 -2.60
C LEU K 1187 -124.63 32.92 -1.11
N ASP K 1188 -123.86 33.68 -0.32
CA ASP K 1188 -123.91 33.63 1.13
C ASP K 1188 -123.23 34.89 1.65
N ILE K 1189 -123.45 35.17 2.95
CA ILE K 1189 -123.06 36.45 3.55
C ILE K 1189 -121.57 36.74 3.34
N ALA K 1190 -120.74 35.70 3.28
CA ALA K 1190 -119.30 35.89 3.16
C ALA K 1190 -118.94 36.67 1.90
N ASP K 1191 -119.75 36.58 0.85
CA ASP K 1191 -119.43 37.31 -0.38
C ASP K 1191 -119.38 38.82 -0.14
N ARG K 1192 -120.19 39.31 0.81
CA ARG K 1192 -120.19 40.72 1.14
C ARG K 1192 -118.82 41.20 1.59
N TYR K 1193 -117.99 40.30 2.11
CA TYR K 1193 -116.64 40.63 2.55
C TYR K 1193 -115.58 40.02 1.65
N LEU K 1194 -115.96 39.39 0.53
CA LEU K 1194 -115.02 38.65 -0.30
C LEU K 1194 -115.04 39.19 -1.72
N LEU K 1195 -113.89 39.63 -2.20
CA LEU K 1195 -113.71 40.00 -3.60
C LEU K 1195 -112.97 38.87 -4.31
N TYR K 1196 -113.39 38.58 -5.54
CA TYR K 1196 -113.07 37.29 -6.16
C TYR K 1196 -111.91 37.34 -7.14
N TYR K 1197 -111.84 38.35 -8.02
CA TYR K 1197 -110.74 38.47 -8.97
C TYR K 1197 -110.67 37.25 -9.90
N ILE K 1198 -111.70 37.13 -10.75
CA ILE K 1198 -111.73 36.08 -11.76
C ILE K 1198 -110.45 36.11 -12.60
N ARG K 1199 -109.76 34.97 -12.66
CA ARG K 1199 -108.43 34.91 -13.25
C ARG K 1199 -108.38 33.89 -14.38
N ASP K 1200 -107.32 33.97 -15.17
CA ASP K 1200 -107.07 33.04 -16.26
C ASP K 1200 -106.12 31.95 -15.81
N VAL K 1201 -106.24 30.77 -16.41
CA VAL K 1201 -105.44 29.60 -16.05
C VAL K 1201 -104.69 29.11 -17.28
N GLN K 1202 -103.38 28.98 -17.15
CA GLN K 1202 -102.54 28.39 -18.19
C GLN K 1202 -101.71 27.27 -17.58
N SER K 1203 -100.82 26.70 -18.39
CA SER K 1203 -99.96 25.63 -17.90
C SER K 1203 -98.82 26.18 -17.05
N ARG K 1204 -98.01 27.07 -17.64
CA ARG K 1204 -96.88 27.64 -16.90
C ARG K 1204 -97.34 28.66 -15.87
N ASP K 1205 -98.20 29.59 -16.28
CA ASP K 1205 -98.59 30.71 -15.45
C ASP K 1205 -100.11 30.71 -15.28
N VAL K 1206 -100.59 31.43 -14.28
CA VAL K 1206 -102.00 31.55 -13.99
C VAL K 1206 -102.35 33.03 -13.83
N GLY K 1207 -103.48 33.43 -14.42
CA GLY K 1207 -103.93 34.80 -14.33
C GLY K 1207 -102.93 35.80 -14.89
N PHE K 1208 -102.50 35.59 -16.13
CA PHE K 1208 -101.54 36.49 -16.76
C PHE K 1208 -102.16 37.39 -17.82
N TYR K 1209 -103.20 36.93 -18.51
CA TYR K 1209 -103.84 37.75 -19.54
C TYR K 1209 -104.96 38.61 -18.96
N ILE K 1210 -105.95 37.96 -18.34
CA ILE K 1210 -107.12 38.66 -17.80
C ILE K 1210 -107.23 38.33 -16.32
N GLN K 1211 -107.38 39.37 -15.50
CA GLN K 1211 -107.51 39.19 -14.06
C GLN K 1211 -108.25 40.41 -13.51
N HIS K 1212 -109.53 40.27 -13.23
CA HIS K 1212 -110.34 41.35 -12.69
C HIS K 1212 -111.29 40.80 -11.64
N PRO K 1213 -111.65 41.60 -10.65
CA PRO K 1213 -112.56 41.14 -9.61
C PRO K 1213 -114.01 41.26 -10.03
N LEU K 1214 -114.85 40.44 -9.38
CA LEU K 1214 -116.30 40.54 -9.53
C LEU K 1214 -116.77 41.70 -8.65
N GLN K 1215 -116.68 42.90 -9.22
CA GLN K 1215 -116.84 44.12 -8.44
C GLN K 1215 -118.24 44.23 -7.85
N LEU K 1216 -119.27 44.01 -8.67
CA LEU K 1216 -120.63 44.14 -8.18
C LEU K 1216 -121.14 42.87 -7.52
N LEU K 1217 -120.43 41.75 -7.66
CA LEU K 1217 -120.68 40.60 -6.80
C LEU K 1217 -119.98 40.73 -5.46
N ASN K 1218 -119.12 41.73 -5.29
CA ASN K 1218 -118.60 42.05 -3.97
C ASN K 1218 -119.73 42.43 -3.02
N THR K 1219 -120.75 43.11 -3.52
CA THR K 1219 -121.86 43.60 -2.71
C THR K 1219 -123.17 43.23 -3.39
N ILE K 1220 -124.06 42.55 -2.66
CA ILE K 1220 -125.37 42.19 -3.16
C ILE K 1220 -126.40 42.49 -2.08
N THR K 1221 -127.56 42.97 -2.50
CA THR K 1221 -128.67 43.20 -1.58
C THR K 1221 -129.25 41.85 -1.18
N LEU K 1222 -128.97 41.42 0.05
CA LEU K 1222 -129.38 40.11 0.51
C LEU K 1222 -130.82 40.16 1.02
N PRO K 1223 -131.74 39.38 0.44
CA PRO K 1223 -133.12 39.39 0.95
C PRO K 1223 -133.24 38.72 2.31
N THR K 1224 -133.51 39.51 3.34
CA THR K 1224 -133.63 38.97 4.68
C THR K 1224 -134.84 38.06 4.84
N ASN K 1225 -135.83 38.16 3.95
CA ASN K 1225 -137.00 37.30 4.05
C ASN K 1225 -136.66 35.85 3.73
N GLU K 1226 -135.82 35.63 2.73
CA GLU K 1226 -135.44 34.28 2.32
C GLU K 1226 -134.17 33.85 3.03
N ASP K 1227 -134.13 32.58 3.42
CA ASP K 1227 -132.94 32.03 4.06
C ASP K 1227 -131.74 32.07 3.13
N LEU K 1228 -130.55 31.95 3.71
CA LEU K 1228 -129.31 32.00 2.95
C LEU K 1228 -128.25 31.19 3.69
N PHE K 1229 -127.08 31.10 3.09
CA PHE K 1229 -125.99 30.29 3.62
C PHE K 1229 -125.08 31.14 4.49
N LEU K 1230 -124.47 30.50 5.50
CA LEU K 1230 -123.75 31.20 6.56
C LEU K 1230 -122.32 30.68 6.67
N SER K 1231 -121.63 30.61 5.54
CA SER K 1231 -120.21 30.27 5.59
C SER K 1231 -119.43 31.40 6.26
N ALA K 1232 -118.20 31.07 6.68
CA ALA K 1232 -117.44 32.10 7.36
C ALA K 1232 -116.40 32.73 6.43
N PRO K 1233 -116.16 34.02 6.56
CA PRO K 1233 -115.14 34.67 5.71
C PRO K 1233 -113.72 34.24 6.04
N ASP K 1234 -113.36 34.28 7.32
CA ASP K 1234 -111.99 34.02 7.74
C ASP K 1234 -112.03 33.32 9.09
N MET K 1235 -110.88 32.80 9.51
CA MET K 1235 -110.78 32.12 10.80
C MET K 1235 -110.80 33.07 11.98
N ARG K 1236 -110.68 34.38 11.75
CA ARG K 1236 -110.41 35.31 12.85
C ARG K 1236 -111.66 35.72 13.61
N GLU K 1237 -112.47 34.74 14.03
CA GLU K 1237 -113.52 34.93 15.02
C GLU K 1237 -114.55 35.99 14.57
N TRP K 1238 -115.25 35.68 13.50
CA TRP K 1238 -116.29 36.55 12.99
C TRP K 1238 -117.59 36.30 13.77
N ALA K 1239 -118.21 37.38 14.24
CA ALA K 1239 -119.42 37.29 15.06
C ALA K 1239 -120.66 37.51 14.19
N VAL K 1240 -121.66 36.66 14.40
CA VAL K 1240 -122.90 36.71 13.63
C VAL K 1240 -123.89 37.63 14.33
N LYS K 1241 -124.61 38.42 13.54
CA LYS K 1241 -125.66 39.31 14.05
C LYS K 1241 -126.91 39.13 13.20
N GLU K 1242 -128.04 38.93 13.86
CA GLU K 1242 -129.31 38.81 13.15
C GLU K 1242 -129.88 40.19 12.85
N SER K 1243 -130.18 40.98 13.88
CA SER K 1243 -130.69 42.32 13.71
C SER K 1243 -130.08 43.29 14.73
N GLY K 1244 -128.86 43.03 15.17
CA GLY K 1244 -128.19 43.85 16.15
C GLY K 1244 -128.07 43.23 17.53
N ASN K 1245 -128.64 42.04 17.74
CA ASN K 1245 -128.57 41.37 19.03
C ASN K 1245 -127.22 40.71 19.30
N THR K 1246 -126.30 40.73 18.33
CA THR K 1246 -124.95 40.18 18.47
C THR K 1246 -125.00 38.69 18.86
N ILE K 1247 -125.50 37.90 17.90
CA ILE K 1247 -125.53 36.46 18.08
C ILE K 1247 -124.11 35.94 18.29
N CYS K 1248 -124.01 34.76 18.91
CA CYS K 1248 -122.73 34.13 19.24
C CYS K 1248 -121.79 34.09 18.04
N ILE K 1249 -120.50 34.33 18.33
CA ILE K 1249 -119.51 34.45 17.27
C ILE K 1249 -119.35 33.13 16.54
N LEU K 1250 -119.20 33.22 15.22
CA LEU K 1250 -119.13 32.00 14.41
C LEU K 1250 -117.81 31.27 14.61
N ASN K 1251 -116.69 32.00 14.54
CA ASN K 1251 -115.37 31.42 14.72
C ASN K 1251 -114.85 31.59 16.15
N SER K 1252 -115.75 31.59 17.13
CA SER K 1252 -115.32 31.68 18.52
C SER K 1252 -114.74 30.34 18.97
N PRO K 1253 -113.68 30.37 19.79
CA PRO K 1253 -113.11 29.10 20.28
C PRO K 1253 -114.09 28.36 21.16
N GLY K 1254 -114.25 27.07 20.91
CA GLY K 1254 -115.23 26.28 21.62
C GLY K 1254 -116.65 26.73 21.29
N PHE K 1255 -117.06 26.54 20.05
CA PHE K 1255 -118.34 27.02 19.57
C PHE K 1255 -119.37 25.91 19.55
N ILE K 1256 -120.61 26.27 19.88
CA ILE K 1256 -121.75 25.37 19.80
C ILE K 1256 -122.70 25.91 18.74
N PRO K 1257 -123.06 25.13 17.73
CA PRO K 1257 -123.95 25.62 16.68
C PRO K 1257 -125.38 25.70 17.17
N PRO K 1258 -126.08 26.79 16.87
CA PRO K 1258 -127.50 26.87 17.26
C PRO K 1258 -128.33 25.81 16.56
N GLN K 1259 -129.41 25.41 17.22
CA GLN K 1259 -130.26 24.36 16.68
C GLN K 1259 -130.94 24.78 15.39
N ASP K 1260 -131.25 26.08 15.25
CA ASP K 1260 -131.90 26.54 14.02
C ASP K 1260 -130.96 26.42 12.82
N TRP K 1261 -129.70 26.79 13.00
CA TRP K 1261 -128.75 26.76 11.89
C TRP K 1261 -128.46 25.33 11.48
N ASP K 1262 -128.67 25.03 10.21
CA ASP K 1262 -128.41 23.70 9.66
C ASP K 1262 -127.10 23.69 8.90
N VAL K 1263 -126.36 22.59 9.00
CA VAL K 1263 -125.08 22.45 8.32
C VAL K 1263 -125.32 21.74 6.99
N LEU K 1264 -124.79 22.33 5.91
CA LEU K 1264 -124.92 21.71 4.61
C LEU K 1264 -124.00 20.50 4.48
N THR K 1265 -124.41 19.56 3.62
CA THR K 1265 -123.62 18.35 3.44
C THR K 1265 -122.23 18.67 2.90
N ASP K 1266 -122.14 19.58 1.94
CA ASP K 1266 -120.86 20.01 1.38
C ASP K 1266 -120.71 21.50 1.65
N THR K 1267 -119.79 21.84 2.55
CA THR K 1267 -119.56 23.25 2.88
C THR K 1267 -119.10 24.02 1.66
N ILE K 1268 -119.79 25.11 1.37
CA ILE K 1268 -119.49 25.94 0.20
C ILE K 1268 -118.66 27.12 0.70
N SER K 1269 -117.34 26.94 0.70
CA SER K 1269 -116.44 27.97 1.19
C SER K 1269 -115.04 27.66 0.66
N TRP K 1270 -114.19 28.70 0.64
CA TRP K 1270 -112.84 28.52 0.15
C TRP K 1270 -112.04 27.61 1.09
N SER K 1271 -112.27 27.73 2.38
CA SER K 1271 -111.55 26.84 3.30
C SER K 1271 -112.39 25.59 3.55
N PRO K 1272 -111.83 24.40 3.34
CA PRO K 1272 -112.59 23.18 3.64
C PRO K 1272 -112.98 23.03 5.10
N SER K 1273 -112.24 23.68 6.02
CA SER K 1273 -112.57 23.57 7.42
C SER K 1273 -113.90 24.25 7.74
N LEU K 1274 -114.18 25.37 7.10
CA LEU K 1274 -115.37 26.15 7.41
C LEU K 1274 -116.63 25.41 6.93
N PRO K 1275 -117.57 25.09 7.80
CA PRO K 1275 -118.83 24.49 7.37
C PRO K 1275 -119.79 25.57 6.86
N THR K 1276 -120.95 25.12 6.39
CA THR K 1276 -121.97 25.99 5.85
C THR K 1276 -123.24 25.90 6.70
N TYR K 1277 -123.85 27.04 6.95
CA TYR K 1277 -125.07 27.12 7.76
C TYR K 1277 -126.20 27.76 6.97
N VAL K 1278 -127.38 27.76 7.57
CA VAL K 1278 -128.56 28.38 7.00
C VAL K 1278 -129.13 29.35 8.04
N VAL K 1279 -129.59 30.51 7.57
CA VAL K 1279 -130.08 31.56 8.46
C VAL K 1279 -131.31 32.23 7.84
N PRO K 1280 -132.50 31.67 8.02
CA PRO K 1280 -133.69 32.23 7.36
C PRO K 1280 -134.08 33.60 7.90
N PRO K 1281 -134.19 33.81 9.24
CA PRO K 1281 -134.64 35.12 9.70
C PRO K 1281 -133.51 36.14 9.77
N GLY K 1282 -133.55 37.17 8.91
CA GLY K 1282 -132.57 38.23 8.91
C GLY K 1282 -131.14 37.75 8.79
N ASP K 1283 -130.39 37.88 9.89
CA ASP K 1283 -129.01 37.39 9.97
C ASP K 1283 -128.13 38.06 8.91
N TYR K 1284 -127.98 39.37 9.06
CA TYR K 1284 -127.19 40.19 8.14
C TYR K 1284 -126.20 41.03 8.93
N THR K 1285 -125.28 41.66 8.20
CA THR K 1285 -124.25 42.51 8.80
C THR K 1285 -123.39 41.70 9.77
N LEU K 1286 -122.67 40.73 9.20
CA LEU K 1286 -121.73 39.92 9.98
C LEU K 1286 -120.63 40.82 10.53
N THR K 1287 -120.62 41.03 11.85
CA THR K 1287 -119.72 42.01 12.42
C THR K 1287 -118.28 41.48 12.46
N PRO K 1288 -117.30 42.32 12.21
CA PRO K 1288 -115.90 41.88 12.30
C PRO K 1288 -115.46 41.69 13.74
N LEU K 1289 -114.25 41.16 13.89
CA LEU K 1289 -113.67 40.95 15.21
C LEU K 1289 -112.22 40.49 15.07
CA ALA L 2 -70.93 -20.83 -22.38
C ALA L 2 -69.48 -20.63 -21.96
N ASN L 3 -68.74 -21.72 -21.81
CA ASN L 3 -67.34 -21.64 -21.42
C ASN L 3 -66.57 -22.80 -21.99
N VAL L 4 -65.29 -22.56 -22.28
CA VAL L 4 -64.43 -23.60 -22.82
C VAL L 4 -63.67 -24.28 -21.68
N TRP L 5 -62.86 -23.53 -20.95
CA TRP L 5 -62.25 -24.02 -19.73
C TRP L 5 -62.30 -22.90 -18.69
N GLY L 6 -62.30 -21.66 -19.17
CA GLY L 6 -62.58 -20.51 -18.35
C GLY L 6 -63.70 -19.71 -19.01
N VAL L 7 -64.65 -19.26 -18.19
CA VAL L 7 -65.92 -18.78 -18.71
C VAL L 7 -65.73 -17.55 -19.59
N ARG L 8 -66.37 -17.57 -20.74
CA ARG L 8 -66.39 -16.44 -21.66
C ARG L 8 -67.78 -15.83 -21.68
N LEU L 9 -67.84 -14.54 -21.99
CA LEU L 9 -69.10 -13.83 -22.08
C LEU L 9 -70.02 -14.49 -23.08
N ALA L 10 -71.15 -14.98 -22.57
CA ALA L 10 -72.20 -15.47 -23.44
C ALA L 10 -73.23 -14.36 -23.67
N ASP L 11 -74.31 -14.70 -24.36
CA ASP L 11 -75.47 -13.83 -24.50
C ASP L 11 -75.24 -12.65 -25.43
N SER L 12 -74.03 -12.49 -25.94
CA SER L 12 -73.79 -11.40 -26.89
C SER L 12 -72.46 -11.64 -27.58
N LEU L 13 -72.25 -10.87 -28.65
CA LEU L 13 -71.19 -11.18 -29.60
C LEU L 13 -70.97 -9.97 -30.49
N SER L 14 -69.73 -9.48 -30.61
CA SER L 14 -69.47 -8.27 -31.38
C SER L 14 -68.11 -8.37 -32.04
N SER L 15 -67.81 -7.38 -32.87
CA SER L 15 -66.54 -7.31 -33.59
C SER L 15 -66.48 -5.99 -34.34
N PRO L 16 -65.29 -5.55 -34.73
CA PRO L 16 -65.15 -4.29 -35.46
C PRO L 16 -65.87 -4.35 -36.81
N THR L 17 -66.00 -3.19 -37.43
CA THR L 17 -66.74 -3.10 -38.68
C THR L 17 -65.97 -2.37 -39.79
N ILE L 18 -65.12 -1.42 -39.43
CA ILE L 18 -64.42 -0.60 -40.40
C ILE L 18 -62.92 -0.80 -40.24
N GLU L 19 -62.21 -0.83 -41.37
CA GLU L 19 -60.77 -1.04 -41.40
C GLU L 19 -60.12 0.04 -42.23
N THR L 20 -59.07 0.64 -41.68
CA THR L 20 -58.39 1.72 -42.40
C THR L 20 -57.58 1.18 -43.55
N ARG L 21 -57.46 1.99 -44.60
CA ARG L 21 -56.71 1.60 -45.78
C ARG L 21 -55.22 1.79 -45.57
N THR L 22 -54.43 0.89 -46.16
CA THR L 22 -52.99 0.90 -45.94
C THR L 22 -52.36 2.17 -46.50
N ARG L 23 -51.21 2.53 -45.93
CA ARG L 23 -50.45 3.71 -46.33
C ARG L 23 -49.03 3.29 -46.66
N HIS L 24 -48.60 3.56 -47.89
CA HIS L 24 -47.24 3.21 -48.27
C HIS L 24 -46.24 4.08 -47.52
N TYR L 25 -45.03 3.56 -47.38
CA TYR L 25 -43.99 4.15 -46.56
C TYR L 25 -42.95 4.78 -47.46
N THR L 26 -42.78 6.09 -47.35
CA THR L 26 -41.95 6.87 -48.26
C THR L 26 -40.73 7.41 -47.53
N LEU L 27 -39.79 7.94 -48.32
CA LEU L 27 -38.54 8.41 -47.76
C LEU L 27 -38.74 9.58 -46.80
N HIS L 28 -39.70 10.44 -47.11
CA HIS L 28 -40.02 11.54 -46.20
C HIS L 28 -40.49 11.00 -44.87
N ASP L 29 -41.35 9.98 -44.89
CA ASP L 29 -41.80 9.35 -43.65
C ASP L 29 -40.64 8.72 -42.91
N PHE L 30 -39.72 8.07 -43.64
CA PHE L 30 -38.56 7.46 -43.01
C PHE L 30 -37.73 8.51 -42.28
N TYR L 31 -37.46 9.63 -42.95
CA TYR L 31 -36.67 10.69 -42.34
C TYR L 31 -37.39 11.30 -41.14
N SER L 32 -38.69 11.51 -41.24
CA SER L 32 -39.43 12.10 -40.13
C SER L 32 -39.47 11.17 -38.92
N ASP L 33 -39.58 9.87 -39.16
CA ASP L 33 -39.51 8.92 -38.06
C ASP L 33 -38.09 8.83 -37.50
N LEU L 34 -37.09 9.04 -38.35
CA LEU L 34 -35.71 8.88 -37.91
C LEU L 34 -35.25 10.07 -37.08
N ASP L 35 -35.74 11.27 -37.38
CA ASP L 35 -35.46 12.43 -36.52
C ASP L 35 -36.59 12.61 -35.52
N ALA L 36 -36.58 11.73 -34.52
CA ALA L 36 -37.65 11.60 -33.55
C ALA L 36 -37.93 12.92 -32.84
N SER L 37 -39.09 13.50 -33.09
CA SER L 37 -39.47 14.77 -32.50
C SER L 37 -40.14 14.51 -31.16
N VAL L 38 -40.55 15.60 -30.49
CA VAL L 38 -41.11 15.47 -29.15
C VAL L 38 -42.49 14.84 -29.20
N GLY L 39 -43.24 15.07 -30.28
CA GLY L 39 -44.61 14.57 -30.34
C GLY L 39 -44.72 13.12 -30.75
N LYS L 40 -43.82 12.65 -31.61
CA LYS L 40 -43.96 11.32 -32.20
C LYS L 40 -42.58 10.65 -32.30
N GLU L 41 -42.24 9.89 -31.27
CA GLU L 41 -41.05 9.06 -31.31
C GLU L 41 -41.39 7.68 -31.83
N PRO L 42 -40.41 6.93 -32.31
CA PRO L 42 -40.65 5.57 -32.76
C PRO L 42 -40.81 4.54 -31.65
N TRP L 43 -40.86 4.97 -30.38
CA TRP L 43 -41.01 4.06 -29.26
C TRP L 43 -42.14 4.56 -28.37
N ARG L 44 -42.40 3.80 -27.30
CA ARG L 44 -43.43 4.17 -26.34
C ARG L 44 -43.15 3.46 -25.01
N PRO L 45 -43.02 4.21 -23.92
CA PRO L 45 -42.58 3.59 -22.66
C PRO L 45 -43.70 2.79 -21.99
N LEU L 46 -43.33 1.60 -21.53
CA LEU L 46 -44.19 0.76 -20.70
C LEU L 46 -43.68 0.85 -19.26
N ARG L 47 -44.60 0.96 -18.32
CA ARG L 47 -44.21 1.16 -16.93
C ARG L 47 -44.98 0.23 -16.00
N ASN L 48 -44.36 -0.05 -14.86
CA ASN L 48 -44.91 -0.97 -13.88
C ASN L 48 -46.21 -0.41 -13.30
N GLN L 49 -47.10 -1.33 -12.93
CA GLN L 49 -48.44 -0.96 -12.48
C GLN L 49 -48.52 -0.67 -10.99
N ARG L 50 -47.46 -0.92 -10.23
CA ARG L 50 -47.43 -0.63 -8.81
C ARG L 50 -46.51 0.52 -8.47
N THR L 51 -45.23 0.42 -8.86
CA THR L 51 -44.30 1.51 -8.61
C THR L 51 -44.47 2.66 -9.60
N ASN L 52 -45.10 2.40 -10.74
CA ASN L 52 -45.37 3.44 -11.74
C ASN L 52 -44.08 4.02 -12.29
N GLU L 53 -43.19 3.14 -12.74
CA GLU L 53 -41.91 3.54 -13.30
C GLU L 53 -41.66 2.76 -14.58
N ILE L 54 -40.85 3.34 -15.46
CA ILE L 54 -40.58 2.73 -16.75
C ILE L 54 -39.75 1.47 -16.55
N VAL L 55 -40.16 0.37 -17.17
CA VAL L 55 -39.47 -0.91 -17.00
C VAL L 55 -39.20 -1.56 -18.35
N ALA L 56 -39.85 -1.07 -19.40
CA ALA L 56 -39.69 -1.65 -20.72
C ALA L 56 -40.07 -0.61 -21.76
N VAL L 57 -39.91 -0.96 -23.03
CA VAL L 57 -40.20 -0.07 -24.14
C VAL L 57 -40.77 -0.88 -25.29
N GLN L 58 -41.72 -0.31 -26.01
CA GLN L 58 -42.23 -0.90 -27.24
C GLN L 58 -41.66 -0.14 -28.43
N LEU L 59 -41.32 -0.88 -29.48
CA LEU L 59 -40.60 -0.33 -30.62
C LEU L 59 -41.51 -0.28 -31.84
N PHE L 60 -41.29 0.72 -32.70
CA PHE L 60 -42.14 0.91 -33.87
C PHE L 60 -41.33 0.97 -35.16
N ARG L 61 -42.01 1.34 -36.25
CA ARG L 61 -41.63 1.18 -37.66
C ARG L 61 -40.14 1.30 -37.97
N PRO L 62 -39.48 2.40 -37.61
CA PRO L 62 -38.06 2.53 -37.98
C PRO L 62 -37.17 1.48 -37.33
N LEU L 63 -37.18 1.43 -36.01
CA LEU L 63 -36.33 0.49 -35.28
C LEU L 63 -37.17 -0.72 -34.86
N GLN L 64 -37.25 -1.69 -35.77
CA GLN L 64 -38.01 -2.89 -35.51
C GLN L 64 -37.26 -4.11 -36.05
N GLY L 65 -35.95 -3.99 -36.23
CA GLY L 65 -35.11 -5.01 -36.82
C GLY L 65 -33.89 -5.33 -35.99
N LEU L 66 -34.04 -5.43 -34.67
CA LEU L 66 -32.92 -5.52 -33.74
C LEU L 66 -32.50 -6.96 -33.44
N VAL L 67 -32.56 -7.81 -34.46
CA VAL L 67 -32.35 -9.26 -34.38
C VAL L 67 -31.12 -9.69 -33.57
N PHE L 68 -30.06 -8.88 -33.55
CA PHE L 68 -28.83 -9.31 -32.90
C PHE L 68 -29.01 -9.42 -31.39
N ASP L 69 -27.96 -9.85 -30.71
CA ASP L 69 -28.01 -10.01 -29.26
C ASP L 69 -28.01 -8.63 -28.60
N THR L 70 -28.48 -8.61 -27.35
CA THR L 70 -28.66 -7.34 -26.64
C THR L 70 -27.32 -6.71 -26.28
N GLN L 71 -26.27 -7.50 -26.09
CA GLN L 71 -25.00 -6.93 -25.66
C GLN L 71 -24.30 -6.17 -26.78
N LEU L 72 -24.59 -6.50 -28.04
CA LEU L 72 -23.93 -5.82 -29.14
C LEU L 72 -24.33 -4.36 -29.22
N TYR L 73 -25.55 -4.03 -28.78
CA TYR L 73 -26.03 -2.67 -28.94
C TYR L 73 -25.50 -1.75 -27.85
N GLY L 74 -25.33 -2.26 -26.64
CA GLY L 74 -24.82 -1.47 -25.54
C GLY L 74 -25.70 -0.28 -25.22
N PHE L 75 -26.97 -0.53 -24.92
CA PHE L 75 -27.86 0.56 -24.58
C PHE L 75 -27.60 1.04 -23.14
N PRO L 76 -27.92 2.29 -22.84
CA PRO L 76 -27.85 2.74 -21.45
C PRO L 76 -28.89 2.06 -20.58
N GLY L 77 -28.92 2.41 -19.30
CA GLY L 77 -29.82 1.73 -18.37
C GLY L 77 -31.17 2.38 -18.18
N THR L 78 -31.19 3.66 -17.83
CA THR L 78 -32.45 4.33 -17.57
C THR L 78 -33.14 4.72 -18.87
N PHE L 79 -34.43 4.98 -18.78
CA PHE L 79 -35.20 5.30 -19.99
C PHE L 79 -34.80 6.64 -20.57
N SER L 80 -34.58 7.64 -19.73
CA SER L 80 -34.21 8.97 -20.23
C SER L 80 -32.87 8.91 -20.93
N GLN L 81 -31.87 8.29 -20.29
CA GLN L 81 -30.57 8.13 -20.92
C GLN L 81 -30.68 7.34 -22.22
N TRP L 82 -31.49 6.28 -22.21
CA TRP L 82 -31.69 5.48 -23.42
C TRP L 82 -32.21 6.33 -24.56
N GLU L 83 -33.27 7.10 -24.31
CA GLU L 83 -33.87 7.86 -25.39
C GLU L 83 -32.96 8.98 -25.85
N GLN L 84 -32.19 9.59 -24.95
CA GLN L 84 -31.26 10.63 -25.37
C GLN L 84 -30.14 10.04 -26.24
N PHE L 85 -29.59 8.90 -25.82
CA PHE L 85 -28.64 8.13 -26.61
C PHE L 85 -29.16 7.86 -28.02
N MET L 86 -30.37 7.31 -28.11
CA MET L 86 -30.87 6.91 -29.41
C MET L 86 -31.24 8.10 -30.28
N LYS L 87 -31.70 9.19 -29.67
CA LYS L 87 -31.96 10.40 -30.44
C LYS L 87 -30.67 10.97 -31.01
N GLU L 88 -29.58 10.92 -30.23
CA GLU L 88 -28.33 11.49 -30.74
C GLU L 88 -27.68 10.58 -31.77
N LYS L 89 -28.00 9.28 -31.78
CA LYS L 89 -27.44 8.39 -32.79
C LYS L 89 -28.26 8.38 -34.09
N LEU L 90 -29.58 8.48 -33.98
CA LEU L 90 -30.40 8.49 -35.18
C LEU L 90 -30.13 9.72 -36.05
N ARG L 91 -29.64 10.82 -35.47
CA ARG L 91 -29.28 11.97 -36.29
C ARG L 91 -28.11 11.64 -37.20
N VAL L 92 -27.11 10.92 -36.69
CA VAL L 92 -25.99 10.52 -37.52
C VAL L 92 -26.46 9.60 -38.64
N LEU L 93 -27.33 8.65 -38.29
CA LEU L 93 -27.87 7.76 -39.32
C LEU L 93 -28.63 8.55 -40.39
N LYS L 94 -29.42 9.53 -39.96
CA LYS L 94 -30.16 10.38 -40.88
C LYS L 94 -29.22 11.16 -41.79
N TYR L 95 -28.13 11.69 -41.24
CA TYR L 95 -27.20 12.45 -42.07
C TYR L 95 -26.58 11.57 -43.13
N GLU L 96 -26.24 10.33 -42.78
CA GLU L 96 -25.68 9.41 -43.75
C GLU L 96 -26.69 9.10 -44.86
N VAL L 97 -27.93 8.80 -44.47
CA VAL L 97 -28.95 8.45 -45.45
C VAL L 97 -29.22 9.63 -46.38
N LEU L 98 -29.27 10.84 -45.83
CA LEU L 98 -29.47 12.02 -46.67
C LEU L 98 -28.29 12.27 -47.58
N ARG L 99 -27.07 12.01 -47.09
CA ARG L 99 -25.88 12.20 -47.92
C ARG L 99 -25.92 11.30 -49.14
N ILE L 100 -26.45 10.10 -48.99
CA ILE L 100 -26.53 9.22 -50.17
C ILE L 100 -27.78 9.46 -51.01
N TYR L 101 -28.89 9.86 -50.40
CA TYR L 101 -30.13 10.14 -51.13
C TYR L 101 -30.58 11.57 -50.89
N PRO L 102 -30.46 12.46 -51.87
CA PRO L 102 -31.00 13.81 -51.69
C PRO L 102 -32.52 13.78 -51.61
N ILE L 103 -33.06 14.58 -50.69
CA ILE L 103 -34.50 14.56 -50.46
C ILE L 103 -35.25 15.13 -51.67
N SER L 104 -34.69 16.17 -52.29
CA SER L 104 -35.39 16.85 -53.38
C SER L 104 -35.60 15.92 -54.57
N THR L 105 -34.60 15.10 -54.88
CA THR L 105 -34.75 14.15 -55.98
C THR L 105 -35.47 12.88 -55.52
N TYR L 106 -35.29 12.46 -54.28
CA TYR L 106 -36.00 11.30 -53.73
C TYR L 106 -36.82 11.79 -52.54
N ASN L 107 -38.01 12.33 -52.84
CA ASN L 107 -38.96 12.74 -51.81
C ASN L 107 -40.21 11.88 -51.77
N HIS L 108 -40.75 11.49 -52.93
CA HIS L 108 -42.07 10.86 -52.97
C HIS L 108 -42.04 9.47 -53.58
N ASP L 109 -41.10 8.63 -53.15
CA ASP L 109 -40.99 7.29 -53.71
C ASP L 109 -40.83 6.28 -52.58
N ARG L 110 -41.37 5.08 -52.82
CA ARG L 110 -41.45 4.05 -51.80
C ARG L 110 -40.06 3.64 -51.33
N VAL L 111 -39.91 3.48 -50.02
CA VAL L 111 -38.69 2.99 -49.41
C VAL L 111 -38.95 1.58 -48.89
N ASN L 112 -37.95 0.72 -48.99
CA ASN L 112 -38.08 -0.68 -48.62
C ASN L 112 -38.05 -0.81 -47.09
N VAL L 113 -39.11 -1.38 -46.54
CA VAL L 113 -39.24 -1.43 -45.08
C VAL L 113 -38.26 -2.41 -44.47
N PHE L 114 -38.02 -3.54 -45.16
CA PHE L 114 -37.03 -4.49 -44.69
C PHE L 114 -35.67 -3.83 -44.57
N VAL L 115 -35.26 -3.13 -45.63
CA VAL L 115 -33.98 -2.47 -45.64
C VAL L 115 -33.93 -1.40 -44.56
N ALA L 116 -35.03 -0.67 -44.36
CA ALA L 116 -35.03 0.40 -43.36
C ALA L 116 -34.81 -0.16 -41.96
N ASN L 117 -35.58 -1.19 -41.60
CA ASN L 117 -35.42 -1.79 -40.28
C ASN L 117 -34.04 -2.41 -40.12
N ALA L 118 -33.59 -3.18 -41.12
CA ALA L 118 -32.27 -3.78 -41.07
C ALA L 118 -31.17 -2.74 -40.99
N LEU L 119 -31.38 -1.58 -41.61
CA LEU L 119 -30.38 -0.53 -41.63
C LEU L 119 -30.23 0.10 -40.26
N VAL L 120 -31.35 0.42 -39.61
CA VAL L 120 -31.24 0.96 -38.26
C VAL L 120 -30.65 -0.09 -37.31
N GLY L 121 -31.01 -1.35 -37.51
CA GLY L 121 -30.49 -2.40 -36.64
C GLY L 121 -29.00 -2.60 -36.81
N ALA L 122 -28.51 -2.54 -38.05
CA ALA L 122 -27.08 -2.70 -38.30
C ALA L 122 -26.31 -1.48 -37.84
N PHE L 123 -26.88 -0.28 -38.01
CA PHE L 123 -26.18 0.91 -37.55
C PHE L 123 -26.07 0.94 -36.04
N LEU L 124 -27.11 0.52 -35.33
CA LEU L 124 -27.07 0.55 -33.88
C LEU L 124 -26.10 -0.47 -33.30
N SER L 125 -25.68 -1.47 -34.09
CA SER L 125 -24.78 -2.50 -33.61
C SER L 125 -23.44 -2.50 -34.32
N ASN L 126 -23.21 -1.58 -35.25
CA ASN L 126 -21.93 -1.45 -35.95
C ASN L 126 -21.61 -2.71 -36.74
N GLN L 127 -22.47 -3.02 -37.69
CA GLN L 127 -22.37 -4.25 -38.48
C GLN L 127 -22.29 -3.96 -39.97
N ALA L 128 -21.58 -2.91 -40.36
CA ALA L 128 -21.29 -2.60 -41.76
C ALA L 128 -22.60 -2.42 -42.56
N PHE L 129 -23.32 -1.37 -42.20
CA PHE L 129 -24.62 -1.11 -42.79
C PHE L 129 -24.56 -0.62 -44.23
N TYR L 130 -23.36 -0.34 -44.75
CA TYR L 130 -23.27 0.27 -46.08
C TYR L 130 -23.84 -0.64 -47.15
N ASP L 131 -23.67 -1.96 -47.00
CA ASP L 131 -24.24 -2.90 -47.96
C ASP L 131 -25.75 -2.80 -48.06
N LEU L 132 -26.41 -2.26 -47.03
CA LEU L 132 -27.85 -2.06 -47.04
C LEU L 132 -28.28 -0.77 -47.73
N LEU L 133 -27.37 0.20 -47.86
CA LEU L 133 -27.79 1.51 -48.35
C LEU L 133 -28.28 1.51 -49.80
N PRO L 134 -27.60 0.88 -50.76
CA PRO L 134 -28.11 0.91 -52.14
C PRO L 134 -29.36 0.09 -52.36
N LEU L 135 -29.94 -0.52 -51.33
CA LEU L 135 -31.17 -1.29 -51.44
C LEU L 135 -32.35 -0.58 -50.81
N LEU L 136 -32.20 0.69 -50.42
CA LEU L 136 -33.21 1.35 -49.61
C LEU L 136 -34.43 1.77 -50.41
N ILE L 137 -34.27 2.05 -51.70
CA ILE L 137 -35.37 2.50 -52.56
C ILE L 137 -35.87 1.32 -53.37
N VAL L 138 -37.17 1.07 -53.31
CA VAL L 138 -37.75 -0.12 -53.92
C VAL L 138 -37.92 0.08 -55.43
N ASN L 139 -38.01 -1.03 -56.15
CA ASN L 139 -38.38 -1.00 -57.57
C ASN L 139 -39.01 -2.32 -57.97
N ASP L 140 -40.28 -2.25 -58.36
CA ASP L 140 -41.06 -3.33 -58.96
C ASP L 140 -41.53 -4.37 -57.95
N THR L 141 -40.98 -4.37 -56.73
CA THR L 141 -41.53 -5.15 -55.62
C THR L 141 -40.66 -4.93 -54.39
N MET L 142 -41.25 -5.04 -53.20
CA MET L 142 -40.48 -4.96 -51.97
C MET L 142 -39.89 -6.30 -51.56
N ILE L 143 -40.26 -7.38 -52.24
CA ILE L 143 -39.74 -8.71 -51.95
C ILE L 143 -38.83 -9.21 -53.06
N SER L 144 -39.26 -9.07 -54.32
CA SER L 144 -38.46 -9.55 -55.43
C SER L 144 -37.13 -8.81 -55.52
N ASP L 145 -37.09 -7.57 -55.04
CA ASP L 145 -35.83 -6.83 -55.00
C ASP L 145 -34.81 -7.55 -54.12
N LEU L 146 -35.24 -8.00 -52.94
CA LEU L 146 -34.34 -8.74 -52.05
C LEU L 146 -34.07 -10.16 -52.54
N LEU L 147 -35.03 -10.76 -53.25
CA LEU L 147 -34.76 -12.07 -53.84
C LEU L 147 -33.74 -11.98 -54.97
N GLY L 148 -33.72 -10.88 -55.71
CA GLY L 148 -32.83 -10.74 -56.84
C GLY L 148 -31.50 -10.11 -56.48
N THR L 149 -31.42 -9.42 -55.34
CA THR L 149 -30.16 -8.84 -54.93
C THR L 149 -29.12 -9.93 -54.72
N GLY L 150 -27.85 -9.54 -54.85
CA GLY L 150 -26.77 -10.47 -54.68
C GLY L 150 -25.81 -10.05 -53.58
N ALA L 151 -26.20 -9.04 -52.81
CA ALA L 151 -25.37 -8.58 -51.72
C ALA L 151 -25.24 -9.66 -50.66
N ALA L 152 -24.08 -9.67 -49.99
CA ALA L 152 -23.77 -10.69 -48.98
C ALA L 152 -24.25 -10.18 -47.63
N LEU L 153 -25.50 -10.50 -47.31
CA LEU L 153 -26.09 -10.08 -46.03
C LEU L 153 -27.07 -11.17 -45.59
N SER L 154 -26.58 -12.08 -44.76
CA SER L 154 -27.37 -13.20 -44.28
C SER L 154 -27.69 -13.12 -42.80
N GLN L 155 -27.19 -12.10 -42.10
CA GLN L 155 -27.64 -11.90 -40.73
C GLN L 155 -29.10 -11.50 -40.67
N PHE L 156 -29.62 -10.92 -41.75
CA PHE L 156 -30.93 -10.32 -41.76
C PHE L 156 -31.95 -11.07 -42.59
N PHE L 157 -31.53 -11.71 -43.68
CA PHE L 157 -32.44 -12.46 -44.52
C PHE L 157 -31.65 -13.25 -45.54
N GLN L 158 -32.29 -14.26 -46.12
CA GLN L 158 -31.64 -15.14 -47.07
C GLN L 158 -32.69 -15.79 -47.95
N SER L 159 -32.51 -15.70 -49.26
CA SER L 159 -33.50 -16.19 -50.20
C SER L 159 -33.40 -17.71 -50.35
N HIS L 160 -34.52 -18.31 -50.75
CA HIS L 160 -34.62 -19.75 -50.97
C HIS L 160 -35.32 -20.03 -52.29
N GLY L 161 -35.04 -19.24 -53.31
CA GLY L 161 -35.68 -19.49 -54.60
C GLY L 161 -37.15 -19.16 -54.59
N GLU L 162 -37.47 -17.87 -54.55
CA GLU L 162 -38.83 -17.31 -54.51
C GLU L 162 -39.45 -17.36 -53.13
N VAL L 163 -38.68 -17.59 -52.07
CA VAL L 163 -39.20 -17.53 -50.71
C VAL L 163 -38.19 -16.79 -49.83
N LEU L 164 -38.44 -15.51 -49.58
CA LEU L 164 -37.55 -14.73 -48.74
C LEU L 164 -37.75 -15.09 -47.28
N GLU L 165 -36.65 -15.19 -46.54
CA GLU L 165 -36.67 -15.54 -45.13
C GLU L 165 -36.03 -14.42 -44.33
N VAL L 166 -36.82 -13.73 -43.53
CA VAL L 166 -36.33 -12.67 -42.66
C VAL L 166 -36.54 -13.09 -41.22
N ALA L 167 -35.67 -12.60 -40.34
CA ALA L 167 -35.72 -12.93 -38.92
C ALA L 167 -36.40 -11.79 -38.18
N ALA L 168 -37.57 -12.07 -37.61
CA ALA L 168 -38.28 -11.06 -36.84
C ALA L 168 -37.51 -10.71 -35.58
N GLY L 169 -37.70 -9.48 -35.11
CA GLY L 169 -36.97 -9.06 -33.93
C GLY L 169 -37.57 -7.98 -33.05
N ARG L 170 -37.68 -8.28 -31.76
CA ARG L 170 -37.80 -7.30 -30.67
C ARG L 170 -38.89 -6.27 -30.90
N LYS L 171 -40.14 -6.75 -30.85
CA LYS L 171 -41.26 -5.84 -30.69
C LYS L 171 -41.12 -5.00 -29.42
N TYR L 172 -40.53 -5.55 -28.37
CA TYR L 172 -40.41 -4.91 -27.07
C TYR L 172 -38.94 -4.67 -26.76
N LEU L 173 -38.67 -4.18 -25.56
CA LEU L 173 -37.30 -3.97 -25.11
C LEU L 173 -37.27 -3.78 -23.61
N GLN L 174 -36.30 -4.40 -22.94
CA GLN L 174 -36.26 -4.52 -21.51
C GLN L 174 -35.23 -3.58 -20.90
N MET L 175 -35.52 -3.09 -19.71
CA MET L 175 -34.66 -2.18 -18.98
C MET L 175 -34.05 -2.89 -17.77
N ASN L 176 -33.30 -2.14 -16.97
CA ASN L 176 -32.63 -2.74 -15.82
C ASN L 176 -33.61 -3.02 -14.69
N ASN L 177 -34.48 -2.07 -14.38
CA ASN L 177 -35.40 -2.22 -13.26
C ASN L 177 -36.54 -3.19 -13.54
N TYR L 178 -36.59 -3.77 -14.73
CA TYR L 178 -37.54 -4.84 -15.03
C TYR L 178 -37.00 -6.13 -14.43
N SER L 179 -37.58 -6.58 -13.32
CA SER L 179 -37.19 -7.85 -12.71
C SER L 179 -38.44 -8.68 -12.44
N ASN L 180 -38.93 -9.34 -13.50
CA ASN L 180 -39.93 -10.41 -13.45
C ASN L 180 -41.03 -10.22 -12.41
N ASP L 181 -41.52 -9.00 -12.25
CA ASP L 181 -42.43 -8.72 -11.16
C ASP L 181 -43.86 -9.08 -11.55
N ASP L 182 -44.69 -9.32 -10.54
CA ASP L 182 -46.09 -9.67 -10.79
C ASP L 182 -46.87 -8.51 -11.38
N ASP L 183 -46.36 -7.29 -11.28
CA ASP L 183 -47.01 -6.12 -11.86
C ASP L 183 -46.30 -5.59 -13.09
N ASP L 184 -45.18 -6.19 -13.49
CA ASP L 184 -44.52 -5.78 -14.71
C ASP L 184 -45.31 -6.25 -15.92
N PRO L 185 -45.23 -5.53 -17.03
CA PRO L 185 -45.97 -5.93 -18.22
C PRO L 185 -45.34 -7.15 -18.86
N PRO L 186 -46.15 -8.10 -19.33
CA PRO L 186 -45.58 -9.26 -20.00
C PRO L 186 -45.06 -8.88 -21.39
N LEU L 187 -43.95 -9.49 -21.77
CA LEU L 187 -43.31 -9.18 -23.04
C LEU L 187 -43.51 -10.24 -24.10
N PHE L 188 -44.02 -11.41 -23.73
CA PHE L 188 -44.44 -12.44 -24.69
C PHE L 188 -43.27 -12.96 -25.52
N ALA L 189 -42.07 -12.96 -24.96
CA ALA L 189 -40.86 -13.51 -25.56
C ALA L 189 -40.37 -12.69 -26.75
N LYS L 190 -41.03 -11.58 -27.10
CA LYS L 190 -40.62 -10.76 -28.23
C LYS L 190 -39.59 -9.72 -27.85
N ASP L 191 -38.87 -9.93 -26.75
CA ASP L 191 -37.86 -8.98 -26.31
C ASP L 191 -36.43 -9.44 -26.59
N LEU L 192 -36.22 -10.73 -26.83
CA LEU L 192 -34.89 -11.24 -27.14
C LEU L 192 -34.74 -11.49 -28.63
N SER L 193 -33.53 -11.90 -29.02
CA SER L 193 -33.06 -11.85 -30.39
C SER L 193 -33.93 -12.62 -31.38
N ASP L 194 -34.01 -13.94 -31.24
CA ASP L 194 -34.63 -14.80 -32.25
C ASP L 194 -35.74 -15.64 -31.62
N TYR L 195 -36.98 -15.24 -31.85
CA TYR L 195 -38.12 -15.99 -31.36
C TYR L 195 -38.94 -16.61 -32.46
N ALA L 196 -38.68 -16.27 -33.72
CA ALA L 196 -39.41 -16.82 -34.84
C ALA L 196 -38.74 -16.36 -36.12
N LYS L 197 -39.13 -16.99 -37.22
CA LYS L 197 -38.65 -16.62 -38.55
C LYS L 197 -39.85 -16.39 -39.46
N ALA L 198 -39.72 -15.43 -40.37
CA ALA L 198 -40.78 -15.05 -41.29
C ALA L 198 -40.38 -15.44 -42.70
N PHE L 199 -41.25 -16.18 -43.38
CA PHE L 199 -41.03 -16.63 -44.75
C PHE L 199 -41.99 -15.88 -45.66
N TYR L 200 -41.49 -14.89 -46.36
CA TYR L 200 -42.35 -14.11 -47.23
C TYR L 200 -42.27 -14.66 -48.66
N SER L 201 -43.39 -14.65 -49.36
CA SER L 201 -43.41 -15.04 -50.76
C SER L 201 -44.49 -14.24 -51.47
N ASP L 202 -44.86 -14.67 -52.67
CA ASP L 202 -45.92 -14.02 -53.43
C ASP L 202 -47.22 -14.81 -53.44
N THR L 203 -47.17 -16.12 -53.22
CA THR L 203 -48.36 -16.95 -53.26
C THR L 203 -48.31 -18.03 -52.19
N TYR L 204 -49.45 -18.22 -51.54
CA TYR L 204 -49.53 -19.25 -50.50
C TYR L 204 -49.31 -20.64 -51.05
N GLU L 205 -49.54 -20.86 -52.34
CA GLU L 205 -49.19 -22.13 -52.94
C GLU L 205 -47.69 -22.36 -52.90
N VAL L 206 -46.92 -21.34 -53.26
CA VAL L 206 -45.47 -21.44 -53.21
C VAL L 206 -45.00 -21.64 -51.78
N LEU L 207 -45.61 -20.95 -50.82
CA LEU L 207 -45.22 -21.15 -49.44
C LEU L 207 -45.52 -22.56 -48.97
N ASP L 208 -46.72 -23.05 -49.26
CA ASP L 208 -47.11 -24.40 -48.85
C ASP L 208 -46.17 -25.44 -49.47
N ARG L 209 -45.76 -25.23 -50.71
CA ARG L 209 -44.80 -26.16 -51.29
C ARG L 209 -43.43 -26.02 -50.66
N PHE L 210 -43.07 -24.82 -50.21
CA PHE L 210 -41.81 -24.66 -49.50
C PHE L 210 -41.79 -25.49 -48.22
N PHE L 211 -42.91 -25.52 -47.50
CA PHE L 211 -42.93 -26.23 -46.23
C PHE L 211 -43.14 -27.73 -46.38
N TRP L 212 -42.88 -28.31 -47.55
CA TRP L 212 -42.83 -29.77 -47.63
C TRP L 212 -41.47 -30.30 -47.17
N THR L 213 -40.40 -29.64 -47.58
CA THR L 213 -39.04 -30.02 -47.22
C THR L 213 -38.47 -29.16 -46.10
N HIS L 214 -39.33 -28.58 -45.29
CA HIS L 214 -38.91 -27.77 -44.16
C HIS L 214 -39.61 -28.31 -42.92
N ASP L 215 -38.90 -28.31 -41.79
CA ASP L 215 -39.45 -28.86 -40.56
C ASP L 215 -40.42 -27.85 -39.95
N SER L 216 -41.69 -28.22 -39.90
CA SER L 216 -42.72 -27.42 -39.23
C SER L 216 -43.29 -28.28 -38.11
N SER L 217 -42.61 -28.28 -36.97
CA SER L 217 -43.05 -29.02 -35.81
C SER L 217 -43.36 -28.14 -34.61
N ALA L 218 -42.81 -26.93 -34.56
CA ALA L 218 -43.18 -25.95 -33.56
C ALA L 218 -44.42 -25.18 -33.95
N GLY L 219 -45.11 -25.59 -35.01
CA GLY L 219 -46.28 -24.89 -35.48
C GLY L 219 -45.94 -23.69 -36.35
N VAL L 220 -46.65 -23.54 -37.46
CA VAL L 220 -46.45 -22.42 -38.38
C VAL L 220 -47.73 -21.60 -38.40
N LEU L 221 -47.58 -20.28 -38.33
CA LEU L 221 -48.69 -19.36 -38.11
C LEU L 221 -48.82 -18.45 -39.30
N VAL L 222 -50.06 -18.25 -39.75
CA VAL L 222 -50.32 -17.39 -40.89
C VAL L 222 -51.12 -16.19 -40.38
N HIS L 223 -51.41 -15.25 -41.25
CA HIS L 223 -52.20 -14.16 -40.69
C HIS L 223 -53.46 -13.84 -41.49
N TYR L 224 -53.38 -13.88 -42.83
CA TYR L 224 -54.55 -13.90 -43.72
C TYR L 224 -55.33 -12.59 -43.82
N ASP L 225 -55.06 -11.62 -42.95
CA ASP L 225 -55.93 -10.44 -42.97
C ASP L 225 -55.28 -9.29 -43.71
N LYS L 226 -54.14 -8.82 -43.19
CA LYS L 226 -53.43 -7.69 -43.77
C LYS L 226 -52.03 -7.71 -43.20
N PRO L 227 -51.22 -8.68 -43.60
CA PRO L 227 -49.90 -8.87 -42.99
C PRO L 227 -49.00 -7.67 -43.23
N THR L 228 -47.88 -7.67 -42.53
CA THR L 228 -47.03 -6.48 -42.45
C THR L 228 -46.49 -6.09 -43.82
N ASN L 229 -45.83 -7.01 -44.50
CA ASN L 229 -45.15 -6.68 -45.74
C ASN L 229 -45.47 -7.69 -46.83
N GLY L 230 -46.71 -8.14 -46.88
CA GLY L 230 -47.14 -9.09 -47.87
C GLY L 230 -47.40 -10.45 -47.25
N ASN L 231 -47.79 -11.38 -48.12
CA ASN L 231 -48.17 -12.72 -47.69
C ASN L 231 -47.00 -13.41 -47.01
N HIS L 232 -47.28 -14.16 -45.93
CA HIS L 232 -46.19 -14.86 -45.27
C HIS L 232 -46.70 -15.77 -44.18
N TYR L 233 -45.91 -16.78 -43.88
CA TYR L 233 -46.07 -17.66 -42.72
C TYR L 233 -45.06 -17.27 -41.66
N ILE L 234 -45.35 -17.68 -40.42
CA ILE L 234 -44.48 -17.47 -39.28
C ILE L 234 -44.18 -18.83 -38.67
N LEU L 235 -42.92 -19.04 -38.29
CA LEU L 235 -42.49 -20.27 -37.63
C LEU L 235 -41.72 -19.88 -36.38
N GLY L 236 -42.26 -20.28 -35.22
CA GLY L 236 -41.64 -19.93 -33.96
C GLY L 236 -40.55 -20.91 -33.57
N THR L 237 -39.50 -20.38 -32.95
CA THR L 237 -38.42 -21.22 -32.44
C THR L 237 -38.84 -21.82 -31.12
N LEU L 238 -37.89 -22.41 -30.39
CA LEU L 238 -38.19 -23.12 -29.16
C LEU L 238 -37.78 -22.33 -27.91
N THR L 239 -37.59 -21.03 -28.03
CA THR L 239 -37.33 -20.23 -26.85
C THR L 239 -38.55 -20.22 -25.94
N GLN L 240 -38.41 -19.63 -24.76
CA GLN L 240 -39.46 -19.69 -23.77
C GLN L 240 -39.59 -18.36 -23.05
N MET L 241 -40.81 -18.05 -22.64
CA MET L 241 -41.10 -16.87 -21.83
C MET L 241 -41.11 -17.27 -20.36
N VAL L 242 -40.43 -16.48 -19.53
CA VAL L 242 -40.25 -16.83 -18.13
C VAL L 242 -41.01 -15.93 -17.18
N SER L 243 -41.38 -14.71 -17.61
CA SER L 243 -42.00 -13.76 -16.69
C SER L 243 -43.49 -14.04 -16.50
N ALA L 244 -43.83 -15.27 -16.14
CA ALA L 244 -45.16 -15.70 -15.78
C ALA L 244 -44.98 -17.00 -15.01
N PRO L 245 -44.63 -16.92 -13.73
CA PRO L 245 -43.86 -17.99 -13.07
C PRO L 245 -44.50 -19.37 -13.16
N PRO L 246 -45.79 -19.52 -12.85
CA PRO L 246 -46.36 -20.88 -12.85
C PRO L 246 -46.31 -21.58 -14.20
N HIS L 247 -46.12 -20.85 -15.30
CA HIS L 247 -46.15 -21.42 -16.64
C HIS L 247 -44.91 -20.99 -17.41
N ILE L 248 -44.55 -21.80 -18.41
CA ILE L 248 -43.46 -21.48 -19.32
C ILE L 248 -43.92 -21.84 -20.72
N ILE L 249 -44.01 -20.84 -21.59
CA ILE L 249 -44.54 -21.00 -22.93
C ILE L 249 -43.42 -20.82 -23.94
N ASN L 250 -43.47 -21.60 -25.03
CA ASN L 250 -42.38 -21.72 -25.98
C ASN L 250 -42.51 -20.78 -27.16
N ALA L 251 -43.16 -19.64 -26.95
CA ALA L 251 -43.19 -18.50 -27.87
C ALA L 251 -44.02 -18.73 -29.12
N THR L 252 -44.29 -19.98 -29.48
CA THR L 252 -45.29 -20.23 -30.49
C THR L 252 -46.67 -20.27 -29.88
N ASP L 253 -46.73 -20.53 -28.58
CA ASP L 253 -47.92 -20.23 -27.80
C ASP L 253 -47.94 -18.77 -27.38
N ALA L 254 -46.77 -18.14 -27.26
CA ALA L 254 -46.72 -16.76 -26.80
C ALA L 254 -47.27 -15.80 -27.85
N LEU L 255 -46.80 -15.92 -29.09
CA LEU L 255 -47.36 -15.09 -30.17
C LEU L 255 -48.86 -15.27 -30.28
N LEU L 256 -49.31 -16.51 -30.19
CA LEU L 256 -50.72 -16.81 -30.38
C LEU L 256 -51.55 -16.25 -29.22
N LEU L 257 -51.03 -16.36 -27.99
CA LEU L 257 -51.73 -15.82 -26.83
C LEU L 257 -51.80 -14.30 -26.89
N GLU L 258 -50.71 -13.65 -27.29
CA GLU L 258 -50.72 -12.20 -27.39
C GLU L 258 -51.77 -11.74 -28.38
N SER L 259 -51.73 -12.29 -29.61
CA SER L 259 -52.70 -11.86 -30.62
C SER L 259 -54.13 -12.18 -30.18
N CYS L 260 -54.32 -13.31 -29.52
CA CYS L 260 -55.65 -13.72 -29.08
C CYS L 260 -56.22 -12.74 -28.07
N LEU L 261 -55.43 -12.42 -27.04
CA LEU L 261 -55.89 -11.43 -26.07
C LEU L 261 -56.11 -10.06 -26.71
N GLU L 262 -55.28 -9.68 -27.69
CA GLU L 262 -55.48 -8.41 -28.35
C GLU L 262 -56.81 -8.38 -29.11
N GLN L 263 -57.16 -9.49 -29.75
CA GLN L 263 -58.45 -9.54 -30.46
C GLN L 263 -59.63 -9.54 -29.49
N PHE L 264 -59.51 -10.24 -28.36
CA PHE L 264 -60.57 -10.15 -27.37
C PHE L 264 -60.74 -8.72 -26.86
N ALA L 265 -59.63 -8.01 -26.65
CA ALA L 265 -59.72 -6.61 -26.26
C ALA L 265 -60.43 -5.80 -27.34
N ALA L 266 -60.07 -6.03 -28.60
CA ALA L 266 -60.66 -5.25 -29.69
C ALA L 266 -62.13 -5.53 -29.87
N ASN L 267 -62.60 -6.73 -29.54
CA ASN L 267 -64.02 -7.03 -29.69
C ASN L 267 -64.88 -6.20 -28.75
N VAL L 268 -64.42 -5.99 -27.52
CA VAL L 268 -65.24 -5.27 -26.54
C VAL L 268 -65.32 -3.78 -26.84
N ARG L 269 -64.34 -3.22 -27.52
CA ARG L 269 -64.28 -1.78 -27.74
C ARG L 269 -64.77 -1.36 -29.12
N ALA L 270 -65.42 -2.26 -29.86
CA ALA L 270 -65.99 -1.88 -31.15
C ALA L 270 -67.11 -0.87 -30.96
N ARG L 271 -67.26 0.03 -31.93
CA ARG L 271 -68.26 1.08 -31.82
C ARG L 271 -69.04 1.34 -33.09
N SER L 272 -68.74 0.65 -34.20
CA SER L 272 -69.48 0.75 -35.45
C SER L 272 -69.22 2.06 -36.18
N ALA L 273 -68.44 2.96 -35.57
CA ALA L 273 -68.08 4.21 -36.23
C ALA L 273 -66.62 4.58 -35.98
N GLN L 274 -65.82 3.66 -35.44
CA GLN L 274 -64.42 3.93 -35.12
C GLN L 274 -63.56 2.88 -35.80
N PRO L 275 -62.84 3.22 -36.86
CA PRO L 275 -62.11 2.20 -37.61
C PRO L 275 -60.92 1.66 -36.82
N VAL L 276 -60.58 0.41 -37.14
CA VAL L 276 -59.41 -0.25 -36.57
C VAL L 276 -58.42 -0.50 -37.71
N THR L 277 -57.17 -0.70 -37.33
CA THR L 277 -56.12 -0.96 -38.30
C THR L 277 -56.16 -2.37 -38.85
N ARG L 278 -57.02 -3.24 -38.31
CA ARG L 278 -57.06 -4.63 -38.72
C ARG L 278 -58.28 -5.32 -38.14
N LEU L 279 -58.98 -6.12 -38.95
CA LEU L 279 -60.24 -6.69 -38.50
C LEU L 279 -60.06 -7.88 -37.56
N ASP L 280 -58.99 -8.66 -37.72
CA ASP L 280 -58.67 -9.71 -36.76
C ASP L 280 -57.17 -9.76 -36.54
N GLN L 281 -56.78 -10.12 -35.31
CA GLN L 281 -55.38 -10.19 -34.93
C GLN L 281 -54.89 -11.62 -34.74
N CYS L 282 -55.80 -12.60 -34.69
CA CYS L 282 -55.42 -13.97 -34.42
C CYS L 282 -54.56 -14.53 -35.55
N TYR L 283 -53.97 -15.71 -35.31
CA TYR L 283 -53.02 -16.31 -36.24
C TYR L 283 -53.58 -17.47 -37.05
N HIS L 284 -54.35 -18.36 -36.44
CA HIS L 284 -54.79 -19.56 -37.17
C HIS L 284 -53.61 -20.42 -37.62
N LEU L 285 -52.97 -21.10 -36.67
CA LEU L 285 -52.00 -22.15 -36.94
C LEU L 285 -52.38 -22.99 -38.15
N ARG L 286 -51.43 -23.18 -39.06
CA ARG L 286 -51.70 -23.70 -40.39
C ARG L 286 -51.25 -25.14 -40.60
N TRP L 287 -50.01 -25.50 -40.27
CA TRP L 287 -49.49 -26.80 -40.64
C TRP L 287 -49.23 -27.74 -39.45
N GLY L 288 -48.44 -27.31 -38.47
CA GLY L 288 -47.89 -28.26 -37.52
C GLY L 288 -48.83 -28.92 -36.53
N ALA L 289 -50.14 -28.83 -36.75
CA ALA L 289 -51.10 -29.28 -35.75
C ALA L 289 -50.98 -30.76 -35.46
N GLN L 290 -50.47 -31.55 -36.41
CA GLN L 290 -50.29 -32.97 -36.18
C GLN L 290 -49.35 -33.26 -35.01
N TYR L 291 -48.46 -32.32 -34.69
CA TYR L 291 -47.55 -32.51 -33.56
C TYR L 291 -48.14 -32.05 -32.24
N VAL L 292 -49.34 -31.46 -32.24
CA VAL L 292 -49.96 -30.96 -31.02
C VAL L 292 -51.44 -31.33 -31.06
N GLY L 293 -51.84 -32.27 -30.22
CA GLY L 293 -53.19 -32.78 -30.18
C GLY L 293 -54.01 -32.16 -29.09
N GLU L 294 -54.88 -32.97 -28.49
CA GLU L 294 -55.76 -32.52 -27.42
C GLU L 294 -54.93 -32.00 -26.24
N ASP L 295 -55.63 -31.32 -25.33
CA ASP L 295 -55.16 -30.81 -24.03
C ASP L 295 -53.75 -30.25 -24.06
N SER L 296 -53.39 -29.56 -25.14
CA SER L 296 -52.14 -28.83 -25.23
C SER L 296 -52.45 -27.35 -25.35
N LEU L 297 -51.55 -26.52 -24.79
CA LEU L 297 -51.78 -25.09 -24.77
C LEU L 297 -51.93 -24.52 -26.17
N THR L 298 -51.18 -25.06 -27.14
CA THR L 298 -51.30 -24.57 -28.51
C THR L 298 -52.69 -24.87 -29.08
N TYR L 299 -53.21 -26.07 -28.83
CA TYR L 299 -54.54 -26.41 -29.33
C TYR L 299 -55.61 -25.54 -28.68
N ARG L 300 -55.52 -25.37 -27.36
CA ARG L 300 -56.52 -24.55 -26.68
C ARG L 300 -56.45 -23.09 -27.14
N LEU L 301 -55.24 -22.58 -27.37
CA LEU L 301 -55.12 -21.21 -27.86
C LEU L 301 -55.63 -21.09 -29.29
N GLY L 302 -55.47 -22.12 -30.11
CA GLY L 302 -56.07 -22.10 -31.43
C GLY L 302 -57.59 -22.01 -31.36
N VAL L 303 -58.19 -22.79 -30.46
CA VAL L 303 -59.63 -22.72 -30.28
C VAL L 303 -60.07 -21.34 -29.82
N LEU L 304 -59.35 -20.78 -28.85
CA LEU L 304 -59.72 -19.46 -28.34
C LEU L 304 -59.55 -18.39 -29.41
N SER L 305 -58.52 -18.51 -30.25
CA SER L 305 -58.32 -17.52 -31.30
C SER L 305 -59.43 -17.63 -32.35
N LEU L 306 -59.85 -18.84 -32.68
CA LEU L 306 -61.00 -18.98 -33.57
C LEU L 306 -62.25 -18.33 -32.98
N LEU L 307 -62.48 -18.54 -31.68
CA LEU L 307 -63.65 -17.95 -31.05
C LEU L 307 -63.57 -16.43 -31.08
N ALA L 308 -62.40 -15.88 -30.75
CA ALA L 308 -62.24 -14.42 -30.75
C ALA L 308 -62.43 -13.85 -32.15
N THR L 309 -61.95 -14.56 -33.17
CA THR L 309 -62.16 -14.09 -34.54
C THR L 309 -63.63 -14.10 -34.90
N ASN L 310 -64.36 -15.15 -34.53
CA ASN L 310 -65.79 -15.16 -34.81
C ASN L 310 -66.55 -14.11 -34.00
N GLY L 311 -66.01 -13.67 -32.88
CA GLY L 311 -66.57 -12.50 -32.23
C GLY L 311 -67.03 -12.65 -30.80
N TYR L 312 -66.52 -13.68 -30.11
CA TYR L 312 -66.87 -13.87 -28.71
C TYR L 312 -66.21 -12.81 -27.84
N GLN L 313 -66.51 -12.86 -26.55
CA GLN L 313 -66.01 -11.88 -25.59
C GLN L 313 -65.77 -12.57 -24.25
N LEU L 314 -64.77 -12.11 -23.52
CA LEU L 314 -64.47 -12.67 -22.21
C LEU L 314 -65.40 -12.08 -21.16
N ALA L 315 -65.90 -12.94 -20.29
CA ALA L 315 -66.77 -12.47 -19.21
C ALA L 315 -66.00 -11.64 -18.19
N ARG L 316 -64.70 -11.84 -18.07
CA ARG L 316 -63.93 -11.01 -17.16
C ARG L 316 -63.29 -9.85 -17.90
N PRO L 317 -63.32 -8.64 -17.34
CA PRO L 317 -62.74 -7.49 -18.04
C PRO L 317 -61.23 -7.60 -18.09
N ILE L 318 -60.66 -7.46 -19.27
CA ILE L 318 -59.22 -7.49 -19.45
C ILE L 318 -58.69 -6.07 -19.32
N PRO L 319 -57.65 -5.85 -18.53
CA PRO L 319 -57.18 -4.48 -18.30
C PRO L 319 -56.58 -3.87 -19.57
N LYS L 320 -56.26 -2.58 -19.47
CA LYS L 320 -55.70 -1.88 -20.61
C LYS L 320 -54.19 -2.10 -20.72
N GLN L 321 -53.52 -2.33 -19.59
CA GLN L 321 -52.10 -2.66 -19.56
C GLN L 321 -51.96 -3.99 -18.82
N LEU L 322 -51.70 -5.06 -19.57
CA LEU L 322 -51.64 -6.38 -18.98
C LEU L 322 -50.54 -6.47 -17.91
N THR L 323 -50.65 -7.49 -17.06
CA THR L 323 -49.66 -7.73 -16.04
C THR L 323 -49.36 -9.22 -15.98
N ASN L 324 -48.20 -9.53 -15.40
CA ASN L 324 -47.76 -10.91 -15.34
C ASN L 324 -48.74 -11.76 -14.53
N ARG L 325 -49.25 -11.22 -13.42
CA ARG L 325 -50.16 -12.01 -12.60
C ARG L 325 -51.47 -12.27 -13.33
N TRP L 326 -52.00 -11.27 -14.04
CA TRP L 326 -53.22 -11.48 -14.79
C TRP L 326 -53.00 -12.53 -15.88
N LEU L 327 -51.90 -12.41 -16.62
CA LEU L 327 -51.63 -13.37 -17.68
C LEU L 327 -51.47 -14.78 -17.12
N SER L 328 -50.80 -14.90 -15.97
CA SER L 328 -50.64 -16.21 -15.35
C SER L 328 -51.98 -16.80 -14.96
N SER L 329 -52.86 -15.97 -14.38
CA SER L 329 -54.18 -16.46 -14.00
C SER L 329 -54.98 -16.89 -15.21
N PHE L 330 -54.90 -16.13 -16.30
CA PHE L 330 -55.63 -16.48 -17.51
C PHE L 330 -55.13 -17.79 -18.10
N VAL L 331 -53.81 -17.96 -18.15
CA VAL L 331 -53.27 -19.20 -18.71
C VAL L 331 -53.63 -20.38 -17.82
N SER L 332 -53.61 -20.17 -16.50
CA SER L 332 -54.01 -21.23 -15.58
C SER L 332 -55.47 -21.61 -15.78
N GLN L 333 -56.32 -20.62 -16.09
CA GLN L 333 -57.71 -20.95 -16.40
C GLN L 333 -57.82 -21.71 -17.71
N VAL L 334 -57.05 -21.32 -18.73
CA VAL L 334 -57.23 -21.92 -20.04
C VAL L 334 -56.71 -23.36 -20.04
N VAL L 335 -55.59 -23.64 -19.38
CA VAL L 335 -55.11 -25.02 -19.24
C VAL L 335 -55.70 -25.55 -17.94
N SER L 336 -56.92 -26.06 -18.05
CA SER L 336 -57.61 -26.65 -16.91
C SER L 336 -58.48 -27.79 -17.44
N ASP L 337 -59.40 -28.26 -16.62
CA ASP L 337 -60.27 -29.37 -16.98
C ASP L 337 -61.63 -28.87 -17.44
N GLY L 338 -62.21 -29.56 -18.41
CA GLY L 338 -63.46 -29.13 -19.01
C GLY L 338 -63.52 -29.53 -20.47
N ILE L 339 -64.51 -29.02 -21.20
CA ILE L 339 -64.65 -29.34 -22.62
C ILE L 339 -65.00 -28.06 -23.37
N ASN L 340 -64.75 -28.10 -24.68
CA ASN L 340 -65.17 -27.02 -25.57
C ASN L 340 -66.68 -27.09 -25.76
N GLU L 341 -67.40 -26.12 -25.19
CA GLU L 341 -68.85 -26.11 -25.23
C GLU L 341 -69.40 -25.28 -26.40
N THR L 342 -68.59 -25.07 -27.43
CA THR L 342 -69.03 -24.27 -28.56
C THR L 342 -69.11 -25.11 -29.83
N PRO L 343 -69.81 -24.64 -30.86
CA PRO L 343 -69.86 -25.37 -32.13
C PRO L 343 -68.60 -25.24 -32.97
N LEU L 344 -67.62 -24.46 -32.54
CA LEU L 344 -66.46 -24.12 -33.36
C LEU L 344 -65.32 -25.07 -33.05
N TRP L 345 -64.82 -25.75 -34.07
CA TRP L 345 -63.66 -26.61 -33.96
C TRP L 345 -62.63 -26.19 -35.00
N PRO L 346 -61.35 -26.10 -34.64
CA PRO L 346 -60.37 -25.53 -35.57
C PRO L 346 -60.01 -26.48 -36.68
N GLN L 347 -59.95 -25.95 -37.90
CA GLN L 347 -59.48 -26.65 -39.09
C GLN L 347 -58.07 -26.20 -39.41
N GLU L 348 -57.56 -26.63 -40.56
CA GLU L 348 -56.33 -26.10 -41.11
C GLU L 348 -56.49 -25.49 -42.48
N ARG L 349 -57.44 -25.97 -43.28
CA ARG L 349 -57.61 -25.44 -44.63
C ARG L 349 -57.95 -23.96 -44.60
N TYR L 350 -58.69 -23.53 -43.58
CA TYR L 350 -59.21 -22.17 -43.55
C TYR L 350 -59.88 -21.95 -42.21
N VAL L 351 -59.81 -20.71 -41.72
CA VAL L 351 -60.51 -20.34 -40.50
C VAL L 351 -61.96 -20.05 -40.86
N GLN L 352 -62.86 -20.93 -40.43
CA GLN L 352 -64.26 -20.82 -40.80
C GLN L 352 -64.98 -19.85 -39.88
N ILE L 353 -65.94 -19.12 -40.45
CA ILE L 353 -66.72 -18.13 -39.74
C ILE L 353 -68.17 -18.58 -39.74
N ALA L 354 -68.83 -18.46 -38.58
CA ALA L 354 -70.21 -18.88 -38.45
C ALA L 354 -71.11 -18.10 -39.40
N TYR L 355 -72.27 -18.66 -39.68
CA TYR L 355 -73.18 -18.03 -40.65
C TYR L 355 -73.69 -16.69 -40.15
N ASP L 356 -73.79 -16.51 -38.84
CA ASP L 356 -74.35 -15.30 -38.26
C ASP L 356 -73.34 -14.58 -37.36
N SER L 357 -72.07 -14.64 -37.75
CA SER L 357 -71.13 -13.85 -36.98
C SER L 357 -71.08 -12.44 -37.54
N PRO L 358 -71.04 -11.43 -36.66
CA PRO L 358 -71.03 -10.03 -37.12
C PRO L 358 -69.74 -9.61 -37.79
N SER L 359 -68.69 -10.43 -37.76
CA SER L 359 -67.44 -10.06 -38.39
C SER L 359 -67.61 -10.03 -39.90
N VAL L 360 -67.00 -9.03 -40.53
CA VAL L 360 -67.11 -8.83 -41.96
C VAL L 360 -65.74 -8.97 -42.64
N VAL L 361 -64.80 -9.64 -41.97
CA VAL L 361 -63.43 -9.68 -42.47
C VAL L 361 -63.34 -10.43 -43.78
N ASP L 362 -64.18 -11.45 -43.98
CA ASP L 362 -64.19 -12.15 -45.25
C ASP L 362 -64.64 -11.26 -46.40
N GLY L 363 -65.37 -10.18 -46.12
CA GLY L 363 -65.69 -9.22 -47.15
C GLY L 363 -64.54 -8.33 -47.55
N ALA L 364 -63.49 -8.28 -46.72
CA ALA L 364 -62.32 -7.46 -47.00
C ALA L 364 -61.07 -8.26 -47.28
N THR L 365 -61.16 -9.59 -47.33
CA THR L 365 -60.02 -10.45 -47.57
C THR L 365 -60.31 -11.34 -48.79
N GLN L 366 -59.27 -11.56 -49.58
CA GLN L 366 -59.43 -12.33 -50.82
C GLN L 366 -59.22 -13.82 -50.63
N TYR L 367 -58.54 -14.25 -49.58
CA TYR L 367 -58.16 -15.65 -49.44
C TYR L 367 -58.00 -16.01 -47.98
N GLY L 368 -58.57 -17.15 -47.58
CA GLY L 368 -58.37 -17.71 -46.26
C GLY L 368 -59.60 -17.80 -45.40
N TYR L 369 -60.74 -17.27 -45.83
CA TYR L 369 -61.94 -17.19 -45.01
C TYR L 369 -63.09 -17.91 -45.70
N VAL L 370 -63.97 -18.51 -44.90
CA VAL L 370 -65.13 -19.23 -45.41
C VAL L 370 -66.26 -19.10 -44.41
N ARG L 371 -67.46 -18.80 -44.88
CA ARG L 371 -68.65 -18.76 -44.04
C ARG L 371 -69.36 -20.09 -44.12
N ARG L 372 -69.23 -20.90 -43.07
CA ARG L 372 -69.92 -22.17 -43.00
C ARG L 372 -71.42 -21.91 -42.81
N ASN L 373 -72.20 -22.14 -43.85
CA ASN L 373 -73.62 -21.83 -43.79
C ASN L 373 -74.36 -22.73 -42.79
N GLN L 374 -73.91 -23.97 -42.62
CA GLN L 374 -74.64 -24.95 -41.85
C GLN L 374 -74.20 -25.04 -40.40
N LEU L 375 -73.63 -23.97 -39.84
CA LEU L 375 -73.37 -23.89 -38.41
C LEU L 375 -73.80 -22.52 -37.92
N ARG L 376 -74.64 -22.50 -36.88
CA ARG L 376 -75.20 -21.27 -36.36
C ARG L 376 -74.78 -21.05 -34.92
N LEU L 377 -74.87 -19.79 -34.50
CA LEU L 377 -74.58 -19.39 -33.13
C LEU L 377 -75.78 -18.58 -32.65
N GLY L 378 -76.59 -19.18 -31.77
CA GLY L 378 -77.86 -18.59 -31.40
C GLY L 378 -77.79 -17.31 -30.58
N MET L 379 -76.60 -16.83 -30.25
CA MET L 379 -76.46 -15.67 -29.39
C MET L 379 -76.56 -14.39 -30.19
N ARG L 380 -77.09 -13.34 -29.56
CA ARG L 380 -77.31 -12.06 -30.20
C ARG L 380 -75.99 -11.31 -30.38
N ILE L 381 -76.08 -10.11 -30.93
CA ILE L 381 -74.90 -9.29 -31.22
C ILE L 381 -75.02 -7.99 -30.46
N SER L 382 -74.06 -7.73 -29.58
CA SER L 382 -73.99 -6.48 -28.83
C SER L 382 -72.70 -6.48 -28.03
N ALA L 383 -72.12 -5.30 -27.88
CA ALA L 383 -70.87 -5.19 -27.14
C ALA L 383 -71.09 -5.50 -25.66
N LEU L 384 -69.99 -5.84 -24.99
CA LEU L 384 -70.03 -6.08 -23.56
C LEU L 384 -70.43 -4.80 -22.83
N GLN L 385 -71.43 -4.89 -21.96
CA GLN L 385 -71.86 -3.78 -21.13
C GLN L 385 -71.51 -4.11 -19.68
N SER L 386 -70.48 -3.45 -19.17
CA SER L 386 -69.99 -3.71 -17.83
C SER L 386 -70.50 -2.64 -16.86
N LEU L 387 -71.00 -3.07 -15.72
CA LEU L 387 -71.44 -2.15 -14.68
C LEU L 387 -70.21 -1.63 -13.93
N SER L 388 -70.43 -0.89 -12.86
CA SER L 388 -69.35 -0.30 -12.08
C SER L 388 -69.12 -1.07 -10.79
N ASP L 389 -67.95 -0.84 -10.19
CA ASP L 389 -67.55 -1.49 -8.97
C ASP L 389 -67.75 -0.55 -7.78
N THR L 390 -67.99 -1.14 -6.60
CA THR L 390 -68.16 -0.37 -5.39
C THR L 390 -67.47 -1.08 -4.22
N PRO L 391 -66.89 -0.32 -3.29
CA PRO L 391 -66.11 -0.92 -2.21
C PRO L 391 -66.92 -1.46 -1.04
N ALA L 392 -68.25 -1.43 -1.11
CA ALA L 392 -69.07 -1.90 -0.01
C ALA L 392 -70.29 -2.61 -0.57
N PRO L 393 -70.86 -3.54 0.19
CA PRO L 393 -72.04 -4.27 -0.31
C PRO L 393 -73.26 -3.37 -0.41
N VAL L 394 -74.16 -3.74 -1.31
CA VAL L 394 -75.36 -2.95 -1.57
C VAL L 394 -76.58 -3.77 -1.19
N GLN L 395 -77.63 -3.07 -0.76
CA GLN L 395 -78.87 -3.73 -0.37
C GLN L 395 -79.50 -4.42 -1.56
N TRP L 396 -80.29 -5.47 -1.27
CA TRP L 396 -80.99 -6.21 -2.29
C TRP L 396 -82.42 -6.47 -1.83
N LEU L 397 -83.35 -6.45 -2.77
CA LEU L 397 -84.76 -6.67 -2.48
C LEU L 397 -85.25 -7.84 -3.32
N PRO L 398 -85.67 -8.94 -2.72
CA PRO L 398 -86.09 -10.11 -3.51
C PRO L 398 -87.46 -9.89 -4.14
N GLN L 399 -87.72 -10.68 -5.18
CA GLN L 399 -89.00 -10.68 -5.88
C GLN L 399 -89.34 -12.12 -6.23
N TYR L 400 -90.63 -12.43 -6.18
CA TYR L 400 -91.08 -13.81 -6.11
C TYR L 400 -91.79 -14.24 -7.39
N THR L 401 -91.82 -15.56 -7.60
CA THR L 401 -92.44 -16.16 -8.77
C THR L 401 -93.45 -17.21 -8.34
N ILE L 402 -93.95 -17.99 -9.29
CA ILE L 402 -95.06 -18.90 -9.03
C ILE L 402 -94.58 -20.26 -8.52
N ASP L 403 -93.49 -20.78 -9.07
CA ASP L 403 -93.05 -22.13 -8.76
C ASP L 403 -92.71 -22.28 -7.28
N GLN L 404 -92.76 -23.52 -6.80
CA GLN L 404 -92.63 -23.82 -5.38
C GLN L 404 -91.85 -25.11 -5.19
N VAL L 405 -91.26 -25.26 -4.02
CA VAL L 405 -90.54 -26.48 -3.65
C VAL L 405 -90.74 -26.76 -2.16
N ALA L 406 -90.15 -27.84 -1.68
CA ALA L 406 -90.35 -28.28 -0.30
C ALA L 406 -89.47 -27.48 0.67
N VAL L 407 -90.05 -27.13 1.82
CA VAL L 407 -89.35 -26.30 2.79
C VAL L 407 -88.12 -27.03 3.33
N ASP L 408 -88.24 -28.33 3.58
CA ASP L 408 -87.08 -29.10 4.02
C ASP L 408 -86.01 -29.14 2.94
N GLU L 409 -86.40 -29.18 1.67
CA GLU L 409 -85.42 -29.12 0.58
C GLU L 409 -84.67 -27.80 0.62
N GLY L 410 -85.40 -26.69 0.77
CA GLY L 410 -84.74 -25.40 0.87
C GLY L 410 -83.81 -25.32 2.07
N ASP L 411 -84.22 -25.90 3.20
CA ASP L 411 -83.38 -25.85 4.40
C ASP L 411 -82.13 -26.69 4.21
N ALA L 412 -82.25 -27.85 3.57
CA ALA L 412 -81.06 -28.65 3.30
C ALA L 412 -80.11 -27.92 2.35
N MET L 413 -80.66 -27.24 1.35
CA MET L 413 -79.81 -26.52 0.42
C MET L 413 -79.10 -25.35 1.10
N VAL L 414 -79.80 -24.62 1.97
CA VAL L 414 -79.13 -23.54 2.68
C VAL L 414 -78.11 -24.08 3.65
N SER L 415 -78.35 -25.26 4.21
CA SER L 415 -77.33 -25.88 5.06
C SER L 415 -76.10 -26.28 4.25
N GLN L 416 -76.29 -26.68 3.00
CA GLN L 416 -75.15 -26.99 2.15
C GLN L 416 -74.37 -25.72 1.81
N LEU L 417 -75.07 -24.63 1.52
CA LEU L 417 -74.42 -23.41 1.06
C LEU L 417 -73.97 -22.47 2.16
N THR L 418 -74.32 -22.76 3.42
CA THR L 418 -74.15 -21.79 4.48
C THR L 418 -72.68 -21.54 4.79
N GLN L 419 -72.45 -20.52 5.63
CA GLN L 419 -71.15 -20.23 6.22
C GLN L 419 -71.30 -19.80 7.67
N LEU L 420 -72.31 -20.33 8.37
CA LEU L 420 -72.67 -19.81 9.67
C LEU L 420 -71.57 -19.84 10.72
N PRO L 421 -70.75 -20.89 10.86
CA PRO L 421 -69.82 -20.91 11.99
C PRO L 421 -68.74 -19.84 11.91
N LEU L 422 -69.11 -18.59 12.23
CA LEU L 422 -68.16 -17.51 12.30
C LEU L 422 -68.60 -16.54 13.39
N ARG L 423 -67.63 -15.85 13.99
CA ARG L 423 -67.92 -14.91 15.06
C ARG L 423 -68.12 -13.52 14.48
N PRO L 424 -69.32 -12.97 14.49
CA PRO L 424 -69.53 -11.61 13.99
C PRO L 424 -69.28 -10.57 15.08
N ASP L 425 -68.93 -9.36 14.62
CA ASP L 425 -68.86 -8.24 15.54
C ASP L 425 -70.23 -7.98 16.13
N TYR L 426 -70.29 -7.90 17.46
CA TYR L 426 -71.59 -7.85 18.13
C TYR L 426 -72.30 -6.53 17.84
N GLY L 427 -71.68 -5.41 18.23
CA GLY L 427 -72.27 -4.12 17.97
C GLY L 427 -72.63 -3.36 19.23
N SER L 428 -73.86 -2.88 19.32
CA SER L 428 -74.31 -2.15 20.50
C SER L 428 -75.83 -2.18 20.55
N ILE L 429 -76.38 -2.68 21.65
CA ILE L 429 -77.84 -2.73 21.79
C ILE L 429 -78.40 -1.32 21.89
N TRP L 430 -78.00 -0.60 22.92
CA TRP L 430 -78.53 0.71 23.27
C TRP L 430 -77.45 1.75 23.10
N ILE L 431 -77.84 2.95 22.68
CA ILE L 431 -76.91 4.06 22.55
C ILE L 431 -77.62 5.36 22.94
N GLY L 432 -76.81 6.36 23.26
CA GLY L 432 -77.31 7.67 23.61
C GLY L 432 -77.07 8.02 25.07
N GLU L 433 -77.82 9.01 25.54
CA GLU L 433 -77.75 9.45 26.92
C GLU L 433 -78.74 8.64 27.76
N ALA L 434 -78.96 9.06 28.99
CA ALA L 434 -79.83 8.34 29.90
C ALA L 434 -81.25 8.89 29.85
N LEU L 435 -82.22 8.03 30.16
CA LEU L 435 -83.61 8.41 30.29
C LEU L 435 -83.91 8.68 31.76
N SER L 436 -84.50 9.84 32.05
CA SER L 436 -84.80 10.23 33.41
C SER L 436 -86.25 9.94 33.73
N TYR L 437 -86.49 9.35 34.90
CA TYR L 437 -87.82 9.03 35.37
C TYR L 437 -87.90 9.40 36.84
N TYR L 438 -88.83 10.29 37.18
CA TYR L 438 -88.88 10.85 38.51
C TYR L 438 -90.31 10.93 39.01
N VAL L 439 -90.45 11.02 40.32
CA VAL L 439 -91.72 11.31 40.98
C VAL L 439 -91.43 12.02 42.28
N ASP L 440 -92.05 13.18 42.48
CA ASP L 440 -91.81 14.01 43.64
C ASP L 440 -93.06 14.09 44.51
N TYR L 441 -92.85 14.36 45.79
CA TYR L 441 -93.95 14.34 46.75
C TYR L 441 -94.97 15.43 46.45
N ASN L 442 -96.24 15.08 46.62
CA ASN L 442 -97.33 16.06 46.54
C ASN L 442 -98.31 15.73 47.64
N ARG L 443 -98.74 16.75 48.38
CA ARG L 443 -99.57 16.56 49.55
C ARG L 443 -101.02 16.19 49.22
N SER L 444 -101.37 16.10 47.94
CA SER L 444 -102.75 15.96 47.53
C SER L 444 -103.10 14.58 47.00
N HIS L 445 -102.13 13.69 46.79
CA HIS L 445 -102.43 12.42 46.12
C HIS L 445 -103.12 11.43 47.05
N ARG L 446 -102.38 10.94 48.06
CA ARG L 446 -102.89 9.83 48.85
C ARG L 446 -101.84 9.48 49.89
N VAL L 447 -102.27 8.74 50.92
CA VAL L 447 -101.36 8.12 51.88
C VAL L 447 -101.39 6.62 51.63
N VAL L 448 -100.21 6.00 51.69
CA VAL L 448 -100.09 4.56 51.46
C VAL L 448 -98.99 4.02 52.37
N LEU L 449 -99.24 2.87 52.98
CA LEU L 449 -98.30 2.27 53.89
C LEU L 449 -97.15 1.60 53.15
N SER L 450 -96.00 1.53 53.81
CA SER L 450 -94.81 0.94 53.20
C SER L 450 -95.07 -0.50 52.76
N SER L 451 -95.85 -1.25 53.55
CA SER L 451 -96.15 -2.64 53.22
C SER L 451 -96.90 -2.77 51.90
N GLU L 452 -97.51 -1.69 51.40
CA GLU L 452 -98.21 -1.73 50.13
C GLU L 452 -97.32 -1.44 48.93
N LEU L 453 -96.02 -1.28 49.13
CA LEU L 453 -95.17 -0.93 48.00
C LEU L 453 -94.47 -2.16 47.44
N PRO L 454 -94.19 -2.16 46.14
CA PRO L 454 -93.43 -3.27 45.57
C PRO L 454 -91.97 -3.20 45.97
N GLN L 455 -91.29 -4.34 45.84
CA GLN L 455 -89.89 -4.43 46.26
C GLN L 455 -89.12 -5.23 45.21
N LEU L 456 -87.89 -5.57 45.55
CA LEU L 456 -87.03 -6.31 44.63
C LEU L 456 -87.63 -7.68 44.36
N PRO L 457 -87.53 -8.18 43.13
CA PRO L 457 -88.04 -9.52 42.84
C PRO L 457 -87.17 -10.60 43.48
N ASP L 458 -87.79 -11.77 43.69
CA ASP L 458 -87.08 -12.86 44.35
C ASP L 458 -85.95 -13.38 43.49
N THR L 459 -86.24 -13.70 42.23
CA THR L 459 -85.23 -14.27 41.32
C THR L 459 -84.40 -13.14 40.69
N TYR L 460 -83.69 -12.40 41.54
CA TYR L 460 -82.89 -11.29 41.09
C TYR L 460 -81.40 -11.61 41.05
N PHE L 461 -80.94 -12.58 41.84
CA PHE L 461 -79.53 -12.95 41.92
C PHE L 461 -79.27 -14.32 41.30
N ASP L 462 -80.03 -14.69 40.28
CA ASP L 462 -79.87 -15.99 39.65
C ASP L 462 -78.89 -15.90 38.48
N GLY L 463 -78.50 -17.08 37.98
CA GLY L 463 -77.51 -17.14 36.93
C GLY L 463 -77.96 -16.45 35.65
N ASP L 464 -79.16 -16.81 35.18
CA ASP L 464 -79.67 -16.20 33.96
C ASP L 464 -79.95 -14.70 34.15
N GLU L 465 -80.38 -14.31 35.34
CA GLU L 465 -80.63 -12.89 35.60
C GLU L 465 -79.32 -12.10 35.52
N GLN L 466 -78.27 -12.59 36.16
CA GLN L 466 -76.98 -11.95 36.07
C GLN L 466 -76.45 -11.96 34.65
N TYR L 467 -76.71 -13.03 33.90
CA TYR L 467 -76.34 -13.08 32.49
C TYR L 467 -76.98 -11.95 31.72
N GLY L 468 -78.29 -11.76 31.89
CA GLY L 468 -78.98 -10.70 31.19
C GLY L 468 -78.44 -9.33 31.54
N ARG L 469 -78.26 -9.07 32.83
CA ARG L 469 -77.76 -7.76 33.25
C ARG L 469 -76.36 -7.51 32.70
N SER L 470 -75.49 -8.52 32.74
CA SER L 470 -74.13 -8.34 32.26
C SER L 470 -74.10 -8.15 30.75
N LEU L 471 -74.94 -8.87 30.01
CA LEU L 471 -75.01 -8.68 28.57
C LEU L 471 -75.44 -7.26 28.23
N PHE L 472 -76.49 -6.77 28.89
CA PHE L 472 -76.95 -5.42 28.60
C PHE L 472 -75.89 -4.39 28.96
N SER L 473 -75.19 -4.61 30.08
CA SER L 473 -74.15 -3.66 30.48
C SER L 473 -72.99 -3.67 29.49
N LEU L 474 -72.63 -4.83 28.97
CA LEU L 474 -71.54 -4.90 28.01
C LEU L 474 -71.93 -4.26 26.68
N ALA L 475 -73.17 -4.46 26.25
CA ALA L 475 -73.59 -3.92 24.96
C ALA L 475 -73.95 -2.44 25.02
N ARG L 476 -74.19 -1.89 26.21
CA ARG L 476 -74.47 -0.48 26.33
C ARG L 476 -73.26 0.33 25.88
N LYS L 477 -73.49 1.36 25.06
CA LYS L 477 -72.43 2.21 24.53
C LYS L 477 -72.63 3.63 25.06
N VAL L 478 -71.90 3.98 26.11
CA VAL L 478 -72.00 5.31 26.70
C VAL L 478 -70.61 5.73 27.18
N GLY L 479 -70.48 6.94 27.69
CA GLY L 479 -69.20 7.40 28.19
C GLY L 479 -69.04 7.11 29.67
N ASP L 480 -69.11 8.12 30.51
CA ASP L 480 -69.01 7.95 31.95
C ASP L 480 -70.41 7.83 32.54
N ARG L 481 -70.75 6.63 33.02
CA ARG L 481 -72.06 6.42 33.62
C ARG L 481 -72.28 7.34 34.80
N SER L 482 -71.25 7.50 35.65
CA SER L 482 -71.39 8.36 36.81
C SER L 482 -71.62 9.81 36.40
N LEU L 483 -70.90 10.28 35.38
CA LEU L 483 -71.10 11.65 34.90
C LEU L 483 -72.52 11.85 34.40
N VAL L 484 -73.01 10.92 33.58
CA VAL L 484 -74.37 11.05 33.03
C VAL L 484 -75.39 11.07 34.16
N LYS L 485 -75.29 10.11 35.08
CA LYS L 485 -76.23 10.02 36.19
C LYS L 485 -76.21 11.30 37.03
N ASP L 486 -75.02 11.78 37.36
CA ASP L 486 -74.91 12.94 38.25
C ASP L 486 -75.46 14.19 37.58
N THR L 487 -75.17 14.38 36.28
CA THR L 487 -75.72 15.54 35.59
C THR L 487 -77.24 15.49 35.57
N ALA L 488 -77.81 14.34 35.23
CA ALA L 488 -79.27 14.23 35.21
C ALA L 488 -79.87 14.49 36.58
N VAL L 489 -79.26 13.93 37.62
CA VAL L 489 -79.82 14.06 38.96
C VAL L 489 -79.74 15.49 39.45
N LEU L 490 -78.62 16.18 39.16
CA LEU L 490 -78.52 17.57 39.59
C LEU L 490 -79.51 18.45 38.84
N LYS L 491 -79.68 18.22 37.54
CA LYS L 491 -80.66 18.99 36.79
C LYS L 491 -82.06 18.80 37.36
N HIS L 492 -82.43 17.56 37.68
CA HIS L 492 -83.75 17.33 38.24
C HIS L 492 -83.84 17.71 39.72
N ALA L 493 -82.72 17.98 40.38
CA ALA L 493 -82.73 18.31 41.79
C ALA L 493 -82.76 19.81 42.06
N TYR L 494 -82.16 20.62 41.19
CA TYR L 494 -82.25 22.06 41.37
C TYR L 494 -83.55 22.66 40.87
N GLN L 495 -84.59 21.86 40.65
CA GLN L 495 -85.88 22.38 40.24
C GLN L 495 -86.87 22.49 41.39
N ALA L 496 -86.65 21.77 42.48
CA ALA L 496 -87.60 21.75 43.58
C ALA L 496 -87.60 23.07 44.33
N ILE L 497 -88.73 23.39 44.95
CA ILE L 497 -88.90 24.60 45.74
C ILE L 497 -89.68 24.27 47.00
N ASP L 498 -89.22 24.78 48.13
CA ASP L 498 -89.85 24.46 49.39
C ASP L 498 -91.20 25.17 49.54
N PRO L 499 -92.10 24.60 50.33
CA PRO L 499 -93.39 25.27 50.58
C PRO L 499 -93.28 26.36 51.63
N ASN L 500 -92.35 26.19 52.58
CA ASN L 500 -92.21 27.16 53.66
C ASN L 500 -91.71 28.50 53.17
N THR L 501 -91.07 28.55 51.99
CA THR L 501 -90.72 29.81 51.36
C THR L 501 -91.09 29.73 49.89
N GLY L 502 -90.61 30.67 49.09
CA GLY L 502 -91.02 30.73 47.71
C GLY L 502 -89.99 30.30 46.69
N LYS L 503 -88.71 30.59 46.95
CA LYS L 503 -87.74 30.56 45.84
C LYS L 503 -87.37 29.13 45.43
N GLU L 504 -86.66 28.41 46.29
CA GLU L 504 -86.28 27.03 46.03
C GLU L 504 -85.42 26.54 47.19
N TYR L 505 -85.10 25.24 47.17
CA TYR L 505 -84.22 24.68 48.17
C TYR L 505 -82.75 25.03 47.91
N LEU L 506 -82.22 24.58 46.78
CA LEU L 506 -80.81 24.72 46.49
C LEU L 506 -80.53 26.01 45.74
N ARG L 507 -79.40 26.64 46.04
CA ARG L 507 -79.02 27.91 45.45
C ARG L 507 -77.52 27.91 45.22
N ALA L 508 -76.97 29.09 44.93
CA ALA L 508 -75.55 29.20 44.62
C ALA L 508 -74.72 29.26 45.90
N GLY L 509 -73.55 28.60 45.87
CA GLY L 509 -72.66 28.59 47.01
C GLY L 509 -73.25 27.89 48.22
N GLN L 510 -73.39 26.57 48.13
CA GLN L 510 -74.06 25.80 49.18
C GLN L 510 -73.13 24.97 50.05
N SER L 511 -71.83 24.91 49.74
CA SER L 511 -70.87 24.13 50.52
C SER L 511 -71.27 22.64 50.52
N VAL L 512 -71.20 22.07 49.33
CA VAL L 512 -71.60 20.68 49.10
C VAL L 512 -70.51 19.74 49.59
N ALA L 513 -70.91 18.52 49.94
CA ALA L 513 -69.99 17.43 50.26
C ALA L 513 -70.37 16.21 49.43
N TYR L 514 -69.36 15.52 48.91
CA TYR L 514 -69.57 14.43 47.97
C TYR L 514 -69.15 13.11 48.63
N PHE L 515 -70.10 12.43 49.24
CA PHE L 515 -69.83 11.12 49.84
C PHE L 515 -69.64 10.08 48.74
N GLY L 516 -68.56 9.31 48.84
CA GLY L 516 -68.30 8.27 47.88
C GLY L 516 -67.52 8.70 46.67
N ALA L 517 -66.56 9.61 46.82
CA ALA L 517 -65.68 9.97 45.72
C ALA L 517 -64.96 8.73 45.19
N SER L 518 -64.59 8.75 43.92
CA SER L 518 -64.21 7.52 43.27
C SER L 518 -62.83 7.56 42.66
N ALA L 519 -62.49 6.48 41.94
CA ALA L 519 -61.18 6.29 41.37
C ALA L 519 -60.97 7.21 40.18
N GLY L 520 -59.84 7.04 39.52
CA GLY L 520 -59.62 7.75 38.27
C GLY L 520 -60.66 7.39 37.23
N HIS L 521 -60.93 8.34 36.34
CA HIS L 521 -61.94 8.18 35.30
C HIS L 521 -61.36 8.45 33.93
N SER L 522 -60.05 8.25 33.76
CA SER L 522 -59.31 8.45 32.52
C SER L 522 -59.09 9.94 32.23
N GLY L 523 -59.67 10.80 33.07
CA GLY L 523 -59.42 12.22 32.97
C GLY L 523 -58.77 12.74 34.23
N ALA L 524 -59.55 13.47 35.05
CA ALA L 524 -59.06 13.86 36.36
C ALA L 524 -59.18 12.69 37.33
N ASP L 525 -58.52 12.84 38.47
CA ASP L 525 -58.56 11.82 39.52
C ASP L 525 -59.64 12.15 40.54
N GLN L 526 -60.86 12.27 40.04
CA GLN L 526 -62.03 12.57 40.85
C GLN L 526 -63.26 12.46 39.98
N PRO L 527 -64.47 12.55 40.55
CA PRO L 527 -65.68 12.48 39.72
C PRO L 527 -65.71 13.59 38.68
N LEU L 528 -66.10 13.22 37.47
CA LEU L 528 -66.04 14.15 36.35
C LEU L 528 -67.09 15.25 36.42
N VAL L 529 -67.97 15.24 37.41
CA VAL L 529 -68.97 16.29 37.55
C VAL L 529 -68.43 17.51 38.29
N ILE L 530 -67.36 17.34 39.06
CA ILE L 530 -66.90 18.41 39.96
C ILE L 530 -66.43 19.62 39.15
N GLU L 531 -65.64 19.39 38.11
CA GLU L 531 -65.09 20.51 37.35
C GLU L 531 -66.18 21.31 36.65
N PRO L 532 -67.04 20.71 35.82
CA PRO L 532 -68.10 21.50 35.18
C PRO L 532 -69.08 22.09 36.18
N TRP L 533 -69.38 21.36 37.26
CA TRP L 533 -70.37 21.85 38.21
C TRP L 533 -69.82 22.98 39.07
N MET L 534 -68.49 23.06 39.21
CA MET L 534 -67.90 24.23 39.86
C MET L 534 -67.77 25.39 38.90
N GLN L 535 -67.43 25.12 37.64
CA GLN L 535 -67.27 26.19 36.67
C GLN L 535 -68.60 26.73 36.17
N GLY L 536 -69.71 26.07 36.46
CA GLY L 536 -71.00 26.53 36.01
C GLY L 536 -71.27 26.21 34.56
N LYS L 537 -71.14 24.93 34.21
CA LYS L 537 -71.27 24.49 32.83
C LYS L 537 -72.47 23.60 32.58
N ILE L 538 -73.15 23.13 33.62
CA ILE L 538 -74.27 22.21 33.43
C ILE L 538 -75.51 22.91 32.91
N SER L 539 -75.54 24.24 32.93
CA SER L 539 -76.59 25.07 32.35
C SER L 539 -77.91 24.99 33.12
N GLY L 540 -77.95 24.30 34.24
CA GLY L 540 -79.16 24.24 35.04
C GLY L 540 -78.85 24.29 36.52
N VAL L 541 -77.57 24.46 36.84
CA VAL L 541 -77.10 24.39 38.21
C VAL L 541 -76.22 25.61 38.50
N PRO L 542 -76.47 26.36 39.58
CA PRO L 542 -75.51 27.38 39.98
C PRO L 542 -74.32 26.74 40.67
N PRO L 543 -73.12 27.27 40.47
CA PRO L 543 -71.93 26.65 41.06
C PRO L 543 -71.93 26.81 42.56
N PRO L 544 -71.53 25.77 43.29
CA PRO L 544 -71.46 25.85 44.75
C PRO L 544 -70.21 26.59 45.20
N SER L 545 -70.00 26.63 46.51
CA SER L 545 -68.83 27.30 47.05
C SER L 545 -67.61 26.39 47.04
N SER L 546 -67.77 25.15 47.48
CA SER L 546 -66.67 24.20 47.53
C SER L 546 -67.24 22.79 47.55
N VAL L 547 -66.37 21.82 47.24
CA VAL L 547 -66.77 20.42 47.15
C VAL L 547 -65.70 19.58 47.83
N ARG L 548 -66.03 19.01 48.98
CA ARG L 548 -65.13 18.09 49.66
C ARG L 548 -65.56 16.66 49.39
N GLN L 549 -64.56 15.77 49.34
CA GLN L 549 -64.76 14.39 48.89
C GLN L 549 -64.48 13.41 50.01
N PHE L 550 -65.18 12.28 49.98
CA PHE L 550 -65.02 11.25 50.99
C PHE L 550 -65.26 9.89 50.35
N GLY L 551 -64.60 8.87 50.86
CA GLY L 551 -64.83 7.51 50.40
C GLY L 551 -63.56 6.69 50.44
N TYR L 552 -63.74 5.37 50.34
CA TYR L 552 -62.61 4.45 50.34
C TYR L 552 -61.66 4.74 49.18
N ASP L 553 -62.20 5.07 48.02
CA ASP L 553 -61.44 5.16 46.78
C ASP L 553 -61.23 6.62 46.35
N VAL L 554 -61.08 7.52 47.31
CA VAL L 554 -60.90 8.93 46.98
C VAL L 554 -59.42 9.22 46.78
N ALA L 555 -59.13 10.29 46.05
CA ALA L 555 -57.77 10.71 45.77
C ALA L 555 -57.46 12.12 46.22
N LYS L 556 -58.46 12.96 46.48
CA LYS L 556 -58.25 14.33 46.93
C LYS L 556 -59.14 14.63 48.13
N GLY L 557 -59.28 13.66 49.02
CA GLY L 557 -60.08 13.85 50.22
C GLY L 557 -59.82 12.73 51.18
N ALA L 558 -60.42 12.84 52.36
CA ALA L 558 -60.23 11.84 53.39
C ALA L 558 -60.86 10.51 52.97
N ILE L 559 -60.37 9.43 53.55
CA ILE L 559 -60.95 8.11 53.38
C ILE L 559 -61.47 7.65 54.73
N VAL L 560 -62.74 7.26 54.78
CA VAL L 560 -63.42 6.93 56.03
C VAL L 560 -64.46 5.86 55.75
N ASP L 561 -65.01 5.29 56.82
CA ASP L 561 -66.15 4.39 56.74
C ASP L 561 -67.40 5.24 56.94
N LEU L 562 -68.10 5.55 55.85
CA LEU L 562 -69.22 6.47 55.91
C LEU L 562 -70.42 5.92 56.68
N ALA L 563 -70.43 4.63 56.98
CA ALA L 563 -71.51 4.02 57.75
C ALA L 563 -71.39 4.28 59.25
N ARG L 564 -70.51 5.18 59.67
CA ARG L 564 -70.30 5.46 61.08
C ARG L 564 -69.93 6.93 61.22
N PRO L 565 -70.06 7.49 62.41
CA PRO L 565 -69.67 8.88 62.61
C PRO L 565 -68.17 9.07 62.42
N PHE L 566 -67.77 10.29 62.11
CA PHE L 566 -66.38 10.60 61.83
C PHE L 566 -66.18 12.10 61.99
N PRO L 567 -64.94 12.54 62.21
CA PRO L 567 -64.68 13.96 62.46
C PRO L 567 -64.79 14.78 61.18
N SER L 568 -65.80 15.63 61.11
CA SER L 568 -66.01 16.47 59.94
C SER L 568 -66.86 17.66 60.33
N GLY L 569 -66.95 18.61 59.42
CA GLY L 569 -67.78 19.79 59.63
C GLY L 569 -69.23 19.51 59.36
N ASP L 570 -69.91 20.46 58.73
CA ASP L 570 -71.32 20.31 58.40
C ASP L 570 -71.55 20.90 57.01
N TYR L 571 -72.42 20.26 56.24
CA TYR L 571 -72.58 20.61 54.82
C TYR L 571 -74.04 20.79 54.48
N GLN L 572 -74.33 21.86 53.72
CA GLN L 572 -75.69 22.18 53.35
C GLN L 572 -76.26 21.25 52.29
N PHE L 573 -75.42 20.45 51.63
CA PHE L 573 -75.89 19.52 50.61
C PHE L 573 -74.85 18.42 50.47
N VAL L 574 -75.23 17.20 50.85
CA VAL L 574 -74.36 16.04 50.76
C VAL L 574 -74.91 15.11 49.70
N TYR L 575 -74.08 14.76 48.73
CA TYR L 575 -74.46 13.93 47.60
C TYR L 575 -73.73 12.61 47.72
N SER L 576 -74.43 11.58 48.20
CA SER L 576 -73.82 10.29 48.47
C SER L 576 -74.02 9.36 47.28
N ASP L 577 -72.91 8.83 46.77
CA ASP L 577 -72.94 7.83 45.70
C ASP L 577 -72.42 6.49 46.17
N VAL L 578 -72.21 6.33 47.48
CA VAL L 578 -71.67 5.08 48.00
C VAL L 578 -72.69 3.97 47.83
N ASP L 579 -72.24 2.82 47.38
CA ASP L 579 -73.08 1.67 47.08
C ASP L 579 -73.07 0.66 48.21
N GLN L 580 -74.04 -0.25 48.18
CA GLN L 580 -74.22 -1.24 49.23
C GLN L 580 -73.68 -2.60 48.83
N VAL L 581 -72.61 -2.64 48.04
CA VAL L 581 -72.04 -3.90 47.57
C VAL L 581 -70.70 -4.18 48.23
N VAL L 582 -69.88 -3.14 48.45
CA VAL L 582 -68.52 -3.36 48.95
C VAL L 582 -68.56 -3.86 50.40
N ASP L 583 -69.45 -3.30 51.22
CA ASP L 583 -69.55 -3.73 52.60
C ASP L 583 -70.66 -4.75 52.85
N GLY L 584 -71.67 -4.78 52.00
CA GLY L 584 -72.68 -5.82 52.10
C GLY L 584 -72.11 -7.14 51.62
N HIS L 585 -71.89 -8.08 52.54
CA HIS L 585 -71.18 -9.31 52.23
C HIS L 585 -72.08 -10.30 51.50
N ASP L 586 -72.57 -9.85 50.34
CA ASP L 586 -73.43 -10.65 49.47
C ASP L 586 -74.66 -11.16 50.22
N ASP L 587 -75.34 -10.24 50.90
CA ASP L 587 -76.53 -10.59 51.68
C ASP L 587 -77.50 -9.43 51.64
N LEU L 588 -78.74 -9.72 51.25
CA LEU L 588 -79.73 -8.67 51.08
C LEU L 588 -80.06 -7.99 52.40
N SER L 589 -80.14 -8.78 53.48
CA SER L 589 -80.44 -8.19 54.80
C SER L 589 -79.31 -7.28 55.25
N ILE L 590 -78.06 -7.71 55.06
CA ILE L 590 -76.92 -6.87 55.43
C ILE L 590 -76.90 -5.60 54.60
N SER L 591 -77.23 -5.70 53.32
CA SER L 591 -77.28 -4.51 52.48
C SER L 591 -78.37 -3.55 52.92
N SER L 592 -79.52 -4.08 53.33
CA SER L 592 -80.60 -3.23 53.84
C SER L 592 -80.18 -2.52 55.12
N GLY L 593 -79.55 -3.26 56.03
CA GLY L 593 -79.05 -2.63 57.24
C GLY L 593 -78.02 -1.56 56.96
N LEU L 594 -77.16 -1.80 55.96
CA LEU L 594 -76.19 -0.80 55.57
C LEU L 594 -76.87 0.44 54.99
N VAL L 595 -77.96 0.24 54.24
CA VAL L 595 -78.71 1.37 53.72
C VAL L 595 -79.27 2.19 54.86
N GLU L 596 -79.77 1.52 55.89
CA GLU L 596 -80.29 2.23 57.06
C GLU L 596 -79.20 3.05 57.72
N SER L 597 -78.03 2.43 57.94
CA SER L 597 -76.95 3.14 58.61
C SER L 597 -76.46 4.32 57.78
N LEU L 598 -76.43 4.18 56.45
CA LEU L 598 -75.96 5.27 55.61
C LEU L 598 -76.96 6.40 55.55
N LEU L 599 -78.26 6.09 55.52
CA LEU L 599 -79.27 7.14 55.69
C LEU L 599 -79.07 7.88 57.00
N ASP L 600 -78.81 7.13 58.08
CA ASP L 600 -78.62 7.76 59.38
C ASP L 600 -77.43 8.71 59.36
N SER L 601 -76.30 8.25 58.84
CA SER L 601 -75.11 9.10 58.76
C SER L 601 -75.36 10.33 57.90
N CYS L 602 -75.89 10.11 56.69
CA CYS L 602 -76.13 11.20 55.76
C CYS L 602 -77.14 12.21 56.29
N VAL L 603 -78.01 11.81 57.21
CA VAL L 603 -78.90 12.79 57.82
C VAL L 603 -78.25 13.47 59.03
N HIS L 604 -77.34 12.80 59.73
CA HIS L 604 -76.62 13.49 60.80
C HIS L 604 -75.68 14.56 60.25
N ALA L 605 -75.13 14.34 59.06
CA ALA L 605 -74.08 15.23 58.55
C ALA L 605 -74.61 16.20 57.49
N THR L 606 -75.80 16.76 57.66
CA THR L 606 -76.41 17.47 56.53
C THR L 606 -77.02 18.83 56.91
N ALA L 607 -76.45 19.52 57.91
CA ALA L 607 -76.66 20.96 58.09
C ALA L 607 -78.13 21.36 58.15
N PRO L 608 -78.80 21.22 59.31
CA PRO L 608 -80.27 21.36 59.38
C PRO L 608 -80.84 22.57 58.65
N GLY L 609 -81.66 22.27 57.64
CA GLY L 609 -82.10 23.26 56.66
C GLY L 609 -81.65 22.96 55.25
N GLY L 610 -80.91 21.87 55.02
CA GLY L 610 -80.40 21.54 53.70
C GLY L 610 -81.03 20.27 53.14
N SER L 611 -80.30 19.64 52.22
CA SER L 611 -80.81 18.47 51.51
C SER L 611 -79.68 17.50 51.23
N PHE L 612 -80.04 16.28 50.86
CA PHE L 612 -79.06 15.27 50.52
C PHE L 612 -79.62 14.37 49.43
N VAL L 613 -78.75 13.51 48.90
CA VAL L 613 -79.09 12.58 47.83
C VAL L 613 -78.39 11.25 48.11
N MET L 614 -79.15 10.18 48.23
CA MET L 614 -78.59 8.86 48.47
C MET L 614 -79.12 7.87 47.44
N LYS L 615 -78.25 6.97 47.00
CA LYS L 615 -78.65 5.92 46.08
C LYS L 615 -78.96 4.64 46.85
N ILE L 616 -79.91 3.88 46.34
CA ILE L 616 -80.34 2.64 46.94
C ILE L 616 -80.22 1.57 45.88
N ASN L 617 -79.27 0.65 46.07
CA ASN L 617 -79.07 -0.42 45.08
C ASN L 617 -80.24 -1.38 45.08
N PHE L 618 -80.65 -1.85 46.26
CA PHE L 618 -81.55 -2.99 46.39
C PHE L 618 -82.77 -2.56 47.19
N PRO L 619 -83.73 -1.87 46.57
CA PRO L 619 -84.90 -1.37 47.30
C PRO L 619 -85.73 -2.53 47.83
N THR L 620 -85.89 -2.58 49.16
CA THR L 620 -86.67 -3.61 49.80
C THR L 620 -87.63 -2.98 50.81
N ARG L 621 -88.67 -3.74 51.16
CA ARG L 621 -89.71 -3.22 52.03
C ARG L 621 -89.16 -2.82 53.39
N THR L 622 -88.10 -3.47 53.86
CA THR L 622 -87.45 -3.03 55.09
C THR L 622 -86.91 -1.61 54.93
N VAL L 623 -86.28 -1.33 53.79
CA VAL L 623 -85.76 0.02 53.54
C VAL L 623 -86.91 1.02 53.46
N TRP L 624 -87.99 0.65 52.77
CA TRP L 624 -89.12 1.56 52.67
C TRP L 624 -89.72 1.86 54.05
N HIS L 625 -89.90 0.83 54.87
CA HIS L 625 -90.46 1.02 56.20
C HIS L 625 -89.55 1.89 57.06
N TYR L 626 -88.24 1.63 57.01
CA TYR L 626 -87.32 2.44 57.80
C TYR L 626 -87.34 3.89 57.37
N ILE L 627 -87.37 4.14 56.06
CA ILE L 627 -87.41 5.52 55.58
C ILE L 627 -88.70 6.20 56.04
N GLU L 628 -89.82 5.50 55.92
CA GLU L 628 -91.10 6.07 56.34
C GLU L 628 -91.11 6.37 57.83
N GLN L 629 -90.48 5.51 58.62
CA GLN L 629 -90.53 5.67 60.07
C GLN L 629 -89.56 6.72 60.59
N LYS L 630 -88.41 6.89 59.93
CA LYS L 630 -87.35 7.70 60.51
C LYS L 630 -87.01 8.96 59.73
N ILE L 631 -87.11 8.95 58.40
CA ILE L 631 -86.61 10.04 57.58
C ILE L 631 -87.72 11.01 57.19
N LEU L 632 -88.88 10.49 56.80
CA LEU L 632 -89.96 11.36 56.35
C LEU L 632 -90.44 12.35 57.41
N PRO L 633 -90.69 11.96 58.67
CA PRO L 633 -91.16 12.93 59.66
C PRO L 633 -90.19 14.07 59.95
N ASN L 634 -88.94 13.97 59.52
CA ASN L 634 -87.95 15.02 59.76
C ASN L 634 -87.53 15.72 58.48
N VAL L 635 -88.35 15.66 57.43
CA VAL L 635 -88.01 16.24 56.14
C VAL L 635 -89.21 17.04 55.63
N THR L 636 -88.91 18.13 54.91
CA THR L 636 -89.97 18.98 54.40
C THR L 636 -90.56 18.42 53.11
N SER L 637 -89.72 17.99 52.18
CA SER L 637 -90.19 17.44 50.91
C SER L 637 -89.12 16.50 50.37
N TYR L 638 -89.49 15.75 49.34
CA TYR L 638 -88.58 14.76 48.79
C TYR L 638 -88.99 14.40 47.37
N MET L 639 -88.06 13.78 46.65
CA MET L 639 -88.34 13.14 45.39
C MET L 639 -87.34 12.02 45.19
N LEU L 640 -87.68 11.09 44.31
CA LEU L 640 -86.80 9.97 43.99
C LEU L 640 -86.80 9.75 42.49
N ILE L 641 -85.61 9.70 41.90
CA ILE L 641 -85.46 9.68 40.45
C ILE L 641 -84.67 8.44 40.05
N LYS L 642 -84.64 8.20 38.75
CA LYS L 642 -83.96 7.02 38.19
C LYS L 642 -83.44 7.37 36.81
N PRO L 643 -82.17 7.76 36.70
CA PRO L 643 -81.56 7.96 35.37
C PRO L 643 -81.20 6.61 34.76
N PHE L 644 -81.99 6.20 33.77
CA PHE L 644 -81.81 4.89 33.16
C PHE L 644 -80.61 4.88 32.24
N VAL L 645 -79.54 4.21 32.64
CA VAL L 645 -78.40 3.99 31.76
C VAL L 645 -78.04 2.52 31.60
N THR L 646 -78.39 1.66 32.56
CA THR L 646 -78.13 0.24 32.46
C THR L 646 -79.23 -0.50 33.21
N ASN L 647 -79.53 -1.71 32.75
CA ASN L 647 -80.67 -2.46 33.27
C ASN L 647 -80.37 -2.89 34.70
N ASN L 648 -81.09 -2.33 35.67
CA ASN L 648 -80.95 -2.66 37.08
C ASN L 648 -82.04 -1.95 37.85
N VAL L 649 -82.13 -2.22 39.14
CA VAL L 649 -83.22 -1.72 39.97
C VAL L 649 -82.73 -0.68 40.97
N GLU L 650 -81.60 -0.05 40.73
CA GLU L 650 -81.16 1.00 41.64
C GLU L 650 -82.03 2.23 41.50
N VAL L 651 -82.17 2.98 42.59
CA VAL L 651 -82.96 4.21 42.58
C VAL L 651 -82.28 5.23 43.50
N PHE L 652 -82.47 6.50 43.17
CA PHE L 652 -81.93 7.59 43.99
C PHE L 652 -83.04 8.16 44.86
N PHE L 653 -82.66 8.63 46.03
CA PHE L 653 -83.58 9.23 46.99
C PHE L 653 -83.06 10.62 47.34
N VAL L 654 -83.90 11.63 47.15
CA VAL L 654 -83.54 13.03 47.41
C VAL L 654 -84.49 13.59 48.44
N ALA L 655 -83.95 14.04 49.57
CA ALA L 655 -84.71 14.64 50.64
C ALA L 655 -84.35 16.11 50.77
N PHE L 656 -85.37 16.94 51.00
CA PHE L 656 -85.19 18.39 51.06
C PHE L 656 -85.58 18.92 52.43
N GLY L 657 -84.77 19.83 52.95
CA GLY L 657 -85.07 20.49 54.20
C GLY L 657 -85.10 19.55 55.38
N VAL L 658 -83.95 18.99 55.74
CA VAL L 658 -83.86 18.03 56.83
C VAL L 658 -83.94 18.74 58.17
N HIS L 659 -84.17 17.97 59.24
CA HIS L 659 -84.21 18.49 60.60
C HIS L 659 -85.36 19.47 60.81
N GLN L 660 -86.48 19.22 60.13
CA GLN L 660 -87.68 20.03 60.29
C GLN L 660 -88.88 19.10 60.44
N GLN L 661 -89.66 19.32 61.50
CA GLN L 661 -90.81 18.45 61.75
C GLN L 661 -91.84 18.59 60.64
N SER L 662 -92.41 17.46 60.23
CA SER L 662 -93.41 17.44 59.18
C SER L 662 -94.02 16.04 59.12
N ALA L 663 -95.24 15.97 58.60
CA ALA L 663 -95.95 14.70 58.42
C ALA L 663 -95.92 14.34 56.94
N LEU L 664 -95.10 13.35 56.60
CA LEU L 664 -94.96 12.90 55.22
C LEU L 664 -95.10 11.39 55.16
N THR L 665 -95.65 10.91 54.05
CA THR L 665 -95.83 9.48 53.82
C THR L 665 -95.69 9.18 52.33
N TRP L 666 -95.45 7.92 52.01
CA TRP L 666 -95.41 7.54 50.61
C TRP L 666 -96.81 7.67 50.01
N THR L 667 -96.86 7.86 48.70
CA THR L 667 -98.10 8.23 48.04
C THR L 667 -98.33 7.36 46.81
N SER L 668 -99.51 7.55 46.20
CA SER L 668 -99.88 6.80 45.01
C SER L 668 -98.94 7.10 43.85
N GLY L 669 -98.41 8.32 43.79
CA GLY L 669 -97.41 8.61 42.79
C GLY L 669 -96.19 7.73 42.92
N VAL L 670 -95.68 7.58 44.15
CA VAL L 670 -94.55 6.70 44.39
C VAL L 670 -94.93 5.27 44.06
N TYR L 671 -96.16 4.87 44.37
CA TYR L 671 -96.61 3.53 44.04
C TYR L 671 -96.54 3.27 42.54
N PHE L 672 -97.11 4.16 41.74
CA PHE L 672 -97.10 4.02 40.29
C PHE L 672 -95.67 4.04 39.75
N PHE L 673 -94.84 4.92 40.31
CA PHE L 673 -93.45 4.99 39.90
C PHE L 673 -92.73 3.66 40.13
N LEU L 674 -92.88 3.09 41.32
CA LEU L 674 -92.21 1.84 41.62
C LEU L 674 -92.74 0.70 40.76
N VAL L 675 -94.05 0.70 40.48
CA VAL L 675 -94.62 -0.34 39.63
C VAL L 675 -93.99 -0.28 38.24
N ASP L 676 -93.99 0.90 37.63
CA ASP L 676 -93.40 1.04 36.30
C ASP L 676 -91.92 0.70 36.32
N HIS L 677 -91.21 1.11 37.37
CA HIS L 677 -89.80 0.81 37.53
C HIS L 677 -89.54 -0.69 37.47
N PHE L 678 -90.17 -1.44 38.37
CA PHE L 678 -89.93 -2.87 38.44
C PHE L 678 -90.42 -3.58 37.19
N TYR L 679 -91.52 -3.13 36.59
CA TYR L 679 -92.03 -3.84 35.43
C TYR L 679 -91.14 -3.62 34.21
N ARG L 680 -90.60 -2.40 34.05
CA ARG L 680 -89.69 -2.20 32.94
C ARG L 680 -88.38 -2.95 33.16
N TYR L 681 -87.92 -3.06 34.41
CA TYR L 681 -86.80 -3.94 34.69
C TYR L 681 -87.10 -5.36 34.23
N GLU L 682 -88.27 -5.88 34.60
CA GLU L 682 -88.64 -7.24 34.23
C GLU L 682 -88.67 -7.41 32.71
N THR L 683 -89.25 -6.44 32.00
CA THR L 683 -89.36 -6.56 30.55
C THR L 683 -87.99 -6.55 29.89
N LEU L 684 -87.13 -5.60 30.28
CA LEU L 684 -85.80 -5.57 29.68
C LEU L 684 -84.99 -6.80 30.04
N SER L 685 -85.18 -7.36 31.23
CA SER L 685 -84.48 -8.58 31.57
C SER L 685 -84.95 -9.74 30.71
N ALA L 686 -86.26 -9.89 30.54
CA ALA L 686 -86.79 -10.95 29.69
C ALA L 686 -86.34 -10.79 28.25
N ILE L 687 -86.14 -9.56 27.79
CA ILE L 687 -85.63 -9.35 26.44
C ILE L 687 -84.16 -9.74 26.36
N SER L 688 -83.35 -9.26 27.30
CA SER L 688 -81.92 -9.45 27.22
C SER L 688 -81.51 -10.89 27.52
N ARG L 689 -82.34 -11.67 28.18
CA ARG L 689 -82.01 -13.07 28.42
C ARG L 689 -82.28 -13.96 27.22
N GLN L 690 -82.69 -13.40 26.08
CA GLN L 690 -82.91 -14.17 24.88
C GLN L 690 -81.90 -13.87 23.78
N LEU L 691 -81.05 -12.87 23.96
CA LEU L 691 -80.03 -12.56 22.97
C LEU L 691 -78.81 -13.45 23.16
N PRO L 692 -77.97 -13.57 22.14
CA PRO L 692 -76.76 -14.38 22.27
C PRO L 692 -75.74 -13.68 23.14
N SER L 693 -74.68 -14.42 23.47
CA SER L 693 -73.63 -13.87 24.33
C SER L 693 -72.89 -12.75 23.59
N PHE L 694 -71.89 -12.17 24.26
CA PHE L 694 -71.26 -10.98 23.73
C PHE L 694 -70.26 -11.33 22.62
N GLY L 695 -69.45 -12.36 22.83
CA GLY L 695 -68.50 -12.76 21.82
C GLY L 695 -68.80 -14.12 21.23
N TYR L 696 -70.07 -14.40 21.00
CA TYR L 696 -70.47 -15.73 20.58
C TYR L 696 -70.02 -16.00 19.15
N VAL L 697 -70.02 -17.29 18.79
CA VAL L 697 -69.84 -17.72 17.41
C VAL L 697 -71.15 -18.35 16.97
N ASP L 698 -71.75 -17.79 15.93
CA ASP L 698 -73.06 -18.21 15.50
C ASP L 698 -72.96 -19.46 14.64
N ASP L 699 -73.98 -20.31 14.73
CA ASP L 699 -74.05 -21.48 13.86
C ASP L 699 -75.47 -21.80 13.41
N GLY L 700 -76.43 -20.91 13.66
CA GLY L 700 -77.80 -21.15 13.28
C GLY L 700 -78.70 -21.72 14.35
N SER L 701 -78.21 -21.81 15.59
CA SER L 701 -79.01 -22.37 16.67
C SER L 701 -79.81 -21.30 17.41
N SER L 702 -79.20 -20.15 17.69
CA SER L 702 -79.90 -19.09 18.39
C SER L 702 -81.08 -18.58 17.57
N VAL L 703 -82.18 -18.26 18.26
CA VAL L 703 -83.38 -17.82 17.56
C VAL L 703 -83.15 -16.49 16.87
N THR L 704 -82.24 -15.68 17.39
CA THR L 704 -81.87 -14.41 16.78
C THR L 704 -80.37 -14.41 16.51
N GLY L 705 -79.99 -14.00 15.31
CA GLY L 705 -78.59 -14.00 14.95
C GLY L 705 -78.40 -13.72 13.47
N ILE L 706 -77.14 -13.77 13.05
CA ILE L 706 -76.77 -13.49 11.68
C ILE L 706 -76.80 -14.78 10.88
N GLU L 707 -76.84 -14.65 9.55
CA GLU L 707 -76.74 -15.81 8.69
C GLU L 707 -76.40 -15.39 7.27
N ILE L 708 -75.42 -16.04 6.66
CA ILE L 708 -74.96 -15.70 5.32
C ILE L 708 -74.67 -16.97 4.55
N ILE L 709 -74.76 -16.89 3.24
CA ILE L 709 -74.47 -18.01 2.35
C ILE L 709 -73.62 -17.51 1.20
N SER L 710 -72.93 -18.44 0.55
CA SER L 710 -72.06 -18.14 -0.57
C SER L 710 -72.33 -19.13 -1.69
N ILE L 711 -72.63 -18.60 -2.88
CA ILE L 711 -72.89 -19.41 -4.06
C ILE L 711 -72.02 -18.89 -5.19
N GLU L 712 -71.56 -19.80 -6.04
CA GLU L 712 -70.64 -19.46 -7.11
C GLU L 712 -71.42 -19.18 -8.39
N ASN L 713 -71.29 -17.96 -8.90
CA ASN L 713 -71.91 -17.58 -10.17
C ASN L 713 -70.85 -17.21 -11.21
N PRO L 714 -70.51 -18.11 -12.11
CA PRO L 714 -69.45 -17.80 -13.08
C PRO L 714 -69.99 -16.94 -14.22
N GLY L 715 -69.65 -15.65 -14.18
CA GLY L 715 -69.94 -14.75 -15.29
C GLY L 715 -71.43 -14.65 -15.60
N PHE L 716 -71.75 -14.73 -16.89
CA PHE L 716 -73.12 -14.59 -17.36
C PHE L 716 -73.74 -15.97 -17.46
N SER L 717 -74.85 -16.19 -16.76
CA SER L 717 -75.48 -17.50 -16.76
C SER L 717 -76.81 -17.42 -16.03
N ASN L 718 -77.66 -18.39 -16.31
CA ASN L 718 -78.90 -18.58 -15.56
C ASN L 718 -78.61 -19.52 -14.39
N MET L 719 -78.78 -19.03 -13.17
CA MET L 719 -78.43 -19.83 -12.01
C MET L 719 -79.31 -21.06 -11.93
N THR L 720 -78.71 -22.17 -11.50
CA THR L 720 -79.37 -23.46 -11.55
C THR L 720 -80.52 -23.51 -10.54
N GLN L 721 -81.22 -24.64 -10.54
CA GLN L 721 -82.32 -24.85 -9.61
C GLN L 721 -81.82 -24.90 -8.17
N ALA L 722 -80.62 -25.45 -7.96
CA ALA L 722 -80.11 -25.63 -6.61
C ALA L 722 -79.81 -24.29 -5.95
N ALA L 723 -79.05 -23.42 -6.62
CA ALA L 723 -78.72 -22.13 -6.04
C ALA L 723 -79.98 -21.29 -5.85
N ARG L 724 -80.92 -21.38 -6.79
CA ARG L 724 -82.19 -20.67 -6.65
C ARG L 724 -82.94 -21.13 -5.42
N VAL L 725 -83.01 -22.45 -5.19
CA VAL L 725 -83.70 -22.96 -4.02
C VAL L 725 -82.98 -22.54 -2.74
N GLY L 726 -81.65 -22.49 -2.79
CA GLY L 726 -80.91 -22.06 -1.61
C GLY L 726 -81.19 -20.62 -1.25
N ILE L 727 -81.17 -19.74 -2.25
CA ILE L 727 -81.46 -18.34 -2.00
C ILE L 727 -82.89 -18.15 -1.53
N SER L 728 -83.82 -18.92 -2.10
CA SER L 728 -85.21 -18.83 -1.66
C SER L 728 -85.35 -19.29 -0.21
N GLY L 729 -84.61 -20.33 0.17
CA GLY L 729 -84.65 -20.77 1.55
C GLY L 729 -84.09 -19.73 2.50
N LEU L 730 -82.99 -19.08 2.11
CA LEU L 730 -82.44 -18.01 2.93
C LEU L 730 -83.43 -16.86 3.07
N CYS L 731 -84.13 -16.51 1.99
CA CYS L 731 -85.11 -15.45 2.06
C CYS L 731 -86.26 -15.81 2.99
N ALA L 732 -86.77 -17.05 2.87
CA ALA L 732 -87.84 -17.49 3.76
C ALA L 732 -87.38 -17.55 5.21
N ASN L 733 -86.09 -17.83 5.43
CA ASN L 733 -85.57 -17.88 6.78
C ASN L 733 -85.40 -16.48 7.36
N VAL L 734 -85.04 -15.52 6.52
CA VAL L 734 -84.81 -14.16 6.99
C VAL L 734 -86.12 -13.43 7.26
N GLY L 735 -87.09 -13.54 6.34
CA GLY L 735 -88.34 -12.86 6.57
C GLY L 735 -88.23 -11.35 6.46
N ASN L 736 -88.07 -10.86 5.23
CA ASN L 736 -88.06 -9.46 4.80
C ASN L 736 -87.31 -8.51 5.74
N ALA L 737 -86.20 -8.97 6.29
CA ALA L 737 -85.23 -8.06 6.87
C ALA L 737 -84.33 -7.51 5.77
N ARG L 738 -83.45 -6.59 6.14
CA ARG L 738 -82.53 -6.04 5.15
C ARG L 738 -81.54 -7.11 4.71
N LYS L 739 -81.29 -7.17 3.40
CA LYS L 739 -80.42 -8.16 2.80
C LYS L 739 -79.45 -7.47 1.87
N SER L 740 -78.15 -7.73 2.07
CA SER L 740 -77.11 -7.13 1.27
C SER L 740 -76.30 -8.22 0.57
N ILE L 741 -75.77 -7.89 -0.60
CA ILE L 741 -75.02 -8.85 -1.41
C ILE L 741 -73.64 -8.27 -1.72
N ALA L 742 -72.72 -9.18 -2.05
CA ALA L 742 -71.37 -8.80 -2.42
C ALA L 742 -70.87 -9.80 -3.46
N ILE L 743 -70.19 -9.31 -4.48
CA ILE L 743 -69.65 -10.13 -5.55
C ILE L 743 -68.17 -9.84 -5.67
N TYR L 744 -67.36 -10.89 -5.79
CA TYR L 744 -65.91 -10.73 -5.80
C TYR L 744 -65.27 -12.07 -6.12
N GLU L 745 -64.01 -12.02 -6.55
CA GLU L 745 -63.25 -13.21 -6.88
C GLU L 745 -62.44 -13.65 -5.67
N SER L 746 -62.67 -14.87 -5.22
CA SER L 746 -62.06 -15.40 -4.00
C SER L 746 -61.37 -16.72 -4.33
N HIS L 747 -60.04 -16.70 -4.36
CA HIS L 747 -59.25 -17.90 -4.57
C HIS L 747 -59.45 -18.42 -5.99
N GLY L 748 -59.38 -17.52 -6.95
CA GLY L 748 -59.52 -17.90 -8.34
C GLY L 748 -60.91 -18.35 -8.73
N ALA L 749 -61.91 -17.99 -7.95
CA ALA L 749 -63.31 -18.24 -8.31
C ALA L 749 -64.11 -16.99 -8.03
N ARG L 750 -65.22 -16.85 -8.75
CA ARG L 750 -66.11 -15.70 -8.59
C ARG L 750 -67.35 -16.16 -7.84
N VAL L 751 -67.62 -15.51 -6.71
CA VAL L 751 -68.67 -15.95 -5.81
C VAL L 751 -69.33 -14.73 -5.19
N LEU L 752 -70.64 -14.83 -4.95
CA LEU L 752 -71.38 -13.79 -4.26
C LEU L 752 -71.94 -14.33 -2.96
N THR L 753 -72.06 -13.45 -1.98
CA THR L 753 -72.56 -13.80 -0.66
C THR L 753 -73.77 -12.94 -0.33
N ILE L 754 -74.69 -13.51 0.45
CA ILE L 754 -75.91 -12.82 0.86
C ILE L 754 -75.95 -12.82 2.38
N THR L 755 -75.93 -11.63 2.97
CA THR L 755 -75.89 -11.47 4.41
C THR L 755 -77.23 -10.93 4.91
N SER L 756 -77.65 -11.41 6.08
CA SER L 756 -78.88 -10.92 6.70
C SER L 756 -79.04 -11.57 8.06
N ARG L 757 -79.91 -11.00 8.87
CA ARG L 757 -80.19 -11.48 10.21
C ARG L 757 -81.58 -12.11 10.29
N ARG L 758 -81.74 -13.03 11.22
CA ARG L 758 -83.01 -13.67 11.48
C ARG L 758 -83.57 -13.19 12.82
N SER L 759 -84.81 -13.59 13.11
CA SER L 759 -85.55 -13.01 14.22
C SER L 759 -86.73 -13.91 14.54
N PRO L 760 -87.25 -13.85 15.76
CA PRO L 760 -88.47 -14.63 16.07
C PRO L 760 -89.66 -14.23 15.22
N ALA L 761 -89.74 -12.96 14.81
CA ALA L 761 -90.77 -12.59 13.85
C ALA L 761 -90.55 -13.31 12.52
N SER L 762 -89.29 -13.44 12.10
CA SER L 762 -88.98 -14.21 10.91
C SER L 762 -89.41 -15.66 11.06
N ALA L 763 -89.18 -16.24 12.24
CA ALA L 763 -89.61 -17.63 12.46
C ALA L 763 -91.12 -17.74 12.43
N ARG L 764 -91.82 -16.77 13.01
CA ARG L 764 -93.28 -16.81 12.98
C ARG L 764 -93.82 -16.71 11.56
N ARG L 765 -93.17 -15.90 10.72
CA ARG L 765 -93.56 -15.85 9.32
C ARG L 765 -93.30 -17.17 8.63
N LYS L 766 -92.10 -17.72 8.83
CA LYS L 766 -91.74 -19.00 8.21
C LYS L 766 -92.65 -20.13 8.66
N ALA L 767 -93.26 -20.02 9.85
CA ALA L 767 -94.17 -21.05 10.30
C ALA L 767 -95.49 -21.07 9.54
N ARG L 768 -95.77 -20.06 8.71
CA ARG L 768 -97.02 -20.05 7.96
C ARG L 768 -96.89 -20.81 6.65
N LEU L 769 -95.91 -20.48 5.84
CA LEU L 769 -95.86 -20.98 4.46
C LEU L 769 -95.66 -22.48 4.42
N ARG L 770 -96.43 -23.14 3.57
CA ARG L 770 -96.32 -24.59 3.38
C ARG L 770 -95.20 -24.93 2.40
N TYR L 771 -95.20 -24.27 1.25
CA TYR L 771 -94.16 -24.44 0.24
C TYR L 771 -93.36 -23.16 0.16
N LEU L 772 -92.04 -23.26 0.17
CA LEU L 772 -91.23 -22.06 0.10
C LEU L 772 -91.23 -21.52 -1.31
N PRO L 773 -91.60 -20.26 -1.52
CA PRO L 773 -91.59 -19.69 -2.87
C PRO L 773 -90.19 -19.62 -3.42
N LEU L 774 -90.10 -19.37 -4.73
CA LEU L 774 -88.84 -19.27 -5.43
C LEU L 774 -88.71 -17.90 -6.05
N ILE L 775 -87.63 -17.19 -5.72
CA ILE L 775 -87.39 -15.87 -6.30
C ILE L 775 -87.10 -15.99 -7.78
N ASP L 776 -87.18 -14.86 -8.49
CA ASP L 776 -86.67 -14.85 -9.85
C ASP L 776 -85.26 -14.32 -9.87
N PRO L 777 -84.34 -15.00 -10.54
CA PRO L 777 -82.92 -14.66 -10.37
C PRO L 777 -82.43 -13.56 -11.28
N ARG L 778 -83.34 -12.80 -11.91
CA ARG L 778 -82.89 -11.84 -12.92
C ARG L 778 -82.05 -10.72 -12.31
N SER L 779 -82.49 -10.18 -11.17
CA SER L 779 -81.79 -9.04 -10.58
C SER L 779 -80.37 -9.40 -10.15
N LEU L 780 -80.12 -10.68 -9.87
CA LEU L 780 -78.77 -11.11 -9.52
C LEU L 780 -77.98 -11.55 -10.75
N GLU L 781 -78.64 -12.14 -11.74
CA GLU L 781 -77.96 -12.54 -12.96
C GLU L 781 -77.45 -11.33 -13.73
N VAL L 782 -78.16 -10.22 -13.67
CA VAL L 782 -77.76 -9.04 -14.43
C VAL L 782 -76.46 -8.44 -13.89
N GLN L 783 -76.11 -8.72 -12.64
CA GLN L 783 -74.95 -8.09 -12.01
C GLN L 783 -73.68 -8.56 -12.69
N ALA L 784 -73.00 -7.64 -13.39
CA ALA L 784 -71.72 -7.94 -14.03
C ALA L 784 -70.64 -7.03 -13.46
N ARG L 785 -70.63 -6.88 -12.14
CA ARG L 785 -69.80 -5.90 -11.47
C ARG L 785 -69.01 -6.56 -10.34
N THR L 786 -68.35 -5.76 -9.52
CA THR L 786 -67.60 -6.27 -8.37
C THR L 786 -67.97 -5.45 -7.15
N ILE L 787 -68.46 -6.13 -6.11
CA ILE L 787 -68.92 -5.49 -4.89
C ILE L 787 -68.11 -6.07 -3.74
N LEU L 788 -67.15 -5.29 -3.24
CA LEU L 788 -66.24 -5.78 -2.22
C LEU L 788 -66.98 -6.09 -0.93
N PRO L 789 -66.54 -7.10 -0.19
CA PRO L 789 -67.25 -7.51 1.03
C PRO L 789 -67.02 -6.59 2.20
N SER L 790 -67.55 -6.98 3.37
CA SER L 790 -67.29 -6.28 4.62
C SER L 790 -67.56 -7.25 5.76
N ASN L 791 -66.93 -6.97 6.89
CA ASN L 791 -67.08 -7.86 8.04
C ASN L 791 -68.51 -7.83 8.56
N PRO L 792 -69.10 -8.99 8.84
CA PRO L 792 -70.49 -9.00 9.32
C PRO L 792 -70.60 -8.50 10.74
N VAL L 793 -71.70 -7.80 11.00
CA VAL L 793 -71.99 -7.24 12.32
C VAL L 793 -73.43 -7.57 12.68
N LEU L 794 -73.65 -7.92 13.94
CA LEU L 794 -75.01 -8.26 14.38
C LEU L 794 -75.90 -7.04 14.40
N PHE L 795 -75.50 -6.00 15.15
CA PHE L 795 -76.25 -4.75 15.19
C PHE L 795 -75.56 -3.75 14.28
N ASP L 796 -75.86 -3.85 12.99
CA ASP L 796 -75.14 -3.04 12.00
C ASP L 796 -75.54 -1.57 12.10
N ASN L 797 -76.79 -1.28 12.42
CA ASN L 797 -77.27 0.10 12.45
C ASN L 797 -76.57 0.85 13.57
N ILE L 798 -75.65 1.75 13.21
CA ILE L 798 -74.84 2.43 14.22
C ILE L 798 -75.49 3.71 14.74
N ASN L 799 -76.43 4.30 14.00
CA ASN L 799 -77.09 5.52 14.42
C ASN L 799 -78.37 5.26 15.19
N GLY L 800 -78.76 4.00 15.36
CA GLY L 800 -79.99 3.69 16.06
C GLY L 800 -81.22 3.95 15.20
N ALA L 801 -82.33 3.29 15.52
CA ALA L 801 -83.55 3.48 14.77
C ALA L 801 -84.05 4.92 14.91
N SER L 802 -84.94 5.30 14.02
CA SER L 802 -85.51 6.63 14.02
C SER L 802 -86.84 6.67 14.74
N PRO L 803 -87.32 7.85 15.11
CA PRO L 803 -88.59 7.92 15.84
C PRO L 803 -89.78 7.42 15.05
N HIS L 804 -89.78 7.60 13.73
CA HIS L 804 -90.85 7.03 12.92
C HIS L 804 -90.85 5.51 13.03
N VAL L 805 -89.67 4.90 12.97
CA VAL L 805 -89.57 3.44 13.12
C VAL L 805 -90.05 3.01 14.50
N CYS L 806 -89.67 3.78 15.53
CA CYS L 806 -90.09 3.42 16.88
C CYS L 806 -91.60 3.50 17.03
N LEU L 807 -92.23 4.51 16.45
CA LEU L 807 -93.68 4.62 16.52
C LEU L 807 -94.35 3.48 15.77
N THR L 808 -93.84 3.14 14.59
CA THR L 808 -94.37 2.00 13.85
C THR L 808 -94.23 0.71 14.65
N MET L 809 -93.15 0.58 15.42
CA MET L 809 -92.96 -0.63 16.21
C MET L 809 -93.89 -0.67 17.41
N MET L 810 -94.18 0.49 18.00
CA MET L 810 -95.22 0.55 19.02
C MET L 810 -96.55 0.07 18.47
N TYR L 811 -96.91 0.57 17.28
CA TYR L 811 -98.15 0.12 16.64
C TYR L 811 -98.15 -1.39 16.40
N ASN L 812 -97.03 -1.91 15.90
CA ASN L 812 -96.94 -3.34 15.61
C ASN L 812 -97.08 -4.17 16.87
N PHE L 813 -96.41 -3.76 17.95
CA PHE L 813 -96.55 -4.48 19.21
C PHE L 813 -97.98 -4.46 19.71
N GLU L 814 -98.65 -3.31 19.58
CA GLU L 814 -100.04 -3.23 20.02
C GLU L 814 -100.92 -4.20 19.22
N VAL L 815 -100.71 -4.27 17.90
CA VAL L 815 -101.48 -5.19 17.07
C VAL L 815 -101.23 -6.63 17.51
N SER L 816 -99.95 -6.99 17.66
CA SER L 816 -99.60 -8.36 18.00
C SER L 816 -100.16 -8.76 19.36
N SER L 817 -100.18 -7.83 20.31
CA SER L 817 -100.76 -8.12 21.61
C SER L 817 -102.28 -8.21 21.53
N ALA L 818 -102.90 -7.43 20.66
CA ALA L 818 -104.36 -7.45 20.56
C ALA L 818 -104.86 -8.75 19.93
N VAL L 819 -104.19 -9.22 18.89
CA VAL L 819 -104.66 -10.40 18.17
C VAL L 819 -104.37 -11.65 18.98
N TYR L 820 -105.38 -12.52 19.09
CA TYR L 820 -105.25 -13.82 19.74
C TYR L 820 -104.97 -14.89 18.69
N ASP L 821 -105.03 -16.15 19.12
CA ASP L 821 -104.77 -17.27 18.23
C ASP L 821 -106.05 -17.73 17.54
N GLY L 822 -105.91 -18.15 16.30
CA GLY L 822 -107.04 -18.70 15.55
C GLY L 822 -108.17 -17.70 15.33
N ASP L 823 -107.83 -16.46 15.00
CA ASP L 823 -108.81 -15.40 14.78
C ASP L 823 -108.69 -14.87 13.37
N VAL L 824 -109.83 -14.67 12.73
CA VAL L 824 -109.84 -14.10 11.38
C VAL L 824 -109.65 -12.59 11.48
N VAL L 825 -108.68 -12.07 10.75
CA VAL L 825 -108.35 -10.65 10.78
C VAL L 825 -108.39 -10.10 9.37
N LEU L 826 -108.30 -8.78 9.26
CA LEU L 826 -108.17 -8.14 7.96
C LEU L 826 -107.62 -6.74 8.19
N ASP L 827 -106.43 -6.47 7.65
CA ASP L 827 -105.77 -5.18 7.81
C ASP L 827 -106.06 -4.31 6.61
N LEU L 828 -106.19 -3.01 6.85
CA LEU L 828 -106.55 -2.04 5.81
C LEU L 828 -105.30 -1.26 5.42
N GLY L 829 -104.79 -1.50 4.22
CA GLY L 829 -103.61 -0.81 3.75
C GLY L 829 -102.33 -1.34 4.38
N THR L 830 -101.99 -2.58 4.08
CA THR L 830 -100.80 -3.19 4.68
C THR L 830 -99.53 -2.73 4.01
N GLY L 831 -99.53 -2.66 2.67
CA GLY L 831 -98.35 -2.30 1.94
C GLY L 831 -97.86 -3.43 1.06
N PRO L 832 -96.88 -3.15 0.20
CA PRO L 832 -96.31 -4.21 -0.64
C PRO L 832 -95.71 -5.35 0.15
N GLU L 833 -95.18 -5.08 1.34
CA GLU L 833 -94.66 -6.12 2.22
C GLU L 833 -95.64 -6.28 3.38
N ALA L 834 -96.24 -7.47 3.47
CA ALA L 834 -97.26 -7.74 4.48
C ALA L 834 -96.58 -7.95 5.83
N LYS L 835 -96.17 -6.83 6.44
CA LYS L 835 -95.50 -6.89 7.73
C LYS L 835 -96.37 -7.54 8.79
N ILE L 836 -97.69 -7.42 8.67
CA ILE L 836 -98.60 -8.03 9.63
C ILE L 836 -98.44 -9.54 9.65
N LEU L 837 -97.99 -10.13 8.53
CA LEU L 837 -97.76 -11.57 8.50
C LEU L 837 -96.74 -12.01 9.54
N GLU L 838 -95.85 -11.11 9.95
CA GLU L 838 -94.88 -11.42 10.98
C GLU L 838 -95.35 -11.07 12.38
N LEU L 839 -96.49 -10.41 12.52
CA LEU L 839 -96.93 -9.95 13.84
C LEU L 839 -97.88 -10.97 14.49
N ILE L 840 -99.00 -11.23 13.85
CA ILE L 840 -100.05 -12.06 14.45
C ILE L 840 -99.65 -13.53 14.35
N PRO L 841 -100.32 -14.43 15.07
CA PRO L 841 -99.88 -15.83 15.09
C PRO L 841 -100.04 -16.50 13.74
N SER L 842 -99.32 -17.62 13.59
CA SER L 842 -99.23 -18.35 12.33
C SER L 842 -100.36 -19.32 12.11
N THR L 843 -101.47 -19.20 12.84
CA THR L 843 -102.61 -20.11 12.72
C THR L 843 -103.91 -19.33 12.64
N SER L 844 -103.94 -18.31 11.79
CA SER L 844 -105.12 -17.48 11.65
C SER L 844 -105.15 -16.85 10.27
N PRO L 845 -106.30 -16.86 9.59
CA PRO L 845 -106.37 -16.23 8.27
C PRO L 845 -106.23 -14.73 8.37
N VAL L 846 -105.51 -14.15 7.42
CA VAL L 846 -104.99 -12.79 7.56
C VAL L 846 -105.32 -11.92 6.35
N THR L 847 -106.46 -12.16 5.72
CA THR L 847 -106.84 -11.48 4.48
C THR L 847 -106.77 -9.96 4.58
N CYS L 848 -105.86 -9.33 3.83
CA CYS L 848 -105.56 -7.92 3.96
C CYS L 848 -105.74 -7.21 2.62
N VAL L 849 -105.95 -5.90 2.69
CA VAL L 849 -106.27 -5.08 1.53
C VAL L 849 -105.34 -3.88 1.46
N ASP L 850 -105.05 -3.43 0.23
CA ASP L 850 -104.21 -2.27 0.00
C ASP L 850 -104.41 -1.82 -1.44
N ILE L 851 -104.36 -0.50 -1.65
CA ILE L 851 -104.59 0.03 -2.99
C ILE L 851 -103.42 -0.26 -3.90
N ARG L 852 -102.23 -0.40 -3.35
CA ARG L 852 -101.12 -0.69 -4.24
C ARG L 852 -100.84 -2.19 -4.27
N PRO L 853 -100.55 -2.74 -5.44
CA PRO L 853 -100.44 -4.21 -5.55
C PRO L 853 -99.29 -4.75 -4.70
N THR L 854 -99.52 -5.94 -4.15
CA THR L 854 -98.62 -6.51 -3.16
C THR L 854 -97.34 -6.98 -3.82
N ALA L 855 -96.43 -7.49 -2.98
CA ALA L 855 -95.17 -8.05 -3.44
C ALA L 855 -94.88 -9.40 -2.77
N GLN L 856 -95.84 -9.98 -2.08
CA GLN L 856 -95.68 -11.27 -1.42
C GLN L 856 -96.05 -12.40 -2.37
N PRO L 857 -95.70 -13.64 -2.01
CA PRO L 857 -96.07 -14.78 -2.84
C PRO L 857 -97.59 -14.95 -2.90
N ASN L 858 -98.00 -15.90 -3.72
CA ASN L 858 -99.40 -16.31 -3.83
C ASN L 858 -99.46 -17.81 -3.72
N GLY L 859 -100.46 -18.33 -3.01
CA GLY L 859 -100.44 -19.72 -2.68
C GLY L 859 -99.33 -20.00 -1.67
N CYS L 860 -99.13 -21.30 -1.41
CA CYS L 860 -98.15 -21.81 -0.44
C CYS L 860 -98.24 -21.09 0.91
N TRP L 861 -99.39 -21.25 1.55
CA TRP L 861 -99.59 -20.82 2.93
C TRP L 861 -100.45 -21.85 3.63
N ASN L 862 -100.12 -22.16 4.88
CA ASN L 862 -100.91 -23.14 5.62
C ASN L 862 -102.32 -22.64 5.88
N VAL L 863 -102.44 -21.54 6.60
CA VAL L 863 -103.73 -20.88 6.78
C VAL L 863 -103.93 -19.93 5.62
N ARG L 864 -105.19 -19.78 5.19
CA ARG L 864 -105.47 -19.02 3.99
C ARG L 864 -105.20 -17.55 4.22
N THR L 865 -104.41 -16.95 3.33
CA THR L 865 -104.16 -15.51 3.32
C THR L 865 -104.41 -14.99 1.91
N THR L 866 -105.27 -13.98 1.80
CA THR L 866 -105.64 -13.43 0.51
C THR L 866 -105.26 -11.96 0.44
N PHE L 867 -104.86 -11.54 -0.74
CA PHE L 867 -104.53 -10.15 -1.02
C PHE L 867 -105.54 -9.60 -2.04
N LEU L 868 -105.76 -8.29 -1.98
CA LEU L 868 -106.71 -7.67 -2.90
C LEU L 868 -106.60 -6.16 -2.80
N GLU L 869 -106.65 -5.50 -3.95
CA GLU L 869 -106.50 -4.05 -4.05
C GLU L 869 -107.81 -3.45 -4.55
N LEU L 870 -108.56 -2.82 -3.64
CA LEU L 870 -109.87 -2.32 -4.04
C LEU L 870 -110.25 -0.97 -3.41
N ASP L 871 -109.31 -0.24 -2.81
CA ASP L 871 -109.62 1.06 -2.22
C ASP L 871 -110.67 0.91 -1.12
N TYR L 872 -110.26 0.29 -0.01
CA TYR L 872 -111.17 -0.11 1.06
C TYR L 872 -112.09 1.00 1.53
N LEU L 873 -111.70 2.26 1.38
CA LEU L 873 -112.56 3.38 1.73
C LEU L 873 -113.58 3.63 0.62
N SER L 874 -114.36 2.61 0.28
CA SER L 874 -115.36 2.70 -0.77
C SER L 874 -116.48 1.73 -0.45
N ASP L 875 -117.52 1.75 -1.28
CA ASP L 875 -118.73 1.00 -1.02
C ASP L 875 -118.79 -0.28 -1.86
N GLY L 876 -119.35 -1.32 -1.27
CA GLY L 876 -119.71 -2.53 -2.00
C GLY L 876 -118.64 -3.58 -2.12
N TRP L 877 -117.85 -3.78 -1.07
CA TRP L 877 -116.86 -4.86 -1.08
C TRP L 877 -116.78 -5.66 0.20
N ILE L 878 -117.37 -5.20 1.31
CA ILE L 878 -117.18 -5.89 2.59
C ILE L 878 -118.18 -7.03 2.78
N THR L 879 -119.31 -7.00 2.08
CA THR L 879 -120.38 -7.97 2.32
C THR L 879 -119.91 -9.40 2.10
N GLY L 880 -118.91 -9.61 1.25
CA GLY L 880 -118.38 -10.94 1.02
C GLY L 880 -117.20 -11.29 1.91
N VAL L 881 -116.50 -10.28 2.40
CA VAL L 881 -115.27 -10.53 3.16
C VAL L 881 -115.62 -10.94 4.58
N ARG L 882 -114.71 -11.71 5.20
CA ARG L 882 -114.92 -12.24 6.53
C ARG L 882 -113.81 -11.77 7.46
N GLY L 883 -114.16 -11.58 8.74
CA GLY L 883 -113.19 -11.17 9.73
C GLY L 883 -113.79 -10.87 11.08
N ASP L 884 -112.97 -10.93 12.13
CA ASP L 884 -113.40 -10.61 13.48
C ASP L 884 -112.82 -9.30 13.98
N ILE L 885 -111.52 -9.09 13.80
CA ILE L 885 -110.87 -7.84 14.17
C ILE L 885 -110.28 -7.21 12.92
N VAL L 886 -110.28 -5.88 12.89
CA VAL L 886 -109.78 -5.11 11.77
C VAL L 886 -108.79 -4.08 12.27
N THR L 887 -107.70 -3.89 11.53
CA THR L 887 -106.64 -2.99 11.92
C THR L 887 -106.34 -2.03 10.77
N CYS L 888 -106.24 -0.74 11.09
CA CYS L 888 -105.94 0.29 10.09
C CYS L 888 -105.02 1.32 10.75
N MET L 889 -103.72 1.14 10.56
CA MET L 889 -102.72 1.97 11.22
C MET L 889 -101.83 2.64 10.18
N LEU L 890 -101.64 3.95 10.34
CA LEU L 890 -100.78 4.72 9.45
C LEU L 890 -101.32 4.76 8.03
N SER L 891 -102.63 4.59 7.87
CA SER L 891 -103.21 4.59 6.53
C SER L 891 -104.42 5.51 6.43
N LEU L 892 -105.11 5.73 7.55
CA LEU L 892 -106.34 6.51 7.49
C LEU L 892 -106.06 7.98 7.17
N GLY L 893 -105.06 8.56 7.84
CA GLY L 893 -104.68 9.93 7.51
C GLY L 893 -104.18 10.06 6.08
N ALA L 894 -103.46 9.06 5.61
CA ALA L 894 -102.97 9.07 4.23
C ALA L 894 -104.13 9.07 3.25
N ALA L 895 -105.13 8.22 3.49
CA ALA L 895 -106.28 8.19 2.60
C ALA L 895 -107.07 9.48 2.67
N ALA L 896 -107.22 10.06 3.86
CA ALA L 896 -107.93 11.32 4.00
C ALA L 896 -107.23 12.44 3.25
N ALA L 897 -105.89 12.46 3.31
CA ALA L 897 -105.15 13.47 2.56
C ALA L 897 -105.24 13.21 1.06
N GLY L 898 -105.25 11.93 0.66
CA GLY L 898 -105.32 11.62 -0.75
C GLY L 898 -106.65 12.04 -1.38
N LYS L 899 -107.75 11.73 -0.71
CA LYS L 899 -109.05 12.15 -1.20
C LYS L 899 -109.35 13.61 -0.90
N SER L 900 -108.48 14.29 -0.17
CA SER L 900 -108.61 15.73 0.11
C SER L 900 -109.89 16.02 0.87
N MET L 901 -110.13 15.25 1.93
CA MET L 901 -111.29 15.44 2.79
C MET L 901 -110.81 15.60 4.23
N THR L 902 -111.74 15.93 5.11
CA THR L 902 -111.42 16.08 6.52
C THR L 902 -111.31 14.72 7.19
N PHE L 903 -110.55 14.68 8.29
CA PHE L 903 -110.31 13.42 8.98
C PHE L 903 -111.60 12.86 9.55
N ASP L 904 -112.45 13.73 10.09
CA ASP L 904 -113.73 13.27 10.63
C ASP L 904 -114.60 12.67 9.53
N ALA L 905 -114.63 13.30 8.36
CA ALA L 905 -115.42 12.78 7.25
C ALA L 905 -114.89 11.42 6.79
N ALA L 906 -113.56 11.29 6.68
CA ALA L 906 -112.98 10.01 6.28
C ALA L 906 -113.27 8.94 7.32
N PHE L 907 -113.17 9.28 8.61
CA PHE L 907 -113.46 8.32 9.66
C PHE L 907 -114.92 7.89 9.61
N GLN L 908 -115.83 8.83 9.35
CA GLN L 908 -117.24 8.49 9.29
C GLN L 908 -117.53 7.59 8.09
N GLN L 909 -116.89 7.85 6.96
CA GLN L 909 -117.05 6.95 5.82
C GLN L 909 -116.53 5.57 6.14
N LEU L 910 -115.38 5.49 6.80
CA LEU L 910 -114.83 4.19 7.17
C LEU L 910 -115.76 3.44 8.11
N VAL L 911 -116.33 4.14 9.09
CA VAL L 911 -117.19 3.45 10.04
C VAL L 911 -118.50 3.02 9.38
N ARG L 912 -119.04 3.86 8.50
CA ARG L 912 -120.28 3.50 7.82
C ARG L 912 -120.07 2.32 6.90
N VAL L 913 -118.89 2.20 6.29
CA VAL L 913 -118.64 1.04 5.44
C VAL L 913 -118.34 -0.19 6.29
N LEU L 914 -117.72 -0.02 7.45
CA LEU L 914 -117.47 -1.16 8.33
C LEU L 914 -118.73 -1.66 9.02
N THR L 915 -119.78 -0.84 9.09
CA THR L 915 -121.06 -1.31 9.63
C THR L 915 -121.57 -2.51 8.85
N ARG L 916 -121.32 -2.56 7.55
CA ARG L 916 -121.68 -3.74 6.77
C ARG L 916 -120.88 -4.96 7.18
N SER L 917 -119.69 -4.76 7.72
CA SER L 917 -118.80 -5.86 8.05
C SER L 917 -119.38 -6.70 9.18
N THR L 918 -118.75 -7.86 9.40
CA THR L 918 -119.17 -8.79 10.44
C THR L 918 -118.23 -8.81 11.63
N ALA L 919 -117.25 -7.91 11.68
CA ALA L 919 -116.33 -7.86 12.80
C ALA L 919 -117.07 -7.43 14.07
N ASN L 920 -116.40 -7.64 15.20
CA ASN L 920 -116.99 -7.27 16.50
C ASN L 920 -116.03 -6.37 17.28
N VAL L 921 -114.74 -6.60 17.13
CA VAL L 921 -113.71 -5.78 17.74
C VAL L 921 -113.00 -5.00 16.65
N LEU L 922 -112.63 -3.77 16.95
CA LEU L 922 -112.03 -2.88 15.95
C LEU L 922 -111.01 -1.99 16.63
N LEU L 923 -109.79 -1.98 16.10
CA LEU L 923 -108.73 -1.11 16.61
C LEU L 923 -108.01 -0.50 15.42
N ILE L 924 -107.97 0.83 15.38
CA ILE L 924 -107.37 1.56 14.28
C ILE L 924 -106.47 2.65 14.84
N GLN L 925 -105.65 3.21 13.96
CA GLN L 925 -104.74 4.30 14.34
C GLN L 925 -105.42 5.61 13.97
N VAL L 926 -106.30 6.07 14.86
CA VAL L 926 -106.97 7.34 14.68
C VAL L 926 -105.94 8.45 14.86
N ASN L 927 -106.30 9.67 14.48
CA ASN L 927 -105.36 10.79 14.45
C ASN L 927 -105.99 11.93 15.26
N CYS L 928 -105.60 12.02 16.53
CA CYS L 928 -106.19 12.99 17.44
C CYS L 928 -105.19 13.37 18.52
N PRO L 929 -105.05 14.66 18.83
CA PRO L 929 -104.16 15.07 19.93
C PRO L 929 -104.84 14.85 21.27
N THR L 930 -104.21 14.06 22.14
CA THR L 930 -104.72 13.75 23.46
C THR L 930 -103.99 14.50 24.56
N ASP L 931 -103.53 15.71 24.28
CA ASP L 931 -102.78 16.51 25.24
C ASP L 931 -102.63 17.90 24.64
N VAL L 932 -101.98 18.80 25.40
CA VAL L 932 -101.76 20.15 24.91
C VAL L 932 -100.85 20.10 23.68
N ILE L 933 -101.31 20.73 22.60
CA ILE L 933 -100.56 20.68 21.34
C ILE L 933 -99.22 21.38 21.51
N ARG L 934 -98.15 20.70 21.12
CA ARG L 934 -96.78 21.15 21.40
C ARG L 934 -95.95 21.45 20.16
N THR L 935 -96.26 20.84 19.02
CA THR L 935 -95.52 21.06 17.78
C THR L 935 -94.04 20.70 17.95
N ILE L 936 -93.82 19.38 18.09
CA ILE L 936 -92.48 18.80 18.23
C ILE L 936 -91.58 19.31 17.11
N LYS L 937 -90.49 19.97 17.49
CA LYS L 937 -89.67 20.66 16.51
C LYS L 937 -88.93 19.65 15.63
N GLY L 938 -89.00 19.86 14.31
CA GLY L 938 -88.27 19.05 13.37
C GLY L 938 -88.94 17.76 12.96
N TYR L 939 -90.00 17.34 13.65
CA TYR L 939 -90.63 16.06 13.32
C TYR L 939 -92.12 16.21 13.12
N LEU L 940 -92.76 17.11 13.85
CA LEU L 940 -94.21 17.27 13.75
C LEU L 940 -94.57 18.64 14.30
N GLU L 941 -95.01 19.55 13.44
CA GLU L 941 -95.50 20.86 13.87
C GLU L 941 -96.97 20.98 13.50
N ILE L 942 -97.81 21.12 14.50
CA ILE L 942 -99.26 21.10 14.32
C ILE L 942 -99.74 22.48 13.93
N ASP L 943 -100.71 22.52 13.01
CA ASP L 943 -101.31 23.76 12.54
C ASP L 943 -102.66 23.93 13.22
N GLN L 944 -102.76 24.92 14.11
CA GLN L 944 -104.01 25.15 14.82
C GLN L 944 -105.12 25.55 13.87
N THR L 945 -104.82 26.43 12.91
CA THR L 945 -105.86 26.99 12.06
C THR L 945 -106.41 25.95 11.08
N ASN L 946 -105.55 25.42 10.21
CA ASN L 946 -105.97 24.50 9.18
C ASN L 946 -106.03 23.05 9.65
N LYS L 947 -105.46 22.75 10.81
CA LYS L 947 -105.47 21.40 11.37
C LYS L 947 -104.79 20.41 10.43
N ARG L 948 -103.49 20.63 10.22
CA ARG L 948 -102.65 19.73 9.45
C ARG L 948 -101.41 19.41 10.27
N TYR L 949 -100.54 18.56 9.72
CA TYR L 949 -99.34 18.14 10.43
C TYR L 949 -98.04 18.54 9.74
N LYS L 950 -97.88 18.22 8.46
CA LYS L 950 -96.66 18.55 7.72
C LYS L 950 -95.43 17.91 8.37
N PHE L 951 -95.40 16.58 8.29
CA PHE L 951 -94.25 15.82 8.73
C PHE L 951 -93.02 16.26 7.94
N PRO L 952 -92.08 16.97 8.56
CA PRO L 952 -90.94 17.51 7.79
C PRO L 952 -89.95 16.46 7.32
N LYS L 953 -89.97 15.26 7.89
CA LYS L 953 -89.05 14.21 7.46
C LYS L 953 -89.56 13.43 6.26
N PHE L 954 -90.82 13.61 5.87
CA PHE L 954 -91.37 12.93 4.71
C PHE L 954 -92.14 13.86 3.78
N GLY L 955 -92.26 15.14 4.12
CA GLY L 955 -93.01 16.06 3.28
C GLY L 955 -94.47 15.75 3.16
N ARG L 956 -95.04 15.02 4.12
CA ARG L 956 -96.44 14.65 4.11
C ARG L 956 -97.22 15.50 5.10
N ASP L 957 -98.53 15.44 4.98
CA ASP L 957 -99.42 16.14 5.90
C ASP L 957 -100.85 15.69 5.65
N GLU L 958 -101.62 15.58 6.73
CA GLU L 958 -103.01 15.20 6.64
C GLU L 958 -103.76 15.80 7.81
N PRO L 959 -105.08 15.93 7.71
CA PRO L 959 -105.85 16.57 8.78
C PRO L 959 -105.98 15.69 10.01
N TYR L 960 -106.62 16.21 11.05
CA TYR L 960 -106.92 15.43 12.24
C TYR L 960 -108.27 15.88 12.80
N SER L 961 -108.66 15.26 13.91
CA SER L 961 -109.94 15.55 14.56
C SER L 961 -109.71 15.55 16.06
N ASP L 962 -110.79 15.48 16.82
CA ASP L 962 -110.72 15.48 18.27
C ASP L 962 -111.55 14.34 18.86
N MET L 963 -111.25 14.06 20.14
CA MET L 963 -111.74 12.84 20.77
C MET L 963 -113.26 12.82 20.85
N ASP L 964 -113.88 13.94 21.21
CA ASP L 964 -115.33 13.95 21.34
C ASP L 964 -116.01 13.74 20.00
N SER L 965 -115.48 14.32 18.93
CA SER L 965 -116.07 14.12 17.61
C SER L 965 -115.95 12.66 17.18
N LEU L 966 -114.77 12.07 17.36
CA LEU L 966 -114.59 10.67 16.98
C LEU L 966 -115.49 9.77 17.80
N GLU L 967 -115.62 10.04 19.09
CA GLU L 967 -116.49 9.22 19.93
C GLU L 967 -117.96 9.39 19.56
N ARG L 968 -118.36 10.60 19.16
CA ARG L 968 -119.72 10.81 18.72
C ARG L 968 -120.00 10.04 17.44
N ILE L 969 -119.05 10.04 16.50
CA ILE L 969 -119.23 9.26 15.28
C ILE L 969 -119.34 7.78 15.60
N CYS L 970 -118.49 7.29 16.50
CA CYS L 970 -118.54 5.87 16.86
C CYS L 970 -119.85 5.52 17.56
N ARG L 971 -120.36 6.41 18.40
CA ARG L 971 -121.63 6.16 19.07
C ARG L 971 -122.79 6.15 18.08
N ALA L 972 -122.79 7.10 17.15
CA ALA L 972 -123.82 7.11 16.11
C ALA L 972 -123.75 5.84 15.28
N ALA L 973 -122.55 5.32 15.05
CA ALA L 973 -122.43 4.05 14.36
C ALA L 973 -123.03 2.91 15.17
N TRP L 974 -122.53 2.70 16.39
CA TRP L 974 -123.02 1.65 17.26
C TRP L 974 -123.39 2.26 18.61
N PRO L 975 -124.56 1.93 19.16
CA PRO L 975 -124.93 2.46 20.48
C PRO L 975 -124.22 1.76 21.61
N ASN L 976 -123.98 0.45 21.46
CA ASN L 976 -123.37 -0.36 22.50
C ASN L 976 -121.85 -0.48 22.34
N CYS L 977 -121.23 0.39 21.56
CA CYS L 977 -119.79 0.35 21.41
C CYS L 977 -119.12 0.74 22.72
N SER L 978 -117.90 0.23 22.92
CA SER L 978 -117.11 0.51 24.12
C SER L 978 -115.76 1.07 23.66
N ILE L 979 -115.70 2.40 23.49
CA ILE L 979 -114.48 3.03 23.02
C ILE L 979 -113.45 3.03 24.14
N THR L 980 -112.19 2.79 23.77
CA THR L 980 -111.10 2.79 24.75
C THR L 980 -109.84 3.29 24.07
N TRP L 981 -109.14 4.20 24.73
CA TRP L 981 -107.91 4.79 24.24
C TRP L 981 -106.74 4.06 24.87
N VAL L 982 -106.03 3.26 24.09
CA VAL L 982 -104.91 2.50 24.65
C VAL L 982 -103.81 3.46 25.07
N PRO L 983 -103.27 3.34 26.27
CA PRO L 983 -102.23 4.25 26.73
C PRO L 983 -100.83 3.82 26.30
N LEU L 984 -99.98 4.81 26.09
CA LEU L 984 -98.59 4.52 25.73
C LEU L 984 -97.89 3.86 26.90
N SER L 985 -97.02 2.91 26.60
CA SER L 985 -96.37 2.10 27.62
C SER L 985 -95.05 2.76 28.02
N TYR L 986 -95.00 3.32 29.23
CA TYR L 986 -93.76 3.86 29.75
C TYR L 986 -92.79 2.76 30.18
N ASP L 987 -93.24 1.52 30.26
CA ASP L 987 -92.45 0.38 30.70
C ASP L 987 -91.63 -0.24 29.56
N LEU L 988 -91.69 0.32 28.35
CA LEU L 988 -90.86 -0.13 27.24
C LEU L 988 -91.13 -1.58 26.85
N ARG L 989 -92.35 -2.04 27.04
CA ARG L 989 -92.67 -3.42 26.69
C ARG L 989 -92.58 -3.68 25.20
N TRP L 990 -92.70 -2.64 24.36
CA TRP L 990 -92.59 -2.77 22.92
C TRP L 990 -91.15 -2.93 22.45
N THR L 991 -90.19 -2.79 23.36
CA THR L 991 -88.79 -2.84 22.96
C THR L 991 -88.37 -4.23 22.50
N LYS L 992 -89.18 -5.26 22.82
CA LYS L 992 -88.90 -6.62 22.36
C LYS L 992 -88.79 -6.70 20.84
N LEU L 993 -89.72 -6.04 20.14
CA LEU L 993 -89.72 -6.09 18.68
C LEU L 993 -88.48 -5.45 18.09
N ALA L 994 -87.81 -4.58 18.84
CA ALA L 994 -86.63 -3.89 18.34
C ALA L 994 -85.34 -4.63 18.69
N LEU L 995 -85.19 -5.03 19.95
CA LEU L 995 -83.96 -5.70 20.35
C LEU L 995 -83.91 -7.13 19.84
N LEU L 996 -85.04 -7.82 19.81
CA LEU L 996 -84.90 -9.20 19.36
C LEU L 996 -84.77 -9.31 17.86
N GLU L 997 -84.64 -8.24 17.08
CA GLU L 997 -84.38 -8.36 15.65
C GLU L 997 -83.28 -7.41 15.21
N SER L 998 -82.30 -7.17 16.08
CA SER L 998 -81.06 -6.47 15.74
C SER L 998 -81.33 -5.04 15.25
N THR L 999 -81.81 -4.22 16.17
CA THR L 999 -82.00 -2.80 15.92
C THR L 999 -81.63 -2.00 17.15
N THR L 1000 -80.74 -1.02 16.98
CA THR L 1000 -80.34 -0.14 18.06
C THR L 1000 -81.40 0.94 18.29
N LEU L 1001 -81.49 1.43 19.52
CA LEU L 1001 -82.63 2.27 19.89
C LEU L 1001 -82.33 3.77 19.93
N SER L 1002 -81.17 4.20 20.43
CA SER L 1002 -80.81 5.62 20.38
C SER L 1002 -81.81 6.48 21.16
N SER L 1003 -81.72 6.36 22.49
CA SER L 1003 -82.66 6.88 23.48
C SER L 1003 -83.32 8.22 23.17
N ALA L 1004 -82.58 9.17 22.58
CA ALA L 1004 -83.21 10.41 22.14
C ALA L 1004 -84.34 10.12 21.16
N SER L 1005 -84.12 9.16 20.26
CA SER L 1005 -85.16 8.80 19.31
C SER L 1005 -86.38 8.20 20.01
N VAL L 1006 -86.17 7.36 21.01
CA VAL L 1006 -87.31 6.75 21.69
C VAL L 1006 -88.07 7.80 22.49
N ARG L 1007 -87.36 8.79 23.06
CA ARG L 1007 -88.05 9.86 23.75
C ARG L 1007 -88.89 10.69 22.78
N ILE L 1008 -88.35 10.99 21.60
CA ILE L 1008 -89.11 11.72 20.60
C ILE L 1008 -90.34 10.92 20.17
N ALA L 1009 -90.17 9.60 20.02
CA ALA L 1009 -91.30 8.76 19.63
C ALA L 1009 -92.37 8.75 20.72
N GLU L 1010 -91.97 8.72 21.98
CA GLU L 1010 -92.94 8.77 23.07
C GLU L 1010 -93.68 10.10 23.05
N LEU L 1011 -92.98 11.20 22.79
CA LEU L 1011 -93.65 12.50 22.68
C LEU L 1011 -94.63 12.51 21.52
N MET L 1012 -94.25 11.89 20.40
CA MET L 1012 -95.07 11.95 19.20
C MET L 1012 -96.24 10.98 19.22
N TYR L 1013 -96.19 9.95 20.06
CA TYR L 1013 -97.29 9.00 20.11
C TYR L 1013 -98.57 9.65 20.64
N LYS L 1014 -98.44 10.60 21.56
CA LYS L 1014 -99.62 11.17 22.21
C LYS L 1014 -100.52 11.91 21.22
N TYR L 1015 -99.98 12.35 20.10
CA TYR L 1015 -100.78 13.03 19.08
C TYR L 1015 -101.34 12.07 18.04
N MET L 1016 -100.87 10.83 18.00
CA MET L 1016 -101.37 9.81 17.08
C MET L 1016 -101.67 8.54 17.85
N PRO L 1017 -102.68 8.57 18.71
CA PRO L 1017 -103.05 7.35 19.46
C PRO L 1017 -103.76 6.35 18.57
N ILE L 1018 -104.23 5.25 19.16
CA ILE L 1018 -105.03 4.27 18.44
C ILE L 1018 -106.16 3.83 19.35
N MET L 1019 -107.40 4.06 18.92
CA MET L 1019 -108.56 3.70 19.73
C MET L 1019 -108.99 2.28 19.43
N ARG L 1020 -109.38 1.57 20.47
CA ARG L 1020 -109.97 0.25 20.34
C ARG L 1020 -111.48 0.36 20.52
N ILE L 1021 -112.22 -0.34 19.66
CA ILE L 1021 -113.67 -0.27 19.65
C ILE L 1021 -114.23 -1.69 19.70
N ASP L 1022 -115.09 -1.96 20.67
CA ASP L 1022 -115.78 -3.23 20.78
C ASP L 1022 -117.24 -3.00 20.37
N ILE L 1023 -117.65 -3.63 19.27
CA ILE L 1023 -119.00 -3.42 18.77
C ILE L 1023 -120.03 -3.97 19.74
N HIS L 1024 -119.72 -5.10 20.37
CA HIS L 1024 -120.61 -5.71 21.36
C HIS L 1024 -120.03 -5.43 22.74
N GLY L 1025 -120.38 -4.28 23.30
CA GLY L 1025 -119.87 -3.89 24.60
C GLY L 1025 -120.96 -3.57 25.59
N LEU L 1026 -120.59 -2.98 26.72
CA LEU L 1026 -121.54 -2.62 27.75
C LEU L 1026 -121.53 -1.12 27.94
N PRO L 1027 -122.64 -0.42 27.68
CA PRO L 1027 -122.67 1.03 27.87
C PRO L 1027 -122.65 1.40 29.35
N MET L 1028 -122.28 2.64 29.61
CA MET L 1028 -122.23 3.15 30.98
C MET L 1028 -122.40 4.66 30.97
N GLU L 1029 -123.36 5.14 31.75
CA GLU L 1029 -123.59 6.57 31.84
C GLU L 1029 -122.43 7.25 32.56
N LYS L 1030 -122.44 8.58 32.52
CA LYS L 1030 -121.39 9.37 33.15
C LYS L 1030 -121.92 10.78 33.41
N GLN L 1031 -121.07 11.60 34.02
CA GLN L 1031 -121.39 12.98 34.32
C GLN L 1031 -120.74 13.91 33.29
N GLY L 1032 -120.82 15.20 33.53
CA GLY L 1032 -120.32 16.16 32.57
C GLY L 1032 -118.82 16.44 32.67
N ASN L 1033 -118.32 16.68 33.87
CA ASN L 1033 -116.95 17.16 34.03
C ASN L 1033 -115.94 16.03 34.25
N PHE L 1034 -116.11 15.26 35.33
CA PHE L 1034 -115.11 14.29 35.75
C PHE L 1034 -113.75 14.95 35.95
N ILE L 1035 -113.76 16.11 36.58
CA ILE L 1035 -112.53 16.85 36.85
C ILE L 1035 -112.05 16.49 38.24
N VAL L 1036 -110.73 16.55 38.43
CA VAL L 1036 -110.13 16.17 39.70
C VAL L 1036 -110.60 17.12 40.81
N GLY L 1037 -110.65 16.60 42.03
CA GLY L 1037 -111.07 17.37 43.18
C GLY L 1037 -112.56 17.41 43.41
N GLN L 1038 -113.37 17.08 42.42
CA GLN L 1038 -114.82 17.12 42.54
C GLN L 1038 -115.38 15.71 42.45
N ASN L 1039 -116.63 15.57 42.88
CA ASN L 1039 -117.28 14.26 42.85
C ASN L 1039 -117.48 13.79 41.41
N CYS L 1040 -117.50 12.47 41.25
CA CYS L 1040 -117.65 11.87 39.92
C CYS L 1040 -118.44 10.58 40.09
N SER L 1041 -119.68 10.58 39.63
CA SER L 1041 -120.52 9.40 39.67
C SER L 1041 -120.44 8.65 38.34
N LEU L 1042 -120.80 7.38 38.38
CA LEU L 1042 -120.77 6.53 37.19
C LEU L 1042 -121.78 5.41 37.35
N VAL L 1043 -122.54 5.14 36.31
CA VAL L 1043 -123.63 4.17 36.33
C VAL L 1043 -123.30 3.06 35.35
N ILE L 1044 -123.33 1.81 35.82
CA ILE L 1044 -123.08 0.65 34.98
C ILE L 1044 -124.03 -0.48 35.39
N PRO L 1045 -125.06 -0.74 34.62
CA PRO L 1045 -126.09 -1.71 35.03
C PRO L 1045 -125.88 -3.13 34.53
N GLY L 1046 -126.37 -4.07 35.33
CA GLY L 1046 -126.62 -5.42 34.86
C GLY L 1046 -125.48 -6.42 34.93
N PHE L 1047 -124.72 -6.43 36.03
CA PHE L 1047 -123.68 -7.43 36.24
C PHE L 1047 -123.95 -8.28 37.47
N ASN L 1048 -125.24 -8.50 37.76
CA ASN L 1048 -125.79 -9.47 38.72
C ASN L 1048 -124.95 -9.66 39.99
N ALA L 1049 -124.76 -8.55 40.69
CA ALA L 1049 -124.25 -8.54 42.07
C ALA L 1049 -122.83 -9.08 42.19
N GLN L 1050 -122.10 -9.21 41.09
CA GLN L 1050 -120.69 -9.57 41.10
C GLN L 1050 -119.97 -8.49 40.31
N ASP L 1051 -119.32 -7.57 41.01
CA ASP L 1051 -118.89 -6.30 40.44
C ASP L 1051 -117.39 -6.08 40.64
N VAL L 1052 -116.60 -7.07 40.24
CA VAL L 1052 -115.15 -6.90 40.34
C VAL L 1052 -114.71 -6.00 39.21
N PHE L 1053 -114.56 -4.71 39.51
CA PHE L 1053 -114.11 -3.70 38.57
C PHE L 1053 -112.72 -3.23 38.96
N ASN L 1054 -111.97 -2.74 37.97
CA ASN L 1054 -110.64 -2.20 38.24
C ASN L 1054 -110.23 -1.25 37.13
N CYS L 1055 -110.33 0.05 37.38
CA CYS L 1055 -109.86 1.03 36.43
C CYS L 1055 -108.36 1.23 36.57
N TYR L 1056 -107.70 1.48 35.44
CA TYR L 1056 -106.24 1.56 35.39
C TYR L 1056 -105.84 2.97 34.98
N PHE L 1057 -104.92 3.56 35.75
CA PHE L 1057 -104.40 4.88 35.42
C PHE L 1057 -103.70 4.85 34.07
N ASN L 1058 -102.62 4.09 33.98
CA ASN L 1058 -101.99 3.75 32.71
C ASN L 1058 -101.94 2.25 32.49
N SER L 1059 -101.25 1.53 33.37
CA SER L 1059 -101.33 0.08 33.41
C SER L 1059 -101.46 -0.48 34.83
N ALA L 1060 -101.23 0.33 35.86
CA ALA L 1060 -101.39 -0.13 37.23
C ALA L 1060 -102.85 -0.09 37.64
N LEU L 1061 -103.18 -0.90 38.64
CA LEU L 1061 -104.54 -0.99 39.12
C LEU L 1061 -104.88 0.17 40.05
N ALA L 1062 -106.14 0.56 40.03
CA ALA L 1062 -106.66 1.60 40.93
C ALA L 1062 -108.12 1.30 41.18
N PHE L 1063 -108.49 1.14 42.45
CA PHE L 1063 -109.85 0.79 42.83
C PHE L 1063 -110.26 -0.56 42.22
N SER L 1064 -109.60 -1.59 42.73
CA SER L 1064 -110.00 -2.95 42.36
C SER L 1064 -111.37 -3.33 42.90
N THR L 1065 -111.97 -2.50 43.76
CA THR L 1065 -113.35 -2.58 44.24
C THR L 1065 -113.65 -3.86 45.01
N GLU L 1066 -112.65 -4.72 45.21
CA GLU L 1066 -112.78 -5.78 46.20
C GLU L 1066 -112.66 -5.22 47.60
N ASP L 1067 -112.00 -4.08 47.75
CA ASP L 1067 -111.95 -3.36 49.02
C ASP L 1067 -111.62 -1.90 48.70
N VAL L 1068 -112.58 -1.00 48.92
CA VAL L 1068 -112.37 0.41 48.55
C VAL L 1068 -111.28 1.05 49.39
N ASN L 1069 -110.93 0.47 50.54
CA ASN L 1069 -109.90 1.04 51.40
C ASN L 1069 -108.50 0.84 50.85
N SER L 1070 -108.34 0.04 49.80
CA SER L 1070 -107.04 -0.21 49.20
C SER L 1070 -106.85 0.52 47.87
N ALA L 1071 -107.75 1.44 47.53
CA ALA L 1071 -107.65 2.15 46.28
C ALA L 1071 -106.48 3.13 46.32
N MET L 1072 -106.13 3.65 45.15
CA MET L 1072 -105.04 4.61 45.01
C MET L 1072 -105.55 6.01 44.69
N ILE L 1073 -106.84 6.27 44.86
CA ILE L 1073 -107.41 7.60 44.62
C ILE L 1073 -107.82 8.18 45.97
N PRO L 1074 -108.12 9.48 46.04
CA PRO L 1074 -108.47 10.08 47.34
C PRO L 1074 -109.71 9.49 47.99
N GLN L 1075 -110.67 9.00 47.20
CA GLN L 1075 -111.88 8.47 47.79
C GLN L 1075 -112.71 7.78 46.70
N VAL L 1076 -113.43 6.75 47.10
CA VAL L 1076 -114.24 5.99 46.16
C VAL L 1076 -115.21 5.09 46.93
N THR L 1077 -116.41 4.92 46.40
CA THR L 1077 -117.44 4.09 47.02
C THR L 1077 -118.23 3.38 45.94
N ALA L 1078 -119.09 2.46 46.36
CA ALA L 1078 -119.91 1.70 45.42
C ALA L 1078 -121.18 1.21 46.11
N GLN L 1079 -122.20 0.98 45.31
CA GLN L 1079 -123.47 0.44 45.78
C GLN L 1079 -124.12 -0.35 44.65
N PHE L 1080 -124.93 -1.34 45.02
CA PHE L 1080 -125.51 -2.24 44.04
C PHE L 1080 -126.86 -1.78 43.51
N ASP L 1081 -127.75 -1.31 44.39
CA ASP L 1081 -129.08 -0.87 43.98
C ASP L 1081 -129.87 -2.00 43.32
N ALA L 1082 -130.16 -3.02 44.14
CA ALA L 1082 -130.76 -4.26 43.65
C ALA L 1082 -132.04 -4.02 42.88
N ASN L 1083 -132.83 -3.03 43.28
CA ASN L 1083 -134.08 -2.74 42.56
C ASN L 1083 -133.81 -2.25 41.14
N LYS L 1084 -132.71 -1.55 40.93
CA LYS L 1084 -132.36 -1.05 39.61
C LYS L 1084 -131.40 -1.97 38.86
N GLY L 1085 -130.55 -2.70 39.59
CA GLY L 1085 -129.56 -3.54 38.95
C GLY L 1085 -128.42 -2.77 38.32
N GLU L 1086 -127.94 -1.73 39.00
CA GLU L 1086 -126.86 -0.91 38.47
C GLU L 1086 -126.07 -0.31 39.62
N TRP L 1087 -124.75 -0.31 39.49
CA TRP L 1087 -123.87 0.28 40.49
C TRP L 1087 -123.72 1.78 40.25
N SER L 1088 -123.56 2.51 41.34
CA SER L 1088 -123.34 3.96 41.30
C SER L 1088 -121.95 4.22 41.88
N LEU L 1089 -120.94 4.14 41.03
CA LEU L 1089 -119.56 4.35 41.44
C LEU L 1089 -119.29 5.85 41.51
N ASP L 1090 -119.12 6.37 42.71
CA ASP L 1090 -118.82 7.77 42.93
C ASP L 1090 -117.47 7.87 43.62
N MET L 1091 -116.57 8.67 43.06
CA MET L 1091 -115.22 8.80 43.59
C MET L 1091 -114.65 10.14 43.16
N VAL L 1092 -113.53 10.51 43.80
CA VAL L 1092 -112.81 11.73 43.49
C VAL L 1092 -111.39 11.35 43.10
N PHE L 1093 -110.91 11.94 42.01
CA PHE L 1093 -109.59 11.62 41.48
C PHE L 1093 -108.60 12.73 41.80
N SER L 1094 -107.32 12.40 41.61
CA SER L 1094 -106.25 13.34 41.89
C SER L 1094 -105.29 13.54 40.73
N ASP L 1095 -105.41 12.77 39.64
CA ASP L 1095 -104.50 12.89 38.51
C ASP L 1095 -105.30 12.89 37.22
N ALA L 1096 -105.06 13.89 36.38
CA ALA L 1096 -105.75 13.98 35.10
C ALA L 1096 -105.19 12.97 34.11
N GLY L 1097 -106.07 12.39 33.31
CA GLY L 1097 -105.65 11.43 32.31
C GLY L 1097 -106.83 10.60 31.83
N ILE L 1098 -106.51 9.45 31.23
CA ILE L 1098 -107.49 8.54 30.67
C ILE L 1098 -107.45 7.24 31.47
N TYR L 1099 -108.63 6.73 31.84
CA TYR L 1099 -108.75 5.52 32.62
C TYR L 1099 -109.44 4.44 31.79
N THR L 1100 -109.14 3.19 32.11
CA THR L 1100 -109.62 2.07 31.31
C THR L 1100 -110.92 1.46 31.83
N MET L 1101 -111.03 1.22 33.14
CA MET L 1101 -112.22 0.62 33.72
C MET L 1101 -112.48 -0.77 33.12
N GLN L 1102 -111.53 -1.67 33.38
CA GLN L 1102 -111.49 -2.95 32.67
C GLN L 1102 -112.73 -3.79 32.94
N ALA L 1103 -113.32 -3.67 34.13
CA ALA L 1103 -114.59 -4.32 34.45
C ALA L 1103 -114.48 -5.85 34.32
N LEU L 1104 -113.69 -6.42 35.21
CA LEU L 1104 -113.58 -7.88 35.30
C LEU L 1104 -114.96 -8.51 35.43
N VAL L 1105 -115.20 -9.53 34.60
CA VAL L 1105 -116.53 -10.14 34.54
C VAL L 1105 -116.88 -10.79 35.88
N GLY L 1106 -118.17 -10.84 36.17
CA GLY L 1106 -118.65 -11.54 37.34
C GLY L 1106 -118.65 -13.05 37.15
N SER L 1107 -117.46 -13.62 36.95
CA SER L 1107 -117.30 -15.04 36.69
C SER L 1107 -115.80 -15.32 36.60
N ASN L 1108 -115.47 -16.59 36.48
CA ASN L 1108 -114.07 -17.00 36.41
C ASN L 1108 -113.44 -16.73 35.05
N ALA L 1109 -114.23 -16.37 34.04
CA ALA L 1109 -113.68 -16.07 32.73
C ALA L 1109 -112.91 -14.76 32.75
N ASN L 1110 -112.22 -14.47 31.65
CA ASN L 1110 -111.43 -13.25 31.54
C ASN L 1110 -112.33 -12.02 31.66
N PRO L 1111 -111.74 -10.85 31.91
CA PRO L 1111 -112.55 -9.64 32.08
C PRO L 1111 -113.01 -9.07 30.74
N VAL L 1112 -114.28 -8.69 30.70
CA VAL L 1112 -114.85 -8.00 29.54
C VAL L 1112 -114.67 -6.50 29.74
N SER L 1113 -114.04 -5.85 28.77
CA SER L 1113 -113.68 -4.45 28.92
C SER L 1113 -114.91 -3.54 28.81
N LEU L 1114 -114.80 -2.38 29.44
CA LEU L 1114 -115.75 -1.29 29.29
C LEU L 1114 -115.05 -0.11 28.63
N GLY L 1115 -115.80 0.97 28.42
CA GLY L 1115 -115.24 2.15 27.81
C GLY L 1115 -114.19 2.81 28.70
N SER L 1116 -113.54 3.81 28.14
CA SER L 1116 -112.58 4.64 28.86
C SER L 1116 -113.17 6.02 29.09
N PHE L 1117 -112.53 6.78 29.98
CA PHE L 1117 -113.00 8.12 30.29
C PHE L 1117 -111.82 8.97 30.75
N VAL L 1118 -111.85 10.24 30.36
CA VAL L 1118 -110.78 11.18 30.65
C VAL L 1118 -111.24 12.11 31.76
N VAL L 1119 -110.32 12.45 32.66
CA VAL L 1119 -110.57 13.39 33.74
C VAL L 1119 -109.80 14.67 33.45
N ASP L 1120 -110.45 15.80 33.69
CA ASP L 1120 -109.87 17.11 33.38
C ASP L 1120 -109.09 17.64 34.58
N SER L 1121 -108.13 18.51 34.29
CA SER L 1121 -107.30 19.14 35.31
C SER L 1121 -108.15 20.00 36.23
N PRO L 1122 -107.62 20.44 37.37
CA PRO L 1122 -108.43 21.26 38.29
C PRO L 1122 -108.80 22.60 37.66
N ASP L 1123 -109.96 23.10 38.08
CA ASP L 1123 -110.37 24.43 37.67
C ASP L 1123 -109.51 25.49 38.33
N VAL L 1124 -109.55 26.71 37.77
CA VAL L 1124 -108.75 27.80 38.30
C VAL L 1124 -109.68 28.89 38.82
N ASP L 1125 -110.85 28.49 39.30
CA ASP L 1125 -111.86 29.43 39.80
C ASP L 1125 -111.84 29.45 41.31
N ILE L 1126 -111.71 30.65 41.89
CA ILE L 1126 -111.58 30.83 43.32
C ILE L 1126 -112.36 32.07 43.75
N THR L 1127 -112.91 32.02 44.94
CA THR L 1127 -113.69 33.14 45.48
C THR L 1127 -113.56 33.16 46.99
N ASP L 1128 -113.41 34.36 47.54
CA ASP L 1128 -113.26 34.56 48.98
C ASP L 1128 -114.39 35.40 49.53
N ALA L 1129 -114.57 35.32 50.85
CA ALA L 1129 -115.59 36.12 51.54
C ALA L 1129 -115.30 36.05 53.03
N TRP L 1130 -115.81 37.05 53.75
CA TRP L 1130 -115.65 37.12 55.19
C TRP L 1130 -116.93 37.64 55.82
N PRO L 1131 -117.12 37.38 57.12
CA PRO L 1131 -118.36 37.82 57.78
C PRO L 1131 -118.43 39.34 57.87
N ALA L 1132 -119.62 39.82 58.22
CA ALA L 1132 -119.84 41.26 58.29
C ALA L 1132 -119.03 41.90 59.42
N GLN L 1133 -118.80 41.16 60.50
CA GLN L 1133 -118.06 41.67 61.65
C GLN L 1133 -116.67 41.05 61.70
N LEU L 1134 -115.70 41.85 62.16
CA LEU L 1134 -114.33 41.40 62.31
C LEU L 1134 -113.74 42.01 63.57
N ASP L 1135 -112.83 41.28 64.21
CA ASP L 1135 -112.19 41.70 65.43
C ASP L 1135 -110.67 41.74 65.25
N PHE L 1136 -110.02 42.59 66.04
CA PHE L 1136 -108.56 42.76 66.01
C PHE L 1136 -108.03 42.23 67.34
N THR L 1137 -107.80 40.92 67.40
CA THR L 1137 -107.33 40.27 68.62
C THR L 1137 -106.31 39.22 68.24
N ILE L 1138 -105.95 38.37 69.22
CA ILE L 1138 -105.04 37.26 68.93
C ILE L 1138 -105.76 36.18 68.14
N ALA L 1139 -107.08 36.04 68.32
CA ALA L 1139 -107.84 35.08 67.53
C ALA L 1139 -108.11 35.59 66.12
N GLY L 1140 -108.14 36.91 65.94
CA GLY L 1140 -108.36 37.50 64.64
C GLY L 1140 -109.69 37.10 64.03
N THR L 1141 -109.80 37.33 62.74
CA THR L 1141 -110.99 36.98 61.97
C THR L 1141 -110.71 35.77 61.09
N ASP L 1142 -111.76 35.30 60.41
CA ASP L 1142 -111.65 34.17 59.51
C ASP L 1142 -112.55 34.39 58.30
N VAL L 1143 -112.04 34.01 57.12
CA VAL L 1143 -112.78 34.17 55.88
C VAL L 1143 -113.10 32.79 55.34
N ASP L 1144 -114.10 32.72 54.45
CA ASP L 1144 -114.44 31.50 53.75
C ASP L 1144 -114.12 31.64 52.28
N ILE L 1145 -113.72 30.53 51.66
CA ILE L 1145 -113.22 30.53 50.30
C ILE L 1145 -113.77 29.31 49.57
N THR L 1146 -114.08 29.50 48.28
CA THR L 1146 -114.54 28.43 47.41
C THR L 1146 -113.44 28.14 46.39
N VAL L 1147 -112.87 26.94 46.47
CA VAL L 1147 -111.77 26.55 45.59
C VAL L 1147 -111.63 25.05 45.65
N ASN L 1148 -111.08 24.47 44.58
CA ASN L 1148 -110.85 23.04 44.54
C ASN L 1148 -109.84 22.66 45.62
N PRO L 1149 -110.12 21.63 46.44
CA PRO L 1149 -109.18 21.25 47.51
C PRO L 1149 -107.85 20.70 47.03
N TYR L 1150 -107.59 20.65 45.72
CA TYR L 1150 -106.33 20.12 45.21
C TYR L 1150 -105.14 21.03 45.51
N TYR L 1151 -105.38 22.29 45.87
CA TYR L 1151 -104.34 23.29 45.96
C TYR L 1151 -103.81 23.40 47.40
N ARG L 1152 -102.88 24.34 47.61
CA ARG L 1152 -102.28 24.55 48.92
C ARG L 1152 -102.41 25.99 49.41
N LEU L 1153 -102.30 26.97 48.51
CA LEU L 1153 -102.71 28.34 48.78
C LEU L 1153 -101.92 28.99 49.92
N MET L 1154 -100.63 29.19 49.67
CA MET L 1154 -99.85 30.00 50.59
C MET L 1154 -100.06 31.49 50.29
N ALA L 1155 -99.51 32.34 51.16
CA ALA L 1155 -99.85 33.77 51.14
C ALA L 1155 -99.03 34.52 50.09
N PHE L 1156 -97.71 34.58 50.26
CA PHE L 1156 -96.80 35.25 49.33
C PHE L 1156 -97.16 36.74 49.18
N VAL L 1157 -97.02 37.47 50.29
CA VAL L 1157 -97.24 38.91 50.30
C VAL L 1157 -96.00 39.57 49.70
N LYS L 1158 -96.08 39.99 48.44
CA LYS L 1158 -94.91 40.51 47.78
C LYS L 1158 -94.64 41.96 48.20
N ILE L 1159 -93.39 42.36 48.07
CA ILE L 1159 -92.98 43.75 48.29
C ILE L 1159 -92.18 44.32 47.14
N ASP L 1160 -91.53 43.50 46.33
CA ASP L 1160 -90.66 43.92 45.24
C ASP L 1160 -90.70 42.84 44.18
N GLY L 1161 -89.67 42.80 43.33
CA GLY L 1161 -89.51 41.66 42.44
C GLY L 1161 -89.55 40.32 43.17
N GLN L 1162 -89.04 40.27 44.39
CA GLN L 1162 -89.20 39.08 45.22
C GLN L 1162 -90.63 38.99 45.73
N TRP L 1163 -90.97 37.83 46.28
CA TRP L 1163 -92.35 37.58 46.72
C TRP L 1163 -92.52 37.56 48.22
N GLN L 1164 -91.60 36.95 48.98
CA GLN L 1164 -91.58 37.05 50.43
C GLN L 1164 -92.90 36.53 51.03
N ILE L 1165 -93.07 35.21 50.92
CA ILE L 1165 -94.26 34.54 51.47
C ILE L 1165 -94.49 34.97 52.92
N ALA L 1166 -93.51 34.70 53.80
CA ALA L 1166 -93.29 35.42 55.06
C ALA L 1166 -94.54 35.60 55.91
N ASN L 1167 -95.42 34.60 55.95
CA ASN L 1167 -96.63 34.65 56.78
C ASN L 1167 -96.83 33.31 57.47
N PRO L 1168 -95.99 32.99 58.45
CA PRO L 1168 -96.19 31.72 59.17
C PRO L 1168 -97.42 31.72 60.06
N ASP L 1169 -97.67 32.82 60.77
CA ASP L 1169 -98.76 32.90 61.74
C ASP L 1169 -99.82 33.92 61.36
N LYS L 1170 -99.64 34.65 60.26
CA LYS L 1170 -100.65 35.62 59.86
C LYS L 1170 -101.83 34.93 59.20
N PHE L 1171 -101.57 33.97 58.31
CA PHE L 1171 -102.60 33.18 57.67
C PHE L 1171 -102.47 31.73 58.13
N GLN L 1172 -103.60 31.03 58.14
CA GLN L 1172 -103.60 29.66 58.67
C GLN L 1172 -104.89 28.97 58.25
N PHE L 1173 -104.76 27.78 57.66
CA PHE L 1173 -105.88 27.03 57.11
C PHE L 1173 -106.07 25.75 57.89
N PHE L 1174 -107.31 25.26 57.94
CA PHE L 1174 -107.62 24.04 58.67
C PHE L 1174 -107.59 22.80 57.78
N SER L 1175 -108.45 22.73 56.78
CA SER L 1175 -108.54 21.52 55.94
C SER L 1175 -109.19 21.90 54.61
N SER L 1176 -108.39 21.90 53.54
CA SER L 1176 -108.82 22.43 52.25
C SER L 1176 -110.00 21.66 51.65
N ASN L 1177 -110.31 20.46 52.16
CA ASN L 1177 -111.42 19.69 51.60
C ASN L 1177 -112.75 20.42 51.81
N THR L 1178 -112.95 21.01 52.98
CA THR L 1178 -114.13 21.79 53.26
C THR L 1178 -113.84 23.28 53.03
N GLY L 1179 -114.80 24.13 53.38
CA GLY L 1179 -114.56 25.56 53.32
C GLY L 1179 -113.45 26.01 54.24
N THR L 1180 -113.26 25.29 55.36
CA THR L 1180 -112.10 25.30 56.26
C THR L 1180 -111.83 26.66 56.91
N LEU L 1181 -112.69 27.66 56.69
CA LEU L 1181 -112.53 29.02 57.23
C LEU L 1181 -111.09 29.52 57.04
N VAL L 1182 -110.72 29.66 55.76
CA VAL L 1182 -109.36 30.04 55.43
C VAL L 1182 -109.01 31.40 56.00
N MET L 1183 -107.70 31.66 56.08
CA MET L 1183 -107.16 33.00 56.31
C MET L 1183 -107.65 33.58 57.64
N ASN L 1184 -107.21 32.94 58.72
CA ASN L 1184 -107.40 33.49 60.05
C ASN L 1184 -106.42 34.65 60.23
N VAL L 1185 -106.67 35.76 59.55
CA VAL L 1185 -105.73 36.86 59.47
C VAL L 1185 -105.79 37.70 60.74
N LYS L 1186 -104.64 38.20 61.16
CA LYS L 1186 -104.51 39.10 62.31
C LYS L 1186 -104.24 40.48 61.74
N LEU L 1187 -105.28 41.31 61.67
CA LEU L 1187 -105.18 42.57 60.94
C LEU L 1187 -104.33 43.59 61.69
N ASP L 1188 -103.71 44.48 60.92
CA ASP L 1188 -102.92 45.57 61.45
C ASP L 1188 -102.72 46.59 60.33
N ILE L 1189 -102.30 47.80 60.72
CA ILE L 1189 -102.25 48.95 59.81
C ILE L 1189 -101.49 48.65 58.52
N ALA L 1190 -100.46 47.79 58.61
CA ALA L 1190 -99.63 47.51 57.44
C ALA L 1190 -100.44 46.94 56.28
N ASP L 1191 -101.56 46.25 56.56
CA ASP L 1191 -102.36 45.69 55.48
C ASP L 1191 -102.88 46.78 54.55
N ARG L 1192 -103.14 47.98 55.10
CA ARG L 1192 -103.60 49.09 54.28
C ARG L 1192 -102.62 49.43 53.17
N TYR L 1193 -101.34 49.11 53.35
CA TYR L 1193 -100.33 49.34 52.34
C TYR L 1193 -99.82 48.06 51.71
N LEU L 1194 -100.42 46.91 52.02
CA LEU L 1194 -99.89 45.62 51.59
C LEU L 1194 -100.96 44.87 50.81
N LEU L 1195 -100.64 44.51 49.56
CA LEU L 1195 -101.47 43.63 48.75
C LEU L 1195 -100.84 42.24 48.74
N TYR L 1196 -101.68 41.21 48.83
CA TYR L 1196 -101.21 39.89 49.24
C TYR L 1196 -100.99 38.92 48.09
N TYR L 1197 -101.89 38.85 47.12
CA TYR L 1197 -101.72 37.96 45.97
C TYR L 1197 -101.64 36.49 46.42
N ILE L 1198 -102.77 35.99 46.92
CA ILE L 1198 -102.87 34.59 47.31
C ILE L 1198 -102.48 33.70 46.14
N ARG L 1199 -101.52 32.80 46.37
CA ARG L 1199 -100.91 32.03 45.30
C ARG L 1199 -101.04 30.53 45.57
N ASP L 1200 -100.79 29.75 44.53
CA ASP L 1200 -100.80 28.30 44.60
C ASP L 1200 -99.38 27.78 44.80
N VAL L 1201 -99.27 26.62 45.45
CA VAL L 1201 -97.98 26.02 45.77
C VAL L 1201 -97.93 24.62 45.16
N GLN L 1202 -96.89 24.35 44.39
CA GLN L 1202 -96.62 23.02 43.86
C GLN L 1202 -95.19 22.62 44.21
N SER L 1203 -94.76 21.46 43.70
CA SER L 1203 -93.41 20.99 43.95
C SER L 1203 -92.41 21.74 43.07
N ARG L 1204 -92.58 21.66 41.75
CA ARG L 1204 -91.65 22.32 40.85
C ARG L 1204 -91.86 23.83 40.84
N ASP L 1205 -93.11 24.27 40.68
CA ASP L 1205 -93.44 25.67 40.50
C ASP L 1205 -94.38 26.12 41.62
N VAL L 1206 -94.48 27.43 41.79
CA VAL L 1206 -95.35 28.04 42.79
C VAL L 1206 -96.18 29.13 42.13
N GLY L 1207 -97.47 29.17 42.46
CA GLY L 1207 -98.36 30.17 41.91
C GLY L 1207 -98.44 30.15 40.40
N PHE L 1208 -98.74 28.97 39.84
CA PHE L 1208 -98.85 28.83 38.39
C PHE L 1208 -100.28 28.70 37.90
N TYR L 1209 -101.18 28.11 38.69
CA TYR L 1209 -102.57 27.97 38.27
C TYR L 1209 -103.41 29.17 38.69
N ILE L 1210 -103.46 29.47 39.98
CA ILE L 1210 -104.27 30.55 40.51
C ILE L 1210 -103.37 31.51 41.28
N GLN L 1211 -103.49 32.80 40.97
CA GLN L 1211 -102.69 33.82 41.65
C GLN L 1211 -103.45 35.14 41.53
N HIS L 1212 -104.11 35.54 42.61
CA HIS L 1212 -104.86 36.79 42.63
C HIS L 1212 -104.68 37.46 43.98
N PRO L 1213 -104.74 38.78 44.03
CA PRO L 1213 -104.57 39.50 45.30
C PRO L 1213 -105.86 39.56 46.09
N LEU L 1214 -105.70 39.74 47.41
CA LEU L 1214 -106.82 40.00 48.30
C LEU L 1214 -107.18 41.48 48.15
N GLN L 1215 -108.00 41.75 47.14
CA GLN L 1215 -108.22 43.12 46.70
C GLN L 1215 -108.91 43.95 47.79
N LEU L 1216 -109.98 43.41 48.38
CA LEU L 1216 -110.70 44.16 49.39
C LEU L 1216 -110.10 43.99 50.79
N LEU L 1217 -109.18 43.05 50.97
CA LEU L 1217 -108.34 43.06 52.17
C LEU L 1217 -107.16 44.02 52.02
N ASN L 1218 -106.94 44.56 50.82
CA ASN L 1218 -105.98 45.66 50.69
C ASN L 1218 -106.39 46.85 51.54
N THR L 1219 -107.70 47.11 51.63
CA THR L 1219 -108.23 48.26 52.36
C THR L 1219 -109.35 47.81 53.28
N ILE L 1220 -109.24 48.14 54.55
CA ILE L 1220 -110.25 47.82 55.55
C ILE L 1220 -110.49 49.04 56.42
N THR L 1221 -111.75 49.28 56.76
CA THR L 1221 -112.10 50.36 57.69
C THR L 1221 -111.66 49.96 59.10
N LEU L 1222 -110.58 50.58 59.56
CA LEU L 1222 -110.00 50.22 60.84
C LEU L 1222 -110.73 50.94 61.97
N PRO L 1223 -111.33 50.24 62.93
CA PRO L 1223 -112.00 50.92 64.04
C PRO L 1223 -111.01 51.58 64.98
N THR L 1224 -110.98 52.91 64.99
CA THR L 1224 -110.06 53.63 65.86
C THR L 1224 -110.39 53.46 67.34
N ASN L 1225 -111.62 53.05 67.66
CA ASN L 1225 -111.98 52.86 69.06
C ASN L 1225 -111.25 51.67 69.67
N GLU L 1226 -111.13 50.58 68.91
CA GLU L 1226 -110.48 49.37 69.40
C GLU L 1226 -109.01 49.37 69.02
N ASP L 1227 -108.18 48.88 69.93
CA ASP L 1227 -106.75 48.79 69.68
C ASP L 1227 -106.47 47.83 68.51
N LEU L 1228 -105.26 47.96 67.96
CA LEU L 1228 -104.86 47.13 66.83
C LEU L 1228 -103.35 46.98 66.86
N PHE L 1229 -102.83 46.21 65.90
CA PHE L 1229 -101.41 45.89 65.85
C PHE L 1229 -100.68 46.88 64.94
N LEU L 1230 -99.41 47.12 65.25
CA LEU L 1230 -98.64 48.20 64.66
C LEU L 1230 -97.36 47.66 64.03
N SER L 1231 -97.48 46.60 63.24
CA SER L 1231 -96.32 46.13 62.48
C SER L 1231 -95.92 47.16 61.43
N ALA L 1232 -94.69 47.01 60.93
CA ALA L 1232 -94.26 48.01 59.96
C ALA L 1232 -94.35 47.44 58.54
N PRO L 1233 -94.71 48.28 57.56
CA PRO L 1233 -94.78 47.81 56.18
C PRO L 1233 -93.42 47.48 55.57
N ASP L 1234 -92.47 48.42 55.70
CA ASP L 1234 -91.17 48.28 55.06
C ASP L 1234 -90.12 48.89 55.97
N MET L 1235 -88.85 48.65 55.64
CA MET L 1235 -87.75 49.20 56.42
C MET L 1235 -87.53 50.68 56.20
N ARG L 1236 -88.18 51.29 55.20
CA ARG L 1236 -87.82 52.62 54.76
C ARG L 1236 -88.43 53.73 55.61
N GLU L 1237 -88.30 53.63 56.93
CA GLU L 1237 -88.56 54.72 57.86
C GLU L 1237 -89.99 55.25 57.74
N TRP L 1238 -90.95 54.39 58.09
CA TRP L 1238 -92.35 54.76 58.09
C TRP L 1238 -92.69 55.48 59.39
N ALA L 1239 -93.35 56.64 59.28
CA ALA L 1239 -93.69 57.47 60.43
C ALA L 1239 -95.12 57.20 60.87
N VAL L 1240 -95.31 57.06 62.17
CA VAL L 1240 -96.62 56.77 62.76
C VAL L 1240 -97.33 58.08 63.08
N LYS L 1241 -98.63 58.12 62.81
CA LYS L 1241 -99.47 59.27 63.12
C LYS L 1241 -100.72 58.79 63.82
N GLU L 1242 -101.05 59.41 64.96
CA GLU L 1242 -102.27 59.07 65.68
C GLU L 1242 -103.47 59.80 65.08
N SER L 1243 -103.44 61.13 65.11
CA SER L 1243 -104.52 61.93 64.55
C SER L 1243 -103.98 63.17 63.82
N GLY L 1244 -102.76 63.07 63.29
CA GLY L 1244 -102.13 64.18 62.61
C GLY L 1244 -100.99 64.83 63.37
N ASN L 1245 -100.71 64.39 64.59
CA ASN L 1245 -99.63 64.96 65.39
C ASN L 1245 -98.25 64.47 64.97
N THR L 1246 -98.17 63.54 64.02
CA THR L 1246 -96.91 63.02 63.48
C THR L 1246 -96.05 62.42 64.60
N ILE L 1247 -96.56 61.32 65.16
CA ILE L 1247 -95.82 60.58 66.16
C ILE L 1247 -94.48 60.11 65.58
N CYS L 1248 -93.53 59.85 66.48
CA CYS L 1248 -92.17 59.45 66.11
C CYS L 1248 -92.17 58.31 65.10
N ILE L 1249 -91.24 58.39 64.14
CA ILE L 1249 -91.20 57.44 63.03
C ILE L 1249 -90.90 56.05 63.55
N LEU L 1250 -91.58 55.05 62.96
CA LEU L 1250 -91.43 53.68 63.44
C LEU L 1250 -90.06 53.10 63.06
N ASN L 1251 -89.66 53.26 61.80
CA ASN L 1251 -88.39 52.76 61.31
C ASN L 1251 -87.31 53.85 61.30
N SER L 1252 -87.37 54.78 62.23
CA SER L 1252 -86.35 55.80 62.33
C SER L 1252 -85.07 55.22 62.93
N PRO L 1253 -83.90 55.62 62.45
CA PRO L 1253 -82.66 55.10 63.02
C PRO L 1253 -82.49 55.54 64.46
N GLY L 1254 -82.15 54.59 65.34
CA GLY L 1254 -82.06 54.87 66.75
C GLY L 1254 -83.42 55.21 67.34
N PHE L 1255 -84.32 54.23 67.34
CA PHE L 1255 -85.70 54.43 67.76
C PHE L 1255 -85.91 53.96 69.20
N ILE L 1256 -86.74 54.70 69.92
CA ILE L 1256 -87.16 54.33 71.28
C ILE L 1256 -88.66 54.05 71.24
N PRO L 1257 -89.11 52.88 71.67
CA PRO L 1257 -90.53 52.57 71.63
C PRO L 1257 -91.28 53.31 72.73
N PRO L 1258 -92.43 53.90 72.42
CA PRO L 1258 -93.24 54.55 73.46
C PRO L 1258 -93.70 53.55 74.50
N GLN L 1259 -93.89 54.04 75.72
CA GLN L 1259 -94.31 53.18 76.82
C GLN L 1259 -95.69 52.59 76.60
N ASP L 1260 -96.58 53.33 75.94
CA ASP L 1260 -97.92 52.82 75.68
C ASP L 1260 -97.90 51.64 74.74
N TRP L 1261 -97.10 51.72 73.68
CA TRP L 1261 -97.05 50.65 72.68
C TRP L 1261 -96.42 49.41 73.28
N ASP L 1262 -97.14 48.29 73.21
CA ASP L 1262 -96.66 47.02 73.72
C ASP L 1262 -96.19 46.15 72.57
N VAL L 1263 -95.12 45.39 72.81
CA VAL L 1263 -94.55 44.51 71.80
C VAL L 1263 -95.13 43.11 71.99
N LEU L 1264 -95.64 42.54 70.90
CA LEU L 1264 -96.19 41.19 70.96
C LEU L 1264 -95.07 40.16 71.08
N THR L 1265 -95.39 39.02 71.69
CA THR L 1265 -94.40 37.97 71.87
C THR L 1265 -93.88 37.46 70.54
N ASP L 1266 -94.78 37.25 69.57
CA ASP L 1266 -94.42 36.81 68.23
C ASP L 1266 -94.85 37.89 67.25
N THR L 1267 -93.87 38.59 66.67
CA THR L 1267 -94.16 39.65 65.72
C THR L 1267 -94.89 39.09 64.50
N ILE L 1268 -96.03 39.68 64.18
CA ILE L 1268 -96.85 39.22 63.06
C ILE L 1268 -96.54 40.15 61.89
N SER L 1269 -95.55 39.75 61.09
CA SER L 1269 -95.13 40.55 59.95
C SER L 1269 -94.32 39.67 59.02
N TRP L 1270 -94.23 40.10 57.75
CA TRP L 1270 -93.48 39.32 56.77
C TRP L 1270 -92.00 39.31 57.11
N SER L 1271 -91.48 40.41 57.61
CA SER L 1271 -90.07 40.43 57.98
C SER L 1271 -89.93 40.04 59.45
N PRO L 1272 -89.10 39.04 59.77
CA PRO L 1272 -88.91 38.68 61.17
C PRO L 1272 -88.29 39.79 62.00
N SER L 1273 -87.57 40.72 61.38
CA SER L 1273 -86.95 41.81 62.12
C SER L 1273 -87.99 42.75 62.70
N LEU L 1274 -89.07 43.00 61.96
CA LEU L 1274 -90.08 43.97 62.40
C LEU L 1274 -90.87 43.43 63.58
N PRO L 1275 -90.88 44.10 64.71
CA PRO L 1275 -91.72 43.68 65.84
C PRO L 1275 -93.15 44.15 65.64
N THR L 1276 -94.00 43.78 66.58
CA THR L 1276 -95.42 44.11 66.56
C THR L 1276 -95.77 44.97 67.76
N TYR L 1277 -96.59 45.99 67.53
CA TYR L 1277 -97.00 46.91 68.58
C TYR L 1277 -98.52 46.95 68.69
N VAL L 1278 -98.99 47.66 69.71
CA VAL L 1278 -100.41 47.86 69.94
C VAL L 1278 -100.67 49.36 70.04
N VAL L 1279 -101.77 49.81 69.47
CA VAL L 1279 -102.11 51.24 69.39
C VAL L 1279 -103.60 51.44 69.63
N PRO L 1280 -104.07 51.49 70.87
CA PRO L 1280 -105.51 51.58 71.12
C PRO L 1280 -106.10 52.91 70.67
N PRO L 1281 -105.52 54.08 71.05
CA PRO L 1281 -106.18 55.34 70.65
C PRO L 1281 -105.83 55.76 69.23
N GLY L 1282 -106.82 55.74 68.32
CA GLY L 1282 -106.63 56.18 66.95
C GLY L 1282 -105.48 55.49 66.23
N ASP L 1283 -104.41 56.24 65.98
CA ASP L 1283 -103.20 55.72 65.38
C ASP L 1283 -103.48 55.12 64.00
N TYR L 1284 -103.91 56.00 63.08
CA TYR L 1284 -104.24 55.62 61.72
C TYR L 1284 -103.51 56.52 60.74
N THR L 1285 -103.58 56.16 59.46
CA THR L 1285 -102.92 56.90 58.39
C THR L 1285 -101.41 56.96 58.63
N LEU L 1286 -100.79 55.79 58.58
CA LEU L 1286 -99.34 55.69 58.70
C LEU L 1286 -98.68 56.42 57.53
N THR L 1287 -98.03 57.54 57.81
CA THR L 1287 -97.54 58.40 56.74
C THR L 1287 -96.29 57.79 56.10
N PRO L 1288 -96.13 57.90 54.80
CA PRO L 1288 -94.92 57.39 54.14
C PRO L 1288 -93.73 58.28 54.42
N LEU L 1289 -92.56 57.81 53.97
CA LEU L 1289 -91.32 58.56 54.12
C LEU L 1289 -90.20 57.88 53.38
CA ALA M 2 -54.59 -16.99 52.45
C ALA M 2 -53.46 -16.86 51.45
N ASN M 3 -52.36 -17.57 51.70
CA ASN M 3 -51.21 -17.52 50.80
C ASN M 3 -50.47 -18.84 50.84
N VAL M 4 -49.87 -19.19 49.70
CA VAL M 4 -49.10 -20.42 49.60
C VAL M 4 -47.62 -20.12 49.89
N TRP M 5 -47.00 -19.29 49.07
CA TRP M 5 -45.67 -18.78 49.36
C TRP M 5 -45.64 -17.30 49.00
N GLY M 6 -46.47 -16.91 48.05
CA GLY M 6 -46.75 -15.51 47.76
C GLY M 6 -48.24 -15.30 47.81
N VAL M 7 -48.65 -14.19 48.44
CA VAL M 7 -50.04 -14.01 48.84
C VAL M 7 -50.95 -13.99 47.63
N ARG M 8 -52.04 -14.73 47.72
CA ARG M 8 -53.08 -14.75 46.71
C ARG M 8 -54.34 -14.10 47.26
N LEU M 9 -55.14 -13.53 46.36
CA LEU M 9 -56.39 -12.89 46.75
C LEU M 9 -57.27 -13.86 47.50
N ALA M 10 -57.55 -13.54 48.76
CA ALA M 10 -58.54 -14.27 49.54
C ALA M 10 -59.87 -13.54 49.44
N ASP M 11 -60.85 -14.04 50.19
CA ASP M 11 -62.13 -13.36 50.39
C ASP M 11 -63.03 -13.42 49.16
N SER M 12 -62.56 -13.97 48.06
CA SER M 12 -63.42 -14.08 46.89
C SER M 12 -62.80 -15.04 45.90
N LEU M 13 -63.60 -15.43 44.91
CA LEU M 13 -63.26 -16.57 44.07
C LEU M 13 -64.16 -16.56 42.85
N SER M 14 -63.60 -16.62 41.65
CA SER M 14 -64.41 -16.54 40.44
C SER M 14 -63.79 -17.39 39.34
N SER M 15 -64.51 -17.48 38.23
CA SER M 15 -64.07 -18.27 37.08
C SER M 15 -65.06 -18.05 35.94
N PRO M 16 -64.65 -18.33 34.70
CA PRO M 16 -65.56 -18.15 33.57
C PRO M 16 -66.77 -19.06 33.66
N THR M 17 -67.75 -18.80 32.80
CA THR M 17 -69.00 -19.54 32.86
C THR M 17 -69.42 -20.11 31.51
N ILE M 18 -69.06 -19.44 30.42
CA ILE M 18 -69.51 -19.83 29.09
C ILE M 18 -68.30 -20.16 28.22
N GLU M 19 -68.43 -21.19 27.40
CA GLU M 19 -67.35 -21.65 26.54
C GLU M 19 -67.87 -21.77 25.11
N THR M 20 -67.12 -21.21 24.17
CA THR M 20 -67.55 -21.24 22.78
C THR M 20 -67.39 -22.63 22.19
N ARG M 21 -68.26 -22.96 21.24
CA ARG M 21 -68.23 -24.27 20.60
C ARG M 21 -67.17 -24.31 19.52
N THR M 22 -66.55 -25.47 19.36
CA THR M 22 -65.44 -25.62 18.43
C THR M 22 -65.89 -25.40 16.99
N ARG M 23 -64.94 -25.00 16.15
CA ARG M 23 -65.20 -24.75 14.74
C ARG M 23 -64.20 -25.56 13.91
N HIS M 24 -64.72 -26.42 13.05
CA HIS M 24 -63.84 -27.23 12.21
C HIS M 24 -63.13 -26.34 11.20
N TYR M 25 -61.97 -26.81 10.74
CA TYR M 25 -61.08 -26.04 9.90
C TYR M 25 -61.15 -26.58 8.49
N THR M 26 -61.58 -25.73 7.56
CA THR M 26 -61.88 -26.13 6.19
C THR M 26 -60.87 -25.51 5.23
N LEU M 27 -60.90 -25.99 3.98
CA LEU M 27 -59.93 -25.55 2.99
C LEU M 27 -60.09 -24.07 2.68
N HIS M 28 -61.33 -23.56 2.68
CA HIS M 28 -61.52 -22.14 2.49
C HIS M 28 -60.86 -21.33 3.60
N ASP M 29 -61.00 -21.79 4.84
CA ASP M 29 -60.32 -21.14 5.95
C ASP M 29 -58.81 -21.20 5.79
N PHE M 30 -58.30 -22.35 5.35
CA PHE M 30 -56.86 -22.49 5.14
C PHE M 30 -56.37 -21.48 4.12
N TYR M 31 -57.07 -21.36 3.00
CA TYR M 31 -56.67 -20.42 1.96
C TYR M 31 -56.76 -18.98 2.44
N SER M 32 -57.83 -18.64 3.18
CA SER M 32 -57.98 -17.27 3.67
C SER M 32 -56.90 -16.92 4.67
N ASP M 33 -56.51 -17.86 5.52
CA ASP M 33 -55.41 -17.61 6.44
C ASP M 33 -54.08 -17.55 5.70
N LEU M 34 -53.96 -18.28 4.60
CA LEU M 34 -52.69 -18.35 3.88
C LEU M 34 -52.45 -17.09 3.05
N ASP M 35 -53.51 -16.48 2.53
CA ASP M 35 -53.38 -15.19 1.86
C ASP M 35 -53.67 -14.06 2.85
N ALA M 36 -52.69 -13.84 3.72
CA ALA M 36 -52.84 -12.94 4.86
C ALA M 36 -53.22 -11.54 4.42
N SER M 37 -54.44 -11.13 4.78
CA SER M 37 -54.96 -9.82 4.42
C SER M 37 -54.55 -8.80 5.48
N VAL M 38 -54.95 -7.55 5.26
CA VAL M 38 -54.53 -6.48 6.17
C VAL M 38 -55.22 -6.60 7.52
N GLY M 39 -56.45 -7.13 7.55
CA GLY M 39 -57.18 -7.18 8.79
C GLY M 39 -56.83 -8.36 9.67
N LYS M 40 -56.47 -9.49 9.07
CA LYS M 40 -56.29 -10.72 9.85
C LYS M 40 -55.10 -11.50 9.30
N GLU M 41 -53.93 -11.26 9.88
CA GLU M 41 -52.75 -12.04 9.58
C GLU M 41 -52.65 -13.21 10.55
N PRO M 42 -51.90 -14.25 10.19
CA PRO M 42 -51.69 -15.37 11.10
C PRO M 42 -50.70 -15.10 12.23
N TRP M 43 -50.22 -13.88 12.38
CA TRP M 43 -49.28 -13.54 13.44
C TRP M 43 -49.77 -12.31 14.18
N ARG M 44 -49.01 -11.90 15.20
CA ARG M 44 -49.35 -10.72 15.98
C ARG M 44 -48.10 -10.20 16.67
N PRO M 45 -47.73 -8.94 16.45
CA PRO M 45 -46.44 -8.45 16.96
C PRO M 45 -46.47 -8.19 18.45
N LEU M 46 -45.41 -8.63 19.12
CA LEU M 46 -45.16 -8.32 20.52
C LEU M 46 -44.04 -7.29 20.57
N ARG M 47 -44.19 -6.30 21.44
CA ARG M 47 -43.24 -5.19 21.48
C ARG M 47 -42.81 -4.89 22.91
N ASN M 48 -41.62 -4.33 23.03
CA ASN M 48 -41.04 -4.02 24.32
C ASN M 48 -41.86 -2.97 25.04
N GLN M 49 -41.85 -3.04 26.38
CA GLN M 49 -42.69 -2.18 27.20
C GLN M 49 -42.03 -0.85 27.55
N ARG M 50 -40.76 -0.66 27.22
CA ARG M 50 -40.09 0.61 27.48
C ARG M 50 -39.78 1.36 26.19
N THR M 51 -39.08 0.73 25.25
CA THR M 51 -38.79 1.39 23.99
C THR M 51 -40.00 1.37 23.05
N ASN M 52 -40.96 0.47 23.29
CA ASN M 52 -42.18 0.41 22.48
C ASN M 52 -41.86 0.06 21.03
N GLU M 53 -41.09 -1.01 20.85
CA GLU M 53 -40.72 -1.47 19.52
C GLU M 53 -40.88 -2.98 19.44
N ILE M 54 -41.10 -3.47 18.22
CA ILE M 54 -41.36 -4.90 18.02
C ILE M 54 -40.09 -5.68 18.31
N VAL M 55 -40.22 -6.74 19.12
CA VAL M 55 -39.06 -7.54 19.51
C VAL M 55 -39.33 -9.02 19.32
N ALA M 56 -40.60 -9.38 19.11
CA ALA M 56 -40.96 -10.78 18.95
C ALA M 56 -42.29 -10.86 18.22
N VAL M 57 -42.72 -12.08 17.93
CA VAL M 57 -43.95 -12.32 17.20
C VAL M 57 -44.61 -13.57 17.75
N GLN M 58 -45.93 -13.57 17.81
CA GLN M 58 -46.70 -14.74 18.14
C GLN M 58 -47.33 -15.32 16.88
N LEU M 59 -47.34 -16.64 16.77
CA LEU M 59 -47.75 -17.34 15.56
C LEU M 59 -49.08 -18.04 15.76
N PHE M 60 -49.85 -18.14 14.69
CA PHE M 60 -51.19 -18.73 14.79
C PHE M 60 -51.39 -19.85 13.77
N ARG M 61 -52.64 -20.32 13.66
CA ARG M 61 -53.10 -21.56 13.05
C ARG M 61 -52.29 -22.05 11.84
N PRO M 62 -52.14 -21.25 10.79
CA PRO M 62 -51.44 -21.76 9.60
C PRO M 62 -49.98 -22.10 9.86
N LEU M 63 -49.21 -21.12 10.33
CA LEU M 63 -47.78 -21.31 10.59
C LEU M 63 -47.58 -21.55 12.08
N GLN M 64 -47.70 -22.82 12.46
CA GLN M 64 -47.52 -23.19 13.86
C GLN M 64 -46.76 -24.51 13.96
N GLY M 65 -46.00 -24.84 12.92
CA GLY M 65 -45.29 -26.10 12.80
C GLY M 65 -43.83 -25.92 12.42
N LEU M 66 -43.16 -24.96 13.03
CA LEU M 66 -41.82 -24.54 12.61
C LEU M 66 -40.71 -25.27 13.35
N VAL M 67 -40.92 -26.56 13.60
CA VAL M 67 -40.07 -27.42 14.41
C VAL M 67 -38.57 -27.32 14.10
N PHE M 68 -38.21 -27.05 12.85
CA PHE M 68 -36.79 -27.08 12.48
C PHE M 68 -36.02 -25.95 13.17
N ASP M 69 -34.71 -25.93 12.94
CA ASP M 69 -33.86 -24.91 13.53
C ASP M 69 -34.12 -23.56 12.87
N THR M 70 -33.76 -22.49 13.58
CA THR M 70 -34.06 -21.15 13.09
C THR M 70 -33.23 -20.76 11.88
N GLN M 71 -32.04 -21.34 11.73
CA GLN M 71 -31.18 -20.93 10.62
C GLN M 71 -31.68 -21.47 9.29
N LEU M 72 -32.42 -22.58 9.30
CA LEU M 72 -32.91 -23.14 8.04
C LEU M 72 -33.90 -22.23 7.36
N TYR M 73 -34.65 -21.43 8.13
CA TYR M 73 -35.69 -20.61 7.53
C TYR M 73 -35.14 -19.34 6.92
N GLY M 74 -34.10 -18.76 7.53
CA GLY M 74 -33.50 -17.55 7.01
C GLY M 74 -34.47 -16.39 6.95
N PHE M 75 -35.07 -16.04 8.08
CA PHE M 75 -35.99 -14.92 8.10
C PHE M 75 -35.22 -13.60 8.07
N PRO M 76 -35.85 -12.54 7.59
CA PRO M 76 -35.23 -11.22 7.69
C PRO M 76 -35.14 -10.74 9.13
N GLY M 77 -34.61 -9.54 9.34
CA GLY M 77 -34.40 -9.06 10.69
C GLY M 77 -35.52 -8.23 11.27
N THR M 78 -35.92 -7.18 10.58
CA THR M 78 -36.95 -6.29 11.09
C THR M 78 -38.33 -6.90 10.89
N PHE M 79 -39.30 -6.40 11.65
CA PHE M 79 -40.65 -6.95 11.60
C PHE M 79 -41.32 -6.68 10.27
N SER M 80 -41.15 -5.46 9.73
CA SER M 80 -41.79 -5.12 8.46
C SER M 80 -41.23 -5.98 7.33
N GLN M 81 -39.90 -6.09 7.26
CA GLN M 81 -39.28 -6.94 6.27
C GLN M 81 -39.71 -8.39 6.43
N TRP M 82 -39.78 -8.86 7.67
CA TRP M 82 -40.23 -10.22 7.95
C TRP M 82 -41.63 -10.47 7.39
N GLU M 83 -42.57 -9.58 7.71
CA GLU M 83 -43.95 -9.81 7.28
C GLU M 83 -44.09 -9.68 5.77
N GLN M 84 -43.33 -8.78 5.14
CA GLN M 84 -43.39 -8.67 3.68
C GLN M 84 -42.85 -9.93 3.03
N PHE M 85 -41.71 -10.43 3.52
CA PHE M 85 -41.14 -11.70 3.09
C PHE M 85 -42.17 -12.83 3.19
N MET M 86 -42.79 -12.97 4.35
CA MET M 86 -43.68 -14.11 4.54
C MET M 86 -44.97 -13.95 3.74
N LYS M 87 -45.45 -12.73 3.56
CA LYS M 87 -46.62 -12.53 2.70
C LYS M 87 -46.30 -12.89 1.26
N GLU M 88 -45.10 -12.56 0.78
CA GLU M 88 -44.78 -12.87 -0.61
C GLU M 88 -44.49 -14.36 -0.81
N LYS M 89 -44.13 -15.08 0.25
CA LYS M 89 -43.90 -16.52 0.11
C LYS M 89 -45.19 -17.34 0.27
N LEU M 90 -46.07 -16.92 1.16
CA LEU M 90 -47.33 -17.64 1.33
C LEU M 90 -48.19 -17.62 0.08
N ARG M 91 -48.03 -16.61 -0.79
CA ARG M 91 -48.76 -16.62 -2.05
C ARG M 91 -48.33 -17.76 -2.94
N VAL M 92 -47.02 -18.02 -3.00
CA VAL M 92 -46.53 -19.15 -3.79
C VAL M 92 -47.07 -20.45 -3.22
N LEU M 93 -47.03 -20.59 -1.89
CA LEU M 93 -47.57 -21.80 -1.28
C LEU M 93 -49.05 -21.97 -1.60
N LYS M 94 -49.81 -20.86 -1.55
CA LYS M 94 -51.22 -20.90 -1.88
C LYS M 94 -51.45 -21.33 -3.33
N TYR M 95 -50.63 -20.82 -4.24
CA TYR M 95 -50.81 -21.19 -5.65
C TYR M 95 -50.56 -22.66 -5.85
N GLU M 96 -49.57 -23.21 -5.17
CA GLU M 96 -49.31 -24.65 -5.28
C GLU M 96 -50.48 -25.46 -4.73
N VAL M 97 -50.98 -25.08 -3.56
CA VAL M 97 -52.07 -25.82 -2.94
C VAL M 97 -53.32 -25.75 -3.80
N LEU M 98 -53.59 -24.60 -4.38
CA LEU M 98 -54.75 -24.46 -5.27
C LEU M 98 -54.56 -25.28 -6.55
N ARG M 99 -53.33 -25.31 -7.07
CA ARG M 99 -53.06 -26.09 -8.27
C ARG M 99 -53.35 -27.56 -8.06
N ILE M 100 -53.09 -28.06 -6.86
CA ILE M 100 -53.40 -29.47 -6.62
C ILE M 100 -54.84 -29.69 -6.18
N TYR M 101 -55.45 -28.75 -5.47
CA TYR M 101 -56.83 -28.88 -5.03
C TYR M 101 -57.68 -27.73 -5.56
N PRO M 102 -58.55 -27.96 -6.54
CA PRO M 102 -59.44 -26.88 -6.98
C PRO M 102 -60.43 -26.51 -5.88
N ILE M 103 -60.65 -25.21 -5.73
CA ILE M 103 -61.51 -24.73 -4.65
C ILE M 103 -62.96 -25.13 -4.88
N SER M 104 -63.41 -25.10 -6.14
CA SER M 104 -64.80 -25.38 -6.45
C SER M 104 -65.18 -26.81 -6.08
N THR M 105 -64.29 -27.76 -6.35
CA THR M 105 -64.58 -29.14 -5.98
C THR M 105 -64.25 -29.41 -4.52
N TYR M 106 -63.22 -28.75 -3.97
CA TYR M 106 -62.88 -28.89 -2.56
C TYR M 106 -63.00 -27.51 -1.92
N ASN M 107 -64.23 -27.15 -1.54
CA ASN M 107 -64.49 -25.91 -0.81
C ASN M 107 -64.95 -26.13 0.62
N HIS M 108 -65.79 -27.13 0.87
CA HIS M 108 -66.43 -27.27 2.18
C HIS M 108 -66.10 -28.60 2.85
N ASP M 109 -64.84 -28.98 2.89
CA ASP M 109 -64.45 -30.23 3.51
C ASP M 109 -63.25 -30.03 4.41
N ARG M 110 -63.21 -30.83 5.48
CA ARG M 110 -62.21 -30.66 6.53
C ARG M 110 -60.80 -30.84 5.98
N VAL M 111 -59.90 -29.98 6.41
CA VAL M 111 -58.49 -30.07 6.08
C VAL M 111 -57.74 -30.48 7.33
N ASN M 112 -56.70 -31.30 7.16
CA ASN M 112 -55.94 -31.83 8.28
C ASN M 112 -55.01 -30.75 8.82
N VAL M 113 -55.16 -30.44 10.11
CA VAL M 113 -54.41 -29.33 10.70
C VAL M 113 -52.95 -29.69 10.85
N PHE M 114 -52.65 -30.94 11.20
CA PHE M 114 -51.26 -31.39 11.27
C PHE M 114 -50.56 -31.17 9.95
N VAL M 115 -51.20 -31.66 8.87
CA VAL M 115 -50.62 -31.53 7.54
C VAL M 115 -50.47 -30.07 7.17
N ALA M 116 -51.46 -29.23 7.52
CA ALA M 116 -51.38 -27.83 7.15
C ALA M 116 -50.20 -27.13 7.81
N ASN M 117 -50.05 -27.32 9.12
CA ASN M 117 -48.92 -26.73 9.83
C ASN M 117 -47.60 -27.27 9.31
N ALA M 118 -47.49 -28.60 9.19
CA ALA M 118 -46.27 -29.21 8.68
C ALA M 118 -45.96 -28.76 7.27
N LEU M 119 -46.99 -28.48 6.47
CA LEU M 119 -46.79 -28.07 5.10
C LEU M 119 -46.20 -26.68 5.02
N VAL M 120 -46.76 -25.74 5.80
CA VAL M 120 -46.17 -24.40 5.80
C VAL M 120 -44.76 -24.44 6.37
N GLY M 121 -44.54 -25.29 7.39
CA GLY M 121 -43.21 -25.37 7.97
C GLY M 121 -42.18 -25.94 7.02
N ALA M 122 -42.57 -26.95 6.24
CA ALA M 122 -41.65 -27.55 5.29
C ALA M 122 -41.42 -26.63 4.09
N PHE M 123 -42.45 -25.91 3.66
CA PHE M 123 -42.27 -24.98 2.55
C PHE M 123 -41.35 -23.83 2.94
N LEU M 124 -41.49 -23.32 4.18
CA LEU M 124 -40.66 -22.21 4.59
C LEU M 124 -39.19 -22.60 4.75
N SER M 125 -38.89 -23.88 4.86
CA SER M 125 -37.52 -24.35 5.06
C SER M 125 -37.00 -25.18 3.90
N ASN M 126 -37.79 -25.38 2.85
CA ASN M 126 -37.35 -26.10 1.65
C ASN M 126 -36.99 -27.56 1.99
N GLN M 127 -37.99 -28.29 2.49
CA GLN M 127 -37.79 -29.65 2.96
C GLN M 127 -38.71 -30.63 2.24
N ALA M 128 -38.92 -30.44 0.94
CA ALA M 128 -39.66 -31.39 0.10
C ALA M 128 -41.07 -31.60 0.63
N PHE M 129 -41.85 -30.53 0.56
CA PHE M 129 -43.20 -30.54 1.11
C PHE M 129 -44.19 -31.36 0.28
N TYR M 130 -43.79 -31.84 -0.89
CA TYR M 130 -44.75 -32.51 -1.76
C TYR M 130 -45.32 -33.76 -1.13
N ASP M 131 -44.53 -34.48 -0.35
CA ASP M 131 -45.01 -35.67 0.34
C ASP M 131 -46.16 -35.35 1.29
N LEU M 132 -46.28 -34.10 1.73
CA LEU M 132 -47.38 -33.69 2.60
C LEU M 132 -48.64 -33.32 1.83
N LEU M 133 -48.54 -33.02 0.54
CA LEU M 133 -49.70 -32.51 -0.18
C LEU M 133 -50.85 -33.52 -0.30
N PRO M 134 -50.63 -34.78 -0.67
CA PRO M 134 -51.77 -35.70 -0.78
C PRO M 134 -52.39 -36.10 0.55
N LEU M 135 -51.92 -35.56 1.67
CA LEU M 135 -52.49 -35.84 2.98
C LEU M 135 -53.27 -34.67 3.55
N LEU M 136 -53.52 -33.64 2.74
CA LEU M 136 -54.07 -32.40 3.28
C LEU M 136 -55.56 -32.50 3.59
N ILE M 137 -56.30 -33.35 2.89
CA ILE M 137 -57.74 -33.49 3.08
C ILE M 137 -57.99 -34.73 3.94
N VAL M 138 -58.75 -34.54 5.01
CA VAL M 138 -58.95 -35.61 5.98
C VAL M 138 -59.99 -36.61 5.49
N ASN M 139 -59.95 -37.82 6.04
CA ASN M 139 -61.01 -38.79 5.82
C ASN M 139 -61.07 -39.78 6.99
N ASP M 140 -62.20 -39.76 7.69
CA ASP M 140 -62.57 -40.70 8.74
C ASP M 140 -61.85 -40.45 10.06
N THR M 141 -60.79 -39.65 10.07
CA THR M 141 -60.19 -39.16 11.31
C THR M 141 -59.00 -38.28 10.96
N MET M 142 -58.68 -37.31 11.81
CA MET M 142 -57.50 -36.48 11.63
C MET M 142 -56.25 -37.11 12.22
N ILE M 143 -56.38 -38.21 12.96
CA ILE M 143 -55.25 -38.91 13.56
C ILE M 143 -55.03 -40.27 12.89
N SER M 144 -56.10 -41.04 12.69
CA SER M 144 -55.94 -42.36 12.09
C SER M 144 -55.42 -42.26 10.67
N ASP M 145 -55.69 -41.14 9.99
CA ASP M 145 -55.14 -40.94 8.66
C ASP M 145 -53.62 -40.92 8.70
N LEU M 146 -53.04 -40.21 9.66
CA LEU M 146 -51.59 -40.17 9.79
C LEU M 146 -51.03 -41.46 10.37
N LEU M 147 -51.80 -42.17 11.20
CA LEU M 147 -51.34 -43.47 11.67
C LEU M 147 -51.31 -44.50 10.55
N GLY M 148 -52.23 -44.39 9.59
CA GLY M 148 -52.31 -45.36 8.51
C GLY M 148 -51.49 -45.00 7.30
N THR M 149 -51.11 -43.73 7.17
CA THR M 149 -50.27 -43.33 6.05
C THR M 149 -48.94 -44.06 6.10
N GLY M 150 -48.32 -44.19 4.93
CA GLY M 150 -47.05 -44.86 4.84
C GLY M 150 -45.97 -43.97 4.26
N ALA M 151 -46.26 -42.68 4.12
CA ALA M 151 -45.29 -41.74 3.59
C ALA M 151 -44.11 -41.62 4.54
N ALA M 152 -42.93 -41.38 3.96
CA ALA M 152 -41.69 -41.30 4.73
C ALA M 152 -41.50 -39.85 5.17
N LEU M 153 -42.03 -39.52 6.34
CA LEU M 153 -41.92 -38.17 6.88
C LEU M 153 -41.84 -38.29 8.41
N SER M 154 -40.62 -38.31 8.93
CA SER M 154 -40.39 -38.45 10.35
C SER M 154 -39.80 -37.20 10.99
N GLN M 155 -39.55 -36.15 10.22
CA GLN M 155 -39.17 -34.89 10.83
C GLN M 155 -40.32 -34.29 11.61
N PHE M 156 -41.56 -34.65 11.24
CA PHE M 156 -42.74 -34.00 11.76
C PHE M 156 -43.56 -34.88 12.69
N PHE M 157 -43.59 -36.19 12.46
CA PHE M 157 -44.35 -37.09 13.30
C PHE M 157 -44.01 -38.52 12.94
N GLN M 158 -44.31 -39.44 13.86
CA GLN M 158 -43.99 -40.84 13.66
C GLN M 158 -44.91 -41.68 14.53
N SER M 159 -45.56 -42.67 13.92
CA SER M 159 -46.54 -43.48 14.63
C SER M 159 -45.87 -44.53 15.49
N HIS M 160 -46.58 -44.96 16.53
CA HIS M 160 -46.12 -45.98 17.45
C HIS M 160 -47.21 -47.01 17.70
N GLY M 161 -47.96 -47.38 16.67
CA GLY M 161 -48.99 -48.36 16.86
C GLY M 161 -50.16 -47.84 17.67
N GLU M 162 -50.95 -46.96 17.07
CA GLU M 162 -52.13 -46.29 17.65
C GLU M 162 -51.75 -45.13 18.56
N VAL M 163 -50.52 -44.64 18.51
CA VAL M 163 -50.14 -43.45 19.27
C VAL M 163 -49.30 -42.55 18.39
N LEU M 164 -49.92 -41.52 17.82
CA LEU M 164 -49.19 -40.60 16.96
C LEU M 164 -48.35 -39.66 17.80
N GLU M 165 -47.12 -39.39 17.33
CA GLU M 165 -46.19 -38.52 18.03
C GLU M 165 -45.81 -37.36 17.12
N VAL M 166 -46.22 -36.16 17.48
CA VAL M 166 -45.89 -34.96 16.73
C VAL M 166 -45.03 -34.07 17.61
N ALA M 167 -44.16 -33.29 16.97
CA ALA M 167 -43.25 -32.40 17.67
C ALA M 167 -43.81 -30.99 17.65
N ALA M 168 -44.18 -30.48 18.81
CA ALA M 168 -44.71 -29.12 18.91
C ALA M 168 -43.63 -28.11 18.55
N GLY M 169 -44.07 -26.95 18.03
CA GLY M 169 -43.09 -25.96 17.64
C GLY M 169 -43.50 -24.50 17.64
N ARG M 170 -42.72 -23.67 18.32
CA ARG M 170 -42.64 -22.22 18.11
C ARG M 170 -44.01 -21.53 18.13
N LYS M 171 -44.60 -21.52 19.31
CA LYS M 171 -45.70 -20.59 19.56
C LYS M 171 -45.28 -19.15 19.33
N TYR M 172 -44.04 -18.82 19.62
CA TYR M 172 -43.51 -17.46 19.53
C TYR M 172 -42.44 -17.39 18.44
N LEU M 173 -41.80 -16.23 18.35
CA LEU M 173 -40.72 -16.05 17.40
C LEU M 173 -39.92 -14.81 17.75
N GLN M 174 -38.61 -14.88 17.68
CA GLN M 174 -37.72 -13.87 18.19
C GLN M 174 -37.10 -13.05 17.06
N MET M 175 -36.86 -11.77 17.33
CA MET M 175 -36.27 -10.85 16.37
C MET M 175 -34.85 -10.49 16.80
N ASN M 176 -34.23 -9.59 16.05
CA ASN M 176 -32.85 -9.23 16.36
C ASN M 176 -32.75 -8.32 17.57
N ASN M 177 -33.62 -7.31 17.65
CA ASN M 177 -33.55 -6.35 18.74
C ASN M 177 -34.06 -6.91 20.08
N TYR M 178 -34.49 -8.17 20.11
CA TYR M 178 -34.82 -8.83 21.36
C TYR M 178 -33.51 -9.29 22.00
N SER M 179 -33.09 -8.60 23.06
CA SER M 179 -31.89 -8.98 23.80
C SER M 179 -32.23 -9.00 25.29
N ASN M 180 -32.85 -10.10 25.73
CA ASN M 180 -33.02 -10.51 27.12
C ASN M 180 -33.28 -9.36 28.10
N ASP M 181 -34.09 -8.39 27.69
CA ASP M 181 -34.25 -7.19 28.49
C ASP M 181 -35.27 -7.41 29.59
N ASP M 182 -35.18 -6.60 30.65
CA ASP M 182 -36.11 -6.71 31.75
C ASP M 182 -37.52 -6.28 31.36
N ASP M 183 -37.67 -5.57 30.24
CA ASP M 183 -38.98 -5.17 29.76
C ASP M 183 -39.42 -5.93 28.53
N ASP M 184 -38.60 -6.84 28.01
CA ASP M 184 -39.02 -7.65 26.90
C ASP M 184 -40.02 -8.70 27.36
N PRO M 185 -40.93 -9.13 26.48
CA PRO M 185 -41.92 -10.12 26.86
C PRO M 185 -41.29 -11.49 27.01
N PRO M 186 -41.67 -12.24 28.04
CA PRO M 186 -41.11 -13.60 28.18
C PRO M 186 -41.72 -14.53 27.14
N LEU M 187 -40.88 -15.44 26.64
CA LEU M 187 -41.30 -16.34 25.59
C LEU M 187 -41.54 -17.77 26.08
N PHE M 188 -41.14 -18.09 27.30
CA PHE M 188 -41.50 -19.36 27.95
C PHE M 188 -40.93 -20.56 27.21
N ALA M 189 -39.78 -20.39 26.56
CA ALA M 189 -39.04 -21.44 25.88
C ALA M 189 -39.74 -21.96 24.63
N LYS M 190 -40.90 -21.40 24.27
CA LYS M 190 -41.62 -21.86 23.10
C LYS M 190 -41.18 -21.15 21.83
N ASP M 191 -39.97 -20.61 21.81
CA ASP M 191 -39.47 -19.90 20.64
C ASP M 191 -38.43 -20.70 19.86
N LEU M 192 -37.83 -21.72 20.47
CA LEU M 192 -36.85 -22.55 19.79
C LEU M 192 -37.46 -23.87 19.36
N SER M 193 -36.65 -24.67 18.67
CA SER M 193 -37.13 -25.81 17.87
C SER M 193 -37.93 -26.84 18.65
N ASP M 194 -37.30 -27.51 19.61
CA ASP M 194 -37.90 -28.67 20.27
C ASP M 194 -37.92 -28.46 21.78
N TYR M 195 -39.09 -28.14 22.31
CA TYR M 195 -39.26 -27.97 23.74
C TYR M 195 -40.15 -29.01 24.36
N ALA M 196 -40.83 -29.82 23.55
CA ALA M 196 -41.72 -30.86 24.05
C ALA M 196 -42.18 -31.69 22.87
N LYS M 197 -42.78 -32.84 23.19
CA LYS M 197 -43.36 -33.73 22.21
C LYS M 197 -44.80 -34.02 22.59
N ALA M 198 -45.66 -34.16 21.59
CA ALA M 198 -47.08 -34.40 21.79
C ALA M 198 -47.43 -35.80 21.31
N PHE M 199 -48.08 -36.58 22.18
CA PHE M 199 -48.47 -37.96 21.87
C PHE M 199 -49.98 -37.99 21.76
N TYR M 200 -50.50 -38.03 20.55
CA TYR M 200 -51.94 -38.04 20.37
C TYR M 200 -52.43 -39.47 20.20
N SER M 201 -53.59 -39.76 20.74
CA SER M 201 -54.22 -41.06 20.57
C SER M 201 -55.73 -40.88 20.57
N ASP M 202 -56.46 -41.98 20.72
CA ASP M 202 -57.91 -41.94 20.79
C ASP M 202 -58.44 -42.15 22.19
N THR M 203 -57.69 -42.80 23.07
CA THR M 203 -58.15 -43.07 24.42
C THR M 203 -57.02 -42.91 25.43
N TYR M 204 -57.35 -42.29 26.56
CA TYR M 204 -56.36 -42.10 27.60
C TYR M 204 -55.87 -43.42 28.18
N GLU M 205 -56.66 -44.49 28.07
CA GLU M 205 -56.17 -45.80 28.47
C GLU M 205 -55.01 -46.23 27.58
N VAL M 206 -55.15 -46.05 26.26
CA VAL M 206 -54.07 -46.39 25.34
C VAL M 206 -52.85 -45.53 25.61
N LEU M 207 -53.06 -44.23 25.89
CA LEU M 207 -51.91 -43.38 26.19
C LEU M 207 -51.20 -43.82 27.46
N ASP M 208 -51.97 -44.08 28.53
CA ASP M 208 -51.38 -44.51 29.79
C ASP M 208 -50.62 -45.81 29.63
N ARG M 209 -51.13 -46.72 28.80
CA ARG M 209 -50.37 -47.94 28.55
C ARG M 209 -49.12 -47.68 27.71
N PHE M 210 -49.18 -46.67 26.83
CA PHE M 210 -47.99 -46.30 26.09
C PHE M 210 -46.88 -45.83 27.02
N PHE M 211 -47.23 -45.06 28.04
CA PHE M 211 -46.20 -44.53 28.92
C PHE M 211 -45.75 -45.50 30.00
N TRP M 212 -45.95 -46.81 29.81
CA TRP M 212 -45.29 -47.76 30.69
C TRP M 212 -43.87 -48.02 30.24
N THR M 213 -43.66 -48.17 28.94
CA THR M 213 -42.34 -48.44 28.37
C THR M 213 -41.72 -47.18 27.77
N HIS M 214 -42.13 -46.01 28.25
CA HIS M 214 -41.56 -44.74 27.80
C HIS M 214 -41.10 -43.98 29.03
N ASP M 215 -39.98 -43.27 28.90
CA ASP M 215 -39.42 -42.54 30.02
C ASP M 215 -40.21 -41.26 30.25
N SER M 216 -40.89 -41.17 31.38
CA SER M 216 -41.58 -39.95 31.80
C SER M 216 -40.96 -39.49 33.10
N SER M 217 -39.85 -38.77 32.99
CA SER M 217 -39.16 -38.24 34.16
C SER M 217 -39.10 -36.72 34.18
N ALA M 218 -39.25 -36.07 33.03
CA ALA M 218 -39.40 -34.62 32.97
C ALA M 218 -40.83 -34.18 33.20
N GLY M 219 -41.71 -35.10 33.61
CA GLY M 219 -43.10 -34.79 33.82
C GLY M 219 -43.91 -34.78 32.54
N VAL M 220 -45.09 -35.38 32.56
CA VAL M 220 -45.98 -35.45 31.41
C VAL M 220 -47.25 -34.69 31.76
N LEU M 221 -47.71 -33.87 30.82
CA LEU M 221 -48.77 -32.90 31.07
C LEU M 221 -49.96 -33.22 30.19
N VAL M 222 -51.15 -33.18 30.77
CA VAL M 222 -52.37 -33.46 30.03
C VAL M 222 -53.18 -32.18 29.97
N HIS M 223 -54.29 -32.21 29.28
CA HIS M 223 -55.03 -30.95 29.31
C HIS M 223 -56.49 -31.10 29.71
N TYR M 224 -57.17 -32.16 29.26
CA TYR M 224 -58.46 -32.58 29.79
C TYR M 224 -59.66 -31.71 29.45
N ASP M 225 -59.43 -30.50 28.91
CA ASP M 225 -60.58 -29.63 28.76
C ASP M 225 -61.08 -29.62 27.33
N LYS M 226 -60.23 -29.19 26.40
CA LYS M 226 -60.57 -29.09 24.99
C LYS M 226 -59.28 -28.97 24.21
N PRO M 227 -58.50 -30.05 24.16
CA PRO M 227 -57.17 -29.97 23.56
C PRO M 227 -57.23 -29.63 22.09
N THR M 228 -56.06 -29.33 21.53
CA THR M 228 -55.98 -28.73 20.20
C THR M 228 -56.55 -29.65 19.14
N ASN M 229 -56.06 -30.88 19.05
CA ASN M 229 -56.43 -31.77 17.97
C ASN M 229 -56.80 -33.15 18.50
N GLY M 230 -57.49 -33.18 19.63
CA GLY M 230 -57.90 -34.43 20.23
C GLY M 230 -57.11 -34.73 21.49
N ASN M 231 -57.43 -35.88 22.08
CA ASN M 231 -56.83 -36.28 23.35
C ASN M 231 -55.33 -36.43 23.20
N HIS M 232 -54.58 -36.02 24.22
CA HIS M 232 -53.14 -36.16 24.13
C HIS M 232 -52.46 -35.77 25.43
N TYR M 233 -51.27 -36.34 25.63
CA TYR M 233 -50.34 -35.95 26.67
C TYR M 233 -49.23 -35.11 26.07
N ILE M 234 -48.56 -34.35 26.93
CA ILE M 234 -47.40 -33.55 26.55
C ILE M 234 -46.22 -33.98 27.43
N LEU M 235 -45.05 -34.08 26.81
CA LEU M 235 -43.83 -34.42 27.52
C LEU M 235 -42.76 -33.40 27.15
N GLY M 236 -42.30 -32.64 28.13
CA GLY M 236 -41.33 -31.60 27.89
C GLY M 236 -39.91 -32.13 27.89
N THR M 237 -39.08 -31.57 27.01
CA THR M 237 -37.67 -31.91 26.98
C THR M 237 -36.94 -31.19 28.09
N LEU M 238 -35.60 -31.19 28.04
CA LEU M 238 -34.79 -30.61 29.11
C LEU M 238 -34.17 -29.28 28.71
N THR M 239 -34.71 -28.61 27.69
CA THR M 239 -34.24 -27.27 27.37
C THR M 239 -34.58 -26.32 28.51
N GLN M 240 -34.09 -25.09 28.41
CA GLN M 240 -34.23 -24.14 29.49
C GLN M 240 -34.52 -22.75 28.95
N MET M 241 -35.27 -21.99 29.73
CA MET M 241 -35.56 -20.59 29.43
C MET M 241 -34.55 -19.71 30.16
N VAL M 242 -33.99 -18.74 29.45
CA VAL M 242 -32.92 -17.93 29.99
C VAL M 242 -33.33 -16.48 30.24
N SER M 243 -34.38 -15.99 29.58
CA SER M 243 -34.73 -14.58 29.69
C SER M 243 -35.52 -14.28 30.95
N ALA M 244 -34.98 -14.68 32.09
CA ALA M 244 -35.50 -14.38 33.42
C ALA M 244 -34.36 -14.63 34.38
N PRO M 245 -33.43 -13.68 34.49
CA PRO M 245 -32.04 -13.99 34.87
C PRO M 245 -31.89 -14.76 36.17
N PRO M 246 -32.54 -14.35 37.26
CA PRO M 246 -32.31 -15.05 38.54
C PRO M 246 -32.70 -16.51 38.52
N HIS M 247 -33.53 -16.94 37.56
CA HIS M 247 -34.04 -18.31 37.52
C HIS M 247 -33.81 -18.91 36.15
N ILE M 248 -33.76 -20.23 36.10
CA ILE M 248 -33.66 -20.96 34.85
C ILE M 248 -34.60 -22.17 34.95
N ILE M 249 -35.60 -22.20 34.08
CA ILE M 249 -36.66 -23.20 34.12
C ILE M 249 -36.53 -24.11 32.91
N ASN M 250 -36.82 -25.39 33.10
CA ASN M 250 -36.54 -26.43 32.11
C ASN M 250 -37.73 -26.74 31.22
N ALA M 251 -38.58 -25.75 31.01
CA ALA M 251 -39.63 -25.74 29.99
C ALA M 251 -40.81 -26.66 30.30
N THR M 252 -40.61 -27.63 31.19
CA THR M 252 -41.77 -28.34 31.71
C THR M 252 -42.35 -27.60 32.90
N ASP M 253 -41.54 -26.76 33.52
CA ASP M 253 -42.06 -25.73 34.41
C ASP M 253 -42.51 -24.51 33.62
N ALA M 254 -41.93 -24.28 32.44
CA ALA M 254 -42.27 -23.10 31.65
C ALA M 254 -43.67 -23.20 31.07
N LEU M 255 -43.99 -24.33 30.43
CA LEU M 255 -45.36 -24.52 29.93
C LEU M 255 -46.38 -24.40 31.05
N LEU M 256 -46.08 -24.99 32.20
CA LEU M 256 -47.02 -25.00 33.30
C LEU M 256 -47.18 -23.60 33.88
N LEU M 257 -46.09 -22.85 33.99
CA LEU M 257 -46.17 -21.48 34.49
C LEU M 257 -46.96 -20.59 33.54
N GLU M 258 -46.71 -20.73 32.24
CA GLU M 258 -47.46 -19.93 31.27
C GLU M 258 -48.95 -20.17 31.38
N SER M 259 -49.35 -21.44 31.33
CA SER M 259 -50.78 -21.75 31.40
C SER M 259 -51.38 -21.30 32.72
N CYS M 260 -50.61 -21.44 33.81
CA CYS M 260 -51.11 -21.07 35.12
C CYS M 260 -51.37 -19.58 35.21
N LEU M 261 -50.40 -18.77 34.79
CA LEU M 261 -50.63 -17.32 34.77
C LEU M 261 -51.76 -16.93 33.84
N GLU M 262 -51.91 -17.62 32.71
CA GLU M 262 -53.02 -17.32 31.81
C GLU M 262 -54.36 -17.60 32.47
N GLN M 263 -54.46 -18.69 33.23
CA GLN M 263 -55.71 -18.98 33.92
C GLN M 263 -55.98 -17.98 35.04
N PHE M 264 -54.95 -17.57 35.78
CA PHE M 264 -55.17 -16.52 36.78
C PHE M 264 -55.65 -15.23 36.13
N ALA M 265 -55.10 -14.89 34.97
CA ALA M 265 -55.59 -13.72 34.26
C ALA M 265 -57.05 -13.89 33.88
N ALA M 266 -57.41 -15.07 33.37
CA ALA M 266 -58.77 -15.30 32.92
C ALA M 266 -59.77 -15.29 34.07
N ASN M 267 -59.35 -15.67 35.28
CA ASN M 267 -60.27 -15.66 36.41
C ASN M 267 -60.72 -14.26 36.76
N VAL M 268 -59.82 -13.28 36.70
CA VAL M 268 -60.16 -11.92 37.11
C VAL M 268 -61.07 -11.23 36.12
N ARG M 269 -61.04 -11.62 34.85
CA ARG M 269 -61.78 -10.92 33.81
C ARG M 269 -63.08 -11.62 33.44
N ALA M 270 -63.54 -12.58 34.23
CA ALA M 270 -64.81 -13.21 33.96
C ALA M 270 -65.95 -12.21 34.16
N ARG M 271 -67.01 -12.37 33.36
CA ARG M 271 -68.12 -11.44 33.41
C ARG M 271 -69.49 -12.09 33.38
N SER M 272 -69.59 -13.40 33.26
CA SER M 272 -70.84 -14.15 33.30
C SER M 272 -71.68 -13.96 32.04
N ALA M 273 -71.21 -13.11 31.11
CA ALA M 273 -71.90 -12.94 29.84
C ALA M 273 -70.93 -12.83 28.68
N GLN M 274 -69.66 -13.15 28.89
CA GLN M 274 -68.63 -13.05 27.85
C GLN M 274 -67.94 -14.39 27.72
N PRO M 275 -68.19 -15.15 26.66
CA PRO M 275 -67.64 -16.50 26.57
C PRO M 275 -66.14 -16.48 26.35
N VAL M 276 -65.50 -17.56 26.82
CA VAL M 276 -64.08 -17.79 26.61
C VAL M 276 -63.92 -19.01 25.73
N THR M 277 -62.74 -19.11 25.11
CA THR M 277 -62.46 -20.24 24.25
C THR M 277 -62.13 -21.52 25.01
N ARG M 278 -62.03 -21.45 26.34
CA ARG M 278 -61.65 -22.59 27.14
C ARG M 278 -61.86 -22.31 28.62
N LEU M 279 -62.41 -23.26 29.35
CA LEU M 279 -62.77 -22.99 30.75
C LEU M 279 -61.58 -23.05 31.68
N ASP M 280 -60.58 -23.87 31.40
CA ASP M 280 -59.34 -23.84 32.17
C ASP M 280 -58.14 -24.03 31.23
N GLN M 281 -57.03 -23.39 31.59
CA GLN M 281 -55.82 -23.45 30.79
C GLN M 281 -54.72 -24.29 31.43
N CYS M 282 -54.86 -24.64 32.71
CA CYS M 282 -53.82 -25.35 33.42
C CYS M 282 -53.60 -26.74 32.82
N TYR M 283 -52.52 -27.39 33.26
CA TYR M 283 -52.12 -28.67 32.69
C TYR M 283 -52.41 -29.89 33.57
N HIS M 284 -52.20 -29.80 34.89
CA HIS M 284 -52.35 -30.98 35.72
C HIS M 284 -51.40 -32.11 35.31
N LEU M 285 -50.12 -31.94 35.62
CA LEU M 285 -49.12 -32.99 35.54
C LEU M 285 -49.68 -34.34 35.96
N ARG M 286 -49.43 -35.36 35.13
CA ARG M 286 -50.13 -36.63 35.23
C ARG M 286 -49.28 -37.77 35.78
N TRP M 287 -48.07 -37.99 35.26
CA TRP M 287 -47.31 -39.19 35.63
C TRP M 287 -46.05 -38.91 36.43
N GLY M 288 -45.16 -38.07 35.93
CA GLY M 288 -43.81 -38.03 36.46
C GLY M 288 -43.60 -37.47 37.85
N ALA M 289 -44.67 -37.32 38.63
CA ALA M 289 -44.56 -36.61 39.91
C ALA M 289 -43.63 -37.33 40.89
N GLN M 290 -43.45 -38.64 40.73
CA GLN M 290 -42.54 -39.37 41.60
C GLN M 290 -41.11 -38.86 41.50
N TYR M 291 -40.74 -38.23 40.39
CA TYR M 291 -39.40 -37.68 40.25
C TYR M 291 -39.28 -36.26 40.78
N VAL M 292 -40.37 -35.64 41.22
CA VAL M 292 -40.35 -34.27 41.73
C VAL M 292 -41.21 -34.21 42.97
N GLY M 293 -40.59 -34.06 44.13
CA GLY M 293 -41.27 -34.05 45.40
C GLY M 293 -41.50 -32.66 45.92
N GLU M 294 -41.39 -32.50 47.24
CA GLU M 294 -41.61 -31.23 47.90
C GLU M 294 -40.61 -30.20 47.37
N ASP M 295 -40.89 -28.93 47.70
CA ASP M 295 -40.08 -27.73 47.47
C ASP M 295 -39.38 -27.71 46.11
N SER M 296 -40.05 -28.20 45.07
CA SER M 296 -39.58 -28.08 43.71
C SER M 296 -40.54 -27.21 42.91
N LEU M 297 -39.99 -26.48 41.95
CA LEU M 297 -40.80 -25.54 41.19
C LEU M 297 -41.94 -26.24 40.46
N THR M 298 -41.72 -27.46 40.00
CA THR M 298 -42.80 -28.18 39.33
C THR M 298 -43.93 -28.50 40.28
N TYR M 299 -43.60 -28.93 41.50
CA TYR M 299 -44.65 -29.23 42.49
C TYR M 299 -45.41 -27.98 42.87
N ARG M 300 -44.70 -26.88 43.13
CA ARG M 300 -45.38 -25.65 43.51
C ARG M 300 -46.25 -25.12 42.38
N LEU M 301 -45.79 -25.25 41.13
CA LEU M 301 -46.60 -24.82 40.00
C LEU M 301 -47.81 -25.72 39.81
N GLY M 302 -47.68 -27.01 40.11
CA GLY M 302 -48.85 -27.87 40.09
C GLY M 302 -49.90 -27.45 41.11
N VAL M 303 -49.45 -27.10 42.31
CA VAL M 303 -50.38 -26.62 43.33
C VAL M 303 -51.06 -25.33 42.88
N LEU M 304 -50.27 -24.40 42.33
CA LEU M 304 -50.85 -23.13 41.89
C LEU M 304 -51.82 -23.33 40.74
N SER M 305 -51.53 -24.27 39.84
CA SER M 305 -52.44 -24.50 38.73
C SER M 305 -53.74 -25.13 39.22
N LEU M 306 -53.66 -26.03 40.19
CA LEU M 306 -54.88 -26.56 40.80
C LEU M 306 -55.70 -25.44 41.43
N LEU M 307 -55.04 -24.53 42.14
CA LEU M 307 -55.76 -23.42 42.77
C LEU M 307 -56.43 -22.55 41.72
N ALA M 308 -55.70 -22.21 40.66
CA ALA M 308 -56.25 -21.35 39.62
C ALA M 308 -57.43 -22.03 38.92
N THR M 309 -57.35 -23.35 38.73
CA THR M 309 -58.48 -24.06 38.12
C THR M 309 -59.70 -24.02 39.03
N ASN M 310 -59.49 -24.22 40.34
CA ASN M 310 -60.64 -24.13 41.24
C ASN M 310 -61.18 -22.72 41.35
N GLY M 311 -60.38 -21.70 41.05
CA GLY M 311 -60.96 -20.38 40.89
C GLY M 311 -60.39 -19.29 41.77
N TYR M 312 -59.19 -19.48 42.30
CA TYR M 312 -58.55 -18.46 43.11
C TYR M 312 -58.10 -17.29 42.25
N GLN M 313 -57.55 -16.28 42.91
CA GLN M 313 -57.12 -15.06 42.24
C GLN M 313 -55.90 -14.50 42.94
N LEU M 314 -55.01 -13.88 42.18
CA LEU M 314 -53.81 -13.29 42.76
C LEU M 314 -54.12 -11.92 43.35
N ALA M 315 -53.59 -11.67 44.54
CA ALA M 315 -53.78 -10.38 45.18
C ALA M 315 -53.08 -9.26 44.44
N ARG M 316 -52.02 -9.58 43.70
CA ARG M 316 -51.36 -8.54 42.93
C ARG M 316 -51.87 -8.54 41.50
N PRO M 317 -52.14 -7.37 40.92
CA PRO M 317 -52.66 -7.33 39.56
C PRO M 317 -51.59 -7.74 38.56
N ILE M 318 -51.93 -8.69 37.70
CA ILE M 318 -51.01 -9.16 36.67
C ILE M 318 -51.23 -8.32 35.42
N PRO M 319 -50.17 -7.79 34.81
CA PRO M 319 -50.34 -6.88 33.67
C PRO M 319 -50.92 -7.61 32.46
N LYS M 320 -51.25 -6.81 31.44
CA LYS M 320 -51.82 -7.39 30.22
C LYS M 320 -50.74 -7.93 29.29
N GLN M 321 -49.54 -7.35 29.33
CA GLN M 321 -48.39 -7.83 28.58
C GLN M 321 -47.27 -8.10 29.57
N LEU M 322 -47.01 -9.38 29.85
CA LEU M 322 -46.04 -9.75 30.85
C LEU M 322 -44.66 -9.23 30.48
N THR M 323 -43.78 -9.18 31.48
CA THR M 323 -42.41 -8.76 31.28
C THR M 323 -41.49 -9.69 32.05
N ASN M 324 -40.21 -9.69 31.64
CA ASN M 324 -39.25 -10.57 32.26
C ASN M 324 -39.07 -10.26 33.74
N ARG M 325 -39.05 -8.98 34.10
CA ARG M 325 -38.85 -8.63 35.51
C ARG M 325 -40.05 -9.07 36.35
N TRP M 326 -41.26 -8.89 35.84
CA TRP M 326 -42.44 -9.33 36.58
C TRP M 326 -42.42 -10.84 36.76
N LEU M 327 -42.13 -11.57 35.68
CA LEU M 327 -42.10 -13.03 35.77
C LEU M 327 -41.02 -13.49 36.75
N SER M 328 -39.86 -12.83 36.74
CA SER M 328 -38.80 -13.19 37.67
C SER M 328 -39.24 -12.95 39.11
N SER M 329 -39.89 -11.81 39.37
CA SER M 329 -40.37 -11.54 40.72
C SER M 329 -41.40 -12.56 41.16
N PHE M 330 -42.31 -12.94 40.26
CA PHE M 330 -43.33 -13.92 40.61
C PHE M 330 -42.72 -15.28 40.92
N VAL M 331 -41.75 -15.71 40.10
CA VAL M 331 -41.13 -17.00 40.35
C VAL M 331 -40.33 -16.95 41.64
N SER M 332 -39.67 -15.83 41.92
CA SER M 332 -38.94 -15.69 43.18
C SER M 332 -39.89 -15.75 44.37
N GLN M 333 -41.10 -15.22 44.22
CA GLN M 333 -42.09 -15.35 45.30
C GLN M 333 -42.55 -16.79 45.45
N VAL M 334 -42.77 -17.49 44.33
CA VAL M 334 -43.35 -18.83 44.43
C VAL M 334 -42.33 -19.81 45.00
N VAL M 335 -41.06 -19.72 44.61
CA VAL M 335 -40.02 -20.56 45.22
C VAL M 335 -39.45 -19.76 46.39
N SER M 336 -40.12 -19.89 47.53
CA SER M 336 -39.69 -19.24 48.76
C SER M 336 -40.06 -20.14 49.92
N ASP M 337 -40.02 -19.61 51.13
CA ASP M 337 -40.30 -20.37 52.33
C ASP M 337 -41.72 -20.11 52.80
N GLY M 338 -42.35 -21.15 53.34
CA GLY M 338 -43.75 -21.08 53.73
C GLY M 338 -44.43 -22.43 53.56
N ILE M 339 -45.75 -22.47 53.69
CA ILE M 339 -46.50 -23.71 53.53
C ILE M 339 -47.75 -23.43 52.71
N ASN M 340 -48.30 -24.50 52.15
CA ASN M 340 -49.58 -24.43 51.44
C ASN M 340 -50.69 -24.30 52.48
N GLU M 341 -51.32 -23.12 52.53
CA GLU M 341 -52.35 -22.83 53.51
C GLU M 341 -53.75 -23.11 52.98
N THR M 342 -53.87 -23.94 51.95
CA THR M 342 -55.18 -24.22 51.37
C THR M 342 -55.56 -25.67 51.58
N PRO M 343 -56.83 -26.02 51.42
CA PRO M 343 -57.24 -27.43 51.52
C PRO M 343 -56.91 -28.27 50.30
N LEU M 344 -56.35 -27.67 49.25
CA LEU M 344 -56.17 -28.34 47.97
C LEU M 344 -54.77 -28.92 47.89
N TRP M 345 -54.68 -30.24 47.66
CA TRP M 345 -53.43 -30.92 47.44
C TRP M 345 -53.50 -31.68 46.13
N PRO M 346 -52.46 -31.61 45.30
CA PRO M 346 -52.57 -32.19 43.96
C PRO M 346 -52.51 -33.71 43.97
N GLN M 347 -53.39 -34.32 43.19
CA GLN M 347 -53.41 -35.76 42.94
C GLN M 347 -52.82 -36.03 41.57
N GLU M 348 -52.92 -37.28 41.13
CA GLU M 348 -52.62 -37.64 39.74
C GLU M 348 -53.78 -38.29 39.03
N ARG M 349 -54.67 -38.99 39.74
CA ARG M 349 -55.79 -39.65 39.09
C ARG M 349 -56.69 -38.65 38.37
N TYR M 350 -56.83 -37.46 38.93
CA TYR M 350 -57.78 -36.50 38.43
C TYR M 350 -57.59 -35.19 39.17
N VAL M 351 -57.84 -34.08 38.48
CA VAL M 351 -57.81 -32.77 39.10
C VAL M 351 -59.15 -32.55 39.82
N GLN M 352 -59.12 -32.57 41.14
CA GLN M 352 -60.34 -32.49 41.93
C GLN M 352 -60.76 -31.04 42.09
N ILE M 353 -62.08 -30.82 42.10
CA ILE M 353 -62.68 -29.50 42.23
C ILE M 353 -63.46 -29.47 43.54
N ALA M 354 -63.32 -28.37 44.27
CA ALA M 354 -64.01 -28.23 45.54
C ALA M 354 -65.51 -28.29 45.35
N TYR M 355 -66.22 -28.60 46.44
CA TYR M 355 -67.67 -28.75 46.34
C TYR M 355 -68.37 -27.44 45.99
N ASP M 356 -67.78 -26.31 46.36
CA ASP M 356 -68.40 -25.01 46.16
C ASP M 356 -67.54 -24.12 45.28
N SER M 357 -66.85 -24.72 44.32
CA SER M 357 -66.13 -23.85 43.40
C SER M 357 -67.05 -23.42 42.26
N PRO M 358 -67.00 -22.14 41.87
CA PRO M 358 -67.90 -21.65 40.82
C PRO M 358 -67.57 -22.18 39.44
N SER M 359 -66.46 -22.88 39.25
CA SER M 359 -66.12 -23.41 37.95
C SER M 359 -67.10 -24.50 37.56
N VAL M 360 -67.50 -24.50 36.29
CA VAL M 360 -68.46 -25.46 35.76
C VAL M 360 -67.83 -26.36 34.71
N VAL M 361 -66.50 -26.46 34.69
CA VAL M 361 -65.82 -27.15 33.61
C VAL M 361 -66.15 -28.63 33.62
N ASP M 362 -66.38 -29.22 34.80
CA ASP M 362 -66.77 -30.62 34.85
C ASP M 362 -68.13 -30.85 34.21
N GLY M 363 -68.98 -29.83 34.11
CA GLY M 363 -70.22 -29.96 33.38
C GLY M 363 -70.05 -29.97 31.88
N ALA M 364 -68.89 -29.54 31.39
CA ALA M 364 -68.62 -29.49 29.96
C ALA M 364 -67.54 -30.48 29.52
N THR M 365 -67.02 -31.30 30.43
CA THR M 365 -65.99 -32.27 30.12
C THR M 365 -66.45 -33.66 30.50
N GLN M 366 -66.08 -34.64 29.68
CA GLN M 366 -66.53 -36.01 29.88
C GLN M 366 -65.60 -36.82 30.76
N TYR M 367 -64.34 -36.42 30.91
CA TYR M 367 -63.36 -37.26 31.59
C TYR M 367 -62.26 -36.39 32.19
N GLY M 368 -61.91 -36.66 33.44
CA GLY M 368 -60.77 -36.03 34.08
C GLY M 368 -61.10 -35.15 35.28
N TYR M 369 -62.37 -34.92 35.59
CA TYR M 369 -62.77 -34.00 36.62
C TYR M 369 -63.62 -34.71 37.67
N VAL M 370 -63.50 -34.27 38.92
CA VAL M 370 -64.26 -34.85 40.02
C VAL M 370 -64.53 -33.76 41.05
N ARG M 371 -65.76 -33.68 41.53
CA ARG M 371 -66.12 -32.74 42.58
C ARG M 371 -66.05 -33.48 43.92
N ARG M 372 -65.00 -33.20 44.68
CA ARG M 372 -64.86 -33.77 46.01
C ARG M 372 -65.89 -33.14 46.94
N ASN M 373 -66.92 -33.91 47.30
CA ASN M 373 -68.00 -33.36 48.10
C ASN M 373 -67.53 -32.99 49.50
N GLN M 374 -66.57 -33.71 50.05
CA GLN M 374 -66.18 -33.57 51.45
C GLN M 374 -65.02 -32.60 51.66
N LEU M 375 -64.80 -31.65 50.76
CA LEU M 375 -63.87 -30.57 50.99
C LEU M 375 -64.51 -29.26 50.55
N ARG M 376 -64.52 -28.28 51.45
CA ARG M 376 -65.18 -27.01 51.21
C ARG M 376 -64.17 -25.88 51.24
N LEU M 377 -64.58 -24.76 50.63
CA LEU M 377 -63.81 -23.53 50.60
C LEU M 377 -64.74 -22.41 51.07
N GLY M 378 -64.53 -21.94 52.30
CA GLY M 378 -65.45 -21.02 52.91
C GLY M 378 -65.53 -19.64 52.30
N MET M 379 -64.75 -19.35 51.27
CA MET M 379 -64.71 -18.01 50.69
C MET M 379 -65.81 -17.82 49.68
N ARG M 380 -66.31 -16.59 49.57
CA ARG M 380 -67.41 -16.25 48.69
C ARG M 380 -66.94 -16.22 47.25
N ILE M 381 -67.86 -15.89 46.34
CA ILE M 381 -67.59 -15.86 44.91
C ILE M 381 -67.85 -14.46 44.39
N SER M 382 -66.81 -13.83 43.85
CA SER M 382 -66.91 -12.52 43.22
C SER M 382 -65.58 -12.19 42.59
N ALA M 383 -65.64 -11.48 41.47
CA ALA M 383 -64.41 -11.11 40.77
C ALA M 383 -63.59 -10.14 41.59
N LEU M 384 -62.31 -10.06 41.27
CA LEU M 384 -61.42 -9.10 41.92
C LEU M 384 -61.86 -7.68 41.59
N GLN M 385 -62.03 -6.87 42.63
CA GLN M 385 -62.37 -5.46 42.47
C GLN M 385 -61.17 -4.62 42.91
N SER M 386 -60.47 -4.05 41.94
CA SER M 386 -59.26 -3.29 42.19
C SER M 386 -59.57 -1.80 42.15
N LEU M 387 -59.07 -1.07 43.15
CA LEU M 387 -59.22 0.37 43.19
C LEU M 387 -58.18 1.00 42.24
N SER M 388 -58.07 2.31 42.26
CA SER M 388 -57.16 3.02 41.38
C SER M 388 -55.93 3.50 42.13
N ASP M 389 -54.90 3.84 41.37
CA ASP M 389 -53.63 4.30 41.91
C ASP M 389 -53.53 5.81 41.82
N THR M 390 -52.77 6.41 42.74
CA THR M 390 -52.56 7.85 42.74
C THR M 390 -51.11 8.15 43.10
N PRO M 391 -50.54 9.20 42.51
CA PRO M 391 -49.11 9.48 42.70
C PRO M 391 -48.77 10.22 43.98
N ALA M 392 -49.74 10.48 44.86
CA ALA M 392 -49.47 11.20 46.09
C ALA M 392 -50.29 10.61 47.22
N PRO M 393 -49.85 10.75 48.46
CA PRO M 393 -50.59 10.18 49.59
C PRO M 393 -51.90 10.91 49.82
N VAL M 394 -52.87 10.20 50.38
CA VAL M 394 -54.20 10.73 50.63
C VAL M 394 -54.44 10.79 52.12
N GLN M 395 -55.25 11.76 52.53
CA GLN M 395 -55.57 11.93 53.94
C GLN M 395 -56.36 10.73 54.45
N TRP M 396 -56.27 10.49 55.75
CA TRP M 396 -56.98 9.41 56.41
C TRP M 396 -57.58 9.92 57.71
N LEU M 397 -58.77 9.41 58.03
CA LEU M 397 -59.47 9.80 59.25
C LEU M 397 -59.74 8.56 60.07
N PRO M 398 -59.19 8.43 61.26
CA PRO M 398 -59.40 7.21 62.05
C PRO M 398 -60.78 7.15 62.66
N GLN M 399 -61.19 5.93 63.02
CA GLN M 399 -62.45 5.68 63.68
C GLN M 399 -62.23 4.61 64.74
N TYR M 400 -62.94 4.73 65.84
CA TYR M 400 -62.58 4.04 67.07
C TYR M 400 -63.59 2.96 67.43
N THR M 401 -63.13 2.00 68.23
CA THR M 401 -63.93 0.87 68.68
C THR M 401 -63.91 0.78 70.20
N ILE M 402 -64.42 -0.32 70.75
CA ILE M 402 -64.62 -0.43 72.19
C ILE M 402 -63.39 -0.96 72.90
N ASP M 403 -62.70 -1.94 72.29
CA ASP M 403 -61.60 -2.61 72.97
C ASP M 403 -60.46 -1.65 73.30
N GLN M 404 -59.67 -2.03 74.30
CA GLN M 404 -58.64 -1.16 74.85
C GLN M 404 -57.41 -1.97 75.21
N VAL M 405 -56.27 -1.29 75.27
CA VAL M 405 -55.01 -1.90 75.68
C VAL M 405 -54.19 -0.90 76.47
N ALA M 406 -53.01 -1.31 76.93
CA ALA M 406 -52.17 -0.48 77.78
C ALA M 406 -51.39 0.54 76.97
N VAL M 407 -51.31 1.76 77.51
CA VAL M 407 -50.65 2.86 76.81
C VAL M 407 -49.18 2.57 76.60
N ASP M 408 -48.53 1.99 77.60
CA ASP M 408 -47.13 1.60 77.44
C ASP M 408 -46.97 0.52 76.38
N GLU M 409 -47.94 -0.39 76.27
CA GLU M 409 -47.90 -1.38 75.21
C GLU M 409 -47.97 -0.71 73.84
N GLY M 410 -48.89 0.24 73.68
CA GLY M 410 -48.97 0.96 72.42
C GLY M 410 -47.70 1.73 72.10
N ASP M 411 -47.08 2.32 73.12
CA ASP M 411 -45.86 3.08 72.90
C ASP M 411 -44.71 2.16 72.52
N ALA M 412 -44.62 0.98 73.14
CA ALA M 412 -43.58 0.03 72.75
C ALA M 412 -43.80 -0.46 71.32
N MET M 413 -45.05 -0.68 70.94
CA MET M 413 -45.32 -1.14 69.58
C MET M 413 -44.98 -0.06 68.55
N VAL M 414 -45.32 1.19 68.84
CA VAL M 414 -44.96 2.26 67.91
C VAL M 414 -43.45 2.45 67.86
N SER M 415 -42.76 2.21 68.97
CA SER M 415 -41.30 2.27 68.93
C SER M 415 -40.72 1.14 68.09
N GLN M 416 -41.38 -0.02 68.09
CA GLN M 416 -40.92 -1.10 67.21
C GLN M 416 -41.16 -0.77 65.75
N LEU M 417 -42.30 -0.17 65.43
CA LEU M 417 -42.68 0.07 64.05
C LEU M 417 -42.18 1.40 63.49
N THR M 418 -41.58 2.25 64.31
CA THR M 418 -41.32 3.63 63.90
C THR M 418 -40.24 3.70 62.82
N GLN M 419 -40.08 4.91 62.27
CA GLN M 419 -38.99 5.26 61.37
C GLN M 419 -38.47 6.66 61.68
N LEU M 420 -38.54 7.08 62.93
CA LEU M 420 -38.30 8.48 63.27
C LEU M 420 -36.94 9.02 62.87
N PRO M 421 -35.81 8.31 63.01
CA PRO M 421 -34.52 8.96 62.74
C PRO M 421 -34.32 9.32 61.28
N LEU M 422 -34.97 10.40 60.85
CA LEU M 422 -34.77 10.91 59.50
C LEU M 422 -34.92 12.43 59.53
N ARG M 423 -34.22 13.09 58.61
CA ARG M 423 -34.25 14.56 58.55
C ARG M 423 -35.35 14.99 57.59
N PRO M 424 -36.42 15.59 58.08
CA PRO M 424 -37.47 16.09 57.18
C PRO M 424 -37.17 17.50 56.67
N ASP M 425 -37.74 17.81 55.51
CA ASP M 425 -37.70 19.17 55.02
C ASP M 425 -38.42 20.08 56.00
N TYR M 426 -37.76 21.16 56.42
CA TYR M 426 -38.31 21.98 57.49
C TYR M 426 -39.56 22.72 57.04
N GLY M 427 -39.43 23.56 56.02
CA GLY M 427 -40.58 24.27 55.51
C GLY M 427 -40.46 25.78 55.67
N SER M 428 -41.48 26.40 56.24
CA SER M 428 -41.46 27.85 56.45
C SER M 428 -42.47 28.19 57.54
N ILE M 429 -42.00 28.85 58.60
CA ILE M 429 -42.90 29.24 59.68
C ILE M 429 -43.88 30.29 59.20
N TRP M 430 -43.36 31.44 58.77
CA TRP M 430 -44.14 32.61 58.42
C TRP M 430 -43.96 32.88 56.93
N ILE M 431 -45.02 33.38 56.29
CA ILE M 431 -44.96 33.76 54.89
C ILE M 431 -45.81 34.99 54.67
N GLY M 432 -45.54 35.68 53.57
CA GLY M 432 -46.30 36.85 53.17
C GLY M 432 -45.47 38.12 53.25
N GLU M 433 -46.18 39.24 53.28
CA GLU M 433 -45.55 40.55 53.39
C GLU M 433 -45.41 40.91 54.87
N ALA M 434 -45.05 42.16 55.15
CA ALA M 434 -44.82 42.60 56.51
C ALA M 434 -46.08 43.20 57.11
N LEU M 435 -46.16 43.12 58.44
CA LEU M 435 -47.23 43.76 59.19
C LEU M 435 -46.73 45.11 59.70
N SER M 436 -47.51 46.16 59.45
CA SER M 436 -47.14 47.50 59.84
C SER M 436 -47.82 47.88 61.14
N TYR M 437 -47.06 48.46 62.05
CA TYR M 437 -47.57 48.91 63.34
C TYR M 437 -46.97 50.28 63.63
N TYR M 438 -47.83 51.28 63.81
CA TYR M 438 -47.37 52.66 63.90
C TYR M 438 -48.11 53.39 65.00
N VAL M 439 -47.51 54.48 65.45
CA VAL M 439 -48.15 55.42 66.35
C VAL M 439 -47.54 56.79 66.11
N ASP M 440 -48.40 57.78 65.86
CA ASP M 440 -47.96 59.12 65.53
C ASP M 440 -48.38 60.10 66.63
N TYR M 441 -47.64 61.20 66.71
CA TYR M 441 -47.84 62.16 67.80
C TYR M 441 -49.21 62.81 67.70
N ASN M 442 -49.84 63.01 68.85
CA ASN M 442 -51.08 63.77 68.95
C ASN M 442 -50.99 64.62 70.20
N ARG M 443 -51.35 65.90 70.08
CA ARG M 443 -51.16 66.86 71.15
C ARG M 443 -52.17 66.70 72.27
N SER M 444 -53.09 65.74 72.16
CA SER M 444 -54.21 65.65 73.08
C SER M 444 -54.12 64.47 74.05
N HIS M 445 -53.17 63.56 73.88
CA HIS M 445 -53.16 62.34 74.70
C HIS M 445 -52.65 62.60 76.11
N ARG M 446 -51.36 62.90 76.25
CA ARG M 446 -50.76 62.94 77.57
C ARG M 446 -49.29 63.30 77.40
N VAL M 447 -48.67 63.72 78.51
CA VAL M 447 -47.22 63.88 78.59
C VAL M 447 -46.68 62.79 79.49
N VAL M 448 -45.56 62.20 79.10
CA VAL M 448 -44.93 61.13 79.87
C VAL M 448 -43.43 61.25 79.74
N LEU M 449 -42.73 61.06 80.87
CA LEU M 449 -41.29 61.21 80.90
C LEU M 449 -40.62 59.98 80.30
N SER M 450 -39.41 60.19 79.76
CA SER M 450 -38.67 59.11 79.12
C SER M 450 -38.44 57.96 80.10
N SER M 451 -38.19 58.27 81.36
CA SER M 451 -37.94 57.24 82.36
C SER M 451 -39.13 56.31 82.55
N GLU M 452 -40.32 56.71 82.10
CA GLU M 452 -41.50 55.87 82.22
C GLU M 452 -41.70 54.94 81.03
N LEU M 453 -40.77 54.92 80.09
CA LEU M 453 -40.97 54.09 78.91
C LEU M 453 -40.24 52.76 79.05
N PRO M 454 -40.77 51.70 78.44
CA PRO M 454 -40.06 50.41 78.43
C PRO M 454 -38.85 50.46 77.52
N GLN M 455 -37.94 49.53 77.74
CA GLN M 455 -36.70 49.47 76.96
C GLN M 455 -36.40 48.03 76.61
N LEU M 456 -35.20 47.81 76.09
CA LEU M 456 -34.78 46.49 75.68
C LEU M 456 -34.72 45.57 76.89
N PRO M 457 -35.11 44.29 76.76
CA PRO M 457 -35.00 43.36 77.88
C PRO M 457 -33.56 43.02 78.18
N ASP M 458 -33.33 42.60 79.43
CA ASP M 458 -31.96 42.29 79.85
C ASP M 458 -31.43 41.06 79.14
N THR M 459 -32.18 39.97 79.14
CA THR M 459 -31.75 38.72 78.51
C THR M 459 -32.04 38.73 77.02
N TYR M 460 -31.42 39.68 76.33
CA TYR M 460 -31.62 39.85 74.90
C TYR M 460 -30.47 39.31 74.07
N PHE M 461 -29.27 39.22 74.63
CA PHE M 461 -28.09 38.74 73.91
C PHE M 461 -27.63 37.39 74.41
N ASP M 462 -28.56 36.55 74.86
CA ASP M 462 -28.20 35.24 75.38
C ASP M 462 -28.21 34.19 74.27
N GLY M 463 -27.69 33.01 74.61
CA GLY M 463 -27.57 31.95 73.63
C GLY M 463 -28.91 31.50 73.08
N ASP M 464 -29.84 31.17 73.99
CA ASP M 464 -31.16 30.73 73.56
C ASP M 464 -31.92 31.83 72.85
N GLU M 465 -31.74 33.09 73.27
CA GLU M 465 -32.42 34.19 72.61
C GLU M 465 -31.93 34.34 71.17
N GLN M 466 -30.61 34.30 70.97
CA GLN M 466 -30.07 34.35 69.62
C GLN M 466 -30.50 33.14 68.81
N TYR M 467 -30.61 31.97 69.45
CA TYR M 467 -31.12 30.79 68.77
C TYR M 467 -32.51 31.02 68.23
N GLY M 468 -33.40 31.55 69.08
CA GLY M 468 -34.76 31.81 68.64
C GLY M 468 -34.82 32.79 67.49
N ARG M 469 -34.09 33.90 67.62
CA ARG M 469 -34.11 34.90 66.55
C ARG M 469 -33.57 34.33 65.25
N SER M 470 -32.48 33.57 65.32
CA SER M 470 -31.90 33.02 64.09
C SER M 470 -32.81 31.97 63.47
N LEU M 471 -33.48 31.16 64.28
CA LEU M 471 -34.42 30.18 63.74
C LEU M 471 -35.57 30.88 63.02
N PHE M 472 -36.13 31.91 63.65
CA PHE M 472 -37.24 32.61 62.99
C PHE M 472 -36.78 33.29 61.72
N SER M 473 -35.57 33.85 61.71
CA SER M 473 -35.07 34.51 60.51
C SER M 473 -34.82 33.51 59.39
N LEU M 474 -34.32 32.31 59.73
CA LEU M 474 -34.08 31.31 58.71
C LEU M 474 -35.39 30.77 58.15
N ALA M 475 -36.40 30.59 59.00
CA ALA M 475 -37.65 30.02 58.53
C ALA M 475 -38.54 31.04 57.84
N ARG M 476 -38.30 32.34 58.04
CA ARG M 476 -39.07 33.36 57.34
C ARG M 476 -38.86 33.24 55.84
N LYS M 477 -39.95 33.28 55.08
CA LYS M 477 -39.90 33.18 53.62
C LYS M 477 -40.40 34.48 53.02
N VAL M 478 -39.47 35.35 52.61
CA VAL M 478 -39.83 36.63 52.01
C VAL M 478 -38.78 36.94 50.93
N GLY M 479 -38.96 38.04 50.22
CA GLY M 479 -38.01 38.44 49.20
C GLY M 479 -36.94 39.34 49.76
N ASP M 480 -36.99 40.63 49.41
CA ASP M 480 -36.02 41.60 49.92
C ASP M 480 -36.60 42.28 51.15
N ARG M 481 -36.02 41.98 52.32
CA ARG M 481 -36.49 42.60 53.56
C ARG M 481 -36.40 44.10 53.49
N SER M 482 -35.30 44.62 52.95
CA SER M 482 -35.13 46.07 52.86
C SER M 482 -36.19 46.69 51.95
N LEU M 483 -36.48 46.04 50.82
CA LEU M 483 -37.52 46.55 49.92
C LEU M 483 -38.87 46.59 50.61
N VAL M 484 -39.23 45.52 51.30
CA VAL M 484 -40.54 45.47 51.97
C VAL M 484 -40.62 46.56 53.03
N LYS M 485 -39.59 46.66 53.87
CA LYS M 485 -39.59 47.65 54.93
C LYS M 485 -39.68 49.06 54.37
N ASP M 486 -38.89 49.36 53.34
CA ASP M 486 -38.86 50.70 52.81
C ASP M 486 -40.19 51.08 52.15
N THR M 487 -40.80 50.15 51.42
CA THR M 487 -42.09 50.43 50.82
C THR M 487 -43.14 50.72 51.89
N ALA M 488 -43.19 49.89 52.93
CA ALA M 488 -44.16 50.11 54.00
C ALA M 488 -43.92 51.45 54.70
N VAL M 489 -42.66 51.77 54.96
CA VAL M 489 -42.35 52.99 55.70
C VAL M 489 -42.68 54.22 54.86
N LEU M 490 -42.40 54.19 53.56
CA LEU M 490 -42.71 55.33 52.72
C LEU M 490 -44.21 55.51 52.60
N LYS M 491 -44.96 54.42 52.45
CA LYS M 491 -46.42 54.53 52.39
C LYS M 491 -46.97 55.15 53.67
N HIS M 492 -46.48 54.71 54.83
CA HIS M 492 -46.97 55.29 56.07
C HIS M 492 -46.38 56.67 56.37
N ALA M 493 -45.35 57.09 55.62
CA ALA M 493 -44.73 58.38 55.88
C ALA M 493 -45.28 59.50 55.01
N TYR M 494 -45.73 59.20 53.79
CA TYR M 494 -46.35 60.24 52.97
C TYR M 494 -47.80 60.50 53.33
N GLN M 495 -48.26 60.06 54.50
CA GLN M 495 -49.63 60.34 54.92
C GLN M 495 -49.72 61.51 55.90
N ALA M 496 -48.62 61.85 56.57
CA ALA M 496 -48.66 62.88 57.59
C ALA M 496 -48.83 64.26 56.97
N ILE M 497 -49.42 65.17 57.76
CA ILE M 497 -49.65 66.55 57.33
C ILE M 497 -49.32 67.47 58.49
N ASP M 498 -48.61 68.55 58.21
CA ASP M 498 -48.18 69.45 59.26
C ASP M 498 -49.35 70.29 59.78
N PRO M 499 -49.28 70.74 61.02
CA PRO M 499 -50.34 71.61 61.56
C PRO M 499 -50.16 73.06 61.12
N ASN M 500 -48.91 73.48 60.90
CA ASN M 500 -48.65 74.86 60.52
C ASN M 500 -49.21 75.20 59.14
N THR M 501 -49.45 74.19 58.29
CA THR M 501 -50.14 74.40 57.03
C THR M 501 -51.18 73.31 56.86
N GLY M 502 -51.73 73.17 55.66
CA GLY M 502 -52.81 72.24 55.48
C GLY M 502 -52.48 70.98 54.70
N LYS M 503 -51.59 71.08 53.71
CA LYS M 503 -51.52 70.01 52.72
C LYS M 503 -50.85 68.74 53.25
N GLU M 504 -49.54 68.81 53.50
CA GLU M 504 -48.80 67.68 54.05
C GLU M 504 -47.33 68.08 54.14
N TYR M 505 -46.52 67.21 54.75
CA TYR M 505 -45.09 67.45 54.83
C TYR M 505 -44.39 67.15 53.50
N LEU M 506 -44.45 65.90 53.06
CA LEU M 506 -43.70 65.45 51.90
C LEU M 506 -44.53 65.60 50.63
N ARG M 507 -43.86 65.97 49.54
CA ARG M 507 -44.53 66.22 48.27
C ARG M 507 -43.63 65.71 47.15
N ALA M 508 -43.94 66.09 45.91
CA ALA M 508 -43.19 65.61 44.76
C ALA M 508 -41.93 66.44 44.55
N GLY M 509 -40.84 65.78 44.17
CA GLY M 509 -39.59 66.44 43.92
C GLY M 509 -38.98 67.07 45.17
N GLN M 510 -38.52 66.23 46.10
CA GLN M 510 -38.05 66.70 47.39
C GLN M 510 -36.54 66.66 47.56
N SER M 511 -35.79 66.11 46.60
CA SER M 511 -34.33 66.02 46.70
C SER M 511 -33.92 65.20 47.93
N VAL M 512 -34.28 63.92 47.87
CA VAL M 512 -34.04 63.00 48.97
C VAL M 512 -32.58 62.55 48.98
N ALA M 513 -32.10 62.17 50.17
CA ALA M 513 -30.79 61.56 50.34
C ALA M 513 -30.95 60.26 51.12
N TYR M 514 -30.24 59.23 50.71
CA TYR M 514 -30.40 57.88 51.25
C TYR M 514 -29.14 57.50 52.02
N PHE M 515 -29.15 57.76 53.33
CA PHE M 515 -28.01 57.35 54.17
C PHE M 515 -28.02 55.85 54.36
N GLY M 516 -26.87 55.22 54.15
CA GLY M 516 -26.75 53.80 54.33
C GLY M 516 -27.10 52.96 53.12
N ALA M 517 -26.76 53.42 51.91
CA ALA M 517 -26.93 52.61 50.72
C ALA M 517 -26.18 51.30 50.87
N SER M 518 -26.65 50.27 50.18
CA SER M 518 -26.18 48.93 50.51
C SER M 518 -25.59 48.19 49.32
N ALA M 519 -25.27 46.92 49.56
CA ALA M 519 -24.58 46.09 48.59
C ALA M 519 -25.54 45.70 47.47
N GLY M 520 -25.05 44.84 46.58
CA GLY M 520 -25.92 44.27 45.57
C GLY M 520 -27.06 43.49 46.20
N HIS M 521 -28.18 43.45 45.48
CA HIS M 521 -29.39 42.76 45.95
C HIS M 521 -29.88 41.76 44.93
N SER M 522 -28.97 41.23 44.11
CA SER M 522 -29.26 40.25 43.06
C SER M 522 -29.95 40.88 41.87
N GLY M 523 -30.28 42.17 41.97
CA GLY M 523 -30.82 42.91 40.85
C GLY M 523 -29.90 44.05 40.47
N ALA M 524 -30.30 45.28 40.79
CA ALA M 524 -29.42 46.41 40.62
C ALA M 524 -28.41 46.47 41.77
N ASP M 525 -27.39 47.28 41.59
CA ASP M 525 -26.36 47.48 42.61
C ASP M 525 -26.69 48.69 43.48
N GLN M 526 -27.87 48.64 44.07
CA GLN M 526 -28.35 49.70 44.94
C GLN M 526 -29.64 49.23 45.61
N PRO M 527 -30.18 49.99 46.56
CA PRO M 527 -31.45 49.57 47.17
C PRO M 527 -32.56 49.46 46.15
N LEU M 528 -33.35 48.39 46.26
CA LEU M 528 -34.37 48.09 45.27
C LEU M 528 -35.56 49.04 45.30
N VAL M 529 -35.59 49.98 46.24
CA VAL M 529 -36.69 50.94 46.28
C VAL M 529 -36.46 52.13 45.37
N ILE M 530 -35.21 52.39 44.98
CA ILE M 530 -34.89 53.62 44.27
C ILE M 530 -35.57 53.64 42.91
N GLU M 531 -35.51 52.53 42.16
CA GLU M 531 -36.07 52.52 40.81
C GLU M 531 -37.58 52.71 40.82
N PRO M 532 -38.36 51.89 41.54
CA PRO M 532 -39.82 52.12 41.56
C PRO M 532 -40.20 53.45 42.18
N TRP M 533 -39.47 53.89 43.20
CA TRP M 533 -39.84 55.13 43.87
C TRP M 533 -39.49 56.35 43.05
N MET M 534 -38.55 56.23 42.12
CA MET M 534 -38.31 57.31 41.17
C MET M 534 -39.29 57.26 40.01
N GLN M 535 -39.63 56.06 39.54
CA GLN M 535 -40.56 55.93 38.43
C GLN M 535 -42.01 56.16 38.83
N GLY M 536 -42.30 56.22 40.13
CA GLY M 536 -43.66 56.44 40.58
C GLY M 536 -44.50 55.18 40.51
N LYS M 537 -44.03 54.11 41.13
CA LYS M 537 -44.69 52.82 41.06
C LYS M 537 -45.26 52.35 42.39
N ILE M 538 -44.92 53.01 43.50
CA ILE M 538 -45.37 52.54 44.81
C ILE M 538 -46.85 52.84 45.05
N SER M 539 -47.46 53.68 44.22
CA SER M 539 -48.89 53.97 44.22
C SER M 539 -49.34 54.79 45.43
N GLY M 540 -48.41 55.23 46.27
CA GLY M 540 -48.77 56.07 47.39
C GLY M 540 -47.76 57.15 47.63
N VAL M 541 -46.76 57.22 46.74
CA VAL M 541 -45.65 58.14 46.89
C VAL M 541 -45.43 58.90 45.59
N PRO M 542 -45.35 60.24 45.62
CA PRO M 542 -44.93 60.95 44.43
C PRO M 542 -43.43 60.83 44.24
N PRO M 543 -42.96 60.76 43.00
CA PRO M 543 -41.53 60.57 42.76
C PRO M 543 -40.75 61.81 43.15
N PRO M 544 -39.59 61.65 43.77
CA PRO M 544 -38.76 62.80 44.14
C PRO M 544 -37.99 63.32 42.93
N SER M 545 -37.13 64.30 43.19
CA SER M 545 -36.32 64.87 42.11
C SER M 545 -35.08 64.03 41.86
N SER M 546 -34.37 63.66 42.92
CA SER M 546 -33.15 62.87 42.78
C SER M 546 -32.87 62.16 44.09
N VAL M 547 -32.01 61.15 44.02
CA VAL M 547 -31.69 60.31 45.18
C VAL M 547 -30.18 60.09 45.19
N ARG M 548 -29.50 60.69 46.16
CA ARG M 548 -28.08 60.46 46.35
C ARG M 548 -27.87 59.47 47.49
N GLN M 549 -26.80 58.67 47.37
CA GLN M 549 -26.57 57.53 48.24
C GLN M 549 -25.29 57.73 49.04
N PHE M 550 -25.26 57.17 50.25
CA PHE M 550 -24.12 57.28 51.13
C PHE M 550 -24.02 56.01 51.98
N GLY M 551 -22.81 55.64 52.33
CA GLY M 551 -22.60 54.52 53.22
C GLY M 551 -21.33 53.77 52.89
N TYR M 552 -20.90 52.93 53.84
CA TYR M 552 -19.71 52.13 53.65
C TYR M 552 -19.83 51.21 52.44
N ASP M 553 -21.01 50.64 52.22
CA ASP M 553 -21.21 49.60 51.23
C ASP M 553 -21.99 50.10 50.01
N VAL M 554 -21.75 51.36 49.64
CA VAL M 554 -22.46 51.91 48.49
C VAL M 554 -21.69 51.61 47.21
N ALA M 555 -22.39 51.65 46.09
CA ALA M 555 -21.80 51.41 44.78
C ALA M 555 -21.98 52.54 43.79
N LYS M 556 -22.92 53.46 44.03
CA LYS M 556 -23.15 54.60 43.15
C LYS M 556 -23.23 55.88 43.96
N GLY M 557 -22.38 56.01 44.96
CA GLY M 557 -22.35 57.21 45.78
C GLY M 557 -21.10 57.20 46.63
N ALA M 558 -20.91 58.30 47.35
CA ALA M 558 -19.74 58.44 48.21
C ALA M 558 -19.81 57.45 49.36
N ILE M 559 -18.64 57.13 49.90
CA ILE M 559 -18.53 56.32 51.11
C ILE M 559 -17.92 57.18 52.20
N VAL M 560 -18.59 57.26 53.34
CA VAL M 560 -18.21 58.16 54.43
C VAL M 560 -18.59 57.51 55.75
N ASP M 561 -18.10 58.10 56.84
CA ASP M 561 -18.53 57.74 58.19
C ASP M 561 -19.67 58.68 58.57
N LEU M 562 -20.90 58.18 58.50
CA LEU M 562 -22.06 59.03 58.70
C LEU M 562 -22.19 59.55 60.13
N ALA M 563 -21.44 58.99 61.07
CA ALA M 563 -21.48 59.44 62.47
C ALA M 563 -20.68 60.71 62.70
N ARG M 564 -20.25 61.40 61.64
CA ARG M 564 -19.44 62.60 61.76
C ARG M 564 -19.79 63.52 60.61
N PRO M 565 -19.46 64.80 60.71
CA PRO M 565 -19.71 65.72 59.60
C PRO M 565 -18.88 65.35 58.39
N PHE M 566 -19.35 65.78 57.22
CA PHE M 566 -18.68 65.45 55.97
C PHE M 566 -19.14 66.44 54.90
N PRO M 567 -18.37 66.61 53.84
CA PRO M 567 -18.70 67.62 52.81
C PRO M 567 -19.86 67.17 51.95
N SER M 568 -21.00 67.84 52.08
CA SER M 568 -22.18 67.50 51.31
C SER M 568 -23.09 68.71 51.24
N GLY M 569 -24.11 68.62 50.40
CA GLY M 569 -25.09 69.67 50.27
C GLY M 569 -26.12 69.61 51.39
N ASP M 570 -27.38 69.86 51.04
CA ASP M 570 -28.47 69.81 52.00
C ASP M 570 -29.67 69.16 51.33
N TYR M 571 -30.42 68.36 52.10
CA TYR M 571 -31.47 67.53 51.53
C TYR M 571 -32.76 67.70 52.32
N GLN M 572 -33.86 67.83 51.58
CA GLN M 572 -35.17 68.03 52.20
C GLN M 572 -35.73 66.78 52.85
N PHE M 573 -35.15 65.62 52.57
CA PHE M 573 -35.63 64.37 53.18
C PHE M 573 -34.48 63.37 53.13
N VAL M 574 -33.97 63.00 54.30
CA VAL M 574 -32.88 62.04 54.41
C VAL M 574 -33.44 60.77 55.06
N TYR M 575 -33.24 59.64 54.40
CA TYR M 575 -33.76 58.35 54.84
C TYR M 575 -32.57 57.48 55.23
N SER M 576 -32.31 57.38 56.53
CA SER M 576 -31.15 56.66 57.04
C SER M 576 -31.54 55.24 57.38
N ASP M 577 -30.81 54.28 56.80
CA ASP M 577 -30.98 52.87 57.12
C ASP M 577 -29.72 52.30 57.77
N VAL M 578 -28.78 53.15 58.17
CA VAL M 578 -27.55 52.68 58.76
C VAL M 578 -27.84 52.09 60.14
N ASP M 579 -27.24 50.94 60.41
CA ASP M 579 -27.48 50.20 61.64
C ASP M 579 -26.36 50.45 62.65
N GLN M 580 -26.64 50.08 63.90
CA GLN M 580 -25.71 50.31 65.01
C GLN M 580 -24.93 49.06 65.38
N VAL M 581 -24.63 48.21 64.42
CA VAL M 581 -23.92 46.96 64.68
C VAL M 581 -22.49 47.00 64.14
N VAL M 582 -22.28 47.62 62.99
CA VAL M 582 -20.96 47.58 62.36
C VAL M 582 -19.95 48.39 63.15
N ASP M 583 -20.36 49.55 63.68
CA ASP M 583 -19.46 50.36 64.47
C ASP M 583 -19.61 50.17 65.97
N GLY M 584 -20.77 49.72 66.43
CA GLY M 584 -20.93 49.38 67.83
C GLY M 584 -20.21 48.09 68.13
N HIS M 585 -19.10 48.18 68.88
CA HIS M 585 -18.22 47.03 69.08
C HIS M 585 -18.80 46.07 70.11
N ASP M 586 -19.99 45.56 69.80
CA ASP M 586 -20.71 44.60 70.62
C ASP M 586 -20.88 45.12 72.05
N ASP M 587 -21.40 46.35 72.14
CA ASP M 587 -21.62 46.98 73.44
C ASP M 587 -22.85 47.88 73.35
N LEU M 588 -23.79 47.67 74.27
CA LEU M 588 -25.05 48.39 74.22
C LEU M 588 -24.84 49.88 74.43
N SER M 589 -23.94 50.25 75.34
CA SER M 589 -23.68 51.67 75.58
C SER M 589 -23.06 52.33 74.37
N ILE M 590 -22.12 51.65 73.71
CA ILE M 590 -21.51 52.20 72.51
C ILE M 590 -22.54 52.34 71.41
N SER M 591 -23.45 51.37 71.29
CA SER M 591 -24.49 51.46 70.28
C SER M 591 -25.43 52.62 70.56
N SER M 592 -25.76 52.86 71.83
CA SER M 592 -26.61 53.99 72.18
C SER M 592 -25.92 55.32 71.85
N GLY M 593 -24.63 55.43 72.18
CA GLY M 593 -23.90 56.63 71.81
C GLY M 593 -23.84 56.84 70.32
N LEU M 594 -23.70 55.74 69.57
CA LEU M 594 -23.71 55.84 68.11
C LEU M 594 -25.07 56.30 67.61
N VAL M 595 -26.15 55.84 68.24
CA VAL M 595 -27.49 56.29 67.87
C VAL M 595 -27.61 57.78 68.09
N GLU M 596 -27.06 58.28 69.21
CA GLU M 596 -27.10 59.70 69.48
C GLU M 596 -26.34 60.49 68.40
N SER M 597 -25.14 60.03 68.07
CA SER M 597 -24.34 60.73 67.07
C SER M 597 -25.01 60.71 65.69
N LEU M 598 -25.66 59.61 65.34
CA LEU M 598 -26.31 59.52 64.05
C LEU M 598 -27.57 60.38 63.99
N LEU M 599 -28.33 60.45 65.08
CA LEU M 599 -29.41 61.43 65.15
C LEU M 599 -28.87 62.84 64.96
N ASP M 600 -27.75 63.16 65.60
CA ASP M 600 -27.18 64.49 65.49
C ASP M 600 -26.80 64.80 64.04
N SER M 601 -26.11 63.88 63.38
CA SER M 601 -25.72 64.07 61.99
C SER M 601 -26.94 64.22 61.09
N CYS M 602 -27.89 63.28 61.21
CA CYS M 602 -29.08 63.28 60.37
C CYS M 602 -29.94 64.52 60.59
N VAL M 603 -29.84 65.17 61.75
CA VAL M 603 -30.55 66.43 61.93
C VAL M 603 -29.75 67.62 61.42
N HIS M 604 -28.42 67.55 61.45
CA HIS M 604 -27.65 68.63 60.85
C HIS M 604 -27.79 68.66 59.33
N ALA M 605 -27.98 67.50 58.71
CA ALA M 605 -27.96 67.43 57.24
C ALA M 605 -29.35 67.32 56.64
N THR M 606 -30.35 68.06 57.16
CA THR M 606 -31.72 67.76 56.76
C THR M 606 -32.54 69.00 56.43
N ALA M 607 -31.90 70.07 55.91
CA ALA M 607 -32.62 71.12 55.18
C ALA M 607 -33.78 71.73 55.94
N PRO M 608 -33.53 72.67 56.88
CA PRO M 608 -34.56 73.13 57.83
C PRO M 608 -35.92 73.43 57.21
N GLY M 609 -36.92 72.66 57.64
CA GLY M 609 -38.21 72.60 57.00
C GLY M 609 -38.56 71.24 56.43
N GLY M 610 -37.69 70.24 56.54
CA GLY M 610 -37.92 68.93 56.00
C GLY M 610 -38.09 67.87 57.06
N SER M 611 -37.81 66.62 56.67
CA SER M 611 -38.02 65.48 57.54
C SER M 611 -36.95 64.43 57.30
N PHE M 612 -36.85 63.48 58.23
CA PHE M 612 -35.90 62.39 58.09
C PHE M 612 -36.48 61.13 58.72
N VAL M 613 -35.78 60.02 58.50
CA VAL M 613 -36.20 58.71 59.00
C VAL M 613 -34.95 57.96 59.45
N MET M 614 -34.91 57.57 60.72
CA MET M 614 -33.78 56.83 61.25
C MET M 614 -34.27 55.56 61.93
N LYS M 615 -33.51 54.48 61.77
CA LYS M 615 -33.81 53.23 62.43
C LYS M 615 -33.01 53.10 63.71
N ILE M 616 -33.60 52.45 64.71
CA ILE M 616 -32.99 52.24 66.01
C ILE M 616 -33.01 50.75 66.27
N ASN M 617 -31.83 50.13 66.27
CA ASN M 617 -31.76 48.70 66.50
C ASN M 617 -32.12 48.35 67.94
N PHE M 618 -31.53 49.06 68.90
CA PHE M 618 -31.55 48.66 70.30
C PHE M 618 -32.13 49.81 71.13
N PRO M 619 -33.45 49.95 71.14
CA PRO M 619 -34.09 51.06 71.87
C PRO M 619 -33.83 50.94 73.37
N THR M 620 -33.18 51.96 73.92
CA THR M 620 -32.88 52.00 75.35
C THR M 620 -33.26 53.35 75.91
N ARG M 621 -33.42 53.38 77.24
CA ARG M 621 -33.89 54.59 77.90
C ARG M 621 -32.94 55.76 77.71
N THR M 622 -31.64 55.48 77.54
CA THR M 622 -30.72 56.56 77.20
C THR M 622 -31.09 57.17 75.85
N VAL M 623 -31.41 56.34 74.87
CA VAL M 623 -31.82 56.85 73.57
C VAL M 623 -33.11 57.65 73.68
N TRP M 624 -34.07 57.14 74.45
CA TRP M 624 -35.33 57.86 74.61
C TRP M 624 -35.10 59.22 75.27
N HIS M 625 -34.30 59.27 76.33
CA HIS M 625 -34.03 60.51 77.02
C HIS M 625 -33.31 61.50 76.11
N TYR M 626 -32.33 61.02 75.34
CA TYR M 626 -31.61 61.91 74.44
C TYR M 626 -32.54 62.48 73.38
N ILE M 627 -33.41 61.65 72.81
CA ILE M 627 -34.34 62.13 71.80
C ILE M 627 -35.28 63.16 72.40
N GLU M 628 -35.81 62.89 73.59
CA GLU M 628 -36.71 63.83 74.23
C GLU M 628 -36.02 65.15 74.53
N GLN M 629 -34.73 65.11 74.90
CA GLN M 629 -34.04 66.31 75.31
C GLN M 629 -33.55 67.13 74.12
N LYS M 630 -33.22 66.49 73.00
CA LYS M 630 -32.54 67.20 71.92
C LYS M 630 -33.31 67.30 70.62
N ILE M 631 -34.13 66.29 70.28
CA ILE M 631 -34.74 66.23 68.96
C ILE M 631 -36.17 66.76 68.98
N LEU M 632 -36.94 66.40 69.99
CA LEU M 632 -38.35 66.82 70.04
C LEU M 632 -38.53 68.33 70.06
N PRO M 633 -37.82 69.10 70.90
CA PRO M 633 -38.04 70.55 70.91
C PRO M 633 -37.73 71.25 69.60
N ASN M 634 -37.07 70.60 68.65
CA ASN M 634 -36.73 71.21 67.37
C ASN M 634 -37.48 70.57 66.21
N VAL M 635 -38.60 69.91 66.48
CA VAL M 635 -39.37 69.20 65.46
C VAL M 635 -40.84 69.57 65.60
N THR M 636 -41.54 69.62 64.47
CA THR M 636 -42.95 69.97 64.48
C THR M 636 -43.82 68.77 64.84
N SER M 637 -43.56 67.61 64.24
CA SER M 637 -44.35 66.41 64.51
C SER M 637 -43.48 65.20 64.22
N TYR M 638 -43.97 64.03 64.63
CA TYR M 638 -43.19 62.81 64.46
C TYR M 638 -44.11 61.61 64.52
N MET M 639 -43.59 60.48 64.04
CA MET M 639 -44.20 59.18 64.25
C MET M 639 -43.10 58.14 64.22
N LEU M 640 -43.41 56.96 64.77
CA LEU M 640 -42.47 55.86 64.78
C LEU M 640 -43.21 54.57 64.44
N ILE M 641 -42.70 53.84 63.46
CA ILE M 641 -43.38 52.69 62.90
C ILE M 641 -42.50 51.46 63.03
N LYS M 642 -43.09 50.30 62.75
CA LYS M 642 -42.40 49.02 62.86
C LYS M 642 -42.98 48.07 61.83
N PRO M 643 -42.34 47.93 60.67
CA PRO M 643 -42.75 46.92 59.70
C PRO M 643 -42.24 45.55 60.12
N PHE M 644 -43.14 44.71 60.62
CA PHE M 644 -42.76 43.41 61.15
C PHE M 644 -42.45 42.45 60.02
N VAL M 645 -41.17 42.11 59.85
CA VAL M 645 -40.78 41.07 58.91
C VAL M 645 -39.96 39.98 59.58
N THR M 646 -39.27 40.25 60.68
CA THR M 646 -38.48 39.25 61.38
C THR M 646 -38.48 39.61 62.85
N ASN M 647 -38.39 38.59 63.70
CA ASN M 647 -38.54 38.79 65.14
C ASN M 647 -37.33 39.55 65.67
N ASN M 648 -37.55 40.78 66.11
CA ASN M 648 -36.50 41.61 66.69
C ASN M 648 -37.16 42.88 67.23
N VAL M 649 -36.35 43.72 67.88
CA VAL M 649 -36.87 44.89 68.57
C VAL M 649 -36.46 46.19 67.89
N GLU M 650 -36.10 46.15 66.61
CA GLU M 650 -35.76 47.38 65.93
C GLU M 650 -37.02 48.20 65.69
N VAL M 651 -36.84 49.52 65.65
CA VAL M 651 -37.95 50.44 65.40
C VAL M 651 -37.45 51.61 64.56
N PHE M 652 -38.34 52.19 63.77
CA PHE M 652 -38.02 53.35 62.97
C PHE M 652 -38.56 54.60 63.63
N PHE M 653 -37.84 55.71 63.44
CA PHE M 653 -38.22 57.00 63.99
C PHE M 653 -38.30 58.00 62.85
N VAL M 654 -39.45 58.66 62.71
CA VAL M 654 -39.70 59.61 61.64
C VAL M 654 -40.03 60.96 62.27
N ALA M 655 -39.25 61.97 61.96
CA ALA M 655 -39.44 63.32 62.46
C ALA M 655 -39.79 64.24 61.30
N PHE M 656 -40.74 65.14 61.53
CA PHE M 656 -41.26 66.02 60.49
C PHE M 656 -41.00 67.47 60.86
N GLY M 657 -40.57 68.25 59.86
CA GLY M 657 -40.37 69.68 60.05
C GLY M 657 -39.30 70.01 61.07
N VAL M 658 -38.05 69.70 60.74
CA VAL M 658 -36.93 69.92 61.65
C VAL M 658 -36.57 71.40 61.68
N HIS M 659 -35.77 71.79 62.67
CA HIS M 659 -35.27 73.16 62.80
C HIS M 659 -36.40 74.16 63.04
N GLN M 660 -37.44 73.75 63.75
CA GLN M 660 -38.54 74.61 64.12
C GLN M 660 -38.86 74.42 65.59
N GLN M 661 -38.92 75.51 66.33
CA GLN M 661 -39.16 75.44 67.76
C GLN M 661 -40.56 74.89 68.03
N SER M 662 -40.66 74.02 69.03
CA SER M 662 -41.93 73.41 69.40
C SER M 662 -41.74 72.65 70.70
N ALA M 663 -42.84 72.47 71.43
CA ALA M 663 -42.85 71.72 72.68
C ALA M 663 -43.49 70.37 72.42
N LEU M 664 -42.66 69.32 72.38
CA LEU M 664 -43.13 67.97 72.14
C LEU M 664 -42.57 67.03 73.19
N THR M 665 -43.35 66.00 73.53
CA THR M 665 -42.95 65.01 74.51
C THR M 665 -43.55 63.66 74.12
N TRP M 666 -42.98 62.60 74.66
CA TRP M 666 -43.56 61.28 74.44
C TRP M 666 -44.92 61.20 75.12
N THR M 667 -45.78 60.33 74.62
CA THR M 667 -47.18 60.32 75.03
C THR M 667 -47.63 58.90 75.35
N SER M 668 -48.87 58.80 75.85
CA SER M 668 -49.44 57.52 76.21
C SER M 668 -49.58 56.61 75.01
N GLY M 669 -49.81 57.19 73.82
CA GLY M 669 -49.82 56.39 72.61
C GLY M 669 -48.50 55.69 72.37
N VAL M 670 -47.39 56.43 72.53
CA VAL M 670 -46.07 55.83 72.39
C VAL M 670 -45.85 54.79 73.47
N TYR M 671 -46.36 55.05 74.68
CA TYR M 671 -46.23 54.08 75.76
C TYR M 671 -46.90 52.76 75.39
N PHE M 672 -48.16 52.82 74.96
CA PHE M 672 -48.89 51.62 74.58
C PHE M 672 -48.22 50.91 73.41
N PHE M 673 -47.74 51.70 72.44
CA PHE M 673 -47.04 51.13 71.29
C PHE M 673 -45.82 50.34 71.73
N LEU M 674 -44.99 50.93 72.58
CA LEU M 674 -43.78 50.25 73.03
C LEU M 674 -44.10 49.02 73.86
N VAL M 675 -45.16 49.09 74.67
CA VAL M 675 -45.56 47.93 75.47
C VAL M 675 -45.93 46.77 74.56
N ASP M 676 -46.82 47.02 73.59
CA ASP M 676 -47.23 45.97 72.67
C ASP M 676 -46.03 45.44 71.86
N HIS M 677 -45.15 46.35 71.45
CA HIS M 677 -43.94 45.98 70.71
C HIS M 677 -43.11 44.97 71.49
N PHE M 678 -42.69 45.34 72.69
CA PHE M 678 -41.83 44.47 73.48
C PHE M 678 -42.54 43.19 73.88
N TYR M 679 -43.85 43.24 74.15
CA TYR M 679 -44.52 42.03 74.59
C TYR M 679 -44.69 41.05 73.44
N ARG M 680 -44.97 41.55 72.24
CA ARG M 680 -45.05 40.63 71.11
C ARG M 680 -43.69 40.06 70.76
N TYR M 681 -42.63 40.85 70.92
CA TYR M 681 -41.29 40.28 70.80
C TYR M 681 -41.10 39.13 71.77
N GLU M 682 -41.46 39.35 73.04
CA GLU M 682 -41.30 38.32 74.05
C GLU M 682 -42.09 37.06 73.71
N THR M 683 -43.33 37.23 73.25
CA THR M 683 -44.18 36.07 72.94
C THR M 683 -43.60 35.28 71.77
N LEU M 684 -43.23 35.97 70.69
CA LEU M 684 -42.66 35.25 69.56
C LEU M 684 -41.33 34.59 69.90
N SER M 685 -40.54 35.21 70.79
CA SER M 685 -39.30 34.57 71.20
C SER M 685 -39.58 33.31 72.00
N ALA M 686 -40.52 33.37 72.94
CA ALA M 686 -40.86 32.19 73.73
C ALA M 686 -41.43 31.09 72.85
N ILE M 687 -42.13 31.45 71.77
CA ILE M 687 -42.63 30.43 70.85
C ILE M 687 -41.48 29.82 70.06
N SER M 688 -40.62 30.66 69.48
CA SER M 688 -39.58 30.16 68.59
C SER M 688 -38.47 29.44 69.33
N ARG M 689 -38.32 29.64 70.63
CA ARG M 689 -37.31 28.90 71.38
C ARG M 689 -37.76 27.50 71.76
N GLN M 690 -38.94 27.06 71.31
CA GLN M 690 -39.41 25.72 71.58
C GLN M 690 -39.47 24.85 70.34
N LEU M 691 -39.23 25.41 69.16
CA LEU M 691 -39.24 24.63 67.94
C LEU M 691 -37.88 23.97 67.73
N PRO M 692 -37.82 22.94 66.91
CA PRO M 692 -36.54 22.28 66.63
C PRO M 692 -35.66 23.16 65.74
N SER M 693 -34.41 22.73 65.59
CA SER M 693 -33.46 23.49 64.79
C SER M 693 -33.88 23.44 63.32
N PHE M 694 -33.08 24.11 62.47
CA PHE M 694 -33.50 24.27 61.08
C PHE M 694 -33.27 23.01 60.26
N GLY M 695 -32.12 22.36 60.44
CA GLY M 695 -31.85 21.14 59.71
C GLY M 695 -31.76 19.93 60.61
N TYR M 696 -32.64 19.86 61.60
CA TYR M 696 -32.54 18.81 62.60
C TYR M 696 -32.90 17.45 62.00
N VAL M 697 -32.51 16.40 62.72
CA VAL M 697 -32.96 15.05 62.44
C VAL M 697 -33.82 14.61 63.60
N ASP M 698 -35.08 14.28 63.33
CA ASP M 698 -36.03 13.98 64.38
C ASP M 698 -35.87 12.54 64.84
N ASP M 699 -36.13 12.32 66.12
CA ASP M 699 -36.13 10.95 66.64
C ASP M 699 -37.21 10.73 67.69
N GLY M 700 -38.14 11.65 67.86
CA GLY M 700 -39.20 11.51 68.84
C GLY M 700 -38.94 12.19 70.17
N SER M 701 -37.87 12.97 70.30
CA SER M 701 -37.56 13.63 71.56
C SER M 701 -38.19 15.01 71.66
N SER M 702 -38.15 15.80 70.57
CA SER M 702 -38.71 17.13 70.60
C SER M 702 -40.22 17.07 70.81
N VAL M 703 -40.73 18.02 71.60
CA VAL M 703 -42.17 18.01 71.93
C VAL M 703 -43.00 18.25 70.68
N THR M 704 -42.45 18.95 69.69
CA THR M 704 -43.13 19.17 68.41
C THR M 704 -42.24 18.64 67.30
N GLY M 705 -42.84 17.89 66.38
CA GLY M 705 -42.08 17.31 65.29
C GLY M 705 -42.91 16.32 64.51
N ILE M 706 -42.26 15.70 63.55
CA ILE M 706 -42.90 14.74 62.66
C ILE M 706 -42.77 13.35 63.27
N GLU M 707 -43.60 12.43 62.78
CA GLU M 707 -43.49 11.03 63.19
C GLU M 707 -44.24 10.14 62.22
N ILE M 708 -43.61 9.06 61.77
CA ILE M 708 -44.20 8.15 60.79
C ILE M 708 -43.84 6.72 61.17
N ILE M 709 -44.68 5.79 60.76
CA ILE M 709 -44.47 4.37 61.01
C ILE M 709 -44.75 3.61 59.72
N SER M 710 -44.21 2.40 59.65
CA SER M 710 -44.38 1.54 58.49
C SER M 710 -44.75 0.14 58.95
N ILE M 711 -45.86 -0.37 58.44
CA ILE M 711 -46.33 -1.71 58.76
C ILE M 711 -46.61 -2.46 57.46
N GLU M 712 -46.34 -3.75 57.46
CA GLU M 712 -46.47 -4.57 56.26
C GLU M 712 -47.86 -5.20 56.21
N ASN M 713 -48.61 -4.88 55.16
CA ASN M 713 -49.92 -5.48 54.93
C ASN M 713 -49.95 -6.27 53.64
N PRO M 714 -49.81 -7.57 53.69
CA PRO M 714 -49.76 -8.38 52.46
C PRO M 714 -51.16 -8.59 51.90
N GLY M 715 -51.49 -7.85 50.84
CA GLY M 715 -52.74 -8.09 50.12
C GLY M 715 -53.98 -7.96 50.97
N PHE M 716 -54.89 -8.91 50.84
CA PHE M 716 -56.16 -8.90 51.54
C PHE M 716 -56.02 -9.67 52.84
N SER M 717 -56.28 -9.02 53.97
CA SER M 717 -56.11 -9.69 55.25
C SER M 717 -56.65 -8.80 56.35
N ASN M 718 -56.96 -9.42 57.48
CA ASN M 718 -57.30 -8.70 58.70
C ASN M 718 -56.01 -8.44 59.47
N MET M 719 -55.67 -7.17 59.66
CA MET M 719 -54.41 -6.85 60.31
C MET M 719 -54.41 -7.34 61.76
N THR M 720 -53.25 -7.82 62.19
CA THR M 720 -53.13 -8.51 63.46
C THR M 720 -53.34 -7.52 64.62
N GLN M 721 -53.29 -8.06 65.84
CA GLN M 721 -53.44 -7.23 67.03
C GLN M 721 -52.26 -6.27 67.17
N ALA M 722 -51.06 -6.71 66.77
CA ALA M 722 -49.87 -5.90 66.96
C ALA M 722 -49.91 -4.64 66.10
N ALA M 723 -50.16 -4.79 64.80
CA ALA M 723 -50.21 -3.63 63.92
C ALA M 723 -51.35 -2.71 64.31
N ARG M 724 -52.49 -3.28 64.72
CA ARG M 724 -53.61 -2.46 65.18
C ARG M 724 -53.22 -1.64 66.40
N VAL M 725 -52.55 -2.25 67.36
CA VAL M 725 -52.12 -1.52 68.56
C VAL M 725 -51.11 -0.45 68.19
N GLY M 726 -50.23 -0.74 67.23
CA GLY M 726 -49.26 0.27 66.82
C GLY M 726 -49.91 1.48 66.18
N ILE M 727 -50.87 1.24 65.29
CA ILE M 727 -51.57 2.36 64.66
C ILE M 727 -52.38 3.13 65.68
N SER M 728 -52.98 2.43 66.64
CA SER M 728 -53.73 3.12 67.69
C SER M 728 -52.81 3.98 68.53
N GLY M 729 -51.61 3.48 68.82
CA GLY M 729 -50.66 4.27 69.57
C GLY M 729 -50.22 5.51 68.82
N LEU M 730 -49.98 5.36 67.52
CA LEU M 730 -49.63 6.53 66.71
C LEU M 730 -50.77 7.55 66.69
N CYS M 731 -52.01 7.08 66.61
CA CYS M 731 -53.15 8.00 66.62
C CYS M 731 -53.23 8.73 67.95
N ALA M 732 -53.09 8.01 69.05
CA ALA M 732 -53.13 8.64 70.37
C ALA M 732 -51.97 9.61 70.55
N ASN M 733 -50.84 9.33 69.92
CA ASN M 733 -49.68 10.23 70.03
C ASN M 733 -49.89 11.48 69.19
N VAL M 734 -50.56 11.35 68.04
CA VAL M 734 -50.76 12.49 67.15
C VAL M 734 -51.85 13.41 67.68
N GLY M 735 -52.97 12.86 68.12
CA GLY M 735 -54.02 13.72 68.62
C GLY M 735 -54.70 14.52 67.53
N ASN M 736 -55.51 13.84 66.72
CA ASN M 736 -56.38 14.38 65.67
C ASN M 736 -55.78 15.50 64.84
N ALA M 737 -54.48 15.41 64.54
CA ALA M 737 -53.92 16.20 63.46
C ALA M 737 -54.16 15.49 62.13
N ARG M 738 -53.77 16.15 61.05
CA ARG M 738 -53.94 15.53 59.74
C ARG M 738 -53.02 14.32 59.60
N LYS M 739 -53.56 13.24 59.05
CA LYS M 739 -52.84 11.99 58.90
C LYS M 739 -53.00 11.49 57.48
N SER M 740 -51.89 11.21 56.82
CA SER M 740 -51.88 10.73 55.44
C SER M 740 -51.22 9.37 55.37
N ILE M 741 -51.66 8.56 54.41
CA ILE M 741 -51.17 7.20 54.26
C ILE M 741 -50.65 7.01 52.84
N ALA M 742 -49.79 6.01 52.68
CA ALA M 742 -49.24 5.66 51.38
C ALA M 742 -49.01 4.15 51.34
N ILE M 743 -49.34 3.53 50.22
CA ILE M 743 -49.19 2.10 50.03
C ILE M 743 -48.38 1.86 48.79
N TYR M 744 -47.41 0.96 48.87
CA TYR M 744 -46.48 0.74 47.75
C TYR M 744 -45.60 -0.46 48.08
N GLU M 745 -45.00 -1.02 47.03
CA GLU M 745 -44.11 -2.18 47.17
C GLU M 745 -42.68 -1.69 47.29
N SER M 746 -42.02 -2.05 48.38
CA SER M 746 -40.68 -1.57 48.69
C SER M 746 -39.78 -2.77 48.97
N HIS M 747 -38.90 -3.06 48.02
CA HIS M 747 -37.91 -4.14 48.18
C HIS M 747 -38.61 -5.49 48.21
N GLY M 748 -39.51 -5.68 47.26
CA GLY M 748 -40.21 -6.94 47.15
C GLY M 748 -41.18 -7.22 48.28
N ALA M 749 -41.61 -6.18 49.00
CA ALA M 749 -42.65 -6.32 50.01
C ALA M 749 -43.62 -5.17 49.85
N ARG M 750 -44.86 -5.39 50.29
CA ARG M 750 -45.91 -4.39 50.21
C ARG M 750 -46.12 -3.82 51.61
N VAL M 751 -45.99 -2.50 51.74
CA VAL M 751 -45.99 -1.86 53.05
C VAL M 751 -46.66 -0.50 52.91
N LEU M 752 -47.38 -0.10 53.95
CA LEU M 752 -47.99 1.22 54.01
C LEU M 752 -47.39 2.00 55.17
N THR M 753 -47.33 3.32 55.00
CA THR M 753 -46.77 4.22 56.00
C THR M 753 -47.81 5.26 56.38
N ILE M 754 -47.75 5.71 57.63
CA ILE M 754 -48.67 6.71 58.17
C ILE M 754 -47.86 7.87 58.68
N THR M 755 -48.05 9.04 58.09
CA THR M 755 -47.30 10.24 58.42
C THR M 755 -48.18 11.23 59.15
N SER M 756 -47.60 11.92 60.13
CA SER M 756 -48.33 12.95 60.87
C SER M 756 -47.37 13.63 61.83
N ARG M 757 -47.78 14.80 62.33
CA ARG M 757 -47.00 15.58 63.25
C ARG M 757 -47.62 15.54 64.64
N ARG M 758 -46.78 15.74 65.65
CA ARG M 758 -47.22 15.83 67.04
C ARG M 758 -47.08 17.26 67.54
N SER M 759 -47.58 17.50 68.75
CA SER M 759 -47.74 18.86 69.24
C SER M 759 -47.96 18.81 70.75
N PRO M 760 -47.66 19.89 71.46
CA PRO M 760 -47.97 19.91 72.89
C PRO M 760 -49.44 19.77 73.19
N ALA M 761 -50.32 20.25 72.30
CA ALA M 761 -51.74 19.96 72.46
C ALA M 761 -51.99 18.46 72.36
N SER M 762 -51.31 17.79 71.43
CA SER M 762 -51.40 16.35 71.33
C SER M 762 -50.96 15.67 72.62
N ALA M 763 -49.87 16.16 73.21
CA ALA M 763 -49.40 15.58 74.47
C ALA M 763 -50.40 15.82 75.59
N ARG M 764 -51.01 17.00 75.62
CA ARG M 764 -52.01 17.27 76.66
C ARG M 764 -53.23 16.36 76.50
N ARG M 765 -53.63 16.08 75.26
CA ARG M 765 -54.71 15.12 75.06
C ARG M 765 -54.30 13.72 75.50
N LYS M 766 -53.11 13.29 75.10
CA LYS M 766 -52.62 11.97 75.48
C LYS M 766 -52.47 11.81 76.99
N ALA M 767 -52.29 12.92 77.71
CA ALA M 767 -52.19 12.83 79.15
C ALA M 767 -53.52 12.52 79.83
N ARG M 768 -54.64 12.57 79.11
CA ARG M 768 -55.92 12.27 79.71
C ARG M 768 -56.22 10.77 79.72
N LEU M 769 -56.14 10.14 78.55
CA LEU M 769 -56.66 8.79 78.41
C LEU M 769 -55.84 7.79 79.22
N ARG M 770 -56.55 6.90 79.91
CA ARG M 770 -55.92 5.86 80.71
C ARG M 770 -55.55 4.66 79.85
N TYR M 771 -56.49 4.17 79.05
CA TYR M 771 -56.26 3.08 78.12
C TYR M 771 -56.35 3.63 76.70
N LEU M 772 -55.37 3.29 75.86
CA LEU M 772 -55.40 3.80 74.50
C LEU M 772 -56.46 3.05 73.71
N PRO M 773 -57.41 3.74 73.07
CA PRO M 773 -58.42 3.05 72.27
C PRO M 773 -57.79 2.36 71.08
N LEU M 774 -58.58 1.51 70.43
CA LEU M 774 -58.14 0.76 69.26
C LEU M 774 -59.04 1.08 68.09
N ILE M 775 -58.43 1.54 66.99
CA ILE M 775 -59.20 1.86 65.79
C ILE M 775 -59.77 0.58 65.19
N ASP M 776 -60.74 0.75 64.29
CA ASP M 776 -61.17 -0.40 63.50
C ASP M 776 -60.44 -0.39 62.16
N PRO M 777 -59.88 -1.51 61.75
CA PRO M 777 -58.95 -1.48 60.61
C PRO M 777 -59.64 -1.62 59.27
N ARG M 778 -60.96 -1.43 59.20
CA ARG M 778 -61.67 -1.72 57.95
C ARG M 778 -61.26 -0.75 56.84
N SER M 779 -61.17 0.54 57.15
CA SER M 779 -60.88 1.53 56.13
C SER M 779 -59.50 1.34 55.52
N LEU M 780 -58.58 0.73 56.25
CA LEU M 780 -57.26 0.42 55.71
C LEU M 780 -57.19 -0.95 55.05
N GLU M 781 -57.94 -1.91 55.58
CA GLU M 781 -57.97 -3.24 54.98
C GLU M 781 -58.60 -3.21 53.60
N VAL M 782 -59.58 -2.32 53.38
CA VAL M 782 -60.26 -2.27 52.10
C VAL M 782 -59.35 -1.78 50.99
N GLN M 783 -58.27 -1.07 51.33
CA GLN M 783 -57.41 -0.46 50.32
C GLN M 783 -56.70 -1.54 49.52
N ALA M 784 -57.04 -1.65 48.23
CA ALA M 784 -56.38 -2.60 47.34
C ALA M 784 -55.74 -1.85 46.18
N ARG M 785 -55.06 -0.75 46.50
CA ARG M 785 -54.56 0.18 45.51
C ARG M 785 -53.08 0.47 45.76
N THR M 786 -52.53 1.44 45.04
CA THR M 786 -51.14 1.85 45.22
C THR M 786 -51.09 3.36 45.34
N ILE M 787 -50.52 3.84 46.45
CA ILE M 787 -50.46 5.27 46.75
C ILE M 787 -48.99 5.63 46.92
N LEU M 788 -48.40 6.27 45.91
CA LEU M 788 -46.98 6.55 45.93
C LEU M 788 -46.62 7.51 47.07
N PRO M 789 -45.44 7.36 47.65
CA PRO M 789 -45.05 8.19 48.80
C PRO M 789 -44.66 9.61 48.41
N SER M 790 -44.19 10.37 49.40
CA SER M 790 -43.63 11.69 49.17
C SER M 790 -42.73 12.03 50.35
N ASN M 791 -41.80 12.93 50.11
CA ASN M 791 -40.84 13.30 51.15
C ASN M 791 -41.56 14.02 52.29
N PRO M 792 -41.27 13.66 53.54
CA PRO M 792 -41.95 14.30 54.66
C PRO M 792 -41.47 15.73 54.86
N VAL M 793 -42.39 16.59 55.26
CA VAL M 793 -42.12 18.00 55.51
C VAL M 793 -42.75 18.39 56.84
N LEU M 794 -42.03 19.19 57.63
CA LEU M 794 -42.56 19.60 58.92
C LEU M 794 -43.74 20.56 58.76
N PHE M 795 -43.52 21.67 58.06
CA PHE M 795 -44.59 22.64 57.79
C PHE M 795 -45.07 22.39 56.35
N ASP M 796 -45.96 21.40 56.21
CA ASP M 796 -46.39 21.00 54.89
C ASP M 796 -47.28 22.04 54.23
N ASN M 797 -48.10 22.74 55.02
CA ASN M 797 -49.04 23.71 54.47
C ASN M 797 -48.28 24.87 53.85
N ILE M 798 -48.27 24.95 52.53
CA ILE M 798 -47.47 25.95 51.84
C ILE M 798 -48.21 27.27 51.63
N ASN M 799 -49.53 27.27 51.66
CA ASN M 799 -50.30 28.48 51.46
C ASN M 799 -50.64 29.18 52.77
N GLY M 800 -50.23 28.64 53.90
CA GLY M 800 -50.56 29.23 55.19
C GLY M 800 -51.99 29.01 55.59
N ALA M 801 -52.28 29.08 56.89
CA ALA M 801 -53.63 28.89 57.37
C ALA M 801 -54.55 29.98 56.83
N SER M 802 -55.84 29.73 56.92
CA SER M 802 -56.85 30.65 56.44
C SER M 802 -57.38 31.52 57.58
N PRO M 803 -58.03 32.63 57.26
CA PRO M 803 -58.54 33.51 58.33
C PRO M 803 -59.56 32.85 59.22
N HIS M 804 -60.39 31.95 58.68
CA HIS M 804 -61.32 31.20 59.53
C HIS M 804 -60.57 30.37 60.55
N VAL M 805 -59.50 29.70 60.11
CA VAL M 805 -58.69 28.90 61.03
C VAL M 805 -58.05 29.80 62.08
N CYS M 806 -57.55 30.97 61.66
CA CYS M 806 -56.92 31.88 62.61
C CYS M 806 -57.91 32.36 63.66
N LEU M 807 -59.14 32.67 63.24
CA LEU M 807 -60.15 33.11 64.20
C LEU M 807 -60.50 31.98 65.17
N THR M 808 -60.66 30.76 64.65
CA THR M 808 -60.91 29.62 65.52
C THR M 808 -59.77 29.42 66.51
N MET M 809 -58.54 29.69 66.10
CA MET M 809 -57.41 29.51 67.00
C MET M 809 -57.36 30.62 68.05
N MET M 810 -57.76 31.83 67.69
CA MET M 810 -57.93 32.88 68.70
C MET M 810 -58.94 32.44 69.76
N TYR M 811 -60.08 31.91 69.31
CA TYR M 811 -61.10 31.43 70.24
C TYR M 811 -60.54 30.32 71.14
N ASN M 812 -59.81 29.37 70.55
CA ASN M 812 -59.26 28.27 71.32
C ASN M 812 -58.26 28.75 72.36
N PHE M 813 -57.39 29.68 71.98
CA PHE M 813 -56.43 30.24 72.94
C PHE M 813 -57.15 30.94 74.07
N GLU M 814 -58.22 31.68 73.75
CA GLU M 814 -58.96 32.35 74.80
C GLU M 814 -59.57 31.35 75.78
N VAL M 815 -60.13 30.26 75.25
CA VAL M 815 -60.70 29.23 76.12
C VAL M 815 -59.63 28.63 77.02
N SER M 816 -58.49 28.26 76.42
CA SER M 816 -57.43 27.60 77.17
C SER M 816 -56.89 28.52 78.25
N SER M 817 -56.78 29.82 77.96
CA SER M 817 -56.31 30.75 78.98
C SER M 817 -57.36 30.97 80.06
N ALA M 818 -58.65 30.91 79.70
CA ALA M 818 -59.68 31.14 80.69
C ALA M 818 -59.80 29.98 81.68
N VAL M 819 -59.70 28.75 81.19
CA VAL M 819 -59.89 27.58 82.05
C VAL M 819 -58.66 27.38 82.92
N TYR M 820 -58.89 27.15 84.21
CA TYR M 820 -57.84 26.83 85.17
C TYR M 820 -57.74 25.32 85.34
N ASP M 821 -56.97 24.89 86.33
CA ASP M 821 -56.78 23.47 86.58
C ASP M 821 -57.83 22.95 87.55
N GLY M 822 -58.25 21.70 87.33
CA GLY M 822 -59.19 21.05 88.23
C GLY M 822 -60.54 21.72 88.29
N ASP M 823 -61.06 22.16 87.14
CA ASP M 823 -62.34 22.85 87.07
C ASP M 823 -63.30 22.06 86.19
N VAL M 824 -64.54 21.95 86.64
CA VAL M 824 -65.57 21.26 85.85
C VAL M 824 -66.08 22.22 84.78
N VAL M 825 -66.05 21.77 83.53
CA VAL M 825 -66.45 22.59 82.39
C VAL M 825 -67.53 21.84 81.62
N LEU M 826 -68.13 22.56 80.67
CA LEU M 826 -69.07 21.93 79.74
C LEU M 826 -69.20 22.83 78.53
N ASP M 827 -68.81 22.33 77.36
CA ASP M 827 -68.86 23.10 76.13
C ASP M 827 -70.13 22.77 75.37
N LEU M 828 -70.70 23.77 74.70
CA LEU M 828 -71.96 23.64 73.99
C LEU M 828 -71.67 23.56 72.50
N GLY M 829 -71.89 22.38 71.91
CA GLY M 829 -71.65 22.18 70.50
C GLY M 829 -70.17 22.08 70.16
N THR M 830 -69.53 21.01 70.62
CA THR M 830 -68.10 20.84 70.39
C THR M 830 -67.81 20.33 68.99
N GLY M 831 -68.60 19.36 68.51
CA GLY M 831 -68.36 18.76 67.23
C GLY M 831 -67.99 17.30 67.35
N PRO M 832 -67.94 16.60 66.20
CA PRO M 832 -67.54 15.19 66.24
C PRO M 832 -66.15 14.97 66.80
N GLU M 833 -65.23 15.94 66.65
CA GLU M 833 -63.91 15.87 67.24
C GLU M 833 -63.85 16.85 68.40
N ALA M 834 -63.68 16.33 69.61
CA ALA M 834 -63.69 17.16 70.81
C ALA M 834 -62.36 17.91 70.91
N LYS M 835 -62.26 18.97 70.10
CA LYS M 835 -61.05 19.77 70.09
C LYS M 835 -60.75 20.37 71.46
N ILE M 836 -61.79 20.64 72.25
CA ILE M 836 -61.59 21.20 73.58
C ILE M 836 -60.79 20.26 74.46
N LEU M 837 -60.82 18.96 74.16
CA LEU M 837 -60.02 18.00 74.93
C LEU M 837 -58.54 18.31 74.84
N GLU M 838 -58.11 18.98 73.77
CA GLU M 838 -56.71 19.36 73.63
C GLU M 838 -56.41 20.75 74.17
N LEU M 839 -57.43 21.51 74.59
CA LEU M 839 -57.20 22.88 75.03
C LEU M 839 -57.02 22.97 76.53
N ILE M 840 -58.03 22.57 77.29
CA ILE M 840 -58.03 22.74 78.73
C ILE M 840 -57.14 21.68 79.39
N PRO M 841 -56.78 21.83 80.66
CA PRO M 841 -55.82 20.90 81.27
C PRO M 841 -56.38 19.49 81.37
N SER M 842 -55.47 18.54 81.55
CA SER M 842 -55.77 17.11 81.56
C SER M 842 -56.23 16.60 82.91
N THR M 843 -56.63 17.48 83.82
CA THR M 843 -57.06 17.07 85.16
C THR M 843 -58.37 17.77 85.53
N SER M 844 -59.34 17.75 84.61
CA SER M 844 -60.61 18.39 84.84
C SER M 844 -61.70 17.72 84.03
N PRO M 845 -62.86 17.45 84.61
CA PRO M 845 -63.95 16.84 83.83
C PRO M 845 -64.48 17.81 82.79
N VAL M 846 -64.78 17.28 81.60
CA VAL M 846 -64.97 18.11 80.41
C VAL M 846 -66.26 17.78 79.69
N THR M 847 -67.30 17.39 80.45
CA THR M 847 -68.57 16.95 79.86
C THR M 847 -69.16 17.94 78.87
N CYS M 848 -69.24 17.54 77.59
CA CYS M 848 -69.62 18.44 76.50
C CYS M 848 -70.82 17.89 75.75
N VAL M 849 -71.53 18.78 75.07
CA VAL M 849 -72.78 18.47 74.39
C VAL M 849 -72.71 18.94 72.95
N ASP M 850 -73.42 18.22 72.06
CA ASP M 850 -73.50 18.57 70.66
C ASP M 850 -74.65 17.79 70.03
N ILE M 851 -75.35 18.41 69.08
CA ILE M 851 -76.49 17.76 68.48
C ILE M 851 -76.07 16.64 67.55
N ARG M 852 -74.86 16.73 67.00
CA ARG M 852 -74.47 15.63 66.13
C ARG M 852 -73.61 14.64 66.90
N PRO M 853 -73.81 13.34 66.69
CA PRO M 853 -73.12 12.34 67.51
C PRO M 853 -71.61 12.41 67.36
N THR M 854 -70.91 12.15 68.45
CA THR M 854 -69.48 12.37 68.52
C THR M 854 -68.73 11.29 67.72
N ALA M 855 -67.41 11.44 67.69
CA ALA M 855 -66.54 10.47 67.04
C ALA M 855 -65.36 10.09 67.92
N GLN M 856 -65.36 10.48 69.19
CA GLN M 856 -64.29 10.17 70.11
C GLN M 856 -64.55 8.83 70.79
N PRO M 857 -63.55 8.28 71.47
CA PRO M 857 -63.75 7.02 72.20
C PRO M 857 -64.75 7.20 73.34
N ASN M 858 -65.06 6.08 73.98
CA ASN M 858 -65.89 6.06 75.17
C ASN M 858 -65.17 5.24 76.23
N GLY M 859 -65.23 5.69 77.47
CA GLY M 859 -64.38 5.09 78.47
C GLY M 859 -62.93 5.45 78.21
N CYS M 860 -62.06 4.82 78.99
CA CYS M 860 -60.60 5.03 78.95
C CYS M 860 -60.24 6.51 78.97
N TRP M 861 -60.60 7.15 80.09
CA TRP M 861 -60.15 8.51 80.39
C TRP M 861 -59.88 8.60 81.88
N ASN M 862 -58.82 9.30 82.25
CA ASN M 862 -58.49 9.43 83.67
C ASN M 862 -59.55 10.25 84.40
N VAL M 863 -59.73 11.49 84.01
CA VAL M 863 -60.82 12.31 84.53
C VAL M 863 -62.04 12.04 83.69
N ARG M 864 -63.22 12.07 84.33
CA ARG M 864 -64.43 11.69 83.63
C ARG M 864 -64.80 12.71 82.56
N THR M 865 -65.03 12.21 81.35
CA THR M 865 -65.53 13.03 80.25
C THR M 865 -66.72 12.33 79.63
N THR M 866 -67.84 13.04 79.53
CA THR M 866 -69.07 12.47 79.02
C THR M 866 -69.54 13.23 77.79
N PHE M 867 -70.11 12.50 76.85
CA PHE M 867 -70.68 13.06 75.64
C PHE M 867 -72.19 12.84 75.65
N LEU M 868 -72.91 13.73 74.99
CA LEU M 868 -74.37 13.60 74.95
C LEU M 868 -74.93 14.58 73.92
N GLU M 869 -75.92 14.11 73.17
CA GLU M 869 -76.53 14.89 72.09
C GLU M 869 -77.98 15.15 72.45
N LEU M 870 -78.28 16.39 72.85
CA LEU M 870 -79.64 16.67 73.30
C LEU M 870 -80.16 18.06 72.90
N ASP M 871 -79.52 18.76 71.97
CA ASP M 871 -79.99 20.07 71.54
C ASP M 871 -80.05 21.05 72.71
N TYR M 872 -78.85 21.42 73.18
CA TYR M 872 -78.69 22.19 74.41
C TYR M 872 -79.57 23.42 74.48
N LEU M 873 -79.97 23.99 73.34
CA LEU M 873 -80.88 25.13 73.34
C LEU M 873 -82.32 24.65 73.53
N SER M 874 -82.57 23.94 74.61
CA SER M 874 -83.90 23.41 74.91
C SER M 874 -84.04 23.31 76.42
N ASP M 875 -85.24 22.90 76.86
CA ASP M 875 -85.58 22.90 78.27
C ASP M 875 -85.51 21.50 78.86
N GLY M 876 -85.08 21.44 80.12
CA GLY M 876 -85.18 20.22 80.91
C GLY M 876 -84.02 19.26 80.81
N TRP M 877 -82.80 19.77 80.72
CA TRP M 877 -81.64 18.89 80.74
C TRP M 877 -80.49 19.37 81.60
N ILE M 878 -80.48 20.62 82.07
CA ILE M 878 -79.32 21.13 82.80
C ILE M 878 -79.38 20.79 84.29
N THR M 879 -80.57 20.53 84.83
CA THR M 879 -80.71 20.35 86.27
C THR M 879 -79.86 19.21 86.80
N GLY M 880 -79.55 18.21 85.97
CA GLY M 880 -78.71 17.13 86.40
C GLY M 880 -77.24 17.33 86.09
N VAL M 881 -76.93 18.17 85.11
CA VAL M 881 -75.56 18.32 84.66
C VAL M 881 -74.80 19.24 85.62
N ARG M 882 -73.49 19.05 85.70
CA ARG M 882 -72.63 19.79 86.60
C ARG M 882 -71.57 20.55 85.83
N GLY M 883 -71.18 21.71 86.35
CA GLY M 883 -70.15 22.51 85.74
C GLY M 883 -69.94 23.85 86.40
N ASP M 884 -68.75 24.44 86.20
CA ASP M 884 -68.43 25.75 86.73
C ASP M 884 -68.36 26.81 85.63
N ILE M 885 -67.67 26.52 84.55
CA ILE M 885 -67.59 27.43 83.40
C ILE M 885 -68.17 26.74 82.19
N VAL M 886 -68.79 27.52 81.32
CA VAL M 886 -69.44 27.01 80.12
C VAL M 886 -68.95 27.82 78.93
N THR M 887 -68.70 27.14 77.81
CA THR M 887 -68.16 27.75 76.61
C THR M 887 -69.03 27.39 75.42
N CYS M 888 -69.38 28.40 74.63
CA CYS M 888 -70.21 28.20 73.43
C CYS M 888 -69.67 29.13 72.34
N MET M 889 -68.81 28.60 71.50
CA MET M 889 -68.13 29.40 70.48
C MET M 889 -68.40 28.82 69.10
N LEU M 890 -68.78 29.69 68.17
CA LEU M 890 -69.05 29.30 66.78
C LEU M 890 -70.24 28.35 66.68
N SER M 891 -71.16 28.41 67.64
CA SER M 891 -72.31 27.51 67.62
C SER M 891 -73.61 28.26 67.83
N LEU M 892 -73.57 29.39 68.52
CA LEU M 892 -74.80 30.09 68.85
C LEU M 892 -75.45 30.68 67.60
N GLY M 893 -74.67 31.32 66.75
CA GLY M 893 -75.22 31.83 65.50
C GLY M 893 -75.73 30.72 64.61
N ALA M 894 -75.03 29.58 64.60
CA ALA M 894 -75.48 28.44 63.81
C ALA M 894 -76.83 27.93 64.31
N ALA M 895 -76.99 27.81 65.62
CA ALA M 895 -78.28 27.36 66.16
C ALA M 895 -79.38 28.38 65.89
N ALA M 896 -79.06 29.68 66.00
CA ALA M 896 -80.06 30.69 65.72
C ALA M 896 -80.51 30.65 64.27
N ALA M 897 -79.57 30.43 63.35
CA ALA M 897 -79.95 30.31 61.94
C ALA M 897 -80.73 29.03 61.70
N GLY M 898 -80.37 27.94 62.40
CA GLY M 898 -81.07 26.69 62.21
C GLY M 898 -82.52 26.76 62.63
N LYS M 899 -82.76 27.31 63.83
CA LYS M 899 -84.13 27.47 64.29
C LYS M 899 -84.84 28.67 63.66
N SER M 900 -84.14 29.44 62.83
CA SER M 900 -84.74 30.55 62.10
C SER M 900 -85.33 31.60 63.04
N MET M 901 -84.55 31.98 64.04
CA MET M 901 -84.95 33.01 64.99
C MET M 901 -83.89 34.10 65.02
N THR M 902 -84.18 35.17 65.74
CA THR M 902 -83.24 36.27 65.87
C THR M 902 -82.16 35.93 66.88
N PHE M 903 -81.01 36.59 66.73
CA PHE M 903 -79.88 36.29 67.60
C PHE M 903 -80.19 36.67 69.04
N ASP M 904 -80.87 37.79 69.25
CA ASP M 904 -81.24 38.20 70.60
C ASP M 904 -82.19 37.18 71.23
N ALA M 905 -83.15 36.67 70.47
CA ALA M 905 -84.07 35.67 71.00
C ALA M 905 -83.34 34.39 71.36
N ALA M 906 -82.43 33.94 70.49
CA ALA M 906 -81.66 32.74 70.79
C ALA M 906 -80.79 32.92 72.03
N PHE M 907 -80.15 34.09 72.13
CA PHE M 907 -79.32 34.38 73.30
C PHE M 907 -80.15 34.40 74.57
N GLN M 908 -81.36 34.97 74.51
CA GLN M 908 -82.21 35.01 75.69
C GLN M 908 -82.66 33.62 76.09
N GLN M 909 -82.99 32.78 75.11
CA GLN M 909 -83.33 31.39 75.43
C GLN M 909 -82.15 30.67 76.08
N LEU M 910 -80.94 30.88 75.55
CA LEU M 910 -79.76 30.26 76.13
C LEU M 910 -79.53 30.72 77.55
N VAL M 911 -79.70 32.01 77.81
CA VAL M 911 -79.43 32.51 79.16
C VAL M 911 -80.51 32.04 80.13
N ARG M 912 -81.77 31.98 79.67
CA ARG M 912 -82.84 31.51 80.55
C ARG M 912 -82.66 30.03 80.88
N VAL M 913 -82.14 29.26 79.93
CA VAL M 913 -81.91 27.85 80.24
C VAL M 913 -80.66 27.68 81.11
N LEU M 914 -79.66 28.54 80.94
CA LEU M 914 -78.47 28.46 81.79
C LEU M 914 -78.73 28.95 83.20
N THR M 915 -79.79 29.74 83.41
CA THR M 915 -80.15 30.14 84.78
C THR M 915 -80.39 28.93 85.66
N ARG M 916 -80.92 27.83 85.10
CA ARG M 916 -81.07 26.61 85.87
C ARG M 916 -79.72 26.01 86.24
N SER M 917 -78.69 26.28 85.45
CA SER M 917 -77.39 25.67 85.65
C SER M 917 -76.76 26.14 86.96
N THR M 918 -75.67 25.48 87.34
CA THR M 918 -74.96 25.79 88.57
C THR M 918 -73.63 26.49 88.31
N ALA M 919 -73.34 26.86 87.07
CA ALA M 919 -72.11 27.55 86.76
C ALA M 919 -72.10 28.94 87.39
N ASN M 920 -70.91 29.54 87.44
CA ASN M 920 -70.76 30.86 88.02
C ASN M 920 -70.08 31.81 87.03
N VAL M 921 -69.15 31.27 86.22
CA VAL M 921 -68.49 32.03 85.18
C VAL M 921 -68.96 31.50 83.84
N LEU M 922 -69.11 32.40 82.87
CA LEU M 922 -69.66 32.06 81.58
C LEU M 922 -68.99 32.90 80.51
N LEU M 923 -68.45 32.23 79.49
CA LEU M 923 -67.84 32.93 78.36
C LEU M 923 -68.28 32.24 77.08
N ILE M 924 -68.89 33.00 76.18
CA ILE M 924 -69.43 32.48 74.93
C ILE M 924 -68.99 33.38 73.79
N GLN M 925 -69.18 32.87 72.57
CA GLN M 925 -68.84 33.63 71.37
C GLN M 925 -70.13 34.29 70.87
N VAL M 926 -70.43 35.44 71.47
CA VAL M 926 -71.58 36.22 71.04
C VAL M 926 -71.28 36.81 69.68
N ASN M 927 -72.31 37.34 69.02
CA ASN M 927 -72.20 37.80 67.63
C ASN M 927 -72.69 39.24 67.58
N CYS M 928 -71.76 40.18 67.67
CA CYS M 928 -72.09 41.59 67.74
C CYS M 928 -70.98 42.43 67.14
N PRO M 929 -71.29 43.44 66.32
CA PRO M 929 -70.26 44.33 65.79
C PRO M 929 -69.87 45.37 66.84
N THR M 930 -68.58 45.41 67.18
CA THR M 930 -68.06 46.35 68.17
C THR M 930 -67.27 47.48 67.52
N ASP M 931 -67.69 47.90 66.33
CA ASP M 931 -66.98 48.96 65.60
C ASP M 931 -67.86 49.32 64.41
N VAL M 932 -67.41 50.29 63.62
CA VAL M 932 -68.14 50.70 62.43
C VAL M 932 -68.18 49.54 61.45
N ILE M 933 -69.39 49.19 61.00
CA ILE M 933 -69.56 48.04 60.11
C ILE M 933 -68.86 48.32 58.79
N ARG M 934 -68.03 47.37 58.36
CA ARG M 934 -67.14 47.57 57.22
C ARG M 934 -67.40 46.62 56.06
N THR M 935 -67.97 45.44 56.29
CA THR M 935 -68.26 44.48 55.23
C THR M 935 -66.98 44.05 54.51
N ILE M 936 -66.13 43.33 55.26
CA ILE M 936 -64.88 42.79 54.75
C ILE M 936 -65.11 42.05 53.44
N LYS M 937 -64.46 42.51 52.38
CA LYS M 937 -64.76 42.00 51.05
C LYS M 937 -64.28 40.55 50.90
N GLY M 938 -65.17 39.70 50.40
CA GLY M 938 -64.82 38.33 50.11
C GLY M 938 -64.91 37.37 51.28
N TYR M 939 -65.06 37.86 52.51
CA TYR M 939 -65.09 36.97 53.66
C TYR M 939 -66.31 37.22 54.54
N LEU M 940 -66.75 38.47 54.64
CA LEU M 940 -67.88 38.81 55.50
C LEU M 940 -68.45 40.15 55.04
N GLU M 941 -69.65 40.14 54.48
CA GLU M 941 -70.34 41.36 54.10
C GLU M 941 -71.62 41.47 54.94
N ILE M 942 -71.70 42.51 55.74
CA ILE M 942 -72.79 42.66 56.70
C ILE M 942 -73.99 43.30 56.02
N ASP M 943 -75.18 42.84 56.36
CA ASP M 943 -76.43 43.36 55.83
C ASP M 943 -77.05 44.28 56.88
N GLN M 944 -77.08 45.57 56.59
CA GLN M 944 -77.65 46.53 57.54
C GLN M 944 -79.14 46.29 57.74
N THR M 945 -79.86 46.03 56.66
CA THR M 945 -81.32 45.94 56.74
C THR M 945 -81.76 44.68 57.47
N ASN M 946 -81.42 43.51 56.94
CA ASN M 946 -81.86 42.25 57.50
C ASN M 946 -80.98 41.74 58.63
N LYS M 947 -79.79 42.33 58.80
CA LYS M 947 -78.87 41.93 59.85
C LYS M 947 -78.47 40.46 59.73
N ARG M 948 -77.79 40.15 58.62
CA ARG M 948 -77.24 38.84 58.36
C ARG M 948 -75.77 39.01 57.98
N TYR M 949 -75.09 37.88 57.76
CA TYR M 949 -73.66 37.91 57.43
C TYR M 949 -73.35 37.35 56.05
N LYS M 950 -73.80 36.14 55.72
CA LYS M 950 -73.53 35.52 54.44
C LYS M 950 -72.03 35.35 54.22
N PHE M 951 -71.44 34.47 55.03
CA PHE M 951 -70.04 34.10 54.86
C PHE M 951 -69.85 33.50 53.47
N PRO M 952 -69.19 34.20 52.55
CA PRO M 952 -69.08 33.69 51.17
C PRO M 952 -68.17 32.49 51.02
N LYS M 953 -67.32 32.19 52.00
CA LYS M 953 -66.45 31.03 51.89
C LYS M 953 -67.11 29.75 52.37
N PHE M 954 -68.29 29.83 52.99
CA PHE M 954 -69.00 28.65 53.45
C PHE M 954 -70.48 28.68 53.08
N GLY M 955 -70.95 29.73 52.44
CA GLY M 955 -72.36 29.82 52.10
C GLY M 955 -73.29 29.85 53.28
N ARG M 956 -72.82 30.27 54.44
CA ARG M 956 -73.62 30.32 55.65
C ARG M 956 -73.99 31.77 55.95
N ASP M 957 -74.94 31.93 56.86
CA ASP M 957 -75.34 33.25 57.33
C ASP M 957 -76.26 33.10 58.52
N GLU M 958 -76.14 34.02 59.47
CA GLU M 958 -76.98 34.01 60.66
C GLU M 958 -77.11 35.44 61.16
N PRO M 959 -78.14 35.72 61.96
CA PRO M 959 -78.36 37.09 62.41
C PRO M 959 -77.36 37.52 63.47
N TYR M 960 -77.46 38.78 63.91
CA TYR M 960 -76.63 39.27 65.00
C TYR M 960 -77.45 40.26 65.82
N SER M 961 -76.82 40.82 66.85
CA SER M 961 -77.46 41.76 67.75
C SER M 961 -76.47 42.86 68.07
N ASP M 962 -76.75 43.63 69.12
CA ASP M 962 -75.88 44.72 69.53
C ASP M 962 -75.61 44.66 71.03
N MET M 963 -74.56 45.39 71.42
CA MET M 963 -73.98 45.25 72.74
C MET M 963 -74.97 45.62 73.84
N ASP M 964 -75.72 46.71 73.65
CA ASP M 964 -76.65 47.13 74.69
C ASP M 964 -77.77 46.13 74.87
N SER M 965 -78.27 45.54 73.78
CA SER M 965 -79.33 44.54 73.90
C SER M 965 -78.81 43.30 74.63
N LEU M 966 -77.63 42.82 74.24
CA LEU M 966 -77.07 41.64 74.90
C LEU M 966 -76.83 41.91 76.38
N GLU M 967 -76.32 43.09 76.71
CA GLU M 967 -76.06 43.42 78.11
C GLU M 967 -77.36 43.55 78.88
N ARG M 968 -78.41 44.08 78.25
CA ARG M 968 -79.70 44.16 78.93
C ARG M 968 -80.26 42.77 79.21
N ILE M 969 -80.13 41.85 78.25
CA ILE M 969 -80.58 40.48 78.49
C ILE M 969 -79.79 39.85 79.63
N CYS M 970 -78.47 40.06 79.65
CA CYS M 970 -77.65 39.48 80.71
C CYS M 970 -78.01 40.08 82.06
N ARG M 971 -78.29 41.38 82.11
CA ARG M 971 -78.68 42.01 83.37
C ARG M 971 -80.02 41.51 83.86
N ALA M 972 -80.99 41.37 82.95
CA ALA M 972 -82.28 40.80 83.32
C ALA M 972 -82.12 39.38 83.83
N ALA M 973 -81.18 38.63 83.27
CA ALA M 973 -80.90 37.30 83.77
C ALA M 973 -80.34 37.36 85.19
N TRP M 974 -79.22 38.05 85.37
CA TRP M 974 -78.59 38.19 86.67
C TRP M 974 -78.36 39.66 86.97
N PRO M 975 -78.71 40.14 88.16
CA PRO M 975 -78.47 41.54 88.50
C PRO M 975 -77.00 41.83 88.82
N ASN M 976 -76.34 40.86 89.45
CA ASN M 976 -74.96 41.03 89.88
C ASN M 976 -73.95 40.51 88.87
N CYS M 977 -74.36 40.31 87.63
CA CYS M 977 -73.44 39.87 86.60
C CYS M 977 -72.41 40.96 86.30
N SER M 978 -71.23 40.54 85.85
CA SER M 978 -70.13 41.45 85.51
C SER M 978 -69.72 41.15 84.07
N ILE M 979 -70.39 41.82 83.12
CA ILE M 979 -70.10 41.58 81.72
C ILE M 979 -68.77 42.22 81.36
N THR M 980 -67.99 41.52 80.53
CA THR M 980 -66.70 42.02 80.08
C THR M 980 -66.44 41.54 78.66
N TRP M 981 -66.00 42.46 77.81
CA TRP M 981 -65.70 42.17 76.42
C TRP M 981 -64.21 41.96 76.29
N VAL M 982 -63.79 40.72 76.06
CA VAL M 982 -62.35 40.44 75.95
C VAL M 982 -61.80 41.11 74.70
N PRO M 983 -60.69 41.84 74.80
CA PRO M 983 -60.13 42.52 73.62
C PRO M 983 -59.22 41.62 72.81
N LEU M 984 -59.21 41.88 71.51
CA LEU M 984 -58.32 41.14 70.62
C LEU M 984 -56.87 41.48 70.93
N SER M 985 -56.01 40.48 70.85
CA SER M 985 -54.62 40.63 71.25
C SER M 985 -53.79 41.04 70.04
N TYR M 986 -53.34 42.30 70.04
CA TYR M 986 -52.42 42.76 68.99
C TYR M 986 -51.02 42.20 69.16
N ASP M 987 -50.72 41.62 70.31
CA ASP M 987 -49.40 41.08 70.63
C ASP M 987 -49.19 39.66 70.11
N LEU M 988 -50.17 39.10 69.40
CA LEU M 988 -50.01 37.79 68.75
C LEU M 988 -49.74 36.68 69.75
N ARG M 989 -50.27 36.80 70.97
CA ARG M 989 -50.05 35.76 71.96
C ARG M 989 -50.71 34.44 71.58
N TRP M 990 -51.74 34.47 70.73
CA TRP M 990 -52.41 33.25 70.28
C TRP M 990 -51.62 32.48 69.24
N THR M 991 -50.51 33.05 68.77
CA THR M 991 -49.73 32.42 67.71
C THR M 991 -49.08 31.13 68.17
N LYS M 992 -48.97 30.92 69.49
CA LYS M 992 -48.42 29.68 70.03
C LYS M 992 -49.16 28.45 69.53
N LEU M 993 -50.49 28.52 69.52
CA LEU M 993 -51.30 27.38 69.08
C LEU M 993 -51.06 27.05 67.62
N ALA M 994 -50.58 28.01 66.83
CA ALA M 994 -50.36 27.79 65.40
C ALA M 994 -48.94 27.32 65.11
N LEU M 995 -47.95 28.01 65.66
CA LEU M 995 -46.56 27.64 65.38
C LEU M 995 -46.16 26.38 66.12
N LEU M 996 -46.64 26.18 67.32
CA LEU M 996 -46.17 24.97 67.97
C LEU M 996 -46.86 23.72 67.47
N GLU M 997 -47.69 23.75 66.44
CA GLU M 997 -48.26 22.53 65.89
C GLU M 997 -48.20 22.54 64.36
N SER M 998 -47.14 23.13 63.81
CA SER M 998 -46.80 23.04 62.39
C SER M 998 -47.92 23.58 61.49
N THR M 999 -48.11 24.90 61.60
CA THR M 999 -49.04 25.61 60.72
C THR M 999 -48.45 26.97 60.34
N THR M 1000 -48.39 27.24 59.05
CA THR M 1000 -47.91 28.52 58.54
C THR M 1000 -49.00 29.57 58.66
N LEU M 1001 -48.60 30.83 58.79
CA LEU M 1001 -49.56 31.87 59.15
C LEU M 1001 -50.02 32.75 57.99
N SER M 1002 -49.15 33.14 57.07
CA SER M 1002 -49.58 33.89 55.89
C SER M 1002 -50.23 35.22 56.27
N SER M 1003 -49.36 36.14 56.71
CA SER M 1003 -49.70 37.42 57.34
C SER M 1003 -50.94 38.14 56.83
N ALA M 1004 -51.19 38.11 55.52
CA ALA M 1004 -52.44 38.66 55.02
C ALA M 1004 -53.64 37.98 55.67
N SER M 1005 -53.55 36.66 55.85
CA SER M 1005 -54.63 35.94 56.50
C SER M 1005 -54.81 36.37 57.95
N VAL M 1006 -53.70 36.58 58.67
CA VAL M 1006 -53.84 36.98 60.07
C VAL M 1006 -54.39 38.39 60.18
N ARG M 1007 -54.04 39.26 59.22
CA ARG M 1007 -54.63 40.60 59.23
C ARG M 1007 -56.13 40.54 58.97
N ILE M 1008 -56.55 39.71 58.02
CA ILE M 1008 -57.98 39.56 57.76
C ILE M 1008 -58.69 39.00 58.99
N ALA M 1009 -58.06 38.06 59.68
CA ALA M 1009 -58.66 37.49 60.88
C ALA M 1009 -58.79 38.53 61.97
N GLU M 1010 -57.78 39.40 62.11
CA GLU M 1010 -57.88 40.47 63.10
C GLU M 1010 -59.01 41.43 62.75
N LEU M 1011 -59.17 41.74 61.46
CA LEU M 1011 -60.28 42.60 61.06
C LEU M 1011 -61.62 41.93 61.35
N MET M 1012 -61.70 40.61 61.14
CA MET M 1012 -62.97 39.91 61.27
C MET M 1012 -63.32 39.58 62.72
N TYR M 1013 -62.34 39.59 63.62
CA TYR M 1013 -62.63 39.30 65.02
C TYR M 1013 -63.52 40.36 65.65
N LYS M 1014 -63.34 41.62 65.25
CA LYS M 1014 -64.05 42.71 65.90
C LYS M 1014 -65.57 42.60 65.73
N TYR M 1015 -66.03 41.90 64.70
CA TYR M 1015 -67.46 41.71 64.49
C TYR M 1015 -67.99 40.46 65.18
N MET M 1016 -67.12 39.56 65.64
CA MET M 1016 -67.52 38.34 66.35
C MET M 1016 -66.71 38.23 67.62
N PRO M 1017 -66.93 39.12 68.59
CA PRO M 1017 -66.21 39.02 69.86
C PRO M 1017 -66.74 37.89 70.72
N ILE M 1018 -66.23 37.77 71.95
CA ILE M 1018 -66.73 36.80 72.89
C ILE M 1018 -66.80 37.47 74.26
N MET M 1019 -68.00 37.55 74.83
CA MET M 1019 -68.17 38.20 76.12
C MET M 1019 -67.99 37.20 77.25
N ARG M 1020 -67.34 37.65 78.32
CA ARG M 1020 -67.22 36.87 79.53
C ARG M 1020 -68.21 37.39 80.57
N ILE M 1021 -68.88 36.48 81.25
CA ILE M 1021 -69.92 36.82 82.20
C ILE M 1021 -69.62 36.11 83.52
N ASP M 1022 -69.55 36.88 84.60
CA ASP M 1022 -69.39 36.35 85.94
C ASP M 1022 -70.72 36.48 86.67
N ILE M 1023 -71.33 35.35 87.00
CA ILE M 1023 -72.64 35.38 87.64
C ILE M 1023 -72.54 36.00 89.02
N HIS M 1024 -71.46 35.75 89.74
CA HIS M 1024 -71.24 36.31 91.07
C HIS M 1024 -70.19 37.41 90.93
N GLY M 1025 -70.65 38.62 90.61
CA GLY M 1025 -69.75 39.73 90.42
C GLY M 1025 -70.09 40.92 91.29
N LEU M 1026 -69.48 42.06 91.01
CA LEU M 1026 -69.72 43.27 91.77
C LEU M 1026 -70.30 44.33 90.85
N PRO M 1027 -71.53 44.79 91.08
CA PRO M 1027 -72.10 45.83 90.21
C PRO M 1027 -71.43 47.17 90.45
N MET M 1028 -71.60 48.06 89.47
CA MET M 1028 -71.03 49.40 89.55
C MET M 1028 -71.85 50.34 88.69
N GLU M 1029 -72.29 51.45 89.29
CA GLU M 1029 -73.06 52.44 88.56
C GLU M 1029 -72.17 53.15 87.54
N LYS M 1030 -72.81 53.93 86.67
CA LYS M 1030 -72.10 54.66 85.64
C LYS M 1030 -72.96 55.83 85.18
N GLN M 1031 -72.42 56.62 84.25
CA GLN M 1031 -73.10 57.76 83.69
C GLN M 1031 -73.65 57.39 82.31
N GLY M 1032 -74.17 58.38 81.59
CA GLY M 1032 -74.80 58.13 80.31
C GLY M 1032 -73.85 58.05 79.14
N ASN M 1033 -72.93 59.01 79.02
CA ASN M 1033 -72.12 59.11 77.80
C ASN M 1033 -70.78 58.39 77.91
N PHE M 1034 -69.94 58.77 78.88
CA PHE M 1034 -68.56 58.29 78.95
C PHE M 1034 -67.82 58.55 77.63
N ILE M 1035 -68.01 59.75 77.10
CA ILE M 1035 -67.35 60.14 75.86
C ILE M 1035 -66.06 60.87 76.20
N VAL M 1036 -65.09 60.78 75.30
CA VAL M 1036 -63.79 61.38 75.55
C VAL M 1036 -63.93 62.90 75.61
N GLY M 1037 -63.03 63.52 76.38
CA GLY M 1037 -63.03 64.96 76.54
C GLY M 1037 -63.95 65.50 77.61
N GLN M 1038 -64.91 64.71 78.07
CA GLN M 1038 -65.86 65.14 79.09
C GLN M 1038 -65.65 64.33 80.36
N ASN M 1039 -66.21 64.84 81.46
CA ASN M 1039 -66.07 64.16 82.74
C ASN M 1039 -66.80 62.82 82.73
N CYS M 1040 -66.29 61.90 83.54
CA CYS M 1040 -66.86 60.55 83.60
C CYS M 1040 -66.72 60.07 85.03
N SER M 1041 -67.83 59.98 85.75
CA SER M 1041 -67.86 59.47 87.11
C SER M 1041 -68.20 57.98 87.11
N LEU M 1042 -67.84 57.31 88.20
CA LEU M 1042 -68.10 55.89 88.33
C LEU M 1042 -68.19 55.55 89.81
N VAL M 1043 -69.18 54.75 90.19
CA VAL M 1043 -69.45 54.41 91.57
C VAL M 1043 -69.28 52.90 91.75
N ILE M 1044 -68.46 52.52 92.72
CA ILE M 1044 -68.22 51.12 93.03
C ILE M 1044 -68.13 50.95 94.55
N PRO M 1045 -69.15 50.41 95.19
CA PRO M 1045 -69.19 50.37 96.66
C PRO M 1045 -68.67 49.08 97.27
N GLY M 1046 -68.13 49.22 98.47
CA GLY M 1046 -67.93 48.08 99.37
C GLY M 1046 -66.66 47.29 99.25
N PHE M 1047 -65.51 47.95 99.09
CA PHE M 1047 -64.22 47.28 99.08
C PHE M 1047 -63.32 47.76 100.21
N ASN M 1048 -63.95 48.14 101.34
CA ASN M 1048 -63.35 48.39 102.65
C ASN M 1048 -61.97 49.06 102.61
N ALA M 1049 -61.95 50.24 101.97
CA ALA M 1049 -60.84 51.18 102.06
C ALA M 1049 -59.53 50.64 101.47
N GLN M 1050 -59.60 49.57 100.69
CA GLN M 1050 -58.45 49.06 99.95
C GLN M 1050 -58.90 48.94 98.50
N ASP M 1051 -58.49 49.90 97.68
CA ASP M 1051 -59.08 50.16 96.38
C ASP M 1051 -58.04 50.11 95.27
N VAL M 1052 -57.26 49.03 95.22
CA VAL M 1052 -56.29 48.90 94.15
C VAL M 1052 -57.03 48.50 92.89
N PHE M 1053 -57.35 49.48 92.05
CA PHE M 1053 -58.04 49.28 90.79
C PHE M 1053 -57.08 49.55 89.64
N ASN M 1054 -57.34 48.94 88.49
CA ASN M 1054 -56.51 49.19 87.31
C ASN M 1054 -57.30 48.83 86.05
N CYS M 1055 -57.82 49.83 85.37
CA CYS M 1055 -58.49 49.61 84.10
C CYS M 1055 -57.46 49.52 82.98
N TYR M 1056 -57.75 48.67 82.00
CA TYR M 1056 -56.82 48.35 80.93
C TYR M 1056 -57.41 48.81 79.60
N PHE M 1057 -56.62 49.56 78.82
CA PHE M 1057 -57.05 50.01 77.51
C PHE M 1057 -57.32 48.80 76.62
N ASN M 1058 -56.27 48.03 76.33
CA ASN M 1058 -56.39 46.72 75.70
C ASN M 1058 -55.80 45.64 76.57
N SER M 1059 -54.49 45.72 76.84
CA SER M 1059 -53.85 44.88 77.85
C SER M 1059 -52.90 45.65 78.75
N ALA M 1060 -52.53 46.88 78.41
CA ALA M 1060 -51.66 47.69 79.24
C ALA M 1060 -52.45 48.33 80.37
N LEU M 1061 -51.75 48.69 81.43
CA LEU M 1061 -52.38 49.28 82.59
C LEU M 1061 -52.63 50.77 82.37
N ALA M 1062 -53.69 51.27 82.99
CA ALA M 1062 -54.01 52.69 82.96
C ALA M 1062 -54.73 53.02 84.25
N PHE M 1063 -54.21 53.98 85.01
CA PHE M 1063 -54.78 54.34 86.30
C PHE M 1063 -54.78 53.15 87.25
N SER M 1064 -53.57 52.75 87.64
CA SER M 1064 -53.42 51.74 88.68
C SER M 1064 -53.89 52.21 90.04
N THR M 1065 -54.21 53.51 90.19
CA THR M 1065 -54.85 54.13 91.36
C THR M 1065 -54.04 54.00 92.65
N GLU M 1066 -52.84 53.41 92.57
CA GLU M 1066 -51.89 53.54 93.66
C GLU M 1066 -51.26 54.92 93.66
N ASP M 1067 -51.26 55.60 92.52
CA ASP M 1067 -50.85 57.00 92.41
C ASP M 1067 -51.46 57.57 91.15
N VAL M 1068 -52.42 58.48 91.30
CA VAL M 1068 -53.12 59.02 90.13
C VAL M 1068 -52.20 59.82 89.22
N ASN M 1069 -51.05 60.28 89.73
CA ASN M 1069 -50.12 61.05 88.92
C ASN M 1069 -49.37 60.20 87.91
N SER M 1070 -49.48 58.88 87.98
CA SER M 1070 -48.80 57.98 87.04
C SER M 1070 -49.75 57.38 86.02
N ALA M 1071 -50.99 57.87 85.95
CA ALA M 1071 -51.94 57.33 85.00
C ALA M 1071 -51.56 57.71 83.57
N MET M 1072 -52.22 57.05 82.62
CA MET M 1072 -52.00 57.29 81.20
C MET M 1072 -53.17 58.01 80.54
N ILE M 1073 -54.08 58.58 81.32
CA ILE M 1073 -55.20 59.33 80.78
C ILE M 1073 -55.01 60.80 81.13
N PRO M 1074 -55.78 61.71 80.52
CA PRO M 1074 -55.56 63.14 80.78
C PRO M 1074 -55.78 63.54 82.22
N GLN M 1075 -56.66 62.85 82.96
CA GLN M 1075 -56.93 63.25 84.33
C GLN M 1075 -57.79 62.17 84.99
N VAL M 1076 -57.58 62.00 86.29
CA VAL M 1076 -58.32 61.00 87.05
C VAL M 1076 -58.14 61.24 88.54
N THR M 1077 -59.19 60.99 89.32
CA THR M 1077 -59.18 61.19 90.76
C THR M 1077 -59.99 60.09 91.43
N ALA M 1078 -59.93 60.04 92.76
CA ALA M 1078 -60.68 59.04 93.51
C ALA M 1078 -60.93 59.54 94.92
N GLN M 1079 -61.99 59.02 95.52
CA GLN M 1079 -62.34 59.32 96.90
C GLN M 1079 -63.05 58.12 97.50
N PHE M 1080 -62.96 57.97 98.82
CA PHE M 1080 -63.50 56.79 99.49
C PHE M 1080 -64.94 56.96 99.96
N ASP M 1081 -65.27 58.10 100.55
CA ASP M 1081 -66.62 58.36 101.06
C ASP M 1081 -67.01 57.32 102.11
N ALA M 1082 -66.29 57.40 103.24
CA ALA M 1082 -66.40 56.40 104.30
C ALA M 1082 -67.83 56.23 104.78
N ASN M 1083 -68.60 57.32 104.82
CA ASN M 1083 -69.99 57.21 105.27
C ASN M 1083 -70.82 56.36 104.31
N LYS M 1084 -70.51 56.39 103.03
CA LYS M 1084 -71.25 55.61 102.05
C LYS M 1084 -70.58 54.27 101.73
N GLY M 1085 -69.26 54.20 101.85
CA GLY M 1085 -68.54 52.99 101.51
C GLY M 1085 -68.47 52.74 100.02
N GLU M 1086 -68.23 53.78 99.23
CA GLU M 1086 -68.15 53.64 97.78
C GLU M 1086 -67.25 54.73 97.21
N TRP M 1087 -66.41 54.34 96.26
CA TRP M 1087 -65.51 55.26 95.58
C TRP M 1087 -66.23 55.96 94.44
N SER M 1088 -65.84 57.21 94.20
CA SER M 1088 -66.38 58.01 93.10
C SER M 1088 -65.22 58.32 92.16
N LEU M 1089 -64.96 57.39 91.24
CA LEU M 1089 -63.87 57.54 90.27
C LEU M 1089 -64.35 58.45 89.14
N ASP M 1090 -63.79 59.65 89.08
CA ASP M 1090 -64.11 60.61 88.02
C ASP M 1090 -62.84 60.91 87.25
N MET M 1091 -62.90 60.76 85.93
CA MET M 1091 -61.73 60.95 85.08
C MET M 1091 -62.19 61.32 83.68
N VAL M 1092 -61.23 61.80 82.88
CA VAL M 1092 -61.47 62.15 81.49
C VAL M 1092 -60.54 61.31 80.62
N PHE M 1093 -61.09 60.74 79.56
CA PHE M 1093 -60.33 59.85 78.69
C PHE M 1093 -59.97 60.55 77.39
N SER M 1094 -59.05 59.94 76.65
CA SER M 1094 -58.58 60.49 75.38
C SER M 1094 -58.66 59.52 74.23
N ASP M 1095 -59.00 58.25 74.45
CA ASP M 1095 -59.07 57.27 73.39
C ASP M 1095 -60.35 56.45 73.53
N ALA M 1096 -61.11 56.36 72.45
CA ALA M 1096 -62.35 55.59 72.46
C ALA M 1096 -62.04 54.10 72.41
N GLY M 1097 -62.84 53.32 73.13
CA GLY M 1097 -62.66 51.88 73.15
C GLY M 1097 -63.37 51.27 74.34
N ILE M 1098 -62.96 50.05 74.66
CA ILE M 1098 -63.52 49.27 75.76
C ILE M 1098 -62.46 49.08 76.83
N TYR M 1099 -62.82 49.31 78.09
CA TYR M 1099 -61.91 49.19 79.21
C TYR M 1099 -62.36 48.05 80.11
N THR M 1100 -61.41 47.47 80.82
CA THR M 1100 -61.66 46.28 81.63
C THR M 1100 -61.98 46.59 83.08
N MET M 1101 -61.21 47.46 83.74
CA MET M 1101 -61.44 47.79 85.13
C MET M 1101 -61.31 46.55 86.01
N GLN M 1102 -60.10 45.99 86.02
CA GLN M 1102 -59.88 44.67 86.60
C GLN M 1102 -60.21 44.62 88.09
N ALA M 1103 -59.99 45.73 88.80
CA ALA M 1103 -60.39 45.86 90.20
C ALA M 1103 -59.70 44.80 91.07
N LEU M 1104 -58.38 44.96 91.19
CA LEU M 1104 -57.59 44.12 92.08
C LEU M 1104 -58.17 44.13 93.49
N VAL M 1105 -58.33 42.93 94.05
CA VAL M 1105 -58.99 42.80 95.34
C VAL M 1105 -58.19 43.49 96.43
N GLY M 1106 -58.90 43.97 97.46
CA GLY M 1106 -58.25 44.54 98.61
C GLY M 1106 -57.67 43.48 99.52
N SER M 1107 -56.69 42.72 99.01
CA SER M 1107 -56.08 41.62 99.73
C SER M 1107 -54.96 41.07 98.85
N ASN M 1108 -54.22 40.11 99.39
CA ASN M 1108 -53.11 39.51 98.67
C ASN M 1108 -53.56 38.51 97.62
N ALA M 1109 -54.84 38.13 97.61
CA ALA M 1109 -55.33 37.19 96.63
C ALA M 1109 -55.38 37.84 95.25
N ASN M 1110 -55.66 37.02 94.23
CA ASN M 1110 -55.75 37.52 92.87
C ASN M 1110 -56.87 38.55 92.73
N PRO M 1111 -56.86 39.33 91.64
CA PRO M 1111 -57.88 40.36 91.48
C PRO M 1111 -59.20 39.78 91.00
N VAL M 1112 -60.28 40.27 91.60
CA VAL M 1112 -61.63 39.93 91.19
C VAL M 1112 -62.09 40.95 90.16
N SER M 1113 -62.50 40.48 88.99
CA SER M 1113 -62.81 41.36 87.88
C SER M 1113 -64.13 42.09 88.11
N LEU M 1114 -64.24 43.26 87.49
CA LEU M 1114 -65.48 44.01 87.39
C LEU M 1114 -65.91 44.08 85.93
N GLY M 1115 -67.03 44.72 85.68
CA GLY M 1115 -67.54 44.87 84.34
C GLY M 1115 -66.62 45.72 83.48
N SER M 1116 -66.94 45.77 82.20
CA SER M 1116 -66.26 46.60 81.23
C SER M 1116 -67.17 47.75 80.81
N PHE M 1117 -66.58 48.76 80.17
CA PHE M 1117 -67.35 49.91 79.73
C PHE M 1117 -66.67 50.52 78.51
N VAL M 1118 -67.48 51.01 77.58
CA VAL M 1118 -67.02 51.57 76.33
C VAL M 1118 -67.14 53.09 76.39
N VAL M 1119 -66.15 53.77 75.82
CA VAL M 1119 -66.16 55.24 75.73
C VAL M 1119 -66.38 55.62 74.29
N ASP M 1120 -67.20 56.64 74.07
CA ASP M 1120 -67.58 57.07 72.73
C ASP M 1120 -66.62 58.15 72.23
N SER M 1121 -66.51 58.24 70.92
CA SER M 1121 -65.66 59.23 70.26
C SER M 1121 -66.14 60.63 70.58
N PRO M 1122 -65.32 61.66 70.30
CA PRO M 1122 -65.73 63.03 70.62
C PRO M 1122 -66.96 63.44 69.82
N ASP M 1123 -67.76 64.32 70.42
CA ASP M 1123 -68.89 64.91 69.73
C ASP M 1123 -68.41 65.87 68.64
N VAL M 1124 -69.31 66.20 67.72
CA VAL M 1124 -68.97 67.09 66.62
C VAL M 1124 -69.82 68.35 66.73
N ASP M 1125 -70.16 68.74 67.95
CA ASP M 1125 -71.01 69.90 68.20
C ASP M 1125 -70.16 71.07 68.66
N ILE M 1126 -70.30 72.20 67.97
CA ILE M 1126 -69.49 73.38 68.23
C ILE M 1126 -70.36 74.63 68.10
N THR M 1127 -70.04 75.64 68.90
CA THR M 1127 -70.79 76.88 68.89
C THR M 1127 -69.86 78.03 69.27
N ASP M 1128 -70.00 79.15 68.57
CA ASP M 1128 -69.18 80.33 68.80
C ASP M 1128 -70.04 81.52 69.22
N ALA M 1129 -69.39 82.51 69.81
CA ALA M 1129 -70.06 83.74 70.21
C ALA M 1129 -69.01 84.78 70.54
N TRP M 1130 -69.41 86.04 70.48
CA TRP M 1130 -68.52 87.15 70.78
C TRP M 1130 -69.29 88.22 71.54
N PRO M 1131 -68.59 89.10 72.25
CA PRO M 1131 -69.26 90.14 73.03
C PRO M 1131 -69.96 91.14 72.12
N ALA M 1132 -70.81 91.95 72.75
CA ALA M 1132 -71.57 92.94 71.99
C ALA M 1132 -70.68 94.01 71.39
N GLN M 1133 -69.57 94.34 72.04
CA GLN M 1133 -68.65 95.37 71.57
C GLN M 1133 -67.38 94.73 71.03
N LEU M 1134 -66.82 95.35 69.99
CA LEU M 1134 -65.58 94.90 69.38
C LEU M 1134 -64.76 96.12 68.98
N ASP M 1135 -63.44 95.95 69.03
CA ASP M 1135 -62.50 97.02 68.70
C ASP M 1135 -61.58 96.58 67.57
N PHE M 1136 -61.07 97.56 66.82
CA PHE M 1136 -60.16 97.31 65.70
C PHE M 1136 -58.81 97.90 66.09
N THR M 1137 -58.01 97.09 66.80
CA THR M 1137 -56.71 97.53 67.29
C THR M 1137 -55.73 96.37 67.14
N ILE M 1138 -54.56 96.52 67.76
CA ILE M 1138 -53.58 95.45 67.76
C ILE M 1138 -54.02 94.33 68.69
N ALA M 1139 -54.76 94.68 69.75
CA ALA M 1139 -55.28 93.65 70.64
C ALA M 1139 -56.49 92.94 70.05
N GLY M 1140 -57.22 93.61 69.16
CA GLY M 1140 -58.38 93.02 68.51
C GLY M 1140 -59.45 92.61 69.50
N THR M 1141 -60.36 91.78 69.01
CA THR M 1141 -61.45 91.24 69.82
C THR M 1141 -61.19 89.76 70.13
N ASP M 1142 -62.08 89.19 70.93
CA ASP M 1142 -62.00 87.79 71.30
C ASP M 1142 -63.39 87.19 71.39
N VAL M 1143 -63.53 85.96 70.92
CA VAL M 1143 -64.80 85.27 70.92
C VAL M 1143 -64.70 84.07 71.87
N ASP M 1144 -65.86 83.58 72.31
CA ASP M 1144 -65.92 82.38 73.13
C ASP M 1144 -66.59 81.26 72.33
N ILE M 1145 -66.15 80.03 72.59
CA ILE M 1145 -66.57 78.88 71.79
C ILE M 1145 -66.81 77.70 72.73
N THR M 1146 -67.81 76.90 72.41
CA THR M 1146 -68.13 75.68 73.14
C THR M 1146 -67.82 74.49 72.24
N VAL M 1147 -66.82 73.70 72.65
CA VAL M 1147 -66.38 72.55 71.85
C VAL M 1147 -65.56 71.65 72.75
N ASN M 1148 -65.52 70.37 72.40
CA ASN M 1148 -64.72 69.42 73.15
C ASN M 1148 -63.24 69.78 73.05
N PRO M 1149 -62.51 69.85 74.16
CA PRO M 1149 -61.09 70.23 74.11
C PRO M 1149 -60.19 69.23 73.38
N TYR M 1150 -60.72 68.16 72.82
CA TYR M 1150 -59.89 67.18 72.13
C TYR M 1150 -59.33 67.69 70.81
N TYR M 1151 -59.87 68.79 70.28
CA TYR M 1151 -59.55 69.25 68.94
C TYR M 1151 -58.43 70.29 68.97
N ARG M 1152 -58.11 70.83 67.79
CA ARG M 1152 -57.05 71.83 67.65
C ARG M 1152 -57.52 73.11 66.96
N LEU M 1153 -58.41 73.00 65.97
CA LEU M 1153 -59.18 74.13 65.45
C LEU M 1153 -58.28 75.21 64.85
N MET M 1154 -57.63 74.87 63.74
CA MET M 1154 -56.95 75.90 62.97
C MET M 1154 -57.95 76.63 62.07
N ALA M 1155 -57.47 77.69 61.42
CA ALA M 1155 -58.36 78.60 60.71
C ALA M 1155 -58.75 78.10 59.32
N PHE M 1156 -57.76 77.98 58.43
CA PHE M 1156 -57.97 77.49 57.07
C PHE M 1156 -58.98 78.34 56.30
N VAL M 1157 -58.61 79.61 56.09
CA VAL M 1157 -59.41 80.54 55.32
C VAL M 1157 -59.19 80.22 53.84
N LYS M 1158 -60.15 79.53 53.23
CA LYS M 1158 -59.95 79.09 51.85
C LYS M 1158 -60.19 80.24 50.87
N ILE M 1159 -59.59 80.11 49.70
CA ILE M 1159 -59.83 81.04 48.60
C ILE M 1159 -60.18 80.34 47.30
N ASP M 1160 -59.80 79.07 47.12
CA ASP M 1160 -60.01 78.31 45.90
C ASP M 1160 -60.14 76.84 46.29
N GLY M 1161 -59.88 75.95 45.33
CA GLY M 1161 -59.75 74.54 45.67
C GLY M 1161 -58.76 74.29 46.80
N GLN M 1162 -57.69 75.08 46.86
CA GLN M 1162 -56.79 75.04 48.01
C GLN M 1162 -57.46 75.68 49.23
N TRP M 1163 -56.85 75.47 50.39
CA TRP M 1163 -57.43 75.94 51.64
C TRP M 1163 -56.70 77.11 52.26
N GLN M 1164 -55.36 77.12 52.26
CA GLN M 1164 -54.59 78.29 52.65
C GLN M 1164 -54.91 78.72 54.08
N ILE M 1165 -54.49 77.87 55.02
CA ILE M 1165 -54.68 78.13 56.45
C ILE M 1165 -54.23 79.55 56.80
N ALA M 1166 -52.94 79.84 56.58
CA ALA M 1166 -52.41 81.19 56.36
C ALA M 1166 -52.88 82.22 57.38
N ASN M 1167 -53.00 81.83 58.65
CA ASN M 1167 -53.39 82.75 59.72
C ASN M 1167 -52.54 82.51 60.95
N PRO M 1168 -51.25 82.89 60.90
CA PRO M 1168 -50.41 82.71 62.08
C PRO M 1168 -50.76 83.65 63.22
N ASP M 1169 -51.03 84.92 62.91
CA ASP M 1169 -51.28 85.94 63.92
C ASP M 1169 -52.69 86.49 63.88
N LYS M 1170 -53.52 86.07 62.93
CA LYS M 1170 -54.88 86.57 62.87
C LYS M 1170 -55.76 85.89 63.92
N PHE M 1171 -55.63 84.58 64.07
CA PHE M 1171 -56.33 83.83 65.09
C PHE M 1171 -55.33 83.28 66.09
N GLN M 1172 -55.77 83.10 67.34
CA GLN M 1172 -54.85 82.66 68.38
C GLN M 1172 -55.66 82.20 69.58
N PHE M 1173 -55.35 81.00 70.07
CA PHE M 1173 -56.09 80.36 71.15
C PHE M 1173 -55.19 80.22 72.38
N PHE M 1174 -55.79 80.23 73.56
CA PHE M 1174 -55.03 80.11 74.80
C PHE M 1174 -54.94 78.67 75.30
N SER M 1175 -56.07 78.05 75.62
CA SER M 1175 -56.05 76.70 76.19
C SER M 1175 -57.41 76.05 75.96
N SER M 1176 -57.46 75.06 75.07
CA SER M 1176 -58.72 74.50 74.62
C SER M 1176 -59.51 73.81 75.74
N ASN M 1177 -58.89 73.54 76.89
CA ASN M 1177 -59.61 72.89 77.97
C ASN M 1177 -60.75 73.77 78.49
N THR M 1178 -60.50 75.07 78.63
CA THR M 1178 -61.53 76.01 79.03
C THR M 1178 -62.13 76.69 77.78
N GLY M 1179 -63.00 77.67 78.02
CA GLY M 1179 -63.52 78.45 76.91
C GLY M 1179 -62.44 79.19 76.14
N THR M 1180 -61.35 79.55 76.83
CA THR M 1180 -60.06 80.01 76.32
C THR M 1180 -60.12 81.28 75.47
N LEU M 1181 -61.29 81.90 75.34
CA LEU M 1181 -61.51 83.10 74.51
C LEU M 1181 -60.85 82.95 73.13
N VAL M 1182 -61.38 81.98 72.38
CA VAL M 1182 -60.81 81.66 71.08
C VAL M 1182 -60.87 82.85 70.14
N MET M 1183 -60.05 82.80 69.10
CA MET M 1183 -60.15 83.66 67.93
C MET M 1183 -60.02 85.14 68.32
N ASN M 1184 -58.81 85.47 68.77
CA ASN M 1184 -58.44 86.87 68.97
C ASN M 1184 -58.20 87.51 67.61
N VAL M 1185 -59.28 87.71 66.85
CA VAL M 1185 -59.17 88.12 65.45
C VAL M 1185 -58.88 89.62 65.36
N LYS M 1186 -58.09 89.99 64.37
CA LYS M 1186 -57.77 91.39 64.07
C LYS M 1186 -58.54 91.74 62.80
N LEU M 1187 -59.67 92.41 62.97
CA LEU M 1187 -60.59 92.60 61.86
C LEU M 1187 -60.06 93.60 60.85
N ASP M 1188 -60.47 93.43 59.59
CA ASP M 1188 -60.13 94.33 58.50
C ASP M 1188 -61.09 94.06 57.35
N ILE M 1189 -61.13 94.99 56.40
CA ILE M 1189 -62.13 94.99 55.33
C ILE M 1189 -62.19 93.67 54.59
N ALA M 1190 -61.05 92.98 54.46
CA ALA M 1190 -61.00 91.74 53.70
C ALA M 1190 -61.95 90.69 54.25
N ASP M 1191 -62.24 90.72 55.57
CA ASP M 1191 -63.14 89.72 56.13
C ASP M 1191 -64.53 89.80 55.49
N ARG M 1192 -64.94 90.99 55.07
CA ARG M 1192 -66.24 91.15 54.42
C ARG M 1192 -66.34 90.30 53.16
N TYR M 1193 -65.21 89.96 52.54
CA TYR M 1193 -65.18 89.11 51.37
C TYR M 1193 -64.60 87.74 51.63
N LEU M 1194 -64.30 87.41 52.89
CA LEU M 1194 -63.60 86.18 53.22
C LEU M 1194 -64.42 85.35 54.19
N LEU M 1195 -64.73 84.11 53.81
CA LEU M 1195 -65.35 83.14 54.69
C LEU M 1195 -64.29 82.15 55.15
N TYR M 1196 -64.35 81.77 56.42
CA TYR M 1196 -63.19 81.19 57.09
C TYR M 1196 -63.23 79.67 57.19
N TYR M 1197 -64.37 79.07 57.55
CA TYR M 1197 -64.49 77.62 57.64
C TYR M 1197 -63.51 77.05 58.67
N ILE M 1198 -63.77 77.37 59.95
CA ILE M 1198 -62.98 76.84 61.05
C ILE M 1198 -62.96 75.32 60.98
N ARG M 1199 -61.76 74.74 60.97
CA ARG M 1199 -61.57 73.33 60.70
C ARG M 1199 -60.83 72.65 61.85
N ASP M 1200 -60.88 71.32 61.84
CA ASP M 1200 -60.18 70.49 62.82
C ASP M 1200 -58.85 70.02 62.24
N VAL M 1201 -57.88 69.79 63.11
CA VAL M 1201 -56.54 69.39 62.71
C VAL M 1201 -56.20 68.07 63.39
N GLN M 1202 -55.79 67.08 62.60
CA GLN M 1202 -55.29 65.81 63.09
C GLN M 1202 -53.93 65.53 62.48
N SER M 1203 -53.39 64.34 62.77
CA SER M 1203 -52.10 63.96 62.21
C SER M 1203 -52.24 63.53 60.76
N ARG M 1204 -53.07 62.51 60.51
CA ARG M 1204 -53.25 62.02 59.15
C ARG M 1204 -54.08 62.97 58.32
N ASP M 1205 -55.23 63.39 58.84
CA ASP M 1205 -56.20 64.18 58.10
C ASP M 1205 -56.43 65.50 58.82
N VAL M 1206 -57.00 66.46 58.10
CA VAL M 1206 -57.33 67.78 58.64
C VAL M 1206 -58.76 68.11 58.29
N GLY M 1207 -59.49 68.66 59.26
CA GLY M 1207 -60.87 69.05 59.06
C GLY M 1207 -61.76 67.90 58.65
N PHE M 1208 -61.75 66.83 59.43
CA PHE M 1208 -62.56 65.65 59.14
C PHE M 1208 -63.77 65.50 60.05
N TYR M 1209 -63.67 65.94 61.30
CA TYR M 1209 -64.80 65.84 62.23
C TYR M 1209 -65.70 67.07 62.16
N ILE M 1210 -65.14 68.25 62.42
CA ILE M 1210 -65.90 69.49 62.45
C ILE M 1210 -65.29 70.47 61.45
N GLN M 1211 -66.13 71.04 60.60
CA GLN M 1211 -65.68 72.01 59.60
C GLN M 1211 -66.87 72.89 59.24
N HIS M 1212 -66.91 74.10 59.78
CA HIS M 1212 -67.97 75.03 59.50
C HIS M 1212 -67.40 76.44 59.38
N PRO M 1213 -68.03 77.28 58.57
CA PRO M 1213 -67.53 78.65 58.41
C PRO M 1213 -68.00 79.58 59.51
N LEU M 1214 -67.23 80.65 59.70
CA LEU M 1214 -67.63 81.74 60.60
C LEU M 1214 -68.63 82.61 59.85
N GLN M 1215 -69.89 82.17 59.91
CA GLN M 1215 -70.92 82.73 59.03
C GLN M 1215 -71.16 84.21 59.33
N LEU M 1216 -71.32 84.56 60.61
CA LEU M 1216 -71.59 85.94 60.95
C LEU M 1216 -70.33 86.78 61.09
N LEU M 1217 -69.15 86.14 61.11
CA LEU M 1217 -67.92 86.88 60.90
C LEU M 1217 -67.62 87.10 59.43
N ASN M 1218 -68.38 86.47 58.54
CA ASN M 1218 -68.31 86.82 57.12
C ASN M 1218 -68.67 88.29 56.91
N THR M 1219 -69.63 88.81 57.67
CA THR M 1219 -70.12 90.17 57.53
C THR M 1219 -70.16 90.83 58.89
N ILE M 1220 -69.52 91.99 59.01
CA ILE M 1220 -69.52 92.78 60.24
C ILE M 1220 -69.76 94.24 59.89
N THR M 1221 -70.54 94.92 60.73
CA THR M 1221 -70.76 96.35 60.57
C THR M 1221 -69.49 97.09 60.96
N LEU M 1222 -68.75 97.59 59.96
CA LEU M 1222 -67.48 98.23 60.20
C LEU M 1222 -67.69 99.68 60.61
N PRO M 1223 -67.24 100.11 61.79
CA PRO M 1223 -67.39 101.52 62.16
C PRO M 1223 -66.48 102.42 61.35
N THR M 1224 -67.07 103.25 60.48
CA THR M 1224 -66.28 104.14 59.65
C THR M 1224 -65.59 105.24 60.47
N ASN M 1225 -66.07 105.50 61.69
CA ASN M 1225 -65.44 106.54 62.51
C ASN M 1225 -64.06 106.11 62.96
N GLU M 1226 -63.91 104.84 63.34
CA GLU M 1226 -62.63 104.34 63.84
C GLU M 1226 -61.83 103.73 62.70
N ASP M 1227 -60.51 103.95 62.73
CA ASP M 1227 -59.63 103.40 61.72
C ASP M 1227 -59.65 101.87 61.77
N LEU M 1228 -59.19 101.26 60.68
CA LEU M 1228 -59.16 99.81 60.57
C LEU M 1228 -58.04 99.41 59.62
N PHE M 1229 -57.86 98.10 59.47
CA PHE M 1229 -56.77 97.55 58.67
C PHE M 1229 -57.23 97.31 57.23
N LEU M 1230 -56.29 97.43 56.30
CA LEU M 1230 -56.59 97.45 54.88
C LEU M 1230 -55.81 96.37 54.13
N SER M 1231 -55.85 95.15 54.64
CA SER M 1231 -55.25 94.04 53.91
C SER M 1231 -56.04 93.77 52.64
N ALA M 1232 -55.42 93.04 51.71
CA ALA M 1232 -56.11 92.80 50.46
C ALA M 1232 -56.72 91.40 50.43
N PRO M 1233 -57.89 91.25 49.83
CA PRO M 1233 -58.51 89.91 49.74
C PRO M 1233 -57.76 88.97 48.81
N ASP M 1234 -57.46 89.43 47.60
CA ASP M 1234 -56.86 88.57 46.58
C ASP M 1234 -55.90 89.41 45.75
N MET M 1235 -55.11 88.74 44.92
CA MET M 1235 -54.16 89.44 44.06
C MET M 1235 -54.83 90.12 42.87
N ARG M 1236 -56.10 89.87 42.62
CA ARG M 1236 -56.71 90.27 41.35
C ARG M 1236 -57.17 91.72 41.34
N GLU M 1237 -56.29 92.64 41.74
CA GLU M 1237 -56.45 94.08 41.50
C GLU M 1237 -57.75 94.61 42.12
N TRP M 1238 -57.82 94.55 43.45
CA TRP M 1238 -58.96 95.09 44.17
C TRP M 1238 -58.79 96.59 44.36
N ALA M 1239 -59.84 97.35 44.04
CA ALA M 1239 -59.80 98.81 44.10
C ALA M 1239 -60.42 99.29 45.41
N VAL M 1240 -59.75 100.24 46.05
CA VAL M 1240 -60.19 100.79 47.32
C VAL M 1240 -61.10 101.98 47.07
N LYS M 1241 -62.18 102.08 47.87
CA LYS M 1241 -63.11 103.20 47.80
C LYS M 1241 -63.36 103.72 49.21
N GLU M 1242 -63.23 105.03 49.39
CA GLU M 1242 -63.51 105.64 50.69
C GLU M 1242 -65.00 105.88 50.85
N SER M 1243 -65.58 106.71 49.98
CA SER M 1243 -67.01 107.01 50.03
C SER M 1243 -67.61 107.08 48.62
N GLY M 1244 -67.03 106.36 47.67
CA GLY M 1244 -67.48 106.38 46.29
C GLY M 1244 -66.57 107.10 45.33
N ASN M 1245 -65.49 107.71 45.82
CA ASN M 1245 -64.56 108.44 44.96
C ASN M 1245 -63.61 107.52 44.19
N THR M 1246 -63.67 106.20 44.42
CA THR M 1246 -62.86 105.21 43.71
C THR M 1246 -61.36 105.51 43.86
N ILE M 1247 -60.91 105.37 45.11
CA ILE M 1247 -59.49 105.54 45.40
C ILE M 1247 -58.68 104.52 44.59
N CYS M 1248 -57.39 104.84 44.39
CA CYS M 1248 -56.48 104.02 43.60
C CYS M 1248 -56.52 102.55 44.00
N ILE M 1249 -56.46 101.67 43.00
CA ILE M 1249 -56.63 100.24 43.23
C ILE M 1249 -55.48 99.72 44.08
N LEU M 1250 -55.81 98.81 45.01
CA LEU M 1250 -54.82 98.31 45.95
C LEU M 1250 -53.83 97.38 45.26
N ASN M 1251 -54.33 96.42 44.47
CA ASN M 1251 -53.50 95.47 43.75
C ASN M 1251 -53.25 95.88 42.30
N SER M 1252 -53.21 97.19 42.05
CA SER M 1252 -52.92 97.66 40.71
C SER M 1252 -51.43 97.49 40.40
N PRO M 1253 -51.07 97.12 39.16
CA PRO M 1253 -49.66 96.96 38.83
C PRO M 1253 -48.94 98.31 38.89
N GLY M 1254 -47.78 98.31 39.54
CA GLY M 1254 -47.06 99.55 39.76
C GLY M 1254 -47.82 100.49 40.67
N PHE M 1255 -47.98 100.09 41.93
CA PHE M 1255 -48.79 100.83 42.89
C PHE M 1255 -47.91 101.68 43.79
N ILE M 1256 -48.42 102.87 44.13
CA ILE M 1256 -47.78 103.77 45.08
C ILE M 1256 -48.70 103.90 46.28
N PRO M 1257 -48.24 103.61 47.50
CA PRO M 1257 -49.11 103.69 48.67
C PRO M 1257 -49.34 105.14 49.07
N PRO M 1258 -50.58 105.51 49.38
CA PRO M 1258 -50.84 106.88 49.85
C PRO M 1258 -50.12 107.17 51.15
N GLN M 1259 -49.80 108.44 51.35
CA GLN M 1259 -49.06 108.83 52.56
C GLN M 1259 -49.87 108.61 53.82
N ASP M 1260 -51.20 108.74 53.75
CA ASP M 1260 -52.03 108.54 54.92
C ASP M 1260 -52.00 107.08 55.36
N TRP M 1261 -52.08 106.15 54.42
CA TRP M 1261 -52.12 104.73 54.76
C TRP M 1261 -50.78 104.30 55.32
N ASP M 1262 -50.80 103.72 56.52
CA ASP M 1262 -49.59 103.23 57.18
C ASP M 1262 -49.51 101.71 57.04
N VAL M 1263 -48.30 101.21 56.87
CA VAL M 1263 -48.07 99.78 56.73
C VAL M 1263 -47.73 99.20 58.09
N LEU M 1264 -48.41 98.13 58.46
CA LEU M 1264 -48.15 97.47 59.74
C LEU M 1264 -46.83 96.69 59.66
N THR M 1265 -46.19 96.54 60.82
CA THR M 1265 -44.92 95.82 60.87
C THR M 1265 -45.07 94.38 60.41
N ASP M 1266 -46.15 93.72 60.86
CA ASP M 1266 -46.45 92.34 60.46
C ASP M 1266 -47.79 92.34 59.74
N THR M 1267 -47.75 92.11 58.43
CA THR M 1267 -48.99 92.09 57.65
C THR M 1267 -49.91 90.98 58.12
N ILE M 1268 -51.14 91.34 58.43
CA ILE M 1268 -52.13 90.39 58.94
C ILE M 1268 -53.00 89.98 57.75
N SER M 1269 -52.58 88.92 57.07
CA SER M 1269 -53.29 88.45 55.89
C SER M 1269 -52.86 87.03 55.60
N TRP M 1270 -53.70 86.31 54.85
CA TRP M 1270 -53.37 84.92 54.53
C TRP M 1270 -52.16 84.85 53.61
N SER M 1271 -52.04 85.79 52.69
CA SER M 1271 -50.85 85.78 51.83
C SER M 1271 -49.75 86.63 52.45
N PRO M 1272 -48.55 86.09 52.64
CA PRO M 1272 -47.45 86.91 53.18
C PRO M 1272 -47.08 88.08 52.30
N SER M 1273 -47.36 88.01 51.00
CA SER M 1273 -47.02 89.11 50.10
C SER M 1273 -47.85 90.35 50.41
N LEU M 1274 -49.12 90.17 50.75
CA LEU M 1274 -50.01 91.30 50.97
C LEU M 1274 -49.65 92.04 52.24
N PRO M 1275 -49.32 93.33 52.17
CA PRO M 1275 -49.08 94.11 53.38
C PRO M 1275 -50.39 94.56 54.01
N THR M 1276 -50.28 95.23 55.16
CA THR M 1276 -51.43 95.73 55.90
C THR M 1276 -51.39 97.24 55.98
N TYR M 1277 -52.55 97.86 55.81
CA TYR M 1277 -52.67 99.32 55.83
C TYR M 1277 -53.67 99.74 56.90
N VAL M 1278 -53.74 101.06 57.09
CA VAL M 1278 -54.70 101.67 58.02
C VAL M 1278 -55.50 102.71 57.24
N VAL M 1279 -56.79 102.78 57.54
CA VAL M 1279 -57.71 103.67 56.82
C VAL M 1279 -58.71 104.29 57.80
N PRO M 1280 -58.35 105.37 58.49
CA PRO M 1280 -59.25 105.94 59.51
C PRO M 1280 -60.52 106.53 58.92
N PRO M 1281 -60.45 107.40 57.88
CA PRO M 1281 -61.70 108.00 57.39
C PRO M 1281 -62.45 107.11 56.42
N GLY M 1282 -63.62 106.61 56.83
CA GLY M 1282 -64.46 105.80 55.97
C GLY M 1282 -63.76 104.58 55.40
N ASP M 1283 -63.52 104.61 54.09
CA ASP M 1283 -62.77 103.56 53.39
C ASP M 1283 -63.47 102.21 53.53
N TYR M 1284 -64.68 102.14 52.97
CA TYR M 1284 -65.50 100.95 53.01
C TYR M 1284 -65.96 100.59 51.61
N THR M 1285 -66.56 99.40 51.48
CA THR M 1285 -67.04 98.89 50.21
C THR M 1285 -65.90 98.78 49.20
N LEU M 1286 -64.96 97.90 49.50
CA LEU M 1286 -63.85 97.62 48.60
C LEU M 1286 -64.39 97.03 47.30
N THR M 1287 -64.30 97.79 46.22
CA THR M 1287 -64.95 97.38 44.99
C THR M 1287 -64.16 96.26 44.31
N PRO M 1288 -64.85 95.29 43.70
CA PRO M 1288 -64.14 94.22 42.99
C PRO M 1288 -63.57 94.72 41.68
N LEU M 1289 -62.80 93.85 41.03
CA LEU M 1289 -62.21 94.15 39.74
C LEU M 1289 -61.53 92.92 39.16
CA ALA N 2 -3.17 38.98 62.68
C ALA N 2 -3.01 38.03 61.50
N ASN N 3 -1.79 37.56 61.27
CA ASN N 3 -1.53 36.66 60.16
C ASN N 3 -0.38 35.72 60.51
N VAL N 4 -0.45 34.52 59.95
CA VAL N 4 0.60 33.52 60.19
C VAL N 4 1.63 33.60 59.07
N TRP N 5 1.22 33.35 57.84
CA TRP N 5 2.07 33.58 56.67
C TRP N 5 1.21 34.21 55.58
N GLY N 6 -0.08 33.89 55.61
CA GLY N 6 -1.06 34.58 54.79
C GLY N 6 -2.17 35.08 55.70
N VAL N 7 -2.61 36.32 55.47
CA VAL N 7 -3.43 37.04 56.44
C VAL N 7 -4.74 36.33 56.67
N ARG N 8 -5.11 36.17 57.94
CA ARG N 8 -6.38 35.62 58.34
C ARG N 8 -7.24 36.71 58.96
N LEU N 9 -8.54 36.54 58.87
CA LEU N 9 -9.48 37.49 59.44
C LEU N 9 -9.23 37.67 60.93
N ALA N 10 -8.86 38.88 61.31
CA ALA N 10 -8.78 39.25 62.70
C ALA N 10 -10.08 39.91 63.13
N ASP N 11 -10.10 40.39 64.38
CA ASP N 11 -11.19 41.23 64.88
C ASP N 11 -12.47 40.45 65.15
N SER N 12 -12.52 39.16 64.82
CA SER N 12 -13.72 38.40 65.11
C SER N 12 -13.40 36.92 64.99
N LEU N 13 -14.32 36.10 65.47
CA LEU N 13 -14.04 34.70 65.71
C LEU N 13 -15.34 33.95 65.95
N SER N 14 -15.60 32.88 65.21
CA SER N 14 -16.88 32.19 65.32
C SER N 14 -16.68 30.69 65.10
N SER N 15 -17.75 29.94 65.30
CA SER N 15 -17.74 28.49 65.14
C SER N 15 -19.15 27.98 65.31
N PRO N 16 -19.44 26.76 64.82
CA PRO N 16 -20.78 26.20 64.96
C PRO N 16 -21.14 25.98 66.42
N THR N 17 -22.42 25.69 66.66
CA THR N 17 -22.91 25.55 68.02
C THR N 17 -23.70 24.27 68.24
N ILE N 18 -24.38 23.76 67.21
CA ILE N 18 -25.25 22.61 67.34
C ILE N 18 -24.74 21.49 66.45
N GLU N 19 -24.82 20.26 66.94
CA GLU N 19 -24.35 19.09 66.21
C GLU N 19 -25.46 18.05 66.19
N THR N 20 -25.73 17.49 65.01
CA THR N 20 -26.78 16.51 64.88
C THR N 20 -26.36 15.18 65.49
N ARG N 21 -27.34 14.45 66.00
CA ARG N 21 -27.08 13.15 66.62
C ARG N 21 -26.94 12.07 65.56
N THR N 22 -26.06 11.11 65.83
CA THR N 22 -25.76 10.08 64.87
C THR N 22 -26.97 9.20 64.58
N ARG N 23 -26.97 8.59 63.41
CA ARG N 23 -28.05 7.73 62.96
C ARG N 23 -27.46 6.39 62.54
N HIS N 24 -27.89 5.31 63.18
CA HIS N 24 -27.40 4.00 62.81
C HIS N 24 -27.88 3.61 61.42
N TYR N 25 -27.13 2.72 60.79
CA TYR N 25 -27.32 2.36 59.39
C TYR N 25 -27.93 0.96 59.34
N THR N 26 -29.14 0.87 58.78
CA THR N 26 -29.92 -0.36 58.81
C THR N 26 -30.05 -0.93 57.41
N LEU N 27 -30.55 -2.17 57.35
CA LEU N 27 -30.65 -2.87 56.08
C LEU N 27 -31.60 -2.17 55.12
N HIS N 28 -32.68 -1.59 55.65
CA HIS N 28 -33.59 -0.83 54.80
C HIS N 28 -32.87 0.36 54.18
N ASP N 29 -32.06 1.06 54.96
CA ASP N 29 -31.27 2.17 54.43
C ASP N 29 -30.30 1.68 53.38
N PHE N 30 -29.67 0.53 53.62
CA PHE N 30 -28.72 -0.03 52.66
C PHE N 30 -29.41 -0.30 51.34
N TYR N 31 -30.58 -0.93 51.39
CA TYR N 31 -31.32 -1.24 50.16
C TYR N 31 -31.77 0.02 49.46
N SER N 32 -32.24 1.02 50.21
CA SER N 32 -32.72 2.25 49.58
C SER N 32 -31.57 3.01 48.93
N ASP N 33 -30.38 3.01 49.54
CA ASP N 33 -29.22 3.61 48.91
C ASP N 33 -28.76 2.80 47.71
N LEU N 34 -28.95 1.48 47.75
CA LEU N 34 -28.45 0.64 46.69
C LEU N 34 -29.33 0.71 45.44
N ASP N 35 -30.62 0.91 45.61
CA ASP N 35 -31.50 1.15 44.46
C ASP N 35 -31.66 2.65 44.26
N ALA N 36 -30.60 3.25 43.72
CA ALA N 36 -30.47 4.70 43.60
C ALA N 36 -31.64 5.30 42.83
N SER N 37 -32.46 6.08 43.51
CA SER N 37 -33.62 6.71 42.90
C SER N 37 -33.22 8.05 42.29
N VAL N 38 -34.19 8.73 41.70
CA VAL N 38 -33.88 9.98 41.01
C VAL N 38 -33.55 11.09 41.99
N GLY N 39 -34.14 11.06 43.19
CA GLY N 39 -33.92 12.14 44.13
C GLY N 39 -32.65 12.02 44.93
N LYS N 40 -32.22 10.79 45.23
CA LYS N 40 -31.09 10.60 46.15
C LYS N 40 -30.22 9.45 45.65
N GLU N 41 -29.20 9.79 44.87
CA GLU N 41 -28.19 8.83 44.47
C GLU N 41 -27.04 8.84 45.46
N PRO N 42 -26.25 7.76 45.50
CA PRO N 42 -25.08 7.73 46.38
C PRO N 42 -23.89 8.54 45.88
N TRP N 43 -24.03 9.31 44.81
CA TRP N 43 -22.95 10.12 44.27
C TRP N 43 -23.44 11.55 44.07
N ARG N 44 -22.54 12.40 43.60
CA ARG N 44 -22.86 13.79 43.31
C ARG N 44 -21.86 14.36 42.33
N PRO N 45 -22.31 14.88 41.19
CA PRO N 45 -21.36 15.28 40.15
C PRO N 45 -20.65 16.59 40.48
N LEU N 46 -19.35 16.61 40.25
CA LEU N 46 -18.53 17.81 40.31
C LEU N 46 -18.21 18.24 38.89
N ARG N 47 -18.28 19.54 38.63
CA ARG N 47 -18.11 20.03 37.28
C ARG N 47 -17.16 21.21 37.24
N ASN N 48 -16.53 21.39 36.08
CA ASN N 48 -15.54 22.44 35.90
C ASN N 48 -16.18 23.81 36.01
N GLN N 49 -15.40 24.78 36.48
CA GLN N 49 -15.91 26.11 36.77
C GLN N 49 -15.86 27.05 35.56
N ARG N 50 -15.27 26.64 34.46
CA ARG N 50 -15.23 27.47 33.25
C ARG N 50 -16.09 26.88 32.14
N THR N 51 -15.84 25.63 31.76
CA THR N 51 -16.66 24.98 30.74
C THR N 51 -18.00 24.51 31.28
N ASN N 52 -18.13 24.36 32.60
CA ASN N 52 -19.38 23.98 33.23
C ASN N 52 -19.82 22.59 32.77
N GLU N 53 -18.90 21.62 32.88
CA GLU N 53 -19.17 20.25 32.48
C GLU N 53 -18.65 19.32 33.56
N ILE N 54 -19.24 18.13 33.64
CA ILE N 54 -18.89 17.16 34.67
C ILE N 54 -17.49 16.64 34.40
N VAL N 55 -16.64 16.64 35.43
CA VAL N 55 -15.26 16.20 35.27
C VAL N 55 -14.87 15.22 36.36
N ALA N 56 -15.69 15.11 37.40
CA ALA N 56 -15.39 14.21 38.50
C ALA N 56 -16.68 13.88 39.24
N VAL N 57 -16.58 13.03 40.24
CA VAL N 57 -17.73 12.58 41.01
C VAL N 57 -17.30 12.39 42.45
N GLN N 58 -18.19 12.72 43.38
CA GLN N 58 -17.99 12.42 44.79
C GLN N 58 -18.87 11.24 45.19
N LEU N 59 -18.32 10.36 46.02
CA LEU N 59 -18.96 9.10 46.35
C LEU N 59 -19.44 9.12 47.80
N PHE N 60 -20.54 8.41 48.06
CA PHE N 60 -21.13 8.40 49.39
C PHE N 60 -21.32 6.99 49.93
N ARG N 61 -22.03 6.88 51.06
CA ARG N 61 -22.12 5.76 51.99
C ARG N 61 -22.02 4.37 51.36
N PRO N 62 -22.87 4.01 50.40
CA PRO N 62 -22.82 2.65 49.86
C PRO N 62 -21.51 2.33 49.16
N LEU N 63 -21.16 3.12 48.15
CA LEU N 63 -19.95 2.88 47.37
C LEU N 63 -18.86 3.84 47.85
N GLN N 64 -18.15 3.39 48.89
CA GLN N 64 -17.07 4.19 49.45
C GLN N 64 -15.89 3.30 49.80
N GLY N 65 -15.80 2.14 49.16
CA GLY N 65 -14.79 1.13 49.45
C GLY N 65 -14.08 0.63 48.21
N LEU N 66 -13.72 1.54 47.31
CA LEU N 66 -13.23 1.18 45.97
C LEU N 66 -11.71 1.06 45.92
N VAL N 67 -11.12 0.52 46.99
CA VAL N 67 -9.68 0.43 47.21
C VAL N 67 -8.87 -0.06 46.01
N PHE N 68 -9.43 -0.94 45.19
CA PHE N 68 -8.65 -1.54 44.11
C PHE N 68 -8.26 -0.49 43.07
N ASP N 69 -7.49 -0.94 42.08
CA ASP N 69 -7.05 -0.06 41.01
C ASP N 69 -8.21 0.32 40.10
N THR N 70 -8.06 1.43 39.39
CA THR N 70 -9.16 1.95 38.58
C THR N 70 -9.44 1.07 37.36
N GLN N 71 -8.44 0.35 36.86
CA GLN N 71 -8.65 -0.44 35.66
C GLN N 71 -9.50 -1.68 35.92
N LEU N 72 -9.50 -2.18 37.16
CA LEU N 72 -10.27 -3.38 37.45
C LEU N 72 -11.77 -3.13 37.33
N TYR N 73 -12.21 -1.91 37.57
CA TYR N 73 -13.64 -1.64 37.57
C TYR N 73 -14.19 -1.44 36.17
N GLY N 74 -13.40 -0.85 35.28
CA GLY N 74 -13.83 -0.64 33.90
C GLY N 74 -15.06 0.22 33.81
N PHE N 75 -15.00 1.44 34.35
CA PHE N 75 -16.13 2.32 34.28
C PHE N 75 -16.24 2.94 32.89
N PRO N 76 -17.42 3.36 32.48
CA PRO N 76 -17.55 4.11 31.21
C PRO N 76 -16.90 5.48 31.31
N GLY N 77 -16.97 6.25 30.23
CA GLY N 77 -16.28 7.53 30.20
C GLY N 77 -17.10 8.72 30.63
N THR N 78 -18.27 8.91 30.00
CA THR N 78 -19.08 10.07 30.31
C THR N 78 -19.87 9.84 31.60
N PHE N 79 -20.34 10.95 32.18
CA PHE N 79 -21.05 10.85 33.46
C PHE N 79 -22.39 10.15 33.31
N SER N 80 -23.13 10.44 32.24
CA SER N 80 -24.43 9.82 32.05
C SER N 80 -24.28 8.31 31.86
N GLN N 81 -23.36 7.90 30.98
CA GLN N 81 -23.10 6.48 30.79
C GLN N 81 -22.64 5.83 32.09
N TRP N 82 -21.79 6.52 32.84
CA TRP N 82 -21.31 5.99 34.12
C TRP N 82 -22.47 5.72 35.06
N GLU N 83 -23.35 6.70 35.23
CA GLU N 83 -24.43 6.53 36.20
C GLU N 83 -25.44 5.49 35.73
N GLN N 84 -25.67 5.39 34.42
CA GLN N 84 -26.59 4.36 33.93
C GLN N 84 -26.00 2.96 34.16
N PHE N 85 -24.71 2.80 33.84
CA PHE N 85 -23.98 1.57 34.15
C PHE N 85 -24.12 1.17 35.61
N MET N 86 -23.84 2.12 36.51
CA MET N 86 -23.82 1.77 37.92
C MET N 86 -25.22 1.52 38.46
N LYS N 87 -26.22 2.24 37.94
CA LYS N 87 -27.60 1.95 38.34
C LYS N 87 -28.02 0.57 37.89
N GLU N 88 -27.61 0.14 36.70
CA GLU N 88 -28.02 -1.18 36.24
C GLU N 88 -27.25 -2.30 36.93
N LYS N 89 -26.08 -2.01 37.49
CA LYS N 89 -25.34 -3.04 38.21
C LYS N 89 -25.75 -3.14 39.69
N LEU N 90 -26.07 -2.01 40.31
CA LEU N 90 -26.50 -2.05 41.71
C LEU N 90 -27.81 -2.81 41.88
N ARG N 91 -28.65 -2.89 40.84
CA ARG N 91 -29.86 -3.69 40.95
C ARG N 91 -29.53 -5.16 41.11
N VAL N 92 -28.54 -5.66 40.35
CA VAL N 92 -28.13 -7.05 40.49
C VAL N 92 -27.58 -7.30 41.89
N LEU N 93 -26.74 -6.36 42.38
CA LEU N 93 -26.23 -6.52 43.73
C LEU N 93 -27.35 -6.54 44.77
N LYS N 94 -28.35 -5.67 44.59
CA LYS N 94 -29.49 -5.64 45.48
C LYS N 94 -30.26 -6.96 45.44
N TYR N 95 -30.45 -7.53 44.26
CA TYR N 95 -31.19 -8.79 44.17
C TYR N 95 -30.45 -9.89 44.90
N GLU N 96 -29.12 -9.92 44.79
CA GLU N 96 -28.36 -10.93 45.49
C GLU N 96 -28.49 -10.76 47.01
N VAL N 97 -28.35 -9.51 47.48
CA VAL N 97 -28.41 -9.26 48.91
C VAL N 97 -29.79 -9.61 49.46
N LEU N 98 -30.84 -9.28 48.71
CA LEU N 98 -32.18 -9.64 49.14
C LEU N 98 -32.40 -11.15 49.12
N ARG N 99 -31.82 -11.84 48.13
CA ARG N 99 -31.96 -13.28 48.05
C ARG N 99 -31.37 -13.95 49.28
N ILE N 100 -30.28 -13.40 49.81
CA ILE N 100 -29.71 -14.00 51.02
C ILE N 100 -30.36 -13.49 52.30
N TYR N 101 -30.82 -12.25 52.33
CA TYR N 101 -31.46 -11.68 53.52
C TYR N 101 -32.87 -11.22 53.18
N PRO N 102 -33.92 -11.92 53.62
CA PRO N 102 -35.28 -11.40 53.40
C PRO N 102 -35.51 -10.13 54.20
N ILE N 103 -36.18 -9.16 53.55
CA ILE N 103 -36.38 -7.86 54.19
C ILE N 103 -37.32 -7.98 55.37
N SER N 104 -38.36 -8.83 55.26
CA SER N 104 -39.37 -8.92 56.31
C SER N 104 -38.76 -9.42 57.61
N THR N 105 -37.87 -10.40 57.53
CA THR N 105 -37.21 -10.90 58.74
C THR N 105 -36.04 -10.02 59.15
N TYR N 106 -35.34 -9.42 58.19
CA TYR N 106 -34.24 -8.49 58.49
C TYR N 106 -34.60 -7.15 57.89
N ASN N 107 -35.41 -6.37 58.62
CA ASN N 107 -35.75 -5.01 58.24
C ASN N 107 -35.16 -3.96 59.16
N HIS N 108 -35.13 -4.18 60.46
CA HIS N 108 -34.78 -3.13 61.42
C HIS N 108 -33.57 -3.49 62.27
N ASP N 109 -32.51 -3.97 61.65
CA ASP N 109 -31.31 -4.35 62.41
C ASP N 109 -30.07 -3.79 61.72
N ARG N 110 -29.08 -3.47 62.55
CA ARG N 110 -27.88 -2.79 62.09
C ARG N 110 -27.13 -3.62 61.06
N VAL N 111 -26.68 -2.96 60.01
CA VAL N 111 -25.84 -3.58 58.99
C VAL N 111 -24.42 -3.02 59.14
N ASN N 112 -23.43 -3.88 58.89
CA ASN N 112 -22.04 -3.51 59.07
C ASN N 112 -21.58 -2.65 57.91
N VAL N 113 -21.11 -1.44 58.23
CA VAL N 113 -20.78 -0.48 57.18
C VAL N 113 -19.52 -0.89 56.43
N PHE N 114 -18.54 -1.46 57.16
CA PHE N 114 -17.34 -1.97 56.51
C PHE N 114 -17.70 -3.00 55.47
N VAL N 115 -18.52 -3.98 55.87
CA VAL N 115 -18.91 -5.03 54.96
C VAL N 115 -19.69 -4.46 53.80
N ALA N 116 -20.55 -3.48 54.05
CA ALA N 116 -21.37 -2.93 52.97
C ALA N 116 -20.49 -2.25 51.91
N ASN N 117 -19.58 -1.40 52.36
CA ASN N 117 -18.68 -0.73 51.41
C ASN N 117 -17.80 -1.75 50.69
N ALA N 118 -17.19 -2.68 51.44
CA ALA N 118 -16.35 -3.70 50.83
C ALA N 118 -17.14 -4.56 49.86
N LEU N 119 -18.41 -4.79 50.14
CA LEU N 119 -19.24 -5.63 49.30
C LEU N 119 -19.51 -4.96 47.96
N VAL N 120 -19.89 -3.69 47.98
CA VAL N 120 -20.10 -2.99 46.71
C VAL N 120 -18.79 -2.89 45.95
N GLY N 121 -17.68 -2.67 46.66
CA GLY N 121 -16.39 -2.57 45.99
C GLY N 121 -15.95 -3.86 45.35
N ALA N 122 -16.19 -4.98 46.02
CA ALA N 122 -15.82 -6.28 45.46
C ALA N 122 -16.75 -6.67 44.32
N PHE N 123 -18.04 -6.34 44.43
CA PHE N 123 -18.96 -6.67 43.35
C PHE N 123 -18.63 -5.87 42.09
N LEU N 124 -18.28 -4.59 42.26
CA LEU N 124 -17.98 -3.78 41.08
C LEU N 124 -16.70 -4.20 40.39
N SER N 125 -15.84 -4.98 41.05
CA SER N 125 -14.57 -5.39 40.48
C SER N 125 -14.48 -6.91 40.27
N ASN N 126 -15.52 -7.65 40.62
CA ASN N 126 -15.56 -9.09 40.40
C ASN N 126 -14.47 -9.80 41.19
N GLN N 127 -14.53 -9.66 42.51
CA GLN N 127 -13.51 -10.18 43.41
C GLN N 127 -14.08 -11.11 44.45
N ALA N 128 -15.05 -11.94 44.05
CA ALA N 128 -15.60 -13.00 44.91
C ALA N 128 -16.18 -12.43 46.20
N PHE N 129 -17.24 -11.66 46.03
CA PHE N 129 -17.86 -10.94 47.14
C PHE N 129 -18.63 -11.86 48.08
N TYR N 130 -18.80 -13.15 47.75
CA TYR N 130 -19.64 -14.01 48.56
C TYR N 130 -19.11 -14.17 49.98
N ASP N 131 -17.78 -14.17 50.14
CA ASP N 131 -17.19 -14.26 51.46
C ASP N 131 -17.59 -13.10 52.36
N LEU N 132 -18.01 -11.98 51.78
CA LEU N 132 -18.47 -10.83 52.53
C LEU N 132 -19.93 -10.91 52.93
N LEU N 133 -20.73 -11.75 52.26
CA LEU N 133 -22.16 -11.74 52.49
C LEU N 133 -22.56 -12.19 53.89
N PRO N 134 -22.04 -13.28 54.44
CA PRO N 134 -22.47 -13.68 55.80
C PRO N 134 -21.96 -12.78 56.91
N LEU N 135 -21.26 -11.70 56.60
CA LEU N 135 -20.77 -10.75 57.59
C LEU N 135 -21.54 -9.43 57.55
N LEU N 136 -22.64 -9.37 56.80
CA LEU N 136 -23.28 -8.08 56.55
C LEU N 136 -24.09 -7.58 57.75
N ILE N 137 -24.61 -8.47 58.58
CA ILE N 137 -25.42 -8.10 59.73
C ILE N 137 -24.57 -8.15 60.97
N VAL N 138 -24.56 -7.05 61.74
CA VAL N 138 -23.66 -6.92 62.87
C VAL N 138 -24.20 -7.68 64.07
N ASN N 139 -23.31 -8.00 65.00
CA ASN N 139 -23.71 -8.53 66.31
C ASN N 139 -22.66 -8.22 67.35
N ASP N 140 -23.06 -7.43 68.34
CA ASP N 140 -22.29 -7.12 69.54
C ASP N 140 -21.16 -6.12 69.32
N THR N 141 -20.79 -5.85 68.07
CA THR N 141 -19.91 -4.73 67.73
C THR N 141 -19.69 -4.72 66.22
N MET N 142 -19.44 -3.55 65.66
CA MET N 142 -19.11 -3.44 64.24
C MET N 142 -17.63 -3.64 63.97
N ILE N 143 -16.80 -3.72 65.01
CA ILE N 143 -15.36 -3.93 64.88
C ILE N 143 -14.96 -5.31 65.39
N SER N 144 -15.45 -5.70 66.56
CA SER N 144 -15.08 -7.00 67.12
C SER N 144 -15.56 -8.13 66.23
N ASP N 145 -16.63 -7.92 65.48
CA ASP N 145 -17.09 -8.93 64.54
C ASP N 145 -16.03 -9.22 63.49
N LEU N 146 -15.42 -8.17 62.93
CA LEU N 146 -14.36 -8.36 61.95
C LEU N 146 -13.06 -8.83 62.59
N LEU N 147 -12.80 -8.46 63.84
CA LEU N 147 -11.63 -9.00 64.52
C LEU N 147 -11.76 -10.48 64.80
N GLY N 148 -12.98 -10.95 65.06
CA GLY N 148 -13.19 -12.34 65.40
C GLY N 148 -13.47 -13.23 64.21
N THR N 149 -13.86 -12.64 63.09
CA THR N 149 -14.11 -13.42 61.89
C THR N 149 -12.82 -14.12 61.46
N GLY N 150 -12.99 -15.23 60.74
CA GLY N 150 -11.86 -15.98 60.26
C GLY N 150 -11.85 -16.11 58.76
N ALA N 151 -12.72 -15.38 58.08
CA ALA N 151 -12.77 -15.42 56.64
C ALA N 151 -11.47 -14.87 56.04
N ALA N 152 -11.10 -15.42 54.88
CA ALA N 152 -9.86 -15.05 54.22
C ALA N 152 -10.14 -13.88 53.29
N LEU N 153 -10.00 -12.67 53.82
CA LEU N 153 -10.23 -11.45 53.04
C LEU N 153 -9.28 -10.38 53.55
N SER N 154 -8.14 -10.26 52.88
CA SER N 154 -7.11 -9.31 53.28
C SER N 154 -6.92 -8.19 52.27
N GLN N 155 -7.67 -8.20 51.16
CA GLN N 155 -7.63 -7.04 50.27
C GLN N 155 -8.28 -5.83 50.93
N PHE N 156 -9.16 -6.06 51.91
CA PHE N 156 -9.99 -5.02 52.47
C PHE N 156 -9.63 -4.67 53.91
N PHE N 157 -9.18 -5.63 54.70
CA PHE N 157 -8.82 -5.38 56.08
C PHE N 157 -8.13 -6.60 56.66
N GLN N 158 -7.41 -6.38 57.75
CA GLN N 158 -6.64 -7.46 58.38
C GLN N 158 -6.41 -7.10 59.84
N SER N 159 -6.75 -8.02 60.73
CA SER N 159 -6.66 -7.77 62.16
C SER N 159 -5.22 -7.90 62.65
N HIS N 160 -4.94 -7.21 63.75
CA HIS N 160 -3.63 -7.23 64.39
C HIS N 160 -3.77 -7.42 65.89
N GLY N 161 -4.69 -8.28 66.31
CA GLY N 161 -4.85 -8.51 67.73
C GLY N 161 -5.45 -7.33 68.46
N GLU N 162 -6.73 -7.07 68.24
CA GLU N 162 -7.51 -5.96 68.81
C GLU N 162 -7.29 -4.65 68.09
N VAL N 163 -6.69 -4.65 66.90
CA VAL N 163 -6.54 -3.43 66.12
C VAL N 163 -6.87 -3.74 64.67
N LEU N 164 -8.10 -3.42 64.25
CA LEU N 164 -8.49 -3.66 62.87
C LEU N 164 -7.87 -2.63 61.94
N GLU N 165 -7.42 -3.09 60.78
CA GLU N 165 -6.78 -2.24 59.79
C GLU N 165 -7.56 -2.31 58.48
N VAL N 166 -8.20 -1.21 58.12
CA VAL N 166 -8.94 -1.13 56.86
C VAL N 166 -8.26 -0.10 55.96
N ALA N 167 -8.37 -0.30 54.67
CA ALA N 167 -7.77 0.58 53.68
C ALA N 167 -8.82 1.54 53.15
N ALA N 168 -8.65 2.82 53.44
CA ALA N 168 -9.57 3.83 52.96
C ALA N 168 -9.51 3.94 51.44
N GLY N 169 -10.62 4.34 50.83
CA GLY N 169 -10.62 4.44 49.38
C GLY N 169 -11.58 5.40 48.73
N ARG N 170 -11.03 6.27 47.87
CA ARG N 170 -11.76 6.97 46.81
C ARG N 170 -13.02 7.70 47.30
N LYS N 171 -12.77 8.74 48.10
CA LYS N 171 -13.82 9.73 48.33
C LYS N 171 -14.32 10.33 47.03
N TYR N 172 -13.45 10.50 46.04
CA TYR N 172 -13.76 11.14 44.79
C TYR N 172 -13.67 10.13 43.65
N LEU N 173 -13.81 10.61 42.42
CA LEU N 173 -13.67 9.76 41.25
C LEU N 173 -13.50 10.62 40.00
N GLN N 174 -12.59 10.23 39.12
CA GLN N 174 -12.17 11.06 38.02
C GLN N 174 -12.74 10.55 36.70
N MET N 175 -13.01 11.49 35.79
CA MET N 175 -13.57 11.18 34.49
C MET N 175 -12.51 11.43 33.41
N ASN N 176 -12.92 11.26 32.14
CA ASN N 176 -11.96 11.42 31.05
C ASN N 176 -11.63 12.89 30.78
N ASN N 177 -12.64 13.75 30.76
CA ASN N 177 -12.43 15.15 30.45
C ASN N 177 -11.77 15.93 31.58
N TYR N 178 -11.48 15.29 32.71
CA TYR N 178 -10.70 15.90 33.77
C TYR N 178 -9.23 15.85 33.37
N SER N 179 -8.66 16.99 32.96
CA SER N 179 -7.25 17.05 32.62
C SER N 179 -6.63 18.25 33.35
N ASN N 180 -6.31 18.05 34.63
CA ASN N 180 -5.46 18.91 35.46
C ASN N 180 -5.62 20.40 35.20
N ASP N 181 -6.85 20.86 35.00
CA ASP N 181 -7.06 22.23 34.59
C ASP N 181 -7.06 23.16 35.80
N ASP N 182 -6.76 24.44 35.54
CA ASP N 182 -6.75 25.43 36.61
C ASP N 182 -8.13 25.69 37.18
N ASP N 183 -9.18 25.30 36.48
CA ASP N 183 -10.55 25.46 36.96
C ASP N 183 -11.19 24.14 37.37
N ASP N 184 -10.49 23.02 37.21
CA ASP N 184 -11.03 21.75 37.68
C ASP N 184 -10.98 21.70 39.21
N PRO N 185 -11.91 20.96 39.82
CA PRO N 185 -11.92 20.87 41.28
C PRO N 185 -10.77 20.01 41.77
N PRO N 186 -10.11 20.41 42.85
CA PRO N 186 -9.04 19.58 43.40
C PRO N 186 -9.60 18.35 44.08
N LEU N 187 -8.89 17.24 43.93
CA LEU N 187 -9.35 15.96 44.47
C LEU N 187 -8.59 15.53 45.71
N PHE N 188 -7.48 16.18 46.05
CA PHE N 188 -6.79 15.99 47.31
C PHE N 188 -6.25 14.57 47.46
N ALA N 189 -5.90 13.93 46.35
CA ALA N 189 -5.30 12.61 46.30
C ALA N 189 -6.24 11.49 46.72
N LYS N 190 -7.49 11.80 47.06
CA LYS N 190 -8.44 10.79 47.46
C LYS N 190 -9.17 10.15 46.30
N ASP N 191 -8.60 10.21 45.10
CA ASP N 191 -9.22 9.63 43.92
C ASP N 191 -8.58 8.33 43.47
N LEU N 192 -7.36 8.04 43.91
CA LEU N 192 -6.68 6.81 43.55
C LEU N 192 -6.74 5.80 44.69
N SER N 193 -6.20 4.61 44.43
CA SER N 193 -6.46 3.42 45.24
C SER N 193 -6.10 3.56 46.71
N ASP N 194 -4.82 3.74 47.02
CA ASP N 194 -4.33 3.67 48.39
C ASP N 194 -3.60 4.95 48.76
N TYR N 195 -4.26 5.82 49.52
CA TYR N 195 -3.65 7.04 49.99
C TYR N 195 -3.44 7.07 51.49
N ALA N 196 -3.99 6.11 52.22
CA ALA N 196 -3.83 6.06 53.67
C ALA N 196 -4.44 4.75 54.16
N LYS N 197 -4.14 4.43 55.41
CA LYS N 197 -4.69 3.26 56.08
C LYS N 197 -5.34 3.68 57.38
N ALA N 198 -6.43 3.02 57.75
CA ALA N 198 -7.18 3.34 58.95
C ALA N 198 -7.05 2.19 59.94
N PHE N 199 -6.65 2.52 61.17
CA PHE N 199 -6.46 1.54 62.23
C PHE N 199 -7.55 1.76 63.27
N TYR N 200 -8.57 0.92 63.26
CA TYR N 200 -9.66 1.09 64.20
C TYR N 200 -9.42 0.19 65.42
N SER N 201 -9.80 0.68 66.58
CA SER N 201 -9.73 -0.11 67.80
C SER N 201 -10.85 0.34 68.73
N ASP N 202 -10.76 -0.07 70.00
CA ASP N 202 -11.75 0.33 70.99
C ASP N 202 -11.24 1.39 71.94
N THR N 203 -9.92 1.51 72.12
CA THR N 203 -9.36 2.47 73.06
C THR N 203 -8.09 3.09 72.49
N TYR N 204 -7.97 4.40 72.69
CA TYR N 204 -6.78 5.10 72.21
C TYR N 204 -5.53 4.62 72.91
N GLU N 205 -5.64 4.06 74.11
CA GLU N 205 -4.47 3.45 74.74
C GLU N 205 -3.97 2.27 73.93
N VAL N 206 -4.89 1.41 73.49
CA VAL N 206 -4.51 0.26 72.67
C VAL N 206 -3.92 0.73 71.36
N LEU N 207 -4.49 1.77 70.76
CA LEU N 207 -3.93 2.28 69.51
C LEU N 207 -2.52 2.84 69.71
N ASP N 208 -2.34 3.65 70.75
CA ASP N 208 -1.03 4.22 71.03
C ASP N 208 0.01 3.15 71.29
N ARG N 209 -0.39 2.06 71.96
CA ARG N 209 0.55 0.97 72.15
C ARG N 209 0.81 0.23 70.85
N PHE N 210 -0.17 0.17 69.96
CA PHE N 210 0.06 -0.43 68.65
C PHE N 210 1.13 0.33 67.88
N PHE N 211 1.11 1.66 67.96
CA PHE N 211 2.06 2.44 67.19
C PHE N 211 3.43 2.56 67.84
N TRP N 212 3.78 1.67 68.77
CA TRP N 212 5.17 1.62 69.22
C TRP N 212 6.03 0.81 68.26
N THR N 213 5.51 -0.32 67.78
CA THR N 213 6.22 -1.20 66.86
C THR N 213 5.73 -1.02 65.43
N HIS N 214 5.18 0.14 65.10
CA HIS N 214 4.74 0.45 63.75
C HIS N 214 5.39 1.76 63.33
N ASP N 215 5.76 1.84 62.07
CA ASP N 215 6.46 3.02 61.57
C ASP N 215 5.44 4.14 61.34
N SER N 216 5.57 5.21 62.12
CA SER N 216 4.76 6.41 61.95
C SER N 216 5.72 7.55 61.64
N SER N 217 6.09 7.67 60.37
CA SER N 217 6.97 8.74 59.91
C SER N 217 6.32 9.66 58.90
N ALA N 218 5.28 9.22 58.21
CA ALA N 218 4.49 10.09 57.36
C ALA N 218 3.42 10.84 58.14
N GLY N 219 3.46 10.78 59.47
CA GLY N 219 2.47 11.44 60.29
C GLY N 219 1.21 10.62 60.44
N VAL N 220 0.68 10.54 61.65
CA VAL N 220 -0.55 9.81 61.94
C VAL N 220 -1.58 10.81 62.44
N LEU N 221 -2.80 10.70 61.92
CA LEU N 221 -3.83 11.71 62.11
C LEU N 221 -5.00 11.09 62.85
N VAL N 222 -5.51 11.81 63.84
CA VAL N 222 -6.63 11.34 64.63
C VAL N 222 -7.83 12.24 64.34
N HIS N 223 -8.97 11.95 64.91
CA HIS N 223 -10.04 12.89 64.61
C HIS N 223 -10.75 13.43 65.85
N TYR N 224 -10.98 12.59 66.86
CA TYR N 224 -11.38 13.01 68.19
C TYR N 224 -12.80 13.55 68.34
N ASP N 225 -13.50 13.81 67.24
CA ASP N 225 -14.78 14.47 67.41
C ASP N 225 -15.94 13.50 67.30
N LYS N 226 -16.05 12.86 66.13
CA LYS N 226 -17.13 11.92 65.86
C LYS N 226 -16.73 11.11 64.64
N PRO N 227 -15.73 10.25 64.77
CA PRO N 227 -15.17 9.56 63.61
C PRO N 227 -16.20 8.66 62.96
N THR N 228 -15.85 8.16 61.78
CA THR N 228 -16.81 7.49 60.91
C THR N 228 -17.38 6.24 61.56
N ASN N 229 -16.52 5.32 61.99
CA ASN N 229 -16.98 4.04 62.48
C ASN N 229 -16.30 3.69 63.79
N GLY N 230 -16.12 4.68 64.65
CA GLY N 230 -15.50 4.46 65.94
C GLY N 230 -14.12 5.06 65.99
N ASN N 231 -13.47 4.89 67.14
CA ASN N 231 -12.17 5.49 67.40
C ASN N 231 -11.14 4.96 66.42
N HIS N 232 -10.25 5.83 65.95
CA HIS N 232 -9.24 5.36 65.02
C HIS N 232 -8.22 6.44 64.72
N TYR N 233 -7.03 6.00 64.32
CA TYR N 233 -5.98 6.83 63.76
C TYR N 233 -5.94 6.64 62.25
N ILE N 234 -5.33 7.61 61.58
CA ILE N 234 -5.12 7.56 60.14
C ILE N 234 -3.63 7.71 59.88
N LEU N 235 -3.11 6.92 58.94
CA LEU N 235 -1.71 6.99 58.54
C LEU N 235 -1.67 7.10 57.03
N GLY N 236 -1.13 8.22 56.53
CA GLY N 236 -1.08 8.46 55.10
C GLY N 236 0.14 7.83 54.46
N THR N 237 -0.04 7.33 53.25
CA THR N 237 1.08 6.78 52.49
C THR N 237 1.87 7.92 51.87
N LEU N 238 2.76 7.59 50.94
CA LEU N 238 3.65 8.57 50.34
C LEU N 238 3.25 8.95 48.92
N THR N 239 2.00 8.69 48.52
CA THR N 239 1.53 9.16 47.24
C THR N 239 1.50 10.69 47.22
N GLN N 240 1.21 11.24 46.04
CA GLN N 240 1.29 12.69 45.88
C GLN N 240 0.15 13.18 45.01
N MET N 241 -0.29 14.40 45.28
CA MET N 241 -1.29 15.08 44.48
C MET N 241 -0.60 15.96 43.45
N VAL N 242 -1.05 15.89 42.20
CA VAL N 242 -0.38 16.55 41.10
C VAL N 242 -1.19 17.72 40.54
N SER N 243 -2.51 17.74 40.73
CA SER N 243 -3.34 18.75 40.10
C SER N 243 -3.31 20.07 40.86
N ALA N 244 -2.11 20.59 41.11
CA ALA N 244 -1.87 21.89 41.69
C ALA N 244 -0.43 22.24 41.38
N PRO N 245 -0.15 22.70 40.15
CA PRO N 245 1.15 22.49 39.51
C PRO N 245 2.33 22.99 40.32
N PRO N 246 2.31 24.21 40.85
CA PRO N 246 3.51 24.71 41.56
C PRO N 246 3.89 23.89 42.77
N HIS N 247 2.99 23.07 43.31
CA HIS N 247 3.24 22.33 44.54
C HIS N 247 2.90 20.86 44.33
N ILE N 248 3.53 20.00 45.14
CA ILE N 248 3.22 18.59 45.15
C ILE N 248 3.18 18.13 46.60
N ILE N 249 2.03 17.66 47.04
CA ILE N 249 1.78 17.32 48.44
C ILE N 249 1.60 15.81 48.54
N ASN N 250 2.10 15.24 49.64
CA ASN N 250 2.22 13.79 49.80
C ASN N 250 1.03 13.18 50.53
N ALA N 251 -0.13 13.80 50.42
CA ALA N 251 -1.43 13.25 50.81
C ALA N 251 -1.63 13.19 52.32
N THR N 252 -0.57 13.23 53.10
CA THR N 252 -0.73 13.45 54.53
C THR N 252 -0.81 14.94 54.83
N ASP N 253 -0.29 15.75 53.92
CA ASP N 253 -0.63 17.16 53.89
C ASP N 253 -1.95 17.39 53.16
N ALA N 254 -2.30 16.51 52.23
CA ALA N 254 -3.52 16.69 51.45
C ALA N 254 -4.77 16.50 52.30
N LEU N 255 -4.84 15.39 53.06
CA LEU N 255 -5.97 15.18 53.96
C LEU N 255 -6.10 16.34 54.95
N LEU N 256 -4.97 16.79 55.48
CA LEU N 256 -5.00 17.83 56.50
C LEU N 256 -5.44 19.16 55.89
N LEU N 257 -4.96 19.47 54.68
CA LEU N 257 -5.36 20.70 54.01
C LEU N 257 -6.84 20.69 53.67
N GLU N 258 -7.35 19.56 53.18
CA GLU N 258 -8.77 19.46 52.86
C GLU N 258 -9.62 19.72 54.09
N SER N 259 -9.35 18.99 55.18
CA SER N 259 -10.15 19.16 56.38
C SER N 259 -10.03 20.58 56.93
N CYS N 260 -8.83 21.16 56.84
CA CYS N 260 -8.60 22.50 57.36
C CYS N 260 -9.41 23.53 56.61
N LEU N 261 -9.37 23.50 55.27
CA LEU N 261 -10.19 24.41 54.50
C LEU N 261 -11.67 24.18 54.73
N GLU N 262 -12.09 22.93 54.91
CA GLU N 262 -13.50 22.66 55.19
C GLU N 262 -13.93 23.28 56.51
N GLN N 263 -13.07 23.22 57.53
CA GLN N 263 -13.41 23.85 58.80
C GLN N 263 -13.43 25.37 58.71
N PHE N 264 -12.49 25.96 57.97
CA PHE N 264 -12.56 27.41 57.76
C PHE N 264 -13.86 27.80 57.05
N ALA N 265 -14.28 27.00 56.07
CA ALA N 265 -15.55 27.27 55.42
C ALA N 265 -16.69 27.19 56.42
N ALA N 266 -16.68 26.16 57.27
CA ALA N 266 -17.77 25.98 58.22
C ALA N 266 -17.83 27.08 59.26
N ASN N 267 -16.68 27.67 59.60
CA ASN N 267 -16.68 28.74 60.60
C ASN N 267 -17.45 29.97 60.12
N VAL N 268 -17.31 30.32 58.85
CA VAL N 268 -17.92 31.54 58.33
C VAL N 268 -19.43 31.40 58.19
N ARG N 269 -19.95 30.18 58.02
CA ARG N 269 -21.35 29.97 57.74
C ARG N 269 -22.14 29.54 58.98
N ALA N 270 -21.57 29.66 60.17
CA ALA N 270 -22.31 29.35 61.38
C ALA N 270 -23.45 30.35 61.57
N ARG N 271 -24.55 29.87 62.15
CA ARG N 271 -25.72 30.73 62.33
C ARG N 271 -26.39 30.59 63.69
N SER N 272 -25.91 29.72 64.57
CA SER N 272 -26.41 29.59 65.93
C SER N 272 -27.78 28.90 65.99
N ALA N 273 -28.37 28.61 64.83
CA ALA N 273 -29.63 27.90 64.78
C ALA N 273 -29.66 26.87 63.66
N GLN N 274 -28.52 26.55 63.06
CA GLN N 274 -28.45 25.60 61.95
C GLN N 274 -27.42 24.53 62.29
N PRO N 275 -27.85 23.32 62.62
CA PRO N 275 -26.90 22.31 63.09
C PRO N 275 -25.99 21.83 61.97
N VAL N 276 -24.80 21.40 62.38
CA VAL N 276 -23.83 20.79 61.48
C VAL N 276 -23.64 19.34 61.87
N THR N 277 -23.14 18.55 60.94
CA THR N 277 -22.90 17.14 61.19
C THR N 277 -21.67 16.89 62.04
N ARG N 278 -20.89 17.92 62.34
CA ARG N 278 -19.65 17.75 63.08
C ARG N 278 -19.09 19.10 63.51
N LEU N 279 -18.63 19.20 64.75
CA LEU N 279 -18.22 20.50 65.28
C LEU N 279 -16.85 20.93 64.78
N ASP N 280 -15.93 19.99 64.52
CA ASP N 280 -14.67 20.33 63.90
C ASP N 280 -14.27 19.25 62.89
N GLN N 281 -13.61 19.67 61.83
CA GLN N 281 -13.19 18.76 60.77
C GLN N 281 -11.69 18.50 60.76
N CYS N 282 -10.91 19.29 61.50
CA CYS N 282 -9.46 19.18 61.47
C CYS N 282 -9.01 17.83 62.02
N TYR N 283 -7.72 17.53 61.83
CA TYR N 283 -7.17 16.23 62.20
C TYR N 283 -6.33 16.23 63.48
N HIS N 284 -5.49 17.24 63.69
CA HIS N 284 -4.58 17.19 64.83
C HIS N 284 -3.64 15.99 64.78
N LEU N 285 -2.66 16.06 63.88
CA LEU N 285 -1.53 15.13 63.84
C LEU N 285 -1.05 14.75 65.24
N ARG N 286 -0.89 13.45 65.46
CA ARG N 286 -0.73 12.89 66.80
C ARG N 286 0.69 12.46 67.13
N TRP N 287 1.33 11.65 66.27
CA TRP N 287 2.60 11.05 66.64
C TRP N 287 3.80 11.56 65.84
N GLY N 288 3.74 11.50 64.51
CA GLY N 288 4.96 11.62 63.73
C GLY N 288 5.63 12.98 63.67
N ALA N 289 5.26 13.90 64.56
CA ALA N 289 5.72 15.29 64.43
C ALA N 289 7.24 15.40 64.57
N GLN N 290 7.88 14.45 65.25
CA GLN N 290 9.33 14.47 65.38
C GLN N 290 10.03 14.39 64.02
N TYR N 291 9.37 13.85 62.99
CA TYR N 291 9.96 13.79 61.67
C TYR N 291 9.69 15.03 60.83
N VAL N 292 8.90 15.98 61.33
CA VAL N 292 8.58 17.19 60.59
C VAL N 292 8.64 18.36 61.55
N GLY N 293 9.65 19.20 61.38
CA GLY N 293 9.89 20.32 62.26
C GLY N 293 9.38 21.63 61.69
N GLU N 294 10.13 22.70 61.94
CA GLU N 294 9.76 24.03 61.47
C GLU N 294 9.68 24.04 59.94
N ASP N 295 9.09 25.12 59.42
CA ASP N 295 8.97 25.49 58.01
C ASP N 295 8.69 24.32 57.08
N SER N 296 7.86 23.39 57.52
CA SER N 296 7.37 22.30 56.68
C SER N 296 5.87 22.43 56.54
N LEU N 297 5.37 22.02 55.37
CA LEU N 297 3.96 22.18 55.07
C LEU N 297 3.08 21.47 56.08
N THR N 298 3.53 20.31 56.58
CA THR N 298 2.74 19.59 57.57
C THR N 298 2.64 20.38 58.87
N TYR N 299 3.75 20.97 59.31
CA TYR N 299 3.73 21.76 60.54
C TYR N 299 2.83 22.98 60.38
N ARG N 300 2.97 23.70 59.26
CA ARG N 300 2.14 24.88 59.04
C ARG N 300 0.67 24.52 58.95
N LEU N 301 0.35 23.39 58.32
CA LEU N 301 -1.05 22.97 58.24
C LEU N 301 -1.57 22.55 59.60
N GLY N 302 -0.72 21.95 60.45
CA GLY N 302 -1.14 21.67 61.80
C GLY N 302 -1.50 22.93 62.56
N VAL N 303 -0.67 23.97 62.42
CA VAL N 303 -0.96 25.24 63.08
C VAL N 303 -2.28 25.82 62.56
N LEU N 304 -2.47 25.80 61.25
CA LEU N 304 -3.69 26.36 60.69
C LEU N 304 -4.91 25.57 61.12
N SER N 305 -4.79 24.25 61.23
CA SER N 305 -5.93 23.44 61.66
C SER N 305 -6.26 23.72 63.12
N LEU N 306 -5.24 23.91 63.96
CA LEU N 306 -5.52 24.31 65.34
C LEU N 306 -6.24 25.65 65.40
N LEU N 307 -5.80 26.61 64.57
CA LEU N 307 -6.45 27.91 64.56
C LEU N 307 -7.90 27.80 64.11
N ALA N 308 -8.15 27.02 63.05
CA ALA N 308 -9.50 26.87 62.54
C ALA N 308 -10.39 26.17 63.57
N THR N 309 -9.85 25.21 64.31
CA THR N 309 -10.63 24.56 65.35
C THR N 309 -10.98 25.54 66.46
N ASN N 310 -10.02 26.37 66.87
CA ASN N 310 -10.34 27.36 67.89
C ASN N 310 -11.31 28.42 67.40
N GLY N 311 -11.39 28.65 66.09
CA GLY N 311 -12.48 29.44 65.56
C GLY N 311 -12.11 30.66 64.75
N TYR N 312 -10.88 30.68 64.22
CA TYR N 312 -10.46 31.79 63.38
C TYR N 312 -11.16 31.74 62.03
N GLN N 313 -10.89 32.75 61.20
CA GLN N 313 -11.53 32.88 59.91
C GLN N 313 -10.54 33.49 58.92
N LEU N 314 -10.64 33.10 57.66
CA LEU N 314 -9.76 33.64 56.63
C LEU N 314 -10.27 34.99 56.16
N ALA N 315 -9.34 35.95 56.01
CA ALA N 315 -9.72 37.26 55.52
C ALA N 315 -10.16 37.22 54.05
N ARG N 316 -9.71 36.24 53.30
CA ARG N 316 -10.15 36.13 51.92
C ARG N 316 -11.31 35.15 51.81
N PRO N 317 -12.36 35.49 51.05
CA PRO N 317 -13.50 34.57 50.95
C PRO N 317 -13.12 33.33 50.17
N ILE N 318 -13.41 32.16 50.74
CA ILE N 318 -13.14 30.90 50.08
C ILE N 318 -14.38 30.51 49.28
N PRO N 319 -14.23 30.12 48.01
CA PRO N 319 -15.41 29.84 47.19
C PRO N 319 -16.15 28.61 47.66
N LYS N 320 -17.31 28.37 47.05
CA LYS N 320 -18.12 27.23 47.42
C LYS N 320 -17.65 25.95 46.73
N GLN N 321 -17.06 26.08 45.54
CA GLN N 321 -16.48 24.96 44.81
C GLN N 321 -15.02 25.31 44.53
N LEU N 322 -14.10 24.69 45.27
CA LEU N 322 -12.69 25.02 45.16
C LEU N 322 -12.18 24.76 43.75
N THR N 323 -11.05 25.36 43.43
CA THR N 323 -10.40 25.18 42.15
C THR N 323 -8.91 25.00 42.36
N ASN N 324 -8.27 24.41 41.35
CA ASN N 324 -6.84 24.14 41.44
C ASN N 324 -6.04 25.42 41.59
N ARG N 325 -6.41 26.47 40.87
CA ARG N 325 -5.65 27.71 40.95
C ARG N 325 -5.80 28.34 42.33
N TRP N 326 -7.00 28.33 42.90
CA TRP N 326 -7.20 28.88 44.23
C TRP N 326 -6.40 28.09 45.26
N LEU N 327 -6.45 26.76 45.18
CA LEU N 327 -5.72 25.95 46.13
C LEU N 327 -4.22 26.18 46.00
N SER N 328 -3.72 26.32 44.77
CA SER N 328 -2.31 26.58 44.56
C SER N 328 -1.91 27.92 45.17
N SER N 329 -2.74 28.95 44.98
CA SER N 329 -2.43 30.25 45.56
C SER N 329 -2.43 30.19 47.08
N PHE N 330 -3.39 29.46 47.66
CA PHE N 330 -3.45 29.36 49.11
C PHE N 330 -2.23 28.63 49.67
N VAL N 331 -1.83 27.54 49.02
CA VAL N 331 -0.66 26.81 49.50
C VAL N 331 0.60 27.65 49.33
N SER N 332 0.68 28.41 48.24
CA SER N 332 1.82 29.29 48.05
C SER N 332 1.87 30.38 49.13
N GLN N 333 0.71 30.84 49.57
CA GLN N 333 0.69 31.80 50.68
C GLN N 333 1.13 31.14 51.98
N VAL N 334 0.66 29.91 52.22
CA VAL N 334 0.93 29.29 53.51
C VAL N 334 2.40 28.91 53.65
N VAL N 335 3.01 28.40 52.58
CA VAL N 335 4.47 28.12 52.59
C VAL N 335 5.14 29.38 52.06
N SER N 336 5.38 30.32 52.98
CA SER N 336 6.06 31.56 52.65
C SER N 336 6.88 31.98 53.86
N ASP N 337 7.34 33.23 53.87
CA ASP N 337 8.17 33.74 54.95
C ASP N 337 7.32 34.55 55.92
N GLY N 338 7.67 34.47 57.20
CA GLY N 338 6.90 35.12 58.25
C GLY N 338 6.95 34.31 59.53
N ILE N 339 6.13 34.68 60.51
CA ILE N 339 6.09 33.96 61.78
C ILE N 339 4.64 33.77 62.20
N ASN N 340 4.45 32.81 63.10
CA ASN N 340 3.14 32.59 63.71
C ASN N 340 2.88 33.70 64.73
N GLU N 341 1.95 34.60 64.41
CA GLU N 341 1.65 35.74 65.25
C GLU N 341 0.51 35.47 66.23
N THR N 342 0.23 34.20 66.52
CA THR N 342 -0.87 33.88 67.42
C THR N 342 -0.34 33.23 68.69
N PRO N 343 -1.14 33.17 69.75
CA PRO N 343 -0.73 32.48 70.97
C PRO N 343 -0.80 30.97 70.90
N LEU N 344 -1.28 30.41 69.79
CA LEU N 344 -1.57 28.99 69.69
C LEU N 344 -0.38 28.26 69.07
N TRP N 345 0.15 27.27 69.79
CA TRP N 345 1.21 26.42 69.29
C TRP N 345 0.78 24.96 69.41
N PRO N 346 1.00 24.14 68.39
CA PRO N 346 0.44 22.80 68.41
C PRO N 346 1.19 21.86 69.35
N GLN N 347 0.42 21.09 70.10
CA GLN N 347 0.92 20.04 70.97
C GLN N 347 0.68 18.69 70.30
N GLU N 348 0.95 17.61 71.04
CA GLU N 348 0.54 16.27 70.63
C GLU N 348 -0.37 15.58 71.62
N ARG N 349 -0.25 15.90 72.91
CA ARG N 349 -1.09 15.23 73.91
C ARG N 349 -2.56 15.49 73.65
N TYR N 350 -2.90 16.67 73.15
CA TYR N 350 -4.27 17.08 73.03
C TYR N 350 -4.33 18.40 72.29
N VAL N 351 -5.40 18.60 71.53
CA VAL N 351 -5.62 19.87 70.85
C VAL N 351 -6.24 20.84 71.85
N GLN N 352 -5.48 21.83 72.28
CA GLN N 352 -5.92 22.74 73.31
C GLN N 352 -6.79 23.84 72.72
N ILE N 353 -7.78 24.26 73.50
CA ILE N 353 -8.73 25.29 73.10
C ILE N 353 -8.56 26.48 74.04
N ALA N 354 -8.55 27.68 73.47
CA ALA N 354 -8.38 28.89 74.25
C ALA N 354 -9.51 29.03 75.27
N TYR N 355 -9.24 29.83 76.31
CA TYR N 355 -10.22 29.98 77.39
C TYR N 355 -11.49 30.65 76.90
N ASP N 356 -11.40 31.50 75.88
CA ASP N 356 -12.54 32.26 75.41
C ASP N 356 -12.85 31.96 73.94
N SER N 357 -12.64 30.71 73.55
CA SER N 357 -13.05 30.38 72.19
C SER N 357 -14.52 29.97 72.19
N PRO N 358 -15.29 30.44 71.21
CA PRO N 358 -16.73 30.11 71.16
C PRO N 358 -17.04 28.67 70.84
N SER N 359 -16.04 27.87 70.47
CA SER N 359 -16.30 26.47 70.16
C SER N 359 -16.69 25.72 71.42
N VAL N 360 -17.67 24.83 71.29
CA VAL N 360 -18.20 24.07 72.41
C VAL N 360 -17.95 22.57 72.22
N VAL N 361 -16.99 22.22 71.36
CA VAL N 361 -16.81 20.82 70.98
C VAL N 361 -16.35 20.00 72.18
N ASP N 362 -15.58 20.58 73.09
CA ASP N 362 -15.18 19.86 74.29
C ASP N 362 -16.37 19.52 75.18
N GLY N 363 -17.47 20.25 75.06
CA GLY N 363 -18.68 19.88 75.77
C GLY N 363 -19.40 18.69 75.19
N ALA N 364 -19.07 18.32 73.95
CA ALA N 364 -19.71 17.21 73.27
C ALA N 364 -18.76 16.04 73.02
N THR N 365 -17.52 16.13 73.48
CA THR N 365 -16.53 15.08 73.29
C THR N 365 -16.00 14.62 74.64
N GLN N 366 -15.75 13.31 74.75
CA GLN N 366 -15.32 12.74 76.01
C GLN N 366 -13.82 12.71 76.19
N TYR N 367 -13.04 12.80 75.10
CA TYR N 367 -11.61 12.61 75.19
C TYR N 367 -10.92 13.35 74.05
N GLY N 368 -9.85 14.06 74.39
CA GLY N 368 -8.98 14.70 73.40
C GLY N 368 -8.94 16.20 73.44
N TYR N 369 -9.75 16.85 74.27
CA TYR N 369 -9.87 18.31 74.27
C TYR N 369 -9.55 18.85 75.66
N VAL N 370 -8.96 20.04 75.69
CA VAL N 370 -8.61 20.69 76.95
C VAL N 370 -8.72 22.20 76.76
N ARG N 371 -9.34 22.88 77.71
CA ARG N 371 -9.42 24.33 77.70
C ARG N 371 -8.29 24.89 78.54
N ARG N 372 -7.26 25.43 77.89
CA ARG N 372 -6.16 26.06 78.58
C ARG N 372 -6.64 27.37 79.18
N ASN N 373 -6.80 27.40 80.50
CA ASN N 373 -7.34 28.58 81.16
C ASN N 373 -6.41 29.78 81.05
N GLN N 374 -5.10 29.55 81.02
CA GLN N 374 -4.12 30.63 81.11
C GLN N 374 -3.64 31.13 79.75
N LEU N 375 -4.44 30.96 78.69
CA LEU N 375 -4.16 31.59 77.41
C LEU N 375 -5.45 32.19 76.88
N ARG N 376 -5.40 33.48 76.54
CA ARG N 376 -6.57 34.21 76.10
C ARG N 376 -6.39 34.71 74.67
N LEU N 377 -7.52 35.00 74.04
CA LEU N 377 -7.56 35.57 72.69
C LEU N 377 -8.45 36.81 72.76
N GLY N 378 -7.84 37.98 72.69
CA GLY N 378 -8.57 39.22 72.95
C GLY N 378 -9.59 39.61 71.91
N MET N 379 -9.76 38.83 70.85
CA MET N 379 -10.66 39.19 69.77
C MET N 379 -12.10 38.76 70.09
N ARG N 380 -13.05 39.54 69.60
CA ARG N 380 -14.46 39.31 69.86
C ARG N 380 -14.97 38.13 69.04
N ILE N 381 -16.26 37.83 69.18
CA ILE N 381 -16.88 36.69 68.52
C ILE N 381 -17.99 37.21 67.63
N SER N 382 -17.87 36.96 66.32
CA SER N 382 -18.89 37.30 65.35
C SER N 382 -18.48 36.73 64.01
N ALA N 383 -19.47 36.31 63.22
CA ALA N 383 -19.18 35.73 61.92
C ALA N 383 -18.61 36.78 60.98
N LEU N 384 -17.94 36.30 59.94
CA LEU N 384 -17.40 37.20 58.92
C LEU N 384 -18.55 37.91 58.20
N GLN N 385 -18.45 39.23 58.12
CA GLN N 385 -19.42 40.04 57.39
C GLN N 385 -18.73 40.61 56.16
N SER N 386 -19.06 40.07 54.99
CA SER N 386 -18.43 40.47 53.74
C SER N 386 -19.34 41.41 52.98
N LEU N 387 -18.77 42.50 52.48
CA LEU N 387 -19.52 43.45 51.66
C LEU N 387 -19.63 42.88 50.25
N SER N 388 -20.15 43.68 49.32
CA SER N 388 -20.34 43.23 47.94
C SER N 388 -19.27 43.83 47.03
N ASP N 389 -19.15 43.23 45.84
CA ASP N 389 -18.19 43.66 44.85
C ASP N 389 -18.87 44.49 43.77
N THR N 390 -18.09 45.39 43.16
CA THR N 390 -18.61 46.22 42.08
C THR N 390 -17.55 46.36 40.99
N PRO N 391 -17.97 46.43 39.72
CA PRO N 391 -17.01 46.43 38.62
C PRO N 391 -16.40 47.79 38.32
N ALA N 392 -16.69 48.83 39.10
CA ALA N 392 -16.15 50.15 38.85
C ALA N 392 -15.82 50.83 40.16
N PRO N 393 -14.86 51.76 40.15
CA PRO N 393 -14.49 52.43 41.39
C PRO N 393 -15.60 53.34 41.89
N VAL N 394 -15.62 53.55 43.21
CA VAL N 394 -16.64 54.34 43.86
C VAL N 394 -16.00 55.58 44.48
N GLN N 395 -16.78 56.66 44.54
CA GLN N 395 -16.29 57.90 45.09
C GLN N 395 -16.00 57.74 46.58
N TRP N 396 -15.09 58.57 47.09
CA TRP N 396 -14.72 58.56 48.49
C TRP N 396 -14.64 59.99 49.00
N LEU N 397 -15.05 60.19 50.25
CA LEU N 397 -15.03 61.50 50.88
C LEU N 397 -14.18 61.44 52.14
N PRO N 398 -13.07 62.15 52.21
CA PRO N 398 -12.21 62.06 53.40
C PRO N 398 -12.81 62.79 54.60
N GLN N 399 -12.31 62.41 55.77
CA GLN N 399 -12.71 63.03 57.02
C GLN N 399 -11.48 63.14 57.90
N TYR N 400 -11.40 64.21 58.68
CA TYR N 400 -10.15 64.65 59.26
C TYR N 400 -10.14 64.48 60.77
N THR N 401 -8.93 64.42 61.33
CA THR N 401 -8.72 64.24 62.76
C THR N 401 -7.81 65.35 63.29
N ILE N 402 -7.36 65.20 64.53
CA ILE N 402 -6.63 66.29 65.21
C ILE N 402 -5.14 66.23 64.93
N ASP N 403 -4.55 65.03 64.90
CA ASP N 403 -3.11 64.89 64.78
C ASP N 403 -2.59 65.49 63.48
N GLN N 404 -1.30 65.85 63.50
CA GLN N 404 -0.69 66.58 62.40
C GLN N 404 0.74 66.10 62.19
N VAL N 405 1.25 66.31 60.97
CA VAL N 405 2.63 65.98 60.64
C VAL N 405 3.17 67.02 59.67
N ALA N 406 4.43 66.86 59.27
CA ALA N 406 5.10 67.84 58.43
C ALA N 406 4.72 67.67 56.96
N VAL N 407 4.53 68.80 56.29
CA VAL N 407 4.07 68.79 54.90
C VAL N 407 5.11 68.13 54.00
N ASP N 408 6.39 68.42 54.25
CA ASP N 408 7.44 67.75 53.48
C ASP N 408 7.45 66.25 53.73
N GLU N 409 7.14 65.82 54.96
CA GLU N 409 7.03 64.39 55.24
C GLU N 409 5.91 63.77 54.41
N GLY N 410 4.75 64.43 54.38
CA GLY N 410 3.65 63.92 53.57
C GLY N 410 4.00 63.87 52.09
N ASP N 411 4.72 64.88 51.60
CA ASP N 411 5.10 64.91 50.20
C ASP N 411 6.10 63.80 49.87
N ALA N 412 7.05 63.55 50.76
CA ALA N 412 7.98 62.45 50.55
C ALA N 412 7.25 61.12 50.55
N MET N 413 6.27 60.96 51.44
CA MET N 413 5.54 59.69 51.49
C MET N 413 4.71 59.49 50.23
N VAL N 414 4.06 60.54 49.74
CA VAL N 414 3.29 60.40 48.51
C VAL N 414 4.22 60.16 47.32
N SER N 415 5.43 60.71 47.36
CA SER N 415 6.39 60.40 46.30
C SER N 415 6.83 58.95 46.36
N GLN N 416 6.92 58.37 47.56
CA GLN N 416 7.24 56.96 47.67
C GLN N 416 6.09 56.09 47.14
N LEU N 417 4.85 56.47 47.44
CA LEU N 417 3.70 55.63 47.10
C LEU N 417 3.13 55.91 45.72
N THR N 418 3.61 56.93 45.02
CA THR N 418 2.94 57.38 43.81
C THR N 418 3.04 56.37 42.68
N GLN N 419 2.29 56.66 41.61
CA GLN N 419 2.38 55.95 40.34
C GLN N 419 2.25 56.91 39.17
N LEU N 420 2.72 58.14 39.35
CA LEU N 420 2.44 59.20 38.39
C LEU N 420 2.90 58.93 36.96
N PRO N 421 4.09 58.36 36.69
CA PRO N 421 4.53 58.28 35.29
C PRO N 421 3.68 57.34 34.46
N LEU N 422 2.50 57.79 34.06
CA LEU N 422 1.64 57.04 33.16
C LEU N 422 0.87 58.02 32.29
N ARG N 423 0.52 57.57 31.08
CA ARG N 423 -0.21 58.42 30.14
C ARG N 423 -1.69 58.19 30.30
N PRO N 424 -2.45 59.15 30.82
CA PRO N 424 -3.90 59.01 30.93
C PRO N 424 -4.62 59.41 29.65
N ASP N 425 -5.81 58.83 29.47
CA ASP N 425 -6.68 59.28 28.40
C ASP N 425 -7.05 60.73 28.62
N TYR N 426 -6.85 61.57 27.60
CA TYR N 426 -7.00 63.00 27.80
C TYR N 426 -8.46 63.38 28.03
N GLY N 427 -9.33 63.08 27.08
CA GLY N 427 -10.74 63.37 27.24
C GLY N 427 -11.25 64.38 26.23
N SER N 428 -11.92 65.43 26.73
CA SER N 428 -12.46 66.46 25.85
C SER N 428 -12.70 67.71 26.66
N ILE N 429 -12.08 68.82 26.26
CA ILE N 429 -12.27 70.09 26.97
C ILE N 429 -13.71 70.56 26.80
N TRP N 430 -14.10 70.83 25.57
CA TRP N 430 -15.38 71.43 25.24
C TRP N 430 -16.22 70.43 24.46
N ILE N 431 -17.54 70.46 24.67
CA ILE N 431 -18.46 69.61 23.93
C ILE N 431 -19.74 70.38 23.65
N GLY N 432 -20.48 69.90 22.67
CA GLY N 432 -21.75 70.47 22.30
C GLY N 432 -21.73 71.13 20.94
N GLU N 433 -22.72 71.98 20.71
CA GLU N 433 -22.82 72.73 19.46
C GLU N 433 -22.05 74.04 19.60
N ALA N 434 -22.23 74.93 18.63
CA ALA N 434 -21.50 76.19 18.62
C ALA N 434 -22.31 77.30 19.30
N LEU N 435 -21.60 78.28 19.83
CA LEU N 435 -22.20 79.48 20.39
C LEU N 435 -22.18 80.58 19.35
N SER N 436 -23.34 81.18 19.13
CA SER N 436 -23.48 82.22 18.12
C SER N 436 -23.41 83.59 18.77
N TYR N 437 -22.63 84.49 18.14
CA TYR N 437 -22.48 85.85 18.63
C TYR N 437 -22.53 86.77 17.41
N TYR N 438 -23.47 87.70 17.42
CA TYR N 438 -23.75 88.51 16.24
C TYR N 438 -23.97 89.96 16.63
N VAL N 439 -23.80 90.84 15.65
CA VAL N 439 -24.17 92.24 15.78
C VAL N 439 -24.52 92.75 14.39
N ASP N 440 -25.71 93.35 14.26
CA ASP N 440 -26.20 93.82 12.98
C ASP N 440 -26.33 95.33 12.99
N TYR N 441 -26.28 95.92 11.80
CA TYR N 441 -26.25 97.36 11.66
C TYR N 441 -27.54 97.99 12.16
N ASN N 442 -27.41 99.12 12.83
CA ASN N 442 -28.57 99.92 13.22
C ASN N 442 -28.20 101.38 13.01
N ARG N 443 -29.10 102.13 12.39
CA ARG N 443 -28.81 103.51 11.98
C ARG N 443 -28.80 104.48 13.15
N SER N 444 -29.07 104.02 14.37
CA SER N 444 -29.27 104.91 15.50
C SER N 444 -28.13 104.91 16.51
N HIS N 445 -27.15 104.02 16.39
CA HIS N 445 -26.13 103.90 17.43
C HIS N 445 -25.10 105.03 17.37
N ARG N 446 -24.28 105.04 16.32
CA ARG N 446 -23.14 105.94 16.30
C ARG N 446 -22.37 105.71 15.00
N VAL N 447 -21.53 106.67 14.65
CA VAL N 447 -20.56 106.53 13.58
C VAL N 447 -19.18 106.44 14.20
N VAL N 448 -18.35 105.53 13.68
CA VAL N 448 -17.01 105.33 14.19
C VAL N 448 -16.09 104.99 13.03
N LEU N 449 -14.90 105.58 13.03
CA LEU N 449 -13.95 105.38 11.95
C LEU N 449 -13.26 104.03 12.08
N SER N 450 -12.83 103.49 10.94
CA SER N 450 -12.17 102.19 10.93
C SER N 450 -10.94 102.17 11.82
N SER N 451 -10.19 103.28 11.84
CA SER N 451 -9.00 103.36 12.67
C SER N 451 -9.29 103.20 14.16
N GLU N 452 -10.54 103.36 14.58
CA GLU N 452 -10.91 103.19 15.97
C GLU N 452 -11.28 101.76 16.32
N LEU N 453 -11.15 100.82 15.40
CA LEU N 453 -11.57 99.46 15.70
C LEU N 453 -10.38 98.61 16.10
N PRO N 454 -10.61 97.61 16.96
CA PRO N 454 -9.53 96.68 17.29
C PRO N 454 -9.24 95.74 16.14
N GLN N 455 -8.04 95.14 16.19
CA GLN N 455 -7.61 94.25 15.11
C GLN N 455 -6.93 93.04 15.73
N LEU N 456 -6.30 92.25 14.88
CA LEU N 456 -5.63 91.04 15.31
C LEU N 456 -4.48 91.39 16.25
N PRO N 457 -4.25 90.60 17.29
CA PRO N 457 -3.12 90.87 18.19
C PRO N 457 -1.80 90.58 17.51
N ASP N 458 -0.75 91.23 18.02
CA ASP N 458 0.58 91.07 17.43
C ASP N 458 1.11 89.66 17.60
N THR N 459 1.09 89.16 18.84
CA THR N 459 1.62 87.83 19.15
C THR N 459 0.56 86.75 18.86
N TYR N 460 0.17 86.68 17.59
CA TYR N 460 -0.84 85.72 17.17
C TYR N 460 -0.27 84.51 16.46
N PHE N 461 0.92 84.63 15.87
CA PHE N 461 1.55 83.54 15.13
C PHE N 461 2.77 83.00 15.85
N ASP N 462 2.77 83.02 17.17
CA ASP N 462 3.90 82.55 17.95
C ASP N 462 3.76 81.07 18.29
N GLY N 463 4.85 80.50 18.80
CA GLY N 463 4.86 79.07 19.08
C GLY N 463 3.84 78.68 20.13
N ASP N 464 3.86 79.36 21.27
CA ASP N 464 2.91 79.06 22.34
C ASP N 464 1.48 79.35 21.91
N GLU N 465 1.27 80.39 21.12
CA GLU N 465 -0.08 80.70 20.65
C GLU N 465 -0.61 79.59 19.77
N GLN N 466 0.20 79.13 18.81
CA GLN N 466 -0.21 78.01 17.97
C GLN N 466 -0.40 76.75 18.80
N TYR N 467 0.43 76.55 19.83
CA TYR N 467 0.24 75.42 20.73
C TYR N 467 -1.14 75.46 21.38
N GLY N 468 -1.52 76.62 21.92
CA GLY N 468 -2.83 76.73 22.54
C GLY N 468 -3.96 76.47 21.59
N ARG N 469 -3.90 77.08 20.40
CA ARG N 469 -4.97 76.87 19.43
C ARG N 469 -5.06 75.41 19.00
N SER N 470 -3.92 74.77 18.77
CA SER N 470 -3.95 73.38 18.33
C SER N 470 -4.46 72.45 19.44
N LEU N 471 -4.08 72.72 20.69
CA LEU N 471 -4.59 71.93 21.79
C LEU N 471 -6.09 72.04 21.91
N PHE N 472 -6.62 73.27 21.83
CA PHE N 472 -8.06 73.44 21.94
C PHE N 472 -8.78 72.77 20.77
N SER N 473 -8.20 72.86 19.56
CA SER N 473 -8.82 72.23 18.40
C SER N 473 -8.82 70.72 18.53
N LEU N 474 -7.74 70.14 19.07
CA LEU N 474 -7.68 68.69 19.23
C LEU N 474 -8.65 68.21 20.29
N ALA N 475 -8.79 68.98 21.38
CA ALA N 475 -9.66 68.55 22.47
C ALA N 475 -11.13 68.84 22.20
N ARG N 476 -11.45 69.72 21.25
CA ARG N 476 -12.84 69.97 20.90
C ARG N 476 -13.48 68.71 20.35
N LYS N 477 -14.67 68.39 20.84
CA LYS N 477 -15.41 67.20 20.40
C LYS N 477 -16.70 67.63 19.71
N VAL N 478 -16.67 67.66 18.38
CA VAL N 478 -17.84 68.04 17.59
C VAL N 478 -17.87 67.19 16.33
N GLY N 479 -18.90 67.36 15.51
CA GLY N 479 -19.00 66.61 14.28
C GLY N 479 -18.37 67.36 13.12
N ASP N 480 -19.17 67.89 12.22
CA ASP N 480 -18.67 68.65 11.08
C ASP N 480 -18.70 70.13 11.44
N ARG N 481 -17.50 70.72 11.60
CA ARG N 481 -17.40 72.14 11.93
C ARG N 481 -18.08 72.99 10.86
N SER N 482 -17.87 72.65 9.59
CA SER N 482 -18.47 73.42 8.51
C SER N 482 -19.99 73.34 8.55
N LEU N 483 -20.53 72.14 8.82
CA LEU N 483 -21.97 71.99 8.90
C LEU N 483 -22.54 72.84 10.03
N VAL N 484 -21.91 72.78 11.21
CA VAL N 484 -22.42 73.55 12.35
C VAL N 484 -22.38 75.04 12.04
N LYS N 485 -21.24 75.52 11.55
CA LYS N 485 -21.09 76.94 11.23
C LYS N 485 -22.12 77.38 10.21
N ASP N 486 -22.29 76.61 9.13
CA ASP N 486 -23.19 77.01 8.07
C ASP N 486 -24.64 77.02 8.54
N THR N 487 -25.05 76.03 9.33
CA THR N 487 -26.42 76.03 9.84
C THR N 487 -26.66 77.26 10.72
N ALA N 488 -25.73 77.55 11.64
CA ALA N 488 -25.90 78.71 12.50
C ALA N 488 -25.97 79.99 11.69
N VAL N 489 -25.09 80.13 10.70
CA VAL N 489 -25.03 81.37 9.93
C VAL N 489 -26.29 81.55 9.10
N LEU N 490 -26.80 80.46 8.50
CA LEU N 490 -28.01 80.60 7.71
C LEU N 490 -29.21 80.94 8.59
N LYS N 491 -29.30 80.31 9.77
CA LYS N 491 -30.38 80.65 10.68
C LYS N 491 -30.34 82.12 11.08
N HIS N 492 -29.15 82.63 11.39
CA HIS N 492 -29.06 84.04 11.74
C HIS N 492 -29.11 84.97 10.54
N ALA N 493 -29.02 84.45 9.33
CA ALA N 493 -29.03 85.29 8.14
C ALA N 493 -30.41 85.43 7.51
N TYR N 494 -31.27 84.41 7.63
CA TYR N 494 -32.64 84.56 7.13
C TYR N 494 -33.55 85.29 8.08
N GLN N 495 -33.03 86.02 9.06
CA GLN N 495 -33.86 86.81 9.95
C GLN N 495 -33.91 88.29 9.57
N ALA N 496 -32.93 88.77 8.81
CA ALA N 496 -32.85 90.18 8.48
C ALA N 496 -33.95 90.59 7.52
N ILE N 497 -34.34 91.87 7.58
CA ILE N 497 -35.36 92.43 6.71
C ILE N 497 -34.92 93.81 6.27
N ASP N 498 -35.08 94.10 4.97
CA ASP N 498 -34.61 95.36 4.43
C ASP N 498 -35.51 96.52 4.87
N PRO N 499 -34.97 97.72 4.92
CA PRO N 499 -35.80 98.89 5.26
C PRO N 499 -36.59 99.40 4.07
N ASN N 500 -36.05 99.21 2.86
CA ASN N 500 -36.71 99.70 1.67
C ASN N 500 -38.02 98.98 1.39
N THR N 501 -38.19 97.78 1.93
CA THR N 501 -39.48 97.09 1.87
C THR N 501 -39.79 96.51 3.24
N GLY N 502 -40.78 95.64 3.33
CA GLY N 502 -41.20 95.16 4.62
C GLY N 502 -40.82 93.73 4.96
N LYS N 503 -40.81 92.84 3.97
CA LYS N 503 -40.83 91.42 4.30
C LYS N 503 -39.49 90.90 4.81
N GLU N 504 -38.48 90.85 3.96
CA GLU N 504 -37.13 90.42 4.35
C GLU N 504 -36.26 90.42 3.09
N TYR N 505 -34.96 90.18 3.30
CA TYR N 505 -34.04 90.07 2.18
C TYR N 505 -34.17 88.74 1.47
N LEU N 506 -33.87 87.65 2.17
CA LEU N 506 -33.80 86.33 1.57
C LEU N 506 -35.16 85.63 1.65
N ARG N 507 -35.48 84.88 0.59
CA ARG N 507 -36.76 84.20 0.49
C ARG N 507 -36.53 82.85 -0.17
N ALA N 508 -37.61 82.20 -0.59
CA ALA N 508 -37.52 80.87 -1.17
C ALA N 508 -37.15 80.94 -2.65
N GLY N 509 -36.31 80.01 -3.08
CA GLY N 509 -35.89 79.95 -4.48
C GLY N 509 -35.06 81.15 -4.89
N GLN N 510 -33.84 81.25 -4.37
CA GLN N 510 -33.00 82.43 -4.58
C GLN N 510 -31.85 82.21 -5.55
N SER N 511 -31.62 80.98 -6.02
CA SER N 511 -30.52 80.68 -6.94
C SER N 511 -29.17 81.03 -6.30
N VAL N 512 -28.86 80.30 -5.25
CA VAL N 512 -27.66 80.52 -4.46
C VAL N 512 -26.44 79.94 -5.17
N ALA N 513 -25.27 80.50 -4.87
CA ALA N 513 -23.99 79.99 -5.33
C ALA N 513 -23.07 79.83 -4.13
N TYR N 514 -22.34 78.73 -4.09
CA TYR N 514 -21.52 78.36 -2.92
C TYR N 514 -20.05 78.45 -3.30
N PHE N 515 -19.43 79.61 -3.04
CA PHE N 515 -18.01 79.75 -3.29
C PHE N 515 -17.21 78.98 -2.26
N GLY N 516 -16.25 78.19 -2.71
CA GLY N 516 -15.41 77.44 -1.81
C GLY N 516 -15.94 76.08 -1.42
N ALA N 517 -16.59 75.38 -2.35
CA ALA N 517 -17.01 74.00 -2.08
C ALA N 517 -15.80 73.16 -1.71
N SER N 518 -16.04 72.11 -0.94
CA SER N 518 -14.92 71.44 -0.29
C SER N 518 -14.84 69.96 -0.59
N ALA N 519 -13.90 69.30 0.08
CA ALA N 519 -13.59 67.90 -0.16
C ALA N 519 -14.70 67.01 0.39
N GLY N 520 -14.47 65.70 0.32
CA GLY N 520 -15.36 64.78 0.98
C GLY N 520 -15.45 65.03 2.47
N HIS N 521 -16.60 64.69 3.04
CA HIS N 521 -16.86 64.91 4.47
C HIS N 521 -17.31 63.62 5.13
N SER N 522 -16.89 62.47 4.59
CA SER N 522 -17.23 61.13 5.08
C SER N 522 -18.67 60.76 4.77
N GLY N 523 -19.43 61.69 4.19
CA GLY N 523 -20.78 61.40 3.72
C GLY N 523 -20.87 61.61 2.23
N ALA N 524 -21.54 62.69 1.82
CA ALA N 524 -21.53 63.05 0.42
C ALA N 524 -20.23 63.75 0.06
N ASP N 525 -19.99 63.88 -1.24
CA ASP N 525 -18.81 64.56 -1.76
C ASP N 525 -19.10 66.03 -2.03
N GLN N 526 -19.57 66.71 -0.99
CA GLN N 526 -19.89 68.12 -1.07
C GLN N 526 -20.19 68.63 0.34
N PRO N 527 -20.38 69.93 0.54
CA PRO N 527 -20.72 70.42 1.88
C PRO N 527 -22.01 69.80 2.39
N LEU N 528 -21.99 69.42 3.67
CA LEU N 528 -23.12 68.68 4.24
C LEU N 528 -24.35 69.54 4.46
N VAL N 529 -24.29 70.85 4.18
CA VAL N 529 -25.46 71.71 4.33
C VAL N 529 -26.35 71.68 3.11
N ILE N 530 -25.83 71.27 1.95
CA ILE N 530 -26.58 71.41 0.70
C ILE N 530 -27.82 70.53 0.73
N GLU N 531 -27.69 69.27 1.16
CA GLU N 531 -28.82 68.35 1.12
C GLU N 531 -29.94 68.81 2.05
N PRO N 532 -29.71 69.02 3.35
CA PRO N 532 -30.80 69.49 4.21
C PRO N 532 -31.32 70.85 3.81
N TRP N 533 -30.45 71.75 3.35
CA TRP N 533 -30.91 73.09 3.03
C TRP N 533 -31.70 73.12 1.72
N MET N 534 -31.50 72.14 0.85
CA MET N 534 -32.37 72.02 -0.32
C MET N 534 -33.67 71.31 0.02
N GLN N 535 -33.61 70.30 0.88
CA GLN N 535 -34.82 69.58 1.26
C GLN N 535 -35.69 70.34 2.24
N GLY N 536 -35.20 71.42 2.81
CA GLY N 536 -35.99 72.19 3.75
C GLY N 536 -36.03 71.56 5.13
N LYS N 537 -34.85 71.27 5.69
CA LYS N 537 -34.77 70.58 6.96
C LYS N 537 -34.19 71.44 8.09
N ILE N 538 -33.64 72.61 7.78
CA ILE N 538 -33.00 73.43 8.82
C ILE N 538 -34.03 74.10 9.72
N SER N 539 -35.30 74.12 9.34
CA SER N 539 -36.42 74.60 10.15
C SER N 539 -36.43 76.11 10.30
N GLY N 540 -35.52 76.83 9.65
CA GLY N 540 -35.52 78.27 9.72
C GLY N 540 -35.19 78.89 8.38
N VAL N 541 -35.04 78.05 7.37
CA VAL N 541 -34.59 78.48 6.04
C VAL N 541 -35.53 77.90 4.99
N PRO N 542 -36.06 78.72 4.08
CA PRO N 542 -36.78 78.16 2.94
C PRO N 542 -35.78 77.61 1.92
N PRO N 543 -36.12 76.52 1.25
CA PRO N 543 -35.18 75.92 0.31
C PRO N 543 -35.00 76.79 -0.91
N PRO N 544 -33.78 76.92 -1.40
CA PRO N 544 -33.52 77.72 -2.61
C PRO N 544 -33.90 76.95 -3.87
N SER N 545 -33.63 77.56 -5.02
CA SER N 545 -33.93 76.91 -6.28
C SER N 545 -32.83 75.94 -6.69
N SER N 546 -31.57 76.37 -6.59
CA SER N 546 -30.45 75.52 -6.98
C SER N 546 -29.20 76.03 -6.28
N VAL N 547 -28.18 75.17 -6.24
CA VAL N 547 -26.93 75.48 -5.55
C VAL N 547 -25.78 75.03 -6.44
N ARG N 548 -25.04 75.99 -6.99
CA ARG N 548 -23.85 75.68 -7.77
C ARG N 548 -22.61 75.90 -6.91
N GLN N 549 -21.59 75.09 -7.17
CA GLN N 549 -20.41 75.03 -6.32
C GLN N 549 -19.17 75.48 -7.07
N PHE N 550 -18.22 76.05 -6.33
CA PHE N 550 -16.98 76.54 -6.91
C PHE N 550 -15.86 76.40 -5.89
N GLY N 551 -14.66 76.18 -6.37
CA GLY N 551 -13.50 76.13 -5.51
C GLY N 551 -12.47 75.15 -6.00
N TYR N 552 -11.25 75.27 -5.45
CA TYR N 552 -10.16 74.38 -5.82
C TYR N 552 -10.51 72.93 -5.54
N ASP N 553 -11.18 72.67 -4.42
CA ASP N 553 -11.39 71.32 -3.91
C ASP N 553 -12.84 70.87 -4.10
N VAL N 554 -13.47 71.29 -5.19
CA VAL N 554 -14.86 70.92 -5.44
C VAL N 554 -14.91 69.59 -6.18
N ALA N 555 -16.05 68.90 -6.08
CA ALA N 555 -16.25 67.63 -6.75
C ALA N 555 -17.45 67.60 -7.67
N LYS N 556 -18.37 68.54 -7.55
CA LYS N 556 -19.55 68.61 -8.40
C LYS N 556 -19.75 70.02 -8.93
N GLY N 557 -18.65 70.69 -9.26
CA GLY N 557 -18.72 72.03 -9.81
C GLY N 557 -17.39 72.41 -10.39
N ALA N 558 -17.36 73.59 -11.01
CA ALA N 558 -16.14 74.07 -11.63
C ALA N 558 -15.08 74.37 -10.57
N ILE N 559 -13.82 74.33 -11.00
CA ILE N 559 -12.70 74.73 -10.16
C ILE N 559 -12.06 75.96 -10.79
N VAL N 560 -11.93 77.03 -10.01
CA VAL N 560 -11.46 78.33 -10.51
C VAL N 560 -10.69 79.03 -9.40
N ASP N 561 -10.01 80.11 -9.78
CA ASP N 561 -9.38 81.01 -8.82
C ASP N 561 -10.39 82.12 -8.52
N LEU N 562 -11.05 82.03 -7.37
CA LEU N 562 -12.13 82.95 -7.05
C LEU N 562 -11.65 84.38 -6.83
N ALA N 563 -10.35 84.60 -6.68
CA ALA N 563 -9.81 85.94 -6.51
C ALA N 563 -9.71 86.73 -7.81
N ARG N 564 -10.31 86.24 -8.89
CA ARG N 564 -10.24 86.90 -10.19
C ARG N 564 -11.55 86.65 -10.92
N PRO N 565 -11.85 87.44 -11.95
CA PRO N 565 -13.07 87.20 -12.71
C PRO N 565 -13.01 85.87 -13.44
N PHE N 566 -14.18 85.33 -13.77
CA PHE N 566 -14.28 84.04 -14.42
C PHE N 566 -15.64 83.93 -15.08
N PRO N 567 -15.79 83.05 -16.07
CA PRO N 567 -17.04 82.95 -16.82
C PRO N 567 -18.12 82.27 -16.01
N SER N 568 -19.14 83.03 -15.61
CA SER N 568 -20.23 82.48 -14.82
C SER N 568 -21.45 83.37 -14.99
N GLY N 569 -22.59 82.88 -14.50
CA GLY N 569 -23.82 83.64 -14.55
C GLY N 569 -23.88 84.67 -13.44
N ASP N 570 -25.05 84.83 -12.84
CA ASP N 570 -25.24 85.77 -11.74
C ASP N 570 -26.16 85.13 -10.71
N TYR N 571 -25.88 85.39 -9.43
CA TYR N 571 -26.53 84.67 -8.35
C TYR N 571 -27.06 85.66 -7.32
N GLN N 572 -28.29 85.41 -6.87
CA GLN N 572 -28.95 86.29 -5.90
C GLN N 572 -28.38 86.15 -4.49
N PHE N 573 -27.60 85.10 -4.22
CA PHE N 573 -27.02 84.90 -2.90
C PHE N 573 -25.80 84.01 -3.05
N VAL N 574 -24.63 84.57 -2.79
CA VAL N 574 -23.37 83.84 -2.89
C VAL N 574 -22.81 83.69 -1.49
N TYR N 575 -22.53 82.45 -1.10
CA TYR N 575 -22.04 82.12 0.24
C TYR N 575 -20.61 81.63 0.10
N SER N 576 -19.66 82.50 0.41
CA SER N 576 -18.25 82.20 0.24
C SER N 576 -17.65 81.68 1.54
N ASP N 577 -17.04 80.50 1.47
CA ASP N 577 -16.34 79.93 2.60
C ASP N 577 -14.85 79.80 2.32
N VAL N 578 -14.36 80.42 1.23
CA VAL N 578 -12.96 80.32 0.88
C VAL N 578 -12.12 81.08 1.90
N ASP N 579 -11.02 80.46 2.32
CA ASP N 579 -10.16 81.00 3.36
C ASP N 579 -8.94 81.68 2.75
N GLN N 580 -8.25 82.47 3.58
CA GLN N 580 -7.11 83.25 3.14
C GLN N 580 -5.78 82.61 3.54
N VAL N 581 -5.72 81.29 3.57
CA VAL N 581 -4.52 80.58 3.96
C VAL N 581 -3.85 79.88 2.79
N VAL N 582 -4.65 79.33 1.87
CA VAL N 582 -4.07 78.54 0.78
C VAL N 582 -3.29 79.43 -0.19
N ASP N 583 -3.81 80.62 -0.48
CA ASP N 583 -3.12 81.53 -1.39
C ASP N 583 -2.30 82.58 -0.67
N GLY N 584 -2.64 82.91 0.57
CA GLY N 584 -1.82 83.81 1.35
C GLY N 584 -0.54 83.10 1.78
N HIS N 585 0.59 83.49 1.20
CA HIS N 585 1.85 82.75 1.40
C HIS N 585 2.46 83.08 2.75
N ASP N 586 1.70 82.79 3.80
CA ASP N 586 2.12 82.99 5.19
C ASP N 586 2.54 84.44 5.42
N ASP N 587 1.68 85.37 5.02
CA ASP N 587 1.96 86.78 5.17
C ASP N 587 0.66 87.53 5.41
N LEU N 588 0.62 88.31 6.50
CA LEU N 588 -0.62 88.98 6.88
C LEU N 588 -1.03 90.01 5.84
N SER N 589 -0.07 90.73 5.27
CA SER N 589 -0.40 91.72 4.25
C SER N 589 -0.97 91.06 3.00
N ILE N 590 -0.36 89.94 2.58
CA ILE N 590 -0.88 89.23 1.42
C ILE N 590 -2.27 88.70 1.69
N SER N 591 -2.51 88.21 2.91
CA SER N 591 -3.84 87.72 3.24
C SER N 591 -4.86 88.84 3.23
N SER N 592 -4.49 90.03 3.71
CA SER N 592 -5.40 91.16 3.67
C SER N 592 -5.72 91.57 2.24
N GLY N 593 -4.70 91.60 1.38
CA GLY N 593 -4.94 91.91 -0.02
C GLY N 593 -5.84 90.87 -0.67
N LEU N 594 -5.66 89.60 -0.30
CA LEU N 594 -6.53 88.57 -0.83
C LEU N 594 -7.96 88.75 -0.35
N VAL N 595 -8.13 89.19 0.91
CA VAL N 595 -9.47 89.46 1.42
C VAL N 595 -10.12 90.56 0.60
N GLU N 596 -9.34 91.59 0.27
CA GLU N 596 -9.87 92.68 -0.55
C GLU N 596 -10.31 92.16 -1.92
N SER N 597 -9.46 91.37 -2.57
CA SER N 597 -9.79 90.86 -3.89
C SER N 597 -11.01 89.95 -3.86
N LEU N 598 -11.15 89.15 -2.80
CA LEU N 598 -12.29 88.24 -2.71
C LEU N 598 -13.58 89.00 -2.42
N LEU N 599 -13.52 90.04 -1.59
CA LEU N 599 -14.68 90.93 -1.45
C LEU N 599 -15.07 91.52 -2.80
N ASP N 600 -14.08 91.96 -3.57
CA ASP N 600 -14.36 92.56 -4.87
C ASP N 600 -15.05 91.56 -5.80
N SER N 601 -14.51 90.35 -5.88
CA SER N 601 -15.12 89.33 -6.73
C SER N 601 -16.53 88.98 -6.26
N CYS N 602 -16.69 88.71 -4.97
CA CYS N 602 -17.98 88.33 -4.42
C CYS N 602 -19.02 89.44 -4.55
N VAL N 603 -18.60 90.69 -4.68
CA VAL N 603 -19.57 91.75 -4.93
C VAL N 603 -19.84 91.90 -6.43
N HIS N 604 -18.87 91.61 -7.29
CA HIS N 604 -19.17 91.64 -8.72
C HIS N 604 -20.14 90.53 -9.12
N ALA N 605 -20.10 89.39 -8.44
CA ALA N 605 -20.86 88.21 -8.88
C ALA N 605 -22.11 87.99 -8.04
N THR N 606 -22.85 89.05 -7.66
CA THR N 606 -23.87 88.86 -6.65
C THR N 606 -25.20 89.53 -6.99
N ALA N 607 -25.54 89.65 -8.29
CA ALA N 607 -26.92 89.90 -8.72
C ALA N 607 -27.58 91.10 -8.05
N PRO N 608 -27.31 92.34 -8.54
CA PRO N 608 -27.71 93.56 -7.81
C PRO N 608 -29.13 93.56 -7.26
N GLY N 609 -29.21 93.63 -5.95
CA GLY N 609 -30.45 93.39 -5.22
C GLY N 609 -30.38 92.20 -4.28
N GLY N 610 -29.25 91.49 -4.20
CA GLY N 610 -29.12 90.33 -3.36
C GLY N 610 -28.15 90.53 -2.23
N SER N 611 -27.61 89.42 -1.73
CA SER N 611 -26.74 89.44 -0.56
C SER N 611 -25.66 88.38 -0.70
N PHE N 612 -24.64 88.49 0.15
CA PHE N 612 -23.55 87.52 0.15
C PHE N 612 -23.03 87.35 1.56
N VAL N 613 -22.15 86.36 1.74
CA VAL N 613 -21.56 86.04 3.03
C VAL N 613 -20.10 85.66 2.79
N MET N 614 -19.19 86.38 3.42
CA MET N 614 -17.77 86.10 3.30
C MET N 614 -17.15 85.94 4.68
N LYS N 615 -16.21 85.01 4.79
CA LYS N 615 -15.47 84.81 6.02
C LYS N 615 -14.14 85.54 5.97
N ILE N 616 -13.71 86.02 7.12
CA ILE N 616 -12.46 86.76 7.25
C ILE N 616 -11.63 86.07 8.31
N ASN N 617 -10.54 85.43 7.89
CA ASN N 617 -9.70 84.72 8.85
C ASN N 617 -8.98 85.69 9.78
N PHE N 618 -8.36 86.72 9.23
CA PHE N 618 -7.41 87.56 9.94
C PHE N 618 -7.87 89.00 9.87
N PRO N 619 -8.84 89.39 10.70
CA PRO N 619 -9.39 90.76 10.65
C PRO N 619 -8.31 91.77 11.02
N THR N 620 -8.02 92.68 10.10
CA THR N 620 -7.03 93.72 10.32
C THR N 620 -7.61 95.06 9.89
N ARG N 621 -6.98 96.13 10.41
CA ARG N 621 -7.49 97.48 10.16
C ARG N 621 -7.48 97.83 8.68
N THR N 622 -6.55 97.25 7.91
CA THR N 622 -6.60 97.44 6.47
C THR N 622 -7.88 96.87 5.89
N VAL N 623 -8.28 95.68 6.34
CA VAL N 623 -9.53 95.09 5.87
C VAL N 623 -10.72 95.94 6.28
N TRP N 624 -10.72 96.43 7.53
CA TRP N 624 -11.83 97.26 7.98
C TRP N 624 -11.93 98.54 7.15
N HIS N 625 -10.79 99.20 6.91
CA HIS N 625 -10.80 100.43 6.13
C HIS N 625 -11.27 100.17 4.71
N TYR N 626 -10.80 99.09 4.09
CA TYR N 626 -11.22 98.79 2.73
C TYR N 626 -12.71 98.52 2.66
N ILE N 627 -13.24 97.77 3.63
CA ILE N 627 -14.67 97.49 3.63
C ILE N 627 -15.47 98.78 3.80
N GLU N 628 -15.03 99.64 4.73
CA GLU N 628 -15.73 100.90 4.95
C GLU N 628 -15.69 101.79 3.71
N GLN N 629 -14.58 101.76 2.97
CA GLN N 629 -14.43 102.64 1.83
C GLN N 629 -15.13 102.13 0.58
N LYS N 630 -15.24 100.82 0.40
CA LYS N 630 -15.69 100.28 -0.87
C LYS N 630 -17.00 99.51 -0.80
N ILE N 631 -17.29 98.82 0.29
CA ILE N 631 -18.43 97.90 0.35
C ILE N 631 -19.65 98.55 0.99
N LEU N 632 -19.45 99.27 2.09
CA LEU N 632 -20.58 99.87 2.80
C LEU N 632 -21.38 100.84 1.96
N PRO N 633 -20.79 101.80 1.23
CA PRO N 633 -21.59 102.74 0.45
C PRO N 633 -22.43 102.10 -0.64
N ASN N 634 -22.21 100.83 -0.98
CA ASN N 634 -22.98 100.15 -2.02
C ASN N 634 -23.85 99.03 -1.46
N VAL N 635 -24.17 99.09 -0.17
CA VAL N 635 -24.95 98.04 0.49
C VAL N 635 -26.04 98.68 1.31
N THR N 636 -27.18 98.00 1.41
CA THR N 636 -28.31 98.53 2.17
C THR N 636 -28.16 98.26 3.66
N SER N 637 -27.78 97.05 4.03
CA SER N 637 -27.62 96.69 5.43
C SER N 637 -26.64 95.53 5.52
N TYR N 638 -26.21 95.24 6.75
CA TYR N 638 -25.20 94.21 6.95
C TYR N 638 -25.25 93.71 8.39
N MET N 639 -24.64 92.56 8.61
CA MET N 639 -24.36 92.06 9.94
C MET N 639 -23.13 91.16 9.85
N LEU N 640 -22.50 90.94 10.99
CA LEU N 640 -21.33 90.07 11.06
C LEU N 640 -21.45 89.19 12.30
N ILE N 641 -21.30 87.88 12.11
CA ILE N 641 -21.56 86.91 13.15
C ILE N 641 -20.31 86.07 13.38
N LYS N 642 -20.35 85.28 14.44
CA LYS N 642 -19.23 84.43 14.83
C LYS N 642 -19.76 83.19 15.52
N PRO N 643 -19.92 82.09 14.79
CA PRO N 643 -20.28 80.81 15.43
C PRO N 643 -19.06 80.19 16.09
N PHE N 644 -19.02 80.26 17.41
CA PHE N 644 -17.86 79.80 18.16
C PHE N 644 -17.84 78.27 18.21
N VAL N 645 -16.89 77.66 17.49
CA VAL N 645 -16.67 76.23 17.60
C VAL N 645 -15.23 75.89 17.95
N THR N 646 -14.27 76.75 17.64
CA THR N 646 -12.87 76.52 17.97
C THR N 646 -12.21 77.86 18.21
N ASN N 647 -11.20 77.86 19.08
CA ASN N 647 -10.59 79.11 19.52
C ASN N 647 -9.81 79.72 18.36
N ASN N 648 -10.28 80.86 17.86
CA ASN N 648 -9.62 81.58 16.77
C ASN N 648 -10.35 82.91 16.57
N VAL N 649 -9.82 83.73 15.69
CA VAL N 649 -10.32 85.09 15.51
C VAL N 649 -11.01 85.27 14.16
N GLU N 650 -11.46 84.19 13.54
CA GLU N 650 -12.19 84.34 12.29
C GLU N 650 -13.56 84.93 12.54
N VAL N 651 -14.07 85.67 11.56
CA VAL N 651 -15.39 86.28 11.64
C VAL N 651 -16.04 86.24 10.27
N PHE N 652 -17.37 86.17 10.26
CA PHE N 652 -18.14 86.20 9.03
C PHE N 652 -18.71 87.58 8.80
N PHE N 653 -18.83 87.95 7.53
CA PHE N 653 -19.38 89.25 7.13
C PHE N 653 -20.53 89.00 6.17
N VAL N 654 -21.70 89.55 6.50
CA VAL N 654 -22.91 89.36 5.71
C VAL N 654 -23.40 90.73 5.28
N ALA N 655 -23.49 90.93 3.96
CA ALA N 655 -23.97 92.18 3.39
C ALA N 655 -25.29 91.93 2.67
N PHE N 656 -26.22 92.86 2.81
CA PHE N 656 -27.57 92.71 2.27
C PHE N 656 -27.86 93.82 1.26
N GLY N 657 -28.47 93.44 0.14
CA GLY N 657 -28.88 94.41 -0.85
C GLY N 657 -27.73 95.16 -1.48
N VAL N 658 -26.91 94.45 -2.26
CA VAL N 658 -25.73 95.04 -2.88
C VAL N 658 -26.13 95.88 -4.08
N HIS N 659 -25.21 96.71 -4.56
CA HIS N 659 -25.43 97.53 -5.75
C HIS N 659 -26.53 98.56 -5.55
N GLN N 660 -26.65 99.08 -4.32
CA GLN N 660 -27.61 100.12 -4.01
C GLN N 660 -26.91 101.20 -3.20
N GLN N 661 -27.04 102.44 -3.63
CA GLN N 661 -26.37 103.54 -2.95
C GLN N 661 -26.93 103.72 -1.54
N SER N 662 -26.05 103.97 -0.60
CA SER N 662 -26.44 104.16 0.79
C SER N 662 -25.22 104.65 1.57
N ALA N 663 -25.49 105.33 2.68
CA ALA N 663 -24.45 105.84 3.57
C ALA N 663 -24.42 104.95 4.81
N LEU N 664 -23.39 104.11 4.91
CA LEU N 664 -23.23 103.20 6.04
C LEU N 664 -21.82 103.31 6.59
N THR N 665 -21.70 103.11 7.90
CA THR N 665 -20.42 103.16 8.58
C THR N 665 -20.43 102.18 9.74
N TRP N 666 -19.24 101.82 10.22
CA TRP N 666 -19.17 100.98 11.40
C TRP N 666 -19.69 101.75 12.61
N THR N 667 -20.16 101.01 13.61
CA THR N 667 -20.89 101.62 14.71
C THR N 667 -20.37 101.11 16.05
N SER N 668 -20.89 101.71 17.12
CA SER N 668 -20.50 101.32 18.47
C SER N 668 -20.86 99.88 18.77
N GLY N 669 -21.95 99.38 18.17
CA GLY N 669 -22.27 97.96 18.31
C GLY N 669 -21.16 97.08 17.77
N VAL N 670 -20.66 97.41 16.58
CA VAL N 670 -19.55 96.65 16.00
C VAL N 670 -18.31 96.79 16.88
N TYR N 671 -18.11 97.98 17.45
CA TYR N 671 -16.97 98.18 18.33
C TYR N 671 -17.03 97.25 19.53
N PHE N 672 -18.17 97.22 20.22
CA PHE N 672 -18.33 96.36 21.39
C PHE N 672 -18.20 94.90 21.01
N PHE N 673 -18.78 94.52 19.85
CA PHE N 673 -18.67 93.16 19.38
C PHE N 673 -17.22 92.75 19.19
N LEU N 674 -16.44 93.58 18.50
CA LEU N 674 -15.04 93.25 18.24
C LEU N 674 -14.25 93.20 19.53
N VAL N 675 -14.54 94.09 20.47
CA VAL N 675 -13.85 94.08 21.75
C VAL N 675 -14.08 92.76 22.47
N ASP N 676 -15.35 92.36 22.62
CA ASP N 676 -15.66 91.10 23.28
C ASP N 676 -15.05 89.92 22.54
N HIS N 677 -15.08 89.97 21.21
CA HIS N 677 -14.50 88.92 20.38
C HIS N 677 -13.03 88.71 20.71
N PHE N 678 -12.23 89.77 20.57
CA PHE N 678 -10.79 89.65 20.79
C PHE N 678 -10.48 89.33 22.23
N TYR N 679 -11.25 89.86 23.18
CA TYR N 679 -10.91 89.60 24.58
C TYR N 679 -11.22 88.16 24.97
N ARG N 680 -12.32 87.60 24.45
CA ARG N 680 -12.59 86.20 24.74
C ARG N 680 -11.58 85.29 24.05
N TYR N 681 -11.12 85.67 22.86
CA TYR N 681 -10.00 84.94 22.27
C TYR N 681 -8.80 84.95 23.20
N GLU N 682 -8.45 86.13 23.70
CA GLU N 682 -7.29 86.23 24.59
C GLU N 682 -7.45 85.38 25.83
N THR N 683 -8.64 85.40 26.44
CA THR N 683 -8.86 84.64 27.66
C THR N 683 -8.76 83.14 27.41
N LEU N 684 -9.42 82.66 26.36
CA LEU N 684 -9.34 81.22 26.08
C LEU N 684 -7.93 80.81 25.69
N SER N 685 -7.17 81.69 25.03
CA SER N 685 -5.79 81.35 24.72
C SER N 685 -4.95 81.25 25.99
N ALA N 686 -5.10 82.21 26.89
CA ALA N 686 -4.36 82.17 28.15
C ALA N 686 -4.74 80.95 28.98
N ILE N 687 -5.98 80.49 28.87
CA ILE N 687 -6.38 79.28 29.58
C ILE N 687 -5.76 78.06 28.93
N SER N 688 -5.86 77.94 27.61
CA SER N 688 -5.42 76.74 26.93
C SER N 688 -3.90 76.61 26.86
N ARG N 689 -3.17 77.71 27.05
CA ARG N 689 -1.71 77.61 27.07
C ARG N 689 -1.17 77.15 28.41
N GLN N 690 -2.03 76.79 29.36
CA GLN N 690 -1.59 76.27 30.65
C GLN N 690 -1.92 74.81 30.85
N LEU N 691 -2.69 74.20 29.95
CA LEU N 691 -3.01 72.79 30.07
C LEU N 691 -1.89 71.94 29.50
N PRO N 692 -1.84 70.66 29.86
CA PRO N 692 -0.80 69.78 29.30
C PRO N 692 -1.09 69.45 27.85
N SER N 693 -0.12 68.81 27.21
CA SER N 693 -0.27 68.45 25.81
C SER N 693 -1.35 67.38 25.65
N PHE N 694 -1.58 66.97 24.41
CA PHE N 694 -2.73 66.10 24.13
C PHE N 694 -2.45 64.65 24.53
N GLY N 695 -1.26 64.15 24.21
CA GLY N 695 -0.92 62.79 24.58
C GLY N 695 0.20 62.72 25.59
N TYR N 696 0.18 63.62 26.57
CA TYR N 696 1.30 63.74 27.50
C TYR N 696 1.33 62.53 28.44
N VAL N 697 2.48 62.34 29.07
CA VAL N 697 2.64 61.41 30.17
C VAL N 697 2.89 62.23 31.44
N ASP N 698 2.02 62.07 32.42
CA ASP N 698 2.09 62.90 33.61
C ASP N 698 3.13 62.35 34.58
N ASP N 699 3.77 63.25 35.32
CA ASP N 699 4.69 62.82 36.36
C ASP N 699 4.63 63.71 37.59
N GLY N 700 3.65 64.61 37.69
CA GLY N 700 3.55 65.50 38.82
C GLY N 700 4.15 66.87 38.64
N SER N 701 4.61 67.21 37.43
CA SER N 701 5.22 68.51 37.19
C SER N 701 4.20 69.56 36.76
N SER N 702 3.28 69.20 35.88
CA SER N 702 2.29 70.15 35.41
C SER N 702 1.39 70.61 36.56
N VAL N 703 1.04 71.90 36.56
CA VAL N 703 0.25 72.44 37.66
C VAL N 703 -1.14 71.82 37.68
N THR N 704 -1.64 71.36 36.54
CA THR N 704 -2.92 70.68 36.44
C THR N 704 -2.69 69.31 35.82
N GLY N 705 -3.27 68.28 36.42
CA GLY N 705 -3.09 66.94 35.92
C GLY N 705 -3.64 65.92 36.89
N ILE N 706 -3.45 64.66 36.53
CA ILE N 706 -3.95 63.54 37.31
C ILE N 706 -2.88 63.13 38.32
N GLU N 707 -3.30 62.38 39.34
CA GLU N 707 -2.35 61.81 40.29
C GLU N 707 -3.01 60.70 41.09
N ILE N 708 -2.33 59.56 41.20
CA ILE N 708 -2.87 58.38 41.87
C ILE N 708 -1.75 57.73 42.68
N ILE N 709 -2.14 57.03 43.74
CA ILE N 709 -1.20 56.31 44.59
C ILE N 709 -1.77 54.92 44.86
N SER N 710 -0.88 54.02 45.25
CA SER N 710 -1.25 52.63 45.55
C SER N 710 -0.60 52.23 46.86
N ILE N 711 -1.42 51.76 47.80
CA ILE N 711 -0.95 51.29 49.09
C ILE N 711 -1.53 49.91 49.34
N GLU N 712 -0.75 49.06 50.00
CA GLU N 712 -1.14 47.68 50.24
C GLU N 712 -1.83 47.55 51.59
N ASN N 713 -3.08 47.12 51.56
CA ASN N 713 -3.84 46.86 52.79
C ASN N 713 -4.23 45.38 52.90
N PRO N 714 -3.50 44.61 53.67
CA PRO N 714 -3.80 43.17 53.76
C PRO N 714 -4.97 42.91 54.69
N GLY N 715 -6.13 42.62 54.11
CA GLY N 715 -7.28 42.19 54.89
C GLY N 715 -7.73 43.21 55.93
N PHE N 716 -7.99 42.71 57.13
CA PHE N 716 -8.48 43.54 58.23
C PHE N 716 -7.29 44.02 59.04
N SER N 717 -7.15 45.33 59.17
CA SER N 717 -6.00 45.87 59.90
C SER N 717 -6.17 47.38 60.04
N ASN N 718 -5.45 47.92 61.01
CA ASN N 718 -5.34 49.36 61.18
C ASN N 718 -4.14 49.84 60.37
N MET N 719 -4.38 50.68 59.37
CA MET N 719 -3.29 51.10 58.50
C MET N 719 -2.26 51.90 59.28
N THR N 720 -1.00 51.69 58.93
CA THR N 720 0.11 52.23 59.71
C THR N 720 0.17 53.75 59.57
N GLN N 721 1.13 54.35 60.29
CA GLN N 721 1.31 55.79 60.23
C GLN N 721 1.76 56.22 58.84
N ALA N 722 2.56 55.40 58.18
CA ALA N 722 3.12 55.79 56.88
C ALA N 722 2.03 55.90 55.82
N ALA N 723 1.21 54.87 55.67
CA ALA N 723 0.15 54.91 54.67
C ALA N 723 -0.85 56.01 54.99
N ARG N 724 -1.14 56.23 56.27
CA ARG N 724 -2.03 57.31 56.66
C ARG N 724 -1.46 58.66 56.25
N VAL N 725 -0.17 58.88 56.49
CA VAL N 725 0.45 60.14 56.11
C VAL N 725 0.45 60.30 54.60
N GLY N 726 0.65 59.20 53.87
CA GLY N 726 0.63 59.28 52.42
C GLY N 726 -0.73 59.68 51.88
N ILE N 727 -1.78 59.06 52.41
CA ILE N 727 -3.13 59.40 51.97
C ILE N 727 -3.47 60.83 52.35
N SER N 728 -3.03 61.27 53.54
CA SER N 728 -3.28 62.65 53.94
C SER N 728 -2.56 63.63 53.01
N GLY N 729 -1.34 63.29 52.61
CA GLY N 729 -0.62 64.13 51.67
C GLY N 729 -1.31 64.21 50.33
N LEU N 730 -1.82 63.07 49.84
CA LEU N 730 -2.55 63.10 48.58
C LEU N 730 -3.81 63.94 48.70
N CYS N 731 -4.50 63.86 49.84
CA CYS N 731 -5.70 64.67 50.02
C CYS N 731 -5.36 66.16 50.04
N ALA N 732 -4.30 66.52 50.77
CA ALA N 732 -3.89 67.93 50.80
C ALA N 732 -3.43 68.40 49.44
N ASN N 733 -2.87 67.51 48.63
CA ASN N 733 -2.43 67.88 47.29
C ASN N 733 -3.62 68.06 46.35
N VAL N 734 -4.66 67.24 46.53
CA VAL N 734 -5.81 67.30 45.64
C VAL N 734 -6.70 68.50 45.97
N GLY N 735 -6.98 68.74 47.24
CA GLY N 735 -7.82 69.88 47.57
C GLY N 735 -9.26 69.68 47.17
N ASN N 736 -9.96 68.82 47.91
CA ASN N 736 -11.40 68.52 47.83
C ASN N 736 -11.96 68.44 46.41
N ALA N 737 -11.20 67.88 45.49
CA ALA N 737 -11.77 67.42 44.24
C ALA N 737 -12.36 66.03 44.44
N ARG N 738 -13.00 65.50 43.40
CA ARG N 738 -13.56 64.17 43.51
C ARG N 738 -12.46 63.13 43.60
N LYS N 739 -12.64 62.17 44.50
CA LYS N 739 -11.65 61.13 44.75
C LYS N 739 -12.33 59.78 44.74
N SER N 740 -11.81 58.87 43.94
CA SER N 740 -12.35 57.53 43.81
C SER N 740 -11.31 56.50 44.21
N ILE N 741 -11.78 55.36 44.73
CA ILE N 741 -10.90 54.31 45.22
C ILE N 741 -11.25 53.00 44.53
N ALA N 742 -10.29 52.09 44.53
CA ALA N 742 -10.48 50.76 43.96
C ALA N 742 -9.65 49.78 44.77
N ILE N 743 -10.22 48.61 45.04
CA ILE N 743 -9.56 47.57 45.81
C ILE N 743 -9.59 46.28 44.99
N TYR N 744 -8.46 45.59 44.94
CA TYR N 744 -8.35 44.41 44.09
C TYR N 744 -7.01 43.73 44.37
N GLU N 745 -6.92 42.47 43.97
CA GLU N 745 -5.71 41.68 44.15
C GLU N 745 -4.87 41.75 42.88
N SER N 746 -3.64 42.23 43.01
CA SER N 746 -2.76 42.47 41.86
C SER N 746 -1.45 41.76 42.11
N HIS N 747 -1.21 40.66 41.39
CA HIS N 747 0.03 39.92 41.45
C HIS N 747 0.20 39.27 42.82
N GLY N 748 -0.87 38.61 43.27
CA GLY N 748 -0.83 37.93 44.54
C GLY N 748 -0.74 38.83 45.74
N ALA N 749 -1.11 40.10 45.60
CA ALA N 749 -1.20 41.01 46.73
C ALA N 749 -2.49 41.80 46.61
N ARG N 750 -2.99 42.27 47.74
CA ARG N 750 -4.22 43.05 47.80
C ARG N 750 -3.85 44.50 48.03
N VAL N 751 -4.29 45.38 47.11
CA VAL N 751 -3.85 46.77 47.12
C VAL N 751 -5.01 47.64 46.67
N LEU N 752 -5.11 48.83 47.24
CA LEU N 752 -6.10 49.81 46.82
C LEU N 752 -5.41 51.05 46.28
N THR N 753 -6.05 51.70 45.32
CA THR N 753 -5.53 52.89 44.67
C THR N 753 -6.51 54.04 44.84
N ILE N 754 -5.97 55.25 44.90
CA ILE N 754 -6.76 56.46 45.07
C ILE N 754 -6.44 57.39 43.91
N THR N 755 -7.46 57.70 43.11
CA THR N 755 -7.29 58.50 41.91
C THR N 755 -7.95 59.87 42.11
N SER N 756 -7.32 60.91 41.58
CA SER N 756 -7.88 62.25 41.65
C SER N 756 -6.99 63.19 40.86
N ARG N 757 -7.53 64.36 40.54
CA ARG N 757 -6.83 65.39 39.79
C ARG N 757 -6.47 66.57 40.69
N ARG N 758 -5.41 67.27 40.31
CA ARG N 758 -4.99 68.47 41.00
C ARG N 758 -5.25 69.70 40.13
N SER N 759 -5.04 70.88 40.71
CA SER N 759 -5.49 72.11 40.10
C SER N 759 -4.78 73.28 40.77
N PRO N 760 -4.67 74.42 40.08
CA PRO N 760 -4.09 75.60 40.74
C PRO N 760 -4.87 76.06 41.96
N ALA N 761 -6.19 75.85 41.96
CA ALA N 761 -6.95 76.11 43.19
C ALA N 761 -6.50 75.17 44.29
N SER N 762 -6.24 73.91 43.96
CA SER N 762 -5.70 72.97 44.93
C SER N 762 -4.36 73.45 45.47
N ALA N 763 -3.50 73.97 44.59
CA ALA N 763 -2.21 74.47 45.04
C ALA N 763 -2.37 75.69 45.95
N ARG N 764 -3.32 76.57 45.62
CA ARG N 764 -3.56 77.73 46.46
C ARG N 764 -4.06 77.33 47.83
N ARG N 765 -4.90 76.30 47.89
CA ARG N 765 -5.33 75.79 49.20
C ARG N 765 -4.16 75.19 49.96
N LYS N 766 -3.36 74.36 49.30
CA LYS N 766 -2.20 73.74 49.94
C LYS N 766 -1.18 74.76 50.41
N ALA N 767 -1.16 75.95 49.80
CA ALA N 767 -0.24 76.99 50.25
C ALA N 767 -0.63 77.60 51.59
N ARG N 768 -1.83 77.31 52.10
CA ARG N 768 -2.25 77.88 53.38
C ARG N 768 -1.76 77.04 54.55
N LEU N 769 -2.08 75.74 54.54
CA LEU N 769 -1.89 74.92 55.72
C LEU N 769 -0.41 74.76 56.06
N ARG N 770 -0.11 74.90 57.35
CA ARG N 770 1.25 74.74 57.85
C ARG N 770 1.58 73.27 58.09
N TYR N 771 0.70 72.56 58.80
CA TYR N 771 0.84 71.13 59.05
C TYR N 771 -0.27 70.41 58.31
N LEU N 772 0.09 69.36 57.58
CA LEU N 772 -0.92 68.63 56.84
C LEU N 772 -1.75 67.79 57.80
N PRO N 773 -3.07 67.94 57.81
CA PRO N 773 -3.91 67.12 58.70
C PRO N 773 -3.83 65.65 58.32
N LEU N 774 -4.34 64.81 59.21
CA LEU N 774 -4.34 63.37 59.03
C LEU N 774 -5.78 62.87 59.05
N ILE N 775 -6.18 62.17 57.98
CA ILE N 775 -7.53 61.61 57.93
C ILE N 775 -7.67 60.50 58.96
N ASP N 776 -8.93 60.14 59.23
CA ASP N 776 -9.13 58.92 60.01
C ASP N 776 -9.39 57.75 59.09
N PRO N 777 -8.71 56.63 59.28
CA PRO N 777 -8.73 55.58 58.26
C PRO N 777 -9.89 54.61 58.39
N ARG N 778 -10.92 54.95 59.16
CA ARG N 778 -11.98 53.99 59.43
C ARG N 778 -12.76 53.64 58.17
N SER N 779 -13.12 54.64 57.38
CA SER N 779 -13.95 54.40 56.20
C SER N 779 -13.25 53.52 55.18
N LEU N 780 -11.92 53.51 55.18
CA LEU N 780 -11.18 52.63 54.29
C LEU N 780 -10.87 51.28 54.92
N GLU N 781 -10.64 51.25 56.24
CA GLU N 781 -10.40 49.99 56.91
C GLU N 781 -11.62 49.09 56.89
N VAL N 782 -12.82 49.68 56.92
CA VAL N 782 -14.03 48.87 56.95
C VAL N 782 -14.25 48.13 55.64
N GLN N 783 -13.65 48.59 54.55
CA GLN N 783 -13.90 48.00 53.23
C GLN N 783 -13.36 46.58 53.19
N ALA N 784 -14.26 45.60 53.09
CA ALA N 784 -13.87 44.21 52.96
C ALA N 784 -14.42 43.64 51.65
N ARG N 785 -14.29 44.40 50.58
CA ARG N 785 -14.92 44.10 49.31
C ARG N 785 -13.90 44.14 48.18
N THR N 786 -14.36 44.08 46.94
CA THR N 786 -13.49 44.15 45.78
C THR N 786 -14.08 45.16 44.80
N ILE N 787 -13.30 46.17 44.44
CA ILE N 787 -13.73 47.25 43.57
C ILE N 787 -12.78 47.28 42.39
N LEU N 788 -13.24 46.78 41.24
CA LEU N 788 -12.38 46.66 40.07
C LEU N 788 -11.94 48.03 39.57
N PRO N 789 -10.72 48.13 39.04
CA PRO N 789 -10.20 49.43 38.60
C PRO N 789 -10.80 49.91 37.29
N SER N 790 -10.26 51.02 36.79
CA SER N 790 -10.62 51.54 35.48
C SER N 790 -9.49 52.46 35.02
N ASN N 791 -9.39 52.61 33.70
CA ASN N 791 -8.32 53.43 33.14
C ASN N 791 -8.50 54.88 33.53
N PRO N 792 -7.44 55.56 33.97
CA PRO N 792 -7.58 56.96 34.38
C PRO N 792 -7.78 57.87 33.18
N VAL N 793 -8.60 58.91 33.39
CA VAL N 793 -8.92 59.89 32.37
C VAL N 793 -8.79 61.27 32.98
N LEU N 794 -8.22 62.21 32.22
CA LEU N 794 -8.05 63.57 32.74
C LEU N 794 -9.38 64.28 32.87
N PHE N 795 -10.14 64.37 31.78
CA PHE N 795 -11.47 64.98 31.80
C PHE N 795 -12.49 63.85 31.84
N ASP N 796 -12.73 63.34 33.05
CA ASP N 796 -13.59 62.16 33.18
C ASP N 796 -15.05 62.48 32.92
N ASN N 797 -15.49 63.69 33.28
CA ASN N 797 -16.89 64.06 33.13
C ASN N 797 -17.24 64.13 31.65
N ILE N 798 -18.01 63.16 31.16
CA ILE N 798 -18.30 63.08 29.74
C ILE N 798 -19.54 63.88 29.33
N ASN N 799 -20.44 64.19 30.26
CA ASN N 799 -21.64 64.94 29.95
C ASN N 799 -21.46 66.44 30.14
N GLY N 800 -20.29 66.89 30.58
CA GLY N 800 -20.07 68.30 30.82
C GLY N 800 -20.73 68.78 32.09
N ALA N 801 -20.24 69.87 32.65
CA ALA N 801 -20.81 70.42 33.87
C ALA N 801 -22.25 70.87 33.62
N SER N 802 -22.97 71.06 34.71
CA SER N 802 -24.36 71.48 34.65
C SER N 802 -24.48 72.98 34.83
N PRO N 803 -25.62 73.56 34.46
CA PRO N 803 -25.77 75.02 34.58
C PRO N 803 -25.68 75.52 36.01
N HIS N 804 -26.14 74.74 36.98
CA HIS N 804 -25.96 75.14 38.37
C HIS N 804 -24.49 75.25 38.72
N VAL N 805 -23.69 74.27 38.29
CA VAL N 805 -22.26 74.32 38.53
C VAL N 805 -21.64 75.52 37.84
N CYS N 806 -22.06 75.80 36.61
CA CYS N 806 -21.51 76.95 35.89
C CYS N 806 -21.84 78.26 36.59
N LEU N 807 -23.05 78.40 37.11
CA LEU N 807 -23.41 79.61 37.84
C LEU N 807 -22.59 79.74 39.12
N THR N 808 -22.44 78.64 39.85
CA THR N 808 -21.60 78.66 41.04
C THR N 808 -20.17 79.05 40.70
N MET N 809 -19.68 78.63 39.54
CA MET N 809 -18.30 78.97 39.18
C MET N 809 -18.19 80.44 38.76
N MET N 810 -19.23 80.99 38.13
CA MET N 810 -19.27 82.43 37.90
C MET N 810 -19.16 83.19 39.22
N TYR N 811 -19.95 82.77 40.20
CA TYR N 811 -19.90 83.41 41.52
C TYR N 811 -18.51 83.30 42.13
N ASN N 812 -17.91 82.11 42.05
CA ASN N 812 -16.59 81.90 42.63
C ASN N 812 -15.54 82.78 41.96
N PHE N 813 -15.58 82.87 40.63
CA PHE N 813 -14.64 83.73 39.93
C PHE N 813 -14.83 85.19 40.33
N GLU N 814 -16.08 85.62 40.48
CA GLU N 814 -16.31 87.00 40.90
C GLU N 814 -15.72 87.26 42.28
N VAL N 815 -15.91 86.31 43.20
CA VAL N 815 -15.34 86.47 44.54
C VAL N 815 -13.82 86.56 44.48
N SER N 816 -13.20 85.64 43.74
CA SER N 816 -11.75 85.59 43.68
C SER N 816 -11.18 86.85 43.05
N SER N 817 -11.87 87.39 42.04
CA SER N 817 -11.41 88.64 41.45
C SER N 817 -11.63 89.83 42.37
N ALA N 818 -12.68 89.79 43.19
CA ALA N 818 -12.96 90.91 44.07
C ALA N 818 -11.95 90.98 45.21
N VAL N 819 -11.59 89.84 45.79
CA VAL N 819 -10.70 89.83 46.95
C VAL N 819 -9.27 90.10 46.50
N TYR N 820 -8.60 91.00 47.23
CA TYR N 820 -7.20 91.30 47.01
C TYR N 820 -6.35 90.50 47.98
N ASP N 821 -5.06 90.82 48.05
CA ASP N 821 -4.13 90.12 48.92
C ASP N 821 -4.08 90.77 50.29
N GLY N 822 -3.91 89.93 51.32
CA GLY N 822 -3.76 90.42 52.67
C GLY N 822 -4.97 91.17 53.19
N ASP N 823 -6.17 90.68 52.91
CA ASP N 823 -7.40 91.32 53.33
C ASP N 823 -8.20 90.37 54.22
N VAL N 824 -8.75 90.92 55.29
CA VAL N 824 -9.59 90.11 56.18
C VAL N 824 -10.97 89.98 55.58
N VAL N 825 -11.45 88.75 55.45
CA VAL N 825 -12.74 88.47 54.84
C VAL N 825 -13.58 87.65 55.81
N LEU N 826 -14.86 87.49 55.47
CA LEU N 826 -15.73 86.60 56.22
C LEU N 826 -16.91 86.26 55.33
N ASP N 827 -17.07 84.98 55.02
CA ASP N 827 -18.14 84.52 54.16
C ASP N 827 -19.30 84.00 55.01
N LEU N 828 -20.52 84.22 54.54
CA LEU N 828 -21.73 83.87 55.26
C LEU N 828 -22.33 82.62 54.64
N GLY N 829 -22.27 81.51 55.37
CA GLY N 829 -22.81 80.26 54.87
C GLY N 829 -21.93 79.61 53.82
N THR N 830 -20.73 79.19 54.21
CA THR N 830 -19.80 78.60 53.26
C THR N 830 -20.16 77.15 52.94
N GLY N 831 -20.52 76.38 53.96
CA GLY N 831 -20.79 74.98 53.77
C GLY N 831 -19.81 74.10 54.51
N PRO N 832 -20.09 72.79 54.55
CA PRO N 832 -19.15 71.86 55.19
C PRO N 832 -17.76 71.86 54.56
N GLU N 833 -17.67 72.14 53.26
CA GLU N 833 -16.39 72.25 52.57
C GLU N 833 -16.16 73.73 52.27
N ALA N 834 -15.12 74.30 52.87
CA ALA N 834 -14.82 75.73 52.73
C ALA N 834 -14.21 75.97 51.36
N LYS N 835 -15.08 75.98 50.34
CA LYS N 835 -14.61 76.19 48.98
C LYS N 835 -13.92 77.54 48.82
N ILE N 836 -14.31 78.53 49.62
CA ILE N 836 -13.69 79.85 49.55
C ILE N 836 -12.21 79.78 49.88
N LEU N 837 -11.80 78.77 50.66
CA LEU N 837 -10.38 78.59 50.97
C LEU N 837 -9.55 78.39 49.71
N GLU N 838 -10.16 77.90 48.64
CA GLU N 838 -9.45 77.71 47.38
C GLU N 838 -9.58 78.90 46.45
N LEU N 839 -10.39 79.90 46.79
CA LEU N 839 -10.63 81.02 45.88
C LEU N 839 -9.70 82.19 46.18
N ILE N 840 -9.78 82.74 47.39
CA ILE N 840 -9.05 83.96 47.74
C ILE N 840 -7.59 83.61 48.02
N PRO N 841 -6.70 84.60 48.08
CA PRO N 841 -5.26 84.29 48.22
C PRO N 841 -4.94 83.63 49.55
N SER N 842 -3.78 82.99 49.59
CA SER N 842 -3.33 82.20 50.72
C SER N 842 -2.65 83.01 51.80
N THR N 843 -2.83 84.33 51.82
CA THR N 843 -2.19 85.21 52.80
C THR N 843 -3.19 86.18 53.38
N SER N 844 -4.36 85.68 53.76
CA SER N 844 -5.41 86.53 54.29
C SER N 844 -6.31 85.73 55.21
N PRO N 845 -6.66 86.26 56.39
CA PRO N 845 -7.57 85.53 57.28
C PRO N 845 -8.97 85.44 56.69
N VAL N 846 -9.59 84.28 56.87
CA VAL N 846 -10.76 83.91 56.07
C VAL N 846 -11.92 83.45 56.95
N THR N 847 -12.03 84.00 58.16
CA THR N 847 -13.03 83.56 59.14
C THR N 847 -14.45 83.53 58.59
N CYS N 848 -15.04 82.34 58.49
CA CYS N 848 -16.32 82.13 57.82
C CYS N 848 -17.31 81.48 58.77
N VAL N 849 -18.60 81.66 58.45
CA VAL N 849 -19.69 81.21 59.31
C VAL N 849 -20.68 80.39 58.50
N ASP N 850 -21.33 79.43 59.17
CA ASP N 850 -22.34 78.58 58.55
C ASP N 850 -23.12 77.89 59.65
N ILE N 851 -24.41 77.69 59.42
CA ILE N 851 -25.25 77.07 60.45
C ILE N 851 -24.95 75.59 60.58
N ARG N 852 -24.48 74.96 59.52
CA ARG N 852 -24.19 73.54 59.67
C ARG N 852 -22.71 73.33 59.97
N PRO N 853 -22.37 72.43 60.88
CA PRO N 853 -20.97 72.31 61.31
C PRO N 853 -20.05 71.90 60.18
N THR N 854 -18.84 72.44 60.21
CA THR N 854 -17.92 72.31 59.10
C THR N 854 -17.36 70.89 59.02
N ALA N 855 -16.52 70.67 58.01
CA ALA N 855 -15.85 69.40 57.82
C ALA N 855 -14.37 69.58 57.53
N GLN N 856 -13.83 70.79 57.69
CA GLN N 856 -12.43 71.07 57.45
C GLN N 856 -11.61 70.83 58.71
N PRO N 857 -10.29 70.80 58.60
CA PRO N 857 -9.44 70.64 59.78
C PRO N 857 -9.58 71.82 60.72
N ASN N 858 -8.92 71.71 61.86
CA ASN N 858 -8.82 72.78 62.83
C ASN N 858 -7.35 72.92 63.22
N GLY N 859 -6.90 74.17 63.35
CA GLY N 859 -5.48 74.39 63.49
C GLY N 859 -4.79 74.09 62.17
N CYS N 860 -3.46 74.11 62.21
CA CYS N 860 -2.57 73.90 61.06
C CYS N 860 -2.99 74.74 59.86
N TRP N 861 -2.92 76.05 60.04
CA TRP N 861 -3.06 77.02 58.95
C TRP N 861 -2.08 78.16 59.19
N ASN N 862 -1.46 78.64 58.11
CA ASN N 862 -0.49 79.73 58.26
C ASN N 862 -1.19 81.01 58.70
N VAL N 863 -2.11 81.51 57.89
CA VAL N 863 -2.94 82.63 58.28
C VAL N 863 -4.14 82.10 59.03
N ARG N 864 -4.60 82.85 60.02
CA ARG N 864 -5.65 82.36 60.90
C ARG N 864 -6.96 82.23 60.15
N THR N 865 -7.58 81.06 60.23
CA THR N 865 -8.92 80.82 59.70
C THR N 865 -9.77 80.18 60.78
N THR N 866 -10.92 80.78 61.06
CA THR N 866 -11.79 80.31 62.12
C THR N 866 -13.16 79.93 61.55
N PHE N 867 -13.74 78.89 62.12
CA PHE N 867 -15.06 78.43 61.77
C PHE N 867 -16.00 78.63 62.95
N LEU N 868 -17.28 78.82 62.67
CA LEU N 868 -18.24 79.03 63.74
C LEU N 868 -19.65 78.96 63.17
N GLU N 869 -20.55 78.30 63.91
CA GLU N 869 -21.92 78.08 63.49
C GLU N 869 -22.86 78.84 64.44
N LEU N 870 -23.40 79.97 63.97
CA LEU N 870 -24.22 80.78 64.87
C LEU N 870 -25.43 81.42 64.21
N ASP N 871 -25.84 81.00 63.01
CA ASP N 871 -27.01 81.57 62.35
C ASP N 871 -26.83 83.07 62.13
N TYR N 872 -25.91 83.40 61.20
CA TYR N 872 -25.47 84.77 60.99
C TYR N 872 -26.61 85.77 60.83
N LEU N 873 -27.77 85.33 60.37
CA LEU N 873 -28.93 86.21 60.26
C LEU N 873 -29.60 86.38 61.62
N SER N 874 -28.84 86.83 62.61
CA SER N 874 -29.34 87.02 63.96
C SER N 874 -28.55 88.14 64.62
N ASP N 875 -28.94 88.48 65.84
CA ASP N 875 -28.39 89.64 66.53
C ASP N 875 -27.36 89.22 67.58
N GLY N 876 -26.33 90.05 67.73
CA GLY N 876 -25.41 89.95 68.83
C GLY N 876 -24.21 89.03 68.63
N TRP N 877 -23.65 89.01 67.42
CA TRP N 877 -22.44 88.23 67.19
C TRP N 877 -21.38 88.94 66.37
N ILE N 878 -21.69 90.05 65.71
CA ILE N 878 -20.72 90.67 64.81
C ILE N 878 -19.77 91.61 65.53
N THR N 879 -20.16 92.13 66.71
CA THR N 879 -19.37 93.15 67.38
C THR N 879 -17.96 92.68 67.70
N GLY N 880 -17.76 91.38 67.87
CA GLY N 880 -16.44 90.85 68.13
C GLY N 880 -15.70 90.43 66.88
N VAL N 881 -16.42 90.13 65.80
CA VAL N 881 -15.80 89.57 64.61
C VAL N 881 -15.16 90.70 63.81
N ARG N 882 -14.12 90.36 63.05
CA ARG N 882 -13.35 91.32 62.26
C ARG N 882 -13.41 90.96 60.79
N GLY N 883 -13.38 91.99 59.95
CA GLY N 883 -13.38 91.77 58.51
C GLY N 883 -13.48 93.06 57.70
N ASP N 884 -13.04 93.00 56.45
CA ASP N 884 -13.13 94.14 55.53
C ASP N 884 -14.18 93.93 54.45
N ILE N 885 -14.18 92.77 53.81
CA ILE N 885 -15.18 92.43 52.80
C ILE N 885 -15.94 91.20 53.27
N VAL N 886 -17.22 91.16 52.91
CA VAL N 886 -18.11 90.08 53.30
C VAL N 886 -18.80 89.54 52.05
N THR N 887 -18.94 88.22 51.98
CA THR N 887 -19.52 87.56 50.81
C THR N 887 -20.63 86.62 51.27
N CYS N 888 -21.79 86.69 50.61
CA CYS N 888 -22.93 85.85 50.93
C CYS N 888 -23.60 85.47 49.60
N MET N 889 -23.23 84.31 49.07
CA MET N 889 -23.69 83.86 47.77
C MET N 889 -24.40 82.52 47.89
N LEU N 890 -25.58 82.43 47.28
CA LEU N 890 -26.36 81.19 47.28
C LEU N 890 -26.81 80.79 48.68
N SER N 891 -26.93 81.76 49.59
CA SER N 891 -27.31 81.44 50.96
C SER N 891 -28.44 82.33 51.45
N LEU N 892 -28.54 83.55 50.90
CA LEU N 892 -29.53 84.49 51.41
C LEU N 892 -30.94 84.04 51.08
N GLY N 893 -31.19 83.60 49.84
CA GLY N 893 -32.49 83.08 49.49
C GLY N 893 -32.83 81.83 50.29
N ALA N 894 -31.83 80.98 50.53
CA ALA N 894 -32.06 79.78 51.33
C ALA N 894 -32.49 80.15 52.75
N ALA N 895 -31.80 81.11 53.37
CA ALA N 895 -32.18 81.53 54.71
C ALA N 895 -33.56 82.17 54.73
N ALA N 896 -33.87 82.98 53.71
CA ALA N 896 -35.19 83.60 53.65
C ALA N 896 -36.29 82.56 53.52
N ALA N 897 -36.06 81.52 52.72
CA ALA N 897 -37.04 80.46 52.61
C ALA N 897 -37.13 79.66 53.91
N GLY N 898 -36.00 79.46 54.58
CA GLY N 898 -36.02 78.70 55.82
C GLY N 898 -36.80 79.38 56.91
N LYS N 899 -36.56 80.68 57.10
CA LYS N 899 -37.32 81.43 58.10
C LYS N 899 -38.70 81.82 57.61
N SER N 900 -39.04 81.52 56.35
CA SER N 900 -40.38 81.75 55.82
C SER N 900 -40.74 83.24 55.85
N MET N 901 -39.81 84.07 55.38
CA MET N 901 -40.02 85.50 55.29
C MET N 901 -39.78 85.96 53.86
N THR N 902 -40.07 87.22 53.60
CA THR N 902 -39.86 87.79 52.28
C THR N 902 -38.38 88.12 52.08
N PHE N 903 -37.98 88.16 50.80
CA PHE N 903 -36.57 88.41 50.50
C PHE N 903 -36.15 89.79 50.93
N ASP N 904 -37.03 90.78 50.74
CA ASP N 904 -36.71 92.14 51.17
C ASP N 904 -36.53 92.21 52.68
N ALA N 905 -37.39 91.53 53.43
CA ALA N 905 -37.28 91.52 54.88
C ALA N 905 -35.97 90.87 55.32
N ALA N 906 -35.63 89.73 54.71
CA ALA N 906 -34.39 89.06 55.06
C ALA N 906 -33.18 89.93 54.72
N PHE N 907 -33.21 90.59 53.57
CA PHE N 907 -32.12 91.47 53.17
C PHE N 907 -31.99 92.65 54.15
N GLN N 908 -33.12 93.20 54.60
CA GLN N 908 -33.07 94.31 55.53
C GLN N 908 -32.52 93.86 56.88
N GLN N 909 -32.90 92.67 57.34
CA GLN N 909 -32.31 92.15 58.57
C GLN N 909 -30.81 91.96 58.43
N LEU N 910 -30.38 91.41 57.28
CA LEU N 910 -28.95 91.21 57.05
C LEU N 910 -28.20 92.54 57.06
N VAL N 911 -28.77 93.57 56.41
CA VAL N 911 -28.06 94.84 56.35
C VAL N 911 -28.04 95.51 57.71
N ARG N 912 -29.15 95.42 58.47
CA ARG N 912 -29.16 96.03 59.79
C ARG N 912 -28.19 95.34 60.74
N VAL N 913 -27.99 94.03 60.57
CA VAL N 913 -27.02 93.36 61.42
C VAL N 913 -25.60 93.65 60.95
N LEU N 914 -25.39 93.83 59.64
CA LEU N 914 -24.06 94.17 59.14
C LEU N 914 -23.67 95.60 59.46
N THR N 915 -24.64 96.48 59.75
CA THR N 915 -24.32 97.84 60.18
C THR N 915 -23.43 97.83 61.42
N ARG N 916 -23.61 96.85 62.29
CA ARG N 916 -22.72 96.72 63.45
C ARG N 916 -21.31 96.34 63.02
N SER N 917 -21.17 95.69 61.88
CA SER N 917 -19.87 95.19 61.44
C SER N 917 -18.92 96.34 61.12
N THR N 918 -17.66 96.00 60.92
CA THR N 918 -16.62 96.97 60.62
C THR N 918 -16.17 96.92 59.16
N ALA N 919 -16.84 96.13 58.33
CA ALA N 919 -16.47 96.05 56.93
C ALA N 919 -16.75 97.37 56.22
N ASN N 920 -16.18 97.51 55.02
CA ASN N 920 -16.36 98.72 54.25
C ASN N 920 -16.87 98.40 52.85
N VAL N 921 -16.45 97.27 52.31
CA VAL N 921 -16.91 96.78 51.02
C VAL N 921 -17.76 95.54 51.26
N LEU N 922 -18.81 95.38 50.47
CA LEU N 922 -19.76 94.30 50.66
C LEU N 922 -20.27 93.84 49.30
N LEU N 923 -20.17 92.55 49.03
CA LEU N 923 -20.70 91.98 47.80
C LEU N 923 -21.40 90.68 48.14
N ILE N 924 -22.69 90.58 47.77
CA ILE N 924 -23.51 89.44 48.09
C ILE N 924 -24.26 89.01 46.85
N GLN N 925 -24.84 87.81 46.91
CA GLN N 925 -25.63 87.28 45.81
C GLN N 925 -27.10 87.58 46.10
N VAL N 926 -27.50 88.80 45.76
CA VAL N 926 -28.89 89.20 45.92
C VAL N 926 -29.72 88.45 44.89
N ASN N 927 -31.04 88.48 45.04
CA ASN N 927 -31.95 87.69 44.22
C ASN N 927 -32.98 88.63 43.62
N CYS N 928 -32.72 89.07 42.38
CA CYS N 928 -33.56 90.05 41.73
C CYS N 928 -33.51 89.87 40.22
N PRO N 929 -34.65 89.92 39.54
CA PRO N 929 -34.65 89.83 38.06
C PRO N 929 -34.27 91.17 37.46
N THR N 930 -33.20 91.18 36.65
CA THR N 930 -32.72 92.39 36.00
C THR N 930 -33.06 92.42 34.51
N ASP N 931 -34.20 91.86 34.14
CA ASP N 931 -34.62 91.80 32.74
C ASP N 931 -36.06 91.30 32.73
N VAL N 932 -36.63 91.19 31.53
CA VAL N 932 -37.99 90.68 31.40
C VAL N 932 -38.04 89.24 31.86
N ILE N 933 -38.96 88.94 32.78
CA ILE N 933 -39.05 87.60 33.36
C ILE N 933 -39.43 86.61 32.27
N ARG N 934 -38.66 85.53 32.18
CA ARG N 934 -38.78 84.59 31.07
C ARG N 934 -39.18 83.18 31.48
N THR N 935 -38.90 82.76 32.72
CA THR N 935 -39.24 81.42 33.21
C THR N 935 -38.57 80.34 32.37
N ILE N 936 -37.25 80.28 32.49
CA ILE N 936 -36.41 79.30 31.80
C ILE N 936 -36.97 77.89 32.03
N LYS N 937 -37.32 77.23 30.95
CA LYS N 937 -38.04 75.96 31.04
C LYS N 937 -37.13 74.88 31.60
N GLY N 938 -37.62 74.16 32.61
CA GLY N 938 -36.92 73.03 33.18
C GLY N 938 -35.89 73.35 34.24
N TYR N 939 -35.53 74.62 34.40
CA TYR N 939 -34.50 74.98 35.37
C TYR N 939 -34.96 76.06 36.33
N LEU N 940 -35.78 77.00 35.85
CA LEU N 940 -36.24 78.09 36.70
C LEU N 940 -37.49 78.68 36.07
N GLU N 941 -38.63 78.50 36.74
CA GLU N 941 -39.89 79.12 36.30
C GLU N 941 -40.35 80.09 37.38
N ILE N 942 -40.44 81.36 37.03
CA ILE N 942 -40.72 82.42 37.98
C ILE N 942 -42.22 82.55 38.17
N ASP N 943 -42.63 82.79 39.41
CA ASP N 943 -44.03 82.97 39.76
C ASP N 943 -44.29 84.45 39.94
N GLN N 944 -45.07 85.04 39.02
CA GLN N 944 -45.38 86.45 39.10
C GLN N 944 -46.18 86.79 40.35
N THR N 945 -47.17 85.96 40.68
CA THR N 945 -48.09 86.29 41.76
C THR N 945 -47.39 86.17 43.12
N ASN N 946 -46.93 84.98 43.47
CA ASN N 946 -46.34 84.75 44.78
C ASN N 946 -44.86 85.10 44.85
N LYS N 947 -44.21 85.32 43.71
CA LYS N 947 -42.81 85.70 43.66
C LYS N 947 -41.93 84.62 44.30
N ARG N 948 -41.94 83.44 43.68
CA ARG N 948 -41.09 82.33 44.06
C ARG N 948 -40.37 81.81 42.82
N TYR N 949 -39.52 80.82 43.00
CA TYR N 949 -38.74 80.27 41.90
C TYR N 949 -39.03 78.81 41.60
N LYS N 950 -38.97 77.93 42.60
CA LYS N 950 -39.22 76.50 42.40
C LYS N 950 -38.23 75.90 41.40
N PHE N 951 -36.96 75.88 41.81
CA PHE N 951 -35.93 75.21 41.04
C PHE N 951 -36.29 73.74 40.85
N PRO N 952 -36.67 73.33 39.64
CA PRO N 952 -37.14 71.94 39.46
C PRO N 952 -36.04 70.89 39.56
N LYS N 953 -34.77 71.28 39.47
CA LYS N 953 -33.70 70.31 39.59
C LYS N 953 -33.30 70.03 41.04
N PHE N 954 -33.79 70.81 41.99
CA PHE N 954 -33.50 70.59 43.39
C PHE N 954 -34.73 70.65 44.28
N GLY N 955 -35.91 70.91 43.72
CA GLY N 955 -37.11 70.99 44.53
C GLY N 955 -37.11 72.12 45.53
N ARG N 956 -36.31 73.15 45.31
CA ARG N 956 -36.22 74.30 46.20
C ARG N 956 -36.97 75.49 45.62
N ASP N 957 -37.18 76.48 46.47
CA ASP N 957 -37.81 77.72 46.04
C ASP N 957 -37.70 78.74 47.16
N GLU N 958 -37.52 80.00 46.79
CA GLU N 958 -37.42 81.09 47.74
C GLU N 958 -37.88 82.36 47.07
N PRO N 959 -38.28 83.37 47.86
CA PRO N 959 -38.80 84.60 47.26
C PRO N 959 -37.72 85.45 46.64
N TYR N 960 -38.11 86.57 46.03
CA TYR N 960 -37.16 87.53 45.49
C TYR N 960 -37.72 88.94 45.68
N SER N 961 -36.96 89.93 45.21
CA SER N 961 -37.33 91.32 45.33
C SER N 961 -36.98 92.02 44.04
N ASP N 962 -36.94 93.35 44.07
CA ASP N 962 -36.61 94.14 42.89
C ASP N 962 -35.55 95.19 43.22
N MET N 963 -34.95 95.70 42.15
CA MET N 963 -33.74 96.51 42.27
C MET N 963 -33.97 97.78 43.06
N ASP N 964 -35.10 98.46 42.81
CA ASP N 964 -35.34 99.72 43.51
C ASP N 964 -35.55 99.49 45.01
N SER N 965 -36.25 98.41 45.38
CA SER N 965 -36.45 98.11 46.79
C SER N 965 -35.12 97.80 47.48
N LEU N 966 -34.30 96.96 46.84
CA LEU N 966 -33.01 96.63 47.43
C LEU N 966 -32.12 97.87 47.56
N GLU N 967 -32.14 98.73 46.54
CA GLU N 967 -31.33 99.94 46.61
C GLU N 967 -31.85 100.90 47.66
N ARG N 968 -33.17 100.96 47.85
CA ARG N 968 -33.72 101.80 48.91
C ARG N 968 -33.31 101.30 50.28
N ILE N 969 -33.33 99.98 50.48
CA ILE N 969 -32.88 99.42 51.75
C ILE N 969 -31.40 99.73 51.99
N CYS N 970 -30.59 99.59 50.94
CA CYS N 970 -29.16 99.88 51.09
C CYS N 970 -28.92 101.35 51.38
N ARG N 971 -29.68 102.24 50.76
CA ARG N 971 -29.53 103.67 51.01
C ARG N 971 -29.96 104.02 52.43
N ALA N 972 -31.08 103.45 52.89
CA ALA N 972 -31.50 103.67 54.27
C ALA N 972 -30.45 103.17 55.25
N ALA N 973 -29.78 102.07 54.90
CA ALA N 973 -28.67 101.58 55.73
C ALA N 973 -27.53 102.59 55.76
N TRP N 974 -26.97 102.90 54.59
CA TRP N 974 -25.87 103.85 54.48
C TRP N 974 -26.22 104.92 53.47
N PRO N 975 -26.01 106.19 53.78
CA PRO N 975 -26.31 107.26 52.81
C PRO N 975 -25.25 107.36 51.72
N ASN N 976 -23.99 107.10 52.09
CA ASN N 976 -22.87 107.25 51.16
C ASN N 976 -22.51 105.94 50.47
N CYS N 977 -23.40 104.95 50.50
CA CYS N 977 -23.13 103.69 49.81
C CYS N 977 -23.09 103.92 48.30
N SER N 978 -22.34 103.06 47.61
CA SER N 978 -22.19 103.12 46.16
C SER N 978 -22.58 101.75 45.61
N ILE N 979 -23.87 101.56 45.33
CA ILE N 979 -24.36 100.29 44.83
C ILE N 979 -23.92 100.11 43.39
N THR N 980 -23.53 98.88 43.04
CA THR N 980 -23.13 98.58 41.67
C THR N 980 -23.52 97.15 41.35
N TRP N 981 -24.12 96.95 40.18
CA TRP N 981 -24.56 95.65 39.72
C TRP N 981 -23.50 95.10 38.77
N VAL N 982 -22.78 94.08 39.22
CA VAL N 982 -21.71 93.52 38.38
C VAL N 982 -22.34 92.85 37.15
N PRO N 983 -21.86 93.12 35.95
CA PRO N 983 -22.45 92.53 34.75
C PRO N 983 -21.86 91.16 34.44
N LEU N 984 -22.70 90.31 33.84
CA LEU N 984 -22.25 89.00 33.43
C LEU N 984 -21.23 89.14 32.31
N SER N 985 -20.22 88.28 32.33
CA SER N 985 -19.10 88.37 31.40
C SER N 985 -19.40 87.52 30.17
N TYR N 986 -19.67 88.18 29.04
CA TYR N 986 -19.83 87.47 27.77
C TYR N 986 -18.52 86.96 27.22
N ASP N 987 -17.40 87.42 27.76
CA ASP N 987 -16.06 87.05 27.30
C ASP N 987 -15.56 85.74 27.91
N LEU N 988 -16.36 85.07 28.72
CA LEU N 988 -16.02 83.74 29.25
C LEU N 988 -14.77 83.77 30.11
N ARG N 989 -14.51 84.89 30.79
CA ARG N 989 -13.32 84.97 31.63
C ARG N 989 -13.38 84.02 32.81
N TRP N 990 -14.58 83.60 33.23
CA TRP N 990 -14.74 82.67 34.34
C TRP N 990 -14.42 81.24 33.94
N THR N 991 -14.18 80.98 32.67
CA THR N 991 -13.96 79.63 32.20
C THR N 991 -12.64 79.05 32.73
N LYS N 992 -11.74 79.91 33.22
CA LYS N 992 -10.48 79.45 33.80
C LYS N 992 -10.72 78.48 34.96
N LEU N 993 -11.67 78.80 35.84
CA LEU N 993 -11.94 77.95 36.99
C LEU N 993 -12.45 76.57 36.57
N ALA N 994 -13.00 76.46 35.37
CA ALA N 994 -13.54 75.18 34.90
C ALA N 994 -12.52 74.36 34.12
N LEU N 995 -11.84 74.99 33.17
CA LEU N 995 -10.88 74.25 32.36
C LEU N 995 -9.60 73.95 33.14
N LEU N 996 -9.17 74.87 33.98
CA LEU N 996 -7.92 74.52 34.65
C LEU N 996 -8.10 73.54 35.78
N GLU N 997 -9.28 72.94 36.00
CA GLU N 997 -9.43 71.90 37.01
C GLU N 997 -10.23 70.72 36.47
N SER N 998 -10.09 70.44 35.17
CA SER N 998 -10.60 69.22 34.56
C SER N 998 -12.13 69.11 34.68
N THR N 999 -12.80 70.03 33.99
CA THR N 999 -14.25 69.99 33.89
C THR N 999 -14.69 70.40 32.50
N THR N 1000 -15.50 69.56 31.85
CA THR N 1000 -16.03 69.85 30.53
C THR N 1000 -17.20 70.82 30.65
N LEU N 1001 -17.44 71.60 29.60
CA LEU N 1001 -18.37 72.71 29.70
C LEU N 1001 -19.74 72.46 29.09
N SER N 1002 -19.84 71.81 27.92
CA SER N 1002 -21.14 71.45 27.35
C SER N 1002 -21.99 72.69 27.06
N SER N 1003 -21.57 73.41 26.01
CA SER N 1003 -22.02 74.74 25.62
C SER N 1003 -23.50 75.05 25.84
N ALA N 1004 -24.39 74.09 25.62
CA ALA N 1004 -25.79 74.31 25.97
C ALA N 1004 -25.94 74.65 27.44
N SER N 1005 -25.17 73.97 28.29
CA SER N 1005 -25.22 74.26 29.72
C SER N 1005 -24.73 75.66 30.03
N VAL N 1006 -23.66 76.11 29.36
CA VAL N 1006 -23.15 77.45 29.65
C VAL N 1006 -24.12 78.51 29.14
N ARG N 1007 -24.81 78.24 28.03
CA ARG N 1007 -25.83 79.18 27.57
C ARG N 1007 -26.98 79.27 28.56
N ILE N 1008 -27.43 78.13 29.09
CA ILE N 1008 -28.49 78.15 30.09
C ILE N 1008 -28.03 78.90 31.33
N ALA N 1009 -26.77 78.72 31.73
CA ALA N 1009 -26.26 79.41 32.91
C ALA N 1009 -26.21 80.91 32.66
N GLU N 1010 -25.84 81.33 31.45
CA GLU N 1010 -25.85 82.75 31.13
C GLU N 1010 -27.26 83.32 31.19
N LEU N 1011 -28.23 82.57 30.69
CA LEU N 1011 -29.62 83.01 30.78
C LEU N 1011 -30.07 83.12 32.22
N MET N 1012 -29.65 82.17 33.07
CA MET N 1012 -30.12 82.12 34.44
C MET N 1012 -29.40 83.10 35.36
N TYR N 1013 -28.23 83.58 34.96
CA TYR N 1013 -27.51 84.54 35.81
C TYR N 1013 -28.25 85.86 35.93
N LYS N 1014 -28.94 86.28 34.87
CA LYS N 1014 -29.57 87.59 34.85
C LYS N 1014 -30.66 87.72 35.92
N TYR N 1015 -31.22 86.61 36.37
CA TYR N 1015 -32.24 86.64 37.41
C TYR N 1015 -31.65 86.51 38.81
N MET N 1016 -30.39 86.13 38.93
CA MET N 1016 -29.70 86.03 40.22
C MET N 1016 -28.37 86.75 40.15
N PRO N 1017 -28.39 88.08 40.03
CA PRO N 1017 -27.14 88.84 40.00
C PRO N 1017 -26.51 88.93 41.38
N ILE N 1018 -25.41 89.67 41.50
CA ILE N 1018 -24.78 89.92 42.78
C ILE N 1018 -24.37 91.39 42.83
N MET N 1019 -24.91 92.13 43.79
CA MET N 1019 -24.61 93.54 43.91
C MET N 1019 -23.39 93.76 44.78
N ARG N 1020 -22.55 94.70 44.39
CA ARG N 1020 -21.43 95.14 45.19
C ARG N 1020 -21.77 96.46 45.87
N ILE N 1021 -21.43 96.56 47.15
CA ILE N 1021 -21.76 97.73 47.95
C ILE N 1021 -20.50 98.24 48.62
N ASP N 1022 -20.19 99.52 48.42
CA ASP N 1022 -19.09 100.18 49.09
C ASP N 1022 -19.67 101.11 50.15
N ILE N 1023 -19.37 100.81 51.42
CA ILE N 1023 -19.93 101.59 52.51
C ILE N 1023 -19.39 103.02 52.48
N HIS N 1024 -18.12 103.17 52.13
CA HIS N 1024 -17.47 104.48 52.03
C HIS N 1024 -17.34 104.81 50.55
N GLY N 1025 -18.39 105.40 49.99
CA GLY N 1025 -18.39 105.74 48.58
C GLY N 1025 -18.68 107.20 48.32
N LEU N 1026 -18.93 107.55 47.07
CA LEU N 1026 -19.23 108.92 46.69
C LEU N 1026 -20.63 108.99 46.12
N PRO N 1027 -21.56 109.70 46.74
CA PRO N 1027 -22.92 109.80 46.19
C PRO N 1027 -22.94 110.65 44.94
N MET N 1028 -24.01 110.48 44.16
CA MET N 1028 -24.19 111.23 42.92
C MET N 1028 -25.68 111.32 42.60
N GLU N 1029 -26.15 112.55 42.39
CA GLU N 1029 -27.55 112.76 42.04
C GLU N 1029 -27.83 112.23 40.64
N LYS N 1030 -29.11 112.16 40.30
CA LYS N 1030 -29.54 111.67 39.00
C LYS N 1030 -30.92 112.22 38.69
N GLN N 1031 -31.43 111.87 37.51
CA GLN N 1031 -32.74 112.28 37.06
C GLN N 1031 -33.72 111.12 37.24
N GLY N 1032 -34.94 111.29 36.72
CA GLY N 1032 -35.97 110.30 36.91
C GLY N 1032 -35.94 109.14 35.93
N ASN N 1033 -35.81 109.43 34.64
CA ASN N 1033 -35.98 108.40 33.62
C ASN N 1033 -34.66 107.75 33.20
N PHE N 1034 -33.72 108.55 32.68
CA PHE N 1034 -32.51 108.00 32.06
C PHE N 1034 -32.86 107.01 30.96
N ILE N 1035 -33.84 107.36 30.14
CA ILE N 1035 -34.25 106.51 29.04
C ILE N 1035 -33.51 106.93 27.79
N VAL N 1036 -33.29 105.98 26.88
CA VAL N 1036 -32.54 106.26 25.67
C VAL N 1036 -33.29 107.26 24.80
N GLY N 1037 -32.54 108.03 24.02
CA GLY N 1037 -33.12 109.03 23.14
C GLY N 1037 -33.39 110.37 23.78
N GLN N 1038 -33.43 110.45 25.10
CA GLN N 1038 -33.71 111.69 25.81
C GLN N 1038 -32.48 112.13 26.58
N ASN N 1039 -32.49 113.40 26.99
CA ASN N 1039 -31.36 113.94 27.75
C ASN N 1039 -31.26 113.27 29.12
N CYS N 1040 -30.04 113.21 29.63
CA CYS N 1040 -29.77 112.57 30.92
C CYS N 1040 -28.64 113.34 31.59
N SER N 1041 -28.98 114.07 32.65
CA SER N 1041 -27.99 114.80 33.42
C SER N 1041 -27.55 113.97 34.62
N LEU N 1042 -26.39 114.32 35.16
CA LEU N 1042 -25.83 113.62 36.30
C LEU N 1042 -24.90 114.56 37.06
N VAL N 1043 -25.02 114.57 38.38
CA VAL N 1043 -24.28 115.48 39.24
C VAL N 1043 -23.37 114.67 40.15
N ILE N 1044 -22.08 115.00 40.14
CA ILE N 1044 -21.09 114.33 40.99
C ILE N 1044 -20.10 115.37 41.50
N PRO N 1045 -20.20 115.76 42.78
CA PRO N 1045 -19.38 116.85 43.29
C PRO N 1045 -18.09 116.42 43.97
N GLY N 1046 -17.11 117.31 43.89
CA GLY N 1046 -15.96 117.27 44.78
C GLY N 1046 -14.78 116.42 44.37
N PHE N 1047 -14.39 116.45 43.10
CA PHE N 1047 -13.19 115.75 42.64
C PHE N 1047 -12.16 116.73 42.07
N ASN N 1048 -12.13 117.94 42.63
CA ASN N 1048 -11.09 118.97 42.47
C ASN N 1048 -10.49 119.04 41.06
N ALA N 1049 -11.36 119.27 40.08
CA ALA N 1049 -10.97 119.67 38.73
C ALA N 1049 -10.16 118.61 37.99
N GLN N 1050 -10.15 117.38 38.48
CA GLN N 1050 -9.53 116.25 37.78
C GLN N 1050 -10.61 115.17 37.70
N ASP N 1051 -11.22 115.04 36.53
CA ASP N 1051 -12.48 114.33 36.37
C ASP N 1051 -12.36 113.23 35.31
N VAL N 1052 -11.36 112.37 35.46
CA VAL N 1052 -11.23 111.26 34.53
C VAL N 1052 -12.25 110.21 34.90
N PHE N 1053 -13.39 110.24 34.22
CA PHE N 1053 -14.48 109.29 34.42
C PHE N 1053 -14.59 108.39 33.20
N ASN N 1054 -15.13 107.19 33.42
CA ASN N 1054 -15.34 106.26 32.31
C ASN N 1054 -16.42 105.24 32.68
N CYS N 1055 -17.62 105.46 32.17
CA CYS N 1055 -18.69 104.48 32.38
C CYS N 1055 -18.57 103.36 31.36
N TYR N 1056 -18.93 102.15 31.80
CA TYR N 1056 -18.74 100.93 31.01
C TYR N 1056 -20.11 100.33 30.70
N PHE N 1057 -20.34 100.03 29.42
CA PHE N 1057 -21.58 99.39 29.01
C PHE N 1057 -21.71 98.03 29.69
N ASN N 1058 -20.79 97.12 29.37
CA ASN N 1058 -20.62 95.87 30.10
C ASN N 1058 -19.22 95.74 30.67
N SER N 1059 -18.22 95.72 29.81
CA SER N 1059 -16.83 95.83 30.23
C SER N 1059 -16.03 96.79 29.36
N ALA N 1060 -16.53 97.20 28.20
CA ALA N 1060 -15.83 98.14 27.34
C ALA N 1060 -16.04 99.56 27.82
N LEU N 1061 -15.11 100.43 27.46
CA LEU N 1061 -15.18 101.82 27.88
C LEU N 1061 -16.15 102.60 27.02
N ALA N 1062 -16.77 103.62 27.62
CA ALA N 1062 -17.66 104.53 26.91
C ALA N 1062 -17.59 105.87 27.62
N PHE N 1063 -17.24 106.92 26.87
CA PHE N 1063 -17.08 108.25 27.45
C PHE N 1063 -15.99 108.24 28.53
N SER N 1064 -14.76 108.04 28.06
CA SER N 1064 -13.61 108.19 28.95
C SER N 1064 -13.39 109.62 29.41
N THR N 1065 -14.11 110.59 28.84
CA THR N 1065 -14.19 111.99 29.25
C THR N 1065 -12.85 112.72 29.19
N GLU N 1066 -11.80 112.04 28.72
CA GLU N 1066 -10.59 112.76 28.33
C GLU N 1066 -10.79 113.47 26.99
N ASP N 1067 -11.75 113.00 26.19
CA ASP N 1067 -12.16 113.68 24.97
C ASP N 1067 -13.55 113.19 24.62
N VAL N 1068 -14.55 114.07 24.73
CA VAL N 1068 -15.93 113.66 24.50
C VAL N 1068 -16.18 113.25 23.05
N ASN N 1069 -15.31 113.67 22.12
CA ASN N 1069 -15.47 113.32 20.71
C ASN N 1069 -15.14 111.87 20.42
N SER N 1070 -14.56 111.15 21.38
CA SER N 1070 -14.21 109.74 21.19
C SER N 1070 -15.16 108.79 21.92
N ALA N 1071 -16.28 109.30 22.42
CA ALA N 1071 -17.22 108.46 23.13
C ALA N 1071 -17.93 107.51 22.17
N MET N 1072 -18.62 106.53 22.75
CA MET N 1072 -19.37 105.55 21.97
C MET N 1072 -20.88 105.72 22.11
N ILE N 1073 -21.32 106.87 22.63
CA ILE N 1073 -22.75 107.16 22.74
C ILE N 1073 -23.09 108.28 21.77
N PRO N 1074 -24.38 108.52 21.51
CA PRO N 1074 -24.75 109.55 20.52
C PRO N 1074 -24.27 110.95 20.88
N GLN N 1075 -24.14 111.27 22.16
CA GLN N 1075 -23.74 112.62 22.54
C GLN N 1075 -23.48 112.66 24.03
N VAL N 1076 -22.52 113.51 24.42
CA VAL N 1076 -22.15 113.63 25.83
C VAL N 1076 -21.31 114.88 26.02
N THR N 1077 -21.48 115.55 27.16
CA THR N 1077 -20.75 116.77 27.47
C THR N 1077 -20.44 116.78 28.97
N ALA N 1078 -19.62 117.76 29.38
CA ALA N 1078 -19.26 117.88 30.78
C ALA N 1078 -18.87 119.32 31.09
N GLN N 1079 -19.02 119.69 32.36
CA GLN N 1079 -18.63 121.00 32.85
C GLN N 1079 -18.24 120.89 34.31
N PHE N 1080 -17.37 121.79 34.76
CA PHE N 1080 -16.82 121.69 36.11
C PHE N 1080 -17.63 122.47 37.14
N ASP N 1081 -18.05 123.69 36.82
CA ASP N 1081 -18.82 124.52 37.76
C ASP N 1081 -18.01 124.78 39.03
N ALA N 1082 -16.93 125.53 38.85
CA ALA N 1082 -15.95 125.76 39.91
C ALA N 1082 -16.58 126.34 41.17
N ASN N 1083 -17.60 127.19 41.01
CA ASN N 1083 -18.25 127.76 42.18
C ASN N 1083 -18.97 126.70 43.00
N LYS N 1084 -19.49 125.66 42.35
CA LYS N 1084 -20.19 124.60 43.05
C LYS N 1084 -19.30 123.40 43.35
N GLY N 1085 -18.28 123.16 42.52
CA GLY N 1085 -17.43 122.01 42.71
C GLY N 1085 -18.09 120.70 42.34
N GLU N 1086 -18.85 120.68 41.25
CA GLU N 1086 -19.55 119.48 40.82
C GLU N 1086 -19.74 119.51 39.31
N TRP N 1087 -19.51 118.36 38.68
CA TRP N 1087 -19.70 118.21 37.25
C TRP N 1087 -21.15 117.91 36.92
N SER N 1088 -21.59 118.41 35.76
CA SER N 1088 -22.95 118.18 35.26
C SER N 1088 -22.82 117.39 33.96
N LEU N 1089 -22.73 116.07 34.09
CA LEU N 1089 -22.59 115.20 32.93
C LEU N 1089 -23.97 114.98 32.31
N ASP N 1090 -24.17 115.53 31.12
CA ASP N 1090 -25.42 115.39 30.39
C ASP N 1090 -25.11 114.70 29.06
N MET N 1091 -25.82 113.61 28.78
CA MET N 1091 -25.59 112.84 27.58
C MET N 1091 -26.86 112.09 27.20
N VAL N 1092 -26.86 111.56 25.98
CA VAL N 1092 -27.96 110.76 25.47
C VAL N 1092 -27.43 109.39 25.09
N PHE N 1093 -28.13 108.35 25.50
CA PHE N 1093 -27.70 106.98 25.28
C PHE N 1093 -28.50 106.33 24.16
N SER N 1094 -27.99 105.20 23.68
CA SER N 1094 -28.63 104.48 22.60
C SER N 1094 -28.90 103.01 22.92
N ASP N 1095 -28.42 102.49 24.03
CA ASP N 1095 -28.61 101.09 24.38
C ASP N 1095 -29.03 100.98 25.83
N ALA N 1096 -30.12 100.25 26.08
CA ALA N 1096 -30.62 100.06 27.44
C ALA N 1096 -29.76 99.05 28.18
N GLY N 1097 -29.54 99.30 29.46
CA GLY N 1097 -28.75 98.40 30.28
C GLY N 1097 -28.29 99.09 31.55
N ILE N 1098 -27.25 98.51 32.15
CA ILE N 1098 -26.68 99.00 33.40
C ILE N 1098 -25.26 99.46 33.13
N TYR N 1099 -24.91 100.64 33.64
CA TYR N 1099 -23.60 101.23 33.44
C TYR N 1099 -22.88 101.33 34.77
N THR N 1100 -21.56 101.31 34.73
CA THR N 1100 -20.74 101.26 35.94
C THR N 1100 -20.29 102.63 36.42
N MET N 1101 -19.80 103.49 35.53
CA MET N 1101 -19.32 104.82 35.92
C MET N 1101 -18.16 104.70 36.92
N GLN N 1102 -17.07 104.11 36.44
CA GLN N 1102 -15.98 103.69 37.34
C GLN N 1102 -15.36 104.87 38.06
N ALA N 1103 -15.31 106.04 37.43
CA ALA N 1103 -14.86 107.27 38.07
C ALA N 1103 -13.42 107.15 38.55
N LEU N 1104 -12.51 107.05 37.57
CA LEU N 1104 -11.08 107.05 37.86
C LEU N 1104 -10.71 108.26 38.71
N VAL N 1105 -9.94 107.99 39.78
CA VAL N 1105 -9.62 109.04 40.74
C VAL N 1105 -8.78 110.13 40.07
N GLY N 1106 -8.90 111.34 40.59
CA GLY N 1106 -8.07 112.44 40.14
C GLY N 1106 -6.67 112.36 40.72
N SER N 1107 -5.95 111.30 40.37
CA SER N 1107 -4.61 111.05 40.89
C SER N 1107 -4.08 109.80 40.20
N ASN N 1108 -2.82 109.47 40.47
CA ASN N 1108 -2.19 108.32 39.86
C ASN N 1108 -2.63 107.00 40.49
N ALA N 1109 -3.34 107.04 41.62
CA ALA N 1109 -3.80 105.82 42.24
C ALA N 1109 -4.91 105.17 41.42
N ASN N 1110 -5.30 103.96 41.82
CA ASN N 1110 -6.35 103.23 41.12
C ASN N 1110 -7.67 103.99 41.18
N PRO N 1111 -8.62 103.65 40.32
CA PRO N 1111 -9.90 104.37 40.30
C PRO N 1111 -10.81 103.94 41.43
N VAL N 1112 -11.43 104.93 42.06
CA VAL N 1112 -12.44 104.69 43.08
C VAL N 1112 -13.81 104.63 42.41
N SER N 1113 -14.53 103.53 42.63
CA SER N 1113 -15.77 103.29 41.92
C SER N 1113 -16.88 104.20 42.42
N LEU N 1114 -17.85 104.45 41.55
CA LEU N 1114 -19.11 105.10 41.89
C LEU N 1114 -20.25 104.12 41.66
N GLY N 1115 -21.45 104.57 41.95
CA GLY N 1115 -22.63 103.74 41.77
C GLY N 1115 -22.86 103.40 40.31
N SER N 1116 -23.83 102.52 40.10
CA SER N 1116 -24.28 102.14 38.76
C SER N 1116 -25.67 102.73 38.53
N PHE N 1117 -26.08 102.72 37.26
CA PHE N 1117 -27.39 103.24 36.90
C PHE N 1117 -27.88 102.54 35.65
N VAL N 1118 -29.19 102.30 35.60
CA VAL N 1118 -29.84 101.58 34.51
C VAL N 1118 -30.57 102.59 33.63
N VAL N 1119 -30.53 102.35 32.32
CA VAL N 1119 -31.25 103.17 31.36
C VAL N 1119 -32.39 102.35 30.79
N ASP N 1120 -33.55 102.99 30.63
CA ASP N 1120 -34.75 102.31 30.19
C ASP N 1120 -34.87 102.37 28.67
N SER N 1121 -35.57 101.39 28.10
CA SER N 1121 -35.80 101.32 26.66
C SER N 1121 -36.59 102.52 26.19
N PRO N 1122 -36.67 102.75 24.88
CA PRO N 1122 -37.40 103.92 24.37
C PRO N 1122 -38.89 103.83 24.69
N ASP N 1123 -39.50 104.99 24.87
CA ASP N 1123 -40.94 105.06 25.04
C ASP N 1123 -41.65 104.71 23.74
N VAL N 1124 -42.94 104.39 23.86
CA VAL N 1124 -43.74 104.03 22.69
C VAL N 1124 -44.84 105.06 22.49
N ASP N 1125 -44.57 106.30 22.87
CA ASP N 1125 -45.55 107.38 22.79
C ASP N 1125 -45.25 108.25 21.59
N ILE N 1126 -46.24 108.45 20.74
CA ILE N 1126 -46.09 109.20 19.49
C ILE N 1126 -47.32 110.04 19.24
N THR N 1127 -47.12 111.20 18.64
CA THR N 1127 -48.21 112.11 18.33
C THR N 1127 -47.88 112.90 17.07
N ASP N 1128 -48.89 113.07 16.22
CA ASP N 1128 -48.74 113.78 14.96
C ASP N 1128 -49.65 115.01 14.93
N ALA N 1129 -49.31 115.93 14.03
CA ALA N 1129 -50.11 117.14 13.82
C ALA N 1129 -49.69 117.78 12.52
N TRP N 1130 -50.58 118.59 11.96
CA TRP N 1130 -50.30 119.31 10.73
C TRP N 1130 -50.90 120.71 10.81
N PRO N 1131 -50.41 121.63 9.98
CA PRO N 1131 -50.92 123.00 10.02
C PRO N 1131 -52.37 123.07 9.56
N ALA N 1132 -52.98 124.22 9.82
CA ALA N 1132 -54.38 124.42 9.48
C ALA N 1132 -54.60 124.42 7.97
N GLN N 1133 -53.61 124.87 7.20
CA GLN N 1133 -53.72 124.94 5.75
C GLN N 1133 -52.85 123.87 5.10
N LEU N 1134 -53.34 123.34 3.98
CA LEU N 1134 -52.62 122.32 3.22
C LEU N 1134 -52.83 122.57 1.74
N ASP N 1135 -51.81 122.23 0.94
CA ASP N 1135 -51.85 122.42 -0.49
C ASP N 1135 -51.64 121.09 -1.22
N PHE N 1136 -52.16 121.00 -2.44
CA PHE N 1136 -52.05 119.81 -3.27
C PHE N 1136 -51.16 120.16 -4.45
N THR N 1137 -49.85 120.05 -4.26
CA THR N 1137 -48.87 120.41 -5.28
C THR N 1137 -47.75 119.38 -5.25
N ILE N 1138 -46.67 119.68 -5.97
CA ILE N 1138 -45.50 118.81 -5.94
C ILE N 1138 -44.76 118.96 -4.62
N ALA N 1139 -44.84 120.13 -3.98
CA ALA N 1139 -44.23 120.30 -2.68
C ALA N 1139 -45.07 119.69 -1.57
N GLY N 1140 -46.38 119.56 -1.78
CA GLY N 1140 -47.27 118.96 -0.82
C GLY N 1140 -47.27 119.69 0.51
N THR N 1141 -47.79 119.02 1.53
CA THR N 1141 -47.84 119.52 2.88
C THR N 1141 -46.81 118.82 3.75
N ASP N 1142 -46.72 119.27 5.00
CA ASP N 1142 -45.80 118.69 5.97
C ASP N 1142 -46.44 118.69 7.35
N VAL N 1143 -46.24 117.62 8.09
CA VAL N 1143 -46.80 117.46 9.42
C VAL N 1143 -45.65 117.44 10.43
N ASP N 1144 -45.97 117.72 11.68
CA ASP N 1144 -45.01 117.63 12.77
C ASP N 1144 -45.40 116.49 13.70
N ILE N 1145 -44.39 115.84 14.27
CA ILE N 1145 -44.59 114.63 15.05
C ILE N 1145 -43.69 114.68 16.28
N THR N 1146 -44.20 114.16 17.40
CA THR N 1146 -43.45 114.05 18.64
C THR N 1146 -43.18 112.58 18.90
N VAL N 1147 -41.92 112.19 18.86
CA VAL N 1147 -41.53 110.79 19.04
C VAL N 1147 -40.04 110.74 19.35
N ASN N 1148 -39.62 109.70 20.04
CA ASN N 1148 -38.21 109.52 20.35
C ASN N 1148 -37.42 109.34 19.05
N PRO N 1149 -36.32 110.08 18.86
CA PRO N 1149 -35.55 109.96 17.61
C PRO N 1149 -34.87 108.61 17.40
N TYR N 1150 -35.06 107.63 18.29
CA TYR N 1150 -34.42 106.33 18.13
C TYR N 1150 -35.02 105.52 16.98
N TYR N 1151 -36.19 105.90 16.48
CA TYR N 1151 -36.93 105.08 15.53
C TYR N 1151 -36.63 105.50 14.09
N ARG N 1152 -37.31 104.85 13.14
CA ARG N 1152 -37.12 105.13 11.72
C ARG N 1152 -38.41 105.47 10.99
N LEU N 1153 -39.53 104.84 11.37
CA LEU N 1153 -40.87 105.30 11.00
C LEU N 1153 -41.08 105.31 9.48
N MET N 1154 -41.09 104.11 8.90
CA MET N 1154 -41.53 104.01 7.51
C MET N 1154 -43.06 103.98 7.44
N ALA N 1155 -43.58 104.02 6.21
CA ALA N 1155 -45.02 104.22 6.02
C ALA N 1155 -45.82 102.94 6.17
N PHE N 1156 -45.59 101.97 5.27
CA PHE N 1156 -46.27 100.68 5.30
C PHE N 1156 -47.79 100.83 5.20
N VAL N 1157 -48.23 101.36 4.06
CA VAL N 1157 -49.65 101.51 3.76
C VAL N 1157 -50.18 100.14 3.34
N LYS N 1158 -50.86 99.45 4.25
CA LYS N 1158 -51.30 98.10 3.96
C LYS N 1158 -52.54 98.10 3.07
N ILE N 1159 -52.71 96.99 2.35
CA ILE N 1159 -53.93 96.76 1.57
C ILE N 1159 -54.58 95.42 1.86
N ASP N 1160 -53.84 94.44 2.35
CA ASP N 1160 -54.31 93.09 2.59
C ASP N 1160 -53.51 92.52 3.75
N GLY N 1161 -53.47 91.19 3.86
CA GLY N 1161 -52.53 90.57 4.78
C GLY N 1161 -51.11 91.06 4.62
N GLN N 1162 -50.69 91.37 3.39
CA GLN N 1162 -49.41 92.02 3.17
C GLN N 1162 -49.48 93.48 3.60
N TRP N 1163 -48.32 94.11 3.69
CA TRP N 1163 -48.22 95.47 4.19
C TRP N 1163 -47.92 96.50 3.12
N GLN N 1164 -47.00 96.22 2.20
CA GLN N 1164 -46.79 97.06 1.02
C GLN N 1164 -46.40 98.48 1.43
N ILE N 1165 -45.19 98.59 1.99
CA ILE N 1165 -44.64 99.89 2.41
C ILE N 1165 -44.79 100.92 1.28
N ALA N 1166 -44.16 100.65 0.14
CA ALA N 1166 -44.53 101.19 -1.17
C ALA N 1166 -44.76 102.70 -1.18
N ASN N 1167 -43.95 103.45 -0.44
CA ASN N 1167 -44.05 104.92 -0.44
C ASN N 1167 -42.65 105.53 -0.47
N PRO N 1168 -41.97 105.44 -1.62
CA PRO N 1168 -40.65 106.06 -1.70
C PRO N 1168 -40.69 107.57 -1.71
N ASP N 1169 -41.63 108.16 -2.44
CA ASP N 1169 -41.70 109.61 -2.61
C ASP N 1169 -42.96 110.22 -2.00
N LYS N 1170 -43.86 109.41 -1.46
CA LYS N 1170 -45.06 109.96 -0.86
C LYS N 1170 -44.77 110.55 0.52
N PHE N 1171 -43.99 109.83 1.33
CA PHE N 1171 -43.55 110.31 2.63
C PHE N 1171 -42.05 110.53 2.60
N GLN N 1172 -41.58 111.45 3.43
CA GLN N 1172 -40.17 111.80 3.41
C GLN N 1172 -39.83 112.60 4.65
N PHE N 1173 -38.80 112.18 5.38
CA PHE N 1173 -38.40 112.78 6.64
C PHE N 1173 -37.04 113.44 6.51
N PHE N 1174 -36.80 114.48 7.30
CA PHE N 1174 -35.52 115.19 7.25
C PHE N 1174 -34.51 114.66 8.28
N SER N 1175 -34.83 114.78 9.56
CA SER N 1175 -33.88 114.40 10.61
C SER N 1175 -34.64 114.12 11.89
N SER N 1176 -34.72 112.84 12.28
CA SER N 1176 -35.59 112.43 13.38
C SER N 1176 -35.19 113.04 14.73
N ASN N 1177 -33.99 113.61 14.84
CA ASN N 1177 -33.59 114.21 16.11
C ASN N 1177 -34.48 115.38 16.49
N THR N 1178 -34.83 116.23 15.51
CA THR N 1178 -35.75 117.33 15.75
C THR N 1178 -37.17 116.91 15.34
N GLY N 1179 -38.09 117.88 15.36
CA GLY N 1179 -39.43 117.62 14.86
C GLY N 1179 -39.45 117.24 13.39
N THR N 1180 -38.48 117.76 12.62
CA THR N 1180 -38.09 117.36 11.28
C THR N 1180 -39.19 117.50 10.23
N LEU N 1181 -40.36 118.04 10.59
CA LEU N 1181 -41.51 118.18 9.70
C LEU N 1181 -41.77 116.90 8.90
N VAL N 1182 -42.11 115.84 9.64
CA VAL N 1182 -42.29 114.54 9.04
C VAL N 1182 -43.42 114.55 8.02
N MET N 1183 -43.40 113.55 7.15
CA MET N 1183 -44.53 113.21 6.28
C MET N 1183 -44.90 114.37 5.36
N ASN N 1184 -43.96 114.66 4.45
CA ASN N 1184 -44.24 115.58 3.36
C ASN N 1184 -45.14 114.87 2.35
N VAL N 1185 -46.39 114.65 2.71
CA VAL N 1185 -47.28 113.82 1.92
C VAL N 1185 -47.81 114.59 0.73
N LYS N 1186 -48.00 113.89 -0.39
CA LYS N 1186 -48.59 114.43 -1.60
C LYS N 1186 -50.00 113.85 -1.71
N LEU N 1187 -50.99 114.62 -1.30
CA LEU N 1187 -52.33 114.09 -1.14
C LEU N 1187 -52.99 113.81 -2.49
N ASP N 1188 -53.89 112.85 -2.50
CA ASP N 1188 -54.69 112.48 -3.66
C ASP N 1188 -55.87 111.65 -3.19
N ILE N 1189 -56.85 111.49 -4.07
CA ILE N 1189 -58.15 110.90 -3.71
C ILE N 1189 -58.00 109.54 -3.05
N ALA N 1190 -56.97 108.78 -3.44
CA ALA N 1190 -56.79 107.43 -2.91
C ALA N 1190 -56.66 107.42 -1.40
N ASP N 1191 -56.14 108.49 -0.80
CA ASP N 1191 -55.99 108.52 0.65
C ASP N 1191 -57.33 108.38 1.36
N ARG N 1192 -58.40 108.86 0.72
CA ARG N 1192 -59.73 108.74 1.31
C ARG N 1192 -60.12 107.29 1.54
N TYR N 1193 -59.53 106.37 0.76
CA TYR N 1193 -59.78 104.95 0.92
C TYR N 1193 -58.59 104.20 1.49
N LEU N 1194 -57.53 104.89 1.91
CA LEU N 1194 -56.29 104.24 2.33
C LEU N 1194 -55.94 104.66 3.74
N LEU N 1195 -55.81 103.68 4.63
CA LEU N 1195 -55.29 103.90 5.98
C LEU N 1195 -53.85 103.41 6.03
N TYR N 1196 -53.00 104.18 6.72
CA TYR N 1196 -51.55 104.07 6.51
C TYR N 1196 -50.83 103.24 7.57
N TYR N 1197 -51.15 103.39 8.85
CA TYR N 1197 -50.51 102.61 9.90
C TYR N 1197 -48.99 102.84 9.93
N ILE N 1198 -48.61 104.06 10.30
CA ILE N 1198 -47.20 104.41 10.45
C ILE N 1198 -46.53 103.42 11.41
N ARG N 1199 -45.44 102.80 10.94
CA ARG N 1199 -44.81 101.70 11.65
C ARG N 1199 -43.35 102.00 11.94
N ASP N 1200 -42.78 101.20 12.84
CA ASP N 1200 -41.37 101.29 13.20
C ASP N 1200 -40.56 100.28 12.40
N VAL N 1201 -39.30 100.60 12.16
CA VAL N 1201 -38.41 99.75 11.36
C VAL N 1201 -37.18 99.40 12.20
N GLN N 1202 -36.90 98.10 12.29
CA GLN N 1202 -35.69 97.60 12.94
C GLN N 1202 -34.97 96.67 11.99
N SER N 1203 -33.89 96.06 12.47
CA SER N 1203 -33.13 95.11 11.65
C SER N 1203 -33.86 93.77 11.56
N ARG N 1204 -34.09 93.14 12.71
CA ARG N 1204 -34.74 91.83 12.72
C ARG N 1204 -36.23 91.97 12.41
N ASP N 1205 -36.91 92.88 13.10
CA ASP N 1205 -38.36 93.00 13.03
C ASP N 1205 -38.73 94.40 12.57
N VAL N 1206 -39.97 94.55 12.11
CA VAL N 1206 -40.50 95.83 11.65
C VAL N 1206 -41.84 96.08 12.32
N GLY N 1207 -42.05 97.32 12.76
CA GLY N 1207 -43.29 97.69 13.40
C GLY N 1207 -43.61 96.88 14.63
N PHE N 1208 -42.66 96.81 15.58
CA PHE N 1208 -42.85 96.06 16.81
C PHE N 1208 -43.10 96.92 18.03
N TYR N 1209 -42.53 98.13 18.07
CA TYR N 1209 -42.75 99.01 19.22
C TYR N 1209 -43.97 99.90 19.02
N ILE N 1210 -43.98 100.69 17.95
CA ILE N 1210 -45.06 101.64 17.68
C ILE N 1210 -45.64 101.33 16.32
N GLN N 1211 -46.97 101.22 16.25
CA GLN N 1211 -47.65 100.95 14.99
C GLN N 1211 -49.09 101.47 15.13
N HIS N 1212 -49.36 102.62 14.54
CA HIS N 1212 -50.69 103.21 14.58
C HIS N 1212 -51.00 103.84 13.24
N PRO N 1213 -52.28 103.88 12.86
CA PRO N 1213 -52.65 104.47 11.57
C PRO N 1213 -52.78 105.98 11.66
N LEU N 1214 -52.65 106.62 10.50
CA LEU N 1214 -52.91 108.04 10.35
C LEU N 1214 -54.42 108.21 10.25
N GLN N 1215 -55.06 108.27 11.41
CA GLN N 1215 -56.51 108.17 11.49
C GLN N 1215 -57.19 109.34 10.79
N LEU N 1216 -56.75 110.57 11.08
CA LEU N 1216 -57.38 111.73 10.48
C LEU N 1216 -56.81 112.06 9.11
N LEU N 1217 -55.70 111.44 8.71
CA LEU N 1217 -55.29 111.47 7.32
C LEU N 1217 -56.02 110.41 6.50
N ASN N 1218 -56.76 109.51 7.15
CA ASN N 1218 -57.66 108.63 6.41
C ASN N 1218 -58.70 109.44 5.64
N THR N 1219 -59.17 110.54 6.23
CA THR N 1219 -60.21 111.36 5.62
C THR N 1219 -59.79 112.83 5.67
N ILE N 1220 -59.81 113.48 4.51
CA ILE N 1220 -59.48 114.90 4.39
C ILE N 1220 -60.51 115.57 3.51
N THR N 1221 -60.90 116.78 3.87
CA THR N 1221 -61.79 117.59 3.04
C THR N 1221 -61.03 118.06 1.81
N LEU N 1222 -61.31 117.45 0.66
CA LEU N 1222 -60.59 117.75 -0.57
C LEU N 1222 -61.18 118.98 -1.23
N PRO N 1223 -60.40 120.04 -1.44
CA PRO N 1223 -60.94 121.22 -2.12
C PRO N 1223 -61.18 120.96 -3.61
N THR N 1224 -62.45 120.91 -4.01
CA THR N 1224 -62.79 120.67 -5.40
C THR N 1224 -62.36 121.79 -6.32
N ASN N 1225 -62.13 122.99 -5.78
CA ASN N 1225 -61.71 124.12 -6.61
C ASN N 1225 -60.30 123.90 -7.14
N GLU N 1226 -59.40 123.40 -6.31
CA GLU N 1226 -58.01 123.18 -6.71
C GLU N 1226 -57.82 121.76 -7.23
N ASP N 1227 -57.00 121.65 -8.27
CA ASP N 1227 -56.71 120.34 -8.85
C ASP N 1227 -55.98 119.46 -7.83
N LEU N 1228 -56.00 118.15 -8.10
CA LEU N 1228 -55.39 117.19 -7.21
C LEU N 1228 -54.95 115.98 -8.03
N PHE N 1229 -54.31 115.02 -7.36
CA PHE N 1229 -53.75 113.85 -8.02
C PHE N 1229 -54.77 112.70 -8.00
N LEU N 1230 -54.69 111.85 -9.03
CA LEU N 1230 -55.71 110.85 -9.30
C LEU N 1230 -55.09 109.46 -9.37
N SER N 1231 -54.27 109.11 -8.39
CA SER N 1231 -53.76 107.75 -8.30
C SER N 1231 -54.91 106.77 -8.00
N ALA N 1232 -54.65 105.50 -8.26
CA ALA N 1232 -55.73 104.55 -8.02
C ALA N 1232 -55.51 103.81 -6.71
N PRO N 1233 -56.59 103.50 -5.99
CA PRO N 1233 -56.45 102.75 -4.73
C PRO N 1233 -56.02 101.31 -4.93
N ASP N 1234 -56.70 100.59 -5.82
CA ASP N 1234 -56.47 99.17 -6.00
C ASP N 1234 -56.67 98.84 -7.48
N MET N 1235 -56.26 97.62 -7.86
CA MET N 1235 -56.41 97.19 -9.24
C MET N 1235 -57.85 96.84 -9.61
N ARG N 1236 -58.76 96.77 -8.64
CA ARG N 1236 -60.07 96.17 -8.89
C ARG N 1236 -61.06 97.15 -9.51
N GLU N 1237 -60.65 97.82 -10.59
CA GLU N 1237 -61.56 98.55 -11.48
C GLU N 1237 -62.36 99.62 -10.73
N TRP N 1238 -61.63 100.62 -10.22
CA TRP N 1238 -62.25 101.75 -9.55
C TRP N 1238 -62.73 102.76 -10.57
N ALA N 1239 -63.97 103.21 -10.44
CA ALA N 1239 -64.58 104.13 -11.39
C ALA N 1239 -64.50 105.56 -10.87
N VAL N 1240 -64.12 106.48 -11.73
CA VAL N 1240 -63.96 107.89 -11.38
C VAL N 1240 -65.27 108.62 -11.60
N LYS N 1241 -65.61 109.51 -10.67
CA LYS N 1241 -66.80 110.35 -10.77
C LYS N 1241 -66.43 111.78 -10.49
N GLU N 1242 -66.84 112.69 -11.37
CA GLU N 1242 -66.59 114.11 -11.16
C GLU N 1242 -67.63 114.73 -10.23
N SER N 1243 -68.90 114.69 -10.64
CA SER N 1243 -70.00 115.20 -9.83
C SER N 1243 -71.23 114.31 -9.91
N GLY N 1244 -71.03 113.01 -10.16
CA GLY N 1244 -72.12 112.07 -10.29
C GLY N 1244 -72.37 111.58 -11.70
N ASN N 1245 -71.63 112.09 -12.69
CA ASN N 1245 -71.80 111.67 -14.07
C ASN N 1245 -71.17 110.32 -14.38
N THR N 1246 -70.46 109.72 -13.42
CA THR N 1246 -69.85 108.39 -13.56
C THR N 1246 -68.87 108.37 -14.74
N ILE N 1247 -67.79 109.14 -14.57
CA ILE N 1247 -66.73 109.15 -15.56
C ILE N 1247 -66.16 107.73 -15.73
N CYS N 1248 -65.53 107.50 -16.87
CA CYS N 1248 -64.98 106.20 -17.23
C CYS N 1248 -64.10 105.63 -16.12
N ILE N 1249 -64.21 104.32 -15.92
CA ILE N 1249 -63.54 103.66 -14.80
C ILE N 1249 -62.04 103.75 -14.98
N LEU N 1250 -61.32 103.97 -13.87
CA LEU N 1250 -59.88 104.16 -13.93
C LEU N 1250 -59.17 102.86 -14.23
N ASN N 1251 -59.51 101.78 -13.51
CA ASN N 1251 -58.89 100.48 -13.71
C ASN N 1251 -59.73 99.58 -14.61
N SER N 1252 -60.45 100.16 -15.57
CA SER N 1252 -61.21 99.36 -16.51
C SER N 1252 -60.28 98.70 -17.51
N PRO N 1253 -60.56 97.46 -17.91
CA PRO N 1253 -59.70 96.80 -18.90
C PRO N 1253 -59.78 97.50 -20.26
N GLY N 1254 -58.63 97.76 -20.85
CA GLY N 1254 -58.57 98.52 -22.08
C GLY N 1254 -59.01 99.96 -21.87
N PHE N 1255 -58.24 100.71 -21.09
CA PHE N 1255 -58.60 102.06 -20.71
C PHE N 1255 -57.88 103.09 -21.58
N ILE N 1256 -58.58 104.17 -21.89
CA ILE N 1256 -58.02 105.31 -22.60
C ILE N 1256 -58.04 106.50 -21.67
N PRO N 1257 -56.91 107.15 -21.41
CA PRO N 1257 -56.89 108.30 -20.49
C PRO N 1257 -57.49 109.53 -21.14
N PRO N 1258 -58.35 110.26 -20.43
CA PRO N 1258 -58.90 111.50 -20.98
C PRO N 1258 -57.80 112.51 -21.25
N GLN N 1259 -58.05 113.38 -22.24
CA GLN N 1259 -57.05 114.38 -22.62
C GLN N 1259 -56.79 115.38 -21.50
N ASP N 1260 -57.81 115.69 -20.69
CA ASP N 1260 -57.63 116.64 -19.61
C ASP N 1260 -56.69 116.09 -18.54
N TRP N 1261 -56.85 114.82 -18.19
CA TRP N 1261 -56.04 114.22 -17.14
C TRP N 1261 -54.59 114.10 -17.60
N ASP N 1262 -53.67 114.67 -16.83
CA ASP N 1262 -52.25 114.61 -17.13
C ASP N 1262 -51.58 113.57 -16.25
N VAL N 1263 -50.61 112.86 -16.81
CA VAL N 1263 -49.87 111.84 -16.10
C VAL N 1263 -48.60 112.45 -15.52
N LEU N 1264 -48.38 112.24 -14.23
CA LEU N 1264 -47.17 112.74 -13.59
C LEU N 1264 -45.96 111.94 -14.02
N THR N 1265 -44.79 112.58 -13.99
CA THR N 1265 -43.56 111.92 -14.39
C THR N 1265 -43.26 110.72 -13.48
N ASP N 1266 -43.44 110.88 -12.18
CA ASP N 1266 -43.24 109.82 -11.20
C ASP N 1266 -44.57 109.56 -10.51
N THR N 1267 -45.18 108.41 -10.80
CA THR N 1267 -46.46 108.06 -10.19
C THR N 1267 -46.32 107.95 -8.69
N ILE N 1268 -47.16 108.67 -7.96
CA ILE N 1268 -47.12 108.68 -6.50
C ILE N 1268 -48.20 107.72 -6.02
N SER N 1269 -47.81 106.46 -5.84
CA SER N 1269 -48.74 105.43 -5.42
C SER N 1269 -47.95 104.26 -4.89
N TRP N 1270 -48.61 103.43 -4.07
CA TRP N 1270 -47.94 102.26 -3.51
C TRP N 1270 -47.58 101.26 -4.59
N SER N 1271 -48.45 101.11 -5.59
CA SER N 1271 -48.11 100.19 -6.67
C SER N 1271 -47.39 100.94 -7.78
N PRO N 1272 -46.21 100.49 -8.20
CA PRO N 1272 -45.52 101.17 -9.31
C PRO N 1272 -46.30 101.13 -10.61
N SER N 1273 -47.19 100.15 -10.80
CA SER N 1273 -47.95 100.07 -12.04
C SER N 1273 -48.93 101.23 -12.17
N LEU N 1274 -49.53 101.66 -11.06
CA LEU N 1274 -50.55 102.70 -11.11
C LEU N 1274 -49.93 104.05 -11.44
N PRO N 1275 -50.33 104.71 -12.51
CA PRO N 1275 -49.84 106.06 -12.80
C PRO N 1275 -50.59 107.09 -11.98
N THR N 1276 -50.19 108.35 -12.13
CA THR N 1276 -50.78 109.47 -11.41
C THR N 1276 -51.41 110.43 -12.40
N TYR N 1277 -52.60 110.94 -12.06
CA TYR N 1277 -53.33 111.86 -12.91
C TYR N 1277 -53.62 113.16 -12.15
N VAL N 1278 -54.17 114.12 -12.88
CA VAL N 1278 -54.58 115.40 -12.33
C VAL N 1278 -56.04 115.62 -12.69
N VAL N 1279 -56.81 116.17 -11.75
CA VAL N 1279 -58.24 116.36 -11.92
C VAL N 1279 -58.67 117.70 -11.32
N PRO N 1280 -58.54 118.81 -12.05
CA PRO N 1280 -58.84 120.13 -11.46
C PRO N 1280 -60.32 120.30 -11.16
N PRO N 1281 -61.25 120.03 -12.11
CA PRO N 1281 -62.67 120.29 -11.79
C PRO N 1281 -63.32 119.17 -10.99
N GLY N 1282 -63.67 119.43 -9.73
CA GLY N 1282 -64.35 118.46 -8.89
C GLY N 1282 -63.64 117.13 -8.78
N ASP N 1283 -64.21 116.10 -9.40
CA ASP N 1283 -63.61 114.77 -9.45
C ASP N 1283 -63.39 114.20 -8.05
N TYR N 1284 -64.51 113.99 -7.35
CA TYR N 1284 -64.50 113.48 -5.99
C TYR N 1284 -65.44 112.29 -5.89
N THR N 1285 -65.38 111.59 -4.75
CA THR N 1285 -66.20 110.41 -4.49
C THR N 1285 -65.93 109.33 -5.54
N LEU N 1286 -64.69 108.82 -5.52
CA LEU N 1286 -64.31 107.72 -6.39
C LEU N 1286 -65.14 106.49 -6.05
N THR N 1287 -66.03 106.10 -6.95
CA THR N 1287 -66.99 105.05 -6.63
C THR N 1287 -66.31 103.68 -6.67
N PRO N 1288 -66.67 102.78 -5.76
CA PRO N 1288 -66.09 101.43 -5.78
C PRO N 1288 -66.66 100.60 -6.92
N LEU N 1289 -66.10 99.42 -7.09
CA LEU N 1289 -66.55 98.49 -8.12
C LEU N 1289 -65.85 97.15 -7.96
CA ALA O 2 12.34 69.71 -5.85
C ALA O 2 12.22 68.20 -5.73
N ASN O 3 13.16 67.47 -6.34
CA ASN O 3 13.12 66.02 -6.29
C ASN O 3 14.53 65.47 -6.36
N VAL O 4 14.73 64.32 -5.71
CA VAL O 4 16.04 63.68 -5.72
C VAL O 4 16.09 62.64 -6.84
N TRP O 5 15.23 61.63 -6.79
CA TRP O 5 15.05 60.72 -7.90
C TRP O 5 13.57 60.44 -8.07
N GLY O 6 12.83 60.55 -6.96
CA GLY O 6 11.38 60.56 -6.98
C GLY O 6 10.90 61.80 -6.25
N VAL O 7 9.89 62.47 -6.83
CA VAL O 7 9.56 63.83 -6.42
C VAL O 7 9.10 63.85 -4.96
N ARG O 8 9.63 64.81 -4.21
CA ARG O 8 9.24 65.06 -2.84
C ARG O 8 8.49 66.37 -2.77
N LEU O 9 7.62 66.49 -1.77
CA LEU O 9 6.85 67.71 -1.56
C LEU O 9 7.77 68.90 -1.38
N ALA O 10 7.69 69.85 -2.30
CA ALA O 10 8.37 71.12 -2.14
C ALA O 10 7.41 72.13 -1.53
N ASP O 11 7.87 73.37 -1.43
CA ASP O 11 7.02 74.50 -1.07
C ASP O 11 6.64 74.52 0.41
N SER O 12 7.01 73.50 1.17
CA SER O 12 6.70 73.51 2.59
C SER O 12 7.53 72.45 3.28
N LEU O 13 7.53 72.52 4.61
CA LEU O 13 8.51 71.79 5.40
C LEU O 13 8.08 71.80 6.86
N SER O 14 7.98 70.64 7.50
CA SER O 14 7.48 70.58 8.87
C SER O 14 8.19 69.46 9.63
N SER O 15 7.89 69.38 10.92
CA SER O 15 8.47 68.38 11.79
C SER O 15 7.83 68.50 13.16
N PRO O 16 7.91 67.46 13.99
CA PRO O 16 7.33 67.51 15.33
C PRO O 16 8.00 68.57 16.19
N THR O 17 7.38 68.85 17.33
CA THR O 17 7.87 69.91 18.20
C THR O 17 8.05 69.47 19.65
N ILE O 18 7.24 68.53 20.11
CA ILE O 18 7.23 68.12 21.51
C ILE O 18 7.59 66.64 21.59
N GLU O 19 8.38 66.28 22.60
CA GLU O 19 8.83 64.91 22.80
C GLU O 19 8.54 64.50 24.23
N THR O 20 7.94 63.33 24.41
CA THR O 20 7.59 62.85 25.73
C THR O 20 8.82 62.42 26.50
N ARG O 21 8.78 62.58 27.82
CA ARG O 21 9.89 62.20 28.67
C ARG O 21 9.89 60.72 28.93
N THR O 22 11.08 60.15 29.04
CA THR O 22 11.23 58.71 29.19
C THR O 22 10.63 58.23 30.51
N ARG O 23 10.25 56.96 30.51
CA ARG O 23 9.65 56.32 31.69
C ARG O 23 10.44 55.06 32.00
N HIS O 24 10.98 54.98 33.21
CA HIS O 24 11.73 53.80 33.61
C HIS O 24 10.79 52.61 33.75
N TYR O 25 11.36 51.42 33.60
CA TYR O 25 10.61 50.18 33.52
C TYR O 25 10.81 49.42 34.82
N THR O 26 9.71 49.20 35.54
CA THR O 26 9.74 48.65 36.89
C THR O 26 9.13 47.26 36.91
N LEU O 27 9.32 46.56 38.03
CA LEU O 27 8.86 45.18 38.14
C LEU O 27 7.34 45.09 38.05
N HIS O 28 6.63 46.08 38.59
CA HIS O 28 5.18 46.10 38.44
C HIS O 28 4.78 46.18 36.99
N ASP O 29 5.46 47.04 36.22
CA ASP O 29 5.19 47.13 34.79
C ASP O 29 5.51 45.82 34.09
N PHE O 30 6.60 45.16 34.48
CA PHE O 30 6.96 43.89 33.88
C PHE O 30 5.87 42.86 34.11
N TYR O 31 5.38 42.77 35.34
CA TYR O 31 4.33 41.81 35.66
C TYR O 31 3.04 42.14 34.92
N SER O 32 2.68 43.42 34.85
CA SER O 32 1.44 43.79 34.17
C SER O 32 1.52 43.50 32.68
N ASP O 33 2.68 43.72 32.07
CA ASP O 33 2.84 43.35 30.67
C ASP O 33 2.87 41.84 30.49
N LEU O 34 3.36 41.11 31.49
CA LEU O 34 3.49 39.67 31.36
C LEU O 34 2.16 38.97 31.50
N ASP O 35 1.27 39.49 32.34
CA ASP O 35 -0.10 38.95 32.41
C ASP O 35 -1.01 39.75 31.49
N ALA O 36 -0.85 39.46 30.19
CA ALA O 36 -1.49 40.23 29.13
C ALA O 36 -3.01 40.25 29.29
N SER O 37 -3.55 41.43 29.58
CA SER O 37 -4.97 41.60 29.78
C SER O 37 -5.65 41.87 28.44
N VAL O 38 -6.97 42.04 28.47
CA VAL O 38 -7.72 42.20 27.23
C VAL O 38 -7.44 43.56 26.59
N GLY O 39 -7.17 44.58 27.40
CA GLY O 39 -6.98 45.91 26.86
C GLY O 39 -5.59 46.17 26.31
N LYS O 40 -4.57 45.56 26.90
CA LYS O 40 -3.19 45.90 26.55
C LYS O 40 -2.34 44.63 26.53
N GLU O 41 -2.23 44.02 25.36
CA GLU O 41 -1.32 42.91 25.15
C GLU O 41 0.02 43.43 24.67
N PRO O 42 1.09 42.63 24.84
CA PRO O 42 2.40 43.03 24.32
C PRO O 42 2.57 42.88 22.82
N TRP O 43 1.51 42.56 22.08
CA TRP O 43 1.59 42.40 20.63
C TRP O 43 0.49 43.22 19.98
N ARG O 44 0.45 43.19 18.65
CA ARG O 44 -0.57 43.89 17.88
C ARG O 44 -0.68 43.26 16.50
N PRO O 45 -1.87 42.81 16.11
CA PRO O 45 -2.00 42.05 14.86
C PRO O 45 -1.93 42.94 13.64
N LEU O 46 -1.15 42.50 12.65
CA LEU O 46 -1.11 43.10 11.33
C LEU O 46 -1.88 42.21 10.37
N ARG O 47 -2.67 42.82 9.50
CA ARG O 47 -3.54 42.04 8.62
C ARG O 47 -3.45 42.53 7.19
N ASN O 48 -3.73 41.62 6.26
CA ASN O 48 -3.64 41.90 4.84
C ASN O 48 -4.65 42.96 4.44
N GLN O 49 -4.29 43.74 3.41
CA GLN O 49 -5.09 44.88 2.99
C GLN O 49 -6.16 44.52 1.97
N ARG O 50 -6.18 43.29 1.47
CA ARG O 50 -7.21 42.87 0.53
C ARG O 50 -8.15 41.85 1.15
N THR O 51 -7.62 40.74 1.67
CA THR O 51 -8.47 39.75 2.32
C THR O 51 -8.88 40.17 3.72
N ASN O 52 -8.15 41.11 4.33
CA ASN O 52 -8.48 41.63 5.65
C ASN O 52 -8.41 40.52 6.70
N GLU O 53 -7.29 39.83 6.73
CA GLU O 53 -7.06 38.75 7.68
C GLU O 53 -5.67 38.88 8.27
N ILE O 54 -5.49 38.35 9.48
CA ILE O 54 -4.23 38.47 10.18
C ILE O 54 -3.16 37.65 9.47
N VAL O 55 -2.01 38.24 9.21
CA VAL O 55 -0.95 37.55 8.49
C VAL O 55 0.38 37.71 9.22
N ALA O 56 0.46 38.61 10.18
CA ALA O 56 1.70 38.85 10.90
C ALA O 56 1.36 39.49 12.25
N VAL O 57 2.38 39.71 13.06
CA VAL O 57 2.22 40.27 14.39
C VAL O 57 3.43 41.16 14.68
N GLN O 58 3.18 42.26 15.37
CA GLN O 58 4.25 43.12 15.87
C GLN O 58 4.40 42.89 17.37
N LEU O 59 5.65 42.87 17.83
CA LEU O 59 5.97 42.50 19.20
C LEU O 59 6.45 43.72 19.98
N PHE O 60 6.17 43.73 21.28
CA PHE O 60 6.50 44.87 22.12
C PHE O 60 7.32 44.47 23.35
N ARG O 61 7.52 45.42 24.26
CA ARG O 61 8.49 45.46 25.35
C ARG O 61 8.84 44.12 25.99
N PRO O 62 7.87 43.34 26.48
CA PRO O 62 8.24 42.10 27.17
C PRO O 62 8.89 41.09 26.24
N LEU O 63 8.20 40.71 25.17
CA LEU O 63 8.70 39.71 24.24
C LEU O 63 9.29 40.43 23.03
N GLN O 64 10.57 40.79 23.15
CA GLN O 64 11.26 41.47 22.07
C GLN O 64 12.69 40.94 21.94
N GLY O 65 12.92 39.72 22.42
CA GLY O 65 14.23 39.11 22.48
C GLY O 65 14.26 37.71 21.91
N LEU O 66 13.59 37.49 20.79
CA LEU O 66 13.34 36.15 20.25
C LEU O 66 14.42 35.71 19.26
N VAL O 67 15.67 36.07 19.54
CA VAL O 67 16.83 35.87 18.68
C VAL O 67 16.94 34.48 18.06
N PHE O 68 16.48 33.43 18.75
CA PHE O 68 16.70 32.08 18.26
C PHE O 68 15.91 31.83 16.97
N ASP O 69 16.08 30.64 16.41
CA ASP O 69 15.39 30.27 15.19
C ASP O 69 13.91 30.06 15.47
N THR O 70 13.09 30.15 14.41
CA THR O 70 11.64 30.09 14.58
C THR O 70 11.17 28.69 14.96
N GLN O 71 11.91 27.65 14.57
CA GLN O 71 11.44 26.30 14.84
C GLN O 71 11.57 25.93 16.31
N LEU O 72 12.51 26.56 17.03
CA LEU O 72 12.68 26.23 18.44
C LEU O 72 11.47 26.61 19.27
N TYR O 73 10.74 27.64 18.86
CA TYR O 73 9.63 28.12 19.68
C TYR O 73 8.38 27.28 19.48
N GLY O 74 8.15 26.78 18.27
CA GLY O 74 6.99 25.97 17.98
C GLY O 74 5.69 26.69 18.24
N PHE O 75 5.49 27.83 17.60
CA PHE O 75 4.24 28.55 17.78
C PHE O 75 3.12 27.89 16.99
N PRO O 76 1.87 28.08 17.42
CA PRO O 76 0.74 27.61 16.62
C PRO O 76 0.61 28.38 15.31
N GLY O 77 -0.39 28.03 14.51
CA GLY O 77 -0.52 28.64 13.20
C GLY O 77 -1.40 29.87 13.13
N THR O 78 -2.63 29.76 13.61
CA THR O 78 -3.56 30.88 13.53
C THR O 78 -3.27 31.89 14.63
N PHE O 79 -3.77 33.10 14.43
CA PHE O 79 -3.51 34.17 15.38
C PHE O 79 -4.19 33.93 16.71
N SER O 80 -5.43 33.45 16.70
CA SER O 80 -6.14 33.21 17.94
C SER O 80 -5.47 32.12 18.76
N GLN O 81 -5.14 31.00 18.10
CA GLN O 81 -4.41 29.93 18.78
C GLN O 81 -3.07 30.42 19.30
N TRP O 82 -2.37 31.23 18.50
CA TRP O 82 -1.08 31.79 18.93
C TRP O 82 -1.23 32.59 20.21
N GLU O 83 -2.19 33.51 20.24
CA GLU O 83 -2.32 34.38 21.39
C GLU O 83 -2.80 33.61 22.62
N GLN O 84 -3.66 32.59 22.43
CA GLN O 84 -4.08 31.79 23.57
C GLN O 84 -2.91 30.99 24.14
N PHE O 85 -2.12 30.37 23.26
CA PHE O 85 -0.89 29.70 23.64
C PHE O 85 0.02 30.61 24.46
N MET O 86 0.29 31.80 23.95
CA MET O 86 1.25 32.67 24.61
C MET O 86 0.69 33.22 25.91
N LYS O 87 -0.61 33.48 25.97
CA LYS O 87 -1.20 33.92 27.23
C LYS O 87 -1.11 32.83 28.29
N GLU O 88 -1.30 31.57 27.90
CA GLU O 88 -1.25 30.51 28.89
C GLU O 88 0.18 30.18 29.30
N LYS O 89 1.18 30.53 28.49
CA LYS O 89 2.57 30.30 28.87
C LYS O 89 3.16 31.45 29.69
N LEU O 90 2.77 32.68 29.39
CA LEU O 90 3.28 33.82 30.14
C LEU O 90 2.82 33.78 31.60
N ARG O 91 1.70 33.11 31.90
CA ARG O 91 1.29 32.97 33.30
C ARG O 91 2.28 32.12 34.07
N VAL O 92 2.75 31.03 33.46
CA VAL O 92 3.76 30.20 34.12
C VAL O 92 5.04 31.00 34.35
N LEU O 93 5.46 31.75 33.33
CA LEU O 93 6.64 32.58 33.50
C LEU O 93 6.46 33.60 34.63
N LYS O 94 5.28 34.21 34.69
CA LYS O 94 4.97 35.16 35.76
C LYS O 94 5.03 34.51 37.13
N TYR O 95 4.50 33.29 37.25
CA TYR O 95 4.51 32.62 38.54
C TYR O 95 5.94 32.34 38.98
N GLU O 96 6.79 31.94 38.05
CA GLU O 96 8.19 31.70 38.40
C GLU O 96 8.87 32.99 38.86
N VAL O 97 8.66 34.08 38.11
CA VAL O 97 9.31 35.35 38.45
C VAL O 97 8.82 35.85 39.80
N LEU O 98 7.53 35.70 40.08
CA LEU O 98 7.00 36.11 41.38
C LEU O 98 7.53 35.22 42.50
N ARG O 99 7.69 33.93 42.23
CA ARG O 99 8.21 33.01 43.24
C ARG O 99 9.62 33.41 43.65
N ILE O 100 10.42 33.91 42.72
CA ILE O 100 11.76 34.34 43.10
C ILE O 100 11.80 35.78 43.63
N TYR O 101 10.94 36.66 43.15
CA TYR O 101 10.89 38.05 43.61
C TYR O 101 9.52 38.38 44.16
N PRO O 102 9.36 38.52 45.48
CA PRO O 102 8.07 38.96 46.02
C PRO O 102 7.77 40.40 45.61
N ILE O 103 6.51 40.63 45.24
CA ILE O 103 6.12 41.95 44.74
C ILE O 103 6.19 42.99 45.85
N SER O 104 5.80 42.61 47.07
CA SER O 104 5.74 43.57 48.17
C SER O 104 7.13 44.13 48.49
N THR O 105 8.14 43.27 48.48
CA THR O 105 9.50 43.76 48.74
C THR O 105 10.14 44.35 47.49
N TYR O 106 9.82 43.83 46.31
CA TYR O 106 10.31 44.39 45.05
C TYR O 106 9.10 44.83 44.23
N ASN O 107 8.61 46.03 44.52
CA ASN O 107 7.54 46.65 43.75
C ASN O 107 7.98 47.86 42.95
N HIS O 108 8.83 48.71 43.51
CA HIS O 108 9.12 50.00 42.88
C HIS O 108 10.60 50.17 42.55
N ASP O 109 11.21 49.18 41.93
CA ASP O 109 12.62 49.26 41.59
C ASP O 109 12.84 48.81 40.16
N ARG O 110 13.85 49.42 39.52
CA ARG O 110 14.09 49.23 38.11
C ARG O 110 14.42 47.77 37.79
N VAL O 111 13.84 47.27 36.72
CA VAL O 111 14.14 45.94 36.21
C VAL O 111 14.94 46.08 34.93
N ASN O 112 15.87 45.15 34.72
CA ASN O 112 16.77 45.21 33.58
C ASN O 112 16.03 44.76 32.32
N VAL O 113 15.98 45.62 31.31
CA VAL O 113 15.18 45.34 30.13
C VAL O 113 15.83 44.25 29.29
N PHE O 114 17.16 44.25 29.21
CA PHE O 114 17.86 43.18 28.51
C PHE O 114 17.50 41.83 29.09
N VAL O 115 17.61 41.72 30.41
CA VAL O 115 17.31 40.47 31.08
C VAL O 115 15.86 40.09 30.88
N ALA O 116 14.95 41.07 30.92
CA ALA O 116 13.53 40.76 30.77
C ALA O 116 13.23 40.17 29.39
N ASN O 117 13.72 40.84 28.35
CA ASN O 117 13.51 40.32 26.99
C ASN O 117 14.18 38.96 26.81
N ALA O 118 15.45 38.84 27.24
CA ALA O 118 16.15 37.57 27.12
C ALA O 118 15.46 36.47 27.91
N LEU O 119 14.84 36.83 29.03
CA LEU O 119 14.18 35.85 29.89
C LEU O 119 12.94 35.30 29.21
N VAL O 120 12.10 36.18 28.65
CA VAL O 120 10.93 35.67 27.94
C VAL O 120 11.36 34.87 26.73
N GLY O 121 12.43 35.30 26.05
CA GLY O 121 12.88 34.58 24.87
C GLY O 121 13.43 33.20 25.21
N ALA O 122 14.15 33.08 26.32
CA ALA O 122 14.68 31.78 26.72
C ALA O 122 13.58 30.88 27.25
N PHE O 123 12.61 31.44 27.96
CA PHE O 123 11.52 30.62 28.46
C PHE O 123 10.67 30.08 27.32
N LEU O 124 10.42 30.90 26.29
CA LEU O 124 9.59 30.44 25.19
C LEU O 124 10.28 29.36 24.35
N SER O 125 11.60 29.22 24.47
CA SER O 125 12.34 28.24 23.69
C SER O 125 12.98 27.15 24.53
N ASN O 126 12.79 27.19 25.85
CA ASN O 126 13.32 26.15 26.74
C ASN O 126 14.84 26.09 26.69
N GLN O 127 15.46 27.20 27.07
CA GLN O 127 16.91 27.35 26.98
C GLN O 127 17.52 27.70 28.33
N ALA O 128 17.02 27.11 29.40
CA ALA O 128 17.61 27.23 30.75
C ALA O 128 17.67 28.69 31.19
N PHE O 129 16.48 29.26 31.37
CA PHE O 129 16.36 30.67 31.69
C PHE O 129 16.78 31.00 33.11
N TYR O 130 17.05 30.01 33.95
CA TYR O 130 17.33 30.28 35.36
C TYR O 130 18.57 31.15 35.55
N ASP O 131 19.57 30.98 34.69
CA ASP O 131 20.76 31.81 34.76
C ASP O 131 20.46 33.29 34.57
N LEU O 132 19.33 33.61 33.94
CA LEU O 132 18.90 35.00 33.75
C LEU O 132 18.17 35.57 34.96
N LEU O 133 17.62 34.72 35.82
CA LEU O 133 16.75 35.21 36.89
C LEU O 133 17.47 36.09 37.90
N PRO O 134 18.65 35.73 38.43
CA PRO O 134 19.29 36.62 39.41
C PRO O 134 19.85 37.91 38.84
N LEU O 135 19.66 38.18 37.54
CA LEU O 135 20.12 39.41 36.92
C LEU O 135 18.96 40.35 36.58
N LEU O 136 17.76 40.05 37.06
CA LEU O 136 16.58 40.78 36.59
C LEU O 136 16.47 42.16 37.21
N ILE O 137 16.99 42.37 38.40
CA ILE O 137 16.90 43.65 39.10
C ILE O 137 18.22 44.39 38.93
N VAL O 138 18.14 45.64 38.47
CA VAL O 138 19.34 46.39 38.11
C VAL O 138 19.98 46.96 39.37
N ASN O 139 21.27 47.29 39.25
CA ASN O 139 21.97 48.04 40.30
C ASN O 139 23.15 48.81 39.70
N ASP O 140 23.07 50.13 39.78
CA ASP O 140 24.13 51.07 39.44
C ASP O 140 24.32 51.25 37.93
N THR O 141 23.75 50.38 37.10
CA THR O 141 23.65 50.61 35.66
C THR O 141 22.96 49.42 35.01
N MET O 142 22.27 49.65 33.90
CA MET O 142 21.66 48.57 33.16
C MET O 142 22.62 47.92 32.17
N ILE O 143 23.81 48.48 31.99
CA ILE O 143 24.82 47.94 31.09
C ILE O 143 26.01 47.40 31.86
N SER O 144 26.52 48.17 32.84
CA SER O 144 27.68 47.72 33.60
C SER O 144 27.36 46.46 34.38
N ASP O 145 26.11 46.25 34.74
CA ASP O 145 25.72 45.01 35.42
C ASP O 145 26.01 43.80 34.54
N LEU O 146 25.64 43.89 33.26
CA LEU O 146 25.90 42.79 32.33
C LEU O 146 27.37 42.71 31.94
N LEU O 147 28.07 43.84 31.93
CA LEU O 147 29.52 43.78 31.68
C LEU O 147 30.25 43.12 32.82
N GLY O 148 29.78 43.29 34.05
CA GLY O 148 30.46 42.76 35.21
C GLY O 148 30.00 41.36 35.60
N THR O 149 28.83 40.95 35.12
CA THR O 149 28.36 39.61 35.42
C THR O 149 29.31 38.57 34.84
N GLY O 150 29.31 37.40 35.45
CA GLY O 150 30.17 36.31 35.00
C GLY O 150 29.39 35.09 34.60
N ALA O 151 28.07 35.22 34.51
CA ALA O 151 27.24 34.10 34.11
C ALA O 151 27.55 33.69 32.68
N ALA O 152 27.41 32.40 32.39
CA ALA O 152 27.72 31.84 31.08
C ALA O 152 26.47 31.91 30.23
N LEU O 153 26.31 33.01 29.51
CA LEU O 153 25.16 33.21 28.64
C LEU O 153 25.61 34.05 27.45
N SER O 154 25.97 33.36 26.36
CA SER O 154 26.46 34.02 25.16
C SER O 154 25.51 33.89 23.99
N GLN O 155 24.38 33.19 24.14
CA GLN O 155 23.38 33.23 23.10
C GLN O 155 22.76 34.60 22.97
N PHE O 156 22.80 35.39 24.04
CA PHE O 156 22.06 36.64 24.11
C PHE O 156 22.95 37.87 24.10
N PHE O 157 24.15 37.78 24.67
CA PHE O 157 25.06 38.92 24.69
C PHE O 157 26.41 38.46 25.19
N GLN O 158 27.43 39.28 24.91
CA GLN O 158 28.79 38.94 25.27
C GLN O 158 29.62 40.21 25.35
N SER O 159 30.31 40.40 26.47
CA SER O 159 31.05 41.63 26.70
C SER O 159 32.38 41.61 25.94
N HIS O 160 32.88 42.81 25.65
CA HIS O 160 34.15 43.01 24.97
C HIS O 160 34.98 44.06 25.67
N GLY O 161 34.97 44.07 27.00
CA GLY O 161 35.76 45.05 27.72
C GLY O 161 35.22 46.46 27.58
N GLU O 162 34.09 46.73 28.24
CA GLU O 162 33.37 48.00 28.25
C GLU O 162 32.52 48.20 27.00
N VAL O 163 32.27 47.16 26.21
CA VAL O 163 31.36 47.27 25.08
C VAL O 163 30.46 46.05 25.03
N LEU O 164 29.24 46.19 25.53
CA LEU O 164 28.30 45.07 25.53
C LEU O 164 27.74 44.86 24.14
N GLU O 165 27.61 43.60 23.75
CA GLU O 165 27.11 43.21 22.43
C GLU O 165 25.87 42.35 22.61
N VAL O 166 24.72 42.87 22.21
CA VAL O 166 23.47 42.12 22.27
C VAL O 166 22.96 41.92 20.85
N ALA O 167 22.24 40.82 20.64
CA ALA O 167 21.71 40.48 19.33
C ALA O 167 20.25 40.89 19.27
N ALA O 168 19.94 41.86 18.41
CA ALA O 168 18.56 42.31 18.24
C ALA O 168 17.72 41.20 17.64
N GLY O 169 16.43 41.22 17.95
CA GLY O 169 15.56 40.17 17.43
C GLY O 169 14.09 40.47 17.26
N ARG O 170 13.58 40.22 16.04
CA ARG O 170 12.17 39.99 15.76
C ARG O 170 11.26 41.09 16.31
N LYS O 171 11.38 42.27 15.70
CA LYS O 171 10.35 43.28 15.87
C LYS O 171 8.99 42.77 15.41
N TYR O 172 8.97 41.92 14.39
CA TYR O 172 7.74 41.42 13.79
C TYR O 172 7.64 39.92 14.01
N LEU O 173 6.63 39.31 13.40
CA LEU O 173 6.46 37.86 13.48
C LEU O 173 5.49 37.40 12.41
N GLN O 174 5.80 36.30 11.76
CA GLN O 174 5.09 35.86 10.57
C GLN O 174 4.18 34.67 10.87
N MET O 175 3.06 34.60 10.17
CA MET O 175 2.08 33.53 10.32
C MET O 175 2.10 32.64 9.09
N ASN O 176 1.18 31.67 9.08
CA ASN O 176 1.15 30.71 7.96
C ASN O 176 0.56 31.34 6.71
N ASN O 177 -0.55 32.06 6.84
CA ASN O 177 -1.21 32.63 5.67
C ASN O 177 -0.48 33.82 5.08
N TYR O 178 0.65 34.23 5.66
CA TYR O 178 1.50 35.25 5.05
C TYR O 178 2.30 34.59 3.95
N SER O 179 1.95 34.84 2.69
CA SER O 179 2.71 34.32 1.56
C SER O 179 2.99 35.46 0.60
N ASN O 180 4.03 36.25 0.91
CA ASN O 180 4.68 37.22 0.04
C ASN O 180 3.74 37.97 -0.91
N ASP O 181 2.57 38.37 -0.41
CA ASP O 181 1.56 38.93 -1.30
C ASP O 181 1.82 40.42 -1.52
N ASP O 182 1.30 40.93 -2.63
CA ASP O 182 1.46 42.34 -2.94
C ASP O 182 0.70 43.24 -1.97
N ASP O 183 -0.25 42.69 -1.21
CA ASP O 183 -0.98 43.46 -0.22
C ASP O 183 -0.60 43.11 1.20
N ASP O 184 0.32 42.16 1.40
CA ASP O 184 0.78 41.86 2.74
C ASP O 184 1.69 42.98 3.24
N PRO O 185 1.74 43.21 4.55
CA PRO O 185 2.59 44.26 5.08
C PRO O 185 4.06 43.86 5.00
N PRO O 186 4.93 44.79 4.63
CA PRO O 186 6.36 44.47 4.60
C PRO O 186 6.92 44.36 6.01
N LEU O 187 7.83 43.42 6.20
CA LEU O 187 8.40 43.16 7.50
C LEU O 187 9.82 43.67 7.66
N PHE O 188 10.47 44.09 6.58
CA PHE O 188 11.75 44.78 6.63
C PHE O 188 12.86 43.92 7.23
N ALA O 189 12.77 42.60 7.04
CA ALA O 189 13.76 41.63 7.47
C ALA O 189 13.86 41.48 8.98
N LYS O 190 13.05 42.19 9.75
CA LYS O 190 13.08 42.10 11.20
C LYS O 190 12.21 40.98 11.74
N ASP O 191 11.91 39.97 10.91
CA ASP O 191 11.08 38.86 11.36
C ASP O 191 11.87 37.58 11.61
N LEU O 192 13.09 37.48 11.09
CA LEU O 192 13.92 36.30 11.31
C LEU O 192 14.98 36.58 12.37
N SER O 193 15.75 35.54 12.68
CA SER O 193 16.57 35.48 13.88
C SER O 193 17.58 36.61 14.02
N ASP O 194 18.55 36.69 13.12
CA ASP O 194 19.69 37.58 13.27
C ASP O 194 19.82 38.48 12.04
N TYR O 195 19.40 39.74 12.18
CA TYR O 195 19.52 40.71 11.11
C TYR O 195 20.49 41.82 11.44
N ALA O 196 20.96 41.91 12.67
CA ALA O 196 21.90 42.96 13.06
C ALA O 196 22.37 42.66 14.48
N LYS O 197 23.42 43.36 14.88
CA LYS O 197 23.94 43.28 16.23
C LYS O 197 24.04 44.67 16.83
N ALA O 198 23.79 44.78 18.13
CA ALA O 198 23.80 46.05 18.83
C ALA O 198 24.98 46.08 19.79
N PHE O 199 25.79 47.13 19.70
CA PHE O 199 26.97 47.31 20.55
C PHE O 199 26.69 48.47 21.49
N TYR O 200 26.37 48.17 22.73
CA TYR O 200 26.07 49.23 23.68
C TYR O 200 27.33 49.56 24.49
N SER O 201 27.50 50.84 24.80
CA SER O 201 28.60 51.27 25.65
C SER O 201 28.14 52.49 26.44
N ASP O 202 29.09 53.20 27.05
CA ASP O 202 28.79 54.40 27.79
C ASP O 202 29.20 55.67 27.04
N THR O 203 30.14 55.60 26.12
CA THR O 203 30.62 56.77 25.41
C THR O 203 30.89 56.44 23.95
N TYR O 204 30.49 57.36 23.08
CA TYR O 204 30.71 57.16 21.66
C TYR O 204 32.19 57.13 21.31
N GLU O 205 33.04 57.74 22.14
CA GLU O 205 34.48 57.60 21.93
C GLU O 205 34.91 56.15 22.10
N VAL O 206 34.43 55.49 23.15
CA VAL O 206 34.76 54.08 23.36
C VAL O 206 34.22 53.23 22.23
N LEU O 207 33.00 53.54 21.76
CA LEU O 207 32.45 52.77 20.64
C LEU O 207 33.29 52.95 19.38
N ASP O 208 33.63 54.20 19.06
CA ASP O 208 34.42 54.49 17.86
C ASP O 208 35.77 53.79 17.94
N ARG O 209 36.37 53.74 19.13
CA ARG O 209 37.63 53.02 19.24
C ARG O 209 37.42 51.51 19.12
N PHE O 210 36.27 51.02 19.56
CA PHE O 210 35.96 49.60 19.36
C PHE O 210 35.92 49.25 17.89
N PHE O 211 35.34 50.11 17.07
CA PHE O 211 35.22 49.79 15.66
C PHE O 211 36.46 50.07 14.84
N TRP O 212 37.64 50.16 15.48
CA TRP O 212 38.87 50.17 14.70
C TRP O 212 39.29 48.76 14.32
N THR O 213 39.18 47.82 15.26
CA THR O 213 39.55 46.43 15.04
C THR O 213 38.34 45.54 14.80
N HIS O 214 37.25 46.12 14.32
CA HIS O 214 36.04 45.38 14.00
C HIS O 214 35.66 45.70 12.57
N ASP O 215 35.17 44.71 11.85
CA ASP O 215 34.82 44.90 10.44
C ASP O 215 33.49 45.63 10.35
N SER O 216 33.51 46.85 9.81
CA SER O 216 32.31 47.62 9.54
C SER O 216 32.27 47.87 8.05
N SER O 217 31.76 46.89 7.30
CA SER O 217 31.63 47.01 5.86
C SER O 217 30.19 46.93 5.38
N ALA O 218 29.28 46.37 6.17
CA ALA O 218 27.86 46.42 5.88
C ALA O 218 27.22 47.70 6.38
N GLY O 219 28.03 48.66 6.81
CA GLY O 219 27.52 49.91 7.34
C GLY O 219 27.09 49.81 8.79
N VAL O 220 27.45 50.79 9.60
CA VAL O 220 27.09 50.84 11.01
C VAL O 220 26.20 52.04 11.23
N LEU O 221 25.12 51.85 11.98
CA LEU O 221 24.05 52.83 12.10
C LEU O 221 23.94 53.28 13.55
N VAL O 222 23.82 54.58 13.75
CA VAL O 222 23.70 55.15 15.09
C VAL O 222 22.30 55.73 15.22
N HIS O 223 21.97 56.23 16.38
CA HIS O 223 20.64 56.82 16.42
C HIS O 223 20.60 58.23 16.96
N TYR O 224 21.38 58.55 17.99
CA TYR O 224 21.67 59.92 18.42
C TYR O 224 20.53 60.65 19.10
N ASP O 225 19.31 60.13 19.05
CA ASP O 225 18.21 60.95 19.57
C ASP O 225 17.80 60.51 20.96
N LYS O 226 17.36 59.26 21.07
CA LYS O 226 16.90 58.71 22.35
C LYS O 226 16.85 57.21 22.20
N PRO O 227 18.01 56.57 22.11
CA PRO O 227 18.06 55.13 21.81
C PRO O 227 17.39 54.31 22.90
N THR O 228 17.21 53.03 22.59
CA THR O 228 16.36 52.18 23.42
C THR O 228 16.91 52.03 24.83
N ASN O 229 18.16 51.61 24.96
CA ASN O 229 18.71 51.31 26.28
C ASN O 229 20.08 51.95 26.45
N GLY O 230 20.23 53.16 25.96
CA GLY O 230 21.47 53.89 26.09
C GLY O 230 22.19 54.00 24.75
N ASN O 231 23.35 54.63 24.79
CA ASN O 231 24.12 54.90 23.59
C ASN O 231 24.51 53.61 22.90
N HIS O 232 24.48 53.58 21.57
CA HIS O 232 24.87 52.37 20.88
C HIS O 232 24.91 52.57 19.38
N TYR O 233 25.70 51.74 18.72
CA TYR O 233 25.73 51.59 17.28
C TYR O 233 25.00 50.32 16.88
N ILE O 234 24.60 50.25 15.63
CA ILE O 234 23.96 49.09 15.05
C ILE O 234 24.77 48.66 13.83
N LEU O 235 24.97 47.36 13.69
CA LEU O 235 25.67 46.78 12.55
C LEU O 235 24.81 45.68 11.96
N GLY O 236 24.37 45.87 10.71
CA GLY O 236 23.50 44.91 10.06
C GLY O 236 24.28 43.77 9.42
N THR O 237 23.70 42.58 9.48
CA THR O 237 24.30 41.42 8.83
C THR O 237 23.97 41.47 7.34
N LEU O 238 24.21 40.37 6.64
CA LEU O 238 24.04 40.31 5.19
C LEU O 238 22.80 39.54 4.78
N THR O 239 21.84 39.36 5.68
CA THR O 239 20.58 38.76 5.29
C THR O 239 19.84 39.69 4.32
N GLN O 240 18.72 39.19 3.78
CA GLN O 240 18.03 39.92 2.74
C GLN O 240 16.53 39.81 2.93
N MET O 241 15.82 40.86 2.52
CA MET O 241 14.36 40.87 2.52
C MET O 241 13.87 40.47 1.14
N VAL O 242 12.89 39.58 1.10
CA VAL O 242 12.43 39.00 -0.15
C VAL O 242 11.02 39.45 -0.52
N SER O 243 10.21 39.90 0.43
CA SER O 243 8.81 40.21 0.15
C SER O 243 8.66 41.59 -0.49
N ALA O 244 9.38 41.83 -1.56
CA ALA O 244 9.29 43.02 -2.39
C ALA O 244 9.95 42.67 -3.71
N PRO O 245 9.23 41.96 -4.59
CA PRO O 245 9.87 41.05 -5.57
C PRO O 245 10.92 41.72 -6.44
N PRO O 246 10.63 42.88 -7.05
CA PRO O 246 11.63 43.46 -7.98
C PRO O 246 12.95 43.81 -7.32
N HIS O 247 13.01 43.92 -5.99
CA HIS O 247 14.21 44.34 -5.30
C HIS O 247 14.53 43.37 -4.18
N ILE O 248 15.81 43.33 -3.79
CA ILE O 248 16.25 42.54 -2.66
C ILE O 248 17.24 43.37 -1.87
N ILE O 249 16.91 43.69 -0.62
CA ILE O 249 17.68 44.59 0.21
C ILE O 249 18.31 43.79 1.34
N ASN O 250 19.53 44.18 1.72
CA ASN O 250 20.36 43.39 2.63
C ASN O 250 20.24 43.83 4.08
N ALA O 251 19.09 44.38 4.45
CA ALA O 251 18.67 44.63 5.82
C ALA O 251 19.39 45.78 6.49
N THR O 252 20.56 46.17 5.97
CA THR O 252 21.14 47.43 6.40
C THR O 252 20.57 48.57 5.60
N ASP O 253 20.04 48.27 4.41
CA ASP O 253 19.15 49.19 3.73
C ASP O 253 17.73 49.06 4.24
N ALA O 254 17.37 47.89 4.77
CA ALA O 254 16.01 47.66 5.24
C ALA O 254 15.71 48.47 6.51
N LEU O 255 16.59 48.38 7.51
CA LEU O 255 16.42 49.20 8.71
C LEU O 255 16.34 50.67 8.37
N LEU O 256 17.23 51.11 7.47
CA LEU O 256 17.30 52.53 7.13
C LEU O 256 16.05 52.97 6.38
N LEU O 257 15.55 52.13 5.47
CA LEU O 257 14.33 52.45 4.73
C LEU O 257 13.14 52.51 5.66
N GLU O 258 13.02 51.56 6.58
CA GLU O 258 11.91 51.56 7.53
C GLU O 258 11.89 52.84 8.34
N SER O 259 13.02 53.18 8.97
CA SER O 259 13.07 54.37 9.80
C SER O 259 12.81 55.62 8.97
N CYS O 260 13.32 55.65 7.74
CA CYS O 260 13.17 56.81 6.88
C CYS O 260 11.71 57.04 6.53
N LEU O 261 11.00 55.99 6.09
CA LEU O 261 9.58 56.13 5.82
C LEU O 261 8.79 56.48 7.07
N GLU O 262 9.18 55.96 8.24
CA GLU O 262 8.49 56.32 9.46
C GLU O 262 8.65 57.80 9.79
N GLN O 263 9.84 58.35 9.55
CA GLN O 263 10.04 59.78 9.79
C GLN O 263 9.27 60.63 8.79
N PHE O 264 9.23 60.22 7.52
CA PHE O 264 8.40 60.95 6.56
C PHE O 264 6.93 60.94 6.97
N ALA O 265 6.46 59.80 7.47
CA ALA O 265 5.09 59.75 7.97
C ALA O 265 4.90 60.71 9.13
N ALA O 266 5.86 60.73 10.06
CA ALA O 266 5.73 61.58 11.24
C ALA O 266 5.77 63.05 10.89
N ASN O 267 6.48 63.43 9.82
CA ASN O 267 6.55 64.84 9.45
C ASN O 267 5.19 65.38 9.03
N VAL O 268 4.41 64.58 8.30
CA VAL O 268 3.14 65.07 7.77
C VAL O 268 2.09 65.21 8.86
N ARG O 269 2.19 64.45 9.94
CA ARG O 269 1.16 64.43 10.97
C ARG O 269 1.50 65.27 12.19
N ALA O 270 2.51 66.13 12.10
CA ALA O 270 2.82 67.03 13.20
C ALA O 270 1.69 68.02 13.40
N ARG O 271 1.48 68.42 14.65
CA ARG O 271 0.38 69.33 14.96
C ARG O 271 0.74 70.43 15.95
N SER O 272 1.97 70.47 16.46
CA SER O 272 2.45 71.54 17.34
C SER O 272 1.84 71.46 18.74
N ALA O 273 0.93 70.53 18.97
CA ALA O 273 0.35 70.33 20.29
C ALA O 273 0.18 68.85 20.62
N GLN O 274 0.76 67.95 19.84
CA GLN O 274 0.63 66.51 20.04
C GLN O 274 2.02 65.90 20.14
N PRO O 275 2.46 65.51 21.33
CA PRO O 275 3.85 65.04 21.47
C PRO O 275 4.06 63.70 20.80
N VAL O 276 5.32 63.49 20.38
CA VAL O 276 5.74 62.22 19.82
C VAL O 276 6.76 61.61 20.76
N THR O 277 6.95 60.29 20.63
CA THR O 277 7.90 59.58 21.46
C THR O 277 9.34 59.80 21.05
N ARG O 278 9.58 60.49 19.94
CA ARG O 278 10.93 60.68 19.42
C ARG O 278 10.93 61.71 18.30
N LEU O 279 11.90 62.62 18.31
CA LEU O 279 11.88 63.72 17.35
C LEU O 279 12.35 63.31 15.96
N ASP O 280 13.27 62.34 15.86
CA ASP O 280 13.64 61.79 14.57
C ASP O 280 13.84 60.29 14.68
N GLN O 281 13.51 59.59 13.60
CA GLN O 281 13.63 58.13 13.57
C GLN O 281 14.77 57.65 12.69
N CYS O 282 15.36 58.51 11.88
CA CYS O 282 16.38 58.11 10.94
C CYS O 282 17.63 57.61 11.68
N TYR O 283 18.56 57.01 10.92
CA TYR O 283 19.74 56.38 11.51
C TYR O 283 21.02 57.17 11.33
N HIS O 284 21.27 57.77 10.16
CA HIS O 284 22.56 58.41 9.94
C HIS O 284 23.72 57.44 10.04
N LEU O 285 23.87 56.57 9.03
CA LEU O 285 25.05 55.73 8.84
C LEU O 285 26.33 56.47 9.21
N ARG O 286 27.17 55.81 10.00
CA ARG O 286 28.28 56.47 10.68
C ARG O 286 29.64 56.14 10.10
N TRP O 287 29.97 54.86 9.90
CA TRP O 287 31.34 54.49 9.53
C TRP O 287 31.48 53.93 8.12
N GLY O 288 30.73 52.90 7.77
CA GLY O 288 31.06 52.11 6.60
C GLY O 288 30.87 52.74 5.23
N ALA O 289 30.69 54.06 5.17
CA ALA O 289 30.32 54.71 3.92
C ALA O 289 31.38 54.54 2.85
N GLN O 290 32.64 54.35 3.24
CA GLN O 290 33.69 54.14 2.26
C GLN O 290 33.45 52.92 1.39
N TYR O 291 32.68 51.95 1.88
CA TYR O 291 32.36 50.77 1.08
C TYR O 291 31.15 50.94 0.20
N VAL O 292 30.45 52.07 0.28
CA VAL O 292 29.25 52.32 -0.51
C VAL O 292 29.29 53.75 -1.02
N GLY O 293 29.51 53.91 -2.31
CA GLY O 293 29.65 55.21 -2.93
C GLY O 293 28.38 55.68 -3.60
N GLU O 294 28.55 56.35 -4.73
CA GLU O 294 27.43 56.89 -5.49
C GLU O 294 26.51 55.74 -5.92
N ASP O 295 25.32 56.13 -6.39
CA ASP O 295 24.26 55.31 -6.99
C ASP O 295 24.09 53.94 -6.34
N SER O 296 24.20 53.89 -5.02
CA SER O 296 23.89 52.70 -4.25
C SER O 296 22.70 52.99 -3.34
N LEU O 297 21.89 51.96 -3.11
CA LEU O 297 20.68 52.15 -2.33
C LEU O 297 20.97 52.67 -0.93
N THR O 298 22.08 52.24 -0.33
CA THR O 298 22.43 52.73 0.99
C THR O 298 22.73 54.22 0.97
N TYR O 299 23.47 54.69 -0.04
CA TYR O 299 23.78 56.11 -0.14
C TYR O 299 22.52 56.93 -0.37
N ARG O 300 21.65 56.47 -1.28
CA ARG O 300 20.42 57.21 -1.55
C ARG O 300 19.52 57.24 -0.32
N LEU O 301 19.46 56.14 0.42
CA LEU O 301 18.65 56.12 1.63
C LEU O 301 19.24 57.02 2.72
N GLY O 302 20.57 57.12 2.78
CA GLY O 302 21.17 58.07 3.69
C GLY O 302 20.78 59.51 3.35
N VAL O 303 20.80 59.84 2.06
CA VAL O 303 20.39 61.19 1.66
C VAL O 303 18.92 61.43 2.02
N LEU O 304 18.06 60.46 1.74
CA LEU O 304 16.64 60.63 2.05
C LEU O 304 16.41 60.74 3.55
N SER O 305 17.16 60.00 4.35
CA SER O 305 16.98 60.09 5.80
C SER O 305 17.45 61.44 6.32
N LEU O 306 18.53 61.99 5.76
CA LEU O 306 18.93 63.33 6.13
C LEU O 306 17.85 64.34 5.78
N LEU O 307 17.26 64.21 4.59
CA LEU O 307 16.19 65.13 4.19
C LEU O 307 15.00 65.03 5.12
N ALA O 308 14.59 63.81 5.45
CA ALA O 308 13.45 63.62 6.33
C ALA O 308 13.72 64.17 7.72
N THR O 309 14.95 64.04 8.20
CA THR O 309 15.30 64.61 9.50
C THR O 309 15.23 66.12 9.46
N ASN O 310 15.74 66.73 8.40
CA ASN O 310 15.64 68.18 8.29
C ASN O 310 14.21 68.66 8.11
N GLY O 311 13.31 67.81 7.62
CA GLY O 311 11.90 68.15 7.68
C GLY O 311 11.15 68.18 6.37
N TYR O 312 11.68 67.52 5.35
CA TYR O 312 11.00 67.46 4.07
C TYR O 312 9.78 66.56 4.15
N GLN O 313 9.05 66.48 3.05
CA GLN O 313 7.81 65.71 2.98
C GLN O 313 7.67 65.11 1.60
N LEU O 314 7.07 63.93 1.51
CA LEU O 314 6.85 63.29 0.23
C LEU O 314 5.61 63.86 -0.45
N ALA O 315 5.73 64.12 -1.76
CA ALA O 315 4.59 64.62 -2.51
C ALA O 315 3.49 63.58 -2.64
N ARG O 316 3.82 62.30 -2.57
CA ARG O 316 2.79 61.29 -2.63
C ARG O 316 2.38 60.86 -1.23
N PRO O 317 1.09 60.71 -0.97
CA PRO O 317 0.65 60.33 0.39
C PRO O 317 1.04 58.89 0.68
N ILE O 318 1.70 58.69 1.82
CA ILE O 318 2.09 57.34 2.24
C ILE O 318 0.97 56.77 3.09
N PRO O 319 0.53 55.54 2.84
CA PRO O 319 -0.61 54.98 3.56
C PRO O 319 -0.28 54.77 5.03
N LYS O 320 -1.32 54.40 5.79
CA LYS O 320 -1.16 54.16 7.21
C LYS O 320 -0.63 52.76 7.49
N GLN O 321 -0.95 51.80 6.62
CA GLN O 321 -0.43 50.43 6.71
C GLN O 321 0.24 50.12 5.38
N LEU O 322 1.58 50.11 5.39
CA LEU O 322 2.34 49.92 4.16
C LEU O 322 2.01 48.57 3.53
N THR O 323 2.35 48.45 2.25
CA THR O 323 2.16 47.22 1.53
C THR O 323 3.39 46.94 0.67
N ASN O 324 3.52 45.68 0.29
CA ASN O 324 4.69 45.27 -0.49
C ASN O 324 4.74 45.99 -1.83
N ARG O 325 3.59 46.16 -2.49
CA ARG O 325 3.60 46.82 -3.79
C ARG O 325 3.98 48.29 -3.66
N TRP O 326 3.47 48.97 -2.62
CA TRP O 326 3.84 50.37 -2.43
C TRP O 326 5.32 50.50 -2.14
N LEU O 327 5.85 49.63 -1.26
CA LEU O 327 7.26 49.71 -0.94
C LEU O 327 8.12 49.42 -2.16
N SER O 328 7.70 48.46 -2.99
CA SER O 328 8.45 48.17 -4.20
C SER O 328 8.45 49.35 -5.16
N SER O 329 7.30 50.00 -5.31
CA SER O 329 7.24 51.18 -6.18
C SER O 329 8.13 52.29 -5.65
N PHE O 330 8.13 52.51 -4.34
CA PHE O 330 8.95 53.57 -3.77
C PHE O 330 10.43 53.29 -3.96
N VAL O 331 10.84 52.04 -3.74
CA VAL O 331 12.25 51.70 -3.91
C VAL O 331 12.64 51.82 -5.39
N SER O 332 11.74 51.43 -6.29
CA SER O 332 12.01 51.57 -7.71
C SER O 332 12.15 53.03 -8.09
N GLN O 333 11.38 53.92 -7.45
CA GLN O 333 11.55 55.35 -7.71
C GLN O 333 12.89 55.84 -7.16
N VAL O 334 13.27 55.39 -5.97
CA VAL O 334 14.47 55.94 -5.34
C VAL O 334 15.72 55.49 -6.07
N VAL O 335 15.79 54.23 -6.50
CA VAL O 335 16.92 53.76 -7.32
C VAL O 335 16.51 53.98 -8.77
N SER O 336 16.75 55.18 -9.25
CA SER O 336 16.47 55.54 -10.64
C SER O 336 17.53 56.54 -11.08
N ASP O 337 17.28 57.21 -12.20
CA ASP O 337 18.23 58.17 -12.76
C ASP O 337 17.81 59.58 -12.40
N GLY O 338 18.81 60.44 -12.18
CA GLY O 338 18.57 61.79 -11.72
C GLY O 338 19.69 62.28 -10.83
N ILE O 339 19.50 63.41 -10.19
CA ILE O 339 20.52 63.97 -9.29
C ILE O 339 19.85 64.48 -8.02
N ASN O 340 20.66 64.62 -6.98
CA ASN O 340 20.20 65.25 -5.74
C ASN O 340 20.08 66.75 -5.96
N GLU O 341 18.85 67.26 -6.00
CA GLU O 341 18.60 68.66 -6.26
C GLU O 341 18.47 69.49 -4.99
N THR O 342 19.03 69.01 -3.88
CA THR O 342 18.93 69.73 -2.63
C THR O 342 20.30 70.18 -2.16
N PRO O 343 20.36 71.14 -1.22
CA PRO O 343 21.65 71.57 -0.67
C PRO O 343 22.25 70.60 0.33
N LEU O 344 21.56 69.51 0.66
CA LEU O 344 21.96 68.63 1.76
C LEU O 344 22.77 67.46 1.20
N TRP O 345 23.99 67.30 1.72
CA TRP O 345 24.82 66.17 1.37
C TRP O 345 25.26 65.47 2.65
N PRO O 346 25.22 64.14 2.70
CA PRO O 346 25.45 63.45 3.98
C PRO O 346 26.93 63.44 4.36
N GLN O 347 27.17 63.73 5.63
CA GLN O 347 28.49 63.64 6.25
C GLN O 347 28.58 62.36 7.08
N GLU O 348 29.66 62.20 7.82
CA GLU O 348 29.76 61.16 8.84
C GLU O 348 30.00 61.70 10.23
N ARG O 349 30.67 62.84 10.36
CA ARG O 349 30.95 63.39 11.68
C ARG O 349 29.67 63.66 12.46
N TYR O 350 28.62 64.07 11.77
CA TYR O 350 27.42 64.53 12.42
C TYR O 350 26.35 64.79 11.36
N VAL O 351 25.11 64.56 11.73
CA VAL O 351 23.98 64.86 10.84
C VAL O 351 23.68 66.35 10.97
N GLN O 352 23.99 67.11 9.93
CA GLN O 352 23.84 68.56 9.98
C GLN O 352 22.41 68.96 9.68
N ILE O 353 21.97 70.03 10.33
CA ILE O 353 20.63 70.56 10.20
C ILE O 353 20.72 71.95 9.61
N ALA O 354 19.86 72.24 8.64
CA ALA O 354 19.87 73.55 7.99
C ALA O 354 19.60 74.65 9.00
N TYR O 355 20.00 75.87 8.64
CA TYR O 355 19.85 77.00 9.56
C TYR O 355 18.40 77.32 9.84
N ASP O 356 17.50 77.03 8.90
CA ASP O 356 16.10 77.38 9.04
C ASP O 356 15.21 76.14 8.99
N SER O 357 15.70 75.03 9.53
CA SER O 357 14.81 73.90 9.60
C SER O 357 13.98 73.96 10.87
N PRO O 358 12.68 73.66 10.79
CA PRO O 358 11.82 73.74 11.98
C PRO O 358 12.09 72.68 13.02
N SER O 359 12.93 71.70 12.74
CA SER O 359 13.21 70.66 13.72
C SER O 359 13.99 71.27 14.88
N VAL O 360 13.65 70.84 16.09
CA VAL O 360 14.27 71.33 17.32
C VAL O 360 15.02 70.23 18.04
N VAL O 361 15.36 69.14 17.33
CA VAL O 361 15.92 67.97 18.00
C VAL O 361 17.28 68.28 18.60
N ASP O 362 18.05 69.17 17.97
CA ASP O 362 19.33 69.56 18.55
C ASP O 362 19.17 70.28 19.88
N GLY O 363 18.00 70.88 20.12
CA GLY O 363 17.75 71.46 21.43
C GLY O 363 17.46 70.45 22.51
N ALA O 364 17.16 69.21 22.13
CA ALA O 364 16.85 68.15 23.07
C ALA O 364 17.90 67.04 23.10
N THR O 365 18.98 67.19 22.33
CA THR O 365 20.03 66.18 22.27
C THR O 365 21.36 66.81 22.63
N GLN O 366 22.19 66.05 23.34
CA GLN O 366 23.46 66.57 23.82
C GLN O 366 24.61 66.36 22.85
N TYR O 367 24.49 65.42 21.91
CA TYR O 367 25.62 65.06 21.07
C TYR O 367 25.13 64.49 19.75
N GLY O 368 25.73 64.95 18.65
CA GLY O 368 25.48 64.39 17.34
C GLY O 368 24.83 65.33 16.34
N TYR O 369 24.44 66.53 16.75
CA TYR O 369 23.70 67.45 15.89
C TYR O 369 24.45 68.77 15.76
N VAL O 370 24.32 69.39 14.59
CA VAL O 370 24.97 70.66 14.32
C VAL O 370 24.09 71.46 13.36
N ARG O 371 23.90 72.73 13.65
CA ARG O 371 23.16 73.63 12.76
C ARG O 371 24.16 74.37 11.89
N ARG O 372 24.26 73.96 10.62
CA ARG O 372 25.13 74.65 9.68
C ARG O 372 24.52 76.01 9.35
N ASN O 373 25.15 77.07 9.85
CA ASN O 373 24.60 78.41 9.68
C ASN O 373 24.64 78.84 8.23
N GLN O 374 25.63 78.40 7.46
CA GLN O 374 25.85 78.91 6.11
C GLN O 374 25.19 78.07 5.03
N LEU O 375 24.13 77.34 5.34
CA LEU O 375 23.31 76.68 4.33
C LEU O 375 21.85 76.92 4.66
N ARG O 376 21.10 77.44 3.69
CA ARG O 376 19.71 77.80 3.88
C ARG O 376 18.81 76.97 2.97
N LEU O 377 17.54 76.91 3.36
CA LEU O 377 16.49 76.25 2.60
C LEU O 377 15.35 77.24 2.43
N GLY O 378 15.20 77.78 1.22
CA GLY O 378 14.28 78.87 1.01
C GLY O 378 12.81 78.54 1.14
N MET O 379 12.45 77.29 1.42
CA MET O 379 11.06 76.89 1.46
C MET O 379 10.45 77.18 2.83
N ARG O 380 9.16 77.49 2.82
CA ARG O 380 8.44 77.85 4.03
C ARG O 380 8.17 76.62 4.88
N ILE O 381 7.50 76.83 6.01
CA ILE O 381 7.21 75.77 6.96
C ILE O 381 5.71 75.63 7.12
N SER O 382 5.18 74.46 6.78
CA SER O 382 3.77 74.15 6.95
C SER O 382 3.57 72.68 6.61
N ALA O 383 2.64 72.05 7.31
CA ALA O 383 2.36 70.64 7.07
C ALA O 383 1.75 70.44 5.69
N LEU O 384 1.85 69.20 5.20
CA LEU O 384 1.24 68.84 3.93
C LEU O 384 -0.28 68.98 4.03
N GLN O 385 -0.87 69.70 3.08
CA GLN O 385 -2.31 69.86 3.00
C GLN O 385 -2.79 69.12 1.75
N SER O 386 -3.42 67.96 1.95
CA SER O 386 -3.87 67.11 0.86
C SER O 386 -5.36 67.30 0.64
N LEU O 387 -5.75 67.46 -0.63
CA LEU O 387 -7.15 67.58 -0.98
C LEU O 387 -7.77 66.18 -1.00
N SER O 388 -9.01 66.06 -1.45
CA SER O 388 -9.70 64.78 -1.47
C SER O 388 -9.77 64.22 -2.88
N ASP O 389 -10.07 62.93 -2.95
CA ASP O 389 -10.16 62.22 -4.21
C ASP O 389 -11.61 62.04 -4.63
N THR O 390 -11.85 61.95 -5.94
CA THR O 390 -13.18 61.75 -6.48
C THR O 390 -13.12 60.78 -7.64
N PRO O 391 -14.15 59.94 -7.81
CA PRO O 391 -14.11 58.89 -8.83
C PRO O 391 -14.48 59.36 -10.23
N ALA O 392 -14.72 60.63 -10.44
CA ALA O 392 -15.10 61.13 -11.76
C ALA O 392 -14.44 62.47 -12.01
N PRO O 393 -14.22 62.83 -13.27
CA PRO O 393 -13.57 64.11 -13.56
C PRO O 393 -14.47 65.29 -13.22
N VAL O 394 -13.84 66.42 -12.93
CA VAL O 394 -14.54 67.63 -12.52
C VAL O 394 -14.32 68.70 -13.58
N GLN O 395 -15.32 69.58 -13.71
CA GLN O 395 -15.23 70.66 -14.68
C GLN O 395 -14.13 71.63 -14.30
N TRP O 396 -13.59 72.32 -15.30
CA TRP O 396 -12.55 73.31 -15.10
C TRP O 396 -12.87 74.54 -15.93
N LEU O 397 -12.54 75.71 -15.38
CA LEU O 397 -12.77 76.98 -16.04
C LEU O 397 -11.45 77.71 -16.17
N PRO O 398 -10.96 77.97 -17.38
CA PRO O 398 -9.67 78.64 -17.54
C PRO O 398 -9.75 80.12 -17.22
N GLN O 399 -8.57 80.68 -16.93
CA GLN O 399 -8.42 82.10 -16.67
C GLN O 399 -7.13 82.57 -17.30
N TYR O 400 -7.14 83.80 -17.81
CA TYR O 400 -6.14 84.24 -18.77
C TYR O 400 -5.22 85.30 -18.17
N THR O 401 -4.03 85.42 -18.79
CA THR O 401 -3.01 86.35 -18.38
C THR O 401 -2.59 87.23 -19.54
N ILE O 402 -1.52 88.00 -19.37
CA ILE O 402 -1.13 89.01 -20.35
C ILE O 402 -0.23 88.44 -21.44
N ASP O 403 0.69 87.55 -21.07
CA ASP O 403 1.70 87.08 -22.02
C ASP O 403 1.05 86.33 -23.19
N GLN O 404 1.78 86.28 -24.31
CA GLN O 404 1.26 85.76 -25.55
C GLN O 404 2.35 84.99 -26.29
N VAL O 405 1.92 84.08 -27.17
CA VAL O 405 2.83 83.31 -28.02
C VAL O 405 2.19 83.10 -29.38
N ALA O 406 2.91 82.42 -30.27
CA ALA O 406 2.45 82.22 -31.64
C ALA O 406 1.44 81.09 -31.73
N VAL O 407 0.41 81.31 -32.55
CA VAL O 407 -0.68 80.35 -32.68
C VAL O 407 -0.16 79.03 -33.25
N ASP O 408 0.72 79.11 -34.25
CA ASP O 408 1.32 77.90 -34.79
C ASP O 408 2.15 77.16 -33.74
N GLU O 409 2.82 77.91 -32.86
CA GLU O 409 3.55 77.28 -31.76
C GLU O 409 2.61 76.51 -30.85
N GLY O 410 1.49 77.14 -30.48
CA GLY O 410 0.51 76.45 -29.66
C GLY O 410 -0.05 75.21 -30.33
N ASP O 411 -0.29 75.31 -31.64
CA ASP O 411 -0.83 74.17 -32.37
C ASP O 411 0.17 73.02 -32.44
N ALA O 412 1.45 73.35 -32.65
CA ALA O 412 2.48 72.31 -32.66
C ALA O 412 2.59 71.66 -31.28
N MET O 413 2.48 72.45 -30.22
CA MET O 413 2.59 71.88 -28.88
C MET O 413 1.40 70.98 -28.57
N VAL O 414 0.19 71.39 -28.97
CA VAL O 414 -0.96 70.52 -28.74
C VAL O 414 -0.88 69.27 -29.60
N SER O 415 -0.28 69.37 -30.79
CA SER O 415 -0.07 68.17 -31.59
C SER O 415 0.94 67.23 -30.93
N GLN O 416 1.93 67.78 -30.23
CA GLN O 416 2.86 66.94 -29.49
C GLN O 416 2.18 66.25 -28.33
N LEU O 417 1.32 66.98 -27.61
CA LEU O 417 0.72 66.46 -26.39
C LEU O 417 -0.58 65.70 -26.60
N THR O 418 -1.11 65.68 -27.83
CA THR O 418 -2.46 65.19 -28.04
C THR O 418 -2.57 63.68 -27.82
N GLN O 419 -3.81 63.20 -27.83
CA GLN O 419 -4.14 61.79 -27.83
C GLN O 419 -5.32 61.51 -28.75
N LEU O 420 -5.46 62.28 -29.82
CA LEU O 420 -6.68 62.25 -30.61
C LEU O 420 -7.04 60.90 -31.21
N PRO O 421 -6.12 60.10 -31.75
CA PRO O 421 -6.56 58.88 -32.45
C PRO O 421 -7.18 57.85 -31.52
N LEU O 422 -8.43 58.09 -31.12
CA LEU O 422 -9.18 57.13 -30.33
C LEU O 422 -10.65 57.22 -30.71
N ARG O 423 -11.37 56.11 -30.57
CA ARG O 423 -12.78 56.05 -30.91
C ARG O 423 -13.61 56.37 -29.68
N PRO O 424 -14.28 57.51 -29.63
CA PRO O 424 -15.14 57.81 -28.49
C PRO O 424 -16.55 57.25 -28.66
N ASP O 425 -17.20 57.02 -27.53
CA ASP O 425 -18.61 56.65 -27.56
C ASP O 425 -19.41 57.80 -28.17
N TYR O 426 -20.23 57.48 -29.18
CA TYR O 426 -20.88 58.53 -29.95
C TYR O 426 -21.91 59.26 -29.10
N GLY O 427 -22.92 58.53 -28.61
CA GLY O 427 -23.94 59.15 -27.78
C GLY O 427 -25.31 59.10 -28.40
N SER O 428 -25.98 60.26 -28.46
CA SER O 428 -27.31 60.33 -29.04
C SER O 428 -27.59 61.77 -29.42
N ILE O 429 -27.90 62.00 -30.70
CA ILE O 429 -28.22 63.36 -31.15
C ILE O 429 -29.52 63.84 -30.53
N TRP O 430 -30.60 63.14 -30.82
CA TRP O 430 -31.95 63.53 -30.43
C TRP O 430 -32.51 62.50 -29.45
N ILE O 431 -33.31 62.97 -28.50
CA ILE O 431 -33.97 62.09 -27.55
C ILE O 431 -35.36 62.62 -27.25
N GLY O 432 -36.21 61.74 -26.74
CA GLY O 432 -37.55 62.08 -26.35
C GLY O 432 -38.60 61.43 -27.22
N GLU O 433 -39.80 62.00 -27.17
CA GLU O 433 -40.91 61.53 -27.98
C GLU O 433 -40.91 62.26 -29.32
N ALA O 434 -41.97 62.11 -30.08
CA ALA O 434 -42.06 62.71 -31.41
C ALA O 434 -42.74 64.07 -31.35
N LEU O 435 -42.40 64.92 -32.31
CA LEU O 435 -43.05 66.21 -32.49
C LEU O 435 -44.13 66.08 -33.54
N SER O 436 -45.33 66.53 -33.21
CA SER O 436 -46.47 66.42 -34.10
C SER O 436 -46.68 67.73 -34.85
N TYR O 437 -46.91 67.64 -36.15
CA TYR O 437 -47.15 68.79 -37.00
C TYR O 437 -48.29 68.44 -37.93
N TYR O 438 -49.36 69.21 -37.89
CA TYR O 438 -50.59 68.86 -38.60
C TYR O 438 -51.19 70.09 -39.26
N VAL O 439 -52.02 69.85 -40.26
CA VAL O 439 -52.85 70.88 -40.87
C VAL O 439 -54.10 70.21 -41.41
N ASP O 440 -55.26 70.73 -41.02
CA ASP O 440 -56.54 70.14 -41.39
C ASP O 440 -57.32 71.10 -42.28
N TYR O 441 -58.22 70.53 -43.07
CA TYR O 441 -58.93 71.30 -44.08
C TYR O 441 -59.83 72.34 -43.43
N ASN O 442 -59.89 73.52 -44.04
CA ASN O 442 -60.83 74.55 -43.64
C ASN O 442 -61.36 75.20 -44.90
N ARG O 443 -62.67 75.38 -44.97
CA ARG O 443 -63.34 75.85 -46.19
C ARG O 443 -63.12 77.33 -46.45
N SER O 444 -62.40 78.03 -45.58
CA SER O 444 -62.32 79.48 -45.65
C SER O 444 -60.96 80.00 -46.12
N HIS O 445 -59.95 79.15 -46.26
CA HIS O 445 -58.62 79.66 -46.55
C HIS O 445 -58.45 80.07 -48.02
N ARG O 446 -58.47 79.10 -48.92
CA ARG O 446 -58.11 79.38 -50.30
C ARG O 446 -58.21 78.08 -51.10
N VAL O 447 -58.27 78.22 -52.41
CA VAL O 447 -58.14 77.10 -53.34
C VAL O 447 -56.79 77.22 -54.03
N VAL O 448 -56.11 76.10 -54.19
CA VAL O 448 -54.79 76.07 -54.82
C VAL O 448 -54.66 74.77 -55.61
N LEU O 449 -54.11 74.88 -56.81
CA LEU O 449 -53.97 73.72 -57.68
C LEU O 449 -52.79 72.86 -57.24
N SER O 450 -52.89 71.56 -57.55
CA SER O 450 -51.85 70.61 -57.17
C SER O 450 -50.50 71.03 -57.72
N SER O 451 -50.47 71.55 -58.95
CA SER O 451 -49.22 71.98 -59.57
C SER O 451 -48.51 73.08 -58.79
N GLU O 452 -49.22 73.76 -57.89
CA GLU O 452 -48.60 74.81 -57.08
C GLU O 452 -48.01 74.29 -55.78
N LEU O 453 -48.01 72.98 -55.56
CA LEU O 453 -47.51 72.48 -54.29
C LEU O 453 -46.07 72.00 -54.42
N PRO O 454 -45.30 72.09 -53.35
CA PRO O 454 -43.93 71.56 -53.39
C PRO O 454 -43.94 70.04 -53.34
N GLN O 455 -42.83 69.45 -53.76
CA GLN O 455 -42.72 68.00 -53.84
C GLN O 455 -41.35 67.58 -53.33
N LEU O 456 -41.03 66.30 -53.52
CA LEU O 456 -39.77 65.76 -53.06
C LEU O 456 -38.62 66.44 -53.78
N PRO O 457 -37.50 66.70 -53.09
CA PRO O 457 -36.35 67.32 -53.76
C PRO O 457 -35.68 66.33 -54.71
N ASP O 458 -34.97 66.88 -55.69
CA ASP O 458 -34.33 66.04 -56.69
C ASP O 458 -33.21 65.20 -56.08
N THR O 459 -32.30 65.85 -55.36
CA THR O 459 -31.15 65.17 -54.75
C THR O 459 -31.54 64.52 -53.43
N TYR O 460 -32.49 63.59 -53.51
CA TYR O 460 -32.99 62.91 -52.32
C TYR O 460 -32.45 61.50 -52.16
N PHE O 461 -32.01 60.86 -53.25
CA PHE O 461 -31.49 59.50 -53.20
C PHE O 461 -29.99 59.46 -53.48
N ASP O 462 -29.26 60.49 -53.06
CA ASP O 462 -27.83 60.54 -53.31
C ASP O 462 -27.07 59.93 -52.14
N GLY O 463 -25.76 59.73 -52.35
CA GLY O 463 -24.94 59.07 -51.34
C GLY O 463 -24.87 59.87 -50.04
N ASP O 464 -24.54 61.15 -50.15
CA ASP O 464 -24.46 61.98 -48.95
C ASP O 464 -25.82 62.15 -48.28
N GLU O 465 -26.89 62.22 -49.07
CA GLU O 465 -28.22 62.34 -48.49
C GLU O 465 -28.58 61.10 -47.68
N GLN O 466 -28.34 59.92 -48.25
CA GLN O 466 -28.57 58.69 -47.51
C GLN O 466 -27.67 58.60 -46.29
N TYR O 467 -26.43 59.08 -46.40
CA TYR O 467 -25.53 59.12 -45.25
C TYR O 467 -26.14 59.94 -44.12
N GLY O 468 -26.63 61.13 -44.43
CA GLY O 468 -27.22 61.97 -43.40
C GLY O 468 -28.43 61.32 -42.76
N ARG O 469 -29.33 60.78 -43.58
CA ARG O 469 -30.52 60.14 -43.02
C ARG O 469 -30.16 58.95 -42.15
N SER O 470 -29.20 58.12 -42.58
CA SER O 470 -28.83 56.96 -41.81
C SER O 470 -28.14 57.35 -40.51
N LEU O 471 -27.30 58.38 -40.54
CA LEU O 471 -26.67 58.86 -39.32
C LEU O 471 -27.70 59.34 -38.31
N PHE O 472 -28.66 60.14 -38.77
CA PHE O 472 -29.67 60.64 -37.85
C PHE O 472 -30.51 59.49 -37.29
N SER O 473 -30.83 58.51 -38.14
CA SER O 473 -31.63 57.38 -37.67
C SER O 473 -30.86 56.54 -36.65
N LEU O 474 -29.56 56.37 -36.85
CA LEU O 474 -28.77 55.60 -35.90
C LEU O 474 -28.61 56.34 -34.58
N ALA O 475 -28.44 57.66 -34.63
CA ALA O 475 -28.24 58.41 -33.40
C ALA O 475 -29.53 58.70 -32.66
N ARG O 476 -30.68 58.59 -33.32
CA ARG O 476 -31.95 58.78 -32.63
C ARG O 476 -32.14 57.73 -31.55
N LYS O 477 -32.54 58.17 -30.36
CA LYS O 477 -32.74 57.27 -29.22
C LYS O 477 -34.22 57.28 -28.84
N VAL O 478 -34.96 56.27 -29.29
CA VAL O 478 -36.38 56.17 -28.98
C VAL O 478 -36.71 54.69 -28.82
N GLY O 479 -37.96 54.39 -28.48
CA GLY O 479 -38.39 53.01 -28.32
C GLY O 479 -38.93 52.45 -29.62
N ASP O 480 -40.25 52.26 -29.68
CA ASP O 480 -40.89 51.75 -30.89
C ASP O 480 -41.38 52.93 -31.72
N ARG O 481 -40.74 53.14 -32.86
CA ARG O 481 -41.14 54.24 -33.75
C ARG O 481 -42.60 54.09 -34.18
N SER O 482 -43.00 52.87 -34.52
CA SER O 482 -44.37 52.64 -34.94
C SER O 482 -45.36 52.95 -33.83
N LEU O 483 -45.04 52.55 -32.60
CA LEU O 483 -45.92 52.83 -31.47
C LEU O 483 -46.07 54.34 -31.27
N VAL O 484 -44.95 55.06 -31.28
CA VAL O 484 -45.00 56.51 -31.07
C VAL O 484 -45.83 57.18 -32.16
N LYS O 485 -45.55 56.84 -33.42
CA LYS O 485 -46.27 57.42 -34.54
C LYS O 485 -47.76 57.14 -34.44
N ASP O 486 -48.12 55.89 -34.16
CA ASP O 486 -49.53 55.51 -34.14
C ASP O 486 -50.27 56.20 -33.00
N THR O 487 -49.65 56.28 -31.82
CA THR O 487 -50.29 56.97 -30.72
C THR O 487 -50.54 58.44 -31.05
N ALA O 488 -49.52 59.11 -31.60
CA ALA O 488 -49.68 60.51 -31.96
C ALA O 488 -50.78 60.70 -33.01
N VAL O 489 -50.79 59.83 -34.02
CA VAL O 489 -51.74 59.99 -35.10
C VAL O 489 -53.16 59.73 -34.62
N LEU O 490 -53.35 58.72 -33.76
CA LEU O 490 -54.69 58.47 -33.25
C LEU O 490 -55.17 59.61 -32.37
N LYS O 491 -54.29 60.15 -31.53
CA LYS O 491 -54.67 61.29 -30.69
C LYS O 491 -55.11 62.47 -31.56
N HIS O 492 -54.34 62.76 -32.61
CA HIS O 492 -54.73 63.88 -33.48
C HIS O 492 -55.87 63.54 -34.42
N ALA O 493 -56.24 62.27 -34.55
CA ALA O 493 -57.31 61.87 -35.45
C ALA O 493 -58.67 61.77 -34.79
N TYR O 494 -58.73 61.44 -33.50
CA TYR O 494 -60.02 61.44 -32.82
C TYR O 494 -60.46 62.82 -32.35
N GLN O 495 -59.88 63.88 -32.88
CA GLN O 495 -60.31 65.23 -32.53
C GLN O 495 -61.23 65.85 -33.57
N ALA O 496 -61.21 65.34 -34.81
CA ALA O 496 -61.99 65.94 -35.88
C ALA O 496 -63.48 65.69 -35.69
N ILE O 497 -64.28 66.60 -36.23
CA ILE O 497 -65.74 66.51 -36.17
C ILE O 497 -66.31 66.91 -37.52
N ASP O 498 -67.27 66.14 -38.00
CA ASP O 498 -67.84 66.38 -39.32
C ASP O 498 -68.75 67.61 -39.30
N PRO O 499 -68.89 68.27 -40.44
CA PRO O 499 -69.81 69.42 -40.52
C PRO O 499 -71.25 68.99 -40.68
N ASN O 500 -71.48 67.83 -41.32
CA ASN O 500 -72.84 67.37 -41.56
C ASN O 500 -73.55 67.00 -40.28
N THR O 501 -72.82 66.72 -39.21
CA THR O 501 -73.42 66.53 -37.89
C THR O 501 -72.60 67.30 -36.87
N GLY O 502 -72.83 67.05 -35.58
CA GLY O 502 -72.19 67.83 -34.57
C GLY O 502 -71.09 67.14 -33.80
N LYS O 503 -71.22 65.84 -33.55
CA LYS O 503 -70.40 65.23 -32.51
C LYS O 503 -68.95 65.02 -32.94
N GLU O 504 -68.71 64.11 -33.87
CA GLU O 504 -67.37 63.86 -34.41
C GLU O 504 -67.47 62.71 -35.40
N TYR O 505 -66.35 62.44 -36.08
CA TYR O 505 -66.29 61.32 -37.01
C TYR O 505 -66.16 59.99 -36.28
N LEU O 506 -65.07 59.81 -35.55
CA LEU O 506 -64.75 58.53 -34.93
C LEU O 506 -65.33 58.46 -33.52
N ARG O 507 -65.80 57.27 -33.15
CA ARG O 507 -66.42 57.05 -31.86
C ARG O 507 -66.01 55.67 -31.35
N ALA O 508 -66.70 55.19 -30.31
CA ALA O 508 -66.36 53.92 -29.70
C ALA O 508 -66.96 52.76 -30.48
N GLY O 509 -66.20 51.67 -30.59
CA GLY O 509 -66.67 50.49 -31.29
C GLY O 509 -66.88 50.71 -32.78
N GLN O 510 -65.79 50.92 -33.52
CA GLN O 510 -65.87 51.28 -34.93
C GLN O 510 -65.51 50.16 -35.89
N SER O 511 -65.05 49.00 -35.40
CA SER O 511 -64.68 47.89 -36.27
C SER O 511 -63.55 48.29 -37.22
N VAL O 512 -62.41 48.58 -36.62
CA VAL O 512 -61.24 49.06 -37.35
C VAL O 512 -60.53 47.90 -38.04
N ALA O 513 -59.82 48.22 -39.11
CA ALA O 513 -58.95 47.28 -39.81
C ALA O 513 -57.57 47.89 -39.96
N TYR O 514 -56.54 47.09 -39.74
CA TYR O 514 -55.17 47.58 -39.69
C TYR O 514 -54.40 47.02 -40.89
N PHE O 515 -54.35 47.79 -41.98
CA PHE O 515 -53.58 47.38 -43.14
C PHE O 515 -52.10 47.54 -42.86
N GLY O 516 -51.32 46.49 -43.17
CA GLY O 516 -49.90 46.55 -42.96
C GLY O 516 -49.42 46.12 -41.59
N ALA O 517 -50.07 45.13 -40.98
CA ALA O 517 -49.59 44.60 -39.71
C ALA O 517 -48.16 44.10 -39.88
N SER O 518 -47.40 44.10 -38.78
CA SER O 518 -45.96 43.96 -38.93
C SER O 518 -45.39 42.80 -38.12
N ALA O 519 -44.07 42.71 -38.13
CA ALA O 519 -43.35 41.61 -37.51
C ALA O 519 -43.40 41.73 -36.00
N GLY O 520 -42.68 40.84 -35.32
CA GLY O 520 -42.50 40.96 -33.90
C GLY O 520 -41.84 42.27 -33.52
N HIS O 521 -42.15 42.75 -32.33
CA HIS O 521 -41.63 44.02 -31.83
C HIS O 521 -40.98 43.85 -30.47
N SER O 522 -40.48 42.65 -30.18
CA SER O 522 -39.82 42.29 -28.93
C SER O 522 -40.82 42.12 -27.79
N GLY O 523 -42.09 42.42 -28.06
CA GLY O 523 -43.14 42.17 -27.08
C GLY O 523 -44.15 41.19 -27.64
N ALA O 524 -45.32 41.67 -28.01
CA ALA O 524 -46.29 40.82 -28.69
C ALA O 524 -45.91 40.69 -30.16
N ASP O 525 -46.53 39.73 -30.83
CA ASP O 525 -46.31 39.49 -32.25
C ASP O 525 -47.35 40.24 -33.09
N GLN O 526 -47.39 41.54 -32.88
CA GLN O 526 -48.30 42.42 -33.60
C GLN O 526 -47.94 43.86 -33.26
N PRO O 527 -48.56 44.85 -33.91
CA PRO O 527 -48.27 46.24 -33.57
C PRO O 527 -48.60 46.54 -32.11
N LEU O 528 -47.70 47.28 -31.46
CA LEU O 528 -47.81 47.52 -30.03
C LEU O 528 -48.93 48.47 -29.66
N VAL O 529 -49.64 49.03 -30.64
CA VAL O 529 -50.74 49.93 -30.34
C VAL O 529 -52.05 49.17 -30.09
N ILE O 530 -52.15 47.93 -30.56
CA ILE O 530 -53.43 47.22 -30.53
C ILE O 530 -53.87 46.97 -29.10
N GLU O 531 -52.95 46.51 -28.24
CA GLU O 531 -53.33 46.17 -26.87
C GLU O 531 -53.80 47.40 -26.09
N PRO O 532 -53.00 48.47 -25.97
CA PRO O 532 -53.49 49.64 -25.25
C PRO O 532 -54.70 50.28 -25.90
N TRP O 533 -54.77 50.29 -27.23
CA TRP O 533 -55.88 50.95 -27.90
C TRP O 533 -57.17 50.15 -27.79
N MET O 534 -57.07 48.85 -27.55
CA MET O 534 -58.27 48.07 -27.25
C MET O 534 -58.65 48.19 -25.79
N GLN O 535 -57.66 48.22 -24.90
CA GLN O 535 -57.95 48.32 -23.48
C GLN O 535 -58.36 49.72 -23.05
N GLY O 536 -58.20 50.72 -23.91
CA GLY O 536 -58.56 52.08 -23.57
C GLY O 536 -57.53 52.74 -22.69
N LYS O 537 -56.28 52.75 -23.13
CA LYS O 537 -55.18 53.28 -22.34
C LYS O 537 -54.54 54.53 -22.93
N ILE O 538 -54.86 54.89 -24.17
CA ILE O 538 -54.23 56.04 -24.80
C ILE O 538 -54.73 57.36 -24.25
N SER O 539 -55.83 57.35 -23.50
CA SER O 539 -56.38 58.51 -22.79
C SER O 539 -56.98 59.56 -23.71
N GLY O 540 -57.05 59.29 -25.01
CA GLY O 540 -57.67 60.22 -25.92
C GLY O 540 -58.48 59.50 -26.98
N VAL O 541 -58.56 58.18 -26.86
CA VAL O 541 -59.18 57.34 -27.86
C VAL O 541 -60.17 56.39 -27.19
N PRO O 542 -61.42 56.30 -27.64
CA PRO O 542 -62.29 55.24 -27.14
C PRO O 542 -61.93 53.92 -27.80
N PRO O 543 -62.04 52.81 -27.07
CA PRO O 543 -61.64 51.52 -27.64
C PRO O 543 -62.61 51.09 -28.73
N PRO O 544 -62.10 50.53 -29.81
CA PRO O 544 -62.97 50.04 -30.88
C PRO O 544 -63.58 48.70 -30.52
N SER O 545 -64.31 48.13 -31.47
CA SER O 545 -64.94 46.83 -31.26
C SER O 545 -63.96 45.69 -31.52
N SER O 546 -63.24 45.75 -32.62
CA SER O 546 -62.30 44.70 -32.98
C SER O 546 -61.27 45.27 -33.95
N VAL O 547 -60.15 44.56 -34.09
CA VAL O 547 -59.05 45.00 -34.92
C VAL O 547 -58.54 43.80 -35.72
N ARG O 548 -58.78 43.80 -37.03
CA ARG O 548 -58.25 42.76 -37.90
C ARG O 548 -57.02 43.28 -38.62
N GLN O 549 -56.09 42.37 -38.89
CA GLN O 549 -54.77 42.72 -39.38
C GLN O 549 -54.55 42.15 -40.78
N PHE O 550 -53.74 42.85 -41.57
CA PHE O 550 -53.43 42.44 -42.93
C PHE O 550 -52.02 42.90 -43.28
N GLY O 551 -51.36 42.13 -44.13
CA GLY O 551 -50.06 42.52 -44.63
C GLY O 551 -49.17 41.31 -44.86
N TYR O 552 -48.08 41.54 -45.60
CA TYR O 552 -47.13 40.49 -45.89
C TYR O 552 -46.53 39.89 -44.62
N ASP O 553 -46.26 40.74 -43.63
CA ASP O 553 -45.50 40.35 -42.44
C ASP O 553 -46.40 40.25 -41.21
N VAL O 554 -47.64 39.80 -41.40
CA VAL O 554 -48.56 39.69 -40.27
C VAL O 554 -48.40 38.32 -39.62
N ALA O 555 -48.82 38.23 -38.36
CA ALA O 555 -48.75 36.98 -37.61
C ALA O 555 -50.09 36.52 -37.06
N LYS O 556 -51.09 37.39 -36.98
CA LYS O 556 -52.41 37.04 -36.49
C LYS O 556 -53.49 37.54 -37.43
N GLY O 557 -53.23 37.45 -38.73
CA GLY O 557 -54.20 37.87 -39.72
C GLY O 557 -53.78 37.36 -41.08
N ALA O 558 -54.65 37.61 -42.06
CA ALA O 558 -54.36 37.15 -43.42
C ALA O 558 -53.17 37.91 -44.00
N ILE O 559 -52.53 37.30 -44.99
CA ILE O 559 -51.48 37.94 -45.76
C ILE O 559 -51.95 38.05 -47.19
N VAL O 560 -51.91 39.28 -47.73
CA VAL O 560 -52.46 39.58 -49.04
C VAL O 560 -51.64 40.69 -49.68
N ASP O 561 -51.87 40.92 -50.97
CA ASP O 561 -51.31 42.05 -51.68
C ASP O 561 -52.35 43.17 -51.61
N LEU O 562 -52.11 44.15 -50.73
CA LEU O 562 -53.10 45.19 -50.48
C LEU O 562 -53.30 46.12 -51.67
N ALA O 563 -52.43 46.08 -52.67
CA ALA O 563 -52.57 46.91 -53.85
C ALA O 563 -53.59 46.38 -54.85
N ARG O 564 -54.39 45.38 -54.46
CA ARG O 564 -55.36 44.78 -55.34
C ARG O 564 -56.56 44.35 -54.52
N PRO O 565 -57.71 44.12 -55.14
CA PRO O 565 -58.88 43.65 -54.39
C PRO O 565 -58.63 42.26 -53.81
N PHE O 566 -59.38 41.95 -52.76
CA PHE O 566 -59.22 40.69 -52.05
C PHE O 566 -60.47 40.41 -51.26
N PRO O 567 -60.73 39.15 -50.90
CA PRO O 567 -61.97 38.79 -50.21
C PRO O 567 -61.94 39.24 -48.76
N SER O 568 -62.77 40.22 -48.43
CA SER O 568 -62.84 40.72 -47.07
C SER O 568 -64.18 41.40 -46.85
N GLY O 569 -64.46 41.72 -45.60
CA GLY O 569 -65.68 42.42 -45.24
C GLY O 569 -65.57 43.91 -45.52
N ASP O 570 -66.12 44.71 -44.62
CA ASP O 570 -66.07 46.16 -44.75
C ASP O 570 -65.82 46.76 -43.37
N TYR O 571 -65.03 47.84 -43.32
CA TYR O 571 -64.55 48.37 -42.06
C TYR O 571 -64.78 49.87 -42.00
N GLN O 572 -65.27 50.33 -40.85
CA GLN O 572 -65.58 51.74 -40.66
C GLN O 572 -64.34 52.61 -40.50
N PHE O 573 -63.17 52.01 -40.28
CA PHE O 573 -61.94 52.77 -40.13
C PHE O 573 -60.77 51.85 -40.44
N VAL O 574 -60.07 52.13 -41.53
CA VAL O 574 -58.92 51.35 -41.96
C VAL O 574 -57.68 52.20 -41.80
N TYR O 575 -56.70 51.68 -41.07
CA TYR O 575 -55.46 52.39 -40.75
C TYR O 575 -54.32 51.68 -41.48
N SER O 576 -53.90 52.24 -42.60
CA SER O 576 -52.89 51.62 -43.44
C SER O 576 -51.51 52.17 -43.09
N ASP O 577 -50.58 51.26 -42.77
CA ASP O 577 -49.19 51.62 -42.52
C ASP O 577 -48.27 51.01 -43.57
N VAL O 578 -48.83 50.45 -44.64
CA VAL O 578 -48.02 49.82 -45.67
C VAL O 578 -47.21 50.87 -46.40
N ASP O 579 -45.94 50.59 -46.63
CA ASP O 579 -45.00 51.51 -47.25
C ASP O 579 -44.82 51.19 -48.72
N GLN O 580 -44.24 52.16 -49.44
CA GLN O 580 -44.06 52.06 -50.88
C GLN O 580 -42.63 51.68 -51.25
N VAL O 581 -41.97 50.88 -50.43
CA VAL O 581 -40.58 50.50 -50.68
C VAL O 581 -40.47 49.03 -51.07
N VAL O 582 -41.27 48.17 -50.45
CA VAL O 582 -41.12 46.73 -50.69
C VAL O 582 -41.55 46.36 -52.11
N ASP O 583 -42.61 46.98 -52.62
CA ASP O 583 -43.06 46.68 -53.97
C ASP O 583 -42.58 47.70 -54.99
N GLY O 584 -42.26 48.91 -54.58
CA GLY O 584 -41.67 49.87 -55.48
C GLY O 584 -40.23 49.49 -55.76
N HIS O 585 -39.94 49.04 -56.98
CA HIS O 585 -38.63 48.47 -57.30
C HIS O 585 -37.60 49.57 -57.51
N ASP O 586 -37.40 50.37 -56.45
CA ASP O 586 -36.43 51.46 -56.43
C ASP O 586 -36.66 52.43 -57.59
N ASP O 587 -37.91 52.87 -57.72
CA ASP O 587 -38.28 53.78 -58.78
C ASP O 587 -39.38 54.70 -58.29
N LEU O 588 -39.16 56.01 -58.43
CA LEU O 588 -40.11 56.99 -57.88
C LEU O 588 -41.44 56.91 -58.60
N SER O 589 -41.43 56.70 -59.92
CA SER O 589 -42.69 56.59 -60.66
C SER O 589 -43.47 55.36 -60.24
N ILE O 590 -42.79 54.24 -60.05
CA ILE O 590 -43.46 53.02 -59.62
C ILE O 590 -44.03 53.20 -58.22
N SER O 591 -43.28 53.90 -57.35
CA SER O 591 -43.79 54.15 -56.00
C SER O 591 -45.02 55.04 -56.02
N SER O 592 -45.03 56.04 -56.91
CA SER O 592 -46.20 56.91 -57.02
C SER O 592 -47.41 56.13 -57.52
N GLY O 593 -47.21 55.28 -58.53
CA GLY O 593 -48.31 54.44 -59.00
C GLY O 593 -48.82 53.51 -57.91
N LEU O 594 -47.90 52.98 -57.11
CA LEU O 594 -48.32 52.13 -55.99
C LEU O 594 -49.12 52.92 -54.98
N VAL O 595 -48.74 54.18 -54.74
CA VAL O 595 -49.50 55.03 -53.83
C VAL O 595 -50.91 55.22 -54.36
N GLU O 596 -51.03 55.42 -55.67
CA GLU O 596 -52.35 55.57 -56.26
C GLU O 596 -53.19 54.31 -56.07
N SER O 597 -52.60 53.15 -56.35
CA SER O 597 -53.34 51.89 -56.22
C SER O 597 -53.74 51.63 -54.77
N LEU O 598 -52.88 51.98 -53.82
CA LEU O 598 -53.21 51.75 -52.42
C LEU O 598 -54.27 52.71 -51.91
N LEU O 599 -54.24 53.97 -52.36
CA LEU O 599 -55.37 54.86 -52.09
C LEU O 599 -56.67 54.28 -52.64
N ASP O 600 -56.62 53.74 -53.86
CA ASP O 600 -57.81 53.18 -54.48
C ASP O 600 -58.35 52.01 -53.64
N SER O 601 -57.47 51.09 -53.25
CA SER O 601 -57.90 49.95 -52.44
C SER O 601 -58.45 50.41 -51.10
N CYS O 602 -57.71 51.27 -50.40
CA CYS O 602 -58.12 51.74 -49.08
C CYS O 602 -59.42 52.53 -49.12
N VAL O 603 -59.77 53.11 -50.27
CA VAL O 603 -61.06 53.77 -50.36
C VAL O 603 -62.17 52.78 -50.75
N HIS O 604 -61.85 51.73 -51.52
CA HIS O 604 -62.87 50.72 -51.77
C HIS O 604 -63.25 49.96 -50.52
N ALA O 605 -62.32 49.76 -49.59
CA ALA O 605 -62.55 48.89 -48.44
C ALA O 605 -62.85 49.67 -47.17
N THR O 606 -63.62 50.75 -47.22
CA THR O 606 -63.68 51.63 -46.07
C THR O 606 -65.10 52.08 -45.70
N ALA O 607 -66.12 51.24 -45.95
CA ALA O 607 -67.42 51.36 -45.29
C ALA O 607 -68.05 52.73 -45.41
N PRO O 608 -68.70 53.05 -46.55
CA PRO O 608 -69.12 54.44 -46.84
C PRO O 608 -69.80 55.17 -45.69
N GLY O 609 -69.15 56.24 -45.24
CA GLY O 609 -69.48 56.91 -44.01
C GLY O 609 -68.37 56.89 -42.97
N GLY O 610 -67.22 56.28 -43.27
CA GLY O 610 -66.12 56.17 -42.34
C GLY O 610 -64.91 56.96 -42.78
N SER O 611 -63.75 56.54 -42.28
CA SER O 611 -62.51 57.26 -42.51
C SER O 611 -61.36 56.27 -42.63
N PHE O 612 -60.22 56.76 -43.13
CA PHE O 612 -59.03 55.94 -43.25
C PHE O 612 -57.79 56.81 -43.05
N VAL O 613 -56.64 56.14 -42.95
CA VAL O 613 -55.36 56.80 -42.74
C VAL O 613 -54.32 56.07 -43.58
N MET O 614 -53.66 56.80 -44.48
CA MET O 614 -52.62 56.22 -45.32
C MET O 614 -51.35 57.04 -45.20
N LYS O 615 -50.20 56.36 -45.20
CA LYS O 615 -48.92 57.02 -45.19
C LYS O 615 -48.37 57.13 -46.61
N ILE O 616 -47.64 58.22 -46.85
CA ILE O 616 -47.05 58.49 -48.16
C ILE O 616 -45.57 58.69 -47.93
N ASN O 617 -44.76 57.75 -48.41
CA ASN O 617 -43.31 57.86 -48.22
C ASN O 617 -42.74 59.01 -49.04
N PHE O 618 -43.10 59.08 -50.32
CA PHE O 618 -42.42 59.93 -51.29
C PHE O 618 -43.44 60.86 -51.92
N PRO O 619 -43.82 61.94 -51.24
CA PRO O 619 -44.85 62.85 -51.77
C PRO O 619 -44.37 63.52 -53.05
N THR O 620 -45.10 63.29 -54.14
CA THR O 620 -44.77 63.89 -55.43
C THR O 620 -46.02 64.50 -56.04
N ARG O 621 -45.79 65.42 -56.99
CA ARG O 621 -46.89 66.15 -57.59
C ARG O 621 -47.88 65.23 -58.30
N THR O 622 -47.41 64.09 -58.82
CA THR O 622 -48.34 63.12 -59.37
C THR O 622 -49.29 62.62 -58.30
N VAL O 623 -48.77 62.32 -57.11
CA VAL O 623 -49.61 61.86 -56.01
C VAL O 623 -50.59 62.96 -55.61
N TRP O 624 -50.12 64.20 -55.53
CA TRP O 624 -51.01 65.29 -55.15
C TRP O 624 -52.13 65.47 -56.17
N HIS O 625 -51.79 65.43 -57.47
CA HIS O 625 -52.79 65.59 -58.51
C HIS O 625 -53.80 64.45 -58.48
N TYR O 626 -53.32 63.22 -58.30
CA TYR O 626 -54.24 62.09 -58.25
C TYR O 626 -55.18 62.20 -57.06
N ILE O 627 -54.66 62.59 -55.90
CA ILE O 627 -55.51 62.73 -54.73
C ILE O 627 -56.56 63.81 -54.96
N GLU O 628 -56.14 64.95 -55.52
CA GLU O 628 -57.07 66.04 -55.79
C GLU O 628 -58.14 65.63 -56.79
N GLN O 629 -57.78 64.80 -57.77
CA GLN O 629 -58.72 64.45 -58.82
C GLN O 629 -59.67 63.33 -58.40
N LYS O 630 -59.24 62.42 -57.54
CA LYS O 630 -60.02 61.22 -57.27
C LYS O 630 -60.53 61.09 -55.85
N ILE O 631 -59.81 61.57 -54.85
CA ILE O 631 -60.14 61.29 -53.46
C ILE O 631 -60.91 62.44 -52.82
N LEU O 632 -60.50 63.68 -53.08
CA LEU O 632 -61.15 64.82 -52.45
C LEU O 632 -62.62 64.95 -52.80
N PRO O 633 -63.05 64.85 -54.07
CA PRO O 633 -64.48 65.00 -54.38
C PRO O 633 -65.39 63.96 -53.71
N ASN O 634 -64.83 62.88 -53.17
CA ASN O 634 -65.63 61.85 -52.52
C ASN O 634 -65.40 61.78 -51.02
N VAL O 635 -64.93 62.86 -50.42
CA VAL O 635 -64.62 62.90 -49.00
C VAL O 635 -65.21 64.17 -48.39
N THR O 636 -65.63 64.06 -47.13
CA THR O 636 -66.22 65.20 -46.45
C THR O 636 -65.16 66.15 -45.91
N SER O 637 -64.13 65.62 -45.25
CA SER O 637 -63.07 66.44 -44.68
C SER O 637 -61.81 65.60 -44.59
N TYR O 638 -60.69 66.25 -44.30
CA TYR O 638 -59.41 65.56 -44.27
C TYR O 638 -58.42 66.37 -43.45
N MET O 639 -57.35 65.69 -43.05
CA MET O 639 -56.17 66.35 -42.50
C MET O 639 -54.97 65.47 -42.79
N LEU O 640 -53.78 66.06 -42.72
CA LEU O 640 -52.54 65.33 -42.94
C LEU O 640 -51.53 65.78 -41.90
N ILE O 641 -50.93 64.80 -41.21
CA ILE O 641 -50.09 65.06 -40.06
C ILE O 641 -48.71 64.45 -40.31
N LYS O 642 -47.78 64.79 -39.43
CA LYS O 642 -46.39 64.33 -39.54
C LYS O 642 -45.80 64.21 -38.13
N PRO O 643 -45.82 63.02 -37.55
CA PRO O 643 -45.13 62.81 -36.28
C PRO O 643 -43.63 62.68 -36.51
N PHE O 644 -42.89 63.72 -36.15
CA PHE O 644 -41.45 63.76 -36.41
C PHE O 644 -40.73 62.86 -35.42
N VAL O 645 -40.19 61.74 -35.91
CA VAL O 645 -39.33 60.89 -35.10
C VAL O 645 -37.98 60.65 -35.76
N THR O 646 -37.88 60.73 -37.08
CA THR O 646 -36.62 60.53 -37.79
C THR O 646 -36.65 61.39 -39.04
N ASN O 647 -35.46 61.84 -39.46
CA ASN O 647 -35.37 62.80 -40.56
C ASN O 647 -35.76 62.11 -41.86
N ASN O 648 -36.88 62.52 -42.43
CA ASN O 648 -37.37 61.99 -43.70
C ASN O 648 -38.59 62.81 -44.12
N VAL O 649 -39.11 62.52 -45.31
CA VAL O 649 -40.17 63.32 -45.90
C VAL O 649 -41.48 62.55 -45.97
N GLU O 650 -41.65 61.51 -45.16
CA GLU O 650 -42.93 60.81 -45.16
C GLU O 650 -44.00 61.66 -44.51
N VAL O 651 -45.24 61.46 -44.95
CA VAL O 651 -46.38 62.19 -44.40
C VAL O 651 -47.58 61.26 -44.36
N PHE O 652 -48.47 61.50 -43.41
CA PHE O 652 -49.71 60.73 -43.29
C PHE O 652 -50.86 61.53 -43.87
N PHE O 653 -51.83 60.82 -44.43
CA PHE O 653 -53.02 61.41 -45.01
C PHE O 653 -54.25 60.78 -44.36
N VAL O 654 -55.11 61.62 -43.80
CA VAL O 654 -56.30 61.17 -43.11
C VAL O 654 -57.52 61.78 -43.79
N ALA O 655 -58.41 60.92 -44.27
CA ALA O 655 -59.63 61.34 -44.94
C ALA O 655 -60.83 60.92 -44.10
N PHE O 656 -61.82 61.81 -44.01
CA PHE O 656 -62.98 61.59 -43.16
C PHE O 656 -64.26 61.56 -44.00
N GLY O 657 -65.14 60.61 -43.69
CA GLY O 657 -66.42 60.52 -44.35
C GLY O 657 -66.32 60.25 -45.83
N VAL O 658 -65.87 59.05 -46.19
CA VAL O 658 -65.67 58.68 -47.59
C VAL O 658 -67.02 58.36 -48.23
N HIS O 659 -67.03 58.30 -49.56
CA HIS O 659 -68.22 57.93 -50.34
C HIS O 659 -69.33 58.95 -50.17
N GLN O 660 -68.97 60.23 -50.03
CA GLN O 660 -69.94 61.31 -49.94
C GLN O 660 -69.49 62.44 -50.86
N GLN O 661 -70.39 62.89 -51.72
CA GLN O 661 -70.05 63.94 -52.68
C GLN O 661 -69.73 65.23 -51.95
N SER O 662 -68.69 65.92 -52.42
CA SER O 662 -68.27 67.19 -51.84
C SER O 662 -67.23 67.82 -52.74
N ALA O 663 -67.10 69.14 -52.64
CA ALA O 663 -66.12 69.89 -53.40
C ALA O 663 -64.98 70.29 -52.46
N LEU O 664 -63.84 69.63 -52.59
CA LEU O 664 -62.69 69.90 -51.75
C LEU O 664 -61.45 70.08 -52.62
N THR O 665 -60.55 70.94 -52.15
CA THR O 665 -59.30 71.21 -52.86
C THR O 665 -58.21 71.50 -51.84
N TRP O 666 -56.96 71.39 -52.27
CA TRP O 666 -55.86 71.76 -51.40
C TRP O 666 -55.89 73.26 -51.15
N THR O 667 -55.32 73.69 -50.03
CA THR O 667 -55.48 75.06 -49.57
C THR O 667 -54.14 75.65 -49.17
N SER O 668 -54.17 76.95 -48.84
CA SER O 668 -52.96 77.65 -48.44
C SER O 668 -52.39 77.08 -47.16
N GLY O 669 -53.23 76.56 -46.27
CA GLY O 669 -52.73 75.88 -45.09
C GLY O 669 -51.88 74.69 -45.45
N VAL O 670 -52.34 73.86 -46.40
CA VAL O 670 -51.56 72.73 -46.86
C VAL O 670 -50.27 73.21 -47.52
N TYR O 671 -50.36 74.32 -48.26
CA TYR O 671 -49.17 74.88 -48.89
C TYR O 671 -48.11 75.24 -47.85
N PHE O 672 -48.50 75.99 -46.84
CA PHE O 672 -47.56 76.40 -45.79
C PHE O 672 -47.02 75.19 -45.05
N PHE O 673 -47.89 74.21 -44.78
CA PHE O 673 -47.45 72.98 -44.11
C PHE O 673 -46.38 72.28 -44.92
N LEU O 674 -46.61 72.09 -46.21
CA LEU O 674 -45.64 71.39 -47.06
C LEU O 674 -44.34 72.16 -47.16
N VAL O 675 -44.42 73.49 -47.22
CA VAL O 675 -43.22 74.32 -47.29
C VAL O 675 -42.37 74.11 -46.05
N ASP O 676 -42.99 74.25 -44.86
CA ASP O 676 -42.24 74.06 -43.62
C ASP O 676 -41.69 72.64 -43.51
N HIS O 677 -42.49 71.66 -43.94
CA HIS O 677 -42.07 70.27 -43.94
C HIS O 677 -40.78 70.06 -44.72
N PHE O 678 -40.80 70.43 -45.99
CA PHE O 678 -39.63 70.22 -46.83
C PHE O 678 -38.45 71.06 -46.39
N TYR O 679 -38.69 72.28 -45.89
CA TYR O 679 -37.55 73.11 -45.51
C TYR O 679 -36.90 72.60 -44.24
N ARG O 680 -37.69 72.10 -43.29
CA ARG O 680 -37.06 71.52 -42.09
C ARG O 680 -36.34 70.24 -42.43
N TYR O 681 -36.87 69.45 -43.37
CA TYR O 681 -36.09 68.30 -43.85
C TYR O 681 -34.75 68.75 -44.40
N GLU O 682 -34.75 69.79 -45.24
CA GLU O 682 -33.51 70.28 -45.83
C GLU O 682 -32.53 70.75 -44.76
N THR O 683 -33.03 71.48 -43.76
CA THR O 683 -32.15 72.01 -42.72
C THR O 683 -31.53 70.87 -41.91
N LEU O 684 -32.35 69.92 -41.47
CA LEU O 684 -31.80 68.81 -40.70
C LEU O 684 -30.85 67.96 -41.52
N SER O 685 -31.09 67.83 -42.82
CA SER O 685 -30.17 67.08 -43.66
C SER O 685 -28.83 67.81 -43.76
N ALA O 686 -28.87 69.12 -43.99
CA ALA O 686 -27.63 69.88 -44.07
C ALA O 686 -26.86 69.85 -42.76
N ILE O 687 -27.58 69.78 -41.64
CA ILE O 687 -26.90 69.67 -40.35
C ILE O 687 -26.26 68.29 -40.19
N SER O 688 -27.03 67.24 -40.48
CA SER O 688 -26.56 65.88 -40.21
C SER O 688 -25.49 65.43 -41.20
N ARG O 689 -25.39 66.07 -42.36
CA ARG O 689 -24.33 65.71 -43.30
C ARG O 689 -22.98 66.34 -42.94
N GLN O 690 -22.88 67.04 -41.81
CA GLN O 690 -21.62 67.61 -41.37
C GLN O 690 -21.06 66.95 -40.13
N LEU O 691 -21.82 66.06 -39.50
CA LEU O 691 -21.33 65.36 -38.32
C LEU O 691 -20.49 64.15 -38.73
N PRO O 692 -19.66 63.64 -37.83
CA PRO O 692 -18.86 62.46 -38.13
C PRO O 692 -19.72 61.22 -38.18
N SER O 693 -19.12 60.12 -38.65
CA SER O 693 -19.84 58.87 -38.76
C SER O 693 -20.20 58.33 -37.37
N PHE O 694 -20.86 57.19 -37.34
CA PHE O 694 -21.40 56.69 -36.08
C PHE O 694 -20.33 56.05 -35.20
N GLY O 695 -19.46 55.25 -35.80
CA GLY O 695 -18.39 54.63 -35.03
C GLY O 695 -17.02 55.11 -35.44
N TYR O 696 -16.89 56.42 -35.70
CA TYR O 696 -15.65 56.95 -36.24
C TYR O 696 -14.56 56.93 -35.19
N VAL O 697 -13.32 57.05 -35.66
CA VAL O 697 -12.16 57.28 -34.81
C VAL O 697 -11.65 58.68 -35.12
N ASP O 698 -11.64 59.55 -34.10
CA ASP O 698 -11.29 60.94 -34.30
C ASP O 698 -9.79 61.11 -34.34
N ASP O 699 -9.35 62.08 -35.14
CA ASP O 699 -7.92 62.42 -35.16
C ASP O 699 -7.68 63.92 -35.30
N GLY O 700 -8.71 64.75 -35.18
CA GLY O 700 -8.57 66.18 -35.32
C GLY O 700 -8.87 66.73 -36.69
N SER O 701 -9.40 65.92 -37.60
CA SER O 701 -9.70 66.40 -38.95
C SER O 701 -11.12 66.93 -39.07
N SER O 702 -12.09 66.24 -38.47
CA SER O 702 -13.48 66.68 -38.56
C SER O 702 -13.64 68.03 -37.87
N VAL O 703 -14.49 68.89 -38.46
CA VAL O 703 -14.67 70.23 -37.91
C VAL O 703 -15.32 70.17 -36.55
N THR O 704 -16.10 69.13 -36.28
CA THR O 704 -16.72 68.91 -34.98
C THR O 704 -16.29 67.56 -34.44
N GLY O 705 -15.88 67.52 -33.18
CA GLY O 705 -15.42 66.29 -32.59
C GLY O 705 -14.79 66.52 -31.24
N ILE O 706 -14.28 65.44 -30.68
CA ILE O 706 -13.67 65.46 -29.36
C ILE O 706 -12.19 65.75 -29.50
N GLU O 707 -11.56 66.16 -28.40
CA GLU O 707 -10.11 66.34 -28.38
C GLU O 707 -9.61 66.41 -26.95
N ILE O 708 -8.55 65.66 -26.64
CA ILE O 708 -8.01 65.57 -25.30
C ILE O 708 -6.49 65.55 -25.39
N ILE O 709 -5.84 66.02 -24.33
CA ILE O 709 -4.39 66.01 -24.24
C ILE O 709 -3.99 65.51 -22.86
N SER O 710 -2.74 65.06 -22.76
CA SER O 710 -2.21 64.53 -21.51
C SER O 710 -0.84 65.15 -21.28
N ILE O 711 -0.66 65.75 -20.11
CA ILE O 711 0.61 66.35 -19.72
C ILE O 711 0.98 65.83 -18.33
N GLU O 712 2.28 65.65 -18.12
CA GLU O 712 2.78 65.07 -16.88
C GLU O 712 3.11 66.18 -15.88
N ASN O 713 2.43 66.17 -14.74
CA ASN O 713 2.72 67.11 -13.66
C ASN O 713 3.20 66.38 -12.41
N PRO O 714 4.48 66.32 -12.15
CA PRO O 714 4.99 65.59 -10.99
C PRO O 714 4.82 66.40 -9.72
N GLY O 715 3.82 66.04 -8.92
CA GLY O 715 3.66 66.61 -7.59
C GLY O 715 3.48 68.12 -7.61
N PHE O 716 4.19 68.80 -6.72
CA PHE O 716 4.09 70.24 -6.57
C PHE O 716 5.15 70.90 -7.44
N SER O 717 4.72 71.77 -8.35
CA SER O 717 5.67 72.41 -9.25
C SER O 717 4.95 73.46 -10.07
N ASN O 718 5.74 74.38 -10.60
CA ASN O 718 5.25 75.36 -11.56
C ASN O 718 5.40 74.78 -12.96
N MET O 719 4.30 74.58 -13.66
CA MET O 719 4.36 73.93 -14.96
C MET O 719 5.14 74.79 -15.95
N THR O 720 5.92 74.11 -16.80
CA THR O 720 6.87 74.79 -17.67
C THR O 720 6.14 75.61 -18.73
N GLN O 721 6.92 76.30 -19.54
CA GLN O 721 6.36 77.10 -20.63
C GLN O 721 5.69 76.21 -21.67
N ALA O 722 6.25 75.02 -21.90
CA ALA O 722 5.74 74.14 -22.95
C ALA O 722 4.34 73.64 -22.61
N ALA O 723 4.16 73.08 -21.42
CA ALA O 723 2.83 72.58 -21.03
C ALA O 723 1.82 73.70 -20.96
N ARG O 724 2.25 74.87 -20.49
CA ARG O 724 1.36 76.03 -20.45
C ARG O 724 0.90 76.42 -21.85
N VAL O 725 1.83 76.45 -22.81
CA VAL O 725 1.47 76.79 -24.18
C VAL O 725 0.55 75.72 -24.76
N GLY O 726 0.77 74.46 -24.43
CA GLY O 726 -0.09 73.40 -24.93
C GLY O 726 -1.52 73.53 -24.42
N ILE O 727 -1.66 73.79 -23.11
CA ILE O 727 -2.99 73.95 -22.55
C ILE O 727 -3.67 75.19 -23.12
N SER O 728 -2.90 76.26 -23.33
CA SER O 728 -3.48 77.46 -23.92
C SER O 728 -3.94 77.20 -25.35
N GLY O 729 -3.17 76.41 -26.10
CA GLY O 729 -3.59 76.05 -27.44
C GLY O 729 -4.86 75.23 -27.45
N LEU O 730 -4.97 74.28 -26.52
CA LEU O 730 -6.19 73.49 -26.42
C LEU O 730 -7.38 74.38 -26.07
N CYS O 731 -7.18 75.34 -25.17
CA CYS O 731 -8.27 76.24 -24.80
C CYS O 731 -8.70 77.08 -26.01
N ALA O 732 -7.73 77.63 -26.73
CA ALA O 732 -8.07 78.41 -27.92
C ALA O 732 -8.75 77.56 -28.98
N ASN O 733 -8.40 76.28 -29.05
CA ASN O 733 -9.03 75.40 -30.02
C ASN O 733 -10.44 75.03 -29.62
N VAL O 734 -10.69 74.91 -28.31
CA VAL O 734 -12.01 74.52 -27.84
C VAL O 734 -12.98 75.68 -27.89
N GLY O 735 -12.57 76.87 -27.46
CA GLY O 735 -13.48 77.98 -27.51
C GLY O 735 -14.62 77.88 -26.51
N ASN O 736 -14.29 78.07 -25.24
CA ASN O 736 -15.19 78.14 -24.07
C ASN O 736 -16.34 77.14 -24.09
N ALA O 737 -16.07 75.92 -24.54
CA ALA O 737 -16.96 74.81 -24.25
C ALA O 737 -16.61 74.24 -22.88
N ARG O 738 -17.40 73.27 -22.42
CA ARG O 738 -17.12 72.66 -21.13
C ARG O 738 -15.83 71.86 -21.20
N LYS O 739 -15.01 72.00 -20.16
CA LYS O 739 -13.71 71.35 -20.10
C LYS O 739 -13.57 70.67 -18.75
N SER O 740 -13.23 69.38 -18.78
CA SER O 740 -13.07 68.60 -17.57
C SER O 740 -11.65 68.04 -17.49
N ILE O 741 -11.17 67.86 -16.27
CA ILE O 741 -9.81 67.39 -16.04
C ILE O 741 -9.83 66.15 -15.17
N ALA O 742 -8.75 65.38 -15.24
CA ALA O 742 -8.60 64.19 -14.43
C ALA O 742 -7.12 64.02 -14.11
N ILE O 743 -6.83 63.64 -12.87
CA ILE O 743 -5.46 63.45 -12.41
C ILE O 743 -5.36 62.06 -11.82
N TYR O 744 -4.29 61.35 -12.16
CA TYR O 744 -4.14 59.95 -11.75
C TYR O 744 -2.77 59.47 -12.14
N GLU O 745 -2.34 58.37 -11.51
CA GLU O 745 -1.04 57.77 -11.78
C GLU O 745 -1.22 56.66 -12.81
N SER O 746 -0.52 56.78 -13.93
CA SER O 746 -0.65 55.86 -15.06
C SER O 746 0.72 55.33 -15.43
N HIS O 747 0.96 54.06 -15.12
CA HIS O 747 2.21 53.39 -15.48
C HIS O 747 3.38 54.00 -14.71
N GLY O 748 3.20 54.18 -13.42
CA GLY O 748 4.25 54.71 -12.59
C GLY O 748 4.57 56.17 -12.85
N ALA O 749 3.66 56.91 -13.47
CA ALA O 749 3.82 58.34 -13.64
C ALA O 749 2.50 59.01 -13.29
N ARG O 750 2.57 60.28 -12.89
CA ARG O 750 1.39 61.06 -12.53
C ARG O 750 1.12 62.04 -13.65
N VAL O 751 -0.08 61.97 -14.22
CA VAL O 751 -0.43 62.72 -15.41
C VAL O 751 -1.88 63.15 -15.31
N LEU O 752 -2.17 64.34 -15.85
CA LEU O 752 -3.54 64.83 -15.92
C LEU O 752 -3.93 65.02 -17.38
N THR O 753 -5.22 64.83 -17.66
CA THR O 753 -5.75 64.94 -19.00
C THR O 753 -6.87 65.99 -19.01
N ILE O 754 -7.01 66.65 -20.15
CA ILE O 754 -8.02 67.69 -20.34
C ILE O 754 -8.88 67.30 -21.54
N THR O 755 -10.16 67.09 -21.29
CA THR O 755 -11.09 66.64 -22.31
C THR O 755 -12.05 67.77 -22.67
N SER O 756 -12.40 67.85 -23.95
CA SER O 756 -13.36 68.84 -24.42
C SER O 756 -13.62 68.61 -25.89
N ARG O 757 -14.71 69.21 -26.38
CA ARG O 757 -15.12 69.10 -27.77
C ARG O 757 -14.90 70.43 -28.50
N ARG O 758 -14.72 70.34 -29.80
CA ARG O 758 -14.58 71.51 -30.66
C ARG O 758 -15.81 71.65 -31.53
N SER O 759 -15.88 72.76 -32.27
CA SER O 759 -17.11 73.14 -32.96
C SER O 759 -16.77 74.20 -33.99
N PRO O 760 -17.60 74.35 -35.03
CA PRO O 760 -17.37 75.45 -35.97
C PRO O 760 -17.44 76.82 -35.35
N ALA O 761 -18.25 76.99 -34.30
CA ALA O 761 -18.21 78.24 -33.55
C ALA O 761 -16.84 78.43 -32.89
N SER O 762 -16.28 77.34 -32.36
CA SER O 762 -14.92 77.39 -31.82
C SER O 762 -13.92 77.81 -32.89
N ALA O 763 -14.06 77.26 -34.10
CA ALA O 763 -13.14 77.64 -35.17
C ALA O 763 -13.31 79.10 -35.55
N ARG O 764 -14.55 79.59 -35.57
CA ARG O 764 -14.78 81.00 -35.90
C ARG O 764 -14.16 81.90 -34.84
N ARG O 765 -14.23 81.50 -33.58
CA ARG O 765 -13.57 82.29 -32.54
C ARG O 765 -12.06 82.25 -32.71
N LYS O 766 -11.50 81.06 -32.95
CA LYS O 766 -10.06 80.92 -33.13
C LYS O 766 -9.56 81.69 -34.35
N ALA O 767 -10.43 81.94 -35.32
CA ALA O 767 -10.02 82.72 -36.49
C ALA O 767 -9.81 84.19 -36.19
N ARG O 768 -10.23 84.66 -35.02
CA ARG O 768 -10.05 86.08 -34.68
C ARG O 768 -8.68 86.36 -34.10
N LEU O 769 -8.31 85.62 -33.05
CA LEU O 769 -7.13 85.98 -32.27
C LEU O 769 -5.86 85.83 -33.07
N ARG O 770 -4.98 86.84 -32.96
CA ARG O 770 -3.69 86.82 -33.64
C ARG O 770 -2.66 86.04 -32.83
N TYR O 771 -2.54 86.35 -31.55
CA TYR O 771 -1.65 85.64 -30.64
C TYR O 771 -2.49 84.86 -29.63
N LEU O 772 -2.17 83.60 -29.43
CA LEU O 772 -2.96 82.81 -28.50
C LEU O 772 -2.61 83.21 -27.07
N PRO O 773 -3.59 83.59 -26.25
CA PRO O 773 -3.29 83.95 -24.86
C PRO O 773 -2.77 82.75 -24.09
N LEU O 774 -2.24 83.03 -22.90
CA LEU O 774 -1.69 82.02 -22.02
C LEU O 774 -2.43 82.05 -20.69
N ILE O 775 -3.00 80.90 -20.31
CA ILE O 775 -3.69 80.80 -19.04
C ILE O 775 -2.70 80.95 -17.88
N ASP O 776 -3.24 81.20 -16.70
CA ASP O 776 -2.40 81.11 -15.52
C ASP O 776 -2.56 79.73 -14.88
N PRO O 777 -1.46 79.06 -14.56
CA PRO O 777 -1.56 77.64 -14.18
C PRO O 777 -1.86 77.41 -12.72
N ARG O 778 -2.29 78.43 -11.98
CA ARG O 778 -2.43 78.28 -10.53
C ARG O 778 -3.51 77.27 -10.17
N SER O 779 -4.66 77.35 -10.83
CA SER O 779 -5.79 76.50 -10.48
C SER O 779 -5.47 75.02 -10.71
N LEU O 780 -4.56 74.73 -11.62
CA LEU O 780 -4.13 73.35 -11.85
C LEU O 780 -2.95 72.95 -11.00
N GLU O 781 -2.04 73.89 -10.71
CA GLU O 781 -0.92 73.58 -9.84
C GLU O 781 -1.36 73.28 -8.43
N VAL O 782 -2.44 73.93 -7.97
CA VAL O 782 -2.89 73.72 -6.59
C VAL O 782 -3.44 72.32 -6.38
N GLN O 783 -3.84 71.63 -7.44
CA GLN O 783 -4.48 70.32 -7.31
C GLN O 783 -3.49 69.31 -6.78
N ALA O 784 -3.72 68.83 -5.55
CA ALA O 784 -2.89 67.81 -4.96
C ALA O 784 -3.74 66.58 -4.62
N ARG O 785 -4.59 66.19 -5.56
CA ARG O 785 -5.61 65.17 -5.33
C ARG O 785 -5.55 64.13 -6.43
N THR O 786 -6.54 63.23 -6.46
CA THR O 786 -6.63 62.20 -7.48
C THR O 786 -8.04 62.19 -8.05
N ILE O 787 -8.17 62.37 -9.35
CA ILE O 787 -9.45 62.46 -10.04
C ILE O 787 -9.48 61.36 -11.09
N LEU O 788 -10.21 60.29 -10.82
CA LEU O 788 -10.20 59.13 -11.71
C LEU O 788 -10.82 59.49 -13.06
N PRO O 789 -10.32 58.88 -14.13
CA PRO O 789 -10.81 59.22 -15.48
C PRO O 789 -12.16 58.64 -15.80
N SER O 790 -12.59 58.83 -17.04
CA SER O 790 -13.81 58.20 -17.55
C SER O 790 -13.72 58.17 -19.08
N ASN O 791 -14.46 57.24 -19.67
CA ASN O 791 -14.40 57.07 -21.11
C ASN O 791 -14.98 58.29 -21.81
N PRO O 792 -14.31 58.82 -22.84
CA PRO O 792 -14.82 60.00 -23.52
C PRO O 792 -16.05 59.70 -24.35
N VAL O 793 -16.96 60.66 -24.39
CA VAL O 793 -18.21 60.54 -25.14
C VAL O 793 -18.41 61.83 -25.93
N LEU O 794 -18.87 61.70 -27.17
CA LEU O 794 -19.08 62.88 -28.00
C LEU O 794 -20.25 63.70 -27.50
N PHE O 795 -21.43 63.09 -27.38
CA PHE O 795 -22.61 63.77 -26.85
C PHE O 795 -22.78 63.33 -25.39
N ASP O 796 -22.03 63.99 -24.51
CA ASP O 796 -22.00 63.57 -23.12
C ASP O 796 -23.32 63.88 -22.41
N ASN O 797 -23.97 64.98 -22.76
CA ASN O 797 -25.18 65.40 -22.08
C ASN O 797 -26.29 64.39 -22.37
N ILE O 798 -26.66 63.60 -21.36
CA ILE O 798 -27.61 62.53 -21.56
C ILE O 798 -29.07 62.96 -21.36
N ASN O 799 -29.29 64.06 -20.64
CA ASN O 799 -30.65 64.54 -20.40
C ASN O 799 -31.10 65.55 -21.43
N GLY O 800 -30.25 65.91 -22.38
CA GLY O 800 -30.61 66.90 -23.38
C GLY O 800 -30.57 68.30 -22.82
N ALA O 801 -30.42 69.29 -23.70
CA ALA O 801 -30.38 70.68 -23.26
C ALA O 801 -31.72 71.08 -22.64
N SER O 802 -31.70 72.19 -21.91
CA SER O 802 -32.88 72.69 -21.24
C SER O 802 -33.55 73.77 -22.08
N PRO O 803 -34.81 74.09 -21.79
CA PRO O 803 -35.51 75.10 -22.59
C PRO O 803 -34.87 76.47 -22.52
N HIS O 804 -34.29 76.85 -21.38
CA HIS O 804 -33.57 78.12 -21.33
C HIS O 804 -32.41 78.13 -22.30
N VAL O 805 -31.65 77.02 -22.35
CA VAL O 805 -30.55 76.92 -23.30
C VAL O 805 -31.06 76.99 -24.74
N CYS O 806 -32.18 76.33 -25.01
CA CYS O 806 -32.72 76.35 -26.36
C CYS O 806 -33.15 77.75 -26.77
N LEU O 807 -33.76 78.49 -25.85
CA LEU O 807 -34.16 79.87 -26.15
C LEU O 807 -32.94 80.75 -26.40
N THR O 808 -31.92 80.60 -25.55
CA THR O 808 -30.68 81.35 -25.77
C THR O 808 -30.06 81.01 -27.11
N MET O 809 -30.18 79.76 -27.55
CA MET O 809 -29.60 79.39 -28.85
C MET O 809 -30.42 79.94 -30.00
N MET O 810 -31.74 80.02 -29.85
CA MET O 810 -32.55 80.72 -30.83
C MET O 810 -32.10 82.17 -30.97
N TYR O 811 -31.90 82.85 -29.83
CA TYR O 811 -31.41 84.22 -29.86
C TYR O 811 -30.06 84.33 -30.56
N ASN O 812 -29.15 83.40 -30.23
CA ASN O 812 -27.82 83.44 -30.82
C ASN O 812 -27.88 83.23 -32.33
N PHE O 813 -28.69 82.28 -32.78
CA PHE O 813 -28.83 82.07 -34.21
C PHE O 813 -29.39 83.29 -34.91
N GLU O 814 -30.37 83.95 -34.27
CA GLU O 814 -30.93 85.16 -34.88
C GLU O 814 -29.87 86.25 -35.01
N VAL O 815 -29.04 86.42 -33.97
CA VAL O 815 -27.97 87.42 -34.04
C VAL O 815 -27.00 87.08 -35.17
N SER O 816 -26.56 85.82 -35.23
CA SER O 816 -25.57 85.43 -36.22
C SER O 816 -26.13 85.60 -37.63
N SER O 817 -27.41 85.31 -37.83
CA SER O 817 -28.00 85.50 -39.15
C SER O 817 -28.17 86.98 -39.47
N ALA O 818 -28.42 87.81 -38.46
CA ALA O 818 -28.62 89.23 -38.72
C ALA O 818 -27.32 89.92 -39.08
N VAL O 819 -26.23 89.59 -38.41
CA VAL O 819 -24.96 90.28 -38.65
C VAL O 819 -24.35 89.80 -39.95
N TYR O 820 -23.89 90.75 -40.76
CA TYR O 820 -23.19 90.47 -42.00
C TYR O 820 -21.68 90.53 -41.76
N ASP O 821 -20.91 90.50 -42.84
CA ASP O 821 -19.46 90.52 -42.74
C ASP O 821 -18.94 91.96 -42.77
N GLY O 822 -17.87 92.20 -42.01
CA GLY O 822 -17.23 93.50 -41.99
C GLY O 822 -18.12 94.62 -41.48
N ASP O 823 -18.88 94.36 -40.42
CA ASP O 823 -19.80 95.34 -39.85
C ASP O 823 -19.42 95.61 -38.40
N VAL O 824 -19.43 96.88 -38.02
CA VAL O 824 -19.15 97.26 -36.65
C VAL O 824 -20.38 97.02 -35.80
N VAL O 825 -20.22 96.27 -34.71
CA VAL O 825 -21.32 95.91 -33.84
C VAL O 825 -20.98 96.34 -32.41
N LEU O 826 -21.98 96.26 -31.54
CA LEU O 826 -21.75 96.49 -30.12
C LEU O 826 -22.91 95.86 -29.36
N ASP O 827 -22.60 94.87 -28.52
CA ASP O 827 -23.62 94.17 -27.75
C ASP O 827 -23.70 94.76 -26.35
N LEU O 828 -24.91 94.79 -25.81
CA LEU O 828 -25.17 95.40 -24.50
C LEU O 828 -25.37 94.29 -23.48
N GLY O 829 -24.40 94.16 -22.57
CA GLY O 829 -24.48 93.13 -21.55
C GLY O 829 -24.17 91.75 -22.07
N THR O 830 -22.93 91.53 -22.49
CA THR O 830 -22.56 90.24 -23.06
C THR O 830 -22.32 89.20 -21.98
N GLY O 831 -21.63 89.58 -20.91
CA GLY O 831 -21.29 88.65 -19.86
C GLY O 831 -19.80 88.45 -19.74
N PRO O 832 -19.37 87.75 -18.68
CA PRO O 832 -17.94 87.48 -18.53
C PRO O 832 -17.34 86.69 -19.68
N GLU O 833 -18.13 85.85 -20.35
CA GLU O 833 -17.68 85.12 -21.52
C GLU O 833 -18.37 85.74 -22.74
N ALA O 834 -17.57 86.31 -23.63
CA ALA O 834 -18.11 87.01 -24.81
C ALA O 834 -18.57 85.98 -25.83
N LYS O 835 -19.73 85.39 -25.56
CA LYS O 835 -20.28 84.38 -26.46
C LYS O 835 -20.50 84.93 -27.86
N ILE O 836 -20.78 86.23 -27.97
CA ILE O 836 -20.99 86.84 -29.28
C ILE O 836 -19.76 86.72 -30.14
N LEU O 837 -18.57 86.62 -29.53
CA LEU O 837 -17.35 86.44 -30.29
C LEU O 837 -17.39 85.18 -31.14
N GLU O 838 -18.18 84.19 -30.74
CA GLU O 838 -18.31 82.97 -31.51
C GLU O 838 -19.47 83.01 -32.51
N LEU O 839 -20.29 84.06 -32.47
CA LEU O 839 -21.48 84.09 -33.33
C LEU O 839 -21.20 84.83 -34.63
N ILE O 840 -20.83 86.11 -34.55
CA ILE O 840 -20.69 86.94 -35.72
C ILE O 840 -19.37 86.63 -36.43
N PRO O 841 -19.17 87.09 -37.65
CA PRO O 841 -17.97 86.70 -38.40
C PRO O 841 -16.69 87.24 -37.77
N SER O 842 -15.58 86.63 -38.15
CA SER O 842 -14.28 86.92 -37.58
C SER O 842 -13.57 88.09 -38.24
N THR O 843 -14.29 88.94 -38.97
CA THR O 843 -13.69 90.08 -39.65
C THR O 843 -14.52 91.34 -39.42
N SER O 844 -14.87 91.58 -38.15
CA SER O 844 -15.69 92.73 -37.82
C SER O 844 -15.42 93.14 -36.37
N PRO O 845 -15.25 94.44 -36.10
CA PRO O 845 -15.04 94.87 -34.72
C PRO O 845 -16.30 94.67 -33.88
N VAL O 846 -16.10 94.22 -32.64
CA VAL O 846 -17.17 93.66 -31.85
C VAL O 846 -17.27 94.30 -30.46
N THR O 847 -16.93 95.58 -30.36
CA THR O 847 -16.85 96.27 -29.07
C THR O 847 -18.14 96.15 -28.25
N CYS O 848 -18.05 95.47 -27.10
CA CYS O 848 -19.21 95.11 -26.30
C CYS O 848 -19.07 95.66 -24.88
N VAL O 849 -20.21 95.81 -24.21
CA VAL O 849 -20.28 96.43 -22.89
C VAL O 849 -21.03 95.53 -21.93
N ASP O 850 -20.67 95.58 -20.65
CA ASP O 850 -21.33 94.83 -19.61
C ASP O 850 -20.92 95.41 -18.26
N ILE O 851 -21.87 95.38 -17.31
CA ILE O 851 -21.58 95.98 -16.01
C ILE O 851 -20.62 95.12 -15.21
N ARG O 852 -20.59 93.81 -15.47
CA ARG O 852 -19.66 93.01 -14.70
C ARG O 852 -18.38 92.80 -15.49
N PRO O 853 -17.22 92.87 -14.85
CA PRO O 853 -15.96 92.82 -15.60
C PRO O 853 -15.77 91.50 -16.33
N THR O 854 -15.17 91.60 -17.51
CA THR O 854 -15.10 90.46 -18.42
C THR O 854 -14.11 89.42 -17.90
N ALA O 855 -14.00 88.33 -18.66
CA ALA O 855 -13.05 87.26 -18.37
C ALA O 855 -12.28 86.83 -19.61
N GLN O 856 -12.38 87.57 -20.70
CA GLN O 856 -11.67 87.26 -21.93
C GLN O 856 -10.29 87.90 -21.94
N PRO O 857 -9.43 87.50 -22.86
CA PRO O 857 -8.11 88.12 -22.97
C PRO O 857 -8.22 89.59 -23.35
N ASN O 858 -7.07 90.24 -23.36
CA ASN O 858 -6.93 91.62 -23.82
C ASN O 858 -5.79 91.69 -24.81
N GLY O 859 -5.97 92.45 -25.87
CA GLY O 859 -5.01 92.38 -26.96
C GLY O 859 -5.14 91.03 -27.66
N CYS O 860 -4.20 90.79 -28.57
CA CYS O 860 -4.15 89.59 -29.42
C CYS O 860 -5.50 89.28 -30.07
N TRP O 861 -5.94 90.20 -30.92
CA TRP O 861 -7.09 89.99 -31.78
C TRP O 861 -6.80 90.64 -33.12
N ASN O 862 -7.20 89.98 -34.21
CA ASN O 862 -6.96 90.55 -35.54
C ASN O 862 -7.77 91.82 -35.74
N VAL O 863 -9.08 91.70 -35.69
CA VAL O 863 -9.96 92.86 -35.73
C VAL O 863 -10.12 93.37 -34.30
N ARG O 864 -10.22 94.68 -34.15
CA ARG O 864 -10.23 95.28 -32.82
C ARG O 864 -11.50 94.92 -32.08
N THR O 865 -11.34 94.41 -30.86
CA THR O 865 -12.45 94.14 -29.96
C THR O 865 -12.14 94.76 -28.60
N THR O 866 -13.05 95.59 -28.11
CA THR O 866 -12.85 96.31 -26.87
C THR O 866 -13.92 95.94 -25.87
N PHE O 867 -13.53 95.86 -24.60
CA PHE O 867 -14.44 95.61 -23.50
C PHE O 867 -14.50 96.84 -22.60
N LEU O 868 -15.64 97.01 -21.93
CA LEU O 868 -15.80 98.15 -21.06
C LEU O 868 -17.05 97.99 -20.23
N GLU O 869 -16.95 98.35 -18.95
CA GLU O 869 -18.05 98.20 -17.98
C GLU O 869 -18.50 99.58 -17.53
N LEU O 870 -19.64 100.03 -18.03
CA LEU O 870 -20.08 101.38 -17.71
C LEU O 870 -21.58 101.54 -17.50
N ASP O 871 -22.34 100.45 -17.32
CA ASP O 871 -23.78 100.54 -17.09
C ASP O 871 -24.47 101.26 -18.27
N TYR O 872 -24.51 100.55 -19.40
CA TYR O 872 -24.95 101.13 -20.68
C TYR O 872 -26.28 101.86 -20.59
N LEU O 873 -27.15 101.48 -19.64
CA LEU O 873 -28.41 102.19 -19.45
C LEU O 873 -28.19 103.48 -18.66
N SER O 874 -27.31 104.34 -19.16
CA SER O 874 -26.98 105.61 -18.51
C SER O 874 -26.57 106.62 -19.57
N ASP O 875 -26.33 107.85 -19.13
CA ASP O 875 -26.08 108.95 -20.03
C ASP O 875 -24.59 109.28 -20.14
N GLY O 876 -24.19 109.67 -21.34
CA GLY O 876 -22.87 110.25 -21.56
C GLY O 876 -21.75 109.29 -21.86
N TRP O 877 -22.03 108.23 -22.62
CA TRP O 877 -20.97 107.31 -23.02
C TRP O 877 -21.02 106.88 -24.48
N ILE O 878 -22.12 107.11 -25.19
CA ILE O 878 -22.23 106.60 -26.55
C ILE O 878 -21.60 107.52 -27.59
N THR O 879 -21.45 108.82 -27.27
CA THR O 879 -21.00 109.78 -28.27
C THR O 879 -19.63 109.42 -28.84
N GLY O 880 -18.81 108.72 -28.08
CA GLY O 880 -17.51 108.32 -28.57
C GLY O 880 -17.49 106.94 -29.21
N VAL O 881 -18.46 106.10 -28.85
CA VAL O 881 -18.45 104.71 -29.32
C VAL O 881 -18.97 104.65 -30.73
N ARG O 882 -18.52 103.63 -31.47
CA ARG O 882 -18.88 103.46 -32.88
C ARG O 882 -19.58 102.12 -33.08
N GLY O 883 -20.50 102.09 -34.04
CA GLY O 883 -21.21 100.86 -34.36
C GLY O 883 -22.31 101.05 -35.38
N ASP O 884 -22.70 99.97 -36.05
CA ASP O 884 -23.80 99.98 -37.01
C ASP O 884 -25.03 99.25 -36.50
N ILE O 885 -24.86 98.06 -35.95
CA ILE O 885 -25.95 97.30 -35.38
C ILE O 885 -25.66 97.08 -33.90
N VAL O 886 -26.72 97.06 -33.10
CA VAL O 886 -26.62 96.88 -31.65
C VAL O 886 -27.55 95.76 -31.23
N THR O 887 -27.08 94.93 -30.30
CA THR O 887 -27.84 93.77 -29.84
C THR O 887 -27.92 93.79 -28.32
N CYS O 888 -29.12 93.58 -27.79
CA CYS O 888 -29.35 93.55 -26.34
C CYS O 888 -30.37 92.45 -26.06
N MET O 889 -29.88 91.26 -25.73
CA MET O 889 -30.73 90.09 -25.54
C MET O 889 -30.53 89.52 -24.14
N LEU O 890 -31.64 89.26 -23.46
CA LEU O 890 -31.62 88.67 -22.12
C LEU O 890 -30.95 89.60 -21.11
N SER O 891 -30.97 90.90 -21.36
CA SER O 891 -30.33 91.84 -20.44
C SER O 891 -31.24 93.01 -20.09
N LEU O 892 -32.17 93.35 -20.99
CA LEU O 892 -33.00 94.52 -20.75
C LEU O 892 -33.95 94.31 -19.58
N GLY O 893 -34.61 93.15 -19.53
CA GLY O 893 -35.47 92.85 -18.40
C GLY O 893 -34.69 92.77 -17.10
N ALA O 894 -33.47 92.22 -17.16
CA ALA O 894 -32.63 92.16 -15.98
C ALA O 894 -32.30 93.55 -15.46
N ALA O 895 -31.92 94.46 -16.36
CA ALA O 895 -31.62 95.81 -15.94
C ALA O 895 -32.85 96.53 -15.40
N ALA O 896 -34.01 96.30 -16.03
CA ALA O 896 -35.23 96.92 -15.55
C ALA O 896 -35.59 96.43 -14.16
N ALA O 897 -35.41 95.14 -13.90
CA ALA O 897 -35.66 94.62 -12.55
C ALA O 897 -34.62 95.15 -11.56
N GLY O 898 -33.37 95.29 -12.00
CA GLY O 898 -32.34 95.78 -11.10
C GLY O 898 -32.58 97.20 -10.65
N LYS O 899 -32.91 98.08 -11.60
CA LYS O 899 -33.22 99.46 -11.25
C LYS O 899 -34.62 99.63 -10.70
N SER O 900 -35.42 98.56 -10.67
CA SER O 900 -36.75 98.58 -10.07
C SER O 900 -37.66 99.58 -10.77
N MET O 901 -37.66 99.54 -12.10
CA MET O 901 -38.52 100.38 -12.91
C MET O 901 -39.36 99.52 -13.83
N THR O 902 -40.28 100.16 -14.54
CA THR O 902 -41.14 99.44 -15.47
C THR O 902 -40.39 99.17 -16.77
N PHE O 903 -40.84 98.14 -17.49
CA PHE O 903 -40.15 97.75 -18.72
C PHE O 903 -40.26 98.83 -19.77
N ASP O 904 -41.42 99.47 -19.87
CA ASP O 904 -41.58 100.56 -20.83
C ASP O 904 -40.65 101.72 -20.51
N ALA O 905 -40.51 102.06 -19.23
CA ALA O 905 -39.61 103.14 -18.85
C ALA O 905 -38.16 102.79 -19.17
N ALA O 906 -37.75 101.56 -18.88
CA ALA O 906 -36.39 101.15 -19.19
C ALA O 906 -36.14 101.16 -20.70
N PHE O 907 -37.12 100.68 -21.48
CA PHE O 907 -36.99 100.69 -22.93
C PHE O 907 -36.89 102.11 -23.45
N GLN O 908 -37.67 103.03 -22.89
CA GLN O 908 -37.62 104.42 -23.34
C GLN O 908 -36.28 105.05 -23.01
N GLN O 909 -35.74 104.76 -21.83
CA GLN O 909 -34.41 105.26 -21.50
C GLN O 909 -33.37 104.70 -22.45
N LEU O 910 -33.46 103.40 -22.77
CA LEU O 910 -32.51 102.80 -23.70
C LEU O 910 -32.61 103.44 -25.08
N VAL O 911 -33.82 103.70 -25.56
CA VAL O 911 -33.96 104.27 -26.89
C VAL O 911 -33.48 105.72 -26.90
N ARG O 912 -33.77 106.47 -25.84
CA ARG O 912 -33.33 107.86 -25.80
C ARG O 912 -31.81 107.96 -25.72
N VAL O 913 -31.17 106.99 -25.06
CA VAL O 913 -29.71 107.02 -25.03
C VAL O 913 -29.13 106.53 -26.35
N LEU O 914 -29.80 105.60 -27.03
CA LEU O 914 -29.32 105.13 -28.33
C LEU O 914 -29.53 106.16 -29.43
N THR O 915 -30.44 107.12 -29.22
CA THR O 915 -30.60 108.20 -30.20
C THR O 915 -29.29 108.95 -30.41
N ARG O 916 -28.46 109.07 -29.37
CA ARG O 916 -27.15 109.68 -29.53
C ARG O 916 -26.24 108.82 -30.40
N SER O 917 -26.49 107.51 -30.44
CA SER O 917 -25.61 106.60 -31.15
C SER O 917 -25.67 106.85 -32.65
N THR O 918 -24.74 106.21 -33.37
CA THR O 918 -24.64 106.34 -34.82
C THR O 918 -25.12 105.10 -35.56
N ALA O 919 -25.69 104.13 -34.85
CA ALA O 919 -26.19 102.93 -35.50
C ALA O 919 -27.39 103.26 -36.39
N ASN O 920 -27.72 102.32 -37.26
CA ASN O 920 -28.85 102.49 -38.17
C ASN O 920 -29.84 101.34 -38.05
N VAL O 921 -29.32 100.14 -37.79
CA VAL O 921 -30.14 98.96 -37.56
C VAL O 921 -30.02 98.57 -36.09
N LEU O 922 -31.12 98.10 -35.52
CA LEU O 922 -31.16 97.79 -34.10
C LEU O 922 -32.08 96.60 -33.88
N LEU O 923 -31.57 95.58 -33.20
CA LEU O 923 -32.36 94.40 -32.86
C LEU O 923 -32.06 94.04 -31.42
N ILE O 924 -33.11 93.97 -30.59
CA ILE O 924 -32.96 93.69 -29.17
C ILE O 924 -34.00 92.65 -28.78
N GLN O 925 -33.82 92.09 -27.58
CA GLN O 925 -34.73 91.10 -27.04
C GLN O 925 -35.72 91.82 -26.13
N VAL O 926 -36.75 92.40 -26.75
CA VAL O 926 -37.80 93.06 -26.00
C VAL O 926 -38.60 92.00 -25.27
N ASN O 927 -39.44 92.43 -24.34
CA ASN O 927 -40.16 91.51 -23.45
C ASN O 927 -41.64 91.85 -23.54
N CYS O 928 -42.36 91.12 -24.40
CA CYS O 928 -43.76 91.39 -24.66
C CYS O 928 -44.48 90.12 -25.07
N PRO O 929 -45.68 89.86 -24.53
CA PRO O 929 -46.46 88.70 -24.95
C PRO O 929 -47.15 88.97 -26.27
N THR O 930 -46.87 88.13 -27.27
CA THR O 930 -47.47 88.26 -28.60
C THR O 930 -48.55 87.22 -28.86
N ASP O 931 -49.29 86.85 -27.83
CA ASP O 931 -50.33 85.82 -27.94
C ASP O 931 -51.10 85.82 -26.63
N VAL O 932 -52.11 84.96 -26.55
CA VAL O 932 -52.90 84.85 -25.33
C VAL O 932 -52.01 84.34 -24.20
N ILE O 933 -51.99 85.07 -23.08
CA ILE O 933 -51.12 84.71 -21.97
C ILE O 933 -51.54 83.35 -21.40
N ARG O 934 -50.57 82.45 -21.26
CA ARG O 934 -50.83 81.06 -20.93
C ARG O 934 -50.23 80.61 -19.61
N THR O 935 -49.15 81.24 -19.13
CA THR O 935 -48.50 80.87 -17.88
C THR O 935 -48.02 79.42 -17.90
N ILE O 936 -47.00 79.20 -18.74
CA ILE O 936 -46.36 77.89 -18.90
C ILE O 936 -45.98 77.33 -17.54
N LYS O 937 -46.53 76.17 -17.21
CA LYS O 937 -46.38 75.64 -15.86
C LYS O 937 -44.94 75.21 -15.60
N GLY O 938 -44.40 75.65 -14.47
CA GLY O 938 -43.08 75.24 -14.05
C GLY O 938 -41.93 76.03 -14.63
N TYR O 939 -42.16 76.85 -15.65
CA TYR O 939 -41.07 77.58 -16.28
C TYR O 939 -41.34 79.07 -16.36
N LEU O 940 -42.60 79.44 -16.54
CA LEU O 940 -42.95 80.86 -16.67
C LEU O 940 -44.43 81.02 -16.39
N GLU O 941 -44.78 81.66 -15.27
CA GLU O 941 -46.16 81.98 -14.94
C GLU O 941 -46.32 83.50 -14.91
N ILE O 942 -47.15 84.00 -15.78
CA ILE O 942 -47.30 85.45 -15.97
C ILE O 942 -48.29 85.99 -14.95
N ASP O 943 -47.98 87.18 -14.43
CA ASP O 943 -48.83 87.86 -13.47
C ASP O 943 -49.60 88.96 -14.19
N GLN O 944 -50.92 88.78 -14.33
CA GLN O 944 -51.73 89.77 -15.02
C GLN O 944 -51.73 91.10 -14.27
N THR O 945 -51.85 91.06 -12.95
CA THR O 945 -52.02 92.29 -12.18
C THR O 945 -50.74 93.10 -12.15
N ASN O 946 -49.67 92.54 -11.60
CA ASN O 946 -48.42 93.27 -11.42
C ASN O 946 -47.53 93.22 -12.65
N LYS O 947 -47.82 92.35 -13.61
CA LYS O 947 -47.04 92.23 -14.84
C LYS O 947 -45.59 91.87 -14.54
N ARG O 948 -45.42 90.69 -13.97
CA ARG O 948 -44.10 90.11 -13.71
C ARG O 948 -44.07 88.69 -14.27
N TYR O 949 -42.91 88.04 -14.15
CA TYR O 949 -42.76 86.70 -14.69
C TYR O 949 -42.45 85.64 -13.64
N LYS O 950 -41.45 85.86 -12.80
CA LYS O 950 -41.08 84.90 -11.76
C LYS O 950 -40.68 83.55 -12.38
N PHE O 951 -39.56 83.57 -13.09
CA PHE O 951 -38.97 82.35 -13.63
C PHE O 951 -38.66 81.40 -12.49
N PRO O 952 -39.41 80.30 -12.35
CA PRO O 952 -39.20 79.42 -11.19
C PRO O 952 -37.91 78.63 -11.22
N LYS O 953 -37.26 78.51 -12.37
CA LYS O 953 -36.01 77.78 -12.46
C LYS O 953 -34.79 78.63 -12.08
N PHE O 954 -34.96 79.94 -11.95
CA PHE O 954 -33.87 80.81 -11.57
C PHE O 954 -34.25 81.80 -10.46
N GLY O 955 -35.49 81.78 -10.00
CA GLY O 955 -35.90 82.71 -8.97
C GLY O 955 -35.85 84.16 -9.38
N ARG O 956 -35.91 84.44 -10.67
CA ARG O 956 -35.86 85.80 -11.18
C ARG O 956 -37.25 86.25 -11.63
N ASP O 957 -37.38 87.54 -11.85
CA ASP O 957 -38.62 88.11 -12.35
C ASP O 957 -38.38 89.56 -12.73
N GLU O 958 -39.04 90.00 -13.80
CA GLU O 958 -38.93 91.37 -14.26
C GLU O 958 -40.21 91.74 -14.99
N PRO O 959 -40.50 93.03 -15.11
CA PRO O 959 -41.77 93.44 -15.74
C PRO O 959 -41.77 93.24 -17.24
N TYR O 960 -42.88 93.54 -17.89
CA TYR O 960 -42.98 93.51 -19.34
C TYR O 960 -43.90 94.63 -19.81
N SER O 961 -44.09 94.72 -21.12
CA SER O 961 -44.92 95.74 -21.73
C SER O 961 -45.72 95.09 -22.85
N ASP O 962 -46.28 95.93 -23.73
CA ASP O 962 -47.08 95.44 -24.84
C ASP O 962 -46.64 96.09 -26.15
N MET O 963 -47.07 95.46 -27.24
CA MET O 963 -46.54 95.77 -28.55
C MET O 963 -46.84 97.21 -28.96
N ASP O 964 -48.05 97.67 -28.71
CA ASP O 964 -48.41 99.02 -29.13
C ASP O 964 -47.61 100.07 -28.36
N SER O 965 -47.39 99.85 -27.06
CA SER O 965 -46.60 100.79 -26.28
C SER O 965 -45.16 100.83 -26.78
N LEU O 966 -44.56 99.65 -27.00
CA LEU O 966 -43.18 99.63 -27.49
C LEU O 966 -43.08 100.29 -28.86
N GLU O 967 -44.05 100.04 -29.74
CA GLU O 967 -44.01 100.65 -31.06
C GLU O 967 -44.21 102.16 -30.98
N ARG O 968 -45.05 102.62 -30.05
CA ARG O 968 -45.21 104.06 -29.88
C ARG O 968 -43.93 104.71 -29.40
N ILE O 969 -43.23 104.06 -28.46
CA ILE O 969 -41.95 104.60 -28.00
C ILE O 969 -40.96 104.65 -29.15
N CYS O 970 -40.91 103.59 -29.95
CA CYS O 970 -39.97 103.56 -31.07
C CYS O 970 -40.31 104.63 -32.11
N ARG O 971 -41.61 104.86 -32.36
CA ARG O 971 -42.01 105.89 -33.30
C ARG O 971 -41.67 107.28 -32.79
N ALA O 972 -41.91 107.53 -31.50
CA ALA O 972 -41.54 108.81 -30.90
C ALA O 972 -40.04 109.02 -30.99
N ALA O 973 -39.25 107.94 -30.87
CA ALA O 973 -37.81 108.04 -31.04
C ALA O 973 -37.46 108.43 -32.47
N TRP O 974 -37.88 107.60 -33.43
CA TRP O 974 -37.61 107.86 -34.84
C TRP O 974 -38.92 107.80 -35.62
N PRO O 975 -39.17 108.78 -36.49
CA PRO O 975 -40.41 108.75 -37.29
C PRO O 975 -40.34 107.75 -38.42
N ASN O 976 -39.15 107.60 -39.02
CA ASN O 976 -38.96 106.73 -40.18
C ASN O 976 -38.50 105.33 -39.80
N CYS O 977 -38.65 104.94 -38.54
CA CYS O 977 -38.27 103.59 -38.13
C CYS O 977 -39.20 102.57 -38.78
N SER O 978 -38.67 101.37 -38.97
CA SER O 978 -39.41 100.25 -39.57
C SER O 978 -39.37 99.09 -38.60
N ILE O 979 -40.32 99.05 -37.68
CA ILE O 979 -40.36 97.99 -36.68
C ILE O 979 -40.78 96.68 -37.32
N THR O 980 -40.15 95.59 -36.90
CA THR O 980 -40.50 94.28 -37.42
C THR O 980 -40.29 93.25 -36.33
N TRP O 981 -41.28 92.37 -36.17
CA TRP O 981 -41.24 91.31 -35.16
C TRP O 981 -40.79 90.02 -35.83
N VAL O 982 -39.58 89.59 -35.53
CA VAL O 982 -39.06 88.37 -36.17
C VAL O 982 -39.87 87.17 -35.69
N PRO O 983 -40.34 86.32 -36.60
CA PRO O 983 -41.14 85.16 -36.19
C PRO O 983 -40.29 83.96 -35.80
N LEU O 984 -40.82 83.18 -34.87
CA LEU O 984 -40.13 81.96 -34.46
C LEU O 984 -40.12 80.97 -35.61
N SER O 985 -39.02 80.24 -35.75
CA SER O 985 -38.81 79.35 -36.88
C SER O 985 -39.32 77.95 -36.52
N TYR O 986 -40.44 77.56 -37.11
CA TYR O 986 -40.94 76.20 -36.94
C TYR O 986 -40.11 75.17 -37.70
N ASP O 987 -39.24 75.62 -38.60
CA ASP O 987 -38.41 74.76 -39.43
C ASP O 987 -37.12 74.31 -38.74
N LEU O 988 -36.92 74.70 -37.48
CA LEU O 988 -35.78 74.23 -36.69
C LEU O 988 -34.44 74.62 -37.30
N ARG O 989 -34.40 75.76 -37.98
CA ARG O 989 -33.14 76.20 -38.59
C ARG O 989 -32.08 76.53 -37.55
N TRP O 990 -32.48 76.87 -36.32
CA TRP O 990 -31.55 77.17 -35.25
C TRP O 990 -30.90 75.94 -34.67
N THR O 991 -31.33 74.75 -35.08
CA THR O 991 -30.81 73.52 -34.51
C THR O 991 -29.34 73.30 -34.87
N LYS O 992 -28.84 73.99 -35.89
CA LYS O 992 -27.43 73.88 -36.27
C LYS O 992 -26.50 74.22 -35.11
N LEU O 993 -26.82 75.30 -34.39
CA LEU O 993 -25.97 75.71 -33.27
C LEU O 993 -25.93 74.67 -32.16
N ALA O 994 -26.92 73.79 -32.09
CA ALA O 994 -26.98 72.79 -31.04
C ALA O 994 -26.33 71.48 -31.47
N LEU O 995 -26.69 70.98 -32.66
CA LEU O 995 -26.14 69.71 -33.09
C LEU O 995 -24.69 69.84 -33.54
N LEU O 996 -24.33 70.95 -34.16
CA LEU O 996 -22.94 70.97 -34.58
C LEU O 996 -21.98 71.28 -33.45
N GLU O 997 -22.40 71.34 -32.18
CA GLU O 997 -21.45 71.51 -31.09
C GLU O 997 -21.77 70.56 -29.95
N SER O 998 -22.26 69.36 -30.27
CA SER O 998 -22.41 68.26 -29.32
C SER O 998 -23.34 68.62 -28.16
N THR O 999 -24.61 68.80 -28.51
CA THR O 999 -25.66 69.02 -27.51
C THR O 999 -26.93 68.29 -27.93
N THR O 1000 -27.46 67.47 -27.02
CA THR O 1000 -28.70 66.75 -27.27
C THR O 1000 -29.89 67.68 -27.04
N LEU O 1001 -30.99 67.40 -27.73
CA LEU O 1001 -32.09 68.37 -27.77
C LEU O 1001 -33.27 68.04 -26.85
N SER O 1002 -33.68 66.77 -26.73
CA SER O 1002 -34.74 66.40 -25.79
C SER O 1002 -36.06 67.12 -26.11
N SER O 1003 -36.68 66.66 -27.19
CA SER O 1003 -37.82 67.27 -27.87
C SER O 1003 -38.86 67.96 -26.97
N ALA O 1004 -39.16 67.39 -25.80
CA ALA O 1004 -40.03 68.09 -24.88
C ALA O 1004 -39.46 69.46 -24.52
N SER O 1005 -38.15 69.54 -24.34
CA SER O 1005 -37.51 70.81 -24.03
C SER O 1005 -37.64 71.79 -25.19
N VAL O 1006 -37.48 71.32 -26.43
CA VAL O 1006 -37.58 72.24 -27.55
C VAL O 1006 -39.02 72.71 -27.73
N ARG O 1007 -40.00 71.85 -27.43
CA ARG O 1007 -41.39 72.30 -27.49
C ARG O 1007 -41.68 73.35 -26.44
N ILE O 1008 -41.16 73.16 -25.22
CA ILE O 1008 -41.33 74.17 -24.18
C ILE O 1008 -40.67 75.47 -24.58
N ALA O 1009 -39.50 75.39 -25.20
CA ALA O 1009 -38.80 76.60 -25.64
C ALA O 1009 -39.60 77.32 -26.72
N GLU O 1010 -40.21 76.57 -27.64
CA GLU O 1010 -41.03 77.19 -28.65
C GLU O 1010 -42.25 77.88 -28.03
N LEU O 1011 -42.85 77.25 -27.02
CA LEU O 1011 -43.96 77.90 -26.33
C LEU O 1011 -43.51 79.16 -25.63
N MET O 1012 -42.31 79.15 -25.04
CA MET O 1012 -41.84 80.26 -24.24
C MET O 1012 -41.28 81.40 -25.08
N TYR O 1013 -40.91 81.14 -26.33
CA TYR O 1013 -40.38 82.20 -27.17
C TYR O 1013 -41.43 83.26 -27.47
N LYS O 1014 -42.69 82.86 -27.61
CA LYS O 1014 -43.73 83.79 -28.03
C LYS O 1014 -43.95 84.91 -27.03
N TYR O 1015 -43.58 84.70 -25.76
CA TYR O 1015 -43.70 85.74 -24.75
C TYR O 1015 -42.45 86.60 -24.63
N MET O 1016 -41.34 86.19 -25.22
CA MET O 1016 -40.10 86.96 -25.21
C MET O 1016 -39.56 87.05 -26.62
N PRO O 1017 -40.24 87.77 -27.50
CA PRO O 1017 -39.74 87.95 -28.87
C PRO O 1017 -38.58 88.91 -28.92
N ILE O 1018 -38.10 89.21 -30.13
CA ILE O 1018 -37.04 90.21 -30.32
C ILE O 1018 -37.42 91.05 -31.54
N MET O 1019 -37.59 92.35 -31.33
CA MET O 1019 -37.96 93.23 -32.42
C MET O 1019 -36.73 93.77 -33.12
N ARG O 1020 -36.81 93.87 -34.44
CA ARG O 1020 -35.77 94.50 -35.23
C ARG O 1020 -36.24 95.89 -35.64
N ILE O 1021 -35.34 96.86 -35.53
CA ILE O 1021 -35.65 98.25 -35.81
C ILE O 1021 -34.64 98.80 -36.79
N ASP O 1022 -35.12 99.35 -37.89
CA ASP O 1022 -34.29 100.02 -38.88
C ASP O 1022 -34.51 101.53 -38.74
N ILE O 1023 -33.47 102.25 -38.34
CA ILE O 1023 -33.60 103.68 -38.11
C ILE O 1023 -33.88 104.41 -39.43
N HIS O 1024 -33.27 103.95 -40.51
CA HIS O 1024 -33.49 104.54 -41.84
C HIS O 1024 -34.38 103.59 -42.62
N GLY O 1025 -35.68 103.74 -42.46
CA GLY O 1025 -36.63 102.87 -43.13
C GLY O 1025 -37.65 103.63 -43.95
N LEU O 1026 -38.68 102.93 -44.41
CA LEU O 1026 -39.73 103.55 -45.21
C LEU O 1026 -41.05 103.45 -44.47
N PRO O 1027 -41.67 104.57 -44.09
CA PRO O 1027 -42.95 104.50 -43.39
C PRO O 1027 -44.07 104.06 -44.33
N MET O 1028 -45.16 103.60 -43.73
CA MET O 1028 -46.33 103.16 -44.49
C MET O 1028 -47.57 103.29 -43.63
N GLU O 1029 -48.58 103.96 -44.16
CA GLU O 1029 -49.83 104.13 -43.44
C GLU O 1029 -50.57 102.80 -43.35
N LYS O 1030 -51.62 102.78 -42.53
CA LYS O 1030 -52.42 101.59 -42.34
C LYS O 1030 -53.80 101.98 -41.83
N GLN O 1031 -54.64 100.99 -41.63
CA GLN O 1031 -55.99 101.17 -41.14
C GLN O 1031 -56.04 100.82 -39.65
N GLY O 1032 -57.24 100.79 -39.09
CA GLY O 1032 -57.40 100.55 -37.67
C GLY O 1032 -57.39 99.10 -37.25
N ASN O 1033 -58.16 98.26 -37.94
CA ASN O 1033 -58.38 96.89 -37.49
C ASN O 1033 -57.41 95.89 -38.11
N PHE O 1034 -57.41 95.77 -39.44
CA PHE O 1034 -56.68 94.70 -40.12
C PHE O 1034 -57.08 93.34 -39.59
N ILE O 1035 -58.37 93.14 -39.39
CA ILE O 1035 -58.89 91.87 -38.92
C ILE O 1035 -59.28 91.01 -40.11
N VAL O 1036 -59.20 89.70 -39.92
CA VAL O 1036 -59.48 88.78 -41.02
C VAL O 1036 -60.95 88.88 -41.42
N GLY O 1037 -61.22 88.60 -42.69
CA GLY O 1037 -62.56 88.65 -43.22
C GLY O 1037 -63.01 90.02 -43.70
N GLN O 1038 -62.34 91.08 -43.30
CA GLN O 1038 -62.71 92.44 -43.69
C GLN O 1038 -61.62 93.04 -44.57
N ASN O 1039 -61.97 94.12 -45.25
CA ASN O 1039 -61.02 94.78 -46.14
C ASN O 1039 -59.88 95.39 -45.34
N CYS O 1040 -58.72 95.48 -45.99
CA CYS O 1040 -57.52 96.01 -45.34
C CYS O 1040 -56.72 96.75 -46.40
N SER O 1041 -56.69 98.07 -46.31
CA SER O 1041 -55.91 98.91 -47.22
C SER O 1041 -54.55 99.22 -46.60
N LEU O 1042 -53.61 99.58 -47.46
CA LEU O 1042 -52.26 99.91 -47.02
C LEU O 1042 -51.63 100.86 -48.03
N VAL O 1043 -50.97 101.90 -47.54
CA VAL O 1043 -50.39 102.95 -48.37
C VAL O 1043 -48.89 102.95 -48.18
N ILE O 1044 -48.16 102.87 -49.28
CA ILE O 1044 -46.69 102.89 -49.25
C ILE O 1044 -46.19 103.70 -50.45
N PRO O 1045 -45.72 104.92 -50.22
CA PRO O 1045 -45.38 105.82 -51.33
C PRO O 1045 -43.91 105.79 -51.73
N GLY O 1046 -43.68 106.05 -53.01
CA GLY O 1046 -42.37 106.46 -53.49
C GLY O 1046 -41.39 105.37 -53.89
N PHE O 1047 -41.85 104.34 -54.59
CA PHE O 1047 -40.97 103.30 -55.11
C PHE O 1047 -41.02 103.23 -56.64
N ASN O 1048 -41.24 104.39 -57.27
CA ASN O 1048 -41.09 104.67 -58.71
C ASN O 1048 -41.49 103.50 -59.62
N ALA O 1049 -42.75 103.09 -59.48
CA ALA O 1049 -43.43 102.22 -60.44
C ALA O 1049 -42.79 100.83 -60.54
N GLN O 1050 -41.95 100.45 -59.59
CA GLN O 1050 -41.41 99.09 -59.51
C GLN O 1050 -41.69 98.61 -58.10
N ASP O 1051 -42.71 97.78 -57.97
CA ASP O 1051 -43.35 97.48 -56.69
C ASP O 1051 -43.34 95.99 -56.40
N VAL O 1052 -42.19 95.36 -56.48
CA VAL O 1052 -42.10 93.94 -56.15
C VAL O 1052 -42.13 93.82 -54.64
N PHE O 1053 -43.31 93.56 -54.09
CA PHE O 1053 -43.51 93.38 -52.66
C PHE O 1053 -43.86 91.92 -52.39
N ASN O 1054 -43.56 91.47 -51.17
CA ASN O 1054 -43.91 90.11 -50.77
C ASN O 1054 -43.97 90.01 -49.26
N CYS O 1055 -45.19 90.01 -48.72
CA CYS O 1055 -45.36 89.80 -47.29
C CYS O 1055 -45.33 88.32 -46.96
N TYR O 1056 -44.78 88.00 -45.79
CA TYR O 1056 -44.54 86.62 -45.39
C TYR O 1056 -45.37 86.31 -44.16
N PHE O 1057 -46.11 85.20 -44.20
CA PHE O 1057 -46.90 84.77 -43.06
C PHE O 1057 -45.99 84.49 -41.88
N ASN O 1058 -45.13 83.49 -42.02
CA ASN O 1058 -44.02 83.25 -41.10
C ASN O 1058 -42.68 83.31 -41.80
N SER O 1059 -42.46 82.41 -42.75
CA SER O 1059 -41.33 82.49 -43.66
C SER O 1059 -41.69 82.25 -45.11
N ALA O 1060 -42.87 81.72 -45.40
CA ALA O 1060 -43.30 81.48 -46.76
C ALA O 1060 -43.84 82.77 -47.39
N LEU O 1061 -43.79 82.81 -48.71
CA LEU O 1061 -44.25 83.99 -49.43
C LEU O 1061 -45.76 84.02 -49.54
N ALA O 1062 -46.31 85.23 -49.58
CA ALA O 1062 -47.73 85.44 -49.77
C ALA O 1062 -47.91 86.77 -50.47
N PHE O 1063 -48.56 86.76 -51.63
CA PHE O 1063 -48.74 87.98 -52.42
C PHE O 1063 -47.38 88.57 -52.82
N SER O 1064 -46.70 87.82 -53.69
CA SER O 1064 -45.47 88.33 -54.29
C SER O 1064 -45.72 89.51 -55.23
N THR O 1065 -46.98 89.82 -55.54
CA THR O 1065 -47.45 91.01 -56.26
C THR O 1065 -46.89 91.11 -57.69
N GLU O 1066 -46.12 90.11 -58.12
CA GLU O 1066 -45.84 89.99 -59.55
C GLU O 1066 -47.05 89.44 -60.29
N ASP O 1067 -47.94 88.75 -59.58
CA ASP O 1067 -49.22 88.33 -60.13
C ASP O 1067 -50.16 88.06 -58.97
N VAL O 1068 -51.19 88.90 -58.81
CA VAL O 1068 -52.08 88.77 -57.67
C VAL O 1068 -52.87 87.47 -57.70
N ASN O 1069 -52.98 86.83 -58.86
CA ASN O 1069 -53.73 85.58 -58.97
C ASN O 1069 -53.00 84.40 -58.36
N SER O 1070 -51.73 84.56 -57.98
CA SER O 1070 -50.95 83.50 -57.37
C SER O 1070 -50.77 83.67 -55.87
N ALA O 1071 -51.48 84.61 -55.26
CA ALA O 1071 -51.35 84.85 -53.84
C ALA O 1071 -51.94 83.70 -53.04
N MET O 1072 -51.65 83.68 -51.74
CA MET O 1072 -52.15 82.66 -50.84
C MET O 1072 -53.19 83.20 -49.87
N ILE O 1073 -53.74 84.39 -50.14
CA ILE O 1073 -54.79 84.96 -49.30
C ILE O 1073 -56.09 84.97 -50.09
N PRO O 1074 -57.24 85.21 -49.45
CA PRO O 1074 -58.51 85.15 -50.19
C PRO O 1074 -58.62 86.17 -51.30
N GLN O 1075 -57.97 87.32 -51.18
CA GLN O 1075 -58.10 88.33 -52.22
C GLN O 1075 -57.08 89.45 -51.95
N VAL O 1076 -56.60 90.05 -53.04
CA VAL O 1076 -55.61 91.12 -52.92
C VAL O 1076 -55.49 91.84 -54.25
N THR O 1077 -55.28 93.16 -54.20
CA THR O 1077 -55.15 93.98 -55.39
C THR O 1077 -54.11 95.07 -55.15
N ALA O 1078 -53.76 95.80 -56.21
CA ALA O 1078 -52.78 96.86 -56.09
C ALA O 1078 -53.01 97.89 -57.20
N GLN O 1079 -52.56 99.11 -56.92
CA GLN O 1079 -52.62 100.21 -57.89
C GLN O 1079 -51.47 101.16 -57.61
N PHE O 1080 -51.03 101.87 -58.66
CA PHE O 1080 -49.85 102.72 -58.53
C PHE O 1080 -50.18 104.15 -58.16
N ASP O 1081 -51.22 104.75 -58.76
CA ASP O 1081 -51.61 106.13 -58.47
C ASP O 1081 -50.45 107.09 -58.78
N ALA O 1082 -50.16 107.16 -60.08
CA ALA O 1082 -48.98 107.90 -60.57
C ALA O 1082 -48.98 109.35 -60.10
N ASN O 1083 -50.15 109.97 -60.00
CA ASN O 1083 -50.22 111.35 -59.55
C ASN O 1083 -49.77 111.49 -58.10
N LYS O 1084 -50.01 110.48 -57.27
CA LYS O 1084 -49.61 110.51 -55.88
C LYS O 1084 -48.29 109.82 -55.63
N GLY O 1085 -47.94 108.83 -56.44
CA GLY O 1085 -46.72 108.08 -56.22
C GLY O 1085 -46.78 107.15 -55.03
N GLU O 1086 -47.91 106.47 -54.83
CA GLU O 1086 -48.08 105.56 -53.72
C GLU O 1086 -49.07 104.47 -54.08
N TRP O 1087 -48.74 103.23 -53.69
CA TRP O 1087 -49.61 102.10 -53.93
C TRP O 1087 -50.66 101.98 -52.84
N SER O 1088 -51.84 101.50 -53.23
CA SER O 1088 -52.95 101.26 -52.30
C SER O 1088 -53.22 99.76 -52.30
N LEU O 1089 -52.49 99.04 -51.46
CA LEU O 1089 -52.64 97.59 -51.36
C LEU O 1089 -53.84 97.29 -50.47
N ASP O 1090 -54.90 96.77 -51.06
CA ASP O 1090 -56.10 96.38 -50.34
C ASP O 1090 -56.32 94.89 -50.54
N MET O 1091 -56.48 94.17 -49.42
CA MET O 1091 -56.63 92.72 -49.47
C MET O 1091 -57.37 92.25 -48.24
N VAL O 1092 -57.83 91.00 -48.27
CA VAL O 1092 -58.51 90.37 -47.16
C VAL O 1092 -57.71 89.13 -46.77
N PHE O 1093 -57.50 88.96 -45.47
CA PHE O 1093 -56.69 87.87 -44.95
C PHE O 1093 -57.58 86.79 -44.34
N SER O 1094 -56.98 85.62 -44.11
CA SER O 1094 -57.70 84.50 -43.53
C SER O 1094 -57.04 83.90 -42.31
N ASP O 1095 -55.83 84.34 -41.94
CA ASP O 1095 -55.13 83.79 -40.79
C ASP O 1095 -54.55 84.93 -39.96
N ALA O 1096 -54.84 84.91 -38.67
CA ALA O 1096 -54.33 85.93 -37.76
C ALA O 1096 -52.86 85.70 -37.47
N GLY O 1097 -52.11 86.79 -37.37
CA GLY O 1097 -50.69 86.68 -37.07
C GLY O 1097 -49.98 87.98 -37.43
N ILE O 1098 -48.65 87.86 -37.57
CA ILE O 1098 -47.78 88.99 -37.88
C ILE O 1098 -47.17 88.76 -39.26
N TYR O 1099 -47.18 89.79 -40.10
CA TYR O 1099 -46.66 89.70 -41.45
C TYR O 1099 -45.46 90.63 -41.58
N THR O 1100 -44.56 90.29 -42.51
CA THR O 1100 -43.30 91.01 -42.64
C THR O 1100 -43.34 92.11 -43.69
N MET O 1101 -43.89 91.85 -44.88
CA MET O 1101 -43.96 92.84 -45.94
C MET O 1101 -42.55 93.29 -46.34
N GLN O 1102 -41.78 92.32 -46.86
CA GLN O 1102 -40.35 92.52 -47.05
C GLN O 1102 -40.05 93.66 -48.02
N ALA O 1103 -40.91 93.87 -49.01
CA ALA O 1103 -40.81 95.02 -49.93
C ALA O 1103 -39.47 95.00 -50.69
N LEU O 1104 -39.36 93.99 -51.55
CA LEU O 1104 -38.22 93.90 -52.45
C LEU O 1104 -38.03 95.20 -53.23
N VAL O 1105 -36.79 95.69 -53.23
CA VAL O 1105 -36.51 96.99 -53.83
C VAL O 1105 -36.78 96.96 -55.33
N GLY O 1106 -37.14 98.12 -55.87
CA GLY O 1106 -37.33 98.26 -57.31
C GLY O 1106 -36.00 98.35 -58.03
N SER O 1107 -35.21 97.29 -57.96
CA SER O 1107 -33.88 97.24 -58.55
C SER O 1107 -33.33 95.83 -58.32
N ASN O 1108 -32.16 95.57 -58.91
CA ASN O 1108 -31.54 94.27 -58.78
C ASN O 1108 -30.89 94.04 -57.43
N ALA O 1109 -30.76 95.07 -56.60
CA ALA O 1109 -30.16 94.91 -55.28
C ALA O 1109 -31.11 94.13 -54.37
N ASN O 1110 -30.59 93.79 -53.19
CA ASN O 1110 -31.37 93.04 -52.21
C ASN O 1110 -32.60 93.84 -51.78
N PRO O 1111 -33.58 93.17 -51.17
CA PRO O 1111 -34.80 93.87 -50.75
C PRO O 1111 -34.60 94.67 -49.49
N VAL O 1112 -35.13 95.89 -49.49
CA VAL O 1112 -35.14 96.74 -48.31
C VAL O 1112 -36.43 96.50 -47.54
N SER O 1113 -36.30 96.14 -46.27
CA SER O 1113 -37.45 95.73 -45.49
C SER O 1113 -38.35 96.91 -45.14
N LEU O 1114 -39.62 96.61 -44.92
CA LEU O 1114 -40.59 97.53 -44.36
C LEU O 1114 -41.05 97.01 -43.01
N GLY O 1115 -41.94 97.77 -42.37
CA GLY O 1115 -42.46 97.37 -41.09
C GLY O 1115 -43.29 96.11 -41.16
N SER O 1116 -43.67 95.62 -39.99
CA SER O 1116 -44.56 94.48 -39.87
C SER O 1116 -45.92 94.94 -39.35
N PHE O 1117 -46.91 94.06 -39.47
CA PHE O 1117 -48.25 94.39 -39.03
C PHE O 1117 -48.97 93.11 -38.63
N VAL O 1118 -49.80 93.22 -37.59
CA VAL O 1118 -50.52 92.08 -37.03
C VAL O 1118 -51.98 92.19 -37.44
N VAL O 1119 -52.59 91.04 -37.75
CA VAL O 1119 -54.00 90.96 -38.09
C VAL O 1119 -54.73 90.27 -36.94
N ASP O 1120 -55.90 90.79 -36.60
CA ASP O 1120 -56.67 90.30 -35.48
C ASP O 1120 -57.63 89.20 -35.93
N SER O 1121 -57.99 88.33 -34.99
CA SER O 1121 -58.91 87.24 -35.24
C SER O 1121 -60.28 87.77 -35.63
N PRO O 1122 -61.17 86.93 -36.15
CA PRO O 1122 -62.49 87.42 -36.56
C PRO O 1122 -63.30 87.92 -35.36
N ASP O 1123 -64.15 88.91 -35.64
CA ASP O 1123 -65.08 89.39 -34.63
C ASP O 1123 -66.14 88.34 -34.33
N VAL O 1124 -66.82 88.51 -33.20
CA VAL O 1124 -67.86 87.58 -32.78
C VAL O 1124 -69.20 88.29 -32.75
N ASP O 1125 -69.37 89.28 -33.62
CA ASP O 1125 -70.59 90.09 -33.68
C ASP O 1125 -71.45 89.64 -34.84
N ILE O 1126 -72.71 89.32 -34.55
CA ILE O 1126 -73.63 88.79 -35.55
C ILE O 1126 -75.01 89.38 -35.31
N THR O 1127 -75.76 89.58 -36.40
CA THR O 1127 -77.09 90.14 -36.33
C THR O 1127 -77.93 89.58 -37.47
N ASP O 1128 -79.18 89.26 -37.16
CA ASP O 1128 -80.11 88.70 -38.13
C ASP O 1128 -81.31 89.61 -38.31
N ALA O 1129 -82.02 89.42 -39.43
CA ALA O 1129 -83.24 90.16 -39.71
C ALA O 1129 -83.97 89.47 -40.85
N TRP O 1130 -85.27 89.74 -40.94
CA TRP O 1130 -86.09 89.17 -41.99
C TRP O 1130 -87.11 90.20 -42.45
N PRO O 1131 -87.65 90.03 -43.64
CA PRO O 1131 -88.61 91.01 -44.18
C PRO O 1131 -89.90 91.01 -43.37
N ALA O 1132 -90.70 92.05 -43.61
CA ALA O 1132 -91.95 92.20 -42.87
C ALA O 1132 -92.95 91.10 -43.20
N GLN O 1133 -92.91 90.57 -44.43
CA GLN O 1133 -93.82 89.53 -44.87
C GLN O 1133 -93.10 88.19 -44.98
N LEU O 1134 -93.81 87.12 -44.65
CA LEU O 1134 -93.29 85.77 -44.73
C LEU O 1134 -94.38 84.84 -45.24
N ASP O 1135 -93.96 83.80 -45.97
CA ASP O 1135 -94.88 82.82 -46.53
C ASP O 1135 -94.53 81.42 -46.03
N PHE O 1136 -95.53 80.55 -46.01
CA PHE O 1136 -95.38 79.17 -45.58
C PHE O 1136 -95.60 78.29 -46.80
N THR O 1137 -94.53 78.08 -47.57
CA THR O 1137 -94.60 77.30 -48.80
C THR O 1137 -93.34 76.46 -48.90
N ILE O 1138 -93.13 75.85 -50.08
CA ILE O 1138 -91.91 75.10 -50.32
C ILE O 1138 -90.72 76.03 -50.49
N ALA O 1139 -90.96 77.24 -51.00
CA ALA O 1139 -89.88 78.22 -51.11
C ALA O 1139 -89.56 78.87 -49.78
N GLY O 1140 -90.53 78.92 -48.86
CA GLY O 1140 -90.32 79.49 -47.55
C GLY O 1140 -89.91 80.94 -47.60
N THR O 1141 -89.39 81.41 -46.48
CA THR O 1141 -88.90 82.77 -46.34
C THR O 1141 -87.37 82.79 -46.31
N ASP O 1142 -86.81 83.99 -46.27
CA ASP O 1142 -85.37 84.17 -46.21
C ASP O 1142 -85.04 85.38 -45.34
N VAL O 1143 -83.99 85.24 -44.54
CA VAL O 1143 -83.56 86.28 -43.63
C VAL O 1143 -82.20 86.78 -44.09
N ASP O 1144 -81.85 87.99 -43.65
CA ASP O 1144 -80.53 88.55 -43.90
C ASP O 1144 -79.76 88.66 -42.60
N ILE O 1145 -78.44 88.48 -42.68
CA ILE O 1145 -77.59 88.39 -41.51
C ILE O 1145 -76.30 89.16 -41.77
N THR O 1146 -75.79 89.80 -40.73
CA THR O 1146 -74.52 90.52 -40.78
C THR O 1146 -73.51 89.77 -39.92
N VAL O 1147 -72.48 89.23 -40.56
CA VAL O 1147 -71.47 88.42 -39.86
C VAL O 1147 -70.26 88.31 -40.76
N ASN O 1148 -69.10 88.10 -40.15
CA ASN O 1148 -67.88 87.93 -40.91
C ASN O 1148 -67.98 86.66 -41.76
N PRO O 1149 -67.66 86.72 -43.06
CA PRO O 1149 -67.77 85.52 -43.91
C PRO O 1149 -66.81 84.39 -43.58
N TYR O 1150 -65.99 84.52 -42.53
CA TYR O 1150 -65.04 83.47 -42.17
C TYR O 1150 -65.73 82.23 -41.61
N TYR O 1151 -66.99 82.33 -41.21
CA TYR O 1151 -67.66 81.28 -40.46
C TYR O 1151 -68.45 80.36 -41.40
N ARG O 1152 -69.15 79.39 -40.81
CA ARG O 1152 -69.95 78.43 -41.58
C ARG O 1152 -71.40 78.37 -41.14
N LEU O 1153 -71.69 78.51 -39.84
CA LEU O 1153 -73.02 78.79 -39.33
C LEU O 1153 -74.03 77.70 -39.68
N MET O 1154 -73.81 76.52 -39.08
CA MET O 1154 -74.84 75.50 -39.15
C MET O 1154 -75.92 75.76 -38.10
N ALA O 1155 -77.00 74.95 -38.16
CA ALA O 1155 -78.19 75.25 -37.36
C ALA O 1155 -78.08 74.75 -35.93
N PHE O 1156 -77.97 73.43 -35.74
CA PHE O 1156 -77.83 72.81 -34.43
C PHE O 1156 -79.01 73.16 -33.51
N VAL O 1157 -80.19 72.70 -33.92
CA VAL O 1157 -81.41 72.87 -33.12
C VAL O 1157 -81.38 71.84 -32.01
N LYS O 1158 -81.03 72.26 -30.80
CA LYS O 1158 -80.86 71.32 -29.72
C LYS O 1158 -82.22 70.90 -29.14
N ILE O 1159 -82.24 69.72 -28.53
CA ILE O 1159 -83.41 69.25 -27.80
C ILE O 1159 -83.08 68.79 -26.39
N ASP O 1160 -81.85 68.41 -26.10
CA ASP O 1160 -81.42 67.87 -24.82
C ASP O 1160 -79.96 68.24 -24.63
N GLY O 1161 -79.26 67.50 -23.77
CA GLY O 1161 -77.81 67.62 -23.72
C GLY O 1161 -77.14 67.50 -25.07
N GLN O 1162 -77.68 66.65 -25.94
CA GLN O 1162 -77.22 66.60 -27.32
C GLN O 1162 -77.70 67.83 -28.09
N TRP O 1163 -77.13 68.03 -29.27
CA TRP O 1163 -77.41 69.23 -30.06
C TRP O 1163 -78.27 68.97 -31.28
N GLN O 1164 -78.03 67.89 -32.03
CA GLN O 1164 -78.93 67.45 -33.10
C GLN O 1164 -79.09 68.55 -34.16
N ILE O 1165 -77.99 68.78 -34.89
CA ILE O 1165 -77.97 69.77 -35.97
C ILE O 1165 -79.17 69.57 -36.90
N ALA O 1166 -79.26 68.39 -37.52
CA ALA O 1166 -80.50 67.80 -38.04
C ALA O 1166 -81.35 68.77 -38.87
N ASN O 1167 -80.73 69.62 -39.67
CA ASN O 1167 -81.46 70.54 -40.55
C ASN O 1167 -80.80 70.57 -41.92
N PRO O 1168 -80.94 69.49 -42.70
CA PRO O 1168 -80.34 69.51 -44.04
C PRO O 1168 -81.07 70.44 -44.99
N ASP O 1169 -82.40 70.45 -44.96
CA ASP O 1169 -83.20 71.22 -45.91
C ASP O 1169 -84.01 72.32 -45.24
N LYS O 1170 -83.96 72.44 -43.92
CA LYS O 1170 -84.71 73.49 -43.26
C LYS O 1170 -83.99 74.84 -43.40
N PHE O 1171 -82.68 74.85 -43.21
CA PHE O 1171 -81.87 76.04 -43.40
C PHE O 1171 -80.94 75.83 -44.59
N GLN O 1172 -80.57 76.92 -45.26
CA GLN O 1172 -79.77 76.81 -46.46
C GLN O 1172 -79.21 78.18 -46.82
N PHE O 1173 -77.90 78.25 -47.02
CA PHE O 1173 -77.19 79.49 -47.27
C PHE O 1173 -76.63 79.48 -48.69
N PHE O 1174 -76.49 80.67 -49.28
CA PHE O 1174 -75.97 80.79 -50.64
C PHE O 1174 -74.46 81.04 -50.67
N SER O 1175 -74.00 82.16 -50.11
CA SER O 1175 -72.58 82.51 -50.19
C SER O 1175 -72.26 83.49 -49.06
N SER O 1176 -71.52 83.03 -48.06
CA SER O 1176 -71.31 83.80 -46.84
C SER O 1176 -70.56 85.12 -47.09
N ASN O 1177 -69.94 85.30 -48.24
CA ASN O 1177 -69.21 86.54 -48.51
C ASN O 1177 -70.16 87.74 -48.53
N THR O 1178 -71.32 87.58 -49.14
CA THR O 1178 -72.33 88.62 -49.15
C THR O 1178 -73.36 88.36 -48.04
N GLY O 1179 -74.41 89.18 -48.02
CA GLY O 1179 -75.50 88.93 -47.07
C GLY O 1179 -76.17 87.59 -47.29
N THR O 1180 -76.17 87.10 -48.54
CA THR O 1180 -76.47 85.74 -48.99
C THR O 1180 -77.89 85.27 -48.65
N LEU O 1181 -78.73 86.13 -48.08
CA LEU O 1181 -80.09 85.78 -47.65
C LEU O 1181 -80.13 84.45 -46.91
N VAL O 1182 -79.48 84.45 -45.75
CA VAL O 1182 -79.33 83.24 -44.97
C VAL O 1182 -80.69 82.71 -44.53
N MET O 1183 -80.70 81.43 -44.17
CA MET O 1183 -81.81 80.81 -43.44
C MET O 1183 -83.12 80.88 -44.23
N ASN O 1184 -83.11 80.17 -45.36
CA ASN O 1184 -84.34 79.96 -46.11
C ASN O 1184 -85.20 78.95 -45.37
N VAL O 1185 -85.76 79.36 -44.23
CA VAL O 1185 -86.44 78.44 -43.32
C VAL O 1185 -87.83 78.13 -43.85
N LYS O 1186 -88.26 76.89 -43.62
CA LYS O 1186 -89.60 76.42 -43.95
C LYS O 1186 -90.36 76.29 -42.64
N LEU O 1187 -91.18 77.29 -42.33
CA LEU O 1187 -91.76 77.37 -41.00
C LEU O 1187 -92.86 76.32 -40.80
N ASP O 1188 -93.03 75.92 -39.54
CA ASP O 1188 -94.06 74.99 -39.14
C ASP O 1188 -94.23 75.09 -37.62
N ILE O 1189 -95.34 74.54 -37.13
CA ILE O 1189 -95.76 74.73 -35.74
C ILE O 1189 -94.66 74.38 -34.75
N ALA O 1190 -93.82 73.39 -35.09
CA ALA O 1190 -92.78 72.93 -34.17
C ALA O 1190 -91.83 74.05 -33.77
N ASP O 1191 -91.64 75.05 -34.64
CA ASP O 1191 -90.72 76.14 -34.30
C ASP O 1191 -91.19 76.88 -33.04
N ARG O 1192 -92.51 76.94 -32.82
CA ARG O 1192 -93.04 77.60 -31.64
C ARG O 1192 -92.51 76.96 -30.35
N TYR O 1193 -92.12 75.70 -30.41
CA TYR O 1193 -91.55 75.01 -29.26
C TYR O 1193 -90.07 74.72 -29.42
N LEU O 1194 -89.42 75.23 -30.46
CA LEU O 1194 -88.04 74.89 -30.76
C LEU O 1194 -87.20 76.15 -30.83
N LEU O 1195 -86.15 76.20 -30.00
CA LEU O 1195 -85.14 77.25 -30.07
C LEU O 1195 -83.89 76.68 -30.74
N TYR O 1196 -83.27 77.49 -31.59
CA TYR O 1196 -82.35 76.96 -32.58
C TYR O 1196 -80.87 77.08 -32.21
N TYR O 1197 -80.44 78.23 -31.69
CA TYR O 1197 -79.05 78.42 -31.28
C TYR O 1197 -78.10 78.25 -32.47
N ILE O 1198 -78.18 79.20 -33.40
CA ILE O 1198 -77.29 79.22 -34.55
C ILE O 1198 -75.84 79.20 -34.08
N ARG O 1199 -75.06 78.24 -34.58
CA ARG O 1199 -73.73 77.97 -34.06
C ARG O 1199 -72.69 78.05 -35.19
N ASP O 1200 -71.43 78.12 -34.78
CA ASP O 1200 -70.30 78.14 -35.69
C ASP O 1200 -69.72 76.74 -35.84
N VAL O 1201 -69.14 76.47 -37.01
CA VAL O 1201 -68.58 75.17 -37.33
C VAL O 1201 -67.11 75.32 -37.68
N GLN O 1202 -66.26 74.55 -37.00
CA GLN O 1202 -64.83 74.48 -37.30
C GLN O 1202 -64.45 73.02 -37.50
N SER O 1203 -63.15 72.79 -37.69
CA SER O 1203 -62.66 71.42 -37.86
C SER O 1203 -62.59 70.70 -36.53
N ARG O 1204 -61.82 71.24 -35.58
CA ARG O 1204 -61.67 70.59 -34.29
C ARG O 1204 -62.93 70.76 -33.45
N ASP O 1205 -63.43 71.99 -33.33
CA ASP O 1205 -64.53 72.32 -32.44
C ASP O 1205 -65.68 72.90 -33.25
N VAL O 1206 -66.86 72.91 -32.63
CA VAL O 1206 -68.07 73.45 -33.25
C VAL O 1206 -68.74 74.41 -32.27
N GLY O 1207 -69.19 75.54 -32.78
CA GLY O 1207 -69.86 76.53 -31.96
C GLY O 1207 -69.01 77.04 -30.82
N PHE O 1208 -67.81 77.52 -31.13
CA PHE O 1208 -66.90 78.04 -30.12
C PHE O 1208 -66.78 79.55 -30.12
N TYR O 1209 -66.92 80.19 -31.27
CA TYR O 1209 -66.83 81.65 -31.34
C TYR O 1209 -68.19 82.31 -31.13
N ILE O 1210 -69.16 81.98 -31.97
CA ILE O 1210 -70.48 82.58 -31.93
C ILE O 1210 -71.52 81.48 -31.76
N GLN O 1211 -72.41 81.66 -30.80
CA GLN O 1211 -73.47 80.67 -30.54
C GLN O 1211 -74.61 81.40 -29.85
N HIS O 1212 -75.66 81.72 -30.61
CA HIS O 1212 -76.82 82.40 -30.05
C HIS O 1212 -78.09 81.83 -30.67
N PRO O 1213 -79.19 81.83 -29.94
CA PRO O 1213 -80.44 81.30 -30.47
C PRO O 1213 -81.18 82.31 -31.33
N LEU O 1214 -82.03 81.77 -32.22
CA LEU O 1214 -82.94 82.60 -33.01
C LEU O 1214 -84.13 82.94 -32.11
N GLN O 1215 -83.94 84.01 -31.33
CA GLN O 1215 -84.85 84.31 -30.23
C GLN O 1215 -86.24 84.65 -30.75
N LEU O 1216 -86.33 85.51 -31.75
CA LEU O 1216 -87.64 85.90 -32.25
C LEU O 1216 -88.17 84.94 -33.31
N LEU O 1217 -87.33 84.01 -33.80
CA LEU O 1217 -87.86 82.88 -34.54
C LEU O 1217 -88.33 81.77 -33.62
N ASN O 1218 -88.06 81.88 -32.32
CA ASN O 1218 -88.69 80.98 -31.36
C ASN O 1218 -90.21 81.10 -31.41
N THR O 1219 -90.71 82.32 -31.62
CA THR O 1219 -92.15 82.59 -31.62
C THR O 1219 -92.50 83.42 -32.85
N ILE O 1220 -93.47 82.94 -33.62
CA ILE O 1220 -93.96 83.64 -34.81
C ILE O 1220 -95.47 83.60 -34.82
N THR O 1221 -96.09 84.70 -35.23
CA THR O 1221 -97.53 84.74 -35.39
C THR O 1221 -97.92 83.93 -36.62
N LEU O 1222 -98.48 82.74 -36.39
CA LEU O 1222 -98.80 81.83 -37.48
C LEU O 1222 -100.15 82.20 -38.08
N PRO O 1223 -100.22 82.52 -39.37
CA PRO O 1223 -101.51 82.82 -39.99
C PRO O 1223 -102.39 81.59 -40.12
N THR O 1224 -103.48 81.53 -39.35
CA THR O 1224 -104.38 80.38 -39.39
C THR O 1224 -105.12 80.29 -40.72
N ASN O 1225 -105.20 81.38 -41.48
CA ASN O 1225 -105.89 81.33 -42.77
C ASN O 1225 -105.12 80.49 -43.78
N GLU O 1226 -103.80 80.62 -43.80
CA GLU O 1226 -102.97 79.89 -44.75
C GLU O 1226 -102.48 78.58 -44.13
N ASP O 1227 -102.45 77.54 -44.95
CA ASP O 1227 -101.97 76.24 -44.49
C ASP O 1227 -100.49 76.33 -44.10
N LEU O 1228 -100.06 75.33 -43.33
CA LEU O 1228 -98.69 75.28 -42.83
C LEU O 1228 -98.29 73.82 -42.62
N PHE O 1229 -97.04 73.62 -42.23
CA PHE O 1229 -96.50 72.28 -42.05
C PHE O 1229 -96.66 71.82 -40.62
N LEU O 1230 -96.79 70.51 -40.45
CA LEU O 1230 -97.18 69.91 -39.17
C LEU O 1230 -96.17 68.87 -38.72
N SER O 1231 -94.89 69.24 -38.74
CA SER O 1231 -93.87 68.35 -38.19
C SER O 1231 -94.04 68.25 -36.67
N ALA O 1232 -93.42 67.21 -36.10
CA ALA O 1232 -93.59 67.05 -34.67
C ALA O 1232 -92.37 67.56 -33.91
N PRO O 1233 -92.57 68.16 -32.75
CA PRO O 1233 -91.42 68.63 -31.95
C PRO O 1233 -90.58 67.50 -31.37
N ASP O 1234 -91.22 66.54 -30.73
CA ASP O 1234 -90.51 65.48 -30.02
C ASP O 1234 -91.32 64.20 -30.15
N MET O 1235 -90.71 63.07 -29.76
CA MET O 1235 -91.38 61.79 -29.81
C MET O 1235 -92.43 61.61 -28.71
N ARG O 1236 -92.47 62.51 -27.72
CA ARG O 1236 -93.24 62.25 -26.51
C ARG O 1236 -94.72 62.57 -26.66
N GLU O 1237 -95.36 62.07 -27.72
CA GLU O 1237 -96.81 62.03 -27.86
C GLU O 1237 -97.43 63.43 -27.76
N TRP O 1238 -97.10 64.26 -28.75
CA TRP O 1238 -97.67 65.60 -28.83
C TRP O 1238 -99.04 65.54 -29.49
N ALA O 1239 -100.03 66.18 -28.88
CA ALA O 1239 -101.40 66.15 -29.35
C ALA O 1239 -101.70 67.40 -30.17
N VAL O 1240 -102.36 67.22 -31.31
CA VAL O 1240 -102.68 68.31 -32.22
C VAL O 1240 -104.05 68.87 -31.85
N LYS O 1241 -104.18 70.20 -31.90
CA LYS O 1241 -105.44 70.88 -31.65
C LYS O 1241 -105.67 71.90 -32.76
N GLU O 1242 -106.87 71.87 -33.34
CA GLU O 1242 -107.22 72.84 -34.36
C GLU O 1242 -107.70 74.14 -33.74
N SER O 1243 -108.79 74.08 -32.96
CA SER O 1243 -109.33 75.25 -32.29
C SER O 1243 -109.81 74.91 -30.89
N GLY O 1244 -109.22 73.90 -30.27
CA GLY O 1244 -109.62 73.46 -28.94
C GLY O 1244 -110.35 72.13 -28.90
N ASN O 1245 -110.64 71.53 -30.06
CA ASN O 1245 -111.33 70.26 -30.12
C ASN O 1245 -110.45 69.06 -29.77
N THR O 1246 -109.15 69.28 -29.56
CA THR O 1246 -108.21 68.24 -29.17
C THR O 1246 -108.18 67.11 -30.21
N ILE O 1247 -107.70 67.47 -31.40
CA ILE O 1247 -107.52 66.48 -32.46
C ILE O 1247 -106.58 65.38 -31.99
N CYS O 1248 -106.68 64.22 -32.64
CA CYS O 1248 -105.90 63.03 -32.30
C CYS O 1248 -104.41 63.35 -32.18
N ILE O 1249 -103.77 62.72 -31.18
CA ILE O 1249 -102.38 63.02 -30.86
C ILE O 1249 -101.48 62.62 -32.02
N LEU O 1250 -100.48 63.46 -32.29
CA LEU O 1250 -99.60 63.21 -33.44
C LEU O 1250 -98.68 62.03 -33.19
N ASN O 1251 -98.03 62.00 -32.02
CA ASN O 1251 -97.11 60.92 -31.66
C ASN O 1251 -97.78 59.86 -30.79
N SER O 1252 -99.08 59.65 -30.98
CA SER O 1252 -99.76 58.61 -30.22
C SER O 1252 -99.39 57.23 -30.76
N PRO O 1253 -99.23 56.24 -29.90
CA PRO O 1253 -98.89 54.88 -30.38
C PRO O 1253 -100.03 54.32 -31.21
N GLY O 1254 -99.69 53.76 -32.37
CA GLY O 1254 -100.68 53.28 -33.30
C GLY O 1254 -101.53 54.40 -33.84
N PHE O 1255 -100.91 55.28 -34.62
CA PHE O 1255 -101.56 56.48 -35.13
C PHE O 1255 -102.02 56.28 -36.57
N ILE O 1256 -103.17 56.86 -36.88
CA ILE O 1256 -103.71 56.88 -38.24
C ILE O 1256 -103.75 58.33 -38.70
N PRO O 1257 -103.12 58.67 -39.82
CA PRO O 1257 -103.11 60.06 -40.27
C PRO O 1257 -104.46 60.44 -40.87
N PRO O 1258 -104.98 61.62 -40.52
CA PRO O 1258 -106.23 62.07 -41.13
C PRO O 1258 -106.09 62.25 -42.64
N GLN O 1259 -107.21 62.08 -43.34
CA GLN O 1259 -107.19 62.17 -44.79
C GLN O 1259 -106.85 63.58 -45.26
N ASP O 1260 -107.25 64.61 -44.51
CA ASP O 1260 -106.95 65.98 -44.90
C ASP O 1260 -105.46 66.26 -44.85
N TRP O 1261 -104.78 65.78 -43.80
CA TRP O 1261 -103.36 66.05 -43.64
C TRP O 1261 -102.56 65.30 -44.70
N ASP O 1262 -101.75 66.04 -45.46
CA ASP O 1262 -100.92 65.46 -46.51
C ASP O 1262 -99.49 65.36 -46.01
N VAL O 1263 -98.81 64.29 -46.41
CA VAL O 1263 -97.43 64.05 -46.02
C VAL O 1263 -96.51 64.59 -47.11
N LEU O 1264 -95.53 65.39 -46.72
CA LEU O 1264 -94.57 65.93 -47.67
C LEU O 1264 -93.60 64.85 -48.12
N THR O 1265 -93.08 65.01 -49.35
CA THR O 1265 -92.15 64.04 -49.89
C THR O 1265 -90.90 63.93 -49.04
N ASP O 1266 -90.36 65.06 -48.60
CA ASP O 1266 -89.19 65.12 -47.73
C ASP O 1266 -89.59 65.78 -46.42
N THR O 1267 -89.66 64.99 -45.35
CA THR O 1267 -90.04 65.53 -44.05
C THR O 1267 -89.03 66.58 -43.59
N ILE O 1268 -89.54 67.74 -43.23
CA ILE O 1268 -88.70 68.87 -42.81
C ILE O 1268 -88.74 68.88 -41.28
N SER O 1269 -87.79 68.16 -40.68
CA SER O 1269 -87.73 68.07 -39.24
C SER O 1269 -86.34 67.58 -38.84
N TRP O 1270 -85.97 67.84 -37.59
CA TRP O 1270 -84.66 67.42 -37.13
C TRP O 1270 -84.56 65.90 -37.07
N SER O 1271 -85.63 65.23 -36.68
CA SER O 1271 -85.59 63.78 -36.68
C SER O 1271 -86.06 63.23 -38.01
N PRO O 1272 -85.28 62.38 -38.67
CA PRO O 1272 -85.74 61.79 -39.94
C PRO O 1272 -86.99 60.94 -39.80
N SER O 1273 -87.25 60.40 -38.61
CA SER O 1273 -88.44 59.58 -38.42
C SER O 1273 -89.72 60.40 -38.54
N LEU O 1274 -89.71 61.63 -38.05
CA LEU O 1274 -90.91 62.45 -38.03
C LEU O 1274 -91.28 62.89 -39.44
N PRO O 1275 -92.47 62.55 -39.94
CA PRO O 1275 -92.90 63.04 -41.24
C PRO O 1275 -93.44 64.47 -41.13
N THR O 1276 -93.82 65.02 -42.28
CA THR O 1276 -94.34 66.39 -42.36
C THR O 1276 -95.77 66.35 -42.87
N TYR O 1277 -96.62 67.18 -42.26
CA TYR O 1277 -98.03 67.25 -42.62
C TYR O 1277 -98.40 68.67 -43.02
N VAL O 1278 -99.63 68.82 -43.50
CA VAL O 1278 -100.19 70.12 -43.88
C VAL O 1278 -101.50 70.30 -43.12
N VAL O 1279 -101.76 71.50 -42.65
CA VAL O 1279 -102.93 71.81 -41.83
C VAL O 1279 -103.50 73.17 -42.22
N PRO O 1280 -104.32 73.27 -43.26
CA PRO O 1280 -104.80 74.58 -43.71
C PRO O 1280 -105.74 75.24 -42.70
N PRO O 1281 -106.79 74.56 -42.19
CA PRO O 1281 -107.70 75.26 -41.28
C PRO O 1281 -107.19 75.33 -39.85
N GLY O 1282 -106.85 76.53 -39.38
CA GLY O 1282 -106.41 76.73 -38.01
C GLY O 1282 -105.24 75.85 -37.60
N ASP O 1283 -105.50 74.88 -36.73
CA ASP O 1283 -104.51 73.89 -36.30
C ASP O 1283 -103.31 74.58 -35.63
N TYR O 1284 -103.59 75.22 -34.51
CA TYR O 1284 -102.59 75.94 -33.74
C TYR O 1284 -102.64 75.50 -32.29
N THR O 1285 -101.65 75.93 -31.52
CA THR O 1285 -101.52 75.59 -30.10
C THR O 1285 -101.42 74.07 -29.93
N LEU O 1286 -100.33 73.52 -30.43
CA LEU O 1286 -100.05 72.09 -30.27
C LEU O 1286 -99.87 71.78 -28.80
N THR O 1287 -100.82 71.05 -28.21
CA THR O 1287 -100.81 70.87 -26.77
C THR O 1287 -99.74 69.85 -26.36
N PRO O 1288 -99.06 70.08 -25.23
CA PRO O 1288 -98.07 69.12 -24.77
C PRO O 1288 -98.72 67.87 -24.20
N LEU O 1289 -97.87 66.90 -23.88
CA LEU O 1289 -98.33 65.64 -23.28
C LEU O 1289 -97.15 64.80 -22.86
N SER R 3 45.25 -52.13 -38.87
CA SER R 3 45.05 -53.50 -38.44
C SER R 3 45.48 -53.69 -36.99
N MET R 4 46.70 -53.24 -36.69
CA MET R 4 47.23 -53.40 -35.34
C MET R 4 46.42 -52.60 -34.32
N ILE R 5 46.24 -51.30 -34.58
CA ILE R 5 45.52 -50.44 -33.65
C ILE R 5 44.06 -50.87 -33.54
N LEU R 6 43.48 -51.29 -34.66
CA LEU R 6 42.10 -51.78 -34.63
C LEU R 6 41.99 -53.02 -33.74
N THR R 7 42.83 -54.02 -33.99
CA THR R 7 42.82 -55.22 -33.17
C THR R 7 43.09 -54.91 -31.70
N GLN R 8 43.84 -53.85 -31.42
CA GLN R 8 44.10 -53.49 -30.03
C GLN R 8 42.84 -52.93 -29.36
N PHE R 9 42.26 -51.89 -29.93
CA PHE R 9 41.25 -51.12 -29.20
C PHE R 9 40.05 -50.72 -30.08
N GLY R 10 39.53 -51.65 -30.87
CA GLY R 10 38.28 -51.43 -31.57
C GLY R 10 37.14 -50.87 -30.74
N PRO R 11 36.92 -51.35 -29.51
CA PRO R 11 35.91 -50.72 -28.66
C PRO R 11 36.15 -49.24 -28.42
N PHE R 12 37.40 -48.83 -28.23
CA PHE R 12 37.68 -47.42 -28.01
C PHE R 12 37.42 -46.61 -29.28
N ILE R 13 37.79 -47.14 -30.44
CA ILE R 13 37.46 -46.48 -31.71
C ILE R 13 35.96 -46.28 -31.83
N GLU R 14 35.19 -47.31 -31.49
CA GLU R 14 33.74 -47.18 -31.55
C GLU R 14 33.23 -46.16 -30.55
N SER R 15 33.86 -46.06 -29.38
CA SER R 15 33.32 -45.22 -28.32
C SER R 15 33.49 -43.74 -28.62
N ILE R 16 34.71 -43.33 -29.00
CA ILE R 16 34.98 -41.91 -29.20
C ILE R 16 34.56 -41.41 -30.57
N SER R 17 34.13 -42.29 -31.46
CA SER R 17 33.75 -41.90 -32.81
C SER R 17 32.25 -41.73 -32.96
N GLY R 18 31.50 -41.73 -31.86
CA GLY R 18 30.07 -41.53 -31.91
C GLY R 18 29.31 -42.69 -32.50
N ILE R 19 29.62 -43.90 -32.05
CA ILE R 19 28.90 -45.08 -32.49
C ILE R 19 28.38 -45.84 -31.27
N THR R 20 29.28 -46.19 -30.37
CA THR R 20 28.95 -46.95 -29.17
C THR R 20 29.00 -46.02 -27.96
N ASP R 21 28.09 -46.26 -27.01
CA ASP R 21 28.05 -45.47 -25.79
C ASP R 21 29.38 -45.58 -25.05
N GLN R 22 29.85 -44.47 -24.51
CA GLN R 22 31.10 -44.49 -23.77
C GLN R 22 30.91 -45.18 -22.43
N SER R 23 32.02 -45.67 -21.88
CA SER R 23 31.99 -46.34 -20.59
C SER R 23 33.40 -46.36 -20.02
N ASN R 24 33.49 -46.54 -18.70
CA ASN R 24 34.79 -46.50 -18.04
C ASN R 24 35.63 -47.73 -18.37
N ASP R 25 34.99 -48.87 -18.64
CA ASP R 25 35.76 -50.08 -18.87
C ASP R 25 36.55 -49.99 -20.17
N VAL R 26 35.91 -49.52 -21.25
CA VAL R 26 36.63 -49.35 -22.51
C VAL R 26 37.71 -48.29 -22.35
N PHE R 27 37.43 -47.24 -21.58
CA PHE R 27 38.39 -46.19 -21.32
C PHE R 27 39.66 -46.75 -20.67
N GLU R 28 39.49 -47.49 -19.57
CA GLU R 28 40.64 -48.01 -18.85
C GLU R 28 41.36 -49.11 -19.64
N ASN R 29 40.62 -49.92 -20.40
CA ASN R 29 41.28 -50.94 -21.22
C ASN R 29 42.12 -50.27 -22.30
N ALA R 30 41.59 -49.24 -22.93
CA ALA R 30 42.37 -48.49 -23.91
C ALA R 30 43.60 -47.87 -23.27
N ALA R 31 43.47 -47.34 -22.04
CA ALA R 31 44.62 -46.76 -21.36
C ALA R 31 45.69 -47.81 -21.07
N LYS R 32 45.26 -49.01 -20.68
CA LYS R 32 46.18 -50.15 -20.61
C LYS R 32 46.91 -50.35 -21.93
N ALA R 33 46.17 -50.33 -23.03
CA ALA R 33 46.78 -50.52 -24.34
C ALA R 33 47.81 -49.43 -24.64
N PHE R 34 47.51 -48.19 -24.23
CA PHE R 34 48.46 -47.09 -24.44
C PHE R 34 49.73 -47.32 -23.63
N SER R 35 49.58 -47.69 -22.35
CA SER R 35 50.73 -47.87 -21.49
C SER R 35 51.59 -49.04 -21.96
N MET R 36 51.04 -50.25 -21.95
CA MET R 36 51.77 -51.43 -22.38
C MET R 36 51.88 -51.41 -23.90
N PHE R 37 52.88 -50.67 -24.38
CA PHE R 37 52.99 -50.36 -25.80
C PHE R 37 54.35 -49.72 -26.03
N THR R 38 55.02 -50.13 -27.10
CA THR R 38 56.41 -49.74 -27.35
C THR R 38 56.53 -48.90 -28.60
N ARG R 39 57.66 -48.18 -28.70
CA ARG R 39 57.87 -47.26 -29.81
C ARG R 39 58.06 -48.01 -31.13
N SER R 40 58.71 -49.17 -31.09
CA SER R 40 58.76 -50.01 -32.28
C SER R 40 57.36 -50.35 -32.75
N ASP R 41 56.44 -50.60 -31.82
CA ASP R 41 55.04 -50.78 -32.17
C ASP R 41 54.50 -49.54 -32.87
N VAL R 42 54.90 -48.35 -32.43
CA VAL R 42 54.46 -47.11 -33.04
C VAL R 42 54.87 -47.07 -34.51
N TYR R 43 56.17 -47.25 -34.76
CA TYR R 43 56.63 -47.09 -36.13
C TYR R 43 56.20 -48.25 -37.01
N LYS R 44 55.92 -49.42 -36.44
CA LYS R 44 55.31 -50.48 -37.23
C LYS R 44 53.89 -50.12 -37.62
N ALA R 45 53.12 -49.56 -36.69
CA ALA R 45 51.77 -49.09 -37.02
C ALA R 45 51.82 -48.03 -38.12
N LEU R 46 52.79 -47.11 -38.04
CA LEU R 46 53.00 -46.18 -39.14
C LEU R 46 53.35 -46.91 -40.43
N ASP R 47 54.09 -48.01 -40.33
CA ASP R 47 54.39 -48.80 -41.52
C ASP R 47 53.13 -49.40 -42.13
N GLU R 48 52.12 -49.68 -41.31
CA GLU R 48 50.90 -50.30 -41.83
C GLU R 48 50.09 -49.37 -42.72
N ILE R 49 50.32 -48.06 -42.64
CA ILE R 49 49.51 -47.09 -43.37
C ILE R 49 49.91 -47.07 -44.84
N PRO R 50 49.00 -47.41 -45.75
CA PRO R 50 49.30 -47.36 -47.20
C PRO R 50 49.07 -45.97 -47.80
N PHE R 51 50.07 -45.11 -47.63
CA PHE R 51 49.96 -43.74 -48.12
C PHE R 51 49.83 -43.71 -49.65
N SER R 52 49.07 -42.73 -50.12
CA SER R 52 48.82 -42.56 -51.55
C SER R 52 50.01 -41.87 -52.19
N GLU R 53 49.86 -41.45 -53.45
CA GLU R 53 50.85 -40.59 -54.09
C GLU R 53 50.75 -39.17 -53.61
N ASP R 54 49.59 -38.76 -53.10
CA ASP R 54 49.37 -37.38 -52.70
C ASP R 54 50.37 -36.94 -51.63
N ALA R 55 50.66 -37.81 -50.67
CA ALA R 55 51.63 -37.48 -49.64
C ALA R 55 53.06 -37.55 -50.15
N MET R 56 53.31 -38.11 -51.32
CA MET R 56 54.66 -38.25 -51.82
C MET R 56 55.29 -36.87 -52.04
N LEU R 57 56.62 -36.84 -52.00
CA LEU R 57 57.37 -35.58 -52.08
C LEU R 57 58.85 -35.87 -52.22
N PRO R 58 59.60 -35.07 -52.99
CA PRO R 58 61.05 -35.31 -53.11
C PRO R 58 61.80 -34.72 -51.94
N ILE R 59 62.51 -35.59 -51.20
CA ILE R 59 63.27 -35.17 -50.02
C ILE R 59 64.72 -34.90 -50.42
N PRO R 60 65.30 -33.78 -49.99
CA PRO R 60 66.71 -33.52 -50.30
C PRO R 60 67.61 -34.48 -49.57
N PRO R 61 68.58 -35.09 -50.27
CA PRO R 61 69.47 -36.04 -49.61
C PRO R 61 70.53 -35.40 -48.73
N THR R 62 70.72 -34.08 -48.83
CA THR R 62 71.74 -33.39 -48.04
C THR R 62 71.40 -33.37 -46.56
N ILE R 63 70.16 -33.66 -46.19
CA ILE R 63 69.73 -33.61 -44.79
C ILE R 63 70.50 -34.57 -43.91
N TYR R 64 71.14 -35.58 -44.49
CA TYR R 64 71.74 -36.65 -43.71
C TYR R 64 73.25 -36.54 -43.55
N THR R 65 73.97 -36.21 -44.61
CA THR R 65 75.42 -36.07 -44.54
C THR R 65 75.76 -34.63 -44.19
N LYS R 66 76.34 -34.41 -43.02
CA LYS R 66 76.64 -33.09 -42.50
C LYS R 66 78.05 -33.03 -41.96
N PRO R 67 78.67 -31.84 -41.99
CA PRO R 67 80.05 -31.70 -41.52
C PRO R 67 80.17 -31.82 -40.01
N SER R 68 81.36 -31.57 -39.50
CA SER R 68 81.63 -31.65 -38.07
C SER R 68 81.51 -30.28 -37.42
N HIS R 69 81.23 -30.30 -36.11
CA HIS R 69 80.90 -29.08 -35.37
C HIS R 69 82.10 -28.20 -35.09
N ASP R 70 83.33 -28.67 -35.31
CA ASP R 70 84.49 -27.95 -34.81
C ASP R 70 84.67 -26.61 -35.52
N SER R 71 84.42 -26.56 -36.83
CA SER R 71 84.69 -25.35 -37.59
C SER R 71 83.67 -24.24 -37.34
N TYR R 72 82.57 -24.54 -36.67
CA TYR R 72 81.53 -23.54 -36.43
C TYR R 72 81.76 -22.73 -35.16
N TYR R 73 82.70 -23.14 -34.31
CA TYR R 73 82.96 -22.47 -33.04
C TYR R 73 84.40 -21.98 -32.99
N TYR R 74 84.68 -21.17 -31.99
CA TYR R 74 86.04 -20.75 -31.67
C TYR R 74 86.03 -20.25 -30.24
N ILE R 75 87.11 -19.60 -29.82
CA ILE R 75 87.25 -19.15 -28.44
C ILE R 75 87.68 -17.69 -28.40
N ASP R 76 87.00 -16.90 -27.58
CA ASP R 76 87.21 -15.47 -27.46
C ASP R 76 88.54 -15.20 -26.74
N ALA R 77 88.98 -13.94 -26.80
CA ALA R 77 90.15 -13.53 -26.03
C ALA R 77 89.90 -13.57 -24.52
N LEU R 78 88.63 -13.63 -24.10
CA LEU R 78 88.27 -13.74 -22.70
C LEU R 78 87.93 -15.17 -22.30
N ASN R 79 88.48 -16.15 -23.02
CA ASN R 79 88.31 -17.56 -22.68
C ASN R 79 86.85 -18.00 -22.79
N ARG R 80 86.09 -17.33 -23.66
CA ARG R 80 84.68 -17.63 -23.85
C ARG R 80 84.50 -18.38 -25.17
N VAL R 81 83.86 -19.54 -25.10
CA VAL R 81 83.58 -20.32 -26.30
C VAL R 81 82.32 -19.76 -26.95
N ARG R 82 82.48 -19.20 -28.16
CA ARG R 82 81.38 -18.55 -28.84
C ARG R 82 81.41 -18.91 -30.32
N ARG R 83 80.26 -18.77 -30.96
CA ARG R 83 80.06 -19.28 -32.30
C ARG R 83 80.67 -18.36 -33.34
N LYS R 84 81.08 -18.96 -34.46
CA LYS R 84 81.69 -18.26 -35.58
C LYS R 84 80.65 -18.05 -36.68
N THR R 85 80.19 -16.82 -36.84
CA THR R 85 79.18 -16.53 -37.84
C THR R 85 79.78 -16.57 -39.24
N TYR R 86 79.10 -17.24 -40.16
CA TYR R 86 79.57 -17.31 -41.54
C TYR R 86 78.84 -16.38 -42.48
N GLN R 87 77.58 -16.05 -42.18
CA GLN R 87 76.81 -15.08 -42.96
C GLN R 87 75.96 -14.27 -42.00
N GLY R 88 76.28 -12.99 -41.87
CA GLY R 88 75.53 -12.09 -41.02
C GLY R 88 75.83 -12.32 -39.56
N PRO R 89 75.58 -11.31 -38.74
CA PRO R 89 75.74 -11.46 -37.29
C PRO R 89 74.59 -12.19 -36.61
N ASP R 90 73.72 -12.84 -37.36
CA ASP R 90 72.62 -13.58 -36.78
C ASP R 90 72.93 -15.05 -36.59
N ASP R 91 73.87 -15.61 -37.35
CA ASP R 91 74.15 -17.04 -37.31
C ASP R 91 74.88 -17.36 -36.01
N VAL R 92 74.12 -17.40 -34.92
CA VAL R 92 74.65 -17.76 -33.62
C VAL R 92 73.76 -18.80 -32.95
N TYR R 93 73.02 -19.54 -33.75
CA TYR R 93 72.16 -20.60 -33.23
C TYR R 93 72.87 -21.94 -33.33
N VAL R 94 72.15 -23.00 -32.99
CA VAL R 94 72.71 -24.35 -33.11
C VAL R 94 72.92 -24.67 -34.59
N PRO R 95 74.04 -25.28 -34.97
CA PRO R 95 74.25 -25.60 -36.38
C PRO R 95 73.71 -26.97 -36.74
N ASN R 96 73.80 -27.36 -38.01
CA ASN R 96 73.40 -28.68 -38.48
C ASN R 96 74.67 -29.49 -38.69
N CYS R 97 74.94 -30.44 -37.80
CA CYS R 97 76.18 -31.19 -37.85
C CYS R 97 75.92 -32.62 -37.40
N SER R 98 76.91 -33.48 -37.60
CA SER R 98 76.84 -34.85 -37.12
C SER R 98 76.85 -34.87 -35.60
N ILE R 99 76.35 -35.97 -35.04
CA ILE R 99 76.21 -36.08 -33.59
C ILE R 99 76.72 -37.42 -33.09
N VAL R 100 77.09 -38.31 -34.02
CA VAL R 100 77.40 -39.67 -33.61
C VAL R 100 78.80 -39.80 -33.01
N GLU R 101 79.76 -39.00 -33.48
CA GLU R 101 81.15 -39.16 -33.07
C GLU R 101 81.44 -38.59 -31.69
N LEU R 102 80.42 -38.16 -30.94
CA LEU R 102 80.61 -37.59 -29.62
C LEU R 102 79.89 -38.38 -28.54
N LEU R 103 79.28 -39.51 -28.90
CA LEU R 103 78.43 -40.26 -28.00
C LEU R 103 79.11 -41.56 -27.57
N GLU R 104 78.76 -42.02 -26.37
CA GLU R 104 79.19 -43.30 -25.86
C GLU R 104 77.97 -44.20 -25.64
N PRO R 105 78.07 -45.48 -25.95
CA PRO R 105 76.87 -46.34 -25.94
C PRO R 105 76.29 -46.48 -24.53
N HIS R 106 74.99 -46.27 -24.44
CA HIS R 106 74.26 -46.53 -23.21
C HIS R 106 74.38 -48.01 -22.84
N GLU R 107 74.41 -48.28 -21.54
CA GLU R 107 74.71 -49.63 -21.09
C GLU R 107 73.58 -50.60 -21.40
N THR R 108 72.33 -50.17 -21.21
CA THR R 108 71.20 -51.05 -21.48
C THR R 108 70.84 -51.04 -22.97
N LEU R 109 70.45 -49.87 -23.48
CA LEU R 109 70.07 -49.72 -24.89
C LEU R 109 71.34 -49.44 -25.67
N THR R 110 71.89 -50.48 -26.31
CA THR R 110 73.19 -50.37 -26.96
C THR R 110 73.16 -49.57 -28.24
N SER R 111 71.99 -49.10 -28.68
CA SER R 111 71.89 -48.27 -29.87
C SER R 111 71.70 -46.80 -29.55
N TYR R 112 71.65 -46.44 -28.27
CA TYR R 112 71.48 -45.06 -27.85
C TYR R 112 72.62 -44.68 -26.91
N GLY R 113 72.87 -43.38 -26.80
CA GLY R 113 73.93 -42.91 -25.94
C GLY R 113 73.96 -41.41 -25.85
N ARG R 114 74.65 -40.92 -24.83
CA ARG R 114 74.82 -39.51 -24.54
C ARG R 114 76.29 -39.14 -24.66
N LEU R 115 76.63 -37.92 -24.26
CA LEU R 115 78.01 -37.45 -24.36
C LEU R 115 78.97 -38.36 -23.61
N SER R 116 80.11 -38.64 -24.23
CA SER R 116 81.12 -39.46 -23.59
C SER R 116 81.71 -38.73 -22.41
N GLU R 117 81.80 -39.42 -21.27
CA GLU R 117 82.29 -38.79 -20.05
C GLU R 117 83.72 -38.33 -20.18
N ALA R 118 84.49 -38.95 -21.08
CA ALA R 118 85.86 -38.51 -21.30
C ALA R 118 85.90 -37.07 -21.81
N ILE R 119 85.02 -36.73 -22.76
CA ILE R 119 84.99 -35.39 -23.30
C ILE R 119 84.59 -34.39 -22.22
N GLU R 120 83.59 -34.74 -21.41
CA GLU R 120 83.13 -33.82 -20.37
C GLU R 120 84.22 -33.58 -19.33
N ASN R 121 84.92 -34.63 -18.91
CA ASN R 121 85.97 -34.45 -17.92
C ASN R 121 87.15 -33.68 -18.49
N ARG R 122 87.54 -33.98 -19.73
CA ARG R 122 88.63 -33.25 -20.36
C ARG R 122 88.28 -31.78 -20.54
N ALA R 123 87.00 -31.48 -20.79
CA ALA R 123 86.58 -30.09 -20.88
C ALA R 123 86.59 -29.41 -19.51
N LYS R 124 86.13 -30.12 -18.49
CA LYS R 124 86.18 -29.59 -17.13
C LYS R 124 87.61 -29.30 -16.70
N ASP R 125 88.57 -30.06 -17.22
CA ASP R 125 89.98 -29.77 -16.93
C ASP R 125 90.43 -28.46 -17.56
N GLY R 126 89.85 -28.09 -18.71
CA GLY R 126 90.18 -26.83 -19.33
C GLY R 126 90.69 -26.92 -20.74
N ASP R 127 90.36 -28.00 -21.44
CA ASP R 127 90.77 -28.16 -22.82
C ASP R 127 89.88 -27.35 -23.76
N SER R 128 90.43 -26.95 -24.89
CA SER R 128 89.69 -26.18 -25.88
C SER R 128 88.66 -27.05 -26.60
N GLN R 129 89.14 -28.09 -27.29
CA GLN R 129 88.25 -28.92 -28.09
C GLN R 129 87.20 -29.60 -27.24
N ALA R 130 87.59 -30.04 -26.03
CA ALA R 130 86.62 -30.68 -25.15
C ALA R 130 85.51 -29.71 -24.76
N ARG R 131 85.87 -28.46 -24.44
CA ARG R 131 84.85 -27.46 -24.12
C ARG R 131 83.93 -27.22 -25.30
N ILE R 132 84.51 -27.07 -26.50
CA ILE R 132 83.67 -26.81 -27.67
C ILE R 132 82.71 -27.98 -27.92
N ALA R 133 83.21 -29.21 -27.84
CA ALA R 133 82.37 -30.36 -28.09
C ALA R 133 81.27 -30.49 -27.04
N THR R 134 81.60 -30.26 -25.77
CA THR R 134 80.56 -30.38 -24.74
C THR R 134 79.52 -29.27 -24.86
N THR R 135 79.93 -28.07 -25.25
CA THR R 135 78.94 -27.01 -25.47
C THR R 135 78.01 -27.39 -26.61
N TYR R 136 78.57 -27.88 -27.72
CA TYR R 136 77.73 -28.30 -28.84
C TYR R 136 76.76 -29.39 -28.43
N GLY R 137 77.25 -30.39 -27.69
CA GLY R 137 76.39 -31.48 -27.27
C GLY R 137 75.26 -31.02 -26.38
N ARG R 138 75.59 -30.22 -25.36
CA ARG R 138 74.56 -29.75 -24.44
C ARG R 138 73.54 -28.87 -25.14
N ILE R 139 73.99 -28.02 -26.08
CA ILE R 139 73.03 -27.14 -26.74
C ILE R 139 72.15 -27.91 -27.70
N ALA R 140 72.70 -28.93 -28.37
CA ALA R 140 71.86 -29.75 -29.24
C ALA R 140 70.84 -30.52 -28.43
N GLU R 141 71.23 -31.03 -27.25
CA GLU R 141 70.27 -31.68 -26.38
C GLU R 141 69.17 -30.72 -25.96
N SER R 142 69.53 -29.50 -25.57
CA SER R 142 68.53 -28.53 -25.15
C SER R 142 67.58 -28.19 -26.30
N GLN R 143 68.11 -28.12 -27.52
CA GLN R 143 67.23 -27.89 -28.67
C GLN R 143 66.31 -29.07 -28.92
N ALA R 144 66.75 -30.29 -28.62
CA ALA R 144 65.92 -31.45 -28.79
C ALA R 144 64.99 -31.72 -27.61
N ARG R 145 65.10 -30.93 -26.54
CA ARG R 145 64.30 -31.15 -25.34
C ARG R 145 63.12 -30.18 -25.23
N GLN R 146 62.78 -29.46 -26.30
CA GLN R 146 61.80 -28.39 -26.25
C GLN R 146 60.37 -28.88 -26.51
N ILE R 147 60.06 -30.12 -26.18
CA ILE R 147 58.73 -30.66 -26.31
C ILE R 147 58.16 -30.94 -24.92
N LYS R 148 56.89 -31.33 -24.87
CA LYS R 148 56.22 -31.61 -23.62
C LYS R 148 56.00 -33.09 -23.37
N ALA R 149 56.31 -33.95 -24.33
CA ALA R 149 56.18 -35.38 -24.18
C ALA R 149 56.74 -36.05 -25.43
N PRO R 150 57.01 -37.36 -25.39
CA PRO R 150 57.59 -38.03 -26.55
C PRO R 150 56.67 -37.96 -27.76
N LEU R 151 57.25 -37.65 -28.92
CA LEU R 151 56.46 -37.43 -30.13
C LEU R 151 55.67 -38.66 -30.52
N GLU R 152 56.21 -39.85 -30.27
CA GLU R 152 55.52 -41.07 -30.65
C GLU R 152 54.20 -41.21 -29.91
N LYS R 153 54.09 -40.65 -28.72
CA LYS R 153 52.82 -40.71 -28.00
C LYS R 153 51.75 -39.87 -28.69
N PHE R 154 52.10 -38.64 -29.10
CA PHE R 154 51.16 -37.82 -29.87
C PHE R 154 50.80 -38.49 -31.18
N VAL R 155 51.77 -39.11 -31.85
CA VAL R 155 51.48 -39.78 -33.11
C VAL R 155 50.55 -40.97 -32.89
N LEU R 156 50.74 -41.69 -31.78
CA LEU R 156 49.85 -42.80 -31.46
C LEU R 156 48.44 -42.29 -31.21
N ALA R 157 48.31 -41.19 -30.47
CA ALA R 157 46.99 -40.62 -30.24
C ALA R 157 46.35 -40.21 -31.56
N LEU R 158 47.14 -39.70 -32.50
CA LEU R 158 46.60 -39.33 -33.81
C LEU R 158 46.08 -40.56 -34.54
N LEU R 159 46.87 -41.64 -34.57
CA LEU R 159 46.41 -42.86 -35.21
C LEU R 159 45.15 -43.40 -34.55
N VAL R 160 45.11 -43.35 -33.22
CA VAL R 160 43.93 -43.76 -32.46
C VAL R 160 42.71 -42.98 -32.94
N ALA R 161 42.83 -41.64 -32.97
CA ALA R 161 41.68 -40.82 -33.31
C ALA R 161 41.24 -41.06 -34.75
N GLU R 162 42.19 -41.12 -35.68
CA GLU R 162 41.85 -41.21 -37.10
C GLU R 162 41.44 -42.61 -37.53
N ALA R 163 41.68 -43.63 -36.70
CA ALA R 163 41.27 -44.98 -37.07
C ALA R 163 39.76 -45.08 -37.28
N GLY R 164 38.99 -44.28 -36.54
CA GLY R 164 37.53 -44.34 -36.65
C GLY R 164 36.99 -43.91 -38.00
N GLY R 165 37.75 -43.14 -38.75
CA GLY R 165 37.29 -42.67 -40.04
C GLY R 165 36.55 -41.34 -39.94
N SER R 166 35.77 -41.07 -40.98
CA SER R 166 35.03 -39.81 -41.06
C SER R 166 33.96 -39.77 -39.98
N LEU R 167 33.28 -38.62 -39.88
CA LEU R 167 32.28 -38.39 -38.86
C LEU R 167 30.99 -37.92 -39.51
N TYR R 168 29.90 -38.01 -38.75
CA TYR R 168 28.58 -37.59 -39.19
C TYR R 168 28.21 -36.31 -38.47
N ASP R 169 27.71 -35.33 -39.22
CA ASP R 169 27.40 -34.02 -38.66
C ASP R 169 25.93 -33.95 -38.30
N PRO R 170 25.57 -33.83 -37.03
CA PRO R 170 24.14 -33.75 -36.67
C PRO R 170 23.45 -32.51 -37.16
N VAL R 171 24.18 -31.51 -37.65
CA VAL R 171 23.61 -30.28 -38.15
C VAL R 171 23.54 -30.26 -39.67
N LEU R 172 24.64 -30.59 -40.33
CA LEU R 172 24.68 -30.59 -41.78
C LEU R 172 24.11 -31.87 -42.40
N GLN R 173 23.95 -32.93 -41.62
CA GLN R 173 23.34 -34.18 -42.08
C GLN R 173 24.16 -34.80 -43.21
N LYS R 174 25.44 -35.04 -42.93
CA LYS R 174 26.31 -35.69 -43.91
C LYS R 174 27.66 -35.92 -43.27
N TYR R 175 28.43 -36.85 -43.86
CA TYR R 175 29.79 -37.11 -43.43
C TYR R 175 30.70 -36.02 -44.00
N ASP R 176 31.57 -35.47 -43.16
CA ASP R 176 32.50 -34.46 -43.62
C ASP R 176 33.50 -35.07 -44.60
N GLU R 177 34.00 -34.24 -45.51
CA GLU R 177 34.98 -34.68 -46.50
C GLU R 177 36.35 -34.16 -46.08
N ILE R 178 36.98 -34.90 -45.18
CA ILE R 178 38.37 -34.66 -44.78
C ILE R 178 39.17 -35.89 -45.15
N PRO R 179 40.23 -35.75 -45.95
CA PRO R 179 40.98 -36.93 -46.41
C PRO R 179 41.61 -37.67 -45.24
N GLY R 180 41.64 -39.00 -45.37
CA GLY R 180 42.22 -39.83 -44.35
C GLY R 180 43.73 -39.68 -44.27
N LEU R 181 44.34 -40.56 -43.48
CA LEU R 181 45.77 -40.50 -43.26
C LEU R 181 46.57 -40.72 -44.54
N SER R 182 46.00 -41.41 -45.52
CA SER R 182 46.74 -41.70 -46.76
C SER R 182 46.95 -40.45 -47.62
N HIS R 183 46.54 -39.26 -47.20
CA HIS R 183 46.83 -38.02 -47.90
C HIS R 183 47.57 -37.03 -47.01
N ASN R 184 48.22 -37.52 -45.97
CA ASN R 184 48.84 -36.71 -44.93
C ASN R 184 50.35 -36.78 -45.11
N CYS R 185 50.89 -35.89 -45.94
CA CYS R 185 52.31 -35.92 -46.25
C CYS R 185 53.24 -35.64 -45.06
N PRO R 186 52.83 -34.91 -44.02
CA PRO R 186 53.68 -34.87 -42.81
C PRO R 186 53.93 -36.24 -42.22
N LEU R 187 52.91 -37.10 -42.11
CA LEU R 187 53.15 -38.46 -41.61
C LEU R 187 54.10 -39.20 -42.53
N TRP R 188 53.96 -39.02 -43.84
CA TRP R 188 54.83 -39.71 -44.78
C TRP R 188 56.28 -39.28 -44.59
N CYS R 189 56.52 -37.98 -44.47
CA CYS R 189 57.88 -37.49 -44.26
C CYS R 189 58.44 -37.98 -42.94
N PHE R 190 57.62 -38.00 -41.89
CA PHE R 190 58.03 -38.52 -40.60
C PHE R 190 58.49 -39.96 -40.74
N ARG R 191 57.66 -40.80 -41.36
CA ARG R 191 57.99 -42.22 -41.49
C ARG R 191 59.22 -42.42 -42.36
N GLU R 192 59.34 -41.67 -43.45
CA GLU R 192 60.47 -41.85 -44.35
C GLU R 192 61.78 -41.41 -43.71
N ILE R 193 61.76 -40.30 -42.97
CA ILE R 193 62.97 -39.85 -42.29
C ILE R 193 63.39 -40.86 -41.23
N CYS R 194 62.42 -41.35 -40.45
CA CYS R 194 62.75 -42.34 -39.43
C CYS R 194 63.31 -43.62 -40.06
N ARG R 195 62.73 -44.05 -41.19
CA ARG R 195 63.25 -45.20 -41.91
C ARG R 195 64.70 -44.96 -42.33
N HIS R 196 64.92 -43.93 -43.13
CA HIS R 196 66.24 -43.70 -43.71
C HIS R 196 67.30 -43.43 -42.66
N ILE R 197 66.91 -42.96 -41.46
CA ILE R 197 67.89 -42.82 -40.39
C ILE R 197 68.15 -44.16 -39.72
N SER R 198 67.09 -44.92 -39.44
CA SER R 198 67.26 -46.19 -38.74
C SER R 198 68.06 -47.18 -39.59
N GLY R 199 67.62 -47.40 -40.82
CA GLY R 199 68.29 -48.33 -41.71
C GLY R 199 68.19 -49.76 -41.23
N PRO R 200 69.33 -50.44 -41.16
CA PRO R 200 69.30 -51.87 -40.76
C PRO R 200 69.07 -52.07 -39.28
N LEU R 201 69.26 -51.05 -38.46
CA LEU R 201 69.16 -51.23 -37.01
C LEU R 201 67.73 -51.62 -36.63
N PRO R 202 67.55 -52.50 -35.64
CA PRO R 202 66.19 -52.87 -35.25
C PRO R 202 65.45 -51.76 -34.54
N ASP R 203 66.12 -51.01 -33.67
CA ASP R 203 65.48 -49.89 -32.99
C ASP R 203 65.10 -48.81 -33.99
N ARG R 204 63.87 -48.31 -33.86
CA ARG R 204 63.29 -47.44 -34.88
C ARG R 204 63.25 -45.97 -34.49
N ALA R 205 63.21 -45.65 -33.21
CA ALA R 205 63.11 -44.25 -32.79
C ALA R 205 64.47 -43.56 -32.93
N PRO R 206 64.55 -42.40 -33.59
CA PRO R 206 65.83 -41.74 -33.78
C PRO R 206 66.38 -41.08 -32.52
N TYR R 207 65.58 -40.98 -31.46
CA TYR R 207 66.04 -40.59 -30.13
C TYR R 207 64.87 -40.74 -29.18
N LEU R 208 65.16 -41.10 -27.94
CA LEU R 208 64.13 -41.29 -26.95
C LEU R 208 64.19 -40.16 -25.93
N TYR R 209 63.14 -39.35 -25.90
CA TYR R 209 63.04 -38.26 -24.94
C TYR R 209 62.88 -38.82 -23.54
N LEU R 210 63.68 -38.31 -22.60
CA LEU R 210 63.62 -38.78 -21.22
C LEU R 210 63.65 -37.59 -20.28
N SER R 211 63.47 -37.89 -18.99
CA SER R 211 63.41 -36.84 -17.97
C SER R 211 64.73 -36.09 -17.89
N ALA R 212 65.85 -36.82 -17.80
CA ALA R 212 67.14 -36.18 -17.65
C ALA R 212 67.64 -35.59 -18.97
N GLY R 213 67.86 -36.45 -19.97
CA GLY R 213 68.37 -36.00 -21.25
C GLY R 213 67.95 -36.92 -22.35
N VAL R 214 68.23 -36.49 -23.58
CA VAL R 214 67.86 -37.25 -24.76
C VAL R 214 69.03 -38.14 -25.17
N PHE R 215 68.71 -39.39 -25.53
CA PHE R 215 69.69 -40.32 -26.04
C PHE R 215 69.55 -40.42 -27.55
N TRP R 216 70.66 -40.19 -28.25
CA TRP R 216 70.65 -40.19 -29.71
C TRP R 216 70.83 -41.61 -30.24
N LEU R 217 70.13 -41.94 -31.31
CA LEU R 217 70.31 -43.22 -31.98
C LEU R 217 71.63 -43.17 -32.75
N MET R 218 72.54 -44.09 -32.41
CA MET R 218 73.88 -44.04 -32.96
C MET R 218 73.91 -44.50 -34.41
N SER R 219 73.63 -43.58 -35.33
CA SER R 219 73.62 -43.85 -36.75
C SER R 219 74.36 -42.75 -37.48
N PRO R 220 75.18 -43.11 -38.47
CA PRO R 220 75.91 -42.07 -39.23
C PRO R 220 75.00 -41.14 -40.01
N ARG R 221 73.75 -41.51 -40.23
CA ARG R 221 72.79 -40.66 -40.93
C ARG R 221 72.08 -39.70 -40.00
N MET R 222 72.67 -39.38 -38.85
CA MET R 222 72.01 -38.56 -37.84
C MET R 222 72.63 -37.17 -37.82
N THR R 223 71.81 -36.18 -37.45
CA THR R 223 72.26 -34.80 -37.32
C THR R 223 71.60 -34.20 -36.09
N SER R 224 71.78 -32.90 -35.92
CA SER R 224 71.17 -32.17 -34.80
C SER R 224 69.91 -31.42 -35.22
N ALA R 225 69.51 -31.52 -36.48
CA ALA R 225 68.31 -30.84 -36.96
C ALA R 225 67.07 -31.70 -36.91
N ILE R 226 67.20 -32.98 -36.59
CA ILE R 226 66.11 -33.95 -36.68
C ILE R 226 65.03 -33.76 -35.64
N PRO R 227 65.34 -33.49 -34.37
CA PRO R 227 64.29 -33.27 -33.36
C PRO R 227 63.33 -32.15 -33.75
N PRO R 228 63.83 -30.95 -34.10
CA PRO R 228 62.88 -29.88 -34.46
C PRO R 228 62.11 -30.20 -35.73
N LEU R 229 62.74 -30.84 -36.71
CA LEU R 229 62.04 -31.24 -37.92
C LEU R 229 60.89 -32.19 -37.60
N LEU R 230 61.14 -33.17 -36.72
CA LEU R 230 60.10 -34.12 -36.36
C LEU R 230 58.97 -33.43 -35.61
N SER R 231 59.31 -32.48 -34.72
CA SER R 231 58.27 -31.75 -34.02
C SER R 231 57.40 -30.96 -34.99
N ASP R 232 58.03 -30.31 -35.98
CA ASP R 232 57.27 -29.59 -37.01
C ASP R 232 56.34 -30.53 -37.74
N LEU R 233 56.85 -31.69 -38.18
CA LEU R 233 56.02 -32.60 -38.96
C LEU R 233 54.85 -33.11 -38.14
N VAL R 234 55.08 -33.39 -36.85
CA VAL R 234 53.99 -33.83 -35.99
C VAL R 234 52.93 -32.74 -35.86
N ASN R 235 53.36 -31.50 -35.64
CA ASN R 235 52.40 -30.39 -35.54
C ASN R 235 51.59 -30.25 -36.82
N LEU R 236 52.24 -30.33 -37.98
CA LEU R 236 51.53 -30.16 -39.23
C LEU R 236 50.54 -31.30 -39.46
N ALA R 237 50.93 -32.53 -39.12
CA ALA R 237 50.02 -33.66 -39.28
C ALA R 237 48.78 -33.48 -38.41
N ILE R 238 48.98 -33.14 -37.14
CA ILE R 238 47.83 -32.99 -36.23
C ILE R 238 46.93 -31.85 -36.71
N LEU R 239 47.53 -30.74 -37.16
CA LEU R 239 46.71 -29.62 -37.62
C LEU R 239 45.92 -29.98 -38.86
N GLN R 240 46.54 -30.70 -39.80
CA GLN R 240 45.81 -31.08 -41.00
C GLN R 240 44.67 -32.03 -40.68
N GLN R 241 44.86 -32.90 -39.69
CA GLN R 241 43.79 -33.86 -39.41
C GLN R 241 42.67 -33.27 -38.58
N THR R 242 42.96 -32.37 -37.64
CA THR R 242 41.94 -31.84 -36.76
C THR R 242 41.52 -30.41 -37.09
N ALA R 243 42.04 -29.82 -38.17
CA ALA R 243 41.64 -28.48 -38.56
C ALA R 243 41.21 -28.38 -40.01
N GLY R 244 41.38 -29.43 -40.81
CA GLY R 244 40.94 -29.37 -42.19
C GLY R 244 41.73 -28.44 -43.07
N LEU R 245 43.02 -28.26 -42.78
CA LEU R 245 43.90 -27.55 -43.71
C LEU R 245 43.85 -28.26 -45.06
N ASP R 246 43.93 -27.50 -46.12
CA ASP R 246 43.92 -28.27 -47.36
C ASP R 246 45.31 -28.86 -47.61
N PRO R 247 45.40 -30.01 -48.25
CA PRO R 247 46.70 -30.66 -48.47
C PRO R 247 47.58 -29.96 -49.49
N SER R 248 47.15 -28.83 -50.05
CA SER R 248 47.97 -28.11 -51.01
C SER R 248 48.91 -27.10 -50.36
N LEU R 249 48.63 -26.69 -49.13
CA LEU R 249 49.48 -25.76 -48.40
C LEU R 249 50.34 -26.46 -47.37
N VAL R 250 49.88 -27.59 -46.82
CA VAL R 250 50.72 -28.39 -45.95
C VAL R 250 51.94 -28.88 -46.70
N ARG R 251 51.81 -29.12 -48.02
CA ARG R 251 52.97 -29.48 -48.82
C ARG R 251 54.01 -28.37 -48.82
N LEU R 252 53.56 -27.11 -48.96
CA LEU R 252 54.49 -26.00 -48.95
C LEU R 252 55.15 -25.85 -47.59
N GLY R 253 54.37 -26.02 -46.51
CA GLY R 253 54.97 -25.99 -45.18
C GLY R 253 56.02 -27.06 -44.98
N VAL R 254 55.73 -28.29 -45.41
CA VAL R 254 56.70 -29.37 -45.30
C VAL R 254 57.94 -29.06 -46.15
N GLN R 255 57.74 -28.45 -47.31
CA GLN R 255 58.89 -28.09 -48.14
C GLN R 255 59.79 -27.09 -47.44
N ILE R 256 59.20 -26.08 -46.80
CA ILE R 256 60.01 -25.09 -46.11
C ILE R 256 60.74 -25.72 -44.93
N CYS R 257 60.08 -26.63 -44.21
CA CYS R 257 60.75 -27.30 -43.10
C CYS R 257 61.92 -28.15 -43.61
N LEU R 258 61.75 -28.79 -44.77
CA LEU R 258 62.85 -29.59 -45.31
C LEU R 258 64.02 -28.70 -45.73
N HIS R 259 63.72 -27.59 -46.42
CA HIS R 259 64.78 -26.65 -46.78
C HIS R 259 65.50 -26.13 -45.54
N ALA R 260 64.76 -25.95 -44.45
CA ALA R 260 65.40 -25.53 -43.20
C ALA R 260 66.34 -26.60 -42.69
N ALA R 261 65.87 -27.86 -42.66
CA ALA R 261 66.72 -28.94 -42.16
C ALA R 261 67.92 -29.22 -43.05
N ALA R 262 67.88 -28.78 -44.31
CA ALA R 262 68.99 -29.02 -45.22
C ALA R 262 69.98 -27.88 -45.29
N SER R 263 69.86 -26.87 -44.44
CA SER R 263 70.68 -25.68 -44.51
C SER R 263 71.79 -25.74 -43.47
N SER R 264 72.52 -24.63 -43.31
CA SER R 264 73.62 -24.57 -42.34
C SER R 264 73.10 -24.79 -40.93
N SER R 265 72.24 -23.90 -40.45
CA SER R 265 71.58 -24.09 -39.17
C SER R 265 70.07 -24.00 -39.39
N TYR R 266 69.33 -24.66 -38.52
CA TYR R 266 67.89 -24.81 -38.70
C TYR R 266 67.11 -23.64 -38.11
N ALA R 267 67.40 -23.28 -36.85
CA ALA R 267 66.69 -22.18 -36.22
C ALA R 267 66.94 -20.87 -36.94
N TRP R 268 68.17 -20.67 -37.44
CA TRP R 268 68.47 -19.44 -38.16
C TRP R 268 67.66 -19.31 -39.44
N PHE R 269 67.57 -20.40 -40.21
CA PHE R 269 66.77 -20.37 -41.42
C PHE R 269 65.31 -20.13 -41.10
N ILE R 270 64.79 -20.82 -40.07
CA ILE R 270 63.39 -20.61 -39.70
C ILE R 270 63.15 -19.19 -39.22
N LEU R 271 64.18 -18.55 -38.66
CA LEU R 271 64.04 -17.18 -38.19
C LEU R 271 64.08 -16.18 -39.34
N LYS R 272 64.93 -16.44 -40.34
CA LYS R 272 64.96 -15.58 -41.51
C LYS R 272 63.76 -15.79 -42.42
N THR R 273 63.08 -16.92 -42.27
CA THR R 273 62.02 -17.30 -43.20
C THR R 273 60.70 -17.43 -42.44
N LYS R 274 60.40 -16.46 -41.58
CA LYS R 274 59.22 -16.51 -40.72
C LYS R 274 58.06 -15.71 -41.26
N SER R 275 58.23 -15.04 -42.40
CA SER R 275 57.22 -14.13 -42.92
C SER R 275 57.01 -14.35 -44.41
N ILE R 276 56.84 -15.60 -44.83
CA ILE R 276 56.56 -15.88 -46.23
C ILE R 276 55.09 -16.21 -46.42
N PHE R 277 54.47 -16.82 -45.42
CA PHE R 277 53.05 -17.09 -45.52
C PHE R 277 52.22 -15.84 -45.23
N PRO R 278 52.45 -15.14 -44.13
CA PRO R 278 51.72 -13.88 -43.91
C PRO R 278 52.00 -12.83 -44.97
N GLN R 279 53.25 -12.69 -45.39
CA GLN R 279 53.61 -11.64 -46.34
C GLN R 279 52.98 -11.86 -47.71
N ASN R 280 52.65 -13.11 -48.05
CA ASN R 280 52.12 -13.42 -49.37
C ASN R 280 50.63 -13.74 -49.36
N THR R 281 50.02 -13.95 -48.20
CA THR R 281 48.59 -14.17 -48.12
C THR R 281 47.88 -13.04 -47.36
N LEU R 282 48.23 -12.81 -46.10
CA LEU R 282 47.46 -11.87 -45.29
C LEU R 282 47.73 -10.44 -45.71
N HIS R 283 48.97 -10.12 -46.06
CA HIS R 283 49.36 -8.76 -46.38
C HIS R 283 49.22 -8.45 -47.86
N SER R 284 48.50 -9.27 -48.61
CA SER R 284 48.31 -9.02 -50.03
C SER R 284 46.89 -9.35 -50.51
N MET R 285 45.93 -9.51 -49.60
CA MET R 285 44.59 -9.91 -50.02
C MET R 285 43.86 -8.76 -50.70
N TYR R 286 42.97 -9.14 -51.62
CA TYR R 286 41.94 -8.25 -52.15
C TYR R 286 42.54 -7.04 -52.88
N GLU R 287 43.31 -7.33 -53.91
CA GLU R 287 43.64 -6.30 -54.88
C GLU R 287 42.47 -6.00 -55.81
N SER R 288 41.38 -6.74 -55.71
CA SER R 288 40.20 -6.51 -56.53
C SER R 288 38.99 -7.07 -55.78
N LEU R 289 38.15 -6.18 -55.26
CA LEU R 289 36.94 -6.61 -54.58
C LEU R 289 35.78 -6.76 -55.55
N GLU R 290 34.84 -7.60 -55.15
CA GLU R 290 33.57 -7.73 -55.87
C GLU R 290 32.36 -7.80 -54.96
N GLY R 291 32.53 -7.99 -53.66
CA GLY R 291 31.41 -8.13 -52.76
C GLY R 291 31.84 -8.72 -51.44
N GLY R 292 30.85 -9.01 -50.61
CA GLY R 292 31.09 -9.48 -49.26
C GLY R 292 30.69 -8.45 -48.22
N TYR R 293 30.53 -8.93 -47.00
CA TYR R 293 30.03 -8.10 -45.91
C TYR R 293 31.12 -7.91 -44.85
N CYS R 294 31.17 -6.71 -44.28
CA CYS R 294 32.05 -6.42 -43.17
C CYS R 294 31.24 -5.75 -42.06
N PRO R 295 31.67 -5.90 -40.81
CA PRO R 295 30.88 -5.36 -39.69
C PRO R 295 30.81 -3.85 -39.74
N ASN R 296 29.73 -3.32 -39.19
CA ASN R 296 29.52 -1.88 -39.05
C ASN R 296 29.50 -1.57 -37.57
N LEU R 297 30.68 -1.38 -36.99
CA LEU R 297 30.80 -0.95 -35.61
C LEU R 297 30.79 0.57 -35.54
N GLU R 298 30.30 1.10 -34.43
CA GLU R 298 30.37 2.53 -34.18
C GLU R 298 30.98 2.78 -32.81
N TRP R 299 32.04 3.57 -32.72
CA TRP R 299 32.74 3.80 -31.46
C TRP R 299 32.05 4.91 -30.72
N LEU R 300 31.67 4.67 -29.47
CA LEU R 300 30.90 5.67 -28.75
C LEU R 300 31.70 6.90 -28.42
N GLU R 301 31.05 8.01 -28.14
CA GLU R 301 31.75 9.30 -27.99
C GLU R 301 32.82 9.62 -26.98
N PRO R 302 32.68 9.18 -25.75
CA PRO R 302 33.82 9.45 -24.88
C PRO R 302 34.81 8.33 -25.19
N ARG R 303 35.38 8.31 -26.39
CA ARG R 303 36.24 7.22 -26.84
C ARG R 303 37.13 6.60 -25.81
N SER R 304 37.63 7.40 -24.90
CA SER R 304 38.60 6.92 -23.93
C SER R 304 38.13 5.76 -23.07
N ASP R 305 36.85 5.40 -23.09
CA ASP R 305 36.36 4.32 -22.23
C ASP R 305 36.13 3.01 -22.96
N TYR R 306 36.21 3.02 -24.30
CA TYR R 306 36.14 1.80 -25.10
C TYR R 306 34.79 1.10 -24.96
N LYS R 307 33.76 1.82 -25.38
CA LYS R 307 32.41 1.27 -25.54
C LYS R 307 32.07 1.21 -27.02
N PHE R 308 31.44 0.12 -27.43
CA PHE R 308 31.16 -0.15 -28.83
C PHE R 308 29.67 -0.39 -29.02
N MET R 309 29.29 -0.63 -30.28
CA MET R 309 27.93 -1.04 -30.58
C MET R 309 27.92 -1.61 -32.00
N TYR R 310 27.52 -2.86 -32.14
CA TYR R 310 27.37 -3.45 -33.45
C TYR R 310 26.10 -2.96 -34.10
N MET R 311 26.19 -2.55 -35.37
CA MET R 311 25.07 -1.92 -36.05
C MET R 311 24.77 -2.58 -37.39
N GLY R 312 25.13 -3.84 -37.56
CA GLY R 312 24.81 -4.57 -38.77
C GLY R 312 25.99 -4.69 -39.70
N ALA R 313 25.74 -5.37 -40.81
CA ALA R 313 26.76 -5.67 -41.80
C ALA R 313 26.55 -4.79 -43.02
N MET R 314 27.58 -4.05 -43.41
CA MET R 314 27.43 -3.28 -44.63
C MET R 314 28.09 -3.99 -45.81
N PRO R 315 27.46 -4.00 -46.97
CA PRO R 315 28.06 -4.69 -48.12
C PRO R 315 29.27 -3.94 -48.65
N LEU R 316 30.28 -4.70 -49.06
CA LEU R 316 31.49 -4.13 -49.62
C LEU R 316 31.29 -3.82 -51.10
N SER R 317 32.22 -3.05 -51.66
CA SER R 317 32.13 -2.65 -53.06
C SER R 317 33.54 -2.50 -53.61
N THR R 318 33.61 -2.05 -54.87
CA THR R 318 34.90 -1.93 -55.54
C THR R 318 35.75 -0.82 -54.95
N LYS R 319 35.12 0.21 -54.38
CA LYS R 319 35.87 1.35 -53.89
C LYS R 319 36.71 1.02 -52.67
N TYR R 320 36.43 -0.10 -51.99
CA TYR R 320 37.15 -0.48 -50.79
C TYR R 320 38.27 -1.47 -51.06
N ALA R 321 38.65 -1.65 -52.32
CA ALA R 321 39.74 -2.56 -52.66
C ALA R 321 41.04 -2.11 -52.00
N ARG R 322 42.01 -3.02 -51.95
CA ARG R 322 43.26 -2.74 -51.27
C ARG R 322 44.00 -1.60 -51.96
N SER R 323 44.40 -0.59 -51.19
CA SER R 323 45.09 0.56 -51.73
C SER R 323 46.43 0.83 -51.07
N ALA R 324 46.82 0.03 -50.08
CA ALA R 324 48.14 0.16 -49.50
C ALA R 324 49.21 -0.13 -50.55
N PRO R 325 50.46 0.24 -50.30
CA PRO R 325 51.50 0.02 -51.30
C PRO R 325 51.73 -1.47 -51.53
N SER R 326 52.32 -1.78 -52.68
CA SER R 326 52.49 -3.15 -53.09
C SER R 326 53.56 -3.85 -52.27
N ASN R 327 53.46 -5.17 -52.20
CA ASN R 327 54.35 -6.02 -51.44
C ASN R 327 54.92 -7.12 -52.34
N ASP R 328 55.37 -6.73 -53.53
CA ASP R 328 55.77 -7.68 -54.56
C ASP R 328 57.28 -7.83 -54.67
N LYS R 329 57.98 -6.72 -54.90
CA LYS R 329 59.41 -6.78 -55.14
C LYS R 329 60.16 -7.31 -53.93
N LYS R 330 59.84 -6.78 -52.74
CA LYS R 330 60.52 -7.23 -51.54
C LYS R 330 60.22 -8.68 -51.23
N ALA R 331 58.98 -9.11 -51.42
CA ALA R 331 58.61 -10.49 -51.15
C ALA R 331 59.36 -11.43 -52.08
N ARG R 332 59.44 -11.09 -53.37
CA ARG R 332 60.17 -11.96 -54.28
C ARG R 332 61.67 -11.93 -54.02
N GLU R 333 62.20 -10.80 -53.57
CA GLU R 333 63.61 -10.75 -53.18
C GLU R 333 63.89 -11.71 -52.03
N LEU R 334 63.06 -11.67 -51.00
CA LEU R 334 63.24 -12.58 -49.87
C LEU R 334 63.12 -14.03 -50.33
N GLY R 335 62.10 -14.32 -51.14
CA GLY R 335 61.92 -15.68 -51.60
C GLY R 335 63.07 -16.18 -52.45
N GLU R 336 63.73 -15.29 -53.18
CA GLU R 336 64.84 -15.70 -54.04
C GLU R 336 66.13 -15.85 -53.25
N LYS R 337 66.33 -15.03 -52.21
CA LYS R 337 67.58 -15.10 -51.46
C LYS R 337 67.78 -16.42 -50.75
N TYR R 338 66.71 -17.17 -50.50
CA TYR R 338 66.79 -18.41 -49.75
C TYR R 338 66.34 -19.62 -50.55
N GLY R 339 66.13 -19.48 -51.85
CA GLY R 339 65.73 -20.59 -52.68
C GLY R 339 64.26 -20.93 -52.62
N LEU R 340 63.48 -20.26 -51.80
CA LEU R 340 62.05 -20.51 -51.70
C LEU R 340 61.26 -19.66 -52.69
N SER R 341 61.66 -19.71 -53.96
CA SER R 341 60.98 -18.91 -54.97
C SER R 341 59.76 -19.59 -55.53
N SER R 342 59.77 -20.92 -55.66
CA SER R 342 58.58 -21.62 -56.14
C SER R 342 57.44 -21.49 -55.15
N VAL R 343 57.73 -21.60 -53.85
CA VAL R 343 56.68 -21.47 -52.84
C VAL R 343 56.09 -20.06 -52.86
N VAL R 344 56.96 -19.05 -52.95
CA VAL R 344 56.49 -17.68 -52.98
C VAL R 344 55.64 -17.41 -54.20
N SER R 345 56.07 -17.92 -55.36
CA SER R 345 55.29 -17.72 -56.58
C SER R 345 53.95 -18.44 -56.49
N GLU R 346 53.93 -19.63 -55.90
CA GLU R 346 52.67 -20.36 -55.75
C GLU R 346 51.70 -19.59 -54.86
N LEU R 347 52.18 -19.07 -53.74
CA LEU R 347 51.30 -18.30 -52.86
C LEU R 347 50.83 -17.02 -53.54
N ARG R 348 51.76 -16.30 -54.18
CA ARG R 348 51.44 -15.04 -54.84
C ARG R 348 50.46 -15.25 -55.98
N ARG R 349 50.46 -16.43 -56.59
CA ARG R 349 49.51 -16.73 -57.65
C ARG R 349 48.16 -17.14 -57.07
N ARG R 350 48.15 -18.08 -56.14
CA ARG R 350 46.90 -18.57 -55.58
C ARG R 350 46.13 -17.49 -54.82
N THR R 351 46.82 -16.47 -54.31
CA THR R 351 46.13 -15.42 -53.57
C THR R 351 45.35 -14.48 -54.47
N LYS R 352 45.75 -14.32 -55.73
CA LYS R 352 45.10 -13.39 -56.64
C LYS R 352 43.78 -13.90 -57.18
N THR R 353 43.31 -15.06 -56.73
CA THR R 353 42.06 -15.63 -57.22
C THR R 353 40.91 -15.43 -56.24
N TYR R 354 41.11 -14.67 -55.18
CA TYR R 354 40.08 -14.40 -54.19
C TYR R 354 39.69 -12.93 -54.31
N SER R 355 38.44 -12.68 -54.70
CA SER R 355 37.96 -11.33 -54.94
C SER R 355 36.63 -11.08 -54.24
N LYS R 356 36.39 -11.79 -53.13
CA LYS R 356 35.15 -11.61 -52.39
C LYS R 356 35.43 -11.91 -50.93
N HIS R 357 35.14 -10.96 -50.04
CA HIS R 357 35.31 -11.20 -48.62
C HIS R 357 34.28 -12.24 -48.18
N ASP R 358 34.76 -13.46 -47.96
CA ASP R 358 33.90 -14.62 -47.80
C ASP R 358 34.48 -15.51 -46.72
N PHE R 359 33.71 -16.52 -46.31
CA PHE R 359 34.25 -17.52 -45.39
C PHE R 359 35.42 -18.25 -46.01
N THR R 360 35.35 -18.51 -47.32
CA THR R 360 36.40 -19.30 -47.96
C THR R 360 37.73 -18.56 -47.98
N SER R 361 37.71 -17.24 -48.17
CA SER R 361 38.97 -16.51 -48.23
C SER R 361 39.63 -16.39 -46.86
N VAL R 362 38.83 -16.15 -45.81
CA VAL R 362 39.40 -16.12 -44.48
C VAL R 362 39.91 -17.50 -44.08
N ARG R 363 39.23 -18.56 -44.53
CA ARG R 363 39.77 -19.90 -44.29
C ARG R 363 41.08 -20.09 -45.03
N TYR R 364 41.18 -19.54 -46.25
CA TYR R 364 42.44 -19.61 -46.98
C TYR R 364 43.56 -18.95 -46.20
N ILE R 365 43.29 -17.78 -45.64
CA ILE R 365 44.32 -17.08 -44.87
C ILE R 365 44.70 -17.88 -43.63
N ARG R 366 43.70 -18.42 -42.93
CA ARG R 366 43.99 -19.21 -41.73
C ARG R 366 44.84 -20.43 -42.07
N ASP R 367 44.51 -21.13 -43.16
CA ASP R 367 45.28 -22.30 -43.55
C ASP R 367 46.69 -21.92 -43.97
N ALA R 368 46.83 -20.83 -44.73
CA ALA R 368 48.14 -20.40 -45.18
C ALA R 368 49.02 -19.97 -44.02
N MET R 369 48.42 -19.52 -42.93
CA MET R 369 49.20 -19.03 -41.80
C MET R 369 49.40 -20.09 -40.73
N ALA R 370 48.64 -21.17 -40.74
CA ALA R 370 48.92 -22.28 -39.84
C ALA R 370 50.05 -23.16 -40.33
N CYS R 371 50.62 -22.89 -41.50
CA CYS R 371 51.65 -23.73 -42.10
C CYS R 371 53.07 -23.25 -41.79
N THR R 372 53.24 -22.36 -40.83
CA THR R 372 54.56 -21.89 -40.45
C THR R 372 55.01 -22.63 -39.20
N SER R 373 56.30 -22.94 -39.12
CA SER R 373 56.80 -23.76 -38.03
C SER R 373 56.62 -23.07 -36.68
N GLY R 374 56.33 -23.87 -35.66
CA GLY R 374 56.06 -23.35 -34.33
C GLY R 374 57.07 -23.81 -33.30
N ILE R 375 58.34 -23.76 -33.64
CA ILE R 375 59.40 -24.25 -32.77
C ILE R 375 59.85 -23.14 -31.83
N PHE R 376 60.26 -23.54 -30.63
CA PHE R 376 60.93 -22.64 -29.69
C PHE R 376 62.39 -22.52 -30.11
N LEU R 377 62.77 -21.38 -30.65
CA LEU R 377 64.15 -21.18 -31.06
C LEU R 377 65.07 -21.18 -29.84
N VAL R 378 66.26 -21.75 -29.99
CA VAL R 378 67.19 -21.95 -28.88
C VAL R 378 68.60 -21.58 -29.31
N ARG R 379 69.33 -20.93 -28.40
CA ARG R 379 70.75 -20.67 -28.59
C ARG R 379 71.40 -20.51 -27.23
N THR R 380 72.73 -20.54 -27.23
CA THR R 380 73.48 -20.50 -25.99
C THR R 380 73.27 -19.15 -25.29
N PRO R 381 73.23 -19.13 -23.96
CA PRO R 381 73.03 -17.85 -23.25
C PRO R 381 74.12 -16.84 -23.55
N THR R 382 75.36 -17.27 -23.66
CA THR R 382 76.45 -16.36 -23.97
C THR R 382 76.36 -15.76 -25.35
N GLU R 383 75.51 -16.30 -26.23
CA GLU R 383 75.26 -15.68 -27.52
C GLU R 383 74.14 -14.66 -27.45
N THR R 384 73.08 -14.95 -26.69
CA THR R 384 72.03 -13.97 -26.47
C THR R 384 72.60 -12.72 -25.81
N VAL R 385 73.37 -12.91 -24.74
CA VAL R 385 73.90 -11.77 -23.99
C VAL R 385 74.87 -10.96 -24.84
N LEU R 386 75.57 -11.60 -25.77
CA LEU R 386 76.56 -10.89 -26.57
C LEU R 386 76.00 -10.31 -27.86
N GLN R 387 74.82 -10.74 -28.29
CA GLN R 387 74.19 -10.13 -29.45
C GLN R 387 73.17 -9.07 -29.08
N GLU R 388 72.25 -9.38 -28.15
CA GLU R 388 71.22 -8.42 -27.79
C GLU R 388 71.80 -7.23 -27.04
N TYR R 389 72.56 -7.48 -25.98
CA TYR R 389 72.97 -6.44 -25.06
C TYR R 389 74.06 -5.54 -25.59
N THR R 390 74.53 -5.74 -26.82
CA THR R 390 75.50 -4.84 -27.41
C THR R 390 74.86 -3.73 -28.22
N GLN R 391 73.56 -3.78 -28.43
CA GLN R 391 72.88 -2.73 -29.19
C GLN R 391 72.83 -1.44 -28.38
N SER R 392 72.99 -0.32 -29.07
CA SER R 392 73.05 0.98 -28.45
C SER R 392 72.24 1.96 -29.29
N PRO R 393 71.66 2.99 -28.66
CA PRO R 393 70.83 3.93 -29.42
C PRO R 393 71.64 4.69 -30.46
N GLU R 394 70.94 5.12 -31.51
CA GLU R 394 71.49 5.81 -32.67
C GLU R 394 70.88 7.20 -32.71
N ILE R 395 71.45 8.12 -31.93
CA ILE R 395 70.82 9.40 -31.65
C ILE R 395 71.41 10.44 -32.58
N LYS R 396 70.60 10.88 -33.55
CA LYS R 396 71.08 11.68 -34.67
C LYS R 396 71.00 13.18 -34.42
N VAL R 397 70.20 13.62 -33.46
CA VAL R 397 70.09 15.03 -33.11
C VAL R 397 70.10 15.15 -31.59
N PRO R 398 71.26 15.12 -30.96
CA PRO R 398 71.29 15.10 -29.49
C PRO R 398 70.90 16.45 -28.91
N ILE R 399 70.52 16.41 -27.64
CA ILE R 399 70.24 17.66 -26.92
C ILE R 399 71.53 18.47 -26.81
N PRO R 400 71.53 19.74 -27.20
CA PRO R 400 72.75 20.53 -27.15
C PRO R 400 73.26 20.67 -25.72
N GLN R 401 74.58 20.70 -25.58
CA GLN R 401 75.18 20.79 -24.26
C GLN R 401 74.85 22.09 -23.56
N LYS R 402 74.56 23.14 -24.31
CA LYS R 402 74.21 24.45 -23.74
C LYS R 402 72.75 24.55 -23.34
N ASP R 403 72.02 23.43 -23.29
CA ASP R 403 70.63 23.42 -22.85
C ASP R 403 70.47 22.71 -21.51
N TRP R 404 71.56 22.53 -20.78
CA TRP R 404 71.54 21.93 -19.45
C TRP R 404 72.13 22.93 -18.46
N THR R 405 71.42 23.14 -17.36
CA THR R 405 71.95 23.98 -16.30
C THR R 405 73.08 23.25 -15.58
N GLY R 406 73.60 23.88 -14.54
CA GLY R 406 74.60 23.26 -13.72
C GLY R 406 74.03 22.06 -12.99
N PRO R 407 74.89 21.37 -12.24
CA PRO R 407 74.45 20.14 -11.57
C PRO R 407 73.70 20.44 -10.29
N ILE R 408 72.71 19.61 -10.00
CA ILE R 408 72.07 19.56 -8.69
C ILE R 408 72.27 18.13 -8.20
N GLY R 409 73.37 17.88 -7.51
CA GLY R 409 73.73 16.53 -7.15
C GLY R 409 74.15 15.72 -8.37
N GLU R 410 73.30 14.78 -8.78
CA GLU R 410 73.60 13.91 -9.91
C GLU R 410 72.79 14.28 -11.15
N ILE R 411 72.16 15.45 -11.17
CA ILE R 411 71.15 15.77 -12.17
C ILE R 411 71.37 17.18 -12.69
N ARG R 412 71.10 17.38 -13.97
CA ARG R 412 71.07 18.69 -14.61
C ARG R 412 69.68 18.94 -15.15
N ILE R 413 69.30 20.20 -15.28
CA ILE R 413 67.94 20.58 -15.65
C ILE R 413 67.93 21.14 -17.06
N LEU R 414 66.87 20.84 -17.79
CA LEU R 414 66.67 21.44 -19.11
C LEU R 414 66.38 22.93 -18.96
N LYS R 415 67.16 23.76 -19.65
CA LYS R 415 66.86 25.18 -19.69
C LYS R 415 65.51 25.40 -20.37
N ASP R 416 64.73 26.32 -19.81
CA ASP R 416 63.38 26.56 -20.32
C ASP R 416 63.39 27.08 -21.75
N THR R 417 64.52 27.65 -22.20
CA THR R 417 64.66 28.16 -23.56
C THR R 417 65.35 27.17 -24.48
N THR R 418 65.15 25.88 -24.26
CA THR R 418 65.76 24.88 -25.13
C THR R 418 65.04 24.86 -26.47
N SER R 419 65.81 24.64 -27.54
CA SER R 419 65.28 24.54 -28.88
C SER R 419 65.00 23.11 -29.29
N SER R 420 65.17 22.16 -28.39
CA SER R 420 65.04 20.76 -28.72
C SER R 420 63.57 20.33 -28.69
N ILE R 421 63.34 19.05 -28.98
CA ILE R 421 62.02 18.46 -28.86
C ILE R 421 61.82 17.79 -27.51
N ALA R 422 62.85 17.73 -26.68
CA ALA R 422 62.74 17.10 -25.37
C ALA R 422 61.96 17.94 -24.38
N ARG R 423 61.64 19.19 -24.71
CA ARG R 423 60.94 20.05 -23.75
C ARG R 423 59.53 19.55 -23.50
N TYR R 424 58.87 18.99 -24.50
CA TYR R 424 57.53 18.48 -24.28
C TYR R 424 57.54 17.21 -23.43
N LEU R 425 58.55 16.37 -23.62
CA LEU R 425 58.77 15.25 -22.73
C LEU R 425 58.97 15.72 -21.30
N TYR R 426 59.85 16.71 -21.11
CA TYR R 426 60.11 17.25 -19.79
C TYR R 426 58.86 17.80 -19.15
N ARG R 427 58.06 18.54 -19.92
CA ARG R 427 56.82 19.11 -19.39
C ARG R 427 55.85 18.03 -18.96
N THR R 428 55.68 16.99 -19.79
CA THR R 428 54.74 15.92 -19.45
C THR R 428 55.16 15.24 -18.15
N TRP R 429 56.41 14.84 -18.05
CA TRP R 429 56.85 14.14 -16.83
C TRP R 429 56.83 15.07 -15.62
N TYR R 430 57.12 16.36 -15.80
CA TYR R 430 57.09 17.29 -14.69
C TYR R 430 55.67 17.45 -14.15
N LEU R 431 54.71 17.70 -15.04
CA LEU R 431 53.33 17.84 -14.60
C LEU R 431 52.82 16.55 -13.96
N ALA R 432 53.19 15.41 -14.52
CA ALA R 432 52.76 14.14 -13.93
C ALA R 432 53.33 13.96 -12.52
N ALA R 433 54.61 14.25 -12.33
CA ALA R 433 55.21 14.11 -11.01
C ALA R 433 54.56 15.05 -10.01
N ALA R 434 54.30 16.29 -10.42
CA ALA R 434 53.68 17.24 -9.50
C ALA R 434 52.29 16.76 -9.09
N ARG R 435 51.48 16.33 -10.05
CA ARG R 435 50.13 15.92 -9.72
C ARG R 435 50.12 14.62 -8.92
N MET R 436 51.06 13.72 -9.19
CA MET R 436 51.18 12.52 -8.37
C MET R 436 51.49 12.86 -6.93
N ALA R 437 52.56 13.63 -6.71
CA ALA R 437 52.98 13.95 -5.36
C ALA R 437 51.97 14.84 -4.62
N ALA R 438 51.11 15.56 -5.35
CA ALA R 438 50.15 16.41 -4.67
C ALA R 438 49.03 15.63 -3.99
N GLN R 439 48.76 14.42 -4.46
CA GLN R 439 47.66 13.65 -3.89
C GLN R 439 47.96 13.28 -2.43
N PRO R 440 47.02 13.48 -1.51
CA PRO R 440 47.28 13.14 -0.11
C PRO R 440 47.31 11.65 0.17
N ARG R 441 46.90 10.81 -0.79
CA ARG R 441 46.93 9.38 -0.56
C ARG R 441 48.35 8.86 -0.45
N THR R 442 49.30 9.46 -1.17
CA THR R 442 50.67 8.98 -1.22
C THR R 442 51.48 9.34 0.02
N TRP R 443 50.83 9.77 1.10
CA TRP R 443 51.56 10.20 2.29
C TRP R 443 51.11 9.49 3.56
N ASP R 444 50.31 8.45 3.45
CA ASP R 444 50.02 7.68 4.65
C ASP R 444 50.94 6.48 4.75
N PRO R 445 51.06 5.88 5.93
CA PRO R 445 51.91 4.68 6.04
C PRO R 445 51.37 3.49 5.27
N LEU R 446 50.06 3.43 5.04
CA LEU R 446 49.51 2.27 4.36
C LEU R 446 49.95 2.21 2.90
N PHE R 447 49.90 3.33 2.19
CA PHE R 447 50.35 3.34 0.79
C PHE R 447 51.84 3.08 0.70
N GLN R 448 52.62 3.70 1.59
CA GLN R 448 54.05 3.42 1.68
C GLN R 448 54.32 1.94 1.84
N ALA R 449 53.59 1.29 2.77
CA ALA R 449 53.82 -0.12 3.02
C ALA R 449 53.37 -1.00 1.86
N ILE R 450 52.28 -0.62 1.20
CA ILE R 450 51.82 -1.39 0.04
C ILE R 450 52.87 -1.34 -1.07
N MET R 451 53.37 -0.14 -1.35
CA MET R 451 54.40 -0.02 -2.38
C MET R 451 55.68 -0.73 -1.97
N ARG R 452 55.99 -0.77 -0.68
CA ARG R 452 57.16 -1.52 -0.22
C ARG R 452 56.98 -3.01 -0.49
N SER R 453 55.83 -3.55 -0.10
CA SER R 453 55.58 -4.99 -0.22
C SER R 453 55.19 -5.42 -1.62
N GLN R 454 55.07 -4.48 -2.57
CA GLN R 454 54.69 -4.85 -3.91
C GLN R 454 55.71 -5.77 -4.57
N TYR R 455 56.99 -5.60 -4.26
CA TYR R 455 58.06 -6.31 -4.94
C TYR R 455 58.76 -7.35 -4.07
N VAL R 456 58.20 -7.68 -2.92
CA VAL R 456 58.78 -8.69 -2.03
C VAL R 456 58.07 -10.00 -2.35
N THR R 457 58.59 -10.73 -3.33
CA THR R 457 57.98 -11.94 -3.82
C THR R 457 58.90 -13.14 -3.57
N ALA R 458 58.41 -14.32 -3.91
CA ALA R 458 59.15 -15.57 -3.73
C ALA R 458 60.04 -15.89 -4.93
N ARG R 459 60.21 -14.97 -5.85
CA ARG R 459 61.05 -15.17 -7.03
C ARG R 459 62.40 -14.51 -6.83
N GLY R 460 63.39 -15.03 -7.55
CA GLY R 460 64.77 -14.63 -7.30
C GLY R 460 65.02 -13.16 -7.57
N GLY R 461 66.03 -12.63 -6.90
CA GLY R 461 66.41 -11.24 -7.07
C GLY R 461 67.92 -11.05 -7.05
N SER R 462 68.66 -12.14 -7.24
CA SER R 462 70.12 -12.12 -7.22
C SER R 462 70.62 -11.63 -5.85
N GLY R 463 70.21 -12.33 -4.80
CA GLY R 463 70.58 -11.92 -3.46
C GLY R 463 72.05 -12.08 -3.17
N ALA R 464 72.74 -12.92 -3.94
CA ALA R 464 74.17 -13.13 -3.73
C ALA R 464 74.92 -11.82 -3.87
N THR R 465 74.92 -11.24 -5.07
CA THR R 465 75.70 -10.04 -5.34
C THR R 465 75.32 -8.89 -4.40
N LEU R 466 74.06 -8.82 -4.00
CA LEU R 466 73.67 -7.91 -2.92
C LEU R 466 74.48 -8.20 -1.66
N ARG R 467 74.54 -9.46 -1.26
CA ARG R 467 75.23 -9.83 -0.02
C ARG R 467 76.72 -9.49 -0.11
N GLU R 468 77.38 -9.95 -1.17
CA GLU R 468 78.81 -9.72 -1.33
C GLU R 468 79.16 -8.32 -1.79
N SER R 469 78.16 -7.47 -2.03
CA SER R 469 78.45 -6.06 -2.20
C SER R 469 78.30 -5.31 -0.90
N LEU R 470 77.33 -5.70 -0.07
CA LEU R 470 77.28 -5.16 1.28
C LEU R 470 78.49 -5.58 2.10
N TYR R 471 79.04 -6.77 1.81
CA TYR R 471 80.22 -7.23 2.54
C TYR R 471 81.42 -6.33 2.28
N ALA R 472 81.47 -5.68 1.12
CA ALA R 472 82.64 -4.89 0.74
C ALA R 472 82.79 -3.61 1.55
N ILE R 473 81.82 -3.25 2.39
CA ILE R 473 81.92 -2.09 3.25
C ILE R 473 81.81 -2.47 4.72
N ASN R 474 82.07 -3.75 5.04
CA ASN R 474 82.14 -4.20 6.42
C ASN R 474 80.81 -4.03 7.16
N VAL R 475 79.74 -4.54 6.57
CA VAL R 475 78.44 -4.62 7.23
C VAL R 475 77.97 -6.06 7.18
N SER R 476 77.47 -6.55 8.30
CA SER R 476 77.06 -7.94 8.42
C SER R 476 75.61 -8.12 7.99
N LEU R 477 75.21 -9.38 7.86
CA LEU R 477 73.85 -9.73 7.49
C LEU R 477 73.52 -11.08 8.10
N PRO R 478 72.34 -11.24 8.68
CA PRO R 478 71.95 -12.55 9.20
C PRO R 478 71.89 -13.58 8.08
N ASP R 479 72.18 -14.84 8.43
CA ASP R 479 72.15 -15.92 7.46
C ASP R 479 71.04 -16.92 7.68
N PHE R 480 70.57 -17.08 8.92
CA PHE R 480 69.46 -17.97 9.25
C PHE R 480 69.77 -19.41 8.84
N LYS R 481 70.80 -19.97 9.48
CA LYS R 481 71.24 -21.32 9.16
C LYS R 481 70.22 -22.34 9.62
N GLY R 482 69.91 -23.28 8.74
CA GLY R 482 68.98 -24.33 9.06
C GLY R 482 67.53 -24.06 8.71
N LEU R 483 67.28 -23.18 7.76
CA LEU R 483 65.90 -22.88 7.41
C LEU R 483 65.51 -23.59 6.13
N PRO R 484 64.35 -24.26 6.09
CA PRO R 484 63.92 -24.95 4.87
C PRO R 484 63.48 -24.02 3.75
N VAL R 485 63.60 -22.71 3.93
CA VAL R 485 63.15 -21.75 2.93
C VAL R 485 64.17 -21.67 1.81
N LYS R 486 63.68 -21.34 0.61
CA LYS R 486 64.55 -21.14 -0.53
C LYS R 486 65.56 -20.03 -0.24
N ALA R 487 66.71 -20.11 -0.92
CA ALA R 487 67.79 -19.17 -0.65
C ALA R 487 67.74 -17.93 -1.52
N ALA R 488 67.44 -18.09 -2.82
CA ALA R 488 67.45 -16.95 -3.75
C ALA R 488 66.02 -16.44 -3.95
N THR R 489 65.53 -15.73 -2.95
CA THR R 489 64.21 -15.14 -3.01
C THR R 489 64.24 -13.75 -2.39
N LYS R 490 63.48 -12.82 -2.98
CA LYS R 490 63.41 -11.48 -2.45
C LYS R 490 62.85 -11.42 -1.05
N ILE R 491 62.05 -12.42 -0.65
CA ILE R 491 61.65 -12.53 0.74
C ILE R 491 62.89 -12.68 1.63
N PHE R 492 63.85 -13.47 1.17
CA PHE R 492 65.09 -13.67 1.91
C PHE R 492 65.88 -12.37 2.02
N GLN R 493 66.00 -11.63 0.91
CA GLN R 493 66.67 -10.34 0.95
C GLN R 493 65.99 -9.39 1.93
N ALA R 494 64.65 -9.31 1.85
CA ALA R 494 63.91 -8.39 2.69
C ALA R 494 64.08 -8.74 4.16
N ALA R 495 64.07 -10.04 4.49
CA ALA R 495 64.31 -10.44 5.86
C ALA R 495 65.71 -10.06 6.30
N GLN R 496 66.69 -10.16 5.40
CA GLN R 496 68.05 -9.71 5.74
C GLN R 496 68.08 -8.21 6.03
N LEU R 497 67.38 -7.41 5.21
CA LEU R 497 67.55 -5.97 5.19
C LEU R 497 66.52 -5.23 6.05
N ALA R 498 66.11 -5.83 7.16
CA ALA R 498 65.09 -5.18 8.00
C ALA R 498 65.68 -4.04 8.81
N ASN R 499 66.64 -4.35 9.69
CA ASN R 499 67.20 -3.34 10.59
C ASN R 499 68.50 -2.80 10.02
N LEU R 500 68.38 -2.10 8.90
CA LEU R 500 69.56 -1.51 8.28
C LEU R 500 69.25 -0.11 7.78
N PRO R 501 70.03 0.88 8.19
CA PRO R 501 69.81 2.25 7.71
C PRO R 501 69.96 2.33 6.20
N PHE R 502 69.34 3.36 5.62
CA PHE R 502 69.37 3.50 4.17
C PHE R 502 70.77 3.80 3.66
N SER R 503 71.58 4.53 4.43
CA SER R 503 72.93 4.84 3.99
C SER R 503 73.82 3.61 3.94
N HIS R 504 73.44 2.52 4.59
CA HIS R 504 74.18 1.28 4.52
C HIS R 504 73.77 0.46 3.30
N THR R 505 72.48 0.20 3.14
CA THR R 505 72.02 -0.59 2.01
C THR R 505 72.07 0.17 0.70
N SER R 506 72.30 1.47 0.72
CA SER R 506 72.35 2.23 -0.52
C SER R 506 73.56 1.89 -1.38
N VAL R 507 74.59 1.27 -0.80
CA VAL R 507 75.72 0.85 -1.59
C VAL R 507 75.38 -0.35 -2.47
N ALA R 508 74.35 -1.09 -2.12
CA ALA R 508 73.91 -2.24 -2.89
C ALA R 508 73.02 -1.87 -4.06
N ILE R 509 72.88 -0.57 -4.36
CA ILE R 509 72.09 -0.17 -5.50
C ILE R 509 72.89 -0.30 -6.79
N LEU R 510 74.22 -0.20 -6.70
CA LEU R 510 75.08 -0.35 -7.86
C LEU R 510 75.50 -1.80 -8.09
N ALA R 511 75.04 -2.73 -7.26
CA ALA R 511 75.38 -4.13 -7.44
C ALA R 511 74.82 -4.64 -8.77
N ASP R 512 75.41 -5.71 -9.27
CA ASP R 512 75.02 -6.24 -10.56
C ASP R 512 73.80 -7.16 -10.42
N THR R 513 73.33 -7.66 -11.55
CA THR R 513 72.14 -8.51 -11.59
C THR R 513 72.48 -9.85 -12.22
N SER R 514 71.74 -10.88 -11.81
CA SER R 514 71.89 -12.20 -12.40
C SER R 514 71.19 -12.22 -13.75
N MET R 515 71.09 -13.38 -14.38
CA MET R 515 70.52 -13.49 -15.71
C MET R 515 69.35 -14.48 -15.72
N GLY R 516 68.37 -14.17 -16.56
CA GLY R 516 67.30 -15.11 -16.86
C GLY R 516 67.14 -15.25 -18.35
N LEU R 517 66.57 -16.39 -18.75
CA LEU R 517 66.42 -16.72 -20.15
C LEU R 517 65.05 -17.31 -20.40
N ARG R 518 64.59 -17.21 -21.63
CA ARG R 518 63.32 -17.80 -22.03
C ARG R 518 63.19 -17.74 -23.55
N ASN R 519 62.81 -18.84 -24.19
CA ASN R 519 62.66 -18.91 -25.63
C ASN R 519 61.22 -18.60 -26.03
N GLN R 520 60.96 -18.54 -27.33
CA GLN R 520 59.63 -18.23 -27.83
C GLN R 520 59.37 -18.97 -29.13
N VAL R 521 58.21 -18.70 -29.73
CA VAL R 521 57.91 -19.15 -31.09
C VAL R 521 58.29 -18.03 -32.04
N GLN R 522 59.17 -18.32 -32.98
CA GLN R 522 59.45 -17.41 -34.09
C GLN R 522 60.03 -16.09 -33.59
N ARG R 523 60.88 -16.16 -32.59
CA ARG R 523 61.52 -14.96 -32.08
C ARG R 523 62.70 -15.38 -31.23
N ARG R 524 63.73 -14.53 -31.22
CA ARG R 524 64.97 -14.86 -30.55
C ARG R 524 64.72 -15.11 -29.07
N PRO R 525 65.62 -15.86 -28.42
CA PRO R 525 65.40 -16.20 -27.00
C PRO R 525 65.35 -14.96 -26.13
N ARG R 526 64.34 -14.90 -25.25
CA ARG R 526 64.15 -13.76 -24.38
C ARG R 526 65.36 -13.55 -23.47
N SER R 527 65.40 -12.41 -22.81
CA SER R 527 66.38 -12.17 -21.77
C SER R 527 65.71 -11.45 -20.62
N ILE R 528 66.30 -11.59 -19.44
CA ILE R 528 65.66 -11.20 -18.18
C ILE R 528 66.72 -10.65 -17.25
N MET R 529 66.32 -9.72 -16.38
CA MET R 529 67.19 -9.35 -15.28
C MET R 529 66.36 -9.01 -14.04
N PRO R 530 66.52 -9.76 -12.97
CA PRO R 530 65.85 -9.40 -11.72
C PRO R 530 66.66 -8.43 -10.89
N LEU R 531 66.08 -7.28 -10.55
CA LEU R 531 66.75 -6.31 -9.71
C LEU R 531 66.49 -6.65 -8.25
N ASN R 532 67.46 -6.34 -7.39
CA ASN R 532 67.36 -6.70 -5.98
C ASN R 532 66.34 -5.81 -5.29
N VAL R 533 66.23 -5.95 -3.98
CA VAL R 533 65.25 -5.20 -3.19
C VAL R 533 65.58 -3.72 -3.12
N PRO R 534 66.82 -3.32 -2.83
CA PRO R 534 67.13 -1.88 -2.84
C PRO R 534 66.89 -1.22 -4.18
N GLN R 535 67.29 -1.86 -5.28
CA GLN R 535 67.10 -1.26 -6.59
C GLN R 535 65.64 -1.20 -6.99
N GLN R 536 64.82 -2.12 -6.49
CA GLN R 536 63.38 -2.02 -6.72
C GLN R 536 62.75 -0.97 -5.82
N GLN R 537 63.32 -0.74 -4.65
CA GLN R 537 62.80 0.28 -3.76
C GLN R 537 63.05 1.67 -4.31
N VAL R 538 64.29 1.96 -4.70
CA VAL R 538 64.65 3.31 -5.12
C VAL R 538 64.01 3.72 -6.43
N SER R 539 63.38 2.79 -7.15
CA SER R 539 62.74 3.10 -8.42
C SER R 539 61.23 3.28 -8.28
N ALA R 540 60.78 3.82 -7.15
CA ALA R 540 59.36 4.00 -6.88
C ALA R 540 58.79 5.24 -7.58
N PRO R 541 59.44 6.41 -7.48
CA PRO R 541 58.88 7.60 -8.15
C PRO R 541 58.75 7.43 -9.66
N HIS R 542 59.70 6.75 -10.29
CA HIS R 542 59.64 6.52 -11.73
C HIS R 542 58.37 5.76 -12.10
N THR R 543 58.09 4.66 -11.41
CA THR R 543 56.91 3.87 -11.74
C THR R 543 55.62 4.59 -11.35
N LEU R 544 55.64 5.33 -10.24
CA LEU R 544 54.43 6.05 -9.85
C LEU R 544 54.08 7.14 -10.85
N THR R 545 55.08 7.88 -11.32
CA THR R 545 54.83 8.91 -12.32
C THR R 545 54.38 8.30 -13.63
N ALA R 546 55.00 7.18 -14.03
CA ALA R 546 54.56 6.50 -15.24
C ALA R 546 53.10 6.05 -15.13
N ASP R 547 52.71 5.55 -13.95
CA ASP R 547 51.33 5.13 -13.76
C ASP R 547 50.37 6.31 -13.84
N TYR R 548 50.73 7.43 -13.21
CA TYR R 548 49.87 8.60 -13.29
C TYR R 548 49.71 9.07 -14.73
N ILE R 549 50.80 9.06 -15.49
CA ILE R 549 50.72 9.44 -16.89
C ILE R 549 49.81 8.51 -17.66
N ASN R 550 49.96 7.20 -17.44
CA ASN R 550 49.16 6.23 -18.20
C ASN R 550 47.69 6.34 -17.86
N TYR R 551 47.34 6.68 -16.62
CA TYR R 551 45.95 6.60 -16.21
C TYR R 551 45.21 7.93 -16.23
N HIS R 552 45.90 9.05 -16.14
CA HIS R 552 45.21 10.33 -16.05
C HIS R 552 45.57 11.30 -17.16
N MET R 553 46.86 11.51 -17.44
CA MET R 553 47.24 12.59 -18.34
C MET R 553 47.10 12.18 -19.81
N ASN R 554 47.90 11.20 -20.25
CA ASN R 554 47.83 10.83 -21.67
C ASN R 554 46.63 9.94 -21.94
N LEU R 555 46.50 8.83 -21.21
CA LEU R 555 45.26 8.07 -21.18
C LEU R 555 44.96 7.43 -22.53
N SER R 556 45.98 6.91 -23.19
CA SER R 556 45.82 6.21 -24.47
C SER R 556 46.55 4.88 -24.36
N THR R 557 45.87 3.88 -23.80
CA THR R 557 46.49 2.59 -23.57
C THR R 557 45.41 1.59 -23.17
N THR R 558 45.74 0.31 -23.30
CA THR R 558 44.83 -0.77 -22.95
C THR R 558 45.29 -1.54 -21.71
N SER R 559 46.35 -1.09 -21.06
CA SER R 559 46.82 -1.76 -19.86
C SER R 559 45.80 -1.63 -18.74
N GLY R 560 45.65 -2.68 -17.95
CA GLY R 560 44.66 -2.71 -16.90
C GLY R 560 43.25 -2.99 -17.34
N SER R 561 43.02 -3.20 -18.64
CA SER R 561 41.70 -3.47 -19.18
C SER R 561 41.65 -4.89 -19.73
N ALA R 562 40.46 -5.46 -19.74
CA ALA R 562 40.28 -6.82 -20.21
C ALA R 562 40.44 -6.90 -21.73
N VAL R 563 41.29 -7.81 -22.19
CA VAL R 563 41.65 -7.84 -23.60
C VAL R 563 40.49 -8.33 -24.47
N ILE R 564 39.73 -9.31 -23.99
CA ILE R 564 38.70 -9.93 -24.82
C ILE R 564 37.39 -9.14 -24.81
N GLU R 565 37.28 -8.11 -23.97
CA GLU R 565 36.10 -7.25 -23.95
C GLU R 565 36.37 -5.87 -24.52
N LYS R 566 37.62 -5.48 -24.70
CA LYS R 566 37.93 -4.13 -25.19
C LYS R 566 38.94 -4.12 -26.33
N VAL R 567 39.81 -5.13 -26.39
CA VAL R 567 40.91 -5.09 -27.35
C VAL R 567 40.55 -5.78 -28.66
N ILE R 568 39.83 -6.89 -28.59
CA ILE R 568 39.39 -7.58 -29.82
C ILE R 568 38.59 -6.64 -30.72
N PRO R 569 37.52 -6.00 -30.26
CA PRO R 569 36.70 -5.19 -31.17
C PRO R 569 37.36 -3.88 -31.53
N LEU R 570 38.41 -3.48 -30.83
CA LEU R 570 39.26 -2.41 -31.34
C LEU R 570 39.82 -2.78 -32.71
N GLY R 571 40.38 -3.98 -32.84
CA GLY R 571 40.82 -4.43 -34.15
C GLY R 571 39.66 -4.62 -35.10
N VAL R 572 38.52 -5.10 -34.59
CA VAL R 572 37.36 -5.26 -35.45
C VAL R 572 36.92 -3.92 -36.03
N TYR R 573 37.09 -2.84 -35.28
CA TYR R 573 36.71 -1.52 -35.76
C TYR R 573 37.78 -0.92 -36.66
N ALA R 574 39.05 -1.06 -36.29
CA ALA R 574 40.13 -0.43 -37.01
C ALA R 574 40.50 -1.17 -38.30
N SER R 575 39.92 -2.31 -38.56
CA SER R 575 40.20 -2.98 -39.82
C SER R 575 39.03 -3.02 -40.76
N SER R 576 37.87 -2.52 -40.35
CA SER R 576 36.70 -2.50 -41.19
C SER R 576 37.04 -1.59 -42.32
N PRO R 577 36.52 -1.86 -43.49
CA PRO R 577 36.99 -1.11 -44.64
C PRO R 577 36.96 0.38 -44.78
N PRO R 578 35.90 1.09 -44.39
CA PRO R 578 36.04 2.53 -44.58
C PRO R 578 37.21 3.01 -43.76
N ASN R 579 37.41 2.45 -42.57
CA ASN R 579 38.54 2.79 -41.72
C ASN R 579 39.81 2.09 -42.10
N GLN R 580 40.93 2.57 -41.61
CA GLN R 580 42.21 1.95 -41.89
C GLN R 580 43.03 1.83 -40.64
N SER R 581 44.13 1.11 -40.70
CA SER R 581 44.96 0.87 -39.54
C SER R 581 46.43 0.89 -39.92
N ILE R 582 47.23 1.59 -39.13
CA ILE R 582 48.68 1.59 -39.27
C ILE R 582 49.26 0.90 -38.04
N ASN R 583 50.26 0.06 -38.27
CA ASN R 583 50.85 -0.77 -37.23
C ASN R 583 52.23 -0.23 -36.92
N ILE R 584 52.40 0.32 -35.72
CA ILE R 584 53.64 0.97 -35.32
C ILE R 584 54.27 0.17 -34.19
N ASP R 585 55.54 -0.16 -34.34
CA ASP R 585 56.29 -0.89 -33.34
C ASP R 585 57.67 -0.26 -33.21
N ILE R 586 58.26 -0.38 -32.03
CA ILE R 586 59.59 0.15 -31.75
C ILE R 586 60.54 -1.02 -31.65
N SER R 587 61.48 -1.12 -32.58
CA SER R 587 62.43 -2.22 -32.57
C SER R 587 63.50 -1.97 -31.51
N ALA R 588 63.74 -2.97 -30.66
CA ALA R 588 64.73 -2.88 -29.60
C ALA R 588 64.40 -1.72 -28.65
N CYS R 589 63.24 -1.82 -28.01
CA CYS R 589 62.77 -0.73 -27.16
C CYS R 589 63.66 -0.58 -25.92
N ASP R 590 64.13 -1.69 -25.36
CA ASP R 590 64.95 -1.61 -24.16
C ASP R 590 66.27 -0.90 -24.44
N ALA R 591 66.95 -1.30 -25.51
CA ALA R 591 68.25 -0.72 -25.83
C ALA R 591 68.16 0.73 -26.26
N SER R 592 66.97 1.24 -26.57
CA SER R 592 66.81 2.59 -27.08
C SER R 592 66.48 3.61 -26.00
N ILE R 593 66.38 3.18 -24.75
CA ILE R 593 66.08 4.07 -23.63
C ILE R 593 67.34 4.14 -22.76
N THR R 594 68.09 5.22 -22.86
CA THR R 594 69.33 5.37 -22.12
C THR R 594 69.37 6.77 -21.52
N TRP R 595 70.55 7.13 -20.99
CA TRP R 595 70.67 8.37 -20.22
C TRP R 595 70.79 9.61 -21.10
N ASP R 596 71.27 9.48 -22.33
CA ASP R 596 71.54 10.68 -23.10
C ASP R 596 70.30 11.30 -23.73
N PHE R 597 69.18 10.58 -23.81
CA PHE R 597 68.01 11.32 -24.25
C PHE R 597 66.81 11.16 -23.34
N PHE R 598 66.56 9.98 -22.80
CA PHE R 598 65.32 9.74 -22.07
C PHE R 598 65.50 9.83 -20.56
N LEU R 599 66.42 9.05 -20.01
CA LEU R 599 66.48 8.94 -18.55
C LEU R 599 66.97 10.22 -17.91
N SER R 600 67.84 10.97 -18.58
CA SER R 600 68.29 12.25 -18.03
C SER R 600 67.13 13.24 -17.92
N VAL R 601 66.39 13.42 -19.02
CA VAL R 601 65.26 14.32 -19.01
C VAL R 601 64.22 13.87 -18.00
N ILE R 602 63.94 12.56 -17.96
CA ILE R 602 62.92 12.05 -17.06
C ILE R 602 63.34 12.25 -15.61
N MET R 603 64.62 12.07 -15.30
CA MET R 603 65.04 12.22 -13.92
C MET R 603 65.05 13.68 -13.49
N ALA R 604 65.47 14.58 -14.38
CA ALA R 604 65.34 16.00 -14.04
C ALA R 604 63.89 16.38 -13.82
N ALA R 605 62.99 15.90 -14.68
CA ALA R 605 61.58 16.22 -14.54
C ALA R 605 61.02 15.71 -13.22
N ILE R 606 61.25 14.43 -12.91
CA ILE R 606 60.71 13.85 -11.69
C ILE R 606 61.36 14.44 -10.45
N HIS R 607 62.60 14.92 -10.56
CA HIS R 607 63.24 15.54 -9.42
C HIS R 607 62.73 16.94 -9.18
N GLU R 608 62.32 17.64 -10.22
CA GLU R 608 61.79 19.00 -10.04
C GLU R 608 60.31 19.02 -9.68
N GLY R 609 59.52 18.12 -10.27
CA GLY R 609 58.09 18.16 -10.04
C GLY R 609 57.72 17.82 -8.60
N VAL R 610 58.43 16.86 -8.01
CA VAL R 610 58.11 16.41 -6.66
C VAL R 610 58.49 17.44 -5.61
N ALA R 611 59.30 18.43 -5.97
CA ALA R 611 59.90 19.32 -4.99
C ALA R 611 58.87 20.11 -4.19
N SER R 612 57.71 20.39 -4.77
CA SER R 612 56.79 21.34 -4.15
C SER R 612 56.07 20.73 -2.97
N SER R 613 55.45 19.55 -3.15
CA SER R 613 54.57 18.99 -2.14
C SER R 613 55.23 17.92 -1.29
N SER R 614 56.55 17.86 -1.26
CA SER R 614 57.28 16.88 -0.47
C SER R 614 58.49 17.53 0.19
N ILE R 615 58.30 18.70 0.79
CA ILE R 615 59.43 19.58 1.04
C ILE R 615 60.37 19.05 2.13
N GLY R 616 59.87 18.29 3.08
CA GLY R 616 60.74 17.78 4.12
C GLY R 616 60.43 16.37 4.57
N LYS R 617 59.63 15.69 3.84
CA LYS R 617 59.07 14.45 4.32
C LYS R 617 59.86 13.25 3.81
N PRO R 618 59.88 12.16 4.57
CA PRO R 618 60.45 10.90 4.06
C PRO R 618 59.43 10.07 3.29
N PHE R 619 59.93 9.45 2.23
CA PHE R 619 59.21 8.46 1.44
C PHE R 619 59.55 7.10 2.05
N MET R 620 59.41 5.99 1.31
CA MET R 620 59.28 4.65 1.87
C MET R 620 60.58 4.27 2.58
N GLY R 621 60.76 4.82 3.77
CA GLY R 621 61.92 4.51 4.57
C GLY R 621 63.19 5.16 4.09
N VAL R 622 63.09 6.28 3.40
CA VAL R 622 64.26 6.99 2.90
C VAL R 622 64.37 8.33 3.62
N PRO R 623 65.56 8.74 4.03
CA PRO R 623 65.69 10.00 4.79
C PRO R 623 65.51 11.22 3.92
N ALA R 624 65.83 12.39 4.48
CA ALA R 624 65.54 13.67 3.86
C ALA R 624 66.85 14.40 3.53
N SER R 625 67.74 13.71 2.83
CA SER R 625 69.12 14.14 2.61
C SER R 625 69.27 15.52 1.98
N ILE R 626 70.51 16.02 1.92
CA ILE R 626 70.83 17.34 1.41
C ILE R 626 71.82 17.21 0.26
N VAL R 627 71.88 18.24 -0.57
CA VAL R 627 72.79 18.27 -1.70
C VAL R 627 72.90 19.70 -2.19
N ASN R 628 74.07 20.08 -2.67
CA ASN R 628 74.26 21.44 -3.16
C ASN R 628 73.98 21.51 -4.66
N ASP R 629 73.48 22.65 -5.11
CA ASP R 629 73.07 22.84 -6.48
C ASP R 629 73.83 23.99 -7.12
N GLU R 630 73.89 23.94 -8.45
CA GLU R 630 74.53 24.99 -9.24
C GLU R 630 73.69 25.33 -10.47
N SER R 631 72.38 25.14 -10.38
CA SER R 631 71.53 25.38 -11.54
C SER R 631 71.49 26.85 -11.92
N VAL R 632 71.66 27.75 -10.95
CA VAL R 632 71.67 29.18 -11.19
C VAL R 632 73.11 29.65 -11.31
N VAL R 633 73.41 30.37 -12.39
CA VAL R 633 74.77 30.83 -12.62
C VAL R 633 75.16 31.83 -11.54
N GLY R 634 76.39 31.75 -11.07
CA GLY R 634 76.90 32.65 -10.06
C GLY R 634 76.55 32.29 -8.64
N VAL R 635 75.55 31.44 -8.42
CA VAL R 635 75.15 31.02 -7.09
C VAL R 635 75.50 29.56 -6.90
N ARG R 636 75.97 29.21 -5.70
CA ARG R 636 76.31 27.84 -5.37
C ARG R 636 76.01 27.63 -3.89
N ALA R 637 74.88 27.00 -3.60
CA ALA R 637 74.42 26.88 -2.23
C ALA R 637 73.87 25.48 -1.97
N ALA R 638 74.15 24.95 -0.79
CA ALA R 638 73.59 23.66 -0.40
C ALA R 638 72.11 23.81 -0.10
N ARG R 639 71.28 23.02 -0.78
CA ARG R 639 69.84 23.11 -0.64
C ARG R 639 69.29 21.78 -0.15
N PRO R 640 68.43 21.77 0.86
CA PRO R 640 67.82 20.52 1.30
C PRO R 640 66.93 19.94 0.21
N ILE R 641 66.76 18.62 0.26
CA ILE R 641 65.88 17.90 -0.65
C ILE R 641 65.06 16.90 0.17
N SER R 642 64.23 16.15 -0.52
CA SER R 642 63.28 15.24 0.11
C SER R 642 63.75 13.80 -0.02
N GLY R 643 62.99 12.90 0.61
CA GLY R 643 63.26 11.49 0.44
C GLY R 643 63.02 11.03 -0.98
N MET R 644 61.90 11.47 -1.57
CA MET R 644 61.59 11.11 -2.94
C MET R 644 62.53 11.77 -3.94
N GLN R 645 63.33 12.73 -3.53
CA GLN R 645 64.40 13.27 -4.35
C GLN R 645 65.74 12.61 -4.08
N ASN R 646 65.99 12.22 -2.83
CA ASN R 646 67.17 11.43 -2.53
C ASN R 646 67.17 10.13 -3.32
N MET R 647 66.00 9.51 -3.45
CA MET R 647 65.88 8.29 -4.23
C MET R 647 66.17 8.54 -5.70
N ILE R 648 65.74 9.69 -6.22
CA ILE R 648 66.05 10.01 -7.61
C ILE R 648 67.54 10.25 -7.78
N GLN R 649 68.19 10.82 -6.77
CA GLN R 649 69.65 10.98 -6.83
C GLN R 649 70.33 9.62 -6.97
N HIS R 650 69.98 8.68 -6.09
CA HIS R 650 70.61 7.36 -6.16
C HIS R 650 70.26 6.64 -7.46
N LEU R 651 69.01 6.73 -7.90
CA LEU R 651 68.60 6.06 -9.12
C LEU R 651 69.31 6.66 -10.34
N SER R 652 69.55 7.96 -10.33
CA SER R 652 70.29 8.57 -11.42
C SER R 652 71.74 8.12 -11.44
N LYS R 653 72.36 8.03 -10.25
CA LYS R 653 73.73 7.53 -10.28
C LYS R 653 73.81 6.06 -10.61
N LEU R 654 72.69 5.33 -10.54
CA LEU R 654 72.68 3.97 -11.10
C LEU R 654 72.51 3.99 -12.62
N TYR R 655 71.55 4.78 -13.12
CA TYR R 655 71.28 4.79 -14.56
C TYR R 655 72.42 5.37 -15.37
N LYS R 656 73.21 6.26 -14.78
CA LYS R 656 74.28 6.90 -15.56
C LYS R 656 75.34 5.89 -15.98
N ARG R 657 75.73 4.98 -15.08
CA ARG R 657 76.78 4.03 -15.40
C ARG R 657 76.33 2.90 -16.30
N GLY R 658 75.04 2.60 -16.31
CA GLY R 658 74.58 1.40 -16.96
C GLY R 658 74.52 0.24 -16.00
N PHE R 659 74.18 -0.93 -16.53
CA PHE R 659 74.00 -2.11 -15.73
C PHE R 659 75.04 -3.17 -16.11
N SER R 660 75.41 -3.97 -15.12
CA SER R 660 76.40 -5.05 -15.31
C SER R 660 75.70 -6.37 -15.05
N TYR R 661 75.75 -7.26 -16.03
CA TYR R 661 75.06 -8.54 -15.95
C TYR R 661 76.07 -9.66 -15.72
N ARG R 662 75.79 -10.50 -14.74
CA ARG R 662 76.64 -11.64 -14.42
C ARG R 662 76.09 -12.86 -15.16
N VAL R 663 76.72 -13.23 -16.25
CA VAL R 663 76.30 -14.37 -17.05
C VAL R 663 77.04 -15.61 -16.57
N ASN R 664 76.29 -16.69 -16.37
CA ASN R 664 76.88 -17.98 -16.02
C ASN R 664 75.96 -19.06 -16.58
N ASP R 665 76.26 -19.51 -17.79
CA ASP R 665 75.38 -20.48 -18.45
C ASP R 665 75.81 -21.90 -18.15
N SER R 666 74.83 -22.79 -18.08
CA SER R 666 75.06 -24.20 -17.82
C SER R 666 75.14 -25.02 -19.10
N PHE R 667 75.30 -24.37 -20.25
CA PHE R 667 75.42 -25.06 -21.52
C PHE R 667 76.82 -25.01 -22.10
N SER R 668 77.68 -24.12 -21.58
CA SER R 668 79.06 -24.03 -22.03
C SER R 668 79.95 -23.98 -20.79
N PRO R 669 80.82 -24.98 -20.57
CA PRO R 669 81.65 -24.99 -19.37
C PRO R 669 82.79 -24.00 -19.49
N GLY R 670 82.87 -23.05 -18.57
CA GLY R 670 83.90 -22.04 -18.57
C GLY R 670 83.44 -20.63 -18.89
N ASN R 671 82.14 -20.38 -18.92
CA ASN R 671 81.59 -19.06 -19.21
C ASN R 671 80.85 -18.56 -17.98
N ASP R 672 81.49 -17.69 -17.20
CA ASP R 672 80.82 -17.00 -16.11
C ASP R 672 81.24 -15.54 -16.07
N PHE R 673 81.39 -14.94 -17.25
CA PHE R 673 81.86 -13.57 -17.35
C PHE R 673 80.83 -12.60 -16.77
N THR R 674 81.23 -11.34 -16.71
CA THR R 674 80.34 -10.24 -16.34
C THR R 674 80.32 -9.22 -17.46
N HIS R 675 79.14 -8.74 -17.80
CA HIS R 675 78.93 -7.90 -18.96
C HIS R 675 78.17 -6.65 -18.55
N MET R 676 78.51 -5.51 -19.15
CA MET R 676 77.95 -4.23 -18.74
C MET R 676 77.32 -3.55 -19.95
N THR R 677 76.04 -3.19 -19.82
CA THR R 677 75.26 -2.61 -20.90
C THR R 677 74.63 -1.30 -20.46
N THR R 678 74.01 -0.63 -21.42
CA THR R 678 73.15 0.51 -21.15
C THR R 678 71.69 0.20 -21.44
N THR R 679 71.36 -1.04 -21.80
CA THR R 679 69.99 -1.39 -22.10
C THR R 679 69.14 -1.31 -20.84
N PHE R 680 67.97 -0.67 -20.96
CA PHE R 680 67.06 -0.57 -19.83
C PHE R 680 66.63 -1.96 -19.40
N PRO R 681 66.51 -2.22 -18.10
CA PRO R 681 66.20 -3.57 -17.64
C PRO R 681 64.76 -3.94 -17.93
N SER R 682 64.53 -5.25 -18.04
CA SER R 682 63.19 -5.78 -18.27
C SER R 682 62.65 -6.50 -17.04
N GLY R 683 63.19 -6.21 -15.87
CA GLY R 683 62.73 -6.86 -14.65
C GLY R 683 62.26 -5.88 -13.60
N SER R 684 62.41 -4.59 -13.87
CA SER R 684 62.03 -3.56 -12.92
C SER R 684 60.51 -3.42 -12.86
N THR R 685 60.01 -3.00 -11.69
CA THR R 685 58.58 -2.74 -11.55
C THR R 685 58.12 -1.64 -12.48
N ALA R 686 58.99 -0.69 -12.78
CA ALA R 686 58.63 0.50 -13.54
C ALA R 686 58.71 0.31 -15.04
N THR R 687 59.08 -0.88 -15.52
CA THR R 687 59.37 -1.11 -16.92
C THR R 687 58.16 -0.90 -17.83
N SER R 688 57.17 -1.79 -17.69
CA SER R 688 56.08 -1.87 -18.64
C SER R 688 55.19 -0.64 -18.63
N THR R 689 55.26 0.18 -17.58
CA THR R 689 54.48 1.41 -17.54
C THR R 689 55.24 2.56 -18.16
N GLU R 690 56.54 2.69 -17.88
CA GLU R 690 57.29 3.79 -18.45
C GLU R 690 57.45 3.62 -19.96
N HIS R 691 57.53 2.38 -20.45
CA HIS R 691 57.62 2.20 -21.90
C HIS R 691 56.38 2.76 -22.59
N THR R 692 55.20 2.42 -22.10
CA THR R 692 53.99 2.92 -22.72
C THR R 692 53.83 4.42 -22.52
N ALA R 693 54.26 4.94 -21.37
CA ALA R 693 54.21 6.38 -21.15
C ALA R 693 55.08 7.13 -22.17
N ASN R 694 56.31 6.65 -22.37
CA ASN R 694 57.18 7.28 -23.35
C ASN R 694 56.61 7.16 -24.76
N ASN R 695 56.02 6.01 -25.08
CA ASN R 695 55.42 5.81 -26.40
C ASN R 695 54.33 6.84 -26.66
N SER R 696 53.37 6.93 -25.73
CA SER R 696 52.27 7.88 -25.89
C SER R 696 52.78 9.32 -25.95
N THR R 697 53.72 9.66 -25.07
CA THR R 697 54.23 11.03 -25.02
C THR R 697 54.89 11.41 -26.34
N MET R 698 55.76 10.54 -26.86
CA MET R 698 56.46 10.89 -28.08
C MET R 698 55.51 10.93 -29.27
N MET R 699 54.49 10.07 -29.31
CA MET R 699 53.54 10.17 -30.41
C MET R 699 52.73 11.46 -30.35
N GLU R 700 52.31 11.87 -29.15
CA GLU R 700 51.53 13.10 -29.07
C GLU R 700 52.38 14.31 -29.41
N THR R 701 53.62 14.37 -28.91
CA THR R 701 54.48 15.47 -29.30
C THR R 701 54.78 15.44 -30.79
N PHE R 702 54.84 14.24 -31.39
CA PHE R 702 54.94 14.10 -32.83
C PHE R 702 53.82 14.87 -33.50
N LEU R 703 52.59 14.41 -33.27
CA LEU R 703 51.45 14.94 -34.01
C LEU R 703 51.22 16.41 -33.73
N THR R 704 51.58 16.88 -32.53
CA THR R 704 51.29 18.25 -32.14
C THR R 704 52.37 19.24 -32.57
N VAL R 705 53.62 18.79 -32.73
CA VAL R 705 54.71 19.71 -32.95
C VAL R 705 55.52 19.36 -34.20
N TRP R 706 56.03 18.14 -34.28
CA TRP R 706 57.07 17.86 -35.26
C TRP R 706 56.51 17.67 -36.65
N GLY R 707 55.30 17.14 -36.77
CA GLY R 707 54.67 16.93 -38.04
C GLY R 707 54.48 18.22 -38.81
N PRO R 708 53.68 19.15 -38.27
CA PRO R 708 53.38 20.37 -39.01
C PRO R 708 54.59 21.25 -39.29
N GLU R 709 55.73 21.03 -38.66
CA GLU R 709 56.90 21.88 -38.84
C GLU R 709 57.88 21.32 -39.86
N HIS R 710 57.56 20.23 -40.51
CA HIS R 710 58.47 19.61 -41.46
C HIS R 710 57.80 19.11 -42.72
N THR R 711 56.49 19.34 -42.90
CA THR R 711 55.79 18.95 -44.11
C THR R 711 55.04 20.16 -44.66
N ASP R 712 54.91 20.21 -45.97
CA ASP R 712 54.38 21.40 -46.63
C ASP R 712 53.07 21.18 -47.36
N ASP R 713 52.78 19.98 -47.86
CA ASP R 713 51.57 19.79 -48.63
C ASP R 713 50.34 19.90 -47.73
N PRO R 714 49.25 20.46 -48.23
CA PRO R 714 48.06 20.64 -47.39
C PRO R 714 47.45 19.33 -46.92
N ASP R 715 47.59 18.26 -47.69
CA ASP R 715 46.95 16.99 -47.35
C ASP R 715 47.53 16.40 -46.07
N VAL R 716 48.87 16.32 -45.99
CA VAL R 716 49.48 15.74 -44.81
C VAL R 716 49.23 16.60 -43.59
N LEU R 717 49.21 17.93 -43.76
CA LEU R 717 48.89 18.81 -42.66
C LEU R 717 47.48 18.58 -42.16
N ARG R 718 46.51 18.48 -43.07
CA ARG R 718 45.14 18.23 -42.64
C ARG R 718 44.97 16.86 -42.04
N LEU R 719 45.82 15.90 -42.42
CA LEU R 719 45.73 14.57 -41.81
C LEU R 719 46.33 14.57 -40.41
N MET R 720 47.43 15.30 -40.21
CA MET R 720 48.04 15.34 -38.89
C MET R 720 47.31 16.28 -37.93
N LYS R 721 46.48 17.18 -38.43
CA LYS R 721 45.70 18.03 -37.54
C LYS R 721 44.41 17.39 -37.06
N SER R 722 43.88 16.43 -37.81
CA SER R 722 42.65 15.75 -37.42
C SER R 722 42.90 14.53 -36.55
N LEU R 723 44.14 14.27 -36.17
CA LEU R 723 44.50 13.10 -35.37
C LEU R 723 44.94 13.54 -33.99
N THR R 724 44.50 12.80 -32.97
CA THR R 724 44.96 12.99 -31.60
C THR R 724 45.16 11.62 -30.99
N ILE R 725 46.15 11.52 -30.09
CA ILE R 725 46.53 10.23 -29.54
C ILE R 725 45.40 9.60 -28.74
N GLN R 726 44.43 10.37 -28.28
CA GLN R 726 43.36 9.84 -27.47
C GLN R 726 42.18 9.33 -28.29
N ARG R 727 42.06 9.77 -29.53
CA ARG R 727 40.98 9.31 -30.39
C ARG R 727 41.46 8.51 -31.59
N ASN R 728 42.78 8.48 -31.84
CA ASN R 728 43.30 7.76 -33.01
C ASN R 728 44.61 7.04 -32.71
N TYR R 729 44.80 6.54 -31.49
CA TYR R 729 46.04 5.85 -31.18
C TYR R 729 45.87 5.03 -29.91
N VAL R 730 46.39 3.81 -29.94
CA VAL R 730 46.34 2.89 -28.81
C VAL R 730 47.67 2.16 -28.73
N CYS R 731 48.28 2.16 -27.55
CA CYS R 731 49.59 1.57 -27.37
C CYS R 731 49.66 0.83 -26.04
N GLN R 732 50.49 -0.20 -26.00
CA GLN R 732 50.78 -0.91 -24.75
C GLN R 732 52.23 -1.36 -24.79
N GLY R 733 53.08 -0.69 -24.04
CA GLY R 733 54.49 -1.03 -24.02
C GLY R 733 55.11 -0.74 -25.38
N ASP R 734 55.72 -1.77 -25.96
CA ASP R 734 56.47 -1.58 -27.20
C ASP R 734 55.54 -1.30 -28.38
N ASP R 735 54.60 -2.21 -28.64
CA ASP R 735 53.82 -2.10 -29.86
C ASP R 735 52.79 -0.98 -29.76
N GLY R 736 52.11 -0.74 -30.88
CA GLY R 736 51.13 0.33 -30.94
C GLY R 736 50.22 0.15 -32.13
N LEU R 737 49.20 1.00 -32.18
CA LEU R 737 48.20 0.95 -33.24
C LEU R 737 47.66 2.35 -33.46
N MET R 738 47.47 2.71 -34.72
CA MET R 738 46.97 4.04 -35.09
C MET R 738 45.78 3.88 -36.02
N ILE R 739 44.59 4.16 -35.52
CA ILE R 739 43.39 4.12 -36.34
C ILE R 739 43.28 5.40 -37.15
N ILE R 740 42.85 5.28 -38.40
CA ILE R 740 42.65 6.43 -39.27
C ILE R 740 41.23 6.32 -39.82
N ASP R 741 40.32 7.15 -39.29
CA ASP R 741 38.92 7.07 -39.67
C ASP R 741 38.74 7.42 -41.14
N GLY R 742 37.67 6.90 -41.72
CA GLY R 742 37.32 7.22 -43.08
C GLY R 742 36.40 8.42 -43.13
N ASN R 743 36.73 9.38 -43.98
CA ASN R 743 35.93 10.58 -44.14
C ASN R 743 34.71 10.26 -44.99
N THR R 744 34.00 11.29 -45.45
CA THR R 744 32.80 11.04 -46.24
C THR R 744 33.14 10.62 -47.66
N ALA R 745 34.26 11.07 -48.21
CA ALA R 745 34.65 10.67 -49.55
C ALA R 745 35.09 9.21 -49.63
N GLY R 746 35.17 8.49 -48.51
CA GLY R 746 35.54 7.10 -48.49
C GLY R 746 36.79 6.86 -47.66
N LYS R 747 37.58 5.88 -48.09
CA LYS R 747 38.85 5.63 -47.43
C LYS R 747 39.77 6.83 -47.63
N VAL R 748 40.51 7.19 -46.57
CA VAL R 748 41.46 8.28 -46.69
C VAL R 748 42.51 7.91 -47.73
N ASN R 749 43.01 8.93 -48.43
CA ASN R 749 43.94 8.71 -49.54
C ASN R 749 45.20 8.00 -49.04
N SER R 750 45.84 7.27 -49.95
CA SER R 750 46.95 6.40 -49.57
C SER R 750 48.30 7.09 -49.59
N GLU R 751 48.54 7.97 -50.57
CA GLU R 751 49.83 8.64 -50.66
C GLU R 751 50.06 9.55 -49.45
N THR R 752 49.01 10.21 -48.97
CA THR R 752 49.16 11.06 -47.79
C THR R 752 49.52 10.22 -46.56
N ILE R 753 48.84 9.08 -46.38
CA ILE R 753 49.13 8.22 -45.25
C ILE R 753 50.56 7.70 -45.34
N GLN R 754 51.01 7.36 -46.55
CA GLN R 754 52.39 6.92 -46.72
C GLN R 754 53.36 8.01 -46.32
N LYS R 755 53.16 9.23 -46.81
CA LYS R 755 54.05 10.35 -46.50
C LYS R 755 54.12 10.62 -45.01
N MET R 756 52.98 10.52 -44.33
CA MET R 756 52.98 10.61 -42.88
C MET R 756 53.81 9.49 -42.27
N LEU R 757 53.76 8.29 -42.87
CA LEU R 757 54.51 7.17 -42.32
C LEU R 757 56.02 7.42 -42.42
N GLU R 758 56.48 7.93 -43.56
CA GLU R 758 57.91 8.21 -43.69
C GLU R 758 58.32 9.38 -42.81
N LEU R 759 57.41 10.32 -42.54
CA LEU R 759 57.70 11.34 -41.55
C LEU R 759 57.89 10.71 -40.17
N ILE R 760 57.06 9.75 -39.81
CA ILE R 760 57.23 9.07 -38.52
C ILE R 760 58.58 8.35 -38.48
N SER R 761 58.95 7.70 -39.59
CA SER R 761 60.22 6.99 -39.65
C SER R 761 61.39 7.96 -39.49
N LYS R 762 61.31 9.13 -40.10
CA LYS R 762 62.34 10.13 -39.91
C LYS R 762 62.31 10.70 -38.49
N TYR R 763 61.15 10.71 -37.84
CA TYR R 763 61.08 11.23 -36.48
C TYR R 763 61.79 10.32 -35.52
N GLY R 764 61.65 9.01 -35.71
CA GLY R 764 62.29 8.07 -34.81
C GLY R 764 63.80 8.18 -34.78
N GLU R 765 64.42 8.48 -35.92
CA GLU R 765 65.88 8.42 -36.00
C GLU R 765 66.55 9.59 -35.30
N GLU R 766 65.82 10.68 -35.02
CA GLU R 766 66.44 11.85 -34.42
C GLU R 766 66.87 11.58 -32.98
N PHE R 767 66.12 10.75 -32.25
CA PHE R 767 66.40 10.52 -30.84
C PHE R 767 66.58 9.04 -30.51
N GLY R 768 66.82 8.21 -31.52
CA GLY R 768 67.24 6.85 -31.24
C GLY R 768 66.30 5.75 -31.70
N TRP R 769 65.00 5.95 -31.54
CA TRP R 769 64.04 4.89 -31.83
C TRP R 769 64.04 4.53 -33.30
N LYS R 770 63.69 3.30 -33.60
CA LYS R 770 63.60 2.81 -34.97
C LYS R 770 62.20 2.22 -35.14
N TYR R 771 61.28 3.05 -35.61
CA TYR R 771 59.91 2.59 -35.80
C TYR R 771 59.85 1.54 -36.90
N ASP R 772 59.16 0.43 -36.62
CA ASP R 772 58.89 -0.60 -37.61
C ASP R 772 57.43 -0.44 -38.00
N ILE R 773 57.18 0.30 -39.08
CA ILE R 773 55.84 0.68 -39.50
C ILE R 773 55.38 -0.26 -40.59
N ALA R 774 54.11 -0.66 -40.53
CA ALA R 774 53.51 -1.58 -41.50
C ALA R 774 52.14 -1.06 -41.86
N TYR R 775 51.97 -0.60 -43.10
CA TYR R 775 50.69 -0.10 -43.59
C TYR R 775 50.30 -0.93 -44.81
N ASP R 776 49.43 -1.93 -44.61
CA ASP R 776 49.03 -2.80 -45.71
C ASP R 776 47.57 -3.24 -45.65
N GLY R 777 46.74 -2.68 -44.79
CA GLY R 777 45.33 -3.00 -44.76
C GLY R 777 44.90 -4.07 -43.80
N THR R 778 45.69 -4.34 -42.76
CA THR R 778 45.33 -5.30 -41.73
C THR R 778 45.74 -4.74 -40.38
N ALA R 779 44.99 -5.11 -39.35
CA ALA R 779 45.27 -4.64 -38.01
C ALA R 779 46.31 -5.52 -37.33
N GLU R 780 46.87 -5.01 -36.24
CA GLU R 780 47.93 -5.73 -35.54
C GLU R 780 48.03 -5.17 -34.13
N TYR R 781 47.73 -5.99 -33.13
CA TYR R 781 47.85 -5.49 -31.77
C TYR R 781 47.86 -6.63 -30.77
N LEU R 782 48.97 -6.82 -30.07
CA LEU R 782 49.09 -7.85 -29.04
C LEU R 782 48.95 -9.24 -29.66
N LYS R 783 49.48 -9.40 -30.87
CA LYS R 783 49.48 -10.69 -31.55
C LYS R 783 48.07 -11.16 -31.89
N LEU R 784 47.23 -10.23 -32.32
CA LEU R 784 45.89 -10.53 -32.79
C LEU R 784 45.73 -9.94 -34.18
N TYR R 785 45.36 -10.78 -35.14
CA TYR R 785 45.30 -10.36 -36.53
C TYR R 785 43.87 -10.09 -36.93
N PHE R 786 43.70 -9.10 -37.81
CA PHE R 786 42.37 -8.71 -38.27
C PHE R 786 42.45 -8.28 -39.72
N ILE R 787 41.45 -8.67 -40.51
CA ILE R 787 41.30 -8.17 -41.86
C ILE R 787 39.81 -7.99 -42.13
N PHE R 788 39.42 -6.76 -42.46
CA PHE R 788 38.03 -6.41 -42.74
C PHE R 788 37.10 -6.80 -41.58
N GLY R 789 37.62 -6.69 -40.36
CA GLY R 789 36.82 -6.96 -39.18
C GLY R 789 36.69 -8.42 -38.82
N CYS R 790 37.47 -9.29 -39.43
CA CYS R 790 37.41 -10.73 -39.16
C CYS R 790 38.69 -11.15 -38.45
N ARG R 791 38.57 -11.55 -37.19
CA ARG R 791 39.73 -12.04 -36.46
C ARG R 791 40.24 -13.32 -37.10
N ILE R 792 41.56 -13.46 -37.17
CA ILE R 792 42.18 -14.61 -37.82
C ILE R 792 43.15 -15.27 -36.84
N PRO R 793 42.77 -16.39 -36.23
CA PRO R 793 43.66 -17.03 -35.25
C PRO R 793 44.95 -17.51 -35.90
N ASN R 794 46.05 -17.37 -35.17
CA ASN R 794 47.37 -17.75 -35.65
C ASN R 794 47.71 -19.10 -35.02
N LEU R 795 47.46 -20.18 -35.76
CA LEU R 795 47.62 -21.52 -35.20
C LEU R 795 49.07 -21.90 -34.99
N SER R 796 50.01 -21.28 -35.72
CA SER R 796 51.41 -21.63 -35.56
C SER R 796 51.97 -21.15 -34.23
N ARG R 797 51.30 -20.18 -33.58
CA ARG R 797 51.77 -19.67 -32.31
C ARG R 797 51.38 -20.56 -31.13
N HIS R 798 50.52 -21.55 -31.34
CA HIS R 798 50.08 -22.46 -30.30
C HIS R 798 50.49 -23.87 -30.69
N PRO R 799 51.77 -24.18 -30.63
CA PRO R 799 52.23 -25.54 -30.98
C PRO R 799 51.66 -26.56 -30.03
N ILE R 800 51.07 -27.62 -30.58
CA ILE R 800 50.42 -28.63 -29.75
C ILE R 800 51.46 -29.38 -28.93
N VAL R 801 52.57 -29.77 -29.56
CA VAL R 801 53.60 -30.54 -28.86
C VAL R 801 54.62 -29.65 -28.15
N GLY R 802 54.76 -28.40 -28.56
CA GLY R 802 55.81 -27.56 -28.02
C GLY R 802 55.59 -27.21 -26.55
N LYS R 803 56.64 -27.39 -25.76
CA LYS R 803 56.70 -26.92 -24.39
C LYS R 803 58.10 -26.39 -24.16
N GLU R 804 58.22 -25.30 -23.42
CA GLU R 804 59.48 -24.59 -23.34
C GLU R 804 60.26 -24.96 -22.09
N ARG R 805 61.58 -25.08 -22.23
CA ARG R 805 62.47 -25.43 -21.14
C ARG R 805 63.77 -24.67 -21.37
N ALA R 806 63.87 -23.50 -20.74
CA ALA R 806 65.06 -22.67 -20.85
C ALA R 806 66.20 -23.14 -19.95
N ASN R 807 66.00 -24.21 -19.21
CA ASN R 807 67.03 -24.75 -18.33
C ASN R 807 67.25 -26.22 -18.61
N SER R 808 68.02 -26.90 -17.76
CA SER R 808 68.23 -28.33 -17.86
C SER R 808 67.48 -29.11 -16.79
N SER R 809 66.70 -28.42 -15.96
CA SER R 809 65.98 -29.09 -14.89
C SER R 809 64.93 -30.05 -15.46
N ALA R 810 64.65 -31.11 -14.71
CA ALA R 810 63.67 -32.09 -15.15
C ALA R 810 62.26 -31.54 -15.01
N GLU R 811 61.31 -32.23 -15.63
CA GLU R 811 59.93 -31.79 -15.62
C GLU R 811 59.20 -32.27 -14.38
N GLU R 812 58.09 -31.61 -14.07
CA GLU R 812 57.27 -32.02 -12.95
C GLU R 812 56.66 -33.40 -13.22
N PRO R 813 56.65 -34.29 -12.24
CA PRO R 813 56.12 -35.64 -12.49
C PRO R 813 54.62 -35.66 -12.63
N TRP R 814 54.15 -36.65 -13.37
CA TRP R 814 52.73 -36.95 -13.44
C TRP R 814 52.16 -37.10 -12.03
N PRO R 815 50.95 -36.61 -11.77
CA PRO R 815 49.94 -36.09 -12.68
C PRO R 815 50.03 -34.59 -12.97
N ALA R 816 51.22 -34.08 -13.29
CA ALA R 816 51.36 -32.68 -13.62
C ALA R 816 51.10 -32.38 -15.10
N ILE R 817 51.01 -33.40 -15.94
CA ILE R 817 50.84 -33.17 -17.37
C ILE R 817 49.39 -33.08 -17.81
N LEU R 818 48.44 -33.50 -16.95
CA LEU R 818 47.04 -33.39 -17.31
C LEU R 818 46.60 -31.94 -17.44
N ASP R 819 47.20 -31.04 -16.64
CA ASP R 819 46.92 -29.62 -16.79
C ASP R 819 47.32 -29.14 -18.18
N GLN R 820 48.50 -29.55 -18.65
CA GLN R 820 48.95 -29.15 -19.97
C GLN R 820 48.07 -29.74 -21.06
N ILE R 821 47.57 -30.96 -20.85
CA ILE R 821 46.68 -31.55 -21.85
C ILE R 821 45.36 -30.79 -21.93
N MET R 822 44.79 -30.43 -20.78
CA MET R 822 43.58 -29.62 -20.78
C MET R 822 43.84 -28.26 -21.43
N GLY R 823 45.01 -27.69 -21.18
CA GLY R 823 45.37 -26.44 -21.84
C GLY R 823 45.46 -26.59 -23.35
N ILE R 824 45.96 -27.73 -23.81
CA ILE R 824 45.99 -28.01 -25.24
C ILE R 824 44.58 -28.03 -25.80
N PHE R 825 43.67 -28.71 -25.11
CA PHE R 825 42.28 -28.76 -25.56
C PHE R 825 41.68 -27.36 -25.63
N PHE R 826 41.92 -26.54 -24.60
CA PHE R 826 41.32 -25.21 -24.59
C PHE R 826 41.92 -24.32 -25.67
N ASN R 827 43.24 -24.42 -25.89
CA ASN R 827 43.85 -23.65 -26.97
C ASN R 827 43.27 -24.05 -28.32
N GLY R 828 43.00 -25.34 -28.52
CA GLY R 828 42.30 -25.75 -29.72
C GLY R 828 40.89 -25.18 -29.77
N VAL R 829 40.24 -25.04 -28.62
CA VAL R 829 38.90 -24.49 -28.58
C VAL R 829 38.89 -23.04 -29.03
N HIS R 830 39.78 -22.22 -28.48
CA HIS R 830 39.78 -20.80 -28.78
C HIS R 830 40.19 -20.48 -30.21
N ASP R 831 40.66 -21.46 -30.97
CA ASP R 831 41.12 -21.22 -32.33
C ASP R 831 40.16 -21.74 -33.39
N GLY R 832 39.00 -22.24 -33.00
CA GLY R 832 38.00 -22.65 -33.96
C GLY R 832 38.40 -23.82 -34.83
N LEU R 833 38.83 -24.91 -34.21
CA LEU R 833 39.13 -26.11 -34.96
C LEU R 833 37.85 -26.91 -35.21
N GLN R 834 37.92 -27.86 -36.14
CA GLN R 834 36.76 -28.68 -36.46
C GLN R 834 36.30 -29.41 -35.21
N TRP R 835 35.06 -29.15 -34.79
CA TRP R 835 34.67 -29.48 -33.42
C TRP R 835 34.65 -30.98 -33.19
N GLN R 836 34.08 -31.75 -34.10
CA GLN R 836 34.03 -33.20 -33.93
C GLN R 836 35.43 -33.79 -33.94
N ARG R 837 36.24 -33.43 -34.95
CA ARG R 837 37.59 -33.98 -35.06
C ARG R 837 38.43 -33.61 -33.85
N TRP R 838 38.38 -32.35 -33.43
CA TRP R 838 39.21 -31.92 -32.30
C TRP R 838 38.77 -32.60 -31.02
N ILE R 839 37.46 -32.74 -30.81
CA ILE R 839 36.99 -33.40 -29.60
C ILE R 839 37.43 -34.85 -29.58
N ARG R 840 37.31 -35.55 -30.72
CA ARG R 840 37.70 -36.95 -30.77
C ARG R 840 39.20 -37.11 -30.52
N TYR R 841 40.01 -36.24 -31.12
CA TYR R 841 41.45 -36.32 -30.90
C TYR R 841 41.77 -36.08 -29.44
N SER R 842 41.07 -35.17 -28.79
CA SER R 842 41.33 -34.92 -27.37
C SER R 842 40.90 -36.09 -26.50
N TRP R 843 39.81 -36.78 -26.86
CA TRP R 843 39.48 -38.04 -26.20
C TRP R 843 40.64 -39.01 -26.31
N ALA R 844 41.11 -39.25 -27.53
CA ALA R 844 42.20 -40.21 -27.74
C ALA R 844 43.46 -39.80 -27.01
N LEU R 845 43.68 -38.51 -26.83
CA LEU R 845 44.89 -38.02 -26.18
C LEU R 845 44.79 -38.00 -24.67
N CYS R 846 43.60 -37.90 -24.11
CA CYS R 846 43.45 -37.90 -22.66
C CYS R 846 43.50 -39.30 -22.06
N CYS R 847 43.60 -40.34 -22.88
CA CYS R 847 43.82 -41.69 -22.36
C CYS R 847 45.31 -41.98 -22.22
N ALA R 848 46.10 -41.61 -23.22
CA ALA R 848 47.52 -41.94 -23.21
C ALA R 848 48.25 -41.30 -22.04
N PHE R 849 47.73 -40.21 -21.51
CA PHE R 849 48.30 -39.54 -20.34
C PHE R 849 47.46 -39.80 -19.09
N SER R 850 46.90 -41.00 -18.98
CA SER R 850 46.00 -41.30 -17.88
C SER R 850 46.52 -42.35 -16.91
N ARG R 851 47.37 -43.26 -17.35
CA ARG R 851 47.93 -44.30 -16.49
C ARG R 851 49.44 -44.16 -16.40
N GLN R 852 49.97 -44.51 -15.22
CA GLN R 852 51.40 -44.57 -14.97
C GLN R 852 51.63 -45.13 -13.57
N ARG R 853 52.73 -45.85 -13.40
CA ARG R 853 53.04 -46.49 -12.13
C ARG R 853 53.42 -45.47 -11.05
N GLY R 861 50.48 -51.80 -8.57
CA GLY R 861 50.48 -50.53 -7.86
C GLY R 861 50.26 -49.34 -8.76
N TYR R 862 49.30 -49.46 -9.68
CA TYR R 862 48.98 -48.39 -10.62
C TYR R 862 47.95 -47.44 -10.02
N LEU R 863 47.75 -46.32 -10.72
CA LEU R 863 46.68 -45.39 -10.38
C LEU R 863 46.14 -44.81 -11.68
N GLN R 864 44.85 -45.00 -11.90
CA GLN R 864 44.20 -44.64 -13.15
C GLN R 864 43.11 -43.59 -12.89
N TYR R 865 42.91 -42.72 -13.85
CA TYR R 865 41.79 -41.79 -13.79
C TYR R 865 40.61 -42.35 -14.55
N PRO R 866 39.42 -42.36 -13.99
CA PRO R 866 38.24 -42.62 -14.80
C PRO R 866 37.93 -41.41 -15.67
N MET R 867 37.28 -41.67 -16.80
CA MET R 867 36.97 -40.60 -17.75
C MET R 867 36.11 -39.51 -17.13
N TRP R 868 35.38 -39.82 -16.05
CA TRP R 868 34.51 -38.84 -15.44
C TRP R 868 35.29 -37.67 -14.87
N SER R 869 36.54 -37.89 -14.46
CA SER R 869 37.37 -36.77 -14.03
C SER R 869 37.61 -35.80 -15.17
N PHE R 870 37.94 -36.32 -16.35
CA PHE R 870 38.17 -35.46 -17.50
C PHE R 870 36.89 -34.75 -17.91
N VAL R 871 35.76 -35.43 -17.80
CA VAL R 871 34.49 -34.74 -18.07
C VAL R 871 34.25 -33.64 -17.03
N TYR R 872 34.74 -33.84 -15.80
CA TYR R 872 34.59 -32.81 -14.78
C TYR R 872 35.47 -31.61 -15.07
N TRP R 873 36.63 -31.83 -15.67
CA TRP R 873 37.54 -30.73 -15.93
C TRP R 873 37.08 -29.85 -17.09
N GLY R 874 36.15 -30.34 -17.91
CA GLY R 874 35.59 -29.53 -18.98
C GLY R 874 35.34 -30.25 -20.30
N LEU R 875 35.98 -31.39 -20.50
CA LEU R 875 35.89 -32.07 -21.79
C LEU R 875 34.48 -32.63 -21.98
N PRO R 876 33.82 -32.30 -23.08
CA PRO R 876 32.41 -32.69 -23.26
C PRO R 876 32.24 -34.08 -23.83
N LEU R 877 31.18 -34.75 -23.39
CA LEU R 877 30.93 -36.15 -23.71
C LEU R 877 30.57 -36.32 -25.18
N VAL R 878 30.29 -37.56 -25.57
CA VAL R 878 29.89 -37.87 -26.94
C VAL R 878 28.59 -38.66 -26.99
N LYS R 879 28.58 -39.85 -26.37
CA LYS R 879 27.51 -40.82 -26.60
C LYS R 879 27.12 -41.54 -25.30
N VAL R 880 27.16 -40.86 -24.16
CA VAL R 880 26.90 -41.54 -22.89
C VAL R 880 25.43 -41.89 -22.78
N PHE R 881 25.15 -43.06 -22.17
CA PHE R 881 23.82 -43.44 -21.68
C PHE R 881 22.84 -43.71 -22.82
N GLY R 882 23.32 -44.14 -23.97
CA GLY R 882 22.44 -44.48 -25.07
C GLY R 882 21.73 -43.29 -25.70
N SER R 883 22.36 -42.13 -25.74
CA SER R 883 21.79 -40.94 -26.35
C SER R 883 22.22 -40.86 -27.81
N ASP R 884 21.92 -39.74 -28.45
CA ASP R 884 22.37 -39.56 -29.82
C ASP R 884 23.83 -39.15 -29.85
N PRO R 885 24.55 -39.50 -30.92
CA PRO R 885 25.96 -39.11 -31.01
C PRO R 885 26.11 -37.60 -31.16
N TRP R 886 27.09 -37.05 -30.44
CA TRP R 886 27.48 -35.64 -30.60
C TRP R 886 26.32 -34.70 -30.27
N ILE R 887 25.89 -34.73 -29.01
CA ILE R 887 24.80 -33.88 -28.56
C ILE R 887 25.35 -32.70 -27.76
N PHE R 888 26.50 -32.90 -27.13
CA PHE R 888 27.06 -31.91 -26.22
C PHE R 888 28.17 -31.12 -26.90
N SER R 889 28.17 -29.81 -26.67
CA SER R 889 29.24 -28.92 -27.10
C SER R 889 30.21 -28.70 -25.95
N TRP R 890 31.36 -28.09 -26.27
CA TRP R 890 32.33 -27.82 -25.22
C TRP R 890 31.97 -26.60 -24.39
N TYR R 891 31.01 -25.79 -24.82
CA TYR R 891 30.66 -24.60 -24.06
C TYR R 891 30.02 -24.93 -22.72
N MET R 892 29.71 -26.20 -22.47
CA MET R 892 29.35 -26.64 -21.13
C MET R 892 30.45 -26.25 -20.14
N PRO R 893 30.11 -25.55 -19.08
CA PRO R 893 31.12 -25.11 -18.10
C PRO R 893 31.76 -26.30 -17.40
N THR R 894 32.76 -25.97 -16.58
CA THR R 894 33.58 -26.96 -15.91
C THR R 894 33.24 -27.00 -14.43
N GLY R 895 32.96 -28.18 -13.91
CA GLY R 895 32.66 -28.35 -12.51
C GLY R 895 31.21 -28.70 -12.24
N ASP R 896 30.69 -28.23 -11.11
CA ASP R 896 29.32 -28.58 -10.73
C ASP R 896 28.30 -28.02 -11.72
N LEU R 897 28.51 -26.79 -12.19
CA LEU R 897 27.56 -26.22 -13.14
C LEU R 897 27.54 -27.02 -14.43
N GLY R 898 28.72 -27.37 -14.94
CA GLY R 898 28.78 -28.15 -16.16
C GLY R 898 28.17 -29.53 -15.99
N MET R 899 28.40 -30.15 -14.83
CA MET R 899 27.83 -31.46 -14.55
C MET R 899 26.31 -31.41 -14.56
N TYR R 900 25.74 -30.46 -13.81
CA TYR R 900 24.29 -30.25 -13.83
C TYR R 900 23.78 -30.01 -15.24
N SER R 901 24.51 -29.20 -16.01
CA SER R 901 24.10 -28.87 -17.36
C SER R 901 23.96 -30.12 -18.21
N TRP R 902 25.01 -30.94 -18.29
CA TRP R 902 24.91 -32.08 -19.18
C TRP R 902 24.04 -33.18 -18.61
N ILE R 903 23.80 -33.21 -17.29
CA ILE R 903 22.93 -34.25 -16.74
C ILE R 903 21.47 -33.93 -17.05
N SER R 904 21.03 -32.71 -16.71
CA SER R 904 19.62 -32.33 -16.84
C SER R 904 19.09 -32.49 -18.25
N LEU R 905 19.95 -32.45 -19.27
CA LEU R 905 19.50 -32.61 -20.65
C LEU R 905 19.25 -34.06 -21.02
N ILE R 906 19.55 -35.01 -20.15
CA ILE R 906 19.46 -36.43 -20.52
C ILE R 906 18.72 -37.24 -19.46
N ARG R 907 18.54 -36.64 -18.27
CA ARG R 907 18.01 -37.28 -17.06
C ARG R 907 16.92 -38.34 -17.27
N PRO R 908 15.92 -38.09 -18.13
CA PRO R 908 14.91 -39.14 -18.37
C PRO R 908 15.49 -40.41 -18.98
N LEU R 909 16.19 -40.27 -20.11
CA LEU R 909 16.88 -41.41 -20.69
C LEU R 909 17.93 -41.95 -19.72
N MET R 910 18.55 -41.05 -18.98
CA MET R 910 19.58 -41.42 -18.01
C MET R 910 19.04 -42.38 -16.96
N THR R 911 17.78 -42.19 -16.55
CA THR R 911 17.18 -43.08 -15.58
C THR R 911 16.55 -44.31 -16.21
N ARG R 912 16.02 -44.19 -17.43
CA ARG R 912 15.42 -45.37 -18.04
C ARG R 912 16.48 -46.39 -18.44
N TRP R 913 17.69 -45.94 -18.81
CA TRP R 913 18.77 -46.88 -19.05
C TRP R 913 19.13 -47.64 -17.77
N MET R 914 19.30 -46.91 -16.66
CA MET R 914 19.56 -47.50 -15.36
C MET R 914 18.51 -48.56 -15.01
N VAL R 915 17.24 -48.22 -15.18
CA VAL R 915 16.19 -49.20 -14.89
C VAL R 915 16.20 -50.33 -15.91
N ALA R 916 16.73 -50.10 -17.11
CA ALA R 916 16.74 -51.13 -18.13
C ALA R 916 17.88 -52.12 -17.96
N ASN R 917 18.90 -51.78 -17.17
CA ASN R 917 19.90 -52.78 -16.81
C ASN R 917 19.94 -52.94 -15.30
N GLY R 918 18.98 -53.70 -14.77
CA GLY R 918 19.06 -54.20 -13.41
C GLY R 918 18.79 -53.21 -12.31
N TYR R 919 19.42 -52.05 -12.37
CA TYR R 919 19.43 -51.10 -11.26
C TYR R 919 18.00 -50.59 -11.02
N VAL R 920 17.39 -51.08 -9.94
CA VAL R 920 16.01 -50.75 -9.58
C VAL R 920 15.90 -50.80 -8.07
N THR R 921 15.11 -49.88 -7.50
CA THR R 921 14.81 -49.91 -6.08
C THR R 921 13.44 -49.28 -5.84
N ASP R 922 12.92 -49.49 -4.64
CA ASP R 922 11.63 -48.96 -4.24
C ASP R 922 11.76 -47.63 -3.50
N LYS R 923 12.45 -46.67 -4.11
CA LYS R 923 12.66 -45.36 -3.49
C LYS R 923 12.49 -44.30 -4.56
N CYS R 924 11.37 -43.57 -4.51
CA CYS R 924 11.09 -42.53 -5.49
C CYS R 924 11.96 -41.33 -5.19
N SER R 925 13.14 -41.31 -5.80
CA SER R 925 13.99 -40.14 -5.70
C SER R 925 13.38 -39.00 -6.51
N PRO R 926 13.48 -37.75 -6.05
CA PRO R 926 12.92 -36.64 -6.82
C PRO R 926 13.63 -36.41 -8.15
N VAL R 927 14.85 -36.92 -8.30
CA VAL R 927 15.64 -36.66 -9.50
C VAL R 927 15.54 -37.85 -10.46
N PHE R 928 15.96 -39.02 -9.99
CA PHE R 928 16.09 -40.19 -10.85
C PHE R 928 14.97 -41.20 -10.68
N GLY R 929 13.93 -40.87 -9.94
CA GLY R 929 12.79 -41.76 -9.85
C GLY R 929 13.12 -42.97 -8.99
N ASN R 930 12.94 -44.16 -9.56
CA ASN R 930 13.08 -45.39 -8.79
C ASN R 930 14.42 -46.09 -8.99
N ALA R 931 15.17 -45.77 -10.05
CA ALA R 931 16.46 -46.39 -10.24
C ALA R 931 17.43 -45.98 -9.14
N ASP R 932 18.28 -46.91 -8.72
CA ASP R 932 19.23 -46.65 -7.64
C ASP R 932 20.54 -46.14 -8.23
N TYR R 933 20.63 -44.81 -8.35
CA TYR R 933 21.87 -44.20 -8.83
C TYR R 933 23.02 -44.45 -7.87
N ARG R 934 22.73 -44.54 -6.57
CA ARG R 934 23.77 -44.65 -5.56
C ARG R 934 24.61 -45.90 -5.75
N LYS R 935 24.06 -46.95 -6.34
CA LYS R 935 24.83 -48.16 -6.57
C LYS R 935 25.49 -48.16 -7.94
N CYS R 936 24.76 -47.71 -8.97
CA CYS R 936 25.29 -47.81 -10.32
C CYS R 936 26.40 -46.82 -10.57
N PHE R 937 26.22 -45.56 -10.16
CA PHE R 937 27.26 -44.56 -10.34
C PHE R 937 28.54 -44.94 -9.59
N ASN R 938 28.40 -45.58 -8.43
CA ASN R 938 29.56 -46.19 -7.79
C ASN R 938 30.13 -47.31 -8.66
N GLU R 939 29.26 -48.11 -9.27
CA GLU R 939 29.73 -49.17 -10.16
C GLU R 939 30.38 -48.59 -11.41
N LEU R 940 29.68 -47.67 -12.08
CA LEU R 940 30.19 -47.06 -13.30
C LEU R 940 31.34 -46.10 -13.06
N LYS R 941 31.75 -45.92 -11.81
CA LYS R 941 32.90 -45.09 -11.46
C LYS R 941 32.67 -43.63 -11.82
N LEU R 942 31.45 -43.15 -11.57
CA LEU R 942 31.15 -41.74 -11.77
C LEU R 942 31.53 -40.93 -10.54
N TYR R 943 31.10 -41.36 -9.35
CA TYR R 943 31.48 -40.67 -8.12
C TYR R 943 32.99 -40.63 -7.97
N GLN R 944 33.65 -41.72 -8.36
CA GLN R 944 35.10 -41.83 -8.19
C GLN R 944 35.83 -40.77 -9.00
N GLY R 945 35.52 -40.66 -10.29
CA GLY R 945 36.13 -39.60 -11.08
C GLY R 945 35.72 -38.22 -10.62
N TYR R 946 34.45 -38.07 -10.24
CA TYR R 946 33.95 -36.76 -9.85
C TYR R 946 34.62 -36.23 -8.59
N TYR R 947 34.97 -37.12 -7.66
CA TYR R 947 35.66 -36.71 -6.45
C TYR R 947 37.18 -36.80 -6.55
N MET R 948 37.72 -37.55 -7.51
CA MET R 948 39.17 -37.54 -7.73
C MET R 948 39.62 -36.31 -8.49
N ALA R 949 38.75 -35.80 -9.38
CA ALA R 949 39.10 -34.59 -10.11
C ALA R 949 39.29 -33.41 -9.16
N GLN R 950 38.57 -33.38 -8.05
CA GLN R 950 38.63 -32.26 -7.12
C GLN R 950 39.88 -32.27 -6.24
N LEU R 951 40.70 -33.31 -6.33
CA LEU R 951 41.88 -33.37 -5.48
C LEU R 951 43.07 -32.70 -6.16
N PRO R 952 43.85 -31.92 -5.43
CA PRO R 952 45.00 -31.23 -6.04
C PRO R 952 46.03 -32.22 -6.53
N ARG R 953 46.84 -31.77 -7.50
CA ARG R 953 47.84 -32.62 -8.13
C ARG R 953 49.24 -32.04 -7.96
N ASN R 954 49.47 -31.31 -6.88
CA ASN R 954 50.77 -30.71 -6.62
C ASN R 954 51.21 -31.05 -5.21
N PRO R 955 52.48 -31.36 -5.02
CA PRO R 955 52.94 -31.73 -3.67
C PRO R 955 52.85 -30.58 -2.70
N LYS R 956 51.96 -30.65 -1.73
CA LYS R 956 51.82 -29.57 -0.76
C LYS R 956 53.05 -29.55 0.14
N LYS R 957 53.84 -28.48 0.04
CA LYS R 957 55.12 -28.41 0.74
C LYS R 957 54.87 -28.22 2.23
N SER R 958 55.14 -29.27 3.01
CA SER R 958 55.02 -29.19 4.46
C SER R 958 56.22 -28.49 5.07
N GLY R 959 56.00 -27.87 6.22
CA GLY R 959 57.10 -27.27 6.95
C GLY R 959 58.03 -28.35 7.47
N ARG R 960 59.33 -28.18 7.23
CA ARG R 960 60.33 -29.16 7.63
C ARG R 960 60.72 -29.03 9.10
N ALA R 961 59.93 -28.31 9.89
CA ALA R 961 60.17 -28.16 11.33
C ALA R 961 61.54 -27.51 11.58
N ALA R 962 61.67 -26.28 11.12
CA ALA R 962 62.88 -25.52 11.36
C ALA R 962 63.03 -25.24 12.85
N PRO R 963 64.24 -24.87 13.29
CA PRO R 963 64.44 -24.56 14.71
C PRO R 963 63.60 -23.37 15.15
N ARG R 964 63.22 -23.38 16.42
CA ARG R 964 62.34 -22.34 16.95
C ARG R 964 63.04 -20.99 17.01
N GLU R 965 64.29 -20.98 17.47
CA GLU R 965 65.01 -19.72 17.65
C GLU R 965 65.17 -18.98 16.33
N VAL R 966 65.73 -19.66 15.32
CA VAL R 966 66.03 -18.99 14.06
C VAL R 966 64.76 -18.66 13.31
N ARG R 967 63.73 -19.52 13.39
CA ARG R 967 62.48 -19.21 12.72
C ARG R 967 61.79 -18.00 13.36
N GLU R 968 61.79 -17.94 14.69
CA GLU R 968 61.24 -16.78 15.38
C GLU R 968 61.98 -15.51 14.98
N GLN R 969 63.32 -15.58 14.95
CA GLN R 969 64.11 -14.43 14.55
C GLN R 969 63.80 -13.99 13.12
N PHE R 970 63.67 -14.96 12.21
CA PHE R 970 63.37 -14.66 10.82
C PHE R 970 62.03 -13.96 10.70
N THR R 971 60.98 -14.54 11.29
CA THR R 971 59.65 -13.95 11.19
C THR R 971 59.61 -12.57 11.85
N GLN R 972 60.37 -12.38 12.94
CA GLN R 972 60.39 -11.10 13.61
C GLN R 972 61.06 -10.04 12.76
N ALA R 973 62.21 -10.37 12.16
CA ALA R 973 62.89 -9.42 11.28
C ALA R 973 62.02 -9.08 10.08
N LEU R 974 61.28 -10.07 9.57
CA LEU R 974 60.41 -9.79 8.43
C LEU R 974 59.27 -8.85 8.83
N SER R 975 58.67 -9.08 9.99
CA SER R 975 57.63 -8.17 10.49
C SER R 975 58.19 -6.78 10.71
N ASP R 976 59.41 -6.68 11.25
CA ASP R 976 60.06 -5.39 11.42
C ASP R 976 60.23 -4.70 10.09
N TYR R 977 60.54 -5.46 9.03
CA TYR R 977 60.61 -4.85 7.71
C TYR R 977 59.25 -4.34 7.26
N LEU R 978 58.19 -5.09 7.55
CA LEU R 978 56.88 -4.68 7.06
C LEU R 978 56.41 -3.40 7.73
N MET R 979 56.25 -3.42 9.05
CA MET R 979 55.79 -2.26 9.82
C MET R 979 57.02 -1.51 10.33
N GLN R 980 57.54 -0.60 9.51
CA GLN R 980 58.78 0.09 9.85
C GLN R 980 58.55 1.42 10.57
N ASN R 981 57.48 2.14 10.26
CA ASN R 981 57.32 3.43 10.88
C ASN R 981 56.41 3.35 12.10
N PRO R 982 56.50 4.31 13.01
CA PRO R 982 55.69 4.25 14.23
C PRO R 982 54.19 4.35 13.98
N GLU R 983 53.77 4.88 12.83
CA GLU R 983 52.34 5.13 12.64
C GLU R 983 51.59 3.83 12.35
N LEU R 984 52.13 2.97 11.48
CA LEU R 984 51.49 1.68 11.25
C LEU R 984 51.43 0.86 12.53
N LYS R 985 52.53 0.83 13.28
CA LYS R 985 52.58 0.08 14.53
C LYS R 985 51.57 0.63 15.53
N SER R 986 51.47 1.95 15.62
CA SER R 986 50.51 2.56 16.54
C SER R 986 49.08 2.22 16.14
N ARG R 987 48.78 2.26 14.83
CA ARG R 987 47.45 1.90 14.36
C ARG R 987 47.10 0.47 14.73
N VAL R 988 48.02 -0.46 14.45
CA VAL R 988 47.70 -1.87 14.69
C VAL R 988 47.63 -2.17 16.18
N LEU R 989 48.48 -1.53 16.99
CA LEU R 989 48.44 -1.75 18.43
C LEU R 989 47.16 -1.20 19.04
N ARG R 990 46.75 0.00 18.60
CA ARG R 990 45.48 0.55 19.06
C ARG R 990 44.32 -0.36 18.65
N GLY R 991 44.38 -0.91 17.43
CA GLY R 991 43.36 -1.85 17.01
C GLY R 991 43.30 -3.08 17.91
N ARG R 992 44.47 -3.63 18.26
CA ARG R 992 44.49 -4.79 19.15
C ARG R 992 43.94 -4.46 20.52
N SER R 993 44.31 -3.29 21.06
CA SER R 993 43.78 -2.87 22.36
C SER R 993 42.26 -2.73 22.32
N GLU R 994 41.74 -2.07 21.29
CA GLU R 994 40.30 -1.92 21.17
C GLU R 994 39.61 -3.26 20.97
N TRP R 995 40.25 -4.19 20.26
CA TRP R 995 39.65 -5.51 20.09
C TRP R 995 39.55 -6.23 21.42
N GLU R 996 40.65 -6.27 22.19
CA GLU R 996 40.60 -6.93 23.48
C GLU R 996 39.67 -6.22 24.46
N LYS R 997 39.39 -4.93 24.24
CA LYS R 997 38.37 -4.28 25.05
C LYS R 997 36.96 -4.71 24.64
N TYR R 998 36.68 -4.74 23.34
CA TYR R 998 35.33 -4.97 22.85
C TYR R 998 35.18 -6.29 22.10
N GLY R 999 35.98 -6.52 21.07
CA GLY R 999 35.82 -7.69 20.24
C GLY R 999 36.34 -8.99 20.82
N ALA R 1000 36.74 -8.99 22.09
CA ALA R 1000 37.29 -10.18 22.71
C ALA R 1000 36.19 -11.21 22.93
N GLY R 1001 36.23 -12.30 22.16
CA GLY R 1001 35.28 -13.38 22.34
C GLY R 1001 34.60 -13.81 21.06
N ILE R 1002 34.27 -12.86 20.19
CA ILE R 1002 33.60 -13.21 18.94
C ILE R 1002 34.55 -13.83 17.93
N ILE R 1003 35.85 -13.52 18.03
CA ILE R 1003 36.87 -14.12 17.17
C ILE R 1003 38.08 -14.42 18.04
N HIS R 1004 38.82 -15.48 17.69
CA HIS R 1004 39.95 -15.91 18.49
C HIS R 1004 41.30 -15.50 17.91
N ASN R 1005 41.45 -15.51 16.59
CA ASN R 1005 42.69 -15.10 15.92
C ASN R 1005 42.38 -14.03 14.89
N PRO R 1006 41.96 -12.86 15.34
CA PRO R 1006 41.55 -11.81 14.42
C PRO R 1006 42.72 -11.34 13.57
N PRO R 1007 42.59 -11.39 12.25
CA PRO R 1007 43.73 -11.09 11.38
C PRO R 1007 44.17 -9.64 11.49
N SER R 1008 45.47 -9.44 11.42
CA SER R 1008 46.07 -8.11 11.54
C SER R 1008 47.29 -8.07 10.64
N LEU R 1009 48.15 -7.07 10.84
CA LEU R 1009 49.40 -6.98 10.10
C LEU R 1009 50.52 -7.76 10.76
N PHE R 1010 50.20 -8.65 11.70
CA PHE R 1010 51.20 -9.49 12.34
C PHE R 1010 51.23 -10.91 11.75
N ASP R 1011 50.25 -11.28 10.94
CA ASP R 1011 50.25 -12.60 10.32
C ASP R 1011 50.80 -12.59 8.90
N VAL R 1012 51.18 -11.41 8.39
CA VAL R 1012 51.76 -11.28 7.05
C VAL R 1012 53.11 -11.99 6.99
N PRO R 1013 54.03 -11.76 7.94
CA PRO R 1013 55.28 -12.54 7.93
C PRO R 1013 55.07 -14.04 8.00
N HIS R 1014 54.02 -14.51 8.67
CA HIS R 1014 53.76 -15.94 8.73
C HIS R 1014 53.21 -16.50 7.43
N LYS R 1015 52.85 -15.64 6.48
CA LYS R 1015 52.54 -16.07 5.13
C LYS R 1015 53.73 -15.91 4.19
N TRP R 1016 54.54 -14.87 4.39
CA TRP R 1016 55.77 -14.76 3.60
C TRP R 1016 56.72 -15.91 3.91
N TYR R 1017 56.76 -16.36 5.16
CA TYR R 1017 57.63 -17.48 5.51
C TYR R 1017 57.22 -18.75 4.78
N GLN R 1018 55.92 -19.04 4.76
CA GLN R 1018 55.47 -20.21 4.03
C GLN R 1018 55.71 -20.04 2.53
N GLY R 1019 55.35 -18.89 1.96
CA GLY R 1019 55.62 -18.64 0.55
C GLY R 1019 57.08 -18.79 0.18
N ALA R 1020 57.99 -18.56 1.13
CA ALA R 1020 59.37 -18.93 0.92
C ALA R 1020 59.55 -20.43 1.01
N GLN R 1021 58.79 -21.11 1.87
CA GLN R 1021 58.86 -22.56 1.98
C GLN R 1021 58.55 -23.23 0.64
N GLU R 1022 57.31 -23.04 0.15
CA GLU R 1022 56.82 -23.79 -1.00
C GLU R 1022 57.50 -23.42 -2.32
N ALA R 1023 58.35 -22.39 -2.32
CA ALA R 1023 59.16 -22.14 -3.50
C ALA R 1023 60.29 -23.15 -3.66
N ALA R 1024 60.51 -24.01 -2.67
CA ALA R 1024 61.55 -25.02 -2.73
C ALA R 1024 61.05 -26.22 -3.52
N THR R 1025 61.79 -27.32 -3.45
CA THR R 1025 61.46 -28.54 -4.16
C THR R 1025 60.67 -29.48 -3.26
N ALA R 1026 59.74 -30.22 -3.85
CA ALA R 1026 59.01 -31.23 -3.11
C ALA R 1026 59.92 -32.41 -2.78
N THR R 1027 59.49 -33.20 -1.80
CA THR R 1027 60.24 -34.35 -1.33
C THR R 1027 59.47 -35.63 -1.63
N ARG R 1028 60.20 -36.75 -1.63
CA ARG R 1028 59.61 -38.05 -1.95
C ARG R 1028 58.46 -38.39 -1.02
N GLU R 1029 58.52 -37.94 0.23
CA GLU R 1029 57.41 -38.10 1.16
C GLU R 1029 56.13 -37.54 0.59
N GLU R 1030 56.19 -36.33 0.04
CA GLU R 1030 54.99 -35.68 -0.47
C GLU R 1030 54.49 -36.34 -1.75
N LEU R 1031 55.39 -36.82 -2.60
CA LEU R 1031 54.97 -37.53 -3.79
C LEU R 1031 54.23 -38.82 -3.43
N ALA R 1032 54.83 -39.62 -2.53
CA ALA R 1032 54.15 -40.83 -2.08
C ALA R 1032 52.83 -40.51 -1.39
N GLU R 1033 52.78 -39.40 -0.65
CA GLU R 1033 51.54 -39.00 0.00
C GLU R 1033 50.46 -38.70 -1.03
N MET R 1034 50.79 -37.97 -2.09
CA MET R 1034 49.80 -37.70 -3.13
C MET R 1034 49.34 -38.98 -3.80
N ASP R 1035 50.27 -39.88 -4.11
CA ASP R 1035 49.89 -41.13 -4.75
C ASP R 1035 48.93 -41.93 -3.88
N GLU R 1036 49.25 -42.07 -2.60
CA GLU R 1036 48.37 -42.81 -1.70
C GLU R 1036 47.04 -42.10 -1.50
N THR R 1037 47.03 -40.76 -1.49
CA THR R 1037 45.78 -40.05 -1.32
C THR R 1037 44.87 -40.24 -2.53
N LEU R 1038 45.43 -40.20 -3.73
CA LEU R 1038 44.64 -40.45 -4.93
C LEU R 1038 44.09 -41.88 -4.91
N MET R 1039 44.92 -42.86 -4.54
CA MET R 1039 44.44 -44.23 -4.46
C MET R 1039 43.31 -44.37 -3.45
N ARG R 1040 43.46 -43.74 -2.28
CA ARG R 1040 42.43 -43.80 -1.25
C ARG R 1040 41.13 -43.20 -1.75
N ALA R 1041 41.20 -41.99 -2.32
CA ALA R 1041 39.98 -41.34 -2.81
C ALA R 1041 39.35 -42.14 -3.93
N ARG R 1042 40.14 -42.92 -4.68
CA ARG R 1042 39.55 -43.79 -5.69
C ARG R 1042 38.90 -45.03 -5.08
N LYS R 1043 39.40 -45.50 -3.94
CA LYS R 1043 38.97 -46.79 -3.39
C LYS R 1043 37.96 -46.66 -2.26
N HIS R 1044 37.06 -45.68 -2.31
CA HIS R 1044 35.97 -45.57 -1.37
C HIS R 1044 34.66 -46.06 -2.00
N SER R 1045 33.56 -45.87 -1.28
CA SER R 1045 32.22 -46.12 -1.82
C SER R 1045 31.38 -44.90 -1.44
N TYR R 1046 30.88 -44.20 -2.45
CA TYR R 1046 30.28 -42.89 -2.29
C TYR R 1046 28.76 -42.97 -2.40
N SER R 1047 28.09 -42.00 -1.76
CA SER R 1047 26.64 -42.04 -1.62
C SER R 1047 25.90 -40.88 -2.28
N SER R 1048 26.59 -39.82 -2.70
CA SER R 1048 25.92 -38.68 -3.29
C SER R 1048 26.95 -37.71 -3.84
N PHE R 1049 26.47 -36.76 -4.63
CA PHE R 1049 27.31 -35.69 -5.15
C PHE R 1049 27.57 -34.68 -4.04
N SER R 1050 28.18 -33.56 -4.39
CA SER R 1050 28.32 -32.47 -3.44
C SER R 1050 26.94 -31.96 -3.04
N LYS R 1051 26.89 -31.25 -1.92
CA LYS R 1051 25.62 -30.67 -1.48
C LYS R 1051 25.11 -29.65 -2.49
N LEU R 1052 26.03 -28.90 -3.12
CA LEU R 1052 25.62 -27.90 -4.09
C LEU R 1052 24.98 -28.54 -5.31
N LEU R 1053 25.60 -29.59 -5.86
CA LEU R 1053 25.02 -30.25 -7.02
C LEU R 1053 23.71 -30.92 -6.66
N GLU R 1054 23.61 -31.46 -5.44
CA GLU R 1054 22.36 -32.04 -4.98
C GLU R 1054 21.24 -31.00 -4.99
N ALA R 1055 21.52 -29.82 -4.43
CA ALA R 1055 20.52 -28.76 -4.44
C ALA R 1055 20.22 -28.29 -5.86
N TYR R 1056 21.22 -28.30 -6.74
CA TYR R 1056 20.99 -27.90 -8.12
C TYR R 1056 20.01 -28.83 -8.80
N LEU R 1057 20.17 -30.14 -8.61
CA LEU R 1057 19.40 -31.13 -9.34
C LEU R 1057 17.90 -31.10 -9.03
N LEU R 1058 17.43 -30.25 -8.11
CA LEU R 1058 16.00 -30.12 -7.85
C LEU R 1058 15.29 -29.25 -8.87
N VAL R 1059 16.01 -28.55 -9.74
CA VAL R 1059 15.43 -27.58 -10.66
C VAL R 1059 15.38 -28.19 -12.06
N LYS R 1060 14.24 -28.05 -12.71
CA LYS R 1060 14.03 -28.48 -14.08
C LYS R 1060 13.83 -27.27 -14.98
N TRP R 1061 14.04 -27.46 -16.28
CA TRP R 1061 13.90 -26.37 -17.23
C TRP R 1061 13.05 -26.78 -18.43
N ARG R 1062 13.03 -25.95 -19.46
CA ARG R 1062 12.18 -26.20 -20.62
C ARG R 1062 12.74 -25.45 -21.82
N MET R 1063 13.08 -26.17 -22.88
CA MET R 1063 13.64 -25.58 -24.10
C MET R 1063 12.50 -25.22 -25.03
N CYS R 1064 12.14 -23.94 -25.11
CA CYS R 1064 10.95 -23.52 -25.82
C CYS R 1064 11.20 -23.05 -27.24
N GLU R 1065 11.98 -21.98 -27.42
CA GLU R 1065 12.04 -21.30 -28.71
C GLU R 1065 13.47 -20.91 -29.03
N ALA R 1066 13.79 -20.93 -30.31
CA ALA R 1066 15.08 -20.44 -30.78
C ALA R 1066 15.06 -18.92 -30.83
N ARG R 1067 15.95 -18.29 -30.07
CA ARG R 1067 16.02 -16.84 -30.06
C ARG R 1067 16.43 -16.31 -31.43
N GLU R 1068 16.07 -15.06 -31.69
CA GLU R 1068 16.36 -14.45 -32.97
C GLU R 1068 17.86 -14.29 -33.16
N PRO R 1069 18.33 -14.22 -34.40
CA PRO R 1069 19.78 -14.08 -34.63
C PRO R 1069 20.31 -12.77 -34.08
N SER R 1070 21.56 -12.80 -33.64
CA SER R 1070 22.22 -11.61 -33.13
C SER R 1070 23.37 -11.16 -34.02
N VAL R 1071 23.49 -11.73 -35.21
CA VAL R 1071 24.49 -11.30 -36.18
C VAL R 1071 24.12 -11.92 -37.52
N ASP R 1072 24.53 -11.28 -38.61
CA ASP R 1072 24.18 -11.79 -39.93
C ASP R 1072 24.87 -13.11 -40.18
N LEU R 1073 24.17 -14.01 -40.87
CA LEU R 1073 24.70 -15.34 -41.18
C LEU R 1073 25.59 -15.35 -42.41
N ARG R 1074 25.95 -14.18 -42.94
CA ARG R 1074 26.85 -14.07 -44.08
C ARG R 1074 28.09 -13.25 -43.75
N LEU R 1075 28.25 -12.85 -42.49
CA LEU R 1075 29.32 -11.96 -42.08
C LEU R 1075 30.40 -12.75 -41.36
N PRO R 1076 31.58 -12.94 -41.94
CA PRO R 1076 32.64 -13.65 -41.22
C PRO R 1076 33.15 -12.82 -40.05
N LEU R 1077 33.11 -13.40 -38.86
CA LEU R 1077 33.59 -12.75 -37.65
C LEU R 1077 34.83 -13.40 -37.05
N CYS R 1078 35.09 -14.66 -37.37
CA CYS R 1078 36.30 -15.35 -36.92
C CYS R 1078 36.61 -16.44 -37.93
N ALA R 1079 37.79 -16.37 -38.54
CA ALA R 1079 38.17 -17.34 -39.55
C ALA R 1079 38.21 -18.74 -38.94
N GLY R 1080 37.59 -19.70 -39.63
CA GLY R 1080 37.50 -21.05 -39.16
C GLY R 1080 36.16 -21.41 -38.55
N ILE R 1081 35.40 -20.41 -38.11
CA ILE R 1081 34.06 -20.63 -37.59
C ILE R 1081 33.10 -20.24 -38.73
N ASP R 1082 32.78 -21.22 -39.56
CA ASP R 1082 31.91 -21.03 -40.72
C ASP R 1082 30.88 -22.15 -40.75
N PRO R 1083 29.99 -22.20 -41.75
CA PRO R 1083 29.06 -23.34 -41.83
C PRO R 1083 29.72 -24.71 -41.85
N LEU R 1084 30.97 -24.83 -42.31
CA LEU R 1084 31.67 -26.11 -42.15
C LEU R 1084 31.84 -26.48 -40.69
N ASN R 1085 32.01 -25.49 -39.83
CA ASN R 1085 32.17 -25.70 -38.39
C ASN R 1085 30.81 -25.35 -37.77
N SER R 1086 29.94 -26.36 -37.69
CA SER R 1086 28.52 -26.10 -37.51
C SER R 1086 28.20 -25.53 -36.13
N ASP R 1087 28.65 -26.22 -35.07
CA ASP R 1087 28.25 -25.84 -33.73
C ASP R 1087 28.80 -24.48 -33.32
N PRO R 1088 30.10 -24.20 -33.46
CA PRO R 1088 30.59 -22.87 -33.14
C PRO R 1088 29.93 -21.79 -33.96
N PHE R 1089 29.66 -22.07 -35.23
CA PHE R 1089 28.98 -21.08 -36.08
C PHE R 1089 27.59 -20.77 -35.54
N LEU R 1090 26.82 -21.79 -35.19
CA LEU R 1090 25.48 -21.55 -34.69
C LEU R 1090 25.51 -20.82 -33.35
N LYS R 1091 26.43 -21.19 -32.47
CA LYS R 1091 26.52 -20.49 -31.19
C LYS R 1091 26.89 -19.01 -31.40
N MET R 1092 27.89 -18.75 -32.24
CA MET R 1092 28.31 -17.38 -32.48
C MET R 1092 27.21 -16.55 -33.11
N VAL R 1093 26.49 -17.12 -34.08
CA VAL R 1093 25.49 -16.35 -34.80
C VAL R 1093 24.19 -16.20 -34.02
N SER R 1094 23.90 -17.09 -33.08
CA SER R 1094 22.67 -16.98 -32.30
C SER R 1094 22.87 -16.33 -30.94
N VAL R 1095 24.11 -16.20 -30.48
CA VAL R 1095 24.41 -15.50 -29.24
C VAL R 1095 25.07 -14.15 -29.50
N GLY R 1096 25.94 -14.09 -30.51
CA GLY R 1096 26.59 -12.85 -30.87
C GLY R 1096 27.89 -12.65 -30.13
N PRO R 1097 28.82 -11.91 -30.73
CA PRO R 1097 30.13 -11.72 -30.11
C PRO R 1097 30.07 -10.79 -28.91
N MET R 1098 31.20 -10.60 -28.24
CA MET R 1098 31.26 -9.82 -27.01
C MET R 1098 31.69 -8.39 -27.33
N LEU R 1099 30.89 -7.42 -26.86
CA LEU R 1099 31.20 -6.01 -27.05
C LEU R 1099 30.87 -5.19 -25.80
N GLN R 1100 30.69 -5.84 -24.65
CA GLN R 1100 30.10 -5.22 -23.47
C GLN R 1100 31.08 -5.39 -22.30
N SER R 1101 30.67 -4.93 -21.13
CA SER R 1101 31.44 -5.09 -19.90
C SER R 1101 30.48 -5.54 -18.80
N THR R 1102 30.63 -6.79 -18.36
CA THR R 1102 29.74 -7.34 -17.33
C THR R 1102 30.51 -8.16 -16.30
N ARG R 1103 31.68 -7.68 -15.90
CA ARG R 1103 32.54 -8.40 -14.98
C ARG R 1103 31.88 -8.52 -13.60
N LYS R 1104 32.43 -9.41 -12.77
CA LYS R 1104 32.08 -9.53 -11.35
C LYS R 1104 30.59 -9.84 -11.15
N TYR R 1105 30.24 -11.08 -11.46
CA TYR R 1105 28.94 -11.60 -11.05
C TYR R 1105 29.08 -12.17 -9.63
N PHE R 1106 28.57 -11.41 -8.66
CA PHE R 1106 28.78 -11.51 -7.21
C PHE R 1106 30.23 -11.82 -6.79
N ALA R 1107 31.14 -10.88 -7.04
CA ALA R 1107 32.40 -10.87 -6.31
C ALA R 1107 32.35 -9.90 -5.13
N GLN R 1108 31.16 -9.69 -4.56
CA GLN R 1108 31.03 -8.75 -3.44
C GLN R 1108 31.81 -9.22 -2.22
N THR R 1109 32.28 -8.27 -1.44
CA THR R 1109 33.00 -8.56 -0.21
C THR R 1109 32.88 -7.35 0.70
N LEU R 1110 33.11 -7.59 1.99
CA LEU R 1110 33.01 -6.50 2.96
C LEU R 1110 34.25 -5.63 2.99
N PHE R 1111 35.41 -6.20 2.65
CA PHE R 1111 36.67 -5.48 2.66
C PHE R 1111 36.88 -4.81 1.31
N MET R 1112 36.69 -3.50 1.26
CA MET R 1112 36.75 -2.73 0.02
C MET R 1112 37.99 -1.86 -0.07
N ALA R 1113 38.93 -1.99 0.87
CA ALA R 1113 40.13 -1.17 0.90
C ALA R 1113 41.32 -1.97 0.40
N LYS R 1114 42.51 -1.35 0.45
CA LYS R 1114 43.75 -1.98 0.02
C LYS R 1114 44.66 -2.18 1.21
N THR R 1115 45.40 -3.29 1.20
CA THR R 1115 46.41 -3.56 2.21
C THR R 1115 47.62 -4.20 1.54
N VAL R 1116 48.56 -4.64 2.36
CA VAL R 1116 49.76 -5.30 1.88
C VAL R 1116 49.38 -6.55 1.09
N SER R 1117 50.24 -6.91 0.13
CA SER R 1117 50.01 -8.13 -0.64
C SER R 1117 50.16 -9.39 0.22
N GLY R 1118 50.79 -9.29 1.39
CA GLY R 1118 50.91 -10.46 2.25
C GLY R 1118 49.57 -10.92 2.81
N LEU R 1119 48.73 -9.97 3.22
CA LEU R 1119 47.42 -10.31 3.75
C LEU R 1119 46.57 -10.99 2.70
N ASP R 1120 45.43 -11.51 3.14
CA ASP R 1120 44.45 -12.11 2.25
C ASP R 1120 43.08 -11.47 2.46
N VAL R 1121 42.29 -11.45 1.39
CA VAL R 1121 40.92 -10.95 1.51
C VAL R 1121 40.04 -11.94 2.25
N ASN R 1122 40.40 -13.22 2.25
CA ASN R 1122 39.53 -14.24 2.83
C ASN R 1122 39.44 -14.09 4.34
N ALA R 1123 40.58 -13.94 5.01
CA ALA R 1123 40.57 -13.86 6.47
C ALA R 1123 39.84 -12.62 6.95
N ILE R 1124 40.14 -11.47 6.34
CA ILE R 1124 39.47 -10.23 6.74
C ILE R 1124 37.99 -10.28 6.43
N ASP R 1125 37.63 -10.86 5.28
CA ASP R 1125 36.22 -10.95 4.90
C ASP R 1125 35.47 -11.85 5.86
N SER R 1126 36.04 -13.00 6.21
CA SER R 1126 35.38 -13.91 7.15
C SER R 1126 35.27 -13.28 8.52
N ALA R 1127 36.29 -12.54 8.96
CA ALA R 1127 36.23 -11.88 10.25
C ALA R 1127 35.13 -10.83 10.28
N LEU R 1128 35.08 -9.98 9.25
CA LEU R 1128 34.04 -8.95 9.20
C LEU R 1128 32.65 -9.57 9.08
N LEU R 1129 32.52 -10.67 8.36
CA LEU R 1129 31.22 -11.31 8.23
C LEU R 1129 30.79 -11.94 9.54
N ARG R 1130 31.70 -12.63 10.23
CA ARG R 1130 31.39 -13.21 11.53
C ARG R 1130 31.13 -12.13 12.58
N LEU R 1131 31.67 -10.93 12.40
CA LEU R 1131 31.47 -9.84 13.34
C LEU R 1131 30.23 -9.01 13.00
N ARG R 1132 29.72 -9.13 11.77
CA ARG R 1132 28.51 -8.41 11.36
C ARG R 1132 27.25 -9.27 11.44
N THR R 1133 27.37 -10.58 11.25
CA THR R 1133 26.20 -11.45 11.37
C THR R 1133 25.77 -11.58 12.83
N LEU R 1134 26.73 -11.76 13.73
CA LEU R 1134 26.42 -11.85 15.15
C LEU R 1134 26.01 -10.52 15.76
N GLY R 1135 26.21 -9.41 15.06
CA GLY R 1135 25.80 -8.11 15.56
C GLY R 1135 26.54 -7.66 16.80
N ALA R 1136 27.83 -7.38 16.67
CA ALA R 1136 28.62 -6.85 17.75
C ALA R 1136 28.66 -5.33 17.67
N ASP R 1137 29.36 -4.71 18.61
CA ASP R 1137 29.48 -3.25 18.61
C ASP R 1137 30.37 -2.80 17.46
N LYS R 1138 30.10 -1.59 16.96
CA LYS R 1138 30.89 -1.02 15.88
C LYS R 1138 32.35 -0.85 16.26
N LYS R 1139 32.66 -0.71 17.55
CA LYS R 1139 34.05 -0.60 17.96
C LYS R 1139 34.82 -1.86 17.62
N ALA R 1140 34.17 -3.02 17.59
CA ALA R 1140 34.84 -4.24 17.17
C ALA R 1140 35.22 -4.17 15.69
N LEU R 1141 34.29 -3.75 14.84
CA LEU R 1141 34.59 -3.58 13.42
C LEU R 1141 35.71 -2.58 13.21
N THR R 1142 35.68 -1.46 13.94
CA THR R 1142 36.72 -0.46 13.80
C THR R 1142 38.07 -0.98 14.29
N ALA R 1143 38.06 -1.79 15.35
CA ALA R 1143 39.32 -2.36 15.84
C ALA R 1143 39.92 -3.33 14.84
N GLN R 1144 39.08 -4.17 14.23
CA GLN R 1144 39.56 -5.06 13.18
C GLN R 1144 40.14 -4.27 12.01
N LEU R 1145 39.41 -3.24 11.56
CA LEU R 1145 39.90 -2.46 10.42
C LEU R 1145 41.15 -1.66 10.77
N LEU R 1146 41.32 -1.30 12.05
CA LEU R 1146 42.55 -0.62 12.46
C LEU R 1146 43.73 -1.59 12.44
N MET R 1147 43.61 -2.71 13.14
CA MET R 1147 44.73 -3.64 13.18
C MET R 1147 44.93 -4.38 11.87
N VAL R 1148 44.07 -4.18 10.87
CA VAL R 1148 44.37 -4.62 9.52
C VAL R 1148 45.01 -3.47 8.78
N GLY R 1149 45.44 -2.45 9.52
CA GLY R 1149 46.21 -1.35 8.97
C GLY R 1149 45.42 -0.32 8.20
N LEU R 1150 44.50 0.37 8.86
CA LEU R 1150 43.75 1.45 8.24
C LEU R 1150 43.71 2.65 9.18
N GLN R 1151 43.50 3.82 8.59
CA GLN R 1151 43.36 5.03 9.38
C GLN R 1151 42.05 4.99 10.17
N GLU R 1152 41.96 5.85 11.19
CA GLU R 1152 40.78 5.89 12.02
C GLU R 1152 39.54 6.27 11.20
N SER R 1153 39.59 7.42 10.54
CA SER R 1153 38.46 7.86 9.73
C SER R 1153 38.18 6.90 8.59
N GLU R 1154 39.22 6.39 7.94
CA GLU R 1154 39.03 5.46 6.84
C GLU R 1154 38.41 4.15 7.33
N ALA R 1155 38.95 3.60 8.44
CA ALA R 1155 38.39 2.38 8.99
C ALA R 1155 36.95 2.57 9.40
N ASP R 1156 36.60 3.75 9.91
CA ASP R 1156 35.22 3.97 10.32
C ASP R 1156 34.29 4.15 9.13
N ALA R 1157 34.76 4.79 8.06
CA ALA R 1157 33.97 4.84 6.83
C ALA R 1157 33.72 3.43 6.30
N LEU R 1158 34.73 2.57 6.36
CA LEU R 1158 34.53 1.18 5.95
C LEU R 1158 33.55 0.46 6.87
N ALA R 1159 33.57 0.77 8.17
CA ALA R 1159 32.59 0.19 9.07
C ALA R 1159 31.18 0.62 8.69
N GLY R 1160 31.00 1.89 8.35
CA GLY R 1160 29.70 2.33 7.86
C GLY R 1160 29.29 1.62 6.59
N LYS R 1161 30.24 1.43 5.67
CA LYS R 1161 29.99 0.64 4.48
C LYS R 1161 29.47 -0.74 4.83
N ILE R 1162 30.15 -1.42 5.76
CA ILE R 1162 29.77 -2.77 6.15
C ILE R 1162 28.39 -2.77 6.78
N MET R 1163 28.05 -1.74 7.55
CA MET R 1163 26.74 -1.67 8.17
C MET R 1163 25.65 -1.49 7.13
N LEU R 1164 25.91 -0.72 6.08
CA LEU R 1164 25.05 -0.76 4.91
C LEU R 1164 25.23 -2.09 4.19
N GLN R 1165 24.50 -2.29 3.09
CA GLN R 1165 24.61 -3.48 2.24
C GLN R 1165 24.48 -4.78 3.07
N ASP R 1166 23.24 -5.00 3.52
CA ASP R 1166 22.90 -6.17 4.33
C ASP R 1166 23.51 -7.44 3.76
N VAL R 1167 23.83 -8.38 4.67
CA VAL R 1167 24.83 -9.41 4.42
C VAL R 1167 24.23 -10.68 3.84
N ASN R 1168 23.01 -10.59 3.29
CA ASN R 1168 22.43 -11.76 2.66
C ASN R 1168 23.05 -12.07 1.30
N THR R 1169 23.84 -11.16 0.74
CA THR R 1169 24.48 -11.35 -0.55
C THR R 1169 25.92 -11.81 -0.44
N VAL R 1170 26.68 -11.25 0.50
CA VAL R 1170 28.07 -11.68 0.67
C VAL R 1170 28.11 -13.13 1.13
N GLN R 1171 27.16 -13.54 1.96
CA GLN R 1171 27.15 -14.92 2.45
C GLN R 1171 26.95 -15.91 1.32
N LEU R 1172 26.00 -15.64 0.42
CA LEU R 1172 25.81 -16.52 -0.73
C LEU R 1172 27.01 -16.47 -1.66
N ALA R 1173 27.55 -15.27 -1.90
CA ALA R 1173 28.71 -15.13 -2.77
C ALA R 1173 29.90 -15.92 -2.23
N ARG R 1174 29.99 -16.06 -0.92
CA ARG R 1174 31.05 -16.82 -0.29
C ARG R 1174 30.75 -18.31 -0.21
N VAL R 1175 29.46 -18.69 -0.21
CA VAL R 1175 29.12 -20.10 -0.08
C VAL R 1175 29.14 -20.81 -1.44
N VAL R 1176 28.77 -20.12 -2.51
CA VAL R 1176 28.65 -20.75 -3.82
C VAL R 1176 29.76 -20.27 -4.74
N ASN R 1177 30.25 -21.18 -5.59
CA ASN R 1177 31.30 -20.87 -6.55
C ASN R 1177 30.79 -21.16 -7.96
N LEU R 1178 30.11 -20.17 -8.54
CA LEU R 1178 29.53 -20.29 -9.87
C LEU R 1178 30.00 -19.09 -10.68
N ALA R 1179 30.85 -19.34 -11.67
CA ALA R 1179 31.45 -18.29 -12.47
C ALA R 1179 31.23 -18.60 -13.95
N VAL R 1180 31.53 -17.61 -14.78
CA VAL R 1180 31.43 -17.77 -16.23
C VAL R 1180 32.65 -18.52 -16.72
N PRO R 1181 32.50 -19.67 -17.38
CA PRO R 1181 33.66 -20.44 -17.81
C PRO R 1181 34.50 -19.68 -18.81
N ASP R 1182 35.65 -20.28 -19.14
CA ASP R 1182 36.61 -19.62 -20.02
C ASP R 1182 36.06 -19.48 -21.44
N THR R 1183 35.42 -20.54 -21.94
CA THR R 1183 35.03 -20.56 -23.35
C THR R 1183 33.96 -19.53 -23.68
N TRP R 1184 33.21 -19.06 -22.69
CA TRP R 1184 32.15 -18.10 -22.95
C TRP R 1184 32.67 -16.67 -23.10
N MET R 1185 33.98 -16.45 -22.95
CA MET R 1185 34.50 -15.09 -22.96
C MET R 1185 34.29 -14.39 -24.29
N SER R 1186 34.26 -15.14 -25.39
CA SER R 1186 34.12 -14.54 -26.71
C SER R 1186 32.67 -14.28 -27.10
N LEU R 1187 31.71 -14.81 -26.34
CA LEU R 1187 30.30 -14.67 -26.67
C LEU R 1187 29.63 -13.61 -25.79
N ASP R 1188 28.38 -13.32 -26.13
CA ASP R 1188 27.60 -12.30 -25.42
C ASP R 1188 26.70 -13.00 -24.41
N PHE R 1189 27.28 -13.37 -23.27
CA PHE R 1189 26.52 -14.06 -22.24
C PHE R 1189 25.70 -13.09 -21.39
N ASP R 1190 26.02 -11.81 -21.42
CA ASP R 1190 25.33 -10.84 -20.56
C ASP R 1190 23.86 -10.71 -20.93
N THR R 1191 23.57 -10.49 -22.22
CA THR R 1191 22.18 -10.38 -22.63
C THR R 1191 21.47 -11.73 -22.51
N MET R 1192 22.22 -12.84 -22.61
CA MET R 1192 21.61 -14.15 -22.38
C MET R 1192 21.14 -14.28 -20.93
N PHE R 1193 21.95 -13.82 -19.99
CA PHE R 1193 21.50 -13.79 -18.59
C PHE R 1193 20.31 -12.87 -18.43
N LYS R 1194 20.39 -11.66 -19.00
CA LYS R 1194 19.38 -10.64 -18.71
C LYS R 1194 18.02 -11.02 -19.29
N HIS R 1195 17.96 -11.32 -20.59
CA HIS R 1195 16.69 -11.37 -21.29
C HIS R 1195 16.23 -12.77 -21.67
N HIS R 1196 17.13 -13.73 -21.82
CA HIS R 1196 16.81 -14.97 -22.50
C HIS R 1196 16.92 -16.19 -21.60
N VAL R 1197 16.82 -15.99 -20.28
CA VAL R 1197 16.61 -17.07 -19.32
C VAL R 1197 15.52 -16.57 -18.39
N LYS R 1198 14.29 -16.99 -18.63
CA LYS R 1198 13.12 -16.42 -17.97
C LYS R 1198 12.67 -17.31 -16.82
N LEU R 1199 12.52 -16.71 -15.64
CA LEU R 1199 12.15 -17.44 -14.45
C LEU R 1199 10.65 -17.62 -14.29
N LEU R 1200 9.84 -16.89 -15.06
CA LEU R 1200 8.41 -17.13 -15.09
C LEU R 1200 8.14 -18.15 -16.18
N PRO R 1201 7.71 -19.37 -15.85
CA PRO R 1201 7.57 -20.44 -16.85
C PRO R 1201 6.57 -20.07 -17.93
N LYS R 1202 6.52 -20.94 -18.95
CA LYS R 1202 5.92 -20.56 -20.22
C LYS R 1202 4.42 -20.35 -20.10
N ASP R 1203 3.72 -21.19 -19.35
CA ASP R 1203 2.27 -21.09 -19.22
C ASP R 1203 1.84 -20.47 -17.90
N GLY R 1204 2.66 -19.57 -17.36
CA GLY R 1204 2.29 -18.80 -16.19
C GLY R 1204 2.82 -19.37 -14.89
N ARG R 1205 2.18 -18.93 -13.81
CA ARG R 1205 2.58 -19.31 -12.46
C ARG R 1205 2.39 -20.79 -12.24
N HIS R 1206 3.03 -21.32 -11.19
CA HIS R 1206 2.90 -22.74 -10.86
C HIS R 1206 2.73 -23.05 -9.37
N LEU R 1207 2.99 -22.11 -8.46
CA LEU R 1207 2.98 -22.32 -7.01
C LEU R 1207 4.20 -23.11 -6.54
N ASN R 1208 5.02 -23.58 -7.46
CA ASN R 1208 6.30 -24.19 -7.14
C ASN R 1208 7.48 -23.30 -7.48
N THR R 1209 7.43 -22.63 -8.63
CA THR R 1209 8.49 -21.72 -9.05
C THR R 1209 8.41 -20.37 -8.36
N ASP R 1210 7.43 -20.16 -7.48
CA ASP R 1210 7.34 -18.90 -6.76
C ASP R 1210 8.50 -18.76 -5.79
N ILE R 1211 9.03 -17.54 -5.69
CA ILE R 1211 10.19 -17.25 -4.87
C ILE R 1211 9.77 -16.23 -3.82
N PRO R 1212 10.17 -16.39 -2.55
CA PRO R 1212 9.71 -15.48 -1.52
C PRO R 1212 10.32 -14.10 -1.72
N PRO R 1213 9.69 -13.05 -1.20
CA PRO R 1213 10.17 -11.69 -1.47
C PRO R 1213 11.54 -11.40 -0.90
N ARG R 1214 11.88 -11.97 0.25
CA ARG R 1214 13.15 -11.69 0.90
C ARG R 1214 14.24 -12.70 0.54
N MET R 1215 14.07 -13.44 -0.56
CA MET R 1215 15.09 -14.35 -1.07
C MET R 1215 15.27 -14.01 -2.55
N GLY R 1216 16.12 -13.02 -2.82
CA GLY R 1216 16.35 -12.58 -4.18
C GLY R 1216 17.60 -13.19 -4.79
N TRP R 1217 18.49 -13.70 -3.95
CA TRP R 1217 19.71 -14.31 -4.43
C TRP R 1217 19.45 -15.57 -5.24
N LEU R 1218 18.31 -16.23 -5.01
CA LEU R 1218 18.02 -17.49 -5.68
C LEU R 1218 17.86 -17.30 -7.18
N ARG R 1219 17.39 -16.12 -7.60
CA ARG R 1219 17.26 -15.83 -9.02
C ARG R 1219 18.61 -15.89 -9.72
N ALA R 1220 19.68 -15.58 -9.01
CA ALA R 1220 21.02 -15.68 -9.58
C ALA R 1220 21.35 -17.12 -9.96
N ILE R 1221 21.17 -18.05 -9.03
CA ILE R 1221 21.49 -19.44 -9.29
C ILE R 1221 20.58 -20.01 -10.37
N LEU R 1222 19.31 -19.59 -10.37
CA LEU R 1222 18.41 -20.03 -11.44
C LEU R 1222 18.91 -19.57 -12.81
N ARG R 1223 19.38 -18.32 -12.90
CA ARG R 1223 19.87 -17.85 -14.18
C ARG R 1223 21.13 -18.61 -14.60
N PHE R 1224 22.00 -18.92 -13.63
CA PHE R 1224 23.11 -19.83 -13.90
C PHE R 1224 22.66 -21.08 -14.60
N LEU R 1225 21.78 -21.82 -13.93
CA LEU R 1225 21.43 -23.15 -14.40
C LEU R 1225 20.76 -23.11 -15.76
N GLY R 1226 19.88 -22.12 -15.97
CA GLY R 1226 19.30 -21.93 -17.29
C GLY R 1226 20.35 -21.70 -18.37
N ALA R 1227 21.26 -20.76 -18.13
CA ALA R 1227 22.25 -20.44 -19.16
C ALA R 1227 23.17 -21.61 -19.45
N GLY R 1228 23.59 -22.33 -18.41
CA GLY R 1228 24.47 -23.46 -18.63
C GLY R 1228 23.79 -24.57 -19.39
N MET R 1229 22.57 -24.93 -18.98
CA MET R 1229 21.84 -25.97 -19.67
C MET R 1229 21.53 -25.58 -21.11
N ALA R 1230 21.39 -24.28 -21.38
CA ALA R 1230 21.13 -23.85 -22.76
C ALA R 1230 22.40 -23.88 -23.60
N MET R 1231 23.53 -23.48 -23.03
CA MET R 1231 24.77 -23.43 -23.78
C MET R 1231 25.42 -24.79 -23.97
N THR R 1232 25.05 -25.78 -23.15
CA THR R 1232 25.71 -27.09 -23.27
C THR R 1232 25.29 -27.82 -24.54
N ALA R 1233 24.03 -27.70 -24.96
CA ALA R 1233 23.54 -28.47 -26.09
C ALA R 1233 23.99 -27.88 -27.42
N THR R 1234 24.22 -28.76 -28.39
CA THR R 1234 24.61 -28.30 -29.71
C THR R 1234 23.44 -27.61 -30.40
N GLY R 1235 23.74 -26.99 -31.54
CA GLY R 1235 22.74 -26.25 -32.26
C GLY R 1235 22.71 -24.79 -31.84
N VAL R 1236 21.56 -24.16 -31.95
CA VAL R 1236 21.42 -22.74 -31.64
C VAL R 1236 21.01 -22.58 -30.19
N ALA R 1237 21.42 -21.46 -29.59
CA ALA R 1237 20.97 -21.12 -28.25
C ALA R 1237 19.48 -20.76 -28.29
N VAL R 1238 18.74 -21.27 -27.31
CA VAL R 1238 17.28 -21.15 -27.32
C VAL R 1238 16.81 -20.51 -26.02
N ASP R 1239 15.62 -19.93 -26.09
CA ASP R 1239 14.97 -19.39 -24.90
C ASP R 1239 14.63 -20.53 -23.96
N ILE R 1240 15.15 -20.47 -22.75
CA ILE R 1240 14.94 -21.51 -21.74
C ILE R 1240 14.11 -20.91 -20.61
N TYR R 1241 13.05 -21.61 -20.22
CA TYR R 1241 12.14 -21.15 -19.19
C TYR R 1241 12.26 -22.05 -17.96
N LEU R 1242 12.05 -21.45 -16.79
CA LEU R 1242 12.02 -22.24 -15.57
C LEU R 1242 10.85 -23.22 -15.63
N GLU R 1243 11.05 -24.41 -15.07
CA GLU R 1243 10.08 -25.48 -15.22
C GLU R 1243 9.44 -25.89 -13.90
N ASP R 1244 10.23 -26.29 -12.92
CA ASP R 1244 9.68 -26.77 -11.66
C ASP R 1244 10.82 -26.96 -10.68
N ILE R 1245 10.58 -26.62 -9.42
CA ILE R 1245 11.53 -26.82 -8.35
C ILE R 1245 10.92 -27.82 -7.38
N HIS R 1246 11.52 -28.99 -7.26
CA HIS R 1246 11.05 -29.96 -6.28
C HIS R 1246 11.20 -29.38 -4.89
N GLY R 1247 10.24 -29.67 -4.03
CA GLY R 1247 10.19 -28.99 -2.76
C GLY R 1247 9.42 -27.70 -2.93
N GLY R 1248 10.13 -26.61 -3.13
CA GLY R 1248 9.49 -25.33 -3.40
C GLY R 1248 10.51 -24.23 -3.36
N GLY R 1249 10.05 -23.04 -3.78
CA GLY R 1249 10.92 -21.88 -3.74
C GLY R 1249 11.40 -21.58 -2.33
N ARG R 1250 10.46 -21.52 -1.38
CA ARG R 1250 10.84 -21.21 -0.01
C ARG R 1250 11.68 -22.32 0.62
N SER R 1251 11.39 -23.58 0.29
CA SER R 1251 12.18 -24.67 0.85
C SER R 1251 13.62 -24.63 0.34
N LEU R 1252 13.81 -24.42 -0.96
CA LEU R 1252 15.15 -24.31 -1.51
C LEU R 1252 15.86 -23.08 -0.94
N GLY R 1253 15.13 -21.98 -0.78
CA GLY R 1253 15.72 -20.80 -0.18
C GLY R 1253 16.18 -21.03 1.24
N GLN R 1254 15.38 -21.76 2.02
CA GLN R 1254 15.79 -22.09 3.38
C GLN R 1254 17.01 -23.01 3.38
N ARG R 1255 17.09 -23.92 2.41
CA ARG R 1255 18.26 -24.78 2.29
C ARG R 1255 19.51 -23.96 2.07
N PHE R 1256 19.47 -23.02 1.12
CA PHE R 1256 20.63 -22.15 0.92
C PHE R 1256 20.87 -21.25 2.13
N MET R 1257 19.80 -20.87 2.84
CA MET R 1257 19.93 -19.87 3.89
C MET R 1257 20.59 -20.45 5.13
N THR R 1258 20.34 -21.73 5.43
CA THR R 1258 21.06 -22.35 6.55
C THR R 1258 22.56 -22.35 6.28
N TRP R 1259 22.96 -22.64 5.04
CA TRP R 1259 24.38 -22.64 4.67
C TRP R 1259 24.96 -21.24 4.78
N MET R 1260 24.25 -20.25 4.26
CA MET R 1260 24.73 -18.86 4.39
C MET R 1260 24.86 -18.46 5.85
N ARG R 1261 23.91 -18.87 6.68
CA ARG R 1261 23.94 -18.53 8.10
C ARG R 1261 25.14 -19.16 8.79
N GLN R 1262 25.46 -20.42 8.45
CA GLN R 1262 26.54 -21.14 9.13
C GLN R 1262 27.92 -20.63 8.70
N GLU R 1263 28.19 -19.38 9.04
CA GLU R 1263 29.49 -18.77 8.78
C GLU R 1263 29.81 -17.71 9.83
N ALA T 2 82.44 25.21 29.26
CA ALA T 2 82.34 25.69 27.89
C ALA T 2 82.01 24.55 26.93
N TYR T 3 81.57 24.89 25.73
CA TYR T 3 81.20 23.91 24.73
C TYR T 3 81.44 24.49 23.34
N ILE T 4 82.03 23.68 22.46
CA ILE T 4 82.38 24.11 21.12
C ILE T 4 81.97 23.03 20.13
N ALA T 5 81.36 23.44 19.03
CA ALA T 5 80.86 22.51 18.01
C ALA T 5 81.69 22.63 16.75
N VAL T 6 82.02 21.48 16.15
CA VAL T 6 82.85 21.44 14.96
C VAL T 6 82.15 20.64 13.87
N PRO T 7 82.36 20.98 12.60
CA PRO T 7 81.76 20.20 11.48
C PRO T 7 82.47 18.88 11.24
N ALA T 8 82.24 17.94 12.15
CA ALA T 8 82.87 16.62 12.05
C ALA T 8 82.28 15.74 13.12
N VAL T 9 82.35 14.42 12.89
CA VAL T 9 81.83 13.45 13.84
C VAL T 9 82.83 13.29 14.98
N VAL T 10 82.56 13.92 16.10
CA VAL T 10 83.47 13.93 17.25
C VAL T 10 83.25 12.66 18.06
N ASP T 11 84.34 12.07 18.53
CA ASP T 11 84.27 10.86 19.35
C ASP T 11 85.31 10.95 20.46
N SER T 12 84.99 10.33 21.60
CA SER T 12 85.90 10.37 22.73
C SER T 12 87.04 9.36 22.62
N ARG T 13 86.91 8.35 21.77
CA ARG T 13 87.96 7.36 21.60
C ARG T 13 88.99 7.79 20.57
N SER T 14 88.55 8.01 19.33
CA SER T 14 89.48 8.18 18.21
C SER T 14 89.79 9.64 17.92
N SER T 15 88.86 10.55 18.18
CA SER T 15 89.08 11.95 17.84
C SER T 15 90.22 12.56 18.62
N GLU T 16 90.56 12.01 19.78
CA GLU T 16 91.76 12.45 20.48
C GLU T 16 93.01 11.98 19.75
N ALA T 17 92.97 10.75 19.23
CA ALA T 17 94.11 10.23 18.48
C ALA T 17 94.35 11.04 17.21
N ILE T 18 93.30 11.22 16.41
CA ILE T 18 93.43 12.08 15.24
C ILE T 18 93.52 13.54 15.65
N GLY T 19 92.97 13.90 16.80
CA GLY T 19 92.99 15.27 17.28
C GLY T 19 91.79 16.06 16.82
N LEU T 20 91.69 16.26 15.51
CA LEU T 20 90.67 17.07 14.83
C LEU T 20 90.89 18.56 15.00
N LEU T 21 91.71 18.97 15.95
CA LEU T 21 91.85 20.39 16.19
C LEU T 21 93.02 20.95 15.39
N GLU T 22 94.13 20.21 15.36
CA GLU T 22 95.13 20.46 14.32
C GLU T 22 94.54 20.19 12.94
N SER T 23 93.55 19.31 12.86
CA SER T 23 92.85 19.06 11.60
C SER T 23 92.20 20.33 11.08
N PHE T 24 91.28 20.90 11.86
CA PHE T 24 90.63 22.14 11.43
C PHE T 24 91.58 23.32 11.45
N GLY T 25 92.73 23.20 12.13
CA GLY T 25 93.73 24.25 12.07
C GLY T 25 93.97 24.95 13.38
N VAL T 26 93.68 24.26 14.47
CA VAL T 26 93.81 24.84 15.81
C VAL T 26 95.17 24.49 16.38
N ASP T 27 95.78 25.44 17.07
CA ASP T 27 97.08 25.23 17.69
C ASP T 27 96.91 24.81 19.15
N ALA T 28 96.20 23.70 19.33
CA ALA T 28 96.00 23.14 20.65
C ALA T 28 97.18 22.30 21.13
N GLY T 29 98.12 21.98 20.23
CA GLY T 29 99.19 21.06 20.55
C GLY T 29 100.07 21.50 21.70
N SER T 30 99.90 20.84 22.83
CA SER T 30 100.67 21.07 24.04
C SER T 30 100.22 20.02 25.06
N ASP T 31 100.69 20.14 26.30
CA ASP T 31 100.09 19.41 27.41
C ASP T 31 98.78 20.10 27.79
N ALA T 32 97.81 20.00 26.89
CA ALA T 32 96.55 20.71 27.05
C ALA T 32 95.59 19.92 27.94
N ASN T 33 95.30 18.68 27.56
CA ASN T 33 94.55 17.66 28.30
C ASN T 33 93.35 18.22 29.05
N ASP T 34 92.70 19.23 28.47
CA ASP T 34 91.49 19.80 29.02
C ASP T 34 90.41 19.94 27.96
N VAL T 35 90.75 19.74 26.70
CA VAL T 35 89.74 19.76 25.64
C VAL T 35 89.16 18.36 25.52
N SER T 36 88.18 18.06 26.36
CA SER T 36 87.60 16.72 26.38
C SER T 36 86.50 16.60 25.34
N TYR T 37 86.58 15.55 24.53
CA TYR T 37 85.63 15.35 23.45
C TYR T 37 84.36 14.67 23.97
N GLN T 38 83.40 14.49 23.07
CA GLN T 38 82.12 13.90 23.43
C GLN T 38 81.71 12.87 22.40
N ASP T 39 80.87 11.93 22.83
CA ASP T 39 80.41 10.84 21.97
C ASP T 39 79.18 11.30 21.22
N HIS T 40 79.32 11.54 19.92
CA HIS T 40 78.19 11.91 19.06
C HIS T 40 77.98 10.92 17.93
N ASP T 41 78.71 9.80 17.93
CA ASP T 41 78.48 8.75 16.94
C ASP T 41 77.05 8.24 17.03
N TYR T 42 76.65 7.77 18.22
CA TYR T 42 75.30 7.28 18.40
C TYR T 42 74.27 8.36 18.17
N VAL T 43 74.63 9.63 18.41
CA VAL T 43 73.68 10.70 18.17
C VAL T 43 73.45 10.90 16.69
N VAL T 44 74.51 10.83 15.89
CA VAL T 44 74.34 10.90 14.43
C VAL T 44 73.52 9.72 13.94
N ASP T 45 73.76 8.53 14.51
CA ASP T 45 72.98 7.36 14.10
C ASP T 45 71.51 7.52 14.47
N GLN T 46 71.24 8.05 15.67
CA GLN T 46 69.86 8.28 16.07
C GLN T 46 69.20 9.33 15.20
N LEU T 47 69.94 10.37 14.81
CA LEU T 47 69.40 11.38 13.91
C LEU T 47 69.01 10.76 12.57
N GLN T 48 69.89 9.91 12.02
CA GLN T 48 69.58 9.25 10.77
C GLN T 48 68.36 8.35 10.91
N TYR T 49 68.28 7.59 12.00
CA TYR T 49 67.15 6.70 12.18
C TYR T 49 65.86 7.45 12.44
N MET T 50 65.95 8.65 13.01
CA MET T 50 64.76 9.40 13.40
C MET T 50 64.24 10.28 12.27
N LEU T 51 65.11 10.68 11.34
CA LEU T 51 64.63 11.31 10.11
C LEU T 51 63.82 10.36 9.24
N ASP T 52 63.87 9.06 9.53
CA ASP T 52 63.12 8.09 8.74
C ASP T 52 61.63 8.19 8.97
N GLY T 53 61.20 8.53 10.18
CA GLY T 53 59.78 8.61 10.47
C GLY T 53 59.25 10.02 10.65
N TYR T 54 60.03 10.88 11.30
CA TYR T 54 59.61 12.24 11.58
C TYR T 54 59.97 13.15 10.41
N GLU T 55 59.88 14.46 10.62
CA GLU T 55 60.23 15.45 9.63
C GLU T 55 61.50 16.17 10.03
N ALA T 56 62.29 16.55 9.03
CA ALA T 56 63.63 17.07 9.28
C ALA T 56 63.57 18.36 10.09
N GLY T 57 62.62 19.23 9.78
CA GLY T 57 62.50 20.48 10.51
C GLY T 57 62.25 20.26 11.99
N ASP T 58 61.26 19.42 12.30
CA ASP T 58 60.95 19.12 13.69
C ASP T 58 62.15 18.52 14.40
N VAL T 59 62.80 17.54 13.79
CA VAL T 59 63.89 16.84 14.46
C VAL T 59 65.06 17.78 14.72
N ILE T 60 65.43 18.58 13.73
CA ILE T 60 66.59 19.45 13.90
C ILE T 60 66.30 20.58 14.87
N ASP T 61 65.13 21.21 14.75
CA ASP T 61 64.79 22.30 15.65
C ASP T 61 64.58 21.81 17.08
N ALA T 62 64.30 20.52 17.27
CA ALA T 62 64.29 19.96 18.61
C ALA T 62 65.70 19.71 19.11
N LEU T 63 66.53 19.04 18.31
CA LEU T 63 67.86 18.67 18.76
C LEU T 63 68.76 19.87 18.99
N VAL T 64 68.41 21.03 18.44
CA VAL T 64 69.26 22.20 18.66
C VAL T 64 69.19 22.70 20.10
N TYR T 65 68.10 22.45 20.82
CA TYR T 65 67.95 22.94 22.19
C TYR T 65 68.40 21.90 23.23
N ARG T 66 69.60 21.34 23.07
CA ARG T 66 70.11 20.35 24.00
C ARG T 66 71.26 20.93 24.80
N ASN T 67 71.33 20.58 26.08
CA ASN T 67 72.39 21.02 26.97
C ASN T 67 73.36 19.86 27.15
N TRP T 68 74.31 19.74 26.21
CA TRP T 68 75.18 18.57 26.16
C TRP T 68 76.04 18.41 27.41
N LEU T 69 76.21 19.47 28.19
CA LEU T 69 76.92 19.38 29.46
C LEU T 69 76.00 19.04 30.62
N HIS T 70 74.86 18.42 30.35
CA HIS T 70 73.93 17.96 31.39
C HIS T 70 73.66 16.49 31.16
N HIS T 71 74.30 15.63 31.94
CA HIS T 71 74.19 14.19 31.74
C HIS T 71 72.75 13.71 31.97
N SER T 72 72.32 12.77 31.15
CA SER T 72 70.98 12.21 31.22
C SER T 72 70.96 10.94 30.38
N VAL T 73 69.84 10.23 30.42
CA VAL T 73 69.74 8.96 29.69
C VAL T 73 68.29 8.51 29.59
N TYR T 74 67.94 7.88 28.46
CA TYR T 74 66.66 7.22 28.33
C TYR T 74 66.71 5.84 28.98
N CYS T 75 65.55 5.21 29.08
CA CYS T 75 65.50 3.76 29.29
C CYS T 75 64.11 3.29 28.92
N LEU T 76 64.03 2.45 27.89
CA LEU T 76 62.75 2.07 27.32
C LEU T 76 62.16 0.89 28.05
N LEU T 77 60.84 0.89 28.19
CA LEU T 77 60.01 -0.11 28.83
C LEU T 77 59.42 -1.05 27.80
N PRO T 78 59.33 -2.35 28.09
CA PRO T 78 58.60 -3.25 27.20
C PRO T 78 57.13 -2.88 27.19
N PRO T 79 56.37 -3.35 26.21
CA PRO T 79 54.93 -3.04 26.17
C PRO T 79 54.21 -3.58 27.40
N LYS T 80 52.93 -3.20 27.50
CA LYS T 80 52.18 -3.39 28.74
C LYS T 80 52.06 -4.85 29.13
N SER T 81 51.93 -5.74 28.15
CA SER T 81 51.74 -7.16 28.46
C SER T 81 53.00 -7.77 29.07
N GLN T 82 54.12 -7.71 28.34
CA GLN T 82 55.38 -8.20 28.88
C GLN T 82 55.80 -7.41 30.10
N LEU T 83 55.42 -6.13 30.16
CA LEU T 83 55.66 -5.36 31.37
C LEU T 83 54.99 -6.01 32.57
N LEU T 84 53.69 -6.32 32.44
CA LEU T 84 52.98 -6.95 33.55
C LEU T 84 53.56 -8.32 33.87
N GLU T 85 53.98 -9.06 32.85
CA GLU T 85 54.66 -10.33 33.08
C GLU T 85 55.93 -10.13 33.91
N TYR T 86 56.61 -9.00 33.70
CA TYR T 86 57.79 -8.72 34.51
C TYR T 86 57.44 -8.20 35.89
N TRP T 87 56.34 -7.46 36.02
CA TRP T 87 55.83 -7.09 37.34
C TRP T 87 55.63 -8.34 38.18
N LYS T 88 54.99 -9.36 37.58
CA LYS T 88 54.63 -10.56 38.31
C LYS T 88 55.88 -11.34 38.73
N SER T 89 56.65 -11.82 37.75
CA SER T 89 57.85 -12.57 38.05
C SER T 89 58.94 -11.63 38.55
N ASN T 90 59.54 -11.97 39.69
CA ASN T 90 60.44 -11.05 40.39
C ASN T 90 59.67 -9.80 40.75
N PRO T 91 58.66 -9.90 41.63
CA PRO T 91 57.76 -8.76 41.85
C PRO T 91 58.33 -7.67 42.74
N SER T 92 59.51 -7.85 43.32
CA SER T 92 60.03 -6.86 44.24
C SER T 92 60.80 -5.76 43.53
N VAL T 93 60.24 -5.22 42.44
CA VAL T 93 60.80 -4.05 41.78
C VAL T 93 59.70 -3.05 41.51
N ILE T 94 58.49 -3.36 41.97
CA ILE T 94 57.28 -2.61 41.66
C ILE T 94 57.33 -1.19 42.22
N PRO T 95 57.25 -0.16 41.38
CA PRO T 95 57.01 1.19 41.90
C PRO T 95 55.71 1.26 42.68
N ASP T 96 55.67 2.20 43.63
CA ASP T 96 54.52 2.30 44.53
C ASP T 96 53.35 3.07 43.92
N ASN T 97 53.54 3.74 42.78
CA ASN T 97 52.43 4.40 42.13
C ASN T 97 51.35 3.42 41.71
N VAL T 98 51.75 2.20 41.33
CA VAL T 98 50.82 1.26 40.74
C VAL T 98 49.71 0.93 41.73
N ASP T 99 48.53 0.63 41.19
CA ASP T 99 47.31 0.55 41.99
C ASP T 99 47.43 -0.50 43.08
N ARG T 100 46.82 -0.21 44.23
CA ARG T 100 46.83 -1.13 45.35
C ARG T 100 46.22 -2.46 44.98
N ARG T 101 45.09 -2.43 44.25
CA ARG T 101 44.47 -3.67 43.81
C ARG T 101 45.37 -4.42 42.85
N LEU T 102 46.03 -3.71 41.94
CA LEU T 102 46.89 -4.37 40.98
C LEU T 102 48.07 -5.05 41.66
N ARG T 103 48.67 -4.39 42.66
CA ARG T 103 49.75 -5.03 43.39
C ARG T 103 49.25 -6.23 44.19
N LYS T 104 48.10 -6.09 44.85
CA LYS T 104 47.58 -7.20 45.64
C LYS T 104 47.23 -8.39 44.77
N ARG T 105 46.88 -8.16 43.52
CA ARG T 105 46.58 -9.26 42.62
C ARG T 105 47.82 -9.81 41.91
N LEU T 106 48.86 -8.99 41.75
CA LEU T 106 50.11 -9.51 41.19
C LEU T 106 50.93 -10.26 42.22
N MET T 107 50.73 -10.00 43.51
CA MET T 107 51.47 -10.73 44.54
C MET T 107 50.98 -12.16 44.72
N LEU T 108 49.97 -12.60 43.98
CA LEU T 108 49.42 -13.94 44.16
C LEU T 108 50.10 -14.93 43.24
N LYS T 109 50.18 -16.18 43.70
CA LYS T 109 50.82 -17.26 42.96
C LYS T 109 49.84 -18.03 42.10
N LYS T 110 48.62 -17.52 41.89
CA LYS T 110 47.67 -18.18 41.02
C LYS T 110 48.22 -18.25 39.59
N ASP T 111 47.69 -19.20 38.82
CA ASP T 111 48.10 -19.33 37.43
C ASP T 111 47.75 -18.10 36.61
N LEU T 112 46.72 -17.36 37.03
CA LEU T 112 46.25 -16.18 36.28
C LEU T 112 45.77 -16.57 34.89
N ARG T 113 45.31 -17.82 34.72
CA ARG T 113 44.78 -18.25 33.44
C ARG T 113 43.59 -17.39 33.02
N LYS T 114 42.59 -17.29 33.89
CA LYS T 114 41.44 -16.42 33.67
C LYS T 114 40.96 -15.93 35.03
N ASP T 115 41.45 -14.77 35.43
CA ASP T 115 40.97 -14.08 36.63
C ASP T 115 40.02 -12.99 36.16
N ASP T 116 38.73 -13.16 36.47
CA ASP T 116 37.70 -12.34 35.85
C ASP T 116 37.86 -10.86 36.17
N GLU T 117 38.44 -10.54 37.33
CA GLU T 117 38.64 -9.15 37.70
C GLU T 117 39.99 -8.60 37.28
N TYR T 118 41.03 -9.46 37.30
CA TYR T 118 42.35 -8.99 36.90
C TYR T 118 42.39 -8.60 35.45
N ASN T 119 41.56 -9.22 34.61
CA ASN T 119 41.50 -8.80 33.21
C ASN T 119 41.00 -7.38 33.10
N GLN T 120 39.95 -7.02 33.85
CA GLN T 120 39.48 -5.65 33.86
C GLN T 120 40.54 -4.71 34.41
N LEU T 121 41.19 -5.12 35.51
CA LEU T 121 42.18 -4.27 36.15
C LEU T 121 43.37 -4.01 35.23
N ALA T 122 43.69 -4.97 34.36
CA ALA T 122 44.75 -4.75 33.39
C ALA T 122 44.27 -3.94 32.20
N ARG T 123 43.00 -4.13 31.80
CA ARG T 123 42.44 -3.36 30.70
C ARG T 123 42.45 -1.87 31.03
N ALA T 124 41.99 -1.51 32.22
CA ALA T 124 41.95 -0.11 32.61
C ALA T 124 43.31 0.43 33.05
N PHE T 125 44.36 -0.38 32.99
CA PHE T 125 45.69 0.06 33.38
C PHE T 125 46.43 0.65 32.19
N LYS T 126 47.08 1.79 32.40
CA LYS T 126 47.85 2.46 31.37
C LYS T 126 49.23 2.75 31.92
N ILE T 127 50.23 2.79 31.03
CA ILE T 127 51.60 3.00 31.47
C ILE T 127 51.85 4.45 31.86
N SER T 128 51.08 5.38 31.28
CA SER T 128 51.41 6.78 31.38
C SER T 128 51.26 7.31 32.81
N ASP T 129 50.34 6.72 33.58
CA ASP T 129 50.07 7.26 34.91
C ASP T 129 51.10 6.80 35.93
N VAL T 130 51.66 5.59 35.76
CA VAL T 130 52.62 5.07 36.73
C VAL T 130 53.94 5.82 36.63
N TYR T 131 54.59 5.73 35.47
CA TYR T 131 55.87 6.41 35.25
C TYR T 131 55.61 7.82 34.74
N ALA T 132 56.02 8.82 35.50
CA ALA T 132 55.58 10.20 35.26
C ALA T 132 56.13 10.73 33.94
N PRO T 133 57.45 10.91 33.78
CA PRO T 133 57.93 11.35 32.46
C PRO T 133 57.95 10.16 31.52
N LEU T 134 56.95 10.09 30.65
CA LEU T 134 56.83 9.02 29.67
C LEU T 134 56.68 9.69 28.31
N ILE T 135 57.61 9.39 27.39
CA ILE T 135 57.78 10.28 26.26
C ILE T 135 56.56 10.21 25.34
N SER T 136 56.45 9.13 24.54
CA SER T 136 55.21 8.74 23.86
C SER T 136 55.50 7.64 22.87
N SER T 137 54.45 7.17 22.20
CA SER T 137 54.60 6.65 20.84
C SER T 137 54.42 7.73 19.80
N THR T 138 53.89 8.90 20.18
CA THR T 138 53.63 10.02 19.28
C THR T 138 54.09 11.32 19.94
N THR T 139 55.34 11.34 20.41
CA THR T 139 55.80 12.39 21.31
C THR T 139 55.79 13.77 20.68
N SER T 140 55.96 13.86 19.35
CA SER T 140 56.13 15.15 18.70
C SER T 140 57.38 15.82 19.29
N PRO T 141 58.57 15.37 18.91
CA PRO T 141 59.72 15.55 19.79
C PRO T 141 60.15 16.99 19.93
N MET T 142 59.73 17.62 21.02
CA MET T 142 60.36 18.81 21.57
C MET T 142 60.45 18.57 23.07
N THR T 143 59.42 17.90 23.57
CA THR T 143 59.38 17.51 24.97
C THR T 143 60.45 16.47 25.29
N MET T 144 60.89 15.70 24.30
CA MET T 144 61.99 14.77 24.51
C MET T 144 63.25 15.52 24.94
N ILE T 145 63.63 16.53 24.17
CA ILE T 145 64.82 17.30 24.51
C ILE T 145 64.61 18.11 25.77
N GLN T 146 63.39 18.61 26.00
CA GLN T 146 63.12 19.32 27.25
C GLN T 146 63.33 18.41 28.46
N ASN T 147 62.78 17.21 28.41
CA ASN T 147 62.89 16.27 29.52
C ASN T 147 64.32 15.78 29.70
N LEU T 148 65.07 15.66 28.61
CA LEU T 148 66.50 15.36 28.76
C LEU T 148 67.22 16.52 29.43
N ASN T 149 66.81 17.75 29.13
CA ASN T 149 67.45 18.91 29.74
C ASN T 149 67.17 18.96 31.24
N GLN T 150 65.94 18.69 31.65
CA GLN T 150 65.56 18.75 33.05
C GLN T 150 65.29 17.33 33.56
N GLY T 151 66.19 16.82 34.39
CA GLY T 151 66.06 15.50 34.96
C GLY T 151 67.29 14.65 34.72
N GLU T 152 67.25 13.44 35.25
CA GLU T 152 68.35 12.50 35.15
C GLU T 152 68.01 11.23 34.38
N ILE T 153 66.75 10.81 34.37
CA ILE T 153 66.32 9.60 33.69
C ILE T 153 64.98 9.86 33.04
N VAL T 154 64.79 9.32 31.84
CA VAL T 154 63.59 9.54 31.05
C VAL T 154 63.06 8.19 30.60
N TYR T 155 61.73 8.04 30.57
CA TYR T 155 61.08 6.76 30.35
C TYR T 155 60.36 6.80 29.02
N THR T 156 60.80 5.95 28.08
CA THR T 156 60.21 5.87 26.75
C THR T 156 59.56 4.52 26.55
N THR T 157 58.58 4.49 25.65
CA THR T 157 57.96 3.24 25.23
C THR T 157 58.28 2.91 23.77
N THR T 158 59.20 3.66 23.16
CA THR T 158 59.59 3.43 21.77
C THR T 158 61.11 3.55 21.66
N ASP T 159 61.61 3.31 20.46
CA ASP T 159 63.06 3.36 20.21
C ASP T 159 63.47 4.64 19.52
N ARG T 160 62.57 5.28 18.77
CA ARG T 160 62.93 6.49 18.06
C ARG T 160 63.10 7.64 19.04
N VAL T 161 64.31 7.78 19.56
CA VAL T 161 64.64 8.85 20.49
C VAL T 161 66.03 9.36 20.14
N ILE T 162 66.32 10.59 20.56
CA ILE T 162 67.55 11.27 20.18
C ILE T 162 67.96 12.19 21.30
N GLY T 163 69.27 12.23 21.57
CA GLY T 163 69.77 13.10 22.60
C GLY T 163 70.68 12.42 23.59
N ALA T 164 70.39 11.17 23.93
CA ALA T 164 71.18 10.42 24.88
C ALA T 164 71.09 8.95 24.54
N ARG T 165 71.80 8.13 25.31
CA ARG T 165 71.80 6.69 25.09
C ARG T 165 70.51 6.07 25.62
N VAL T 166 70.19 4.90 25.09
CA VAL T 166 69.00 4.15 25.48
C VAL T 166 69.45 2.95 26.32
N LEU T 167 68.88 2.80 27.51
CA LEU T 167 69.19 1.69 28.39
C LEU T 167 67.97 0.79 28.53
N LEU T 168 68.23 -0.48 28.79
CA LEU T 168 67.15 -1.44 28.96
C LEU T 168 66.62 -1.41 30.39
N TYR T 169 65.31 -1.63 30.51
CA TYR T 169 64.66 -1.67 31.82
C TYR T 169 64.61 -3.09 32.37
N ALA T 170 63.98 -4.00 31.63
CA ALA T 170 63.85 -5.39 32.00
C ALA T 170 65.01 -6.19 31.43
N PRO T 171 65.12 -7.48 31.74
CA PRO T 171 66.10 -8.32 31.04
C PRO T 171 65.74 -8.48 29.57
N ARG T 172 66.66 -9.07 28.82
CA ARG T 172 66.50 -9.17 27.38
C ARG T 172 65.33 -10.06 26.96
N LYS T 173 64.83 -10.89 27.88
CA LYS T 173 63.75 -11.81 27.54
C LYS T 173 62.51 -11.06 27.07
N TYR T 174 62.21 -9.94 27.70
CA TYR T 174 60.95 -9.23 27.47
C TYR T 174 61.01 -8.26 26.30
N TYR T 175 62.00 -8.40 25.43
CA TYR T 175 62.10 -7.58 24.23
C TYR T 175 62.30 -8.47 23.02
N ALA T 176 62.09 -7.89 21.84
CA ALA T 176 62.31 -8.60 20.59
C ALA T 176 63.79 -8.55 20.25
N SER T 177 64.14 -8.93 19.02
CA SER T 177 65.53 -8.87 18.57
C SER T 177 66.02 -7.43 18.50
N VAL T 197 80.54 10.23 33.08
CA VAL T 197 81.29 11.02 32.11
C VAL T 197 81.64 12.38 32.70
N PRO T 198 82.93 12.63 32.89
CA PRO T 198 83.37 13.88 33.51
C PRO T 198 83.51 15.02 32.51
N HIS T 199 83.48 16.24 33.05
CA HIS T 199 83.65 17.45 32.27
C HIS T 199 85.09 17.92 32.34
N SER T 200 85.45 18.81 31.42
CA SER T 200 86.84 19.27 31.36
C SER T 200 86.98 20.76 31.04
N ARG T 201 85.92 21.55 31.11
CA ARG T 201 85.96 23.00 30.93
C ARG T 201 86.16 23.42 29.48
N PHE T 202 86.44 22.48 28.59
CA PHE T 202 86.57 22.77 27.16
C PHE T 202 85.91 21.68 26.34
N ASN T 203 84.72 21.26 26.73
CA ASN T 203 84.01 20.22 26.01
C ASN T 203 83.76 20.62 24.56
N VAL T 204 83.90 19.67 23.65
CA VAL T 204 83.68 19.90 22.22
C VAL T 204 82.95 18.69 21.64
N GLY T 205 82.49 18.86 20.42
CA GLY T 205 81.69 17.86 19.74
C GLY T 205 80.79 18.51 18.72
N THR T 206 80.25 17.69 17.83
CA THR T 206 79.43 18.20 16.75
C THR T 206 78.08 18.68 17.30
N PHE T 207 77.16 19.06 16.40
CA PHE T 207 75.81 19.41 16.78
C PHE T 207 75.73 20.61 17.72
N PRO T 208 75.93 21.82 17.21
CA PRO T 208 75.85 23.01 18.05
C PRO T 208 74.50 23.12 18.76
N SER T 209 74.50 23.82 19.89
CA SER T 209 73.31 24.06 20.67
C SER T 209 73.27 25.53 21.08
N ILE T 210 72.11 25.96 21.54
CA ILE T 210 71.98 27.31 22.08
C ILE T 210 71.36 27.23 23.47
N ALA T 211 71.65 26.13 24.17
CA ALA T 211 71.09 25.94 25.51
C ALA T 211 71.66 26.96 26.51
N THR T 212 72.96 27.21 26.46
CA THR T 212 73.58 28.07 27.45
C THR T 212 74.22 29.31 26.86
N PRO T 213 74.78 30.18 27.69
CA PRO T 213 75.47 31.32 27.09
C PRO T 213 76.87 31.00 26.65
N LYS T 214 77.35 29.80 26.93
CA LYS T 214 78.73 29.43 26.63
C LYS T 214 78.85 28.40 25.53
N CYS T 215 77.82 28.23 24.73
CA CYS T 215 77.91 27.33 23.61
C CYS T 215 78.40 28.11 22.43
N SER T 216 79.41 27.61 21.74
CA SER T 216 80.03 28.34 20.65
C SER T 216 80.08 27.43 19.44
N VAL T 217 80.26 27.97 18.25
CA VAL T 217 80.37 27.13 17.07
C VAL T 217 81.64 27.59 16.38
N MET T 218 82.42 26.69 15.80
CA MET T 218 83.66 27.12 15.22
C MET T 218 83.43 27.42 13.77
N SER T 219 83.59 28.66 13.39
CA SER T 219 83.39 29.07 12.01
C SER T 219 84.66 28.75 11.22
N GLY T 220 84.74 29.28 10.00
CA GLY T 220 85.93 29.10 9.19
C GLY T 220 85.87 27.96 8.20
N VAL T 221 84.80 27.16 8.21
CA VAL T 221 84.63 26.07 7.26
C VAL T 221 83.30 26.27 6.53
N ASP T 222 83.35 26.29 5.21
CA ASP T 222 82.16 26.54 4.40
C ASP T 222 81.14 25.44 4.62
N ILE T 223 79.88 25.76 4.30
CA ILE T 223 78.82 24.78 4.50
C ILE T 223 78.80 23.75 3.37
N GLU T 224 79.12 24.16 2.15
CA GLU T 224 79.08 23.22 1.03
C GLU T 224 80.22 22.22 1.04
N SER T 225 81.19 22.38 1.93
CA SER T 225 82.33 21.48 1.98
C SER T 225 82.25 20.47 3.11
N ILE T 226 81.17 20.50 3.90
CA ILE T 226 81.02 19.52 4.98
C ILE T 226 80.72 18.15 4.38
N PRO T 227 81.50 17.12 4.71
CA PRO T 227 81.38 15.85 3.97
C PRO T 227 80.39 14.83 4.53
N ASN T 228 79.92 14.99 5.77
CA ASN T 228 79.13 13.92 6.37
C ASN T 228 77.71 13.85 5.79
N GLU T 229 77.14 15.00 5.42
CA GLU T 229 75.83 15.19 4.81
C GLU T 229 74.69 15.09 5.81
N PHE T 230 74.90 14.63 7.03
CA PHE T 230 73.90 14.78 8.08
C PHE T 230 74.25 15.93 9.00
N ILE T 231 75.52 15.99 9.42
CA ILE T 231 76.05 17.21 10.01
C ILE T 231 75.85 18.38 9.08
N LYS T 232 75.98 18.16 7.77
CA LYS T 232 75.79 19.22 6.79
C LYS T 232 74.35 19.73 6.80
N LEU T 233 73.38 18.82 6.76
CA LEU T 233 71.98 19.21 6.81
C LEU T 233 71.66 19.94 8.11
N PHE T 234 72.14 19.41 9.23
CA PHE T 234 71.92 20.04 10.52
C PHE T 234 72.48 21.47 10.53
N TYR T 235 73.70 21.66 10.01
CA TYR T 235 74.29 23.00 10.05
C TYR T 235 73.55 23.96 9.15
N GLN T 236 73.18 23.54 7.94
CA GLN T 236 72.41 24.40 7.06
C GLN T 236 71.12 24.84 7.72
N ARG T 237 70.36 23.88 8.27
CA ARG T 237 69.07 24.21 8.85
C ARG T 237 69.21 25.10 10.07
N VAL T 238 70.19 24.83 10.92
CA VAL T 238 70.31 25.62 12.15
C VAL T 238 70.86 27.01 11.84
N LYS T 239 71.77 27.12 10.87
CA LYS T 239 72.38 28.40 10.56
C LYS T 239 71.48 29.29 9.72
N SER T 240 70.47 28.73 9.06
CA SER T 240 69.52 29.57 8.36
C SER T 240 68.38 30.06 9.23
N ILE T 241 68.35 29.68 10.51
CA ILE T 241 67.25 30.09 11.38
C ILE T 241 67.76 30.79 12.63
N HIS T 242 68.97 30.44 13.06
CA HIS T 242 69.54 30.98 14.29
C HIS T 242 70.83 31.74 14.00
N ALA T 243 70.86 32.44 12.86
CA ALA T 243 72.09 33.09 12.43
C ALA T 243 72.51 34.19 13.40
N ASN T 244 71.56 34.98 13.88
CA ASN T 244 71.86 36.18 14.64
C ASN T 244 72.18 35.91 16.11
N ILE T 245 71.94 34.69 16.61
CA ILE T 245 72.10 34.40 18.03
C ILE T 245 73.17 33.35 18.30
N LEU T 246 73.87 32.87 17.27
CA LEU T 246 74.95 31.92 17.48
C LEU T 246 76.25 32.66 17.73
N ASN T 247 77.15 32.01 18.47
CA ASN T 247 78.45 32.57 18.80
C ASN T 247 79.50 31.97 17.90
N ASP T 248 79.96 32.74 16.91
CA ASP T 248 81.00 32.30 16.01
C ASP T 248 82.38 32.62 16.57
N ILE T 249 83.30 31.67 16.45
CA ILE T 249 84.69 31.87 16.82
C ILE T 249 85.55 31.12 15.82
N SER T 250 86.59 31.79 15.33
CA SER T 250 87.46 31.21 14.31
C SER T 250 88.47 30.28 14.96
N PRO T 251 89.25 29.56 14.14
CA PRO T 251 90.29 28.69 14.73
C PRO T 251 91.32 29.43 15.56
N GLN T 252 91.68 30.65 15.16
CA GLN T 252 92.63 31.43 15.94
C GLN T 252 92.06 31.77 17.31
N ILE T 253 90.77 32.10 17.37
CA ILE T 253 90.14 32.43 18.65
C ILE T 253 90.08 31.20 19.54
N VAL T 254 89.81 30.02 18.95
CA VAL T 254 89.81 28.81 19.75
C VAL T 254 91.20 28.51 20.28
N SER T 255 92.22 28.74 19.46
CA SER T 255 93.60 28.53 19.90
C SER T 255 93.94 29.47 21.06
N ASP T 256 93.54 30.74 20.95
CA ASP T 256 93.82 31.69 22.02
C ASP T 256 93.03 31.36 23.29
N MET T 257 91.82 30.81 23.14
CA MET T 257 91.06 30.39 24.30
C MET T 257 91.72 29.21 25.00
N ILE T 258 92.17 28.22 24.23
CA ILE T 258 92.78 27.04 24.81
C ILE T 258 94.11 27.39 25.47
N ASN T 259 94.94 28.16 24.78
CA ASN T 259 96.25 28.52 25.30
C ASN T 259 96.18 29.75 26.20
N HIS T 289 97.60 2.38 13.97
CA HIS T 289 96.73 2.20 12.81
C HIS T 289 96.43 3.53 12.12
N VAL T 290 97.48 4.17 11.60
CA VAL T 290 97.32 5.46 10.93
C VAL T 290 96.51 5.27 9.66
N ASP T 291 95.38 5.95 9.58
CA ASP T 291 94.51 5.83 8.41
C ASP T 291 95.08 6.65 7.26
N VAL T 292 95.19 6.00 6.10
CA VAL T 292 95.57 6.68 4.88
C VAL T 292 94.29 6.94 4.09
N TYR T 293 94.38 7.80 3.08
CA TYR T 293 93.26 8.24 2.25
C TYR T 293 92.39 9.29 2.93
N ARG T 294 92.89 9.89 4.02
CA ARG T 294 92.25 11.04 4.64
C ARG T 294 93.27 12.16 4.70
N VAL T 295 93.07 13.19 3.88
CA VAL T 295 94.06 14.24 3.69
C VAL T 295 93.47 15.59 4.08
N ASP T 296 94.32 16.44 4.62
CA ASP T 296 93.92 17.81 4.94
C ASP T 296 93.99 18.67 3.69
N VAL T 297 92.93 19.41 3.42
CA VAL T 297 92.84 20.24 2.22
C VAL T 297 92.52 21.67 2.63
N VAL T 298 93.14 22.62 1.97
CA VAL T 298 92.79 24.02 2.03
C VAL T 298 92.63 24.52 0.61
N ASN T 299 92.36 25.82 0.46
CA ASN T 299 92.40 26.43 -0.85
C ASN T 299 93.14 27.75 -0.77
N VAL T 300 93.85 28.08 -1.84
CA VAL T 300 94.78 29.20 -1.84
C VAL T 300 94.08 30.42 -2.42
N LEU T 301 94.29 31.57 -1.79
CA LEU T 301 93.80 32.84 -2.30
C LEU T 301 94.96 33.54 -3.02
N PHE T 302 94.79 33.78 -4.31
CA PHE T 302 95.82 34.48 -5.07
C PHE T 302 95.15 35.40 -6.08
N GLU T 303 95.93 36.32 -6.62
CA GLU T 303 95.47 37.25 -7.62
C GLU T 303 96.52 37.38 -8.71
N VAL T 304 96.09 37.86 -9.87
CA VAL T 304 96.96 37.98 -11.04
C VAL T 304 97.60 39.36 -11.02
N VAL T 305 98.91 39.40 -11.27
CA VAL T 305 99.68 40.63 -11.29
C VAL T 305 100.44 40.69 -12.60
N ASP T 306 100.51 41.89 -13.19
CA ASP T 306 101.32 42.12 -14.38
C ASP T 306 102.44 43.09 -14.00
N VAL T 307 103.55 42.54 -13.51
CA VAL T 307 104.68 43.37 -13.11
C VAL T 307 105.48 43.69 -14.36
N ALA T 308 105.05 44.71 -15.08
CA ALA T 308 105.80 45.28 -16.18
C ALA T 308 106.43 46.58 -15.70
N ASP T 309 107.67 46.82 -16.12
CA ASP T 309 108.52 47.97 -15.81
C ASP T 309 108.30 48.54 -14.42
N GLY T 310 108.30 47.66 -13.41
CA GLY T 310 108.28 48.08 -12.03
C GLY T 310 107.00 48.72 -11.55
N LEU T 311 105.85 48.36 -12.12
CA LEU T 311 104.56 48.91 -11.72
C LEU T 311 103.60 47.76 -11.45
N ARG T 312 103.39 47.43 -10.18
CA ARG T 312 102.43 46.39 -9.84
C ARG T 312 101.02 46.83 -10.20
N SER T 313 100.20 45.84 -10.58
CA SER T 313 98.83 46.12 -10.97
C SER T 313 98.01 44.84 -10.76
N VAL T 314 97.26 44.78 -9.67
CA VAL T 314 96.35 43.65 -9.47
C VAL T 314 95.33 43.64 -10.60
N SER T 315 94.93 42.44 -11.01
CA SER T 315 94.08 42.33 -12.19
C SER T 315 92.85 41.47 -11.96
N ARG T 316 92.92 40.55 -11.01
CA ARG T 316 91.87 39.56 -10.87
C ARG T 316 92.16 38.69 -9.66
N LYS T 317 91.12 38.26 -8.98
CA LYS T 317 91.26 37.51 -7.73
C LYS T 317 90.56 36.16 -7.86
N LEU T 318 91.19 35.12 -7.31
CA LEU T 318 90.75 33.75 -7.55
C LEU T 318 90.91 32.92 -6.28
N ILE T 319 90.36 31.71 -6.32
CA ILE T 319 90.39 30.77 -5.20
C ILE T 319 90.56 29.36 -5.75
N MET T 320 91.57 28.64 -5.25
CA MET T 320 91.96 27.38 -5.88
C MET T 320 91.10 26.18 -5.50
N HIS T 321 90.30 26.26 -4.43
CA HIS T 321 89.33 25.21 -4.15
C HIS T 321 89.92 23.82 -3.89
N THR T 322 90.42 23.61 -2.67
CA THR T 322 90.79 22.32 -2.07
C THR T 322 91.98 21.63 -2.73
N VAL T 323 93.13 22.30 -2.73
CA VAL T 323 94.42 21.64 -2.93
C VAL T 323 94.81 20.99 -1.62
N PRO T 324 95.38 19.78 -1.63
CA PRO T 324 95.75 19.14 -0.37
C PRO T 324 96.94 19.83 0.27
N VAL T 325 97.02 19.73 1.60
CA VAL T 325 98.04 20.46 2.33
C VAL T 325 99.42 19.85 2.13
N CYS T 326 99.49 18.54 1.93
CA CYS T 326 100.78 17.88 1.83
C CYS T 326 101.56 18.36 0.61
N ILE T 327 100.86 18.64 -0.48
CA ILE T 327 101.55 19.10 -1.69
C ILE T 327 102.03 20.53 -1.51
N LEU T 328 101.27 21.35 -0.81
CA LEU T 328 101.74 22.71 -0.52
C LEU T 328 102.95 22.68 0.39
N GLU T 329 102.97 21.74 1.35
CA GLU T 329 104.15 21.56 2.18
C GLU T 329 105.35 21.11 1.37
N LEU T 330 105.14 20.15 0.47
CA LEU T 330 106.22 19.62 -0.34
C LEU T 330 106.81 20.70 -1.25
N LEU T 331 105.97 21.37 -2.03
CA LEU T 331 106.45 22.35 -2.99
C LEU T 331 106.95 23.63 -2.34
N GLY T 332 106.78 23.79 -1.03
CA GLY T 332 107.25 24.98 -0.35
C GLY T 332 106.55 26.24 -0.81
N ILE T 333 105.23 26.24 -0.74
CA ILE T 333 104.42 27.38 -1.15
C ILE T 333 104.11 28.21 0.07
N GLU T 334 104.31 29.53 -0.03
CA GLU T 334 103.95 30.44 1.05
C GLU T 334 103.56 31.78 0.43
N ILE T 335 103.34 32.77 1.27
CA ILE T 335 102.88 34.09 0.83
C ILE T 335 104.01 34.82 0.14
N ALA T 336 103.96 34.89 -1.18
CA ALA T 336 104.98 35.60 -1.95
C ALA T 336 104.55 35.61 -3.42
N ASP T 337 105.35 36.25 -4.24
CA ASP T 337 105.11 36.30 -5.68
C ASP T 337 105.74 35.07 -6.34
N TYR T 338 105.15 34.67 -7.48
CA TYR T 338 105.65 33.54 -8.22
C TYR T 338 105.42 33.77 -9.70
N CYS T 339 106.28 33.20 -10.52
CA CYS T 339 106.09 33.16 -11.97
C CYS T 339 105.70 31.74 -12.37
N ILE T 340 104.59 31.61 -13.08
CA ILE T 340 103.99 30.31 -13.33
C ILE T 340 104.31 29.78 -14.72
N ARG T 341 105.23 30.41 -15.44
CA ARG T 341 105.71 29.87 -16.72
C ARG T 341 107.18 29.51 -16.65
N GLN T 342 108.05 30.47 -16.36
CA GLN T 342 109.49 30.32 -16.16
C GLN T 342 110.26 30.01 -17.45
N GLU T 343 109.57 29.67 -18.53
CA GLU T 343 110.23 29.49 -19.82
C GLU T 343 109.22 29.18 -20.92
N ASP T 344 109.45 29.73 -22.12
CA ASP T 344 108.72 29.54 -23.38
C ASP T 344 107.21 29.37 -23.23
N GLY T 345 106.59 30.13 -22.34
CA GLY T 345 105.15 30.17 -22.28
C GLY T 345 104.46 28.89 -21.88
N MET T 346 105.19 27.90 -21.41
CA MET T 346 104.60 26.69 -20.88
C MET T 346 104.70 26.71 -19.37
N PHE T 347 103.65 26.21 -18.70
CA PHE T 347 103.54 26.36 -17.26
C PHE T 347 104.68 25.65 -16.55
N THR T 348 105.06 26.23 -15.40
CA THR T 348 106.25 25.79 -14.68
C THR T 348 106.11 24.35 -14.15
N ASP T 349 104.89 23.83 -14.14
CA ASP T 349 104.41 22.46 -13.94
C ASP T 349 104.37 22.06 -12.48
N TRP T 350 104.94 22.82 -11.56
CA TRP T 350 104.46 22.73 -10.18
C TRP T 350 103.12 23.46 -10.07
N PHE T 351 102.98 24.56 -10.80
CA PHE T 351 101.67 25.17 -10.94
C PHE T 351 100.71 24.24 -11.65
N LEU T 352 101.19 23.54 -12.68
CA LEU T 352 100.34 22.55 -13.34
C LEU T 352 99.96 21.43 -12.39
N LEU T 353 100.90 20.98 -11.56
CA LEU T 353 100.57 19.95 -10.57
C LEU T 353 99.52 20.46 -9.60
N LEU T 354 99.65 21.71 -9.13
CA LEU T 354 98.66 22.27 -8.22
C LEU T 354 97.29 22.33 -8.88
N THR T 355 97.23 22.86 -10.10
CA THR T 355 95.94 22.99 -10.77
C THR T 355 95.32 21.65 -11.10
N MET T 356 96.14 20.61 -11.27
CA MET T 356 95.62 19.29 -11.56
C MET T 356 95.33 18.46 -10.32
N LEU T 357 95.80 18.87 -9.15
CA LEU T 357 95.53 18.15 -7.91
C LEU T 357 94.29 18.65 -7.18
N SER T 358 93.59 19.65 -7.71
CA SER T 358 92.56 20.33 -6.96
C SER T 358 91.26 20.37 -7.76
N ASP T 359 90.24 20.96 -7.13
CA ASP T 359 89.06 21.43 -7.84
C ASP T 359 89.44 22.75 -8.50
N GLY T 360 88.49 23.45 -9.06
CA GLY T 360 88.79 24.57 -9.92
C GLY T 360 88.73 25.93 -9.24
N LEU T 361 89.35 26.90 -9.89
CA LEU T 361 89.45 28.24 -9.37
C LEU T 361 88.32 29.10 -9.92
N THR T 362 87.64 29.82 -9.02
CA THR T 362 86.53 30.70 -9.38
C THR T 362 86.87 32.13 -9.03
N ASP T 363 86.41 33.07 -9.87
CA ASP T 363 86.63 34.48 -9.61
C ASP T 363 85.88 34.90 -8.36
N ARG T 364 86.51 35.76 -7.56
CA ARG T 364 85.90 36.23 -6.33
C ARG T 364 84.97 37.42 -6.55
N ARG T 365 85.14 38.16 -7.64
CA ARG T 365 84.23 39.25 -7.95
C ARG T 365 82.87 38.71 -8.37
N THR T 366 82.83 37.95 -9.46
CA THR T 366 81.64 37.20 -9.86
C THR T 366 81.85 35.76 -9.46
N HIS T 367 80.98 35.25 -8.60
CA HIS T 367 81.19 33.93 -8.03
C HIS T 367 80.91 32.82 -9.05
N CYS T 368 81.73 32.75 -10.09
CA CYS T 368 81.57 31.76 -11.14
C CYS T 368 82.91 31.16 -11.49
N GLN T 369 82.89 30.00 -12.15
CA GLN T 369 84.10 29.30 -12.54
C GLN T 369 84.96 30.18 -13.44
N TYR T 370 86.25 29.83 -13.54
CA TYR T 370 87.18 30.71 -14.24
C TYR T 370 87.84 30.11 -15.46
N LEU T 371 88.47 28.94 -15.36
CA LEU T 371 89.11 28.30 -16.52
C LEU T 371 90.23 29.16 -17.10
N ILE T 372 91.35 29.23 -16.35
CA ILE T 372 92.48 30.07 -16.73
C ILE T 372 92.97 29.71 -18.14
N ASN T 373 93.57 30.68 -18.79
CA ASN T 373 93.95 30.58 -20.21
C ASN T 373 95.20 29.73 -20.37
N PRO T 374 95.19 28.73 -21.26
CA PRO T 374 96.38 27.90 -21.46
C PRO T 374 97.40 28.50 -22.40
N SER T 375 97.01 29.42 -23.26
CA SER T 375 97.89 29.97 -24.28
C SER T 375 98.80 31.04 -23.67
N SER T 376 99.48 31.79 -24.52
CA SER T 376 100.28 32.94 -24.12
C SER T 376 99.95 34.16 -24.95
N MET T 377 98.71 34.23 -25.43
CA MET T 377 98.26 35.36 -26.24
C MET T 377 97.15 36.12 -25.53
N PRO T 378 97.20 37.45 -25.58
CA PRO T 378 96.17 38.30 -24.94
C PRO T 378 94.84 38.24 -25.69
N PRO T 379 93.72 38.64 -25.04
CA PRO T 379 93.46 39.49 -23.86
C PRO T 379 93.91 39.01 -22.47
N ASP T 380 93.73 37.74 -22.14
CA ASP T 380 94.06 37.28 -20.78
C ASP T 380 95.20 36.29 -20.68
N VAL T 381 96.27 36.66 -19.97
CA VAL T 381 97.43 35.79 -19.83
C VAL T 381 97.88 35.87 -18.38
N ILE T 382 97.97 34.72 -17.71
CA ILE T 382 98.38 34.67 -16.32
C ILE T 382 99.87 34.34 -16.32
N LEU T 383 100.71 35.36 -16.11
CA LEU T 383 102.15 35.19 -16.08
C LEU T 383 102.76 35.37 -14.71
N ASN T 384 102.13 36.15 -13.83
CA ASN T 384 102.62 36.35 -12.48
C ASN T 384 101.44 36.33 -11.52
N ILE T 385 101.54 35.52 -10.48
CA ILE T 385 100.50 35.48 -9.45
C ILE T 385 101.12 35.92 -8.13
N SER T 386 100.30 35.98 -7.08
CA SER T 386 100.81 36.33 -5.76
C SER T 386 99.85 35.74 -4.73
N ILE T 387 100.27 34.68 -4.05
CA ILE T 387 99.43 34.06 -3.06
C ILE T 387 99.31 34.95 -1.84
N THR T 388 98.11 35.05 -1.27
CA THR T 388 97.84 35.98 -0.20
C THR T 388 97.31 35.36 1.07
N GLY T 389 96.82 34.13 1.04
CA GLY T 389 96.31 33.53 2.26
C GLY T 389 95.67 32.20 1.98
N PHE T 390 95.30 31.52 3.07
CA PHE T 390 94.68 30.21 3.05
C PHE T 390 93.39 30.25 3.86
N ILE T 391 92.33 29.69 3.31
CA ILE T 391 91.05 29.62 3.99
C ILE T 391 90.58 28.18 3.96
N ASN T 392 89.31 27.94 4.33
CA ASN T 392 88.85 26.80 5.11
C ASN T 392 89.62 25.49 4.96
N ARG T 393 89.99 24.91 6.09
CA ARG T 393 90.75 23.69 6.17
C ARG T 393 89.88 22.59 6.77
N HIS T 394 90.08 21.36 6.31
CA HIS T 394 89.31 20.22 6.77
C HIS T 394 89.85 18.97 6.09
N THR T 395 89.41 17.82 6.58
CA THR T 395 89.77 16.54 5.99
C THR T 395 88.70 16.09 5.01
N ILE T 396 89.10 15.23 4.08
CA ILE T 396 88.18 14.62 3.13
C ILE T 396 88.62 13.18 2.89
N ASP T 397 87.68 12.37 2.43
CA ASP T 397 87.94 10.98 2.10
C ASP T 397 88.36 10.90 0.64
N VAL T 398 89.62 10.55 0.40
CA VAL T 398 90.14 10.53 -0.97
C VAL T 398 89.65 9.30 -1.74
N MET T 399 89.19 8.27 -1.05
CA MET T 399 88.69 7.07 -1.70
C MET T 399 87.27 7.29 -2.19
N PRO T 400 87.04 7.37 -3.49
CA PRO T 400 85.68 7.58 -3.99
C PRO T 400 84.80 6.37 -3.72
N ASP T 401 83.53 6.63 -3.43
CA ASP T 401 82.62 5.54 -3.07
C ASP T 401 82.40 4.58 -4.22
N VAL T 402 82.55 5.02 -5.46
CA VAL T 402 82.37 4.14 -6.60
C VAL T 402 83.42 3.04 -6.65
N TYR T 403 84.58 3.25 -6.03
CA TYR T 403 85.68 2.31 -6.09
C TYR T 403 85.61 1.39 -4.89
N ASP T 404 85.06 0.19 -5.09
CA ASP T 404 85.03 -0.84 -4.06
C ASP T 404 85.73 -2.12 -4.45
N PHE T 405 85.71 -2.51 -5.72
CA PHE T 405 86.39 -3.70 -6.20
C PHE T 405 87.62 -3.30 -7.00
N ILE T 406 88.55 -4.24 -7.11
CA ILE T 406 89.81 -4.02 -7.82
C ILE T 406 89.59 -4.34 -9.29
N LYS T 407 89.49 -3.30 -10.11
CA LYS T 407 89.22 -3.46 -11.53
C LYS T 407 89.81 -2.28 -12.28
N PRO T 408 89.85 -2.34 -13.61
CA PRO T 408 90.48 -1.27 -14.38
C PRO T 408 89.78 0.07 -14.19
N ILE T 409 90.39 1.11 -14.76
CA ILE T 409 89.91 2.47 -14.62
C ILE T 409 89.88 3.13 -15.98
N GLY T 410 88.74 3.70 -16.35
CA GLY T 410 88.63 4.46 -17.57
C GLY T 410 88.36 5.92 -17.29
N ALA T 411 89.30 6.79 -17.62
CA ALA T 411 89.20 8.22 -17.33
C ALA T 411 88.90 8.96 -18.62
N VAL T 412 87.70 9.49 -18.75
CA VAL T 412 87.29 10.24 -19.93
C VAL T 412 87.73 11.68 -19.77
N LEU T 413 88.38 12.22 -20.80
CA LEU T 413 88.77 13.61 -20.83
C LEU T 413 88.43 14.21 -22.19
N PRO T 414 88.15 15.51 -22.25
CA PRO T 414 88.02 16.17 -23.55
C PRO T 414 89.31 16.08 -24.35
N LYS T 415 89.23 16.48 -25.61
CA LYS T 415 90.33 16.23 -26.53
C LYS T 415 91.56 17.06 -26.16
N GLY T 416 91.43 18.38 -26.14
CA GLY T 416 92.58 19.25 -26.00
C GLY T 416 93.23 19.34 -24.63
N SER T 417 92.89 18.42 -23.73
CA SER T 417 93.48 18.44 -22.40
C SER T 417 94.97 18.14 -22.46
N PHE T 418 95.63 18.22 -21.31
CA PHE T 418 97.06 17.96 -21.22
C PHE T 418 97.35 16.52 -20.86
N LYS T 419 96.78 15.57 -21.61
CA LYS T 419 97.00 14.17 -21.27
C LYS T 419 98.46 13.78 -21.43
N SER T 420 99.10 14.26 -22.50
CA SER T 420 100.50 13.90 -22.74
C SER T 420 101.40 14.45 -21.65
N THR T 421 101.23 15.72 -21.30
CA THR T 421 102.07 16.31 -20.26
C THR T 421 101.77 15.72 -18.89
N ILE T 422 100.52 15.39 -18.60
CA ILE T 422 100.23 14.81 -17.31
C ILE T 422 100.79 13.39 -17.22
N MET T 423 100.80 12.65 -18.33
CA MET T 423 101.46 11.35 -18.33
C MET T 423 102.96 11.52 -18.11
N ARG T 424 103.57 12.48 -18.81
CA ARG T 424 105.00 12.73 -18.65
C ARG T 424 105.33 13.13 -17.22
N VAL T 425 104.43 13.83 -16.55
CA VAL T 425 104.67 14.26 -15.18
C VAL T 425 104.34 13.17 -14.16
N LEU T 426 103.45 12.23 -14.51
CA LEU T 426 103.01 11.22 -13.58
C LEU T 426 103.84 9.94 -13.64
N ASP T 427 104.47 9.64 -14.78
CA ASP T 427 105.24 8.42 -14.86
C ASP T 427 106.54 8.48 -14.04
N SER T 428 106.94 9.67 -13.60
CA SER T 428 108.21 9.81 -12.90
C SER T 428 108.12 9.48 -11.42
N ILE T 429 106.95 9.70 -10.81
CA ILE T 429 106.82 9.51 -9.37
C ILE T 429 106.96 8.04 -9.03
N SER T 430 107.84 7.76 -8.07
CA SER T 430 108.01 6.41 -7.51
C SER T 430 108.52 6.61 -6.09
N VAL T 431 107.62 6.51 -5.11
CA VAL T 431 107.96 6.98 -3.77
C VAL T 431 108.83 5.97 -3.02
N LEU T 432 108.30 4.80 -2.70
CA LEU T 432 109.08 3.79 -1.98
C LEU T 432 109.53 2.69 -2.94
N GLY T 433 110.23 3.10 -3.99
CA GLY T 433 110.61 2.15 -5.03
C GLY T 433 109.44 1.42 -5.65
N VAL T 434 108.33 2.13 -5.88
CA VAL T 434 107.08 1.51 -6.28
C VAL T 434 106.72 1.85 -7.72
N LYS T 435 107.02 3.07 -8.19
CA LYS T 435 106.63 3.51 -9.52
C LYS T 435 105.11 3.46 -9.68
N ILE T 436 104.46 4.38 -8.93
CA ILE T 436 103.02 4.32 -8.70
C ILE T 436 102.20 4.32 -9.98
N MET T 437 102.74 4.86 -11.08
CA MET T 437 102.01 4.93 -12.34
C MET T 437 102.99 4.91 -13.50
N PRO T 438 103.47 3.72 -13.87
CA PRO T 438 104.40 3.63 -14.99
C PRO T 438 103.73 4.02 -16.30
N ARG T 439 104.56 4.38 -17.27
CA ARG T 439 104.04 4.80 -18.57
C ARG T 439 103.44 3.64 -19.35
N ALA T 440 103.82 2.40 -19.03
CA ALA T 440 103.32 1.24 -19.76
C ALA T 440 102.00 0.71 -19.23
N HIS T 441 101.52 1.23 -18.11
CA HIS T 441 100.24 0.79 -17.55
C HIS T 441 99.07 1.64 -18.02
N VAL T 442 99.33 2.70 -18.77
CA VAL T 442 98.29 3.63 -19.21
C VAL T 442 98.10 3.47 -20.70
N VAL T 443 96.84 3.58 -21.15
CA VAL T 443 96.48 3.43 -22.56
C VAL T 443 96.16 4.82 -23.10
N ASP T 444 96.91 5.23 -24.12
CA ASP T 444 96.67 6.52 -24.76
C ASP T 444 95.25 6.56 -25.34
N SER T 445 94.75 7.78 -25.51
CA SER T 445 93.39 7.97 -26.01
C SER T 445 93.28 7.71 -27.50
N ASP T 446 94.37 7.83 -28.25
CA ASP T 446 94.35 7.63 -29.69
C ASP T 446 94.65 6.20 -30.11
N GLU T 447 95.02 5.33 -29.17
CA GLU T 447 95.50 4.00 -29.53
C GLU T 447 94.40 3.17 -30.18
N VAL T 448 93.17 3.26 -29.66
CA VAL T 448 92.09 2.45 -30.20
C VAL T 448 91.70 2.89 -31.61
N GLY T 449 92.05 4.11 -32.00
CA GLY T 449 91.72 4.59 -33.32
C GLY T 449 92.88 4.48 -34.30
N GLU T 450 94.09 4.36 -33.76
CA GLU T 450 95.27 4.27 -34.62
C GLU T 450 95.48 2.88 -35.18
N GLN T 451 94.88 1.85 -34.59
CA GLN T 451 95.11 0.47 -35.00
C GLN T 451 94.12 0.02 -36.08
N MET T 452 93.99 0.81 -37.14
CA MET T 452 93.08 0.48 -38.23
C MET T 452 93.76 0.81 -39.54
N GLU T 453 93.42 0.05 -40.59
CA GLU T 453 94.10 0.22 -41.87
C GLU T 453 93.91 1.63 -42.42
N PRO T 454 92.68 2.10 -42.70
CA PRO T 454 92.43 3.54 -42.60
C PRO T 454 92.13 3.87 -41.16
N THR T 455 93.04 4.62 -40.53
CA THR T 455 92.82 5.00 -39.13
C THR T 455 91.57 5.87 -39.02
N PHE T 456 91.09 6.03 -37.79
CA PHE T 456 89.80 6.67 -37.58
C PHE T 456 89.81 8.12 -38.06
N GLU T 457 90.82 8.89 -37.66
CA GLU T 457 90.89 10.28 -38.09
C GLU T 457 91.00 10.39 -39.60
N HIS T 458 91.73 9.48 -40.23
CA HIS T 458 91.77 9.45 -41.69
C HIS T 458 90.42 9.07 -42.26
N ALA T 459 89.67 8.21 -41.57
CA ALA T 459 88.35 7.83 -42.06
C ALA T 459 87.39 9.02 -42.00
N VAL T 460 87.52 9.87 -40.99
CA VAL T 460 86.65 11.03 -40.87
C VAL T 460 87.14 12.22 -41.68
N MET T 461 88.41 12.23 -42.09
CA MET T 461 88.87 13.30 -42.95
C MET T 461 88.18 13.27 -44.31
N GLU T 462 87.80 12.07 -44.77
CA GLU T 462 87.08 11.93 -46.03
C GLU T 462 85.59 12.18 -45.89
N ILE T 463 85.16 12.81 -44.80
CA ILE T 463 83.73 13.03 -44.57
C ILE T 463 83.17 14.16 -45.40
N TYR T 464 84.02 14.99 -46.01
CA TYR T 464 83.54 16.13 -46.76
C TYR T 464 82.90 15.74 -48.09
N LYS T 465 82.92 14.47 -48.46
CA LYS T 465 82.24 14.04 -49.67
C LYS T 465 80.73 13.97 -49.47
N GLY T 466 80.28 13.64 -48.25
CA GLY T 466 78.86 13.54 -48.00
C GLY T 466 78.15 14.89 -47.99
N ILE T 467 78.87 15.96 -47.67
CA ILE T 467 78.27 17.29 -47.65
C ILE T 467 77.81 17.67 -49.06
N ALA T 468 76.85 18.59 -49.13
CA ALA T 468 76.29 19.01 -50.40
C ALA T 468 77.36 19.51 -51.36
N GLY T 469 78.29 20.30 -50.85
CA GLY T 469 79.51 20.58 -51.59
C GLY T 469 80.56 21.26 -50.76
N VAL T 470 81.74 20.67 -50.70
CA VAL T 470 82.84 21.21 -49.92
C VAL T 470 84.11 21.19 -50.77
N ASP T 471 84.42 20.03 -51.33
CA ASP T 471 85.50 19.78 -52.27
C ASP T 471 86.88 19.73 -51.61
N SER T 472 86.99 20.01 -50.31
CA SER T 472 88.30 19.97 -49.66
C SER T 472 88.13 20.16 -48.17
N LEU T 473 89.12 19.66 -47.43
CA LEU T 473 89.09 19.73 -45.98
C LEU T 473 89.16 21.17 -45.48
N ASP T 474 89.94 22.02 -46.16
CA ASP T 474 89.98 23.42 -45.74
C ASP T 474 88.66 24.10 -45.99
N ASP T 475 87.99 23.77 -47.10
CA ASP T 475 86.66 24.34 -47.32
C ASP T 475 85.68 23.80 -46.30
N LEU T 476 85.89 22.58 -45.79
CA LEU T 476 85.03 22.08 -44.72
C LEU T 476 85.24 22.89 -43.45
N THR T 477 86.50 23.12 -43.09
CA THR T 477 86.79 23.90 -41.89
C THR T 477 86.31 25.34 -42.01
N LYS T 478 86.21 25.85 -43.25
CA LYS T 478 85.67 27.19 -43.45
C LYS T 478 84.15 27.21 -43.46
N TRP T 479 83.52 26.14 -43.95
CA TRP T 479 82.06 26.06 -43.98
C TRP T 479 81.51 25.88 -42.58
N VAL T 480 82.10 24.98 -41.82
CA VAL T 480 81.97 24.92 -40.36
C VAL T 480 82.74 26.14 -39.86
N LEU T 481 82.78 26.34 -38.54
CA LEU T 481 82.90 27.61 -37.81
C LEU T 481 83.45 28.82 -38.55
N ASN T 482 82.81 29.97 -38.32
CA ASN T 482 83.08 31.24 -38.99
C ASN T 482 84.40 31.81 -38.51
N SER T 483 84.64 33.12 -38.68
CA SER T 483 85.97 33.65 -38.37
C SER T 483 86.20 33.78 -36.86
N ASP T 484 85.93 32.69 -36.15
CA ASP T 484 86.44 32.32 -34.85
C ASP T 484 85.87 30.93 -34.58
N LEU T 485 86.01 30.42 -33.37
CA LEU T 485 85.37 29.15 -33.07
C LEU T 485 83.89 29.38 -32.80
N VAL T 486 83.22 28.43 -32.15
CA VAL T 486 81.78 28.47 -32.01
C VAL T 486 81.17 28.33 -33.40
N PRO T 487 81.24 27.15 -33.99
CA PRO T 487 80.78 26.97 -35.36
C PRO T 487 79.27 27.13 -35.46
N HIS T 488 78.81 27.20 -36.71
CA HIS T 488 77.38 27.26 -36.96
C HIS T 488 76.73 25.96 -36.51
N ASP T 489 75.74 26.07 -35.63
CA ASP T 489 75.14 24.88 -35.04
C ASP T 489 74.44 24.03 -36.09
N ASP T 490 73.83 24.67 -37.09
CA ASP T 490 73.14 23.92 -38.13
C ASP T 490 74.13 23.16 -39.01
N ARG T 491 75.21 23.82 -39.42
CA ARG T 491 76.22 23.15 -40.22
C ARG T 491 76.92 22.07 -39.40
N LEU T 492 77.18 22.34 -38.12
CA LEU T 492 77.76 21.31 -37.28
C LEU T 492 76.84 20.12 -37.13
N GLY T 493 75.52 20.35 -37.12
CA GLY T 493 74.60 19.23 -37.08
C GLY T 493 74.59 18.43 -38.36
N GLN T 494 74.62 19.12 -39.51
CA GLN T 494 74.72 18.42 -40.78
C GLN T 494 76.00 17.59 -40.86
N LEU T 495 77.07 18.07 -40.24
CA LEU T 495 78.31 17.30 -40.22
C LEU T 495 78.25 16.15 -39.22
N PHE T 496 77.57 16.36 -38.09
CA PHE T 496 77.48 15.30 -37.09
C PHE T 496 76.63 14.15 -37.57
N GLN T 497 75.59 14.42 -38.36
CA GLN T 497 74.78 13.33 -38.89
C GLN T 497 75.57 12.40 -39.80
N ALA T 498 76.70 12.86 -40.34
CA ALA T 498 77.60 11.99 -41.09
C ALA T 498 78.69 11.40 -40.21
N PHE T 499 79.21 12.20 -39.26
CA PHE T 499 80.24 11.69 -38.37
C PHE T 499 79.75 10.54 -37.50
N LEU T 500 78.45 10.50 -37.19
CA LEU T 500 77.96 9.52 -36.23
C LEU T 500 78.07 8.08 -36.73
N PRO T 501 77.62 7.75 -37.94
CA PRO T 501 77.73 6.35 -38.40
C PRO T 501 79.15 5.82 -38.43
N LEU T 502 80.14 6.69 -38.66
CA LEU T 502 81.52 6.25 -38.53
C LEU T 502 81.84 5.82 -37.12
N ALA T 503 81.26 6.49 -36.12
CA ALA T 503 81.55 6.20 -34.73
C ALA T 503 80.74 5.02 -34.20
N LYS T 504 79.56 4.76 -34.74
CA LYS T 504 78.75 3.66 -34.24
C LYS T 504 79.05 2.33 -34.92
N ASP T 505 79.55 2.36 -36.16
CA ASP T 505 79.73 1.14 -36.93
C ASP T 505 81.18 0.68 -37.05
N LEU T 506 82.15 1.55 -36.81
CA LEU T 506 83.56 1.20 -36.89
C LEU T 506 84.24 1.28 -35.54
N LEU T 507 84.19 2.46 -34.90
CA LEU T 507 84.94 2.68 -33.67
C LEU T 507 84.40 1.80 -32.54
N ALA T 508 83.08 1.68 -32.43
CA ALA T 508 82.51 0.84 -31.38
C ALA T 508 82.88 -0.63 -31.56
N PRO T 509 82.71 -1.23 -32.75
CA PRO T 509 83.14 -2.63 -32.90
C PRO T 509 84.63 -2.84 -32.70
N MET T 510 85.46 -1.90 -33.15
CA MET T 510 86.90 -2.08 -32.93
C MET T 510 87.26 -1.97 -31.45
N ALA T 511 86.64 -1.03 -30.75
CA ALA T 511 86.94 -0.85 -29.33
C ALA T 511 86.42 -2.01 -28.50
N ARG T 512 85.29 -2.61 -28.89
CA ARG T 512 84.74 -3.71 -28.12
C ARG T 512 85.72 -4.88 -28.03
N GLN T 513 86.59 -5.02 -29.03
CA GLN T 513 87.63 -6.03 -28.98
C GLN T 513 88.93 -5.49 -28.37
N PHE T 514 89.28 -4.24 -28.65
CA PHE T 514 90.52 -3.71 -28.10
C PHE T 514 90.49 -3.66 -26.58
N TYR T 515 89.37 -3.23 -26.00
CA TYR T 515 89.33 -3.14 -24.55
C TYR T 515 89.30 -4.52 -23.91
N ASP T 516 88.73 -5.52 -24.59
CA ASP T 516 88.82 -6.88 -24.07
C ASP T 516 90.26 -7.38 -24.09
N ASN T 517 90.95 -7.18 -25.21
CA ASN T 517 92.36 -7.58 -25.29
C ASN T 517 93.19 -6.89 -24.23
N SER T 518 92.89 -5.62 -23.95
CA SER T 518 93.62 -4.90 -22.92
C SER T 518 93.29 -5.40 -21.53
N MET T 519 92.02 -5.71 -21.27
CA MET T 519 91.63 -6.23 -19.97
C MET T 519 92.24 -7.59 -19.70
N SER T 520 92.48 -8.38 -20.74
CA SER T 520 93.09 -9.68 -20.54
C SER T 520 94.50 -9.54 -19.97
N GLU T 521 95.28 -8.59 -20.48
CA GLU T 521 96.67 -8.43 -20.08
C GLU T 521 96.85 -7.40 -18.98
N GLY T 522 96.09 -7.51 -17.90
CA GLY T 522 96.32 -6.73 -16.71
C GLY T 522 95.40 -5.52 -16.60
N ARG T 523 95.40 -4.93 -15.40
CA ARG T 523 94.70 -3.67 -15.19
C ARG T 523 95.45 -2.54 -15.87
N LEU T 524 94.71 -1.69 -16.57
CA LEU T 524 95.29 -0.54 -17.24
C LEU T 524 94.42 0.67 -16.99
N LEU T 525 95.05 1.85 -16.99
CA LEU T 525 94.34 3.12 -16.90
C LEU T 525 94.17 3.65 -18.31
N THR T 526 92.94 3.66 -18.79
CA THR T 526 92.64 4.00 -20.18
C THR T 526 91.92 5.33 -20.25
N PHE T 527 92.23 6.11 -21.28
CA PHE T 527 91.61 7.40 -21.53
C PHE T 527 90.68 7.31 -22.73
N ALA T 528 89.86 8.34 -22.89
CA ALA T 528 88.94 8.42 -24.02
C ALA T 528 88.55 9.88 -24.22
N HIS T 529 87.80 10.14 -25.28
CA HIS T 529 87.36 11.49 -25.59
C HIS T 529 85.90 11.73 -25.27
N ALA T 530 85.16 10.70 -24.87
CA ALA T 530 83.76 10.84 -24.54
C ALA T 530 83.28 9.56 -23.89
N ASP T 531 82.39 9.68 -22.91
CA ASP T 531 81.89 8.49 -22.23
C ASP T 531 81.14 7.56 -23.15
N SER T 532 80.58 8.09 -24.25
CA SER T 532 79.86 7.24 -25.19
C SER T 532 80.78 6.21 -25.84
N GLU T 533 82.05 6.55 -25.99
CA GLU T 533 83.00 5.56 -26.52
C GLU T 533 83.12 4.36 -25.60
N LEU T 534 83.20 4.60 -24.29
CA LEU T 534 83.32 3.52 -23.33
C LEU T 534 81.98 2.88 -22.99
N LEU T 535 80.86 3.52 -23.35
CA LEU T 535 79.55 2.95 -23.08
C LEU T 535 79.04 2.10 -24.24
N ASN T 536 79.14 2.61 -25.47
CA ASN T 536 78.74 1.83 -26.63
C ASN T 536 79.58 0.58 -26.76
N ALA T 537 80.90 0.75 -26.91
CA ALA T 537 81.80 -0.37 -26.71
C ALA T 537 81.74 -0.75 -25.24
N ASN T 538 81.24 -1.95 -24.94
CA ASN T 538 80.88 -2.27 -23.57
C ASN T 538 82.12 -2.39 -22.71
N TYR T 539 82.50 -1.28 -22.07
CA TYR T 539 83.74 -1.22 -21.30
C TYR T 539 83.51 -1.69 -19.88
N PHE T 540 84.40 -2.53 -19.39
CA PHE T 540 84.37 -3.01 -18.02
C PHE T 540 85.36 -2.23 -17.17
N GLY T 541 84.96 -1.89 -15.95
CA GLY T 541 85.80 -1.17 -15.03
C GLY T 541 85.10 0.06 -14.51
N HIS T 542 85.87 0.91 -13.85
CA HIS T 542 85.34 2.16 -13.30
C HIS T 542 85.35 3.22 -14.39
N LEU T 543 84.21 3.86 -14.61
CA LEU T 543 84.08 4.91 -15.61
C LEU T 543 84.12 6.25 -14.91
N LEU T 544 85.29 6.87 -14.87
CA LEU T 544 85.48 8.16 -14.23
C LEU T 544 85.51 9.23 -15.32
N ARG T 545 84.44 10.03 -15.39
CA ARG T 545 84.50 11.24 -16.21
C ARG T 545 85.40 12.25 -15.51
N LEU T 546 86.02 13.13 -16.30
CA LEU T 546 86.98 14.07 -15.74
C LEU T 546 86.96 15.35 -16.55
N LYS T 547 87.67 16.36 -16.04
CA LYS T 547 87.63 17.71 -16.61
C LYS T 547 88.81 18.50 -16.06
N ILE T 548 89.29 19.46 -16.86
CA ILE T 548 90.49 20.23 -16.52
C ILE T 548 90.12 21.69 -16.36
N PRO T 549 90.80 22.43 -15.48
CA PRO T 549 90.41 23.83 -15.22
C PRO T 549 90.84 24.82 -16.30
N TYR T 550 91.21 24.38 -17.48
CA TYR T 550 91.67 25.31 -18.51
C TYR T 550 90.68 25.37 -19.66
N ILE T 551 91.00 26.21 -20.65
CA ILE T 551 90.24 26.28 -21.88
C ILE T 551 90.90 25.31 -22.85
N THR T 552 90.37 24.09 -22.94
CA THR T 552 91.01 23.06 -23.74
C THR T 552 91.01 23.39 -25.24
N GLU T 553 90.10 24.24 -25.69
CA GLU T 553 90.01 24.51 -27.13
C GLU T 553 91.19 25.31 -27.65
N VAL T 554 91.98 25.94 -26.79
CA VAL T 554 93.10 26.73 -27.26
C VAL T 554 94.33 25.86 -27.50
N ASN T 555 94.46 24.76 -26.76
CA ASN T 555 95.55 23.82 -27.02
C ASN T 555 95.46 23.26 -28.43
N LEU T 556 94.25 23.16 -28.98
CA LEU T 556 94.09 22.65 -30.33
C LEU T 556 94.62 23.61 -31.38
N MET T 557 94.87 24.87 -31.03
CA MET T 557 95.59 25.78 -31.91
C MET T 557 97.05 25.93 -31.54
N ILE T 558 97.41 25.73 -30.28
CA ILE T 558 98.80 25.88 -29.89
C ILE T 558 99.65 24.76 -30.48
N ARG T 559 99.21 23.52 -30.34
CA ARG T 559 99.99 22.39 -30.83
C ARG T 559 99.98 22.35 -32.36
N LYS T 560 101.12 22.00 -32.94
CA LYS T 560 101.32 22.16 -34.39
C LYS T 560 101.18 20.86 -35.18
N ASN T 561 102.00 19.85 -34.89
CA ASN T 561 102.19 18.73 -35.80
C ASN T 561 101.16 17.63 -35.55
N ARG T 562 99.92 17.94 -35.91
CA ARG T 562 98.83 16.99 -35.80
C ARG T 562 98.22 16.75 -37.17
N GLU T 563 97.69 15.54 -37.35
CA GLU T 563 97.13 15.16 -38.64
C GLU T 563 95.93 16.03 -38.98
N GLY T 564 95.91 16.54 -40.21
CA GLY T 564 94.94 17.55 -40.58
C GLY T 564 95.31 18.88 -39.95
N GLY T 565 94.73 19.96 -40.46
CA GLY T 565 94.99 21.26 -39.87
C GLY T 565 94.54 21.33 -38.43
N GLU T 566 95.01 22.36 -37.73
CA GLU T 566 94.57 22.60 -36.37
C GLU T 566 93.06 22.80 -36.33
N LEU T 567 92.51 23.47 -37.34
CA LEU T 567 91.07 23.63 -37.43
C LEU T 567 90.36 22.29 -37.50
N PHE T 568 90.97 21.30 -38.16
CA PHE T 568 90.31 20.00 -38.24
C PHE T 568 90.34 19.28 -36.90
N GLN T 569 91.48 19.31 -36.21
CA GLN T 569 91.54 18.77 -34.86
C GLN T 569 90.47 19.40 -33.97
N LEU T 570 90.28 20.71 -34.12
CA LEU T 570 89.31 21.41 -33.28
C LEU T 570 87.87 21.02 -33.62
N VAL T 571 87.55 20.94 -34.91
CA VAL T 571 86.21 20.50 -35.31
C VAL T 571 85.96 19.08 -34.85
N LEU T 572 87.00 18.25 -34.89
CA LEU T 572 86.88 16.88 -34.39
C LEU T 572 86.57 16.87 -32.90
N SER T 573 87.23 17.76 -32.15
CA SER T 573 86.93 17.87 -30.72
C SER T 573 85.49 18.29 -30.50
N TYR T 574 84.99 19.22 -31.33
CA TYR T 574 83.59 19.61 -31.24
C TYR T 574 82.67 18.41 -31.47
N LEU T 575 83.01 17.57 -32.44
CA LEU T 575 82.16 16.41 -32.72
C LEU T 575 82.15 15.44 -31.53
N TYR T 576 83.32 15.16 -30.96
CA TYR T 576 83.35 14.31 -29.77
C TYR T 576 82.54 14.92 -28.64
N LYS T 577 82.65 16.25 -28.47
CA LYS T 577 81.89 16.91 -27.41
C LYS T 577 80.40 16.86 -27.66
N MET T 578 80.00 16.79 -28.93
CA MET T 578 78.60 16.63 -29.31
C MET T 578 78.14 15.18 -29.19
N TYR T 579 79.07 14.23 -29.05
CA TYR T 579 78.78 12.81 -28.87
C TYR T 579 78.95 12.39 -27.41
N ALA T 580 78.54 13.25 -26.47
CA ALA T 580 79.06 13.17 -25.11
C ALA T 580 78.07 12.72 -24.04
N THR T 581 76.76 12.79 -24.27
CA THR T 581 75.76 12.28 -23.32
C THR T 581 75.91 12.96 -21.95
N SER T 582 75.50 14.23 -21.92
CA SER T 582 75.75 15.19 -20.84
C SER T 582 75.69 14.59 -19.45
N ALA T 583 76.79 14.73 -18.71
CA ALA T 583 76.91 14.26 -17.35
C ALA T 583 78.10 14.98 -16.72
N GLN T 584 78.10 15.04 -15.40
CA GLN T 584 79.08 15.87 -14.71
C GLN T 584 80.50 15.35 -14.88
N PRO T 585 81.39 16.11 -15.53
CA PRO T 585 82.78 15.65 -15.69
C PRO T 585 83.53 15.53 -14.38
N LYS T 586 83.31 16.44 -13.42
CA LYS T 586 83.82 16.25 -12.07
C LYS T 586 85.35 16.25 -11.95
N TRP T 587 85.99 17.34 -12.36
CA TRP T 587 87.24 17.78 -11.74
C TRP T 587 88.37 16.76 -11.67
N PHE T 588 89.08 16.56 -12.78
CA PHE T 588 90.19 15.61 -12.95
C PHE T 588 91.04 15.37 -11.72
N GLY T 589 91.36 16.43 -10.97
CA GLY T 589 92.08 16.29 -9.71
C GLY T 589 91.50 15.28 -8.74
N SER T 590 90.20 14.97 -8.87
CA SER T 590 89.56 13.96 -8.03
C SER T 590 90.25 12.61 -8.12
N LEU T 591 90.90 12.31 -9.24
CA LEU T 591 91.63 11.05 -9.40
C LEU T 591 93.10 11.19 -9.03
N LEU T 592 93.74 12.26 -9.48
CA LEU T 592 95.15 12.46 -9.19
C LEU T 592 95.41 12.58 -7.69
N ARG T 593 94.44 13.12 -6.95
CA ARG T 593 94.57 13.21 -5.50
C ARG T 593 94.66 11.82 -4.88
N LEU T 594 93.83 10.88 -5.34
CA LEU T 594 93.94 9.51 -4.89
C LEU T 594 95.26 8.89 -5.32
N LEU T 595 95.70 9.18 -6.56
CA LEU T 595 96.92 8.55 -7.06
C LEU T 595 98.13 8.96 -6.24
N ILE T 596 98.22 10.23 -5.85
CA ILE T 596 99.44 10.76 -5.24
C ILE T 596 99.37 10.78 -3.72
N CYS T 597 98.28 11.28 -3.16
CA CYS T 597 98.26 11.65 -1.74
C CYS T 597 98.54 10.49 -0.78
N PRO T 598 97.92 9.31 -0.93
CA PRO T 598 98.18 8.24 0.05
C PRO T 598 99.63 7.80 0.14
N TRP T 599 100.37 7.84 -0.96
CA TRP T 599 101.77 7.41 -0.91
C TRP T 599 102.62 8.37 -0.10
N LEU T 600 102.38 9.68 -0.24
CA LEU T 600 103.17 10.66 0.49
C LEU T 600 102.99 10.51 1.98
N HIS T 601 101.77 10.19 2.43
CA HIS T 601 101.54 10.00 3.85
C HIS T 601 102.24 8.73 4.35
N MET T 602 102.13 7.64 3.59
CA MET T 602 102.79 6.40 3.99
C MET T 602 104.30 6.54 4.01
N GLU T 603 104.85 7.45 3.20
CA GLU T 603 106.29 7.65 3.19
C GLU T 603 106.80 8.21 4.51
N LYS T 604 105.93 8.85 5.30
CA LYS T 604 106.34 9.29 6.62
C LYS T 604 106.36 8.14 7.61
N LEU T 605 105.45 7.18 7.46
CA LEU T 605 105.38 6.06 8.41
C LEU T 605 106.45 5.01 8.11
N ILE T 606 106.70 4.74 6.84
CA ILE T 606 107.63 3.68 6.45
C ILE T 606 108.80 4.32 5.72
N GLY T 607 109.17 5.52 6.14
CA GLY T 607 110.29 6.19 5.51
C GLY T 607 111.63 5.54 5.80
N GLU T 608 111.77 4.95 6.98
CA GLU T 608 113.05 4.40 7.42
C GLU T 608 112.98 2.97 7.93
N ALA T 609 111.82 2.33 7.89
CA ALA T 609 111.71 0.96 8.36
C ALA T 609 112.39 0.01 7.38
N ASP T 610 112.30 -1.28 7.67
CA ASP T 610 112.97 -2.28 6.84
C ASP T 610 112.11 -2.61 5.63
N PRO T 611 112.67 -2.57 4.42
CA PRO T 611 111.87 -2.91 3.24
C PRO T 611 111.35 -4.32 3.26
N ALA T 612 112.14 -5.27 3.78
CA ALA T 612 111.70 -6.65 3.85
C ALA T 612 110.52 -6.80 4.80
N SER T 613 110.54 -6.07 5.92
CA SER T 613 109.46 -6.19 6.89
C SER T 613 108.22 -5.42 6.47
N THR T 614 108.37 -4.34 5.70
CA THR T 614 107.25 -3.53 5.24
C THR T 614 107.17 -3.65 3.72
N SER T 615 106.49 -4.69 3.26
CA SER T 615 106.30 -4.97 1.83
C SER T 615 105.42 -6.19 1.69
N ALA T 616 104.93 -6.41 0.48
CA ALA T 616 104.13 -7.58 0.16
C ALA T 616 103.80 -7.59 -1.32
N GLU T 617 103.18 -8.66 -1.80
CA GLU T 617 102.83 -8.81 -3.20
C GLU T 617 101.91 -10.00 -3.32
N ILE T 618 100.84 -9.83 -4.10
CA ILE T 618 99.74 -10.79 -4.07
C ILE T 618 99.26 -11.16 -5.46
N GLY T 619 99.71 -12.30 -5.97
CA GLY T 619 99.38 -12.67 -7.33
C GLY T 619 98.77 -14.03 -7.53
N TRP T 620 98.81 -14.51 -8.77
CA TRP T 620 98.18 -15.77 -9.14
C TRP T 620 99.19 -16.89 -9.08
N HIS T 621 98.88 -17.93 -8.31
CA HIS T 621 99.84 -18.98 -7.97
C HIS T 621 99.62 -20.21 -8.83
N VAL T 622 100.72 -20.81 -9.28
CA VAL T 622 100.69 -22.09 -9.99
C VAL T 622 101.71 -23.02 -9.33
N PRO T 623 101.37 -24.29 -9.11
CA PRO T 623 102.28 -25.18 -8.36
C PRO T 623 103.58 -25.40 -9.11
N ARG T 624 104.55 -25.97 -8.37
CA ARG T 624 105.88 -26.22 -8.92
C ARG T 624 105.84 -27.19 -10.09
N GLU T 625 104.81 -28.01 -10.18
CA GLU T 625 104.62 -28.89 -11.33
C GLU T 625 104.06 -28.06 -12.47
N GLN T 626 103.55 -28.73 -13.50
CA GLN T 626 102.94 -28.07 -14.65
C GLN T 626 103.96 -27.18 -15.39
N LEU T 627 105.23 -27.53 -15.29
CA LEU T 627 106.30 -26.85 -16.00
C LEU T 627 106.48 -27.35 -17.43
N MET T 628 105.66 -28.30 -17.86
CA MET T 628 105.74 -28.85 -19.20
C MET T 628 105.44 -27.79 -20.25
N ASP T 637 107.87 -22.68 -8.50
CA ASP T 637 106.65 -21.90 -8.45
C ASP T 637 106.83 -20.54 -9.09
N GLY T 638 105.85 -20.11 -9.88
CA GLY T 638 105.87 -18.79 -10.48
C GLY T 638 104.51 -18.14 -10.46
N PHE T 639 104.42 -16.92 -9.95
CA PHE T 639 103.14 -16.23 -9.81
C PHE T 639 103.18 -14.88 -10.51
N ILE T 640 102.06 -14.51 -11.11
CA ILE T 640 101.92 -13.20 -11.75
C ILE T 640 101.50 -12.18 -10.69
N PRO T 641 102.20 -11.04 -10.56
CA PRO T 641 102.05 -10.19 -9.38
C PRO T 641 100.64 -9.65 -9.13
N TYR T 642 100.10 -8.85 -10.05
CA TYR T 642 98.72 -8.36 -9.98
C TYR T 642 98.47 -7.30 -8.91
N VAL T 643 99.40 -7.11 -7.98
CA VAL T 643 99.27 -6.06 -6.96
C VAL T 643 100.57 -5.97 -6.18
N SER T 644 100.87 -4.81 -5.62
CA SER T 644 102.06 -4.62 -4.81
C SER T 644 101.71 -3.75 -3.62
N ILE T 645 101.61 -4.35 -2.45
CA ILE T 645 101.21 -3.63 -1.25
C ILE T 645 102.44 -3.01 -0.60
N ARG T 646 102.24 -1.90 0.11
CA ARG T 646 103.28 -1.29 0.93
C ARG T 646 102.61 -0.72 2.16
N ALA T 647 103.06 -1.14 3.33
CA ALA T 647 102.37 -0.79 4.57
C ALA T 647 103.28 -1.13 5.74
N PRO T 648 102.95 -0.66 6.94
CA PRO T 648 103.77 -0.98 8.11
C PRO T 648 103.74 -2.47 8.43
N ARG T 649 104.60 -2.87 9.36
CA ARG T 649 104.78 -4.28 9.66
C ARG T 649 103.55 -4.87 10.34
N LEU T 650 102.94 -4.12 11.26
CA LEU T 650 101.81 -4.65 12.02
C LEU T 650 100.61 -4.91 11.13
N VAL T 651 100.49 -4.21 10.00
CA VAL T 651 99.39 -4.47 9.08
C VAL T 651 99.74 -5.56 8.08
N ILE T 652 101.02 -5.69 7.73
CA ILE T 652 101.43 -6.82 6.91
C ILE T 652 101.19 -8.13 7.65
N GLU T 653 101.42 -8.12 8.97
CA GLU T 653 101.10 -9.28 9.79
C GLU T 653 99.63 -9.63 9.70
N GLU T 654 98.76 -8.61 9.69
CA GLU T 654 97.34 -8.87 9.65
C GLU T 654 96.89 -9.32 8.28
N LEU T 655 97.51 -8.79 7.22
CA LEU T 655 97.17 -9.21 5.87
C LEU T 655 97.70 -10.60 5.56
N MET T 656 98.72 -11.06 6.29
CA MET T 656 99.30 -12.36 6.01
C MET T 656 98.32 -13.49 6.28
N GLU T 657 97.35 -13.27 7.16
CA GLU T 657 96.44 -14.32 7.60
C GLU T 657 95.08 -14.29 6.89
N LYS T 658 94.81 -13.28 6.08
CA LYS T 658 93.54 -13.23 5.38
C LYS T 658 93.46 -14.36 4.35
N ASN T 659 92.25 -14.59 3.84
CA ASN T 659 92.00 -15.76 3.00
C ASN T 659 92.83 -15.72 1.72
N TRP T 660 92.51 -14.78 0.82
CA TRP T 660 93.26 -14.59 -0.41
C TRP T 660 93.22 -15.78 -1.37
N GLY T 661 92.46 -16.83 -1.04
CA GLY T 661 92.50 -18.04 -1.81
C GLY T 661 91.19 -18.36 -2.50
N GLN T 662 90.13 -17.66 -2.12
CA GLN T 662 88.83 -17.88 -2.70
C GLN T 662 88.61 -17.11 -4.00
N TYR T 663 89.68 -16.71 -4.68
CA TYR T 663 89.60 -15.95 -5.91
C TYR T 663 90.37 -16.68 -7.00
N HIS T 664 89.69 -17.01 -8.09
CA HIS T 664 90.25 -17.87 -9.13
C HIS T 664 90.26 -17.14 -10.46
N ALA T 665 91.12 -17.61 -11.36
CA ALA T 665 91.23 -17.03 -12.69
C ALA T 665 92.09 -17.94 -13.54
N GLN T 666 91.80 -17.96 -14.84
CA GLN T 666 92.53 -18.80 -15.78
C GLN T 666 93.73 -18.02 -16.30
N VAL T 667 94.91 -18.39 -15.87
CA VAL T 667 96.14 -17.76 -16.34
C VAL T 667 96.66 -18.52 -17.55
N ILE T 668 97.10 -17.80 -18.57
CA ILE T 668 97.57 -18.38 -19.82
C ILE T 668 99.00 -17.88 -20.03
N VAL T 669 99.97 -18.67 -19.60
CA VAL T 669 101.37 -18.30 -19.74
C VAL T 669 101.81 -18.52 -21.18
N THR T 670 102.63 -17.62 -21.70
CA THR T 670 103.20 -17.73 -23.03
C THR T 670 104.70 -17.99 -22.92
N ASP T 671 105.37 -17.96 -24.07
CA ASP T 671 106.82 -18.14 -24.11
C ASP T 671 107.55 -16.91 -24.65
N GLN T 672 106.86 -15.80 -24.82
CA GLN T 672 107.47 -14.60 -25.38
C GLN T 672 108.36 -13.92 -24.36
N LEU T 673 109.43 -13.31 -24.85
CA LEU T 673 110.38 -12.59 -24.02
C LEU T 673 110.12 -11.10 -24.12
N VAL T 674 110.49 -10.37 -23.06
CA VAL T 674 110.27 -8.94 -22.98
C VAL T 674 111.62 -8.24 -22.91
N VAL T 675 111.72 -7.08 -23.56
CA VAL T 675 112.99 -6.37 -23.67
C VAL T 675 113.48 -5.86 -22.31
N GLY T 676 112.61 -5.79 -21.31
CA GLY T 676 113.01 -5.29 -20.01
C GLY T 676 114.12 -6.11 -19.39
N GLU T 677 114.74 -5.53 -18.36
CA GLU T 677 115.94 -6.14 -17.77
C GLU T 677 115.63 -7.48 -17.12
N PRO T 678 114.74 -7.58 -16.12
CA PRO T 678 114.50 -8.88 -15.48
C PRO T 678 113.90 -9.86 -16.46
N ARG T 679 114.55 -11.02 -16.59
CA ARG T 679 114.10 -12.02 -17.55
C ARG T 679 112.75 -12.56 -17.11
N ARG T 680 111.71 -12.17 -17.84
CA ARG T 680 110.34 -12.49 -17.46
C ARG T 680 109.53 -12.70 -18.73
N VAL T 681 108.51 -13.57 -18.63
CA VAL T 681 107.66 -13.92 -19.75
C VAL T 681 106.28 -13.35 -19.52
N SER T 682 105.70 -12.78 -20.57
CA SER T 682 104.36 -12.22 -20.46
C SER T 682 103.34 -13.32 -20.21
N ALA T 683 102.16 -12.91 -19.76
CA ALA T 683 101.09 -13.85 -19.46
C ALA T 683 99.76 -13.12 -19.56
N LYS T 684 98.70 -13.79 -19.12
CA LYS T 684 97.36 -13.22 -19.13
C LYS T 684 96.60 -13.79 -17.95
N ALA T 685 95.38 -13.30 -17.74
CA ALA T 685 94.56 -13.77 -16.63
C ALA T 685 93.16 -13.23 -16.79
N VAL T 686 92.17 -14.07 -16.42
CA VAL T 686 90.76 -13.72 -16.53
C VAL T 686 90.09 -14.18 -15.24
N ILE T 687 89.71 -13.22 -14.39
CA ILE T 687 89.12 -13.55 -13.11
C ILE T 687 87.79 -14.26 -13.33
N LYS T 688 87.50 -15.23 -12.46
CA LYS T 688 86.28 -16.02 -12.54
C LYS T 688 85.51 -15.90 -11.23
N GLY T 689 84.22 -15.62 -11.33
CA GLY T 689 83.34 -15.57 -10.17
C GLY T 689 83.18 -14.22 -9.52
N ASN T 690 84.22 -13.74 -8.85
CA ASN T 690 84.13 -12.49 -8.10
C ASN T 690 85.44 -11.73 -8.21
N HIS T 691 85.37 -10.43 -8.00
CA HIS T 691 86.53 -9.56 -8.06
C HIS T 691 86.97 -9.19 -6.65
N LEU T 692 88.27 -8.94 -6.50
CA LEU T 692 88.86 -8.69 -5.19
C LEU T 692 88.35 -7.39 -4.61
N PRO T 693 87.52 -7.41 -3.57
CA PRO T 693 87.06 -6.17 -2.96
C PRO T 693 88.19 -5.46 -2.24
N VAL T 694 88.06 -4.13 -2.13
CA VAL T 694 89.12 -3.35 -1.53
C VAL T 694 89.19 -3.54 -0.02
N LYS T 695 88.12 -4.01 0.61
CA LYS T 695 88.09 -4.17 2.07
C LYS T 695 89.21 -5.07 2.57
N LEU T 696 89.62 -6.06 1.76
CA LEU T 696 90.71 -6.94 2.15
C LEU T 696 92.00 -6.15 2.30
N ILE T 697 92.35 -5.36 1.29
CA ILE T 697 93.46 -4.42 1.41
C ILE T 697 92.93 -3.21 2.15
N SER T 698 93.05 -3.22 3.47
CA SER T 698 92.35 -2.26 4.31
C SER T 698 92.81 -0.83 4.04
N ARG T 699 92.20 0.13 4.73
CA ARG T 699 92.51 1.54 4.54
C ARG T 699 93.90 1.92 5.06
N PHE T 700 94.69 0.95 5.52
CA PHE T 700 95.98 1.22 6.15
C PHE T 700 97.16 0.85 5.26
N ALA T 701 96.92 0.28 4.09
CA ALA T 701 97.98 -0.06 3.15
C ALA T 701 97.85 0.77 1.89
N CYS T 702 98.97 0.99 1.22
CA CYS T 702 99.02 1.78 0.00
C CYS T 702 99.36 0.83 -1.16
N PHE T 703 98.32 0.36 -1.84
CA PHE T 703 98.48 -0.55 -2.96
C PHE T 703 98.61 0.23 -4.27
N THR T 704 98.79 -0.50 -5.37
CA THR T 704 98.87 0.09 -6.69
C THR T 704 97.58 -0.15 -7.45
N LEU T 705 97.29 0.75 -8.39
CA LEU T 705 96.04 0.72 -9.13
C LEU T 705 96.19 0.11 -10.53
N THR T 706 97.41 -0.14 -10.98
CA THR T 706 97.63 -0.72 -12.30
C THR T 706 98.69 -1.80 -12.20
N SER T 707 98.70 -2.70 -13.18
CA SER T 707 99.67 -3.78 -13.18
C SER T 707 99.59 -4.52 -14.49
N LYS T 708 100.75 -4.95 -14.99
CA LYS T 708 100.81 -5.86 -16.13
C LYS T 708 100.90 -7.30 -15.63
N TYR T 709 100.45 -8.22 -16.47
CA TYR T 709 100.47 -9.64 -16.15
C TYR T 709 101.70 -10.26 -16.82
N GLU T 710 102.56 -10.86 -16.00
CA GLU T 710 103.83 -11.37 -16.51
C GLU T 710 104.47 -12.22 -15.43
N MET T 711 105.30 -13.17 -15.87
CA MET T 711 106.00 -14.07 -14.97
C MET T 711 107.49 -14.01 -15.28
N ARG T 712 108.30 -14.08 -14.23
CA ARG T 712 109.75 -14.08 -14.36
C ARG T 712 110.27 -15.51 -14.26
N LEU T 713 111.34 -15.80 -14.99
CA LEU T 713 111.88 -17.14 -15.12
C LEU T 713 113.37 -17.15 -14.79
N PRO T 714 113.74 -16.94 -13.51
CA PRO T 714 115.14 -17.01 -13.09
C PRO T 714 115.57 -18.40 -12.60
N CYS T 715 115.31 -19.42 -13.42
CA CYS T 715 115.73 -20.77 -13.07
C CYS T 715 115.62 -21.66 -14.30
N GLY T 716 116.75 -22.25 -14.72
CA GLY T 716 116.78 -23.17 -15.84
C GLY T 716 116.16 -22.58 -17.09
N HIS T 717 116.82 -21.59 -17.69
CA HIS T 717 116.17 -20.72 -18.66
C HIS T 717 115.76 -21.47 -19.93
N SER T 718 114.46 -21.76 -20.03
CA SER T 718 113.88 -22.41 -21.19
C SER T 718 112.37 -22.22 -21.18
N THR T 719 111.82 -21.62 -22.23
CA THR T 719 110.39 -21.29 -22.30
C THR T 719 109.67 -22.36 -23.11
N GLY T 720 108.88 -23.19 -22.42
CA GLY T 720 108.23 -24.28 -23.11
C GLY T 720 106.73 -24.17 -23.34
N ARG T 721 106.36 -23.81 -24.57
CA ARG T 721 105.06 -24.12 -25.17
C ARG T 721 103.85 -23.38 -24.61
N GLY T 722 103.99 -22.70 -23.48
CA GLY T 722 102.85 -22.01 -22.90
C GLY T 722 101.71 -22.93 -22.47
N ALA T 723 100.77 -22.41 -21.66
CA ALA T 723 99.63 -23.21 -21.23
C ALA T 723 98.66 -22.41 -20.36
N ALA T 724 97.53 -23.02 -20.03
CA ALA T 724 96.58 -22.48 -19.06
C ALA T 724 96.56 -23.36 -17.83
N TYR T 725 96.41 -22.75 -16.65
CA TYR T 725 96.71 -23.47 -15.42
C TYR T 725 95.68 -23.35 -14.30
N ASN T 726 94.67 -22.50 -14.41
CA ASN T 726 93.66 -22.36 -13.36
C ASN T 726 94.30 -21.90 -12.05
N ALA T 727 94.90 -20.71 -12.09
CA ALA T 727 95.63 -20.19 -10.96
C ALA T 727 94.70 -19.91 -9.78
N ARG T 728 95.32 -19.64 -8.63
CA ARG T 728 94.61 -19.24 -7.42
C ARG T 728 95.38 -18.10 -6.77
N LEU T 729 94.65 -17.10 -6.28
CA LEU T 729 95.28 -15.97 -5.63
C LEU T 729 96.01 -16.42 -4.38
N ALA T 730 97.12 -15.75 -4.07
CA ALA T 730 97.94 -16.17 -2.94
C ALA T 730 98.81 -15.00 -2.47
N PHE T 731 98.80 -14.73 -1.18
CA PHE T 731 99.66 -13.72 -0.60
C PHE T 731 101.12 -14.17 -0.67
N ARG T 732 102.01 -13.23 -0.94
CA ARG T 732 103.42 -13.58 -1.14
C ARG T 732 104.28 -12.43 -0.62
N SER T 733 104.70 -12.56 0.64
CA SER T 733 105.73 -11.70 1.22
C SER T 733 106.85 -12.57 1.74
N ASP T 734 107.96 -11.92 2.09
CA ASP T 734 109.08 -12.67 2.64
C ASP T 734 108.82 -12.97 4.11
N LEU T 735 109.87 -13.37 4.84
CA LEU T 735 109.74 -13.70 6.25
C LEU T 735 109.10 -12.56 7.03
N ALA T 736 109.65 -11.36 6.93
CA ALA T 736 109.14 -10.20 7.64
C ALA T 736 109.20 -10.42 9.15
N TYR U 181 22.55 -25.64 -126.17
CA TYR U 181 21.18 -25.78 -126.67
C TYR U 181 20.20 -25.12 -125.72
N GLN U 182 19.06 -24.68 -126.24
CA GLN U 182 18.02 -24.12 -125.40
C GLN U 182 16.75 -23.90 -126.20
N CYS U 183 15.62 -23.98 -125.52
CA CYS U 183 14.31 -23.80 -126.13
C CYS U 183 13.88 -22.35 -126.01
N HIS U 184 13.50 -21.75 -127.12
CA HIS U 184 13.04 -20.36 -127.12
C HIS U 184 11.59 -20.22 -126.72
N VAL U 185 10.91 -21.32 -126.39
CA VAL U 185 9.51 -21.25 -125.99
C VAL U 185 9.38 -21.09 -124.48
N CYS U 186 10.22 -21.77 -123.72
CA CYS U 186 10.14 -21.74 -122.26
C CYS U 186 11.43 -21.28 -121.60
N SER U 187 12.48 -21.01 -122.38
CA SER U 187 13.78 -20.57 -121.87
C SER U 187 14.50 -21.64 -121.07
N ALA U 188 14.12 -22.90 -121.22
CA ALA U 188 14.85 -23.98 -120.58
C ALA U 188 16.09 -24.32 -121.40
N VAL U 189 17.12 -24.80 -120.71
CA VAL U 189 18.39 -25.12 -121.32
C VAL U 189 18.51 -26.64 -121.44
N LEU U 190 18.88 -27.11 -122.62
CA LEU U 190 19.06 -28.53 -122.88
C LEU U 190 20.52 -28.78 -123.26
N PHE U 191 20.83 -30.01 -123.65
CA PHE U 191 22.21 -30.35 -123.99
C PHE U 191 22.39 -31.14 -125.27
N SER U 192 21.38 -31.84 -125.77
CA SER U 192 21.52 -32.60 -127.00
C SER U 192 20.29 -32.39 -127.87
N PRO U 193 20.42 -32.59 -129.18
CA PRO U 193 19.27 -32.35 -130.06
C PRO U 193 18.11 -33.30 -129.82
N LEU U 194 18.40 -34.55 -129.44
CA LEU U 194 17.33 -35.45 -129.01
C LEU U 194 16.59 -34.87 -127.81
N ASP U 195 17.34 -34.30 -126.86
CA ASP U 195 16.70 -33.65 -125.72
C ASP U 195 15.85 -32.47 -126.16
N LEU U 196 16.34 -31.68 -127.12
CA LEU U 196 15.58 -30.53 -127.60
C LEU U 196 14.26 -30.97 -128.24
N ASP U 197 14.30 -32.01 -129.06
CA ASP U 197 13.08 -32.50 -129.69
C ASP U 197 12.12 -33.04 -128.65
N ALA U 198 12.62 -33.85 -127.71
CA ALA U 198 11.76 -34.38 -126.66
C ALA U 198 11.17 -33.27 -125.81
N HIS U 199 11.89 -32.16 -125.65
CA HIS U 199 11.36 -31.04 -124.88
C HIS U 199 10.24 -30.34 -125.65
N VAL U 200 10.51 -29.96 -126.90
CA VAL U 200 9.50 -29.24 -127.68
C VAL U 200 8.25 -30.07 -127.91
N ALA U 201 8.37 -31.40 -127.84
CA ALA U 201 7.17 -32.23 -127.89
C ALA U 201 6.20 -31.89 -126.77
N SER U 202 6.72 -31.45 -125.62
CA SER U 202 5.82 -31.11 -124.51
C SER U 202 5.11 -29.79 -124.77
N HIS U 203 5.79 -28.83 -125.38
CA HIS U 203 5.13 -27.59 -125.76
C HIS U 203 4.19 -27.78 -126.94
N GLY U 204 4.30 -28.89 -127.66
CA GLY U 204 3.37 -29.21 -128.71
C GLY U 204 3.95 -29.16 -130.10
N LEU U 205 5.24 -28.97 -130.24
CA LEU U 205 5.90 -28.88 -131.53
C LEU U 205 6.60 -30.20 -131.83
N HIS U 206 6.58 -30.60 -133.10
CA HIS U 206 7.07 -31.91 -133.49
C HIS U 206 8.58 -31.87 -133.73
N GLY U 207 9.13 -32.99 -134.22
CA GLY U 207 10.53 -33.08 -134.56
C GLY U 207 10.72 -33.75 -135.90
N ASN U 208 11.95 -34.12 -136.23
CA ASN U 208 12.23 -34.74 -137.53
C ASN U 208 11.56 -36.11 -137.68
N GLN U 217 9.74 -38.83 -121.62
CA GLN U 217 8.31 -38.59 -121.76
C GLN U 217 7.55 -39.21 -120.60
N ARG U 218 8.29 -39.59 -119.56
CA ARG U 218 7.70 -40.15 -118.35
C ARG U 218 7.37 -39.08 -117.32
N HIS U 219 7.54 -37.81 -117.67
CA HIS U 219 7.23 -36.73 -116.75
C HIS U 219 5.73 -36.49 -116.67
N ILE U 220 5.32 -35.80 -115.62
CA ILE U 220 3.91 -35.46 -115.40
C ILE U 220 3.69 -33.96 -115.38
N THR U 221 4.55 -33.23 -114.68
CA THR U 221 4.48 -31.77 -114.65
C THR U 221 5.90 -31.22 -114.74
N GLU U 222 6.09 -30.26 -115.65
CA GLU U 222 7.40 -29.65 -115.87
C GLU U 222 7.26 -28.15 -115.67
N PHE U 223 7.86 -27.63 -114.61
CA PHE U 223 7.81 -26.20 -114.32
C PHE U 223 9.20 -25.59 -114.42
N ILE U 224 9.23 -24.26 -114.54
CA ILE U 224 10.48 -23.54 -114.65
C ILE U 224 10.25 -22.08 -114.24
N SER U 225 11.15 -21.55 -113.41
CA SER U 225 11.02 -20.17 -112.95
C SER U 225 11.82 -19.23 -113.84
N SER U 226 11.61 -17.94 -113.64
CA SER U 226 12.24 -16.93 -114.47
C SER U 226 13.32 -16.13 -113.75
N TRP U 227 13.36 -16.18 -112.42
CA TRP U 227 14.33 -15.41 -111.66
C TRP U 227 15.51 -16.25 -111.18
N GLN U 228 15.62 -17.49 -111.63
CA GLN U 228 16.68 -18.37 -111.19
C GLN U 228 16.76 -19.55 -112.16
N ASN U 229 17.63 -20.49 -111.85
CA ASN U 229 17.87 -21.66 -112.70
C ASN U 229 17.62 -22.90 -111.85
N HIS U 230 16.38 -23.36 -111.83
CA HIS U 230 16.04 -24.52 -111.02
C HIS U 230 14.73 -25.14 -111.50
N PRO U 231 14.76 -25.92 -112.58
CA PRO U 231 13.55 -26.61 -113.01
C PRO U 231 13.11 -27.63 -111.98
N ILE U 232 11.84 -28.01 -112.05
CA ILE U 232 11.25 -28.98 -111.14
C ILE U 232 10.31 -29.86 -111.95
N VAL U 233 10.73 -31.09 -112.23
CA VAL U 233 9.89 -32.04 -112.94
C VAL U 233 9.34 -33.04 -111.93
N GLN U 234 8.06 -33.32 -112.03
CA GLN U 234 7.38 -34.24 -111.12
C GLN U 234 7.06 -35.52 -111.87
N VAL U 235 7.30 -36.66 -111.21
CA VAL U 235 7.21 -37.96 -111.86
C VAL U 235 6.50 -38.93 -110.92
N SER U 236 6.03 -40.03 -111.49
CA SER U 236 5.20 -40.98 -110.75
C SER U 236 5.95 -41.54 -109.55
N ALA U 237 5.18 -41.99 -108.55
CA ALA U 237 5.79 -42.39 -107.28
C ALA U 237 6.28 -43.84 -107.31
N ASP U 238 5.53 -44.73 -107.98
CA ASP U 238 5.86 -46.15 -107.96
C ASP U 238 7.16 -46.47 -108.69
N VAL U 239 7.72 -45.53 -109.45
CA VAL U 239 8.91 -45.80 -110.24
C VAL U 239 10.10 -46.06 -109.33
N GLU U 240 11.16 -46.62 -109.93
CA GLU U 240 12.29 -47.10 -109.14
C GLU U 240 13.13 -45.94 -108.62
N ASN U 241 13.72 -45.15 -109.51
CA ASN U 241 14.70 -44.13 -109.14
C ASN U 241 14.10 -42.74 -109.37
N ARG U 242 14.05 -41.94 -108.31
CA ARG U 242 13.55 -40.57 -108.35
C ARG U 242 14.69 -39.57 -108.37
N LYS U 243 15.79 -39.90 -109.05
CA LYS U 243 16.96 -39.03 -109.07
C LYS U 243 16.65 -37.69 -109.71
N THR U 244 16.68 -36.62 -108.91
CA THR U 244 16.39 -35.27 -109.38
C THR U 244 14.98 -35.19 -109.98
N ALA U 245 13.99 -35.50 -109.14
CA ALA U 245 12.60 -35.51 -109.57
C ALA U 245 11.72 -35.65 -108.36
N GLN U 246 10.61 -34.92 -108.35
CA GLN U 246 9.67 -34.95 -107.24
C GLN U 246 8.55 -35.93 -107.54
N LEU U 247 8.07 -36.59 -106.50
CA LEU U 247 7.12 -37.68 -106.66
C LEU U 247 5.69 -37.17 -106.73
N LEU U 248 4.83 -37.99 -107.29
CA LEU U 248 3.39 -37.73 -107.38
C LEU U 248 2.70 -38.75 -106.47
N HIS U 249 2.51 -38.37 -105.20
CA HIS U 249 1.97 -39.28 -104.20
C HIS U 249 0.48 -39.55 -104.38
N ALA U 250 -0.19 -38.80 -105.25
CA ALA U 250 -1.62 -38.99 -105.45
C ALA U 250 -1.89 -40.38 -106.03
N ASP U 251 -3.08 -40.90 -105.73
CA ASP U 251 -3.49 -42.22 -106.20
C ASP U 251 -4.32 -42.09 -107.48
N THR U 252 -3.67 -41.58 -108.52
CA THR U 252 -4.39 -41.24 -109.74
C THR U 252 -4.80 -42.51 -110.49
N PRO U 253 -6.01 -42.55 -111.02
CA PRO U 253 -6.42 -43.67 -111.87
C PRO U 253 -5.79 -43.56 -113.25
N ARG U 254 -6.05 -44.59 -114.05
CA ARG U 254 -5.52 -44.67 -115.42
C ARG U 254 -6.70 -44.47 -116.36
N LEU U 255 -6.93 -43.22 -116.74
CA LEU U 255 -8.09 -42.89 -117.56
C LEU U 255 -7.85 -43.23 -119.03
N VAL U 256 -6.71 -42.82 -119.57
CA VAL U 256 -6.44 -42.92 -121.00
C VAL U 256 -5.58 -44.15 -121.25
N THR U 257 -6.22 -45.23 -121.71
CA THR U 257 -5.54 -46.42 -122.18
C THR U 257 -5.98 -46.72 -123.61
N TRP U 258 -5.07 -47.34 -124.38
CA TRP U 258 -5.27 -47.45 -125.82
C TRP U 258 -5.27 -48.91 -126.25
N ASP U 259 -5.82 -49.15 -127.45
CA ASP U 259 -5.96 -50.49 -128.02
C ASP U 259 -5.76 -50.39 -129.53
N ALA U 260 -5.05 -51.37 -130.08
CA ALA U 260 -4.76 -51.40 -131.51
C ALA U 260 -5.29 -52.63 -132.22
N GLY U 261 -5.63 -53.68 -131.50
CA GLY U 261 -6.19 -54.87 -132.12
C GLY U 261 -7.63 -54.63 -132.53
N LEU U 262 -8.29 -55.74 -132.88
CA LEU U 262 -9.68 -55.68 -133.29
C LEU U 262 -10.56 -55.23 -132.13
N CYS U 263 -11.60 -54.47 -132.45
CA CYS U 263 -12.53 -53.96 -131.45
C CYS U 263 -13.77 -54.86 -131.39
N THR U 264 -13.55 -56.08 -130.89
CA THR U 264 -14.61 -57.08 -130.83
C THR U 264 -14.52 -57.83 -129.52
N SER U 265 -15.63 -58.49 -129.17
CA SER U 265 -15.68 -59.28 -127.95
C SER U 265 -16.42 -60.60 -128.15
N PHE U 266 -16.79 -60.95 -129.37
CA PHE U 266 -17.47 -62.20 -129.67
C PHE U 266 -16.67 -62.94 -130.73
N LYS U 267 -16.16 -64.11 -130.38
CA LYS U 267 -15.39 -64.93 -131.30
C LYS U 267 -16.23 -66.13 -131.75
N ILE U 268 -15.87 -66.67 -132.90
CA ILE U 268 -16.56 -67.82 -133.48
C ILE U 268 -15.60 -69.00 -133.44
N VAL U 269 -15.98 -70.04 -132.71
CA VAL U 269 -15.09 -71.18 -132.47
C VAL U 269 -15.72 -72.44 -133.04
N PRO U 270 -14.94 -73.32 -133.67
CA PRO U 270 -15.51 -74.56 -134.20
C PRO U 270 -15.75 -75.56 -133.08
N ILE U 271 -16.91 -76.22 -133.13
CA ILE U 271 -17.27 -77.20 -132.13
C ILE U 271 -17.14 -78.62 -132.61
N VAL U 272 -17.37 -78.88 -133.90
CA VAL U 272 -17.18 -80.20 -134.47
C VAL U 272 -16.36 -80.09 -135.75
N PRO U 273 -15.12 -80.54 -135.76
CA PRO U 273 -14.30 -80.42 -136.95
C PRO U 273 -14.84 -81.26 -138.09
N ALA U 274 -14.44 -80.91 -139.31
CA ALA U 274 -14.88 -81.63 -140.48
C ALA U 274 -14.05 -81.19 -141.67
N GLN U 275 -13.84 -82.11 -142.60
CA GLN U 275 -13.09 -81.85 -143.82
C GLN U 275 -13.88 -82.38 -145.01
N VAL U 276 -13.93 -81.58 -146.06
CA VAL U 276 -14.74 -81.93 -147.23
C VAL U 276 -13.96 -81.61 -148.50
N PRO U 277 -14.10 -82.42 -149.54
CA PRO U 277 -13.34 -82.16 -150.77
C PRO U 277 -13.78 -80.89 -151.47
N GLN U 278 -12.93 -79.88 -151.47
CA GLN U 278 -13.19 -78.65 -152.20
C GLN U 278 -12.82 -78.84 -153.65
N ASP U 279 -13.63 -78.27 -154.54
CA ASP U 279 -13.35 -78.39 -155.97
C ASP U 279 -12.13 -77.54 -156.34
N VAL U 280 -12.18 -76.25 -156.06
CA VAL U 280 -11.08 -75.35 -156.35
C VAL U 280 -10.18 -75.27 -155.12
N LEU U 281 -8.88 -75.44 -155.33
CA LEU U 281 -7.93 -75.62 -154.24
C LEU U 281 -7.14 -74.36 -153.88
N ALA U 282 -6.78 -73.54 -154.86
CA ALA U 282 -5.96 -72.37 -154.59
C ALA U 282 -5.94 -71.47 -155.82
N TYR U 283 -5.29 -70.33 -155.68
CA TYR U 283 -5.15 -69.33 -156.73
C TYR U 283 -3.79 -69.45 -157.38
N THR U 284 -3.67 -68.92 -158.61
CA THR U 284 -2.44 -68.98 -159.38
C THR U 284 -2.17 -67.65 -160.03
N PHE U 285 -0.91 -67.20 -159.96
CA PHE U 285 -0.50 -65.93 -160.59
C PHE U 285 0.83 -66.15 -161.31
N PHE U 286 0.73 -66.63 -162.55
CA PHE U 286 1.81 -66.88 -163.51
C PHE U 286 2.74 -68.03 -163.16
N THR U 287 2.97 -68.28 -161.88
CA THR U 287 3.68 -69.48 -161.43
C THR U 287 3.15 -69.89 -160.08
N SER U 288 2.61 -68.91 -159.35
CA SER U 288 2.48 -69.00 -157.91
C SER U 288 1.16 -69.65 -157.51
N SER U 289 1.05 -69.96 -156.22
CA SER U 289 -0.15 -70.52 -155.67
C SER U 289 -0.41 -69.87 -154.32
N TYR U 290 -1.63 -69.42 -154.11
CA TYR U 290 -2.03 -68.79 -152.86
C TYR U 290 -3.18 -69.60 -152.26
N ALA U 291 -2.94 -70.17 -151.09
CA ALA U 291 -3.92 -71.04 -150.47
C ALA U 291 -5.16 -70.25 -150.08
N ILE U 292 -6.33 -70.82 -150.35
CA ILE U 292 -7.59 -70.15 -150.04
C ILE U 292 -7.73 -70.00 -148.54
N GLN U 293 -7.94 -68.78 -148.08
CA GLN U 293 -8.15 -68.48 -146.68
C GLN U 293 -9.60 -68.08 -146.46
N SER U 294 -10.21 -68.63 -145.42
CA SER U 294 -11.61 -68.32 -145.16
C SER U 294 -11.75 -67.57 -143.84
N PRO U 295 -12.70 -66.64 -143.74
CA PRO U 295 -12.88 -65.87 -142.50
C PRO U 295 -13.64 -66.61 -141.41
N PHE U 296 -14.08 -67.84 -141.66
CA PHE U 296 -14.85 -68.57 -140.67
C PHE U 296 -14.40 -70.02 -140.65
N PRO U 297 -14.54 -70.70 -139.51
CA PRO U 297 -14.05 -72.07 -139.40
C PRO U 297 -14.79 -73.02 -140.33
N GLU U 298 -14.04 -73.93 -140.94
CA GLU U 298 -14.63 -74.98 -141.78
C GLU U 298 -14.95 -76.17 -140.88
N ALA U 299 -16.04 -76.03 -140.14
CA ALA U 299 -16.47 -77.06 -139.21
C ALA U 299 -17.86 -77.57 -139.61
N ALA U 300 -18.30 -78.61 -138.90
CA ALA U 300 -19.66 -79.07 -139.08
C ALA U 300 -20.63 -78.29 -138.20
N VAL U 301 -20.16 -77.83 -137.04
CA VAL U 301 -20.96 -77.02 -136.12
C VAL U 301 -20.07 -75.99 -135.45
N SER U 302 -20.31 -74.71 -135.75
CA SER U 302 -19.52 -73.62 -135.19
C SER U 302 -20.48 -72.60 -134.60
N ARG U 303 -20.22 -72.18 -133.37
CA ARG U 303 -21.11 -71.25 -132.69
C ARG U 303 -20.32 -70.21 -131.92
N ILE U 304 -21.01 -69.13 -131.57
CA ILE U 304 -20.39 -67.94 -131.00
C ILE U 304 -20.18 -68.11 -129.50
N VAL U 305 -19.09 -67.55 -129.00
CA VAL U 305 -18.81 -67.47 -127.58
C VAL U 305 -18.32 -66.06 -127.27
N VAL U 306 -17.97 -65.82 -126.02
CA VAL U 306 -17.71 -64.47 -125.52
C VAL U 306 -16.34 -64.49 -124.83
N HIS U 307 -15.31 -64.13 -125.59
CA HIS U 307 -13.97 -63.92 -125.05
C HIS U 307 -13.64 -62.45 -125.23
N THR U 308 -13.69 -61.69 -124.15
CA THR U 308 -13.47 -60.25 -124.26
C THR U 308 -11.99 -59.97 -124.55
N ARG U 309 -11.75 -59.17 -125.60
CA ARG U 309 -10.40 -58.81 -126.02
C ARG U 309 -9.59 -60.04 -126.42
N TRP U 310 -10.13 -60.82 -127.36
CA TRP U 310 -9.37 -61.96 -127.86
C TRP U 310 -8.40 -61.56 -128.95
N ALA U 311 -8.59 -60.39 -129.56
CA ALA U 311 -7.67 -59.84 -130.56
C ALA U 311 -7.47 -58.38 -130.19
N SER U 312 -6.47 -58.10 -129.36
CA SER U 312 -6.33 -56.76 -128.80
C SER U 312 -4.88 -56.54 -128.37
N ASN U 313 -4.20 -55.61 -129.04
CA ASN U 313 -2.91 -55.11 -128.59
C ASN U 313 -3.16 -53.94 -127.67
N VAL U 314 -2.84 -54.10 -126.39
CA VAL U 314 -3.12 -53.11 -125.37
C VAL U 314 -1.82 -52.68 -124.72
N ASP U 315 -1.71 -51.40 -124.37
CA ASP U 315 -0.55 -50.96 -123.62
C ASP U 315 -0.73 -51.17 -122.12
N PHE U 316 -1.96 -51.07 -121.63
CA PHE U 316 -2.26 -51.27 -120.21
C PHE U 316 -3.59 -51.99 -120.11
N ASP U 317 -3.59 -53.21 -119.58
CA ASP U 317 -4.80 -54.00 -119.53
C ASP U 317 -5.60 -53.72 -118.26
N ARG U 318 -6.91 -53.57 -118.40
CA ARG U 318 -7.76 -53.43 -117.22
C ARG U 318 -7.72 -54.68 -116.37
N ASP U 319 -7.51 -55.85 -116.99
CA ASP U 319 -7.38 -57.11 -116.27
C ASP U 319 -8.68 -57.51 -115.58
N SER U 320 -9.80 -57.26 -116.25
CA SER U 320 -11.11 -57.73 -115.81
C SER U 320 -11.76 -58.39 -117.02
N SER U 321 -11.42 -59.64 -117.26
CA SER U 321 -11.82 -60.32 -118.48
C SER U 321 -12.98 -61.26 -118.21
N VAL U 322 -13.89 -61.33 -119.19
CA VAL U 322 -14.92 -62.34 -119.20
C VAL U 322 -14.56 -63.35 -120.29
N ILE U 323 -13.80 -64.37 -119.91
CA ILE U 323 -13.40 -65.42 -120.84
C ILE U 323 -14.38 -66.57 -120.72
N MET U 324 -14.85 -67.06 -121.85
CA MET U 324 -15.88 -68.09 -121.86
C MET U 324 -15.46 -69.21 -122.80
N ALA U 325 -15.24 -70.39 -122.23
CA ALA U 325 -14.91 -71.55 -123.03
C ALA U 325 -16.08 -71.92 -123.92
N PRO U 326 -15.86 -72.76 -124.93
CA PRO U 326 -16.95 -73.15 -125.82
C PRO U 326 -18.04 -73.89 -125.06
N PRO U 327 -19.22 -74.05 -125.65
CA PRO U 327 -20.34 -74.64 -124.91
C PRO U 327 -20.14 -76.10 -124.58
N THR U 328 -19.26 -76.81 -125.29
CA THR U 328 -19.05 -78.21 -124.98
C THR U 328 -18.26 -78.43 -123.70
N GLU U 329 -17.66 -77.38 -123.15
CA GLU U 329 -16.98 -77.46 -121.87
C GLU U 329 -17.90 -76.93 -120.78
N ASN U 330 -17.38 -76.76 -119.58
CA ASN U 330 -18.17 -76.37 -118.42
C ASN U 330 -17.85 -74.92 -118.07
N ASN U 331 -18.90 -74.09 -117.99
CA ASN U 331 -18.75 -72.67 -117.71
C ASN U 331 -19.42 -72.27 -116.40
N ILE U 332 -19.56 -73.20 -115.45
CA ILE U 332 -20.20 -72.90 -114.19
C ILE U 332 -19.33 -72.02 -113.31
N HIS U 333 -18.03 -71.93 -113.61
CA HIS U 333 -17.14 -71.05 -112.86
C HIS U 333 -17.52 -69.59 -113.04
N LEU U 334 -18.16 -69.23 -114.15
CA LEU U 334 -18.58 -67.85 -114.36
C LEU U 334 -19.61 -67.41 -113.34
N PHE U 335 -20.32 -68.34 -112.73
CA PHE U 335 -21.39 -68.02 -111.78
C PHE U 335 -21.12 -68.50 -110.38
N LYS U 336 -20.18 -69.40 -110.19
CA LYS U 336 -19.83 -69.84 -108.85
C LYS U 336 -19.01 -68.79 -108.06
N GLN U 337 -18.89 -67.55 -108.52
CA GLN U 337 -17.89 -66.63 -107.99
C GLN U 337 -18.34 -65.95 -106.70
N LEU U 338 -19.45 -65.22 -106.74
CA LEU U 338 -19.58 -64.07 -105.85
C LEU U 338 -20.03 -64.47 -104.44
N LEU U 339 -21.24 -65.00 -104.29
CA LEU U 339 -21.68 -65.41 -102.97
C LEU U 339 -21.59 -66.92 -102.75
N ASN U 340 -21.05 -67.67 -103.71
CA ASN U 340 -20.95 -69.12 -103.54
C ASN U 340 -19.69 -69.52 -102.81
N THR U 341 -19.44 -68.90 -101.65
CA THR U 341 -18.19 -69.15 -100.94
C THR U 341 -18.23 -70.45 -100.14
N GLU U 342 -19.37 -71.12 -100.06
CA GLU U 342 -19.39 -72.52 -99.66
C GLU U 342 -20.64 -73.16 -100.27
N THR U 343 -20.42 -74.20 -101.06
CA THR U 343 -21.50 -74.90 -101.72
C THR U 343 -21.40 -76.41 -101.60
N LEU U 344 -20.27 -76.94 -101.14
CA LEU U 344 -20.08 -78.39 -101.00
C LEU U 344 -20.15 -79.08 -102.36
N SER U 345 -19.82 -78.36 -103.42
CA SER U 345 -19.76 -78.94 -104.76
C SER U 345 -18.97 -77.99 -105.63
N VAL U 346 -17.87 -78.47 -106.21
CA VAL U 346 -16.99 -77.63 -107.00
C VAL U 346 -17.58 -77.26 -108.35
N ARG U 347 -18.64 -77.94 -108.78
CA ARG U 347 -19.21 -77.73 -110.09
C ARG U 347 -20.69 -77.40 -109.99
N GLY U 348 -21.05 -76.57 -109.02
CA GLY U 348 -22.44 -76.17 -108.86
C GLY U 348 -22.53 -74.70 -108.51
N ALA U 349 -23.64 -74.10 -108.91
CA ALA U 349 -23.93 -72.70 -108.63
C ALA U 349 -25.25 -72.59 -107.88
N ASN U 350 -25.31 -71.66 -106.94
CA ASN U 350 -26.53 -71.46 -106.16
C ASN U 350 -27.52 -70.63 -106.98
N PRO U 351 -28.71 -71.16 -107.26
CA PRO U 351 -29.64 -70.43 -108.14
C PRO U 351 -30.17 -69.14 -107.55
N LEU U 352 -30.03 -68.93 -106.25
CA LEU U 352 -30.41 -67.65 -105.66
C LEU U 352 -29.38 -66.57 -105.91
N MET U 353 -28.22 -66.90 -106.46
CA MET U 353 -27.17 -65.93 -106.75
C MET U 353 -27.04 -65.65 -108.23
N PHE U 354 -27.97 -66.13 -109.06
CA PHE U 354 -27.82 -65.98 -110.51
C PHE U 354 -27.79 -64.52 -110.92
N ARG U 355 -28.74 -63.72 -110.43
CA ARG U 355 -28.81 -62.33 -110.87
C ARG U 355 -27.61 -61.54 -110.35
N ALA U 356 -27.16 -61.81 -109.13
CA ALA U 356 -25.99 -61.11 -108.61
C ALA U 356 -24.76 -61.43 -109.45
N ASN U 357 -24.54 -62.71 -109.75
CA ASN U 357 -23.38 -63.09 -110.53
C ASN U 357 -23.46 -62.54 -111.95
N VAL U 358 -24.65 -62.50 -112.53
CA VAL U 358 -24.78 -61.99 -113.89
C VAL U 358 -24.58 -60.48 -113.93
N LEU U 359 -25.04 -59.78 -112.90
CA LEU U 359 -24.80 -58.33 -112.86
C LEU U 359 -23.32 -58.05 -112.71
N HIS U 360 -22.62 -58.83 -111.89
CA HIS U 360 -21.19 -58.62 -111.77
C HIS U 360 -20.47 -58.96 -113.08
N MET U 361 -20.94 -59.99 -113.78
CA MET U 361 -20.34 -60.35 -115.07
C MET U 361 -20.52 -59.25 -116.09
N LEU U 362 -21.72 -58.67 -116.17
CA LEU U 362 -21.93 -57.56 -117.10
C LEU U 362 -21.13 -56.34 -116.70
N LEU U 363 -20.97 -56.10 -115.40
CA LEU U 363 -20.09 -55.01 -114.98
C LEU U 363 -18.67 -55.25 -115.46
N GLU U 364 -18.17 -56.47 -115.35
CA GLU U 364 -16.84 -56.76 -115.86
C GLU U 364 -16.76 -56.59 -117.37
N PHE U 365 -17.78 -57.07 -118.09
CA PHE U 365 -17.77 -56.96 -119.54
C PHE U 365 -17.74 -55.52 -119.99
N VAL U 366 -18.39 -54.63 -119.25
CA VAL U 366 -18.30 -53.21 -119.59
C VAL U 366 -16.98 -52.63 -119.16
N LEU U 367 -16.54 -52.94 -117.94
CA LEU U 367 -15.37 -52.34 -117.33
C LEU U 367 -14.07 -52.79 -117.98
N ASP U 368 -14.11 -53.83 -118.80
CA ASP U 368 -12.92 -54.29 -119.51
C ASP U 368 -12.72 -53.55 -120.82
N ASN U 369 -13.81 -53.25 -121.52
CA ASN U 369 -13.73 -52.59 -122.82
C ASN U 369 -13.61 -51.09 -122.71
N LEU U 370 -13.18 -50.57 -121.57
CA LEU U 370 -12.97 -49.14 -121.42
C LEU U 370 -11.63 -48.73 -121.98
N TYR U 371 -11.37 -49.07 -123.24
CA TYR U 371 -10.15 -48.71 -123.94
C TYR U 371 -10.45 -47.63 -124.95
N LEU U 372 -9.46 -47.32 -125.76
CA LEU U 372 -9.57 -46.20 -126.69
C LEU U 372 -8.90 -46.61 -127.99
N ASN U 373 -9.69 -46.67 -129.06
CA ASN U 373 -9.20 -47.21 -130.32
C ASN U 373 -8.03 -46.40 -130.84
N ARG U 374 -7.00 -47.08 -131.33
CA ARG U 374 -5.77 -46.45 -131.78
C ARG U 374 -5.61 -46.60 -133.29
N HIS U 375 -4.98 -45.60 -133.89
CA HIS U 375 -4.79 -45.52 -135.33
C HIS U 375 -3.45 -46.15 -135.69
N THR U 376 -3.48 -47.22 -136.45
CA THR U 376 -2.29 -47.89 -136.95
C THR U 376 -2.23 -47.76 -138.47
N GLY U 377 -1.05 -48.01 -139.01
CA GLY U 377 -0.83 -47.85 -140.44
C GLY U 377 -1.71 -48.76 -141.27
N PHE U 378 -1.77 -48.45 -142.56
CA PHE U 378 -2.59 -49.17 -143.52
C PHE U 378 -1.69 -49.80 -144.58
N SER U 379 -2.31 -50.34 -145.61
CA SER U 379 -1.56 -50.96 -146.70
C SER U 379 -2.44 -51.00 -147.94
N GLN U 380 -1.98 -50.40 -149.02
CA GLN U 380 -2.67 -50.48 -150.29
C GLN U 380 -2.82 -51.93 -150.71
N ASP U 381 -3.88 -52.21 -151.48
CA ASP U 381 -4.17 -53.58 -151.86
C ASP U 381 -4.53 -53.63 -153.34
N HIS U 382 -4.17 -54.74 -153.97
CA HIS U 382 -4.55 -54.97 -155.36
C HIS U 382 -4.99 -56.42 -155.58
N THR U 383 -5.46 -57.09 -154.54
CA THR U 383 -6.10 -58.38 -154.73
C THR U 383 -7.28 -58.22 -155.69
N PRO U 384 -7.53 -59.20 -156.57
CA PRO U 384 -8.57 -59.01 -157.59
C PRO U 384 -9.98 -58.85 -157.04
N PHE U 385 -10.18 -59.02 -155.74
CA PHE U 385 -11.50 -58.95 -155.12
C PHE U 385 -11.67 -57.77 -154.19
N THR U 386 -10.58 -57.10 -153.83
CA THR U 386 -10.63 -55.89 -153.01
C THR U 386 -9.66 -54.86 -153.57
N GLU U 387 -9.67 -54.68 -154.89
CA GLU U 387 -8.65 -53.87 -155.54
C GLU U 387 -8.82 -52.40 -155.18
N GLY U 388 -7.74 -51.80 -154.70
CA GLY U 388 -7.71 -50.39 -154.36
C GLY U 388 -7.98 -50.09 -152.90
N ALA U 389 -8.65 -50.99 -152.19
CA ALA U 389 -9.02 -50.71 -150.81
C ALA U 389 -7.79 -50.60 -149.93
N ASN U 390 -7.81 -49.63 -149.02
CA ASN U 390 -6.74 -49.46 -148.04
C ASN U 390 -7.11 -50.25 -146.79
N LEU U 391 -6.26 -51.19 -146.40
CA LEU U 391 -6.56 -52.13 -145.34
C LEU U 391 -5.71 -51.86 -144.11
N ARG U 392 -6.33 -51.90 -142.93
CA ARG U 392 -5.57 -51.71 -141.71
C ARG U 392 -4.64 -52.90 -141.50
N SER U 393 -3.56 -52.66 -140.76
CA SER U 393 -2.56 -53.68 -140.50
C SER U 393 -2.20 -53.64 -139.02
N LEU U 394 -2.52 -54.71 -138.31
CA LEU U 394 -2.27 -54.74 -136.88
C LEU U 394 -0.78 -54.70 -136.60
N PRO U 395 -0.37 -54.14 -135.45
CA PRO U 395 1.06 -54.06 -135.12
C PRO U 395 1.60 -55.43 -134.76
N GLY U 396 2.63 -55.88 -135.48
CA GLY U 396 3.22 -57.15 -135.24
C GLY U 396 3.69 -57.84 -136.51
N PRO U 397 4.41 -58.95 -136.37
CA PRO U 397 4.95 -59.62 -137.56
C PRO U 397 3.87 -60.16 -138.48
N ASP U 398 2.76 -60.65 -137.93
CA ASP U 398 1.68 -61.24 -138.74
C ASP U 398 0.76 -60.14 -139.26
N ALA U 399 1.34 -59.25 -140.07
CA ALA U 399 0.58 -58.14 -140.62
C ALA U 399 -0.50 -58.59 -141.60
N GLU U 400 -0.34 -59.76 -142.21
CA GLU U 400 -1.31 -60.26 -143.17
C GLU U 400 -2.20 -61.36 -142.62
N LYS U 401 -1.76 -62.07 -141.57
CA LYS U 401 -2.52 -63.20 -141.05
C LYS U 401 -3.91 -62.80 -140.58
N TRP U 402 -4.12 -61.53 -140.25
CA TRP U 402 -5.40 -61.05 -139.76
C TRP U 402 -6.32 -60.57 -140.86
N TYR U 403 -5.87 -60.53 -142.11
CA TYR U 403 -6.72 -59.99 -143.16
C TYR U 403 -7.94 -60.87 -143.40
N SER U 404 -7.74 -62.19 -143.43
CA SER U 404 -8.88 -63.08 -143.64
C SER U 404 -9.85 -63.02 -142.47
N ILE U 405 -9.36 -62.79 -141.26
CA ILE U 405 -10.25 -62.69 -140.11
C ILE U 405 -10.97 -61.36 -140.09
N MET U 406 -10.35 -60.30 -140.60
CA MET U 406 -10.93 -58.97 -140.51
C MET U 406 -11.91 -58.70 -141.65
N TYR U 407 -11.56 -59.08 -142.87
CA TYR U 407 -12.33 -58.67 -144.05
C TYR U 407 -12.91 -59.89 -144.75
N PRO U 408 -14.19 -60.22 -144.51
CA PRO U 408 -14.78 -61.38 -145.17
C PRO U 408 -14.79 -61.27 -146.70
N THR U 409 -14.97 -60.07 -147.23
CA THR U 409 -15.04 -59.92 -148.68
C THR U 409 -13.72 -60.22 -149.36
N ARG U 410 -12.61 -60.20 -148.62
CA ARG U 410 -11.30 -60.46 -149.22
C ARG U 410 -11.25 -61.82 -149.89
N MET U 411 -11.81 -62.83 -149.25
CA MET U 411 -11.98 -64.13 -149.88
C MET U 411 -13.12 -64.02 -150.88
N GLY U 412 -12.92 -64.57 -152.07
CA GLY U 412 -13.90 -64.41 -153.12
C GLY U 412 -15.05 -65.40 -153.04
N THR U 413 -15.37 -66.04 -154.16
CA THR U 413 -16.33 -67.12 -154.19
C THR U 413 -15.75 -68.24 -155.04
N PRO U 414 -14.75 -68.95 -154.52
CA PRO U 414 -14.05 -69.94 -155.35
C PRO U 414 -14.93 -71.09 -155.80
N ASN U 415 -15.82 -71.58 -154.94
CA ASN U 415 -16.66 -72.71 -155.30
C ASN U 415 -17.97 -72.61 -154.52
N VAL U 416 -18.77 -73.66 -154.59
CA VAL U 416 -20.07 -73.69 -153.94
C VAL U 416 -19.90 -74.03 -152.47
N SER U 417 -20.47 -73.21 -151.60
CA SER U 417 -20.41 -73.43 -150.17
C SER U 417 -21.26 -72.36 -149.49
N LYS U 418 -21.51 -72.56 -148.20
CA LYS U 418 -22.26 -71.56 -147.44
C LYS U 418 -21.44 -70.28 -147.27
N ILE U 419 -20.18 -70.43 -146.89
CA ILE U 419 -19.31 -69.26 -146.79
C ILE U 419 -19.19 -68.57 -148.14
N CYS U 420 -19.00 -69.35 -149.21
CA CYS U 420 -18.78 -68.76 -150.52
C CYS U 420 -20.01 -68.02 -151.02
N ASN U 421 -21.20 -68.62 -150.87
CA ASN U 421 -22.36 -67.90 -151.38
C ASN U 421 -22.79 -66.77 -150.46
N PHE U 422 -22.42 -66.80 -149.17
CA PHE U 422 -22.62 -65.61 -148.36
C PHE U 422 -21.73 -64.46 -148.83
N VAL U 423 -20.47 -64.77 -149.12
CA VAL U 423 -19.58 -63.73 -149.63
C VAL U 423 -20.06 -63.24 -150.97
N ALA U 424 -20.66 -64.11 -151.77
CA ALA U 424 -21.25 -63.67 -153.03
C ALA U 424 -22.45 -62.78 -152.79
N SER U 425 -23.20 -63.01 -151.72
CA SER U 425 -24.34 -62.16 -151.40
C SER U 425 -23.90 -60.77 -150.99
N CYS U 426 -22.90 -60.67 -150.12
CA CYS U 426 -22.54 -59.37 -149.56
C CYS U 426 -21.93 -58.45 -150.62
N VAL U 427 -22.04 -57.14 -150.37
CA VAL U 427 -21.53 -56.12 -151.28
C VAL U 427 -20.02 -56.01 -151.18
N ARG U 428 -19.40 -55.27 -152.09
CA ARG U 428 -17.95 -55.23 -152.20
C ARG U 428 -17.31 -53.90 -151.81
N ASN U 429 -17.96 -52.77 -152.09
CA ASN U 429 -17.31 -51.47 -151.96
C ASN U 429 -17.20 -50.97 -150.52
N ARG U 430 -17.62 -51.75 -149.53
CA ARG U 430 -17.52 -51.35 -148.13
C ARG U 430 -16.46 -52.23 -147.46
N VAL U 431 -15.22 -51.75 -147.48
CA VAL U 431 -14.08 -52.52 -147.01
C VAL U 431 -12.92 -51.58 -146.79
N GLY U 432 -12.06 -51.91 -145.84
CA GLY U 432 -10.87 -51.12 -145.61
C GLY U 432 -11.18 -49.84 -144.89
N ARG U 433 -10.59 -48.75 -145.35
CA ARG U 433 -10.83 -47.43 -144.80
C ARG U 433 -11.95 -46.72 -145.57
N PHE U 434 -12.78 -46.00 -144.82
CA PHE U 434 -13.93 -45.31 -145.38
C PHE U 434 -13.79 -43.79 -145.41
N ASP U 435 -13.04 -43.22 -144.48
CA ASP U 435 -12.94 -41.77 -144.37
C ASP U 435 -11.78 -41.44 -143.45
N ARG U 436 -11.17 -40.27 -143.66
CA ARG U 436 -10.04 -39.86 -142.84
C ARG U 436 -10.05 -38.34 -142.69
N ALA U 437 -9.36 -37.88 -141.66
CA ALA U 437 -9.38 -36.47 -141.30
C ALA U 437 -8.67 -35.62 -142.35
N GLN U 438 -8.94 -34.33 -142.29
CA GLN U 438 -8.28 -33.35 -143.15
C GLN U 438 -7.00 -32.81 -142.53
N MET U 439 -6.70 -33.18 -141.29
CA MET U 439 -5.53 -32.70 -140.57
C MET U 439 -4.55 -33.85 -140.41
N MET U 440 -3.32 -33.64 -140.85
CA MET U 440 -2.29 -34.67 -140.89
C MET U 440 -1.05 -34.13 -140.20
N ASN U 441 -0.08 -35.02 -139.98
CA ASN U 441 1.25 -34.60 -139.57
C ASN U 441 2.27 -35.36 -140.43
N GLY U 442 2.58 -34.79 -141.59
CA GLY U 442 3.40 -35.48 -142.54
C GLY U 442 2.54 -36.17 -143.57
N ALA U 443 2.34 -37.47 -143.41
CA ALA U 443 1.47 -38.24 -144.29
C ALA U 443 0.61 -39.21 -143.48
N MET U 444 0.30 -38.87 -142.24
CA MET U 444 -0.53 -39.69 -141.38
C MET U 444 -1.64 -38.83 -140.81
N SER U 445 -2.88 -39.29 -140.93
CA SER U 445 -4.04 -38.51 -140.54
C SER U 445 -4.18 -38.50 -139.02
N GLU U 446 -5.27 -37.93 -138.53
CA GLU U 446 -5.55 -37.85 -137.10
C GLU U 446 -6.57 -38.87 -136.64
N TRP U 447 -7.52 -39.22 -137.50
CA TRP U 447 -8.53 -40.21 -137.19
C TRP U 447 -9.03 -40.79 -138.52
N VAL U 448 -9.61 -41.98 -138.45
CA VAL U 448 -10.14 -42.64 -139.64
C VAL U 448 -11.38 -43.44 -139.26
N ASP U 449 -12.19 -43.75 -140.26
CA ASP U 449 -13.35 -44.62 -140.12
C ASP U 449 -13.16 -45.79 -141.07
N VAL U 450 -13.07 -46.99 -140.51
CA VAL U 450 -12.71 -48.19 -141.27
C VAL U 450 -13.78 -49.25 -141.05
N PHE U 451 -14.26 -49.84 -142.14
CA PHE U 451 -15.04 -51.06 -142.03
C PHE U 451 -14.13 -52.20 -141.62
N GLU U 452 -14.54 -52.98 -140.63
CA GLU U 452 -13.77 -54.14 -140.22
C GLU U 452 -14.59 -54.91 -139.20
N THR U 453 -14.16 -56.15 -138.94
CA THR U 453 -14.90 -57.00 -138.02
C THR U 453 -14.85 -56.42 -136.61
N SER U 454 -16.01 -56.40 -135.96
CA SER U 454 -16.17 -55.88 -134.62
C SER U 454 -17.60 -56.13 -134.18
N ASP U 455 -17.96 -55.77 -132.95
CA ASP U 455 -19.34 -55.88 -132.52
C ASP U 455 -19.88 -54.51 -132.12
N ALA U 456 -21.14 -54.28 -132.47
CA ALA U 456 -21.78 -53.00 -132.21
C ALA U 456 -21.79 -52.68 -130.72
N LEU U 457 -21.87 -53.68 -129.86
CA LEU U 457 -21.91 -53.44 -128.43
C LEU U 457 -20.61 -52.81 -127.94
N THR U 458 -19.47 -53.44 -128.24
CA THR U 458 -18.21 -52.87 -127.80
C THR U 458 -17.91 -51.56 -128.52
N VAL U 459 -18.29 -51.43 -129.79
CA VAL U 459 -18.08 -50.17 -130.48
C VAL U 459 -18.85 -49.05 -129.79
N SER U 460 -20.10 -49.31 -129.41
CA SER U 460 -20.91 -48.30 -128.74
C SER U 460 -20.36 -47.97 -127.37
N ILE U 461 -19.89 -48.99 -126.62
CA ILE U 461 -19.32 -48.73 -125.31
C ILE U 461 -18.10 -47.83 -125.43
N ARG U 462 -17.23 -48.13 -126.39
CA ARG U 462 -16.03 -47.32 -126.53
C ARG U 462 -16.36 -45.92 -127.04
N GLY U 463 -17.40 -45.78 -127.87
CA GLY U 463 -17.83 -44.45 -128.27
C GLY U 463 -18.33 -43.63 -127.09
N ARG U 464 -19.11 -44.25 -126.21
CA ARG U 464 -19.58 -43.55 -125.02
C ARG U 464 -18.42 -43.14 -124.12
N TRP U 465 -17.46 -44.04 -123.92
CA TRP U 465 -16.28 -43.70 -123.14
C TRP U 465 -15.51 -42.55 -123.79
N MET U 466 -15.43 -42.55 -125.13
CA MET U 466 -14.73 -41.49 -125.82
C MET U 466 -15.41 -40.14 -125.60
N ALA U 467 -16.73 -40.10 -125.73
CA ALA U 467 -17.44 -38.84 -125.47
C ALA U 467 -17.25 -38.39 -124.04
N ARG U 468 -17.28 -39.34 -123.09
CA ARG U 468 -17.10 -38.97 -121.70
C ARG U 468 -15.73 -38.34 -121.47
N LEU U 469 -14.68 -38.92 -122.07
CA LEU U 469 -13.35 -38.32 -121.89
C LEU U 469 -13.25 -36.99 -122.61
N ALA U 470 -13.88 -36.86 -123.78
CA ALA U 470 -13.79 -35.63 -124.55
C ALA U 470 -14.43 -34.47 -123.81
N ARG U 471 -15.53 -34.72 -123.10
CA ARG U 471 -16.18 -33.63 -122.39
C ARG U 471 -15.33 -33.08 -121.25
N MET U 472 -14.32 -33.81 -120.80
CA MET U 472 -13.46 -33.38 -119.71
C MET U 472 -12.28 -32.54 -120.19
N ASN U 473 -12.21 -32.21 -121.46
CA ASN U 473 -11.01 -31.61 -122.03
C ASN U 473 -10.77 -30.23 -121.44
N ILE U 474 -9.49 -29.88 -121.31
CA ILE U 474 -9.06 -28.63 -120.70
C ILE U 474 -8.09 -27.96 -121.66
N ASN U 475 -7.76 -26.70 -121.36
CA ASN U 475 -6.98 -25.85 -122.24
C ASN U 475 -5.78 -25.30 -121.48
N PRO U 476 -4.59 -25.32 -122.08
CA PRO U 476 -3.43 -24.72 -121.37
C PRO U 476 -3.64 -23.27 -120.99
N THR U 477 -4.36 -22.49 -121.80
CA THR U 477 -4.64 -21.11 -121.44
C THR U 477 -5.41 -21.03 -120.12
N GLU U 478 -6.42 -21.88 -119.95
CA GLU U 478 -7.20 -21.83 -118.72
C GLU U 478 -6.48 -22.48 -117.55
N ILE U 479 -5.57 -23.43 -117.81
CA ILE U 479 -4.69 -23.89 -116.73
C ILE U 479 -3.85 -22.73 -116.22
N GLU U 480 -3.31 -21.94 -117.15
CA GLU U 480 -2.59 -20.72 -116.79
C GLU U 480 -3.45 -19.79 -115.96
N TRP U 481 -4.68 -19.54 -116.42
CA TRP U 481 -5.61 -18.69 -115.69
C TRP U 481 -5.82 -19.17 -114.27
N ALA U 482 -6.10 -20.46 -114.11
CA ALA U 482 -6.41 -21.00 -112.79
C ALA U 482 -5.20 -20.91 -111.86
N LEU U 483 -4.01 -21.23 -112.36
CA LEU U 483 -2.84 -21.15 -111.49
C LEU U 483 -2.53 -19.70 -111.12
N THR U 484 -2.64 -18.78 -112.08
CA THR U 484 -2.41 -17.37 -111.77
C THR U 484 -3.39 -16.87 -110.73
N GLU U 485 -4.65 -17.32 -110.80
CA GLU U 485 -5.65 -16.88 -109.84
C GLU U 485 -5.40 -17.48 -108.47
N CYS U 486 -5.04 -18.77 -108.43
CA CYS U 486 -4.73 -19.40 -107.14
C CYS U 486 -3.53 -18.74 -106.48
N ALA U 487 -2.60 -18.21 -107.26
CA ALA U 487 -1.40 -17.60 -106.68
C ALA U 487 -1.70 -16.34 -105.86
N GLN U 488 -2.91 -15.81 -105.92
CA GLN U 488 -3.30 -14.62 -105.14
C GLN U 488 -2.53 -13.37 -105.59
N GLY U 489 -2.11 -13.34 -106.85
CA GLY U 489 -1.49 -12.17 -107.41
C GLY U 489 -0.03 -11.96 -107.09
N TYR U 490 0.59 -12.86 -106.32
CA TYR U 490 2.01 -12.74 -106.05
C TYR U 490 2.87 -13.26 -107.19
N VAL U 491 2.33 -14.14 -108.02
CA VAL U 491 3.09 -14.78 -109.09
C VAL U 491 2.16 -15.00 -110.27
N THR U 492 2.69 -14.89 -111.47
CA THR U 492 1.95 -15.15 -112.69
C THR U 492 2.52 -16.39 -113.38
N VAL U 493 1.63 -17.23 -113.90
CA VAL U 493 2.00 -18.44 -114.60
C VAL U 493 1.71 -18.25 -116.08
N THR U 494 2.43 -18.98 -116.93
CA THR U 494 2.17 -18.95 -118.36
C THR U 494 2.51 -20.31 -118.94
N SER U 495 1.73 -20.72 -119.95
CA SER U 495 1.90 -22.02 -120.57
C SER U 495 1.74 -21.89 -122.08
N PRO U 496 2.81 -21.58 -122.78
CA PRO U 496 2.72 -21.46 -124.25
C PRO U 496 2.52 -22.82 -124.89
N TYR U 497 1.97 -22.79 -126.10
CA TYR U 497 1.75 -24.01 -126.87
C TYR U 497 1.53 -23.62 -128.32
N ALA U 498 1.41 -24.64 -129.17
CA ALA U 498 1.19 -24.46 -130.58
C ALA U 498 -0.22 -24.87 -130.97
N PRO U 499 -0.73 -24.36 -132.08
CA PRO U 499 -2.12 -24.67 -132.46
C PRO U 499 -2.29 -26.11 -132.87
N SER U 500 -3.02 -26.88 -132.07
CA SER U 500 -3.24 -28.29 -132.35
C SER U 500 -4.61 -28.68 -131.80
N VAL U 501 -5.29 -29.57 -132.50
CA VAL U 501 -6.62 -29.99 -132.12
C VAL U 501 -6.67 -31.40 -131.54
N ASN U 502 -5.72 -32.27 -131.86
CA ASN U 502 -5.78 -33.63 -131.36
C ASN U 502 -5.28 -33.78 -129.94
N ARG U 503 -4.84 -32.70 -129.30
CA ARG U 503 -4.39 -32.81 -127.92
C ARG U 503 -5.56 -33.17 -127.01
N LEU U 504 -5.27 -33.96 -125.97
CA LEU U 504 -6.27 -34.39 -125.02
C LEU U 504 -5.67 -34.34 -123.61
N MET U 505 -6.42 -33.77 -122.68
CA MET U 505 -5.99 -33.79 -121.30
C MET U 505 -7.18 -33.54 -120.39
N PRO U 506 -7.92 -34.59 -120.02
CA PRO U 506 -9.18 -34.42 -119.28
C PRO U 506 -8.94 -34.06 -117.83
N TYR U 507 -9.34 -32.84 -117.46
CA TYR U 507 -9.20 -32.39 -116.08
C TYR U 507 -10.38 -31.58 -115.57
N ARG U 508 -11.44 -31.39 -116.34
CA ARG U 508 -12.57 -30.57 -115.94
C ARG U 508 -13.70 -31.44 -115.41
N ILE U 509 -14.22 -31.08 -114.24
CA ILE U 509 -15.34 -31.81 -113.64
C ILE U 509 -16.33 -30.83 -113.06
N SER U 510 -17.35 -31.33 -112.36
CA SER U 510 -18.40 -30.50 -111.82
C SER U 510 -18.37 -30.47 -110.30
N ASN U 511 -18.95 -29.41 -109.76
CA ASN U 511 -18.99 -29.22 -108.32
C ASN U 511 -19.77 -30.34 -107.64
N ALA U 512 -20.72 -30.95 -108.34
CA ALA U 512 -21.43 -32.09 -107.77
C ALA U 512 -20.49 -33.24 -107.49
N GLU U 513 -19.61 -33.55 -108.44
CA GLU U 513 -18.64 -34.62 -108.23
C GLU U 513 -17.64 -34.25 -107.15
N ARG U 514 -17.19 -33.00 -107.13
CA ARG U 514 -16.32 -32.56 -106.05
C ARG U 514 -16.98 -32.74 -104.69
N GLN U 515 -18.25 -32.37 -104.58
CA GLN U 515 -18.94 -32.46 -103.29
C GLN U 515 -19.16 -33.90 -102.87
N ILE U 516 -19.49 -34.78 -103.82
CA ILE U 516 -19.67 -36.19 -103.48
C ILE U 516 -18.37 -36.80 -102.98
N SER U 517 -17.26 -36.49 -103.64
CA SER U 517 -15.97 -36.96 -103.15
C SER U 517 -15.69 -36.42 -101.76
N GLN U 518 -16.03 -35.15 -101.52
CA GLN U 518 -15.81 -34.57 -100.20
C GLN U 518 -16.66 -35.26 -99.13
N ILE U 519 -17.88 -35.65 -99.48
CA ILE U 519 -18.73 -36.35 -98.52
C ILE U 519 -18.15 -37.72 -98.20
N ILE U 520 -17.64 -38.41 -99.21
CA ILE U 520 -16.99 -39.70 -98.96
C ILE U 520 -15.79 -39.52 -98.04
N ARG U 521 -14.99 -38.49 -98.28
CA ARG U 521 -13.84 -38.24 -97.42
C ARG U 521 -14.27 -37.96 -95.99
N VAL U 522 -15.29 -37.12 -95.81
CA VAL U 522 -15.74 -36.78 -94.46
C VAL U 522 -16.27 -38.02 -93.76
N MET U 523 -16.95 -38.88 -94.48
CA MET U 523 -17.48 -40.10 -93.87
C MET U 523 -16.40 -41.13 -93.60
N ASN U 524 -15.24 -41.00 -94.25
CA ASN U 524 -14.13 -41.91 -93.97
C ASN U 524 -13.67 -41.81 -92.52
N ILE U 525 -13.61 -40.60 -91.97
CA ILE U 525 -12.93 -40.37 -90.69
C ILE U 525 -13.55 -41.20 -89.59
N GLY U 526 -14.84 -40.97 -89.32
CA GLY U 526 -15.56 -41.80 -88.38
C GLY U 526 -15.00 -41.80 -86.97
N ASN U 527 -14.72 -40.62 -86.44
CA ASN U 527 -14.29 -40.46 -85.05
C ASN U 527 -12.97 -41.15 -84.76
N ASN U 528 -12.13 -41.31 -85.78
CA ASN U 528 -10.81 -41.94 -85.63
C ASN U 528 -9.76 -40.86 -85.80
N ALA U 529 -9.26 -40.33 -84.67
CA ALA U 529 -8.31 -39.23 -84.69
C ALA U 529 -6.99 -39.59 -85.36
N THR U 530 -6.71 -40.88 -85.52
CA THR U 530 -5.51 -41.29 -86.24
C THR U 530 -5.57 -40.90 -87.71
N VAL U 531 -6.76 -40.69 -88.25
CA VAL U 531 -6.90 -40.28 -89.64
C VAL U 531 -6.73 -38.79 -89.83
N ILE U 532 -6.98 -37.98 -88.80
CA ILE U 532 -6.86 -36.53 -88.91
C ILE U 532 -5.62 -35.98 -88.25
N GLN U 533 -4.86 -36.79 -87.50
CA GLN U 533 -3.58 -36.32 -86.97
C GLN U 533 -2.63 -35.83 -88.06
N PRO U 534 -2.27 -36.66 -89.05
CA PRO U 534 -1.23 -36.25 -90.00
C PRO U 534 -1.61 -35.04 -90.83
N VAL U 535 -2.89 -34.88 -91.16
CA VAL U 535 -3.32 -33.73 -91.95
C VAL U 535 -2.97 -32.43 -91.24
N LEU U 536 -3.40 -32.31 -89.99
CA LEU U 536 -3.13 -31.09 -89.24
C LEU U 536 -1.64 -30.91 -88.97
N GLN U 537 -0.94 -31.99 -88.63
CA GLN U 537 0.49 -31.85 -88.36
C GLN U 537 1.25 -31.37 -89.58
N ASP U 538 0.93 -31.93 -90.75
CA ASP U 538 1.67 -31.56 -91.95
C ASP U 538 1.30 -30.17 -92.45
N ILE U 539 0.03 -29.78 -92.33
CA ILE U 539 -0.32 -28.42 -92.68
C ILE U 539 0.36 -27.44 -91.74
N SER U 540 0.50 -27.81 -90.46
CA SER U 540 1.24 -26.98 -89.52
C SER U 540 2.68 -26.78 -89.97
N VAL U 541 3.36 -27.88 -90.30
CA VAL U 541 4.76 -27.78 -90.71
C VAL U 541 4.88 -26.96 -92.00
N LEU U 542 3.93 -27.11 -92.91
CA LEU U 542 3.97 -26.35 -94.15
C LEU U 542 3.82 -24.85 -93.90
N LEU U 543 2.88 -24.48 -93.03
CA LEU U 543 2.74 -23.07 -92.66
C LEU U 543 4.01 -22.55 -92.03
N GLN U 544 4.62 -23.34 -91.13
CA GLN U 544 5.85 -22.90 -90.50
C GLN U 544 6.98 -22.71 -91.49
N ARG U 545 7.00 -23.50 -92.57
CA ARG U 545 8.07 -23.38 -93.53
C ARG U 545 7.85 -22.25 -94.52
N ILE U 546 6.61 -21.92 -94.85
CA ILE U 546 6.35 -20.86 -95.81
C ILE U 546 5.96 -19.54 -95.14
N SER U 547 6.05 -19.47 -93.83
CA SER U 547 5.61 -18.18 -93.29
C SER U 547 6.80 -17.30 -92.95
N PRO U 548 6.64 -15.98 -93.08
CA PRO U 548 7.76 -15.08 -92.77
C PRO U 548 7.81 -14.66 -91.32
N LEU U 549 7.08 -15.35 -90.45
CA LEU U 549 6.97 -14.97 -89.04
C LEU U 549 7.92 -15.81 -88.21
N GLN U 550 8.69 -15.15 -87.35
CA GLN U 550 9.60 -15.79 -86.43
C GLN U 550 9.16 -15.51 -85.00
N ILE U 551 9.28 -16.51 -84.15
CA ILE U 551 8.83 -16.43 -82.76
C ILE U 551 10.04 -16.69 -81.87
N ASP U 552 10.40 -15.68 -81.06
CA ASP U 552 11.40 -15.86 -80.01
C ASP U 552 10.86 -15.34 -78.70
N PRO U 553 10.79 -16.16 -77.65
CA PRO U 553 10.35 -15.64 -76.35
C PRO U 553 11.37 -14.71 -75.69
N THR U 554 12.51 -14.46 -76.32
CA THR U 554 13.48 -13.54 -75.74
C THR U 554 12.96 -12.11 -75.70
N ILE U 555 11.99 -11.78 -76.55
CA ILE U 555 11.39 -10.45 -76.51
C ILE U 555 10.73 -10.22 -75.16
N ILE U 556 10.07 -11.23 -74.61
CA ILE U 556 9.41 -11.08 -73.33
C ILE U 556 10.43 -10.84 -72.22
N SER U 557 11.54 -11.57 -72.24
CA SER U 557 12.57 -11.36 -71.23
C SER U 557 13.17 -9.96 -71.35
N ASN U 558 13.48 -9.53 -72.58
CA ASN U 558 14.07 -8.21 -72.77
C ASN U 558 13.12 -7.12 -72.34
N THR U 559 11.82 -7.30 -72.58
CA THR U 559 10.87 -6.26 -72.19
C THR U 559 10.59 -6.27 -70.69
N MET U 560 10.65 -7.43 -70.04
CA MET U 560 10.50 -7.46 -68.59
C MET U 560 11.70 -6.81 -67.93
N SER U 561 12.90 -7.35 -68.17
CA SER U 561 14.13 -6.83 -67.59
C SER U 561 14.06 -6.81 -66.06
N THR U 562 13.93 -8.00 -65.49
CA THR U 562 13.79 -8.19 -64.06
C THR U 562 15.09 -8.68 -63.46
N VAL U 563 15.44 -8.14 -62.30
CA VAL U 563 16.66 -8.52 -61.61
C VAL U 563 16.35 -9.25 -60.31
N LEU U 571 5.02 -12.76 -53.97
CA LEU U 571 6.43 -12.77 -54.34
C LEU U 571 6.72 -11.58 -55.23
N SER U 572 6.62 -11.78 -56.54
CA SER U 572 6.98 -10.77 -57.51
C SER U 572 6.26 -11.03 -58.81
N PRO U 573 5.45 -10.08 -59.31
CA PRO U 573 4.64 -10.36 -60.50
C PRO U 573 5.46 -10.61 -61.75
N ALA U 574 6.55 -9.87 -61.95
CA ALA U 574 7.33 -10.03 -63.18
C ALA U 574 7.96 -11.41 -63.24
N SER U 575 8.71 -11.79 -62.22
CA SER U 575 9.31 -13.12 -62.20
C SER U 575 8.24 -14.21 -62.18
N SER U 576 7.09 -13.94 -61.58
CA SER U 576 6.01 -14.91 -61.56
C SER U 576 5.54 -15.23 -62.98
N ILE U 577 5.24 -14.18 -63.76
CA ILE U 577 4.78 -14.44 -65.11
C ILE U 577 5.90 -14.97 -66.00
N LEU U 578 7.15 -14.61 -65.73
CA LEU U 578 8.23 -15.21 -66.51
C LEU U 578 8.30 -16.71 -66.28
N GLY U 579 8.31 -17.13 -65.01
CA GLY U 579 8.31 -18.55 -64.71
C GLY U 579 7.05 -19.27 -65.15
N LYS U 580 5.95 -18.55 -65.30
CA LYS U 580 4.72 -19.16 -65.77
C LYS U 580 4.62 -19.25 -67.28
N LEU U 581 5.31 -18.37 -68.00
CA LEU U 581 5.33 -18.43 -69.45
C LEU U 581 6.40 -19.38 -69.98
N ARG U 582 7.51 -19.53 -69.26
CA ARG U 582 8.57 -20.44 -69.70
C ARG U 582 9.09 -20.02 -71.07
N PRO U 583 9.75 -18.87 -71.19
CA PRO U 583 10.24 -18.44 -72.50
C PRO U 583 11.39 -19.26 -73.04
N SER U 584 11.91 -20.23 -72.29
CA SER U 584 12.98 -21.09 -72.75
C SER U 584 12.48 -22.32 -73.48
N ASN U 585 11.18 -22.44 -73.71
CA ASN U 585 10.59 -23.56 -74.43
C ASN U 585 10.25 -23.10 -75.84
N SER U 586 10.60 -23.91 -76.83
CA SER U 586 10.44 -23.55 -78.23
C SER U 586 9.54 -24.53 -78.98
N ASP U 587 8.54 -25.08 -78.30
CA ASP U 587 7.58 -25.98 -78.94
C ASP U 587 6.30 -25.18 -79.21
N PHE U 588 6.32 -24.42 -80.28
CA PHE U 588 5.15 -23.64 -80.69
C PHE U 588 4.38 -24.37 -81.79
N SER U 589 3.84 -25.53 -81.42
CA SER U 589 3.01 -26.28 -82.33
C SER U 589 1.53 -26.00 -82.15
N SER U 590 1.10 -25.60 -80.95
CA SER U 590 -0.30 -25.31 -80.72
C SER U 590 -0.76 -24.14 -81.59
N PHE U 591 0.09 -23.13 -81.76
CA PHE U 591 -0.26 -21.97 -82.56
C PHE U 591 -0.59 -22.37 -84.00
N ARG U 592 0.33 -23.06 -84.65
CA ARG U 592 0.13 -23.41 -86.04
C ARG U 592 -0.89 -24.52 -86.22
N VAL U 593 -1.06 -25.39 -85.23
CA VAL U 593 -2.14 -26.38 -85.32
C VAL U 593 -3.48 -25.69 -85.20
N ALA U 594 -3.59 -24.62 -84.42
CA ALA U 594 -4.84 -23.88 -84.37
C ALA U 594 -5.11 -23.19 -85.71
N LEU U 595 -4.07 -22.58 -86.29
CA LEU U 595 -4.23 -21.98 -87.62
C LEU U 595 -4.72 -23.02 -88.62
N ALA U 596 -4.12 -24.21 -88.61
CA ALA U 596 -4.54 -25.24 -89.55
C ALA U 596 -5.96 -25.72 -89.26
N GLY U 597 -6.31 -25.85 -87.97
CA GLY U 597 -7.65 -26.27 -87.61
C GLY U 597 -8.73 -25.27 -87.95
N TRP U 598 -8.34 -24.01 -88.22
CA TRP U 598 -9.32 -23.05 -88.73
C TRP U 598 -10.01 -23.56 -89.99
N LEU U 599 -9.31 -24.35 -90.81
CA LEU U 599 -9.86 -24.81 -92.08
C LEU U 599 -10.79 -26.00 -91.95
N TYR U 600 -10.81 -26.67 -90.81
CA TYR U 600 -11.56 -27.92 -90.66
C TYR U 600 -12.50 -27.83 -89.47
N ASN U 601 -13.24 -26.72 -89.43
CA ASN U 601 -14.22 -26.49 -88.36
C ASN U 601 -15.24 -27.61 -88.27
N GLY U 602 -15.62 -28.19 -89.41
CA GLY U 602 -16.72 -29.14 -89.42
C GLY U 602 -16.35 -30.55 -89.05
N VAL U 603 -15.07 -30.87 -88.92
CA VAL U 603 -14.62 -32.21 -88.59
C VAL U 603 -13.91 -32.27 -87.25
N VAL U 604 -13.07 -31.28 -86.94
CA VAL U 604 -12.33 -31.23 -85.69
C VAL U 604 -12.48 -29.85 -85.09
N THR U 605 -12.75 -29.81 -83.78
CA THR U 605 -12.84 -28.55 -83.06
C THR U 605 -11.71 -28.48 -82.04
N THR U 606 -10.98 -27.38 -82.05
CA THR U 606 -9.85 -27.19 -81.15
C THR U 606 -10.34 -26.45 -79.91
N VAL U 607 -10.15 -27.06 -78.74
CA VAL U 607 -10.50 -26.47 -77.46
C VAL U 607 -9.24 -26.43 -76.61
N ILE U 608 -9.07 -25.34 -75.85
CA ILE U 608 -7.90 -25.22 -75.00
C ILE U 608 -7.96 -26.26 -73.89
N ASP U 609 -6.79 -26.76 -73.51
CA ASP U 609 -6.69 -27.94 -72.65
C ASP U 609 -7.34 -27.69 -71.30
N ASP U 610 -7.80 -28.79 -70.69
CA ASP U 610 -8.43 -28.70 -69.38
C ASP U 610 -7.45 -28.24 -68.32
N SER U 611 -6.20 -28.68 -68.41
CA SER U 611 -5.20 -28.37 -67.40
C SER U 611 -4.60 -26.98 -67.57
N SER U 612 -5.10 -26.19 -68.50
CA SER U 612 -4.67 -24.79 -68.63
C SER U 612 -5.52 -23.86 -67.78
N TYR U 613 -6.59 -24.34 -67.16
CA TYR U 613 -7.41 -23.49 -66.32
C TYR U 613 -6.84 -23.43 -64.93
N PRO U 614 -7.22 -22.43 -64.14
CA PRO U 614 -6.75 -22.36 -62.76
C PRO U 614 -7.24 -23.55 -61.95
N LYS U 615 -6.37 -24.05 -61.08
CA LYS U 615 -6.70 -25.22 -60.29
C LYS U 615 -7.81 -24.91 -59.32
N ASP U 616 -8.88 -25.71 -59.36
CA ASP U 616 -10.02 -25.59 -58.47
C ASP U 616 -10.83 -24.33 -58.72
N GLY U 617 -10.71 -23.72 -59.89
CA GLY U 617 -11.27 -22.41 -60.14
C GLY U 617 -10.43 -21.27 -59.65
N GLY U 618 -9.50 -21.52 -58.74
CA GLY U 618 -8.62 -20.48 -58.28
C GLY U 618 -9.37 -19.42 -57.48
N SER U 619 -8.71 -18.28 -57.32
CA SER U 619 -9.27 -17.16 -56.60
C SER U 619 -8.58 -15.90 -57.09
N VAL U 620 -9.26 -14.77 -56.92
CA VAL U 620 -8.68 -13.48 -57.30
C VAL U 620 -7.72 -13.02 -56.22
N THR U 621 -7.66 -13.75 -55.13
CA THR U 621 -6.72 -13.49 -54.06
C THR U 621 -5.38 -14.17 -54.28
N SER U 622 -5.14 -14.74 -55.45
CA SER U 622 -3.93 -15.48 -55.72
C SER U 622 -3.28 -15.00 -57.00
N LEU U 623 -2.02 -14.59 -56.88
CA LEU U 623 -1.27 -14.07 -58.02
C LEU U 623 -1.14 -15.10 -59.13
N GLU U 624 -0.90 -16.36 -58.74
CA GLU U 624 -0.76 -17.42 -59.74
C GLU U 624 -2.02 -17.57 -60.57
N ASN U 625 -3.18 -17.54 -59.92
CA ASN U 625 -4.42 -17.68 -60.68
C ASN U 625 -4.72 -16.43 -61.49
N LEU U 626 -4.28 -15.27 -61.02
CA LEU U 626 -4.41 -14.07 -61.85
C LEU U 626 -3.63 -14.23 -63.15
N TRP U 627 -2.38 -14.67 -63.07
CA TRP U 627 -1.63 -14.84 -64.30
C TRP U 627 -2.19 -15.97 -65.16
N ASP U 628 -2.70 -17.04 -64.52
CA ASP U 628 -3.34 -18.10 -65.28
C ASP U 628 -4.52 -17.56 -66.07
N PHE U 629 -5.35 -16.72 -65.45
CA PHE U 629 -6.48 -16.14 -66.14
C PHE U 629 -6.02 -15.25 -67.28
N PHE U 630 -4.92 -14.51 -67.09
CA PHE U 630 -4.42 -13.66 -68.18
C PHE U 630 -4.05 -14.51 -69.39
N ILE U 631 -3.24 -15.54 -69.17
CA ILE U 631 -2.82 -16.41 -70.27
C ILE U 631 -4.03 -17.03 -70.95
N LEU U 632 -5.00 -17.49 -70.16
CA LEU U 632 -6.17 -18.14 -70.73
C LEU U 632 -7.01 -17.18 -71.56
N ALA U 633 -7.22 -15.96 -71.06
CA ALA U 633 -8.03 -14.99 -71.78
C ALA U 633 -7.36 -14.60 -73.10
N LEU U 634 -6.03 -14.45 -73.10
CA LEU U 634 -5.37 -14.13 -74.36
C LEU U 634 -5.33 -15.32 -75.31
N ALA U 635 -5.41 -16.55 -74.80
CA ALA U 635 -5.33 -17.71 -75.68
C ALA U 635 -6.67 -18.12 -76.27
N LEU U 636 -7.77 -17.86 -75.57
CA LEU U 636 -9.06 -18.39 -76.00
C LEU U 636 -9.53 -17.96 -77.39
N PRO U 637 -9.41 -16.70 -77.82
CA PRO U 637 -10.06 -16.29 -79.07
C PRO U 637 -9.56 -16.99 -80.33
N LEU U 638 -8.46 -17.73 -80.28
CA LEU U 638 -7.89 -18.34 -81.47
C LEU U 638 -8.34 -19.77 -81.69
N THR U 639 -9.34 -20.24 -80.96
CA THR U 639 -9.80 -21.61 -81.08
C THR U 639 -11.16 -21.64 -81.77
N THR U 640 -11.45 -22.76 -82.42
CA THR U 640 -12.72 -22.95 -83.13
C THR U 640 -13.79 -23.58 -82.25
N ASP U 641 -13.62 -23.53 -80.94
CA ASP U 641 -14.68 -23.97 -80.04
C ASP U 641 -15.86 -23.03 -80.16
N PRO U 642 -17.06 -23.53 -80.45
CA PRO U 642 -18.20 -22.62 -80.64
C PRO U 642 -18.54 -21.81 -79.41
N CYS U 643 -18.17 -22.26 -78.21
CA CYS U 643 -18.38 -21.49 -76.99
C CYS U 643 -17.05 -21.27 -76.30
N ALA U 644 -16.30 -20.32 -76.82
CA ALA U 644 -15.12 -19.71 -76.23
C ALA U 644 -15.47 -18.56 -75.29
N PRO U 645 -16.36 -17.64 -75.70
CA PRO U 645 -16.67 -16.51 -74.81
C PRO U 645 -17.25 -16.93 -73.48
N VAL U 646 -18.09 -17.96 -73.45
CA VAL U 646 -18.69 -18.35 -72.19
C VAL U 646 -17.66 -18.92 -71.25
N LYS U 647 -16.66 -19.64 -71.77
CA LYS U 647 -15.57 -20.11 -70.91
C LYS U 647 -14.72 -18.94 -70.44
N ALA U 648 -14.44 -17.98 -71.33
CA ALA U 648 -13.66 -16.82 -70.94
C ALA U 648 -14.36 -16.01 -69.87
N PHE U 649 -15.68 -16.05 -69.85
CA PHE U 649 -16.44 -15.34 -68.82
C PHE U 649 -16.50 -16.15 -67.53
N MET U 650 -16.83 -17.43 -67.62
CA MET U 650 -17.01 -18.24 -66.43
C MET U 650 -15.71 -18.52 -65.70
N THR U 651 -14.55 -18.38 -66.36
CA THR U 651 -13.30 -18.47 -65.62
C THR U 651 -13.23 -17.40 -64.54
N LEU U 652 -13.43 -16.15 -64.92
CA LEU U 652 -13.44 -15.08 -63.92
C LEU U 652 -14.65 -15.20 -63.01
N ALA U 653 -15.77 -15.71 -63.52
CA ALA U 653 -16.93 -15.92 -62.66
C ALA U 653 -16.63 -16.89 -61.54
N ASN U 654 -15.85 -17.94 -61.84
CA ASN U 654 -15.43 -18.87 -60.81
C ASN U 654 -14.44 -18.22 -59.86
N MET U 655 -13.48 -17.46 -60.40
CA MET U 655 -12.48 -16.84 -59.53
C MET U 655 -13.07 -15.77 -58.62
N MET U 656 -14.22 -15.20 -58.96
CA MET U 656 -14.82 -14.12 -58.18
C MET U 656 -15.75 -14.59 -57.08
N VAL U 657 -15.84 -15.90 -56.82
CA VAL U 657 -16.80 -16.38 -55.83
C VAL U 657 -16.42 -15.87 -54.45
N GLY U 658 -17.42 -15.37 -53.72
CA GLY U 658 -17.20 -14.76 -52.43
C GLY U 658 -17.01 -13.26 -52.45
N PHE U 659 -16.59 -12.70 -53.59
CA PHE U 659 -16.44 -11.27 -53.74
C PHE U 659 -17.48 -10.64 -54.64
N GLU U 660 -18.07 -11.40 -55.55
CA GLU U 660 -19.12 -10.90 -56.43
C GLU U 660 -20.04 -12.06 -56.78
N THR U 661 -21.30 -11.75 -57.07
CA THR U 661 -22.28 -12.76 -57.38
C THR U 661 -23.03 -12.40 -58.65
N ILE U 662 -23.61 -13.42 -59.28
CA ILE U 662 -24.44 -13.22 -60.46
C ILE U 662 -25.63 -14.16 -60.40
N PRO U 663 -26.72 -13.78 -61.04
CA PRO U 663 -27.94 -14.58 -60.94
C PRO U 663 -27.80 -15.92 -61.66
N MET U 664 -28.25 -16.98 -60.99
CA MET U 664 -28.29 -18.32 -61.57
C MET U 664 -29.72 -18.66 -61.96
N ASP U 665 -29.84 -19.51 -62.99
CA ASP U 665 -31.15 -19.77 -63.59
C ASP U 665 -31.85 -21.00 -63.04
N ASN U 666 -31.19 -21.82 -62.24
CA ASN U 666 -31.85 -22.98 -61.63
C ASN U 666 -31.33 -23.15 -60.21
N GLN U 667 -31.76 -24.23 -59.57
CA GLN U 667 -31.31 -24.54 -58.22
C GLN U 667 -30.22 -25.59 -58.19
N ILE U 668 -29.86 -26.16 -59.33
CA ILE U 668 -28.86 -27.23 -59.35
C ILE U 668 -27.45 -26.65 -59.38
N TYR U 669 -27.21 -25.64 -60.20
CA TYR U 669 -25.87 -25.18 -60.48
C TYR U 669 -25.56 -23.89 -59.72
N THR U 670 -24.30 -23.76 -59.31
CA THR U 670 -23.79 -22.63 -58.55
C THR U 670 -22.81 -21.85 -59.43
N GLN U 671 -22.52 -20.61 -59.00
CA GLN U 671 -21.54 -19.81 -59.74
C GLN U 671 -20.18 -20.50 -59.80
N SER U 672 -19.85 -21.33 -58.83
CA SER U 672 -18.56 -22.03 -58.83
C SER U 672 -18.67 -23.34 -59.58
N ARG U 673 -19.23 -23.28 -60.78
CA ARG U 673 -19.25 -24.39 -61.71
C ARG U 673 -18.06 -24.25 -62.65
N ARG U 674 -17.26 -25.30 -62.77
CA ARG U 674 -16.00 -25.19 -63.47
C ARG U 674 -16.21 -24.80 -64.93
N ALA U 675 -15.41 -23.84 -65.39
CA ALA U 675 -15.55 -23.32 -66.74
C ALA U 675 -15.21 -24.34 -67.82
N SER U 676 -14.59 -25.46 -67.46
CA SER U 676 -14.34 -26.51 -68.42
C SER U 676 -15.65 -27.10 -68.95
N ALA U 677 -16.71 -27.06 -68.14
CA ALA U 677 -17.93 -27.78 -68.45
C ALA U 677 -18.83 -27.05 -69.44
N PHE U 678 -18.63 -25.75 -69.63
CA PHE U 678 -19.46 -24.99 -70.57
C PHE U 678 -19.00 -25.28 -71.99
N SER U 679 -19.41 -26.43 -72.50
CA SER U 679 -18.94 -26.90 -73.79
C SER U 679 -20.10 -27.29 -74.69
N THR U 680 -21.20 -26.56 -74.63
CA THR U 680 -22.35 -26.74 -75.52
C THR U 680 -23.30 -25.59 -75.29
N PRO U 681 -24.00 -25.10 -76.32
CA PRO U 681 -24.80 -23.87 -76.15
C PRO U 681 -25.90 -23.96 -75.10
N HIS U 682 -26.33 -25.14 -74.69
CA HIS U 682 -27.41 -25.21 -73.71
C HIS U 682 -26.95 -24.87 -72.30
N THR U 683 -25.65 -24.67 -72.09
CA THR U 683 -25.13 -24.33 -70.77
C THR U 683 -24.81 -22.85 -70.63
N TRP U 684 -25.06 -22.04 -71.64
CA TRP U 684 -24.74 -20.64 -71.55
C TRP U 684 -25.68 -19.97 -70.54
N PRO U 685 -25.16 -19.23 -69.58
CA PRO U 685 -26.03 -18.58 -68.60
C PRO U 685 -26.92 -17.54 -69.27
N ARG U 686 -27.89 -17.06 -68.49
CA ARG U 686 -28.83 -16.09 -69.02
C ARG U 686 -28.31 -14.66 -68.87
N CYS U 687 -27.63 -14.37 -67.76
CA CYS U 687 -27.06 -13.04 -67.57
C CYS U 687 -25.99 -12.74 -68.60
N PHE U 688 -25.20 -13.76 -68.96
CA PHE U 688 -24.16 -13.56 -69.96
C PHE U 688 -24.74 -13.17 -71.31
N MET U 689 -25.90 -13.72 -71.65
CA MET U 689 -26.54 -13.36 -72.90
C MET U 689 -27.29 -12.04 -72.79
N ASN U 690 -27.73 -11.67 -71.59
CA ASN U 690 -28.37 -10.37 -71.33
C ASN U 690 -27.67 -9.76 -70.13
N ILE U 691 -26.56 -9.07 -70.38
CA ILE U 691 -25.76 -8.40 -69.36
C ILE U 691 -26.52 -7.34 -68.57
N GLN U 692 -27.73 -6.96 -68.98
CA GLN U 692 -28.52 -6.07 -68.15
C GLN U 692 -28.88 -6.69 -66.82
N LEU U 693 -28.80 -8.02 -66.70
CA LEU U 693 -29.10 -8.75 -65.47
C LEU U 693 -27.93 -8.76 -64.50
N ILE U 694 -26.77 -8.23 -64.86
CA ILE U 694 -25.62 -8.16 -63.96
C ILE U 694 -25.58 -6.76 -63.39
N SER U 695 -25.95 -6.61 -62.13
CA SER U 695 -26.04 -5.29 -61.52
C SER U 695 -24.65 -4.70 -61.34
N PRO U 696 -24.36 -3.51 -61.87
CA PRO U 696 -22.99 -2.99 -61.81
C PRO U 696 -22.54 -2.61 -60.42
N ILE U 697 -23.45 -2.38 -59.48
CA ILE U 697 -23.05 -2.05 -58.11
C ILE U 697 -22.76 -3.29 -57.28
N ASP U 698 -23.11 -4.47 -57.77
CA ASP U 698 -22.87 -5.73 -57.08
C ASP U 698 -21.77 -6.55 -57.73
N ALA U 699 -21.72 -6.61 -59.05
CA ALA U 699 -20.71 -7.36 -59.79
C ALA U 699 -20.05 -6.42 -60.79
N PRO U 700 -19.31 -5.42 -60.31
CA PRO U 700 -18.74 -4.43 -61.24
C PRO U 700 -17.72 -5.01 -62.19
N ILE U 701 -16.75 -5.77 -61.68
CA ILE U 701 -15.72 -6.33 -62.54
C ILE U 701 -16.31 -7.36 -63.48
N LEU U 702 -17.28 -8.14 -63.01
CA LEU U 702 -17.91 -9.13 -63.88
C LEU U 702 -18.68 -8.45 -65.01
N ARG U 703 -19.38 -7.36 -64.72
CA ARG U 703 -20.08 -6.66 -65.79
C ARG U 703 -19.11 -6.01 -66.76
N GLN U 704 -17.99 -5.48 -66.26
CA GLN U 704 -16.99 -4.92 -67.16
C GLN U 704 -16.44 -6.00 -68.10
N TRP U 705 -16.06 -7.15 -67.55
CA TRP U 705 -15.54 -8.23 -68.38
C TRP U 705 -16.59 -8.70 -69.37
N ALA U 706 -17.86 -8.71 -68.97
CA ALA U 706 -18.93 -9.11 -69.88
C ALA U 706 -19.02 -8.14 -71.07
N GLU U 707 -19.11 -6.84 -70.80
CA GLU U 707 -19.24 -5.89 -71.91
C GLU U 707 -18.01 -5.90 -72.80
N ILE U 708 -16.83 -6.13 -72.21
CA ILE U 708 -15.62 -6.28 -73.01
C ILE U 708 -15.77 -7.46 -73.97
N ILE U 709 -16.22 -8.60 -73.45
CA ILE U 709 -16.40 -9.79 -74.29
C ILE U 709 -17.41 -9.51 -75.39
N HIS U 710 -18.43 -8.72 -75.09
CA HIS U 710 -19.50 -8.54 -76.07
C HIS U 710 -19.10 -7.59 -77.20
N ARG U 711 -18.41 -6.50 -76.89
CA ARG U 711 -18.13 -5.53 -77.95
C ARG U 711 -16.66 -5.45 -78.33
N TYR U 712 -15.84 -6.42 -77.92
CA TYR U 712 -14.47 -6.45 -78.41
C TYR U 712 -13.99 -7.84 -78.81
N TRP U 713 -14.83 -8.86 -78.72
CA TRP U 713 -14.48 -10.17 -79.23
C TRP U 713 -14.25 -10.10 -80.73
N PRO U 714 -13.34 -10.90 -81.27
CA PRO U 714 -13.07 -10.86 -82.72
C PRO U 714 -14.30 -11.17 -83.55
N ASN U 715 -14.27 -10.70 -84.80
CA ASN U 715 -15.39 -10.84 -85.72
C ASN U 715 -15.04 -11.80 -86.83
N PRO U 716 -15.91 -12.76 -87.14
CA PRO U 716 -15.66 -13.65 -88.28
C PRO U 716 -15.61 -12.88 -89.59
N SER U 717 -15.02 -13.51 -90.59
CA SER U 717 -14.83 -12.88 -91.89
C SER U 717 -14.85 -13.97 -92.95
N GLN U 718 -14.37 -13.65 -94.15
CA GLN U 718 -14.29 -14.65 -95.21
C GLN U 718 -13.44 -14.08 -96.35
N ILE U 719 -12.67 -14.97 -96.99
CA ILE U 719 -11.77 -14.59 -98.07
C ILE U 719 -11.95 -15.58 -99.21
N ARG U 720 -11.66 -15.12 -100.42
CA ARG U 720 -11.77 -15.95 -101.61
C ARG U 720 -10.48 -16.75 -101.82
N TYR U 721 -10.61 -17.83 -102.59
CA TYR U 721 -9.46 -18.66 -102.92
C TYR U 721 -9.80 -19.49 -104.14
N GLY U 722 -8.81 -20.26 -104.60
CA GLY U 722 -8.97 -21.20 -105.69
C GLY U 722 -9.44 -20.52 -106.97
N THR U 723 -9.94 -21.36 -107.87
CA THR U 723 -10.49 -20.90 -109.14
C THR U 723 -11.72 -21.74 -109.44
N PRO U 724 -12.90 -21.31 -108.98
CA PRO U 724 -14.10 -22.14 -109.14
C PRO U 724 -14.53 -22.34 -110.57
N ASN U 725 -13.96 -21.63 -111.54
CA ASN U 725 -14.35 -21.75 -112.92
C ASN U 725 -13.52 -22.76 -113.70
N VAL U 726 -12.48 -23.33 -113.10
CA VAL U 726 -11.70 -24.37 -113.75
C VAL U 726 -11.63 -25.58 -112.84
N PHE U 727 -11.25 -25.37 -111.59
CA PHE U 727 -11.12 -26.45 -110.63
C PHE U 727 -12.43 -26.82 -109.94
N GLY U 728 -13.45 -25.98 -110.05
CA GLY U 728 -14.63 -26.20 -109.24
C GLY U 728 -14.31 -25.94 -107.78
N SER U 729 -15.21 -26.42 -106.92
CA SER U 729 -15.02 -26.25 -105.48
C SER U 729 -15.76 -27.35 -104.75
N ALA U 730 -15.13 -27.87 -103.70
CA ALA U 730 -15.73 -28.88 -102.85
C ALA U 730 -16.43 -28.28 -101.63
N ASN U 731 -16.70 -26.97 -101.65
CA ASN U 731 -17.42 -26.35 -100.55
C ASN U 731 -18.82 -26.93 -100.46
N LEU U 732 -19.19 -27.44 -99.28
CA LEU U 732 -20.49 -28.05 -99.10
C LEU U 732 -21.53 -27.06 -98.56
N PHE U 733 -21.26 -26.46 -97.41
CA PHE U 733 -22.24 -25.60 -96.78
C PHE U 733 -22.04 -24.12 -97.08
N THR U 734 -20.84 -23.70 -97.41
CA THR U 734 -20.57 -22.32 -97.79
C THR U 734 -20.65 -22.17 -99.30
N PRO U 735 -20.69 -20.94 -99.81
CA PRO U 735 -20.71 -20.75 -101.26
C PRO U 735 -19.42 -21.25 -101.89
N PRO U 736 -19.40 -21.47 -103.20
CA PRO U 736 -18.31 -22.22 -103.82
C PRO U 736 -16.99 -21.47 -103.96
N GLU U 737 -16.85 -20.26 -103.40
CA GLU U 737 -15.59 -19.55 -103.61
C GLU U 737 -15.11 -18.77 -102.38
N VAL U 738 -15.53 -19.13 -101.18
CA VAL U 738 -15.15 -18.36 -100.00
C VAL U 738 -14.52 -19.29 -98.97
N LEU U 739 -13.71 -18.69 -98.10
CA LEU U 739 -13.04 -19.41 -97.02
C LEU U 739 -13.32 -18.66 -95.73
N LEU U 740 -14.08 -19.29 -94.84
CA LEU U 740 -14.47 -18.62 -93.61
C LEU U 740 -13.29 -18.55 -92.65
N LEU U 741 -13.24 -17.46 -91.88
CA LEU U 741 -12.15 -17.21 -90.94
C LEU U 741 -12.76 -16.69 -89.64
N PRO U 742 -12.22 -17.11 -88.49
CA PRO U 742 -12.73 -16.63 -87.21
C PRO U 742 -12.22 -15.27 -86.79
N ILE U 743 -11.56 -14.53 -87.67
CA ILE U 743 -11.07 -13.19 -87.35
C ILE U 743 -11.24 -12.29 -88.57
N ASP U 744 -10.93 -11.01 -88.41
CA ASP U 744 -11.00 -10.06 -89.51
C ASP U 744 -9.66 -9.99 -90.21
N HIS U 745 -9.70 -9.65 -91.50
CA HIS U 745 -8.48 -9.48 -92.29
C HIS U 745 -8.53 -8.15 -93.03
N GLN U 746 -7.36 -7.63 -93.34
CA GLN U 746 -7.23 -6.38 -94.07
C GLN U 746 -6.13 -6.52 -95.11
N PRO U 747 -5.98 -5.56 -96.02
CA PRO U 747 -4.85 -5.61 -96.96
C PRO U 747 -3.53 -5.59 -96.19
N ALA U 748 -2.48 -6.03 -96.89
CA ALA U 748 -1.19 -6.27 -96.26
C ALA U 748 -0.22 -5.15 -96.54
N ASN U 749 0.36 -4.59 -95.48
CA ASN U 749 1.56 -3.77 -95.58
C ASN U 749 2.42 -4.02 -94.36
N VAL U 750 3.73 -3.89 -94.54
CA VAL U 750 4.66 -4.10 -93.43
C VAL U 750 4.92 -2.82 -92.65
N THR U 751 4.54 -1.67 -93.17
CA THR U 751 4.80 -0.39 -92.55
C THR U 751 3.74 0.02 -91.54
N THR U 752 2.77 -0.84 -91.26
CA THR U 752 1.73 -0.47 -90.33
C THR U 752 2.27 -0.46 -88.91
N PRO U 753 1.80 0.46 -88.07
CA PRO U 753 2.37 0.61 -86.73
C PRO U 753 2.16 -0.65 -85.89
N THR U 754 3.08 -0.86 -84.95
CA THR U 754 2.94 -1.99 -84.04
C THR U 754 1.74 -1.81 -83.12
N LEU U 755 1.74 -0.76 -82.31
CA LEU U 755 0.58 -0.40 -81.52
C LEU U 755 -0.46 0.20 -82.46
N ASP U 756 -1.43 -0.61 -82.87
CA ASP U 756 -2.51 -0.18 -83.74
C ASP U 756 -3.79 -0.76 -83.14
N PHE U 757 -4.44 -0.01 -82.27
CA PHE U 757 -5.62 -0.52 -81.59
C PHE U 757 -6.82 -0.66 -82.51
N THR U 758 -6.70 -0.29 -83.78
CA THR U 758 -7.68 -0.72 -84.77
C THR U 758 -7.58 -2.23 -85.02
N ASN U 759 -6.40 -2.79 -84.86
CA ASN U 759 -6.23 -4.23 -84.98
C ASN U 759 -6.99 -4.94 -83.87
N GLU U 760 -7.76 -5.95 -84.24
CA GLU U 760 -8.67 -6.58 -83.27
C GLU U 760 -7.91 -7.29 -82.16
N LEU U 761 -6.83 -7.99 -82.49
CA LEU U 761 -6.12 -8.73 -81.47
C LEU U 761 -5.31 -7.82 -80.56
N THR U 762 -4.70 -6.78 -81.11
CA THR U 762 -4.04 -5.78 -80.28
C THR U 762 -5.04 -5.11 -79.35
N ASN U 763 -6.22 -4.78 -79.87
CA ASN U 763 -7.26 -4.20 -79.04
C ASN U 763 -7.68 -5.15 -77.93
N TRP U 764 -7.79 -6.44 -78.25
CA TRP U 764 -8.16 -7.42 -77.23
C TRP U 764 -7.12 -7.49 -76.13
N ARG U 765 -5.84 -7.51 -76.50
CA ARG U 765 -4.79 -7.51 -75.48
C ARG U 765 -4.87 -6.28 -74.60
N ALA U 766 -5.05 -5.11 -75.21
CA ALA U 766 -5.14 -3.88 -74.43
C ALA U 766 -6.32 -3.90 -73.48
N ARG U 767 -7.47 -4.41 -73.94
CA ARG U 767 -8.66 -4.43 -73.09
C ARG U 767 -8.49 -5.40 -71.93
N VAL U 768 -7.92 -6.57 -72.18
CA VAL U 768 -7.72 -7.52 -71.09
C VAL U 768 -6.74 -6.96 -70.07
N CYS U 769 -5.67 -6.31 -70.54
CA CYS U 769 -4.72 -5.72 -69.60
C CYS U 769 -5.37 -4.62 -68.78
N GLU U 770 -6.19 -3.78 -69.40
CA GLU U 770 -6.84 -2.70 -68.67
C GLU U 770 -7.82 -3.24 -67.63
N LEU U 771 -8.53 -4.32 -67.97
CA LEU U 771 -9.48 -4.86 -67.00
C LEU U 771 -8.76 -5.49 -65.82
N MET U 772 -7.70 -6.26 -66.09
CA MET U 772 -6.93 -6.83 -64.98
C MET U 772 -6.34 -5.72 -64.11
N LYS U 773 -5.93 -4.62 -64.74
CA LYS U 773 -5.47 -3.47 -63.99
C LYS U 773 -6.56 -2.95 -63.05
N ASN U 774 -7.75 -2.69 -63.60
CA ASN U 774 -8.87 -2.21 -62.78
C ASN U 774 -9.19 -3.17 -61.65
N LEU U 775 -9.01 -4.47 -61.88
CA LEU U 775 -9.21 -5.44 -60.81
C LEU U 775 -8.19 -5.23 -59.69
N VAL U 776 -6.92 -5.11 -60.06
CA VAL U 776 -5.86 -5.08 -59.05
C VAL U 776 -5.70 -3.72 -58.37
N ASP U 777 -6.29 -2.66 -58.94
CA ASP U 777 -6.00 -1.29 -58.53
C ASP U 777 -6.21 -1.05 -57.03
N ASN U 778 -7.43 -1.24 -56.56
CA ASN U 778 -7.79 -0.78 -55.22
C ASN U 778 -7.54 -1.80 -54.12
N GLN U 779 -7.04 -3.00 -54.46
CA GLN U 779 -6.81 -4.07 -53.49
C GLN U 779 -8.11 -4.51 -52.81
N ARG U 780 -9.25 -4.22 -53.43
CA ARG U 780 -10.52 -4.66 -52.87
C ARG U 780 -10.70 -6.16 -52.93
N TYR U 781 -9.98 -6.83 -53.83
CA TYR U 781 -10.17 -8.26 -54.05
C TYR U 781 -9.00 -9.11 -53.59
N GLN U 782 -7.96 -8.51 -53.04
CA GLN U 782 -6.79 -9.25 -52.54
C GLN U 782 -6.51 -8.91 -51.09
N PRO U 783 -7.45 -9.19 -50.18
CA PRO U 783 -7.14 -9.03 -48.76
C PRO U 783 -6.25 -10.17 -48.31
N GLY U 784 -5.15 -9.82 -47.64
CA GLY U 784 -4.15 -10.80 -47.28
C GLY U 784 -2.78 -10.53 -47.88
N TRP U 785 -2.67 -9.67 -48.88
CA TRP U 785 -1.37 -9.22 -49.35
C TRP U 785 -0.84 -8.19 -48.36
N THR U 786 0.05 -8.62 -47.47
CA THR U 786 0.59 -7.72 -46.47
C THR U 786 1.39 -6.58 -47.09
N GLN U 787 1.98 -6.81 -48.25
CA GLN U 787 2.68 -5.76 -48.98
C GLN U 787 1.82 -5.28 -50.14
N SER U 788 2.04 -4.04 -50.56
CA SER U 788 1.27 -3.42 -51.62
C SER U 788 2.06 -3.52 -52.91
N LEU U 789 1.86 -4.62 -53.64
CA LEU U 789 2.48 -4.80 -54.94
C LEU U 789 1.57 -4.35 -56.08
N VAL U 790 0.68 -3.39 -55.80
CA VAL U 790 -0.17 -2.84 -56.84
C VAL U 790 0.66 -2.15 -57.91
N SER U 791 1.75 -1.48 -57.51
CA SER U 791 2.61 -0.85 -58.49
C SER U 791 3.31 -1.89 -59.36
N SER U 792 3.71 -3.01 -58.78
CA SER U 792 4.36 -4.05 -59.55
C SER U 792 3.40 -4.67 -60.56
N MET U 793 2.19 -5.01 -60.12
CA MET U 793 1.18 -5.54 -61.04
C MET U 793 0.89 -4.54 -62.14
N ARG U 794 0.77 -3.26 -61.79
CA ARG U 794 0.42 -2.24 -62.78
C ARG U 794 1.54 -2.07 -63.80
N GLY U 795 2.79 -2.03 -63.35
CA GLY U 795 3.90 -1.90 -64.27
C GLY U 795 4.04 -3.11 -65.19
N THR U 796 3.86 -4.31 -64.65
CA THR U 796 3.99 -5.50 -65.48
C THR U 796 2.85 -5.59 -66.50
N LEU U 797 1.64 -5.22 -66.10
CA LEU U 797 0.54 -5.21 -67.06
C LEU U 797 0.77 -4.17 -68.14
N GLY U 798 1.29 -3.00 -67.78
CA GLY U 798 1.64 -2.02 -68.79
C GLY U 798 2.68 -2.52 -69.76
N LYS U 799 3.72 -3.20 -69.24
CA LYS U 799 4.74 -3.76 -70.11
C LYS U 799 4.15 -4.79 -71.06
N LEU U 800 3.28 -5.68 -70.56
CA LEU U 800 2.65 -6.66 -71.42
C LEU U 800 1.79 -6.00 -72.49
N LYS U 801 1.05 -4.97 -72.11
CA LYS U 801 0.17 -4.30 -73.07
C LYS U 801 0.98 -3.63 -74.18
N LEU U 802 2.03 -2.91 -73.81
CA LEU U 802 2.82 -2.15 -74.77
C LEU U 802 4.04 -2.99 -75.15
N ILE U 803 3.81 -3.98 -76.00
CA ILE U 803 4.85 -4.91 -76.43
C ILE U 803 4.87 -4.94 -77.95
N LYS U 804 6.05 -5.08 -78.54
CA LYS U 804 6.23 -4.99 -79.98
C LYS U 804 6.09 -6.38 -80.62
N SER U 805 4.89 -6.92 -80.52
CA SER U 805 4.57 -8.16 -81.19
C SER U 805 4.11 -7.88 -82.61
N MET U 806 4.58 -8.69 -83.56
CA MET U 806 4.13 -8.59 -84.93
C MET U 806 3.20 -9.73 -85.32
N THR U 807 2.88 -10.61 -84.38
CA THR U 807 1.95 -11.70 -84.57
C THR U 807 0.52 -11.20 -84.86
N PRO U 808 0.04 -10.16 -84.20
CA PRO U 808 -1.26 -9.61 -84.60
C PRO U 808 -1.30 -9.12 -86.04
N MET U 809 -0.28 -8.36 -86.47
CA MET U 809 -0.20 -7.97 -87.88
C MET U 809 -0.18 -9.19 -88.78
N TYR U 810 0.59 -10.21 -88.39
CA TYR U 810 0.67 -11.43 -89.19
C TYR U 810 -0.71 -12.06 -89.35
N LEU U 811 -1.37 -12.37 -88.23
CA LEU U 811 -2.67 -13.01 -88.26
C LEU U 811 -3.70 -12.17 -88.99
N GLN U 812 -3.56 -10.84 -88.99
CA GLN U 812 -4.54 -10.01 -89.67
C GLN U 812 -4.30 -9.95 -91.17
N GLN U 813 -3.05 -9.88 -91.60
CA GLN U 813 -2.73 -9.56 -92.98
C GLN U 813 -2.20 -10.73 -93.79
N LEU U 814 -1.20 -11.44 -93.27
CA LEU U 814 -0.49 -12.41 -94.09
C LEU U 814 -0.97 -13.84 -93.90
N ALA U 815 -1.44 -14.20 -92.71
CA ALA U 815 -1.91 -15.56 -92.48
C ALA U 815 -3.09 -15.93 -93.36
N PRO U 816 -4.14 -15.12 -93.49
CA PRO U 816 -5.24 -15.49 -94.40
C PRO U 816 -4.81 -15.64 -95.85
N VAL U 817 -3.88 -14.79 -96.29
CA VAL U 817 -3.43 -14.86 -97.67
C VAL U 817 -2.76 -16.21 -97.95
N GLU U 818 -1.84 -16.63 -97.09
CA GLU U 818 -1.18 -17.89 -97.33
C GLU U 818 -2.08 -19.09 -97.04
N LEU U 819 -3.09 -18.94 -96.16
CA LEU U 819 -4.09 -19.99 -96.05
C LEU U 819 -4.84 -20.16 -97.37
N ALA U 820 -5.23 -19.06 -97.99
CA ALA U 820 -5.89 -19.16 -99.30
C ALA U 820 -4.95 -19.67 -100.37
N VAL U 821 -3.64 -19.42 -100.22
CA VAL U 821 -2.67 -19.91 -101.19
C VAL U 821 -2.50 -21.41 -101.05
N ILE U 822 -2.58 -21.94 -99.83
CA ILE U 822 -2.39 -23.36 -99.63
C ILE U 822 -3.67 -24.15 -99.90
N ALA U 823 -4.84 -23.54 -99.67
CA ALA U 823 -6.10 -24.29 -99.68
C ALA U 823 -6.38 -25.05 -100.96
N PRO U 824 -6.30 -24.46 -102.15
CA PRO U 824 -6.67 -25.20 -103.37
C PRO U 824 -5.71 -26.32 -103.74
N MET U 825 -4.65 -26.56 -102.98
CA MET U 825 -3.68 -27.60 -103.27
C MET U 825 -3.72 -28.75 -102.28
N LEU U 826 -4.54 -28.67 -101.25
CA LEU U 826 -4.54 -29.69 -100.22
C LEU U 826 -5.16 -30.97 -100.74
N PRO U 827 -4.78 -32.13 -100.19
CA PRO U 827 -5.41 -33.38 -100.57
C PRO U 827 -6.86 -33.43 -100.11
N PHE U 828 -7.09 -33.17 -98.82
CA PHE U 828 -8.40 -33.18 -98.21
C PHE U 828 -8.91 -31.74 -98.13
N PRO U 829 -9.78 -31.31 -99.04
CA PRO U 829 -10.12 -29.89 -99.16
C PRO U 829 -10.77 -29.36 -97.90
N PRO U 830 -10.78 -28.04 -97.71
CA PRO U 830 -11.30 -27.47 -96.47
C PRO U 830 -12.80 -27.74 -96.32
N PHE U 831 -13.18 -28.19 -95.14
CA PHE U 831 -14.56 -28.51 -94.79
C PHE U 831 -14.95 -27.66 -93.59
N GLN U 832 -15.94 -26.79 -93.77
CA GLN U 832 -16.20 -25.76 -92.79
C GLN U 832 -17.68 -25.67 -92.42
N VAL U 833 -17.92 -24.98 -91.31
CA VAL U 833 -19.25 -24.73 -90.77
C VAL U 833 -19.25 -23.35 -90.13
N PRO U 834 -20.34 -22.60 -90.30
CA PRO U 834 -20.30 -21.15 -90.05
C PRO U 834 -19.81 -20.76 -88.67
N TYR U 835 -19.01 -19.70 -88.62
CA TYR U 835 -18.45 -19.15 -87.39
C TYR U 835 -19.40 -18.07 -86.89
N VAL U 836 -20.39 -18.47 -86.11
CA VAL U 836 -21.22 -17.51 -85.41
C VAL U 836 -20.47 -17.01 -84.20
N ARG U 837 -20.68 -15.73 -83.85
CA ARG U 837 -19.87 -15.07 -82.84
C ARG U 837 -20.51 -15.18 -81.45
N LEU U 838 -21.72 -14.65 -81.29
CA LEU U 838 -22.42 -14.77 -80.02
C LEU U 838 -23.90 -15.05 -80.21
N ASP U 839 -24.33 -15.38 -81.43
CA ASP U 839 -25.72 -15.72 -81.71
C ASP U 839 -25.92 -17.18 -81.33
N ARG U 840 -26.46 -17.42 -80.13
CA ARG U 840 -26.58 -18.80 -79.65
C ARG U 840 -27.51 -19.63 -80.51
N ASP U 841 -28.55 -19.01 -81.07
CA ASP U 841 -29.52 -19.78 -81.85
C ASP U 841 -28.98 -20.26 -83.18
N ARG U 842 -27.73 -19.96 -83.53
CA ARG U 842 -27.16 -20.38 -84.80
C ARG U 842 -25.86 -21.14 -84.63
N VAL U 843 -25.54 -21.60 -83.42
CA VAL U 843 -24.32 -22.36 -83.17
C VAL U 843 -24.54 -23.80 -83.61
N PRO U 844 -23.74 -24.32 -84.55
CA PRO U 844 -23.95 -25.69 -85.01
C PRO U 844 -23.59 -26.71 -83.94
N THR U 845 -24.36 -27.79 -83.89
CA THR U 845 -24.16 -28.81 -82.86
C THR U 845 -23.91 -30.21 -83.42
N MET U 846 -24.64 -30.64 -84.44
CA MET U 846 -24.40 -31.94 -85.03
C MET U 846 -24.05 -31.79 -86.51
N VAL U 847 -23.43 -32.84 -87.05
CA VAL U 847 -23.10 -32.93 -88.46
C VAL U 847 -23.29 -34.39 -88.88
N GLY U 848 -24.26 -34.64 -89.75
CA GLY U 848 -24.60 -35.99 -90.14
C GLY U 848 -24.45 -36.22 -91.63
N VAL U 849 -24.49 -37.51 -92.00
CA VAL U 849 -24.41 -37.94 -93.39
C VAL U 849 -25.56 -38.89 -93.65
N THR U 850 -26.27 -38.68 -94.75
CA THR U 850 -27.45 -39.46 -95.09
C THR U 850 -27.15 -40.37 -96.27
N ARG U 851 -27.79 -41.52 -96.30
CA ARG U 851 -27.67 -42.45 -97.42
C ARG U 851 -28.98 -42.74 -98.13
N GLN U 852 -30.12 -42.49 -97.51
CA GLN U 852 -31.41 -42.81 -98.08
C GLN U 852 -31.99 -41.61 -98.81
N SER U 853 -33.00 -41.88 -99.62
CA SER U 853 -33.63 -40.82 -100.40
C SER U 853 -34.43 -39.89 -99.49
N ARG U 854 -35.09 -38.92 -100.11
CA ARG U 854 -35.80 -37.89 -99.37
C ARG U 854 -37.27 -38.22 -99.15
N ASP U 855 -37.80 -39.24 -99.82
CA ASP U 855 -39.22 -39.59 -99.72
C ASP U 855 -39.42 -41.01 -99.22
N THR U 856 -38.66 -41.41 -98.19
CA THR U 856 -38.77 -42.76 -97.66
C THR U 856 -38.68 -42.71 -96.14
N ILE U 857 -39.27 -43.71 -95.50
CA ILE U 857 -39.17 -43.92 -94.06
C ILE U 857 -38.42 -45.24 -93.83
N THR U 858 -37.25 -45.16 -93.22
CA THR U 858 -36.41 -46.32 -92.99
C THR U 858 -35.90 -46.28 -91.55
N GLN U 859 -34.95 -47.15 -91.25
CA GLN U 859 -34.35 -47.16 -89.93
C GLN U 859 -33.62 -45.83 -89.68
N PRO U 860 -33.73 -45.26 -88.50
CA PRO U 860 -33.01 -44.01 -88.20
C PRO U 860 -31.54 -44.28 -87.92
N ALA U 861 -30.80 -44.63 -88.97
CA ALA U 861 -29.38 -44.96 -88.83
C ALA U 861 -28.58 -43.68 -88.98
N LEU U 862 -28.14 -43.12 -87.86
CA LEU U 862 -27.34 -41.91 -87.87
C LEU U 862 -25.87 -42.25 -88.02
N SER U 863 -25.17 -41.48 -88.85
CA SER U 863 -23.75 -41.71 -89.04
C SER U 863 -22.99 -41.46 -87.74
N LEU U 864 -21.81 -42.06 -87.64
CA LEU U 864 -21.03 -42.02 -86.40
C LEU U 864 -20.52 -40.63 -86.07
N SER U 865 -20.57 -39.68 -87.00
CA SER U 865 -20.11 -38.33 -86.71
C SER U 865 -21.05 -37.59 -85.78
N THR U 866 -22.29 -38.04 -85.64
CA THR U 866 -23.27 -37.37 -84.82
C THR U 866 -23.17 -37.73 -83.35
N THR U 867 -22.16 -38.49 -82.95
CA THR U 867 -22.01 -38.92 -81.57
C THR U 867 -20.99 -38.10 -80.79
N ASN U 868 -20.42 -37.06 -81.41
CA ASN U 868 -19.47 -36.21 -80.71
C ASN U 868 -20.21 -35.15 -79.90
N THR U 869 -19.69 -34.86 -78.70
CA THR U 869 -20.31 -33.84 -77.87
C THR U 869 -20.25 -32.47 -78.55
N THR U 870 -19.14 -32.17 -79.19
CA THR U 870 -19.01 -30.95 -79.98
C THR U 870 -19.43 -31.24 -81.42
N VAL U 871 -19.14 -30.30 -82.32
CA VAL U 871 -19.51 -30.50 -83.72
C VAL U 871 -18.51 -31.39 -84.44
N GLY U 872 -17.32 -31.59 -83.88
CA GLY U 872 -16.33 -32.45 -84.50
C GLY U 872 -15.49 -33.17 -83.47
N VAL U 873 -14.44 -33.86 -83.92
CA VAL U 873 -13.57 -34.57 -82.99
C VAL U 873 -12.88 -33.56 -82.09
N PRO U 874 -12.91 -33.71 -80.77
CA PRO U 874 -12.30 -32.71 -79.89
C PRO U 874 -10.79 -32.71 -80.03
N LEU U 875 -10.20 -31.56 -79.70
CA LEU U 875 -8.75 -31.42 -79.75
C LEU U 875 -8.29 -30.35 -78.79
N ALA U 876 -7.40 -30.73 -77.89
CA ALA U 876 -6.96 -29.88 -76.79
C ALA U 876 -5.63 -29.23 -77.16
N LEU U 877 -5.64 -27.91 -77.29
CA LEU U 877 -4.43 -27.14 -77.53
C LEU U 877 -3.90 -26.62 -76.21
N ASP U 878 -2.67 -26.10 -76.25
CA ASP U 878 -2.02 -25.55 -75.07
C ASP U 878 -2.18 -24.04 -75.09
N ALA U 879 -2.60 -23.46 -73.97
CA ALA U 879 -2.85 -22.02 -73.92
C ALA U 879 -1.56 -21.24 -73.78
N ARG U 880 -0.60 -21.78 -73.04
CA ARG U 880 0.64 -21.06 -72.78
C ARG U 880 1.43 -20.83 -74.06
N ALA U 881 1.49 -21.83 -74.94
CA ALA U 881 2.23 -21.67 -76.18
C ALA U 881 1.55 -20.67 -77.10
N ILE U 882 0.23 -20.73 -77.21
CA ILE U 882 -0.49 -19.77 -78.04
C ILE U 882 -0.26 -18.35 -77.52
N THR U 883 -0.26 -18.17 -76.20
CA THR U 883 -0.05 -16.84 -75.65
C THR U 883 1.37 -16.36 -75.91
N VAL U 884 2.37 -17.23 -75.75
CA VAL U 884 3.74 -16.82 -76.01
C VAL U 884 3.95 -16.47 -77.47
N ALA U 885 3.29 -17.21 -78.36
CA ALA U 885 3.39 -16.91 -79.78
C ALA U 885 2.73 -15.57 -80.10
N LEU U 886 1.59 -15.29 -79.49
CA LEU U 886 0.95 -14.00 -79.72
C LEU U 886 1.78 -12.85 -79.14
N LEU U 887 2.51 -13.11 -78.06
CA LEU U 887 3.25 -12.05 -77.38
C LEU U 887 4.65 -11.84 -77.96
N SER U 888 5.20 -12.78 -78.71
CA SER U 888 6.56 -12.60 -79.25
C SER U 888 6.60 -13.03 -80.71
N GLY U 889 6.67 -12.05 -81.62
CA GLY U 889 6.77 -12.35 -83.03
C GLY U 889 7.64 -11.33 -83.74
N LYS U 890 8.14 -11.72 -84.91
CA LYS U 890 9.02 -10.86 -85.68
C LYS U 890 8.89 -11.16 -87.16
N TYR U 891 9.36 -10.22 -87.95
CA TYR U 891 9.71 -10.41 -89.35
C TYR U 891 11.22 -10.34 -89.50
N PRO U 892 11.77 -10.89 -90.57
CA PRO U 892 13.16 -10.61 -90.89
C PRO U 892 13.34 -9.13 -91.18
N PRO U 893 14.48 -8.55 -90.80
CA PRO U 893 14.65 -7.10 -90.97
C PRO U 893 14.57 -6.62 -92.40
N ASP U 894 14.83 -7.48 -93.38
CA ASP U 894 14.69 -7.11 -94.79
C ASP U 894 13.67 -8.05 -95.44
N LEU U 895 12.41 -7.70 -95.30
CA LEU U 895 11.32 -8.51 -95.85
C LEU U 895 10.67 -7.74 -96.99
N VAL U 896 10.80 -8.27 -98.20
CA VAL U 896 10.06 -7.80 -99.35
C VAL U 896 9.07 -8.91 -99.71
N THR U 897 7.78 -8.65 -99.50
CA THR U 897 6.80 -9.71 -99.61
C THR U 897 6.74 -10.31 -101.00
N ASN U 898 6.94 -9.50 -102.03
CA ASN U 898 6.94 -10.02 -103.40
C ASN U 898 8.00 -11.10 -103.57
N VAL U 899 9.23 -10.80 -103.16
CA VAL U 899 10.31 -11.77 -103.28
C VAL U 899 10.05 -12.99 -102.40
N TRP U 900 9.62 -12.74 -101.15
CA TRP U 900 9.42 -13.85 -100.21
C TRP U 900 8.38 -14.83 -100.71
N TYR U 901 7.24 -14.32 -101.16
CA TYR U 901 6.19 -15.24 -101.58
C TYR U 901 6.42 -15.78 -102.97
N ALA U 902 7.15 -15.07 -103.83
CA ALA U 902 7.54 -15.67 -105.10
C ALA U 902 8.50 -16.82 -104.89
N ASP U 903 9.35 -16.75 -103.86
CA ASP U 903 10.23 -17.87 -103.57
C ASP U 903 9.51 -18.99 -102.82
N ALA U 904 8.50 -18.66 -102.03
CA ALA U 904 7.81 -19.69 -101.26
C ALA U 904 6.74 -20.42 -102.08
N ILE U 905 6.11 -19.74 -103.04
CA ILE U 905 5.02 -20.35 -103.77
C ILE U 905 5.50 -21.26 -104.88
N TYR U 906 6.65 -20.97 -105.49
CA TYR U 906 7.11 -21.74 -106.63
C TYR U 906 7.38 -23.20 -106.27
N PRO U 907 8.19 -23.53 -105.27
CA PRO U 907 8.46 -24.94 -104.98
C PRO U 907 7.23 -25.72 -104.56
N MET U 908 6.19 -25.07 -104.05
CA MET U 908 5.03 -25.78 -103.57
C MET U 908 3.88 -25.84 -104.58
N TYR U 909 3.87 -24.95 -105.57
CA TYR U 909 3.02 -25.20 -106.73
C TYR U 909 3.70 -26.10 -107.74
N ALA U 910 5.02 -26.23 -107.66
CA ALA U 910 5.75 -27.15 -108.53
C ALA U 910 5.50 -28.60 -108.17
N ASP U 911 4.74 -28.87 -107.11
CA ASP U 911 4.44 -30.21 -106.63
C ASP U 911 2.95 -30.33 -106.34
N THR U 912 2.13 -29.87 -107.28
CA THR U 912 0.69 -29.84 -107.10
C THR U 912 0.07 -31.14 -107.62
N GLU U 913 -0.82 -31.73 -106.83
CA GLU U 913 -1.55 -32.94 -107.21
C GLU U 913 -3.00 -32.66 -107.56
N VAL U 914 -3.35 -31.41 -107.85
CA VAL U 914 -4.75 -31.06 -108.11
C VAL U 914 -5.27 -31.79 -109.33
N PHE U 915 -4.47 -31.83 -110.39
CA PHE U 915 -4.93 -32.39 -111.66
C PHE U 915 -5.14 -33.89 -111.58
N SER U 916 -4.53 -34.56 -110.61
CA SER U 916 -4.83 -35.98 -110.37
C SER U 916 -6.05 -36.16 -109.48
N ASN U 917 -6.21 -35.28 -108.50
CA ASN U 917 -7.36 -35.38 -107.61
C ASN U 917 -8.66 -35.13 -108.37
N LEU U 918 -8.62 -34.31 -109.42
CA LEU U 918 -9.83 -34.10 -110.21
C LEU U 918 -10.28 -35.40 -110.88
N GLN U 919 -9.35 -36.11 -111.50
CA GLN U 919 -9.67 -37.39 -112.11
C GLN U 919 -10.15 -38.40 -111.08
N ARG U 920 -9.50 -38.41 -109.92
CA ARG U 920 -9.93 -39.33 -108.87
C ARG U 920 -11.35 -39.02 -108.41
N ASP U 921 -11.73 -37.73 -108.39
CA ASP U 921 -13.10 -37.39 -108.03
C ASP U 921 -14.08 -37.85 -109.10
N VAL U 922 -13.70 -37.74 -110.37
CA VAL U 922 -14.48 -38.33 -111.45
C VAL U 922 -14.78 -39.79 -111.13
N ILE U 923 -13.74 -40.56 -110.88
CA ILE U 923 -13.92 -42.00 -110.69
C ILE U 923 -14.73 -42.29 -109.44
N THR U 924 -14.57 -41.47 -108.39
CA THR U 924 -15.34 -41.70 -107.17
C THR U 924 -16.83 -41.52 -107.40
N CYS U 925 -17.22 -40.39 -107.99
CA CYS U 925 -18.64 -40.16 -108.26
C CYS U 925 -19.21 -41.22 -109.20
N GLU U 926 -18.42 -41.61 -110.19
CA GLU U 926 -18.87 -42.63 -111.14
C GLU U 926 -19.09 -43.96 -110.44
N ALA U 927 -18.19 -44.33 -109.53
CA ALA U 927 -18.34 -45.57 -108.80
C ALA U 927 -19.57 -45.55 -107.91
N VAL U 928 -19.85 -44.40 -107.28
CA VAL U 928 -21.01 -44.30 -106.41
C VAL U 928 -22.30 -44.51 -107.21
N GLN U 929 -22.41 -43.82 -108.34
CA GLN U 929 -23.61 -43.98 -109.17
C GLN U 929 -23.76 -45.42 -109.66
N THR U 930 -22.65 -46.04 -110.06
CA THR U 930 -22.71 -47.42 -110.51
C THR U 930 -23.15 -48.36 -109.40
N LEU U 931 -22.63 -48.15 -108.19
CA LEU U 931 -23.00 -49.01 -107.08
C LEU U 931 -24.47 -48.91 -106.77
N VAL U 932 -25.03 -47.70 -106.74
CA VAL U 932 -26.45 -47.59 -106.43
C VAL U 932 -27.28 -48.22 -107.54
N THR U 933 -26.91 -47.99 -108.81
CA THR U 933 -27.69 -48.55 -109.91
C THR U 933 -27.65 -50.08 -109.91
N LEU U 934 -26.54 -50.68 -109.47
CA LEU U 934 -26.48 -52.14 -109.43
C LEU U 934 -27.21 -52.69 -108.21
N VAL U 935 -26.96 -52.12 -107.04
CA VAL U 935 -27.56 -52.65 -105.82
C VAL U 935 -29.07 -52.48 -105.81
N ALA U 936 -29.60 -51.57 -106.63
CA ALA U 936 -31.05 -51.51 -106.78
C ALA U 936 -31.62 -52.74 -107.45
N GLN U 937 -30.79 -53.58 -108.09
CA GLN U 937 -31.30 -54.72 -108.82
C GLN U 937 -31.61 -55.90 -107.90
N ILE U 938 -30.67 -56.29 -107.05
CA ILE U 938 -30.84 -57.52 -106.28
C ILE U 938 -31.78 -57.30 -105.10
N SER U 939 -31.57 -56.25 -104.32
CA SER U 939 -32.47 -55.92 -103.23
C SER U 939 -33.62 -55.10 -103.80
N GLU U 940 -34.43 -54.49 -102.92
CA GLU U 940 -35.50 -53.62 -103.38
C GLU U 940 -35.41 -52.30 -102.62
N THR U 941 -35.14 -51.23 -103.38
CA THR U 941 -35.08 -49.88 -102.85
C THR U 941 -35.91 -48.98 -103.77
N GLN U 942 -36.10 -47.73 -103.34
CA GLN U 942 -36.98 -46.83 -104.07
C GLN U 942 -36.37 -46.30 -105.37
N TYR U 943 -35.09 -46.55 -105.62
CA TYR U 943 -34.45 -45.99 -106.78
C TYR U 943 -34.95 -46.68 -108.05
N PRO U 944 -35.41 -45.94 -109.06
CA PRO U 944 -35.91 -46.56 -110.29
C PRO U 944 -34.79 -46.89 -111.28
N VAL U 945 -34.82 -48.10 -111.86
CA VAL U 945 -33.72 -48.59 -112.69
C VAL U 945 -34.18 -49.19 -114.00
N ASP U 946 -35.48 -49.28 -114.26
CA ASP U 946 -36.13 -49.84 -115.44
C ASP U 946 -36.13 -51.38 -115.46
N ARG U 947 -35.40 -52.05 -114.57
CA ARG U 947 -35.50 -53.50 -114.34
C ARG U 947 -35.37 -54.29 -115.64
N TYR U 948 -34.20 -54.21 -116.28
CA TYR U 948 -34.01 -54.88 -117.55
C TYR U 948 -34.10 -56.40 -117.40
N LEU U 949 -33.37 -56.96 -116.45
CA LEU U 949 -33.40 -58.39 -116.20
C LEU U 949 -33.98 -58.64 -114.81
N ASP U 950 -35.20 -59.18 -114.77
CA ASP U 950 -35.82 -59.72 -113.57
C ASP U 950 -36.19 -61.17 -113.74
N TRP U 951 -36.18 -61.69 -114.97
CA TRP U 951 -36.47 -63.10 -115.20
C TRP U 951 -35.42 -63.99 -114.54
N ILE U 952 -34.20 -63.51 -114.40
CA ILE U 952 -33.16 -64.31 -113.76
C ILE U 952 -33.52 -64.49 -112.28
N PRO U 953 -33.56 -65.71 -111.78
CA PRO U 953 -34.00 -65.92 -110.39
C PRO U 953 -32.99 -65.38 -109.41
N SER U 954 -33.50 -64.82 -108.32
CA SER U 954 -32.66 -64.30 -107.24
C SER U 954 -33.50 -64.26 -105.97
N LEU U 955 -32.98 -63.55 -104.97
CA LEU U 955 -33.65 -63.42 -103.68
C LEU U 955 -33.52 -61.98 -103.21
N ARG U 956 -34.46 -61.54 -102.39
CA ARG U 956 -34.41 -60.20 -101.85
C ARG U 956 -33.24 -60.12 -100.88
N ALA U 957 -32.13 -59.55 -101.34
CA ALA U 957 -30.90 -59.55 -100.55
C ALA U 957 -31.09 -58.75 -99.27
N SER U 958 -30.36 -59.16 -98.25
CA SER U 958 -30.35 -58.46 -96.97
C SER U 958 -29.16 -57.52 -96.92
N ALA U 959 -28.92 -56.93 -95.75
CA ALA U 959 -27.81 -55.98 -95.62
C ALA U 959 -26.47 -56.65 -95.87
N ALA U 960 -26.27 -57.84 -95.30
CA ALA U 960 -24.98 -58.52 -95.45
C ALA U 960 -24.76 -58.96 -96.89
N THR U 961 -25.78 -59.54 -97.53
CA THR U 961 -25.65 -59.96 -98.92
C THR U 961 -25.36 -58.77 -99.82
N ALA U 962 -26.11 -57.68 -99.65
CA ALA U 962 -25.87 -56.49 -100.46
C ALA U 962 -24.49 -55.91 -100.18
N ALA U 963 -24.00 -56.00 -98.95
CA ALA U 963 -22.67 -55.48 -98.65
C ALA U 963 -21.60 -56.31 -99.34
N THR U 964 -21.76 -57.64 -99.35
CA THR U 964 -20.78 -58.47 -100.07
C THR U 964 -20.78 -58.14 -101.55
N PHE U 965 -21.97 -58.03 -102.15
CA PHE U 965 -22.05 -57.69 -103.56
C PHE U 965 -21.39 -56.34 -103.85
N ALA U 966 -21.64 -55.35 -102.99
CA ALA U 966 -21.02 -54.05 -103.17
C ALA U 966 -19.51 -54.13 -103.02
N GLU U 967 -19.02 -55.01 -102.15
CA GLU U 967 -17.58 -55.18 -102.01
C GLU U 967 -16.97 -55.71 -103.30
N TRP U 968 -17.63 -56.70 -103.90
CA TRP U 968 -17.09 -57.23 -105.16
C TRP U 968 -17.11 -56.17 -106.25
N VAL U 969 -18.18 -55.36 -106.31
CA VAL U 969 -18.24 -54.28 -107.29
C VAL U 969 -17.10 -53.29 -107.07
N ASN U 970 -16.87 -52.92 -105.80
CA ASN U 970 -15.81 -51.98 -105.47
C ASN U 970 -14.45 -52.52 -105.90
N THR U 971 -14.17 -53.78 -105.57
CA THR U 971 -12.87 -54.34 -105.91
C THR U 971 -12.69 -54.47 -107.41
N SER U 972 -13.77 -54.73 -108.14
CA SER U 972 -13.64 -54.77 -109.60
C SER U 972 -13.30 -53.39 -110.14
N MET U 973 -13.96 -52.34 -109.63
CA MET U 973 -13.63 -50.98 -110.05
C MET U 973 -12.17 -50.66 -109.79
N LYS U 974 -11.68 -51.00 -108.59
CA LYS U 974 -10.31 -50.68 -108.24
C LYS U 974 -9.33 -51.47 -109.10
N THR U 975 -9.64 -52.75 -109.37
CA THR U 975 -8.76 -53.56 -110.22
C THR U 975 -8.69 -52.99 -111.62
N ALA U 976 -9.81 -52.53 -112.15
CA ALA U 976 -9.80 -52.04 -113.53
C ALA U 976 -9.08 -50.71 -113.64
N PHE U 977 -9.25 -49.82 -112.65
CA PHE U 977 -8.63 -48.51 -112.77
C PHE U 977 -7.27 -48.42 -112.09
N ASP U 978 -6.76 -49.52 -111.55
CA ASP U 978 -5.42 -49.55 -110.97
C ASP U 978 -5.31 -48.59 -109.80
N LEU U 979 -6.16 -48.83 -108.80
CA LEU U 979 -6.20 -48.03 -107.58
C LEU U 979 -5.89 -48.92 -106.39
N SER U 980 -4.85 -48.56 -105.63
CA SER U 980 -4.53 -49.23 -104.37
C SER U 980 -4.71 -48.16 -103.30
N ASP U 981 -5.97 -47.91 -102.95
CA ASP U 981 -6.33 -46.80 -102.07
C ASP U 981 -7.83 -46.89 -101.82
N MET U 982 -8.34 -46.13 -100.85
CA MET U 982 -9.76 -46.16 -100.58
C MET U 982 -10.58 -45.69 -101.77
N LEU U 983 -11.69 -46.38 -102.01
CA LEU U 983 -12.66 -45.96 -103.02
C LEU U 983 -13.97 -46.64 -102.68
N LEU U 984 -14.98 -45.85 -102.30
CA LEU U 984 -16.33 -46.35 -102.08
C LEU U 984 -16.42 -47.27 -100.87
N GLU U 985 -15.37 -47.39 -100.08
CA GLU U 985 -15.29 -48.27 -98.93
C GLU U 985 -16.01 -47.75 -97.68
N PRO U 986 -15.99 -46.46 -97.39
CA PRO U 986 -16.81 -45.97 -96.26
C PRO U 986 -18.29 -46.26 -96.42
N LEU U 987 -18.79 -46.40 -97.65
CA LEU U 987 -20.19 -46.70 -97.88
C LEU U 987 -20.55 -48.15 -97.62
N LEU U 988 -19.60 -48.99 -97.21
CA LEU U 988 -19.84 -50.41 -97.06
C LEU U 988 -20.05 -50.84 -95.61
N SER U 989 -19.99 -49.91 -94.66
CA SER U 989 -20.12 -50.27 -93.25
C SER U 989 -21.58 -50.08 -92.84
N GLY U 990 -22.37 -51.11 -93.06
CA GLY U 990 -23.75 -51.10 -92.62
C GLY U 990 -24.74 -50.63 -93.66
N ASP U 991 -25.56 -51.55 -94.15
CA ASP U 991 -26.66 -51.27 -95.08
C ASP U 991 -26.17 -50.52 -96.32
N PRO U 992 -25.48 -51.20 -97.23
CA PRO U 992 -25.08 -50.53 -98.48
C PRO U 992 -26.23 -50.21 -99.40
N ARG U 993 -27.44 -50.67 -99.09
CA ARG U 993 -28.60 -50.44 -99.96
C ARG U 993 -29.04 -48.99 -99.87
N MET U 994 -28.24 -48.09 -100.42
CA MET U 994 -28.50 -46.66 -100.35
C MET U 994 -29.21 -46.18 -101.61
N THR U 995 -29.59 -44.91 -101.59
CA THR U 995 -30.28 -44.31 -102.73
C THR U 995 -29.66 -42.96 -103.08
N GLN U 996 -29.03 -42.30 -102.13
CA GLN U 996 -28.61 -40.92 -102.37
C GLN U 996 -27.73 -40.46 -101.22
N LEU U 997 -26.71 -39.67 -101.55
CA LEU U 997 -25.83 -39.10 -100.54
C LEU U 997 -26.23 -37.66 -100.24
N ALA U 998 -26.02 -37.26 -98.99
CA ALA U 998 -26.32 -35.91 -98.57
C ALA U 998 -25.73 -35.68 -97.20
N ILE U 999 -25.31 -34.44 -96.94
CA ILE U 999 -24.70 -34.07 -95.68
C ILE U 999 -25.42 -32.86 -95.12
N GLN U 1000 -25.61 -32.82 -93.81
CA GLN U 1000 -26.38 -31.76 -93.20
C GLN U 1000 -25.97 -31.59 -91.74
N TYR U 1001 -26.04 -30.35 -91.26
CA TYR U 1001 -25.88 -30.06 -89.85
C TYR U 1001 -27.14 -29.35 -89.33
N GLN U 1002 -27.14 -29.04 -88.03
CA GLN U 1002 -28.25 -28.32 -87.43
C GLN U 1002 -27.70 -27.19 -86.57
N GLN U 1003 -28.55 -26.20 -86.33
CA GLN U 1003 -28.24 -25.11 -85.42
C GLN U 1003 -28.68 -25.51 -84.02
N TYR U 1004 -28.63 -24.58 -83.07
CA TYR U 1004 -29.07 -24.90 -81.72
C TYR U 1004 -30.59 -24.95 -81.65
N ASN U 1005 -31.28 -24.05 -82.35
CA ASN U 1005 -32.73 -24.01 -82.24
C ASN U 1005 -33.40 -25.00 -83.18
N GLY U 1006 -32.94 -26.24 -83.17
CA GLY U 1006 -33.57 -27.31 -83.94
C GLY U 1006 -33.68 -27.08 -85.43
N ARG U 1007 -32.89 -26.16 -85.98
CA ARG U 1007 -32.94 -25.83 -87.39
C ARG U 1007 -31.83 -26.56 -88.12
N THR U 1008 -32.16 -27.23 -89.21
CA THR U 1008 -31.22 -28.05 -89.96
C THR U 1008 -31.02 -27.48 -91.35
N PHE U 1009 -29.82 -27.65 -91.87
CA PHE U 1009 -29.46 -27.26 -93.22
C PHE U 1009 -29.04 -28.51 -93.98
N ASN U 1010 -29.81 -28.85 -95.02
CA ASN U 1010 -29.59 -30.08 -95.78
C ASN U 1010 -28.99 -29.72 -97.13
N VAL U 1011 -27.84 -30.33 -97.44
CA VAL U 1011 -27.13 -30.10 -98.69
C VAL U 1011 -27.12 -31.40 -99.47
N ILE U 1012 -27.71 -31.39 -100.67
CA ILE U 1012 -27.91 -32.60 -101.46
C ILE U 1012 -27.31 -32.43 -102.85
N PRO U 1013 -26.10 -32.93 -103.09
CA PRO U 1013 -25.51 -32.78 -104.43
C PRO U 1013 -26.30 -33.59 -105.45
N GLU U 1014 -26.76 -32.90 -106.50
CA GLU U 1014 -27.48 -33.55 -107.58
C GLU U 1014 -26.49 -34.30 -108.46
N MET U 1015 -26.50 -35.62 -108.41
CA MET U 1015 -25.45 -36.37 -109.06
C MET U 1015 -25.71 -36.45 -110.56
N PRO U 1016 -24.74 -36.10 -111.39
CA PRO U 1016 -24.91 -36.24 -112.84
C PRO U 1016 -24.80 -37.70 -113.25
N GLY U 1017 -25.19 -37.97 -114.49
CA GLY U 1017 -25.24 -39.33 -114.97
C GLY U 1017 -23.84 -39.87 -115.23
N SER U 1018 -23.52 -41.00 -114.61
CA SER U 1018 -22.25 -41.67 -114.89
C SER U 1018 -22.33 -42.39 -116.21
N VAL U 1019 -21.18 -42.84 -116.69
CA VAL U 1019 -21.10 -43.51 -117.99
C VAL U 1019 -21.02 -45.02 -117.79
N ILE U 1020 -20.40 -45.45 -116.70
CA ILE U 1020 -20.38 -46.88 -116.39
C ILE U 1020 -21.80 -47.38 -116.16
N ALA U 1021 -22.63 -46.57 -115.51
CA ALA U 1021 -23.99 -46.99 -115.19
C ALA U 1021 -24.80 -47.24 -116.45
N ASP U 1022 -24.81 -46.29 -117.38
CA ASP U 1022 -25.63 -46.51 -118.56
C ASP U 1022 -24.97 -47.44 -119.57
N CYS U 1023 -23.63 -47.61 -119.54
CA CYS U 1023 -23.04 -48.68 -120.32
C CYS U 1023 -23.49 -50.04 -119.80
N VAL U 1024 -23.53 -50.20 -118.47
CA VAL U 1024 -24.00 -51.45 -117.89
C VAL U 1024 -25.47 -51.66 -118.22
N GLN U 1025 -26.26 -50.59 -118.21
CA GLN U 1025 -27.67 -50.72 -118.57
C GLN U 1025 -27.83 -51.13 -120.02
N LEU U 1026 -27.02 -50.57 -120.92
CA LEU U 1026 -27.09 -50.96 -122.33
C LEU U 1026 -26.71 -52.43 -122.51
N THR U 1027 -25.64 -52.87 -121.85
CA THR U 1027 -25.24 -54.25 -122.01
C THR U 1027 -26.26 -55.19 -121.39
N ALA U 1028 -26.95 -54.76 -120.33
CA ALA U 1028 -28.02 -55.59 -119.77
C ALA U 1028 -29.21 -55.66 -120.71
N GLU U 1029 -29.54 -54.53 -121.37
CA GLU U 1029 -30.59 -54.55 -122.37
C GLU U 1029 -30.25 -55.52 -123.49
N VAL U 1030 -28.99 -55.54 -123.93
CA VAL U 1030 -28.61 -56.46 -124.99
C VAL U 1030 -28.59 -57.89 -124.48
N PHE U 1031 -28.29 -58.08 -123.20
CA PHE U 1031 -28.33 -59.42 -122.62
C PHE U 1031 -29.74 -59.96 -122.60
N ASN U 1032 -30.73 -59.09 -122.34
CA ASN U 1032 -32.12 -59.48 -122.32
C ASN U 1032 -32.55 -60.17 -123.61
N HIS U 1033 -31.93 -59.82 -124.73
CA HIS U 1033 -32.22 -60.46 -126.00
C HIS U 1033 -31.24 -61.60 -126.30
N GLU U 1034 -29.94 -61.30 -126.33
CA GLU U 1034 -28.94 -62.31 -126.62
C GLU U 1034 -28.28 -62.85 -125.36
N TYR U 1035 -29.11 -63.44 -124.50
CA TYR U 1035 -28.61 -64.13 -123.31
C TYR U 1035 -27.87 -65.41 -123.64
N ASN U 1036 -28.15 -66.05 -124.78
CA ASN U 1036 -27.53 -67.34 -125.09
C ASN U 1036 -26.03 -67.21 -125.21
N LEU U 1037 -25.55 -66.15 -125.85
CA LEU U 1037 -24.13 -66.02 -126.15
C LEU U 1037 -23.27 -65.99 -124.90
N PHE U 1038 -23.82 -65.63 -123.75
CA PHE U 1038 -23.10 -65.72 -122.49
C PHE U 1038 -23.29 -67.06 -121.81
N GLY U 1039 -23.86 -68.04 -122.50
CA GLY U 1039 -24.09 -69.34 -121.91
C GLY U 1039 -25.35 -69.47 -121.08
N ILE U 1040 -26.23 -68.48 -121.12
CA ILE U 1040 -27.45 -68.49 -120.32
C ILE U 1040 -28.56 -69.17 -121.11
N ALA U 1041 -29.46 -69.81 -120.38
CA ALA U 1041 -30.64 -70.42 -120.93
C ALA U 1041 -31.87 -69.80 -120.27
N ARG U 1042 -32.88 -69.49 -121.08
CA ARG U 1042 -34.11 -68.87 -120.60
C ARG U 1042 -35.24 -69.90 -120.60
N GLY U 1043 -36.12 -69.79 -119.63
CA GLY U 1043 -37.28 -70.67 -119.58
C GLY U 1043 -37.12 -71.79 -118.56
N ASP U 1044 -37.67 -72.94 -118.88
CA ASP U 1044 -37.56 -74.11 -118.00
C ASP U 1044 -37.42 -75.36 -118.86
N ILE U 1045 -37.02 -76.44 -118.22
CA ILE U 1045 -36.75 -77.69 -118.91
C ILE U 1045 -37.89 -78.66 -118.67
N ILE U 1046 -37.90 -79.75 -119.43
CA ILE U 1046 -38.86 -80.82 -119.27
C ILE U 1046 -38.10 -82.13 -119.20
N ILE U 1047 -38.31 -82.90 -118.14
CA ILE U 1047 -37.55 -84.12 -117.92
C ILE U 1047 -38.42 -85.34 -118.12
N GLY U 1048 -38.41 -85.88 -119.33
CA GLY U 1048 -39.20 -87.07 -119.63
C GLY U 1048 -38.64 -87.80 -120.83
N ARG U 1049 -38.72 -89.12 -120.84
CA ARG U 1049 -38.08 -89.89 -121.89
C ARG U 1049 -38.74 -89.63 -123.24
N VAL U 1050 -37.90 -89.59 -124.28
CA VAL U 1050 -38.35 -89.44 -125.66
C VAL U 1050 -37.43 -90.29 -126.51
N GLN U 1051 -37.98 -91.31 -127.16
CA GLN U 1051 -37.21 -92.21 -128.02
C GLN U 1051 -37.78 -92.16 -129.44
N SER U 1052 -36.92 -91.87 -130.40
CA SER U 1052 -37.32 -91.83 -131.81
C SER U 1052 -36.08 -91.59 -132.64
N THR U 1053 -36.17 -91.94 -133.93
CA THR U 1053 -35.08 -91.69 -134.86
C THR U 1053 -35.05 -90.27 -135.36
N HIS U 1054 -36.01 -89.44 -134.96
CA HIS U 1054 -35.99 -88.04 -135.36
C HIS U 1054 -34.85 -87.30 -134.70
N LEU U 1055 -34.29 -86.33 -135.41
CA LEU U 1055 -33.21 -85.52 -134.91
C LEU U 1055 -33.60 -84.06 -135.11
N TRP U 1056 -33.73 -83.32 -134.01
CA TRP U 1056 -34.27 -81.96 -134.13
C TRP U 1056 -33.60 -80.93 -133.21
N SER U 1057 -32.41 -81.21 -132.67
CA SER U 1057 -31.75 -80.24 -131.81
C SER U 1057 -32.57 -79.86 -130.58
N PRO U 1058 -32.48 -80.63 -129.48
CA PRO U 1058 -33.36 -80.44 -128.31
C PRO U 1058 -33.47 -79.04 -127.73
N LEU U 1059 -32.64 -78.09 -128.16
CA LEU U 1059 -32.77 -76.69 -127.75
C LEU U 1059 -33.81 -75.94 -128.57
N ALA U 1060 -34.55 -76.62 -129.44
CA ALA U 1060 -35.59 -75.99 -130.26
C ALA U 1060 -36.81 -76.90 -130.27
N PRO U 1061 -37.49 -77.02 -129.13
CA PRO U 1061 -38.54 -78.03 -128.98
C PRO U 1061 -39.72 -77.74 -129.88
N PRO U 1062 -40.16 -78.73 -130.65
CA PRO U 1062 -41.43 -78.64 -131.36
C PRO U 1062 -42.58 -78.60 -130.38
N PRO U 1063 -43.72 -78.02 -130.75
CA PRO U 1063 -44.75 -77.74 -129.76
C PRO U 1063 -45.39 -78.98 -129.14
N ASP U 1064 -45.25 -80.14 -129.78
CA ASP U 1064 -45.95 -81.32 -129.31
C ASP U 1064 -45.43 -81.81 -127.97
N LEU U 1065 -44.13 -81.69 -127.74
CA LEU U 1065 -43.48 -82.30 -126.58
C LEU U 1065 -43.45 -81.39 -125.36
N VAL U 1066 -44.08 -80.22 -125.42
CA VAL U 1066 -44.06 -79.29 -124.31
C VAL U 1066 -45.48 -79.02 -123.83
N PHE U 1067 -45.60 -78.71 -122.55
CA PHE U 1067 -46.87 -78.38 -121.92
C PHE U 1067 -46.63 -77.23 -120.95
N ASP U 1068 -47.69 -76.53 -120.59
CA ASP U 1068 -47.59 -75.43 -119.65
C ASP U 1068 -48.74 -75.51 -118.65
N ARG U 1069 -48.83 -74.47 -117.80
CA ARG U 1069 -49.84 -74.46 -116.75
C ARG U 1069 -51.25 -74.47 -117.31
N ASP U 1070 -51.43 -73.95 -118.53
CA ASP U 1070 -52.74 -73.88 -119.15
C ASP U 1070 -53.09 -75.13 -119.93
N THR U 1071 -52.18 -76.06 -120.09
CA THR U 1071 -52.48 -77.29 -120.81
C THR U 1071 -53.49 -78.11 -120.02
N PRO U 1072 -54.47 -78.72 -120.68
CA PRO U 1072 -55.45 -79.53 -119.97
C PRO U 1072 -54.85 -80.84 -119.47
N GLY U 1073 -55.18 -81.18 -118.23
CA GLY U 1073 -54.71 -82.42 -117.64
C GLY U 1073 -53.37 -82.35 -116.94
N VAL U 1074 -52.93 -81.16 -116.55
CA VAL U 1074 -51.64 -80.97 -115.91
C VAL U 1074 -51.84 -80.78 -114.42
N HIS U 1075 -50.89 -81.29 -113.65
CA HIS U 1075 -50.92 -81.18 -112.19
C HIS U 1075 -49.79 -80.28 -111.73
N ILE U 1076 -50.13 -79.23 -111.00
CA ILE U 1076 -49.17 -78.24 -110.51
C ILE U 1076 -48.97 -78.46 -109.03
N PHE U 1077 -47.72 -78.57 -108.59
CA PHE U 1077 -47.41 -78.94 -107.22
C PHE U 1077 -46.77 -77.77 -106.49
N GLY U 1078 -47.31 -77.45 -105.32
CA GLY U 1078 -46.84 -76.34 -104.53
C GLY U 1078 -45.69 -76.69 -103.63
N ARG U 1079 -45.76 -76.32 -102.35
CA ARG U 1079 -44.64 -76.53 -101.44
C ARG U 1079 -44.74 -77.83 -100.67
N ASP U 1080 -45.94 -78.29 -100.31
CA ASP U 1080 -46.08 -79.55 -99.58
C ASP U 1080 -46.49 -80.65 -100.57
N CYS U 1081 -45.48 -81.17 -101.25
CA CYS U 1081 -45.67 -82.28 -102.17
C CYS U 1081 -45.42 -83.60 -101.45
N ARG U 1082 -46.23 -83.83 -100.42
CA ARG U 1082 -46.07 -85.00 -99.57
C ARG U 1082 -46.37 -86.28 -100.33
N ILE U 1083 -45.57 -87.30 -100.07
CA ILE U 1083 -45.72 -88.60 -100.73
C ILE U 1083 -46.24 -89.60 -99.71
N SER U 1084 -47.09 -90.51 -100.18
CA SER U 1084 -47.59 -91.60 -99.35
C SER U 1084 -47.52 -92.88 -100.15
N PHE U 1085 -46.93 -93.92 -99.58
CA PHE U 1085 -46.79 -95.16 -100.31
C PHE U 1085 -48.14 -95.81 -100.54
N GLY U 1086 -48.15 -96.80 -101.43
CA GLY U 1086 -49.35 -97.57 -101.72
C GLY U 1086 -49.24 -98.95 -101.12
N MET U 1087 -50.29 -99.35 -100.42
CA MET U 1087 -50.32 -100.64 -99.74
C MET U 1087 -50.92 -101.70 -100.64
N ASN U 1088 -50.25 -102.84 -100.73
CA ASN U 1088 -50.85 -104.04 -101.32
C ASN U 1088 -51.16 -103.86 -102.80
N GLY U 1089 -50.23 -103.22 -103.53
CA GLY U 1089 -50.37 -103.04 -104.96
C GLY U 1089 -50.81 -101.65 -105.37
N ALA U 1090 -51.48 -100.91 -104.51
CA ALA U 1090 -51.88 -99.55 -104.84
C ALA U 1090 -50.66 -98.68 -105.09
N ALA U 1091 -50.77 -97.78 -106.05
CA ALA U 1091 -49.63 -96.97 -106.44
C ALA U 1091 -49.35 -95.88 -105.40
N PRO U 1092 -48.11 -95.41 -105.33
CA PRO U 1092 -47.83 -94.23 -104.49
C PRO U 1092 -48.56 -93.03 -105.04
N MET U 1093 -48.76 -92.03 -104.17
CA MET U 1093 -49.49 -90.84 -104.56
C MET U 1093 -48.89 -89.61 -103.90
N ILE U 1094 -48.86 -88.51 -104.64
CA ILE U 1094 -48.27 -87.25 -104.19
C ILE U 1094 -49.34 -86.17 -104.22
N ARG U 1095 -49.20 -85.18 -103.36
CA ARG U 1095 -50.25 -84.21 -103.10
C ARG U 1095 -50.20 -83.07 -104.12
N ASP U 1096 -51.29 -82.89 -104.85
CA ASP U 1096 -51.46 -81.76 -105.75
C ASP U 1096 -51.44 -80.46 -104.96
N GLU U 1097 -51.29 -79.35 -105.68
CA GLU U 1097 -51.39 -78.03 -105.04
C GLU U 1097 -52.79 -77.72 -104.56
N THR U 1098 -53.81 -78.34 -105.14
CA THR U 1098 -55.19 -78.12 -104.74
C THR U 1098 -55.66 -79.13 -103.70
N GLY U 1099 -54.76 -79.95 -103.16
CA GLY U 1099 -55.09 -80.89 -102.13
C GLY U 1099 -55.24 -82.33 -102.59
N MET U 1100 -55.52 -82.55 -103.87
CA MET U 1100 -55.75 -83.90 -104.36
C MET U 1100 -54.46 -84.71 -104.35
N MET U 1101 -54.62 -86.02 -104.30
CA MET U 1101 -53.51 -86.97 -104.37
C MET U 1101 -53.53 -87.63 -105.74
N VAL U 1102 -52.38 -87.71 -106.39
CA VAL U 1102 -52.31 -88.25 -107.74
C VAL U 1102 -51.22 -89.32 -107.82
N PRO U 1103 -51.37 -90.30 -108.70
CA PRO U 1103 -50.32 -91.31 -108.87
C PRO U 1103 -49.13 -90.74 -109.63
N PHE U 1104 -48.08 -91.56 -109.72
CA PHE U 1104 -46.84 -91.14 -110.38
C PHE U 1104 -46.97 -91.40 -111.86
N GLU U 1105 -47.53 -90.43 -112.58
CA GLU U 1105 -47.67 -90.50 -114.03
C GLU U 1105 -48.29 -89.19 -114.49
N GLY U 1106 -48.27 -88.97 -115.81
CA GLY U 1106 -48.85 -87.77 -116.37
C GLY U 1106 -47.85 -86.65 -116.56
N ASN U 1107 -48.34 -85.41 -116.53
CA ASN U 1107 -47.52 -84.23 -116.77
C ASN U 1107 -47.60 -83.33 -115.55
N TRP U 1108 -46.44 -83.03 -114.96
CA TRP U 1108 -46.38 -82.28 -113.72
C TRP U 1108 -45.61 -80.98 -113.92
N ILE U 1109 -45.72 -80.10 -112.94
CA ILE U 1109 -45.02 -78.81 -112.99
C ILE U 1109 -44.42 -78.48 -111.63
N PHE U 1110 -43.14 -78.71 -111.47
CA PHE U 1110 -42.46 -78.35 -110.24
C PHE U 1110 -41.89 -76.93 -110.32
N PRO U 1111 -41.75 -76.27 -109.17
CA PRO U 1111 -40.66 -75.31 -109.03
C PRO U 1111 -39.38 -76.06 -108.71
N LEU U 1112 -38.25 -75.45 -109.06
CA LEU U 1112 -36.97 -76.08 -108.75
C LEU U 1112 -36.74 -76.17 -107.25
N ALA U 1113 -37.42 -75.33 -106.47
CA ALA U 1113 -37.22 -75.32 -105.03
C ALA U 1113 -37.61 -76.64 -104.40
N LEU U 1114 -38.68 -77.28 -104.89
CA LEU U 1114 -39.09 -78.57 -104.33
C LEU U 1114 -37.99 -79.61 -104.47
N TRP U 1115 -37.47 -79.76 -105.68
CA TRP U 1115 -36.41 -80.73 -105.91
C TRP U 1115 -35.16 -80.37 -105.11
N GLN U 1116 -34.84 -79.08 -105.01
CA GLN U 1116 -33.69 -78.72 -104.17
C GLN U 1116 -33.95 -79.03 -102.70
N MET U 1117 -35.21 -79.00 -102.28
CA MET U 1117 -35.52 -79.30 -100.89
C MET U 1117 -35.38 -80.78 -100.60
N ASN U 1118 -35.79 -81.62 -101.53
CA ASN U 1118 -35.86 -83.06 -101.28
C ASN U 1118 -35.20 -83.85 -102.40
N THR U 1119 -33.97 -83.45 -102.76
CA THR U 1119 -33.28 -84.11 -103.85
C THR U 1119 -33.01 -85.58 -103.54
N ARG U 1120 -32.73 -85.92 -102.29
CA ARG U 1120 -32.43 -87.31 -101.95
C ARG U 1120 -33.71 -88.14 -101.88
N TYR U 1121 -34.74 -87.62 -101.24
CA TYR U 1121 -35.97 -88.41 -101.07
C TYR U 1121 -36.72 -88.56 -102.39
N PHE U 1122 -36.63 -87.57 -103.28
CA PHE U 1122 -37.42 -87.61 -104.50
C PHE U 1122 -36.83 -88.58 -105.52
N ASN U 1123 -35.54 -88.46 -105.82
CA ASN U 1123 -34.96 -89.29 -106.86
C ASN U 1123 -35.01 -90.76 -106.51
N GLN U 1124 -34.99 -91.09 -105.21
CA GLN U 1124 -35.25 -92.47 -104.81
C GLN U 1124 -36.66 -92.91 -105.16
N GLN U 1125 -37.59 -91.96 -105.28
CA GLN U 1125 -38.98 -92.28 -105.57
C GLN U 1125 -39.33 -92.15 -107.05
N PHE U 1126 -38.69 -91.24 -107.77
CA PHE U 1126 -39.14 -90.91 -109.11
C PHE U 1126 -38.28 -91.51 -110.21
N ASP U 1127 -37.00 -91.79 -109.95
CA ASP U 1127 -36.10 -92.21 -111.01
C ASP U 1127 -36.56 -93.50 -111.66
N ALA U 1128 -37.17 -94.40 -110.89
CA ALA U 1128 -37.69 -95.64 -111.46
C ALA U 1128 -38.83 -95.36 -112.43
N TRP U 1129 -39.58 -94.29 -112.19
CA TRP U 1129 -40.73 -93.98 -113.02
C TRP U 1129 -40.39 -93.12 -114.22
N ILE U 1130 -39.43 -92.19 -114.07
CA ILE U 1130 -39.01 -91.38 -115.21
C ILE U 1130 -38.27 -92.23 -116.22
N LYS U 1131 -37.40 -93.12 -115.75
CA LYS U 1131 -36.54 -93.88 -116.65
C LYS U 1131 -37.34 -94.81 -117.56
N THR U 1132 -38.36 -95.46 -117.01
CA THR U 1132 -39.14 -96.42 -117.78
C THR U 1132 -40.62 -96.10 -117.85
N GLY U 1133 -41.19 -95.50 -116.81
CA GLY U 1133 -42.62 -95.26 -116.77
C GLY U 1133 -43.09 -94.20 -117.74
N GLU U 1134 -44.21 -93.57 -117.44
CA GLU U 1134 -44.79 -92.53 -118.27
C GLU U 1134 -44.92 -91.21 -117.53
N LEU U 1135 -44.00 -90.97 -116.59
CA LEU U 1135 -43.96 -89.72 -115.85
C LEU U 1135 -43.11 -88.70 -116.59
N ARG U 1136 -43.50 -87.44 -116.50
CA ARG U 1136 -42.77 -86.35 -117.13
C ARG U 1136 -42.95 -85.11 -116.27
N ILE U 1137 -41.85 -84.42 -115.99
CA ILE U 1137 -41.84 -83.27 -115.10
C ILE U 1137 -41.33 -82.06 -115.87
N ARG U 1138 -41.99 -80.92 -115.68
CA ARG U 1138 -41.53 -79.65 -116.22
C ARG U 1138 -40.99 -78.81 -115.05
N ILE U 1139 -39.73 -79.03 -114.71
CA ILE U 1139 -39.11 -78.24 -113.66
C ILE U 1139 -38.91 -76.82 -114.15
N GLU U 1140 -39.19 -75.85 -113.28
CA GLU U 1140 -39.19 -74.45 -113.66
C GLU U 1140 -37.89 -73.79 -113.20
N MET U 1141 -37.06 -73.40 -114.17
CA MET U 1141 -35.77 -72.78 -113.89
C MET U 1141 -35.87 -71.27 -113.83
N GLY U 1142 -36.34 -70.64 -114.91
CA GLY U 1142 -36.24 -69.21 -115.06
C GLY U 1142 -34.97 -68.87 -115.79
N ALA U 1143 -33.84 -69.32 -115.25
CA ALA U 1143 -32.55 -69.14 -115.87
C ALA U 1143 -31.66 -70.30 -115.46
N TYR U 1144 -30.80 -70.74 -116.38
CA TYR U 1144 -29.93 -71.85 -116.04
C TYR U 1144 -28.80 -71.96 -117.04
N PRO U 1145 -27.57 -72.23 -116.59
CA PRO U 1145 -26.49 -72.53 -117.53
C PRO U 1145 -26.65 -73.93 -118.10
N TYR U 1146 -26.17 -74.11 -119.32
CA TYR U 1146 -26.27 -75.39 -119.99
C TYR U 1146 -24.90 -75.88 -120.41
N MET U 1147 -24.88 -77.06 -121.01
CA MET U 1147 -23.66 -77.69 -121.51
C MET U 1147 -24.07 -78.74 -122.52
N LEU U 1148 -23.34 -78.80 -123.63
CA LEU U 1148 -23.77 -79.53 -124.82
C LEU U 1148 -22.90 -80.77 -125.02
N HIS U 1149 -23.55 -81.90 -125.23
CA HIS U 1149 -22.89 -83.16 -125.57
C HIS U 1149 -23.40 -83.58 -126.95
N TYR U 1150 -22.55 -83.52 -127.95
CA TYR U 1150 -22.95 -83.95 -129.28
C TYR U 1150 -22.80 -85.45 -129.42
N TYR U 1151 -23.74 -86.07 -130.12
CA TYR U 1151 -23.66 -87.49 -130.39
C TYR U 1151 -23.68 -87.72 -131.90
N ASP U 1152 -23.51 -88.98 -132.26
CA ASP U 1152 -23.38 -89.39 -133.65
C ASP U 1152 -24.71 -89.92 -134.13
N PRO U 1153 -25.40 -89.25 -135.04
CA PRO U 1153 -26.82 -89.58 -135.28
C PRO U 1153 -27.05 -90.94 -135.92
N ARG U 1154 -26.04 -91.55 -136.55
CA ARG U 1154 -26.24 -92.86 -137.15
C ARG U 1154 -25.73 -93.99 -136.26
N GLN U 1155 -25.72 -93.78 -134.95
CA GLN U 1155 -25.51 -94.86 -133.99
C GLN U 1155 -26.54 -94.79 -132.87
N TYR U 1156 -26.40 -95.63 -131.87
CA TYR U 1156 -27.28 -95.60 -130.71
C TYR U 1156 -26.77 -94.59 -129.69
N ALA U 1157 -27.69 -94.01 -128.93
CA ALA U 1157 -27.32 -93.03 -127.92
C ALA U 1157 -28.41 -92.98 -126.87
N ASN U 1158 -28.00 -92.97 -125.60
CA ASN U 1158 -28.93 -92.91 -124.49
C ASN U 1158 -28.40 -91.91 -123.47
N ALA U 1159 -29.25 -90.98 -123.05
CA ALA U 1159 -28.84 -89.87 -122.20
C ALA U 1159 -29.18 -90.09 -120.73
N TRP U 1160 -29.54 -91.31 -120.33
CA TRP U 1160 -29.93 -91.50 -118.94
C TRP U 1160 -28.75 -91.40 -118.00
N ASN U 1161 -27.60 -91.98 -118.37
CA ASN U 1161 -26.42 -91.85 -117.53
C ASN U 1161 -26.02 -90.40 -117.36
N LEU U 1162 -26.32 -89.57 -118.36
CA LEU U 1162 -25.96 -88.17 -118.32
C LEU U 1162 -26.98 -87.33 -117.56
N THR U 1163 -28.25 -87.78 -117.53
CA THR U 1163 -29.33 -87.06 -116.87
C THR U 1163 -29.45 -87.40 -115.39
N SER U 1164 -29.33 -88.68 -115.05
CA SER U 1164 -29.40 -89.08 -113.65
C SER U 1164 -28.26 -88.48 -112.86
N ALA U 1165 -27.12 -88.22 -113.50
CA ALA U 1165 -26.02 -87.53 -112.81
C ALA U 1165 -26.45 -86.15 -112.36
N TRP U 1166 -27.09 -85.39 -113.26
CA TRP U 1166 -27.59 -84.07 -112.91
C TRP U 1166 -28.62 -84.16 -111.79
N LEU U 1167 -29.61 -85.04 -111.96
CA LEU U 1167 -30.69 -85.15 -110.98
C LEU U 1167 -30.16 -85.59 -109.61
N GLU U 1168 -29.13 -86.41 -109.58
CA GLU U 1168 -28.54 -86.84 -108.32
C GLU U 1168 -27.60 -85.81 -107.74
N GLU U 1169 -27.07 -84.91 -108.56
CA GLU U 1169 -26.12 -83.92 -108.08
C GLU U 1169 -26.78 -82.62 -107.66
N ILE U 1170 -28.06 -82.40 -108.01
CA ILE U 1170 -28.77 -81.23 -107.49
C ILE U 1170 -28.77 -81.26 -105.97
N THR U 1171 -28.66 -80.09 -105.35
CA THR U 1171 -28.43 -79.96 -103.93
C THR U 1171 -29.01 -78.62 -103.49
N PRO U 1172 -29.31 -78.46 -102.19
CA PRO U 1172 -30.00 -77.24 -101.74
C PRO U 1172 -29.27 -75.94 -102.07
N THR U 1173 -27.95 -75.95 -102.21
CA THR U 1173 -27.22 -74.71 -102.43
C THR U 1173 -26.33 -74.81 -103.65
N SER U 1174 -26.77 -75.54 -104.67
CA SER U 1174 -25.99 -75.65 -105.90
C SER U 1174 -26.86 -76.30 -106.96
N ILE U 1175 -26.36 -76.27 -108.19
CA ILE U 1175 -26.99 -76.96 -109.31
C ILE U 1175 -25.97 -77.00 -110.44
N PRO U 1176 -25.69 -78.16 -111.04
CA PRO U 1176 -24.75 -78.21 -112.15
C PRO U 1176 -25.43 -77.81 -113.46
N SER U 1177 -24.60 -77.58 -114.47
CA SER U 1177 -25.10 -77.18 -115.78
C SER U 1177 -26.02 -78.25 -116.36
N VAL U 1178 -27.13 -77.82 -116.93
CA VAL U 1178 -28.09 -78.74 -117.52
C VAL U 1178 -27.45 -79.43 -118.72
N PRO U 1179 -27.30 -80.74 -118.72
CA PRO U 1179 -26.66 -81.40 -119.86
C PRO U 1179 -27.63 -81.70 -120.99
N PHE U 1180 -27.41 -81.10 -122.15
CA PHE U 1180 -28.20 -81.38 -123.33
C PHE U 1180 -27.44 -82.33 -124.25
N MET U 1181 -28.17 -82.99 -125.13
CA MET U 1181 -27.60 -84.00 -126.02
C MET U 1181 -28.03 -83.66 -127.45
N VAL U 1182 -27.16 -83.03 -128.20
CA VAL U 1182 -27.49 -82.47 -129.51
C VAL U 1182 -26.91 -83.36 -130.62
N PRO U 1183 -27.66 -83.62 -131.68
CA PRO U 1183 -27.11 -84.38 -132.80
C PRO U 1183 -26.19 -83.51 -133.66
N ILE U 1184 -25.42 -84.19 -134.50
CA ILE U 1184 -24.45 -83.54 -135.37
C ILE U 1184 -25.02 -83.41 -136.76
N SER U 1185 -24.88 -82.24 -137.36
CA SER U 1185 -25.34 -82.02 -138.72
C SER U 1185 -24.50 -82.84 -139.70
N SER U 1186 -24.93 -82.86 -140.95
CA SER U 1186 -24.21 -83.57 -141.98
C SER U 1186 -24.76 -83.18 -143.34
N ASP U 1187 -23.86 -82.99 -144.31
CA ASP U 1187 -24.25 -82.60 -145.65
C ASP U 1187 -24.54 -83.80 -146.55
N HIS U 1188 -24.58 -85.01 -146.00
CA HIS U 1188 -24.77 -86.20 -146.80
C HIS U 1188 -25.77 -87.12 -146.11
N ASP U 1189 -26.31 -88.06 -146.88
CA ASP U 1189 -27.29 -89.00 -146.34
C ASP U 1189 -26.67 -89.87 -145.27
N ILE U 1190 -27.45 -90.18 -144.24
CA ILE U 1190 -26.99 -90.99 -143.13
C ILE U 1190 -28.11 -91.93 -142.69
N SER U 1191 -27.72 -93.08 -142.16
CA SER U 1191 -28.69 -94.02 -141.62
C SER U 1191 -29.18 -93.54 -140.26
N SER U 1192 -30.41 -93.89 -139.93
CA SER U 1192 -31.09 -93.39 -138.73
C SER U 1192 -31.11 -94.47 -137.67
N ALA U 1193 -30.52 -94.18 -136.51
CA ALA U 1193 -30.52 -95.08 -135.39
C ALA U 1193 -31.24 -94.44 -134.20
N PRO U 1194 -31.83 -95.25 -133.33
CA PRO U 1194 -32.66 -94.68 -132.26
C PRO U 1194 -31.84 -93.90 -131.25
N ALA U 1195 -32.48 -92.89 -130.67
CA ALA U 1195 -31.87 -92.08 -129.62
C ALA U 1195 -32.88 -91.90 -128.50
N VAL U 1196 -32.37 -91.73 -127.29
CA VAL U 1196 -33.21 -91.64 -126.10
C VAL U 1196 -32.89 -90.31 -125.42
N GLN U 1197 -33.77 -89.33 -125.58
CA GLN U 1197 -33.66 -88.03 -124.93
C GLN U 1197 -34.34 -88.08 -123.58
N TYR U 1198 -33.88 -87.23 -122.65
CA TYR U 1198 -34.57 -87.11 -121.37
C TYR U 1198 -34.82 -85.65 -121.01
N ILE U 1199 -33.95 -84.75 -121.45
CA ILE U 1199 -34.07 -83.33 -121.16
C ILE U 1199 -34.23 -82.56 -122.47
N ILE U 1200 -35.18 -81.64 -122.50
CA ILE U 1200 -35.37 -80.74 -123.62
C ILE U 1200 -35.77 -79.37 -123.09
N SER U 1201 -35.24 -78.32 -123.71
CA SER U 1201 -35.65 -76.98 -123.33
C SER U 1201 -37.11 -76.75 -123.70
N THR U 1202 -37.67 -75.66 -123.20
CA THR U 1202 -39.08 -75.34 -123.42
C THR U 1202 -39.29 -74.40 -124.59
N GLU U 1203 -38.54 -73.30 -124.64
CA GLU U 1203 -38.64 -72.34 -125.73
C GLU U 1203 -37.39 -72.42 -126.60
N TYR U 1204 -37.39 -71.66 -127.69
CA TYR U 1204 -36.25 -71.65 -128.57
C TYR U 1204 -35.05 -71.06 -127.84
N ASN U 1205 -34.00 -71.86 -127.71
CA ASN U 1205 -32.88 -71.52 -126.85
C ASN U 1205 -31.56 -71.87 -127.51
N ASP U 1206 -31.52 -71.82 -128.84
CA ASP U 1206 -30.34 -72.19 -129.62
C ASP U 1206 -30.03 -71.04 -130.57
N ARG U 1207 -29.35 -70.01 -130.05
CA ARG U 1207 -29.06 -68.82 -130.83
C ARG U 1207 -27.58 -68.56 -131.00
N SER U 1208 -26.73 -69.11 -130.14
CA SER U 1208 -25.30 -68.99 -130.36
C SER U 1208 -24.84 -69.78 -131.58
N LEU U 1209 -25.67 -70.72 -132.05
CA LEU U 1209 -25.34 -71.50 -133.24
C LEU U 1209 -25.11 -70.59 -134.44
N PHE U 1210 -23.88 -70.53 -134.92
CA PHE U 1210 -23.54 -69.62 -136.01
C PHE U 1210 -23.85 -70.25 -137.37
N CYS U 1211 -23.26 -71.40 -137.67
CA CYS U 1211 -23.49 -72.08 -138.93
C CYS U 1211 -23.22 -73.55 -138.77
N THR U 1212 -23.70 -74.34 -139.71
CA THR U 1212 -23.52 -75.78 -139.71
C THR U 1212 -23.16 -76.24 -141.11
N ASN U 1213 -22.12 -77.07 -141.21
CA ASN U 1213 -21.60 -77.52 -142.50
C ASN U 1213 -21.14 -76.32 -143.33
N SER U 1214 -20.21 -75.56 -142.77
CA SER U 1214 -19.78 -74.32 -143.39
C SER U 1214 -19.16 -74.53 -144.76
N SER U 1215 -18.57 -75.70 -145.01
CA SER U 1215 -17.81 -75.95 -146.21
C SER U 1215 -18.59 -76.74 -147.25
N SER U 1216 -19.88 -76.91 -147.07
CA SER U 1216 -20.70 -77.70 -147.96
C SER U 1216 -21.79 -76.84 -148.60
N PRO U 1217 -22.39 -77.29 -149.70
CA PRO U 1217 -23.42 -76.49 -150.33
C PRO U 1217 -24.72 -76.43 -149.54
N GLN U 1218 -25.03 -77.45 -148.75
CA GLN U 1218 -26.27 -77.47 -147.99
C GLN U 1218 -26.22 -78.62 -146.99
N THR U 1219 -27.03 -78.49 -145.94
CA THR U 1219 -27.15 -79.50 -144.91
C THR U 1219 -28.33 -80.41 -145.25
N ILE U 1220 -28.07 -81.71 -145.35
CA ILE U 1220 -29.11 -82.65 -145.73
C ILE U 1220 -29.88 -83.15 -144.51
N ALA U 1221 -29.19 -83.37 -143.40
CA ALA U 1221 -29.84 -83.82 -142.19
C ALA U 1221 -29.14 -83.21 -140.99
N GLY U 1222 -29.91 -82.92 -139.95
CA GLY U 1222 -29.41 -82.24 -138.79
C GLY U 1222 -30.08 -80.89 -138.62
N PRO U 1223 -29.76 -80.21 -137.53
CA PRO U 1223 -30.27 -78.85 -137.37
C PRO U 1223 -29.65 -77.92 -138.42
N ASP U 1224 -30.46 -77.47 -139.37
CA ASP U 1224 -29.96 -76.64 -140.44
C ASP U 1224 -29.70 -75.22 -139.95
N LYS U 1225 -28.72 -74.56 -140.56
CA LYS U 1225 -28.43 -73.17 -140.26
C LYS U 1225 -27.45 -72.60 -141.28
N HIS U 1226 -27.71 -71.40 -141.77
CA HIS U 1226 -26.84 -70.71 -142.69
C HIS U 1226 -26.15 -69.57 -141.95
N ILE U 1227 -25.28 -68.86 -142.66
CA ILE U 1227 -24.58 -67.73 -142.04
C ILE U 1227 -25.61 -66.66 -141.70
N PRO U 1228 -25.62 -66.15 -140.46
CA PRO U 1228 -26.68 -65.23 -140.07
C PRO U 1228 -26.54 -63.89 -140.77
N VAL U 1229 -27.41 -63.64 -141.76
CA VAL U 1229 -27.27 -62.46 -142.60
C VAL U 1229 -27.64 -61.20 -141.85
N GLU U 1230 -28.59 -61.29 -140.92
CA GLU U 1230 -29.03 -60.10 -140.19
C GLU U 1230 -27.93 -59.53 -139.32
N ARG U 1231 -26.95 -60.32 -138.92
CA ARG U 1231 -25.85 -59.82 -138.12
C ARG U 1231 -24.73 -59.22 -138.95
N TYR U 1232 -24.78 -59.35 -140.27
CA TYR U 1232 -23.88 -58.66 -141.18
C TYR U 1232 -24.77 -57.78 -142.05
N ASN U 1233 -25.08 -56.59 -141.52
CA ASN U 1233 -26.15 -55.75 -142.07
C ASN U 1233 -25.63 -54.84 -143.18
N ILE U 1234 -24.62 -54.03 -142.87
CA ILE U 1234 -24.14 -53.04 -143.83
C ILE U 1234 -23.57 -53.68 -145.09
N LEU U 1235 -23.14 -54.93 -145.00
CA LEU U 1235 -22.71 -55.65 -146.20
C LEU U 1235 -23.91 -56.13 -147.01
N THR U 1236 -24.78 -56.91 -146.39
CA THR U 1236 -25.86 -57.55 -147.12
C THR U 1236 -26.97 -56.57 -147.49
N ASN U 1237 -27.32 -55.68 -146.57
CA ASN U 1237 -28.40 -54.74 -146.83
C ASN U 1237 -27.91 -53.67 -147.80
N PRO U 1238 -28.50 -53.56 -148.99
CA PRO U 1238 -27.96 -52.61 -149.98
C PRO U 1238 -28.25 -51.15 -149.64
N ASP U 1239 -29.37 -50.86 -148.99
CA ASP U 1239 -29.75 -49.47 -148.72
C ASP U 1239 -29.49 -49.03 -147.29
N ALA U 1240 -28.88 -49.87 -146.47
CA ALA U 1240 -28.59 -49.46 -145.10
C ALA U 1240 -27.41 -48.50 -145.09
N PRO U 1241 -27.53 -47.37 -144.41
CA PRO U 1241 -26.42 -46.41 -144.37
C PRO U 1241 -25.23 -46.98 -143.62
N PRO U 1242 -24.04 -46.40 -143.78
CA PRO U 1242 -22.85 -47.00 -143.17
C PRO U 1242 -22.88 -47.05 -141.66
N THR U 1243 -23.41 -46.02 -141.01
CA THR U 1243 -23.43 -45.96 -139.55
C THR U 1243 -24.68 -46.59 -138.95
N GLN U 1244 -25.55 -47.17 -139.77
CA GLN U 1244 -26.80 -47.73 -139.26
C GLN U 1244 -26.51 -48.96 -138.41
N ILE U 1245 -27.17 -49.04 -137.26
CA ILE U 1245 -27.08 -50.21 -136.39
C ILE U 1245 -28.46 -50.56 -135.89
N GLN U 1246 -28.61 -51.82 -135.47
CA GLN U 1246 -29.82 -52.30 -134.80
C GLN U 1246 -29.35 -52.97 -133.52
N LEU U 1247 -29.08 -52.15 -132.50
CA LEU U 1247 -28.32 -52.61 -131.34
C LEU U 1247 -29.14 -53.39 -130.32
N PRO U 1248 -30.30 -52.90 -129.88
CA PRO U 1248 -30.97 -53.57 -128.74
C PRO U 1248 -31.36 -55.01 -129.00
N GLU U 1249 -31.72 -55.36 -130.24
CA GLU U 1249 -32.26 -56.69 -130.50
C GLU U 1249 -31.17 -57.68 -130.89
N VAL U 1250 -30.32 -57.34 -131.85
CA VAL U 1250 -29.30 -58.24 -132.37
C VAL U 1250 -27.99 -57.48 -132.45
N VAL U 1251 -26.95 -58.02 -131.81
CA VAL U 1251 -25.63 -57.39 -131.89
C VAL U 1251 -25.11 -57.54 -133.31
N ASP U 1252 -24.65 -56.44 -133.87
CA ASP U 1252 -24.20 -56.40 -135.26
C ASP U 1252 -22.68 -56.52 -135.30
N LEU U 1253 -22.18 -57.35 -136.21
CA LEU U 1253 -20.76 -57.50 -136.43
C LEU U 1253 -20.38 -56.80 -137.73
N TYR U 1254 -19.08 -56.55 -137.91
CA TYR U 1254 -18.58 -55.78 -139.04
C TYR U 1254 -19.21 -54.38 -139.04
N ASN U 1255 -18.81 -53.61 -138.04
CA ASN U 1255 -19.29 -52.26 -137.87
C ASN U 1255 -18.35 -51.25 -138.54
N VAL U 1256 -18.55 -49.97 -138.23
CA VAL U 1256 -17.68 -48.89 -138.68
C VAL U 1256 -16.98 -48.34 -137.44
N VAL U 1257 -15.69 -48.61 -137.32
CA VAL U 1257 -14.92 -48.22 -136.15
C VAL U 1257 -14.17 -46.93 -136.47
N THR U 1258 -14.03 -46.07 -135.47
CA THR U 1258 -13.30 -44.82 -135.58
C THR U 1258 -12.07 -44.88 -134.69
N ARG U 1259 -10.92 -44.53 -135.24
CA ARG U 1259 -9.64 -44.69 -134.56
C ARG U 1259 -8.94 -43.35 -134.41
N TYR U 1260 -8.26 -43.17 -133.28
CA TYR U 1260 -7.65 -41.89 -132.94
C TYR U 1260 -6.18 -42.08 -132.60
N ALA U 1261 -5.45 -40.96 -132.61
CA ALA U 1261 -4.03 -40.95 -132.22
C ALA U 1261 -3.76 -39.58 -131.60
N TYR U 1262 -3.85 -39.52 -130.27
CA TYR U 1262 -3.82 -38.26 -129.55
C TYR U 1262 -2.44 -37.93 -129.04
N GLU U 1263 -2.36 -36.88 -128.23
CA GLU U 1263 -1.13 -36.44 -127.60
C GLU U 1263 -1.50 -35.93 -126.22
N THR U 1264 -0.89 -36.50 -125.19
CA THR U 1264 -1.24 -36.11 -123.83
C THR U 1264 -0.05 -35.42 -123.19
N PRO U 1265 0.19 -34.15 -123.49
CA PRO U 1265 1.37 -33.47 -123.00
C PRO U 1265 1.32 -33.30 -121.49
N PRO U 1266 2.47 -33.19 -120.84
CA PRO U 1266 2.45 -32.88 -119.40
C PRO U 1266 1.96 -31.47 -119.14
N ILE U 1267 1.88 -31.08 -117.88
CA ILE U 1267 1.38 -29.77 -117.48
C ILE U 1267 2.59 -28.86 -117.31
N THR U 1268 2.93 -28.12 -118.37
CA THR U 1268 4.07 -27.22 -118.35
C THR U 1268 3.64 -25.84 -117.90
N ALA U 1269 4.55 -25.14 -117.23
CA ALA U 1269 4.30 -23.78 -116.77
C ALA U 1269 5.62 -23.03 -116.71
N VAL U 1270 5.53 -21.71 -116.85
CA VAL U 1270 6.70 -20.83 -116.77
C VAL U 1270 6.38 -19.79 -115.71
N VAL U 1271 6.76 -20.05 -114.46
CA VAL U 1271 6.43 -19.16 -113.36
C VAL U 1271 7.23 -17.86 -113.50
N MET U 1272 6.54 -16.73 -113.38
CA MET U 1272 7.16 -15.42 -113.49
C MET U 1272 6.95 -14.62 -112.21
N GLY U 1273 7.93 -13.79 -111.87
CA GLY U 1273 7.82 -12.95 -110.70
C GLY U 1273 7.08 -11.67 -110.98
N VAL U 1274 6.55 -11.07 -109.91
CA VAL U 1274 5.76 -9.86 -110.01
C VAL U 1274 6.47 -8.76 -109.23
N PRO U 1275 6.81 -7.62 -109.86
CA PRO U 1275 7.55 -6.51 -109.26
C PRO U 1275 6.93 -5.99 -107.97
N TYR V 181 -46.44 -118.94 -42.37
CA TYR V 181 -47.63 -119.13 -41.56
C TYR V 181 -48.15 -117.79 -41.05
N GLN V 182 -49.37 -117.78 -40.54
CA GLN V 182 -49.94 -116.56 -39.96
C GLN V 182 -51.27 -116.89 -39.31
N CYS V 183 -51.58 -116.17 -38.24
CA CYS V 183 -52.85 -116.29 -37.55
C CYS V 183 -53.81 -115.24 -38.11
N HIS V 184 -54.92 -115.69 -38.67
CA HIS V 184 -55.90 -114.78 -39.25
C HIS V 184 -56.78 -114.10 -38.22
N VAL V 185 -56.55 -114.33 -36.93
CA VAL V 185 -57.31 -113.65 -35.89
C VAL V 185 -56.64 -112.35 -35.48
N CYS V 186 -55.36 -112.43 -35.10
CA CYS V 186 -54.60 -111.26 -34.66
C CYS V 186 -53.57 -110.81 -35.68
N SER V 187 -53.41 -111.55 -36.77
CA SER V 187 -52.48 -111.18 -37.84
C SER V 187 -51.04 -111.19 -37.35
N ALA V 188 -50.64 -112.28 -36.70
CA ALA V 188 -49.27 -112.49 -36.29
C ALA V 188 -48.65 -113.58 -37.16
N VAL V 189 -47.33 -113.51 -37.32
CA VAL V 189 -46.61 -114.42 -38.20
C VAL V 189 -45.95 -115.51 -37.37
N LEU V 190 -46.25 -116.76 -37.70
CA LEU V 190 -45.69 -117.91 -37.01
C LEU V 190 -44.82 -118.71 -37.97
N PHE V 191 -44.23 -119.78 -37.48
CA PHE V 191 -43.33 -120.55 -38.33
C PHE V 191 -43.62 -122.04 -38.36
N SER V 192 -44.06 -122.64 -37.25
CA SER V 192 -44.32 -124.06 -37.25
C SER V 192 -45.81 -124.34 -37.04
N PRO V 193 -46.31 -125.47 -37.53
CA PRO V 193 -47.74 -125.78 -37.31
C PRO V 193 -48.06 -125.98 -35.84
N LEU V 194 -47.17 -126.62 -35.10
CA LEU V 194 -47.33 -126.67 -33.65
C LEU V 194 -47.29 -125.27 -33.06
N ASP V 195 -46.52 -124.36 -33.66
CA ASP V 195 -46.53 -122.98 -33.21
C ASP V 195 -47.90 -122.34 -33.40
N LEU V 196 -48.53 -122.59 -34.55
CA LEU V 196 -49.85 -122.03 -34.78
C LEU V 196 -50.87 -122.62 -33.82
N ASP V 197 -50.79 -123.94 -33.58
CA ASP V 197 -51.72 -124.57 -32.65
C ASP V 197 -51.54 -124.03 -31.24
N ALA V 198 -50.30 -123.77 -30.82
CA ALA V 198 -50.07 -123.21 -29.50
C ALA V 198 -50.46 -121.74 -29.44
N HIS V 199 -50.41 -121.04 -30.57
CA HIS V 199 -50.73 -119.62 -30.59
C HIS V 199 -52.22 -119.36 -30.53
N VAL V 200 -53.01 -120.16 -31.26
CA VAL V 200 -54.45 -119.93 -31.28
C VAL V 200 -55.08 -120.19 -29.91
N ALA V 201 -54.40 -120.91 -29.02
CA ALA V 201 -54.93 -121.13 -27.68
C ALA V 201 -55.05 -119.83 -26.91
N SER V 202 -54.21 -118.84 -27.22
CA SER V 202 -54.33 -117.56 -26.55
C SER V 202 -55.57 -116.80 -26.96
N HIS V 203 -56.13 -117.09 -28.13
CA HIS V 203 -57.40 -116.52 -28.54
C HIS V 203 -58.58 -117.37 -28.14
N GLY V 204 -58.38 -118.67 -27.95
CA GLY V 204 -59.46 -119.52 -27.49
C GLY V 204 -59.78 -120.65 -28.42
N LEU V 205 -58.98 -120.79 -29.48
CA LEU V 205 -59.16 -121.87 -30.44
C LEU V 205 -58.35 -123.09 -30.01
N HIS V 206 -58.92 -124.27 -30.22
CA HIS V 206 -58.27 -125.50 -29.82
C HIS V 206 -57.39 -126.03 -30.96
N GLY V 207 -56.93 -127.27 -30.83
CA GLY V 207 -56.13 -127.92 -31.84
C GLY V 207 -56.11 -129.42 -31.64
N ASN V 208 -54.95 -130.04 -31.80
CA ASN V 208 -54.80 -131.47 -31.52
C ASN V 208 -53.35 -131.86 -31.34
N GLN V 217 -48.02 -120.67 -22.60
CA GLN V 217 -48.25 -120.81 -21.17
C GLN V 217 -47.21 -120.04 -20.38
N ARG V 218 -46.17 -119.59 -21.08
CA ARG V 218 -45.11 -118.82 -20.46
C ARG V 218 -45.37 -117.32 -20.49
N HIS V 219 -46.29 -116.87 -21.32
CA HIS V 219 -46.53 -115.45 -21.53
C HIS V 219 -47.61 -114.92 -20.60
N ILE V 220 -47.43 -113.68 -20.17
CA ILE V 220 -48.42 -112.98 -19.35
C ILE V 220 -49.32 -112.09 -20.21
N THR V 221 -48.72 -111.29 -21.08
CA THR V 221 -49.46 -110.46 -22.02
C THR V 221 -48.78 -110.55 -23.38
N GLU V 222 -49.59 -110.42 -24.44
CA GLU V 222 -49.11 -110.54 -25.80
C GLU V 222 -49.79 -109.47 -26.64
N PHE V 223 -49.02 -108.48 -27.10
CA PHE V 223 -49.54 -107.40 -27.92
C PHE V 223 -48.95 -107.47 -29.33
N ILE V 224 -49.56 -106.71 -30.23
CA ILE V 224 -49.07 -106.58 -31.59
C ILE V 224 -49.67 -105.33 -32.19
N SER V 225 -48.84 -104.57 -32.89
CA SER V 225 -49.31 -103.37 -33.57
C SER V 225 -49.70 -103.70 -35.00
N SER V 226 -50.39 -102.76 -35.63
CA SER V 226 -50.89 -102.98 -36.98
C SER V 226 -50.12 -102.23 -38.05
N TRP V 227 -49.29 -101.26 -37.67
CA TRP V 227 -48.56 -100.46 -38.65
C TRP V 227 -47.10 -100.88 -38.79
N GLN V 228 -46.65 -101.87 -38.02
CA GLN V 228 -45.27 -102.32 -38.09
C GLN V 228 -45.21 -103.76 -37.63
N ASN V 229 -44.02 -104.36 -37.74
CA ASN V 229 -43.80 -105.75 -37.39
C ASN V 229 -42.92 -105.78 -36.14
N HIS V 230 -43.55 -105.71 -34.98
CA HIS V 230 -42.80 -105.78 -33.73
C HIS V 230 -43.70 -106.18 -32.57
N PRO V 231 -43.98 -107.47 -32.41
CA PRO V 231 -44.74 -107.92 -31.24
C PRO V 231 -43.98 -107.63 -29.96
N ILE V 232 -44.71 -107.65 -28.85
CA ILE V 232 -44.14 -107.40 -27.53
C ILE V 232 -44.83 -108.35 -26.54
N VAL V 233 -44.10 -109.35 -26.08
CA VAL V 233 -44.61 -110.25 -25.07
C VAL V 233 -44.04 -109.85 -23.72
N GLN V 234 -44.64 -110.37 -22.65
CA GLN V 234 -44.25 -109.98 -21.30
C GLN V 234 -44.27 -111.22 -20.42
N VAL V 235 -43.12 -111.55 -19.84
CA VAL V 235 -42.96 -112.78 -19.08
C VAL V 235 -42.58 -112.41 -17.66
N SER V 236 -42.82 -113.35 -16.74
CA SER V 236 -42.57 -113.11 -15.32
C SER V 236 -41.11 -112.77 -15.06
N ALA V 237 -40.87 -112.01 -13.99
CA ALA V 237 -39.55 -111.44 -13.74
C ALA V 237 -38.59 -112.39 -13.05
N ASP V 238 -39.05 -113.54 -12.57
CA ASP V 238 -38.17 -114.48 -11.90
C ASP V 238 -37.58 -115.53 -12.83
N VAL V 239 -38.21 -115.75 -13.99
CA VAL V 239 -37.74 -116.79 -14.89
C VAL V 239 -36.33 -116.45 -15.39
N GLU V 240 -35.61 -117.48 -15.81
CA GLU V 240 -34.25 -117.33 -16.29
C GLU V 240 -34.24 -117.16 -17.80
N ASN V 241 -33.07 -116.73 -18.31
CA ASN V 241 -32.68 -116.68 -19.73
C ASN V 241 -33.83 -116.30 -20.66
N ARG V 242 -34.39 -115.11 -20.41
CA ARG V 242 -35.42 -114.56 -21.27
C ARG V 242 -34.83 -114.15 -22.62
N LYS V 243 -35.48 -114.56 -23.70
CA LYS V 243 -34.98 -114.27 -25.04
C LYS V 243 -35.76 -113.08 -25.61
N THR V 244 -35.32 -111.88 -25.22
CA THR V 244 -35.91 -110.63 -25.69
C THR V 244 -37.41 -110.59 -25.38
N ALA V 245 -37.72 -110.61 -24.09
CA ALA V 245 -39.10 -110.51 -23.62
C ALA V 245 -39.12 -109.56 -22.45
N GLN V 246 -40.06 -108.63 -22.45
CA GLN V 246 -40.17 -107.68 -21.35
C GLN V 246 -40.58 -108.40 -20.07
N LEU V 247 -40.39 -107.73 -18.95
CA LEU V 247 -40.63 -108.32 -17.65
C LEU V 247 -41.87 -107.71 -16.99
N LEU V 248 -42.38 -108.43 -16.00
CA LEU V 248 -43.49 -107.99 -15.17
C LEU V 248 -42.94 -107.83 -13.75
N HIS V 249 -42.49 -106.61 -13.43
CA HIS V 249 -41.84 -106.34 -12.15
C HIS V 249 -42.81 -106.29 -10.99
N ALA V 250 -44.09 -106.53 -11.20
CA ALA V 250 -45.06 -106.49 -10.11
C ALA V 250 -44.84 -107.69 -9.19
N ASP V 251 -45.69 -107.80 -8.18
CA ASP V 251 -45.63 -108.85 -7.17
C ASP V 251 -46.97 -109.57 -7.08
N THR V 252 -47.49 -109.98 -8.22
CA THR V 252 -48.83 -110.52 -8.27
C THR V 252 -48.93 -111.81 -7.46
N PRO V 253 -49.97 -111.98 -6.68
CA PRO V 253 -50.14 -113.23 -5.93
C PRO V 253 -50.43 -114.40 -6.84
N ARG V 254 -50.58 -115.58 -6.26
CA ARG V 254 -50.93 -116.79 -7.01
C ARG V 254 -52.36 -117.15 -6.65
N LEU V 255 -53.31 -116.57 -7.39
CA LEU V 255 -54.73 -116.77 -7.07
C LEU V 255 -55.20 -118.16 -7.47
N VAL V 256 -55.03 -118.52 -8.74
CA VAL V 256 -55.59 -119.74 -9.29
C VAL V 256 -54.55 -120.85 -9.20
N THR V 257 -54.84 -121.86 -8.39
CA THR V 257 -54.01 -123.04 -8.26
C THR V 257 -54.90 -124.26 -8.20
N TRP V 258 -54.50 -125.33 -8.85
CA TRP V 258 -55.35 -126.49 -9.02
C TRP V 258 -54.93 -127.64 -8.11
N ASP V 259 -55.89 -128.51 -7.81
CA ASP V 259 -55.70 -129.67 -6.96
C ASP V 259 -56.36 -130.86 -7.64
N ALA V 260 -55.62 -131.95 -7.80
CA ALA V 260 -56.12 -133.13 -8.49
C ALA V 260 -56.36 -134.32 -7.57
N GLY V 261 -55.84 -134.30 -6.36
CA GLY V 261 -56.03 -135.40 -5.43
C GLY V 261 -57.41 -135.35 -4.80
N LEU V 262 -57.51 -135.97 -3.63
CA LEU V 262 -58.76 -135.95 -2.88
C LEU V 262 -58.99 -134.58 -2.27
N CYS V 263 -60.23 -134.33 -1.87
CA CYS V 263 -60.62 -133.07 -1.26
C CYS V 263 -60.59 -133.12 0.25
N THR V 264 -60.30 -134.28 0.83
CA THR V 264 -60.38 -134.46 2.26
C THR V 264 -59.21 -133.78 2.97
N SER V 265 -59.42 -133.53 4.26
CA SER V 265 -58.36 -132.99 5.11
C SER V 265 -58.34 -133.69 6.48
N PHE V 266 -59.12 -134.75 6.65
CA PHE V 266 -59.13 -135.53 7.88
C PHE V 266 -58.85 -136.98 7.51
N LYS V 267 -57.76 -137.53 8.03
CA LYS V 267 -57.38 -138.92 7.76
C LYS V 267 -57.64 -139.78 8.98
N ILE V 268 -57.69 -141.08 8.75
CA ILE V 268 -57.95 -142.06 9.80
C ILE V 268 -56.72 -142.95 9.92
N VAL V 269 -56.14 -143.00 11.12
CA VAL V 269 -54.90 -143.70 11.38
C VAL V 269 -55.16 -144.78 12.42
N PRO V 270 -54.66 -146.01 12.23
CA PRO V 270 -54.80 -147.03 13.27
C PRO V 270 -53.79 -146.79 14.38
N ILE V 271 -54.22 -147.07 15.61
CA ILE V 271 -53.38 -146.86 16.79
C ILE V 271 -52.85 -148.18 17.33
N VAL V 272 -53.74 -149.12 17.62
CA VAL V 272 -53.37 -150.42 18.16
C VAL V 272 -53.71 -151.48 17.13
N PRO V 273 -52.73 -151.95 16.36
CA PRO V 273 -53.03 -152.88 15.28
C PRO V 273 -53.44 -154.24 15.80
N ALA V 274 -54.07 -155.02 14.92
CA ALA V 274 -54.54 -156.34 15.32
C ALA V 274 -54.93 -157.20 14.12
N GLN V 275 -54.47 -158.44 14.12
CA GLN V 275 -54.87 -159.43 13.13
C GLN V 275 -55.98 -160.31 13.71
N VAL V 276 -56.90 -160.74 12.86
CA VAL V 276 -58.01 -161.57 13.30
C VAL V 276 -58.27 -162.66 12.28
N PRO V 277 -58.64 -163.86 12.71
CA PRO V 277 -59.03 -164.89 11.73
C PRO V 277 -60.27 -164.44 10.97
N GLN V 278 -60.35 -164.89 9.71
CA GLN V 278 -61.45 -164.50 8.85
C GLN V 278 -62.06 -165.72 8.19
N ASP V 279 -63.25 -165.53 7.63
CA ASP V 279 -63.98 -166.60 6.96
C ASP V 279 -63.80 -166.57 5.45
N VAL V 280 -63.86 -165.38 4.86
CA VAL V 280 -63.67 -165.21 3.42
C VAL V 280 -62.40 -164.40 3.20
N LEU V 281 -61.50 -164.94 2.39
CA LEU V 281 -60.17 -164.36 2.23
C LEU V 281 -59.94 -163.65 0.91
N ALA V 282 -60.70 -163.98 -0.14
CA ALA V 282 -60.50 -163.36 -1.44
C ALA V 282 -61.66 -163.74 -2.34
N TYR V 283 -61.67 -163.16 -3.54
CA TYR V 283 -62.68 -163.43 -4.55
C TYR V 283 -62.13 -164.36 -5.63
N THR V 284 -63.00 -164.78 -6.53
CA THR V 284 -62.63 -165.72 -7.57
C THR V 284 -63.34 -165.38 -8.87
N PHE V 285 -62.57 -165.27 -9.97
CA PHE V 285 -63.15 -165.08 -11.31
C PHE V 285 -62.49 -166.09 -12.27
N PHE V 286 -63.00 -167.31 -12.26
CA PHE V 286 -62.65 -168.46 -13.09
C PHE V 286 -61.27 -169.04 -12.82
N THR V 287 -60.30 -168.19 -12.46
CA THR V 287 -59.00 -168.64 -12.00
C THR V 287 -58.34 -167.65 -11.06
N SER V 288 -58.99 -166.53 -10.76
CA SER V 288 -58.32 -165.36 -10.22
C SER V 288 -58.67 -165.16 -8.76
N SER V 289 -57.72 -164.60 -8.01
CA SER V 289 -57.90 -164.30 -6.61
C SER V 289 -57.65 -162.81 -6.41
N TYR V 290 -58.69 -162.08 -6.05
CA TYR V 290 -58.60 -160.65 -5.79
C TYR V 290 -58.67 -160.43 -4.29
N ALA V 291 -57.63 -159.83 -3.73
CA ALA V 291 -57.58 -159.60 -2.30
C ALA V 291 -58.68 -158.62 -1.87
N ILE V 292 -59.10 -158.75 -0.62
CA ILE V 292 -60.15 -157.90 -0.08
C ILE V 292 -59.52 -156.63 0.46
N GLN V 293 -59.86 -155.51 -0.13
CA GLN V 293 -59.33 -154.21 0.26
C GLN V 293 -60.40 -153.45 1.05
N SER V 294 -60.04 -153.04 2.26
CA SER V 294 -61.01 -152.38 3.11
C SER V 294 -60.78 -150.87 3.12
N PRO V 295 -61.85 -150.08 3.15
CA PRO V 295 -61.69 -148.62 3.12
C PRO V 295 -61.14 -148.03 4.41
N PHE V 296 -61.12 -148.80 5.51
CA PHE V 296 -60.68 -148.28 6.79
C PHE V 296 -59.66 -149.21 7.41
N PRO V 297 -58.78 -148.70 8.26
CA PRO V 297 -57.76 -149.54 8.88
C PRO V 297 -58.37 -150.64 9.71
N GLU V 298 -57.92 -151.87 9.47
CA GLU V 298 -58.36 -153.03 10.24
C GLU V 298 -57.46 -153.14 11.46
N ALA V 299 -57.82 -152.39 12.50
CA ALA V 299 -57.03 -152.35 13.72
C ALA V 299 -57.97 -152.47 14.92
N ALA V 300 -57.36 -152.58 16.11
CA ALA V 300 -58.16 -152.67 17.32
C ALA V 300 -58.68 -151.30 17.76
N VAL V 301 -57.92 -150.25 17.49
CA VAL V 301 -58.34 -148.89 17.82
C VAL V 301 -57.84 -147.96 16.71
N SER V 302 -58.75 -147.22 16.10
CA SER V 302 -58.40 -146.27 15.05
C SER V 302 -59.21 -145.01 15.26
N ARG V 303 -58.53 -143.86 15.24
CA ARG V 303 -59.19 -142.59 15.49
C ARG V 303 -58.73 -141.56 14.46
N ILE V 304 -59.52 -140.51 14.32
CA ILE V 304 -59.33 -139.52 13.27
C ILE V 304 -58.26 -138.51 13.70
N VAL V 305 -57.44 -138.11 12.74
CA VAL V 305 -56.45 -137.06 12.93
C VAL V 305 -56.62 -136.05 11.81
N VAL V 306 -55.74 -135.05 11.79
CA VAL V 306 -55.90 -133.87 10.94
C VAL V 306 -54.57 -133.64 10.23
N HIS V 307 -54.45 -134.17 9.03
CA HIS V 307 -53.28 -133.95 8.17
C HIS V 307 -53.80 -133.24 6.93
N THR V 308 -53.60 -131.93 6.85
CA THR V 308 -54.16 -131.16 5.75
C THR V 308 -53.45 -131.49 4.45
N ARG V 309 -54.23 -131.89 3.44
CA ARG V 309 -53.72 -132.30 2.13
C ARG V 309 -52.81 -133.52 2.25
N TRP V 310 -53.35 -134.58 2.84
CA TRP V 310 -52.57 -135.81 2.91
C TRP V 310 -52.63 -136.61 1.61
N ALA V 311 -53.72 -136.46 0.85
CA ALA V 311 -53.88 -137.11 -0.44
C ALA V 311 -54.31 -136.04 -1.43
N SER V 312 -53.35 -135.41 -2.09
CA SER V 312 -53.67 -134.35 -3.04
C SER V 312 -52.48 -134.01 -3.93
N ASN V 313 -52.69 -134.04 -5.24
CA ASN V 313 -51.70 -133.52 -6.19
C ASN V 313 -51.95 -132.04 -6.42
N VAL V 314 -50.88 -131.26 -6.43
CA VAL V 314 -50.99 -129.82 -6.52
C VAL V 314 -49.95 -129.31 -7.51
N ASP V 315 -50.30 -128.26 -8.23
CA ASP V 315 -49.36 -127.61 -9.13
C ASP V 315 -48.64 -126.44 -8.48
N PHE V 316 -49.00 -126.08 -7.25
CA PHE V 316 -48.32 -125.00 -6.53
C PHE V 316 -48.54 -125.21 -5.04
N ASP V 317 -47.49 -125.61 -4.33
CA ASP V 317 -47.60 -125.85 -2.90
C ASP V 317 -47.70 -124.52 -2.17
N ARG V 318 -48.85 -124.25 -1.54
CA ARG V 318 -48.97 -123.03 -0.76
C ARG V 318 -48.14 -123.08 0.52
N ASP V 319 -47.86 -124.28 1.03
CA ASP V 319 -46.87 -124.48 2.07
C ASP V 319 -47.27 -123.78 3.38
N SER V 320 -48.50 -124.06 3.82
CA SER V 320 -48.92 -123.71 5.17
C SER V 320 -49.75 -124.90 5.66
N SER V 321 -49.08 -125.88 6.23
CA SER V 321 -49.69 -127.16 6.53
C SER V 321 -49.89 -127.32 8.04
N VAL V 322 -51.07 -127.80 8.41
CA VAL V 322 -51.36 -128.18 9.79
C VAL V 322 -51.29 -129.71 9.83
N ILE V 323 -50.12 -130.23 10.18
CA ILE V 323 -49.84 -131.66 10.17
C ILE V 323 -49.85 -132.15 11.61
N MET V 324 -50.73 -133.11 11.91
CA MET V 324 -50.89 -133.63 13.25
C MET V 324 -50.51 -135.10 13.29
N ALA V 325 -49.65 -135.46 14.23
CA ALA V 325 -49.34 -136.86 14.48
C ALA V 325 -50.48 -137.51 15.23
N PRO V 326 -50.48 -138.84 15.32
CA PRO V 326 -51.52 -139.54 16.07
C PRO V 326 -51.48 -139.13 17.53
N PRO V 327 -52.56 -139.36 18.28
CA PRO V 327 -52.58 -138.92 19.68
C PRO V 327 -51.57 -139.63 20.55
N THR V 328 -51.15 -140.84 20.19
CA THR V 328 -50.15 -141.54 20.99
C THR V 328 -48.80 -140.87 20.92
N GLU V 329 -48.55 -140.05 19.90
CA GLU V 329 -47.38 -139.20 19.85
C GLU V 329 -47.69 -137.89 20.58
N ASN V 330 -46.71 -137.00 20.63
CA ASN V 330 -46.86 -135.72 21.31
C ASN V 330 -47.05 -134.62 20.27
N ASN V 331 -48.19 -133.94 20.33
CA ASN V 331 -48.52 -132.87 19.40
C ASN V 331 -48.37 -131.49 20.03
N ILE V 332 -47.55 -131.36 21.08
CA ILE V 332 -47.42 -130.08 21.75
C ILE V 332 -46.76 -129.02 20.88
N HIS V 333 -46.11 -129.41 19.80
CA HIS V 333 -45.44 -128.43 18.94
C HIS V 333 -46.42 -127.56 18.17
N LEU V 334 -47.70 -127.95 18.11
CA LEU V 334 -48.69 -127.17 17.38
C LEU V 334 -49.19 -125.97 18.17
N PHE V 335 -48.90 -125.90 19.46
CA PHE V 335 -49.45 -124.84 20.31
C PHE V 335 -48.36 -124.01 20.98
N LYS V 336 -47.12 -124.10 20.53
CA LYS V 336 -46.03 -123.40 21.16
C LYS V 336 -45.11 -122.78 20.14
N GLN V 337 -45.68 -122.20 19.08
CA GLN V 337 -44.89 -121.66 18.00
C GLN V 337 -45.01 -120.16 17.82
N LEU V 338 -45.97 -119.52 18.47
CA LEU V 338 -46.27 -118.12 18.18
C LEU V 338 -45.68 -117.18 19.23
N LEU V 339 -46.03 -117.36 20.49
CA LEU V 339 -45.53 -116.49 21.55
C LEU V 339 -44.77 -117.28 22.59
N ASN V 340 -43.95 -118.23 22.16
CA ASN V 340 -43.08 -118.99 23.05
C ASN V 340 -41.68 -118.95 22.45
N THR V 341 -40.96 -117.87 22.74
CA THR V 341 -39.54 -117.76 22.39
C THR V 341 -38.68 -118.06 23.61
N GLU V 342 -38.86 -117.28 24.67
CA GLU V 342 -38.43 -117.73 25.98
C GLU V 342 -39.34 -118.85 26.44
N THR V 343 -38.75 -119.86 27.08
CA THR V 343 -39.57 -120.96 27.57
C THR V 343 -38.77 -121.82 28.53
N LEU V 344 -39.35 -122.09 29.71
CA LEU V 344 -38.67 -122.85 30.74
C LEU V 344 -38.61 -124.34 30.42
N SER V 345 -39.22 -124.78 29.33
CA SER V 345 -39.16 -126.17 28.90
C SER V 345 -39.20 -126.21 27.38
N VAL V 346 -38.78 -127.34 26.82
CA VAL V 346 -38.81 -127.50 25.38
C VAL V 346 -40.11 -128.15 24.90
N ARG V 347 -40.71 -129.01 25.72
CA ARG V 347 -41.95 -129.69 25.37
C ARG V 347 -43.12 -129.19 26.22
N GLY V 348 -43.14 -127.89 26.49
CA GLY V 348 -44.25 -127.27 27.17
C GLY V 348 -44.75 -126.06 26.42
N ALA V 349 -46.04 -125.80 26.56
CA ALA V 349 -46.68 -124.65 25.94
C ALA V 349 -47.24 -123.73 27.02
N ASN V 350 -47.30 -122.44 26.71
CA ASN V 350 -47.80 -121.46 27.67
C ASN V 350 -49.32 -121.42 27.60
N PRO V 351 -50.03 -121.72 28.69
CA PRO V 351 -51.50 -121.76 28.63
C PRO V 351 -52.15 -120.40 28.49
N LEU V 352 -51.40 -119.30 28.54
CA LEU V 352 -51.98 -117.99 28.30
C LEU V 352 -51.97 -117.60 26.83
N MET V 353 -51.46 -118.46 25.96
CA MET V 353 -51.43 -118.20 24.54
C MET V 353 -52.15 -119.26 23.73
N PHE V 354 -52.96 -120.10 24.38
CA PHE V 354 -53.70 -121.13 23.67
C PHE V 354 -54.61 -120.53 22.61
N ARG V 355 -55.32 -119.45 22.94
CA ARG V 355 -56.27 -118.91 21.97
C ARG V 355 -55.54 -118.31 20.77
N ALA V 356 -54.44 -117.60 21.00
CA ALA V 356 -53.68 -117.05 19.88
C ALA V 356 -53.13 -118.16 18.99
N ASN V 357 -52.60 -119.22 19.60
CA ASN V 357 -52.06 -120.32 18.81
C ASN V 357 -53.16 -121.03 18.04
N VAL V 358 -54.32 -121.22 18.65
CA VAL V 358 -55.41 -121.90 17.96
C VAL V 358 -55.95 -121.04 16.82
N LEU V 359 -55.99 -119.72 17.02
CA LEU V 359 -56.45 -118.84 15.94
C LEU V 359 -55.48 -118.88 14.77
N HIS V 360 -54.18 -118.86 15.05
CA HIS V 360 -53.21 -118.97 13.96
C HIS V 360 -53.30 -120.33 13.27
N MET V 361 -53.50 -121.39 14.04
CA MET V 361 -53.63 -122.71 13.45
C MET V 361 -54.85 -122.79 12.54
N LEU V 362 -55.97 -122.19 12.96
CA LEU V 362 -57.15 -122.20 12.11
C LEU V 362 -56.96 -121.34 10.88
N LEU V 363 -56.26 -120.22 11.02
CA LEU V 363 -55.93 -119.41 9.85
C LEU V 363 -55.12 -120.20 8.84
N GLU V 364 -54.12 -120.96 9.32
CA GLU V 364 -53.34 -121.77 8.40
C GLU V 364 -54.18 -122.89 7.80
N PHE V 365 -55.07 -123.49 8.58
CA PHE V 365 -55.93 -124.54 8.07
C PHE V 365 -56.79 -124.03 6.92
N VAL V 366 -57.38 -122.84 7.09
CA VAL V 366 -58.18 -122.26 6.02
C VAL V 366 -57.30 -121.87 4.85
N LEU V 367 -56.16 -121.26 5.13
CA LEU V 367 -55.27 -120.74 4.11
C LEU V 367 -54.54 -121.82 3.35
N ASP V 368 -54.63 -123.07 3.78
CA ASP V 368 -54.00 -124.17 3.06
C ASP V 368 -54.93 -124.85 2.09
N ASN V 369 -56.24 -124.74 2.28
CA ASN V 369 -57.21 -125.38 1.40
C ASN V 369 -57.70 -124.44 0.32
N LEU V 370 -56.97 -123.36 0.04
CA LEU V 370 -57.36 -122.41 -1.00
C LEU V 370 -56.86 -122.86 -2.37
N TYR V 371 -57.36 -124.01 -2.78
CA TYR V 371 -57.04 -124.59 -4.07
C TYR V 371 -58.30 -124.68 -4.91
N LEU V 372 -58.20 -125.37 -6.05
CA LEU V 372 -59.26 -125.37 -7.03
C LEU V 372 -59.35 -126.77 -7.62
N ASN V 373 -60.50 -127.43 -7.41
CA ASN V 373 -60.62 -128.82 -7.75
C ASN V 373 -60.52 -129.04 -9.25
N ARG V 374 -59.87 -130.13 -9.64
CA ARG V 374 -59.45 -130.41 -11.01
C ARG V 374 -60.25 -131.58 -11.57
N HIS V 375 -60.18 -131.76 -12.89
CA HIS V 375 -61.07 -132.66 -13.61
C HIS V 375 -60.29 -133.80 -14.27
N THR V 376 -59.50 -134.52 -13.47
CA THR V 376 -58.89 -135.76 -13.96
C THR V 376 -59.97 -136.70 -14.49
N GLY V 377 -59.56 -137.59 -15.39
CA GLY V 377 -60.48 -138.46 -16.09
C GLY V 377 -61.05 -139.57 -15.23
N PHE V 378 -61.94 -140.34 -15.84
CA PHE V 378 -62.71 -141.38 -15.15
C PHE V 378 -62.36 -142.75 -15.73
N SER V 379 -63.13 -143.75 -15.31
CA SER V 379 -63.04 -145.11 -15.85
C SER V 379 -64.25 -145.89 -15.39
N GLN V 380 -64.84 -146.67 -16.28
CA GLN V 380 -66.00 -147.46 -15.90
C GLN V 380 -65.62 -148.51 -14.87
N ASP V 381 -66.62 -149.23 -14.38
CA ASP V 381 -66.39 -150.29 -13.42
C ASP V 381 -67.48 -151.32 -13.55
N HIS V 382 -67.10 -152.60 -13.47
CA HIS V 382 -68.05 -153.71 -13.58
C HIS V 382 -67.90 -154.68 -12.42
N THR V 383 -67.27 -154.24 -11.33
CA THR V 383 -67.27 -155.03 -10.11
C THR V 383 -68.71 -155.29 -9.68
N PRO V 384 -69.00 -156.47 -9.12
CA PRO V 384 -70.40 -156.79 -8.79
C PRO V 384 -71.04 -155.85 -7.77
N PHE V 385 -70.25 -155.06 -7.06
CA PHE V 385 -70.79 -154.15 -6.04
C PHE V 385 -70.87 -152.71 -6.52
N THR V 386 -70.04 -152.32 -7.48
CA THR V 386 -70.10 -150.99 -8.10
C THR V 386 -70.14 -151.22 -9.61
N GLU V 387 -71.34 -151.46 -10.13
CA GLU V 387 -71.51 -151.93 -11.50
C GLU V 387 -71.94 -150.77 -12.39
N GLY V 388 -71.19 -150.53 -13.45
CA GLY V 388 -71.50 -149.49 -14.41
C GLY V 388 -71.51 -148.11 -13.79
N ALA V 389 -70.47 -147.79 -13.03
CA ALA V 389 -70.38 -146.50 -12.34
C ALA V 389 -69.03 -145.88 -12.64
N ASN V 390 -69.04 -144.73 -13.31
CA ASN V 390 -67.80 -144.06 -13.65
C ASN V 390 -67.07 -143.62 -12.40
N LEU V 391 -65.84 -144.10 -12.24
CA LEU V 391 -65.02 -143.82 -11.06
C LEU V 391 -63.89 -142.89 -11.45
N ARG V 392 -63.63 -141.91 -10.60
CA ARG V 392 -62.56 -140.97 -10.87
C ARG V 392 -61.22 -141.63 -10.61
N SER V 393 -60.22 -141.24 -11.40
CA SER V 393 -58.89 -141.85 -11.33
C SER V 393 -57.87 -140.76 -11.10
N LEU V 394 -57.15 -140.86 -9.97
CA LEU V 394 -56.10 -139.90 -9.69
C LEU V 394 -55.00 -139.99 -10.74
N PRO V 395 -54.22 -138.93 -10.91
CA PRO V 395 -53.09 -138.99 -11.83
C PRO V 395 -51.92 -139.72 -11.19
N GLY V 396 -51.09 -140.30 -12.05
CA GLY V 396 -49.92 -141.00 -11.60
C GLY V 396 -49.85 -142.41 -12.16
N PRO V 397 -48.83 -143.16 -11.76
CA PRO V 397 -48.70 -144.54 -12.28
C PRO V 397 -49.85 -145.44 -11.84
N ASP V 398 -50.15 -145.46 -10.55
CA ASP V 398 -51.19 -146.32 -10.01
C ASP V 398 -52.50 -145.55 -9.91
N ALA V 399 -53.60 -146.26 -10.15
CA ALA V 399 -54.93 -145.68 -10.05
C ALA V 399 -55.93 -146.53 -9.29
N GLU V 400 -55.72 -147.83 -9.17
CA GLU V 400 -56.66 -148.71 -8.48
C GLU V 400 -56.30 -148.93 -7.02
N LYS V 401 -55.22 -148.32 -6.54
CA LYS V 401 -54.94 -148.37 -5.11
C LYS V 401 -55.83 -147.40 -4.34
N TRP V 402 -56.31 -146.34 -5.00
CA TRP V 402 -57.17 -145.36 -4.37
C TRP V 402 -58.65 -145.69 -4.50
N TYR V 403 -59.01 -146.69 -5.30
CA TYR V 403 -60.42 -147.02 -5.45
C TYR V 403 -61.00 -147.67 -4.21
N SER V 404 -60.17 -148.14 -3.29
CA SER V 404 -60.66 -148.69 -2.04
C SER V 404 -60.85 -147.62 -0.98
N ILE V 405 -60.09 -146.53 -1.05
CA ILE V 405 -60.24 -145.44 -0.11
C ILE V 405 -61.30 -144.44 -0.56
N MET V 406 -61.40 -144.19 -1.87
CA MET V 406 -62.37 -143.21 -2.35
C MET V 406 -63.80 -143.70 -2.17
N TYR V 407 -64.04 -145.00 -2.32
CA TYR V 407 -65.39 -145.53 -2.45
C TYR V 407 -65.61 -146.66 -1.45
N PRO V 408 -66.10 -146.33 -0.25
CA PRO V 408 -66.31 -147.38 0.76
C PRO V 408 -67.35 -148.40 0.36
N THR V 409 -68.23 -148.08 -0.59
CA THR V 409 -69.27 -149.02 -1.00
C THR V 409 -68.74 -150.11 -1.90
N ARG V 410 -67.59 -149.91 -2.53
CA ARG V 410 -67.10 -150.88 -3.52
C ARG V 410 -66.79 -152.21 -2.87
N MET V 411 -66.15 -152.21 -1.71
CA MET V 411 -65.98 -153.44 -0.96
C MET V 411 -67.34 -154.04 -0.61
N GLY V 412 -67.50 -155.33 -0.89
CA GLY V 412 -68.76 -155.97 -0.61
C GLY V 412 -68.97 -156.21 0.87
N THR V 413 -69.68 -157.27 1.23
CA THR V 413 -69.82 -157.71 2.61
C THR V 413 -69.43 -159.17 2.70
N PRO V 414 -68.15 -159.49 2.47
CA PRO V 414 -67.72 -160.89 2.52
C PRO V 414 -67.81 -161.46 3.93
N ASN V 415 -67.24 -160.75 4.88
CA ASN V 415 -67.13 -161.22 6.25
C ASN V 415 -68.25 -160.64 7.11
N VAL V 416 -68.24 -161.01 8.38
CA VAL V 416 -69.17 -160.50 9.37
C VAL V 416 -68.35 -159.66 10.34
N SER V 417 -68.38 -158.34 10.16
CA SER V 417 -67.59 -157.45 10.98
C SER V 417 -68.23 -156.07 10.96
N LYS V 418 -67.55 -155.10 11.58
CA LYS V 418 -68.10 -153.75 11.68
C LYS V 418 -68.04 -153.04 10.33
N ILE V 419 -66.89 -153.13 9.65
CA ILE V 419 -66.81 -152.57 8.30
C ILE V 419 -67.83 -153.24 7.39
N CYS V 420 -67.98 -154.56 7.54
CA CYS V 420 -68.87 -155.31 6.66
C CYS V 420 -70.32 -154.89 6.86
N ASN V 421 -70.79 -154.83 8.11
CA ASN V 421 -72.19 -154.45 8.28
C ASN V 421 -72.42 -152.97 8.07
N PHE V 422 -71.40 -152.12 8.23
CA PHE V 422 -71.54 -150.73 7.81
C PHE V 422 -71.76 -150.62 6.31
N VAL V 423 -70.94 -151.32 5.52
CA VAL V 423 -71.12 -151.30 4.08
C VAL V 423 -72.45 -151.94 3.70
N ALA V 424 -72.92 -152.90 4.50
CA ALA V 424 -74.24 -153.46 4.26
C ALA V 424 -75.33 -152.42 4.48
N SER V 425 -75.15 -151.56 5.49
CA SER V 425 -76.12 -150.52 5.74
C SER V 425 -76.13 -149.47 4.64
N CYS V 426 -74.96 -149.12 4.12
CA CYS V 426 -74.85 -148.05 3.13
C CYS V 426 -75.62 -148.38 1.86
N VAL V 427 -76.13 -147.34 1.20
CA VAL V 427 -76.84 -147.48 -0.07
C VAL V 427 -75.84 -147.44 -1.22
N ARG V 428 -76.28 -147.82 -2.42
CA ARG V 428 -75.38 -148.13 -3.52
C ARG V 428 -75.27 -147.02 -4.56
N ASN V 429 -76.39 -146.47 -5.03
CA ASN V 429 -76.34 -145.65 -6.23
C ASN V 429 -75.60 -144.32 -6.04
N ARG V 430 -75.31 -143.91 -4.81
CA ARG V 430 -74.46 -142.74 -4.58
C ARG V 430 -73.01 -143.18 -4.69
N VAL V 431 -72.46 -143.14 -5.90
CA VAL V 431 -71.08 -143.57 -6.12
C VAL V 431 -70.62 -143.04 -7.47
N GLY V 432 -69.37 -142.60 -7.52
CA GLY V 432 -68.79 -142.19 -8.79
C GLY V 432 -69.27 -140.83 -9.22
N ARG V 433 -69.66 -140.72 -10.48
CA ARG V 433 -70.06 -139.45 -11.08
C ARG V 433 -71.55 -139.21 -10.88
N PHE V 434 -71.89 -137.98 -10.48
CA PHE V 434 -73.28 -137.59 -10.24
C PHE V 434 -73.92 -137.03 -11.51
N ASP V 435 -73.36 -135.96 -12.05
CA ASP V 435 -73.75 -135.48 -13.37
C ASP V 435 -72.57 -134.70 -13.95
N ARG V 436 -72.70 -134.34 -15.22
CA ARG V 436 -71.62 -133.64 -15.90
C ARG V 436 -72.21 -132.56 -16.80
N ALA V 437 -71.35 -131.62 -17.18
CA ALA V 437 -71.79 -130.46 -17.96
C ALA V 437 -72.34 -130.90 -19.31
N GLN V 438 -73.10 -130.00 -19.92
CA GLN V 438 -73.60 -130.21 -21.26
C GLN V 438 -72.63 -129.71 -22.32
N MET V 439 -71.75 -128.78 -21.98
CA MET V 439 -70.73 -128.29 -22.90
C MET V 439 -69.54 -129.22 -22.82
N MET V 440 -69.34 -130.03 -23.84
CA MET V 440 -68.18 -130.90 -23.85
C MET V 440 -66.99 -130.20 -24.49
N ASN V 441 -65.84 -130.86 -24.42
CA ASN V 441 -64.58 -130.35 -24.98
C ASN V 441 -63.88 -131.55 -25.60
N GLY V 442 -64.11 -131.76 -26.90
CA GLY V 442 -63.73 -133.00 -27.52
C GLY V 442 -64.74 -134.05 -27.14
N ALA V 443 -64.37 -134.96 -26.24
CA ALA V 443 -65.32 -135.87 -25.62
C ALA V 443 -65.30 -135.76 -24.10
N MET V 444 -64.73 -134.67 -23.59
CA MET V 444 -64.56 -134.47 -22.16
C MET V 444 -65.38 -133.28 -21.70
N SER V 445 -66.04 -133.42 -20.55
CA SER V 445 -66.93 -132.39 -20.04
C SER V 445 -66.12 -131.19 -19.55
N GLU V 446 -66.84 -130.18 -19.06
CA GLU V 446 -66.23 -128.99 -18.48
C GLU V 446 -66.13 -129.07 -16.96
N TRP V 447 -67.22 -129.41 -16.29
CA TRP V 447 -67.24 -129.68 -14.87
C TRP V 447 -67.91 -131.02 -14.65
N VAL V 448 -67.93 -131.48 -13.40
CA VAL V 448 -68.53 -132.77 -13.08
C VAL V 448 -68.79 -132.83 -11.59
N ASP V 449 -69.86 -133.51 -11.20
CA ASP V 449 -70.20 -133.76 -9.81
C ASP V 449 -69.98 -135.23 -9.50
N VAL V 450 -69.21 -135.51 -8.45
CA VAL V 450 -68.83 -136.88 -8.12
C VAL V 450 -68.97 -137.09 -6.61
N PHE V 451 -69.48 -138.26 -6.24
CA PHE V 451 -69.42 -138.71 -4.86
C PHE V 451 -68.04 -139.29 -4.59
N GLU V 452 -67.44 -138.93 -3.46
CA GLU V 452 -66.14 -139.48 -3.10
C GLU V 452 -65.79 -139.01 -1.70
N THR V 453 -64.73 -139.61 -1.15
CA THR V 453 -64.27 -139.24 0.18
C THR V 453 -63.80 -137.79 0.20
N SER V 454 -64.24 -137.06 1.21
CA SER V 454 -63.92 -135.64 1.38
C SER V 454 -64.46 -135.24 2.74
N ASP V 455 -64.39 -133.94 3.04
CA ASP V 455 -65.06 -133.40 4.21
C ASP V 455 -65.81 -132.14 3.85
N ALA V 456 -66.96 -131.96 4.51
CA ALA V 456 -67.82 -130.81 4.26
C ALA V 456 -67.08 -129.51 4.52
N LEU V 457 -66.16 -129.49 5.48
CA LEU V 457 -65.45 -128.25 5.80
C LEU V 457 -64.60 -127.79 4.64
N THR V 458 -63.76 -128.69 4.11
CA THR V 458 -62.90 -128.30 3.00
C THR V 458 -63.70 -128.05 1.73
N VAL V 459 -64.77 -128.83 1.51
CA VAL V 459 -65.55 -128.57 0.31
C VAL V 459 -66.23 -127.21 0.41
N SER V 460 -66.67 -126.82 1.60
CA SER V 460 -67.28 -125.50 1.76
C SER V 460 -66.26 -124.39 1.57
N ILE V 461 -65.07 -124.55 2.15
CA ILE V 461 -64.04 -123.53 1.99
C ILE V 461 -63.68 -123.35 0.52
N ARG V 462 -63.52 -124.46 -0.21
CA ARG V 462 -63.16 -124.35 -1.61
C ARG V 462 -64.31 -123.83 -2.44
N GLY V 463 -65.55 -124.15 -2.08
CA GLY V 463 -66.68 -123.57 -2.79
C GLY V 463 -66.76 -122.06 -2.61
N ARG V 464 -66.51 -121.58 -1.39
CA ARG V 464 -66.54 -120.14 -1.17
C ARG V 464 -65.39 -119.46 -1.91
N TRP V 465 -64.22 -120.10 -1.94
CA TRP V 465 -63.10 -119.56 -2.72
C TRP V 465 -63.45 -119.50 -4.21
N MET V 466 -64.13 -120.53 -4.70
CA MET V 466 -64.54 -120.55 -6.10
C MET V 466 -65.53 -119.45 -6.40
N ALA V 467 -66.50 -119.24 -5.52
CA ALA V 467 -67.44 -118.14 -5.72
C ALA V 467 -66.73 -116.79 -5.70
N ARG V 468 -65.79 -116.61 -4.77
CA ARG V 468 -65.05 -115.36 -4.72
C ARG V 468 -64.29 -115.11 -6.00
N LEU V 469 -63.62 -116.13 -6.55
CA LEU V 469 -62.89 -115.95 -7.80
C LEU V 469 -63.83 -115.68 -8.96
N ALA V 470 -64.91 -116.43 -9.07
CA ALA V 470 -65.84 -116.23 -10.18
C ALA V 470 -66.45 -114.83 -10.13
N ARG V 471 -66.58 -114.26 -8.94
CA ARG V 471 -67.10 -112.91 -8.83
C ARG V 471 -66.17 -111.87 -9.47
N MET V 472 -64.90 -112.20 -9.67
CA MET V 472 -63.91 -111.29 -10.22
C MET V 472 -63.75 -111.41 -11.73
N ASN V 473 -64.61 -112.17 -12.40
CA ASN V 473 -64.37 -112.50 -13.79
C ASN V 473 -64.48 -111.27 -14.67
N ILE V 474 -63.64 -111.22 -15.71
CA ILE V 474 -63.60 -110.12 -16.64
C ILE V 474 -63.78 -110.69 -18.05
N ASN V 475 -63.81 -109.81 -19.04
CA ASN V 475 -64.20 -110.13 -20.39
C ASN V 475 -63.20 -109.48 -21.34
N PRO V 476 -62.71 -110.19 -22.36
CA PRO V 476 -61.80 -109.56 -23.32
C PRO V 476 -62.40 -108.33 -23.99
N THR V 477 -63.70 -108.31 -24.24
CA THR V 477 -64.33 -107.11 -24.78
C THR V 477 -64.17 -105.93 -23.82
N GLU V 478 -64.34 -106.18 -22.52
CA GLU V 478 -64.21 -105.11 -21.55
C GLU V 478 -62.77 -104.65 -21.42
N ILE V 479 -61.82 -105.57 -21.54
CA ILE V 479 -60.40 -105.17 -21.55
C ILE V 479 -60.13 -104.29 -22.76
N GLU V 480 -60.69 -104.66 -23.90
CA GLU V 480 -60.61 -103.85 -25.11
C GLU V 480 -61.09 -102.43 -24.85
N TRP V 481 -62.32 -102.31 -24.32
CA TRP V 481 -62.89 -101.00 -24.01
C TRP V 481 -61.99 -100.22 -23.05
N ALA V 482 -61.51 -100.88 -22.00
CA ALA V 482 -60.72 -100.20 -20.99
C ALA V 482 -59.44 -99.62 -21.57
N LEU V 483 -58.71 -100.42 -22.34
CA LEU V 483 -57.46 -99.93 -22.89
C LEU V 483 -57.71 -98.85 -23.95
N THR V 484 -58.71 -99.05 -24.82
CA THR V 484 -58.98 -98.05 -25.84
C THR V 484 -59.49 -96.75 -25.25
N GLU V 485 -60.07 -96.78 -24.05
CA GLU V 485 -60.49 -95.56 -23.38
C GLU V 485 -59.34 -94.91 -22.62
N CYS V 486 -58.49 -95.70 -21.97
CA CYS V 486 -57.34 -95.13 -21.28
C CYS V 486 -56.38 -94.47 -22.24
N ALA V 487 -56.33 -94.95 -23.49
CA ALA V 487 -55.38 -94.38 -24.45
C ALA V 487 -55.76 -92.97 -24.91
N GLN V 488 -56.86 -92.40 -24.43
CA GLN V 488 -57.28 -91.03 -24.72
C GLN V 488 -57.70 -90.82 -26.17
N GLY V 489 -57.88 -91.88 -26.94
CA GLY V 489 -58.36 -91.75 -28.30
C GLY V 489 -57.30 -91.65 -29.37
N TYR V 490 -56.02 -91.69 -29.00
CA TYR V 490 -54.96 -91.73 -30.00
C TYR V 490 -54.78 -93.11 -30.59
N VAL V 491 -55.23 -94.15 -29.89
CA VAL V 491 -55.04 -95.53 -30.31
C VAL V 491 -56.26 -96.33 -29.89
N THR V 492 -56.72 -97.22 -30.77
CA THR V 492 -57.85 -98.08 -30.49
C THR V 492 -57.35 -99.51 -30.35
N VAL V 493 -57.61 -100.11 -29.20
CA VAL V 493 -57.21 -101.48 -28.93
C VAL V 493 -58.38 -102.40 -29.26
N THR V 494 -58.07 -103.58 -29.78
CA THR V 494 -59.07 -104.60 -30.04
C THR V 494 -58.49 -105.96 -29.70
N SER V 495 -59.29 -106.80 -29.07
CA SER V 495 -58.84 -108.13 -28.63
C SER V 495 -59.92 -109.15 -28.98
N PRO V 496 -59.74 -109.91 -30.05
CA PRO V 496 -60.76 -110.86 -30.48
C PRO V 496 -60.66 -112.17 -29.71
N TYR V 497 -61.72 -112.97 -29.83
CA TYR V 497 -61.76 -114.27 -29.16
C TYR V 497 -62.95 -115.06 -29.68
N ALA V 498 -63.03 -116.31 -29.26
CA ALA V 498 -64.07 -117.24 -29.64
C ALA V 498 -65.02 -117.50 -28.47
N PRO V 499 -66.22 -118.02 -28.74
CA PRO V 499 -67.21 -118.18 -27.67
C PRO V 499 -66.81 -119.30 -26.72
N SER V 500 -66.56 -118.93 -25.47
CA SER V 500 -66.21 -119.89 -24.44
C SER V 500 -66.80 -119.45 -23.12
N VAL V 501 -67.17 -120.43 -22.30
CA VAL V 501 -67.72 -120.16 -20.98
C VAL V 501 -66.76 -120.56 -19.87
N ASN V 502 -65.81 -121.47 -20.12
CA ASN V 502 -64.87 -121.88 -19.08
C ASN V 502 -63.62 -121.02 -19.03
N ARG V 503 -63.71 -119.77 -19.46
CA ARG V 503 -62.58 -118.85 -19.38
C ARG V 503 -62.65 -118.07 -18.08
N LEU V 504 -61.51 -117.97 -17.40
CA LEU V 504 -61.44 -117.36 -16.07
C LEU V 504 -60.36 -116.28 -16.09
N MET V 505 -60.78 -115.02 -15.98
CA MET V 505 -59.86 -113.88 -15.93
C MET V 505 -60.23 -113.03 -14.73
N PRO V 506 -59.79 -113.41 -13.54
CA PRO V 506 -60.18 -112.64 -12.35
C PRO V 506 -59.46 -111.31 -12.25
N TYR V 507 -60.13 -110.22 -12.63
CA TYR V 507 -59.50 -108.91 -12.54
C TYR V 507 -60.41 -107.78 -12.07
N ARG V 508 -61.66 -108.03 -11.73
CA ARG V 508 -62.60 -106.97 -11.40
C ARG V 508 -62.73 -106.81 -9.89
N ILE V 509 -62.63 -105.56 -9.42
CA ILE V 509 -62.74 -105.25 -8.01
C ILE V 509 -63.55 -103.97 -7.84
N SER V 510 -63.80 -103.63 -6.58
CA SER V 510 -64.55 -102.44 -6.23
C SER V 510 -63.61 -101.31 -5.83
N ASN V 511 -64.14 -100.09 -5.83
CA ASN V 511 -63.31 -98.93 -5.52
C ASN V 511 -62.84 -98.93 -4.07
N ALA V 512 -63.58 -99.60 -3.18
CA ALA V 512 -63.20 -99.62 -1.78
C ALA V 512 -61.86 -100.29 -1.58
N GLU V 513 -61.62 -101.39 -2.28
CA GLU V 513 -60.36 -102.11 -2.15
C GLU V 513 -59.20 -101.30 -2.70
N ARG V 514 -59.41 -100.64 -3.84
CA ARG V 514 -58.38 -99.74 -4.37
C ARG V 514 -58.05 -98.63 -3.37
N GLN V 515 -59.08 -98.07 -2.74
CA GLN V 515 -58.85 -97.00 -1.78
C GLN V 515 -58.08 -97.51 -0.56
N ILE V 516 -58.40 -98.71 -0.09
CA ILE V 516 -57.69 -99.25 1.07
C ILE V 516 -56.23 -99.51 0.72
N SER V 517 -55.96 -100.03 -0.48
CA SER V 517 -54.58 -100.20 -0.90
C SER V 517 -53.85 -98.87 -0.95
N GLN V 518 -54.51 -97.83 -1.46
CA GLN V 518 -53.90 -96.51 -1.52
C GLN V 518 -53.57 -96.00 -0.12
N ILE V 519 -54.46 -96.24 0.84
CA ILE V 519 -54.19 -95.81 2.21
C ILE V 519 -52.99 -96.54 2.77
N ILE V 520 -52.89 -97.84 2.49
CA ILE V 520 -51.75 -98.62 2.99
C ILE V 520 -50.44 -98.08 2.41
N ARG V 521 -50.44 -97.73 1.12
CA ARG V 521 -49.21 -97.21 0.53
C ARG V 521 -48.86 -95.84 1.09
N VAL V 522 -49.87 -94.99 1.31
CA VAL V 522 -49.61 -93.68 1.91
C VAL V 522 -49.01 -93.84 3.31
N MET V 523 -49.47 -94.86 4.05
CA MET V 523 -48.84 -95.11 5.35
C MET V 523 -47.42 -95.62 5.18
N ASN V 524 -47.18 -96.44 4.14
CA ASN V 524 -45.83 -96.94 3.90
C ASN V 524 -44.84 -95.82 3.69
N ILE V 525 -45.28 -94.74 3.03
CA ILE V 525 -44.35 -93.64 2.71
C ILE V 525 -43.65 -93.14 3.96
N GLY V 526 -44.43 -92.76 4.97
CA GLY V 526 -43.92 -92.56 6.32
C GLY V 526 -42.78 -91.58 6.47
N ASN V 527 -42.83 -90.45 5.77
CA ASN V 527 -41.84 -89.38 5.89
C ASN V 527 -40.44 -89.81 5.47
N ASN V 528 -40.32 -90.92 4.75
CA ASN V 528 -39.04 -91.42 4.28
C ASN V 528 -38.87 -91.01 2.82
N ALA V 529 -38.04 -90.00 2.58
CA ALA V 529 -37.87 -89.48 1.23
C ALA V 529 -37.28 -90.50 0.27
N THR V 530 -36.66 -91.55 0.79
CA THR V 530 -36.08 -92.59 -0.06
C THR V 530 -37.14 -93.36 -0.83
N VAL V 531 -38.37 -93.42 -0.32
CA VAL V 531 -39.43 -94.12 -1.04
C VAL V 531 -40.24 -93.18 -1.91
N ILE V 532 -39.88 -91.90 -1.97
CA ILE V 532 -40.55 -90.96 -2.86
C ILE V 532 -39.63 -90.61 -4.02
N GLN V 533 -38.31 -90.62 -3.76
CA GLN V 533 -37.36 -90.19 -4.79
C GLN V 533 -37.45 -90.98 -6.08
N PRO V 534 -37.36 -92.31 -6.07
CA PRO V 534 -37.36 -93.06 -7.34
C PRO V 534 -38.63 -92.88 -8.14
N VAL V 535 -39.78 -92.75 -7.48
CA VAL V 535 -41.04 -92.57 -8.19
C VAL V 535 -41.00 -91.30 -9.04
N LEU V 536 -40.69 -90.17 -8.40
CA LEU V 536 -40.68 -88.90 -9.12
C LEU V 536 -39.60 -88.89 -10.18
N GLN V 537 -38.42 -89.43 -9.88
CA GLN V 537 -37.35 -89.44 -10.87
C GLN V 537 -37.73 -90.25 -12.11
N ASP V 538 -38.31 -91.43 -11.91
CA ASP V 538 -38.63 -92.29 -13.05
C ASP V 538 -39.79 -91.73 -13.86
N ILE V 539 -40.79 -91.16 -13.19
CA ILE V 539 -41.88 -90.52 -13.93
C ILE V 539 -41.34 -89.33 -14.73
N SER V 540 -40.38 -88.61 -14.16
CA SER V 540 -39.72 -87.53 -14.87
C SER V 540 -39.09 -88.03 -16.16
N VAL V 541 -38.30 -89.10 -16.06
CA VAL V 541 -37.62 -89.61 -17.26
C VAL V 541 -38.63 -90.14 -18.27
N LEU V 542 -39.73 -90.74 -17.80
CA LEU V 542 -40.74 -91.23 -18.74
C LEU V 542 -41.40 -90.09 -19.50
N LEU V 543 -41.74 -89.01 -18.81
CA LEU V 543 -42.28 -87.85 -19.50
C LEU V 543 -41.28 -87.29 -20.50
N GLN V 544 -40.01 -87.21 -20.10
CA GLN V 544 -38.98 -86.71 -20.99
C GLN V 544 -38.84 -87.58 -22.24
N ARG V 545 -39.09 -88.88 -22.11
CA ARG V 545 -38.92 -89.77 -23.26
C ARG V 545 -40.14 -89.82 -24.17
N ILE V 546 -41.34 -89.60 -23.64
CA ILE V 546 -42.53 -89.60 -24.49
C ILE V 546 -43.03 -88.19 -24.79
N SER V 547 -42.24 -87.17 -24.50
CA SER V 547 -42.84 -85.90 -24.86
C SER V 547 -42.26 -85.36 -26.16
N PRO V 548 -43.08 -84.64 -26.95
CA PRO V 548 -42.54 -84.01 -28.16
C PRO V 548 -41.68 -82.80 -27.89
N LEU V 549 -41.74 -82.23 -26.69
CA LEU V 549 -41.07 -80.98 -26.42
C LEU V 549 -39.55 -81.16 -26.42
N GLN V 550 -38.86 -80.20 -27.01
CA GLN V 550 -37.41 -80.10 -26.96
C GLN V 550 -37.03 -78.77 -26.33
N ILE V 551 -36.00 -78.80 -25.49
CA ILE V 551 -35.57 -77.62 -24.76
C ILE V 551 -34.13 -77.32 -25.16
N ASP V 552 -33.93 -76.32 -26.00
CA ASP V 552 -32.60 -75.84 -26.31
C ASP V 552 -32.43 -74.41 -25.84
N PRO V 553 -31.47 -74.12 -24.96
CA PRO V 553 -31.25 -72.76 -24.50
C PRO V 553 -30.64 -71.84 -25.55
N THR V 554 -30.34 -72.34 -26.75
CA THR V 554 -29.76 -71.49 -27.77
C THR V 554 -30.73 -70.43 -28.26
N ILE V 555 -32.03 -70.61 -28.04
CA ILE V 555 -33.01 -69.62 -28.46
C ILE V 555 -32.78 -68.31 -27.73
N ILE V 556 -32.49 -68.39 -26.42
CA ILE V 556 -32.23 -67.18 -25.64
C ILE V 556 -31.02 -66.44 -26.17
N SER V 557 -29.95 -67.17 -26.46
CA SER V 557 -28.74 -66.54 -26.97
C SER V 557 -28.99 -65.89 -28.33
N ASN V 558 -29.71 -66.60 -29.21
CA ASN V 558 -29.99 -66.03 -30.53
C ASN V 558 -30.86 -64.80 -30.43
N THR V 559 -31.77 -64.75 -29.45
CA THR V 559 -32.62 -63.58 -29.31
C THR V 559 -31.89 -62.43 -28.63
N MET V 560 -30.90 -62.72 -27.80
CA MET V 560 -30.16 -61.66 -27.15
C MET V 560 -29.13 -61.03 -28.08
N SER V 561 -28.25 -61.85 -28.65
CA SER V 561 -27.15 -61.35 -29.47
C SER V 561 -26.23 -60.44 -28.67
N LEU V 571 -24.17 -51.71 -17.40
CA LEU V 571 -23.61 -53.01 -17.04
C LEU V 571 -24.02 -54.07 -18.06
N SER V 572 -24.63 -53.63 -19.17
CA SER V 572 -25.09 -54.54 -20.20
C SER V 572 -26.11 -55.52 -19.64
N PRO V 573 -27.33 -55.07 -19.37
CA PRO V 573 -28.37 -55.97 -18.83
C PRO V 573 -28.59 -57.23 -19.64
N ALA V 574 -28.38 -57.17 -20.96
CA ALA V 574 -28.49 -58.38 -21.78
C ALA V 574 -27.47 -59.43 -21.34
N SER V 575 -26.20 -59.04 -21.27
CA SER V 575 -25.18 -59.97 -20.81
C SER V 575 -25.41 -60.38 -19.37
N SER V 576 -25.99 -59.50 -18.56
CA SER V 576 -26.27 -59.84 -17.17
C SER V 576 -27.26 -60.99 -17.09
N ILE V 577 -28.39 -60.88 -17.79
CA ILE V 577 -29.35 -61.97 -17.74
C ILE V 577 -28.84 -63.20 -18.45
N LEU V 578 -27.99 -63.05 -19.47
CA LEU V 578 -27.39 -64.23 -20.07
C LEU V 578 -26.55 -65.00 -19.06
N GLY V 579 -25.66 -64.30 -18.36
CA GLY V 579 -24.87 -64.95 -17.33
C GLY V 579 -25.68 -65.47 -16.16
N LYS V 580 -26.84 -64.88 -15.91
CA LYS V 580 -27.67 -65.34 -14.79
C LYS V 580 -28.56 -66.52 -15.15
N LEU V 581 -28.93 -66.67 -16.42
CA LEU V 581 -29.66 -67.86 -16.84
C LEU V 581 -28.74 -69.02 -17.16
N ARG V 582 -27.51 -68.73 -17.60
CA ARG V 582 -26.49 -69.69 -18.01
C ARG V 582 -27.08 -70.75 -18.91
N PRO V 583 -27.42 -70.39 -20.15
CA PRO V 583 -28.05 -71.36 -21.06
C PRO V 583 -27.15 -72.53 -21.42
N SER V 584 -25.84 -72.42 -21.20
CA SER V 584 -24.94 -73.52 -21.55
C SER V 584 -25.20 -74.76 -20.72
N ASN V 585 -25.69 -74.59 -19.50
CA ASN V 585 -26.11 -75.74 -18.70
C ASN V 585 -27.28 -76.43 -19.36
N SER V 586 -27.31 -77.76 -19.27
CA SER V 586 -28.33 -78.54 -19.95
C SER V 586 -28.90 -79.61 -19.04
N ASP V 587 -29.18 -79.26 -17.79
CA ASP V 587 -29.86 -80.15 -16.86
C ASP V 587 -31.23 -79.55 -16.55
N PHE V 588 -32.28 -80.16 -17.07
CA PHE V 588 -33.64 -79.69 -16.85
C PHE V 588 -34.47 -80.74 -16.14
N SER V 589 -33.85 -81.46 -15.21
CA SER V 589 -34.60 -82.42 -14.42
C SER V 589 -35.60 -81.72 -13.51
N SER V 590 -35.30 -80.49 -13.10
CA SER V 590 -36.20 -79.76 -12.20
C SER V 590 -37.54 -79.50 -12.87
N PHE V 591 -37.54 -79.18 -14.16
CA PHE V 591 -38.78 -78.92 -14.87
C PHE V 591 -39.65 -80.17 -14.93
N ARG V 592 -39.08 -81.29 -15.36
CA ARG V 592 -39.84 -82.53 -15.48
C ARG V 592 -40.32 -83.01 -14.11
N VAL V 593 -39.52 -82.80 -13.07
CA VAL V 593 -39.94 -83.23 -11.75
C VAL V 593 -41.03 -82.33 -11.22
N ALA V 594 -41.00 -81.04 -11.55
CA ALA V 594 -42.10 -80.16 -11.17
C ALA V 594 -43.38 -80.59 -11.84
N LEU V 595 -43.30 -81.03 -13.10
CA LEU V 595 -44.49 -81.57 -13.76
C LEU V 595 -44.96 -82.86 -13.09
N ALA V 596 -44.02 -83.77 -12.79
CA ALA V 596 -44.41 -85.05 -12.20
C ALA V 596 -44.94 -84.92 -10.78
N GLY V 597 -44.60 -83.84 -10.09
CA GLY V 597 -45.11 -83.63 -8.76
C GLY V 597 -46.55 -83.19 -8.69
N TRP V 598 -47.17 -82.87 -9.83
CA TRP V 598 -48.58 -82.50 -9.82
C TRP V 598 -49.46 -83.67 -9.43
N LEU V 599 -49.06 -84.89 -9.76
CA LEU V 599 -49.85 -86.07 -9.46
C LEU V 599 -49.80 -86.45 -7.99
N TYR V 600 -48.87 -85.91 -7.22
CA TYR V 600 -48.63 -86.35 -5.85
C TYR V 600 -48.69 -85.16 -4.91
N ASN V 601 -49.75 -84.37 -5.05
CA ASN V 601 -49.92 -83.18 -4.23
C ASN V 601 -50.05 -83.53 -2.75
N GLY V 602 -50.69 -84.67 -2.45
CA GLY V 602 -51.02 -84.97 -1.08
C GLY V 602 -49.93 -85.60 -0.25
N VAL V 603 -48.83 -86.03 -0.88
CA VAL V 603 -47.75 -86.68 -0.16
C VAL V 603 -46.45 -85.88 -0.21
N VAL V 604 -46.15 -85.27 -1.36
CA VAL V 604 -44.94 -84.48 -1.52
C VAL V 604 -45.33 -83.12 -2.09
N THR V 605 -44.82 -82.06 -1.48
CA THR V 605 -45.07 -80.70 -1.94
C THR V 605 -43.76 -80.12 -2.46
N THR V 606 -43.81 -79.50 -3.63
CA THR V 606 -42.62 -78.98 -4.28
C THR V 606 -42.56 -77.47 -4.11
N VAL V 607 -41.44 -76.98 -3.57
CA VAL V 607 -41.26 -75.57 -3.31
C VAL V 607 -39.99 -75.10 -4.02
N ILE V 608 -39.97 -73.83 -4.39
CA ILE V 608 -38.77 -73.25 -4.98
C ILE V 608 -37.65 -73.25 -3.96
N ASP V 609 -36.42 -73.42 -4.45
CA ASP V 609 -35.25 -73.50 -3.59
C ASP V 609 -35.10 -72.23 -2.77
N ASP V 610 -34.37 -72.37 -1.66
CA ASP V 610 -34.05 -71.20 -0.84
C ASP V 610 -32.99 -70.33 -1.52
N SER V 611 -32.10 -70.95 -2.28
CA SER V 611 -31.00 -70.22 -2.90
C SER V 611 -31.43 -69.37 -4.08
N SER V 612 -32.67 -69.53 -4.58
CA SER V 612 -33.10 -68.74 -5.72
C SER V 612 -33.50 -67.33 -5.33
N TYR V 613 -33.90 -67.12 -4.08
CA TYR V 613 -34.33 -65.80 -3.66
C TYR V 613 -33.15 -64.85 -3.62
N PRO V 614 -33.39 -63.54 -3.76
CA PRO V 614 -32.29 -62.58 -3.78
C PRO V 614 -31.50 -62.60 -2.49
N LYS V 615 -30.21 -62.28 -2.62
CA LYS V 615 -29.30 -62.35 -1.48
C LYS V 615 -29.59 -61.21 -0.51
N ASP V 616 -29.73 -61.55 0.77
CA ASP V 616 -29.95 -60.59 1.84
C ASP V 616 -31.28 -59.87 1.71
N GLY V 617 -32.26 -60.47 1.05
CA GLY V 617 -33.53 -59.85 0.82
C GLY V 617 -33.63 -59.11 -0.50
N GLY V 618 -32.52 -58.54 -0.97
CA GLY V 618 -32.49 -57.88 -2.25
C GLY V 618 -32.88 -56.42 -2.18
N SER V 619 -32.58 -55.72 -3.26
CA SER V 619 -32.93 -54.31 -3.38
C SER V 619 -33.26 -54.01 -4.83
N VAL V 620 -34.28 -53.17 -5.05
CA VAL V 620 -34.65 -52.79 -6.41
C VAL V 620 -33.60 -51.91 -7.07
N THR V 621 -32.64 -51.41 -6.31
CA THR V 621 -31.54 -50.63 -6.85
C THR V 621 -30.44 -51.51 -7.44
N SER V 622 -30.69 -52.80 -7.64
CA SER V 622 -29.67 -53.73 -8.12
C SER V 622 -30.19 -54.49 -9.33
N LEU V 623 -29.45 -54.41 -10.43
CA LEU V 623 -29.82 -55.13 -11.64
C LEU V 623 -29.86 -56.63 -11.41
N GLU V 624 -28.88 -57.16 -10.67
CA GLU V 624 -28.83 -58.58 -10.39
C GLU V 624 -30.06 -59.03 -9.62
N ASN V 625 -30.50 -58.23 -8.65
CA ASN V 625 -31.69 -58.59 -7.89
C ASN V 625 -32.94 -58.46 -8.75
N LEU V 626 -32.98 -57.50 -9.67
CA LEU V 626 -34.11 -57.43 -10.59
C LEU V 626 -34.20 -58.69 -11.44
N TRP V 627 -33.08 -59.16 -11.97
CA TRP V 627 -33.16 -60.37 -12.78
C TRP V 627 -33.48 -61.59 -11.92
N ASP V 628 -32.98 -61.64 -10.69
CA ASP V 628 -33.39 -62.70 -9.77
C ASP V 628 -34.90 -62.71 -9.59
N PHE V 629 -35.50 -61.53 -9.42
CA PHE V 629 -36.94 -61.46 -9.27
C PHE V 629 -37.66 -61.94 -10.52
N PHE V 630 -37.15 -61.58 -11.71
CA PHE V 630 -37.79 -62.03 -12.94
C PHE V 630 -37.80 -63.55 -13.01
N ILE V 631 -36.65 -64.17 -12.77
CA ILE V 631 -36.56 -65.63 -12.84
C ILE V 631 -37.50 -66.27 -11.83
N LEU V 632 -37.51 -65.74 -10.60
CA LEU V 632 -38.34 -66.32 -9.55
C LEU V 632 -39.82 -66.20 -9.86
N ALA V 633 -40.24 -65.04 -10.35
CA ALA V 633 -41.65 -64.82 -10.65
C ALA V 633 -42.09 -65.69 -11.81
N LEU V 634 -41.24 -65.88 -12.82
CA LEU V 634 -41.60 -66.78 -13.89
C LEU V 634 -41.68 -68.23 -13.42
N ALA V 635 -40.85 -68.62 -12.46
CA ALA V 635 -40.81 -70.02 -12.06
C ALA V 635 -41.90 -70.39 -11.06
N LEU V 636 -42.39 -69.43 -10.26
CA LEU V 636 -43.26 -69.77 -9.15
C LEU V 636 -44.56 -70.48 -9.52
N PRO V 637 -45.31 -70.07 -10.54
CA PRO V 637 -46.65 -70.66 -10.75
C PRO V 637 -46.66 -72.14 -11.07
N LEU V 638 -45.51 -72.78 -11.30
CA LEU V 638 -45.50 -74.19 -11.67
C LEU V 638 -45.35 -75.13 -10.47
N THR V 639 -45.15 -74.60 -9.28
CA THR V 639 -44.97 -75.44 -8.10
C THR V 639 -46.32 -75.70 -7.43
N THR V 640 -46.33 -76.72 -6.55
CA THR V 640 -47.54 -77.11 -5.85
C THR V 640 -47.63 -76.51 -4.45
N ASP V 641 -46.64 -75.74 -4.04
CA ASP V 641 -46.68 -75.01 -2.79
C ASP V 641 -47.92 -74.10 -2.76
N PRO V 642 -48.79 -74.24 -1.77
CA PRO V 642 -49.99 -73.38 -1.75
C PRO V 642 -49.72 -71.92 -1.45
N CYS V 643 -48.54 -71.58 -0.90
CA CYS V 643 -48.19 -70.20 -0.58
C CYS V 643 -47.35 -69.56 -1.66
N ALA V 644 -47.34 -70.13 -2.86
CA ALA V 644 -46.57 -69.56 -3.97
C ALA V 644 -46.97 -68.14 -4.30
N PRO V 645 -48.26 -67.78 -4.39
CA PRO V 645 -48.59 -66.37 -4.68
C PRO V 645 -48.08 -65.40 -3.63
N VAL V 646 -48.17 -65.76 -2.36
CA VAL V 646 -47.70 -64.85 -1.33
C VAL V 646 -46.18 -64.74 -1.33
N LYS V 647 -45.48 -65.83 -1.65
CA LYS V 647 -44.03 -65.72 -1.81
C LYS V 647 -43.68 -64.80 -2.97
N ALA V 648 -44.41 -64.93 -4.09
CA ALA V 648 -44.18 -64.06 -5.22
C ALA V 648 -44.38 -62.59 -4.86
N PHE V 649 -45.44 -62.29 -4.11
CA PHE V 649 -45.69 -60.91 -3.72
C PHE V 649 -44.62 -60.40 -2.77
N MET V 650 -44.32 -61.18 -1.72
CA MET V 650 -43.44 -60.65 -0.70
C MET V 650 -41.98 -60.60 -1.14
N THR V 651 -41.61 -61.29 -2.22
CA THR V 651 -40.28 -61.05 -2.78
C THR V 651 -40.12 -59.58 -3.20
N LEU V 652 -41.04 -59.09 -4.02
CA LEU V 652 -40.97 -57.68 -4.42
C LEU V 652 -41.21 -56.77 -3.23
N ALA V 653 -42.04 -57.19 -2.27
CA ALA V 653 -42.25 -56.35 -1.09
C ALA V 653 -40.96 -56.17 -0.30
N ASN V 654 -40.19 -57.25 -0.14
CA ASN V 654 -38.89 -57.12 0.52
C ASN V 654 -37.96 -56.24 -0.29
N MET V 655 -37.94 -56.40 -1.61
CA MET V 655 -37.04 -55.59 -2.43
C MET V 655 -37.40 -54.11 -2.38
N MET V 656 -38.66 -53.78 -2.12
CA MET V 656 -39.12 -52.40 -2.16
C MET V 656 -38.95 -51.64 -0.84
N VAL V 657 -38.16 -52.15 0.10
CA VAL V 657 -38.00 -51.45 1.37
C VAL V 657 -37.23 -50.16 1.13
N GLY V 658 -37.61 -49.12 1.86
CA GLY V 658 -37.01 -47.81 1.68
C GLY V 658 -37.59 -46.99 0.54
N PHE V 659 -38.43 -47.58 -0.30
CA PHE V 659 -39.09 -46.86 -1.38
C PHE V 659 -40.60 -46.95 -1.32
N GLU V 660 -41.16 -48.03 -0.77
CA GLU V 660 -42.61 -48.20 -0.68
C GLU V 660 -42.92 -48.95 0.59
N THR V 661 -44.07 -48.64 1.18
CA THR V 661 -44.45 -49.21 2.46
C THR V 661 -45.84 -49.83 2.35
N ILE V 662 -46.10 -50.80 3.22
CA ILE V 662 -47.43 -51.41 3.30
C ILE V 662 -47.80 -51.62 4.76
N PRO V 663 -49.10 -51.67 5.04
CA PRO V 663 -49.53 -51.79 6.44
C PRO V 663 -49.13 -53.12 7.04
N MET V 664 -48.76 -53.09 8.31
CA MET V 664 -48.34 -54.28 9.04
C MET V 664 -49.46 -54.79 9.93
N ASP V 665 -49.40 -56.08 10.25
CA ASP V 665 -50.43 -56.72 11.05
C ASP V 665 -50.17 -56.59 12.55
N ASN V 666 -48.93 -56.77 12.98
CA ASN V 666 -48.61 -56.64 14.40
C ASN V 666 -47.35 -55.84 14.61
N GLN V 667 -46.82 -55.83 15.83
CA GLN V 667 -45.63 -55.05 16.17
C GLN V 667 -44.36 -55.88 16.15
N ILE V 668 -44.42 -57.12 15.69
CA ILE V 668 -43.29 -58.03 15.73
C ILE V 668 -42.58 -58.08 14.38
N TYR V 669 -43.32 -58.36 13.32
CA TYR V 669 -42.70 -58.54 12.02
C TYR V 669 -42.63 -57.23 11.26
N THR V 670 -41.97 -57.27 10.10
CA THR V 670 -41.65 -56.07 9.34
C THR V 670 -41.78 -56.39 7.86
N GLN V 671 -41.87 -55.33 7.04
CA GLN V 671 -41.93 -55.50 5.59
C GLN V 671 -40.71 -56.24 5.07
N SER V 672 -39.56 -56.12 5.74
CA SER V 672 -38.36 -56.84 5.31
C SER V 672 -38.25 -58.20 6.02
N ARG V 673 -39.34 -58.96 5.99
CA ARG V 673 -39.32 -60.36 6.38
C ARG V 673 -39.13 -61.19 5.11
N ARG V 674 -38.25 -62.19 5.19
CA ARG V 674 -37.84 -62.90 4.00
C ARG V 674 -39.02 -63.58 3.33
N ALA V 675 -39.06 -63.50 2.00
CA ALA V 675 -40.18 -64.04 1.26
C ALA V 675 -40.26 -65.56 1.38
N SER V 676 -39.14 -66.22 1.64
CA SER V 676 -39.13 -67.66 1.75
C SER V 676 -39.62 -68.17 3.10
N ALA V 677 -39.87 -67.28 4.05
CA ALA V 677 -40.38 -67.67 5.35
C ALA V 677 -41.89 -67.74 5.39
N PHE V 678 -42.56 -67.56 4.25
CA PHE V 678 -44.02 -67.61 4.19
C PHE V 678 -44.43 -68.98 3.67
N SER V 679 -44.37 -69.97 4.56
CA SER V 679 -44.57 -71.36 4.18
C SER V 679 -45.86 -71.95 4.72
N THR V 680 -46.78 -71.13 5.20
CA THR V 680 -48.01 -71.63 5.81
C THR V 680 -49.13 -70.65 5.50
N PRO V 681 -50.38 -71.12 5.51
CA PRO V 681 -51.51 -70.22 5.21
C PRO V 681 -51.75 -69.18 6.28
N HIS V 682 -51.31 -69.40 7.52
CA HIS V 682 -51.56 -68.44 8.59
C HIS V 682 -50.64 -67.22 8.52
N THR V 683 -49.82 -67.11 7.48
CA THR V 683 -48.84 -66.05 7.39
C THR V 683 -49.21 -64.99 6.36
N TRP V 684 -50.27 -65.20 5.59
CA TRP V 684 -50.55 -64.34 4.46
C TRP V 684 -50.95 -62.96 4.95
N PRO V 685 -50.32 -61.90 4.47
CA PRO V 685 -50.61 -60.56 4.98
C PRO V 685 -52.02 -60.10 4.63
N ARG V 686 -52.65 -59.45 5.61
CA ARG V 686 -53.98 -58.88 5.41
C ARG V 686 -54.00 -57.91 4.23
N CYS V 687 -52.93 -57.16 4.04
CA CYS V 687 -52.86 -56.25 2.91
C CYS V 687 -52.83 -57.01 1.59
N PHE V 688 -52.21 -58.19 1.56
CA PHE V 688 -52.21 -58.97 0.33
C PHE V 688 -53.57 -59.57 0.08
N MET V 689 -54.26 -60.02 1.12
CA MET V 689 -55.58 -60.61 0.94
C MET V 689 -56.59 -59.55 0.48
N ASN V 690 -56.81 -58.53 1.31
CA ASN V 690 -57.71 -57.43 0.94
C ASN V 690 -56.88 -56.42 0.15
N ILE V 691 -57.10 -56.37 -1.16
CA ILE V 691 -56.19 -55.66 -2.04
C ILE V 691 -56.26 -54.16 -1.88
N GLN V 692 -57.37 -53.62 -1.39
CA GLN V 692 -57.54 -52.17 -1.35
C GLN V 692 -56.81 -51.51 -0.19
N LEU V 693 -56.13 -52.27 0.66
CA LEU V 693 -55.37 -51.65 1.74
C LEU V 693 -54.09 -51.00 1.22
N ILE V 694 -53.46 -51.59 0.21
CA ILE V 694 -52.25 -51.02 -0.38
C ILE V 694 -52.64 -49.75 -1.11
N SER V 695 -52.15 -48.61 -0.63
CA SER V 695 -52.58 -47.34 -1.17
C SER V 695 -51.83 -47.03 -2.47
N PRO V 696 -52.54 -46.75 -3.57
CA PRO V 696 -51.85 -46.53 -4.85
C PRO V 696 -51.04 -45.25 -4.90
N ILE V 697 -51.25 -44.32 -3.96
CA ILE V 697 -50.46 -43.09 -3.92
C ILE V 697 -49.16 -43.28 -3.16
N ASP V 698 -48.98 -44.43 -2.53
CA ASP V 698 -47.82 -44.71 -1.69
C ASP V 698 -47.04 -45.93 -2.13
N ALA V 699 -47.73 -46.98 -2.57
CA ALA V 699 -47.09 -48.20 -3.08
C ALA V 699 -47.67 -48.49 -4.46
N PRO V 700 -47.35 -47.66 -5.44
CA PRO V 700 -47.95 -47.83 -6.77
C PRO V 700 -47.54 -49.13 -7.47
N ILE V 701 -46.22 -49.34 -7.60
CA ILE V 701 -45.73 -50.55 -8.26
C ILE V 701 -46.14 -51.79 -7.47
N LEU V 702 -46.17 -51.68 -6.15
CA LEU V 702 -46.49 -52.84 -5.34
C LEU V 702 -47.96 -53.21 -5.45
N ARG V 703 -48.84 -52.20 -5.49
CA ARG V 703 -50.25 -52.50 -5.72
C ARG V 703 -50.48 -53.03 -7.13
N GLN V 704 -49.72 -52.54 -8.12
CA GLN V 704 -49.83 -53.11 -9.45
C GLN V 704 -49.46 -54.59 -9.45
N TRP V 705 -48.36 -54.94 -8.78
CA TRP V 705 -47.96 -56.33 -8.72
C TRP V 705 -49.00 -57.17 -8.01
N ALA V 706 -49.59 -56.63 -6.95
CA ALA V 706 -50.61 -57.39 -6.22
C ALA V 706 -51.85 -57.60 -7.08
N GLU V 707 -52.30 -56.58 -7.81
CA GLU V 707 -53.45 -56.75 -8.70
C GLU V 707 -53.15 -57.75 -9.80
N ILE V 708 -51.93 -57.73 -10.33
CA ILE V 708 -51.56 -58.70 -11.36
C ILE V 708 -51.62 -60.11 -10.79
N ILE V 709 -51.14 -60.29 -9.56
CA ILE V 709 -51.21 -61.61 -8.94
C ILE V 709 -52.65 -62.06 -8.79
N HIS V 710 -53.53 -61.16 -8.32
CA HIS V 710 -54.91 -61.56 -8.08
C HIS V 710 -55.65 -61.86 -9.37
N ARG V 711 -55.37 -61.12 -10.44
CA ARG V 711 -56.16 -61.27 -11.65
C ARG V 711 -55.62 -62.32 -12.59
N TYR V 712 -54.30 -62.37 -12.80
CA TYR V 712 -53.73 -63.15 -13.89
C TYR V 712 -52.99 -64.40 -13.42
N TRP V 713 -53.06 -64.73 -12.14
CA TRP V 713 -52.48 -65.99 -11.68
C TRP V 713 -53.22 -67.16 -12.31
N PRO V 714 -52.51 -68.23 -12.67
CA PRO V 714 -53.16 -69.33 -13.39
C PRO V 714 -54.29 -69.97 -12.61
N ASN V 715 -55.33 -70.39 -13.33
CA ASN V 715 -56.54 -70.94 -12.74
C ASN V 715 -56.50 -72.46 -12.78
N PRO V 716 -56.72 -73.13 -11.65
CA PRO V 716 -56.73 -74.60 -11.65
C PRO V 716 -57.85 -75.16 -12.52
N SER V 717 -57.67 -76.40 -12.95
CA SER V 717 -58.64 -77.09 -13.78
C SER V 717 -58.58 -78.57 -13.44
N GLN V 718 -59.20 -79.40 -14.27
CA GLN V 718 -59.22 -80.83 -14.00
C GLN V 718 -59.55 -81.60 -15.28
N ILE V 719 -58.81 -82.68 -15.51
CA ILE V 719 -59.02 -83.57 -16.63
C ILE V 719 -59.36 -84.95 -16.10
N ARG V 720 -60.10 -85.72 -16.90
CA ARG V 720 -60.54 -87.05 -16.51
C ARG V 720 -59.74 -88.11 -17.26
N TYR V 721 -59.30 -89.13 -16.55
CA TYR V 721 -58.38 -90.13 -17.06
C TYR V 721 -58.92 -91.52 -16.77
N GLY V 722 -58.23 -92.52 -17.32
CA GLY V 722 -58.47 -93.91 -16.97
C GLY V 722 -59.87 -94.40 -17.23
N THR V 723 -60.11 -95.68 -16.94
CA THR V 723 -61.43 -96.29 -17.14
C THR V 723 -62.03 -96.65 -15.79
N PRO V 724 -62.90 -95.79 -15.22
CA PRO V 724 -63.48 -96.11 -13.91
C PRO V 724 -64.57 -97.17 -13.95
N ASN V 725 -64.83 -97.79 -15.10
CA ASN V 725 -65.85 -98.82 -15.19
C ASN V 725 -65.30 -100.22 -14.95
N VAL V 726 -64.05 -100.46 -15.31
CA VAL V 726 -63.45 -101.78 -15.12
C VAL V 726 -62.14 -101.73 -14.36
N PHE V 727 -61.45 -100.60 -14.31
CA PHE V 727 -60.25 -100.46 -13.51
C PHE V 727 -60.51 -99.80 -12.17
N GLY V 728 -61.76 -99.47 -11.87
CA GLY V 728 -62.08 -98.75 -10.66
C GLY V 728 -61.37 -97.42 -10.61
N SER V 729 -61.08 -96.97 -9.39
CA SER V 729 -60.33 -95.73 -9.20
C SER V 729 -59.92 -95.64 -7.75
N ALA V 730 -58.66 -95.27 -7.53
CA ALA V 730 -58.12 -95.11 -6.18
C ALA V 730 -58.07 -93.66 -5.74
N ASN V 731 -58.98 -92.83 -6.25
CA ASN V 731 -59.05 -91.44 -5.82
C ASN V 731 -59.76 -91.38 -4.47
N LEU V 732 -59.11 -90.72 -3.50
CA LEU V 732 -59.63 -90.67 -2.14
C LEU V 732 -60.44 -89.41 -1.87
N PHE V 733 -59.88 -88.23 -2.14
CA PHE V 733 -60.56 -86.97 -1.85
C PHE V 733 -61.10 -86.29 -3.10
N THR V 734 -61.02 -86.94 -4.25
CA THR V 734 -61.60 -86.40 -5.47
C THR V 734 -62.58 -87.43 -6.04
N PRO V 735 -63.42 -87.05 -7.00
CA PRO V 735 -64.34 -88.02 -7.59
C PRO V 735 -63.60 -89.12 -8.34
N PRO V 736 -64.29 -90.18 -8.75
CA PRO V 736 -63.58 -91.37 -9.24
C PRO V 736 -62.75 -91.16 -10.50
N GLU V 737 -63.16 -90.31 -11.44
CA GLU V 737 -62.38 -90.10 -12.66
C GLU V 737 -62.10 -88.62 -12.85
N VAL V 738 -61.08 -88.13 -12.16
CA VAL V 738 -60.68 -86.73 -12.23
C VAL V 738 -59.20 -86.64 -11.90
N LEU V 739 -58.49 -85.81 -12.64
CA LEU V 739 -57.08 -85.56 -12.42
C LEU V 739 -56.90 -84.05 -12.29
N LEU V 740 -56.68 -83.58 -11.07
CA LEU V 740 -56.58 -82.15 -10.84
C LEU V 740 -55.28 -81.61 -11.41
N LEU V 741 -55.33 -80.37 -11.91
CA LEU V 741 -54.19 -79.72 -12.51
C LEU V 741 -54.09 -78.29 -12.00
N PRO V 742 -52.89 -77.78 -11.77
CA PRO V 742 -52.75 -76.41 -11.28
C PRO V 742 -52.78 -75.37 -12.39
N ILE V 743 -53.21 -75.75 -13.59
CA ILE V 743 -53.29 -74.84 -14.72
C ILE V 743 -54.48 -75.22 -15.58
N ASP V 744 -54.93 -74.28 -16.38
CA ASP V 744 -56.00 -74.56 -17.33
C ASP V 744 -55.45 -75.41 -18.48
N HIS V 745 -56.35 -76.17 -19.12
CA HIS V 745 -55.98 -76.98 -20.26
C HIS V 745 -57.03 -76.83 -21.36
N GLN V 746 -56.57 -76.85 -22.60
CA GLN V 746 -57.41 -76.69 -23.76
C GLN V 746 -57.18 -77.81 -24.75
N PRO V 747 -58.07 -78.00 -25.71
CA PRO V 747 -57.86 -79.04 -26.73
C PRO V 747 -56.60 -78.74 -27.54
N ALA V 748 -56.07 -79.79 -28.15
CA ALA V 748 -54.76 -79.73 -28.77
C ALA V 748 -54.84 -79.34 -30.23
N ASN V 749 -53.87 -78.52 -30.66
CA ASN V 749 -53.53 -78.37 -32.07
C ASN V 749 -52.18 -77.68 -32.17
N VAL V 750 -51.40 -78.07 -33.18
CA VAL V 750 -50.08 -77.46 -33.36
C VAL V 750 -50.13 -76.17 -34.15
N THR V 751 -51.26 -75.86 -34.79
CA THR V 751 -51.38 -74.67 -35.60
C THR V 751 -52.03 -73.53 -34.82
N THR V 752 -51.40 -73.17 -33.70
CA THR V 752 -51.88 -72.07 -32.89
C THR V 752 -50.75 -71.08 -32.66
N PRO V 753 -51.05 -69.78 -32.69
CA PRO V 753 -49.98 -68.78 -32.71
C PRO V 753 -49.14 -68.80 -31.45
N THR V 754 -47.84 -68.56 -31.62
CA THR V 754 -46.93 -68.49 -30.47
C THR V 754 -47.34 -67.36 -29.53
N LEU V 755 -47.31 -66.13 -30.01
CA LEU V 755 -47.79 -65.02 -29.21
C LEU V 755 -49.30 -65.08 -29.13
N ASP V 756 -49.82 -65.70 -28.07
CA ASP V 756 -51.25 -65.84 -27.86
C ASP V 756 -51.51 -65.50 -26.39
N PHE V 757 -51.88 -64.26 -26.12
CA PHE V 757 -52.08 -63.83 -24.75
C PHE V 757 -53.39 -64.32 -24.16
N THR V 758 -54.13 -65.16 -24.89
CA THR V 758 -55.20 -65.93 -24.27
C THR V 758 -54.63 -67.03 -23.40
N ASN V 759 -53.43 -67.51 -23.70
CA ASN V 759 -52.80 -68.53 -22.89
C ASN V 759 -52.40 -67.95 -21.54
N GLU V 760 -52.62 -68.74 -20.48
CA GLU V 760 -52.38 -68.24 -19.13
C GLU V 760 -50.90 -67.98 -18.88
N LEU V 761 -50.03 -68.90 -19.29
CA LEU V 761 -48.61 -68.73 -18.99
C LEU V 761 -47.98 -67.65 -19.86
N THR V 762 -48.37 -67.57 -21.13
CA THR V 762 -47.89 -66.47 -21.96
C THR V 762 -48.37 -65.13 -21.42
N ASN V 763 -49.62 -65.07 -20.98
CA ASN V 763 -50.14 -63.84 -20.39
C ASN V 763 -49.38 -63.49 -19.12
N TRP V 764 -49.01 -64.50 -18.32
CA TRP V 764 -48.25 -64.24 -17.11
C TRP V 764 -46.88 -63.67 -17.42
N ARG V 765 -46.19 -64.26 -18.40
CA ARG V 765 -44.89 -63.71 -18.80
C ARG V 765 -45.02 -62.27 -19.28
N ALA V 766 -46.03 -62.00 -20.11
CA ALA V 766 -46.21 -60.65 -20.61
C ALA V 766 -46.49 -59.67 -19.48
N ARG V 767 -47.32 -60.05 -18.52
CA ARG V 767 -47.65 -59.14 -17.42
C ARG V 767 -46.45 -58.89 -16.53
N VAL V 768 -45.65 -59.92 -16.23
CA VAL V 768 -44.47 -59.72 -15.41
C VAL V 768 -43.48 -58.80 -16.10
N CYS V 769 -43.29 -59.00 -17.41
CA CYS V 769 -42.39 -58.11 -18.15
C CYS V 769 -42.91 -56.69 -18.16
N GLU V 770 -44.22 -56.50 -18.30
CA GLU V 770 -44.77 -55.16 -18.28
C GLU V 770 -44.55 -54.48 -16.94
N LEU V 771 -44.70 -55.23 -15.84
CA LEU V 771 -44.51 -54.59 -14.54
C LEU V 771 -43.05 -54.23 -14.31
N MET V 772 -42.12 -55.12 -14.70
CA MET V 772 -40.72 -54.76 -14.53
C MET V 772 -40.35 -53.57 -15.41
N LYS V 773 -40.97 -53.46 -16.58
CA LYS V 773 -40.78 -52.27 -17.39
C LYS V 773 -41.25 -51.02 -16.66
N ASN V 774 -42.47 -51.04 -16.12
CA ASN V 774 -42.97 -49.89 -15.37
C ASN V 774 -42.09 -49.57 -14.17
N LEU V 775 -41.47 -50.58 -13.57
CA LEU V 775 -40.56 -50.35 -12.46
C LEU V 775 -39.32 -49.61 -12.93
N VAL V 776 -38.79 -49.98 -14.10
CA VAL V 776 -37.54 -49.39 -14.59
C VAL V 776 -37.73 -48.07 -15.33
N ASP V 777 -38.97 -47.72 -15.70
CA ASP V 777 -39.23 -46.63 -16.64
C ASP V 777 -38.63 -45.31 -16.16
N ASN V 778 -39.10 -44.79 -15.03
CA ASN V 778 -38.77 -43.44 -14.64
C ASN V 778 -37.46 -43.32 -13.88
N GLN V 779 -36.82 -44.44 -13.53
CA GLN V 779 -35.62 -44.43 -12.70
C GLN V 779 -35.91 -43.83 -11.32
N ARG V 780 -37.16 -43.95 -10.89
CA ARG V 780 -37.54 -43.48 -9.56
C ARG V 780 -36.96 -44.36 -8.47
N TYR V 781 -36.67 -45.62 -8.78
CA TYR V 781 -36.23 -46.58 -7.80
C TYR V 781 -34.76 -46.96 -7.95
N GLN V 782 -34.05 -46.35 -8.89
CA GLN V 782 -32.64 -46.68 -9.13
C GLN V 782 -31.80 -45.41 -9.15
N PRO V 783 -31.62 -44.77 -8.00
CA PRO V 783 -30.55 -43.77 -7.89
C PRO V 783 -29.21 -44.46 -7.96
N GLY V 784 -28.16 -43.66 -8.16
CA GLY V 784 -26.83 -44.21 -8.27
C GLY V 784 -26.47 -44.75 -9.63
N TRP V 785 -27.45 -45.10 -10.46
CA TRP V 785 -27.16 -45.39 -11.86
C TRP V 785 -26.79 -44.10 -12.56
N THR V 786 -25.49 -43.91 -12.81
CA THR V 786 -25.04 -42.67 -13.41
C THR V 786 -25.43 -42.58 -14.88
N GLN V 787 -25.32 -43.68 -15.61
CA GLN V 787 -25.78 -43.72 -16.98
C GLN V 787 -27.22 -44.24 -17.03
N SER V 788 -27.95 -43.81 -18.05
CA SER V 788 -29.33 -44.22 -18.20
C SER V 788 -29.40 -45.57 -18.90
N LEU V 789 -29.95 -46.56 -18.22
CA LEU V 789 -30.10 -47.91 -18.77
C LEU V 789 -31.54 -48.21 -19.14
N VAL V 790 -32.38 -47.18 -19.28
CA VAL V 790 -33.79 -47.41 -19.54
C VAL V 790 -33.98 -48.08 -20.90
N SER V 791 -33.27 -47.61 -21.91
CA SER V 791 -33.42 -48.19 -23.24
C SER V 791 -32.94 -49.63 -23.27
N SER V 792 -31.82 -49.94 -22.63
CA SER V 792 -31.32 -51.30 -22.61
C SER V 792 -32.26 -52.23 -21.87
N MET V 793 -32.73 -51.81 -20.69
CA MET V 793 -33.67 -52.61 -19.92
C MET V 793 -34.96 -52.84 -20.69
N ARG V 794 -35.48 -51.80 -21.34
CA ARG V 794 -36.72 -51.95 -22.09
C ARG V 794 -36.54 -52.90 -23.26
N GLY V 795 -35.43 -52.78 -24.00
CA GLY V 795 -35.20 -53.66 -25.12
C GLY V 795 -35.09 -55.12 -24.68
N THR V 796 -34.37 -55.36 -23.59
CA THR V 796 -34.21 -56.73 -23.12
C THR V 796 -35.53 -57.29 -22.62
N LEU V 797 -36.32 -56.50 -21.89
CA LEU V 797 -37.61 -56.99 -21.42
C LEU V 797 -38.55 -57.25 -22.59
N GLY V 798 -38.49 -56.43 -23.63
CA GLY V 798 -39.28 -56.70 -24.82
C GLY V 798 -38.90 -57.99 -25.47
N LYS V 799 -37.59 -58.26 -25.57
CA LYS V 799 -37.14 -59.53 -26.14
C LYS V 799 -37.63 -60.71 -25.30
N LEU V 800 -37.49 -60.60 -23.97
CA LEU V 800 -37.96 -61.67 -23.10
C LEU V 800 -39.45 -61.92 -23.27
N LYS V 801 -40.23 -60.85 -23.39
CA LYS V 801 -41.68 -61.02 -23.52
C LYS V 801 -42.05 -61.62 -24.87
N LEU V 802 -41.36 -61.21 -25.93
CA LEU V 802 -41.72 -61.63 -27.27
C LEU V 802 -40.90 -62.82 -27.76
N ILE V 803 -40.20 -63.51 -26.87
CA ILE V 803 -39.50 -64.72 -27.27
C ILE V 803 -40.48 -65.74 -27.83
N LYS V 804 -40.00 -66.56 -28.77
CA LYS V 804 -40.84 -67.53 -29.47
C LYS V 804 -40.76 -68.91 -28.80
N SER V 805 -41.09 -68.94 -27.53
CA SER V 805 -41.11 -70.21 -26.81
C SER V 805 -42.39 -70.96 -27.11
N MET V 806 -42.33 -72.28 -26.93
CA MET V 806 -43.49 -73.14 -27.14
C MET V 806 -43.82 -73.99 -25.92
N THR V 807 -43.11 -73.82 -24.82
CA THR V 807 -43.41 -74.51 -23.58
C THR V 807 -44.77 -74.12 -23.00
N PRO V 808 -45.21 -72.85 -23.10
CA PRO V 808 -46.59 -72.56 -22.68
C PRO V 808 -47.63 -73.31 -23.48
N MET V 809 -47.50 -73.32 -24.81
CA MET V 809 -48.38 -74.12 -25.65
C MET V 809 -48.36 -75.58 -25.23
N TYR V 810 -47.18 -76.12 -24.97
CA TYR V 810 -47.06 -77.51 -24.58
C TYR V 810 -47.78 -77.78 -23.26
N LEU V 811 -47.45 -77.01 -22.22
CA LEU V 811 -48.06 -77.20 -20.91
C LEU V 811 -49.58 -77.06 -20.99
N GLN V 812 -50.07 -76.18 -21.86
CA GLN V 812 -51.52 -76.00 -21.95
C GLN V 812 -52.18 -77.17 -22.64
N GLN V 813 -51.59 -77.67 -23.72
CA GLN V 813 -52.31 -78.60 -24.59
C GLN V 813 -51.90 -80.05 -24.42
N LEU V 814 -50.61 -80.36 -24.46
CA LEU V 814 -50.16 -81.74 -24.59
C LEU V 814 -49.67 -82.35 -23.28
N ALA V 815 -49.35 -81.55 -22.29
CA ALA V 815 -48.91 -82.09 -21.02
C ALA V 815 -50.03 -82.81 -20.28
N PRO V 816 -51.22 -82.22 -20.16
CA PRO V 816 -52.32 -82.94 -19.48
C PRO V 816 -52.69 -84.25 -20.15
N VAL V 817 -52.67 -84.31 -21.48
CA VAL V 817 -53.04 -85.56 -22.13
C VAL V 817 -51.99 -86.63 -21.84
N GLU V 818 -50.71 -86.26 -21.76
CA GLU V 818 -49.69 -87.23 -21.41
C GLU V 818 -49.83 -87.70 -19.97
N LEU V 819 -50.13 -86.78 -19.05
CA LEU V 819 -50.35 -87.18 -17.66
C LEU V 819 -51.54 -88.12 -17.56
N ALA V 820 -52.60 -87.88 -18.33
CA ALA V 820 -53.78 -88.73 -18.27
C ALA V 820 -53.53 -90.07 -18.97
N VAL V 821 -52.63 -90.10 -19.94
CA VAL V 821 -52.28 -91.36 -20.58
C VAL V 821 -51.36 -92.20 -19.69
N ILE V 822 -50.59 -91.55 -18.83
CA ILE V 822 -49.66 -92.27 -17.96
C ILE V 822 -50.29 -92.66 -16.63
N ALA V 823 -51.29 -91.91 -16.15
CA ALA V 823 -51.81 -92.11 -14.81
C ALA V 823 -52.34 -93.50 -14.53
N PRO V 824 -53.25 -94.07 -15.32
CA PRO V 824 -53.83 -95.37 -14.97
C PRO V 824 -52.85 -96.53 -14.99
N MET V 825 -51.61 -96.33 -15.43
CA MET V 825 -50.63 -97.40 -15.53
C MET V 825 -49.60 -97.37 -14.42
N LEU V 826 -49.63 -96.37 -13.54
CA LEU V 826 -48.59 -96.20 -12.55
C LEU V 826 -48.70 -97.26 -11.44
N PRO V 827 -47.58 -97.61 -10.82
CA PRO V 827 -47.63 -98.55 -9.69
C PRO V 827 -48.29 -97.92 -8.46
N PHE V 828 -47.87 -96.71 -8.11
CA PHE V 828 -48.44 -95.97 -7.01
C PHE V 828 -49.33 -94.87 -7.58
N PRO V 829 -50.64 -95.08 -7.69
CA PRO V 829 -51.51 -94.16 -8.44
C PRO V 829 -51.56 -92.80 -7.78
N PRO V 830 -52.05 -91.79 -8.48
CA PRO V 830 -51.92 -90.41 -7.99
C PRO V 830 -52.74 -90.18 -6.73
N PHE V 831 -52.14 -89.45 -5.80
CA PHE V 831 -52.77 -89.09 -4.53
C PHE V 831 -52.78 -87.57 -4.46
N GLN V 832 -53.95 -86.97 -4.71
CA GLN V 832 -54.05 -85.53 -4.84
C GLN V 832 -54.94 -84.93 -3.75
N VAL V 833 -54.63 -83.69 -3.41
CA VAL V 833 -55.42 -82.87 -2.50
C VAL V 833 -55.76 -81.62 -3.30
N PRO V 834 -56.94 -81.02 -3.11
CA PRO V 834 -57.41 -79.99 -4.05
C PRO V 834 -56.50 -78.79 -4.16
N TYR V 835 -56.54 -78.16 -5.33
CA TYR V 835 -55.82 -76.93 -5.61
C TYR V 835 -56.76 -75.75 -5.40
N VAL V 836 -56.44 -74.90 -4.44
CA VAL V 836 -57.19 -73.67 -4.20
C VAL V 836 -56.30 -72.51 -4.65
N ARG V 837 -56.81 -71.70 -5.58
CA ARG V 837 -55.97 -70.71 -6.23
C ARG V 837 -55.50 -69.65 -5.25
N LEU V 838 -56.43 -68.90 -4.66
CA LEU V 838 -56.07 -67.92 -3.64
C LEU V 838 -57.01 -67.91 -2.43
N ASP V 839 -58.05 -68.74 -2.42
CA ASP V 839 -58.95 -68.79 -1.27
C ASP V 839 -58.19 -69.38 -0.09
N ARG V 840 -57.89 -68.55 0.91
CA ARG V 840 -57.02 -69.02 1.99
C ARG V 840 -57.72 -69.99 2.91
N ASP V 841 -59.02 -69.84 3.13
CA ASP V 841 -59.70 -70.69 4.09
C ASP V 841 -59.89 -72.12 3.61
N ARG V 842 -59.40 -72.47 2.43
CA ARG V 842 -59.52 -73.83 1.89
C ARG V 842 -58.16 -74.42 1.57
N VAL V 843 -57.08 -73.84 2.08
CA VAL V 843 -55.73 -74.34 1.84
C VAL V 843 -55.49 -75.56 2.70
N PRO V 844 -55.30 -76.74 2.12
CA PRO V 844 -55.05 -77.94 2.93
C PRO V 844 -53.72 -77.82 3.66
N THR V 845 -53.72 -78.20 4.93
CA THR V 845 -52.55 -78.02 5.77
C THR V 845 -52.13 -79.24 6.57
N MET V 846 -52.82 -80.36 6.45
CA MET V 846 -52.49 -81.53 7.25
C MET V 846 -53.21 -82.74 6.69
N VAL V 847 -52.52 -83.88 6.65
CA VAL V 847 -53.07 -85.13 6.15
C VAL V 847 -52.72 -86.23 7.15
N GLY V 848 -53.75 -86.88 7.69
CA GLY V 848 -53.55 -87.92 8.67
C GLY V 848 -54.21 -89.22 8.24
N VAL V 849 -53.95 -90.26 9.02
CA VAL V 849 -54.51 -91.58 8.79
C VAL V 849 -55.02 -92.12 10.12
N THR V 850 -56.15 -92.83 10.08
CA THR V 850 -56.82 -93.27 11.28
C THR V 850 -57.03 -94.78 11.25
N ARG V 851 -56.92 -95.41 12.42
CA ARG V 851 -57.12 -96.85 12.54
C ARG V 851 -58.35 -97.22 13.36
N GLN V 852 -58.71 -96.41 14.35
CA GLN V 852 -59.79 -96.78 15.26
C GLN V 852 -61.13 -96.38 14.68
N SER V 853 -62.18 -96.99 15.21
CA SER V 853 -63.52 -96.76 14.72
C SER V 853 -63.95 -95.33 15.02
N ARG V 854 -65.15 -94.98 14.58
CA ARG V 854 -65.65 -93.62 14.76
C ARG V 854 -66.34 -93.40 16.10
N ASP V 855 -67.02 -94.42 16.62
CA ASP V 855 -67.72 -94.30 17.90
C ASP V 855 -66.88 -94.89 19.03
N THR V 856 -65.74 -94.25 19.29
CA THR V 856 -64.88 -94.68 20.37
C THR V 856 -63.82 -93.63 20.61
N ILE V 857 -63.39 -93.53 21.87
CA ILE V 857 -62.38 -92.56 22.30
C ILE V 857 -61.18 -93.33 22.81
N THR V 858 -60.03 -93.13 22.18
CA THR V 858 -58.81 -93.83 22.55
C THR V 858 -57.64 -92.87 22.65
N GLN V 859 -56.43 -93.40 22.73
CA GLN V 859 -55.25 -92.54 22.73
C GLN V 859 -55.19 -91.76 21.41
N PRO V 860 -54.94 -90.47 21.45
CA PRO V 860 -54.77 -89.74 20.20
C PRO V 860 -53.46 -90.11 19.55
N ALA V 861 -53.50 -90.95 18.53
CA ALA V 861 -52.29 -91.46 17.90
C ALA V 861 -52.23 -90.89 16.48
N LEU V 862 -51.67 -89.69 16.39
CA LEU V 862 -51.57 -89.02 15.09
C LEU V 862 -50.56 -89.75 14.21
N SER V 863 -50.90 -89.90 12.94
CA SER V 863 -49.99 -90.52 12.00
C SER V 863 -48.75 -89.64 11.81
N LEU V 864 -47.68 -90.27 11.35
CA LEU V 864 -46.43 -89.53 11.15
C LEU V 864 -46.54 -88.50 10.04
N SER V 865 -47.53 -88.63 9.15
CA SER V 865 -47.67 -87.69 8.06
C SER V 865 -48.14 -86.32 8.50
N THR V 866 -48.59 -86.18 9.74
CA THR V 866 -49.07 -84.89 10.22
C THR V 866 -47.96 -83.98 10.73
N THR V 867 -46.76 -84.51 10.95
CA THR V 867 -45.67 -83.71 11.49
C THR V 867 -45.00 -82.80 10.45
N ASN V 868 -45.36 -82.93 9.18
CA ASN V 868 -44.76 -82.09 8.16
C ASN V 868 -45.28 -80.66 8.27
N THR V 869 -44.36 -79.70 8.20
CA THR V 869 -44.78 -78.30 8.22
C THR V 869 -45.68 -77.96 7.04
N THR V 870 -45.32 -78.44 5.86
CA THR V 870 -46.18 -78.35 4.69
C THR V 870 -47.23 -79.45 4.76
N VAL V 871 -47.94 -79.68 3.66
CA VAL V 871 -48.89 -80.78 3.65
C VAL V 871 -48.19 -82.11 3.39
N GLY V 872 -47.13 -82.10 2.59
CA GLY V 872 -46.39 -83.31 2.33
C GLY V 872 -44.90 -83.15 2.55
N VAL V 873 -44.11 -84.14 2.16
CA VAL V 873 -42.65 -84.02 2.28
C VAL V 873 -42.17 -82.93 1.33
N PRO V 874 -41.40 -81.96 1.78
CA PRO V 874 -40.96 -80.88 0.88
C PRO V 874 -39.73 -81.27 0.08
N LEU V 875 -39.74 -80.89 -1.20
CA LEU V 875 -38.56 -81.00 -2.04
C LEU V 875 -38.38 -79.70 -2.79
N ALA V 876 -37.13 -79.24 -2.89
CA ALA V 876 -36.82 -77.95 -3.49
C ALA V 876 -36.56 -78.10 -4.98
N LEU V 877 -36.77 -77.02 -5.71
CA LEU V 877 -36.58 -77.01 -7.16
C LEU V 877 -35.74 -75.81 -7.54
N ASP V 878 -35.26 -75.80 -8.78
CA ASP V 878 -34.36 -74.77 -9.28
C ASP V 878 -35.15 -73.80 -10.13
N ALA V 879 -35.34 -72.58 -9.62
CA ALA V 879 -36.11 -71.58 -10.35
C ALA V 879 -35.45 -71.23 -11.67
N ARG V 880 -34.12 -71.19 -11.69
CA ARG V 880 -33.41 -70.86 -12.91
C ARG V 880 -33.67 -71.90 -13.99
N ALA V 881 -33.59 -73.19 -13.63
CA ALA V 881 -33.84 -74.23 -14.61
C ALA V 881 -35.28 -74.22 -15.08
N ILE V 882 -36.23 -74.05 -14.15
CA ILE V 882 -37.63 -74.00 -14.54
C ILE V 882 -37.89 -72.85 -15.49
N THR V 883 -37.29 -71.69 -15.23
CA THR V 883 -37.49 -70.53 -16.09
C THR V 883 -36.88 -70.75 -17.47
N VAL V 884 -35.66 -71.31 -17.53
CA VAL V 884 -35.04 -71.54 -18.82
C VAL V 884 -35.85 -72.54 -19.64
N ALA V 885 -36.31 -73.62 -19.00
CA ALA V 885 -37.10 -74.61 -19.72
C ALA V 885 -38.45 -74.05 -20.15
N LEU V 886 -39.04 -73.18 -19.34
CA LEU V 886 -40.32 -72.56 -19.65
C LEU V 886 -40.19 -71.43 -20.64
N LEU V 887 -38.97 -70.95 -20.88
CA LEU V 887 -38.73 -69.82 -21.75
C LEU V 887 -38.10 -70.21 -23.09
N SER V 888 -37.53 -71.40 -23.21
CA SER V 888 -36.91 -71.83 -24.46
C SER V 888 -37.31 -73.27 -24.76
N GLY V 889 -38.28 -73.46 -25.65
CA GLY V 889 -38.72 -74.79 -26.03
C GLY V 889 -39.31 -74.78 -27.42
N LYS V 890 -39.35 -75.97 -28.03
CA LYS V 890 -39.80 -76.08 -29.41
C LYS V 890 -40.19 -77.51 -29.70
N TYR V 891 -40.90 -77.69 -30.82
CA TYR V 891 -41.30 -78.98 -31.36
C TYR V 891 -40.37 -79.38 -32.50
N PRO V 892 -40.39 -80.65 -32.89
CA PRO V 892 -39.74 -81.03 -34.14
C PRO V 892 -40.49 -80.42 -35.32
N PRO V 893 -39.79 -80.09 -36.41
CA PRO V 893 -40.43 -79.34 -37.49
C PRO V 893 -41.54 -80.09 -38.20
N ASP V 894 -41.63 -81.41 -38.06
CA ASP V 894 -42.60 -82.19 -38.81
C ASP V 894 -43.40 -83.10 -37.90
N LEU V 895 -43.85 -82.57 -36.77
CA LEU V 895 -44.63 -83.36 -35.84
C LEU V 895 -46.03 -83.61 -36.38
N VAL V 896 -46.38 -84.87 -36.55
CA VAL V 896 -47.76 -85.29 -36.76
C VAL V 896 -48.20 -85.96 -35.47
N THR V 897 -49.14 -85.32 -34.77
CA THR V 897 -49.43 -85.70 -33.39
C THR V 897 -49.98 -87.11 -33.28
N ASN V 898 -50.79 -87.54 -34.26
CA ASN V 898 -51.35 -88.88 -34.22
C ASN V 898 -50.24 -89.93 -34.28
N VAL V 899 -49.35 -89.79 -35.26
CA VAL V 899 -48.24 -90.74 -35.39
C VAL V 899 -47.37 -90.71 -34.15
N TRP V 900 -47.04 -89.52 -33.65
CA TRP V 900 -46.16 -89.41 -32.50
C TRP V 900 -46.75 -90.12 -31.29
N TYR V 901 -47.98 -89.80 -30.93
CA TYR V 901 -48.53 -90.40 -29.72
C TYR V 901 -48.90 -91.85 -29.91
N ALA V 902 -49.21 -92.30 -31.13
CA ALA V 902 -49.41 -93.73 -31.32
C ALA V 902 -48.10 -94.49 -31.08
N ASP V 903 -47.02 -94.05 -31.71
CA ASP V 903 -45.74 -94.72 -31.52
C ASP V 903 -45.22 -94.58 -30.10
N ALA V 904 -45.64 -93.55 -29.37
CA ALA V 904 -45.20 -93.39 -27.99
C ALA V 904 -46.08 -94.11 -26.99
N ILE V 905 -47.32 -94.41 -27.35
CA ILE V 905 -48.21 -95.14 -26.46
C ILE V 905 -48.09 -96.64 -26.63
N TYR V 906 -47.77 -97.12 -27.83
CA TYR V 906 -47.72 -98.57 -28.06
C TYR V 906 -46.72 -99.27 -27.15
N PRO V 907 -45.43 -98.92 -27.16
CA PRO V 907 -44.46 -99.70 -26.38
C PRO V 907 -44.61 -99.58 -24.87
N MET V 908 -45.39 -98.62 -24.36
CA MET V 908 -45.52 -98.48 -22.92
C MET V 908 -46.84 -99.01 -22.36
N TYR V 909 -47.81 -99.32 -23.21
CA TYR V 909 -48.91 -100.17 -22.76
C TYR V 909 -48.57 -101.65 -22.87
N ALA V 910 -47.58 -101.99 -23.70
CA ALA V 910 -47.15 -103.37 -23.84
C ALA V 910 -46.43 -103.89 -22.62
N ASP V 911 -46.10 -103.02 -21.67
CA ASP V 911 -45.48 -103.40 -20.40
C ASP V 911 -46.29 -102.85 -19.24
N THR V 912 -47.61 -103.03 -19.31
CA THR V 912 -48.50 -102.58 -18.26
C THR V 912 -48.74 -103.70 -17.26
N GLU V 913 -48.80 -103.34 -15.98
CA GLU V 913 -49.02 -104.29 -14.91
C GLU V 913 -50.24 -103.93 -14.08
N VAL V 914 -51.20 -103.25 -14.73
CA VAL V 914 -52.44 -102.84 -14.05
C VAL V 914 -53.17 -104.06 -13.50
N PHE V 915 -53.12 -105.18 -14.22
CA PHE V 915 -53.91 -106.33 -13.80
C PHE V 915 -53.29 -107.02 -12.59
N SER V 916 -51.96 -107.17 -12.59
CA SER V 916 -51.28 -107.65 -11.39
C SER V 916 -51.53 -106.73 -10.20
N ASN V 917 -51.53 -105.42 -10.45
CA ASN V 917 -51.80 -104.49 -9.35
C ASN V 917 -53.22 -104.66 -8.82
N LEU V 918 -54.19 -104.92 -9.70
CA LEU V 918 -55.55 -105.14 -9.24
C LEU V 918 -55.65 -106.38 -8.37
N GLN V 919 -55.01 -107.48 -8.80
CA GLN V 919 -55.03 -108.69 -7.97
C GLN V 919 -54.36 -108.44 -6.61
N ARG V 920 -53.26 -107.71 -6.61
CA ARG V 920 -52.59 -107.45 -5.34
C ARG V 920 -53.44 -106.55 -4.45
N ASP V 921 -54.23 -105.64 -5.02
CA ASP V 921 -55.13 -104.83 -4.20
C ASP V 921 -56.23 -105.69 -3.59
N VAL V 922 -56.74 -106.67 -4.34
CA VAL V 922 -57.64 -107.67 -3.78
C VAL V 922 -57.04 -108.29 -2.53
N ILE V 923 -55.82 -108.82 -2.68
CA ILE V 923 -55.21 -109.54 -1.56
C ILE V 923 -54.95 -108.61 -0.39
N THR V 924 -54.60 -107.36 -0.66
CA THR V 924 -54.33 -106.42 0.43
C THR V 924 -55.59 -106.14 1.24
N CYS V 925 -56.70 -105.83 0.56
CA CYS V 925 -57.93 -105.58 1.29
C CYS V 925 -58.37 -106.82 2.07
N GLU V 926 -58.22 -108.00 1.47
CA GLU V 926 -58.58 -109.22 2.16
C GLU V 926 -57.75 -109.42 3.42
N ALA V 927 -56.45 -109.16 3.33
CA ALA V 927 -55.57 -109.32 4.49
C ALA V 927 -55.92 -108.32 5.58
N VAL V 928 -56.27 -107.09 5.21
CA VAL V 928 -56.64 -106.10 6.21
C VAL V 928 -57.89 -106.56 6.97
N GLN V 929 -58.90 -106.99 6.24
CA GLN V 929 -60.13 -107.43 6.89
C GLN V 929 -59.89 -108.63 7.79
N THR V 930 -59.10 -109.61 7.32
CA THR V 930 -58.86 -110.79 8.13
C THR V 930 -58.03 -110.46 9.36
N LEU V 931 -57.07 -109.54 9.24
CA LEU V 931 -56.27 -109.16 10.40
C LEU V 931 -57.13 -108.48 11.46
N VAL V 932 -58.03 -107.59 11.04
CA VAL V 932 -58.93 -106.96 12.01
C VAL V 932 -59.79 -108.02 12.68
N THR V 933 -60.45 -108.86 11.88
CA THR V 933 -61.36 -109.86 12.42
C THR V 933 -60.65 -110.84 13.34
N LEU V 934 -59.35 -111.05 13.13
CA LEU V 934 -58.61 -112.04 13.91
C LEU V 934 -57.99 -111.43 15.16
N VAL V 935 -57.47 -110.21 15.08
CA VAL V 935 -56.91 -109.57 16.26
C VAL V 935 -58.00 -109.10 17.22
N ALA V 936 -59.23 -108.95 16.74
CA ALA V 936 -60.30 -108.60 17.67
C ALA V 936 -60.67 -109.74 18.62
N GLN V 937 -60.12 -110.93 18.43
CA GLN V 937 -60.47 -112.08 19.25
C GLN V 937 -59.64 -112.20 20.51
N ILE V 938 -58.41 -111.71 20.51
CA ILE V 938 -57.47 -111.93 21.60
C ILE V 938 -57.21 -110.66 22.40
N SER V 939 -58.04 -109.64 22.23
CA SER V 939 -57.82 -108.38 22.93
C SER V 939 -59.18 -107.75 23.18
N GLU V 940 -59.19 -106.47 23.52
CA GLU V 940 -60.41 -105.72 23.76
C GLU V 940 -60.51 -104.64 22.68
N THR V 941 -61.54 -104.75 21.84
CA THR V 941 -61.69 -103.85 20.71
C THR V 941 -63.17 -103.68 20.42
N GLN V 942 -63.53 -102.52 19.86
CA GLN V 942 -64.89 -102.19 19.51
C GLN V 942 -65.36 -102.85 18.21
N TYR V 943 -64.65 -103.86 17.71
CA TYR V 943 -65.07 -104.54 16.50
C TYR V 943 -65.65 -105.90 16.86
N PRO V 944 -66.95 -105.98 17.11
CA PRO V 944 -67.53 -107.24 17.59
C PRO V 944 -67.86 -108.20 16.47
N VAL V 945 -67.23 -109.36 16.42
CA VAL V 945 -67.61 -110.42 15.48
C VAL V 945 -67.72 -111.73 16.24
N ASP V 946 -68.89 -111.99 16.81
CA ASP V 946 -69.45 -113.32 17.10
C ASP V 946 -68.70 -114.19 18.12
N ARG V 947 -67.47 -113.84 18.48
CA ARG V 947 -66.69 -114.44 19.58
C ARG V 947 -66.92 -115.94 19.75
N TYR V 948 -66.62 -116.70 18.69
CA TYR V 948 -67.04 -118.10 18.65
C TYR V 948 -66.34 -118.93 19.73
N LEU V 949 -65.05 -118.71 19.96
CA LEU V 949 -64.31 -119.48 20.95
C LEU V 949 -63.77 -118.54 22.03
N ASP V 950 -64.29 -118.69 23.24
CA ASP V 950 -63.75 -118.04 24.42
C ASP V 950 -63.47 -119.00 25.54
N TRP V 951 -63.84 -120.28 25.41
CA TRP V 951 -63.51 -121.27 26.42
C TRP V 951 -62.02 -121.62 26.40
N ILE V 952 -61.32 -121.31 25.31
CA ILE V 952 -59.87 -121.47 25.26
C ILE V 952 -59.26 -120.30 26.04
N PRO V 953 -58.48 -120.57 27.08
CA PRO V 953 -57.97 -119.46 27.90
C PRO V 953 -56.98 -118.61 27.14
N SER V 954 -56.78 -117.39 27.64
CA SER V 954 -55.82 -116.46 27.06
C SER V 954 -55.70 -115.26 27.99
N LEU V 955 -54.91 -114.28 27.55
CA LEU V 955 -54.73 -113.03 28.26
C LEU V 955 -55.21 -111.89 27.38
N ARG V 956 -55.40 -110.72 27.99
CA ARG V 956 -55.79 -109.52 27.26
C ARG V 956 -54.53 -108.91 26.67
N ALA V 957 -54.26 -109.21 25.41
CA ALA V 957 -52.99 -108.88 24.80
C ALA V 957 -52.80 -107.37 24.72
N SER V 958 -51.58 -106.91 25.01
CA SER V 958 -51.24 -105.52 24.92
C SER V 958 -50.78 -105.19 23.50
N ALA V 959 -50.24 -104.00 23.31
CA ALA V 959 -49.83 -103.55 21.98
C ALA V 959 -48.75 -104.44 21.40
N ALA V 960 -47.73 -104.76 22.20
CA ALA V 960 -46.61 -105.54 21.69
C ALA V 960 -47.03 -106.96 21.34
N THR V 961 -47.81 -107.60 22.21
CA THR V 961 -48.27 -108.96 21.94
C THR V 961 -49.17 -109.00 20.73
N ALA V 962 -50.11 -108.06 20.63
CA ALA V 962 -50.97 -108.01 19.45
C ALA V 962 -50.16 -107.74 18.20
N ALA V 963 -49.10 -106.95 18.30
CA ALA V 963 -48.29 -106.63 17.13
C ALA V 963 -47.52 -107.85 16.64
N THR V 964 -46.91 -108.60 17.56
CA THR V 964 -46.21 -109.81 17.14
C THR V 964 -47.19 -110.83 16.56
N PHE V 965 -48.38 -110.94 17.15
CA PHE V 965 -49.38 -111.84 16.60
C PHE V 965 -49.76 -111.45 15.18
N ALA V 966 -50.01 -110.15 14.96
CA ALA V 966 -50.32 -109.69 13.61
C ALA V 966 -49.16 -109.91 12.67
N GLU V 967 -47.92 -109.89 13.17
CA GLU V 967 -46.78 -110.20 12.33
C GLU V 967 -46.81 -111.65 11.88
N TRP V 968 -47.13 -112.56 12.78
CA TRP V 968 -47.26 -113.97 12.38
C TRP V 968 -48.35 -114.13 11.33
N VAL V 969 -49.48 -113.44 11.52
CA VAL V 969 -50.59 -113.53 10.56
C VAL V 969 -50.13 -113.03 9.18
N ASN V 970 -49.50 -111.86 9.16
CA ASN V 970 -48.99 -111.28 7.93
C ASN V 970 -48.04 -112.22 7.22
N THR V 971 -47.05 -112.74 7.95
CA THR V 971 -46.06 -113.61 7.33
C THR V 971 -46.69 -114.88 6.80
N SER V 972 -47.69 -115.41 7.51
CA SER V 972 -48.36 -116.61 7.02
C SER V 972 -49.10 -116.34 5.73
N MET V 973 -49.80 -115.21 5.64
CA MET V 973 -50.53 -114.91 4.40
C MET V 973 -49.56 -114.68 3.24
N LYS V 974 -48.45 -113.98 3.49
CA LYS V 974 -47.46 -113.78 2.45
C LYS V 974 -46.88 -115.10 1.96
N THR V 975 -46.55 -116.00 2.89
CA THR V 975 -46.03 -117.31 2.52
C THR V 975 -47.05 -118.10 1.72
N ALA V 976 -48.33 -117.99 2.09
CA ALA V 976 -49.35 -118.76 1.39
C ALA V 976 -49.54 -118.27 -0.04
N PHE V 977 -49.55 -116.96 -0.25
CA PHE V 977 -49.83 -116.44 -1.57
C PHE V 977 -48.59 -116.16 -2.39
N ASP V 978 -47.40 -116.43 -1.86
CA ASP V 978 -46.16 -116.26 -2.61
C ASP V 978 -45.92 -114.79 -2.95
N LEU V 979 -45.97 -113.96 -1.93
CA LEU V 979 -45.62 -112.56 -2.03
C LEU V 979 -44.30 -112.31 -1.30
N SER V 980 -43.59 -111.28 -1.72
CA SER V 980 -42.35 -110.93 -1.03
C SER V 980 -42.16 -109.44 -0.79
N ASP V 981 -42.91 -108.56 -1.45
CA ASP V 981 -42.62 -107.13 -1.33
C ASP V 981 -43.22 -106.53 -0.06
N MET V 982 -44.55 -106.47 0.03
CA MET V 982 -45.16 -105.72 1.12
C MET V 982 -46.65 -106.02 1.25
N LEU V 983 -47.10 -106.27 2.49
CA LEU V 983 -48.50 -106.51 2.75
C LEU V 983 -48.71 -106.32 4.25
N LEU V 984 -49.40 -105.25 4.65
CA LEU V 984 -49.76 -104.97 6.04
C LEU V 984 -48.60 -104.51 6.92
N GLU V 985 -47.43 -104.26 6.37
CA GLU V 985 -46.32 -103.83 7.20
C GLU V 985 -46.54 -102.48 7.88
N PRO V 986 -47.06 -101.46 7.18
CA PRO V 986 -47.33 -100.19 7.87
C PRO V 986 -48.31 -100.30 9.02
N LEU V 987 -49.23 -101.26 8.98
CA LEU V 987 -50.20 -101.39 10.06
C LEU V 987 -49.57 -101.91 11.35
N LEU V 988 -48.38 -102.49 11.28
CA LEU V 988 -47.76 -103.12 12.44
C LEU V 988 -46.89 -102.15 13.24
N SER V 989 -46.88 -100.88 12.88
CA SER V 989 -46.03 -99.89 13.54
C SER V 989 -46.83 -99.19 14.63
N GLY V 990 -46.95 -99.86 15.77
CA GLY V 990 -47.58 -99.26 16.93
C GLY V 990 -49.06 -99.52 17.04
N ASP V 991 -49.45 -100.30 18.05
CA ASP V 991 -50.85 -100.59 18.37
C ASP V 991 -51.60 -101.13 17.15
N PRO V 992 -51.34 -102.37 16.73
CA PRO V 992 -52.08 -102.94 15.60
C PRO V 992 -53.53 -103.27 15.92
N ARG V 993 -53.98 -103.09 17.16
CA ARG V 993 -55.36 -103.38 17.54
C ARG V 993 -56.26 -102.31 16.95
N MET V 994 -56.50 -102.43 15.65
CA MET V 994 -57.23 -101.43 14.89
C MET V 994 -58.67 -101.90 14.65
N THR V 995 -59.45 -101.01 14.09
CA THR V 995 -60.84 -101.32 13.77
C THR V 995 -61.21 -101.05 12.32
N GLN V 996 -60.69 -99.97 11.73
CA GLN V 996 -60.93 -99.68 10.32
C GLN V 996 -60.08 -98.49 9.90
N LEU V 997 -59.67 -98.50 8.64
CA LEU V 997 -58.82 -97.44 8.10
C LEU V 997 -59.66 -96.27 7.59
N ALA V 998 -59.01 -95.12 7.49
CA ALA V 998 -59.63 -93.91 6.95
C ALA V 998 -58.57 -92.85 6.86
N ILE V 999 -58.75 -91.92 5.92
CA ILE V 999 -57.79 -90.86 5.66
C ILE V 999 -58.52 -89.55 5.54
N GLN V 1000 -57.91 -88.47 6.06
CA GLN V 1000 -58.59 -87.19 6.12
C GLN V 1000 -57.56 -86.08 6.19
N TYR V 1001 -57.83 -84.97 5.52
CA TYR V 1001 -57.05 -83.75 5.65
C TYR V 1001 -57.92 -82.67 6.28
N GLN V 1002 -57.34 -81.48 6.44
CA GLN V 1002 -58.08 -80.35 6.98
C GLN V 1002 -57.72 -79.08 6.23
N GLN V 1003 -58.66 -78.15 6.20
CA GLN V 1003 -58.45 -76.83 5.64
C GLN V 1003 -57.89 -75.90 6.70
N TYR V 1004 -57.60 -74.66 6.31
CA TYR V 1004 -57.07 -73.71 7.27
C TYR V 1004 -58.09 -73.34 8.33
N ASN V 1005 -59.37 -73.23 7.95
CA ASN V 1005 -60.39 -72.72 8.84
C ASN V 1005 -61.00 -73.81 9.72
N GLY V 1006 -60.29 -74.90 9.94
CA GLY V 1006 -60.73 -75.92 10.87
C GLY V 1006 -61.58 -77.02 10.28
N ARG V 1007 -62.18 -76.80 9.12
CA ARG V 1007 -62.96 -77.85 8.49
C ARG V 1007 -62.07 -79.01 8.09
N THR V 1008 -62.57 -80.22 8.26
CA THR V 1008 -61.84 -81.44 7.93
C THR V 1008 -62.72 -82.34 7.10
N PHE V 1009 -62.09 -83.03 6.15
CA PHE V 1009 -62.78 -83.93 5.23
C PHE V 1009 -62.31 -85.35 5.50
N ASN V 1010 -63.24 -86.22 5.90
CA ASN V 1010 -62.93 -87.56 6.37
C ASN V 1010 -63.50 -88.57 5.40
N VAL V 1011 -62.65 -89.47 4.89
CA VAL V 1011 -63.06 -90.51 3.96
C VAL V 1011 -62.92 -91.87 4.64
N ILE V 1012 -63.91 -92.72 4.45
CA ILE V 1012 -63.92 -94.03 5.11
C ILE V 1012 -64.37 -95.08 4.10
N PRO V 1013 -63.45 -95.83 3.49
CA PRO V 1013 -63.86 -96.87 2.54
C PRO V 1013 -64.69 -97.95 3.19
N GLU V 1014 -65.89 -98.15 2.67
CA GLU V 1014 -66.80 -99.16 3.20
C GLU V 1014 -66.28 -100.54 2.78
N MET V 1015 -65.58 -101.20 3.70
CA MET V 1015 -64.93 -102.45 3.36
C MET V 1015 -65.97 -103.55 3.15
N PRO V 1016 -65.95 -104.23 2.02
CA PRO V 1016 -66.92 -105.31 1.78
C PRO V 1016 -66.53 -106.58 2.53
N GLY V 1017 -67.30 -107.64 2.28
CA GLY V 1017 -67.00 -108.92 2.88
C GLY V 1017 -65.67 -109.48 2.39
N SER V 1018 -65.10 -110.37 3.19
CA SER V 1018 -63.79 -110.94 2.91
C SER V 1018 -63.88 -112.45 3.05
N VAL V 1019 -63.52 -113.16 1.97
CA VAL V 1019 -63.74 -114.60 1.93
C VAL V 1019 -62.83 -115.32 2.93
N ILE V 1020 -61.61 -114.83 3.11
CA ILE V 1020 -60.71 -115.51 4.05
C ILE V 1020 -61.22 -115.37 5.47
N ALA V 1021 -61.70 -114.18 5.85
CA ALA V 1021 -62.23 -114.01 7.19
C ALA V 1021 -63.51 -114.81 7.38
N ASP V 1022 -64.36 -114.87 6.35
CA ASP V 1022 -65.56 -115.69 6.46
C ASP V 1022 -65.20 -117.16 6.67
N CYS V 1023 -64.23 -117.66 5.91
CA CYS V 1023 -63.82 -119.05 6.07
C CYS V 1023 -63.18 -119.30 7.42
N VAL V 1024 -62.43 -118.33 7.94
CA VAL V 1024 -61.82 -118.52 9.25
C VAL V 1024 -62.88 -118.58 10.34
N GLN V 1025 -63.89 -117.69 10.26
CA GLN V 1025 -64.96 -117.75 11.24
C GLN V 1025 -65.74 -119.06 11.13
N LEU V 1026 -65.94 -119.55 9.90
CA LEU V 1026 -66.61 -120.84 9.74
C LEU V 1026 -65.80 -121.96 10.36
N THR V 1027 -64.49 -121.99 10.11
CA THR V 1027 -63.69 -123.08 10.67
C THR V 1027 -63.61 -122.98 12.18
N ALA V 1028 -63.66 -121.78 12.74
CA ALA V 1028 -63.71 -121.67 14.19
C ALA V 1028 -65.06 -122.16 14.74
N GLU V 1029 -66.14 -121.82 14.05
CA GLU V 1029 -67.45 -122.31 14.47
C GLU V 1029 -67.52 -123.83 14.42
N VAL V 1030 -66.81 -124.45 13.48
CA VAL V 1030 -66.76 -125.90 13.45
C VAL V 1030 -65.81 -126.45 14.50
N PHE V 1031 -64.73 -125.71 14.79
CA PHE V 1031 -63.81 -126.11 15.86
C PHE V 1031 -64.54 -126.20 17.19
N ASN V 1032 -65.50 -125.30 17.40
CA ASN V 1032 -66.28 -125.29 18.64
C ASN V 1032 -66.90 -126.64 18.95
N HIS V 1033 -67.25 -127.41 17.92
CA HIS V 1033 -67.85 -128.72 18.11
C HIS V 1033 -66.88 -129.87 17.89
N GLU V 1034 -65.89 -129.70 17.00
CA GLU V 1034 -64.96 -130.78 16.66
C GLU V 1034 -63.57 -130.52 17.22
N TYR V 1035 -63.48 -129.88 18.38
CA TYR V 1035 -62.18 -129.57 18.98
C TYR V 1035 -61.34 -130.82 19.24
N ASN V 1036 -61.97 -131.96 19.50
CA ASN V 1036 -61.21 -133.16 19.82
C ASN V 1036 -60.30 -133.57 18.66
N LEU V 1037 -60.77 -133.39 17.43
CA LEU V 1037 -60.01 -133.86 16.28
C LEU V 1037 -58.72 -133.07 16.07
N PHE V 1038 -58.62 -131.86 16.63
CA PHE V 1038 -57.39 -131.09 16.59
C PHE V 1038 -56.55 -131.28 17.85
N GLY V 1039 -56.76 -132.37 18.57
CA GLY V 1039 -55.97 -132.68 19.74
C GLY V 1039 -56.15 -131.71 20.89
N ILE V 1040 -57.41 -131.44 21.24
CA ILE V 1040 -57.74 -130.54 22.34
C ILE V 1040 -58.95 -131.10 23.08
N ALA V 1041 -59.01 -130.84 24.37
CA ALA V 1041 -60.15 -131.25 25.19
C ALA V 1041 -60.66 -130.06 25.97
N ARG V 1042 -61.97 -130.03 26.20
CA ARG V 1042 -62.58 -128.96 26.96
C ARG V 1042 -62.69 -129.35 28.43
N GLY V 1043 -63.00 -128.37 29.26
CA GLY V 1043 -63.25 -128.62 30.67
C GLY V 1043 -61.99 -128.65 31.50
N ASP V 1044 -61.90 -129.62 32.40
CA ASP V 1044 -60.75 -129.71 33.29
C ASP V 1044 -60.54 -131.16 33.69
N ILE V 1045 -59.44 -131.40 34.39
CA ILE V 1045 -59.04 -132.73 34.79
C ILE V 1045 -59.15 -132.86 36.30
N ILE V 1046 -59.41 -134.08 36.77
CA ILE V 1046 -59.51 -134.39 38.18
C ILE V 1046 -58.37 -135.34 38.53
N ILE V 1047 -57.50 -134.91 39.42
CA ILE V 1047 -56.33 -135.69 39.82
C ILE V 1047 -56.67 -136.40 41.13
N GLY V 1048 -56.76 -137.73 41.06
CA GLY V 1048 -57.13 -138.50 42.23
C GLY V 1048 -56.99 -140.00 41.99
N ARG V 1049 -56.52 -140.71 43.01
CA ARG V 1049 -56.25 -142.13 42.86
C ARG V 1049 -57.54 -142.92 42.69
N VAL V 1050 -57.60 -143.74 41.65
CA VAL V 1050 -58.76 -144.58 41.37
C VAL V 1050 -58.30 -145.96 40.97
N GLN V 1051 -58.35 -146.91 41.90
CA GLN V 1051 -57.91 -148.27 41.67
C GLN V 1051 -59.12 -149.19 41.56
N SER V 1052 -59.19 -149.93 40.46
CA SER V 1052 -60.27 -150.89 40.25
C SER V 1052 -60.00 -151.64 38.96
N THR V 1053 -60.78 -152.71 38.76
CA THR V 1053 -60.70 -153.51 37.54
C THR V 1053 -61.80 -153.16 36.54
N HIS V 1054 -62.16 -151.89 36.47
CA HIS V 1054 -63.18 -151.41 35.55
C HIS V 1054 -62.54 -150.79 34.32
N LEU V 1055 -63.20 -150.94 33.19
CA LEU V 1055 -62.69 -150.48 31.89
C LEU V 1055 -63.66 -149.41 31.38
N TRP V 1056 -63.39 -148.15 31.74
CA TRP V 1056 -64.32 -147.09 31.39
C TRP V 1056 -63.69 -145.92 30.64
N SER V 1057 -62.48 -146.05 30.10
CA SER V 1057 -61.96 -145.02 29.21
C SER V 1057 -61.89 -143.63 29.80
N PRO V 1058 -60.84 -143.29 30.56
CA PRO V 1058 -60.81 -142.03 31.34
C PRO V 1058 -61.13 -140.74 30.61
N LEU V 1059 -61.27 -140.76 29.29
CA LEU V 1059 -61.77 -139.63 28.54
C LEU V 1059 -63.29 -139.62 28.45
N ALA V 1060 -63.97 -140.47 29.23
CA ALA V 1060 -65.43 -140.50 29.27
C ALA V 1060 -65.86 -140.91 30.67
N PRO V 1061 -65.62 -140.05 31.65
CA PRO V 1061 -65.81 -140.43 33.06
C PRO V 1061 -67.29 -140.59 33.40
N PRO V 1062 -67.62 -141.56 34.24
CA PRO V 1062 -68.99 -141.70 34.75
C PRO V 1062 -69.29 -140.61 35.77
N PRO V 1063 -70.55 -140.45 36.17
CA PRO V 1063 -70.88 -139.31 37.05
C PRO V 1063 -70.32 -139.42 38.44
N ASP V 1064 -69.92 -140.62 38.90
CA ASP V 1064 -69.55 -140.79 40.30
C ASP V 1064 -68.26 -140.08 40.63
N LEU V 1065 -67.26 -140.17 39.75
CA LEU V 1065 -65.93 -139.66 40.06
C LEU V 1065 -65.82 -138.16 39.93
N VAL V 1066 -66.81 -137.49 39.36
CA VAL V 1066 -66.72 -136.06 39.05
C VAL V 1066 -67.46 -135.27 40.12
N PHE V 1067 -66.88 -134.12 40.49
CA PHE V 1067 -67.50 -133.19 41.42
C PHE V 1067 -67.36 -131.77 40.87
N ASP V 1068 -68.17 -130.87 41.40
CA ASP V 1068 -68.11 -129.46 40.99
C ASP V 1068 -68.60 -128.59 42.15
N ARG V 1069 -68.87 -127.33 41.84
CA ARG V 1069 -69.25 -126.38 42.89
C ARG V 1069 -70.57 -126.78 43.55
N ASP V 1070 -71.50 -127.33 42.77
CA ASP V 1070 -72.75 -127.82 43.35
C ASP V 1070 -72.50 -128.96 44.33
N THR V 1071 -71.43 -129.72 44.14
CA THR V 1071 -71.14 -130.87 44.97
C THR V 1071 -70.94 -130.44 46.42
N PRO V 1072 -71.71 -130.97 47.36
CA PRO V 1072 -71.53 -130.59 48.77
C PRO V 1072 -70.22 -131.12 49.32
N GLY V 1073 -69.66 -130.38 50.28
CA GLY V 1073 -68.40 -130.77 50.87
C GLY V 1073 -67.20 -130.52 49.99
N VAL V 1074 -67.28 -129.53 49.12
CA VAL V 1074 -66.18 -129.17 48.22
C VAL V 1074 -65.59 -127.85 48.68
N HIS V 1075 -64.28 -127.71 48.55
CA HIS V 1075 -63.56 -126.52 48.97
C HIS V 1075 -62.96 -125.83 47.75
N ILE V 1076 -63.35 -124.59 47.53
CA ILE V 1076 -62.88 -123.80 46.39
C ILE V 1076 -61.77 -122.89 46.88
N PHE V 1077 -60.65 -122.89 46.17
CA PHE V 1077 -59.46 -122.16 46.59
C PHE V 1077 -59.11 -121.07 45.59
N GLY V 1078 -58.66 -119.93 46.10
CA GLY V 1078 -58.26 -118.81 45.29
C GLY V 1078 -56.77 -118.55 45.36
N ARG V 1079 -56.38 -117.33 45.00
CA ARG V 1079 -54.95 -117.00 44.94
C ARG V 1079 -54.34 -117.01 46.34
N ASP V 1080 -55.08 -116.55 47.35
CA ASP V 1080 -54.57 -116.55 48.72
C ASP V 1080 -54.78 -117.95 49.31
N CYS V 1081 -53.91 -118.86 48.89
CA CYS V 1081 -53.84 -120.19 49.47
C CYS V 1081 -52.49 -120.30 50.16
N ARG V 1082 -52.51 -120.46 51.48
CA ARG V 1082 -51.30 -120.44 52.28
C ARG V 1082 -51.27 -121.65 53.19
N ILE V 1083 -50.17 -122.39 53.14
CA ILE V 1083 -50.01 -123.65 53.87
C ILE V 1083 -49.31 -123.38 55.19
N SER V 1084 -49.79 -124.03 56.25
CA SER V 1084 -49.16 -123.97 57.55
C SER V 1084 -48.99 -125.39 58.06
N PHE V 1085 -47.76 -125.76 58.40
CA PHE V 1085 -47.49 -127.12 58.87
C PHE V 1085 -48.19 -127.36 60.20
N GLY V 1086 -48.39 -128.64 60.50
CA GLY V 1086 -48.90 -129.03 61.79
C GLY V 1086 -47.83 -128.85 62.86
N MET V 1087 -48.21 -129.20 64.08
CA MET V 1087 -47.28 -129.11 65.20
C MET V 1087 -47.59 -130.21 66.19
N ASN V 1088 -46.58 -131.02 66.53
CA ASN V 1088 -46.70 -132.02 67.57
C ASN V 1088 -47.76 -133.06 67.24
N GLY V 1089 -47.90 -133.40 65.97
CA GLY V 1089 -48.83 -134.41 65.53
C GLY V 1089 -50.04 -133.89 64.79
N ALA V 1090 -50.26 -132.58 64.78
CA ALA V 1090 -51.39 -132.03 64.05
C ALA V 1090 -51.18 -132.19 62.56
N ALA V 1091 -52.19 -131.82 61.79
CA ALA V 1091 -52.11 -131.95 60.34
C ALA V 1091 -51.88 -130.60 59.69
N PRO V 1092 -51.20 -130.56 58.55
CA PRO V 1092 -51.06 -129.30 57.82
C PRO V 1092 -52.43 -128.80 57.37
N MET V 1093 -52.47 -127.53 56.99
CA MET V 1093 -53.74 -126.93 56.60
C MET V 1093 -53.53 -125.91 55.49
N ILE V 1094 -54.46 -125.89 54.54
CA ILE V 1094 -54.45 -124.97 53.43
C ILE V 1094 -55.54 -123.93 53.67
N ARG V 1095 -55.34 -122.74 53.10
CA ARG V 1095 -56.25 -121.62 53.31
C ARG V 1095 -57.37 -121.65 52.28
N ASP V 1096 -58.59 -121.84 52.76
CA ASP V 1096 -59.76 -121.84 51.89
C ASP V 1096 -59.97 -120.44 51.31
N GLU V 1097 -60.91 -120.34 50.36
CA GLU V 1097 -61.26 -119.03 49.83
C GLU V 1097 -62.16 -118.25 50.78
N THR V 1098 -63.05 -118.94 51.49
CA THR V 1098 -63.91 -118.27 52.46
C THR V 1098 -63.12 -117.77 53.67
N GLY V 1099 -61.92 -118.28 53.90
CA GLY V 1099 -61.07 -117.84 54.98
C GLY V 1099 -60.69 -118.93 55.95
N MET V 1100 -61.42 -120.04 55.99
CA MET V 1100 -61.13 -121.09 56.95
C MET V 1100 -59.93 -121.92 56.49
N MET V 1101 -59.38 -122.66 57.44
CA MET V 1101 -58.29 -123.59 57.18
C MET V 1101 -58.85 -125.00 57.09
N VAL V 1102 -58.26 -125.82 56.22
CA VAL V 1102 -58.72 -127.19 56.03
C VAL V 1102 -57.53 -128.11 55.88
N PRO V 1103 -57.68 -129.35 56.35
CA PRO V 1103 -56.61 -130.34 56.22
C PRO V 1103 -56.52 -130.84 54.78
N PHE V 1104 -55.55 -131.72 54.55
CA PHE V 1104 -55.29 -132.24 53.20
C PHE V 1104 -56.17 -133.46 52.95
N GLU V 1105 -57.46 -133.21 52.81
CA GLU V 1105 -58.42 -134.28 52.60
C GLU V 1105 -59.58 -133.79 51.75
N GLY V 1106 -60.31 -134.73 51.16
CA GLY V 1106 -61.51 -134.40 50.44
C GLY V 1106 -61.26 -133.91 49.03
N ASN V 1107 -62.26 -133.22 48.49
CA ASN V 1107 -62.24 -132.74 47.12
C ASN V 1107 -61.95 -131.25 47.10
N TRP V 1108 -60.98 -130.85 46.27
CA TRP V 1108 -60.59 -129.46 46.12
C TRP V 1108 -60.86 -128.99 44.70
N ILE V 1109 -60.78 -127.69 44.50
CA ILE V 1109 -60.92 -127.10 43.17
C ILE V 1109 -59.92 -125.98 42.99
N PHE V 1110 -58.84 -126.25 42.27
CA PHE V 1110 -57.87 -125.22 41.96
C PHE V 1110 -58.20 -124.54 40.65
N PRO V 1111 -57.78 -123.30 40.48
CA PRO V 1111 -57.43 -122.82 39.14
C PRO V 1111 -56.06 -123.38 38.77
N LEU V 1112 -55.78 -123.39 37.46
CA LEU V 1112 -54.47 -123.85 37.04
C LEU V 1112 -53.38 -122.86 37.45
N ALA V 1113 -53.76 -121.60 37.64
CA ALA V 1113 -52.77 -120.58 37.98
C ALA V 1113 -52.13 -120.85 39.33
N LEU V 1114 -52.89 -121.39 40.29
CA LEU V 1114 -52.32 -121.67 41.61
C LEU V 1114 -51.15 -122.63 41.52
N TRP V 1115 -51.36 -123.76 40.85
CA TRP V 1115 -50.28 -124.72 40.68
C TRP V 1115 -49.16 -124.13 39.84
N GLN V 1116 -49.51 -123.46 38.74
CA GLN V 1116 -48.49 -122.90 37.87
C GLN V 1116 -47.67 -121.84 38.58
N MET V 1117 -48.21 -121.25 39.65
CA MET V 1117 -47.42 -120.36 40.49
C MET V 1117 -46.54 -121.15 41.44
N ASN V 1118 -47.14 -121.89 42.36
CA ASN V 1118 -46.38 -122.59 43.40
C ASN V 1118 -46.14 -124.05 43.08
N THR V 1119 -45.62 -124.36 41.88
CA THR V 1119 -45.36 -125.75 41.52
C THR V 1119 -44.36 -126.41 42.47
N ARG V 1120 -43.15 -125.85 42.60
CA ARG V 1120 -42.10 -126.53 43.34
C ARG V 1120 -42.43 -126.71 44.81
N TYR V 1121 -43.38 -125.94 45.34
CA TYR V 1121 -43.79 -126.01 46.73
C TYR V 1121 -45.03 -126.89 46.93
N PHE V 1122 -46.09 -126.64 46.16
CA PHE V 1122 -47.29 -127.46 46.26
C PHE V 1122 -47.01 -128.91 45.92
N ASN V 1123 -46.06 -129.18 45.02
CA ASN V 1123 -45.80 -130.55 44.65
C ASN V 1123 -45.20 -131.32 45.82
N GLN V 1124 -44.15 -130.76 46.44
CA GLN V 1124 -43.55 -131.37 47.62
C GLN V 1124 -44.52 -131.43 48.78
N GLN V 1125 -45.50 -130.54 48.83
CA GLN V 1125 -46.47 -130.59 49.93
C GLN V 1125 -47.58 -131.60 49.71
N PHE V 1126 -47.97 -131.85 48.46
CA PHE V 1126 -49.17 -132.63 48.17
C PHE V 1126 -48.90 -133.99 47.54
N ASP V 1127 -47.64 -134.32 47.24
CA ASP V 1127 -47.35 -135.53 46.49
C ASP V 1127 -47.82 -136.79 47.21
N ALA V 1128 -47.37 -136.97 48.45
CA ALA V 1128 -47.71 -138.18 49.19
C ALA V 1128 -49.21 -138.28 49.43
N TRP V 1129 -49.86 -137.14 49.69
CA TRP V 1129 -51.28 -137.14 49.98
C TRP V 1129 -52.08 -137.51 48.73
N ILE V 1130 -51.67 -137.02 47.56
CA ILE V 1130 -52.34 -137.43 46.33
C ILE V 1130 -52.09 -138.90 46.04
N LYS V 1131 -50.87 -139.37 46.31
CA LYS V 1131 -50.49 -140.73 45.93
C LYS V 1131 -51.23 -141.75 46.78
N THR V 1132 -51.04 -141.71 48.10
CA THR V 1132 -51.61 -142.72 48.97
C THR V 1132 -52.68 -142.18 49.92
N GLY V 1133 -52.86 -140.88 50.00
CA GLY V 1133 -53.84 -140.28 50.89
C GLY V 1133 -55.24 -140.38 50.34
N GLU V 1134 -56.07 -139.42 50.73
CA GLU V 1134 -57.44 -139.30 50.26
C GLU V 1134 -57.69 -137.92 49.70
N LEU V 1135 -56.75 -137.43 48.91
CA LEU V 1135 -56.82 -136.08 48.34
C LEU V 1135 -57.15 -136.16 46.86
N ARG V 1136 -58.07 -135.30 46.44
CA ARG V 1136 -58.48 -135.23 45.05
C ARG V 1136 -58.65 -133.77 44.65
N ILE V 1137 -58.03 -133.38 43.54
CA ILE V 1137 -58.02 -131.99 43.10
C ILE V 1137 -58.57 -131.92 41.69
N ARG V 1138 -59.38 -130.90 41.43
CA ARG V 1138 -59.94 -130.65 40.10
C ARG V 1138 -59.32 -129.38 39.54
N ILE V 1139 -58.17 -129.51 38.90
CA ILE V 1139 -57.52 -128.37 38.28
C ILE V 1139 -58.32 -127.96 37.05
N GLU V 1140 -58.83 -126.73 37.07
CA GLU V 1140 -59.68 -126.23 35.99
C GLU V 1140 -58.84 -125.44 34.99
N MET V 1141 -58.95 -125.82 33.71
CA MET V 1141 -58.05 -125.30 32.69
C MET V 1141 -58.79 -124.72 31.50
N GLY V 1142 -59.97 -125.26 31.20
CA GLY V 1142 -60.71 -124.83 30.04
C GLY V 1142 -60.34 -125.61 28.80
N ALA V 1143 -59.12 -125.42 28.31
CA ALA V 1143 -58.60 -126.15 27.16
C ALA V 1143 -57.23 -126.68 27.49
N TYR V 1144 -56.91 -127.87 26.97
CA TYR V 1144 -55.60 -128.43 27.21
C TYR V 1144 -55.30 -129.51 26.18
N PRO V 1145 -54.09 -129.56 25.64
CA PRO V 1145 -53.73 -130.66 24.75
C PRO V 1145 -53.48 -131.93 25.55
N TYR V 1146 -53.81 -133.06 24.96
CA TYR V 1146 -53.71 -134.34 25.63
C TYR V 1146 -52.80 -135.29 24.85
N MET V 1147 -52.52 -136.43 25.48
CA MET V 1147 -51.62 -137.44 24.92
C MET V 1147 -52.01 -138.78 25.52
N LEU V 1148 -52.18 -139.79 24.67
CA LEU V 1148 -52.76 -141.06 25.09
C LEU V 1148 -51.67 -142.11 25.31
N HIS V 1149 -51.86 -142.95 26.32
CA HIS V 1149 -50.98 -144.07 26.62
C HIS V 1149 -51.85 -145.31 26.76
N TYR V 1150 -51.92 -146.14 25.72
CA TYR V 1150 -52.70 -147.36 25.80
C TYR V 1150 -51.93 -148.44 26.55
N TYR V 1151 -52.68 -149.32 27.22
CA TYR V 1151 -52.09 -150.41 27.96
C TYR V 1151 -52.95 -151.65 27.79
N ASP V 1152 -52.41 -152.78 28.22
CA ASP V 1152 -53.13 -154.05 28.15
C ASP V 1152 -53.99 -154.19 29.40
N PRO V 1153 -55.30 -154.30 29.29
CA PRO V 1153 -56.16 -154.39 30.47
C PRO V 1153 -56.17 -155.74 31.16
N ARG V 1154 -55.22 -156.62 30.84
CA ARG V 1154 -55.10 -157.90 31.52
C ARG V 1154 -53.80 -158.01 32.30
N GLN V 1155 -53.20 -156.87 32.66
CA GLN V 1155 -51.97 -156.85 33.42
C GLN V 1155 -51.96 -155.62 34.30
N TYR V 1156 -51.10 -155.65 35.33
CA TYR V 1156 -51.02 -154.54 36.26
C TYR V 1156 -50.56 -153.27 35.56
N ALA V 1157 -51.13 -152.14 35.96
CA ALA V 1157 -50.75 -150.85 35.44
C ALA V 1157 -50.81 -149.81 36.55
N ASN V 1158 -50.04 -148.75 36.40
CA ASN V 1158 -49.99 -147.71 37.43
C ASN V 1158 -49.58 -146.41 36.76
N ALA V 1159 -50.43 -145.40 36.83
CA ALA V 1159 -50.23 -144.14 36.13
C ALA V 1159 -49.45 -143.11 36.94
N TRP V 1160 -48.90 -143.50 38.09
CA TRP V 1160 -48.24 -142.52 38.93
C TRP V 1160 -46.96 -142.00 38.31
N ASN V 1161 -46.21 -142.86 37.63
CA ASN V 1161 -44.95 -142.41 37.05
C ASN V 1161 -45.14 -141.40 35.94
N LEU V 1162 -46.34 -141.35 35.34
CA LEU V 1162 -46.66 -140.33 34.36
C LEU V 1162 -47.29 -139.10 35.00
N THR V 1163 -48.19 -139.32 35.96
CA THR V 1163 -48.84 -138.20 36.64
C THR V 1163 -47.83 -137.34 37.38
N SER V 1164 -46.96 -137.97 38.18
CA SER V 1164 -45.95 -137.22 38.90
C SER V 1164 -44.99 -136.53 37.95
N ALA V 1165 -44.70 -137.14 36.80
CA ALA V 1165 -43.84 -136.48 35.83
C ALA V 1165 -44.48 -135.20 35.31
N TRP V 1166 -45.77 -135.27 34.97
CA TRP V 1166 -46.48 -134.08 34.50
C TRP V 1166 -46.49 -133.00 35.59
N LEU V 1167 -46.80 -133.39 36.82
CA LEU V 1167 -46.87 -132.42 37.91
C LEU V 1167 -45.50 -131.80 38.19
N GLU V 1168 -44.44 -132.58 38.08
CA GLU V 1168 -43.09 -132.04 38.21
C GLU V 1168 -42.80 -131.05 37.09
N GLU V 1169 -43.22 -131.38 35.88
CA GLU V 1169 -42.80 -130.63 34.70
C GLU V 1169 -43.62 -129.36 34.48
N ILE V 1170 -44.76 -129.20 35.18
CA ILE V 1170 -45.44 -127.92 35.13
C ILE V 1170 -44.52 -126.81 35.62
N THR V 1171 -44.66 -125.62 35.04
CA THR V 1171 -43.75 -124.52 35.27
C THR V 1171 -44.53 -123.22 35.11
N PRO V 1172 -44.04 -122.11 35.68
CA PRO V 1172 -44.81 -120.86 35.62
C PRO V 1172 -45.05 -120.31 34.22
N THR V 1173 -44.44 -120.88 33.18
CA THR V 1173 -44.59 -120.34 31.83
C THR V 1173 -45.10 -121.35 30.82
N SER V 1174 -44.99 -122.65 31.07
CA SER V 1174 -45.43 -123.65 30.11
C SER V 1174 -46.14 -124.77 30.84
N ILE V 1175 -46.56 -125.78 30.09
CA ILE V 1175 -47.25 -126.94 30.63
C ILE V 1175 -47.21 -128.04 29.58
N PRO V 1176 -46.81 -129.26 29.93
CA PRO V 1176 -46.80 -130.35 28.97
C PRO V 1176 -48.19 -130.97 28.81
N SER V 1177 -48.36 -131.68 27.70
CA SER V 1177 -49.65 -132.28 27.38
C SER V 1177 -50.05 -133.30 28.43
N VAL V 1178 -51.33 -133.29 28.78
CA VAL V 1178 -51.82 -134.12 29.88
C VAL V 1178 -51.74 -135.59 29.49
N PRO V 1179 -51.09 -136.44 30.27
CA PRO V 1179 -51.03 -137.86 29.91
C PRO V 1179 -52.21 -138.66 30.42
N PHE V 1180 -52.92 -139.33 29.54
CA PHE V 1180 -53.99 -140.24 29.91
C PHE V 1180 -53.54 -141.68 29.76
N MET V 1181 -54.32 -142.60 30.33
CA MET V 1181 -53.99 -144.02 30.34
C MET V 1181 -55.24 -144.81 29.99
N VAL V 1182 -55.40 -145.11 28.70
CA VAL V 1182 -56.62 -145.73 28.19
C VAL V 1182 -56.39 -147.23 28.03
N PRO V 1183 -57.37 -148.07 28.38
CA PRO V 1183 -57.24 -149.50 28.12
C PRO V 1183 -57.44 -149.80 26.64
N ILE V 1184 -57.17 -151.06 26.29
CA ILE V 1184 -57.35 -151.55 24.93
C ILE V 1184 -58.58 -152.44 24.90
N SER V 1185 -59.42 -152.25 23.88
CA SER V 1185 -60.63 -153.03 23.73
C SER V 1185 -60.35 -154.30 22.92
N SER V 1186 -61.09 -155.36 23.22
CA SER V 1186 -60.85 -156.65 22.60
C SER V 1186 -62.17 -157.30 22.20
N ASP V 1187 -62.18 -157.95 21.05
CA ASP V 1187 -63.37 -158.63 20.56
C ASP V 1187 -63.62 -159.98 21.24
N HIS V 1188 -62.74 -160.39 22.15
CA HIS V 1188 -62.88 -161.64 22.88
C HIS V 1188 -62.78 -161.34 24.36
N ASP V 1189 -63.37 -162.21 25.18
CA ASP V 1189 -63.30 -162.00 26.61
C ASP V 1189 -61.87 -162.18 27.11
N ILE V 1190 -61.53 -161.47 28.19
CA ILE V 1190 -60.19 -161.45 28.74
C ILE V 1190 -60.26 -161.49 30.25
N SER V 1191 -59.12 -161.79 30.87
CA SER V 1191 -59.01 -161.70 32.31
C SER V 1191 -59.01 -160.24 32.73
N SER V 1192 -59.03 -160.02 34.04
CA SER V 1192 -59.09 -158.68 34.60
C SER V 1192 -58.02 -158.53 35.67
N ALA V 1193 -57.22 -157.49 35.54
CA ALA V 1193 -56.16 -157.17 36.48
C ALA V 1193 -56.34 -155.76 37.01
N PRO V 1194 -55.79 -155.46 38.18
CA PRO V 1194 -55.98 -154.13 38.77
C PRO V 1194 -55.32 -153.05 37.92
N ALA V 1195 -55.77 -151.82 38.13
CA ALA V 1195 -55.26 -150.67 37.41
C ALA V 1195 -55.40 -149.44 38.28
N VAL V 1196 -54.30 -148.74 38.52
CA VAL V 1196 -54.28 -147.55 39.35
C VAL V 1196 -53.98 -146.37 38.45
N GLN V 1197 -54.99 -145.55 38.19
CA GLN V 1197 -54.82 -144.35 37.37
C GLN V 1197 -55.31 -143.15 38.15
N TYR V 1198 -54.66 -142.01 37.90
CA TYR V 1198 -54.84 -140.82 38.71
C TYR V 1198 -55.53 -139.67 38.00
N ILE V 1199 -55.30 -139.48 36.71
CA ILE V 1199 -55.86 -138.35 35.97
C ILE V 1199 -57.05 -138.83 35.15
N ILE V 1200 -58.15 -138.10 35.21
CA ILE V 1200 -59.30 -138.32 34.35
C ILE V 1200 -59.90 -136.98 34.01
N SER V 1201 -60.60 -136.92 32.88
CA SER V 1201 -61.24 -135.68 32.48
C SER V 1201 -62.53 -135.49 33.27
N THR V 1202 -63.24 -134.41 32.96
CA THR V 1202 -64.50 -134.10 33.63
C THR V 1202 -65.67 -133.99 32.66
N GLU V 1203 -65.50 -134.45 31.42
CA GLU V 1203 -66.58 -134.46 30.44
C GLU V 1203 -66.08 -135.24 29.23
N TYR V 1204 -67.00 -135.50 28.31
CA TYR V 1204 -66.72 -136.37 27.18
C TYR V 1204 -65.69 -135.72 26.26
N ASN V 1205 -64.53 -136.35 26.12
CA ASN V 1205 -63.51 -135.94 25.17
C ASN V 1205 -63.13 -137.06 24.21
N ASP V 1206 -63.89 -138.14 24.20
CA ASP V 1206 -63.60 -139.29 23.35
C ASP V 1206 -64.32 -139.20 22.01
N ARG V 1207 -64.16 -138.06 21.33
CA ARG V 1207 -64.90 -137.82 20.10
C ARG V 1207 -64.09 -138.15 18.85
N SER V 1208 -62.76 -138.11 18.92
CA SER V 1208 -61.93 -138.49 17.79
C SER V 1208 -61.88 -139.99 17.58
N LEU V 1209 -62.36 -140.78 18.53
CA LEU V 1209 -62.35 -142.23 18.38
C LEU V 1209 -63.27 -142.63 17.23
N PHE V 1210 -62.71 -143.34 16.25
CA PHE V 1210 -63.46 -143.69 15.05
C PHE V 1210 -64.12 -145.05 15.18
N CYS V 1211 -63.34 -146.09 15.46
CA CYS V 1211 -63.89 -147.43 15.60
C CYS V 1211 -62.89 -148.30 16.33
N THR V 1212 -63.40 -149.30 17.05
CA THR V 1212 -62.58 -150.21 17.84
C THR V 1212 -62.93 -151.64 17.47
N ASN V 1213 -61.91 -152.43 17.16
CA ASN V 1213 -62.09 -153.80 16.66
C ASN V 1213 -62.86 -153.78 15.34
N SER V 1214 -62.31 -153.04 14.38
CA SER V 1214 -63.02 -152.78 13.13
C SER V 1214 -63.23 -154.05 12.33
N SER V 1215 -62.38 -155.06 12.50
CA SER V 1215 -62.44 -156.27 11.69
C SER V 1215 -63.04 -157.44 12.43
N SER V 1216 -63.78 -157.19 13.51
CA SER V 1216 -64.39 -158.27 14.28
C SER V 1216 -65.90 -158.09 14.29
N PRO V 1217 -66.65 -159.06 14.82
CA PRO V 1217 -68.11 -158.93 14.84
C PRO V 1217 -68.63 -157.98 15.91
N GLN V 1218 -67.91 -157.86 17.03
CA GLN V 1218 -68.36 -157.00 18.11
C GLN V 1218 -67.28 -156.93 19.18
N THR V 1219 -67.28 -155.84 19.93
CA THR V 1219 -66.38 -155.66 21.06
C THR V 1219 -67.03 -156.18 22.33
N ILE V 1220 -66.24 -156.85 23.17
CA ILE V 1220 -66.77 -157.48 24.36
C ILE V 1220 -66.24 -156.83 25.64
N ALA V 1221 -65.06 -156.22 25.62
CA ALA V 1221 -64.50 -155.56 26.80
C ALA V 1221 -63.77 -154.31 26.37
N GLY V 1222 -64.02 -153.22 27.09
CA GLY V 1222 -63.36 -151.97 26.81
C GLY V 1222 -64.28 -150.97 26.13
N PRO V 1223 -63.73 -149.84 25.70
CA PRO V 1223 -64.54 -148.85 25.00
C PRO V 1223 -65.06 -149.39 23.68
N ASP V 1224 -66.37 -149.32 23.50
CA ASP V 1224 -67.03 -149.80 22.30
C ASP V 1224 -67.45 -148.61 21.45
N LYS V 1225 -67.21 -148.70 20.15
CA LYS V 1225 -67.55 -147.62 19.23
C LYS V 1225 -67.71 -148.20 17.84
N HIS V 1226 -68.94 -148.30 17.36
CA HIS V 1226 -69.16 -148.70 15.99
C HIS V 1226 -68.83 -147.54 15.05
N ILE V 1227 -68.92 -147.81 13.75
CA ILE V 1227 -68.61 -146.76 12.77
C ILE V 1227 -69.65 -145.65 12.89
N PRO V 1228 -69.27 -144.39 12.93
CA PRO V 1228 -70.26 -143.32 13.09
C PRO V 1228 -71.05 -143.08 11.82
N VAL V 1229 -72.31 -143.51 11.79
CA VAL V 1229 -73.12 -143.34 10.60
C VAL V 1229 -73.55 -141.89 10.42
N GLU V 1230 -73.47 -141.08 11.48
CA GLU V 1230 -73.85 -139.67 11.37
C GLU V 1230 -72.95 -138.94 10.40
N ARG V 1231 -71.69 -139.35 10.26
CA ARG V 1231 -70.79 -138.71 9.33
C ARG V 1231 -70.97 -139.21 7.90
N TYR V 1232 -71.47 -140.43 7.73
CA TYR V 1232 -71.82 -140.95 6.42
C TYR V 1232 -73.33 -140.84 6.26
N ASN V 1233 -73.78 -139.62 6.00
CA ASN V 1233 -75.19 -139.28 6.00
C ASN V 1233 -75.85 -139.57 4.66
N ILE V 1234 -75.27 -139.08 3.56
CA ILE V 1234 -75.88 -139.26 2.26
C ILE V 1234 -75.92 -140.74 1.87
N LEU V 1235 -74.99 -141.53 2.41
CA LEU V 1235 -75.02 -142.96 2.16
C LEU V 1235 -76.05 -143.65 3.04
N THR V 1236 -75.90 -143.52 4.36
CA THR V 1236 -76.74 -144.27 5.28
C THR V 1236 -78.18 -143.75 5.26
N ASN V 1237 -78.35 -142.46 5.39
CA ASN V 1237 -79.70 -141.89 5.42
C ASN V 1237 -80.31 -141.94 4.04
N PRO V 1238 -81.40 -142.68 3.83
CA PRO V 1238 -81.95 -142.78 2.47
C PRO V 1238 -82.63 -141.52 1.99
N ASP V 1239 -83.42 -140.87 2.82
CA ASP V 1239 -84.19 -139.70 2.41
C ASP V 1239 -83.43 -138.41 2.74
N ALA V 1240 -82.25 -138.28 2.16
CA ALA V 1240 -81.42 -137.10 2.34
C ALA V 1240 -81.01 -136.58 0.97
N PRO V 1241 -81.19 -135.29 0.69
CA PRO V 1241 -80.75 -134.75 -0.59
C PRO V 1241 -79.25 -134.88 -0.72
N PRO V 1242 -78.76 -135.12 -1.94
CA PRO V 1242 -77.33 -135.41 -2.13
C PRO V 1242 -76.39 -134.28 -1.70
N THR V 1243 -76.89 -133.07 -1.46
CA THR V 1243 -76.04 -131.96 -1.06
C THR V 1243 -76.22 -131.55 0.40
N GLN V 1244 -77.06 -132.25 1.16
CA GLN V 1244 -77.32 -131.84 2.53
C GLN V 1244 -76.08 -132.02 3.39
N ILE V 1245 -75.79 -131.02 4.22
CA ILE V 1245 -74.66 -131.05 5.13
C ILE V 1245 -75.06 -130.42 6.45
N GLN V 1246 -74.78 -131.11 7.55
CA GLN V 1246 -74.97 -130.54 8.88
C GLN V 1246 -73.65 -129.99 9.42
N LEU V 1247 -73.09 -129.05 8.65
CA LEU V 1247 -71.70 -128.69 8.82
C LEU V 1247 -71.33 -128.13 10.19
N PRO V 1248 -72.11 -127.25 10.83
CA PRO V 1248 -71.64 -126.68 12.11
C PRO V 1248 -71.46 -127.71 13.20
N GLU V 1249 -72.27 -128.76 13.24
CA GLU V 1249 -72.22 -129.72 14.35
C GLU V 1249 -71.23 -130.85 14.08
N VAL V 1250 -71.46 -131.61 13.01
CA VAL V 1250 -70.61 -132.74 12.67
C VAL V 1250 -70.22 -132.63 11.21
N VAL V 1251 -68.92 -132.76 10.93
CA VAL V 1251 -68.40 -132.68 9.57
C VAL V 1251 -68.48 -134.07 8.94
N ASP V 1252 -68.94 -134.12 7.70
CA ASP V 1252 -69.13 -135.38 6.99
C ASP V 1252 -67.86 -135.79 6.28
N LEU V 1253 -67.67 -137.10 6.13
CA LEU V 1253 -66.47 -137.65 5.50
C LEU V 1253 -66.77 -138.28 4.15
N TYR V 1254 -67.90 -137.94 3.55
CA TYR V 1254 -68.26 -138.47 2.23
C TYR V 1254 -69.24 -137.49 1.62
N ASN V 1255 -68.81 -136.73 0.61
CA ASN V 1255 -69.59 -135.61 0.13
C ASN V 1255 -69.79 -135.62 -1.38
N VAL V 1256 -70.30 -134.52 -1.91
CA VAL V 1256 -70.45 -134.31 -3.35
C VAL V 1256 -69.49 -133.20 -3.75
N VAL V 1257 -68.45 -133.55 -4.48
CA VAL V 1257 -67.45 -132.58 -4.91
C VAL V 1257 -67.70 -132.24 -6.37
N THR V 1258 -67.40 -131.00 -6.74
CA THR V 1258 -67.58 -130.52 -8.10
C THR V 1258 -66.21 -130.17 -8.68
N ARG V 1259 -65.80 -130.90 -9.70
CA ARG V 1259 -64.48 -130.76 -10.30
C ARG V 1259 -64.56 -129.89 -11.55
N TYR V 1260 -63.57 -129.01 -11.72
CA TYR V 1260 -63.55 -128.04 -12.79
C TYR V 1260 -62.38 -128.29 -13.73
N ALA V 1261 -62.40 -127.61 -14.88
CA ALA V 1261 -61.28 -127.66 -15.82
C ALA V 1261 -61.37 -126.38 -16.66
N TYR V 1262 -60.55 -125.40 -16.34
CA TYR V 1262 -60.64 -124.09 -16.95
C TYR V 1262 -59.43 -123.82 -17.84
N GLU V 1263 -59.47 -122.65 -18.48
CA GLU V 1263 -58.36 -122.11 -19.24
C GLU V 1263 -58.21 -120.65 -18.87
N THR V 1264 -56.96 -120.22 -18.63
CA THR V 1264 -56.66 -118.85 -18.22
C THR V 1264 -55.74 -118.25 -19.27
N PRO V 1265 -56.30 -117.67 -20.34
CA PRO V 1265 -55.47 -117.16 -21.42
C PRO V 1265 -54.75 -115.88 -21.00
N PRO V 1266 -53.72 -115.48 -21.73
CA PRO V 1266 -53.03 -114.23 -21.43
C PRO V 1266 -53.77 -113.05 -22.03
N ILE V 1267 -53.40 -111.86 -21.56
CA ILE V 1267 -54.03 -110.62 -22.01
C ILE V 1267 -53.58 -110.35 -23.45
N THR V 1268 -54.51 -110.47 -24.40
CA THR V 1268 -54.23 -110.26 -25.80
C THR V 1268 -54.77 -108.91 -26.26
N ALA V 1269 -54.07 -108.28 -27.18
CA ALA V 1269 -54.50 -107.00 -27.72
C ALA V 1269 -53.89 -106.80 -29.10
N VAL V 1270 -54.60 -106.05 -29.93
CA VAL V 1270 -54.15 -105.69 -31.28
C VAL V 1270 -54.25 -104.18 -31.39
N VAL V 1271 -53.13 -103.49 -31.19
CA VAL V 1271 -53.11 -102.04 -31.12
C VAL V 1271 -53.19 -101.47 -32.53
N MET V 1272 -54.32 -100.87 -32.87
CA MET V 1272 -54.52 -100.23 -34.16
C MET V 1272 -54.27 -98.74 -34.06
N GLY V 1273 -53.87 -98.15 -35.19
CA GLY V 1273 -53.66 -96.72 -35.24
C GLY V 1273 -54.88 -95.98 -35.75
N VAL V 1274 -54.93 -94.68 -35.46
CA VAL V 1274 -56.06 -93.82 -35.80
C VAL V 1274 -55.57 -92.77 -36.78
N PRO V 1275 -56.29 -92.51 -37.87
CA PRO V 1275 -55.92 -91.48 -38.85
C PRO V 1275 -55.85 -90.09 -38.22
N TYR W 181 -3.65 -97.53 93.03
CA TYR W 181 -3.83 -96.64 94.17
C TYR W 181 -4.38 -95.29 93.73
N GLN W 182 -5.16 -94.65 94.58
CA GLN W 182 -5.68 -93.32 94.28
C GLN W 182 -6.37 -92.74 95.51
N CYS W 183 -6.21 -91.44 95.71
CA CYS W 183 -6.80 -90.76 96.84
C CYS W 183 -8.29 -90.52 96.58
N HIS W 184 -9.10 -90.75 97.61
CA HIS W 184 -10.53 -90.52 97.51
C HIS W 184 -10.92 -89.10 97.91
N VAL W 185 -9.98 -88.29 98.37
CA VAL W 185 -10.30 -86.93 98.78
C VAL W 185 -10.16 -85.95 97.62
N CYS W 186 -9.12 -86.09 96.82
CA CYS W 186 -8.89 -85.20 95.69
C CYS W 186 -8.87 -85.92 94.36
N SER W 187 -9.11 -87.23 94.33
CA SER W 187 -9.16 -88.01 93.10
C SER W 187 -7.82 -88.01 92.37
N ALA W 188 -6.73 -87.83 93.11
CA ALA W 188 -5.40 -87.84 92.52
C ALA W 188 -4.84 -89.26 92.54
N VAL W 189 -4.40 -89.73 91.39
CA VAL W 189 -3.92 -91.10 91.26
C VAL W 189 -2.49 -91.19 91.76
N LEU W 190 -2.19 -92.25 92.51
CA LEU W 190 -0.86 -92.49 93.05
C LEU W 190 -0.46 -93.93 92.74
N PHE W 191 0.78 -94.26 93.06
CA PHE W 191 1.33 -95.56 92.68
C PHE W 191 1.84 -96.37 93.85
N SER W 192 2.49 -95.76 94.83
CA SER W 192 3.00 -96.51 95.96
C SER W 192 2.17 -96.24 97.21
N PRO W 193 2.03 -97.23 98.10
CA PRO W 193 1.32 -96.97 99.36
C PRO W 193 2.04 -95.95 100.22
N LEU W 194 3.38 -95.95 100.22
CA LEU W 194 4.12 -94.88 100.88
C LEU W 194 3.79 -93.54 100.25
N ASP W 195 3.63 -93.52 98.92
CA ASP W 195 3.25 -92.28 98.25
C ASP W 195 1.87 -91.81 98.69
N LEU W 196 0.93 -92.75 98.88
CA LEU W 196 -0.38 -92.35 99.35
C LEU W 196 -0.34 -91.83 100.79
N ASP W 197 0.44 -92.49 101.64
CA ASP W 197 0.59 -92.03 103.02
C ASP W 197 1.19 -90.64 103.06
N ALA W 198 2.16 -90.35 102.19
CA ALA W 198 2.74 -89.02 102.15
C ALA W 198 1.83 -88.02 101.45
N HIS W 199 0.90 -88.48 100.62
CA HIS W 199 0.00 -87.57 99.93
C HIS W 199 -1.12 -87.08 100.84
N VAL W 200 -1.71 -87.99 101.63
CA VAL W 200 -2.82 -87.60 102.48
C VAL W 200 -2.40 -86.57 103.53
N ALA W 201 -1.11 -86.46 103.82
CA ALA W 201 -0.65 -85.45 104.77
C ALA W 201 -0.94 -84.04 104.26
N SER W 202 -1.02 -83.86 102.95
CA SER W 202 -1.36 -82.55 102.41
C SER W 202 -2.82 -82.21 102.68
N HIS W 203 -3.71 -83.21 102.62
CA HIS W 203 -5.09 -83.00 102.99
C HIS W 203 -5.30 -82.94 104.49
N GLY W 204 -4.30 -83.35 105.27
CA GLY W 204 -4.37 -83.21 106.71
C GLY W 204 -4.73 -84.47 107.46
N LEU W 205 -4.62 -85.63 106.82
CA LEU W 205 -4.93 -86.91 107.44
C LEU W 205 -3.65 -87.64 107.72
N HIS W 206 -3.48 -88.10 108.96
CA HIS W 206 -2.26 -88.80 109.33
C HIS W 206 -2.26 -90.20 108.76
N GLY W 207 -1.09 -90.65 108.35
CA GLY W 207 -0.93 -91.95 107.71
C GLY W 207 -0.55 -93.04 108.70
N ASN W 208 -1.05 -94.23 108.44
CA ASN W 208 -0.74 -95.39 109.26
C ASN W 208 -1.35 -96.65 108.66
N GLN W 217 6.25 -83.85 100.95
CA GLN W 217 7.57 -83.63 100.37
C GLN W 217 8.01 -82.19 100.52
N ARG W 218 8.55 -81.63 99.44
CA ARG W 218 8.97 -80.25 99.38
C ARG W 218 8.08 -79.42 98.45
N HIS W 219 6.89 -79.93 98.12
CA HIS W 219 5.98 -79.22 97.25
C HIS W 219 5.47 -77.96 97.93
N ILE W 220 5.25 -76.92 97.12
CA ILE W 220 4.74 -75.65 97.61
C ILE W 220 3.26 -75.49 97.31
N THR W 221 2.84 -75.85 96.10
CA THR W 221 1.44 -75.89 95.73
C THR W 221 1.14 -77.19 95.01
N GLU W 222 -0.12 -77.60 95.04
CA GLU W 222 -0.54 -78.84 94.42
C GLU W 222 -1.96 -78.64 93.90
N PHE W 223 -2.10 -78.46 92.59
CA PHE W 223 -3.42 -78.33 91.98
C PHE W 223 -3.69 -79.52 91.07
N ILE W 224 -4.97 -79.82 90.90
CA ILE W 224 -5.40 -80.96 90.07
C ILE W 224 -6.75 -80.63 89.47
N SER W 225 -6.84 -80.74 88.15
CA SER W 225 -8.07 -80.41 87.45
C SER W 225 -9.01 -81.61 87.42
N SER W 226 -10.27 -81.35 87.10
CA SER W 226 -11.29 -82.38 87.12
C SER W 226 -11.80 -82.78 85.75
N TRP W 227 -11.23 -82.22 84.67
CA TRP W 227 -11.64 -82.57 83.32
C TRP W 227 -10.49 -83.17 82.52
N GLN W 228 -9.44 -83.62 83.19
CA GLN W 228 -8.27 -84.17 82.53
C GLN W 228 -7.31 -84.70 83.60
N ASN W 229 -6.32 -85.45 83.16
CA ASN W 229 -5.31 -86.02 84.05
C ASN W 229 -4.01 -85.25 83.84
N HIS W 230 -3.83 -84.20 84.62
CA HIS W 230 -2.61 -83.40 84.50
C HIS W 230 -2.39 -82.54 85.73
N PRO W 231 -1.88 -83.11 86.82
CA PRO W 231 -1.54 -82.30 87.99
C PRO W 231 -0.44 -81.31 87.66
N ILE W 232 -0.36 -80.25 88.49
CA ILE W 232 0.64 -79.22 88.32
C ILE W 232 1.10 -78.80 89.71
N VAL W 233 2.34 -79.17 90.06
CA VAL W 233 2.89 -78.86 91.38
C VAL W 233 4.06 -77.90 91.21
N GLN W 234 4.25 -77.04 92.20
CA GLN W 234 5.37 -76.13 92.23
C GLN W 234 6.47 -76.65 93.15
N VAL W 235 7.64 -76.05 93.03
CA VAL W 235 8.80 -76.38 93.86
C VAL W 235 9.69 -75.16 93.89
N SER W 236 10.52 -75.07 94.94
CA SER W 236 11.37 -73.91 95.13
C SER W 236 12.32 -73.74 93.96
N ALA W 237 12.60 -72.48 93.61
CA ALA W 237 13.35 -72.19 92.40
C ALA W 237 14.81 -72.58 92.46
N ASP W 238 15.32 -72.99 93.62
CA ASP W 238 16.72 -73.32 93.78
C ASP W 238 16.97 -74.83 93.91
N VAL W 239 16.00 -75.65 93.54
CA VAL W 239 16.14 -77.10 93.68
C VAL W 239 17.18 -77.61 92.69
N GLU W 240 17.61 -78.86 92.87
CA GLU W 240 18.60 -79.45 91.97
C GLU W 240 18.06 -79.53 90.55
N ASN W 241 16.97 -80.28 90.36
CA ASN W 241 16.32 -80.36 89.07
C ASN W 241 14.81 -80.28 89.26
N ARG W 242 14.13 -79.81 88.22
CA ARG W 242 12.67 -79.81 88.18
C ARG W 242 12.24 -81.04 87.38
N LYS W 243 12.00 -82.13 88.10
CA LYS W 243 11.55 -83.35 87.45
C LYS W 243 10.09 -83.21 87.05
N THR W 244 9.82 -82.38 86.03
CA THR W 244 8.46 -82.04 85.63
C THR W 244 7.71 -81.42 86.81
N ALA W 245 8.20 -80.24 87.22
CA ALA W 245 7.63 -79.52 88.33
C ALA W 245 7.86 -78.03 88.11
N GLN W 246 6.80 -77.23 88.23
CA GLN W 246 6.92 -75.81 88.01
C GLN W 246 7.75 -75.17 89.11
N LEU W 247 8.10 -73.91 88.91
CA LEU W 247 9.00 -73.19 89.81
C LEU W 247 8.27 -72.04 90.49
N LEU W 248 8.81 -71.65 91.64
CA LEU W 248 8.30 -70.52 92.40
C LEU W 248 9.42 -69.48 92.45
N HIS W 249 9.31 -68.45 91.62
CA HIS W 249 10.39 -67.48 91.46
C HIS W 249 10.36 -66.37 92.51
N ALA W 250 9.25 -66.21 93.22
CA ALA W 250 9.15 -65.13 94.20
C ALA W 250 10.17 -65.33 95.31
N ASP W 251 10.80 -64.22 95.71
CA ASP W 251 11.82 -64.24 96.76
C ASP W 251 11.15 -64.27 98.12
N THR W 252 10.55 -65.41 98.42
CA THR W 252 9.81 -65.54 99.66
C THR W 252 10.76 -65.64 100.84
N PRO W 253 10.47 -64.96 101.94
CA PRO W 253 11.25 -65.13 103.16
C PRO W 253 10.83 -66.42 103.87
N ARG W 254 11.62 -66.79 104.86
CA ARG W 254 11.36 -68.00 105.63
C ARG W 254 10.84 -67.57 107.00
N LEU W 255 9.53 -67.66 107.18
CA LEU W 255 8.92 -67.20 108.42
C LEU W 255 8.95 -68.28 109.50
N VAL W 256 8.53 -69.49 109.16
CA VAL W 256 8.40 -70.57 110.14
C VAL W 256 9.73 -71.33 110.17
N THR W 257 10.46 -71.16 111.26
CA THR W 257 11.65 -71.95 111.55
C THR W 257 11.51 -72.55 112.93
N TRP W 258 12.20 -73.66 113.16
CA TRP W 258 12.01 -74.44 114.38
C TRP W 258 13.31 -74.52 115.18
N ASP W 259 13.16 -74.60 116.49
CA ASP W 259 14.28 -74.76 117.41
C ASP W 259 13.97 -75.93 118.33
N ALA W 260 14.97 -76.76 118.60
CA ALA W 260 14.79 -77.93 119.44
C ALA W 260 15.60 -77.89 120.73
N GLY W 261 16.64 -77.07 120.82
CA GLY W 261 17.44 -76.99 122.02
C GLY W 261 16.84 -76.03 123.03
N LEU W 262 17.66 -75.68 124.01
CA LEU W 262 17.23 -74.72 125.02
C LEU W 262 16.95 -73.37 124.38
N CYS W 263 16.06 -72.60 124.99
CA CYS W 263 15.72 -71.27 124.50
C CYS W 263 16.39 -70.18 125.31
N THR W 264 17.62 -70.41 125.72
CA THR W 264 18.40 -69.45 126.49
C THR W 264 19.28 -68.63 125.57
N SER W 265 19.77 -67.52 126.11
CA SER W 265 20.69 -66.65 125.39
C SER W 265 21.85 -66.17 126.24
N PHE W 266 21.89 -66.54 127.52
CA PHE W 266 22.99 -66.17 128.41
C PHE W 266 23.58 -67.45 128.99
N LYS W 267 24.91 -67.54 128.98
CA LYS W 267 25.59 -68.73 129.47
C LYS W 267 26.60 -68.33 130.54
N ILE W 268 26.76 -69.21 131.52
CA ILE W 268 27.66 -68.96 132.65
C ILE W 268 29.02 -69.57 132.32
N VAL W 269 30.07 -68.77 132.43
CA VAL W 269 31.42 -69.22 132.08
C VAL W 269 32.32 -69.15 133.30
N PRO W 270 33.20 -70.13 133.51
CA PRO W 270 34.20 -69.99 134.57
C PRO W 270 35.38 -69.17 134.10
N ILE W 271 35.79 -68.21 134.94
CA ILE W 271 36.88 -67.33 134.59
C ILE W 271 38.18 -67.70 135.29
N VAL W 272 38.11 -68.26 136.50
CA VAL W 272 39.31 -68.70 137.21
C VAL W 272 39.08 -70.11 137.73
N PRO W 273 39.64 -71.13 137.09
CA PRO W 273 39.37 -72.50 137.51
C PRO W 273 39.93 -72.77 138.90
N ALA W 274 39.32 -73.75 139.56
CA ALA W 274 39.75 -74.11 140.90
C ALA W 274 39.07 -75.42 141.30
N GLN W 275 39.80 -76.23 142.06
CA GLN W 275 39.30 -77.49 142.56
C GLN W 275 39.58 -77.56 144.06
N VAL W 276 38.63 -78.10 144.82
CA VAL W 276 38.75 -78.15 146.27
C VAL W 276 38.38 -79.54 146.75
N PRO W 277 38.86 -79.92 147.94
CA PRO W 277 38.46 -81.19 148.52
C PRO W 277 36.96 -81.22 148.79
N GLN W 278 36.42 -82.43 148.87
CA GLN W 278 35.01 -82.63 149.18
C GLN W 278 34.86 -83.77 150.16
N ASP W 279 33.69 -83.85 150.77
CA ASP W 279 33.37 -84.92 151.70
C ASP W 279 32.61 -86.06 151.03
N VAL W 280 31.55 -85.73 150.29
CA VAL W 280 30.78 -86.71 149.53
C VAL W 280 31.25 -86.67 148.08
N LEU W 281 31.62 -87.82 147.56
CA LEU W 281 32.24 -87.91 146.25
C LEU W 281 31.33 -88.44 145.15
N ALA W 282 30.31 -89.22 145.49
CA ALA W 282 29.41 -89.78 144.49
C ALA W 282 28.25 -90.47 145.20
N TYR W 283 27.29 -90.93 144.40
CA TYR W 283 26.10 -91.62 144.89
C TYR W 283 26.29 -93.12 144.75
N THR W 284 25.57 -93.88 145.57
CA THR W 284 25.72 -95.33 145.61
C THR W 284 24.38 -96.02 145.44
N PHE W 285 24.27 -96.82 144.38
CA PHE W 285 23.23 -97.82 144.18
C PHE W 285 23.65 -99.04 145.00
N PHE W 286 23.05 -100.21 144.79
CA PHE W 286 23.50 -101.42 145.45
C PHE W 286 25.00 -101.63 145.23
N THR W 287 25.42 -101.79 143.98
CA THR W 287 26.83 -101.97 143.67
C THR W 287 27.27 -101.14 142.46
N SER W 288 26.55 -100.09 142.12
CA SER W 288 26.93 -99.18 141.05
C SER W 288 26.93 -97.75 141.59
N SER W 289 27.94 -96.98 141.20
CA SER W 289 28.11 -95.62 141.69
C SER W 289 27.94 -94.63 140.55
N TYR W 290 27.40 -93.45 140.89
CA TYR W 290 27.13 -92.40 139.93
C TYR W 290 27.85 -91.13 140.34
N ALA W 291 28.48 -90.47 139.37
CA ALA W 291 29.20 -89.26 139.64
C ALA W 291 28.25 -88.13 140.02
N ILE W 292 28.80 -87.12 140.69
CA ILE W 292 28.04 -85.94 141.08
C ILE W 292 28.20 -84.88 140.00
N GLN W 293 27.09 -84.43 139.45
CA GLN W 293 27.08 -83.45 138.37
C GLN W 293 26.41 -82.17 138.87
N SER W 294 27.10 -81.05 138.72
CA SER W 294 26.55 -79.79 139.19
C SER W 294 26.05 -78.96 138.02
N PRO W 295 24.95 -78.22 138.20
CA PRO W 295 24.40 -77.44 137.09
C PRO W 295 25.24 -76.24 136.72
N PHE W 296 26.15 -75.81 137.57
CA PHE W 296 26.93 -74.61 137.33
C PHE W 296 28.42 -74.91 137.39
N PRO W 297 29.25 -74.09 136.74
CA PRO W 297 30.69 -74.32 136.78
C PRO W 297 31.23 -74.18 138.20
N GLU W 298 32.08 -75.13 138.58
CA GLU W 298 32.74 -75.09 139.88
C GLU W 298 34.09 -74.42 139.68
N ALA W 299 34.16 -73.13 140.00
CA ALA W 299 35.38 -72.36 139.80
C ALA W 299 35.48 -71.30 140.86
N ALA W 300 36.65 -70.64 140.91
CA ALA W 300 36.84 -69.56 141.87
C ALA W 300 35.98 -68.35 141.51
N VAL W 301 35.92 -68.00 140.24
CA VAL W 301 35.17 -66.85 139.77
C VAL W 301 34.50 -67.22 138.45
N SER W 302 33.18 -67.08 138.38
CA SER W 302 32.42 -67.41 137.20
C SER W 302 31.35 -66.35 136.99
N ARG W 303 31.21 -65.86 135.76
CA ARG W 303 30.32 -64.74 135.49
C ARG W 303 29.59 -64.96 134.18
N ILE W 304 28.47 -64.26 134.04
CA ILE W 304 27.55 -64.43 132.91
C ILE W 304 28.11 -63.75 131.67
N VAL W 305 27.82 -64.33 130.52
CA VAL W 305 28.19 -63.76 129.22
C VAL W 305 27.07 -64.04 128.24
N VAL W 306 26.88 -63.10 127.31
CA VAL W 306 25.85 -63.26 126.29
C VAL W 306 26.41 -64.10 125.15
N HIS W 307 25.61 -65.06 124.68
CA HIS W 307 25.98 -65.90 123.56
C HIS W 307 24.70 -66.45 122.94
N THR W 308 24.32 -65.92 121.79
CA THR W 308 23.02 -66.25 121.21
C THR W 308 23.04 -67.65 120.63
N ARG W 309 22.10 -68.50 121.08
CA ARG W 309 21.92 -69.86 120.56
C ARG W 309 23.18 -70.71 120.74
N TRP W 310 23.51 -70.96 122.00
CA TRP W 310 24.59 -71.88 122.31
C TRP W 310 24.09 -73.28 122.65
N ALA W 311 22.77 -73.48 122.70
CA ALA W 311 22.21 -74.78 123.04
C ALA W 311 21.01 -75.08 122.15
N SER W 312 21.15 -74.84 120.85
CA SER W 312 20.02 -74.90 119.93
C SER W 312 20.28 -75.90 118.82
N ASN W 313 19.26 -76.67 118.48
CA ASN W 313 19.24 -77.53 117.29
C ASN W 313 18.29 -76.88 116.30
N VAL W 314 18.83 -76.05 115.43
CA VAL W 314 18.04 -75.26 114.51
C VAL W 314 18.07 -75.91 113.13
N ASP W 315 16.91 -75.99 112.49
CA ASP W 315 16.85 -76.53 111.14
C ASP W 315 17.21 -75.52 110.07
N PHE W 316 17.27 -74.24 110.43
CA PHE W 316 17.66 -73.19 109.49
C PHE W 316 18.20 -72.03 110.31
N ASP W 317 19.52 -71.87 110.37
CA ASP W 317 20.08 -70.80 111.17
C ASP W 317 19.92 -69.46 110.47
N ARG W 318 19.67 -68.42 111.26
CA ARG W 318 19.43 -67.09 110.71
C ARG W 318 20.71 -66.27 110.59
N ASP W 319 21.80 -66.72 111.20
CA ASP W 319 23.15 -66.24 110.96
C ASP W 319 23.37 -64.83 111.52
N SER W 320 22.41 -64.27 112.23
CA SER W 320 22.57 -62.98 112.89
C SER W 320 23.08 -63.16 114.31
N SER W 321 24.17 -63.90 114.46
CA SER W 321 24.62 -64.33 115.76
C SER W 321 25.35 -63.21 116.49
N VAL W 322 25.18 -63.18 117.81
CA VAL W 322 25.86 -62.22 118.67
C VAL W 322 26.64 -63.05 119.68
N ILE W 323 27.89 -63.34 119.36
CA ILE W 323 28.76 -64.15 120.22
C ILE W 323 29.69 -63.21 120.98
N MET W 324 29.94 -63.55 122.24
CA MET W 324 30.76 -62.70 123.09
C MET W 324 31.70 -63.56 123.93
N ALA W 325 33.00 -63.35 123.78
CA ALA W 325 33.99 -64.05 124.57
C ALA W 325 33.88 -63.64 126.03
N PRO W 326 34.51 -64.38 126.94
CA PRO W 326 34.49 -64.00 128.35
C PRO W 326 35.17 -62.67 128.56
N PRO W 327 34.95 -62.02 129.70
CA PRO W 327 35.51 -60.68 129.90
C PRO W 327 37.01 -60.62 129.89
N THR W 328 37.68 -61.73 130.21
CA THR W 328 39.14 -61.72 130.19
C THR W 328 39.68 -61.59 128.77
N GLU W 329 38.92 -62.04 127.78
CA GLU W 329 39.27 -61.86 126.39
C GLU W 329 38.84 -60.48 125.92
N ASN W 330 39.34 -60.07 124.76
CA ASN W 330 39.01 -58.77 124.20
C ASN W 330 37.73 -58.88 123.37
N ASN W 331 36.70 -58.15 123.79
CA ASN W 331 35.41 -58.16 123.10
C ASN W 331 35.17 -56.89 122.30
N ILE W 332 36.24 -56.15 121.95
CA ILE W 332 36.05 -54.86 121.33
C ILE W 332 35.54 -54.97 119.90
N HIS W 333 35.64 -56.15 119.28
CA HIS W 333 35.15 -56.29 117.91
C HIS W 333 33.65 -56.13 117.81
N LEU W 334 32.92 -56.25 118.92
CA LEU W 334 31.48 -56.03 118.91
C LEU W 334 31.09 -54.57 118.78
N PHE W 335 32.06 -53.65 118.73
CA PHE W 335 31.76 -52.23 118.70
C PHE W 335 32.60 -51.48 117.66
N LYS W 336 33.10 -52.18 116.66
CA LYS W 336 33.80 -51.54 115.55
C LYS W 336 33.41 -52.18 114.24
N GLN W 337 32.13 -52.45 114.06
CA GLN W 337 31.66 -53.08 112.83
C GLN W 337 31.16 -52.07 111.80
N LEU W 338 30.36 -51.10 112.22
CA LEU W 338 29.62 -50.29 111.25
C LEU W 338 30.46 -49.18 110.65
N LEU W 339 30.90 -48.23 111.48
CA LEU W 339 31.47 -47.01 110.94
C LEU W 339 32.89 -46.80 111.44
N ASN W 340 33.70 -47.84 111.38
CA ASN W 340 35.08 -47.78 111.84
C ASN W 340 36.02 -48.36 110.80
N THR W 341 35.72 -48.09 109.52
CA THR W 341 36.57 -48.61 108.45
C THR W 341 37.82 -47.78 108.25
N GLU W 342 37.84 -46.54 108.73
CA GLU W 342 39.01 -45.67 108.63
C GLU W 342 39.68 -45.46 109.99
N THR W 343 39.52 -46.43 110.89
CA THR W 343 40.11 -46.33 112.21
C THR W 343 41.62 -46.52 112.12
N LEU W 344 42.35 -45.74 112.91
CA LEU W 344 43.80 -45.77 112.94
C LEU W 344 44.35 -46.86 113.86
N SER W 345 43.52 -47.84 114.24
CA SER W 345 43.95 -48.93 115.08
C SER W 345 43.30 -50.21 114.58
N VAL W 346 43.54 -51.32 115.30
CA VAL W 346 42.95 -52.59 114.93
C VAL W 346 42.33 -53.20 116.19
N ARG W 347 42.54 -52.55 117.33
CA ARG W 347 41.96 -52.99 118.59
C ARG W 347 41.38 -51.82 119.35
N GLY W 348 40.75 -50.89 118.64
CA GLY W 348 40.10 -49.76 119.26
C GLY W 348 38.83 -49.37 118.55
N ALA W 349 37.79 -49.02 119.30
CA ALA W 349 36.52 -48.60 118.75
C ALA W 349 36.37 -47.09 118.86
N ASN W 350 35.46 -46.54 118.07
CA ASN W 350 35.24 -45.11 118.04
C ASN W 350 34.14 -44.74 119.03
N PRO W 351 34.41 -43.89 120.02
CA PRO W 351 33.38 -43.55 121.00
C PRO W 351 32.20 -42.80 120.42
N LEU W 352 32.32 -42.21 119.23
CA LEU W 352 31.21 -41.51 118.63
C LEU W 352 30.25 -42.43 117.89
N MET W 353 30.52 -43.74 117.88
CA MET W 353 29.66 -44.69 117.18
C MET W 353 29.15 -45.78 118.12
N PHE W 354 29.28 -45.59 119.44
CA PHE W 354 28.85 -46.61 120.37
C PHE W 354 27.35 -46.85 120.29
N ARG W 355 26.56 -45.79 120.16
CA ARG W 355 25.11 -45.97 120.13
C ARG W 355 24.67 -46.70 118.86
N ALA W 356 25.25 -46.33 117.72
CA ALA W 356 24.90 -47.02 116.48
C ALA W 356 25.30 -48.50 116.55
N ASN W 357 26.48 -48.79 117.08
CA ASN W 357 26.92 -50.18 117.14
C ASN W 357 26.07 -50.97 118.13
N VAL W 358 25.67 -50.37 119.24
CA VAL W 358 24.84 -51.08 120.21
C VAL W 358 23.45 -51.32 119.62
N LEU W 359 22.92 -50.36 118.87
CA LEU W 359 21.63 -50.57 118.23
C LEU W 359 21.69 -51.72 117.24
N HIS W 360 22.76 -51.77 116.43
CA HIS W 360 22.91 -52.89 115.50
C HIS W 360 23.05 -54.22 116.25
N MET W 361 23.77 -54.21 117.37
CA MET W 361 23.94 -55.45 118.13
C MET W 361 22.61 -55.93 118.69
N LEU W 362 21.78 -55.02 119.18
CA LEU W 362 20.47 -55.41 119.69
C LEU W 362 19.57 -55.92 118.56
N LEU W 363 19.63 -55.29 117.39
CA LEU W 363 18.86 -55.78 116.26
C LEU W 363 19.29 -57.18 115.87
N GLU W 364 20.60 -57.45 115.85
CA GLU W 364 21.07 -58.79 115.54
C GLU W 364 20.61 -59.77 116.61
N PHE W 365 20.61 -59.35 117.87
CA PHE W 365 20.12 -60.19 118.96
C PHE W 365 18.68 -60.64 118.69
N VAL W 366 17.80 -59.70 118.38
CA VAL W 366 16.41 -60.05 118.13
C VAL W 366 16.28 -60.94 116.89
N LEU W 367 16.87 -60.50 115.77
CA LEU W 367 16.76 -61.25 114.53
C LEU W 367 17.30 -62.67 114.69
N ASP W 368 18.27 -62.88 115.55
CA ASP W 368 18.77 -64.21 115.78
C ASP W 368 17.86 -65.01 116.70
N ASN W 369 17.21 -64.35 117.65
CA ASN W 369 16.31 -65.08 118.54
C ASN W 369 14.93 -65.33 117.93
N LEU W 370 14.66 -64.88 116.71
CA LEU W 370 13.37 -65.17 116.09
C LEU W 370 13.22 -66.62 115.64
N TYR W 371 12.75 -67.51 116.51
CA TYR W 371 12.43 -68.89 116.15
C TYR W 371 11.13 -69.31 116.80
N LEU W 372 10.78 -70.58 116.65
CA LEU W 372 9.65 -71.21 117.32
C LEU W 372 10.14 -72.43 118.08
N ASN W 373 9.82 -72.51 119.36
CA ASN W 373 10.19 -73.67 120.15
C ASN W 373 9.46 -74.90 119.63
N ARG W 374 10.06 -76.07 119.85
CA ARG W 374 9.52 -77.32 119.33
C ARG W 374 9.34 -78.35 120.42
N HIS W 375 8.24 -79.09 120.34
CA HIS W 375 7.95 -80.19 121.23
C HIS W 375 8.71 -81.43 120.78
N THR W 376 9.65 -81.90 121.60
CA THR W 376 10.59 -82.92 121.15
C THR W 376 10.34 -84.30 121.73
N GLY W 377 10.11 -84.42 123.03
CA GLY W 377 9.89 -85.72 123.64
C GLY W 377 10.53 -85.81 125.02
N PHE W 378 9.90 -86.56 125.90
CA PHE W 378 10.24 -86.59 127.31
C PHE W 378 10.75 -87.96 127.73
N SER W 379 10.99 -88.11 129.02
CA SER W 379 11.41 -89.39 129.60
C SER W 379 11.17 -89.34 131.09
N GLN W 380 10.29 -90.21 131.59
CA GLN W 380 9.93 -90.19 133.00
C GLN W 380 11.13 -90.52 133.86
N ASP W 381 11.36 -89.72 134.89
CA ASP W 381 12.53 -89.83 135.75
C ASP W 381 12.14 -90.45 137.08
N HIS W 382 13.10 -91.15 137.70
CA HIS W 382 12.90 -91.71 139.02
C HIS W 382 14.11 -91.47 139.92
N THR W 383 14.93 -90.47 139.61
CA THR W 383 15.99 -90.07 140.50
C THR W 383 15.38 -89.67 141.85
N PRO W 384 16.09 -89.94 142.96
CA PRO W 384 15.51 -89.63 144.27
C PRO W 384 15.23 -88.15 144.49
N PHE W 385 15.81 -87.27 143.69
CA PHE W 385 15.61 -85.83 143.83
C PHE W 385 14.68 -85.26 142.77
N THR W 386 14.25 -86.06 141.81
CA THR W 386 13.29 -85.63 140.79
C THR W 386 12.29 -86.76 140.55
N GLU W 387 11.76 -87.32 141.64
CA GLU W 387 10.90 -88.49 141.54
C GLU W 387 9.63 -88.20 140.75
N GLY W 388 9.29 -89.11 139.85
CA GLY W 388 8.03 -89.01 139.13
C GLY W 388 7.89 -87.78 138.27
N ALA W 389 9.00 -87.19 137.83
CA ALA W 389 8.98 -86.00 137.02
C ALA W 389 9.34 -86.34 135.58
N ASN W 390 8.69 -85.67 134.63
CA ASN W 390 8.90 -85.90 133.22
C ASN W 390 9.86 -84.85 132.69
N LEU W 391 11.08 -85.27 132.37
CA LEU W 391 12.12 -84.37 131.88
C LEU W 391 12.15 -84.40 130.36
N ARG W 392 12.58 -83.28 129.77
CA ARG W 392 12.64 -83.17 128.32
C ARG W 392 14.02 -83.57 127.84
N SER W 393 14.06 -84.47 126.86
CA SER W 393 15.31 -85.00 126.32
C SER W 393 15.58 -84.35 124.98
N LEU W 394 16.71 -83.66 124.86
CA LEU W 394 17.08 -83.01 123.62
C LEU W 394 17.31 -84.05 122.53
N PRO W 395 17.30 -83.62 121.27
CA PRO W 395 17.63 -84.55 120.18
C PRO W 395 19.12 -84.86 120.16
N GLY W 396 19.44 -86.13 119.94
CA GLY W 396 20.82 -86.56 119.88
C GLY W 396 21.08 -87.74 120.81
N PRO W 397 22.26 -88.36 120.66
CA PRO W 397 22.59 -89.50 121.52
C PRO W 397 22.83 -89.11 122.96
N ASP W 398 23.42 -87.93 123.20
CA ASP W 398 23.78 -87.51 124.54
C ASP W 398 22.60 -86.89 125.28
N ALA W 399 21.47 -87.61 125.32
CA ALA W 399 20.23 -87.05 125.86
C ALA W 399 20.31 -86.77 127.35
N GLU W 400 21.23 -87.42 128.07
CA GLU W 400 21.27 -87.25 129.52
C GLU W 400 22.20 -86.14 129.97
N LYS W 401 23.25 -85.85 129.21
CA LYS W 401 24.24 -84.89 129.67
C LYS W 401 23.67 -83.48 129.80
N TRP W 402 22.56 -83.19 129.14
CA TRP W 402 21.90 -81.90 129.28
C TRP W 402 21.00 -81.82 130.50
N TYR W 403 20.73 -82.93 131.18
CA TYR W 403 19.82 -82.91 132.31
C TYR W 403 20.36 -82.05 133.44
N SER W 404 21.65 -82.21 133.76
CA SER W 404 22.23 -81.44 134.85
C SER W 404 22.26 -79.95 134.54
N ILE W 405 22.44 -79.59 133.26
CA ILE W 405 22.45 -78.19 132.89
C ILE W 405 21.04 -77.62 132.86
N MET W 406 20.04 -78.44 132.54
CA MET W 406 18.69 -77.93 132.38
C MET W 406 17.93 -77.85 133.69
N TYR W 407 18.18 -78.78 134.63
CA TYR W 407 17.37 -78.86 135.84
C TYR W 407 18.26 -78.75 137.08
N PRO W 408 18.39 -77.55 137.65
CA PRO W 408 19.28 -77.40 138.82
C PRO W 408 18.89 -78.24 140.01
N THR W 409 17.59 -78.37 140.29
CA THR W 409 17.18 -79.13 141.46
C THR W 409 17.45 -80.62 141.32
N ARG W 410 17.79 -81.11 140.12
CA ARG W 410 18.00 -82.54 139.94
C ARG W 410 19.19 -83.04 140.74
N MET W 411 20.18 -82.18 140.96
CA MET W 411 21.26 -82.51 141.88
C MET W 411 20.77 -82.35 143.31
N GLY W 412 21.18 -83.26 144.18
CA GLY W 412 20.77 -83.19 145.56
C GLY W 412 21.50 -82.12 146.33
N THR W 413 21.74 -82.34 147.61
CA THR W 413 22.59 -81.49 148.43
C THR W 413 23.62 -82.36 149.13
N PRO W 414 24.54 -82.94 148.37
CA PRO W 414 25.52 -83.84 148.99
C PRO W 414 26.47 -83.10 149.91
N ASN W 415 27.06 -82.02 149.41
CA ASN W 415 28.14 -81.34 150.07
C ASN W 415 27.66 -80.03 150.71
N VAL W 416 28.58 -79.34 151.36
CA VAL W 416 28.31 -78.04 151.97
C VAL W 416 29.00 -76.97 151.14
N SER W 417 28.27 -76.37 150.21
CA SER W 417 28.86 -75.43 149.28
C SER W 417 27.84 -74.38 148.89
N LYS W 418 28.31 -73.35 148.19
CA LYS W 418 27.42 -72.29 147.72
C LYS W 418 26.41 -72.78 146.70
N ILE W 419 26.68 -73.91 146.04
CA ILE W 419 25.71 -74.49 145.12
C ILE W 419 24.75 -75.40 145.85
N CYS W 420 25.25 -76.17 146.83
CA CYS W 420 24.38 -77.08 147.57
C CYS W 420 23.40 -76.31 148.45
N ASN W 421 23.86 -75.25 149.12
CA ASN W 421 22.93 -74.48 149.92
C ASN W 421 21.99 -73.63 149.08
N PHE W 422 22.32 -73.42 147.80
CA PHE W 422 21.36 -72.82 146.88
C PHE W 422 20.30 -73.83 146.49
N VAL W 423 20.71 -75.04 146.10
CA VAL W 423 19.77 -76.07 145.72
C VAL W 423 18.88 -76.46 146.89
N ALA W 424 19.37 -76.29 148.12
CA ALA W 424 18.54 -76.50 149.29
C ALA W 424 17.52 -75.39 149.51
N SER W 425 17.50 -74.37 148.66
CA SER W 425 16.55 -73.27 148.78
C SER W 425 15.44 -73.32 147.75
N CYS W 426 15.57 -74.11 146.70
CA CYS W 426 14.56 -74.19 145.66
C CYS W 426 13.39 -75.05 146.13
N VAL W 427 12.30 -75.01 145.35
CA VAL W 427 11.17 -75.88 145.56
C VAL W 427 11.32 -77.08 144.63
N ARG W 428 10.56 -78.13 144.93
CA ARG W 428 10.80 -79.43 144.33
C ARG W 428 9.78 -79.81 143.26
N ASN W 429 8.58 -79.27 143.32
CA ASN W 429 7.54 -79.67 142.37
C ASN W 429 7.66 -78.98 141.03
N ARG W 430 8.35 -77.85 140.93
CA ARG W 430 8.46 -77.10 139.68
C ARG W 430 9.68 -77.61 138.92
N VAL W 431 9.49 -78.66 138.13
CA VAL W 431 10.57 -79.27 137.36
C VAL W 431 9.96 -80.08 136.23
N GLY W 432 10.54 -79.94 135.04
CA GLY W 432 10.02 -80.68 133.91
C GLY W 432 8.65 -80.21 133.49
N ARG W 433 7.95 -81.08 132.74
CA ARG W 433 6.61 -80.75 132.28
C ARG W 433 5.64 -80.65 133.44
N PHE W 434 4.69 -79.72 133.31
CA PHE W 434 3.60 -79.59 134.27
C PHE W 434 2.25 -79.37 133.61
N ASP W 435 2.20 -79.07 132.32
CA ASP W 435 0.94 -78.79 131.63
C ASP W 435 1.08 -79.24 130.18
N ARG W 436 0.01 -79.83 129.65
CA ARG W 436 0.04 -80.35 128.29
C ARG W 436 -1.36 -80.28 127.70
N ALA W 437 -1.42 -80.22 126.38
CA ALA W 437 -2.69 -80.09 125.68
C ALA W 437 -3.48 -81.40 125.78
N GLN W 438 -4.67 -81.41 125.18
CA GLN W 438 -5.45 -82.63 125.09
C GLN W 438 -5.68 -83.10 123.66
N MET W 439 -5.48 -82.24 122.67
CA MET W 439 -5.44 -82.69 121.29
C MET W 439 -4.13 -83.43 121.04
N MET W 440 -4.22 -84.69 120.64
CA MET W 440 -3.06 -85.53 120.48
C MET W 440 -3.06 -86.15 119.09
N ASN W 441 -1.88 -86.60 118.67
CA ASN W 441 -1.79 -87.61 117.61
C ASN W 441 -1.00 -88.78 118.14
N GLY W 442 -1.49 -89.99 117.88
CA GLY W 442 -0.91 -91.15 118.49
C GLY W 442 -1.03 -91.08 120.00
N ALA W 443 0.08 -90.84 120.69
CA ALA W 443 0.08 -90.74 122.14
C ALA W 443 0.81 -89.50 122.64
N MET W 444 1.22 -88.61 121.75
CA MET W 444 1.94 -87.39 122.13
C MET W 444 1.07 -86.18 121.86
N SER W 445 1.05 -85.26 122.81
CA SER W 445 0.20 -84.07 122.71
C SER W 445 0.71 -83.14 121.62
N GLU W 446 0.01 -82.02 121.43
CA GLU W 446 0.34 -81.04 120.42
C GLU W 446 1.21 -79.90 120.93
N TRP W 447 0.92 -79.37 122.10
CA TRP W 447 1.75 -78.34 122.72
C TRP W 447 1.96 -78.66 124.18
N VAL W 448 3.14 -78.29 124.69
CA VAL W 448 3.55 -78.65 126.03
C VAL W 448 3.98 -77.39 126.77
N ASP W 449 4.03 -77.49 128.09
CA ASP W 449 4.44 -76.38 128.94
C ASP W 449 5.35 -76.93 130.03
N VAL W 450 6.59 -76.44 130.10
CA VAL W 450 7.64 -77.12 130.83
C VAL W 450 8.55 -76.11 131.53
N PHE W 451 8.86 -76.39 132.79
CA PHE W 451 9.93 -75.65 133.47
C PHE W 451 11.29 -76.09 132.94
N GLU W 452 12.17 -75.14 132.70
CA GLU W 452 13.54 -75.47 132.31
C GLU W 452 14.34 -74.18 132.23
N THR W 453 15.66 -74.34 132.18
CA THR W 453 16.55 -73.19 132.14
C THR W 453 16.39 -72.42 130.83
N SER W 454 16.30 -71.11 130.94
CA SER W 454 16.12 -70.22 129.79
C SER W 454 16.16 -68.78 130.29
N ASP W 455 16.03 -67.81 129.40
CA ASP W 455 15.99 -66.42 129.81
C ASP W 455 14.66 -65.79 129.41
N ALA W 456 14.13 -64.98 130.33
CA ALA W 456 12.84 -64.33 130.14
C ALA W 456 12.84 -63.44 128.90
N LEU W 457 13.98 -62.84 128.57
CA LEU W 457 14.04 -61.97 127.40
C LEU W 457 13.77 -62.75 126.13
N THR W 458 14.46 -63.87 125.94
CA THR W 458 14.24 -64.65 124.72
C THR W 458 12.89 -65.32 124.73
N VAL W 459 12.39 -65.75 125.89
CA VAL W 459 11.05 -66.34 125.89
C VAL W 459 10.00 -65.30 125.51
N SER W 460 10.18 -64.06 125.96
CA SER W 460 9.25 -62.99 125.58
C SER W 460 9.34 -62.70 124.09
N ILE W 461 10.56 -62.63 123.55
CA ILE W 461 10.72 -62.36 122.13
C ILE W 461 10.05 -63.45 121.31
N ARG W 462 10.27 -64.71 121.67
CA ARG W 462 9.70 -65.80 120.90
C ARG W 462 8.19 -65.89 121.07
N GLY W 463 7.67 -65.53 122.24
CA GLY W 463 6.23 -65.45 122.40
C GLY W 463 5.60 -64.40 121.52
N ARG W 464 6.24 -63.23 121.43
CA ARG W 464 5.71 -62.17 120.58
C ARG W 464 5.79 -62.57 119.11
N TRP W 465 6.87 -63.25 118.71
CA TRP W 465 6.95 -63.72 117.33
C TRP W 465 5.87 -64.76 117.03
N MET W 466 5.63 -65.66 117.98
CA MET W 466 4.59 -66.67 117.79
C MET W 466 3.23 -66.01 117.65
N ALA W 467 2.96 -64.98 118.45
CA ALA W 467 1.68 -64.28 118.33
C ALA W 467 1.58 -63.57 116.99
N ARG W 468 2.65 -62.94 116.53
CA ARG W 468 2.63 -62.27 115.24
C ARG W 468 2.34 -63.26 114.12
N LEU W 469 2.88 -64.47 114.22
CA LEU W 469 2.59 -65.46 113.19
C LEU W 469 1.17 -66.01 113.31
N ALA W 470 0.73 -66.30 114.53
CA ALA W 470 -0.59 -66.88 114.72
C ALA W 470 -1.69 -65.93 114.28
N ARG W 471 -1.42 -64.62 114.31
CA ARG W 471 -2.42 -63.68 113.83
C ARG W 471 -2.56 -63.70 112.31
N MET W 472 -1.65 -64.34 111.59
CA MET W 472 -1.66 -64.37 110.14
C MET W 472 -2.35 -65.59 109.55
N ASN W 473 -3.06 -66.37 110.37
CA ASN W 473 -3.51 -67.68 109.95
C ASN W 473 -4.69 -67.59 108.98
N ILE W 474 -4.82 -68.61 108.13
CA ILE W 474 -5.88 -68.73 107.15
C ILE W 474 -6.23 -70.21 107.02
N ASN W 475 -7.44 -70.50 106.53
CA ASN W 475 -7.83 -71.87 106.31
C ASN W 475 -8.17 -72.14 104.84
N PRO W 476 -8.19 -73.41 104.44
CA PRO W 476 -8.47 -73.73 103.03
C PRO W 476 -9.81 -73.27 102.54
N THR W 477 -10.80 -73.14 103.43
CA THR W 477 -12.10 -72.61 103.01
C THR W 477 -11.96 -71.20 102.48
N GLU W 478 -11.27 -70.34 103.23
CA GLU W 478 -11.04 -68.97 102.77
C GLU W 478 -10.17 -68.95 101.52
N ILE W 479 -9.19 -69.85 101.44
CA ILE W 479 -8.35 -69.90 100.24
C ILE W 479 -9.18 -70.21 99.01
N GLU W 480 -10.07 -71.20 99.11
CA GLU W 480 -10.88 -71.58 97.96
C GLU W 480 -11.88 -70.49 97.62
N TRP W 481 -12.45 -69.82 98.62
CA TRP W 481 -13.30 -68.66 98.35
C TRP W 481 -12.54 -67.61 97.54
N ALA W 482 -11.33 -67.28 97.98
CA ALA W 482 -10.56 -66.24 97.30
C ALA W 482 -10.25 -66.63 95.87
N LEU W 483 -9.83 -67.87 95.64
CA LEU W 483 -9.51 -68.28 94.27
C LEU W 483 -10.75 -68.33 93.39
N THR W 484 -11.87 -68.83 93.92
CA THR W 484 -13.09 -68.88 93.13
C THR W 484 -13.58 -67.48 92.78
N GLU W 485 -13.38 -66.51 93.68
CA GLU W 485 -13.79 -65.15 93.38
C GLU W 485 -12.84 -64.49 92.38
N CYS W 486 -11.54 -64.77 92.48
CA CYS W 486 -10.60 -64.23 91.51
C CYS W 486 -10.86 -64.78 90.12
N ALA W 487 -11.33 -66.02 90.03
CA ALA W 487 -11.50 -66.67 88.73
C ALA W 487 -12.66 -66.10 87.91
N GLN W 488 -13.42 -65.14 88.44
CA GLN W 488 -14.49 -64.49 87.69
C GLN W 488 -15.58 -65.46 87.27
N GLY W 489 -15.84 -66.48 88.09
CA GLY W 489 -16.98 -67.36 87.87
C GLY W 489 -16.82 -68.39 86.79
N TYR W 490 -15.76 -68.33 85.98
CA TYR W 490 -15.57 -69.34 84.94
C TYR W 490 -15.17 -70.68 85.50
N VAL W 491 -14.59 -70.71 86.70
CA VAL W 491 -14.06 -71.93 87.29
C VAL W 491 -14.29 -71.87 88.80
N THR W 492 -14.59 -73.02 89.39
CA THR W 492 -14.85 -73.13 90.82
C THR W 492 -13.80 -74.03 91.45
N VAL W 493 -12.95 -73.47 92.27
CA VAL W 493 -11.90 -74.19 92.97
C VAL W 493 -12.43 -74.64 94.33
N THR W 494 -11.95 -75.80 94.79
CA THR W 494 -12.31 -76.32 96.10
C THR W 494 -11.07 -76.87 96.78
N SER W 495 -11.16 -77.07 98.09
CA SER W 495 -10.00 -77.51 98.84
C SER W 495 -10.41 -78.27 100.10
N PRO W 496 -10.46 -79.59 100.06
CA PRO W 496 -10.87 -80.36 101.23
C PRO W 496 -9.81 -80.32 102.32
N TYR W 497 -10.23 -80.73 103.52
CA TYR W 497 -9.31 -80.91 104.64
C TYR W 497 -10.08 -81.53 105.79
N ALA W 498 -9.33 -82.09 106.73
CA ALA W 498 -9.90 -82.71 107.92
C ALA W 498 -9.79 -81.77 109.10
N PRO W 499 -10.59 -82.00 110.15
CA PRO W 499 -10.60 -81.07 111.29
C PRO W 499 -9.31 -81.18 112.10
N SER W 500 -8.60 -80.06 112.20
CA SER W 500 -7.36 -80.04 112.98
C SER W 500 -7.08 -78.60 113.39
N VAL W 501 -6.44 -78.45 114.55
CA VAL W 501 -6.15 -77.15 115.09
C VAL W 501 -4.67 -76.78 115.00
N ASN W 502 -3.77 -77.75 114.99
CA ASN W 502 -2.34 -77.44 114.88
C ASN W 502 -1.89 -77.33 113.43
N ARG W 503 -2.61 -76.53 112.64
CA ARG W 503 -2.25 -76.23 111.28
C ARG W 503 -1.96 -74.74 111.17
N LEU W 504 -0.83 -74.41 110.56
CA LEU W 504 -0.39 -73.02 110.46
C LEU W 504 -0.02 -72.71 109.02
N MET W 505 -0.74 -71.78 108.41
CA MET W 505 -0.39 -71.25 107.10
C MET W 505 -0.59 -69.75 107.12
N PRO W 506 0.42 -68.99 107.56
CA PRO W 506 0.29 -67.54 107.75
C PRO W 506 0.30 -66.82 106.41
N TYR W 507 -0.85 -66.30 106.00
CA TYR W 507 -0.95 -65.61 104.72
C TYR W 507 -1.85 -64.37 104.75
N ARG W 508 -2.34 -63.96 105.91
CA ARG W 508 -3.29 -62.85 105.99
C ARG W 508 -2.57 -61.57 106.43
N ILE W 509 -2.88 -60.46 105.75
CA ILE W 509 -2.30 -59.16 106.09
C ILE W 509 -3.33 -58.08 105.80
N SER W 510 -3.12 -56.91 106.39
CA SER W 510 -3.99 -55.77 106.16
C SER W 510 -3.65 -55.10 104.84
N ASN W 511 -4.38 -54.05 104.49
CA ASN W 511 -4.15 -53.35 103.24
C ASN W 511 -3.06 -52.30 103.36
N ALA W 512 -2.79 -51.80 104.55
CA ALA W 512 -1.73 -50.81 104.73
C ALA W 512 -0.38 -51.39 104.34
N GLU W 513 -0.15 -52.66 104.63
CA GLU W 513 1.12 -53.28 104.29
C GLU W 513 1.26 -53.46 102.77
N ARG W 514 0.17 -53.91 102.12
CA ARG W 514 0.18 -53.96 100.67
C ARG W 514 0.46 -52.59 100.06
N GLN W 515 -0.10 -51.54 100.65
CA GLN W 515 0.12 -50.20 100.12
C GLN W 515 1.56 -49.75 100.32
N ILE W 516 2.14 -50.04 101.48
CA ILE W 516 3.54 -49.67 101.71
C ILE W 516 4.45 -50.40 100.74
N SER W 517 4.17 -51.69 100.50
CA SER W 517 4.96 -52.42 99.52
C SER W 517 4.82 -51.83 98.13
N GLN W 518 3.59 -51.39 97.78
CA GLN W 518 3.38 -50.77 96.48
C GLN W 518 4.18 -49.48 96.36
N ILE W 519 4.24 -48.69 97.43
CA ILE W 519 5.02 -47.45 97.39
C ILE W 519 6.49 -47.76 97.23
N ILE W 520 6.99 -48.78 97.92
CA ILE W 520 8.40 -49.17 97.76
C ILE W 520 8.67 -49.57 96.32
N ARG W 521 7.78 -50.38 95.74
CA ARG W 521 7.98 -50.82 94.36
C ARG W 521 7.94 -49.65 93.40
N VAL W 522 7.14 -48.62 93.69
CA VAL W 522 7.09 -47.46 92.82
C VAL W 522 8.36 -46.64 92.94
N MET W 523 8.90 -46.51 94.15
CA MET W 523 10.18 -45.84 94.30
C MET W 523 11.31 -46.60 93.63
N ASN W 524 11.15 -47.92 93.48
CA ASN W 524 12.19 -48.72 92.85
C ASN W 524 12.48 -48.27 91.43
N ILE W 525 11.45 -47.87 90.69
CA ILE W 525 11.58 -47.65 89.25
C ILE W 525 12.58 -46.53 88.96
N GLY W 526 12.38 -45.37 89.58
CA GLY W 526 13.34 -44.29 89.47
C GLY W 526 13.59 -43.81 88.06
N ASN W 527 12.58 -43.84 87.20
CA ASN W 527 12.71 -43.38 85.82
C ASN W 527 13.71 -44.22 85.04
N ASN W 528 13.72 -45.52 85.31
CA ASN W 528 14.61 -46.47 84.62
C ASN W 528 13.72 -47.36 83.75
N ALA W 529 13.67 -47.08 82.46
CA ALA W 529 12.80 -47.82 81.55
C ALA W 529 13.16 -49.28 81.46
N THR W 530 14.40 -49.64 81.79
CA THR W 530 14.80 -51.04 81.80
C THR W 530 14.10 -51.83 82.89
N VAL W 531 13.61 -51.16 83.94
CA VAL W 531 12.89 -51.86 84.99
C VAL W 531 11.47 -52.20 84.56
N ILE W 532 10.87 -51.40 83.69
CA ILE W 532 9.46 -51.58 83.32
C ILE W 532 9.26 -52.15 81.93
N GLN W 533 10.32 -52.28 81.14
CA GLN W 533 10.16 -52.98 79.86
C GLN W 533 9.72 -54.43 80.03
N PRO W 534 10.39 -55.26 80.83
CA PRO W 534 10.01 -56.68 80.91
C PRO W 534 8.59 -56.91 81.39
N VAL W 535 8.10 -56.08 82.31
CA VAL W 535 6.75 -56.25 82.83
C VAL W 535 5.73 -56.14 81.69
N LEU W 536 5.80 -55.05 80.93
CA LEU W 536 4.85 -54.84 79.86
C LEU W 536 4.99 -55.90 78.78
N GLN W 537 6.24 -56.27 78.42
CA GLN W 537 6.42 -57.27 77.39
C GLN W 537 5.84 -58.62 77.81
N ASP W 538 6.08 -59.02 79.06
CA ASP W 538 5.61 -60.33 79.50
C ASP W 538 4.09 -60.36 79.62
N ILE W 539 3.48 -59.29 80.12
CA ILE W 539 2.02 -59.26 80.19
C ILE W 539 1.42 -59.27 78.80
N SER W 540 2.06 -58.59 77.85
CA SER W 540 1.65 -58.66 76.45
C SER W 540 1.63 -60.09 75.96
N VAL W 541 2.73 -60.81 76.14
CA VAL W 541 2.80 -62.18 75.65
C VAL W 541 1.78 -63.07 76.34
N LEU W 542 1.53 -62.83 77.63
CA LEU W 542 0.56 -63.65 78.36
C LEU W 542 -0.85 -63.44 77.81
N LEU W 543 -1.24 -62.18 77.61
CA LEU W 543 -2.55 -61.91 77.01
C LEU W 543 -2.66 -62.54 75.64
N GLN W 544 -1.59 -62.45 74.83
CA GLN W 544 -1.62 -63.06 73.51
C GLN W 544 -1.84 -64.56 73.60
N ARG W 545 -1.22 -65.21 74.58
CA ARG W 545 -1.34 -66.65 74.71
C ARG W 545 -2.74 -67.06 75.15
N ILE W 546 -3.35 -66.28 76.05
CA ILE W 546 -4.62 -66.68 76.64
C ILE W 546 -5.81 -65.96 75.97
N SER W 547 -5.59 -65.32 74.84
CA SER W 547 -6.75 -64.64 74.27
C SER W 547 -7.34 -65.44 73.12
N PRO W 548 -8.67 -65.41 72.96
CA PRO W 548 -9.30 -66.09 71.82
C PRO W 548 -9.20 -65.34 70.51
N LEU W 549 -8.58 -64.16 70.49
CA LEU W 549 -8.61 -63.29 69.32
C LEU W 549 -7.41 -63.59 68.43
N GLN W 550 -7.68 -64.12 67.24
CA GLN W 550 -6.69 -64.17 66.19
C GLN W 550 -6.73 -62.89 65.39
N ILE W 551 -5.62 -62.55 64.75
CA ILE W 551 -5.51 -61.35 63.93
C ILE W 551 -4.93 -61.74 62.59
N ASP W 552 -5.60 -61.33 61.51
CA ASP W 552 -5.00 -61.49 60.19
C ASP W 552 -5.39 -60.35 59.27
N PRO W 553 -4.41 -59.63 58.72
CA PRO W 553 -4.71 -58.56 57.76
C PRO W 553 -5.26 -59.06 56.44
N THR W 554 -5.33 -60.38 56.25
CA THR W 554 -5.91 -60.91 55.03
C THR W 554 -7.36 -60.50 54.87
N ILE W 555 -8.05 -60.20 55.98
CA ILE W 555 -9.39 -59.63 55.89
C ILE W 555 -9.37 -58.32 55.10
N ILE W 556 -8.44 -57.44 55.46
CA ILE W 556 -8.32 -56.17 54.75
C ILE W 556 -7.94 -56.40 53.30
N SER W 557 -6.97 -57.30 53.07
CA SER W 557 -6.53 -57.56 51.71
C SER W 557 -7.66 -58.09 50.84
N ASN W 558 -8.48 -58.98 51.38
CA ASN W 558 -9.57 -59.55 50.61
C ASN W 558 -10.70 -58.55 50.40
N THR W 559 -11.00 -57.74 51.42
CA THR W 559 -12.05 -56.75 51.24
C THR W 559 -11.64 -55.66 50.26
N MET W 560 -10.34 -55.41 50.09
CA MET W 560 -9.93 -54.45 49.08
C MET W 560 -9.87 -55.10 47.70
N SER W 561 -8.98 -56.07 47.52
CA SER W 561 -8.72 -56.66 46.21
C SER W 561 -8.27 -55.60 45.21
N GLN W 569 -1.94 -39.44 36.95
CA GLN W 569 -3.00 -40.27 37.49
C GLN W 569 -2.63 -40.82 38.85
N THR W 570 -3.24 -40.27 39.90
CA THR W 570 -3.01 -40.78 41.24
C THR W 570 -3.47 -42.23 41.33
N LEU W 571 -2.61 -43.09 41.87
CA LEU W 571 -2.96 -44.48 42.07
C LEU W 571 -4.21 -44.59 42.94
N SER W 572 -4.86 -45.74 42.85
CA SER W 572 -6.17 -45.91 43.46
C SER W 572 -6.09 -45.71 44.97
N PRO W 573 -7.10 -45.10 45.58
CA PRO W 573 -7.12 -44.99 47.05
C PRO W 573 -7.03 -46.34 47.75
N ALA W 574 -7.57 -47.40 47.13
CA ALA W 574 -7.42 -48.73 47.70
C ALA W 574 -5.96 -49.14 47.76
N SER W 575 -5.24 -48.97 46.65
CA SER W 575 -3.81 -49.28 46.63
C SER W 575 -3.07 -48.43 47.63
N SER W 576 -3.47 -47.16 47.77
CA SER W 576 -2.78 -46.26 48.69
C SER W 576 -2.94 -46.72 50.14
N ILE W 577 -4.15 -47.06 50.54
CA ILE W 577 -4.33 -47.51 51.92
C ILE W 577 -3.73 -48.89 52.14
N LEU W 578 -3.71 -49.75 51.12
CA LEU W 578 -3.02 -51.02 51.30
C LEU W 578 -1.53 -50.82 51.51
N GLY W 579 -0.92 -49.91 50.75
CA GLY W 579 0.47 -49.59 50.98
C GLY W 579 0.72 -48.93 52.33
N LYS W 580 -0.23 -48.13 52.81
CA LYS W 580 -0.08 -47.51 54.12
C LYS W 580 -0.13 -48.55 55.22
N LEU W 581 -1.16 -49.40 55.21
CA LEU W 581 -1.34 -50.36 56.28
C LEU W 581 -0.29 -51.47 56.25
N ARG W 582 0.14 -51.88 55.06
CA ARG W 582 1.08 -52.98 54.93
C ARG W 582 0.53 -54.23 55.59
N PRO W 583 -0.53 -54.83 55.05
CA PRO W 583 -1.15 -56.01 55.67
C PRO W 583 -0.36 -57.30 55.48
N SER W 584 0.95 -57.23 55.69
CA SER W 584 1.81 -58.40 55.70
C SER W 584 2.75 -58.43 56.89
N ASN W 585 3.06 -57.29 57.50
CA ASN W 585 3.83 -57.27 58.74
C ASN W 585 2.99 -57.86 59.86
N SER W 586 3.48 -58.94 60.47
CA SER W 586 2.74 -59.66 61.50
C SER W 586 3.20 -59.32 62.91
N ASP W 587 3.84 -58.16 63.08
CA ASP W 587 4.29 -57.72 64.39
C ASP W 587 3.21 -56.84 65.00
N PHE W 588 2.47 -57.38 65.97
CA PHE W 588 1.39 -56.66 66.61
C PHE W 588 1.66 -56.49 68.10
N SER W 589 2.92 -56.18 68.44
CA SER W 589 3.24 -55.97 69.85
C SER W 589 2.67 -54.66 70.35
N SER W 590 2.49 -53.68 69.46
CA SER W 590 1.94 -52.40 69.89
C SER W 590 0.53 -52.54 70.44
N PHE W 591 -0.30 -53.36 69.78
CA PHE W 591 -1.67 -53.55 70.23
C PHE W 591 -1.70 -54.15 71.63
N ARG W 592 -0.95 -55.22 71.86
CA ARG W 592 -0.98 -55.88 73.15
C ARG W 592 -0.34 -55.03 74.23
N VAL W 593 0.72 -54.30 73.90
CA VAL W 593 1.36 -53.46 74.92
C VAL W 593 0.46 -52.29 75.29
N ALA W 594 -0.26 -51.74 74.32
CA ALA W 594 -1.24 -50.70 74.65
C ALA W 594 -2.36 -51.27 75.51
N LEU W 595 -2.78 -52.50 75.22
CA LEU W 595 -3.82 -53.12 76.03
C LEU W 595 -3.34 -53.40 77.45
N ALA W 596 -2.04 -53.63 77.62
CA ALA W 596 -1.49 -53.95 78.93
C ALA W 596 -1.07 -52.71 79.72
N GLY W 597 -0.79 -51.60 79.04
CA GLY W 597 -0.46 -50.38 79.75
C GLY W 597 -1.62 -49.70 80.42
N TRP W 598 -2.84 -50.21 80.26
CA TRP W 598 -3.97 -49.68 80.99
C TRP W 598 -3.82 -49.90 82.49
N LEU W 599 -3.15 -50.98 82.88
CA LEU W 599 -3.00 -51.33 84.29
C LEU W 599 -1.93 -50.51 84.99
N TYR W 600 -1.17 -49.71 84.26
CA TYR W 600 -0.03 -48.99 84.82
C TYR W 600 -0.08 -47.53 84.42
N ASN W 601 -1.26 -46.93 84.57
CA ASN W 601 -1.47 -45.55 84.15
C ASN W 601 -0.58 -44.59 84.91
N GLY W 602 -0.33 -44.85 86.18
CA GLY W 602 0.39 -43.93 87.02
C GLY W 602 1.89 -44.08 87.02
N VAL W 603 2.43 -44.99 86.22
CA VAL W 603 3.86 -45.21 86.13
C VAL W 603 4.37 -45.01 84.71
N VAL W 604 3.66 -45.54 83.71
CA VAL W 604 4.05 -45.45 82.32
C VAL W 604 2.87 -44.94 81.51
N THR W 605 3.11 -43.94 80.69
CA THR W 605 2.07 -43.35 79.85
C THR W 605 2.40 -43.62 78.39
N THR W 606 1.46 -44.21 77.66
CA THR W 606 1.69 -44.67 76.31
C THR W 606 1.17 -43.65 75.31
N VAL W 607 2.06 -43.08 74.53
CA VAL W 607 1.71 -42.09 73.52
C VAL W 607 1.92 -42.69 72.14
N ILE W 608 1.20 -42.15 71.16
CA ILE W 608 1.40 -42.56 69.78
C ILE W 608 2.75 -42.03 69.30
N ASP W 609 3.40 -42.81 68.43
CA ASP W 609 4.74 -42.48 67.97
C ASP W 609 4.73 -41.14 67.23
N ASP W 610 5.88 -40.48 67.25
CA ASP W 610 6.03 -39.24 66.51
C ASP W 610 6.00 -39.48 65.01
N SER W 611 6.52 -40.62 64.56
CA SER W 611 6.57 -40.92 63.13
C SER W 611 5.20 -41.15 62.53
N SER W 612 4.20 -41.45 63.37
CA SER W 612 2.86 -41.77 62.86
C SER W 612 2.11 -40.55 62.35
N TYR W 613 2.53 -39.36 62.73
CA TYR W 613 1.85 -38.16 62.28
C TYR W 613 2.26 -37.81 60.85
N PRO W 614 1.47 -37.00 60.16
CA PRO W 614 1.82 -36.61 58.80
C PRO W 614 3.14 -35.87 58.75
N LYS W 615 3.72 -35.79 57.56
CA LYS W 615 5.02 -35.16 57.37
C LYS W 615 4.84 -33.69 57.05
N ASP W 616 5.52 -32.83 57.81
CA ASP W 616 5.48 -31.39 57.61
C ASP W 616 4.09 -30.82 57.93
N GLY W 617 3.36 -31.46 58.82
CA GLY W 617 2.02 -31.03 59.18
C GLY W 617 0.95 -31.68 58.35
N GLY W 618 1.22 -31.89 57.07
CA GLY W 618 0.25 -32.49 56.19
C GLY W 618 -0.63 -31.48 55.51
N SER W 619 -1.58 -31.99 54.74
CA SER W 619 -2.51 -31.13 54.02
C SER W 619 -3.66 -31.97 53.50
N VAL W 620 -4.85 -31.37 53.48
CA VAL W 620 -6.04 -32.08 53.01
C VAL W 620 -6.01 -32.33 51.51
N THR W 621 -5.15 -31.64 50.78
CA THR W 621 -5.02 -31.84 49.34
C THR W 621 -4.17 -33.06 48.99
N SER W 622 -3.78 -33.86 49.98
CA SER W 622 -2.89 -35.00 49.76
C SER W 622 -3.59 -36.28 50.18
N LEU W 623 -3.74 -37.20 49.24
CA LEU W 623 -4.37 -38.49 49.54
C LEU W 623 -3.59 -39.24 50.61
N GLU W 624 -2.26 -39.19 50.54
CA GLU W 624 -1.45 -39.88 51.52
C GLU W 624 -1.68 -39.31 52.91
N ASN W 625 -1.81 -37.98 53.02
CA ASN W 625 -2.05 -37.40 54.33
C ASN W 625 -3.46 -37.67 54.82
N LEU W 626 -4.42 -37.80 53.92
CA LEU W 626 -5.76 -38.21 54.35
C LEU W 626 -5.74 -39.61 54.94
N TRP W 627 -5.06 -40.54 54.28
CA TRP W 627 -4.98 -41.88 54.86
C TRP W 627 -4.15 -41.89 56.13
N ASP W 628 -3.13 -41.02 56.23
CA ASP W 628 -2.41 -40.84 57.49
C ASP W 628 -3.37 -40.47 58.60
N PHE W 629 -4.22 -39.49 58.34
CA PHE W 629 -5.17 -39.04 59.36
C PHE W 629 -6.12 -40.15 59.75
N PHE W 630 -6.60 -40.93 58.78
CA PHE W 630 -7.50 -42.03 59.12
C PHE W 630 -6.81 -43.06 59.99
N ILE W 631 -5.61 -43.48 59.59
CA ILE W 631 -4.88 -44.47 60.38
C ILE W 631 -4.58 -43.95 61.77
N LEU W 632 -4.40 -42.65 61.92
CA LEU W 632 -4.05 -42.10 63.22
C LEU W 632 -5.26 -41.93 64.13
N ALA W 633 -6.41 -41.53 63.56
CA ALA W 633 -7.56 -41.22 64.38
C ALA W 633 -8.18 -42.45 65.03
N LEU W 634 -7.91 -43.65 64.52
CA LEU W 634 -8.49 -44.86 65.09
C LEU W 634 -7.63 -45.45 66.19
N ALA W 635 -6.35 -45.11 66.26
CA ALA W 635 -5.47 -45.67 67.28
C ALA W 635 -5.43 -44.84 68.55
N LEU W 636 -5.77 -43.56 68.49
CA LEU W 636 -5.65 -42.69 69.66
C LEU W 636 -6.50 -43.11 70.85
N PRO W 637 -7.76 -43.50 70.70
CA PRO W 637 -8.58 -43.82 71.89
C PRO W 637 -8.06 -44.97 72.74
N LEU W 638 -7.07 -45.72 72.29
CA LEU W 638 -6.56 -46.87 73.04
C LEU W 638 -5.33 -46.54 73.89
N THR W 639 -4.82 -45.33 73.81
CA THR W 639 -3.62 -44.96 74.55
C THR W 639 -3.99 -44.28 75.85
N THR W 640 -3.21 -44.56 76.90
CA THR W 640 -3.41 -43.90 78.19
C THR W 640 -2.65 -42.59 78.27
N ASP W 641 -2.84 -41.76 77.28
CA ASP W 641 -2.30 -40.41 77.21
C ASP W 641 -3.38 -39.44 77.65
N PRO W 642 -3.13 -38.59 78.64
CA PRO W 642 -4.20 -37.70 79.13
C PRO W 642 -4.78 -36.80 78.07
N CYS W 643 -3.99 -36.43 77.06
CA CYS W 643 -4.49 -35.59 75.96
C CYS W 643 -4.24 -36.30 74.63
N ALA W 644 -5.08 -37.28 74.35
CA ALA W 644 -5.31 -37.88 73.05
C ALA W 644 -6.33 -37.11 72.22
N PRO W 645 -7.46 -36.67 72.80
CA PRO W 645 -8.44 -35.93 72.00
C PRO W 645 -7.88 -34.67 71.37
N VAL W 646 -7.04 -33.93 72.09
CA VAL W 646 -6.54 -32.69 71.54
C VAL W 646 -5.58 -32.96 70.39
N LYS W 647 -4.78 -34.01 70.49
CA LYS W 647 -3.92 -34.39 69.37
C LYS W 647 -4.75 -34.82 68.17
N ALA W 648 -5.84 -35.56 68.41
CA ALA W 648 -6.71 -35.97 67.32
C ALA W 648 -7.35 -34.76 66.64
N PHE W 649 -7.73 -33.75 67.43
CA PHE W 649 -8.33 -32.56 66.84
C PHE W 649 -7.30 -31.76 66.05
N MET W 650 -6.13 -31.55 66.64
CA MET W 650 -5.17 -30.66 66.01
C MET W 650 -4.41 -31.30 64.87
N THR W 651 -4.45 -32.62 64.72
CA THR W 651 -3.98 -33.22 63.47
C THR W 651 -4.75 -32.67 62.29
N LEU W 652 -6.08 -32.75 62.35
CA LEU W 652 -6.89 -32.19 61.27
C LEU W 652 -6.82 -30.67 61.24
N ALA W 653 -6.69 -30.03 62.41
CA ALA W 653 -6.54 -28.58 62.41
C ALA W 653 -5.28 -28.14 61.68
N ASN W 654 -4.20 -28.92 61.77
CA ASN W 654 -2.98 -28.61 61.04
C ASN W 654 -3.13 -28.93 59.56
N MET W 655 -3.76 -30.06 59.24
CA MET W 655 -3.96 -30.40 57.84
C MET W 655 -4.87 -29.41 57.13
N MET W 656 -5.72 -28.71 57.88
CA MET W 656 -6.75 -27.86 57.30
C MET W 656 -6.29 -26.42 57.10
N VAL W 657 -5.02 -26.12 57.34
CA VAL W 657 -4.54 -24.75 57.21
C VAL W 657 -4.67 -24.30 55.76
N GLY W 658 -5.06 -23.04 55.57
CA GLY W 658 -5.28 -22.48 54.26
C GLY W 658 -6.68 -22.64 53.73
N PHE W 659 -7.45 -23.58 54.28
CA PHE W 659 -8.83 -23.80 53.86
C PHE W 659 -9.84 -23.54 54.96
N GLU W 660 -9.44 -23.57 56.23
CA GLU W 660 -10.31 -23.28 57.34
C GLU W 660 -9.46 -22.71 58.48
N THR W 661 -10.12 -22.01 59.40
CA THR W 661 -9.41 -21.33 60.47
C THR W 661 -10.15 -21.50 61.77
N ILE W 662 -9.41 -21.41 62.88
CA ILE W 662 -10.00 -21.38 64.21
C ILE W 662 -9.43 -20.18 64.96
N PRO W 663 -10.11 -19.72 66.00
CA PRO W 663 -9.56 -18.63 66.82
C PRO W 663 -8.38 -19.11 67.64
N MET W 664 -7.38 -18.24 67.77
CA MET W 664 -6.19 -18.54 68.54
C MET W 664 -6.27 -17.89 69.91
N ASP W 665 -5.32 -18.25 70.77
CA ASP W 665 -5.28 -17.75 72.14
C ASP W 665 -4.34 -16.56 72.29
N ASN W 666 -3.08 -16.71 71.94
CA ASN W 666 -2.10 -15.64 72.06
C ASN W 666 -1.54 -15.27 70.70
N GLN W 667 -0.71 -14.23 70.69
CA GLN W 667 -0.05 -13.77 69.47
C GLN W 667 1.25 -14.51 69.20
N ILE W 668 1.44 -15.68 69.79
CA ILE W 668 2.67 -16.45 69.67
C ILE W 668 2.47 -17.66 68.76
N TYR W 669 1.49 -18.50 69.08
CA TYR W 669 1.31 -19.74 68.35
C TYR W 669 0.32 -19.57 67.21
N THR W 670 0.37 -20.52 66.27
CA THR W 670 -0.42 -20.48 65.05
C THR W 670 -1.19 -21.79 64.92
N GLN W 671 -2.26 -21.77 64.12
CA GLN W 671 -3.04 -22.98 63.86
C GLN W 671 -2.18 -24.09 63.29
N SER W 672 -1.09 -23.76 62.59
CA SER W 672 -0.19 -24.76 62.04
C SER W 672 1.01 -24.98 62.95
N ARG W 673 0.73 -25.44 64.16
CA ARG W 673 1.75 -25.99 65.06
C ARG W 673 1.48 -27.48 65.22
N ARG W 674 2.56 -28.25 65.32
CA ARG W 674 2.45 -29.70 65.21
C ARG W 674 1.58 -30.28 66.32
N ALA W 675 0.65 -31.15 65.94
CA ALA W 675 -0.30 -31.71 66.89
C ALA W 675 0.39 -32.58 67.92
N SER W 676 1.54 -33.15 67.58
CA SER W 676 2.26 -34.00 68.52
C SER W 676 2.96 -33.21 69.62
N ALA W 677 2.89 -31.88 69.59
CA ALA W 677 3.50 -31.05 70.62
C ALA W 677 2.51 -30.69 71.72
N PHE W 678 1.30 -31.23 71.69
CA PHE W 678 0.29 -30.99 72.73
C PHE W 678 0.33 -32.18 73.69
N SER W 679 1.25 -32.10 74.65
CA SER W 679 1.50 -33.20 75.57
C SER W 679 1.15 -32.85 77.01
N THR W 680 0.46 -31.74 77.25
CA THR W 680 0.18 -31.31 78.61
C THR W 680 -1.11 -30.52 78.59
N PRO W 681 -1.92 -30.59 79.64
CA PRO W 681 -3.25 -29.95 79.60
C PRO W 681 -3.22 -28.45 79.39
N HIS W 682 -2.10 -27.76 79.62
CA HIS W 682 -2.12 -26.31 79.45
C HIS W 682 -2.06 -25.89 78.00
N THR W 683 -1.95 -26.82 77.06
CA THR W 683 -1.89 -26.48 75.64
C THR W 683 -3.21 -26.68 74.93
N TRP W 684 -4.27 -26.99 75.65
CA TRP W 684 -5.53 -27.30 74.97
C TRP W 684 -6.19 -26.02 74.49
N PRO W 685 -6.58 -25.94 73.22
CA PRO W 685 -7.14 -24.70 72.70
C PRO W 685 -8.48 -24.38 73.37
N ARG W 686 -8.66 -23.09 73.64
CA ARG W 686 -9.93 -22.64 74.20
C ARG W 686 -11.08 -22.92 73.24
N CYS W 687 -10.84 -22.83 71.94
CA CYS W 687 -11.85 -23.18 70.96
C CYS W 687 -12.15 -24.67 70.92
N PHE W 688 -11.23 -25.50 71.43
CA PHE W 688 -11.54 -26.92 71.55
C PHE W 688 -12.31 -27.20 72.83
N MET W 689 -11.92 -26.56 73.93
CA MET W 689 -12.66 -26.76 75.17
C MET W 689 -14.07 -26.17 75.10
N ASN W 690 -14.30 -25.21 74.20
CA ASN W 690 -15.63 -24.65 74.00
C ASN W 690 -15.95 -24.72 72.51
N ILE W 691 -16.94 -25.53 72.14
CA ILE W 691 -17.21 -25.78 70.73
C ILE W 691 -17.67 -24.51 70.03
N GLN W 692 -18.53 -23.75 70.69
CA GLN W 692 -19.23 -22.65 70.02
C GLN W 692 -18.32 -21.50 69.59
N LEU W 693 -17.01 -21.57 69.85
CA LEU W 693 -16.10 -20.58 69.30
C LEU W 693 -15.65 -20.92 67.88
N ILE W 694 -16.00 -22.09 67.37
CA ILE W 694 -15.68 -22.50 66.01
C ILE W 694 -16.91 -22.23 65.16
N SER W 695 -16.85 -21.20 64.32
CA SER W 695 -18.02 -20.83 63.54
C SER W 695 -18.27 -21.87 62.46
N PRO W 696 -19.50 -22.38 62.33
CA PRO W 696 -19.77 -23.38 61.28
C PRO W 696 -19.77 -22.80 59.89
N ILE W 697 -19.85 -21.47 59.75
CA ILE W 697 -19.77 -20.84 58.44
C ILE W 697 -18.34 -20.65 57.97
N ASP W 698 -17.37 -20.99 58.80
CA ASP W 698 -15.96 -20.83 58.48
C ASP W 698 -15.18 -22.12 58.61
N ALA W 699 -15.49 -22.95 59.60
CA ALA W 699 -14.82 -24.24 59.81
C ALA W 699 -15.88 -25.34 59.85
N PRO W 700 -16.51 -25.65 58.73
CA PRO W 700 -17.54 -26.69 58.74
C PRO W 700 -17.00 -28.07 59.14
N ILE W 701 -16.03 -28.57 58.38
CA ILE W 701 -15.48 -29.89 58.66
C ILE W 701 -14.79 -29.90 60.01
N LEU W 702 -14.14 -28.80 60.35
CA LEU W 702 -13.35 -28.75 61.57
C LEU W 702 -14.26 -28.75 62.81
N ARG W 703 -15.36 -27.99 62.76
CA ARG W 703 -16.32 -28.04 63.86
C ARG W 703 -17.04 -29.37 63.91
N GLN W 704 -17.30 -30.00 62.75
CA GLN W 704 -17.89 -31.34 62.80
C GLN W 704 -16.96 -32.32 63.49
N TRP W 705 -15.67 -32.25 63.21
CA TRP W 705 -14.72 -33.13 63.86
C TRP W 705 -14.65 -32.86 65.36
N ALA W 706 -14.67 -31.59 65.75
CA ALA W 706 -14.66 -31.27 67.17
C ALA W 706 -15.90 -31.82 67.86
N GLU W 707 -17.07 -31.61 67.25
CA GLU W 707 -18.32 -32.08 67.83
C GLU W 707 -18.33 -33.60 67.95
N ILE W 708 -17.78 -34.29 66.95
CA ILE W 708 -17.66 -35.75 67.03
C ILE W 708 -16.76 -36.15 68.18
N ILE W 709 -15.64 -35.45 68.36
CA ILE W 709 -14.73 -35.77 69.46
C ILE W 709 -15.43 -35.61 70.79
N HIS W 710 -16.23 -34.55 70.93
CA HIS W 710 -16.89 -34.29 72.21
C HIS W 710 -18.03 -35.27 72.48
N ARG W 711 -18.71 -35.73 71.44
CA ARG W 711 -19.88 -36.58 71.66
C ARG W 711 -19.56 -38.06 71.70
N TYR W 712 -18.70 -38.54 70.81
CA TYR W 712 -18.56 -39.97 70.59
C TYR W 712 -17.22 -40.53 71.03
N TRP W 713 -16.39 -39.73 71.70
CA TRP W 713 -15.17 -40.26 72.28
C TRP W 713 -15.52 -41.26 73.37
N PRO W 714 -14.73 -42.32 73.52
CA PRO W 714 -15.08 -43.39 74.47
C PRO W 714 -15.15 -42.90 75.91
N ASN W 715 -15.90 -43.64 76.72
CA ASN W 715 -16.15 -43.31 78.11
C ASN W 715 -15.43 -44.27 79.03
N PRO W 716 -14.67 -43.77 80.01
CA PRO W 716 -14.00 -44.67 80.96
C PRO W 716 -15.01 -45.46 81.77
N SER W 717 -14.52 -46.47 82.46
CA SER W 717 -15.37 -47.33 83.27
C SER W 717 -14.49 -48.04 84.30
N GLN W 718 -15.07 -49.01 85.00
CA GLN W 718 -14.35 -49.71 86.06
C GLN W 718 -14.95 -51.09 86.24
N ILE W 719 -14.10 -52.03 86.65
CA ILE W 719 -14.51 -53.43 86.84
C ILE W 719 -13.87 -53.95 88.12
N ARG W 720 -14.59 -54.86 88.78
CA ARG W 720 -14.11 -55.45 90.02
C ARG W 720 -13.20 -56.63 89.73
N TYR W 721 -12.21 -56.82 90.60
CA TYR W 721 -11.29 -57.94 90.47
C TYR W 721 -10.82 -58.36 91.86
N GLY W 722 -9.96 -59.36 91.90
CA GLY W 722 -9.34 -59.84 93.12
C GLY W 722 -10.35 -60.25 94.18
N THR W 723 -9.83 -60.40 95.39
CA THR W 723 -10.64 -60.74 96.56
C THR W 723 -10.16 -59.92 97.74
N PRO W 724 -10.70 -58.72 97.93
CA PRO W 724 -10.20 -57.84 99.00
C PRO W 724 -10.43 -58.38 100.40
N ASN W 725 -11.26 -59.41 100.58
CA ASN W 725 -11.51 -59.94 101.90
C ASN W 725 -10.45 -60.94 102.36
N VAL W 726 -9.62 -61.43 101.45
CA VAL W 726 -8.57 -62.38 101.82
C VAL W 726 -7.22 -61.88 101.36
N PHE W 727 -7.11 -61.56 100.08
CA PHE W 727 -5.84 -61.10 99.52
C PHE W 727 -5.55 -59.64 99.79
N GLY W 728 -6.42 -58.94 100.52
CA GLY W 728 -6.23 -57.52 100.67
C GLY W 728 -6.38 -56.82 99.33
N SER W 729 -5.77 -55.64 99.25
CA SER W 729 -5.80 -54.87 98.01
C SER W 729 -4.74 -53.78 98.03
N ALA W 730 -3.88 -53.75 97.00
CA ALA W 730 -2.79 -52.81 96.93
C ALA W 730 -3.14 -51.54 96.16
N ASN W 731 -4.43 -51.25 96.01
CA ASN W 731 -4.84 -50.01 95.36
C ASN W 731 -4.52 -48.83 96.26
N LEU W 732 -4.02 -47.76 95.66
CA LEU W 732 -3.65 -46.55 96.40
C LEU W 732 -4.64 -45.42 96.20
N PHE W 733 -4.90 -45.03 94.95
CA PHE W 733 -5.77 -43.90 94.68
C PHE W 733 -7.15 -44.32 94.19
N THR W 734 -7.38 -45.60 93.95
CA THR W 734 -8.70 -46.12 93.65
C THR W 734 -9.23 -46.91 94.85
N PRO W 735 -10.53 -47.15 94.92
CA PRO W 735 -11.07 -47.94 96.03
C PRO W 735 -10.51 -49.35 96.02
N PRO W 736 -10.71 -50.10 97.09
CA PRO W 736 -9.93 -51.34 97.27
C PRO W 736 -10.16 -52.40 96.20
N GLU W 737 -11.33 -52.48 95.57
CA GLU W 737 -11.54 -53.46 94.49
C GLU W 737 -12.14 -52.77 93.27
N VAL W 738 -11.29 -52.15 92.47
CA VAL W 738 -11.73 -51.45 91.26
C VAL W 738 -10.56 -51.43 90.28
N LEU W 739 -10.87 -51.68 89.02
CA LEU W 739 -9.88 -51.66 87.95
C LEU W 739 -10.38 -50.68 86.90
N LEU W 740 -9.77 -49.49 86.86
CA LEU W 740 -10.21 -48.47 85.93
C LEU W 740 -9.85 -48.86 84.50
N LEU W 741 -10.74 -48.58 83.57
CA LEU W 741 -10.53 -48.87 82.17
C LEU W 741 -10.80 -47.62 81.35
N PRO W 742 -10.04 -47.40 80.27
CA PRO W 742 -10.26 -46.23 79.42
C PRO W 742 -11.39 -46.38 78.43
N ILE W 743 -12.15 -47.47 78.48
CA ILE W 743 -13.26 -47.72 77.56
C ILE W 743 -14.41 -48.35 78.33
N ASP W 744 -15.57 -48.36 77.70
CA ASP W 744 -16.75 -48.99 78.29
C ASP W 744 -16.68 -50.50 78.09
N HIS W 745 -17.35 -51.23 78.97
CA HIS W 745 -17.42 -52.68 78.88
C HIS W 745 -18.83 -53.14 79.21
N GLN W 746 -19.27 -54.18 78.52
CA GLN W 746 -20.58 -54.78 78.71
C GLN W 746 -20.42 -56.27 78.96
N PRO W 747 -21.48 -56.94 79.40
CA PRO W 747 -21.39 -58.40 79.61
C PRO W 747 -21.05 -59.12 78.32
N ALA W 748 -20.57 -60.35 78.47
CA ALA W 748 -19.96 -61.09 77.38
C ALA W 748 -20.98 -62.02 76.73
N ASN W 749 -21.19 -61.85 75.43
CA ASN W 749 -21.84 -62.87 74.63
C ASN W 749 -21.25 -62.85 73.22
N VAL W 750 -21.14 -64.03 72.63
CA VAL W 750 -20.57 -64.12 71.29
C VAL W 750 -21.61 -63.90 70.21
N THR W 751 -22.89 -64.01 70.52
CA THR W 751 -23.96 -63.91 69.53
C THR W 751 -24.42 -62.47 69.34
N THR W 752 -23.49 -61.57 69.11
CA THR W 752 -23.90 -60.18 68.93
C THR W 752 -23.43 -59.66 67.58
N PRO W 753 -24.21 -58.77 66.96
CA PRO W 753 -23.92 -58.37 65.57
C PRO W 753 -22.57 -57.69 65.43
N THR W 754 -21.83 -58.10 64.40
CA THR W 754 -20.54 -57.48 64.14
C THR W 754 -20.69 -56.01 63.81
N LEU W 755 -21.74 -55.65 63.10
CA LEU W 755 -22.01 -54.26 62.71
C LEU W 755 -22.93 -53.58 63.71
N ASP W 756 -22.58 -53.64 64.99
CA ASP W 756 -23.37 -53.05 66.06
C ASP W 756 -22.82 -51.66 66.36
N PHE W 757 -23.57 -50.63 65.98
CA PHE W 757 -23.13 -49.26 66.24
C PHE W 757 -23.42 -48.81 67.66
N THR W 758 -23.89 -49.72 68.52
CA THR W 758 -23.95 -49.41 69.94
C THR W 758 -22.59 -49.54 70.60
N ASN W 759 -21.74 -50.42 70.07
CA ASN W 759 -20.37 -50.52 70.56
C ASN W 759 -19.63 -49.22 70.30
N GLU W 760 -18.86 -48.77 71.29
CA GLU W 760 -18.23 -47.46 71.19
C GLU W 760 -17.16 -47.44 70.10
N LEU W 761 -16.39 -48.51 69.97
CA LEU W 761 -15.33 -48.51 68.97
C LEU W 761 -15.90 -48.60 67.56
N THR W 762 -16.93 -49.42 67.36
CA THR W 762 -17.59 -49.47 66.06
C THR W 762 -18.21 -48.13 65.72
N ASN W 763 -18.84 -47.49 66.71
CA ASN W 763 -19.43 -46.18 66.47
C ASN W 763 -18.36 -45.15 66.11
N TRP W 764 -17.21 -45.20 66.79
CA TRP W 764 -16.12 -44.28 66.48
C TRP W 764 -15.62 -44.49 65.06
N ARG W 765 -15.44 -45.73 64.65
CA ARG W 765 -14.99 -46.00 63.29
C ARG W 765 -16.00 -45.49 62.27
N ALA W 766 -17.28 -45.74 62.50
CA ALA W 766 -18.30 -45.27 61.57
C ALA W 766 -18.30 -43.74 61.48
N ARG W 767 -18.15 -43.07 62.63
CA ARG W 767 -18.16 -41.61 62.62
C ARG W 767 -16.94 -41.05 61.89
N VAL W 768 -15.76 -41.64 62.10
CA VAL W 768 -14.58 -41.14 61.41
C VAL W 768 -14.70 -41.34 59.91
N CYS W 769 -15.18 -42.52 59.49
CA CYS W 769 -15.35 -42.76 58.06
C CYS W 769 -16.36 -41.79 57.46
N GLU W 770 -17.45 -41.52 58.18
CA GLU W 770 -18.44 -40.59 57.65
C GLU W 770 -17.89 -39.17 57.55
N LEU W 771 -17.08 -38.75 58.53
CA LEU W 771 -16.53 -37.40 58.44
C LEU W 771 -15.55 -37.29 57.28
N MET W 772 -14.68 -38.28 57.09
CA MET W 772 -13.78 -38.21 55.94
C MET W 772 -14.57 -38.22 54.64
N LYS W 773 -15.67 -38.96 54.60
CA LYS W 773 -16.56 -38.93 53.45
C LYS W 773 -17.06 -37.52 53.18
N ASN W 774 -17.59 -36.85 54.21
CA ASN W 774 -18.02 -35.46 54.06
C ASN W 774 -16.88 -34.56 53.63
N LEU W 775 -15.67 -34.83 54.11
CA LEU W 775 -14.52 -34.02 53.75
C LEU W 775 -14.23 -34.12 52.27
N VAL W 776 -14.38 -35.32 51.69
CA VAL W 776 -14.00 -35.54 50.31
C VAL W 776 -15.17 -35.42 49.34
N ASP W 777 -16.39 -35.18 49.84
CA ASP W 777 -17.57 -35.17 48.97
C ASP W 777 -17.46 -34.12 47.86
N ASN W 778 -17.43 -32.84 48.23
CA ASN W 778 -17.61 -31.77 47.26
C ASN W 778 -16.34 -31.40 46.51
N GLN W 779 -15.19 -31.97 46.88
CA GLN W 779 -13.90 -31.57 46.32
C GLN W 779 -13.64 -30.09 46.57
N ARG W 780 -14.16 -29.58 47.69
CA ARG W 780 -13.89 -28.21 48.08
C ARG W 780 -12.48 -28.06 48.64
N TYR W 781 -11.84 -29.17 49.02
CA TYR W 781 -10.55 -29.12 49.67
C TYR W 781 -9.45 -29.79 48.86
N GLN W 782 -9.76 -30.33 47.68
CA GLN W 782 -8.78 -30.98 46.83
C GLN W 782 -8.79 -30.37 45.44
N PRO W 783 -8.44 -29.08 45.33
CA PRO W 783 -8.30 -28.48 44.00
C PRO W 783 -6.96 -28.87 43.42
N GLY W 784 -6.98 -29.71 42.39
CA GLY W 784 -5.74 -30.23 41.86
C GLY W 784 -5.88 -31.66 41.40
N TRP W 785 -6.90 -32.34 41.91
CA TRP W 785 -7.26 -33.66 41.40
C TRP W 785 -8.01 -33.45 40.10
N THR W 786 -7.28 -33.55 38.98
CA THR W 786 -7.91 -33.33 37.68
C THR W 786 -9.00 -34.37 37.42
N GLN W 787 -8.73 -35.63 37.74
CA GLN W 787 -9.74 -36.66 37.61
C GLN W 787 -10.77 -36.52 38.74
N SER W 788 -11.71 -37.45 38.77
CA SER W 788 -12.78 -37.46 39.77
C SER W 788 -12.64 -38.73 40.61
N LEU W 789 -11.95 -38.61 41.73
CA LEU W 789 -11.74 -39.73 42.64
C LEU W 789 -12.77 -39.77 43.76
N VAL W 790 -13.87 -39.03 43.61
CA VAL W 790 -14.89 -39.01 44.67
C VAL W 790 -15.52 -40.38 44.83
N SER W 791 -15.85 -41.04 43.72
CA SER W 791 -16.48 -42.35 43.82
C SER W 791 -15.52 -43.39 44.40
N SER W 792 -14.24 -43.33 44.03
CA SER W 792 -13.29 -44.30 44.55
C SER W 792 -13.03 -44.09 46.03
N MET W 793 -12.80 -42.84 46.45
CA MET W 793 -12.68 -42.54 47.87
C MET W 793 -13.91 -43.00 48.63
N ARG W 794 -15.09 -42.71 48.10
CA ARG W 794 -16.33 -43.09 48.75
C ARG W 794 -16.43 -44.60 48.92
N GLY W 795 -16.12 -45.36 47.87
CA GLY W 795 -16.21 -46.81 47.97
C GLY W 795 -15.23 -47.38 48.96
N THR W 796 -13.98 -46.92 48.94
CA THR W 796 -13.01 -47.46 49.87
C THR W 796 -13.35 -47.09 51.31
N LEU W 797 -13.88 -45.89 51.54
CA LEU W 797 -14.29 -45.53 52.90
C LEU W 797 -15.50 -46.36 53.33
N GLY W 798 -16.41 -46.65 52.41
CA GLY W 798 -17.52 -47.52 52.75
C GLY W 798 -17.06 -48.91 53.14
N LYS W 799 -16.03 -49.42 52.46
CA LYS W 799 -15.48 -50.72 52.82
C LYS W 799 -14.86 -50.68 54.22
N LEU W 800 -14.01 -49.68 54.47
CA LEU W 800 -13.43 -49.52 55.81
C LEU W 800 -14.51 -49.44 56.88
N LYS W 801 -15.59 -48.73 56.59
CA LYS W 801 -16.69 -48.62 57.54
C LYS W 801 -17.32 -49.98 57.81
N LEU W 802 -17.80 -50.62 56.75
CA LEU W 802 -18.46 -51.92 56.89
C LEU W 802 -17.48 -53.08 56.71
N ILE W 803 -16.34 -53.01 57.38
CA ILE W 803 -15.45 -54.17 57.48
C ILE W 803 -15.94 -55.09 58.57
N LYS W 804 -15.62 -56.37 58.44
CA LYS W 804 -16.16 -57.42 59.31
C LYS W 804 -15.13 -57.80 60.37
N SER W 805 -14.99 -56.92 61.36
CA SER W 805 -13.99 -57.04 62.39
C SER W 805 -14.64 -57.35 63.74
N MET W 806 -14.00 -58.22 64.51
CA MET W 806 -14.50 -58.63 65.82
C MET W 806 -13.63 -58.10 66.94
N THR W 807 -12.65 -57.26 66.64
CA THR W 807 -11.77 -56.66 67.63
C THR W 807 -12.49 -55.66 68.53
N PRO W 808 -13.36 -54.79 68.00
CA PRO W 808 -14.15 -53.93 68.91
C PRO W 808 -15.01 -54.71 69.87
N MET W 809 -15.71 -55.73 69.38
CA MET W 809 -16.49 -56.61 70.24
C MET W 809 -15.61 -57.27 71.30
N TYR W 810 -14.43 -57.73 70.88
CA TYR W 810 -13.49 -58.32 71.84
C TYR W 810 -13.11 -57.33 72.92
N LEU W 811 -12.64 -56.15 72.54
CA LEU W 811 -12.23 -55.14 73.52
C LEU W 811 -13.37 -54.76 74.44
N GLN W 812 -14.60 -54.75 73.94
CA GLN W 812 -15.71 -54.37 74.79
C GLN W 812 -16.04 -55.46 75.80
N GLN W 813 -15.99 -56.73 75.38
CA GLN W 813 -16.55 -57.80 76.20
C GLN W 813 -15.52 -58.67 76.89
N LEU W 814 -14.56 -59.22 76.15
CA LEU W 814 -13.69 -60.25 76.71
C LEU W 814 -12.36 -59.71 77.21
N ALA W 815 -11.90 -58.57 76.71
CA ALA W 815 -10.64 -58.02 77.20
C ALA W 815 -10.68 -57.65 78.67
N PRO W 816 -11.70 -56.94 79.18
CA PRO W 816 -11.74 -56.64 80.62
C PRO W 816 -11.76 -57.87 81.49
N VAL W 817 -12.45 -58.94 81.05
CA VAL W 817 -12.46 -60.17 81.84
C VAL W 817 -11.06 -60.75 81.96
N GLU W 818 -10.31 -60.75 80.86
CA GLU W 818 -8.96 -61.29 80.91
C GLU W 818 -8.05 -60.41 81.77
N LEU W 819 -8.20 -59.09 81.68
CA LEU W 819 -7.40 -58.21 82.53
C LEU W 819 -7.71 -58.43 84.00
N ALA W 820 -9.00 -58.57 84.33
CA ALA W 820 -9.37 -58.78 85.72
C ALA W 820 -8.99 -60.16 86.23
N VAL W 821 -8.87 -61.14 85.33
CA VAL W 821 -8.39 -62.45 85.74
C VAL W 821 -6.89 -62.45 85.94
N ILE W 822 -6.16 -61.66 85.15
CA ILE W 822 -4.70 -61.63 85.27
C ILE W 822 -4.25 -60.75 86.42
N ALA W 823 -5.04 -59.74 86.79
CA ALA W 823 -4.57 -58.70 87.71
C ALA W 823 -4.16 -59.21 89.08
N PRO W 824 -4.97 -59.98 89.81
CA PRO W 824 -4.58 -60.34 91.18
C PRO W 824 -3.38 -61.26 91.27
N MET W 825 -2.87 -61.77 90.16
CA MET W 825 -1.75 -62.71 90.18
C MET W 825 -0.45 -62.09 89.71
N LEU W 826 -0.44 -60.82 89.34
CA LEU W 826 0.77 -60.21 88.81
C LEU W 826 1.81 -60.03 89.91
N PRO W 827 3.10 -60.02 89.55
CA PRO W 827 4.12 -59.74 90.57
C PRO W 827 4.11 -58.31 91.04
N PHE W 828 3.96 -57.36 90.12
CA PHE W 828 3.86 -55.94 90.43
C PHE W 828 2.42 -55.51 90.17
N PRO W 829 1.58 -55.40 91.21
CA PRO W 829 0.14 -55.23 91.00
C PRO W 829 -0.17 -53.90 90.35
N PRO W 830 -1.38 -53.74 89.83
CA PRO W 830 -1.68 -52.55 89.01
C PRO W 830 -1.66 -51.27 89.82
N PHE W 831 -1.15 -50.21 89.20
CA PHE W 831 -0.99 -48.91 89.82
C PHE W 831 -1.60 -47.87 88.89
N GLN W 832 -2.77 -47.35 89.24
CA GLN W 832 -3.54 -46.54 88.31
C GLN W 832 -3.80 -45.15 88.86
N VAL W 833 -4.09 -44.25 87.93
CA VAL W 833 -4.46 -42.86 88.19
C VAL W 833 -5.74 -42.64 87.39
N PRO W 834 -6.67 -41.80 87.86
CA PRO W 834 -8.00 -41.75 87.23
C PRO W 834 -7.96 -41.38 85.76
N TYR W 835 -8.89 -41.98 85.00
CA TYR W 835 -9.08 -41.65 83.59
C TYR W 835 -10.16 -40.58 83.50
N VAL W 836 -9.75 -39.35 83.20
CA VAL W 836 -10.68 -38.26 82.96
C VAL W 836 -10.84 -38.11 81.45
N ARG W 837 -12.08 -38.03 80.99
CA ARG W 837 -12.34 -38.11 79.55
C ARG W 837 -11.96 -36.82 78.85
N LEU W 838 -12.65 -35.74 79.17
CA LEU W 838 -12.33 -34.43 78.60
C LEU W 838 -12.35 -33.33 79.65
N ASP W 839 -12.65 -33.66 80.91
CA ASP W 839 -12.64 -32.67 81.99
C ASP W 839 -11.20 -32.26 82.24
N ARG W 840 -10.81 -31.10 81.72
CA ARG W 840 -9.40 -30.70 81.73
C ARG W 840 -8.90 -30.51 83.15
N ASP W 841 -9.68 -29.87 84.01
CA ASP W 841 -9.20 -29.48 85.32
C ASP W 841 -8.92 -30.64 86.26
N ARG W 842 -9.25 -31.87 85.85
CA ARG W 842 -8.99 -33.05 86.68
C ARG W 842 -7.96 -33.98 86.06
N VAL W 843 -7.19 -33.49 85.08
CA VAL W 843 -6.19 -34.31 84.41
C VAL W 843 -4.96 -34.42 85.29
N PRO W 844 -4.51 -35.63 85.63
CA PRO W 844 -3.32 -35.76 86.47
C PRO W 844 -2.07 -35.32 85.72
N THR W 845 -1.17 -34.67 86.44
CA THR W 845 0.04 -34.12 85.82
C THR W 845 1.31 -34.39 86.59
N MET W 846 1.26 -35.12 87.70
CA MET W 846 2.45 -35.34 88.50
C MET W 846 2.16 -36.40 89.54
N VAL W 847 3.17 -37.20 89.86
CA VAL W 847 3.05 -38.26 90.86
C VAL W 847 4.35 -38.30 91.65
N GLY W 848 4.31 -37.87 92.90
CA GLY W 848 5.48 -37.84 93.76
C GLY W 848 5.32 -38.79 94.93
N VAL W 849 6.44 -39.04 95.60
CA VAL W 849 6.48 -39.86 96.80
C VAL W 849 7.07 -39.04 97.92
N THR W 850 6.52 -39.19 99.12
CA THR W 850 6.95 -38.44 100.29
C THR W 850 7.51 -39.39 101.33
N ARG W 851 8.53 -38.92 102.05
CA ARG W 851 9.13 -39.72 103.10
C ARG W 851 9.19 -39.01 104.43
N GLN W 852 8.70 -37.78 104.52
CA GLN W 852 8.74 -37.02 105.76
C GLN W 852 7.36 -36.95 106.38
N SER W 853 7.32 -36.57 107.65
CA SER W 853 6.07 -36.51 108.39
C SER W 853 5.21 -35.36 107.89
N ARG W 854 4.08 -35.16 108.54
CA ARG W 854 3.08 -34.20 108.09
C ARG W 854 3.07 -32.92 108.90
N ASP W 855 3.77 -32.87 110.04
CA ASP W 855 3.82 -31.68 110.87
C ASP W 855 5.24 -31.13 110.97
N THR W 856 5.99 -31.19 109.87
CA THR W 856 7.37 -30.72 109.86
C THR W 856 7.65 -30.03 108.54
N ILE W 857 8.61 -29.11 108.57
CA ILE W 857 9.09 -28.42 107.38
C ILE W 857 10.56 -28.75 107.20
N THR W 858 10.91 -29.31 106.05
CA THR W 858 12.26 -29.77 105.77
C THR W 858 12.64 -29.31 104.37
N GLN W 859 13.76 -29.83 103.87
CA GLN W 859 14.16 -29.55 102.51
C GLN W 859 13.10 -30.06 101.54
N PRO W 860 12.78 -29.32 100.49
CA PRO W 860 11.78 -29.77 99.52
C PRO W 860 12.33 -30.83 98.57
N ALA W 861 12.79 -31.94 99.14
CA ALA W 861 13.38 -33.01 98.35
C ALA W 861 12.25 -33.72 97.61
N LEU W 862 11.89 -33.18 96.46
CA LEU W 862 10.87 -33.80 95.63
C LEU W 862 11.34 -35.18 95.19
N SER W 863 10.37 -36.05 94.95
CA SER W 863 10.67 -37.38 94.46
C SER W 863 11.31 -37.30 93.09
N LEU W 864 11.78 -38.46 92.61
CA LEU W 864 12.47 -38.52 91.33
C LEU W 864 11.52 -38.78 90.18
N SER W 865 10.30 -39.22 90.45
CA SER W 865 9.32 -39.44 89.39
C SER W 865 8.59 -38.17 89.00
N THR W 866 8.74 -37.08 89.75
CA THR W 866 8.07 -35.84 89.40
C THR W 866 8.69 -35.18 88.17
N THR W 867 9.89 -35.57 87.78
CA THR W 867 10.60 -34.92 86.67
C THR W 867 10.26 -35.57 85.34
N ASN W 868 8.97 -35.71 85.06
CA ASN W 868 8.50 -36.22 83.78
C ASN W 868 7.49 -35.26 83.19
N THR W 869 7.60 -35.00 81.90
CA THR W 869 6.64 -34.13 81.25
C THR W 869 5.24 -34.71 81.31
N THR W 870 5.12 -36.03 81.23
CA THR W 870 3.86 -36.73 81.39
C THR W 870 3.72 -37.20 82.84
N VAL W 871 2.73 -38.05 83.09
CA VAL W 871 2.55 -38.58 84.43
C VAL W 871 3.56 -39.69 84.74
N GLY W 872 4.06 -40.37 83.72
CA GLY W 872 5.05 -41.42 83.93
C GLY W 872 6.05 -41.52 82.80
N VAL W 873 6.83 -42.60 82.79
CA VAL W 873 7.82 -42.84 81.75
C VAL W 873 7.10 -43.04 80.43
N PRO W 874 7.27 -42.16 79.45
CA PRO W 874 6.54 -42.32 78.19
C PRO W 874 7.09 -43.49 77.37
N LEU W 875 6.22 -44.06 76.55
CA LEU W 875 6.64 -45.03 75.55
C LEU W 875 5.74 -44.89 74.34
N ALA W 876 6.34 -44.86 73.16
CA ALA W 876 5.61 -44.62 71.92
C ALA W 876 5.12 -45.92 71.32
N LEU W 877 3.91 -45.90 70.78
CA LEU W 877 3.30 -47.05 70.13
C LEU W 877 3.18 -46.81 68.64
N ASP W 878 2.68 -47.81 67.92
CA ASP W 878 2.59 -47.77 66.46
C ASP W 878 1.14 -47.64 66.05
N ALA W 879 0.79 -46.48 65.50
CA ALA W 879 -0.60 -46.25 65.09
C ALA W 879 -1.00 -47.20 63.97
N ARG W 880 -0.08 -47.51 63.07
CA ARG W 880 -0.39 -48.42 61.97
C ARG W 880 -0.75 -49.80 62.48
N ALA W 881 0.05 -50.33 63.41
CA ALA W 881 -0.24 -51.65 63.96
C ALA W 881 -1.53 -51.66 64.74
N ILE W 882 -1.75 -50.63 65.56
CA ILE W 882 -2.99 -50.60 66.35
C ILE W 882 -4.21 -50.53 65.44
N THR W 883 -4.13 -49.73 64.37
CA THR W 883 -5.26 -49.60 63.47
C THR W 883 -5.53 -50.91 62.73
N VAL W 884 -4.48 -51.56 62.22
CA VAL W 884 -4.71 -52.80 61.48
C VAL W 884 -5.22 -53.89 62.42
N ALA W 885 -4.77 -53.89 63.67
CA ALA W 885 -5.32 -54.85 64.63
C ALA W 885 -6.77 -54.55 64.96
N LEU W 886 -7.16 -53.28 64.98
CA LEU W 886 -8.56 -52.94 65.20
C LEU W 886 -9.40 -53.31 63.99
N LEU W 887 -8.82 -53.29 62.80
CA LEU W 887 -9.60 -53.57 61.60
C LEU W 887 -9.75 -55.06 61.33
N SER W 888 -8.77 -55.87 61.72
CA SER W 888 -8.78 -57.29 61.36
C SER W 888 -8.73 -58.17 62.61
N GLY W 889 -9.91 -58.53 63.13
CA GLY W 889 -10.01 -59.46 64.24
C GLY W 889 -10.83 -60.68 63.84
N LYS W 890 -10.78 -61.71 64.69
CA LYS W 890 -11.45 -62.95 64.35
C LYS W 890 -11.40 -63.90 65.53
N TYR W 891 -12.44 -64.72 65.65
CA TYR W 891 -12.52 -65.79 66.64
C TYR W 891 -12.40 -67.14 65.96
N PRO W 892 -12.09 -68.19 66.71
CA PRO W 892 -12.23 -69.55 66.18
C PRO W 892 -13.67 -69.86 65.87
N PRO W 893 -13.95 -70.62 64.83
CA PRO W 893 -15.34 -70.89 64.46
C PRO W 893 -16.04 -71.91 65.36
N ASP W 894 -15.44 -72.26 66.49
CA ASP W 894 -16.07 -73.17 67.43
C ASP W 894 -15.86 -72.73 68.87
N LEU W 895 -15.71 -71.44 69.10
CA LEU W 895 -15.37 -70.94 70.42
C LEU W 895 -16.50 -71.20 71.41
N VAL W 896 -16.18 -71.90 72.48
CA VAL W 896 -17.07 -72.06 73.63
C VAL W 896 -16.40 -71.37 74.80
N THR W 897 -17.05 -70.31 75.32
CA THR W 897 -16.39 -69.41 76.26
C THR W 897 -16.01 -70.12 77.55
N ASN W 898 -16.92 -70.91 78.10
CA ASN W 898 -16.64 -71.59 79.37
C ASN W 898 -15.45 -72.53 79.25
N VAL W 899 -15.45 -73.37 78.21
CA VAL W 899 -14.36 -74.31 78.01
C VAL W 899 -13.04 -73.57 77.81
N TRP W 900 -13.05 -72.57 76.94
CA TRP W 900 -11.82 -71.85 76.62
C TRP W 900 -11.22 -71.20 77.86
N TYR W 901 -12.04 -70.46 78.61
CA TYR W 901 -11.46 -69.73 79.73
C TYR W 901 -11.17 -70.63 80.92
N ALA W 902 -11.88 -71.75 81.10
CA ALA W 902 -11.46 -72.69 82.13
C ALA W 902 -10.10 -73.29 81.78
N ASP W 903 -9.94 -73.68 80.52
CA ASP W 903 -8.69 -74.31 80.10
C ASP W 903 -7.53 -73.32 80.17
N ALA W 904 -7.81 -72.03 79.97
CA ALA W 904 -6.74 -71.04 80.07
C ALA W 904 -6.46 -70.64 81.51
N ILE W 905 -7.49 -70.58 82.36
CA ILE W 905 -7.30 -70.17 83.74
C ILE W 905 -6.60 -71.23 84.56
N TYR W 906 -6.80 -72.51 84.23
CA TYR W 906 -6.21 -73.56 85.05
C TYR W 906 -4.69 -73.48 85.12
N PRO W 907 -3.95 -73.56 84.02
CA PRO W 907 -2.49 -73.62 84.13
C PRO W 907 -1.84 -72.34 84.62
N MET W 908 -2.54 -71.20 84.61
CA MET W 908 -1.91 -69.98 85.12
C MET W 908 -2.20 -69.75 86.59
N TYR W 909 -3.34 -70.19 87.10
CA TYR W 909 -3.52 -70.20 88.54
C TYR W 909 -2.76 -71.36 89.19
N ALA W 910 -2.47 -72.40 88.42
CA ALA W 910 -1.64 -73.48 88.94
C ALA W 910 -0.20 -73.05 89.20
N ASP W 911 0.19 -71.88 88.70
CA ASP W 911 1.55 -71.41 88.85
C ASP W 911 1.55 -70.01 89.47
N THR W 912 0.83 -69.86 90.58
CA THR W 912 0.63 -68.55 91.21
C THR W 912 1.58 -68.36 92.39
N GLU W 913 1.85 -67.08 92.71
CA GLU W 913 2.79 -66.73 93.77
C GLU W 913 2.23 -65.67 94.71
N VAL W 914 0.90 -65.53 94.77
CA VAL W 914 0.29 -64.55 95.65
C VAL W 914 0.62 -64.87 97.11
N PHE W 915 0.66 -66.15 97.45
CA PHE W 915 0.86 -66.53 98.84
C PHE W 915 2.29 -66.29 99.29
N SER W 916 3.23 -66.11 98.36
CA SER W 916 4.56 -65.68 98.73
C SER W 916 4.69 -64.16 98.72
N ASN W 917 4.00 -63.50 97.79
CA ASN W 917 4.01 -62.04 97.77
C ASN W 917 3.42 -61.46 99.05
N LEU W 918 2.45 -62.14 99.65
CA LEU W 918 1.87 -61.63 100.89
C LEU W 918 2.89 -61.61 102.03
N GLN W 919 3.62 -62.72 102.20
CA GLN W 919 4.65 -62.77 103.22
C GLN W 919 5.76 -61.76 102.93
N ARG W 920 6.09 -61.59 101.65
CA ARG W 920 7.05 -60.57 101.27
C ARG W 920 6.59 -59.18 101.71
N ASP W 921 5.30 -58.90 101.57
CA ASP W 921 4.76 -57.61 102.02
C ASP W 921 4.87 -57.46 103.52
N VAL W 922 4.61 -58.53 104.26
CA VAL W 922 4.81 -58.51 105.72
C VAL W 922 6.23 -58.06 106.05
N ILE W 923 7.21 -58.74 105.45
CA ILE W 923 8.60 -58.45 105.78
C ILE W 923 8.96 -57.02 105.38
N THR W 924 8.44 -56.54 104.25
CA THR W 924 8.75 -55.19 103.82
C THR W 924 8.21 -54.15 104.80
N CYS W 925 6.96 -54.32 105.25
CA CYS W 925 6.39 -53.37 106.20
C CYS W 925 7.17 -53.37 107.51
N GLU W 926 7.50 -54.55 108.03
CA GLU W 926 8.26 -54.58 109.27
C GLU W 926 9.65 -53.99 109.11
N ALA W 927 10.27 -54.17 107.94
CA ALA W 927 11.57 -53.56 107.70
C ALA W 927 11.49 -52.05 107.69
N VAL W 928 10.45 -51.50 107.05
CA VAL W 928 10.31 -50.04 107.01
C VAL W 928 10.14 -49.49 108.43
N GLN W 929 9.26 -50.11 109.21
CA GLN W 929 9.02 -49.59 110.55
C GLN W 929 10.25 -49.74 111.44
N THR W 930 10.99 -50.83 111.29
CA THR W 930 12.22 -50.99 112.07
C THR W 930 13.26 -49.96 111.68
N LEU W 931 13.39 -49.67 110.39
CA LEU W 931 14.35 -48.66 109.96
C LEU W 931 14.01 -47.31 110.54
N VAL W 932 12.73 -46.93 110.51
CA VAL W 932 12.33 -45.65 111.09
C VAL W 932 12.65 -45.62 112.58
N THR W 933 12.21 -46.65 113.31
CA THR W 933 12.39 -46.66 114.76
C THR W 933 13.85 -46.66 115.17
N LEU W 934 14.72 -47.29 114.38
CA LEU W 934 16.13 -47.33 114.72
C LEU W 934 16.82 -46.02 114.36
N VAL W 935 16.65 -45.55 113.13
CA VAL W 935 17.35 -44.34 112.70
C VAL W 935 16.89 -43.12 113.47
N ALA W 936 15.69 -43.14 114.05
CA ALA W 936 15.25 -41.98 114.82
C ALA W 936 16.06 -41.77 116.09
N GLN W 937 16.89 -42.72 116.50
CA GLN W 937 17.59 -42.65 117.78
C GLN W 937 19.05 -42.27 117.66
N ILE W 938 19.57 -42.07 116.45
CA ILE W 938 20.93 -41.62 116.25
C ILE W 938 20.98 -40.30 115.47
N SER W 939 19.84 -39.67 115.25
CA SER W 939 19.78 -38.40 114.55
C SER W 939 18.55 -37.66 115.02
N GLU W 940 18.60 -36.33 114.96
CA GLU W 940 17.46 -35.53 115.38
C GLU W 940 16.33 -35.68 114.37
N THR W 941 15.18 -36.15 114.84
CA THR W 941 14.01 -36.36 114.00
C THR W 941 12.78 -36.28 114.87
N GLN W 942 11.69 -35.78 114.29
CA GLN W 942 10.46 -35.53 115.03
C GLN W 942 9.63 -36.80 115.26
N TYR W 943 10.20 -37.98 115.07
CA TYR W 943 9.47 -39.22 115.30
C TYR W 943 9.68 -39.66 116.74
N PRO W 944 8.73 -39.49 117.63
CA PRO W 944 8.94 -39.80 119.06
C PRO W 944 8.73 -41.27 119.34
N VAL W 945 9.82 -41.98 119.65
CA VAL W 945 9.73 -43.37 120.10
C VAL W 945 10.66 -43.57 121.30
N ASP W 946 10.14 -43.30 122.50
CA ASP W 946 10.51 -43.95 123.76
C ASP W 946 11.94 -43.79 124.26
N ARG W 947 12.86 -43.33 123.40
CA ARG W 947 14.18 -42.78 123.75
C ARG W 947 14.90 -43.48 124.90
N TYR W 948 15.28 -44.74 124.74
CA TYR W 948 15.87 -45.48 125.87
C TYR W 948 17.37 -45.21 126.01
N LEU W 949 18.15 -45.54 124.98
CA LEU W 949 19.62 -45.49 125.07
C LEU W 949 20.09 -44.09 124.72
N ASP W 950 20.40 -43.30 125.75
CA ASP W 950 21.01 -41.99 125.56
C ASP W 950 22.33 -41.83 126.27
N TRP W 951 22.54 -42.52 127.39
CA TRP W 951 23.81 -42.41 128.10
C TRP W 951 24.97 -42.91 127.26
N ILE W 952 24.70 -43.80 126.30
CA ILE W 952 25.71 -44.23 125.34
C ILE W 952 26.07 -43.06 124.45
N PRO W 953 27.34 -42.68 124.36
CA PRO W 953 27.70 -41.52 123.54
C PRO W 953 27.53 -41.79 122.06
N SER W 954 27.27 -40.72 121.31
CA SER W 954 27.20 -40.79 119.87
C SER W 954 27.04 -39.40 119.26
N LEU W 955 27.59 -39.19 118.07
CA LEU W 955 27.42 -37.92 117.38
C LEU W 955 26.01 -37.83 116.82
N ARG W 956 25.70 -36.68 116.20
CA ARG W 956 24.43 -36.48 115.54
C ARG W 956 24.61 -36.82 114.07
N ALA W 957 24.06 -37.95 113.66
CA ALA W 957 24.32 -38.48 112.33
C ALA W 957 23.77 -37.55 111.26
N SER W 958 24.53 -37.41 110.18
CA SER W 958 24.08 -36.68 109.00
C SER W 958 23.48 -37.66 108.00
N ALA W 959 23.22 -37.17 106.78
CA ALA W 959 22.59 -38.01 105.78
C ALA W 959 23.43 -39.22 105.45
N ALA W 960 24.73 -39.02 105.22
CA ALA W 960 25.60 -40.13 104.81
C ALA W 960 25.75 -41.16 105.92
N THR W 961 26.00 -40.70 107.15
CA THR W 961 26.14 -41.63 108.26
C THR W 961 24.86 -42.41 108.50
N ALA W 962 23.73 -41.73 108.49
CA ALA W 962 22.45 -42.41 108.67
C ALA W 962 22.19 -43.39 107.55
N ALA W 963 22.60 -43.06 106.32
CA ALA W 963 22.40 -43.97 105.20
C ALA W 963 23.25 -45.21 105.35
N THR W 964 24.48 -45.06 105.82
CA THR W 964 25.31 -46.24 106.07
C THR W 964 24.69 -47.13 107.14
N PHE W 965 24.25 -46.53 108.25
CA PHE W 965 23.60 -47.32 109.30
C PHE W 965 22.36 -48.03 108.76
N ALA W 966 21.57 -47.34 107.94
CA ALA W 966 20.40 -47.97 107.35
C ALA W 966 20.79 -49.13 106.44
N GLU W 967 21.92 -49.01 105.74
CA GLU W 967 22.35 -50.11 104.89
C GLU W 967 22.73 -51.33 105.73
N TRP W 968 23.40 -51.10 106.86
CA TRP W 968 23.71 -52.23 107.74
C TRP W 968 22.44 -52.90 108.25
N VAL W 969 21.43 -52.08 108.61
CA VAL W 969 20.16 -52.65 109.08
C VAL W 969 19.52 -53.47 107.96
N ASN W 970 19.48 -52.91 106.75
CA ASN W 970 18.89 -53.61 105.61
C ASN W 970 19.55 -54.95 105.37
N THR W 971 20.89 -54.96 105.34
CA THR W 971 21.59 -56.21 105.05
C THR W 971 21.40 -57.21 106.17
N SER W 972 21.37 -56.75 107.42
CA SER W 972 21.12 -57.67 108.52
C SER W 972 19.76 -58.34 108.39
N MET W 973 18.73 -57.56 108.03
CA MET W 973 17.40 -58.17 107.90
C MET W 973 17.33 -59.11 106.71
N LYS W 974 17.94 -58.74 105.58
CA LYS W 974 17.95 -59.63 104.43
C LYS W 974 18.68 -60.93 104.73
N THR W 975 19.79 -60.84 105.46
CA THR W 975 20.50 -62.05 105.85
C THR W 975 19.67 -62.90 106.80
N ALA W 976 18.99 -62.27 107.74
CA ALA W 976 18.23 -63.03 108.72
C ALA W 976 17.07 -63.77 108.08
N PHE W 977 16.43 -63.16 107.09
CA PHE W 977 15.28 -63.79 106.45
C PHE W 977 15.61 -64.49 105.15
N ASP W 978 16.88 -64.53 104.75
CA ASP W 978 17.32 -65.30 103.60
C ASP W 978 16.69 -64.77 102.31
N LEU W 979 16.94 -63.49 102.05
CA LEU W 979 16.42 -62.81 100.87
C LEU W 979 17.58 -62.38 99.99
N SER W 980 17.36 -62.47 98.68
CA SER W 980 18.32 -61.97 97.70
C SER W 980 17.82 -60.79 96.91
N ASP W 981 16.52 -60.73 96.62
CA ASP W 981 15.94 -59.61 95.93
C ASP W 981 16.02 -58.36 96.82
N MET W 982 15.70 -57.21 96.22
CA MET W 982 15.72 -55.94 96.93
C MET W 982 14.75 -55.97 98.12
N LEU W 983 15.07 -55.18 99.14
CA LEU W 983 14.18 -54.97 100.28
C LEU W 983 14.62 -53.70 100.97
N LEU W 984 13.77 -52.68 100.98
CA LEU W 984 14.02 -51.42 101.67
C LEU W 984 15.13 -50.61 101.03
N GLU W 985 15.64 -51.03 99.88
CA GLU W 985 16.77 -50.40 99.21
C GLU W 985 16.47 -49.07 98.53
N PRO W 986 15.30 -48.86 97.91
CA PRO W 986 15.04 -47.54 97.30
C PRO W 986 15.01 -46.40 98.28
N LEU W 987 14.90 -46.67 99.58
CA LEU W 987 14.86 -45.63 100.59
C LEU W 987 16.24 -45.07 100.90
N LEU W 988 17.30 -45.74 100.49
CA LEU W 988 18.66 -45.36 100.87
C LEU W 988 19.27 -44.34 99.92
N SER W 989 18.52 -43.90 98.89
CA SER W 989 19.05 -42.92 97.93
C SER W 989 18.65 -41.53 98.40
N GLY W 990 19.43 -41.00 99.33
CA GLY W 990 19.26 -39.63 99.75
C GLY W 990 18.43 -39.46 101.00
N ASP W 991 19.08 -39.11 102.12
CA ASP W 991 18.43 -38.76 103.37
C ASP W 991 17.48 -39.86 103.85
N PRO W 992 18.00 -40.97 104.38
CA PRO W 992 17.13 -42.00 104.97
C PRO W 992 16.52 -41.62 106.30
N ARG W 993 16.73 -40.40 106.78
CA ARG W 993 16.16 -39.94 108.06
C ARG W 993 14.71 -39.52 107.84
N MET W 994 13.86 -40.54 107.66
CA MET W 994 12.47 -40.35 107.28
C MET W 994 11.56 -40.57 108.48
N THR W 995 10.25 -40.38 108.27
CA THR W 995 9.29 -40.59 109.34
C THR W 995 8.10 -41.43 108.89
N GLN W 996 7.75 -41.38 107.61
CA GLN W 996 6.68 -42.22 107.07
C GLN W 996 6.59 -42.01 105.57
N LEU W 997 5.95 -42.97 104.90
CA LEU W 997 5.78 -42.96 103.46
C LEU W 997 4.39 -42.44 103.08
N ALA W 998 4.30 -41.91 101.86
CA ALA W 998 3.04 -41.43 101.33
C ALA W 998 3.23 -41.14 99.85
N ILE W 999 2.18 -41.40 99.08
CA ILE W 999 2.23 -41.16 97.64
C ILE W 999 1.10 -40.21 97.27
N GLN W 1000 1.31 -39.43 96.21
CA GLN W 1000 0.45 -38.30 95.90
C GLN W 1000 0.45 -38.04 94.41
N TYR W 1001 -0.63 -37.40 93.93
CA TYR W 1001 -0.63 -36.78 92.62
C TYR W 1001 -1.47 -35.52 92.69
N GLN W 1002 -1.36 -34.69 91.66
CA GLN W 1002 -2.12 -33.45 91.58
C GLN W 1002 -2.87 -33.38 90.26
N GLN W 1003 -4.02 -32.71 90.30
CA GLN W 1003 -4.77 -32.43 89.09
C GLN W 1003 -4.16 -31.23 88.38
N TYR W 1004 -4.82 -30.74 87.34
CA TYR W 1004 -4.32 -29.55 86.66
C TYR W 1004 -4.76 -28.27 87.35
N ASN W 1005 -5.86 -28.29 88.09
CA ASN W 1005 -6.34 -27.10 88.77
C ASN W 1005 -5.71 -26.93 90.15
N GLY W 1006 -4.55 -27.54 90.40
CA GLY W 1006 -3.82 -27.35 91.62
C GLY W 1006 -4.14 -28.32 92.74
N ARG W 1007 -5.32 -28.92 92.72
CA ARG W 1007 -5.69 -29.83 93.80
C ARG W 1007 -4.82 -31.07 93.78
N THR W 1008 -4.39 -31.49 94.96
CA THR W 1008 -3.55 -32.68 95.12
C THR W 1008 -4.27 -33.68 96.01
N PHE W 1009 -3.96 -34.95 95.79
CA PHE W 1009 -4.57 -36.05 96.55
C PHE W 1009 -3.47 -36.76 97.32
N ASN W 1010 -3.55 -36.69 98.65
CA ASN W 1010 -2.57 -37.31 99.52
C ASN W 1010 -3.11 -38.65 100.03
N VAL W 1011 -2.20 -39.61 100.22
CA VAL W 1011 -2.55 -40.94 100.70
C VAL W 1011 -1.46 -41.39 101.65
N ILE W 1012 -1.80 -41.49 102.93
CA ILE W 1012 -0.86 -41.91 103.97
C ILE W 1012 -1.36 -43.22 104.56
N PRO W 1013 -0.78 -44.35 104.18
CA PRO W 1013 -1.17 -45.62 104.78
C PRO W 1013 -0.91 -45.62 106.28
N GLU W 1014 -1.77 -46.31 107.00
CA GLU W 1014 -1.70 -46.36 108.46
C GLU W 1014 -0.81 -47.53 108.85
N MET W 1015 0.45 -47.24 109.16
CA MET W 1015 1.40 -48.28 109.49
C MET W 1015 1.03 -48.94 110.81
N PRO W 1016 0.68 -50.22 110.81
CA PRO W 1016 0.38 -50.91 112.07
C PRO W 1016 1.63 -51.11 112.90
N GLY W 1017 1.48 -51.76 114.05
CA GLY W 1017 2.63 -52.00 114.90
C GLY W 1017 3.40 -53.25 114.52
N SER W 1018 4.68 -53.10 114.17
CA SER W 1018 5.49 -54.25 113.84
C SER W 1018 5.89 -55.00 115.10
N VAL W 1019 6.52 -56.15 114.90
CA VAL W 1019 7.01 -56.97 116.00
C VAL W 1019 8.50 -56.81 116.21
N ILE W 1020 9.26 -56.67 115.12
CA ILE W 1020 10.71 -56.51 115.25
C ILE W 1020 11.01 -55.20 115.97
N ALA W 1021 10.26 -54.14 115.67
CA ALA W 1021 10.54 -52.84 116.26
C ALA W 1021 10.31 -52.86 117.77
N ASP W 1022 9.16 -53.36 118.22
CA ASP W 1022 8.93 -53.33 119.66
C ASP W 1022 9.69 -54.43 120.40
N CYS W 1023 10.10 -55.51 119.72
CA CYS W 1023 11.04 -56.43 120.36
C CYS W 1023 12.39 -55.76 120.55
N VAL W 1024 12.83 -54.96 119.59
CA VAL W 1024 14.08 -54.23 119.77
C VAL W 1024 13.94 -53.20 120.88
N GLN W 1025 12.78 -52.55 120.98
CA GLN W 1025 12.57 -51.61 122.08
C GLN W 1025 12.59 -52.31 123.42
N LEU W 1026 12.00 -53.51 123.50
CA LEU W 1026 12.03 -54.27 124.74
C LEU W 1026 13.46 -54.67 125.11
N THR W 1027 14.22 -55.15 124.12
CA THR W 1027 15.59 -55.54 124.44
C THR W 1027 16.44 -54.34 124.82
N ALA W 1028 16.17 -53.16 124.24
CA ALA W 1028 16.88 -51.97 124.68
C ALA W 1028 16.50 -51.59 126.11
N GLU W 1029 15.20 -51.71 126.44
CA GLU W 1029 14.76 -51.40 127.79
C GLU W 1029 15.39 -52.35 128.80
N VAL W 1030 15.65 -53.59 128.41
CA VAL W 1030 16.34 -54.51 129.32
C VAL W 1030 17.84 -54.22 129.34
N PHE W 1031 18.41 -53.80 128.21
CA PHE W 1031 19.81 -53.41 128.17
C PHE W 1031 20.09 -52.24 129.11
N ASN W 1032 19.12 -51.35 129.26
CA ASN W 1032 19.28 -50.19 130.14
C ASN W 1032 19.63 -50.61 131.56
N HIS W 1033 19.10 -51.74 132.02
CA HIS W 1033 19.39 -52.22 133.36
C HIS W 1033 20.44 -53.31 133.42
N GLU W 1034 20.69 -54.01 132.31
CA GLU W 1034 21.69 -55.06 132.34
C GLU W 1034 22.73 -54.89 131.24
N TYR W 1035 23.24 -53.67 131.11
CA TYR W 1035 24.32 -53.40 130.17
C TYR W 1035 25.56 -54.22 130.46
N ASN W 1036 25.78 -54.58 131.73
CA ASN W 1036 27.01 -55.28 132.10
C ASN W 1036 27.14 -56.62 131.40
N LEU W 1037 26.03 -57.35 131.24
CA LEU W 1037 26.10 -58.69 130.67
C LEU W 1037 26.57 -58.68 129.22
N PHE W 1038 26.52 -57.55 128.54
CA PHE W 1038 26.98 -57.45 127.17
C PHE W 1038 28.37 -56.85 127.06
N GLY W 1039 29.08 -56.73 128.18
CA GLY W 1039 30.43 -56.20 128.16
C GLY W 1039 30.53 -54.70 128.12
N ILE W 1040 29.51 -53.98 128.54
CA ILE W 1040 29.52 -52.53 128.61
C ILE W 1040 29.57 -52.12 130.07
N ALA W 1041 30.34 -51.07 130.34
CA ALA W 1041 30.35 -50.43 131.64
C ALA W 1041 29.76 -49.04 131.50
N ARG W 1042 29.18 -48.54 132.58
CA ARG W 1042 28.46 -47.28 132.56
C ARG W 1042 29.12 -46.29 133.52
N GLY W 1043 29.21 -45.04 133.10
CA GLY W 1043 29.75 -44.00 133.94
C GLY W 1043 31.05 -43.43 133.42
N ASP W 1044 32.06 -43.37 134.27
CA ASP W 1044 33.37 -42.86 133.88
C ASP W 1044 34.41 -43.44 134.81
N ILE W 1045 35.67 -43.32 134.40
CA ILE W 1045 36.79 -43.92 135.11
C ILE W 1045 37.58 -42.81 135.81
N ILE W 1046 38.32 -43.21 136.85
CA ILE W 1046 39.20 -42.32 137.59
C ILE W 1046 40.61 -42.87 137.50
N ILE W 1047 41.52 -42.07 136.97
CA ILE W 1047 42.90 -42.49 136.78
C ILE W 1047 43.74 -41.85 137.88
N GLY W 1048 44.18 -42.66 138.83
CA GLY W 1048 45.00 -42.16 139.93
C GLY W 1048 45.59 -43.28 140.74
N ARG W 1049 46.79 -43.08 141.26
CA ARG W 1049 47.48 -44.14 141.98
C ARG W 1049 46.76 -44.47 143.28
N VAL W 1050 46.59 -45.77 143.54
CA VAL W 1050 46.01 -46.25 144.79
C VAL W 1050 46.79 -47.49 145.22
N GLN W 1051 47.67 -47.33 146.21
CA GLN W 1051 48.48 -48.42 146.71
C GLN W 1051 48.01 -48.80 148.11
N SER W 1052 47.68 -50.07 148.29
CA SER W 1052 47.21 -50.58 149.58
C SER W 1052 47.02 -52.09 149.46
N THR W 1053 46.86 -52.74 150.60
CA THR W 1053 46.66 -54.19 150.66
C THR W 1053 45.19 -54.55 150.80
N HIS W 1054 44.29 -53.76 150.24
CA HIS W 1054 42.87 -54.01 150.32
C HIS W 1054 42.37 -54.70 149.06
N LEU W 1055 41.27 -55.42 149.20
CA LEU W 1055 40.78 -56.29 148.15
C LEU W 1055 39.39 -55.87 147.68
N TRP W 1056 39.19 -54.58 147.43
CA TRP W 1056 37.86 -54.03 147.21
C TRP W 1056 37.38 -54.14 145.76
N SER W 1057 38.08 -54.90 144.90
CA SER W 1057 37.54 -55.24 143.58
C SER W 1057 37.17 -54.04 142.71
N PRO W 1058 38.11 -53.41 142.00
CA PRO W 1058 37.84 -52.09 141.41
C PRO W 1058 36.80 -52.07 140.30
N LEU W 1059 35.62 -52.60 140.60
CA LEU W 1059 34.40 -52.34 139.85
C LEU W 1059 33.26 -52.01 140.79
N ALA W 1060 33.53 -52.02 142.10
CA ALA W 1060 32.58 -51.56 143.11
C ALA W 1060 33.36 -50.72 144.11
N PRO W 1061 33.79 -49.54 143.70
CA PRO W 1061 34.70 -48.73 144.52
C PRO W 1061 34.00 -48.18 145.75
N PRO W 1062 34.68 -48.14 146.88
CA PRO W 1062 34.14 -47.48 148.07
C PRO W 1062 33.99 -45.99 147.82
N PRO W 1063 33.13 -45.30 148.58
CA PRO W 1063 32.81 -43.91 148.23
C PRO W 1063 33.97 -42.95 148.42
N ASP W 1064 34.99 -43.31 149.19
CA ASP W 1064 36.02 -42.33 149.54
C ASP W 1064 36.92 -41.99 148.36
N LEU W 1065 37.05 -42.90 147.40
CA LEU W 1065 37.98 -42.71 146.29
C LEU W 1065 37.35 -42.04 145.08
N VAL W 1066 36.06 -41.68 145.15
CA VAL W 1066 35.33 -41.17 143.99
C VAL W 1066 34.87 -39.75 144.29
N PHE W 1067 35.24 -38.82 143.41
CA PHE W 1067 34.80 -37.44 143.48
C PHE W 1067 33.93 -37.13 142.25
N ASP W 1068 33.22 -36.02 142.32
CA ASP W 1068 32.35 -35.61 141.23
C ASP W 1068 32.46 -34.09 141.05
N ARG W 1069 31.58 -33.55 140.21
CA ARG W 1069 31.58 -32.10 139.98
C ARG W 1069 31.22 -31.31 141.22
N ASP W 1070 30.51 -31.92 142.17
CA ASP W 1070 30.10 -31.23 143.38
C ASP W 1070 31.10 -31.35 144.51
N THR W 1071 32.13 -32.17 144.36
CA THR W 1071 33.12 -32.33 145.41
C THR W 1071 33.89 -31.03 145.59
N PRO W 1072 34.10 -30.56 146.81
CA PRO W 1072 34.86 -29.33 147.01
C PRO W 1072 36.32 -29.52 146.66
N GLY W 1073 36.88 -28.53 145.97
CA GLY W 1073 38.27 -28.61 145.55
C GLY W 1073 38.45 -29.48 144.32
N VAL W 1074 37.72 -29.16 143.27
CA VAL W 1074 37.80 -29.90 142.01
C VAL W 1074 37.83 -28.88 140.88
N HIS W 1075 38.60 -29.19 139.84
CA HIS W 1075 38.76 -28.29 138.71
C HIS W 1075 38.21 -28.95 137.46
N ILE W 1076 37.14 -28.40 136.91
CA ILE W 1076 36.53 -28.91 135.70
C ILE W 1076 37.21 -28.24 134.52
N PHE W 1077 37.48 -29.01 133.46
CA PHE W 1077 38.17 -28.49 132.29
C PHE W 1077 37.31 -28.66 131.05
N GLY W 1078 37.61 -27.87 130.03
CA GLY W 1078 36.86 -27.89 128.80
C GLY W 1078 37.74 -28.00 127.57
N ARG W 1079 37.27 -27.52 126.42
CA ARG W 1079 38.10 -27.60 125.22
C ARG W 1079 39.32 -26.70 125.34
N ASP W 1080 39.14 -25.50 125.88
CA ASP W 1080 40.25 -24.55 126.03
C ASP W 1080 41.07 -24.97 127.24
N CYS W 1081 41.93 -25.95 127.03
CA CYS W 1081 42.90 -26.40 128.04
C CYS W 1081 44.29 -26.16 127.46
N ARG W 1082 44.95 -25.11 127.91
CA ARG W 1082 46.25 -24.72 127.41
C ARG W 1082 47.28 -24.85 128.52
N ILE W 1083 48.41 -25.50 128.21
CA ILE W 1083 49.46 -25.76 129.17
C ILE W 1083 50.62 -24.81 128.92
N SER W 1084 51.20 -24.28 129.99
CA SER W 1084 52.37 -23.42 129.92
C SER W 1084 53.40 -23.93 130.90
N PHE W 1085 54.65 -24.03 130.46
CA PHE W 1085 55.70 -24.53 131.34
C PHE W 1085 55.97 -23.51 132.44
N GLY W 1086 56.86 -23.89 133.35
CA GLY W 1086 57.24 -23.00 134.43
C GLY W 1086 58.72 -22.70 134.41
N MET W 1087 59.08 -21.44 134.17
CA MET W 1087 60.48 -21.07 134.12
C MET W 1087 61.10 -21.10 135.51
N ASN W 1088 62.36 -21.51 135.58
CA ASN W 1088 63.20 -21.36 136.76
C ASN W 1088 62.67 -22.09 137.97
N GLY W 1089 61.88 -23.14 137.78
CA GLY W 1089 61.42 -23.97 138.88
C GLY W 1089 59.94 -23.89 139.16
N ALA W 1090 59.24 -22.89 138.63
CA ALA W 1090 57.80 -22.82 138.81
C ALA W 1090 57.14 -24.01 138.12
N ALA W 1091 56.08 -24.52 138.74
CA ALA W 1091 55.42 -25.70 138.22
C ALA W 1091 54.67 -25.37 136.94
N PRO W 1092 54.47 -26.34 136.05
CA PRO W 1092 53.61 -26.12 134.90
C PRO W 1092 52.18 -25.84 135.35
N MET W 1093 51.40 -25.26 134.44
CA MET W 1093 50.04 -24.89 134.78
C MET W 1093 49.15 -25.07 133.57
N ILE W 1094 47.93 -25.57 133.81
CA ILE W 1094 46.95 -25.81 132.77
C ILE W 1094 45.75 -24.91 133.05
N ARG W 1095 45.07 -24.50 131.97
CA ARG W 1095 44.01 -23.50 132.07
C ARG W 1095 42.70 -24.16 132.49
N ASP W 1096 42.26 -23.87 133.71
CA ASP W 1096 40.93 -24.23 134.16
C ASP W 1096 39.88 -23.62 133.23
N GLU W 1097 38.66 -24.17 133.26
CA GLU W 1097 37.60 -23.63 132.42
C GLU W 1097 37.10 -22.27 132.91
N THR W 1098 37.40 -21.91 134.16
CA THR W 1098 37.06 -20.60 134.68
C THR W 1098 38.16 -19.58 134.42
N GLY W 1099 39.08 -19.86 133.51
CA GLY W 1099 40.16 -18.95 133.20
C GLY W 1099 41.33 -19.00 134.16
N MET W 1100 41.22 -19.73 135.26
CA MET W 1100 42.33 -19.84 136.19
C MET W 1100 43.35 -20.86 135.69
N MET W 1101 44.59 -20.69 136.12
CA MET W 1101 45.67 -21.61 135.80
C MET W 1101 45.99 -22.41 137.06
N VAL W 1102 45.94 -23.74 136.94
CA VAL W 1102 46.15 -24.60 138.11
C VAL W 1102 47.37 -25.49 137.87
N PRO W 1103 48.10 -25.85 138.91
CA PRO W 1103 49.26 -26.73 138.75
C PRO W 1103 48.83 -28.18 138.54
N PHE W 1104 49.80 -29.00 138.14
CA PHE W 1104 49.55 -30.41 137.87
C PHE W 1104 49.41 -31.17 139.19
N GLU W 1105 48.26 -30.98 139.82
CA GLU W 1105 48.01 -31.64 141.10
C GLU W 1105 46.55 -31.44 141.48
N GLY W 1106 45.97 -32.45 142.12
CA GLY W 1106 44.62 -32.34 142.66
C GLY W 1106 43.67 -33.33 142.01
N ASN W 1107 42.40 -32.96 141.99
CA ASN W 1107 41.33 -33.77 141.42
C ASN W 1107 40.74 -33.02 140.24
N TRP W 1108 40.82 -33.61 139.06
CA TRP W 1108 40.39 -32.96 137.83
C TRP W 1108 39.26 -33.75 137.19
N ILE W 1109 38.64 -33.15 136.18
CA ILE W 1109 37.53 -33.77 135.45
C ILE W 1109 37.69 -33.42 133.98
N PHE W 1110 38.10 -34.40 133.18
CA PHE W 1110 38.15 -34.24 131.74
C PHE W 1110 36.90 -34.81 131.09
N PRO W 1111 36.47 -34.26 129.96
CA PRO W 1111 35.79 -35.08 128.97
C PRO W 1111 36.82 -35.89 128.20
N LEU W 1112 36.39 -37.07 127.72
CA LEU W 1112 37.32 -37.93 126.98
C LEU W 1112 37.82 -37.27 125.70
N ALA W 1113 37.08 -36.29 125.19
CA ALA W 1113 37.46 -35.65 123.95
C ALA W 1113 38.82 -34.97 124.06
N LEU W 1114 39.22 -34.54 125.26
CA LEU W 1114 40.51 -33.85 125.38
C LEU W 1114 41.67 -34.78 125.06
N TRP W 1115 41.73 -35.94 125.73
CA TRP W 1115 42.72 -36.94 125.38
C TRP W 1115 42.60 -37.31 123.92
N GLN W 1116 41.37 -37.55 123.45
CA GLN W 1116 41.19 -37.98 122.08
C GLN W 1116 41.62 -36.91 121.08
N MET W 1117 41.67 -35.64 121.50
CA MET W 1117 42.17 -34.57 120.64
C MET W 1117 43.69 -34.56 120.62
N ASN W 1118 44.31 -34.43 121.78
CA ASN W 1118 45.78 -34.37 121.85
C ASN W 1118 46.27 -35.37 122.90
N THR W 1119 46.35 -36.63 122.48
CA THR W 1119 46.93 -37.65 123.34
C THR W 1119 48.45 -37.55 123.37
N ARG W 1120 49.08 -37.30 122.22
CA ARG W 1120 50.53 -37.27 122.17
C ARG W 1120 51.09 -36.15 123.02
N TYR W 1121 50.35 -35.06 123.16
CA TYR W 1121 50.84 -33.96 123.98
C TYR W 1121 50.51 -34.14 125.45
N PHE W 1122 49.40 -34.81 125.77
CA PHE W 1122 49.06 -35.00 127.17
C PHE W 1122 49.86 -36.12 127.82
N ASN W 1123 50.25 -37.15 127.08
CA ASN W 1123 51.03 -38.22 127.69
C ASN W 1123 52.36 -37.70 128.20
N GLN W 1124 53.11 -37.02 127.33
CA GLN W 1124 54.43 -36.51 127.68
C GLN W 1124 54.37 -35.52 128.84
N GLN W 1125 53.22 -34.88 129.04
CA GLN W 1125 53.09 -33.87 130.08
C GLN W 1125 52.62 -34.45 131.40
N PHE W 1126 51.69 -35.40 131.37
CA PHE W 1126 51.02 -35.86 132.57
C PHE W 1126 51.54 -37.18 133.11
N ASP W 1127 52.14 -38.03 132.28
CA ASP W 1127 52.46 -39.38 132.72
C ASP W 1127 53.43 -39.37 133.90
N ALA W 1128 54.36 -38.42 133.95
CA ALA W 1128 55.29 -38.38 135.07
C ALA W 1128 54.62 -37.94 136.37
N TRP W 1129 53.45 -37.32 136.28
CA TRP W 1129 52.74 -36.84 137.47
C TRP W 1129 51.69 -37.82 137.96
N ILE W 1130 51.05 -38.56 137.06
CA ILE W 1130 50.07 -39.55 137.49
C ILE W 1130 50.75 -40.73 138.14
N LYS W 1131 51.96 -41.07 137.69
CA LYS W 1131 52.63 -42.28 138.16
C LYS W 1131 53.21 -42.10 139.56
N THR W 1132 53.77 -40.94 139.85
CA THR W 1132 54.39 -40.70 141.15
C THR W 1132 53.89 -39.46 141.87
N GLY W 1133 53.11 -38.60 141.22
CA GLY W 1133 52.69 -37.37 141.84
C GLY W 1133 51.41 -37.50 142.62
N GLU W 1134 50.54 -36.49 142.52
CA GLU W 1134 49.25 -36.49 143.20
C GLU W 1134 48.11 -36.20 142.24
N LEU W 1135 48.35 -36.30 140.95
CA LEU W 1135 47.33 -36.00 139.95
C LEU W 1135 46.36 -37.16 139.83
N ARG W 1136 45.07 -36.87 139.95
CA ARG W 1136 44.02 -37.88 139.84
C ARG W 1136 42.94 -37.32 138.92
N ILE W 1137 42.88 -37.85 137.71
CA ILE W 1137 41.96 -37.36 136.69
C ILE W 1137 40.75 -38.27 136.61
N ARG W 1138 39.57 -37.67 136.42
CA ARG W 1138 38.33 -38.40 136.18
C ARG W 1138 37.91 -38.16 134.74
N ILE W 1139 38.04 -39.18 133.89
CA ILE W 1139 37.72 -39.04 132.47
C ILE W 1139 36.23 -39.31 132.32
N GLU W 1140 35.45 -38.23 132.16
CA GLU W 1140 34.00 -38.31 132.01
C GLU W 1140 33.69 -38.77 130.59
N MET W 1141 33.21 -40.00 130.44
CA MET W 1141 33.06 -40.58 129.11
C MET W 1141 31.75 -41.31 128.84
N GLY W 1142 30.96 -41.65 129.85
CA GLY W 1142 29.67 -42.26 129.58
C GLY W 1142 29.70 -43.77 129.54
N ALA W 1143 29.80 -44.34 128.34
CA ALA W 1143 29.84 -45.78 128.14
C ALA W 1143 31.24 -46.19 127.68
N TYR W 1144 31.58 -47.45 127.92
CA TYR W 1144 32.86 -47.95 127.46
C TYR W 1144 32.96 -49.47 127.63
N PRO W 1145 33.65 -50.16 126.73
CA PRO W 1145 33.91 -51.59 126.92
C PRO W 1145 35.11 -51.81 127.82
N TYR W 1146 35.06 -52.85 128.63
CA TYR W 1146 36.10 -53.11 129.60
C TYR W 1146 36.75 -54.46 129.35
N MET W 1147 37.82 -54.72 130.12
CA MET W 1147 38.58 -55.96 130.04
C MET W 1147 39.16 -56.23 131.42
N LEU W 1148 39.10 -57.49 131.84
CA LEU W 1148 39.48 -57.88 133.19
C LEU W 1148 40.80 -58.63 133.20
N HIS W 1149 41.65 -58.32 134.19
CA HIS W 1149 42.93 -58.98 134.37
C HIS W 1149 43.01 -59.43 135.84
N TYR W 1150 42.68 -60.68 136.10
CA TYR W 1150 42.73 -61.18 137.46
C TYR W 1150 44.16 -61.50 137.86
N TYR W 1151 44.46 -61.31 139.15
CA TYR W 1151 45.81 -61.51 139.66
C TYR W 1151 45.76 -62.21 141.01
N ASP W 1152 46.88 -62.78 141.40
CA ASP W 1152 46.99 -63.40 142.72
C ASP W 1152 47.17 -62.30 143.76
N PRO W 1153 46.26 -62.17 144.72
CA PRO W 1153 46.37 -61.07 145.69
C PRO W 1153 47.50 -61.23 146.69
N ARG W 1154 48.13 -62.41 146.77
CA ARG W 1154 49.23 -62.63 147.69
C ARG W 1154 50.59 -62.44 147.04
N GLN W 1155 50.66 -61.62 146.00
CA GLN W 1155 51.92 -61.27 145.37
C GLN W 1155 51.84 -59.85 144.84
N TYR W 1156 53.01 -59.23 144.68
CA TYR W 1156 53.08 -57.85 144.23
C TYR W 1156 52.47 -57.70 142.84
N ALA W 1157 51.60 -56.72 142.69
CA ALA W 1157 50.95 -56.44 141.41
C ALA W 1157 50.93 -54.94 141.17
N ASN W 1158 51.24 -54.55 139.93
CA ASN W 1158 51.30 -53.14 139.56
C ASN W 1158 50.69 -52.99 138.17
N ALA W 1159 49.64 -52.18 138.07
CA ALA W 1159 48.88 -52.04 136.84
C ALA W 1159 49.38 -50.90 135.95
N TRP W 1160 50.56 -50.35 136.24
CA TRP W 1160 51.01 -49.20 135.48
C TRP W 1160 51.28 -49.54 134.03
N ASN W 1161 51.75 -50.74 133.73
CA ASN W 1161 52.00 -51.09 132.34
C ASN W 1161 50.70 -51.10 131.53
N LEU W 1162 49.66 -51.70 132.08
CA LEU W 1162 48.36 -51.72 131.40
C LEU W 1162 47.82 -50.32 131.25
N THR W 1163 47.88 -49.51 132.32
CA THR W 1163 47.36 -48.15 132.25
C THR W 1163 48.12 -47.32 131.22
N SER W 1164 49.45 -47.45 131.21
CA SER W 1164 50.27 -46.71 130.25
C SER W 1164 49.94 -47.12 128.83
N ALA W 1165 49.81 -48.43 128.57
CA ALA W 1165 49.49 -48.87 127.23
C ALA W 1165 48.14 -48.32 126.77
N TRP W 1166 47.15 -48.35 127.66
CA TRP W 1166 45.84 -47.82 127.32
C TRP W 1166 45.92 -46.33 127.00
N LEU W 1167 46.57 -45.55 127.87
CA LEU W 1167 46.67 -44.11 127.63
C LEU W 1167 47.48 -43.80 126.37
N GLU W 1168 48.46 -44.64 126.06
CA GLU W 1168 49.27 -44.39 124.87
C GLU W 1168 48.49 -44.64 123.60
N GLU W 1169 47.66 -45.68 123.58
CA GLU W 1169 46.92 -46.03 122.38
C GLU W 1169 45.51 -45.46 122.43
N ILE W 1170 45.44 -44.12 122.37
CA ILE W 1170 44.17 -43.40 122.30
C ILE W 1170 44.28 -42.42 121.14
N THR W 1171 43.81 -42.82 119.98
CA THR W 1171 43.83 -41.93 118.82
C THR W 1171 42.59 -41.08 118.79
N PRO W 1172 42.55 -40.05 117.94
CA PRO W 1172 41.34 -39.22 117.82
C PRO W 1172 40.15 -39.94 117.20
N THR W 1173 40.28 -41.21 116.85
CA THR W 1173 39.19 -41.96 116.26
C THR W 1173 38.83 -43.22 117.04
N SER W 1174 39.70 -43.73 117.91
CA SER W 1174 39.43 -44.97 118.59
C SER W 1174 40.01 -44.94 120.00
N ILE W 1175 39.43 -45.78 120.85
CA ILE W 1175 39.97 -46.05 122.19
C ILE W 1175 39.81 -47.53 122.46
N PRO W 1176 40.80 -48.19 123.06
CA PRO W 1176 40.69 -49.64 123.31
C PRO W 1176 39.94 -49.93 124.59
N SER W 1177 39.72 -51.21 124.88
CA SER W 1177 38.99 -51.59 126.08
C SER W 1177 39.74 -51.17 127.33
N VAL W 1178 39.00 -50.60 128.28
CA VAL W 1178 39.59 -50.13 129.52
C VAL W 1178 40.05 -51.33 130.34
N PRO W 1179 41.33 -51.43 130.67
CA PRO W 1179 41.80 -52.59 131.44
C PRO W 1179 41.66 -52.42 132.94
N PHE W 1180 40.94 -53.33 133.59
CA PHE W 1180 40.82 -53.37 135.03
C PHE W 1180 41.66 -54.49 135.60
N MET W 1181 42.03 -54.35 136.87
CA MET W 1181 42.89 -55.33 137.54
C MET W 1181 42.17 -55.80 138.81
N VAL W 1182 41.59 -56.99 138.76
CA VAL W 1182 40.72 -57.48 139.82
C VAL W 1182 41.42 -58.59 140.59
N PRO W 1183 41.28 -58.64 141.91
CA PRO W 1183 41.89 -59.73 142.68
C PRO W 1183 41.03 -60.98 142.66
N ILE W 1184 41.68 -62.11 142.90
CA ILE W 1184 41.02 -63.41 142.87
C ILE W 1184 40.53 -63.75 144.27
N SER W 1185 39.28 -64.19 144.37
CA SER W 1185 38.73 -64.58 145.65
C SER W 1185 39.37 -65.88 146.13
N SER W 1186 39.17 -66.19 147.41
CA SER W 1186 39.73 -67.40 147.99
C SER W 1186 38.90 -67.83 149.19
N ASP W 1187 38.54 -69.10 149.23
CA ASP W 1187 37.73 -69.63 150.32
C ASP W 1187 38.53 -69.86 151.60
N HIS W 1188 39.84 -69.64 151.58
CA HIS W 1188 40.71 -69.82 152.73
C HIS W 1188 41.52 -68.56 152.94
N ASP W 1189 41.91 -68.32 154.18
CA ASP W 1189 42.68 -67.11 154.49
C ASP W 1189 44.03 -67.15 153.78
N ILE W 1190 44.54 -65.97 153.48
CA ILE W 1190 45.77 -65.80 152.72
C ILE W 1190 46.58 -64.66 153.33
N SER W 1191 47.78 -64.46 152.80
CA SER W 1191 48.65 -63.38 153.25
C SER W 1191 48.54 -62.20 152.29
N SER W 1192 48.64 -61.00 152.83
CA SER W 1192 48.43 -59.78 152.05
C SER W 1192 49.75 -59.26 151.51
N ALA W 1193 49.71 -58.76 150.27
CA ALA W 1193 50.85 -58.13 149.63
C ALA W 1193 50.36 -56.87 148.92
N PRO W 1194 51.22 -55.87 148.77
CA PRO W 1194 50.78 -54.59 148.20
C PRO W 1194 50.37 -54.74 146.75
N ALA W 1195 49.52 -53.80 146.32
CA ALA W 1195 49.06 -53.73 144.94
C ALA W 1195 48.86 -52.27 144.59
N VAL W 1196 49.11 -51.93 143.33
CA VAL W 1196 49.08 -50.55 142.88
C VAL W 1196 48.01 -50.43 141.81
N GLN W 1197 46.86 -49.87 142.18
CA GLN W 1197 45.78 -49.63 141.23
C GLN W 1197 45.99 -48.31 140.51
N TYR W 1198 45.49 -48.23 139.30
CA TYR W 1198 45.47 -46.93 138.64
C TYR W 1198 44.12 -46.58 138.07
N ILE W 1199 43.38 -47.55 137.52
CA ILE W 1199 42.06 -47.30 136.94
C ILE W 1199 41.02 -47.95 137.83
N ILE W 1200 40.01 -47.17 138.19
CA ILE W 1200 38.87 -47.67 138.95
C ILE W 1200 37.61 -46.99 138.41
N SER W 1201 36.50 -47.73 138.41
CA SER W 1201 35.25 -47.18 137.93
C SER W 1201 34.67 -46.23 138.97
N THR W 1202 33.56 -45.59 138.62
CA THR W 1202 32.89 -44.67 139.52
C THR W 1202 31.51 -45.12 139.96
N GLU W 1203 30.99 -46.22 139.41
CA GLU W 1203 29.73 -46.76 139.87
C GLU W 1203 29.77 -48.27 139.70
N TYR W 1204 28.82 -48.95 140.36
CA TYR W 1204 28.83 -50.40 140.41
C TYR W 1204 28.63 -51.02 139.03
N ASN W 1205 29.69 -51.57 138.46
CA ASN W 1205 29.63 -52.27 137.18
C ASN W 1205 29.82 -53.77 137.34
N ASP W 1206 29.82 -54.27 138.57
CA ASP W 1206 30.07 -55.68 138.85
C ASP W 1206 28.78 -56.49 138.83
N ARG W 1207 28.01 -56.35 137.75
CA ARG W 1207 26.71 -56.99 137.67
C ARG W 1207 26.75 -58.38 137.05
N SER W 1208 27.75 -58.67 136.22
CA SER W 1208 27.85 -59.96 135.56
C SER W 1208 28.48 -61.03 136.44
N LEU W 1209 29.07 -60.67 137.57
CA LEU W 1209 29.65 -61.66 138.46
C LEU W 1209 28.56 -62.59 138.99
N PHE W 1210 28.65 -63.87 138.61
CA PHE W 1210 27.62 -64.83 138.98
C PHE W 1210 27.83 -65.40 140.37
N CYS W 1211 28.98 -66.04 140.60
CA CYS W 1211 29.29 -66.60 141.91
C CYS W 1211 30.80 -66.71 142.04
N THR W 1212 31.28 -66.64 143.28
CA THR W 1212 32.70 -66.73 143.59
C THR W 1212 32.93 -67.85 144.57
N ASN W 1213 33.86 -68.74 144.25
CA ASN W 1213 34.14 -69.92 145.07
C ASN W 1213 32.88 -70.78 145.22
N SER W 1214 32.42 -71.29 144.09
CA SER W 1214 31.15 -72.01 144.07
C SER W 1214 31.20 -73.26 144.93
N SER W 1215 32.31 -73.99 144.88
CA SER W 1215 32.40 -75.28 145.55
C SER W 1215 32.69 -75.16 147.04
N SER W 1216 32.99 -73.99 147.54
CA SER W 1216 33.39 -73.84 148.92
C SER W 1216 32.22 -73.39 149.79
N PRO W 1217 32.33 -73.58 151.11
CA PRO W 1217 31.23 -73.17 151.99
C PRO W 1217 31.11 -71.66 152.16
N GLN W 1218 32.17 -70.89 151.91
CA GLN W 1218 32.10 -69.45 152.06
C GLN W 1218 33.41 -68.84 151.57
N THR W 1219 33.34 -67.56 151.22
CA THR W 1219 34.50 -66.80 150.78
C THR W 1219 35.05 -66.00 151.93
N ILE W 1220 36.35 -66.16 152.22
CA ILE W 1220 36.95 -65.52 153.38
C ILE W 1220 37.70 -64.24 153.04
N ALA W 1221 38.17 -64.08 151.80
CA ALA W 1221 38.88 -62.87 151.42
C ALA W 1221 38.65 -62.60 149.95
N GLY W 1222 38.35 -61.34 149.62
CA GLY W 1222 38.11 -60.96 148.25
C GLY W 1222 36.66 -60.60 148.00
N PRO W 1223 36.31 -60.32 146.75
CA PRO W 1223 34.91 -60.05 146.42
C PRO W 1223 34.04 -61.26 146.72
N ASP W 1224 32.85 -60.99 147.24
CA ASP W 1224 31.92 -62.04 147.63
C ASP W 1224 30.64 -61.91 146.81
N LYS W 1225 30.15 -63.04 146.32
CA LYS W 1225 28.92 -63.04 145.52
C LYS W 1225 28.33 -64.44 145.56
N HIS W 1226 27.22 -64.61 146.30
CA HIS W 1226 26.51 -65.87 146.30
C HIS W 1226 25.66 -66.00 145.05
N ILE W 1227 25.04 -67.17 144.89
CA ILE W 1227 24.19 -67.43 143.73
C ILE W 1227 23.02 -66.46 143.75
N PRO W 1228 22.82 -65.66 142.72
CA PRO W 1228 21.76 -64.64 142.76
C PRO W 1228 20.38 -65.26 142.72
N VAL W 1229 19.68 -65.24 143.85
CA VAL W 1229 18.36 -65.86 143.92
C VAL W 1229 17.30 -65.02 143.23
N GLU W 1230 17.54 -63.73 143.05
CA GLU W 1230 16.56 -62.89 142.37
C GLU W 1230 16.42 -63.24 140.90
N ARG W 1231 17.40 -63.96 140.32
CA ARG W 1231 17.28 -64.47 138.97
C ARG W 1231 16.62 -65.83 138.92
N TYR W 1232 16.38 -66.46 140.06
CA TYR W 1232 15.63 -67.72 140.15
C TYR W 1232 14.45 -67.43 141.06
N ASN W 1233 13.38 -66.91 140.47
CA ASN W 1233 12.26 -66.40 141.24
C ASN W 1233 11.22 -67.49 141.50
N ILE W 1234 10.82 -68.22 140.45
CA ILE W 1234 9.78 -69.22 140.61
C ILE W 1234 10.26 -70.41 141.43
N LEU W 1235 11.57 -70.56 141.60
CA LEU W 1235 12.11 -71.58 142.49
C LEU W 1235 12.22 -71.08 143.93
N THR W 1236 12.99 -70.00 144.14
CA THR W 1236 13.26 -69.54 145.49
C THR W 1236 12.02 -68.92 146.12
N ASN W 1237 11.28 -68.13 145.36
CA ASN W 1237 10.13 -67.42 145.90
C ASN W 1237 8.93 -68.36 145.96
N PRO W 1238 8.48 -68.74 147.16
CA PRO W 1238 7.38 -69.72 147.23
C PRO W 1238 6.04 -69.17 146.77
N ASP W 1239 5.72 -67.93 147.13
CA ASP W 1239 4.42 -67.36 146.78
C ASP W 1239 4.50 -66.54 145.49
N ALA W 1240 4.94 -67.21 144.43
CA ALA W 1240 5.05 -66.57 143.12
C ALA W 1240 4.34 -67.43 142.08
N PRO W 1241 3.51 -66.85 141.23
CA PRO W 1241 2.87 -67.62 140.18
C PRO W 1241 3.91 -68.21 139.24
N PRO W 1242 3.62 -69.34 138.61
CA PRO W 1242 4.61 -69.96 137.71
C PRO W 1242 4.98 -69.11 136.52
N THR W 1243 4.20 -68.10 136.17
CA THR W 1243 4.44 -67.32 134.96
C THR W 1243 4.87 -65.89 135.26
N GLN W 1244 5.32 -65.60 136.48
CA GLN W 1244 5.70 -64.25 136.84
C GLN W 1244 7.11 -63.93 136.36
N ILE W 1245 7.32 -62.69 135.94
CA ILE W 1245 8.62 -62.21 135.50
C ILE W 1245 8.74 -60.73 135.84
N GLN W 1246 9.99 -60.28 136.00
CA GLN W 1246 10.31 -58.86 136.10
C GLN W 1246 11.28 -58.56 134.96
N LEU W 1247 10.74 -58.19 133.82
CA LEU W 1247 11.56 -58.17 132.62
C LEU W 1247 12.48 -56.95 132.57
N PRO W 1248 11.97 -55.72 132.71
CA PRO W 1248 12.88 -54.57 132.61
C PRO W 1248 13.93 -54.55 133.70
N GLU W 1249 13.58 -54.96 134.92
CA GLU W 1249 14.52 -54.86 136.03
C GLU W 1249 15.63 -55.89 135.92
N VAL W 1250 15.28 -57.18 135.92
CA VAL W 1250 16.28 -58.22 135.87
C VAL W 1250 15.78 -59.44 135.13
N VAL W 1251 16.46 -59.81 134.05
CA VAL W 1251 16.14 -61.06 133.38
C VAL W 1251 16.45 -62.21 134.32
N ASP W 1252 15.54 -63.16 134.43
CA ASP W 1252 15.74 -64.31 135.27
C ASP W 1252 15.86 -65.57 134.43
N LEU W 1253 16.63 -66.51 134.94
CA LEU W 1253 16.80 -67.81 134.30
C LEU W 1253 15.80 -68.80 134.90
N TYR W 1254 15.67 -69.95 134.26
CA TYR W 1254 14.68 -70.94 134.67
C TYR W 1254 13.26 -70.36 134.58
N ASN W 1255 12.85 -70.12 133.34
CA ASN W 1255 11.51 -69.63 133.06
C ASN W 1255 10.56 -70.79 132.79
N VAL W 1256 9.37 -70.47 132.27
CA VAL W 1256 8.36 -71.46 131.91
C VAL W 1256 8.09 -71.31 130.42
N VAL W 1257 8.67 -72.19 129.63
CA VAL W 1257 8.62 -72.08 128.18
C VAL W 1257 7.58 -73.04 127.63
N THR W 1258 6.95 -72.64 126.54
CA THR W 1258 5.90 -73.43 125.89
C THR W 1258 6.43 -73.93 124.55
N ARG W 1259 6.17 -75.20 124.24
CA ARG W 1259 6.72 -75.85 123.06
C ARG W 1259 5.60 -76.39 122.18
N TYR W 1260 5.77 -76.26 120.87
CA TYR W 1260 4.73 -76.51 119.90
C TYR W 1260 5.18 -77.59 118.92
N ALA W 1261 4.23 -78.05 118.11
CA ALA W 1261 4.52 -78.91 116.97
C ALA W 1261 3.43 -78.68 115.94
N TYR W 1262 3.68 -77.79 114.99
CA TYR W 1262 2.67 -77.40 114.02
C TYR W 1262 2.75 -78.29 112.78
N GLU W 1263 1.97 -77.91 111.76
CA GLU W 1263 1.98 -78.56 110.47
C GLU W 1263 1.70 -77.50 109.42
N THR W 1264 2.49 -77.51 108.35
CA THR W 1264 2.42 -76.48 107.32
C THR W 1264 2.11 -77.13 105.98
N PRO W 1265 0.86 -77.46 105.73
CA PRO W 1265 0.49 -78.08 104.45
C PRO W 1265 0.73 -77.12 103.30
N PRO W 1266 0.91 -77.63 102.10
CA PRO W 1266 0.98 -76.77 100.92
C PRO W 1266 -0.42 -76.28 100.53
N ILE W 1267 -0.48 -75.53 99.45
CA ILE W 1267 -1.73 -74.97 98.95
C ILE W 1267 -2.29 -75.97 97.93
N THR W 1268 -3.25 -76.79 98.37
CA THR W 1268 -3.91 -77.73 97.48
C THR W 1268 -5.22 -77.14 96.99
N ALA W 1269 -5.68 -77.65 95.84
CA ALA W 1269 -6.93 -77.17 95.27
C ALA W 1269 -7.37 -78.10 94.16
N VAL W 1270 -8.68 -78.35 94.09
CA VAL W 1270 -9.25 -79.17 93.03
C VAL W 1270 -10.06 -78.27 92.11
N VAL W 1271 -9.43 -77.80 91.04
CA VAL W 1271 -10.10 -76.92 90.09
C VAL W 1271 -11.21 -77.68 89.38
N MET W 1272 -12.41 -77.11 89.37
CA MET W 1272 -13.56 -77.72 88.71
C MET W 1272 -14.06 -76.82 87.59
N GLY W 1273 -14.61 -77.44 86.56
CA GLY W 1273 -15.19 -76.70 85.47
C GLY W 1273 -16.65 -76.35 85.72
N VAL W 1274 -17.10 -75.28 85.07
CA VAL W 1274 -18.45 -74.77 85.23
C VAL W 1274 -19.12 -74.80 83.87
N PRO W 1275 -20.23 -75.53 83.69
CA PRO W 1275 -20.93 -75.66 82.42
C PRO W 1275 -21.54 -74.34 81.96
N TYR X 181 91.24 10.09 93.04
CA TYR X 181 91.48 11.51 92.77
C TYR X 181 90.24 12.14 92.17
N GLN X 182 90.01 13.42 92.49
CA GLN X 182 88.94 14.16 91.84
C GLN X 182 88.99 15.61 92.29
N CYS X 183 88.46 16.49 91.43
CA CYS X 183 88.40 17.92 91.71
C CYS X 183 87.07 18.21 92.39
N HIS X 184 87.13 18.72 93.61
CA HIS X 184 85.91 19.08 94.34
C HIS X 184 85.28 20.37 93.84
N VAL X 185 85.84 21.00 92.80
CA VAL X 185 85.29 22.22 92.24
C VAL X 185 84.28 21.85 91.15
N CYS X 186 84.74 21.18 90.10
CA CYS X 186 83.89 20.79 89.00
C CYS X 186 83.38 19.36 89.10
N SER X 187 83.85 18.61 90.08
CA SER X 187 83.41 17.23 90.32
C SER X 187 83.84 16.29 89.22
N ALA X 188 85.02 16.51 88.65
CA ALA X 188 85.58 15.62 87.65
C ALA X 188 86.48 14.59 88.31
N VAL X 189 86.64 13.46 87.66
CA VAL X 189 87.44 12.35 88.18
C VAL X 189 88.80 12.38 87.51
N LEU X 190 89.86 12.37 88.31
CA LEU X 190 91.22 12.41 87.80
C LEU X 190 91.96 11.14 88.19
N PHE X 191 93.08 10.88 87.51
CA PHE X 191 93.83 9.64 87.66
C PHE X 191 95.13 9.81 88.41
N SER X 192 95.94 10.81 88.05
CA SER X 192 97.22 10.99 88.73
C SER X 192 97.32 12.39 89.33
N PRO X 193 98.15 12.57 90.35
CA PRO X 193 98.26 13.89 90.97
C PRO X 193 98.82 14.94 90.03
N LEU X 194 99.70 14.53 89.11
CA LEU X 194 100.17 15.44 88.07
C LEU X 194 99.07 15.79 87.08
N ASP X 195 97.97 15.02 87.07
CA ASP X 195 96.80 15.39 86.29
C ASP X 195 95.86 16.30 87.06
N LEU X 196 95.67 16.04 88.36
CA LEU X 196 94.84 16.93 89.17
C LEU X 196 95.47 18.32 89.26
N ASP X 197 96.78 18.38 89.46
CA ASP X 197 97.48 19.65 89.59
C ASP X 197 97.45 20.45 88.30
N ALA X 198 97.33 19.80 87.16
CA ALA X 198 97.18 20.49 85.89
C ALA X 198 95.74 20.77 85.53
N HIS X 199 94.80 20.05 86.15
CA HIS X 199 93.38 20.30 85.90
C HIS X 199 92.87 21.50 86.68
N VAL X 200 93.34 21.67 87.92
CA VAL X 200 92.85 22.80 88.72
C VAL X 200 93.25 24.15 88.11
N ALA X 201 94.26 24.18 87.25
CA ALA X 201 94.63 25.44 86.62
C ALA X 201 93.51 25.99 85.74
N SER X 202 92.68 25.11 85.17
CA SER X 202 91.57 25.58 84.34
C SER X 202 90.49 26.24 85.19
N HIS X 203 90.43 25.94 86.48
CA HIS X 203 89.57 26.67 87.38
C HIS X 203 90.27 27.87 87.99
N GLY X 204 91.59 27.93 87.92
CA GLY X 204 92.33 29.07 88.40
C GLY X 204 93.09 28.83 89.67
N LEU X 205 93.06 27.62 90.20
CA LEU X 205 93.79 27.27 91.40
C LEU X 205 95.21 26.86 91.02
N HIS X 206 96.20 27.45 91.67
CA HIS X 206 97.58 27.10 91.39
C HIS X 206 97.93 25.76 92.05
N GLY X 207 99.12 25.26 91.73
CA GLY X 207 99.61 24.03 92.31
C GLY X 207 101.07 24.11 92.69
N ASN X 208 101.88 23.18 92.21
CA ASN X 208 103.33 23.26 92.39
C ASN X 208 104.07 22.35 91.41
N GLN X 217 95.89 24.63 78.16
CA GLN X 217 96.80 23.72 77.48
C GLN X 217 96.27 23.33 76.10
N ARG X 218 96.37 22.05 75.75
CA ARG X 218 95.83 21.56 74.48
C ARG X 218 94.32 21.77 74.40
N HIS X 219 93.64 21.79 75.54
CA HIS X 219 92.19 21.88 75.55
C HIS X 219 91.72 23.31 75.33
N ILE X 220 90.66 23.45 74.56
CA ILE X 220 90.07 24.75 74.27
C ILE X 220 88.69 24.92 74.90
N THR X 221 88.00 23.83 75.22
CA THR X 221 86.72 23.89 75.91
C THR X 221 86.53 22.61 76.70
N GLU X 222 86.22 22.73 77.98
CA GLU X 222 86.07 21.59 78.88
C GLU X 222 84.69 21.64 79.51
N PHE X 223 83.82 20.72 79.15
CA PHE X 223 82.50 20.63 79.74
C PHE X 223 82.32 19.29 80.44
N ILE X 224 81.45 19.26 81.43
CA ILE X 224 81.14 18.05 82.17
C ILE X 224 79.68 18.09 82.60
N SER X 225 78.96 17.00 82.39
CA SER X 225 77.57 16.93 82.81
C SER X 225 77.50 16.55 84.28
N SER X 226 76.28 16.45 84.81
CA SER X 226 76.08 16.08 86.20
C SER X 226 75.24 14.82 86.38
N TRP X 227 74.47 14.42 85.38
CA TRP X 227 73.66 13.22 85.47
C TRP X 227 74.33 12.00 84.85
N GLN X 228 75.60 12.11 84.49
CA GLN X 228 76.30 11.01 83.83
C GLN X 228 77.79 11.31 83.85
N ASN X 229 78.58 10.27 83.60
CA ASN X 229 80.04 10.38 83.57
C ASN X 229 80.47 10.37 82.11
N HIS X 230 80.56 11.54 81.51
CA HIS X 230 80.96 11.64 80.11
C HIS X 230 81.43 13.05 79.76
N PRO X 231 82.62 13.43 80.20
CA PRO X 231 83.11 14.78 79.86
C PRO X 231 83.39 14.91 78.37
N ILE X 232 83.30 16.14 77.89
CA ILE X 232 83.58 16.46 76.50
C ILE X 232 84.57 17.61 76.45
N VAL X 233 85.56 17.51 75.57
CA VAL X 233 86.56 18.55 75.39
C VAL X 233 86.82 18.76 73.91
N GLN X 234 87.35 19.94 73.58
CA GLN X 234 87.69 20.30 72.22
C GLN X 234 89.18 20.57 72.11
N VAL X 235 89.67 20.47 70.87
CA VAL X 235 91.07 20.74 70.57
C VAL X 235 91.15 21.40 69.20
N SER X 236 92.30 22.00 68.93
CA SER X 236 92.52 22.64 67.64
C SER X 236 92.47 21.61 66.52
N ALA X 237 92.33 22.11 65.28
CA ALA X 237 92.25 21.25 64.11
C ALA X 237 93.60 20.76 63.63
N ASP X 238 94.68 21.13 64.30
CA ASP X 238 96.00 20.59 64.04
C ASP X 238 96.48 19.77 65.24
N VAL X 239 95.55 19.02 65.84
CA VAL X 239 95.77 18.37 67.13
C VAL X 239 96.30 16.96 66.97
N GLU X 240 96.41 16.45 65.74
CA GLU X 240 97.10 15.24 65.32
C GLU X 240 96.56 13.95 65.95
N ASN X 241 95.61 14.06 66.85
CA ASN X 241 94.84 12.91 67.32
C ASN X 241 93.64 13.43 68.10
N ARG X 242 92.44 13.12 67.61
CA ARG X 242 91.24 13.54 68.31
C ARG X 242 90.75 12.45 69.25
N LYS X 243 91.67 11.94 70.06
CA LYS X 243 91.43 10.70 70.80
C LYS X 243 90.34 10.95 71.82
N THR X 244 89.09 10.61 71.45
CA THR X 244 87.91 10.96 72.22
C THR X 244 87.88 12.45 72.54
N ALA X 245 88.22 13.26 71.54
CA ALA X 245 88.18 14.71 71.66
C ALA X 245 87.54 15.29 70.42
N GLN X 246 86.81 16.40 70.61
CA GLN X 246 86.10 17.03 69.51
C GLN X 246 87.03 18.00 68.80
N LEU X 247 86.48 18.83 67.90
CA LEU X 247 87.30 19.68 67.06
C LEU X 247 86.71 21.09 66.98
N LEU X 248 87.59 22.06 66.77
CA LEU X 248 87.21 23.41 66.36
C LEU X 248 87.42 23.52 64.86
N HIS X 249 86.31 23.61 64.12
CA HIS X 249 86.39 23.83 62.69
C HIS X 249 86.45 25.31 62.34
N ALA X 250 86.13 26.19 63.28
CA ALA X 250 86.19 27.62 63.03
C ALA X 250 87.62 28.05 62.76
N ASP X 251 87.78 28.95 61.78
CA ASP X 251 89.08 29.51 61.45
C ASP X 251 89.39 30.66 62.42
N THR X 252 89.54 30.28 63.68
CA THR X 252 89.73 31.28 64.72
C THR X 252 91.09 31.94 64.57
N PRO X 253 91.17 33.26 64.60
CA PRO X 253 92.48 33.92 64.53
C PRO X 253 93.26 33.73 65.82
N ARG X 254 94.47 34.27 65.88
CA ARG X 254 95.30 34.20 67.08
C ARG X 254 95.50 35.61 67.61
N LEU X 255 94.81 35.94 68.70
CA LEU X 255 94.85 37.28 69.23
C LEU X 255 95.96 37.47 70.26
N VAL X 256 96.19 36.49 71.13
CA VAL X 256 97.13 36.61 72.22
C VAL X 256 98.43 35.94 71.82
N THR X 257 99.46 36.73 71.57
CA THR X 257 100.80 36.24 71.26
C THR X 257 101.81 37.01 72.08
N TRP X 258 102.83 36.32 72.57
CA TRP X 258 103.73 36.85 73.58
C TRP X 258 105.13 37.08 73.03
N ASP X 259 105.83 38.03 73.62
CA ASP X 259 107.21 38.36 73.26
C ASP X 259 108.03 38.49 74.54
N ALA X 260 109.22 37.88 74.54
CA ALA X 260 110.08 37.91 75.72
C ALA X 260 111.33 38.77 75.53
N GLY X 261 111.82 38.91 74.30
CA GLY X 261 112.93 39.80 74.06
C GLY X 261 112.51 41.25 74.11
N LEU X 262 113.52 42.13 74.07
CA LEU X 262 113.24 43.55 74.15
C LEU X 262 112.44 44.01 72.93
N CYS X 263 111.81 45.18 73.05
CA CYS X 263 110.73 45.59 72.17
C CYS X 263 111.12 46.75 71.25
N THR X 264 112.33 46.74 70.70
CA THR X 264 112.73 47.77 69.75
C THR X 264 112.54 47.27 68.33
N SER X 265 112.62 48.22 67.39
CA SER X 265 112.54 47.90 65.98
C SER X 265 113.55 48.70 65.16
N PHE X 266 114.62 49.17 65.77
CA PHE X 266 115.61 49.99 65.08
C PHE X 266 117.00 49.53 65.52
N LYS X 267 117.71 48.85 64.62
CA LYS X 267 119.07 48.45 64.90
C LYS X 267 119.98 49.67 64.83
N ILE X 268 121.25 49.46 65.17
CA ILE X 268 122.29 50.47 64.98
C ILE X 268 123.49 49.73 64.39
N VAL X 269 123.59 49.73 63.08
CA VAL X 269 124.59 48.93 62.36
C VAL X 269 125.82 49.78 62.08
N PRO X 270 127.02 49.25 62.30
CA PRO X 270 128.23 49.97 61.89
C PRO X 270 128.47 49.83 60.39
N ILE X 271 128.87 50.94 59.76
CA ILE X 271 129.10 50.96 58.32
C ILE X 271 130.58 50.89 57.99
N VAL X 272 131.39 51.71 58.65
CA VAL X 272 132.83 51.71 58.41
C VAL X 272 133.57 51.38 59.69
N PRO X 273 134.14 50.19 59.81
CA PRO X 273 134.77 49.79 61.08
C PRO X 273 136.03 50.60 61.35
N ALA X 274 136.51 50.49 62.59
CA ALA X 274 137.68 51.23 63.00
C ALA X 274 138.24 50.60 64.27
N GLN X 275 139.52 50.89 64.52
CA GLN X 275 140.20 50.42 65.72
C GLN X 275 141.18 51.49 66.17
N VAL X 276 141.06 51.90 67.43
CA VAL X 276 141.89 52.99 67.95
C VAL X 276 142.54 52.57 69.25
N PRO X 277 143.71 53.11 69.58
CA PRO X 277 144.32 52.81 70.88
C PRO X 277 143.54 53.45 72.02
N GLN X 278 143.67 52.85 73.20
CA GLN X 278 142.94 53.29 74.38
C GLN X 278 143.81 53.16 75.61
N ASP X 279 143.57 54.03 76.59
CA ASP X 279 144.32 53.96 77.84
C ASP X 279 143.83 52.80 78.69
N VAL X 280 142.58 52.84 79.10
CA VAL X 280 142.01 51.80 79.94
C VAL X 280 141.54 50.65 79.06
N LEU X 281 141.91 49.43 79.43
CA LEU X 281 141.61 48.24 78.65
C LEU X 281 140.60 47.31 79.29
N ALA X 282 140.49 47.30 80.62
CA ALA X 282 139.55 46.43 81.29
C ALA X 282 139.52 46.81 82.76
N TYR X 283 138.68 46.10 83.52
CA TYR X 283 138.53 46.30 84.96
C TYR X 283 139.19 45.15 85.72
N THR X 284 139.45 45.39 87.00
CA THR X 284 140.15 44.42 87.83
C THR X 284 139.48 44.31 89.20
N PHE X 285 139.29 43.07 89.67
CA PHE X 285 138.74 42.82 91.02
C PHE X 285 139.60 41.76 91.71
N PHE X 286 140.70 42.23 92.31
CA PHE X 286 141.68 41.50 93.11
C PHE X 286 142.56 40.53 92.33
N THR X 287 142.03 39.93 91.27
CA THR X 287 142.82 39.11 90.36
C THR X 287 142.24 39.08 88.95
N SER X 288 141.14 39.76 88.70
CA SER X 288 140.31 39.46 87.54
C SER X 288 140.39 40.59 86.51
N SER X 289 139.97 40.26 85.30
CA SER X 289 139.95 41.23 84.22
C SER X 289 138.62 41.09 83.49
N TYR X 290 137.81 42.13 83.53
CA TYR X 290 136.53 42.16 82.83
C TYR X 290 136.65 43.11 81.65
N ALA X 291 136.36 42.60 80.45
CA ALA X 291 136.51 43.41 79.25
C ALA X 291 135.42 44.46 79.18
N ILE X 292 135.80 45.66 78.76
CA ILE X 292 134.84 46.74 78.59
C ILE X 292 133.93 46.42 77.43
N GLN X 293 132.63 46.56 77.65
CA GLN X 293 131.62 46.30 76.62
C GLN X 293 130.82 47.57 76.40
N SER X 294 130.74 48.01 75.15
CA SER X 294 130.09 49.28 74.87
C SER X 294 128.69 49.06 74.33
N PRO X 295 127.74 49.93 74.68
CA PRO X 295 126.38 49.77 74.18
C PRO X 295 126.25 49.98 72.69
N PHE X 296 127.21 50.63 72.06
CA PHE X 296 127.10 50.99 70.66
C PHE X 296 128.35 50.55 69.91
N PRO X 297 128.22 50.30 68.61
CA PRO X 297 129.38 49.88 67.81
C PRO X 297 130.44 50.97 67.79
N GLU X 298 131.66 50.59 68.17
CA GLU X 298 132.80 51.50 68.07
C GLU X 298 133.34 51.42 66.65
N ALA X 299 132.87 52.35 65.81
CA ALA X 299 133.24 52.38 64.41
C ALA X 299 133.37 53.84 63.98
N ALA X 300 133.90 54.03 62.77
CA ALA X 300 134.05 55.39 62.25
C ALA X 300 132.71 55.99 61.85
N VAL X 301 131.75 55.15 61.47
CA VAL X 301 130.43 55.61 61.05
C VAL X 301 129.40 54.59 61.50
N SER X 302 128.33 55.07 62.14
CA SER X 302 127.24 54.21 62.57
C SER X 302 125.93 54.94 62.31
N ARG X 303 124.97 54.24 61.69
CA ARG X 303 123.68 54.83 61.42
C ARG X 303 122.58 53.81 61.65
N ILE X 304 121.37 54.31 61.79
CA ILE X 304 120.22 53.52 62.19
C ILE X 304 119.59 52.86 60.98
N VAL X 305 119.14 51.62 61.15
CA VAL X 305 118.33 50.92 60.18
C VAL X 305 117.08 50.40 60.87
N VAL X 306 116.26 49.68 60.14
CA VAL X 306 114.94 49.28 60.59
C VAL X 306 114.77 47.79 60.34
N HIS X 307 114.89 46.99 61.40
CA HIS X 307 114.75 45.54 61.34
C HIS X 307 113.73 45.15 62.39
N THR X 308 112.49 44.96 61.99
CA THR X 308 111.43 44.73 62.96
C THR X 308 111.65 43.40 63.68
N ARG X 309 111.64 43.44 65.01
CA ARG X 309 111.86 42.26 65.84
C ARG X 309 113.22 41.62 65.56
N TRP X 310 114.28 42.39 65.76
CA TRP X 310 115.62 41.85 65.67
C TRP X 310 116.14 41.30 66.98
N ALA X 311 115.44 41.57 68.08
CA ALA X 311 115.82 41.07 69.39
C ALA X 311 114.61 40.51 70.11
N SER X 312 113.67 39.94 69.36
CA SER X 312 112.44 39.40 69.92
C SER X 312 112.53 37.89 70.01
N ASN X 313 111.98 37.35 71.10
CA ASN X 313 111.94 35.92 71.37
C ASN X 313 110.47 35.54 71.44
N VAL X 314 109.90 35.20 70.30
CA VAL X 314 108.45 35.07 70.14
C VAL X 314 108.05 33.61 70.17
N ASP X 315 106.84 33.33 70.64
CA ASP X 315 106.29 31.99 70.60
C ASP X 315 105.48 31.72 69.33
N PHE X 316 105.07 32.76 68.62
CA PHE X 316 104.33 32.61 67.37
C PHE X 316 104.60 33.86 66.54
N ASP X 317 105.47 33.74 65.54
CA ASP X 317 105.82 34.91 64.74
C ASP X 317 104.70 35.25 63.77
N ARG X 318 104.44 36.56 63.61
CA ARG X 318 103.42 36.99 62.67
C ARG X 318 103.87 36.81 61.22
N ASP X 319 105.18 36.81 60.99
CA ASP X 319 105.82 36.62 59.69
C ASP X 319 105.59 37.81 58.77
N SER X 320 105.11 38.93 59.30
CA SER X 320 105.01 40.17 58.56
C SER X 320 106.23 41.06 58.78
N SER X 321 107.42 40.51 58.61
CA SER X 321 108.63 41.23 58.96
C SER X 321 109.00 42.24 57.88
N VAL X 322 109.61 43.34 58.30
CA VAL X 322 110.12 44.36 57.40
C VAL X 322 111.60 44.49 57.69
N ILE X 323 112.41 43.72 56.97
CA ILE X 323 113.85 43.64 57.21
C ILE X 323 114.55 44.54 56.22
N MET X 324 115.37 45.46 56.74
CA MET X 324 116.05 46.44 55.92
C MET X 324 117.55 46.33 56.10
N ALA X 325 118.27 46.20 55.00
CA ALA X 325 119.72 46.09 55.03
C ALA X 325 120.34 47.46 55.27
N PRO X 326 121.64 47.51 55.54
CA PRO X 326 122.31 48.81 55.73
C PRO X 326 122.24 49.64 54.46
N PRO X 327 122.47 50.95 54.56
CA PRO X 327 122.35 51.79 53.37
C PRO X 327 123.36 51.48 52.29
N THR X 328 124.53 50.97 52.65
CA THR X 328 125.52 50.62 51.64
C THR X 328 125.03 49.48 50.74
N GLU X 329 124.13 48.64 51.25
CA GLU X 329 123.52 47.61 50.44
C GLU X 329 122.41 48.24 49.60
N ASN X 330 121.65 47.42 48.88
CA ASN X 330 120.60 47.90 48.00
C ASN X 330 119.25 47.55 48.62
N ASN X 331 118.48 48.57 48.99
CA ASN X 331 117.18 48.40 49.62
C ASN X 331 116.03 48.58 48.65
N ILE X 332 116.28 48.46 47.35
CA ILE X 332 115.23 48.76 46.38
C ILE X 332 114.13 47.71 46.41
N HIS X 333 114.39 46.52 46.95
CA HIS X 333 113.36 45.48 46.97
C HIS X 333 112.20 45.84 47.88
N LEU X 334 112.40 46.74 48.85
CA LEU X 334 111.32 47.13 49.73
C LEU X 334 110.25 47.97 49.04
N PHE X 335 110.51 48.44 47.82
CA PHE X 335 109.60 49.36 47.17
C PHE X 335 109.20 48.90 45.79
N LYS X 336 109.31 47.61 45.51
CA LYS X 336 108.89 47.06 44.23
C LYS X 336 108.19 45.73 44.43
N GLN X 337 107.32 45.66 45.43
CA GLN X 337 106.59 44.44 45.70
C GLN X 337 105.16 44.44 45.14
N LEU X 338 104.47 45.57 45.24
CA LEU X 338 103.01 45.55 45.05
C LEU X 338 102.62 45.44 43.58
N LEU X 339 102.94 46.46 42.78
CA LEU X 339 102.43 46.52 41.42
C LEU X 339 103.54 46.60 40.38
N ASN X 340 104.75 46.23 40.76
CA ASN X 340 105.86 46.20 39.82
C ASN X 340 106.05 44.80 39.24
N THR X 341 104.98 44.32 38.60
CA THR X 341 104.97 42.96 38.09
C THR X 341 105.95 42.81 36.93
N GLU X 342 105.86 43.68 35.93
CA GLU X 342 106.79 43.66 34.81
C GLU X 342 107.48 45.01 34.72
N THR X 343 108.54 45.14 35.50
CA THR X 343 109.55 46.16 35.29
C THR X 343 110.76 45.49 34.65
N LEU X 344 111.31 46.13 33.62
CA LEU X 344 112.42 45.53 32.89
C LEU X 344 113.63 45.34 33.81
N SER X 345 113.98 46.38 34.56
CA SER X 345 115.11 46.30 35.45
C SER X 345 114.82 45.36 36.60
N VAL X 346 115.72 44.41 36.86
CA VAL X 346 115.58 43.54 38.02
C VAL X 346 115.69 44.36 39.29
N ARG X 347 116.49 45.42 39.28
CA ARG X 347 116.55 46.38 40.36
C ARG X 347 116.09 47.74 39.83
N GLY X 348 115.14 48.34 40.53
CA GLY X 348 114.51 49.55 40.07
C GLY X 348 113.01 49.50 40.28
N ALA X 349 112.47 50.53 40.93
CA ALA X 349 111.06 50.57 41.27
C ALA X 349 110.34 51.61 40.43
N ASN X 350 109.03 51.44 40.31
CA ASN X 350 108.22 52.39 39.56
C ASN X 350 107.93 53.61 40.43
N PRO X 351 108.35 54.81 40.03
CA PRO X 351 108.13 55.98 40.89
C PRO X 351 106.67 56.33 41.10
N LEU X 352 105.77 55.84 40.24
CA LEU X 352 104.36 56.16 40.38
C LEU X 352 103.66 55.33 41.44
N MET X 353 104.38 54.52 42.20
CA MET X 353 103.75 53.63 43.18
C MET X 353 104.50 53.60 44.50
N PHE X 354 105.37 54.59 44.73
CA PHE X 354 106.06 54.68 46.01
C PHE X 354 105.08 54.82 47.15
N ARG X 355 103.98 55.57 46.96
CA ARG X 355 103.04 55.75 48.06
C ARG X 355 102.34 54.45 48.40
N ALA X 356 101.91 53.69 47.39
CA ALA X 356 101.27 52.41 47.67
C ALA X 356 102.23 51.46 48.36
N ASN X 357 103.48 51.39 47.88
CA ASN X 357 104.44 50.49 48.51
C ASN X 357 104.75 50.91 49.94
N VAL X 358 104.86 52.21 50.19
CA VAL X 358 105.15 52.68 51.55
C VAL X 358 103.97 52.44 52.47
N LEU X 359 102.75 52.57 51.95
CA LEU X 359 101.59 52.28 52.78
C LEU X 359 101.55 50.82 53.17
N HIS X 360 101.82 49.93 52.20
CA HIS X 360 101.87 48.51 52.55
C HIS X 360 103.00 48.21 53.52
N MET X 361 104.13 48.90 53.37
CA MET X 361 105.25 48.70 54.29
C MET X 361 104.86 49.12 55.71
N LEU X 362 104.19 50.25 55.85
CA LEU X 362 103.77 50.68 57.18
C LEU X 362 102.73 49.74 57.76
N LEU X 363 101.84 49.21 56.92
CA LEU X 363 100.90 48.21 57.40
C LEU X 363 101.64 46.98 57.93
N GLU X 364 102.65 46.52 57.19
CA GLU X 364 103.44 45.37 57.65
C GLU X 364 104.15 45.69 58.96
N PHE X 365 104.70 46.91 59.07
CA PHE X 365 105.41 47.31 60.27
C PHE X 365 104.49 47.28 61.49
N VAL X 366 103.31 47.85 61.36
CA VAL X 366 102.37 47.83 62.48
C VAL X 366 101.89 46.42 62.76
N LEU X 367 101.61 45.66 61.71
CA LEU X 367 101.01 44.34 61.84
C LEU X 367 102.00 43.28 62.30
N ASP X 368 103.29 43.60 62.30
CA ASP X 368 104.31 42.67 62.78
C ASP X 368 104.68 42.90 64.24
N ASN X 369 104.27 44.02 64.83
CA ASN X 369 104.57 44.32 66.22
C ASN X 369 103.39 44.07 67.13
N LEU X 370 102.31 43.47 66.62
CA LEU X 370 101.15 43.20 67.44
C LEU X 370 101.41 42.03 68.38
N TYR X 371 102.21 42.26 69.42
CA TYR X 371 102.49 41.24 70.41
C TYR X 371 102.17 41.74 71.80
N LEU X 372 102.58 40.99 72.80
CA LEU X 372 102.24 41.29 74.19
C LEU X 372 103.43 40.88 75.04
N ASN X 373 104.01 41.83 75.76
CA ASN X 373 105.30 41.61 76.39
C ASN X 373 105.22 40.58 77.52
N ARG X 374 106.29 39.81 77.68
CA ARG X 374 106.36 38.80 78.73
C ARG X 374 106.95 39.40 80.01
N HIS X 375 107.21 38.55 80.99
CA HIS X 375 107.69 38.95 82.32
C HIS X 375 108.86 38.05 82.74
N THR X 376 109.87 37.95 81.89
CA THR X 376 111.07 37.18 82.19
C THR X 376 111.68 37.56 83.53
N GLY X 377 112.47 36.65 84.11
CA GLY X 377 113.02 36.86 85.42
C GLY X 377 114.01 38.01 85.48
N PHE X 378 114.50 38.27 86.69
CA PHE X 378 115.41 39.36 86.98
C PHE X 378 116.71 38.83 87.57
N SER X 379 117.57 39.75 87.99
CA SER X 379 118.77 39.39 88.73
C SER X 379 119.35 40.61 89.44
N GLN X 380 119.50 40.51 90.77
CA GLN X 380 120.13 41.56 91.55
C GLN X 380 121.53 41.85 91.01
N ASP X 381 121.88 43.12 90.97
CA ASP X 381 123.15 43.55 90.38
C ASP X 381 123.98 44.31 91.40
N HIS X 382 125.30 44.15 91.29
CA HIS X 382 126.21 44.85 92.19
C HIS X 382 127.44 45.38 91.45
N THR X 383 127.33 45.61 90.15
CA THR X 383 128.37 46.29 89.40
C THR X 383 128.63 47.66 90.03
N PRO X 384 129.88 48.14 90.02
CA PRO X 384 130.18 49.43 90.65
C PRO X 384 129.44 50.61 90.06
N PHE X 385 128.87 50.46 88.86
CA PHE X 385 128.14 51.56 88.22
C PHE X 385 126.63 51.41 88.30
N THR X 386 126.13 50.21 88.58
CA THR X 386 124.70 49.95 88.70
C THR X 386 124.50 49.21 90.02
N GLU X 387 124.37 49.97 91.10
CA GLU X 387 124.35 49.41 92.45
C GLU X 387 122.94 48.99 92.83
N GLY X 388 122.77 47.71 93.17
CA GLY X 388 121.51 47.25 93.69
C GLY X 388 120.34 47.38 92.75
N ALA X 389 120.59 47.50 91.46
CA ALA X 389 119.50 47.56 90.49
C ALA X 389 119.09 46.16 90.10
N ASN X 390 117.84 46.03 89.67
CA ASN X 390 117.27 44.75 89.27
C ASN X 390 117.16 44.76 87.75
N LEU X 391 117.99 43.95 87.09
CA LEU X 391 118.12 43.96 85.65
C LEU X 391 117.38 42.77 85.07
N ARG X 392 116.53 43.03 84.07
CA ARG X 392 115.83 41.94 83.41
C ARG X 392 116.85 41.03 82.72
N SER X 393 116.48 39.77 82.58
CA SER X 393 117.34 38.76 81.96
C SER X 393 116.54 38.03 80.89
N LEU X 394 116.97 38.16 79.64
CA LEU X 394 116.27 37.51 78.56
C LEU X 394 116.38 36.00 78.67
N PRO X 395 115.37 35.27 78.19
CA PRO X 395 115.43 33.80 78.27
C PRO X 395 116.44 33.25 77.27
N GLY X 396 117.22 32.28 77.72
CA GLY X 396 118.19 31.64 76.86
C GLY X 396 119.33 31.01 77.63
N PRO X 397 120.36 30.57 76.90
CA PRO X 397 121.50 29.93 77.55
C PRO X 397 122.25 30.88 78.49
N ASP X 398 122.68 32.02 77.96
CA ASP X 398 123.37 33.04 78.73
C ASP X 398 122.69 34.37 78.52
N ALA X 399 122.59 35.16 79.58
CA ALA X 399 121.87 36.43 79.54
C ALA X 399 122.75 37.66 79.69
N GLU X 400 123.97 37.51 80.18
CA GLU X 400 124.82 38.68 80.38
C GLU X 400 125.29 39.30 79.07
N LYS X 401 125.14 38.61 77.95
CA LYS X 401 125.53 39.17 76.67
C LYS X 401 124.61 40.30 76.23
N TRP X 402 123.43 40.44 76.84
CA TRP X 402 122.47 41.46 76.47
C TRP X 402 122.50 42.67 77.39
N TYR X 403 123.19 42.60 78.53
CA TYR X 403 123.16 43.71 79.47
C TYR X 403 123.80 44.96 78.88
N SER X 404 124.90 44.81 78.15
CA SER X 404 125.54 45.97 77.54
C SER X 404 124.66 46.60 76.49
N ILE X 405 123.96 45.78 75.70
CA ILE X 405 123.07 46.31 74.69
C ILE X 405 121.89 47.04 75.33
N MET X 406 121.37 46.49 76.44
CA MET X 406 120.14 47.01 77.00
C MET X 406 120.36 48.25 77.85
N TYR X 407 121.37 48.24 78.73
CA TYR X 407 121.53 49.28 79.72
C TYR X 407 122.77 50.11 79.41
N PRO X 408 122.65 51.23 78.69
CA PRO X 408 123.84 51.99 78.29
C PRO X 408 124.64 52.54 79.45
N THR X 409 124.01 52.82 80.59
CA THR X 409 124.78 53.32 81.72
C THR X 409 125.54 52.22 82.46
N ARG X 410 125.32 50.96 82.09
CA ARG X 410 126.08 49.87 82.71
C ARG X 410 127.56 50.05 82.49
N MET X 411 127.95 50.39 81.27
CA MET X 411 129.33 50.76 81.00
C MET X 411 129.67 52.02 81.79
N GLY X 412 130.91 52.08 82.27
CA GLY X 412 131.30 53.19 83.11
C GLY X 412 131.68 54.43 82.32
N THR X 413 132.78 55.07 82.70
CA THR X 413 133.40 56.12 81.89
C THR X 413 134.91 55.96 82.00
N PRO X 414 135.47 54.89 81.43
CA PRO X 414 136.89 54.64 81.60
C PRO X 414 137.76 55.42 80.64
N ASN X 415 137.23 55.78 79.47
CA ASN X 415 138.01 56.39 78.41
C ASN X 415 137.46 57.77 78.07
N VAL X 416 138.20 58.48 77.24
CA VAL X 416 137.80 59.78 76.72
C VAL X 416 137.27 59.52 75.32
N SER X 417 135.96 59.27 75.21
CA SER X 417 135.34 58.94 73.95
C SER X 417 133.98 59.61 73.88
N LYS X 418 133.38 59.59 72.69
CA LYS X 418 132.03 60.14 72.57
C LYS X 418 131.03 59.31 73.37
N ILE X 419 131.19 57.98 73.34
CA ILE X 419 130.30 57.13 74.14
C ILE X 419 130.48 57.41 75.62
N CYS X 420 131.72 57.68 76.04
CA CYS X 420 131.94 57.98 77.45
C CYS X 420 131.38 59.34 77.83
N ASN X 421 131.45 60.33 76.93
CA ASN X 421 130.77 61.60 77.19
C ASN X 421 129.27 61.39 77.33
N PHE X 422 128.69 60.55 76.47
CA PHE X 422 127.26 60.28 76.55
C PHE X 422 126.90 59.63 77.88
N VAL X 423 127.67 58.62 78.29
CA VAL X 423 127.35 57.93 79.53
C VAL X 423 127.59 58.84 80.73
N ALA X 424 128.57 59.75 80.65
CA ALA X 424 128.78 60.69 81.74
C ALA X 424 127.70 61.76 81.79
N SER X 425 127.04 62.02 80.68
CA SER X 425 125.92 62.97 80.70
C SER X 425 124.63 62.31 81.16
N CYS X 426 124.47 61.01 80.93
CA CYS X 426 123.27 60.31 81.38
C CYS X 426 123.16 60.34 82.90
N VAL X 427 121.96 60.09 83.40
CA VAL X 427 121.70 59.92 84.81
C VAL X 427 121.71 58.43 85.11
N ARG X 428 121.88 58.09 86.39
CA ARG X 428 122.19 56.73 86.78
C ARG X 428 121.03 55.96 87.40
N ASN X 429 120.12 56.62 88.11
CA ASN X 429 119.10 55.88 88.84
C ASN X 429 117.95 55.41 87.95
N ARG X 430 117.95 55.77 86.66
CA ARG X 430 116.95 55.27 85.72
C ARG X 430 117.53 54.03 85.06
N VAL X 431 117.35 52.88 85.70
CA VAL X 431 117.96 51.64 85.19
C VAL X 431 117.23 50.46 85.82
N GLY X 432 117.09 49.40 85.03
CA GLY X 432 116.49 48.18 85.53
C GLY X 432 114.99 48.31 85.78
N ARG X 433 114.50 47.49 86.69
CA ARG X 433 113.10 47.56 87.06
C ARG X 433 112.80 48.88 87.75
N PHE X 434 111.60 49.40 87.51
CA PHE X 434 111.15 50.68 88.08
C PHE X 434 110.01 50.53 89.05
N ASP X 435 109.02 49.69 88.74
CA ASP X 435 107.84 49.54 89.57
C ASP X 435 107.24 48.17 89.30
N ARG X 436 106.73 47.54 90.35
CA ARG X 436 106.17 46.20 90.24
C ARG X 436 104.82 46.14 90.95
N ALA X 437 104.00 45.18 90.54
CA ALA X 437 102.65 45.08 91.03
C ALA X 437 102.63 44.69 92.51
N GLN X 438 101.47 44.86 93.12
CA GLN X 438 101.27 44.44 94.50
C GLN X 438 100.74 43.01 94.58
N MET X 439 99.98 42.58 93.59
CA MET X 439 99.59 41.18 93.51
C MET X 439 100.78 40.34 93.10
N MET X 440 101.04 39.26 93.83
CA MET X 440 102.15 38.38 93.53
C MET X 440 101.65 36.97 93.30
N ASN X 441 102.35 36.24 92.43
CA ASN X 441 102.01 34.88 92.06
C ASN X 441 103.12 33.99 92.58
N GLY X 442 103.01 33.57 93.81
CA GLY X 442 104.10 32.87 94.48
C GLY X 442 105.09 33.86 95.11
N ALA X 443 106.23 34.04 94.46
CA ALA X 443 107.21 35.03 94.88
C ALA X 443 107.52 36.05 93.80
N MET X 444 106.92 35.91 92.62
CA MET X 444 107.14 36.84 91.52
C MET X 444 105.90 37.71 91.34
N SER X 445 106.11 38.88 90.76
CA SER X 445 105.05 39.87 90.65
C SER X 445 104.11 39.50 89.52
N GLU X 446 103.17 40.41 89.20
CA GLU X 446 102.23 40.22 88.11
C GLU X 446 102.56 41.04 86.88
N TRP X 447 103.16 42.22 87.06
CA TRP X 447 103.58 43.07 85.97
C TRP X 447 104.64 44.02 86.52
N VAL X 448 105.44 44.58 85.62
CA VAL X 448 106.50 45.48 86.03
C VAL X 448 106.68 46.57 84.97
N ASP X 449 107.20 47.71 85.40
CA ASP X 449 107.66 48.76 84.52
C ASP X 449 109.17 48.85 84.64
N VAL X 450 109.87 48.75 83.51
CA VAL X 450 111.32 48.66 83.50
C VAL X 450 111.88 49.63 82.46
N PHE X 451 113.00 50.24 82.78
CA PHE X 451 113.77 51.00 81.80
C PHE X 451 114.64 50.04 81.00
N GLU X 452 114.67 50.24 79.68
CA GLU X 452 115.51 49.41 78.83
C GLU X 452 115.43 49.94 77.41
N THR X 453 116.32 49.43 76.57
CA THR X 453 116.35 49.85 75.17
C THR X 453 115.07 49.43 74.46
N SER X 454 114.45 50.38 73.79
CA SER X 454 113.22 50.15 73.03
C SER X 454 113.00 51.39 72.16
N ASP X 455 111.84 51.46 71.53
CA ASP X 455 111.45 52.68 70.82
C ASP X 455 110.02 53.06 71.18
N ALA X 456 109.79 54.37 71.23
CA ALA X 456 108.48 54.90 71.59
C ALA X 456 107.41 54.39 70.64
N LEU X 457 107.76 54.21 69.37
CA LEU X 457 106.77 53.77 68.38
C LEU X 457 106.25 52.38 68.71
N THR X 458 107.15 51.43 68.94
CA THR X 458 106.70 50.07 69.20
C THR X 458 106.05 49.96 70.58
N VAL X 459 106.57 50.68 71.57
CA VAL X 459 105.92 50.63 72.88
C VAL X 459 104.51 51.19 72.80
N SER X 460 104.31 52.24 71.99
CA SER X 460 102.98 52.80 71.83
C SER X 460 102.05 51.84 71.09
N ILE X 461 102.55 51.22 70.03
CA ILE X 461 101.74 50.27 69.27
C ILE X 461 101.30 49.12 70.16
N ARG X 462 102.23 48.58 70.95
CA ARG X 462 101.87 47.45 71.80
C ARG X 462 100.98 47.88 72.96
N GLY X 463 101.13 49.10 73.46
CA GLY X 463 100.19 49.60 74.45
C GLY X 463 98.79 49.71 73.91
N ARG X 464 98.65 50.18 72.66
CA ARG X 464 97.32 50.29 72.08
C ARG X 464 96.72 48.91 71.82
N TRP X 465 97.54 47.96 71.37
CA TRP X 465 97.03 46.61 71.18
C TRP X 465 96.59 45.99 72.50
N MET X 466 97.36 46.22 73.56
CA MET X 466 97.01 45.69 74.87
C MET X 466 95.71 46.31 75.37
N ALA X 467 95.53 47.61 75.17
CA ALA X 467 94.26 48.24 75.56
C ALA X 467 93.10 47.68 74.78
N ARG X 468 93.29 47.47 73.47
CA ARG X 468 92.23 46.89 72.65
C ARG X 468 91.84 45.51 73.15
N LEU X 469 92.82 44.68 73.49
CA LEU X 469 92.50 43.34 73.97
C LEU X 469 91.86 43.39 75.35
N ALA X 470 92.35 44.28 76.23
CA ALA X 470 91.81 44.36 77.57
C ALA X 470 90.37 44.82 77.55
N ARG X 471 89.98 45.63 76.58
CA ARG X 471 88.60 46.08 76.52
C ARG X 471 87.63 44.93 76.20
N MET X 472 88.12 43.82 75.67
CA MET X 472 87.28 42.68 75.33
C MET X 472 87.18 41.65 76.45
N ASN X 473 87.71 41.94 77.63
CA ASN X 473 87.77 40.94 78.68
C ASN X 473 86.36 40.56 79.13
N ILE X 474 86.21 39.29 79.51
CA ILE X 474 84.93 38.71 79.85
C ILE X 474 85.05 38.00 81.19
N ASN X 475 83.94 37.46 81.68
CA ASN X 475 83.85 36.94 83.03
C ASN X 475 83.18 35.56 82.99
N PRO X 476 83.71 34.56 83.68
CA PRO X 476 83.06 33.25 83.69
C PRO X 476 81.63 33.29 84.19
N THR X 477 81.31 34.20 85.11
CA THR X 477 79.91 34.39 85.50
C THR X 477 79.07 34.79 84.30
N GLU X 478 79.60 35.64 83.43
CA GLU X 478 78.85 36.09 82.27
C GLU X 478 78.70 34.97 81.25
N ILE X 479 79.74 34.16 81.07
CA ILE X 479 79.61 32.99 80.20
C ILE X 479 78.52 32.07 80.73
N GLU X 480 78.51 31.86 82.05
CA GLU X 480 77.46 31.07 82.69
C GLU X 480 76.08 31.62 82.37
N TRP X 481 75.89 32.92 82.58
CA TRP X 481 74.60 33.55 82.30
C TRP X 481 74.19 33.37 80.85
N ALA X 482 75.11 33.65 79.92
CA ALA X 482 74.77 33.60 78.51
C ALA X 482 74.38 32.20 78.08
N LEU X 483 75.11 31.19 78.55
CA LEU X 483 74.77 29.83 78.15
C LEU X 483 73.46 29.37 78.80
N THR X 484 73.26 29.70 80.07
CA THR X 484 72.00 29.36 80.73
C THR X 484 70.82 30.02 80.05
N GLU X 485 71.00 31.21 79.49
CA GLU X 485 69.91 31.89 78.82
C GLU X 485 69.70 31.37 77.40
N CYS X 486 70.77 31.00 76.71
CA CYS X 486 70.61 30.38 75.40
C CYS X 486 69.91 29.05 75.50
N ALA X 487 70.09 28.33 76.62
CA ALA X 487 69.50 27.00 76.74
C ALA X 487 67.97 27.02 76.81
N GLN X 488 67.35 28.17 77.03
CA GLN X 488 65.90 28.33 77.07
C GLN X 488 65.28 27.64 78.27
N GLY X 489 66.05 27.41 79.34
CA GLY X 489 65.48 26.87 80.56
C GLY X 489 65.38 25.37 80.63
N TYR X 490 66.16 24.64 79.84
CA TYR X 490 66.18 23.18 79.91
C TYR X 490 67.39 22.64 80.65
N VAL X 491 68.52 23.33 80.60
CA VAL X 491 69.70 22.98 81.39
C VAL X 491 70.31 24.28 81.89
N THR X 492 71.07 24.17 82.98
CA THR X 492 71.69 25.32 83.61
C THR X 492 73.19 25.12 83.67
N VAL X 493 73.93 26.10 83.19
CA VAL X 493 75.39 26.04 83.13
C VAL X 493 75.95 26.71 84.37
N THR X 494 77.08 26.20 84.85
CA THR X 494 77.76 26.76 86.01
C THR X 494 79.26 26.58 85.80
N SER X 495 80.02 27.66 85.99
CA SER X 495 81.46 27.63 85.80
C SER X 495 82.13 28.32 86.97
N PRO X 496 82.50 27.57 88.00
CA PRO X 496 83.15 28.19 89.16
C PRO X 496 84.57 28.62 88.84
N TYR X 497 85.09 29.52 89.66
CA TYR X 497 86.44 30.01 89.45
C TYR X 497 86.93 30.72 90.70
N ALA X 498 88.24 30.72 90.89
CA ALA X 498 88.86 31.39 92.02
C ALA X 498 89.08 32.86 91.72
N PRO X 499 89.22 33.68 92.75
CA PRO X 499 89.35 35.13 92.55
C PRO X 499 90.74 35.49 92.05
N SER X 500 90.83 35.89 90.78
CA SER X 500 92.09 36.30 90.20
C SER X 500 91.87 37.51 89.32
N VAL X 501 92.89 38.35 89.20
CA VAL X 501 92.80 39.57 88.42
C VAL X 501 93.58 39.48 87.11
N ASN X 502 94.63 38.67 87.03
CA ASN X 502 95.41 38.59 85.81
C ASN X 502 94.89 37.51 84.87
N ARG X 503 93.59 37.47 84.64
CA ARG X 503 92.99 36.51 83.72
C ARG X 503 92.44 37.28 82.53
N LEU X 504 92.82 36.87 81.33
CA LEU X 504 92.40 37.53 80.11
C LEU X 504 91.75 36.51 79.20
N MET X 505 90.58 36.84 78.68
CA MET X 505 89.87 35.98 77.75
C MET X 505 88.91 36.82 76.92
N PRO X 506 89.40 37.43 75.84
CA PRO X 506 88.65 38.49 75.16
C PRO X 506 87.57 37.92 74.25
N TYR X 507 86.32 38.21 74.60
CA TYR X 507 85.21 37.74 73.78
C TYR X 507 84.07 38.74 73.63
N ARG X 508 84.18 39.94 74.18
CA ARG X 508 83.09 40.91 74.16
C ARG X 508 83.26 41.87 73.00
N ILE X 509 82.23 42.00 72.17
CA ILE X 509 82.25 42.83 70.98
C ILE X 509 80.91 43.54 70.85
N SER X 510 80.76 44.29 69.77
CA SER X 510 79.58 45.13 69.58
C SER X 510 78.70 44.64 68.45
N ASN X 511 77.42 44.98 68.56
CA ASN X 511 76.46 44.62 67.52
C ASN X 511 76.86 45.21 66.18
N ALA X 512 77.52 46.37 66.17
CA ALA X 512 77.97 46.95 64.92
C ALA X 512 79.00 46.06 64.23
N GLU X 513 79.98 45.56 64.99
CA GLU X 513 80.95 44.65 64.43
C GLU X 513 80.30 43.38 63.91
N ARG X 514 79.38 42.81 64.70
CA ARG X 514 78.74 41.57 64.23
C ARG X 514 77.87 41.82 63.01
N GLN X 515 77.27 42.99 62.90
CA GLN X 515 76.46 43.30 61.73
C GLN X 515 77.33 43.45 60.48
N ILE X 516 78.48 44.12 60.63
CA ILE X 516 79.39 44.22 59.49
C ILE X 516 79.85 42.84 59.04
N SER X 517 80.14 41.97 60.01
CA SER X 517 80.44 40.58 59.68
C SER X 517 79.32 39.97 58.86
N GLN X 518 78.08 40.02 59.38
CA GLN X 518 76.95 39.40 58.68
C GLN X 518 76.77 39.97 57.28
N ILE X 519 77.04 41.25 57.09
CA ILE X 519 76.92 41.84 55.76
C ILE X 519 77.96 41.22 54.82
N ILE X 520 79.18 41.02 55.31
CA ILE X 520 80.18 40.40 54.43
C ILE X 520 79.80 38.95 54.14
N ARG X 521 79.26 38.24 55.14
CA ARG X 521 78.81 36.87 54.91
C ARG X 521 77.70 36.82 53.88
N VAL X 522 76.85 37.85 53.82
CA VAL X 522 75.81 37.89 52.81
C VAL X 522 76.37 38.24 51.44
N MET X 523 77.39 39.10 51.38
CA MET X 523 78.05 39.36 50.11
C MET X 523 78.69 38.09 49.55
N ASN X 524 79.16 37.21 50.43
CA ASN X 524 79.90 36.04 49.98
C ASN X 524 79.10 35.16 49.03
N ILE X 525 77.78 35.05 49.24
CA ILE X 525 76.98 34.10 48.47
C ILE X 525 77.01 34.45 46.99
N GLY X 526 76.51 35.62 46.63
CA GLY X 526 76.55 36.06 45.25
C GLY X 526 75.79 35.18 44.29
N ASN X 527 74.59 34.77 44.66
CA ASN X 527 73.73 33.94 43.81
C ASN X 527 74.34 32.59 43.49
N ASN X 528 75.27 32.11 44.31
CA ASN X 528 75.89 30.80 44.11
C ASN X 528 75.22 29.82 45.06
N ALA X 529 74.41 28.91 44.51
CA ALA X 529 73.66 27.97 45.34
C ALA X 529 74.54 26.95 46.03
N THR X 530 75.74 26.70 45.49
CA THR X 530 76.65 25.76 46.13
C THR X 530 77.11 26.25 47.49
N VAL X 531 77.13 27.58 47.69
CA VAL X 531 77.58 28.12 48.97
C VAL X 531 76.49 28.01 50.02
N ILE X 532 75.22 27.96 49.60
CA ILE X 532 74.11 27.92 50.55
C ILE X 532 73.51 26.53 50.71
N GLN X 533 73.91 25.56 49.89
CA GLN X 533 73.38 24.21 50.04
C GLN X 533 73.75 23.56 51.37
N PRO X 534 75.03 23.41 51.72
CA PRO X 534 75.37 22.63 52.92
C PRO X 534 74.83 23.22 54.20
N VAL X 535 74.66 24.54 54.26
CA VAL X 535 74.10 25.18 55.46
C VAL X 535 72.72 24.61 55.76
N LEU X 536 71.81 24.74 54.78
CA LEU X 536 70.46 24.26 54.98
C LEU X 536 70.42 22.76 55.21
N GLN X 537 71.22 21.99 54.45
CA GLN X 537 71.13 20.55 54.62
C GLN X 537 71.63 20.10 56.00
N ASP X 538 72.75 20.67 56.46
CA ASP X 538 73.29 20.26 57.75
C ASP X 538 72.38 20.69 58.89
N ILE X 539 71.77 21.87 58.78
CA ILE X 539 70.83 22.28 59.82
C ILE X 539 69.62 21.36 59.83
N SER X 540 69.18 20.90 58.65
CA SER X 540 68.07 19.96 58.59
C SER X 540 68.43 18.65 59.28
N VAL X 541 69.64 18.14 59.04
CA VAL X 541 70.03 16.89 59.68
C VAL X 541 70.13 17.06 61.19
N LEU X 542 70.64 18.21 61.63
CA LEU X 542 70.71 18.46 63.07
C LEU X 542 69.33 18.49 63.71
N LEU X 543 68.36 19.12 63.04
CA LEU X 543 66.99 19.10 63.55
C LEU X 543 66.46 17.68 63.61
N GLN X 544 66.68 16.90 62.55
CA GLN X 544 66.22 15.51 62.55
C GLN X 544 66.83 14.73 63.70
N ARG X 545 68.06 15.05 64.10
CA ARG X 545 68.67 14.32 65.20
C ARG X 545 68.14 14.75 66.55
N ILE X 546 67.90 16.05 66.76
CA ILE X 546 67.52 16.52 68.08
C ILE X 546 66.02 16.72 68.21
N SER X 547 65.24 16.17 67.27
CA SER X 547 63.81 16.37 67.46
C SER X 547 63.14 15.10 67.99
N PRO X 548 62.18 15.23 68.90
CA PRO X 548 61.44 14.05 69.36
C PRO X 548 60.50 13.47 68.33
N LEU X 549 60.18 14.23 67.29
CA LEU X 549 59.15 13.82 66.35
C LEU X 549 59.63 12.64 65.51
N GLN X 550 58.77 11.65 65.36
CA GLN X 550 58.97 10.53 64.45
C GLN X 550 57.89 10.55 63.39
N ILE X 551 58.22 10.08 62.20
CA ILE X 551 57.32 10.13 61.06
C ILE X 551 57.23 8.72 60.48
N ASP X 552 56.03 8.16 60.46
CA ASP X 552 55.77 6.92 59.73
C ASP X 552 54.51 7.04 58.89
N PRO X 553 54.58 6.79 57.59
CA PRO X 553 53.36 6.77 56.77
C PRO X 553 52.47 5.57 57.02
N THR X 554 52.90 4.64 57.88
CA THR X 554 52.04 3.52 58.23
C THR X 554 50.76 3.98 58.89
N ILE X 555 50.74 5.19 59.48
CA ILE X 555 49.48 5.74 59.96
C ILE X 555 48.49 5.90 58.82
N ILE X 556 48.93 6.51 57.72
CA ILE X 556 48.06 6.67 56.56
C ILE X 556 47.67 5.31 55.99
N SER X 557 48.64 4.39 55.88
CA SER X 557 48.32 3.07 55.34
C SER X 557 47.29 2.35 56.20
N ASN X 558 47.44 2.42 57.52
CA ASN X 558 46.50 1.75 58.42
C ASN X 558 45.12 2.38 58.33
N THR X 559 45.05 3.71 58.31
CA THR X 559 43.73 4.34 58.25
C THR X 559 43.04 4.07 56.92
N MET X 560 43.81 3.83 55.86
CA MET X 560 43.21 3.46 54.59
C MET X 560 43.05 1.96 54.41
N SER X 561 43.49 1.15 55.37
CA SER X 561 43.44 -0.31 55.23
C SER X 561 42.02 -0.84 55.09
N THR X 562 41.01 -0.12 55.58
CA THR X 562 39.65 -0.63 55.56
C THR X 562 38.85 -0.17 54.34
N VAL X 563 39.16 0.98 53.77
CA VAL X 563 38.43 1.46 52.61
C VAL X 563 38.75 0.58 51.42
N SER X 564 37.72 -0.02 50.83
CA SER X 564 37.87 -0.84 49.63
C SER X 564 36.69 -0.60 48.71
N GLU X 565 36.83 -1.01 47.46
CA GLU X 565 35.81 -0.80 46.45
C GLU X 565 35.33 -2.14 45.89
N SER X 566 34.07 -2.17 45.49
CA SER X 566 33.51 -3.37 44.90
C SER X 566 34.07 -3.60 43.51
N THR X 567 34.18 -4.88 43.14
CA THR X 567 34.57 -5.23 41.78
C THR X 567 33.54 -4.69 40.80
N THR X 568 33.99 -4.46 39.56
CA THR X 568 33.20 -3.83 38.51
C THR X 568 32.94 -2.36 38.81
N GLN X 569 33.78 -1.75 39.64
CA GLN X 569 33.73 -0.32 39.92
C GLN X 569 35.18 0.15 39.88
N THR X 570 35.55 0.82 38.79
CA THR X 570 36.96 1.06 38.45
C THR X 570 37.42 2.45 38.84
N LEU X 571 36.96 2.99 39.96
CA LEU X 571 37.39 4.32 40.40
C LEU X 571 37.39 4.35 41.91
N SER X 572 38.57 4.43 42.51
CA SER X 572 38.74 4.29 43.95
C SER X 572 39.48 5.48 44.55
N PRO X 573 38.79 6.32 45.33
CA PRO X 573 39.48 7.48 45.93
C PRO X 573 40.58 7.10 46.91
N ALA X 574 40.35 6.08 47.74
CA ALA X 574 41.36 5.69 48.72
C ALA X 574 42.61 5.17 48.02
N SER X 575 42.44 4.30 47.03
CA SER X 575 43.58 3.80 46.29
C SER X 575 44.31 4.93 45.58
N SER X 576 43.55 5.90 45.06
CA SER X 576 44.17 7.02 44.35
C SER X 576 45.04 7.83 45.29
N ILE X 577 44.52 8.20 46.46
CA ILE X 577 45.32 9.02 47.37
C ILE X 577 46.49 8.23 47.94
N LEU X 578 46.33 6.92 48.16
CA LEU X 578 47.48 6.14 48.60
C LEU X 578 48.58 6.13 47.55
N GLY X 579 48.22 5.85 46.30
CA GLY X 579 49.21 5.83 45.24
C GLY X 579 49.83 7.18 45.00
N LYS X 580 49.11 8.26 45.32
CA LYS X 580 49.66 9.58 45.13
C LYS X 580 50.46 10.09 46.32
N LEU X 581 50.22 9.56 47.51
CA LEU X 581 51.01 9.94 48.67
C LEU X 581 52.29 9.12 48.80
N ARG X 582 52.27 7.86 48.35
CA ARG X 582 53.46 7.01 48.43
C ARG X 582 53.90 6.82 49.87
N PRO X 583 53.11 6.18 50.72
CA PRO X 583 53.54 6.00 52.11
C PRO X 583 54.75 5.09 52.27
N SER X 584 55.13 4.34 51.24
CA SER X 584 56.31 3.48 51.36
C SER X 584 57.61 4.28 51.33
N ASN X 585 57.65 5.36 50.55
CA ASN X 585 58.84 6.20 50.50
C ASN X 585 59.05 6.90 51.84
N SER X 586 60.30 6.94 52.29
CA SER X 586 60.64 7.49 53.61
C SER X 586 61.78 8.49 53.50
N ASP X 587 61.67 9.40 52.55
CA ASP X 587 62.63 10.50 52.41
C ASP X 587 61.88 11.80 52.71
N PHE X 588 62.16 12.37 53.89
CA PHE X 588 61.47 13.56 54.35
C PHE X 588 62.44 14.71 54.56
N SER X 589 63.38 14.87 53.63
CA SER X 589 64.31 15.99 53.73
C SER X 589 63.63 17.32 53.44
N SER X 590 62.56 17.30 52.64
CA SER X 590 61.86 18.54 52.31
C SER X 590 61.28 19.19 53.55
N PHE X 591 60.72 18.39 54.46
CA PHE X 591 60.13 18.93 55.68
C PHE X 591 61.18 19.66 56.52
N ARG X 592 62.29 18.98 56.82
CA ARG X 592 63.31 19.59 57.66
C ARG X 592 63.99 20.77 56.97
N VAL X 593 64.14 20.73 55.64
CA VAL X 593 64.74 21.85 54.95
C VAL X 593 63.80 23.04 54.94
N ALA X 594 62.49 22.79 54.83
CA ALA X 594 61.53 23.87 54.93
C ALA X 594 61.58 24.51 56.30
N LEU X 595 61.74 23.70 57.35
CA LEU X 595 61.90 24.26 58.69
C LEU X 595 63.16 25.12 58.77
N ALA X 596 64.28 24.58 58.30
CA ALA X 596 65.55 25.30 58.42
C ALA X 596 65.58 26.56 57.56
N GLY X 597 64.76 26.62 56.51
CA GLY X 597 64.72 27.81 55.68
C GLY X 597 64.00 28.99 56.28
N TRP X 598 63.34 28.81 57.42
CA TRP X 598 62.68 29.94 58.08
C TRP X 598 63.70 30.92 58.63
N LEU X 599 64.89 30.45 58.99
CA LEU X 599 65.90 31.34 59.56
C LEU X 599 66.61 32.15 58.51
N TYR X 600 66.46 31.81 57.23
CA TYR X 600 67.24 32.42 56.16
C TYR X 600 66.32 32.98 55.08
N ASN X 601 65.31 33.72 55.53
CA ASN X 601 64.35 34.31 54.61
C ASN X 601 65.01 35.28 53.64
N GLY X 602 66.08 35.94 54.06
CA GLY X 602 66.66 37.00 53.25
C GLY X 602 67.56 36.53 52.13
N VAL X 603 68.15 35.34 52.25
CA VAL X 603 69.09 34.86 51.25
C VAL X 603 68.48 33.77 50.37
N VAL X 604 67.62 32.91 50.91
CA VAL X 604 67.02 31.83 50.15
C VAL X 604 65.52 31.85 50.40
N THR X 605 64.74 31.70 49.32
CA THR X 605 63.30 31.66 49.41
C THR X 605 62.82 30.31 48.86
N THR X 606 62.11 29.56 49.70
CA THR X 606 61.68 28.22 49.35
C THR X 606 60.30 28.26 48.71
N VAL X 607 60.15 27.55 47.59
CA VAL X 607 58.89 27.50 46.85
C VAL X 607 58.56 26.05 46.56
N ILE X 608 57.27 25.76 46.45
CA ILE X 608 56.84 24.41 46.09
C ILE X 608 57.19 24.14 44.64
N ASP X 609 57.58 22.91 44.35
CA ASP X 609 58.12 22.57 43.05
C ASP X 609 57.06 22.74 41.96
N ASP X 610 57.54 23.08 40.75
CA ASP X 610 56.64 23.25 39.63
C ASP X 610 55.93 21.96 39.27
N SER X 611 56.61 20.82 39.40
CA SER X 611 56.04 19.54 39.03
C SER X 611 55.00 19.03 40.01
N SER X 612 54.75 19.76 41.10
CA SER X 612 53.72 19.36 42.05
C SER X 612 52.33 19.81 41.64
N TYR X 613 52.23 20.76 40.73
CA TYR X 613 50.93 21.29 40.33
C TYR X 613 50.25 20.35 39.36
N PRO X 614 48.93 20.45 39.21
CA PRO X 614 48.22 19.56 38.29
C PRO X 614 48.67 19.77 36.86
N LYS X 615 48.59 18.70 36.07
CA LYS X 615 49.08 18.74 34.70
C LYS X 615 48.13 19.52 33.81
N ASP X 616 48.67 20.47 33.06
CA ASP X 616 47.88 21.27 32.13
C ASP X 616 46.83 22.09 32.85
N GLY X 617 47.14 22.53 34.07
CA GLY X 617 46.23 23.29 34.88
C GLY X 617 45.26 22.45 35.69
N GLY X 618 44.88 21.29 35.18
CA GLY X 618 43.95 20.42 35.87
C GLY X 618 42.51 20.79 35.62
N SER X 619 41.62 19.95 36.15
CA SER X 619 40.20 20.18 36.04
C SER X 619 39.51 19.64 37.27
N VAL X 620 38.42 20.29 37.66
CA VAL X 620 37.66 19.84 38.82
C VAL X 620 36.97 18.52 38.55
N THR X 621 36.83 18.13 37.29
CA THR X 621 36.19 16.88 36.91
C THR X 621 37.14 15.71 36.95
N SER X 622 38.25 15.80 37.69
CA SER X 622 39.27 14.76 37.71
C SER X 622 39.67 14.44 39.14
N LEU X 623 39.56 13.17 39.51
CA LEU X 623 39.87 12.75 40.87
C LEU X 623 41.34 12.97 41.19
N GLU X 624 42.23 12.66 40.25
CA GLU X 624 43.65 12.84 40.48
C GLU X 624 43.98 14.30 40.71
N ASN X 625 43.37 15.20 39.94
CA ASN X 625 43.60 16.63 40.16
C ASN X 625 43.01 17.10 41.48
N LEU X 626 41.90 16.50 41.91
CA LEU X 626 41.37 16.84 43.22
C LEU X 626 42.37 16.48 44.32
N TRP X 627 42.92 15.27 44.27
CA TRP X 627 43.88 14.91 45.32
C TRP X 627 45.17 15.72 45.20
N ASP X 628 45.60 16.05 43.98
CA ASP X 628 46.74 16.94 43.80
C ASP X 628 46.50 18.28 44.48
N PHE X 629 45.30 18.84 44.29
CA PHE X 629 44.98 20.10 44.95
C PHE X 629 44.99 19.95 46.46
N PHE X 630 44.50 18.83 46.98
CA PHE X 630 44.53 18.61 48.42
C PHE X 630 45.96 18.66 48.95
N ILE X 631 46.84 17.87 48.35
CA ILE X 631 48.24 17.83 48.78
C ILE X 631 48.86 19.21 48.70
N LEU X 632 48.60 19.91 47.59
CA LEU X 632 49.22 21.21 47.36
C LEU X 632 48.76 22.24 48.38
N ALA X 633 47.45 22.34 48.61
CA ALA X 633 46.94 23.31 49.55
C ALA X 633 47.34 22.98 50.96
N LEU X 634 47.52 21.70 51.29
CA LEU X 634 47.95 21.34 52.62
C LEU X 634 49.44 21.58 52.84
N ALA X 635 50.23 21.60 51.77
CA ALA X 635 51.66 21.81 51.91
C ALA X 635 52.10 23.26 51.74
N LEU X 636 51.31 24.11 51.09
CA LEU X 636 51.75 25.47 50.83
C LEU X 636 52.09 26.31 52.06
N PRO X 637 51.33 26.29 53.16
CA PRO X 637 51.60 27.27 54.24
C PRO X 637 52.96 27.18 54.90
N LEU X 638 53.77 26.16 54.62
CA LEU X 638 55.05 25.98 55.28
C LEU X 638 56.22 26.57 54.51
N THR X 639 55.98 27.25 53.40
CA THR X 639 57.05 27.80 52.59
C THR X 639 57.19 29.30 52.84
N THR X 640 58.41 29.80 52.69
CA THR X 640 58.71 31.22 52.87
C THR X 640 58.46 32.02 51.60
N ASP X 641 57.88 31.41 50.58
CA ASP X 641 57.50 32.14 49.38
C ASP X 641 56.55 33.27 49.75
N PRO X 642 56.85 34.51 49.37
CA PRO X 642 55.98 35.63 49.78
C PRO X 642 54.56 35.51 49.28
N CYS X 643 54.33 34.86 48.14
CA CYS X 643 52.99 34.70 47.62
C CYS X 643 52.69 33.22 47.43
N ALA X 644 52.36 32.57 48.54
CA ALA X 644 51.74 31.26 48.66
C ALA X 644 50.22 31.30 48.55
N PRO X 645 49.55 32.24 49.24
CA PRO X 645 48.08 32.25 49.18
C PRO X 645 47.53 32.46 47.79
N VAL X 646 48.13 33.38 47.03
CA VAL X 646 47.65 33.62 45.66
C VAL X 646 47.85 32.36 44.82
N LYS X 647 48.93 31.62 45.07
CA LYS X 647 49.16 30.39 44.32
C LYS X 647 48.10 29.34 44.66
N ALA X 648 47.73 29.23 45.93
CA ALA X 648 46.68 28.27 46.30
C ALA X 648 45.35 28.65 45.65
N PHE X 649 44.96 29.92 45.81
CA PHE X 649 43.70 30.39 45.25
C PHE X 649 43.64 30.17 43.75
N MET X 650 44.73 30.50 43.05
CA MET X 650 44.70 30.37 41.60
C MET X 650 44.87 28.94 41.13
N THR X 651 45.45 28.06 41.95
CA THR X 651 45.37 26.63 41.64
C THR X 651 43.91 26.19 41.58
N LEU X 652 43.14 26.55 42.60
CA LEU X 652 41.74 26.17 42.58
C LEU X 652 40.99 26.86 41.44
N ALA X 653 41.33 28.11 41.15
CA ALA X 653 40.65 28.82 40.06
C ALA X 653 40.92 28.15 38.72
N ASN X 654 42.19 27.83 38.44
CA ASN X 654 42.54 27.15 37.20
C ASN X 654 41.81 25.82 37.08
N MET X 655 41.75 25.05 38.17
CA MET X 655 40.97 23.83 38.13
C MET X 655 39.49 24.12 37.88
N MET X 656 39.02 25.29 38.30
CA MET X 656 37.60 25.63 38.26
C MET X 656 37.18 26.32 36.97
N VAL X 657 38.11 26.60 36.06
CA VAL X 657 37.74 27.21 34.78
C VAL X 657 36.71 26.36 34.06
N GLY X 658 35.73 27.01 33.44
CA GLY X 658 34.64 26.35 32.76
C GLY X 658 33.41 26.15 33.61
N PHE X 659 33.55 26.13 34.93
CA PHE X 659 32.43 25.97 35.85
C PHE X 659 32.17 27.18 36.71
N GLU X 660 33.18 28.02 36.94
CA GLU X 660 33.02 29.24 37.73
C GLU X 660 33.96 30.29 37.17
N THR X 661 33.52 31.54 37.19
CA THR X 661 34.26 32.63 36.57
C THR X 661 34.48 33.73 37.59
N ILE X 662 35.71 34.22 37.67
CA ILE X 662 36.05 35.37 38.50
C ILE X 662 36.42 36.52 37.57
N PRO X 663 36.26 37.77 38.00
CA PRO X 663 36.58 38.89 37.11
C PRO X 663 38.07 39.08 36.93
N MET X 664 38.46 39.48 35.73
CA MET X 664 39.84 39.74 35.37
C MET X 664 40.09 41.23 35.30
N ASP X 665 41.34 41.63 35.56
CA ASP X 665 41.68 43.03 35.67
C ASP X 665 42.22 43.65 34.39
N ASN X 666 42.70 42.85 33.44
CA ASN X 666 43.09 43.37 32.14
C ASN X 666 42.60 42.41 31.06
N GLN X 667 42.82 42.79 29.81
CA GLN X 667 42.36 42.02 28.67
C GLN X 667 43.38 41.00 28.18
N ILE X 668 44.56 40.94 28.80
CA ILE X 668 45.62 40.04 28.37
C ILE X 668 45.46 38.68 29.02
N TYR X 669 45.47 38.64 30.35
CA TYR X 669 45.46 37.38 31.07
C TYR X 669 44.03 36.91 31.33
N THR X 670 43.91 35.60 31.53
CA THR X 670 42.62 34.96 31.73
C THR X 670 42.65 34.16 33.02
N GLN X 671 41.50 33.57 33.36
CA GLN X 671 41.39 32.79 34.58
C GLN X 671 42.21 31.51 34.51
N SER X 672 42.61 31.07 33.32
CA SER X 672 43.39 29.86 33.16
C SER X 672 44.88 30.14 33.05
N ARG X 673 45.34 31.25 33.62
CA ARG X 673 46.77 31.47 33.72
C ARG X 673 47.35 30.55 34.77
N ARG X 674 48.48 29.93 34.46
CA ARG X 674 49.01 28.87 35.30
C ARG X 674 49.40 29.41 36.66
N ALA X 675 49.14 28.63 37.71
CA ALA X 675 49.36 29.07 39.07
C ALA X 675 50.84 29.09 39.46
N SER X 676 51.71 28.47 38.66
CA SER X 676 53.14 28.61 38.92
C SER X 676 53.60 30.04 38.70
N ALA X 677 52.96 30.76 37.79
CA ALA X 677 53.48 32.03 37.30
C ALA X 677 53.23 33.19 38.25
N PHE X 678 52.50 32.99 39.34
CA PHE X 678 52.20 34.08 40.28
C PHE X 678 53.26 34.05 41.38
N SER X 679 54.39 34.69 41.09
CA SER X 679 55.56 34.59 41.96
C SER X 679 56.08 35.96 42.39
N THR X 680 55.29 37.01 42.24
CA THR X 680 55.72 38.36 42.61
C THR X 680 54.48 39.18 42.91
N PRO X 681 54.55 40.11 43.86
CA PRO X 681 53.33 40.81 44.29
C PRO X 681 52.61 41.59 43.19
N HIS X 682 53.26 41.91 42.08
CA HIS X 682 52.57 42.67 41.05
C HIS X 682 51.63 41.83 40.20
N THR X 683 51.42 40.56 40.55
CA THR X 683 50.54 39.68 39.80
C THR X 683 49.33 39.23 40.61
N TRP X 684 49.15 39.75 41.82
CA TRP X 684 48.06 39.28 42.64
C TRP X 684 46.74 39.79 42.08
N PRO X 685 45.76 38.92 41.84
CA PRO X 685 44.52 39.38 41.22
C PRO X 685 43.79 40.38 42.10
N ARG X 686 43.30 41.44 41.46
CA ARG X 686 42.62 42.51 42.18
C ARG X 686 41.35 42.03 42.87
N CYS X 687 40.79 40.90 42.44
CA CYS X 687 39.65 40.28 43.09
C CYS X 687 40.05 39.32 44.19
N PHE X 688 41.34 39.17 44.48
CA PHE X 688 41.77 38.32 45.57
C PHE X 688 41.86 39.07 46.89
N MET X 689 42.34 40.32 46.85
CA MET X 689 42.46 41.10 48.07
C MET X 689 41.12 41.68 48.51
N ASN X 690 40.21 41.89 47.57
CA ASN X 690 38.85 42.33 47.89
C ASN X 690 37.91 41.19 47.53
N ILE X 691 37.47 40.45 48.55
CA ILE X 691 36.64 39.27 48.33
C ILE X 691 35.33 39.64 47.65
N GLN X 692 34.83 40.84 47.92
CA GLN X 692 33.48 41.22 47.52
C GLN X 692 33.29 41.24 46.01
N LEU X 693 34.36 41.19 45.23
CA LEU X 693 34.25 41.14 43.79
C LEU X 693 34.02 39.73 43.26
N ILE X 694 34.01 38.73 44.13
CA ILE X 694 33.69 37.35 43.75
C ILE X 694 32.23 37.13 44.15
N SER X 695 31.34 37.18 43.17
CA SER X 695 29.92 37.09 43.46
C SER X 695 29.57 35.67 43.91
N PRO X 696 28.89 35.50 45.05
CA PRO X 696 28.63 34.16 45.56
C PRO X 696 27.67 33.34 44.70
N ILE X 697 26.91 33.99 43.83
CA ILE X 697 26.01 33.25 42.94
C ILE X 697 26.75 32.73 41.72
N ASP X 698 27.85 33.36 41.33
CA ASP X 698 28.57 33.01 40.11
C ASP X 698 29.84 32.22 40.37
N ALA X 699 30.36 32.23 41.59
CA ALA X 699 31.55 31.49 41.95
C ALA X 699 31.53 31.17 43.44
N PRO X 700 30.57 30.34 43.88
CA PRO X 700 30.42 30.13 45.33
C PRO X 700 31.60 29.44 45.97
N ILE X 701 32.13 28.38 45.35
CA ILE X 701 33.22 27.66 45.97
C ILE X 701 34.52 28.47 45.90
N LEU X 702 34.72 29.24 44.84
CA LEU X 702 35.88 30.12 44.82
C LEU X 702 35.78 31.18 45.90
N ARG X 703 34.60 31.73 46.13
CA ARG X 703 34.45 32.70 47.22
C ARG X 703 34.69 32.04 48.57
N GLN X 704 34.21 30.82 48.77
CA GLN X 704 34.46 30.12 50.02
C GLN X 704 35.94 29.88 50.23
N TRP X 705 36.65 29.46 49.18
CA TRP X 705 38.08 29.21 49.29
C TRP X 705 38.83 30.50 49.59
N ALA X 706 38.40 31.60 48.99
CA ALA X 706 39.02 32.89 49.28
C ALA X 706 38.81 33.28 50.74
N GLU X 707 37.59 33.16 51.25
CA GLU X 707 37.34 33.51 52.64
C GLU X 707 38.14 32.62 53.58
N ILE X 708 38.27 31.34 53.25
CA ILE X 708 39.07 30.43 54.08
C ILE X 708 40.52 30.87 54.11
N ILE X 709 41.07 31.24 52.94
CA ILE X 709 42.45 31.70 52.88
C ILE X 709 42.63 32.96 53.73
N HIS X 710 41.70 33.90 53.61
CA HIS X 710 41.86 35.18 54.32
C HIS X 710 41.72 35.00 55.82
N ARG X 711 40.84 34.11 56.27
CA ARG X 711 40.58 34.00 57.69
C ARG X 711 41.53 33.05 58.41
N TYR X 712 41.81 31.89 57.84
CA TYR X 712 42.49 30.83 58.59
C TYR X 712 43.91 30.57 58.12
N TRP X 713 44.45 31.39 57.24
CA TRP X 713 45.86 31.30 56.91
C TRP X 713 46.69 31.61 58.15
N PRO X 714 47.79 30.88 58.39
CA PRO X 714 48.53 31.04 59.63
C PRO X 714 49.11 32.44 59.79
N ASN X 715 49.17 32.89 61.05
CA ASN X 715 49.64 34.22 61.41
C ASN X 715 51.09 34.18 61.81
N PRO X 716 51.94 35.10 61.34
CA PRO X 716 53.32 35.13 61.79
C PRO X 716 53.42 35.44 63.28
N SER X 717 54.62 35.27 63.81
CA SER X 717 54.87 35.46 65.23
C SER X 717 56.36 35.75 65.41
N GLN X 718 56.83 35.68 66.66
CA GLN X 718 58.24 35.92 66.91
C GLN X 718 58.58 35.47 68.32
N ILE X 719 59.81 34.99 68.49
CA ILE X 719 60.27 34.43 69.76
C ILE X 719 61.68 34.93 70.04
N ARG X 720 62.04 34.99 71.32
CA ARG X 720 63.35 35.45 71.74
C ARG X 720 64.37 34.31 71.66
N TYR X 721 65.63 34.68 71.50
CA TYR X 721 66.71 33.70 71.52
C TYR X 721 68.00 34.40 71.92
N GLY X 722 69.09 33.63 71.95
CA GLY X 722 70.42 34.12 72.22
C GLY X 722 70.52 34.87 73.53
N THR X 723 71.59 35.65 73.64
CA THR X 723 71.82 36.50 74.80
C THR X 723 72.49 37.79 74.32
N PRO X 724 71.69 38.79 73.95
CA PRO X 724 72.27 40.04 73.43
C PRO X 724 73.11 40.79 74.44
N ASN X 725 72.98 40.50 75.73
CA ASN X 725 73.72 41.25 76.74
C ASN X 725 75.16 40.80 76.86
N VAL X 726 75.51 39.61 76.38
CA VAL X 726 76.86 39.08 76.45
C VAL X 726 77.42 38.77 75.07
N PHE X 727 76.64 38.10 74.23
CA PHE X 727 77.07 37.78 72.88
C PHE X 727 76.76 38.88 71.88
N GLY X 728 75.73 39.69 72.15
CA GLY X 728 75.31 40.69 71.18
C GLY X 728 74.25 40.13 70.27
N SER X 729 74.26 40.54 69.01
CA SER X 729 73.31 40.01 68.05
C SER X 729 73.69 40.50 66.66
N ALA X 730 73.47 39.64 65.67
CA ALA X 730 73.79 39.97 64.29
C ALA X 730 72.53 40.29 63.47
N ASN X 731 71.41 40.54 64.13
CA ASN X 731 70.21 40.91 63.41
C ASN X 731 70.40 42.26 62.72
N LEU X 732 69.89 42.36 61.49
CA LEU X 732 70.01 43.57 60.69
C LEU X 732 68.70 44.30 60.52
N PHE X 733 67.66 43.61 60.04
CA PHE X 733 66.36 44.23 59.82
C PHE X 733 65.33 43.83 60.87
N THR X 734 65.77 43.34 62.01
CA THR X 734 64.89 43.00 63.12
C THR X 734 65.57 43.44 64.41
N PRO X 735 64.81 43.62 65.49
CA PRO X 735 65.41 43.94 66.77
C PRO X 735 66.35 42.84 67.21
N PRO X 736 67.32 43.15 68.05
CA PRO X 736 68.45 42.22 68.25
C PRO X 736 68.15 40.99 69.09
N GLU X 737 66.88 40.69 69.37
CA GLU X 737 66.59 39.53 70.20
C GLU X 737 65.38 38.72 69.75
N VAL X 738 64.83 38.96 68.56
CA VAL X 738 63.63 38.27 68.13
C VAL X 738 63.96 37.38 66.94
N LEU X 739 63.11 36.38 66.73
CA LEU X 739 63.29 35.39 65.68
C LEU X 739 61.94 35.20 65.00
N LEU X 740 61.78 35.78 63.82
CA LEU X 740 60.49 35.74 63.14
C LEU X 740 60.14 34.32 62.72
N LEU X 741 58.85 34.00 62.75
CA LEU X 741 58.35 32.69 62.39
C LEU X 741 57.10 32.85 61.54
N PRO X 742 56.93 32.03 60.50
CA PRO X 742 55.75 32.15 59.64
C PRO X 742 54.48 31.53 60.22
N ILE X 743 54.51 31.04 61.45
CA ILE X 743 53.36 30.44 62.11
C ILE X 743 53.30 30.98 63.53
N ASP X 744 52.31 30.52 64.28
CA ASP X 744 52.17 30.89 65.68
C ASP X 744 52.67 29.77 66.58
N HIS X 745 53.25 30.15 67.70
CA HIS X 745 53.77 29.22 68.68
C HIS X 745 53.09 29.45 70.02
N GLN X 746 53.04 28.41 70.83
CA GLN X 746 52.44 28.53 72.16
C GLN X 746 53.33 27.83 73.18
N PRO X 747 53.09 28.04 74.47
CA PRO X 747 53.84 27.29 75.49
C PRO X 747 53.59 25.79 75.34
N ALA X 748 54.63 25.01 75.59
CA ALA X 748 54.63 23.60 75.23
C ALA X 748 54.15 22.73 76.39
N ASN X 749 53.19 21.86 76.08
CA ASN X 749 52.87 20.73 76.95
C ASN X 749 52.42 19.56 76.10
N VAL X 750 52.75 18.35 76.54
CA VAL X 750 52.39 17.16 75.77
C VAL X 750 50.96 16.74 76.03
N THR X 751 50.31 17.23 77.08
CA THR X 751 48.94 16.88 77.38
C THR X 751 48.00 17.78 76.60
N THR X 752 48.17 17.83 75.29
CA THR X 752 47.29 18.58 74.42
C THR X 752 46.39 17.62 73.67
N PRO X 753 45.14 17.98 73.44
CA PRO X 753 44.28 17.15 72.59
C PRO X 753 44.89 17.01 71.21
N THR X 754 45.02 15.76 70.75
CA THR X 754 45.61 15.51 69.44
C THR X 754 44.82 16.16 68.33
N LEU X 755 43.55 16.46 68.55
CA LEU X 755 42.69 17.10 67.57
C LEU X 755 41.99 18.27 68.28
N ASP X 756 42.66 19.42 68.33
CA ASP X 756 42.01 20.67 68.68
C ASP X 756 42.07 21.60 67.48
N PHE X 757 40.91 22.12 67.09
CA PHE X 757 40.84 22.94 65.90
C PHE X 757 41.04 24.41 66.21
N THR X 758 41.62 24.73 67.37
CA THR X 758 42.17 26.04 67.66
C THR X 758 43.62 26.15 67.25
N ASN X 759 44.27 25.03 66.94
CA ASN X 759 45.60 25.06 66.37
C ASN X 759 45.54 25.54 64.93
N GLU X 760 46.54 26.34 64.52
CA GLU X 760 46.55 26.91 63.19
C GLU X 760 46.52 25.83 62.12
N LEU X 761 47.48 24.89 62.17
CA LEU X 761 47.62 23.92 61.10
C LEU X 761 46.48 22.90 61.11
N THR X 762 46.05 22.48 62.30
CA THR X 762 44.96 21.51 62.35
C THR X 762 43.65 22.13 61.88
N ASN X 763 43.40 23.38 62.25
CA ASN X 763 42.23 24.08 61.75
C ASN X 763 42.32 24.26 60.25
N TRP X 764 43.52 24.51 59.72
CA TRP X 764 43.68 24.64 58.28
C TRP X 764 43.33 23.36 57.56
N ARG X 765 43.82 22.22 58.08
CA ARG X 765 43.49 20.94 57.45
C ARG X 765 41.99 20.66 57.51
N ALA X 766 41.36 20.94 58.65
CA ALA X 766 39.93 20.72 58.76
C ALA X 766 39.16 21.59 57.76
N ARG X 767 39.57 22.85 57.60
CA ARG X 767 38.88 23.73 56.67
C ARG X 767 39.04 23.27 55.23
N VAL X 768 40.24 22.83 54.85
CA VAL X 768 40.45 22.37 53.49
C VAL X 768 39.62 21.12 53.22
N CYS X 769 39.57 20.20 54.17
CA CYS X 769 38.76 18.99 53.97
C CYS X 769 37.29 19.33 53.87
N GLU X 770 36.81 20.27 54.68
CA GLU X 770 35.41 20.67 54.58
C GLU X 770 35.11 21.30 53.23
N LEU X 771 36.02 22.12 52.71
CA LEU X 771 35.75 22.74 51.42
C LEU X 771 35.73 21.70 50.31
N MET X 772 36.63 20.71 50.37
CA MET X 772 36.58 19.68 49.33
C MET X 772 35.31 18.84 49.45
N LYS X 773 34.81 18.62 50.66
CA LYS X 773 33.50 17.97 50.80
C LYS X 773 32.42 18.80 50.12
N ASN X 774 32.42 20.12 50.35
CA ASN X 774 31.41 20.96 49.72
C ASN X 774 31.54 20.94 48.21
N LEU X 775 32.76 20.76 47.70
CA LEU X 775 32.94 20.67 46.25
C LEU X 775 32.41 19.35 45.71
N VAL X 776 32.57 18.27 46.46
CA VAL X 776 32.23 16.95 45.97
C VAL X 776 30.76 16.57 46.18
N ASP X 777 30.07 17.21 47.12
CA ASP X 777 28.75 16.74 47.55
C ASP X 777 27.75 16.63 46.41
N ASN X 778 27.40 17.75 45.79
CA ASN X 778 26.25 17.77 44.89
C ASN X 778 26.52 17.18 43.52
N GLN X 779 27.76 16.83 43.20
CA GLN X 779 28.14 16.36 41.87
C GLN X 779 27.86 17.43 40.82
N ARG X 780 27.87 18.70 41.24
CA ARG X 780 27.69 19.80 40.30
C ARG X 780 28.92 20.01 39.44
N TYR X 781 30.08 19.54 39.87
CA TYR X 781 31.34 19.78 39.18
C TYR X 781 31.95 18.53 38.58
N GLN X 782 31.29 17.38 38.72
CA GLN X 782 31.77 16.13 38.14
C GLN X 782 30.66 15.49 37.31
N PRO X 783 30.26 16.13 36.20
CA PRO X 783 29.39 15.45 35.25
C PRO X 783 30.22 14.50 34.42
N GLY X 784 29.79 13.24 34.34
CA GLY X 784 30.56 12.19 33.73
C GLY X 784 30.85 11.03 34.66
N TRP X 785 30.87 11.29 35.97
CA TRP X 785 30.93 10.21 36.94
C TRP X 785 29.61 9.46 36.92
N THR X 786 29.56 8.34 36.22
CA THR X 786 28.34 7.54 36.21
C THR X 786 28.05 6.98 37.59
N GLN X 787 29.01 6.30 38.19
CA GLN X 787 28.85 5.82 39.55
C GLN X 787 28.81 7.00 40.52
N SER X 788 28.04 6.83 41.59
CA SER X 788 27.98 7.83 42.65
C SER X 788 29.15 7.59 43.61
N LEU X 789 29.99 8.61 43.79
CA LEU X 789 31.17 8.51 44.63
C LEU X 789 31.12 9.47 45.82
N VAL X 790 29.95 10.04 46.12
CA VAL X 790 29.87 11.00 47.22
C VAL X 790 30.23 10.33 48.54
N SER X 791 29.68 9.13 48.76
CA SER X 791 29.93 8.45 50.04
C SER X 791 31.40 8.07 50.18
N SER X 792 32.02 7.56 49.12
CA SER X 792 33.43 7.19 49.21
C SER X 792 34.33 8.40 49.40
N MET X 793 34.09 9.47 48.64
CA MET X 793 34.88 10.68 48.80
C MET X 793 34.72 11.25 50.21
N ARG X 794 33.49 11.27 50.73
CA ARG X 794 33.29 11.81 52.07
C ARG X 794 33.94 10.94 53.12
N GLY X 795 33.91 9.62 52.94
CA GLY X 795 34.57 8.75 53.89
C GLY X 795 36.06 8.96 53.93
N THR X 796 36.69 9.03 52.75
CA THR X 796 38.13 9.24 52.72
C THR X 796 38.50 10.62 53.23
N LEU X 797 37.68 11.65 52.98
CA LEU X 797 38.01 12.97 53.49
C LEU X 797 37.83 13.03 55.01
N GLY X 798 36.81 12.36 55.54
CA GLY X 798 36.67 12.29 56.98
C GLY X 798 37.86 11.59 57.63
N LYS X 799 38.33 10.50 57.00
CA LYS X 799 39.50 9.81 57.54
C LYS X 799 40.74 10.70 57.49
N LEU X 800 40.94 11.41 56.37
CA LEU X 800 42.09 12.30 56.28
C LEU X 800 42.00 13.46 57.26
N LYS X 801 40.79 13.88 57.61
CA LYS X 801 40.64 15.02 58.51
C LYS X 801 40.84 14.63 59.96
N LEU X 802 40.17 13.56 60.40
CA LEU X 802 40.25 13.14 61.80
C LEU X 802 41.42 12.19 62.03
N ILE X 803 42.61 12.60 61.59
CA ILE X 803 43.77 11.74 61.64
C ILE X 803 44.49 11.95 62.96
N LYS X 804 45.40 11.03 63.30
CA LYS X 804 46.02 10.95 64.62
C LYS X 804 47.44 11.51 64.62
N SER X 805 47.64 12.61 63.90
CA SER X 805 48.97 13.19 63.74
C SER X 805 49.32 14.11 64.90
N MET X 806 50.61 14.21 65.18
CA MET X 806 51.13 15.12 66.20
C MET X 806 52.12 16.10 65.62
N THR X 807 52.25 16.17 64.30
CA THR X 807 53.12 17.13 63.63
C THR X 807 52.65 18.57 63.82
N PRO X 808 51.34 18.87 63.73
CA PRO X 808 50.91 20.23 64.05
C PRO X 808 51.23 20.64 65.47
N MET X 809 50.95 19.76 66.44
CA MET X 809 51.33 20.01 67.83
C MET X 809 52.82 20.28 67.94
N TYR X 810 53.63 19.47 67.26
CA TYR X 810 55.08 19.66 67.28
C TYR X 810 55.46 21.03 66.74
N LEU X 811 55.01 21.35 65.53
CA LEU X 811 55.36 22.62 64.90
C LEU X 811 54.88 23.81 65.71
N GLN X 812 53.81 23.65 66.48
CA GLN X 812 53.33 24.78 67.26
C GLN X 812 54.07 24.94 68.58
N GLN X 813 54.52 23.84 69.19
CA GLN X 813 55.04 23.92 70.55
C GLN X 813 56.54 23.72 70.65
N LEU X 814 57.09 22.69 70.01
CA LEU X 814 58.49 22.33 70.24
C LEU X 814 59.43 22.75 69.14
N ALA X 815 58.94 22.93 67.91
CA ALA X 815 59.82 23.36 66.83
C ALA X 815 60.42 24.74 67.06
N PRO X 816 59.64 25.77 67.41
CA PRO X 816 60.25 27.08 67.70
C PRO X 816 61.25 27.04 68.83
N VAL X 817 61.00 26.21 69.86
CA VAL X 817 61.91 26.12 70.99
C VAL X 817 63.28 25.64 70.53
N GLU X 818 63.32 24.57 69.75
CA GLU X 818 64.61 24.05 69.34
C GLU X 818 65.24 24.90 68.25
N LEU X 819 64.44 25.61 67.44
CA LEU X 819 65.03 26.60 66.54
C LEU X 819 65.75 27.69 67.32
N ALA X 820 65.12 28.20 68.38
CA ALA X 820 65.76 29.22 69.20
C ALA X 820 66.94 28.65 69.97
N VAL X 821 66.92 27.36 70.29
CA VAL X 821 68.05 26.74 70.97
C VAL X 821 69.22 26.58 70.03
N ILE X 822 68.96 26.36 68.74
CA ILE X 822 70.05 26.14 67.80
C ILE X 822 70.61 27.44 67.26
N ALA X 823 69.79 28.49 67.17
CA ALA X 823 70.14 29.71 66.45
C ALA X 823 71.46 30.34 66.85
N PRO X 824 71.73 30.63 68.12
CA PRO X 824 72.97 31.35 68.46
C PRO X 824 74.24 30.56 68.22
N MET X 825 74.16 29.26 67.95
CA MET X 825 75.35 28.44 67.79
C MET X 825 75.72 28.19 66.33
N LEU X 826 74.98 28.77 65.40
CA LEU X 826 75.22 28.49 63.99
C LEU X 826 76.39 29.32 63.46
N PRO X 827 77.13 28.80 62.49
CA PRO X 827 78.25 29.56 61.92
C PRO X 827 77.77 30.80 61.19
N PHE X 828 76.75 30.63 60.34
CA PHE X 828 76.16 31.72 59.57
C PHE X 828 74.83 32.08 60.19
N PRO X 829 74.77 33.11 61.03
CA PRO X 829 73.59 33.35 61.87
C PRO X 829 72.36 33.65 61.03
N PRO X 830 71.17 33.62 61.64
CA PRO X 830 69.94 33.80 60.86
C PRO X 830 69.84 35.20 60.29
N PHE X 831 69.47 35.27 59.02
CA PHE X 831 69.32 36.53 58.29
C PHE X 831 67.89 36.57 57.74
N GLN X 832 66.99 37.23 58.46
CA GLN X 832 65.58 37.19 58.17
C GLN X 832 65.09 38.51 57.60
N VAL X 833 63.90 38.44 57.01
CA VAL X 833 63.16 39.56 56.45
C VAL X 833 61.73 39.40 56.94
N PRO X 834 60.99 40.48 57.19
CA PRO X 834 59.68 40.34 57.82
C PRO X 834 58.70 39.50 57.01
N TYR X 835 57.97 38.64 57.73
CA TYR X 835 56.90 37.84 57.14
C TYR X 835 55.60 38.64 57.18
N VAL X 836 54.90 38.71 56.05
CA VAL X 836 53.64 39.42 55.95
C VAL X 836 52.62 38.49 55.30
N ARG X 837 51.48 38.31 55.96
CA ARG X 837 50.49 37.38 55.45
C ARG X 837 49.95 37.80 54.09
N LEU X 838 49.23 38.92 54.06
CA LEU X 838 48.52 39.33 52.86
C LEU X 838 48.61 40.82 52.62
N ASP X 839 49.41 41.55 53.39
CA ASP X 839 49.59 42.97 53.21
C ASP X 839 50.52 43.15 52.01
N ARG X 840 49.94 43.27 50.82
CA ARG X 840 50.76 43.31 49.61
C ARG X 840 51.64 44.55 49.56
N ASP X 841 51.19 45.66 50.13
CA ASP X 841 51.94 46.90 49.99
C ASP X 841 53.25 46.89 50.74
N ARG X 842 53.50 45.92 51.61
CA ARG X 842 54.74 45.84 52.36
C ARG X 842 55.34 44.44 52.29
N VAL X 843 55.38 43.90 51.08
CA VAL X 843 56.00 42.59 50.82
C VAL X 843 57.41 42.82 50.30
N PRO X 844 58.43 42.23 50.92
CA PRO X 844 59.80 42.45 50.44
C PRO X 844 60.00 41.85 49.06
N THR X 845 60.64 42.61 48.18
CA THR X 845 60.85 42.16 46.81
C THR X 845 62.27 42.36 46.31
N MET X 846 63.19 42.85 47.14
CA MET X 846 64.55 43.07 46.69
C MET X 846 65.49 43.33 47.86
N VAL X 847 66.60 42.60 47.92
CA VAL X 847 67.60 42.76 48.96
C VAL X 847 68.91 43.15 48.28
N GLY X 848 69.46 44.30 48.67
CA GLY X 848 70.67 44.79 48.06
C GLY X 848 71.69 45.20 49.11
N VAL X 849 72.95 45.24 48.67
CA VAL X 849 74.06 45.64 49.51
C VAL X 849 74.73 46.85 48.89
N THR X 850 74.96 47.87 49.71
CA THR X 850 75.58 49.11 49.26
C THR X 850 77.04 49.13 49.73
N ARG X 851 77.88 49.81 48.95
CA ARG X 851 79.30 49.88 49.27
C ARG X 851 79.84 51.29 49.38
N GLN X 852 79.16 52.29 48.84
CA GLN X 852 79.62 53.67 48.88
C GLN X 852 78.92 54.43 50.00
N SER X 853 79.45 55.62 50.29
CA SER X 853 78.93 56.44 51.37
C SER X 853 77.58 57.03 50.97
N ARG X 854 77.02 57.87 51.82
CA ARG X 854 75.68 58.40 51.60
C ARG X 854 75.66 59.75 50.90
N ASP X 855 76.65 60.60 51.13
CA ASP X 855 76.71 61.91 50.48
C ASP X 855 77.55 61.89 49.21
N THR X 856 77.28 60.93 48.32
CA THR X 856 78.03 60.82 47.07
C THR X 856 77.10 60.32 45.98
N ILE X 857 77.46 60.61 44.74
CA ILE X 857 76.74 60.13 43.57
C ILE X 857 77.76 59.51 42.63
N THR X 858 77.73 58.18 42.52
CA THR X 858 78.69 57.47 41.69
C THR X 858 77.95 56.58 40.70
N GLN X 859 78.68 55.69 40.03
CA GLN X 859 78.05 54.72 39.16
C GLN X 859 77.05 53.90 39.96
N PRO X 860 75.82 53.75 39.49
CA PRO X 860 74.89 52.88 40.21
C PRO X 860 75.30 51.44 40.00
N ALA X 861 75.93 50.83 41.01
CA ALA X 861 76.52 49.51 40.87
C ALA X 861 75.82 48.58 41.85
N LEU X 862 74.69 48.02 41.42
CA LEU X 862 73.91 47.16 42.29
C LEU X 862 74.65 45.86 42.55
N SER X 863 74.54 45.36 43.78
CA SER X 863 75.10 44.06 44.09
C SER X 863 74.33 42.97 43.36
N LEU X 864 74.89 41.77 43.35
CA LEU X 864 74.29 40.66 42.63
C LEU X 864 73.10 40.06 43.36
N SER X 865 72.83 40.49 44.59
CA SER X 865 71.65 40.01 45.31
C SER X 865 70.37 40.52 44.66
N THR X 866 70.44 41.63 43.96
CA THR X 866 69.26 42.33 43.45
C THR X 866 68.80 41.80 42.10
N THR X 867 69.37 40.71 41.60
CA THR X 867 69.02 40.18 40.30
C THR X 867 68.13 38.94 40.37
N ASN X 868 67.60 38.62 41.54
CA ASN X 868 66.71 37.49 41.70
C ASN X 868 65.26 37.93 41.51
N THR X 869 64.48 37.09 40.82
CA THR X 869 63.06 37.39 40.66
C THR X 869 62.36 37.43 42.01
N THR X 870 62.61 36.44 42.85
CA THR X 870 62.11 36.43 44.21
C THR X 870 63.00 37.33 45.06
N VAL X 871 62.84 37.27 46.38
CA VAL X 871 63.68 38.10 47.24
C VAL X 871 65.07 37.48 47.41
N GLY X 872 65.16 36.16 47.42
CA GLY X 872 66.44 35.50 47.54
C GLY X 872 66.69 34.50 46.45
N VAL X 873 67.50 33.49 46.73
CA VAL X 873 67.77 32.43 45.75
C VAL X 873 66.63 31.43 45.81
N PRO X 874 65.94 31.16 44.70
CA PRO X 874 64.79 30.25 44.76
C PRO X 874 65.20 28.83 45.10
N LEU X 875 64.36 28.16 45.88
CA LEU X 875 64.59 26.76 46.25
C LEU X 875 63.28 25.99 46.22
N ALA X 876 63.28 24.88 45.51
CA ALA X 876 62.09 24.09 45.26
C ALA X 876 62.01 22.93 46.24
N LEU X 877 60.84 22.70 46.79
CA LEU X 877 60.58 21.64 47.74
C LEU X 877 59.60 20.64 47.14
N ASP X 878 59.20 19.66 47.94
CA ASP X 878 58.31 18.59 47.49
C ASP X 878 57.03 18.64 48.31
N ALA X 879 55.93 19.00 47.65
CA ALA X 879 54.65 19.09 48.35
C ALA X 879 54.21 17.74 48.89
N ARG X 880 54.48 16.67 48.15
CA ARG X 880 54.12 15.33 48.61
C ARG X 880 54.81 15.00 49.92
N ALA X 881 56.12 15.22 49.99
CA ALA X 881 56.85 14.90 51.21
C ALA X 881 56.44 15.79 52.36
N ILE X 882 56.26 17.09 52.11
CA ILE X 882 55.84 17.98 53.19
C ILE X 882 54.47 17.56 53.72
N THR X 883 53.56 17.19 52.83
CA THR X 883 52.22 16.81 53.28
C THR X 883 52.24 15.49 54.02
N VAL X 884 53.03 14.52 53.57
CA VAL X 884 53.10 13.25 54.29
C VAL X 884 53.69 13.45 55.68
N ALA X 885 54.75 14.27 55.78
CA ALA X 885 55.34 14.52 57.09
C ALA X 885 54.36 15.28 57.99
N LEU X 886 53.60 16.21 57.42
CA LEU X 886 52.63 16.97 58.18
C LEU X 886 51.37 16.18 58.50
N LEU X 887 51.17 15.04 57.84
CA LEU X 887 49.97 14.25 57.99
C LEU X 887 50.20 12.95 58.76
N SER X 888 51.46 12.57 59.01
CA SER X 888 51.74 11.40 59.83
C SER X 888 52.96 11.68 60.70
N GLY X 889 52.75 11.78 62.01
CA GLY X 889 53.84 12.06 62.93
C GLY X 889 53.46 11.86 64.38
N LYS X 890 54.37 11.29 65.18
CA LYS X 890 54.05 10.92 66.55
C LYS X 890 55.28 11.08 67.44
N TYR X 891 55.03 11.13 68.75
CA TYR X 891 56.09 11.20 69.74
C TYR X 891 56.43 9.80 70.25
N PRO X 892 57.51 9.68 71.02
CA PRO X 892 57.73 8.43 71.74
C PRO X 892 56.71 8.27 72.84
N PRO X 893 56.31 7.04 73.15
CA PRO X 893 55.25 6.85 74.15
C PRO X 893 55.70 7.01 75.60
N ASP X 894 56.91 7.51 75.84
CA ASP X 894 57.36 7.74 77.20
C ASP X 894 58.15 9.05 77.30
N LEU X 895 57.71 10.06 76.56
CA LEU X 895 58.50 11.28 76.44
C LEU X 895 58.48 12.07 77.74
N VAL X 896 59.65 12.62 78.09
CA VAL X 896 59.81 13.55 79.21
C VAL X 896 60.70 14.66 78.70
N THR X 897 60.12 15.84 78.46
CA THR X 897 60.81 16.88 77.72
C THR X 897 62.07 17.36 78.43
N ASN X 898 62.05 17.44 79.76
CA ASN X 898 63.24 17.88 80.49
C ASN X 898 64.42 16.97 80.20
N VAL X 899 64.23 15.66 80.39
CA VAL X 899 65.30 14.70 80.12
C VAL X 899 65.72 14.75 78.66
N TRP X 900 64.74 14.75 77.76
CA TRP X 900 65.04 14.70 76.33
C TRP X 900 65.89 15.90 75.90
N TYR X 901 65.44 17.10 76.23
CA TYR X 901 66.16 18.27 75.76
C TYR X 901 67.45 18.51 76.53
N ALA X 902 67.56 18.06 77.78
CA ALA X 902 68.86 18.11 78.42
C ALA X 902 69.87 17.23 77.69
N ASP X 903 69.45 16.01 77.33
CA ASP X 903 70.37 15.11 76.64
C ASP X 903 70.67 15.57 75.22
N ALA X 904 69.74 16.29 74.60
CA ALA X 904 69.99 16.79 73.25
C ALA X 904 70.79 18.08 73.25
N ILE X 905 70.74 18.85 74.33
CA ILE X 905 71.44 20.12 74.40
C ILE X 905 72.86 19.97 74.93
N TYR X 906 73.13 18.96 75.76
CA TYR X 906 74.49 18.83 76.29
C TYR X 906 75.52 18.59 75.20
N PRO X 907 75.38 17.59 74.32
CA PRO X 907 76.45 17.35 73.33
C PRO X 907 76.65 18.49 72.36
N MET X 908 75.60 19.23 72.01
CA MET X 908 75.74 20.25 70.98
C MET X 908 76.18 21.60 71.52
N TYR X 909 75.95 21.89 72.80
CA TYR X 909 76.64 23.02 73.41
C TYR X 909 78.03 22.66 73.86
N ALA X 910 78.30 21.38 74.10
CA ALA X 910 79.66 20.93 74.33
C ALA X 910 80.53 21.06 73.08
N ASP X 911 79.93 21.34 71.93
CA ASP X 911 80.66 21.52 70.69
C ASP X 911 80.35 22.88 70.09
N THR X 912 80.41 23.93 70.90
CA THR X 912 80.11 25.28 70.45
C THR X 912 81.39 26.02 70.07
N GLU X 913 81.25 26.97 69.15
CA GLU X 913 82.37 27.79 68.73
C GLU X 913 81.97 29.25 68.55
N VAL X 914 80.90 29.66 69.26
CA VAL X 914 80.52 31.07 69.30
C VAL X 914 81.68 31.93 69.75
N PHE X 915 82.46 31.43 70.70
CA PHE X 915 83.56 32.21 71.23
C PHE X 915 84.69 32.41 70.23
N SER X 916 84.84 31.50 69.26
CA SER X 916 85.80 31.74 68.19
C SER X 916 85.23 32.66 67.13
N ASN X 917 83.94 32.48 66.81
CA ASN X 917 83.33 33.34 65.80
C ASN X 917 83.29 34.80 66.25
N LEU X 918 83.23 35.06 67.56
CA LEU X 918 83.25 36.44 68.03
C LEU X 918 84.59 37.11 67.72
N GLN X 919 85.70 36.42 68.03
CA GLN X 919 87.01 36.97 67.72
C GLN X 919 87.19 37.15 66.22
N ARG X 920 86.67 36.20 65.42
CA ARG X 920 86.78 36.37 63.98
C ARG X 920 85.98 37.58 63.50
N ASP X 921 84.84 37.86 64.12
CA ASP X 921 84.09 39.07 63.77
C ASP X 921 84.88 40.32 64.11
N VAL X 922 85.58 40.32 65.25
CA VAL X 922 86.48 41.42 65.60
C VAL X 922 87.45 41.67 64.46
N ILE X 923 88.15 40.61 64.02
CA ILE X 923 89.18 40.77 63.02
C ILE X 923 88.59 41.24 61.70
N THR X 924 87.39 40.76 61.36
CA THR X 924 86.77 41.18 60.11
C THR X 924 86.45 42.68 60.12
N CYS X 925 85.88 43.17 61.22
CA CYS X 925 85.57 44.60 61.29
C CYS X 925 86.84 45.44 61.23
N GLU X 926 87.88 45.02 61.97
CA GLU X 926 89.16 45.73 61.91
C GLU X 926 89.69 45.80 60.50
N ALA X 927 89.65 44.67 59.78
CA ALA X 927 90.16 44.64 58.43
C ALA X 927 89.36 45.53 57.49
N VAL X 928 88.04 45.60 57.69
CA VAL X 928 87.21 46.45 56.84
C VAL X 928 87.61 47.91 57.01
N GLN X 929 87.70 48.38 58.26
CA GLN X 929 88.06 49.77 58.48
C GLN X 929 89.46 50.07 57.95
N THR X 930 90.39 49.13 58.13
CA THR X 930 91.76 49.33 57.65
C THR X 930 91.80 49.45 56.14
N LEU X 931 91.10 48.56 55.43
CA LEU X 931 91.09 48.63 53.98
C LEU X 931 90.48 49.94 53.50
N VAL X 932 89.40 50.39 54.15
CA VAL X 932 88.78 51.66 53.77
C VAL X 932 89.78 52.80 53.88
N THR X 933 90.43 52.90 55.04
CA THR X 933 91.39 53.98 55.26
C THR X 933 92.51 53.94 54.23
N LEU X 934 93.15 52.79 54.07
CA LEU X 934 94.31 52.71 53.19
C LEU X 934 93.94 52.97 51.73
N VAL X 935 92.80 52.47 51.27
CA VAL X 935 92.46 52.67 49.88
C VAL X 935 92.08 54.12 49.62
N ALA X 936 91.41 54.77 50.58
CA ALA X 936 91.18 56.20 50.43
C ALA X 936 92.48 56.96 50.43
N GLN X 937 93.52 56.42 51.06
CA GLN X 937 94.81 57.10 51.13
C GLN X 937 95.44 57.33 49.76
N ILE X 938 95.12 56.53 48.75
CA ILE X 938 95.71 56.66 47.43
C ILE X 938 94.67 57.02 46.37
N SER X 939 93.47 56.47 46.45
CA SER X 939 92.45 56.76 45.45
C SER X 939 91.83 58.12 45.71
N GLU X 940 90.74 58.42 45.04
CA GLU X 940 89.96 59.63 45.31
C GLU X 940 88.58 59.23 45.79
N THR X 941 88.34 59.41 47.08
CA THR X 941 87.05 59.14 47.69
C THR X 941 86.77 60.23 48.72
N GLN X 942 85.49 60.45 48.99
CA GLN X 942 85.09 61.51 49.91
C GLN X 942 85.48 61.23 51.36
N TYR X 943 85.91 60.01 51.65
CA TYR X 943 86.20 59.63 53.03
C TYR X 943 87.38 60.44 53.57
N PRO X 944 87.26 61.03 54.76
CA PRO X 944 88.40 61.78 55.34
C PRO X 944 89.41 60.84 55.97
N VAL X 945 90.69 61.05 55.64
CA VAL X 945 91.74 60.13 56.07
C VAL X 945 92.91 60.89 56.69
N ASP X 946 92.88 62.22 56.59
CA ASP X 946 93.87 63.16 57.10
C ASP X 946 95.14 63.23 56.25
N ARG X 947 95.33 62.33 55.28
CA ARG X 947 96.30 62.47 54.19
C ARG X 947 97.71 62.80 54.69
N TYR X 948 98.30 61.84 55.41
CA TYR X 948 99.59 62.05 56.02
C TYR X 948 100.75 61.87 55.06
N LEU X 949 100.57 61.13 53.97
CA LEU X 949 101.63 60.90 52.99
C LEU X 949 101.14 61.38 51.64
N ASP X 950 101.30 62.68 51.37
CA ASP X 950 100.96 63.26 50.08
C ASP X 950 102.18 63.71 49.29
N TRP X 951 103.36 63.76 49.91
CA TRP X 951 104.57 64.13 49.19
C TRP X 951 105.14 62.97 48.40
N ILE X 952 104.96 61.75 48.88
CA ILE X 952 105.41 60.58 48.11
C ILE X 952 104.64 60.54 46.79
N PRO X 953 105.31 60.45 45.65
CA PRO X 953 104.59 60.45 44.38
C PRO X 953 103.75 59.19 44.21
N SER X 954 102.70 59.32 43.42
CA SER X 954 101.83 58.20 43.10
C SER X 954 100.86 58.65 42.02
N LEU X 955 99.96 57.76 41.65
CA LEU X 955 98.98 58.00 40.61
C LEU X 955 97.58 57.89 41.17
N ARG X 956 96.62 58.43 40.43
CA ARG X 956 95.20 58.27 40.76
C ARG X 956 94.80 56.84 40.44
N ALA X 957 94.84 55.97 41.45
CA ALA X 957 94.59 54.56 41.22
C ALA X 957 93.19 54.32 40.69
N SER X 958 93.08 53.40 39.73
CA SER X 958 91.80 53.06 39.15
C SER X 958 91.21 51.85 39.88
N ALA X 959 90.15 51.28 39.31
CA ALA X 959 89.50 50.13 39.95
C ALA X 959 90.45 48.95 40.04
N ALA X 960 91.14 48.62 38.94
CA ALA X 960 92.02 47.46 38.94
C ALA X 960 93.21 47.65 39.87
N THR X 961 93.82 48.82 39.83
CA THR X 961 94.96 49.10 40.69
C THR X 961 94.56 49.06 42.16
N ALA X 962 93.45 49.71 42.50
CA ALA X 962 92.98 49.69 43.88
C ALA X 962 92.63 48.27 44.31
N ALA X 963 92.08 47.47 43.40
CA ALA X 963 91.71 46.11 43.76
C ALA X 963 92.94 45.25 44.04
N THR X 964 93.99 45.39 43.23
CA THR X 964 95.18 44.61 43.49
C THR X 964 95.85 45.07 44.79
N PHE X 965 95.86 46.38 45.06
CA PHE X 965 96.39 46.87 46.33
C PHE X 965 95.62 46.29 47.50
N ALA X 966 94.30 46.28 47.41
CA ALA X 966 93.50 45.71 48.48
C ALA X 966 93.73 44.21 48.61
N GLU X 967 94.03 43.53 47.51
CA GLU X 967 94.37 42.11 47.60
C GLU X 967 95.65 41.91 48.40
N TRP X 968 96.66 42.75 48.16
CA TRP X 968 97.88 42.64 48.95
C TRP X 968 97.60 42.90 50.44
N VAL X 969 96.80 43.92 50.74
CA VAL X 969 96.46 44.21 52.14
C VAL X 969 95.75 43.02 52.77
N ASN X 970 94.78 42.45 52.04
CA ASN X 970 94.02 41.32 52.53
C ASN X 970 94.93 40.13 52.85
N THR X 971 95.76 39.73 51.89
CA THR X 971 96.61 38.57 52.11
C THR X 971 97.62 38.84 53.22
N SER X 972 98.05 40.09 53.38
CA SER X 972 98.95 40.41 54.47
C SER X 972 98.28 40.20 55.81
N MET X 973 97.06 40.69 55.97
CA MET X 973 96.36 40.51 57.24
C MET X 973 96.07 39.04 57.51
N LYS X 974 95.70 38.29 56.47
CA LYS X 974 95.50 36.84 56.62
C LYS X 974 96.77 36.19 57.13
N THR X 975 97.91 36.49 56.51
CA THR X 975 99.18 35.88 56.91
C THR X 975 99.54 36.27 58.34
N ALA X 976 99.22 37.50 58.74
CA ALA X 976 99.61 37.94 60.07
C ALA X 976 98.76 37.29 61.15
N PHE X 977 97.47 37.10 60.91
CA PHE X 977 96.61 36.50 61.93
C PHE X 977 96.42 35.01 61.75
N ASP X 978 97.09 34.39 60.78
CA ASP X 978 97.05 32.95 60.58
C ASP X 978 95.62 32.48 60.25
N LEU X 979 95.11 32.99 59.15
CA LEU X 979 93.78 32.65 58.66
C LEU X 979 93.91 31.97 57.30
N SER X 980 93.04 30.99 57.06
CA SER X 980 92.93 30.36 55.76
C SER X 980 91.55 30.49 55.15
N ASP X 981 90.57 30.98 55.90
CA ASP X 981 89.23 31.22 55.42
C ASP X 981 89.20 32.57 54.69
N MET X 982 88.05 32.90 54.09
CA MET X 982 87.88 34.19 53.45
C MET X 982 88.03 35.32 54.45
N LEU X 983 88.41 36.49 53.95
CA LEU X 983 88.41 37.71 54.73
C LEU X 983 88.50 38.86 53.73
N LEU X 984 87.47 39.69 53.64
CA LEU X 984 87.42 40.78 52.67
C LEU X 984 87.41 40.27 51.24
N GLU X 985 87.09 39.00 51.02
CA GLU X 985 87.05 38.49 49.64
C GLU X 985 85.92 39.11 48.84
N PRO X 986 84.68 39.17 49.33
CA PRO X 986 83.61 39.75 48.50
C PRO X 986 83.81 41.22 48.20
N LEU X 987 84.51 41.97 49.06
CA LEU X 987 84.70 43.39 48.80
C LEU X 987 85.61 43.64 47.60
N LEU X 988 86.38 42.64 47.18
CA LEU X 988 87.32 42.80 46.08
C LEU X 988 86.71 42.45 44.73
N SER X 989 85.39 42.33 44.66
CA SER X 989 84.72 41.97 43.41
C SER X 989 84.19 43.26 42.79
N GLY X 990 85.10 44.01 42.18
CA GLY X 990 84.72 45.18 41.44
C GLY X 990 84.72 46.46 42.24
N ASP X 991 85.62 47.38 41.88
CA ASP X 991 85.72 48.71 42.47
C ASP X 991 85.85 48.65 43.99
N PRO X 992 87.02 48.25 44.52
CA PRO X 992 87.21 48.23 45.98
C PRO X 992 87.30 49.60 46.60
N ARG X 993 87.25 50.68 45.83
CA ARG X 993 87.33 52.02 46.37
C ARG X 993 86.00 52.36 47.04
N MET X 994 85.84 51.85 48.25
CA MET X 994 84.60 51.93 48.99
C MET X 994 84.73 52.94 50.13
N THR X 995 83.60 53.24 50.76
CA THR X 995 83.59 54.19 51.87
C THR X 995 82.91 53.62 53.11
N GLN X 996 81.85 52.83 52.92
CA GLN X 996 81.21 52.18 54.05
C GLN X 996 80.16 51.19 53.54
N LEU X 997 79.78 50.26 54.42
CA LEU X 997 78.86 49.19 54.08
C LEU X 997 77.45 49.52 54.55
N ALA X 998 76.48 48.85 53.92
CA ALA X 998 75.08 49.02 54.27
C ALA X 998 74.28 47.97 53.52
N ILE X 999 73.18 47.54 54.14
CA ILE X 999 72.29 46.56 53.55
C ILE X 999 70.86 47.08 53.66
N GLN X 1000 70.05 46.84 52.63
CA GLN X 1000 68.71 47.38 52.58
C GLN X 1000 67.84 46.56 51.65
N TYR X 1001 66.55 46.50 51.98
CA TYR X 1001 65.55 45.93 51.09
C TYR X 1001 64.47 46.97 50.84
N GLN X 1002 63.50 46.62 50.00
CA GLN X 1002 62.46 47.56 49.60
C GLN X 1002 61.14 46.84 49.48
N GLN X 1003 60.10 47.45 50.04
CA GLN X 1003 58.76 46.89 49.99
C GLN X 1003 58.17 47.07 48.60
N TYR X 1004 57.00 46.47 48.39
CA TYR X 1004 56.35 46.58 47.08
C TYR X 1004 55.90 48.00 46.79
N ASN X 1005 55.50 48.76 47.82
CA ASN X 1005 55.00 50.11 47.58
C ASN X 1005 56.10 51.11 47.29
N GLY X 1006 57.35 50.69 47.23
CA GLY X 1006 58.46 51.58 46.92
C GLY X 1006 59.28 52.02 48.10
N ARG X 1007 58.79 51.82 49.33
CA ARG X 1007 59.57 52.20 50.50
C ARG X 1007 60.77 51.29 50.65
N THR X 1008 61.86 51.85 51.19
CA THR X 1008 63.09 51.10 51.41
C THR X 1008 63.54 51.31 52.85
N PHE X 1009 64.19 50.28 53.39
CA PHE X 1009 64.73 50.29 54.74
C PHE X 1009 66.24 50.17 54.64
N ASN X 1010 66.95 51.25 54.94
CA ASN X 1010 68.40 51.31 54.82
C ASN X 1010 69.02 51.19 56.20
N VAL X 1011 69.82 50.15 56.40
CA VAL X 1011 70.49 49.89 57.67
C VAL X 1011 71.99 50.11 57.48
N ILE X 1012 72.57 50.99 58.27
CA ILE X 1012 73.98 51.34 58.16
C ILE X 1012 74.66 51.13 59.51
N PRO X 1013 75.42 50.05 59.68
CA PRO X 1013 76.10 49.84 60.97
C PRO X 1013 77.14 50.93 61.21
N GLU X 1014 77.13 51.48 62.43
CA GLU X 1014 78.07 52.53 62.81
C GLU X 1014 79.40 51.87 63.15
N MET X 1015 80.31 51.85 62.19
CA MET X 1015 81.57 51.13 62.38
C MET X 1015 82.41 51.84 63.43
N PRO X 1016 82.78 51.20 64.53
CA PRO X 1016 83.58 51.83 65.57
C PRO X 1016 85.03 51.98 65.12
N GLY X 1017 85.85 52.49 66.03
CA GLY X 1017 87.26 52.66 65.73
C GLY X 1017 87.97 51.34 65.55
N SER X 1018 89.15 51.42 64.92
CA SER X 1018 89.96 50.23 64.65
C SER X 1018 91.39 50.50 65.10
N VAL X 1019 91.90 49.66 65.99
CA VAL X 1019 93.23 49.86 66.53
C VAL X 1019 94.28 49.74 65.45
N ILE X 1020 94.07 48.86 64.48
CA ILE X 1020 95.08 48.67 63.43
C ILE X 1020 95.19 49.92 62.57
N ALA X 1021 94.06 50.48 62.16
CA ALA X 1021 94.10 51.69 61.33
C ALA X 1021 94.63 52.87 62.13
N ASP X 1022 94.27 52.96 63.41
CA ASP X 1022 94.83 54.03 64.24
C ASP X 1022 96.34 53.92 64.33
N CYS X 1023 96.85 52.70 64.51
CA CYS X 1023 98.29 52.51 64.61
C CYS X 1023 98.97 52.78 63.28
N VAL X 1024 98.32 52.44 62.16
CA VAL X 1024 98.90 52.73 60.86
C VAL X 1024 98.98 54.22 60.63
N GLN X 1025 97.96 54.97 61.04
CA GLN X 1025 98.06 56.42 60.90
C GLN X 1025 99.10 57.00 61.82
N LEU X 1026 99.28 56.41 63.01
CA LEU X 1026 100.34 56.88 63.91
C LEU X 1026 101.72 56.63 63.31
N THR X 1027 101.91 55.47 62.69
CA THR X 1027 103.21 55.17 62.11
C THR X 1027 103.47 56.01 60.86
N ALA X 1028 102.42 56.36 60.11
CA ALA X 1028 102.58 57.33 59.03
C ALA X 1028 102.97 58.69 59.59
N GLU X 1029 102.39 59.07 60.72
CA GLU X 1029 102.79 60.28 61.42
C GLU X 1029 104.28 60.28 61.73
N VAL X 1030 104.77 59.19 62.32
CA VAL X 1030 106.19 59.15 62.66
C VAL X 1030 107.04 59.08 61.40
N PHE X 1031 106.52 58.47 60.34
CA PHE X 1031 107.29 58.37 59.10
C PHE X 1031 107.51 59.73 58.49
N ASN X 1032 106.48 60.58 58.51
CA ASN X 1032 106.57 61.91 57.92
C ASN X 1032 107.74 62.70 58.46
N HIS X 1033 108.11 62.49 59.72
CA HIS X 1033 109.22 63.19 60.34
C HIS X 1033 110.52 62.40 60.26
N GLU X 1034 110.49 61.09 60.47
CA GLU X 1034 111.69 60.27 60.33
C GLU X 1034 111.43 59.22 59.26
N TYR X 1035 111.57 59.64 58.01
CA TYR X 1035 111.51 58.77 56.85
C TYR X 1035 112.86 58.21 56.45
N ASN X 1036 113.95 58.91 56.79
CA ASN X 1036 115.29 58.45 56.42
C ASN X 1036 115.60 57.10 57.03
N LEU X 1037 115.07 56.82 58.22
CA LEU X 1037 115.34 55.54 58.87
C LEU X 1037 114.81 54.36 58.07
N PHE X 1038 113.81 54.57 57.22
CA PHE X 1038 113.30 53.51 56.37
C PHE X 1038 113.96 53.48 55.00
N GLY X 1039 114.96 54.34 54.77
CA GLY X 1039 115.63 54.37 53.49
C GLY X 1039 114.95 55.20 52.43
N ILE X 1040 114.38 56.34 52.81
CA ILE X 1040 113.75 57.25 51.87
C ILE X 1040 114.42 58.61 52.01
N ALA X 1041 114.49 59.32 50.89
CA ALA X 1041 114.98 60.68 50.86
C ALA X 1041 113.89 61.60 50.35
N ARG X 1042 113.82 62.79 50.92
CA ARG X 1042 112.81 63.77 50.59
C ARG X 1042 113.38 64.87 49.72
N GLY X 1043 112.54 65.39 48.83
CA GLY X 1043 112.95 66.51 48.00
C GLY X 1043 113.36 66.07 46.61
N ASP X 1044 114.43 66.64 46.07
CA ASP X 1044 114.91 66.26 44.75
C ASP X 1044 116.43 66.40 44.72
N ILE X 1045 117.02 66.00 43.60
CA ILE X 1045 118.46 65.95 43.45
C ILE X 1045 118.90 67.00 42.42
N ILE X 1046 120.20 67.26 42.39
CA ILE X 1046 120.78 68.24 41.49
C ILE X 1046 122.00 67.62 40.83
N ILE X 1047 121.86 67.23 39.57
CA ILE X 1047 122.95 66.64 38.81
C ILE X 1047 123.81 67.75 38.22
N GLY X 1048 125.11 67.64 38.41
CA GLY X 1048 126.03 68.66 37.92
C GLY X 1048 127.38 68.56 38.58
N ARG X 1049 128.46 68.74 37.82
CA ARG X 1049 129.79 68.50 38.35
C ARG X 1049 130.16 69.51 39.43
N VAL X 1050 130.86 69.02 40.45
CA VAL X 1050 131.39 69.85 41.52
C VAL X 1050 132.72 69.25 41.93
N GLN X 1051 133.81 69.96 41.67
CA GLN X 1051 135.15 69.50 42.00
C GLN X 1051 135.77 70.41 43.04
N SER X 1052 136.25 69.81 44.13
CA SER X 1052 136.92 70.55 45.19
C SER X 1052 137.41 69.54 46.23
N THR X 1053 138.16 70.06 47.21
CA THR X 1053 138.70 69.24 48.28
C THR X 1053 137.89 69.36 49.56
N HIS X 1054 136.67 69.89 49.48
CA HIS X 1054 135.84 70.04 50.65
C HIS X 1054 135.16 68.72 51.00
N LEU X 1055 134.69 68.62 52.24
CA LEU X 1055 134.17 67.36 52.76
C LEU X 1055 132.77 67.55 53.32
N TRP X 1056 131.89 68.18 52.55
CA TRP X 1056 130.61 68.65 53.09
C TRP X 1056 129.49 67.62 53.01
N SER X 1057 129.76 66.35 52.67
CA SER X 1057 128.75 65.32 52.87
C SER X 1057 127.48 65.53 52.04
N PRO X 1058 127.44 65.10 50.77
CA PRO X 1058 126.36 65.50 49.84
C PRO X 1058 124.91 65.32 50.31
N LEU X 1059 124.68 64.65 51.43
CA LEU X 1059 123.34 64.58 52.00
C LEU X 1059 123.00 65.77 52.88
N ALA X 1060 123.84 66.81 52.87
CA ALA X 1060 123.60 68.02 53.65
C ALA X 1060 124.33 69.18 52.99
N PRO X 1061 123.81 69.66 51.88
CA PRO X 1061 124.55 70.60 51.02
C PRO X 1061 124.55 72.00 51.60
N PRO X 1062 125.56 72.79 51.26
CA PRO X 1062 125.54 74.22 51.59
C PRO X 1062 124.58 74.96 50.68
N PRO X 1063 124.26 76.23 50.99
CA PRO X 1063 123.16 76.88 50.26
C PRO X 1063 123.49 77.23 48.82
N ASP X 1064 124.74 77.53 48.48
CA ASP X 1064 125.05 78.10 47.17
C ASP X 1064 125.05 77.09 46.05
N LEU X 1065 124.90 75.80 46.33
CA LEU X 1065 124.89 74.79 45.30
C LEU X 1065 123.50 74.38 44.85
N VAL X 1066 122.45 74.85 45.53
CA VAL X 1066 121.08 74.47 45.22
C VAL X 1066 120.33 75.70 44.73
N PHE X 1067 119.54 75.53 43.68
CA PHE X 1067 118.68 76.55 43.12
C PHE X 1067 117.28 76.00 43.00
N ASP X 1068 116.28 76.87 43.02
CA ASP X 1068 114.89 76.43 42.85
C ASP X 1068 114.19 77.36 41.88
N ARG X 1069 112.86 77.21 41.80
CA ARG X 1069 112.07 77.97 40.85
C ARG X 1069 112.15 79.47 41.08
N ASP X 1070 112.47 79.89 42.30
CA ASP X 1070 112.57 81.30 42.63
C ASP X 1070 113.97 81.87 42.42
N THR X 1071 114.89 81.09 41.89
CA THR X 1071 116.24 81.58 41.67
C THR X 1071 116.32 82.36 40.36
N PRO X 1072 116.88 83.56 40.37
CA PRO X 1072 116.98 84.32 39.11
C PRO X 1072 117.94 83.65 38.15
N GLY X 1073 117.54 83.61 36.88
CA GLY X 1073 118.36 82.98 35.87
C GLY X 1073 118.19 81.48 35.78
N VAL X 1074 116.98 80.98 35.95
CA VAL X 1074 116.69 79.56 35.94
C VAL X 1074 115.62 79.30 34.89
N HIS X 1075 115.69 78.14 34.25
CA HIS X 1075 114.75 77.73 33.22
C HIS X 1075 113.98 76.51 33.68
N ILE X 1076 112.66 76.53 33.52
CA ILE X 1076 111.79 75.43 33.89
C ILE X 1076 111.26 74.79 32.61
N PHE X 1077 111.28 73.47 32.56
CA PHE X 1077 110.87 72.73 31.36
C PHE X 1077 109.68 71.85 31.69
N GLY X 1078 108.62 72.00 30.91
CA GLY X 1078 107.44 71.18 31.05
C GLY X 1078 107.53 69.91 30.21
N ARG X 1079 106.37 69.34 29.90
CA ARG X 1079 106.37 68.16 29.06
C ARG X 1079 106.83 68.46 27.64
N ASP X 1080 106.68 69.71 27.20
CA ASP X 1080 107.00 70.09 25.82
C ASP X 1080 108.46 70.56 25.74
N CYS X 1081 109.36 69.59 25.84
CA CYS X 1081 110.79 69.83 25.72
C CYS X 1081 111.25 69.24 24.38
N ARG X 1082 111.48 70.12 23.41
CA ARG X 1082 111.91 69.71 22.09
C ARG X 1082 113.31 70.25 21.83
N ILE X 1083 114.18 69.40 21.31
CA ILE X 1083 115.56 69.73 21.06
C ILE X 1083 115.75 70.00 19.57
N SER X 1084 116.56 71.01 19.26
CA SER X 1084 116.88 71.36 17.89
C SER X 1084 118.39 71.47 17.74
N PHE X 1085 118.95 70.77 16.76
CA PHE X 1085 120.39 70.82 16.57
C PHE X 1085 120.80 72.18 16.01
N GLY X 1086 122.01 72.60 16.36
CA GLY X 1086 122.57 73.83 15.83
C GLY X 1086 123.37 73.53 14.58
N MET X 1087 123.08 74.29 13.53
CA MET X 1087 123.70 74.06 12.23
C MET X 1087 124.93 74.95 12.08
N ASN X 1088 125.97 74.40 11.44
CA ASN X 1088 127.12 75.18 11.00
C ASN X 1088 127.88 75.79 12.17
N GLY X 1089 127.88 75.14 13.33
CA GLY X 1089 128.62 75.61 14.47
C GLY X 1089 127.79 76.28 15.54
N ALA X 1090 126.50 76.47 15.31
CA ALA X 1090 125.63 77.03 16.33
C ALA X 1090 125.26 75.94 17.33
N ALA X 1091 125.08 76.36 18.58
CA ALA X 1091 124.80 75.40 19.64
C ALA X 1091 123.41 74.80 19.47
N PRO X 1092 123.20 73.59 19.96
CA PRO X 1092 121.84 73.04 20.01
C PRO X 1092 120.99 73.82 21.00
N MET X 1093 119.69 73.57 20.96
CA MET X 1093 118.77 74.32 21.81
C MET X 1093 117.59 73.45 22.19
N ILE X 1094 117.04 73.72 23.37
CA ILE X 1094 115.88 73.01 23.89
C ILE X 1094 114.83 74.04 24.27
N ARG X 1095 113.56 73.63 24.24
CA ARG X 1095 112.45 74.55 24.39
C ARG X 1095 112.11 74.76 25.86
N ASP X 1096 112.23 75.99 26.31
CA ASP X 1096 111.80 76.39 27.64
C ASP X 1096 110.29 76.16 27.77
N GLU X 1097 109.81 76.20 29.02
CA GLU X 1097 108.37 76.10 29.24
C GLU X 1097 107.63 77.30 28.65
N THR X 1098 108.26 78.47 28.63
CA THR X 1098 107.65 79.67 28.09
C THR X 1098 107.92 79.86 26.61
N GLY X 1099 108.22 78.79 25.89
CA GLY X 1099 108.42 78.84 24.46
C GLY X 1099 109.81 79.20 24.02
N MET X 1100 110.59 79.87 24.86
CA MET X 1100 111.93 80.28 24.46
C MET X 1100 112.83 79.07 24.26
N MET X 1101 113.74 79.19 23.30
CA MET X 1101 114.75 78.17 23.03
C MET X 1101 116.05 78.59 23.70
N VAL X 1102 116.68 77.66 24.42
CA VAL X 1102 117.87 78.00 25.20
C VAL X 1102 118.96 76.98 24.91
N PRO X 1103 120.22 77.37 25.12
CA PRO X 1103 121.34 76.44 24.88
C PRO X 1103 121.47 75.39 25.96
N PHE X 1104 122.53 74.58 25.90
CA PHE X 1104 122.76 73.53 26.89
C PHE X 1104 123.77 74.04 27.92
N GLU X 1105 123.28 74.91 28.80
CA GLU X 1105 124.12 75.42 29.88
C GLU X 1105 123.25 76.25 30.81
N GLY X 1106 123.62 76.27 32.09
CA GLY X 1106 122.90 77.03 33.09
C GLY X 1106 122.30 76.12 34.15
N ASN X 1107 121.16 76.54 34.69
CA ASN X 1107 120.45 75.82 35.73
C ASN X 1107 119.07 75.45 35.20
N TRP X 1108 118.77 74.16 35.16
CA TRP X 1108 117.49 73.68 34.65
C TRP X 1108 116.70 73.01 35.77
N ILE X 1109 115.41 72.83 35.52
CA ILE X 1109 114.54 72.17 36.48
C ILE X 1109 113.64 71.18 35.76
N PHE X 1110 114.01 69.91 35.78
CA PHE X 1110 113.16 68.90 35.17
C PHE X 1110 112.18 68.34 36.19
N PRO X 1111 110.96 68.02 35.79
CA PRO X 1111 110.26 66.92 36.44
C PRO X 1111 110.97 65.62 36.10
N LEU X 1112 110.82 64.62 36.97
CA LEU X 1112 111.39 63.32 36.65
C LEU X 1112 110.71 62.70 35.44
N ALA X 1113 109.49 63.15 35.12
CA ALA X 1113 108.69 62.52 34.08
C ALA X 1113 109.32 62.67 32.71
N LEU X 1114 109.97 63.80 32.41
CA LEU X 1114 110.56 63.99 31.08
C LEU X 1114 111.67 62.99 30.83
N TRP X 1115 112.66 62.99 31.73
CA TRP X 1115 113.79 62.08 31.63
C TRP X 1115 113.30 60.63 31.62
N GLN X 1116 112.24 60.34 32.38
CA GLN X 1116 111.72 58.98 32.36
C GLN X 1116 110.93 58.68 31.09
N MET X 1117 110.31 59.69 30.48
CA MET X 1117 109.61 59.48 29.22
C MET X 1117 110.58 59.07 28.13
N ASN X 1118 111.71 59.78 28.02
CA ASN X 1118 112.71 59.30 27.05
C ASN X 1118 114.11 59.46 27.63
N THR X 1119 114.54 58.44 28.39
CA THR X 1119 115.93 58.39 28.82
C THR X 1119 116.88 58.16 27.67
N ARG X 1120 116.43 57.48 26.61
CA ARG X 1120 117.32 57.14 25.51
C ARG X 1120 117.80 58.40 24.80
N TYR X 1121 116.88 59.15 24.21
CA TYR X 1121 117.24 60.35 23.46
C TYR X 1121 117.89 61.41 24.35
N PHE X 1122 117.53 61.45 25.64
CA PHE X 1122 118.07 62.52 26.48
C PHE X 1122 119.53 62.30 26.80
N ASN X 1123 119.91 61.11 27.26
CA ASN X 1123 121.32 60.91 27.59
C ASN X 1123 122.12 60.42 26.39
N GLN X 1124 121.93 61.13 25.29
CA GLN X 1124 122.86 61.18 24.18
C GLN X 1124 123.18 62.61 23.81
N GLN X 1125 122.34 63.56 24.18
CA GLN X 1125 122.55 64.98 23.97
C GLN X 1125 123.19 65.66 25.17
N PHE X 1126 122.91 65.16 26.38
CA PHE X 1126 123.25 65.86 27.60
C PHE X 1126 124.51 65.35 28.28
N ASP X 1127 124.93 64.11 27.99
CA ASP X 1127 126.03 63.51 28.75
C ASP X 1127 127.32 64.30 28.58
N ALA X 1128 127.68 64.62 27.34
CA ALA X 1128 128.92 65.35 27.10
C ALA X 1128 128.89 66.75 27.69
N TRP X 1129 127.71 67.27 28.01
CA TRP X 1129 127.58 68.59 28.59
C TRP X 1129 127.54 68.55 30.11
N ILE X 1130 126.86 67.57 30.69
CA ILE X 1130 126.86 67.43 32.13
C ILE X 1130 128.24 67.01 32.64
N LYS X 1131 128.95 66.20 31.86
CA LYS X 1131 130.22 65.65 32.32
C LYS X 1131 131.30 66.71 32.37
N THR X 1132 131.56 67.38 31.26
CA THR X 1132 132.65 68.34 31.17
C THR X 1132 132.19 69.76 30.87
N GLY X 1133 130.89 70.01 30.77
CA GLY X 1133 130.38 71.30 30.37
C GLY X 1133 129.98 72.15 31.55
N GLU X 1134 128.91 72.93 31.36
CA GLU X 1134 128.40 73.82 32.39
C GLU X 1134 126.94 73.54 32.73
N LEU X 1135 126.36 72.49 32.17
CA LEU X 1135 124.96 72.19 32.45
C LEU X 1135 124.80 71.68 33.87
N ARG X 1136 123.63 71.94 34.44
CA ARG X 1136 123.35 71.52 35.81
C ARG X 1136 121.84 71.39 35.95
N ILE X 1137 121.35 70.16 36.10
CA ILE X 1137 119.94 69.84 36.05
C ILE X 1137 119.47 69.48 37.45
N ARG X 1138 118.22 69.85 37.77
CA ARG X 1138 117.58 69.52 39.04
C ARG X 1138 116.34 68.68 38.74
N ILE X 1139 116.45 67.37 38.87
CA ILE X 1139 115.33 66.48 38.57
C ILE X 1139 114.40 66.45 39.78
N GLU X 1140 113.11 66.70 39.54
CA GLU X 1140 112.12 66.79 40.62
C GLU X 1140 111.77 65.39 41.10
N MET X 1141 112.27 65.01 42.27
CA MET X 1141 112.07 63.66 42.76
C MET X 1141 110.72 63.49 43.45
N GLY X 1142 110.51 64.21 44.55
CA GLY X 1142 109.46 63.84 45.46
C GLY X 1142 110.04 62.93 46.53
N ALA X 1143 109.90 61.63 46.33
CA ALA X 1143 110.53 60.63 47.18
C ALA X 1143 111.46 59.77 46.33
N TYR X 1144 112.61 59.39 46.90
CA TYR X 1144 113.50 58.51 46.18
C TYR X 1144 114.34 57.71 47.15
N PRO X 1145 114.50 56.41 46.92
CA PRO X 1145 115.46 55.64 47.71
C PRO X 1145 116.88 56.03 47.35
N TYR X 1146 117.79 55.78 48.29
CA TYR X 1146 119.18 56.17 48.08
C TYR X 1146 120.10 55.02 48.47
N MET X 1147 121.35 55.15 48.04
CA MET X 1147 122.41 54.20 48.35
C MET X 1147 123.68 54.97 48.59
N LEU X 1148 124.50 54.51 49.53
CA LEU X 1148 125.68 55.24 49.96
C LEU X 1148 126.95 54.51 49.54
N HIS X 1149 127.91 55.28 49.04
CA HIS X 1149 129.22 54.76 48.64
C HIS X 1149 130.28 55.59 49.36
N TYR X 1150 130.77 55.09 50.49
CA TYR X 1150 131.77 55.80 51.25
C TYR X 1150 133.14 55.63 50.62
N TYR X 1151 133.84 56.74 50.41
CA TYR X 1151 135.18 56.71 49.84
C TYR X 1151 136.18 57.26 50.85
N ASP X 1152 137.46 57.13 50.50
CA ASP X 1152 138.53 57.66 51.33
C ASP X 1152 138.78 59.11 50.94
N PRO X 1153 138.64 60.06 51.85
CA PRO X 1153 138.81 61.48 51.50
C PRO X 1153 140.26 61.91 51.27
N ARG X 1154 141.21 60.98 51.24
CA ARG X 1154 142.61 61.30 51.02
C ARG X 1154 143.13 60.68 49.73
N GLN X 1155 142.23 60.41 48.78
CA GLN X 1155 142.62 59.89 47.49
C GLN X 1155 141.65 60.43 46.44
N TYR X 1156 142.05 60.32 45.18
CA TYR X 1156 141.19 60.77 44.09
C TYR X 1156 139.92 59.93 44.05
N ALA X 1157 138.82 60.59 43.67
CA ALA X 1157 137.53 59.92 43.58
C ALA X 1157 136.67 60.66 42.57
N ASN X 1158 135.99 59.91 41.71
CA ASN X 1158 135.18 60.48 40.65
C ASN X 1158 133.90 59.67 40.51
N ALA X 1159 132.76 60.31 40.74
CA ALA X 1159 131.47 59.63 40.78
C ALA X 1159 130.78 59.56 39.43
N TRP X 1160 131.49 59.82 38.34
CA TRP X 1160 130.84 59.81 37.05
C TRP X 1160 130.35 58.42 36.66
N ASN X 1161 131.07 57.37 37.08
CA ASN X 1161 130.64 56.02 36.75
C ASN X 1161 129.28 55.73 37.36
N LEU X 1162 129.12 56.03 38.66
CA LEU X 1162 127.85 55.79 39.32
C LEU X 1162 126.75 56.67 38.74
N THR X 1163 127.06 57.94 38.48
CA THR X 1163 126.06 58.85 37.93
C THR X 1163 125.56 58.38 36.57
N SER X 1164 126.49 58.06 35.68
CA SER X 1164 126.13 57.61 34.34
C SER X 1164 125.41 56.27 34.38
N ALA X 1165 125.78 55.38 35.30
CA ALA X 1165 125.06 54.12 35.43
C ALA X 1165 123.61 54.37 35.82
N TRP X 1166 123.39 55.26 36.80
CA TRP X 1166 122.02 55.59 37.20
C TRP X 1166 121.24 56.18 36.01
N LEU X 1167 121.81 57.19 35.36
CA LEU X 1167 121.11 57.84 34.26
C LEU X 1167 120.81 56.89 33.11
N GLU X 1168 121.71 55.93 32.84
CA GLU X 1168 121.45 54.98 31.77
C GLU X 1168 120.42 53.95 32.17
N GLU X 1169 120.40 53.55 33.45
CA GLU X 1169 119.50 52.49 33.86
C GLU X 1169 118.08 52.97 34.11
N ILE X 1170 117.88 54.29 34.28
CA ILE X 1170 116.52 54.80 34.41
C ILE X 1170 115.72 54.44 33.16
N THR X 1171 114.42 54.23 33.35
CA THR X 1171 113.58 53.67 32.30
C THR X 1171 112.16 54.18 32.52
N PRO X 1172 111.30 54.14 31.49
CA PRO X 1172 109.95 54.68 31.65
C PRO X 1172 109.10 54.04 32.74
N THR X 1173 109.54 52.94 33.36
CA THR X 1173 108.77 52.27 34.37
C THR X 1173 109.48 52.11 35.70
N SER X 1174 110.80 52.31 35.76
CA SER X 1174 111.52 52.13 37.01
C SER X 1174 112.67 53.11 37.10
N ILE X 1175 113.16 53.30 38.32
CA ILE X 1175 114.40 54.04 38.57
C ILE X 1175 115.18 53.32 39.66
N PRO X 1176 116.49 53.19 39.52
CA PRO X 1176 117.28 52.56 40.58
C PRO X 1176 117.57 53.54 41.71
N SER X 1177 118.16 53.00 42.78
CA SER X 1177 118.48 53.81 43.94
C SER X 1177 119.52 54.87 43.58
N VAL X 1178 119.24 56.11 43.96
CA VAL X 1178 120.12 57.23 43.65
C VAL X 1178 121.46 57.04 44.35
N PRO X 1179 122.55 56.83 43.63
CA PRO X 1179 123.83 56.59 44.30
C PRO X 1179 124.55 57.86 44.71
N PHE X 1180 124.75 58.04 46.01
CA PHE X 1180 125.53 59.15 46.54
C PHE X 1180 126.95 58.70 46.83
N MET X 1181 127.79 59.67 47.18
CA MET X 1181 129.22 59.40 47.38
C MET X 1181 129.68 60.20 48.59
N VAL X 1182 129.69 59.57 49.76
CA VAL X 1182 129.94 60.25 51.02
C VAL X 1182 131.38 60.00 51.47
N PRO X 1183 132.08 61.02 51.97
CA PRO X 1183 133.43 60.78 52.51
C PRO X 1183 133.38 60.07 53.85
N ILE X 1184 134.55 59.78 54.42
CA ILE X 1184 134.65 59.05 55.68
C ILE X 1184 135.25 59.98 56.72
N SER X 1185 134.63 60.04 57.90
CA SER X 1185 135.14 60.87 58.98
C SER X 1185 136.47 60.31 59.49
N SER X 1186 137.17 61.12 60.26
CA SER X 1186 138.44 60.71 60.84
C SER X 1186 138.73 61.56 62.06
N ASP X 1187 139.36 60.95 63.06
CA ASP X 1187 139.68 61.64 64.30
C ASP X 1187 141.08 62.23 64.30
N HIS X 1188 141.72 62.33 63.13
CA HIS X 1188 143.08 62.84 63.04
C HIS X 1188 143.25 63.59 61.73
N ASP X 1189 144.31 64.38 61.67
CA ASP X 1189 144.59 65.16 60.47
C ASP X 1189 144.80 64.23 59.27
N ILE X 1190 144.34 64.67 58.10
CA ILE X 1190 144.49 63.90 56.87
C ILE X 1190 144.86 64.86 55.74
N SER X 1191 145.43 64.28 54.69
CA SER X 1191 145.67 65.03 53.47
C SER X 1191 144.34 65.26 52.75
N SER X 1192 144.41 65.92 51.61
CA SER X 1192 143.22 66.29 50.87
C SER X 1192 143.46 66.05 49.39
N ALA X 1193 142.68 65.15 48.80
CA ALA X 1193 142.75 64.89 47.38
C ALA X 1193 141.48 65.40 46.69
N PRO X 1194 141.58 65.79 45.43
CA PRO X 1194 140.40 66.35 44.75
C PRO X 1194 139.33 65.30 44.55
N ALA X 1195 138.10 65.65 44.90
CA ALA X 1195 136.94 64.79 44.70
C ALA X 1195 135.99 65.46 43.72
N VAL X 1196 135.36 64.65 42.87
CA VAL X 1196 134.46 65.13 41.84
C VAL X 1196 133.11 64.45 42.06
N GLN X 1197 132.07 65.25 42.31
CA GLN X 1197 130.75 64.74 42.63
C GLN X 1197 129.75 65.25 41.61
N TYR X 1198 128.75 64.42 41.30
CA TYR X 1198 127.77 64.75 40.29
C TYR X 1198 126.33 64.69 40.77
N ILE X 1199 126.09 64.29 42.02
CA ILE X 1199 124.74 64.21 42.55
C ILE X 1199 124.77 64.68 44.00
N ILE X 1200 123.86 65.58 44.35
CA ILE X 1200 123.74 66.07 45.73
C ILE X 1200 122.27 66.33 46.00
N SER X 1201 121.82 65.99 47.21
CA SER X 1201 120.45 66.25 47.60
C SER X 1201 120.22 67.74 47.78
N THR X 1202 118.95 68.12 47.86
CA THR X 1202 118.58 69.52 48.00
C THR X 1202 118.12 69.88 49.41
N GLU X 1203 118.17 68.94 50.35
CA GLU X 1203 117.81 69.23 51.73
C GLU X 1203 118.42 68.14 52.62
N TYR X 1204 118.33 68.37 53.92
CA TYR X 1204 118.99 67.49 54.88
C TYR X 1204 118.32 66.12 54.90
N ASN X 1205 118.99 65.13 54.33
CA ASN X 1205 118.55 63.74 54.40
C ASN X 1205 119.48 62.89 55.24
N ASP X 1206 120.48 63.49 55.87
CA ASP X 1206 121.47 62.77 56.66
C ASP X 1206 121.00 62.62 58.11
N ARG X 1207 119.78 62.10 58.29
CA ARG X 1207 119.19 61.99 59.61
C ARG X 1207 119.38 60.63 60.25
N SER X 1208 119.54 59.57 59.45
CA SER X 1208 119.80 58.27 60.02
C SER X 1208 121.22 58.12 60.54
N LEU X 1209 122.09 59.08 60.29
CA LEU X 1209 123.45 59.04 60.82
C LEU X 1209 123.40 59.10 62.33
N PHE X 1210 123.97 58.11 62.99
CA PHE X 1210 123.91 58.03 64.45
C PHE X 1210 125.12 58.68 65.10
N CYS X 1211 126.32 58.20 64.79
CA CYS X 1211 127.52 58.77 65.37
C CYS X 1211 128.70 58.47 64.47
N THR X 1212 129.69 59.35 64.49
CA THR X 1212 130.91 59.18 63.71
C THR X 1212 132.11 59.26 64.64
N ASN X 1213 133.01 58.29 64.53
CA ASN X 1213 134.17 58.20 65.40
C ASN X 1213 133.74 58.05 66.86
N SER X 1214 133.01 56.97 67.12
CA SER X 1214 132.40 56.78 68.43
C SER X 1214 133.45 56.63 69.52
N SER X 1215 134.61 56.08 69.19
CA SER X 1215 135.62 55.74 70.17
C SER X 1215 136.82 56.69 70.14
N SER X 1216 136.60 57.93 69.73
CA SER X 1216 137.64 58.94 69.71
C SER X 1216 137.13 60.19 70.43
N PRO X 1217 138.03 61.02 70.93
CA PRO X 1217 137.59 62.21 71.68
C PRO X 1217 136.87 63.23 70.82
N GLN X 1218 137.05 63.23 69.50
CA GLN X 1218 136.34 64.16 68.64
C GLN X 1218 136.63 63.81 67.19
N THR X 1219 135.89 64.46 66.29
CA THR X 1219 136.07 64.30 64.85
C THR X 1219 136.68 65.57 64.29
N ILE X 1220 137.77 65.43 63.54
CA ILE X 1220 138.54 66.58 63.07
C ILE X 1220 138.31 66.88 61.60
N ALA X 1221 137.95 65.89 60.79
CA ALA X 1221 137.69 66.15 59.38
C ALA X 1221 136.55 65.26 58.92
N GLY X 1222 135.58 65.85 58.23
CA GLY X 1222 134.44 65.12 57.73
C GLY X 1222 133.17 65.48 58.47
N PRO X 1223 132.07 64.83 58.10
CA PRO X 1223 130.78 65.13 58.73
C PRO X 1223 130.79 64.72 60.20
N ASP X 1224 130.68 65.71 61.08
CA ASP X 1224 130.69 65.48 62.51
C ASP X 1224 129.30 65.06 63.00
N LYS X 1225 129.29 64.21 64.01
CA LYS X 1225 128.04 63.78 64.63
C LYS X 1225 128.28 63.14 65.98
N HIS X 1226 127.67 63.67 67.02
CA HIS X 1226 127.72 63.08 68.35
C HIS X 1226 126.47 62.25 68.57
N ILE X 1227 126.43 61.56 69.71
CA ILE X 1227 125.27 60.71 70.02
C ILE X 1227 124.02 61.58 70.10
N PRO X 1228 122.93 61.24 69.42
CA PRO X 1228 121.76 62.12 69.44
C PRO X 1228 121.09 62.09 70.80
N VAL X 1229 121.30 63.16 71.57
CA VAL X 1229 120.87 63.15 72.96
C VAL X 1229 119.35 63.23 73.07
N GLU X 1230 118.68 63.82 72.08
CA GLU X 1230 117.24 63.98 72.17
C GLU X 1230 116.51 62.65 72.07
N ARG X 1231 117.16 61.61 71.58
CA ARG X 1231 116.56 60.28 71.55
C ARG X 1231 116.76 59.53 72.87
N TYR X 1232 117.42 60.14 73.83
CA TYR X 1232 117.63 59.60 75.16
C TYR X 1232 117.18 60.60 76.20
N ASN X 1233 115.95 61.09 76.01
CA ASN X 1233 115.40 62.18 76.80
C ASN X 1233 115.39 61.85 78.28
N ILE X 1234 114.74 60.75 78.66
CA ILE X 1234 114.55 60.42 80.06
C ILE X 1234 115.87 60.15 80.79
N LEU X 1235 116.95 59.94 80.06
CA LEU X 1235 118.27 59.81 80.68
C LEU X 1235 118.97 61.15 80.82
N THR X 1236 119.07 61.91 79.74
CA THR X 1236 119.86 63.12 79.72
C THR X 1236 119.12 64.35 80.24
N ASN X 1237 117.79 64.33 80.21
CA ASN X 1237 117.02 65.46 80.66
C ASN X 1237 116.61 65.25 82.12
N PRO X 1238 117.05 66.10 83.04
CA PRO X 1238 116.72 65.88 84.45
C PRO X 1238 115.24 66.07 84.76
N ASP X 1239 114.64 67.14 84.25
CA ASP X 1239 113.24 67.42 84.55
C ASP X 1239 112.30 66.80 83.52
N ALA X 1240 112.47 65.50 83.28
CA ALA X 1240 111.65 64.77 82.34
C ALA X 1240 110.93 63.66 83.10
N PRO X 1241 109.60 63.60 83.09
CA PRO X 1241 108.91 62.52 83.76
C PRO X 1241 109.23 61.20 83.12
N PRO X 1242 109.26 60.11 83.89
CA PRO X 1242 109.70 58.82 83.34
C PRO X 1242 108.86 58.29 82.19
N THR X 1243 107.61 58.72 82.07
CA THR X 1243 106.73 58.22 81.02
C THR X 1243 106.51 59.23 79.91
N GLN X 1244 107.39 60.22 79.78
CA GLN X 1244 107.24 61.28 78.80
C GLN X 1244 107.94 60.89 77.51
N ILE X 1245 107.23 61.00 76.40
CA ILE X 1245 107.76 60.65 75.08
C ILE X 1245 107.31 61.70 74.08
N GLN X 1246 108.26 62.17 73.26
CA GLN X 1246 107.97 63.14 72.21
C GLN X 1246 107.86 62.37 70.89
N LEU X 1247 106.72 61.70 70.73
CA LEU X 1247 106.56 60.63 69.74
C LEU X 1247 106.49 61.11 68.29
N PRO X 1248 105.65 62.09 67.95
CA PRO X 1248 105.47 62.41 66.51
C PRO X 1248 106.73 62.89 65.82
N GLU X 1249 107.63 63.59 66.52
CA GLU X 1249 108.78 64.18 65.87
C GLU X 1249 110.01 63.29 65.88
N VAL X 1250 110.28 62.61 67.01
CA VAL X 1250 111.44 61.73 67.12
C VAL X 1250 111.04 60.49 67.91
N VAL X 1251 111.43 59.32 67.41
CA VAL X 1251 111.19 58.08 68.15
C VAL X 1251 112.26 57.95 69.22
N ASP X 1252 111.82 57.95 70.47
CA ASP X 1252 112.77 57.79 71.57
C ASP X 1252 113.29 56.36 71.61
N LEU X 1253 114.54 56.23 72.01
CA LEU X 1253 115.11 54.96 72.43
C LEU X 1253 115.23 54.98 73.95
N TYR X 1254 115.30 53.80 74.56
CA TYR X 1254 115.34 53.69 76.01
C TYR X 1254 114.07 54.31 76.63
N ASN X 1255 112.97 53.62 76.41
CA ASN X 1255 111.69 54.01 76.97
C ASN X 1255 111.38 53.24 78.25
N VAL X 1256 110.15 53.35 78.74
CA VAL X 1256 109.65 52.59 79.87
C VAL X 1256 108.66 51.58 79.35
N VAL X 1257 108.95 50.30 79.56
CA VAL X 1257 108.11 49.22 79.04
C VAL X 1257 107.41 48.55 80.21
N THR X 1258 106.20 48.06 79.95
CA THR X 1258 105.42 47.33 80.94
C THR X 1258 105.36 45.86 80.54
N ARG X 1259 105.67 44.98 81.48
CA ARG X 1259 105.78 43.55 81.23
C ARG X 1259 104.65 42.82 81.96
N TYR X 1260 104.00 41.89 81.27
CA TYR X 1260 102.80 41.24 81.79
C TYR X 1260 102.97 39.73 81.83
N ALA X 1261 102.05 39.07 82.53
CA ALA X 1261 101.99 37.61 82.57
C ALA X 1261 100.55 37.22 82.93
N TYR X 1262 99.79 36.82 81.91
CA TYR X 1262 98.38 36.51 82.09
C TYR X 1262 98.15 35.01 82.06
N GLU X 1263 96.92 34.61 82.37
CA GLU X 1263 96.46 33.25 82.18
C GLU X 1263 95.26 33.25 81.25
N THR X 1264 95.26 32.31 80.30
CA THR X 1264 94.19 32.18 79.32
C THR X 1264 93.54 30.81 79.49
N PRO X 1265 92.73 30.65 80.54
CA PRO X 1265 92.12 29.36 80.81
C PRO X 1265 91.11 29.00 79.74
N PRO X 1266 90.73 27.74 79.63
CA PRO X 1266 89.72 27.34 78.66
C PRO X 1266 88.32 27.67 79.15
N ILE X 1267 87.34 27.44 78.28
CA ILE X 1267 85.94 27.63 78.62
C ILE X 1267 85.47 26.36 79.33
N THR X 1268 85.23 26.46 80.63
CA THR X 1268 84.75 25.33 81.40
C THR X 1268 83.31 25.57 81.84
N ALA X 1269 82.56 24.47 82.00
CA ALA X 1269 81.16 24.58 82.38
C ALA X 1269 80.74 23.28 83.03
N VAL X 1270 79.64 23.33 83.76
CA VAL X 1270 79.05 22.17 84.42
C VAL X 1270 77.55 22.21 84.14
N VAL X 1271 77.10 21.48 83.12
CA VAL X 1271 75.69 21.46 82.78
C VAL X 1271 74.94 20.69 83.85
N MET X 1272 73.84 21.26 84.33
CA MET X 1272 73.01 20.65 85.35
C MET X 1272 71.60 20.48 84.83
N GLY X 1273 71.07 19.27 84.92
CA GLY X 1273 69.70 19.03 84.52
C GLY X 1273 68.71 19.78 85.38
N VAL X 1274 67.55 20.05 84.80
CA VAL X 1274 66.48 20.80 85.45
C VAL X 1274 65.33 19.85 85.75
N PRO X 1275 64.85 19.80 87.00
CA PRO X 1275 63.80 18.87 87.44
C PRO X 1275 62.53 18.97 86.61
N TYR Y 181 107.58 54.14 -42.79
CA TYR Y 181 107.12 55.16 -43.73
C TYR Y 181 105.66 55.50 -43.48
N GLN Y 182 105.24 56.67 -43.92
CA GLN Y 182 103.89 57.13 -43.65
C GLN Y 182 103.48 58.18 -44.67
N CYS Y 183 102.19 58.17 -45.02
CA CYS Y 183 101.61 59.15 -45.92
C CYS Y 183 100.88 60.19 -45.10
N HIS Y 184 101.33 61.44 -45.18
CA HIS Y 184 100.74 62.54 -44.44
C HIS Y 184 99.49 63.11 -45.09
N VAL Y 185 98.90 62.40 -46.04
CA VAL Y 185 97.68 62.83 -46.70
C VAL Y 185 96.49 62.01 -46.24
N CYS Y 186 96.59 60.68 -46.33
CA CYS Y 186 95.54 59.79 -45.86
C CYS Y 186 95.89 59.10 -44.55
N SER Y 187 97.08 59.32 -44.02
CA SER Y 187 97.52 58.74 -42.76
C SER Y 187 97.68 57.23 -42.84
N ALA Y 188 98.00 56.71 -44.03
CA ALA Y 188 98.30 55.30 -44.16
C ALA Y 188 99.77 55.05 -43.83
N VAL Y 189 100.09 53.79 -43.57
CA VAL Y 189 101.44 53.37 -43.21
C VAL Y 189 101.98 52.49 -44.32
N LEU Y 190 103.08 52.92 -44.93
CA LEU Y 190 103.74 52.18 -45.99
C LEU Y 190 105.07 51.62 -45.49
N PHE Y 191 105.71 50.81 -46.32
CA PHE Y 191 106.97 50.19 -45.95
C PHE Y 191 108.13 50.58 -46.85
N SER Y 192 107.89 50.75 -48.15
CA SER Y 192 108.96 51.01 -49.10
C SER Y 192 108.81 52.39 -49.72
N PRO Y 193 109.91 53.01 -50.13
CA PRO Y 193 109.79 54.29 -50.85
C PRO Y 193 109.10 54.12 -52.18
N LEU Y 194 109.32 52.98 -52.84
CA LEU Y 194 108.70 52.75 -54.14
C LEU Y 194 107.19 52.65 -54.03
N ASP Y 195 106.69 51.86 -53.06
CA ASP Y 195 105.24 51.80 -52.96
C ASP Y 195 104.64 52.98 -52.21
N LEU Y 196 105.44 53.80 -51.53
CA LEU Y 196 104.91 55.09 -51.10
C LEU Y 196 104.69 56.00 -52.31
N ASP Y 197 105.66 56.03 -53.23
CA ASP Y 197 105.48 56.76 -54.47
C ASP Y 197 104.30 56.22 -55.27
N ALA Y 198 104.07 54.91 -55.18
CA ALA Y 198 102.90 54.33 -55.83
C ALA Y 198 101.60 54.70 -55.10
N HIS Y 199 101.67 54.87 -53.78
CA HIS Y 199 100.47 55.21 -53.01
C HIS Y 199 100.02 56.63 -53.29
N VAL Y 200 100.96 57.58 -53.30
CA VAL Y 200 100.57 58.98 -53.47
C VAL Y 200 99.93 59.24 -54.82
N ALA Y 201 100.19 58.38 -55.81
CA ALA Y 201 99.54 58.53 -57.11
C ALA Y 201 98.04 58.37 -57.02
N SER Y 202 97.53 57.69 -55.99
CA SER Y 202 96.09 57.58 -55.82
C SER Y 202 95.49 58.89 -55.34
N HIS Y 203 96.24 59.68 -54.57
CA HIS Y 203 95.80 61.01 -54.18
C HIS Y 203 96.06 62.04 -55.27
N GLY Y 204 96.93 61.72 -56.21
CA GLY Y 204 97.18 62.59 -57.34
C GLY Y 204 98.47 63.33 -57.32
N LEU Y 205 99.47 62.85 -56.59
CA LEU Y 205 100.77 63.49 -56.48
C LEU Y 205 101.81 62.62 -57.18
N HIS Y 206 102.62 63.24 -58.02
CA HIS Y 206 103.66 62.51 -58.73
C HIS Y 206 104.84 62.27 -57.79
N GLY Y 207 105.24 61.01 -57.66
CA GLY Y 207 106.23 60.66 -56.67
C GLY Y 207 107.62 60.41 -57.21
N ASN Y 208 107.97 61.05 -58.32
CA ASN Y 208 109.30 60.91 -58.90
C ASN Y 208 109.56 59.47 -59.34
N GLN Y 217 96.63 51.05 -59.70
CA GLN Y 217 96.84 49.70 -60.20
C GLN Y 217 95.57 48.85 -60.12
N ARG Y 218 95.70 47.61 -59.62
CA ARG Y 218 94.55 46.72 -59.51
C ARG Y 218 93.48 47.25 -58.56
N HIS Y 219 93.84 48.14 -57.65
CA HIS Y 219 92.90 48.63 -56.65
C HIS Y 219 91.76 49.39 -57.31
N ILE Y 220 90.54 49.11 -56.87
CA ILE Y 220 89.34 49.79 -57.38
C ILE Y 220 88.83 50.73 -56.30
N THR Y 221 88.98 50.35 -55.04
CA THR Y 221 88.55 51.15 -53.92
C THR Y 221 89.56 51.01 -52.80
N GLU Y 222 89.89 52.13 -52.15
CA GLU Y 222 90.88 52.16 -51.08
C GLU Y 222 90.32 53.01 -49.95
N PHE Y 223 89.84 52.37 -48.89
CA PHE Y 223 89.35 53.08 -47.72
C PHE Y 223 90.29 52.88 -46.55
N ILE Y 224 90.21 53.79 -45.59
CA ILE Y 224 91.04 53.73 -44.39
C ILE Y 224 90.29 54.41 -43.26
N SER Y 225 90.27 53.78 -42.10
CA SER Y 225 89.59 54.32 -40.94
C SER Y 225 90.53 55.18 -40.12
N SER Y 226 89.96 55.88 -39.14
CA SER Y 226 90.74 56.77 -38.29
C SER Y 226 90.82 56.32 -36.85
N TRP Y 227 89.91 55.46 -36.41
CA TRP Y 227 89.90 54.98 -35.03
C TRP Y 227 90.52 53.61 -34.89
N GLN Y 228 91.31 53.17 -35.86
CA GLN Y 228 91.87 51.82 -35.84
C GLN Y 228 92.80 51.65 -37.02
N ASN Y 229 93.50 50.53 -37.05
CA ASN Y 229 94.41 50.17 -38.13
C ASN Y 229 93.77 49.02 -38.90
N HIS Y 230 93.03 49.36 -39.95
CA HIS Y 230 92.46 48.31 -40.79
C HIS Y 230 92.03 48.87 -42.14
N PRO Y 231 92.95 49.07 -43.06
CA PRO Y 231 92.57 49.47 -44.42
C PRO Y 231 91.77 48.36 -45.09
N ILE Y 232 91.01 48.75 -46.11
CA ILE Y 232 90.23 47.80 -46.88
C ILE Y 232 90.28 48.23 -48.34
N VAL Y 233 90.66 47.32 -49.22
CA VAL Y 233 90.79 47.61 -50.65
C VAL Y 233 90.06 46.55 -51.43
N GLN Y 234 89.63 46.91 -52.63
CA GLN Y 234 88.97 45.99 -53.53
C GLN Y 234 89.82 45.71 -54.75
N VAL Y 235 89.52 44.58 -55.40
CA VAL Y 235 90.08 44.23 -56.70
C VAL Y 235 88.96 43.63 -57.53
N SER Y 236 89.27 43.32 -58.78
CA SER Y 236 88.27 42.76 -59.68
C SER Y 236 87.84 41.38 -59.20
N ALA Y 237 86.87 40.80 -59.89
CA ALA Y 237 86.41 39.45 -59.55
C ALA Y 237 87.13 38.37 -60.35
N ASP Y 238 87.75 38.73 -61.48
CA ASP Y 238 88.51 37.78 -62.28
C ASP Y 238 89.95 37.63 -61.80
N VAL Y 239 90.22 38.00 -60.54
CA VAL Y 239 91.57 37.93 -60.00
C VAL Y 239 92.03 36.48 -59.95
N GLU Y 240 93.36 36.30 -59.97
CA GLU Y 240 93.92 34.98 -59.71
C GLU Y 240 93.95 34.70 -58.21
N ASN Y 241 94.57 35.58 -57.43
CA ASN Y 241 94.53 35.51 -55.99
C ASN Y 241 94.32 36.90 -55.42
N ARG Y 242 93.87 36.95 -54.16
CA ARG Y 242 93.72 38.20 -53.44
C ARG Y 242 94.47 38.11 -52.13
N LYS Y 243 95.49 38.96 -51.97
CA LYS Y 243 96.31 38.98 -50.77
C LYS Y 243 95.62 39.82 -49.69
N THR Y 244 94.51 39.28 -49.20
CA THR Y 244 93.64 40.00 -48.27
C THR Y 244 93.08 41.25 -48.94
N ALA Y 245 92.32 41.03 -50.00
CA ALA Y 245 91.66 42.09 -50.75
C ALA Y 245 90.17 41.77 -50.85
N GLN Y 246 89.42 42.71 -51.42
CA GLN Y 246 87.98 42.56 -51.58
C GLN Y 246 87.60 42.39 -53.04
N LEU Y 247 86.57 41.61 -53.28
CA LEU Y 247 86.09 41.36 -54.63
C LEU Y 247 85.09 42.44 -55.03
N LEU Y 248 85.02 42.69 -56.34
CA LEU Y 248 84.02 43.57 -56.93
C LEU Y 248 83.14 42.69 -57.82
N HIS Y 249 82.07 42.15 -57.23
CA HIS Y 249 81.25 41.18 -57.93
C HIS Y 249 80.38 41.80 -59.01
N ALA Y 250 80.28 43.12 -59.07
CA ALA Y 250 79.49 43.75 -60.11
C ALA Y 250 80.10 43.49 -61.48
N ASP Y 251 79.25 43.50 -62.51
CA ASP Y 251 79.68 43.29 -63.88
C ASP Y 251 79.90 44.64 -64.55
N THR Y 252 80.94 45.32 -64.11
CA THR Y 252 81.20 46.67 -64.59
C THR Y 252 81.72 46.63 -66.03
N PRO Y 253 81.22 47.48 -66.92
CA PRO Y 253 81.74 47.52 -68.28
C PRO Y 253 83.15 48.09 -68.35
N ARG Y 254 83.69 48.19 -69.56
CA ARG Y 254 85.01 48.75 -69.78
C ARG Y 254 84.84 50.04 -70.59
N LEU Y 255 84.66 51.16 -69.89
CA LEU Y 255 84.40 52.42 -70.56
C LEU Y 255 85.68 53.03 -71.10
N VAL Y 256 86.72 53.11 -70.27
CA VAL Y 256 87.94 53.84 -70.61
C VAL Y 256 88.95 52.85 -71.19
N THR Y 257 89.23 52.99 -72.48
CA THR Y 257 90.24 52.19 -73.15
C THR Y 257 91.09 53.12 -74.02
N TRP Y 258 92.31 52.71 -74.28
CA TRP Y 258 93.30 53.58 -74.91
C TRP Y 258 93.82 52.97 -76.21
N ASP Y 259 94.28 53.84 -77.10
CA ASP Y 259 94.83 53.45 -78.39
C ASP Y 259 96.05 54.30 -78.68
N ALA Y 260 97.17 53.65 -79.02
CA ALA Y 260 98.39 54.35 -79.35
C ALA Y 260 98.70 54.38 -80.83
N GLY Y 261 98.11 53.50 -81.63
CA GLY Y 261 98.36 53.48 -83.05
C GLY Y 261 97.68 54.61 -83.78
N LEU Y 262 97.36 54.40 -85.05
CA LEU Y 262 96.73 55.43 -85.87
C LEU Y 262 95.22 55.36 -85.73
N CYS Y 263 94.57 56.51 -85.91
CA CYS Y 263 93.11 56.61 -85.83
C CYS Y 263 92.52 56.54 -87.23
N THR Y 264 92.62 55.36 -87.83
CA THR Y 264 92.13 55.14 -89.17
C THR Y 264 91.50 53.75 -89.27
N SER Y 265 90.58 53.61 -90.21
CA SER Y 265 89.95 52.32 -90.46
C SER Y 265 89.79 52.06 -91.96
N PHE Y 266 90.53 52.76 -92.80
CA PHE Y 266 90.53 52.52 -94.25
C PHE Y 266 91.98 52.40 -94.69
N LYS Y 267 92.33 51.25 -95.26
CA LYS Y 267 93.68 51.02 -95.76
C LYS Y 267 93.66 50.93 -97.28
N ILE Y 268 94.80 51.26 -97.88
CA ILE Y 268 94.97 51.25 -99.32
C ILE Y 268 95.82 50.04 -99.69
N VAL Y 269 95.24 49.11 -100.44
CA VAL Y 269 95.92 47.86 -100.76
C VAL Y 269 96.20 47.80 -102.26
N PRO Y 270 97.38 47.32 -102.67
CA PRO Y 270 97.63 47.15 -104.10
C PRO Y 270 97.02 45.85 -104.60
N ILE Y 271 96.44 45.92 -105.80
CA ILE Y 271 95.77 44.77 -106.41
C ILE Y 271 96.60 44.20 -107.55
N VAL Y 272 96.93 45.02 -108.54
CA VAL Y 272 97.81 44.59 -109.63
C VAL Y 272 99.21 45.11 -109.35
N PRO Y 273 100.13 44.29 -108.86
CA PRO Y 273 101.48 44.77 -108.60
C PRO Y 273 102.20 45.10 -109.90
N ALA Y 274 103.13 46.04 -109.80
CA ALA Y 274 103.91 46.47 -110.95
C ALA Y 274 105.10 47.26 -110.45
N GLN Y 275 106.10 47.37 -111.33
CA GLN Y 275 107.30 48.13 -111.01
C GLN Y 275 107.90 48.66 -112.31
N VAL Y 276 108.21 49.94 -112.34
CA VAL Y 276 108.67 50.59 -113.56
C VAL Y 276 110.08 51.11 -113.30
N PRO Y 277 110.84 51.39 -114.35
CA PRO Y 277 112.18 51.93 -114.16
C PRO Y 277 112.17 53.37 -113.69
N GLN Y 278 112.57 53.60 -112.45
CA GLN Y 278 112.66 54.95 -111.91
C GLN Y 278 113.83 55.68 -112.57
N ASP Y 279 113.97 56.95 -112.22
CA ASP Y 279 115.10 57.76 -112.64
C ASP Y 279 116.01 58.15 -111.49
N VAL Y 280 115.45 58.55 -110.36
CA VAL Y 280 116.21 58.86 -109.16
C VAL Y 280 116.06 57.67 -108.21
N LEU Y 281 117.19 57.11 -107.79
CA LEU Y 281 117.18 55.86 -107.04
C LEU Y 281 117.20 56.03 -105.54
N ALA Y 282 117.80 57.08 -105.01
CA ALA Y 282 117.88 57.28 -103.57
C ALA Y 282 118.48 58.65 -103.30
N TYR Y 283 118.60 58.98 -102.02
CA TYR Y 283 119.19 60.24 -101.56
C TYR Y 283 120.60 59.99 -101.04
N THR Y 284 121.36 61.07 -100.93
CA THR Y 284 122.77 60.98 -100.54
C THR Y 284 123.10 62.06 -99.53
N PHE Y 285 123.88 61.69 -98.50
CA PHE Y 285 124.34 62.65 -97.48
C PHE Y 285 125.80 62.33 -97.13
N PHE Y 286 126.71 62.89 -97.92
CA PHE Y 286 128.16 62.87 -97.78
C PHE Y 286 128.81 61.51 -97.99
N THR Y 287 128.12 60.42 -97.67
CA THR Y 287 128.60 59.08 -97.99
C THR Y 287 127.42 58.13 -98.08
N SER Y 288 126.25 58.62 -97.69
CA SER Y 288 125.14 57.76 -97.35
C SER Y 288 124.11 57.71 -98.48
N SER Y 289 123.31 56.65 -98.46
CA SER Y 289 122.22 56.48 -99.41
C SER Y 289 121.00 56.03 -98.64
N TYR Y 290 119.94 56.83 -98.71
CA TYR Y 290 118.68 56.53 -98.03
C TYR Y 290 117.63 56.15 -99.07
N ALA Y 291 117.01 55.00 -98.87
CA ALA Y 291 115.99 54.53 -99.80
C ALA Y 291 114.81 55.48 -99.81
N ILE Y 292 114.02 55.39 -100.87
CA ILE Y 292 112.83 56.21 -101.04
C ILE Y 292 111.63 55.39 -100.62
N GLN Y 293 110.97 55.81 -99.54
CA GLN Y 293 109.84 55.08 -98.98
C GLN Y 293 108.56 55.77 -99.40
N SER Y 294 107.70 55.07 -100.12
CA SER Y 294 106.53 55.72 -100.66
C SER Y 294 105.35 55.64 -99.70
N PRO Y 295 104.58 56.72 -99.57
CA PRO Y 295 103.42 56.68 -98.67
C PRO Y 295 102.26 55.86 -99.21
N PHE Y 296 102.29 55.49 -100.49
CA PHE Y 296 101.21 54.75 -101.10
C PHE Y 296 101.78 53.60 -101.91
N PRO Y 297 100.99 52.54 -102.11
CA PRO Y 297 101.48 51.38 -102.85
C PRO Y 297 101.82 51.74 -104.29
N GLU Y 298 102.96 51.23 -104.76
CA GLU Y 298 103.42 51.47 -106.12
C GLU Y 298 102.99 50.29 -106.98
N ALA Y 299 101.73 50.32 -107.41
CA ALA Y 299 101.14 49.25 -108.19
C ALA Y 299 100.41 49.84 -109.40
N ALA Y 300 99.94 48.95 -110.26
CA ALA Y 300 99.16 49.40 -111.41
C ALA Y 300 97.73 49.71 -111.04
N VAL Y 301 97.19 49.04 -110.02
CA VAL Y 301 95.85 49.29 -109.53
C VAL Y 301 95.81 49.11 -108.03
N SER Y 302 95.49 50.18 -107.30
CA SER Y 302 95.27 50.11 -105.87
C SER Y 302 93.94 50.76 -105.55
N ARG Y 303 93.26 50.22 -104.53
CA ARG Y 303 91.94 50.71 -104.20
C ARG Y 303 91.66 50.50 -102.71
N ILE Y 304 90.85 51.40 -102.16
CA ILE Y 304 90.66 51.46 -100.71
C ILE Y 304 89.89 50.24 -100.22
N VAL Y 305 90.25 49.77 -99.03
CA VAL Y 305 89.63 48.61 -98.41
C VAL Y 305 89.45 48.94 -96.93
N VAL Y 306 88.46 48.31 -96.31
CA VAL Y 306 88.07 48.62 -94.95
C VAL Y 306 88.59 47.54 -94.02
N HIS Y 307 89.40 47.95 -93.05
CA HIS Y 307 89.98 47.03 -92.08
C HIS Y 307 90.07 47.80 -90.77
N THR Y 308 89.08 47.60 -89.89
CA THR Y 308 89.00 48.41 -88.68
C THR Y 308 90.19 48.11 -87.78
N ARG Y 309 90.96 49.16 -87.46
CA ARG Y 309 92.14 49.04 -86.61
C ARG Y 309 93.19 48.12 -87.24
N TRP Y 310 93.66 48.51 -88.43
CA TRP Y 310 94.81 47.83 -89.01
C TRP Y 310 96.12 48.39 -88.52
N ALA Y 311 96.10 49.53 -87.82
CA ALA Y 311 97.30 50.13 -87.25
C ALA Y 311 96.88 50.70 -85.89
N SER Y 312 97.05 49.91 -84.84
CA SER Y 312 96.63 50.34 -83.52
C SER Y 312 97.22 49.49 -82.41
N ASN Y 313 97.90 50.14 -81.46
CA ASN Y 313 98.30 49.49 -80.22
C ASN Y 313 97.23 49.78 -79.17
N VAL Y 314 96.54 48.72 -78.75
CA VAL Y 314 95.39 48.85 -77.85
C VAL Y 314 95.69 48.09 -76.57
N ASP Y 315 95.24 48.63 -75.45
CA ASP Y 315 95.40 47.94 -74.18
C ASP Y 315 94.27 46.96 -73.89
N PHE Y 316 93.15 47.12 -74.53
CA PHE Y 316 92.05 46.23 -74.30
C PHE Y 316 91.46 46.04 -75.63
N ASP Y 317 91.16 44.83 -76.00
CA ASP Y 317 90.63 44.62 -77.30
C ASP Y 317 89.16 44.51 -77.21
N ARG Y 318 88.41 45.39 -77.87
CA ARG Y 318 86.96 45.33 -77.86
C ARG Y 318 86.53 44.09 -78.58
N ASP Y 319 87.21 43.81 -79.65
CA ASP Y 319 87.08 42.63 -80.48
C ASP Y 319 85.88 42.25 -81.25
N SER Y 320 85.29 43.23 -81.89
CA SER Y 320 84.23 42.98 -82.80
C SER Y 320 84.81 43.79 -83.93
N SER Y 321 85.15 43.16 -85.04
CA SER Y 321 85.81 43.87 -86.12
C SER Y 321 85.21 43.68 -87.46
N VAL Y 322 85.41 44.65 -88.32
CA VAL Y 322 84.88 44.54 -89.68
C VAL Y 322 86.07 44.49 -90.63
N ILE Y 323 86.53 43.29 -90.93
CA ILE Y 323 87.70 43.08 -91.76
C ILE Y 323 87.23 42.66 -93.15
N MET Y 324 87.59 43.44 -94.16
CA MET Y 324 87.20 43.19 -95.53
C MET Y 324 88.42 42.87 -96.36
N ALA Y 325 88.39 41.72 -97.04
CA ALA Y 325 89.47 41.35 -97.93
C ALA Y 325 89.46 42.23 -99.16
N PRO Y 326 90.52 42.20 -99.97
CA PRO Y 326 90.55 42.98 -101.20
C PRO Y 326 89.42 42.58 -102.13
N PRO Y 327 89.03 43.45 -103.06
CA PRO Y 327 87.87 43.14 -103.91
C PRO Y 327 88.06 41.92 -104.79
N THR Y 328 89.30 41.58 -105.16
CA THR Y 328 89.51 40.43 -106.03
C THR Y 328 89.17 39.12 -105.33
N GLU Y 329 89.10 39.12 -104.01
CA GLU Y 329 88.73 37.94 -103.25
C GLU Y 329 87.22 37.93 -103.02
N ASN Y 330 86.74 37.05 -102.15
CA ASN Y 330 85.32 36.90 -101.89
C ASN Y 330 85.01 37.50 -100.52
N ASN Y 331 84.05 38.42 -100.49
CA ASN Y 331 83.63 39.09 -99.26
C ASN Y 331 82.17 38.82 -98.98
N ILE Y 332 81.71 37.59 -99.21
CA ILE Y 332 80.31 37.25 -98.97
C ILE Y 332 80.05 36.85 -97.53
N HIS Y 333 81.10 36.53 -96.76
CA HIS Y 333 80.91 36.22 -95.36
C HIS Y 333 80.57 37.45 -94.53
N LEU Y 334 80.74 38.65 -95.09
CA LEU Y 334 80.30 39.87 -94.42
C LEU Y 334 78.80 40.04 -94.46
N PHE Y 335 78.08 39.21 -95.21
CA PHE Y 335 76.64 39.31 -95.32
C PHE Y 335 75.93 37.98 -95.20
N LYS Y 336 76.67 36.87 -95.15
CA LYS Y 336 76.09 35.57 -94.87
C LYS Y 336 75.97 35.30 -93.38
N GLN Y 337 76.14 36.32 -92.54
CA GLN Y 337 76.42 36.12 -91.13
C GLN Y 337 75.18 36.08 -90.24
N LEU Y 338 74.21 36.97 -90.48
CA LEU Y 338 73.20 37.22 -89.47
C LEU Y 338 72.08 36.17 -89.50
N LEU Y 339 71.33 36.12 -90.60
CA LEU Y 339 70.14 35.28 -90.68
C LEU Y 339 70.22 34.27 -91.82
N ASN Y 340 71.43 33.86 -92.17
CA ASN Y 340 71.66 32.87 -93.23
C ASN Y 340 72.21 31.62 -92.58
N THR Y 341 71.31 30.77 -92.08
CA THR Y 341 71.70 29.49 -91.51
C THR Y 341 71.04 28.30 -92.18
N GLU Y 342 69.90 28.50 -92.83
CA GLU Y 342 69.22 27.44 -93.56
C GLU Y 342 69.45 27.53 -95.06
N THR Y 343 70.20 28.53 -95.51
CA THR Y 343 70.56 28.62 -96.92
C THR Y 343 71.63 27.58 -97.21
N LEU Y 344 71.26 26.55 -97.96
CA LEU Y 344 72.21 25.48 -98.27
C LEU Y 344 73.23 25.97 -99.29
N SER Y 345 74.28 26.62 -98.79
CA SER Y 345 75.37 27.11 -99.62
C SER Y 345 76.41 27.75 -98.71
N VAL Y 346 77.61 27.91 -99.25
CA VAL Y 346 78.66 28.64 -98.54
C VAL Y 346 79.12 29.87 -99.30
N ARG Y 347 78.83 29.99 -100.59
CA ARG Y 347 79.25 31.12 -101.40
C ARG Y 347 78.07 31.97 -101.84
N GLY Y 348 77.06 32.09 -101.00
CA GLY Y 348 75.88 32.88 -101.33
C GLY Y 348 75.23 33.43 -100.10
N ALA Y 349 74.60 34.60 -100.26
CA ALA Y 349 73.88 35.25 -99.18
C ALA Y 349 72.45 35.53 -99.63
N ASN Y 350 71.55 35.62 -98.65
CA ASN Y 350 70.15 35.85 -98.96
C ASN Y 350 69.93 37.32 -99.25
N PRO Y 351 69.51 37.68 -100.47
CA PRO Y 351 69.30 39.11 -100.78
C PRO Y 351 68.18 39.74 -100.01
N LEU Y 352 67.35 38.96 -99.33
CA LEU Y 352 66.21 39.48 -98.60
C LEU Y 352 66.60 40.04 -97.24
N MET Y 353 67.88 40.03 -96.89
CA MET Y 353 68.32 40.47 -95.57
C MET Y 353 69.60 41.29 -95.62
N PHE Y 354 69.91 41.87 -96.78
CA PHE Y 354 71.08 42.72 -96.91
C PHE Y 354 71.01 43.89 -95.92
N ARG Y 355 69.82 44.44 -95.69
CA ARG Y 355 69.73 45.61 -94.81
C ARG Y 355 70.05 45.23 -93.36
N ALA Y 356 69.53 44.10 -92.90
CA ALA Y 356 69.86 43.65 -91.55
C ALA Y 356 71.35 43.37 -91.42
N ASN Y 357 71.94 42.72 -92.43
CA ASN Y 357 73.38 42.46 -92.35
C ASN Y 357 74.18 43.75 -92.35
N VAL Y 358 73.78 44.73 -93.16
CA VAL Y 358 74.52 46.00 -93.20
C VAL Y 358 74.37 46.75 -91.89
N LEU Y 359 73.19 46.69 -91.27
CA LEU Y 359 73.02 47.36 -90.00
C LEU Y 359 73.88 46.74 -88.93
N HIS Y 360 73.98 45.41 -88.89
CA HIS Y 360 74.87 44.77 -87.93
C HIS Y 360 76.32 45.12 -88.22
N MET Y 361 76.70 45.16 -89.50
CA MET Y 361 78.06 45.55 -89.86
C MET Y 361 78.39 46.95 -89.38
N LEU Y 362 77.46 47.88 -89.55
CA LEU Y 362 77.72 49.26 -89.13
C LEU Y 362 77.77 49.36 -87.60
N LEU Y 363 76.92 48.60 -86.91
CA LEU Y 363 76.99 48.57 -85.45
C LEU Y 363 78.35 48.11 -84.98
N GLU Y 364 78.88 47.05 -85.59
CA GLU Y 364 80.20 46.58 -85.19
C GLU Y 364 81.28 47.56 -85.58
N PHE Y 365 81.13 48.23 -86.72
CA PHE Y 365 82.09 49.25 -87.13
C PHE Y 365 82.16 50.36 -86.10
N VAL Y 366 81.01 50.73 -85.52
CA VAL Y 366 81.02 51.74 -84.46
C VAL Y 366 81.63 51.18 -83.19
N LEU Y 367 81.16 50.02 -82.75
CA LEU Y 367 81.62 49.45 -81.48
C LEU Y 367 83.12 49.20 -81.48
N ASP Y 368 83.73 48.98 -82.65
CA ASP Y 368 85.15 48.66 -82.67
C ASP Y 368 86.02 49.89 -82.46
N ASN Y 369 85.49 51.08 -82.70
CA ASN Y 369 86.28 52.30 -82.67
C ASN Y 369 86.02 53.12 -81.41
N LEU Y 370 85.51 52.49 -80.36
CA LEU Y 370 85.24 53.19 -79.10
C LEU Y 370 86.48 53.20 -78.21
N TYR Y 371 87.53 53.84 -78.71
CA TYR Y 371 88.78 53.97 -77.98
C TYR Y 371 89.13 55.44 -77.83
N LEU Y 372 89.93 55.74 -76.82
CA LEU Y 372 90.48 57.07 -76.61
C LEU Y 372 91.89 57.12 -77.16
N ASN Y 373 92.19 58.13 -77.97
CA ASN Y 373 93.53 58.27 -78.51
C ASN Y 373 94.52 58.51 -77.38
N ARG Y 374 95.75 58.06 -77.57
CA ARG Y 374 96.77 58.13 -76.54
C ARG Y 374 97.92 59.02 -77.00
N HIS Y 375 98.53 59.70 -76.03
CA HIS Y 375 99.64 60.60 -76.27
C HIS Y 375 100.94 59.87 -75.95
N THR Y 376 101.75 59.61 -76.98
CA THR Y 376 102.91 58.74 -76.84
C THR Y 376 104.21 59.53 -76.70
N GLY Y 377 104.56 60.34 -77.69
CA GLY Y 377 105.82 61.04 -77.69
C GLY Y 377 106.30 61.29 -79.10
N PHE Y 378 107.11 62.33 -79.24
CA PHE Y 378 107.46 62.88 -80.53
C PHE Y 378 108.95 62.72 -80.80
N SER Y 379 109.41 63.32 -81.91
CA SER Y 379 110.81 63.27 -82.30
C SER Y 379 111.06 64.41 -83.29
N GLN Y 380 111.92 65.35 -82.92
CA GLN Y 380 112.19 66.49 -83.79
C GLN Y 380 112.88 66.02 -85.06
N ASP Y 381 112.46 66.57 -86.20
CA ASP Y 381 112.90 66.12 -87.50
C ASP Y 381 113.71 67.21 -88.19
N HIS Y 382 114.69 66.77 -89.00
CA HIS Y 382 115.49 67.70 -89.79
C HIS Y 382 115.66 67.23 -91.23
N THR Y 383 114.76 66.37 -91.71
CA THR Y 383 114.76 66.01 -93.11
C THR Y 383 114.54 67.25 -93.96
N PRO Y 384 115.13 67.31 -95.16
CA PRO Y 384 115.01 68.53 -95.98
C PRO Y 384 113.61 68.87 -96.42
N PHE Y 385 112.61 68.04 -96.14
CA PHE Y 385 111.23 68.32 -96.52
C PHE Y 385 110.29 68.43 -95.33
N THR Y 386 110.78 68.17 -94.12
CA THR Y 386 110.01 68.31 -92.90
C THR Y 386 110.85 69.02 -91.85
N GLU Y 387 111.43 70.15 -92.24
CA GLU Y 387 112.39 70.87 -91.40
C GLU Y 387 111.79 71.23 -90.04
N GLY Y 388 112.40 70.71 -88.98
CA GLY Y 388 112.04 71.11 -87.63
C GLY Y 388 110.59 70.88 -87.26
N ALA Y 389 110.02 69.77 -87.69
CA ALA Y 389 108.61 69.45 -87.43
C ALA Y 389 108.55 68.23 -86.53
N ASN Y 390 108.02 68.41 -85.32
CA ASN Y 390 107.89 67.32 -84.38
C ASN Y 390 106.98 66.24 -84.94
N LEU Y 391 107.51 65.03 -85.07
CA LEU Y 391 106.76 63.89 -85.58
C LEU Y 391 106.49 62.91 -84.46
N ARG Y 392 105.33 62.25 -84.53
CA ARG Y 392 104.91 61.33 -83.48
C ARG Y 392 105.44 59.92 -83.79
N SER Y 393 106.04 59.30 -82.79
CA SER Y 393 106.64 57.98 -82.95
C SER Y 393 105.79 56.96 -82.20
N LEU Y 394 105.21 56.01 -82.94
CA LEU Y 394 104.41 54.97 -82.32
C LEU Y 394 105.28 54.09 -81.43
N PRO Y 395 104.67 53.41 -80.46
CA PRO Y 395 105.44 52.50 -79.62
C PRO Y 395 105.80 51.24 -80.38
N GLY Y 396 106.78 50.52 -79.83
CA GLY Y 396 107.19 49.26 -80.41
C GLY Y 396 108.68 49.18 -80.68
N PRO Y 397 109.07 48.28 -81.58
CA PRO Y 397 110.49 48.07 -81.85
C PRO Y 397 111.17 49.31 -82.43
N ASP Y 398 110.64 49.81 -83.55
CA ASP Y 398 111.25 50.95 -84.22
C ASP Y 398 110.13 51.73 -84.90
N ALA Y 399 109.85 52.94 -84.39
CA ALA Y 399 108.82 53.79 -84.97
C ALA Y 399 109.39 54.62 -86.11
N GLU Y 400 110.04 53.97 -87.07
CA GLU Y 400 110.56 54.65 -88.25
C GLU Y 400 109.87 54.23 -89.53
N LYS Y 401 109.39 52.98 -89.63
CA LYS Y 401 108.67 52.56 -90.82
C LYS Y 401 107.35 53.30 -90.95
N TRP Y 402 106.76 53.73 -89.83
CA TRP Y 402 105.45 54.35 -89.86
C TRP Y 402 105.49 55.81 -90.31
N TYR Y 403 106.66 56.43 -90.37
CA TYR Y 403 106.71 57.83 -90.77
C TYR Y 403 106.27 58.00 -92.22
N SER Y 404 106.70 57.12 -93.11
CA SER Y 404 106.34 57.23 -94.51
C SER Y 404 104.85 57.00 -94.71
N ILE Y 405 104.22 56.19 -93.87
CA ILE Y 405 102.79 55.94 -94.00
C ILE Y 405 101.98 57.07 -93.37
N MET Y 406 102.48 57.67 -92.30
CA MET Y 406 101.71 58.69 -91.60
C MET Y 406 101.81 60.05 -92.28
N TYR Y 407 103.00 60.42 -92.76
CA TYR Y 407 103.25 61.77 -93.25
C TYR Y 407 103.56 61.73 -94.73
N PRO Y 408 102.56 61.91 -95.59
CA PRO Y 408 102.80 61.79 -97.04
C PRO Y 408 103.73 62.86 -97.58
N THR Y 409 103.75 64.06 -97.01
CA THR Y 409 104.57 65.12 -97.55
C THR Y 409 106.05 64.95 -97.23
N ARG Y 410 106.44 63.90 -96.50
CA ARG Y 410 107.85 63.77 -96.14
C ARG Y 410 108.70 63.38 -97.34
N MET Y 411 108.20 62.47 -98.17
CA MET Y 411 108.82 62.21 -99.46
C MET Y 411 108.86 63.49 -100.28
N GLY Y 412 110.01 63.75 -100.89
CA GLY Y 412 110.11 64.92 -101.74
C GLY Y 412 109.41 64.71 -103.07
N THR Y 413 109.93 65.33 -104.12
CA THR Y 413 109.46 65.11 -105.48
C THR Y 413 110.63 64.70 -106.36
N PRO Y 414 111.25 63.56 -106.07
CA PRO Y 414 112.44 63.17 -106.83
C PRO Y 414 112.13 62.79 -108.26
N ASN Y 415 111.09 61.97 -108.44
CA ASN Y 415 110.74 61.44 -109.75
C ASN Y 415 109.56 62.20 -110.33
N VAL Y 416 109.17 61.82 -111.55
CA VAL Y 416 107.98 62.35 -112.19
C VAL Y 416 106.91 61.26 -112.17
N SER Y 417 106.08 61.25 -111.14
CA SER Y 417 105.11 60.18 -110.95
C SER Y 417 103.77 60.77 -110.52
N LYS Y 418 102.74 59.93 -110.58
CA LYS Y 418 101.43 60.34 -110.11
C LYS Y 418 101.36 60.48 -108.60
N ILE Y 419 102.37 59.99 -107.88
CA ILE Y 419 102.49 60.28 -106.45
C ILE Y 419 103.31 61.54 -106.23
N CYS Y 420 104.33 61.76 -107.06
CA CYS Y 420 105.15 62.95 -106.93
C CYS Y 420 104.35 64.20 -107.27
N ASN Y 421 103.43 64.13 -108.23
CA ASN Y 421 102.57 65.28 -108.49
C ASN Y 421 101.71 65.61 -107.28
N PHE Y 422 101.16 64.58 -106.62
CA PHE Y 422 100.35 64.81 -105.43
C PHE Y 422 101.17 65.45 -104.33
N VAL Y 423 102.39 64.96 -104.11
CA VAL Y 423 103.21 65.51 -103.05
C VAL Y 423 103.65 66.93 -103.39
N ALA Y 424 103.86 67.23 -104.68
CA ALA Y 424 104.20 68.58 -105.08
C ALA Y 424 103.00 69.52 -104.99
N SER Y 425 101.79 68.96 -104.99
CA SER Y 425 100.61 69.80 -104.77
C SER Y 425 100.38 70.07 -103.29
N CYS Y 426 100.67 69.09 -102.43
CA CYS Y 426 100.42 69.26 -101.00
C CYS Y 426 101.29 70.36 -100.40
N VAL Y 427 100.72 71.12 -99.47
CA VAL Y 427 101.45 72.16 -98.75
C VAL Y 427 102.38 71.50 -97.73
N ARG Y 428 103.29 72.28 -97.15
CA ARG Y 428 104.39 71.72 -96.39
C ARG Y 428 104.44 72.13 -94.92
N ASN Y 429 103.47 72.88 -94.42
CA ASN Y 429 103.53 73.37 -93.04
C ASN Y 429 102.41 72.81 -92.16
N ARG Y 430 101.94 71.62 -92.46
CA ARG Y 430 100.88 70.98 -91.69
C ARG Y 430 101.27 69.55 -91.34
N VAL Y 431 102.50 69.39 -90.85
CA VAL Y 431 103.06 68.09 -90.53
C VAL Y 431 103.32 68.03 -89.03
N GLY Y 432 103.10 66.86 -88.45
CA GLY Y 432 103.44 66.66 -87.06
C GLY Y 432 102.50 67.37 -86.10
N ARG Y 433 103.03 67.69 -84.92
CA ARG Y 433 102.25 68.36 -83.90
C ARG Y 433 101.85 69.76 -84.35
N PHE Y 434 100.60 70.13 -84.05
CA PHE Y 434 100.05 71.43 -84.40
C PHE Y 434 99.90 72.35 -83.20
N ASP Y 435 99.33 71.84 -82.10
CA ASP Y 435 99.13 72.64 -80.90
C ASP Y 435 99.14 71.71 -79.71
N ARG Y 436 99.78 72.14 -78.62
CA ARG Y 436 99.89 71.32 -77.43
C ARG Y 436 99.40 72.11 -76.22
N ALA Y 437 99.06 71.38 -75.17
CA ALA Y 437 98.48 71.97 -73.98
C ALA Y 437 99.48 72.88 -73.29
N GLN Y 438 98.97 73.65 -72.33
CA GLN Y 438 99.81 74.48 -71.48
C GLN Y 438 100.13 73.82 -70.15
N MET Y 439 99.24 72.95 -69.66
CA MET Y 439 99.47 72.22 -68.42
C MET Y 439 100.39 71.05 -68.70
N MET Y 440 101.65 71.17 -68.32
CA MET Y 440 102.58 70.08 -68.57
C MET Y 440 102.67 69.14 -67.38
N ASN Y 441 103.38 68.03 -67.58
CA ASN Y 441 103.61 67.01 -66.55
C ASN Y 441 105.07 66.60 -66.66
N GLY Y 442 105.94 67.27 -65.94
CA GLY Y 442 107.36 67.09 -66.12
C GLY Y 442 107.82 67.89 -67.32
N ALA Y 443 108.06 67.21 -68.43
CA ALA Y 443 108.30 67.88 -69.70
C ALA Y 443 107.36 67.40 -70.78
N MET Y 444 106.48 66.44 -70.48
CA MET Y 444 105.52 65.92 -71.45
C MET Y 444 104.22 66.70 -71.33
N SER Y 445 103.70 67.15 -72.47
CA SER Y 445 102.48 67.95 -72.48
C SER Y 445 101.28 67.15 -71.99
N GLU Y 446 100.12 67.81 -71.90
CA GLU Y 446 98.91 67.19 -71.41
C GLU Y 446 98.04 66.61 -72.52
N TRP Y 447 97.91 67.34 -73.62
CA TRP Y 447 97.21 66.87 -74.81
C TRP Y 447 97.81 67.59 -76.01
N VAL Y 448 97.66 67.00 -77.19
CA VAL Y 448 98.22 67.59 -78.40
C VAL Y 448 97.29 67.37 -79.58
N ASP Y 449 97.43 68.23 -80.58
CA ASP Y 449 96.75 68.10 -81.86
C ASP Y 449 97.80 67.86 -82.93
N VAL Y 450 97.64 66.79 -83.69
CA VAL Y 450 98.65 66.36 -84.65
C VAL Y 450 97.98 66.09 -85.99
N PHE Y 451 98.60 66.58 -87.05
CA PHE Y 451 98.26 66.15 -88.40
C PHE Y 451 98.85 64.76 -88.63
N GLU Y 452 98.06 63.86 -89.20
CA GLU Y 452 98.54 62.53 -89.54
C GLU Y 452 97.43 61.80 -90.27
N THR Y 453 97.78 60.69 -90.89
CA THR Y 453 96.80 59.92 -91.66
C THR Y 453 95.73 59.37 -90.73
N SER Y 454 94.48 59.53 -91.14
CA SER Y 454 93.32 59.10 -90.37
C SER Y 454 92.08 59.35 -91.20
N ASP Y 455 90.91 58.98 -90.70
CA ASP Y 455 89.67 59.25 -91.43
C ASP Y 455 88.71 60.03 -90.56
N ALA Y 456 88.01 60.97 -91.21
CA ALA Y 456 87.07 61.85 -90.51
C ALA Y 456 86.01 61.05 -89.77
N LEU Y 457 85.61 59.91 -90.32
CA LEU Y 457 84.56 59.11 -89.69
C LEU Y 457 85.00 58.60 -88.31
N THR Y 458 86.15 57.94 -88.26
CA THR Y 458 86.60 57.39 -86.99
C THR Y 458 87.00 58.51 -86.03
N VAL Y 459 87.59 59.59 -86.56
CA VAL Y 459 87.93 60.72 -85.68
C VAL Y 459 86.67 61.29 -85.04
N SER Y 460 85.59 61.43 -85.82
CA SER Y 460 84.36 61.98 -85.28
C SER Y 460 83.71 61.04 -84.28
N ILE Y 461 83.75 59.73 -84.57
CA ILE Y 461 83.19 58.76 -83.62
C ILE Y 461 83.94 58.83 -82.30
N ARG Y 462 85.27 58.85 -82.34
CA ARG Y 462 86.03 58.90 -81.10
C ARG Y 462 85.85 60.23 -80.39
N GLY Y 463 85.64 61.32 -81.13
CA GLY Y 463 85.34 62.59 -80.49
C GLY Y 463 84.01 62.56 -79.75
N ARG Y 464 82.99 61.98 -80.37
CA ARG Y 464 81.70 61.84 -79.69
C ARG Y 464 81.83 60.97 -78.45
N TRP Y 465 82.62 59.89 -78.53
CA TRP Y 465 82.81 59.05 -77.37
C TRP Y 465 83.51 59.80 -76.25
N MET Y 466 84.53 60.58 -76.58
CA MET Y 466 85.23 61.36 -75.56
C MET Y 466 84.30 62.39 -74.93
N ALA Y 467 83.45 63.02 -75.74
CA ALA Y 467 82.51 63.98 -75.16
C ALA Y 467 81.52 63.29 -74.23
N ARG Y 468 81.03 62.11 -74.63
CA ARG Y 468 80.12 61.38 -73.76
C ARG Y 468 80.80 61.02 -72.44
N LEU Y 469 82.08 60.67 -72.49
CA LEU Y 469 82.79 60.35 -71.25
C LEU Y 469 83.00 61.59 -70.39
N ALA Y 470 83.51 62.66 -71.00
CA ALA Y 470 83.77 63.90 -70.26
C ALA Y 470 82.51 64.50 -69.66
N ARG Y 471 81.34 64.18 -70.21
CA ARG Y 471 80.10 64.64 -69.62
C ARG Y 471 79.74 63.91 -68.32
N MET Y 472 80.56 62.94 -67.88
CA MET Y 472 80.20 62.11 -66.75
C MET Y 472 81.03 62.30 -65.48
N ASN Y 473 82.19 62.95 -65.55
CA ASN Y 473 83.12 62.84 -64.43
C ASN Y 473 82.66 63.66 -63.23
N ILE Y 474 83.06 63.20 -62.05
CA ILE Y 474 82.81 63.86 -60.78
C ILE Y 474 84.16 64.11 -60.13
N ASN Y 475 84.18 64.63 -58.92
CA ASN Y 475 85.41 64.80 -58.17
C ASN Y 475 85.29 64.22 -56.77
N PRO Y 476 86.43 64.03 -56.09
CA PRO Y 476 86.39 63.46 -54.74
C PRO Y 476 85.58 64.28 -53.76
N THR Y 477 85.46 65.59 -53.96
CA THR Y 477 84.62 66.40 -53.10
C THR Y 477 83.16 65.94 -53.17
N GLU Y 478 82.66 65.75 -54.39
CA GLU Y 478 81.29 65.27 -54.54
C GLU Y 478 81.15 63.84 -54.04
N ILE Y 479 82.19 63.03 -54.23
CA ILE Y 479 82.14 61.65 -53.71
C ILE Y 479 82.00 61.66 -52.19
N GLU Y 480 82.76 62.50 -51.51
CA GLU Y 480 82.70 62.53 -50.06
C GLU Y 480 81.39 63.14 -49.58
N TRP Y 481 80.87 64.15 -50.29
CA TRP Y 481 79.55 64.69 -49.96
C TRP Y 481 78.50 63.60 -50.03
N ALA Y 482 78.48 62.83 -51.12
CA ALA Y 482 77.47 61.79 -51.29
C ALA Y 482 77.61 60.70 -50.23
N LEU Y 483 78.84 60.28 -49.92
CA LEU Y 483 79.00 59.23 -48.93
C LEU Y 483 78.61 59.71 -47.54
N THR Y 484 78.98 60.94 -47.19
CA THR Y 484 78.57 61.49 -45.89
C THR Y 484 77.06 61.59 -45.79
N GLU Y 485 76.40 62.01 -46.87
CA GLU Y 485 74.95 62.10 -46.83
C GLU Y 485 74.31 60.71 -46.72
N CYS Y 486 74.87 59.72 -47.41
CA CYS Y 486 74.32 58.37 -47.33
C CYS Y 486 74.49 57.78 -45.94
N ALA Y 487 75.57 58.12 -45.25
CA ALA Y 487 75.84 57.50 -43.95
C ALA Y 487 74.87 57.93 -42.85
N GLN Y 488 73.97 58.87 -43.11
CA GLN Y 488 72.99 59.31 -42.11
C GLN Y 488 73.64 59.97 -40.92
N GLY Y 489 74.79 60.60 -41.13
CA GLY Y 489 75.42 61.38 -40.08
C GLY Y 489 76.08 60.58 -38.98
N TYR Y 490 76.13 59.26 -39.08
CA TYR Y 490 76.86 58.49 -38.07
C TYR Y 490 78.36 58.52 -38.31
N VAL Y 491 78.77 58.72 -39.55
CA VAL Y 491 80.18 58.72 -39.93
C VAL Y 491 80.39 59.75 -41.02
N THR Y 492 81.51 60.46 -40.95
CA THR Y 492 81.84 61.48 -41.92
C THR Y 492 83.02 61.04 -42.76
N VAL Y 493 82.93 61.26 -44.07
CA VAL Y 493 83.92 60.77 -45.02
C VAL Y 493 84.68 61.95 -45.60
N THR Y 494 85.97 61.73 -45.85
CA THR Y 494 86.84 62.74 -46.43
C THR Y 494 87.65 62.10 -47.54
N SER Y 495 88.04 62.89 -48.54
CA SER Y 495 88.80 62.37 -49.68
C SER Y 495 89.70 63.47 -50.22
N PRO Y 496 90.90 63.62 -49.66
CA PRO Y 496 91.79 64.68 -50.13
C PRO Y 496 92.33 64.40 -51.52
N TYR Y 497 92.85 65.45 -52.14
CA TYR Y 497 93.48 65.32 -53.45
C TYR Y 497 94.15 66.64 -53.79
N ALA Y 498 95.05 66.59 -54.77
CA ALA Y 498 95.76 67.76 -55.24
C ALA Y 498 95.11 68.31 -56.50
N PRO Y 499 95.38 69.57 -56.84
CA PRO Y 499 94.70 70.18 -58.00
C PRO Y 499 95.19 69.56 -59.29
N SER Y 500 94.24 69.10 -60.11
CA SER Y 500 94.57 68.52 -61.41
C SER Y 500 93.38 68.67 -62.33
N VAL Y 501 93.66 68.62 -63.63
CA VAL Y 501 92.61 68.71 -64.63
C VAL Y 501 92.37 67.40 -65.36
N ASN Y 502 93.37 66.51 -65.42
CA ASN Y 502 93.21 65.23 -66.11
C ASN Y 502 92.92 64.13 -65.08
N ARG Y 503 91.71 64.15 -64.55
CA ARG Y 503 91.30 63.12 -63.60
C ARG Y 503 89.91 62.67 -64.03
N LEU Y 504 89.86 61.70 -64.94
CA LEU Y 504 88.60 61.21 -65.46
C LEU Y 504 87.98 60.22 -64.48
N MET Y 505 86.77 60.51 -64.02
CA MET Y 505 86.05 59.64 -63.09
C MET Y 505 84.59 59.59 -63.56
N PRO Y 506 84.32 58.78 -64.57
CA PRO Y 506 83.00 58.82 -65.20
C PRO Y 506 81.92 58.12 -64.40
N TYR Y 507 81.27 58.83 -63.47
CA TYR Y 507 80.29 58.17 -62.62
C TYR Y 507 78.99 58.95 -62.46
N ARG Y 508 78.73 59.97 -63.26
CA ARG Y 508 77.53 60.79 -63.13
C ARG Y 508 76.53 60.45 -64.23
N ILE Y 509 75.28 60.20 -63.83
CA ILE Y 509 74.21 59.92 -64.78
C ILE Y 509 72.90 60.50 -64.26
N SER Y 510 71.97 60.73 -65.17
CA SER Y 510 70.67 61.29 -64.83
C SER Y 510 69.80 60.20 -64.20
N ASN Y 511 68.55 60.53 -63.92
CA ASN Y 511 67.62 59.58 -63.31
C ASN Y 511 66.91 58.72 -64.34
N ALA Y 512 66.84 59.17 -65.59
CA ALA Y 512 66.18 58.38 -66.62
C ALA Y 512 66.90 57.05 -66.84
N GLU Y 513 68.24 57.06 -66.81
CA GLU Y 513 68.99 55.83 -66.97
C GLU Y 513 68.73 54.86 -65.83
N ARG Y 514 68.76 55.37 -64.59
CA ARG Y 514 68.48 54.52 -63.44
C ARG Y 514 67.08 53.92 -63.54
N GLN Y 515 66.11 54.72 -64.00
CA GLN Y 515 64.74 54.23 -64.08
C GLN Y 515 64.58 53.18 -65.17
N ILE Y 516 65.19 53.40 -66.34
CA ILE Y 516 65.11 52.40 -67.41
C ILE Y 516 65.78 51.10 -66.96
N SER Y 517 66.90 51.21 -66.26
CA SER Y 517 67.53 50.01 -65.71
C SER Y 517 66.61 49.30 -64.74
N GLN Y 518 65.95 50.05 -63.86
CA GLN Y 518 65.06 49.44 -62.89
C GLN Y 518 63.91 48.71 -63.57
N ILE Y 519 63.38 49.28 -64.65
CA ILE Y 519 62.35 48.60 -65.41
C ILE Y 519 62.88 47.32 -66.02
N ILE Y 520 64.13 47.33 -66.48
CA ILE Y 520 64.71 46.12 -67.04
C ILE Y 520 64.83 45.04 -65.97
N ARG Y 521 65.27 45.40 -64.77
CA ARG Y 521 65.37 44.43 -63.69
C ARG Y 521 64.01 43.84 -63.33
N VAL Y 522 62.98 44.69 -63.25
CA VAL Y 522 61.65 44.21 -62.92
C VAL Y 522 61.13 43.28 -64.01
N MET Y 523 61.46 43.56 -65.27
CA MET Y 523 61.10 42.63 -66.33
C MET Y 523 61.85 41.31 -66.17
N ASN Y 524 63.11 41.38 -65.75
CA ASN Y 524 63.90 40.17 -65.59
C ASN Y 524 63.30 39.24 -64.54
N ILE Y 525 62.72 39.81 -63.48
CA ILE Y 525 62.16 38.97 -62.41
C ILE Y 525 61.12 38.01 -62.98
N GLY Y 526 60.03 38.54 -63.51
CA GLY Y 526 59.06 37.76 -64.27
C GLY Y 526 58.47 36.54 -63.60
N ASN Y 527 57.97 36.69 -62.37
CA ASN Y 527 57.26 35.66 -61.63
C ASN Y 527 58.13 34.48 -61.23
N ASN Y 528 59.44 34.56 -61.44
CA ASN Y 528 60.36 33.48 -61.08
C ASN Y 528 60.87 33.76 -59.67
N ALA Y 529 60.29 33.08 -58.68
CA ALA Y 529 60.69 33.29 -57.30
C ALA Y 529 62.15 32.91 -57.04
N THR Y 530 62.73 32.08 -57.90
CA THR Y 530 64.15 31.79 -57.81
C THR Y 530 65.00 33.04 -57.97
N VAL Y 531 64.48 34.05 -58.68
CA VAL Y 531 65.24 35.28 -58.88
C VAL Y 531 65.08 36.24 -57.71
N ILE Y 532 63.99 36.16 -56.95
CA ILE Y 532 63.75 37.10 -55.86
C ILE Y 532 64.09 36.52 -54.49
N GLN Y 533 64.31 35.21 -54.37
CA GLN Y 533 64.68 34.63 -53.08
C GLN Y 533 66.02 35.14 -52.56
N PRO Y 534 67.12 35.00 -53.31
CA PRO Y 534 68.43 35.33 -52.73
C PRO Y 534 68.57 36.78 -52.30
N VAL Y 535 67.89 37.71 -52.97
CA VAL Y 535 67.94 39.11 -52.57
C VAL Y 535 67.41 39.27 -51.16
N LEU Y 536 66.21 38.75 -50.90
CA LEU Y 536 65.63 38.87 -49.57
C LEU Y 536 66.46 38.15 -48.53
N GLN Y 537 66.96 36.96 -48.86
CA GLN Y 537 67.75 36.21 -47.88
C GLN Y 537 69.02 36.95 -47.49
N ASP Y 538 69.74 37.49 -48.49
CA ASP Y 538 71.01 38.14 -48.19
C ASP Y 538 70.80 39.47 -47.49
N ILE Y 539 69.77 40.22 -47.86
CA ILE Y 539 69.47 41.45 -47.13
C ILE Y 539 69.07 41.14 -45.70
N SER Y 540 68.37 40.02 -45.50
CA SER Y 540 68.04 39.57 -44.16
C SER Y 540 69.30 39.34 -43.32
N VAL Y 541 70.24 38.58 -43.85
CA VAL Y 541 71.45 38.31 -43.08
C VAL Y 541 72.25 39.59 -42.84
N LEU Y 542 72.26 40.50 -43.81
CA LEU Y 542 72.96 41.77 -43.62
C LEU Y 542 72.35 42.58 -42.49
N LEU Y 543 71.02 42.67 -42.46
CA LEU Y 543 70.36 43.36 -41.36
C LEU Y 543 70.66 42.70 -40.02
N GLN Y 544 70.66 41.36 -40.00
CA GLN Y 544 70.94 40.66 -38.75
C GLN Y 544 72.35 40.93 -38.25
N ARG Y 545 73.30 41.11 -39.17
CA ARG Y 545 74.67 41.40 -38.74
C ARG Y 545 74.87 42.86 -38.36
N ILE Y 546 74.07 43.77 -38.90
CA ILE Y 546 74.23 45.18 -38.57
C ILE Y 546 73.44 45.59 -37.33
N SER Y 547 72.37 44.88 -37.00
CA SER Y 547 71.42 45.40 -36.02
C SER Y 547 71.92 45.19 -34.59
N PRO Y 548 71.74 46.17 -33.71
CA PRO Y 548 72.07 45.96 -32.29
C PRO Y 548 71.11 45.05 -31.58
N LEU Y 549 69.87 44.94 -32.07
CA LEU Y 549 68.86 44.16 -31.38
C LEU Y 549 69.22 42.69 -31.40
N GLN Y 550 69.33 42.09 -30.22
CA GLN Y 550 69.53 40.66 -30.07
C GLN Y 550 68.30 40.08 -29.41
N ILE Y 551 67.79 38.97 -29.96
CA ILE Y 551 66.52 38.41 -29.56
C ILE Y 551 66.83 37.24 -28.62
N ASP Y 552 66.91 37.51 -27.32
CA ASP Y 552 67.06 36.30 -26.53
C ASP Y 552 65.73 35.90 -25.92
N PRO Y 553 65.35 34.65 -25.97
CA PRO Y 553 64.07 34.26 -25.41
C PRO Y 553 64.16 33.95 -23.93
N THR Y 554 64.90 34.77 -23.19
CA THR Y 554 64.96 34.65 -21.74
C THR Y 554 64.10 35.70 -21.06
N ILE Y 555 63.25 36.38 -21.84
CA ILE Y 555 62.29 37.33 -21.30
C ILE Y 555 60.91 36.69 -21.20
N ILE Y 556 60.46 36.05 -22.27
CA ILE Y 556 59.22 35.28 -22.22
C ILE Y 556 59.35 34.17 -21.20
N SER Y 557 60.45 33.43 -21.26
CA SER Y 557 60.68 32.30 -20.35
C SER Y 557 60.95 32.75 -18.92
N ASN Y 558 61.14 34.04 -18.69
CA ASN Y 558 61.42 34.56 -17.36
C ASN Y 558 60.21 35.20 -16.71
N THR Y 559 59.36 35.89 -17.50
CA THR Y 559 58.19 36.53 -16.93
C THR Y 559 57.07 35.56 -16.60
N MET Y 560 57.16 34.31 -17.04
CA MET Y 560 56.09 33.35 -16.80
C MET Y 560 56.61 31.95 -17.04
N SER Y 561 56.07 30.99 -16.30
CA SER Y 561 56.54 29.62 -16.34
C SER Y 561 55.82 28.82 -17.41
N THR Y 562 56.47 27.74 -17.85
CA THR Y 562 55.90 26.81 -18.81
C THR Y 562 55.23 25.63 -18.14
N VAL Y 563 55.19 25.61 -16.80
CA VAL Y 563 54.60 24.51 -16.06
C VAL Y 563 53.62 25.05 -15.02
N SER Y 564 53.10 26.26 -15.27
CA SER Y 564 52.06 26.80 -14.41
C SER Y 564 50.84 25.89 -14.45
N GLU Y 565 50.27 25.62 -13.28
CA GLU Y 565 49.30 24.54 -13.13
C GLU Y 565 48.04 25.03 -12.42
N SER Y 566 47.02 25.39 -13.19
CA SER Y 566 45.67 25.53 -12.70
C SER Y 566 44.79 24.50 -13.41
N THR Y 567 43.66 24.18 -12.79
CA THR Y 567 42.65 23.24 -13.31
C THR Y 567 43.29 21.95 -13.83
N THR Y 568 43.79 21.16 -12.87
CA THR Y 568 44.67 20.01 -13.12
C THR Y 568 44.15 18.98 -14.13
N GLN Y 569 42.92 19.13 -14.62
CA GLN Y 569 42.47 18.31 -15.73
C GLN Y 569 43.35 18.50 -16.96
N THR Y 570 43.67 19.75 -17.32
CA THR Y 570 44.34 20.03 -18.59
C THR Y 570 45.42 21.07 -18.37
N LEU Y 571 45.98 21.56 -19.48
CA LEU Y 571 47.02 22.58 -19.42
C LEU Y 571 46.44 23.94 -19.06
N SER Y 572 47.22 24.72 -18.33
CA SER Y 572 46.82 26.07 -17.97
C SER Y 572 47.05 27.01 -19.15
N PRO Y 573 46.50 28.22 -19.09
CA PRO Y 573 46.72 29.16 -20.19
C PRO Y 573 48.18 29.53 -20.39
N ALA Y 574 48.93 29.70 -19.30
CA ALA Y 574 50.35 30.02 -19.41
C ALA Y 574 51.11 28.90 -20.10
N SER Y 575 50.95 27.67 -19.60
CA SER Y 575 51.61 26.53 -20.22
C SER Y 575 51.19 26.36 -21.67
N SER Y 576 49.92 26.64 -21.97
CA SER Y 576 49.43 26.49 -23.33
C SER Y 576 50.12 27.47 -24.27
N ILE Y 577 50.19 28.75 -23.89
CA ILE Y 577 50.80 29.70 -24.80
C ILE Y 577 52.31 29.50 -24.88
N LEU Y 578 52.95 29.01 -23.82
CA LEU Y 578 54.38 28.73 -23.94
C LEU Y 578 54.63 27.56 -24.88
N GLY Y 579 53.83 26.50 -24.77
CA GLY Y 579 53.94 25.39 -25.70
C GLY Y 579 53.60 25.75 -27.12
N LYS Y 580 52.76 26.77 -27.30
CA LYS Y 580 52.45 27.24 -28.65
C LYS Y 580 53.48 28.22 -29.17
N LEU Y 581 54.19 28.91 -28.28
CA LEU Y 581 55.37 29.71 -28.60
C LEU Y 581 56.50 29.12 -27.76
N ARG Y 582 57.10 28.05 -28.23
CA ARG Y 582 58.42 27.72 -27.73
C ARG Y 582 59.29 28.94 -28.00
N PRO Y 583 59.94 29.51 -26.98
CA PRO Y 583 60.48 30.87 -27.14
C PRO Y 583 61.50 30.97 -28.26
N SER Y 584 62.69 30.36 -28.11
CA SER Y 584 63.54 30.04 -29.24
C SER Y 584 64.89 29.47 -28.83
N ASN Y 585 65.52 28.75 -29.74
CA ASN Y 585 66.96 28.84 -30.01
C ASN Y 585 67.09 28.47 -31.50
N SER Y 586 66.95 29.46 -32.36
CA SER Y 586 66.74 29.19 -33.77
C SER Y 586 66.82 30.51 -34.52
N ASP Y 587 66.52 30.46 -35.82
CA ASP Y 587 66.56 31.64 -36.67
C ASP Y 587 65.20 32.34 -36.69
N PHE Y 588 65.24 33.66 -36.57
CA PHE Y 588 64.07 34.49 -36.86
C PHE Y 588 64.15 35.06 -38.27
N SER Y 589 64.34 34.14 -39.20
CA SER Y 589 64.37 34.50 -40.61
C SER Y 589 63.05 35.11 -41.04
N SER Y 590 61.94 34.67 -40.46
CA SER Y 590 60.67 35.29 -40.76
C SER Y 590 60.67 36.77 -40.38
N PHE Y 591 61.16 37.08 -39.18
CA PHE Y 591 61.24 38.46 -38.73
C PHE Y 591 62.12 39.28 -39.67
N ARG Y 592 63.34 38.82 -39.91
CA ARG Y 592 64.26 39.62 -40.72
C ARG Y 592 63.81 39.75 -42.16
N VAL Y 593 63.18 38.72 -42.72
CA VAL Y 593 62.75 38.78 -44.11
C VAL Y 593 61.50 39.62 -44.26
N ALA Y 594 60.59 39.58 -43.28
CA ALA Y 594 59.48 40.52 -43.29
C ALA Y 594 59.99 41.94 -43.20
N LEU Y 595 61.01 42.19 -42.37
CA LEU Y 595 61.56 43.53 -42.27
C LEU Y 595 62.22 43.96 -43.58
N ALA Y 596 62.88 43.04 -44.27
CA ALA Y 596 63.55 43.37 -45.52
C ALA Y 596 62.58 43.52 -46.68
N GLY Y 597 61.42 42.88 -46.62
CA GLY Y 597 60.44 43.02 -47.69
C GLY Y 597 59.69 44.32 -47.70
N TRP Y 598 59.94 45.21 -46.74
CA TRP Y 598 59.25 46.49 -46.72
C TRP Y 598 59.61 47.34 -47.94
N LEU Y 599 60.80 47.15 -48.49
CA LEU Y 599 61.28 47.99 -49.57
C LEU Y 599 61.36 47.25 -50.90
N TYR Y 600 60.63 46.16 -51.04
CA TYR Y 600 60.40 45.50 -52.32
C TYR Y 600 58.91 45.22 -52.48
N ASN Y 601 58.12 46.24 -52.15
CA ASN Y 601 56.66 46.09 -52.12
C ASN Y 601 56.09 45.80 -53.49
N GLY Y 602 56.75 46.28 -54.55
CA GLY Y 602 56.18 46.19 -55.87
C GLY Y 602 56.37 44.88 -56.59
N VAL Y 603 57.28 44.03 -56.12
CA VAL Y 603 57.57 42.78 -56.83
C VAL Y 603 57.17 41.58 -55.98
N VAL Y 604 57.23 41.72 -54.66
CA VAL Y 604 56.94 40.62 -53.76
C VAL Y 604 56.10 41.12 -52.61
N THR Y 605 55.03 40.39 -52.30
CA THR Y 605 54.14 40.73 -51.20
C THR Y 605 54.20 39.61 -50.17
N THR Y 606 54.46 39.97 -48.92
CA THR Y 606 54.62 39.00 -47.85
C THR Y 606 53.30 38.84 -47.10
N VAL Y 607 52.85 37.60 -46.96
CA VAL Y 607 51.62 37.29 -46.25
C VAL Y 607 51.92 36.27 -45.18
N ILE Y 608 51.03 36.18 -44.20
CA ILE Y 608 51.14 35.17 -43.16
C ILE Y 608 50.73 33.82 -43.73
N ASP Y 609 51.39 32.77 -43.29
CA ASP Y 609 51.18 31.45 -43.87
C ASP Y 609 49.76 30.96 -43.58
N ASP Y 610 49.26 30.14 -44.49
CA ASP Y 610 47.91 29.59 -44.34
C ASP Y 610 47.81 28.74 -43.08
N SER Y 611 48.85 27.98 -42.76
CA SER Y 611 48.82 27.04 -41.65
C SER Y 611 48.93 27.73 -40.29
N SER Y 612 48.95 29.05 -40.24
CA SER Y 612 48.97 29.75 -38.96
C SER Y 612 47.59 30.08 -38.44
N TYR Y 613 46.56 29.99 -39.26
CA TYR Y 613 45.22 30.33 -38.84
C TYR Y 613 44.59 29.17 -38.07
N PRO Y 614 43.60 29.46 -37.24
CA PRO Y 614 42.97 28.39 -36.45
C PRO Y 614 42.34 27.32 -37.32
N LYS Y 615 42.23 26.13 -36.75
CA LYS Y 615 41.79 24.96 -37.49
C LYS Y 615 40.27 25.01 -37.74
N ASP Y 616 39.88 24.86 -38.99
CA ASP Y 616 38.47 24.84 -39.37
C ASP Y 616 37.77 26.14 -39.01
N GLY Y 617 38.49 27.26 -39.11
CA GLY Y 617 37.99 28.53 -38.64
C GLY Y 617 38.11 28.75 -37.15
N GLY Y 618 38.16 27.68 -36.37
CA GLY Y 618 38.32 27.81 -34.94
C GLY Y 618 37.01 28.13 -34.25
N SER Y 619 37.14 28.41 -32.96
CA SER Y 619 36.00 28.76 -32.12
C SER Y 619 36.55 29.31 -30.81
N VAL Y 620 35.89 30.35 -30.29
CA VAL Y 620 36.37 30.98 -29.06
C VAL Y 620 35.99 30.22 -27.82
N THR Y 621 35.35 29.05 -27.95
CA THR Y 621 35.20 28.14 -26.84
C THR Y 621 36.46 27.33 -26.57
N SER Y 622 37.55 27.61 -27.30
CA SER Y 622 38.76 26.80 -27.24
C SER Y 622 39.97 27.67 -26.95
N LEU Y 623 40.73 27.27 -25.93
CA LEU Y 623 41.91 28.00 -25.49
C LEU Y 623 42.95 28.11 -26.60
N GLU Y 624 43.18 27.02 -27.32
CA GLU Y 624 44.22 27.01 -28.34
C GLU Y 624 43.87 27.96 -29.47
N ASN Y 625 42.59 28.03 -29.84
CA ASN Y 625 42.19 28.99 -30.88
C ASN Y 625 42.29 30.42 -30.37
N LEU Y 626 42.02 30.65 -29.09
CA LEU Y 626 42.24 31.98 -28.53
C LEU Y 626 43.70 32.39 -28.68
N TRP Y 627 44.62 31.51 -28.31
CA TRP Y 627 46.03 31.90 -28.39
C TRP Y 627 46.49 32.01 -29.84
N ASP Y 628 45.93 31.20 -30.75
CA ASP Y 628 46.22 31.36 -32.17
C ASP Y 628 45.81 32.74 -32.65
N PHE Y 629 44.63 33.19 -32.25
CA PHE Y 629 44.19 34.53 -32.60
C PHE Y 629 45.13 35.59 -32.05
N PHE Y 630 45.61 35.40 -30.82
CA PHE Y 630 46.53 36.37 -30.25
C PHE Y 630 47.81 36.47 -31.08
N ILE Y 631 48.38 35.33 -31.44
CA ILE Y 631 49.61 35.32 -32.23
C ILE Y 631 49.38 36.00 -33.58
N LEU Y 632 48.27 35.69 -34.24
CA LEU Y 632 47.98 36.33 -35.52
C LEU Y 632 47.81 37.84 -35.37
N ALA Y 633 47.09 38.27 -34.33
CA ALA Y 633 46.85 39.69 -34.15
C ALA Y 633 48.15 40.45 -33.92
N LEU Y 634 49.09 39.85 -33.21
CA LEU Y 634 50.38 40.53 -33.04
C LEU Y 634 51.21 40.49 -34.30
N ALA Y 635 51.11 39.44 -35.10
CA ALA Y 635 52.03 39.29 -36.24
C ALA Y 635 51.57 39.99 -37.51
N LEU Y 636 50.26 40.19 -37.69
CA LEU Y 636 49.78 40.71 -38.97
C LEU Y 636 50.28 42.10 -39.36
N PRO Y 637 50.40 43.09 -38.46
CA PRO Y 637 50.75 44.45 -38.92
C PRO Y 637 52.12 44.57 -39.57
N LEU Y 638 52.99 43.56 -39.49
CA LEU Y 638 54.33 43.69 -40.04
C LEU Y 638 54.45 43.22 -41.48
N THR Y 639 53.37 42.76 -42.09
CA THR Y 639 53.43 42.29 -43.46
C THR Y 639 53.07 43.40 -44.43
N THR Y 640 53.43 43.20 -45.70
CA THR Y 640 53.12 44.14 -46.77
C THR Y 640 51.85 43.77 -47.51
N ASP Y 641 51.10 42.81 -46.99
CA ASP Y 641 49.84 42.42 -47.62
C ASP Y 641 48.88 43.61 -47.60
N PRO Y 642 48.32 44.01 -48.74
CA PRO Y 642 47.41 45.17 -48.74
C PRO Y 642 46.20 44.99 -47.86
N CYS Y 643 45.68 43.77 -47.73
CA CYS Y 643 44.55 43.52 -46.83
C CYS Y 643 45.01 42.57 -45.73
N ALA Y 644 45.72 43.14 -44.77
CA ALA Y 644 46.03 42.57 -43.46
C ALA Y 644 44.92 42.84 -42.45
N PRO Y 645 44.43 44.08 -42.34
CA PRO Y 645 43.36 44.35 -41.37
C PRO Y 645 42.11 43.51 -41.59
N VAL Y 646 41.74 43.27 -42.84
CA VAL Y 646 40.52 42.51 -43.07
C VAL Y 646 40.69 41.06 -42.66
N LYS Y 647 41.88 40.50 -42.84
CA LYS Y 647 42.14 39.15 -42.32
C LYS Y 647 42.12 39.15 -40.80
N ALA Y 648 42.73 40.17 -40.19
CA ALA Y 648 42.76 40.27 -38.74
C ALA Y 648 41.35 40.41 -38.16
N PHE Y 649 40.42 40.97 -38.94
CA PHE Y 649 39.04 41.09 -38.50
C PHE Y 649 38.27 39.80 -38.73
N MET Y 650 38.37 39.25 -39.94
CA MET Y 650 37.57 38.08 -40.26
C MET Y 650 38.04 36.84 -39.53
N THR Y 651 39.24 36.83 -38.97
CA THR Y 651 39.63 35.72 -38.09
C THR Y 651 38.69 35.66 -36.89
N LEU Y 652 38.55 36.78 -36.17
CA LEU Y 652 37.64 36.80 -35.04
C LEU Y 652 36.20 36.65 -35.48
N ALA Y 653 35.86 37.18 -36.66
CA ALA Y 653 34.50 36.98 -37.18
C ALA Y 653 34.20 35.49 -37.39
N ASN Y 654 35.18 34.74 -37.89
CA ASN Y 654 35.03 33.29 -38.01
C ASN Y 654 34.85 32.66 -36.64
N MET Y 655 35.71 33.02 -35.69
CA MET Y 655 35.66 32.38 -34.38
C MET Y 655 34.36 32.68 -33.64
N MET Y 656 33.70 33.79 -33.98
CA MET Y 656 32.50 34.22 -33.27
C MET Y 656 31.23 33.50 -33.68
N VAL Y 657 31.27 32.58 -34.64
CA VAL Y 657 30.03 32.06 -35.23
C VAL Y 657 29.22 31.34 -34.17
N GLY Y 658 27.93 31.69 -34.09
CA GLY Y 658 27.05 31.15 -33.07
C GLY Y 658 26.97 31.97 -31.80
N PHE Y 659 27.71 33.06 -31.70
CA PHE Y 659 27.70 33.92 -30.54
C PHE Y 659 27.45 35.38 -30.89
N GLU Y 660 27.96 35.85 -32.01
CA GLU Y 660 27.77 37.23 -32.44
C GLU Y 660 27.60 37.25 -33.95
N THR Y 661 26.78 38.18 -34.42
CA THR Y 661 26.37 38.20 -35.82
C THR Y 661 26.65 39.55 -36.45
N ILE Y 662 27.12 39.53 -37.70
CA ILE Y 662 27.36 40.74 -38.47
C ILE Y 662 26.63 40.61 -39.80
N PRO Y 663 26.29 41.73 -40.43
CA PRO Y 663 25.50 41.68 -41.66
C PRO Y 663 26.30 41.14 -42.83
N MET Y 664 25.57 40.75 -43.88
CA MET Y 664 26.16 40.19 -45.08
C MET Y 664 25.86 41.08 -46.28
N ASP Y 665 26.62 40.87 -47.36
CA ASP Y 665 26.43 41.60 -48.61
C ASP Y 665 25.48 40.86 -49.53
N ASN Y 666 25.81 39.62 -49.88
CA ASN Y 666 24.98 38.82 -50.77
C ASN Y 666 24.50 37.56 -50.03
N GLN Y 667 23.88 36.65 -50.77
CA GLN Y 667 23.36 35.41 -50.22
C GLN Y 667 24.20 34.21 -50.60
N ILE Y 668 25.51 34.42 -50.76
CA ILE Y 668 26.43 33.35 -51.12
C ILE Y 668 27.41 33.06 -49.99
N TYR Y 669 27.93 34.09 -49.36
CA TYR Y 669 28.95 33.94 -48.32
C TYR Y 669 28.38 34.15 -46.94
N THR Y 670 29.00 33.52 -45.95
CA THR Y 670 28.56 33.62 -44.58
C THR Y 670 29.70 34.07 -43.67
N GLN Y 671 29.49 34.05 -42.36
CA GLN Y 671 30.59 34.39 -41.46
C GLN Y 671 31.68 33.35 -41.52
N SER Y 672 31.33 32.09 -41.72
CA SER Y 672 32.34 31.05 -41.74
C SER Y 672 33.00 30.96 -43.11
N ARG Y 673 33.46 32.10 -43.61
CA ARG Y 673 34.35 32.16 -44.76
C ARG Y 673 35.76 32.39 -44.23
N ARG Y 674 36.69 31.54 -44.64
CA ARG Y 674 38.00 31.53 -44.02
C ARG Y 674 38.72 32.85 -44.24
N ALA Y 675 39.33 33.37 -43.16
CA ALA Y 675 39.98 34.66 -43.22
C ALA Y 675 41.15 34.69 -44.20
N SER Y 676 41.72 33.54 -44.53
CA SER Y 676 42.80 33.50 -45.51
C SER Y 676 42.30 33.67 -46.94
N ALA Y 677 40.99 33.77 -47.15
CA ALA Y 677 40.45 33.96 -48.49
C ALA Y 677 40.23 35.42 -48.84
N PHE Y 678 40.19 36.31 -47.85
CA PHE Y 678 40.05 37.75 -48.10
C PHE Y 678 41.41 38.31 -48.47
N SER Y 679 41.80 38.08 -49.72
CA SER Y 679 43.15 38.41 -50.18
C SER Y 679 43.18 39.47 -51.26
N THR Y 680 42.08 40.20 -51.46
CA THR Y 680 42.01 41.20 -52.52
C THR Y 680 40.97 42.23 -52.12
N PRO Y 681 41.14 43.50 -52.48
CA PRO Y 681 40.21 44.54 -52.02
C PRO Y 681 38.75 44.32 -52.38
N HIS Y 682 38.42 43.45 -53.34
CA HIS Y 682 37.02 43.22 -53.66
C HIS Y 682 36.36 42.22 -52.74
N THR Y 683 36.93 41.96 -51.57
CA THR Y 683 36.34 41.07 -50.60
C THR Y 683 36.06 41.75 -49.27
N TRP Y 684 36.36 43.04 -49.14
CA TRP Y 684 36.23 43.69 -47.85
C TRP Y 684 34.75 43.90 -47.53
N PRO Y 685 34.27 43.43 -46.39
CA PRO Y 685 32.84 43.56 -46.09
C PRO Y 685 32.44 45.00 -45.81
N ARG Y 686 31.22 45.33 -46.22
CA ARG Y 686 30.69 46.67 -45.99
C ARG Y 686 30.60 46.99 -44.51
N CYS Y 687 30.33 45.99 -43.67
CA CYS Y 687 30.28 46.23 -42.24
C CYS Y 687 31.65 46.63 -41.72
N PHE Y 688 32.71 46.00 -42.22
CA PHE Y 688 34.05 46.38 -41.79
C PHE Y 688 34.42 47.76 -42.31
N MET Y 689 34.01 48.10 -43.53
CA MET Y 689 34.34 49.40 -44.07
C MET Y 689 33.52 50.53 -43.43
N ASN Y 690 32.37 50.21 -42.84
CA ASN Y 690 31.53 51.19 -42.17
C ASN Y 690 31.12 50.62 -40.82
N ILE Y 691 31.77 51.11 -39.75
CA ILE Y 691 31.62 50.49 -38.44
C ILE Y 691 30.21 50.63 -37.90
N GLN Y 692 29.45 51.63 -38.36
CA GLN Y 692 28.12 51.84 -37.83
C GLN Y 692 27.14 50.72 -38.20
N LEU Y 693 27.51 49.83 -39.10
CA LEU Y 693 26.63 48.71 -39.47
C LEU Y 693 26.72 47.54 -38.50
N ILE Y 694 27.72 47.50 -37.64
CA ILE Y 694 27.89 46.43 -36.68
C ILE Y 694 27.15 46.84 -35.40
N SER Y 695 26.00 46.21 -35.15
CA SER Y 695 25.17 46.62 -34.03
C SER Y 695 25.85 46.28 -32.71
N PRO Y 696 26.00 47.24 -31.80
CA PRO Y 696 26.64 46.95 -30.51
C PRO Y 696 25.84 46.02 -29.63
N ILE Y 697 24.57 45.78 -29.94
CA ILE Y 697 23.77 44.86 -29.14
C ILE Y 697 23.93 43.42 -29.61
N ASP Y 698 24.24 43.22 -30.88
CA ASP Y 698 24.41 41.87 -31.41
C ASP Y 698 25.85 41.40 -31.34
N ALA Y 699 26.79 42.23 -31.77
CA ALA Y 699 28.20 41.86 -31.86
C ALA Y 699 29.05 42.92 -31.16
N PRO Y 700 28.99 42.96 -29.83
CA PRO Y 700 29.81 43.94 -29.10
C PRO Y 700 31.30 43.72 -29.27
N ILE Y 701 31.75 42.47 -29.21
CA ILE Y 701 33.18 42.21 -29.36
C ILE Y 701 33.63 42.47 -30.79
N LEU Y 702 32.82 42.07 -31.78
CA LEU Y 702 33.15 42.42 -33.17
C LEU Y 702 33.27 43.92 -33.35
N ARG Y 703 32.34 44.69 -32.76
CA ARG Y 703 32.40 46.13 -32.93
C ARG Y 703 33.63 46.71 -32.25
N GLN Y 704 33.97 46.24 -31.05
CA GLN Y 704 35.16 46.74 -30.37
C GLN Y 704 36.41 46.41 -31.17
N TRP Y 705 36.48 45.21 -31.73
CA TRP Y 705 37.67 44.82 -32.48
C TRP Y 705 37.80 45.62 -33.77
N ALA Y 706 36.68 45.87 -34.46
CA ALA Y 706 36.74 46.70 -35.65
C ALA Y 706 37.15 48.13 -35.30
N GLU Y 707 36.62 48.67 -34.20
CA GLU Y 707 37.00 50.00 -33.78
C GLU Y 707 38.49 50.08 -33.45
N ILE Y 708 39.01 49.03 -32.82
CA ILE Y 708 40.44 49.01 -32.50
C ILE Y 708 41.27 48.94 -33.76
N ILE Y 709 40.87 48.12 -34.73
CA ILE Y 709 41.59 48.04 -35.98
C ILE Y 709 41.61 49.38 -36.69
N HIS Y 710 40.51 50.14 -36.58
CA HIS Y 710 40.45 51.41 -37.29
C HIS Y 710 41.17 52.53 -36.56
N ARG Y 711 41.19 52.53 -35.23
CA ARG Y 711 41.88 53.61 -34.54
C ARG Y 711 43.37 53.37 -34.42
N TYR Y 712 43.76 52.16 -33.99
CA TYR Y 712 45.12 51.94 -33.52
C TYR Y 712 45.98 51.12 -34.46
N TRP Y 713 45.50 50.81 -35.66
CA TRP Y 713 46.36 50.15 -36.63
C TRP Y 713 47.50 51.08 -37.04
N PRO Y 714 48.71 50.57 -37.20
CA PRO Y 714 49.84 51.44 -37.53
C PRO Y 714 49.65 52.12 -38.87
N ASN Y 715 50.16 53.35 -38.98
CA ASN Y 715 50.00 54.08 -40.22
C ASN Y 715 51.34 54.29 -40.92
N PRO Y 716 51.34 54.35 -42.24
CA PRO Y 716 52.61 54.47 -42.98
C PRO Y 716 53.32 55.77 -42.70
N SER Y 717 54.55 55.85 -43.19
CA SER Y 717 55.40 57.02 -43.03
C SER Y 717 56.45 56.98 -44.14
N GLN Y 718 57.48 57.81 -44.02
CA GLN Y 718 58.53 57.80 -45.04
C GLN Y 718 59.74 58.55 -44.54
N ILE Y 719 60.92 58.12 -45.01
CA ILE Y 719 62.20 58.65 -44.57
C ILE Y 719 63.09 58.90 -45.79
N ARG Y 720 63.98 59.88 -45.66
CA ARG Y 720 64.88 60.24 -46.75
C ARG Y 720 66.11 59.35 -46.72
N TYR Y 721 66.89 59.41 -47.80
CA TYR Y 721 68.04 58.53 -47.96
C TYR Y 721 68.82 58.86 -49.23
N GLY Y 722 69.90 58.13 -49.46
CA GLY Y 722 70.72 58.26 -50.64
C GLY Y 722 71.23 59.68 -50.82
N THR Y 723 71.65 59.97 -52.06
CA THR Y 723 72.11 61.30 -52.44
C THR Y 723 71.63 61.58 -53.85
N PRO Y 724 70.42 62.11 -54.01
CA PRO Y 724 69.87 62.33 -55.35
C PRO Y 724 70.68 63.31 -56.17
N ASN Y 725 71.48 64.18 -55.55
CA ASN Y 725 72.26 65.14 -56.30
C ASN Y 725 73.46 64.53 -56.99
N VAL Y 726 73.89 63.34 -56.57
CA VAL Y 726 75.09 62.69 -57.09
C VAL Y 726 74.78 61.30 -57.62
N PHE Y 727 74.12 60.47 -56.81
CA PHE Y 727 73.88 59.08 -57.15
C PHE Y 727 72.60 58.86 -57.93
N GLY Y 728 71.88 59.91 -58.30
CA GLY Y 728 70.59 59.71 -58.92
C GLY Y 728 69.60 59.13 -57.91
N SER Y 729 68.42 58.80 -58.40
CA SER Y 729 67.37 58.28 -57.54
C SER Y 729 66.94 56.88 -57.88
N ALA Y 730 66.56 56.62 -59.13
CA ALA Y 730 66.09 55.31 -59.57
C ALA Y 730 64.75 54.92 -58.97
N ASN Y 731 64.01 55.87 -58.41
CA ASN Y 731 62.65 55.61 -57.95
C ASN Y 731 61.67 55.85 -59.09
N LEU Y 732 60.72 54.93 -59.25
CA LEU Y 732 59.78 55.02 -60.36
C LEU Y 732 58.50 55.75 -59.95
N PHE Y 733 57.81 55.25 -58.93
CA PHE Y 733 56.52 55.82 -58.54
C PHE Y 733 56.63 56.79 -57.38
N THR Y 734 57.38 56.45 -56.35
CA THR Y 734 57.59 57.37 -55.25
C THR Y 734 58.46 58.53 -55.71
N PRO Y 735 58.51 59.61 -54.94
CA PRO Y 735 59.39 60.73 -55.28
C PRO Y 735 60.85 60.32 -55.20
N PRO Y 736 61.78 61.19 -55.59
CA PRO Y 736 63.17 60.75 -55.79
C PRO Y 736 63.89 60.29 -54.54
N GLU Y 737 63.53 60.73 -53.33
CA GLU Y 737 64.16 60.19 -52.12
C GLU Y 737 63.13 60.01 -51.01
N VAL Y 738 62.47 58.86 -51.02
CA VAL Y 738 61.59 58.46 -49.92
C VAL Y 738 61.56 56.94 -49.85
N LEU Y 739 61.90 56.40 -48.68
CA LEU Y 739 61.46 55.04 -48.35
C LEU Y 739 60.05 55.11 -47.82
N LEU Y 740 59.22 54.18 -48.25
CA LEU Y 740 57.87 54.05 -47.72
C LEU Y 740 57.88 52.95 -46.68
N LEU Y 741 57.59 53.30 -45.44
CA LEU Y 741 57.58 52.36 -44.35
C LEU Y 741 56.17 52.17 -43.84
N PRO Y 742 55.73 50.93 -43.63
CA PRO Y 742 54.38 50.73 -43.11
C PRO Y 742 54.30 50.84 -41.59
N ILE Y 743 55.03 51.81 -41.02
CA ILE Y 743 54.98 52.11 -39.60
C ILE Y 743 55.43 53.55 -39.45
N ASP Y 744 55.12 54.14 -38.32
CA ASP Y 744 55.60 55.48 -38.01
C ASP Y 744 56.95 55.40 -37.30
N HIS Y 745 57.78 56.40 -37.53
CA HIS Y 745 59.10 56.46 -36.93
C HIS Y 745 59.35 57.82 -36.31
N GLN Y 746 60.15 57.84 -35.25
CA GLN Y 746 60.57 59.06 -34.57
C GLN Y 746 62.08 59.05 -34.42
N PRO Y 747 62.66 60.16 -33.99
CA PRO Y 747 64.11 60.17 -33.76
C PRO Y 747 64.51 59.15 -32.71
N ALA Y 748 65.80 58.84 -32.69
CA ALA Y 748 66.33 57.76 -31.87
C ALA Y 748 66.93 58.30 -30.59
N ASN Y 749 66.50 57.74 -29.46
CA ASN Y 749 67.24 57.87 -28.22
C ASN Y 749 67.19 56.54 -27.47
N VAL Y 750 68.30 56.17 -26.86
CA VAL Y 750 68.37 54.88 -26.17
C VAL Y 750 67.62 54.91 -24.85
N THR Y 751 67.47 56.10 -24.26
CA THR Y 751 66.84 56.24 -22.94
C THR Y 751 65.33 56.40 -23.07
N THR Y 752 64.72 55.42 -23.72
CA THR Y 752 63.27 55.51 -23.89
C THR Y 752 62.56 54.58 -22.91
N PRO Y 753 61.41 54.98 -22.38
CA PRO Y 753 60.63 54.07 -21.56
C PRO Y 753 60.20 52.85 -22.36
N THR Y 754 60.26 51.70 -21.73
CA THR Y 754 59.90 50.46 -22.41
C THR Y 754 58.40 50.22 -22.43
N LEU Y 755 57.69 50.71 -21.42
CA LEU Y 755 56.23 50.74 -21.43
C LEU Y 755 55.83 52.17 -21.80
N ASP Y 756 55.78 52.44 -23.09
CA ASP Y 756 55.41 53.75 -23.62
C ASP Y 756 54.24 53.53 -24.56
N PHE Y 757 53.02 53.80 -24.09
CA PHE Y 757 51.85 53.56 -24.94
C PHE Y 757 51.64 54.75 -25.88
N THR Y 758 52.71 55.15 -26.55
CA THR Y 758 52.72 56.07 -27.67
C THR Y 758 53.36 55.44 -28.89
N ASN Y 759 54.28 54.50 -28.70
CA ASN Y 759 54.76 53.66 -29.79
C ASN Y 759 53.59 52.89 -30.39
N GLU Y 760 53.52 52.88 -31.72
CA GLU Y 760 52.42 52.21 -32.41
C GLU Y 760 52.31 50.74 -32.01
N LEU Y 761 53.44 50.04 -31.95
CA LEU Y 761 53.40 48.61 -31.74
C LEU Y 761 53.13 48.23 -30.29
N THR Y 762 53.70 48.98 -29.34
CA THR Y 762 53.34 48.78 -27.94
C THR Y 762 51.86 49.03 -27.71
N ASN Y 763 51.33 50.10 -28.31
CA ASN Y 763 49.92 50.39 -28.15
C ASN Y 763 49.07 49.29 -28.78
N TRP Y 764 49.49 48.76 -29.93
CA TRP Y 764 48.76 47.66 -30.56
C TRP Y 764 48.72 46.43 -29.67
N ARG Y 765 49.86 46.06 -29.09
CA ARG Y 765 49.90 44.90 -28.21
C ARG Y 765 49.00 45.10 -27.00
N ALA Y 766 49.08 46.29 -26.38
CA ALA Y 766 48.24 46.55 -25.22
C ALA Y 766 46.76 46.47 -25.56
N ARG Y 767 46.38 47.01 -26.72
CA ARG Y 767 44.97 46.98 -27.12
C ARG Y 767 44.49 45.56 -27.38
N VAL Y 768 45.33 44.74 -28.02
CA VAL Y 768 44.94 43.35 -28.27
C VAL Y 768 44.74 42.60 -26.96
N CYS Y 769 45.68 42.79 -26.02
CA CYS Y 769 45.55 42.11 -24.74
C CYS Y 769 44.30 42.57 -23.98
N GLU Y 770 44.01 43.87 -24.03
CA GLU Y 770 42.82 44.37 -23.36
C GLU Y 770 41.55 43.81 -23.96
N LEU Y 771 41.49 43.71 -25.30
CA LEU Y 771 40.28 43.16 -25.91
C LEU Y 771 40.12 41.69 -25.57
N MET Y 772 41.22 40.93 -25.51
CA MET Y 772 41.07 39.53 -25.14
C MET Y 772 40.65 39.38 -23.68
N LYS Y 773 41.08 40.30 -22.81
CA LYS Y 773 40.53 40.31 -21.45
C LYS Y 773 39.03 40.53 -21.48
N ASN Y 774 38.58 41.50 -22.26
CA ASN Y 774 37.14 41.77 -22.35
C ASN Y 774 36.38 40.57 -22.93
N LEU Y 775 37.05 39.78 -23.77
CA LEU Y 775 36.41 38.59 -24.32
C LEU Y 775 36.27 37.50 -23.27
N VAL Y 776 37.33 37.24 -22.52
CA VAL Y 776 37.33 36.13 -21.57
C VAL Y 776 36.67 36.45 -20.24
N ASP Y 777 36.40 37.73 -19.97
CA ASP Y 777 36.01 38.16 -18.63
C ASP Y 777 34.77 37.44 -18.12
N ASN Y 778 33.63 37.64 -18.77
CA ASN Y 778 32.36 37.18 -18.22
C ASN Y 778 32.01 35.73 -18.57
N GLN Y 779 32.80 35.07 -19.41
CA GLN Y 779 32.59 33.66 -19.77
C GLN Y 779 31.24 33.45 -20.45
N ARG Y 780 30.72 34.46 -21.13
CA ARG Y 780 29.51 34.24 -21.91
C ARG Y 780 29.81 33.61 -23.26
N TYR Y 781 31.05 33.70 -23.73
CA TYR Y 781 31.44 33.13 -25.01
C TYR Y 781 32.15 31.81 -24.87
N GLN Y 782 32.14 31.22 -23.68
CA GLN Y 782 32.90 30.02 -23.42
C GLN Y 782 32.15 29.11 -22.46
N PRO Y 783 30.92 28.69 -22.78
CA PRO Y 783 30.25 27.72 -21.92
C PRO Y 783 30.86 26.35 -22.15
N GLY Y 784 31.04 25.62 -21.06
CA GLY Y 784 31.71 24.35 -21.11
C GLY Y 784 33.00 24.31 -20.31
N TRP Y 785 33.50 25.45 -19.85
CA TRP Y 785 34.58 25.47 -18.87
C TRP Y 785 33.97 25.29 -17.50
N THR Y 786 34.15 24.10 -16.91
CA THR Y 786 33.53 23.78 -15.63
C THR Y 786 34.22 24.47 -14.45
N GLN Y 787 35.38 25.08 -14.66
CA GLN Y 787 36.04 25.85 -13.62
C GLN Y 787 36.41 27.22 -14.15
N SER Y 788 36.60 28.17 -13.24
CA SER Y 788 36.86 29.55 -13.61
C SER Y 788 38.31 29.70 -14.01
N LEU Y 789 38.57 29.76 -15.31
CA LEU Y 789 39.89 30.06 -15.84
C LEU Y 789 40.09 31.55 -16.09
N VAL Y 790 39.13 32.38 -15.69
CA VAL Y 790 39.23 33.81 -15.98
C VAL Y 790 40.42 34.42 -15.26
N SER Y 791 40.72 33.95 -14.04
CA SER Y 791 41.83 34.51 -13.30
C SER Y 791 43.17 34.22 -13.99
N SER Y 792 43.39 32.96 -14.37
CA SER Y 792 44.63 32.58 -15.02
C SER Y 792 44.77 33.27 -16.38
N MET Y 793 43.69 33.30 -17.16
CA MET Y 793 43.71 33.96 -18.45
C MET Y 793 44.05 35.44 -18.30
N ARG Y 794 43.38 36.11 -17.36
CA ARG Y 794 43.60 37.53 -17.14
C ARG Y 794 45.03 37.81 -16.70
N GLY Y 795 45.58 36.95 -15.83
CA GLY Y 795 46.94 37.14 -15.38
C GLY Y 795 47.96 36.97 -16.50
N THR Y 796 47.80 35.92 -17.30
CA THR Y 796 48.76 35.72 -18.38
C THR Y 796 48.64 36.82 -19.44
N LEU Y 797 47.43 37.31 -19.70
CA LEU Y 797 47.28 38.43 -20.61
C LEU Y 797 47.96 39.68 -20.05
N GLY Y 798 47.85 39.89 -18.73
CA GLY Y 798 48.56 41.00 -18.12
C GLY Y 798 50.06 40.89 -18.27
N LYS Y 799 50.60 39.68 -18.11
CA LYS Y 799 52.03 39.48 -18.28
C LYS Y 799 52.47 39.80 -19.71
N LEU Y 800 51.74 39.26 -20.69
CA LEU Y 800 52.07 39.54 -22.08
C LEU Y 800 51.91 41.03 -22.40
N LYS Y 801 50.98 41.71 -21.73
CA LYS Y 801 50.79 43.14 -21.95
C LYS Y 801 51.95 43.95 -21.41
N LEU Y 802 52.43 43.61 -20.22
CA LEU Y 802 53.45 44.41 -19.55
C LEU Y 802 54.85 43.86 -19.71
N ILE Y 803 55.07 42.89 -20.61
CA ILE Y 803 56.42 42.40 -20.85
C ILE Y 803 57.30 43.53 -21.36
N LYS Y 804 58.55 43.53 -20.93
CA LYS Y 804 59.52 44.53 -21.39
C LYS Y 804 60.25 43.97 -22.60
N SER Y 805 60.16 44.69 -23.72
CA SER Y 805 60.74 44.22 -24.97
C SER Y 805 61.21 45.43 -25.75
N MET Y 806 62.52 45.49 -26.00
CA MET Y 806 63.07 46.62 -26.75
C MET Y 806 62.83 46.52 -28.25
N THR Y 807 62.12 45.49 -28.71
CA THR Y 807 61.84 45.28 -30.12
C THR Y 807 60.94 46.35 -30.72
N PRO Y 808 59.85 46.74 -30.06
CA PRO Y 808 59.01 47.82 -30.62
C PRO Y 808 59.77 49.12 -30.79
N MET Y 809 60.48 49.57 -29.77
CA MET Y 809 61.25 50.79 -29.92
C MET Y 809 62.38 50.63 -30.93
N TYR Y 810 62.91 49.41 -31.06
CA TYR Y 810 63.90 49.18 -32.11
C TYR Y 810 63.30 49.42 -33.49
N LEU Y 811 62.21 48.72 -33.80
CA LEU Y 811 61.52 48.91 -35.08
C LEU Y 811 61.14 50.36 -35.29
N GLN Y 812 60.80 51.06 -34.23
CA GLN Y 812 60.27 52.41 -34.35
C GLN Y 812 61.36 53.47 -34.47
N GLN Y 813 62.59 53.17 -34.04
CA GLN Y 813 63.66 54.16 -34.06
C GLN Y 813 64.84 53.77 -34.94
N LEU Y 814 65.42 52.59 -34.76
CA LEU Y 814 66.69 52.25 -35.39
C LEU Y 814 66.55 51.47 -36.68
N ALA Y 815 65.46 50.73 -36.86
CA ALA Y 815 65.28 49.97 -38.09
C ALA Y 815 65.20 50.87 -39.32
N PRO Y 816 64.41 51.94 -39.33
CA PRO Y 816 64.40 52.82 -40.51
C PRO Y 816 65.76 53.41 -40.84
N VAL Y 817 66.55 53.75 -39.83
CA VAL Y 817 67.88 54.28 -40.09
C VAL Y 817 68.76 53.25 -40.78
N GLU Y 818 68.73 52.00 -40.31
CA GLU Y 818 69.52 50.96 -40.93
C GLU Y 818 69.05 50.69 -42.36
N LEU Y 819 67.74 50.71 -42.58
CA LEU Y 819 67.23 50.49 -43.93
C LEU Y 819 67.67 51.61 -44.87
N ALA Y 820 67.63 52.86 -44.40
CA ALA Y 820 68.06 53.97 -45.23
C ALA Y 820 69.56 53.99 -45.42
N VAL Y 821 70.32 53.37 -44.51
CA VAL Y 821 71.77 53.28 -44.69
C VAL Y 821 72.13 52.15 -45.65
N ILE Y 822 71.30 51.11 -45.71
CA ILE Y 822 71.60 49.97 -46.58
C ILE Y 822 71.04 50.14 -47.99
N ALA Y 823 69.98 50.95 -48.16
CA ALA Y 823 69.28 51.03 -49.44
C ALA Y 823 70.17 51.46 -50.60
N PRO Y 824 70.84 52.61 -50.54
CA PRO Y 824 71.55 53.10 -51.74
C PRO Y 824 72.73 52.22 -52.16
N MET Y 825 73.14 51.26 -51.33
CA MET Y 825 74.27 50.40 -51.65
C MET Y 825 73.84 49.05 -52.23
N LEU Y 826 72.55 48.86 -52.46
CA LEU Y 826 72.05 47.57 -52.91
C LEU Y 826 72.20 47.41 -54.42
N PRO Y 827 72.33 46.17 -54.90
CA PRO Y 827 72.44 45.97 -56.35
C PRO Y 827 71.11 46.17 -57.06
N PHE Y 828 70.02 45.72 -56.46
CA PHE Y 828 68.66 45.86 -56.98
C PHE Y 828 67.91 46.85 -56.10
N PRO Y 829 67.93 48.14 -56.43
CA PRO Y 829 67.44 49.16 -55.49
C PRO Y 829 65.96 49.00 -55.23
N PRO Y 830 65.44 49.64 -54.18
CA PRO Y 830 64.07 49.36 -53.75
C PRO Y 830 63.04 49.76 -54.80
N PHE Y 831 61.98 48.97 -54.89
CA PHE Y 831 60.89 49.16 -55.84
C PHE Y 831 59.59 49.07 -55.06
N GLN Y 832 59.07 50.21 -54.65
CA GLN Y 832 57.93 50.25 -53.74
C GLN Y 832 56.68 50.78 -54.42
N VAL Y 833 55.54 50.37 -53.88
CA VAL Y 833 54.21 50.81 -54.30
C VAL Y 833 53.56 51.36 -53.04
N PRO Y 834 52.73 52.41 -53.14
CA PRO Y 834 52.30 53.13 -51.94
C PRO Y 834 51.57 52.27 -50.92
N TYR Y 835 51.74 52.62 -49.66
CA TYR Y 835 51.07 51.95 -48.54
C TYR Y 835 49.82 52.73 -48.19
N VAL Y 836 48.66 52.18 -48.52
CA VAL Y 836 47.38 52.74 -48.12
C VAL Y 836 46.90 51.98 -46.89
N ARG Y 837 46.61 52.73 -45.82
CA ARG Y 837 46.36 52.09 -44.54
C ARG Y 837 45.04 51.32 -44.54
N LEU Y 838 43.93 52.00 -44.74
CA LEU Y 838 42.62 51.36 -44.81
C LEU Y 838 41.77 51.91 -45.94
N ASP Y 839 42.33 52.73 -46.81
CA ASP Y 839 41.56 53.31 -47.91
C ASP Y 839 41.44 52.27 -49.01
N ARG Y 840 40.24 51.70 -49.15
CA ARG Y 840 40.05 50.59 -50.08
C ARG Y 840 40.27 50.97 -51.53
N ASP Y 841 40.13 52.25 -51.86
CA ASP Y 841 40.17 52.66 -53.26
C ASP Y 841 41.58 52.90 -53.78
N ARG Y 842 42.55 53.11 -52.90
CA ARG Y 842 43.93 53.33 -53.33
C ARG Y 842 44.79 52.09 -53.15
N VAL Y 843 44.20 50.95 -52.82
CA VAL Y 843 44.96 49.72 -52.66
C VAL Y 843 45.43 49.26 -54.03
N PRO Y 844 46.74 49.32 -54.31
CA PRO Y 844 47.21 48.88 -55.62
C PRO Y 844 47.07 47.38 -55.79
N THR Y 845 46.64 46.97 -56.98
CA THR Y 845 46.30 45.57 -57.22
C THR Y 845 46.93 45.00 -58.47
N MET Y 846 47.82 45.72 -59.15
CA MET Y 846 48.33 45.22 -60.42
C MET Y 846 49.50 46.08 -60.85
N VAL Y 847 50.54 45.43 -61.37
CA VAL Y 847 51.73 46.10 -61.85
C VAL Y 847 52.12 45.50 -63.19
N GLY Y 848 52.23 46.34 -64.22
CA GLY Y 848 52.55 45.85 -65.54
C GLY Y 848 53.57 46.76 -66.20
N VAL Y 849 54.27 46.19 -67.17
CA VAL Y 849 55.30 46.90 -67.93
C VAL Y 849 54.83 47.03 -69.37
N THR Y 850 55.00 48.21 -69.94
CA THR Y 850 54.59 48.50 -71.31
C THR Y 850 55.82 48.73 -72.18
N ARG Y 851 55.72 48.29 -73.43
CA ARG Y 851 56.84 48.38 -74.35
C ARG Y 851 56.55 49.23 -75.58
N GLN Y 852 55.29 49.36 -75.98
CA GLN Y 852 54.95 50.11 -77.18
C GLN Y 852 54.74 51.58 -76.84
N SER Y 853 54.68 52.40 -77.88
CA SER Y 853 54.48 53.82 -77.71
C SER Y 853 53.06 54.08 -77.22
N ARG Y 854 52.73 55.36 -77.03
CA ARG Y 854 51.44 55.70 -76.43
C ARG Y 854 50.39 56.08 -77.46
N ASP Y 855 50.77 56.57 -78.64
CA ASP Y 855 49.79 56.99 -79.63
C ASP Y 855 49.36 55.87 -80.56
N THR Y 856 49.89 54.67 -80.40
CA THR Y 856 49.58 53.55 -81.28
C THR Y 856 48.60 52.59 -80.62
N ILE Y 857 48.01 51.72 -81.43
CA ILE Y 857 47.13 50.67 -80.96
C ILE Y 857 47.64 49.36 -81.53
N THR Y 858 48.13 48.48 -80.65
CA THR Y 858 48.70 47.22 -81.08
C THR Y 858 48.03 46.06 -80.35
N GLN Y 859 48.59 44.87 -80.47
CA GLN Y 859 48.10 43.74 -79.70
C GLN Y 859 48.20 44.04 -78.22
N PRO Y 860 47.19 43.70 -77.42
CA PRO Y 860 47.34 43.89 -75.98
C PRO Y 860 48.21 42.81 -75.40
N ALA Y 861 49.47 43.10 -75.15
CA ALA Y 861 50.41 42.11 -74.66
C ALA Y 861 50.73 42.48 -73.22
N LEU Y 862 49.87 42.05 -72.32
CA LEU Y 862 50.06 42.36 -70.92
C LEU Y 862 51.34 41.73 -70.41
N SER Y 863 52.10 42.49 -69.62
CA SER Y 863 53.33 41.98 -69.05
C SER Y 863 53.05 40.73 -68.22
N LEU Y 864 54.08 39.91 -68.08
CA LEU Y 864 53.92 38.65 -67.38
C LEU Y 864 53.70 38.84 -65.89
N SER Y 865 54.02 40.02 -65.36
CA SER Y 865 53.86 40.31 -63.94
C SER Y 865 52.43 40.64 -63.55
N THR Y 866 51.53 40.80 -64.51
CA THR Y 866 50.14 41.14 -64.22
C THR Y 866 49.27 39.93 -63.94
N THR Y 867 49.86 38.74 -63.85
CA THR Y 867 49.10 37.51 -63.67
C THR Y 867 49.15 37.01 -62.23
N ASN Y 868 49.42 37.90 -61.28
CA ASN Y 868 49.43 37.55 -59.87
C ASN Y 868 48.15 38.03 -59.20
N THR Y 869 47.61 37.22 -58.29
CA THR Y 869 46.45 37.64 -57.52
C THR Y 869 46.77 38.88 -56.69
N THR Y 870 47.88 38.84 -55.97
CA THR Y 870 48.36 40.00 -55.24
C THR Y 870 49.07 40.95 -56.20
N VAL Y 871 49.73 41.97 -55.67
CA VAL Y 871 50.47 42.88 -56.53
C VAL Y 871 51.81 42.29 -56.96
N GLY Y 872 52.30 41.28 -56.26
CA GLY Y 872 53.57 40.67 -56.60
C GLY Y 872 53.63 39.19 -56.26
N VAL Y 873 54.81 38.60 -56.37
CA VAL Y 873 55.01 37.18 -56.08
C VAL Y 873 54.80 36.96 -54.58
N PRO Y 874 53.73 36.28 -54.18
CA PRO Y 874 53.46 36.13 -52.74
C PRO Y 874 54.41 35.15 -52.09
N LEU Y 875 54.93 35.55 -50.92
CA LEU Y 875 55.71 34.66 -50.07
C LEU Y 875 55.16 34.69 -48.67
N ALA Y 876 55.04 33.51 -48.06
CA ALA Y 876 54.43 33.36 -46.75
C ALA Y 876 55.49 33.38 -45.66
N LEU Y 877 55.10 33.87 -44.48
CA LEU Y 877 55.97 33.99 -43.33
C LEU Y 877 55.41 33.19 -42.16
N ASP Y 878 56.07 33.27 -41.01
CA ASP Y 878 55.70 32.49 -39.83
C ASP Y 878 55.23 33.44 -38.74
N ALA Y 879 53.93 33.38 -38.44
CA ALA Y 879 53.37 34.26 -37.43
C ALA Y 879 54.00 34.04 -36.07
N ARG Y 880 54.27 32.77 -35.73
CA ARG Y 880 54.86 32.48 -34.42
C ARG Y 880 56.23 33.09 -34.27
N ALA Y 881 57.08 32.97 -35.30
CA ALA Y 881 58.42 33.52 -35.20
C ALA Y 881 58.39 35.04 -35.19
N ILE Y 882 57.55 35.65 -36.02
CA ILE Y 882 57.44 37.11 -35.99
C ILE Y 882 56.97 37.59 -34.63
N THR Y 883 56.02 36.87 -34.02
CA THR Y 883 55.51 37.28 -32.73
C THR Y 883 56.57 37.12 -31.64
N VAL Y 884 57.31 36.02 -31.66
CA VAL Y 884 58.34 35.83 -30.64
C VAL Y 884 59.44 36.88 -30.78
N ALA Y 885 59.81 37.19 -32.02
CA ALA Y 885 60.83 38.22 -32.21
C ALA Y 885 60.33 39.58 -31.75
N LEU Y 886 59.06 39.88 -32.00
CA LEU Y 886 58.50 41.15 -31.57
C LEU Y 886 58.25 41.20 -30.08
N LEU Y 887 58.18 40.05 -29.42
CA LEU Y 887 57.83 39.97 -28.01
C LEU Y 887 59.03 39.81 -27.09
N SER Y 888 60.18 39.37 -27.61
CA SER Y 888 61.37 39.19 -26.79
C SER Y 888 62.59 39.71 -27.53
N GLY Y 889 62.92 40.99 -27.32
CA GLY Y 889 64.11 41.56 -27.89
C GLY Y 889 64.80 42.43 -26.85
N LYS Y 890 66.08 42.73 -27.12
CA LYS Y 890 66.84 43.50 -26.16
C LYS Y 890 68.10 44.05 -26.80
N TYR Y 891 68.53 45.18 -26.30
CA TYR Y 891 69.80 45.83 -26.59
C TYR Y 891 70.87 45.30 -25.64
N PRO Y 892 72.14 45.35 -26.02
CA PRO Y 892 73.20 45.03 -25.09
C PRO Y 892 73.35 46.13 -24.05
N PRO Y 893 73.86 45.80 -22.86
CA PRO Y 893 73.84 46.79 -21.77
C PRO Y 893 74.72 48.01 -22.00
N ASP Y 894 75.85 47.86 -22.69
CA ASP Y 894 76.78 48.97 -22.87
C ASP Y 894 76.70 49.58 -24.26
N LEU Y 895 75.51 49.60 -24.86
CA LEU Y 895 75.38 50.08 -26.23
C LEU Y 895 75.66 51.57 -26.29
N VAL Y 896 76.51 51.96 -27.24
CA VAL Y 896 76.72 53.35 -27.60
C VAL Y 896 76.47 53.47 -29.09
N THR Y 897 75.48 54.29 -29.47
CA THR Y 897 74.96 54.28 -30.83
C THR Y 897 76.03 54.69 -31.83
N ASN Y 898 76.75 55.77 -31.55
CA ASN Y 898 77.76 56.26 -32.48
C ASN Y 898 78.83 55.21 -32.75
N VAL Y 899 79.36 54.61 -31.69
CA VAL Y 899 80.40 53.60 -31.85
C VAL Y 899 79.88 52.41 -32.64
N TRP Y 900 78.70 51.90 -32.25
CA TRP Y 900 78.16 50.71 -32.90
C TRP Y 900 77.95 50.94 -34.38
N TYR Y 901 77.30 52.05 -34.74
CA TYR Y 901 76.99 52.24 -36.15
C TYR Y 901 78.21 52.67 -36.96
N ALA Y 902 79.20 53.30 -36.35
CA ALA Y 902 80.45 53.53 -37.09
C ALA Y 902 81.12 52.21 -37.42
N ASP Y 903 81.20 51.31 -36.45
CA ASP Y 903 81.86 50.03 -36.71
C ASP Y 903 81.05 49.16 -37.66
N ALA Y 904 79.73 49.31 -37.68
CA ALA Y 904 78.92 48.54 -38.60
C ALA Y 904 78.89 49.14 -40.00
N ILE Y 905 79.12 50.45 -40.13
CA ILE Y 905 79.09 51.10 -41.43
C ILE Y 905 80.44 51.09 -42.12
N TYR Y 906 81.55 51.03 -41.39
CA TYR Y 906 82.85 51.04 -42.06
C TYR Y 906 83.04 49.85 -43.00
N PRO Y 907 82.94 48.60 -42.54
CA PRO Y 907 83.15 47.48 -43.46
C PRO Y 907 82.10 47.36 -44.54
N MET Y 908 80.91 47.93 -44.35
CA MET Y 908 79.90 47.88 -45.40
C MET Y 908 80.28 48.77 -46.57
N TYR Y 909 80.55 50.04 -46.31
CA TYR Y 909 80.84 50.95 -47.40
C TYR Y 909 82.17 50.65 -48.06
N ALA Y 910 83.09 50.01 -47.33
CA ALA Y 910 84.35 49.59 -47.94
C ALA Y 910 84.15 48.53 -49.00
N ASP Y 911 83.01 47.85 -49.02
CA ASP Y 911 82.72 46.84 -50.03
C ASP Y 911 81.52 47.27 -50.86
N THR Y 912 81.51 48.52 -51.29
CA THR Y 912 80.42 49.04 -52.10
C THR Y 912 80.76 48.94 -53.58
N GLU Y 913 79.70 48.92 -54.40
CA GLU Y 913 79.87 48.87 -55.85
C GLU Y 913 78.84 49.76 -56.55
N VAL Y 914 78.41 50.82 -55.87
CA VAL Y 914 77.45 51.75 -56.44
C VAL Y 914 77.99 52.37 -57.73
N PHE Y 915 79.30 52.56 -57.80
CA PHE Y 915 79.87 53.21 -58.98
C PHE Y 915 79.85 52.27 -60.18
N SER Y 916 80.19 51.01 -59.98
CA SER Y 916 80.04 50.02 -61.03
C SER Y 916 78.59 49.90 -61.47
N ASN Y 917 77.66 49.95 -60.51
CA ASN Y 917 76.24 49.89 -60.88
C ASN Y 917 75.84 51.08 -61.73
N LEU Y 918 76.37 52.26 -61.42
CA LEU Y 918 76.06 53.45 -62.22
C LEU Y 918 76.56 53.30 -63.65
N GLN Y 919 77.80 52.83 -63.81
CA GLN Y 919 78.33 52.63 -65.16
C GLN Y 919 77.50 51.60 -65.93
N ARG Y 920 77.12 50.51 -65.25
CA ARG Y 920 76.32 49.49 -65.93
C ARG Y 920 74.96 50.04 -66.32
N ASP Y 921 74.40 50.94 -65.52
CA ASP Y 921 73.13 51.57 -65.90
C ASP Y 921 73.30 52.43 -67.15
N VAL Y 922 74.43 53.14 -67.25
CA VAL Y 922 74.76 53.85 -68.49
C VAL Y 922 74.67 52.90 -69.68
N ILE Y 923 75.37 51.77 -69.58
CA ILE Y 923 75.46 50.86 -70.72
C ILE Y 923 74.09 50.29 -71.05
N THR Y 924 73.28 50.01 -70.03
CA THR Y 924 71.96 49.44 -70.27
C THR Y 924 71.06 50.42 -71.03
N CYS Y 925 71.06 51.69 -70.61
CA CYS Y 925 70.25 52.68 -71.32
C CYS Y 925 70.72 52.85 -72.76
N GLU Y 926 72.04 52.91 -72.96
CA GLU Y 926 72.57 53.03 -74.32
C GLU Y 926 72.14 51.86 -75.19
N ALA Y 927 72.19 50.64 -74.62
CA ALA Y 927 71.82 49.45 -75.38
C ALA Y 927 70.35 49.48 -75.76
N VAL Y 928 69.48 49.88 -74.83
CA VAL Y 928 68.05 49.93 -75.13
C VAL Y 928 67.78 50.92 -76.26
N GLN Y 929 68.40 52.10 -76.18
CA GLN Y 929 68.16 53.11 -77.20
C GLN Y 929 68.65 52.63 -78.57
N THR Y 930 69.85 52.05 -78.63
CA THR Y 930 70.37 51.60 -79.92
C THR Y 930 69.56 50.44 -80.47
N LEU Y 931 69.05 49.55 -79.61
CA LEU Y 931 68.22 48.45 -80.09
C LEU Y 931 66.94 48.98 -80.72
N VAL Y 932 66.30 49.96 -80.07
CA VAL Y 932 65.09 50.56 -80.64
C VAL Y 932 65.42 51.16 -82.00
N THR Y 933 66.48 51.96 -82.06
CA THR Y 933 66.81 52.66 -83.30
C THR Y 933 67.14 51.69 -84.42
N LEU Y 934 67.75 50.56 -84.11
CA LEU Y 934 68.09 49.62 -85.16
C LEU Y 934 66.89 48.80 -85.61
N VAL Y 935 66.11 48.27 -84.66
CA VAL Y 935 64.97 47.45 -85.03
C VAL Y 935 63.92 48.25 -85.78
N ALA Y 936 63.87 49.58 -85.57
CA ALA Y 936 62.95 50.38 -86.37
C ALA Y 936 63.33 50.44 -87.85
N GLN Y 937 64.51 49.96 -88.23
CA GLN Y 937 64.98 50.01 -89.61
C GLN Y 937 64.52 48.83 -90.46
N ILE Y 938 64.22 47.69 -89.85
CA ILE Y 938 63.93 46.48 -90.61
C ILE Y 938 62.54 45.97 -90.28
N SER Y 939 61.63 46.88 -89.95
CA SER Y 939 60.25 46.53 -89.65
C SER Y 939 59.43 47.80 -89.63
N GLU Y 940 58.12 47.64 -89.60
CA GLU Y 940 57.20 48.78 -89.58
C GLU Y 940 56.92 49.15 -88.13
N THR Y 941 57.20 50.40 -87.79
CA THR Y 941 57.01 50.91 -86.45
C THR Y 941 56.87 52.43 -86.53
N GLN Y 942 56.14 53.01 -85.57
CA GLN Y 942 55.87 54.44 -85.59
C GLN Y 942 57.07 55.29 -85.17
N TYR Y 943 58.16 54.67 -84.73
CA TYR Y 943 59.29 55.44 -84.23
C TYR Y 943 59.94 56.23 -85.37
N PRO Y 944 60.12 57.55 -85.21
CA PRO Y 944 60.79 58.35 -86.24
C PRO Y 944 62.30 58.16 -86.16
N VAL Y 945 62.91 57.72 -87.25
CA VAL Y 945 64.25 57.18 -87.21
C VAL Y 945 65.15 57.73 -88.30
N ASP Y 946 64.64 58.57 -89.20
CA ASP Y 946 65.36 59.27 -90.25
C ASP Y 946 65.71 58.35 -91.44
N ARG Y 947 65.56 57.02 -91.32
CA ARG Y 947 65.33 56.10 -92.44
C ARG Y 947 66.35 56.28 -93.58
N TYR Y 948 67.61 55.97 -93.28
CA TYR Y 948 68.66 56.16 -94.27
C TYR Y 948 68.73 55.01 -95.28
N LEU Y 949 69.01 53.80 -94.82
CA LEU Y 949 69.29 52.68 -95.71
C LEU Y 949 67.99 52.10 -96.24
N ASP Y 950 67.55 52.59 -97.39
CA ASP Y 950 66.37 52.05 -98.05
C ASP Y 950 66.65 51.44 -99.41
N TRP Y 951 67.70 51.90 -100.10
CA TRP Y 951 68.05 51.29 -101.38
C TRP Y 951 68.51 49.85 -101.20
N ILE Y 952 68.91 49.46 -99.99
CA ILE Y 952 69.25 48.07 -99.71
C ILE Y 952 67.96 47.28 -99.54
N PRO Y 953 67.78 46.18 -100.26
CA PRO Y 953 66.53 45.42 -100.14
C PRO Y 953 66.45 44.70 -98.81
N SER Y 954 65.21 44.40 -98.41
CA SER Y 954 64.94 43.68 -97.16
C SER Y 954 63.45 43.41 -97.07
N LEU Y 955 63.08 42.56 -96.10
CA LEU Y 955 61.70 42.18 -95.88
C LEU Y 955 61.22 42.73 -94.55
N ARG Y 956 59.90 42.90 -94.44
CA ARG Y 956 59.31 43.39 -93.20
C ARG Y 956 59.39 42.30 -92.15
N ALA Y 957 60.36 42.44 -91.24
CA ALA Y 957 60.63 41.38 -90.28
C ALA Y 957 59.46 41.20 -89.31
N SER Y 958 59.14 39.94 -89.05
CA SER Y 958 58.11 39.60 -88.09
C SER Y 958 58.74 39.54 -86.69
N ALA Y 959 57.98 39.03 -85.73
CA ALA Y 959 58.46 39.00 -84.35
C ALA Y 959 59.71 38.15 -84.21
N ALA Y 960 59.70 36.94 -84.79
CA ALA Y 960 60.83 36.04 -84.62
C ALA Y 960 62.08 36.55 -85.34
N THR Y 961 61.91 37.09 -86.56
CA THR Y 961 63.05 37.61 -87.29
C THR Y 961 63.65 38.81 -86.56
N ALA Y 962 62.81 39.75 -86.13
CA ALA Y 962 63.30 40.88 -85.37
C ALA Y 962 63.93 40.44 -84.06
N ALA Y 963 63.44 39.35 -83.47
CA ALA Y 963 64.00 38.88 -82.21
C ALA Y 963 65.39 38.30 -82.41
N THR Y 964 65.60 37.53 -83.48
CA THR Y 964 66.94 37.05 -83.78
C THR Y 964 67.88 38.21 -84.04
N PHE Y 965 67.44 39.20 -84.81
CA PHE Y 965 68.27 40.38 -85.07
C PHE Y 965 68.66 41.08 -83.77
N ALA Y 966 67.68 41.30 -82.90
CA ALA Y 966 67.96 41.94 -81.62
C ALA Y 966 68.89 41.11 -80.76
N GLU Y 967 68.81 39.78 -80.86
CA GLU Y 967 69.73 38.95 -80.09
C GLU Y 967 71.15 39.12 -80.58
N TRP Y 968 71.35 39.15 -81.90
CA TRP Y 968 72.70 39.38 -82.41
C TRP Y 968 73.23 40.74 -81.96
N VAL Y 969 72.38 41.76 -82.00
CA VAL Y 969 72.79 43.09 -81.53
C VAL Y 969 73.20 43.04 -80.06
N ASN Y 970 72.39 42.36 -79.24
CA ASN Y 970 72.65 42.24 -77.82
C ASN Y 970 74.00 41.57 -77.56
N THR Y 971 74.21 40.40 -78.15
CA THR Y 971 75.45 39.67 -77.89
C THR Y 971 76.65 40.44 -78.43
N SER Y 972 76.48 41.18 -79.51
CA SER Y 972 77.58 42.01 -80.01
C SER Y 972 77.96 43.08 -79.00
N MET Y 973 76.96 43.79 -78.46
CA MET Y 973 77.27 44.85 -77.49
C MET Y 973 77.88 44.27 -76.23
N LYS Y 974 77.40 43.10 -75.78
CA LYS Y 974 77.98 42.47 -74.61
C LYS Y 974 79.44 42.11 -74.85
N THR Y 975 79.74 41.53 -76.02
CA THR Y 975 81.12 41.21 -76.36
C THR Y 975 81.98 42.46 -76.42
N ALA Y 976 81.42 43.56 -76.91
CA ALA Y 976 82.22 44.78 -77.05
C ALA Y 976 82.55 45.39 -75.69
N PHE Y 977 81.59 45.36 -74.76
CA PHE Y 977 81.82 45.99 -73.47
C PHE Y 977 82.26 45.01 -72.39
N ASP Y 978 82.54 43.76 -72.76
CA ASP Y 978 83.12 42.79 -71.83
C ASP Y 978 82.18 42.50 -70.67
N LEU Y 979 80.97 42.06 -71.02
CA LEU Y 979 79.95 41.71 -70.05
C LEU Y 979 79.65 40.22 -70.13
N SER Y 980 79.10 39.70 -69.05
CA SER Y 980 78.66 38.31 -69.00
C SER Y 980 77.28 38.12 -68.39
N ASP Y 981 76.71 39.14 -67.77
CA ASP Y 981 75.39 39.05 -67.16
C ASP Y 981 74.33 39.51 -68.15
N MET Y 982 73.12 39.73 -67.65
CA MET Y 982 72.00 40.13 -68.49
C MET Y 982 72.23 41.50 -69.11
N LEU Y 983 71.70 41.68 -70.30
CA LEU Y 983 71.62 42.99 -70.94
C LEU Y 983 70.61 42.88 -72.08
N LEU Y 984 69.52 43.63 -72.00
CA LEU Y 984 68.48 43.63 -73.03
C LEU Y 984 67.81 42.28 -73.22
N GLU Y 985 68.06 41.31 -72.34
CA GLU Y 985 67.53 39.97 -72.51
C GLU Y 985 66.04 39.87 -72.13
N PRO Y 986 65.57 40.55 -71.06
CA PRO Y 986 64.13 40.57 -70.82
C PRO Y 986 63.32 41.16 -71.97
N LEU Y 987 63.91 42.04 -72.78
CA LEU Y 987 63.20 42.65 -73.88
C LEU Y 987 63.00 41.70 -75.06
N LEU Y 988 63.63 40.54 -75.06
CA LEU Y 988 63.60 39.63 -76.19
C LEU Y 988 62.58 38.51 -75.99
N SER Y 989 61.78 38.57 -74.94
CA SER Y 989 60.79 37.52 -74.67
C SER Y 989 59.47 37.89 -75.36
N GLY Y 990 59.48 37.74 -76.68
CA GLY Y 990 58.29 37.96 -77.46
C GLY Y 990 58.11 39.40 -77.92
N ASP Y 991 58.00 39.58 -79.23
CA ASP Y 991 57.79 40.88 -79.85
C ASP Y 991 58.83 41.90 -79.43
N PRO Y 992 60.07 41.79 -79.92
CA PRO Y 992 61.08 42.79 -79.63
C PRO Y 992 60.98 44.06 -80.48
N ARG Y 993 59.87 44.25 -81.21
CA ARG Y 993 59.66 45.45 -82.01
C ARG Y 993 58.95 46.48 -81.15
N MET Y 994 59.73 47.17 -80.33
CA MET Y 994 59.22 48.10 -79.34
C MET Y 994 59.56 49.53 -79.71
N THR Y 995 58.98 50.47 -78.96
CA THR Y 995 59.22 51.89 -79.15
C THR Y 995 59.74 52.58 -77.90
N GLN Y 996 59.24 52.26 -76.72
CA GLN Y 996 59.74 52.87 -75.51
C GLN Y 996 59.17 52.13 -74.30
N LEU Y 997 59.97 52.06 -73.25
CA LEU Y 997 59.56 51.37 -72.03
C LEU Y 997 58.69 52.27 -71.18
N ALA Y 998 57.98 51.65 -70.23
CA ALA Y 998 57.14 52.36 -69.28
C ALA Y 998 56.61 51.35 -68.28
N ILE Y 999 56.31 51.82 -67.07
CA ILE Y 999 55.80 50.97 -66.01
C ILE Y 999 54.60 51.65 -65.38
N GLN Y 1000 53.79 50.87 -64.69
CA GLN Y 1000 52.49 51.36 -64.24
C GLN Y 1000 51.79 50.41 -63.30
N TYR Y 1001 51.01 50.95 -62.36
CA TYR Y 1001 50.11 50.15 -61.55
C TYR Y 1001 48.74 50.80 -61.55
N GLN Y 1002 47.76 50.12 -60.97
CA GLN Y 1002 46.40 50.63 -60.89
C GLN Y 1002 45.87 50.47 -59.48
N GLN Y 1003 45.06 51.42 -59.06
CA GLN Y 1003 44.38 51.35 -57.78
C GLN Y 1003 43.20 50.39 -57.90
N TYR Y 1004 42.36 50.33 -56.87
CA TYR Y 1004 41.20 49.46 -56.97
C TYR Y 1004 40.07 50.11 -57.74
N ASN Y 1005 39.94 51.43 -57.68
CA ASN Y 1005 38.84 52.13 -58.33
C ASN Y 1005 39.09 52.40 -59.81
N GLY Y 1006 40.02 51.70 -60.44
CA GLY Y 1006 40.23 51.79 -61.86
C GLY Y 1006 41.28 52.78 -62.31
N ARG Y 1007 41.64 53.74 -61.46
CA ARG Y 1007 42.67 54.70 -61.85
C ARG Y 1007 44.02 54.01 -61.97
N THR Y 1008 44.86 54.56 -62.83
CA THR Y 1008 46.17 53.99 -63.11
C THR Y 1008 47.21 55.10 -63.15
N PHE Y 1009 48.43 54.77 -62.77
CA PHE Y 1009 49.55 55.69 -62.79
C PHE Y 1009 50.58 55.18 -63.79
N ASN Y 1010 51.03 56.06 -64.68
CA ASN Y 1010 51.88 55.67 -65.78
C ASN Y 1010 53.17 56.49 -65.74
N VAL Y 1011 54.30 55.81 -65.67
CA VAL Y 1011 55.61 56.46 -65.64
C VAL Y 1011 56.33 56.16 -66.95
N ILE Y 1012 56.78 57.20 -67.61
CA ILE Y 1012 57.45 57.06 -68.90
C ILE Y 1012 58.78 57.79 -68.85
N PRO Y 1013 59.89 57.12 -68.55
CA PRO Y 1013 61.18 57.80 -68.48
C PRO Y 1013 61.57 58.35 -69.84
N GLU Y 1014 61.91 59.63 -69.87
CA GLU Y 1014 62.44 60.22 -71.09
C GLU Y 1014 63.80 59.60 -71.41
N MET Y 1015 64.00 59.26 -72.68
CA MET Y 1015 65.26 58.66 -73.10
C MET Y 1015 66.16 59.74 -73.68
N PRO Y 1016 67.22 60.13 -72.99
CA PRO Y 1016 68.15 61.10 -73.57
C PRO Y 1016 68.89 60.51 -74.77
N GLY Y 1017 69.63 61.36 -75.45
CA GLY Y 1017 70.38 60.91 -76.61
C GLY Y 1017 71.41 59.86 -76.23
N SER Y 1018 71.67 58.95 -77.15
CA SER Y 1018 72.62 57.86 -76.94
C SER Y 1018 73.73 57.94 -77.98
N VAL Y 1019 74.97 57.87 -77.50
CA VAL Y 1019 76.13 58.05 -78.36
C VAL Y 1019 76.24 56.90 -79.36
N ILE Y 1020 75.93 55.68 -78.93
CA ILE Y 1020 76.02 54.55 -79.85
C ILE Y 1020 75.03 54.74 -80.99
N ALA Y 1021 73.80 55.15 -80.67
CA ALA Y 1021 72.78 55.27 -81.70
C ALA Y 1021 73.09 56.41 -82.66
N ASP Y 1022 73.48 57.59 -82.15
CA ASP Y 1022 73.72 58.65 -83.11
C ASP Y 1022 75.03 58.47 -83.87
N CYS Y 1023 76.02 57.76 -83.30
CA CYS Y 1023 77.18 57.40 -84.09
C CYS Y 1023 76.81 56.39 -85.18
N VAL Y 1024 75.91 55.45 -84.88
CA VAL Y 1024 75.47 54.52 -85.91
C VAL Y 1024 74.71 55.25 -87.00
N GLN Y 1025 73.94 56.27 -86.65
CA GLN Y 1025 73.24 57.03 -87.67
C GLN Y 1025 74.21 57.83 -88.54
N LEU Y 1026 75.25 58.40 -87.93
CA LEU Y 1026 76.27 59.09 -88.70
C LEU Y 1026 76.96 58.13 -89.66
N THR Y 1027 77.33 56.94 -89.18
CA THR Y 1027 78.00 55.99 -90.06
C THR Y 1027 77.06 55.47 -91.13
N ALA Y 1028 75.76 55.37 -90.86
CA ALA Y 1028 74.83 54.96 -91.89
C ALA Y 1028 74.71 56.01 -92.97
N GLU Y 1029 74.70 57.28 -92.59
CA GLU Y 1029 74.69 58.35 -93.60
C GLU Y 1029 75.96 58.33 -94.45
N VAL Y 1030 77.11 58.18 -93.80
CA VAL Y 1030 78.36 58.11 -94.55
C VAL Y 1030 78.37 56.86 -95.43
N PHE Y 1031 77.70 55.80 -95.02
CA PHE Y 1031 77.59 54.62 -95.86
C PHE Y 1031 76.75 54.93 -97.10
N ASN Y 1032 75.60 55.57 -96.90
CA ASN Y 1032 74.74 56.00 -97.99
C ASN Y 1032 75.52 56.78 -99.04
N HIS Y 1033 76.46 57.61 -98.59
CA HIS Y 1033 77.22 58.36 -99.59
C HIS Y 1033 78.42 57.60 -100.14
N GLU Y 1034 79.10 56.78 -99.33
CA GLU Y 1034 80.24 55.98 -99.78
C GLU Y 1034 80.02 54.53 -99.33
N TYR Y 1035 79.24 53.80 -100.11
CA TYR Y 1035 78.98 52.39 -99.91
C TYR Y 1035 80.02 51.50 -100.57
N ASN Y 1036 80.65 51.96 -101.66
CA ASN Y 1036 81.59 51.15 -102.40
C ASN Y 1036 82.75 50.68 -101.53
N LEU Y 1037 83.19 51.53 -100.59
CA LEU Y 1037 84.32 51.18 -99.76
C LEU Y 1037 84.05 49.96 -98.89
N PHE Y 1038 82.78 49.64 -98.63
CA PHE Y 1038 82.44 48.48 -97.82
C PHE Y 1038 82.10 47.27 -98.68
N GLY Y 1039 82.35 47.33 -99.98
CA GLY Y 1039 82.16 46.19 -100.86
C GLY Y 1039 80.82 46.11 -101.55
N ILE Y 1040 79.89 46.97 -101.22
CA ILE Y 1040 78.55 46.94 -101.79
C ILE Y 1040 78.51 47.82 -103.02
N ALA Y 1041 77.60 47.51 -103.94
CA ALA Y 1041 77.33 48.35 -105.09
C ALA Y 1041 75.83 48.47 -105.28
N ARG Y 1042 75.37 49.70 -105.53
CA ARG Y 1042 73.94 49.95 -105.68
C ARG Y 1042 73.59 50.08 -107.16
N GLY Y 1043 72.32 49.80 -107.46
CA GLY Y 1043 71.81 49.87 -108.81
C GLY Y 1043 71.38 48.52 -109.33
N ASP Y 1044 71.57 48.31 -110.63
CA ASP Y 1044 71.18 47.08 -111.28
C ASP Y 1044 72.29 46.65 -112.23
N ILE Y 1045 72.11 45.48 -112.83
CA ILE Y 1045 73.08 44.93 -113.77
C ILE Y 1045 72.34 44.58 -115.05
N ILE Y 1046 73.05 44.64 -116.17
CA ILE Y 1046 72.48 44.44 -117.49
C ILE Y 1046 73.22 43.27 -118.12
N ILE Y 1047 72.68 42.06 -117.95
CA ILE Y 1047 73.30 40.87 -118.52
C ILE Y 1047 73.05 40.87 -120.02
N GLY Y 1048 74.14 40.80 -120.79
CA GLY Y 1048 74.04 40.80 -122.24
C GLY Y 1048 75.40 40.87 -122.90
N ARG Y 1049 75.56 40.20 -124.04
CA ARG Y 1049 76.86 40.13 -124.68
C ARG Y 1049 77.28 41.49 -125.23
N VAL Y 1050 78.54 41.82 -125.02
CA VAL Y 1050 79.15 43.03 -125.57
C VAL Y 1050 80.58 42.69 -125.96
N GLN Y 1051 80.89 42.80 -127.24
CA GLN Y 1051 82.20 42.43 -127.77
C GLN Y 1051 82.79 43.61 -128.52
N SER Y 1052 83.99 44.01 -128.14
CA SER Y 1052 84.71 45.10 -128.80
C SER Y 1052 86.11 45.18 -128.20
N THR Y 1053 86.91 46.10 -128.73
CA THR Y 1053 88.25 46.36 -128.26
C THR Y 1053 88.34 47.59 -127.38
N HIS Y 1054 87.24 47.98 -126.75
CA HIS Y 1054 87.21 49.17 -125.92
C HIS Y 1054 87.45 48.80 -124.45
N LEU Y 1055 87.95 49.78 -123.71
CA LEU Y 1055 88.44 49.54 -122.35
C LEU Y 1055 87.69 50.37 -121.32
N TRP Y 1056 86.36 50.37 -121.39
CA TRP Y 1056 85.56 51.32 -120.63
C TRP Y 1056 85.22 50.88 -119.21
N SER Y 1057 85.87 49.84 -118.67
CA SER Y 1057 85.74 49.56 -117.23
C SER Y 1057 84.32 49.32 -116.75
N PRO Y 1058 83.79 48.08 -116.85
CA PRO Y 1058 82.34 47.83 -116.63
C PRO Y 1058 81.68 48.42 -115.39
N LEU Y 1059 82.46 48.87 -114.41
CA LEU Y 1059 81.87 49.54 -113.26
C LEU Y 1059 81.52 50.99 -113.53
N ALA Y 1060 81.89 51.53 -114.70
CA ALA Y 1060 81.59 52.90 -115.07
C ALA Y 1060 81.10 52.92 -116.51
N PRO Y 1061 79.89 52.43 -116.75
CA PRO Y 1061 79.42 52.18 -118.11
C PRO Y 1061 79.06 53.47 -118.83
N PRO Y 1062 79.20 53.50 -120.14
CA PRO Y 1062 78.71 54.64 -120.93
C PRO Y 1062 77.21 54.59 -121.08
N PRO Y 1063 76.59 55.65 -121.62
CA PRO Y 1063 75.12 55.69 -121.58
C PRO Y 1063 74.43 54.71 -122.50
N ASP Y 1064 74.89 54.57 -123.74
CA ASP Y 1064 74.10 53.85 -124.74
C ASP Y 1064 73.97 52.36 -124.46
N LEU Y 1065 74.72 51.80 -123.53
CA LEU Y 1065 74.60 50.39 -123.21
C LEU Y 1065 73.54 50.09 -122.18
N VAL Y 1066 73.15 51.06 -121.37
CA VAL Y 1066 72.17 50.86 -120.31
C VAL Y 1066 70.84 51.44 -120.76
N PHE Y 1067 69.76 50.76 -120.39
CA PHE Y 1067 68.40 51.20 -120.66
C PHE Y 1067 67.62 51.20 -119.35
N ASP Y 1068 66.43 51.78 -119.38
CA ASP Y 1068 65.59 51.82 -118.18
C ASP Y 1068 64.13 51.71 -118.60
N ARG Y 1069 63.23 51.93 -117.64
CA ARG Y 1069 61.81 51.87 -117.90
C ARG Y 1069 61.32 52.98 -118.81
N ASP Y 1070 62.12 54.02 -119.02
CA ASP Y 1070 61.77 55.11 -119.92
C ASP Y 1070 62.20 54.86 -121.36
N THR Y 1071 62.96 53.80 -121.60
CA THR Y 1071 63.51 53.61 -122.93
C THR Y 1071 62.43 53.07 -123.87
N PRO Y 1072 62.38 53.55 -125.10
CA PRO Y 1072 61.42 53.01 -126.07
C PRO Y 1072 61.71 51.54 -126.37
N GLY Y 1073 60.65 50.76 -126.55
CA GLY Y 1073 60.80 49.36 -126.89
C GLY Y 1073 61.43 48.52 -125.80
N VAL Y 1074 60.99 48.70 -124.56
CA VAL Y 1074 61.47 47.92 -123.42
C VAL Y 1074 60.29 47.20 -122.82
N HIS Y 1075 60.45 45.89 -122.59
CA HIS Y 1075 59.38 45.06 -122.05
C HIS Y 1075 59.63 44.81 -120.57
N ILE Y 1076 58.67 45.19 -119.74
CA ILE Y 1076 58.75 45.01 -118.29
C ILE Y 1076 57.94 43.78 -117.91
N PHE Y 1077 58.47 42.99 -116.98
CA PHE Y 1077 57.87 41.72 -116.62
C PHE Y 1077 57.53 41.71 -115.14
N GLY Y 1078 56.38 41.15 -114.80
CA GLY Y 1078 55.90 41.04 -113.44
C GLY Y 1078 56.22 39.68 -112.86
N ARG Y 1079 55.29 39.16 -112.06
CA ARG Y 1079 55.50 37.85 -111.45
C ARG Y 1079 55.00 36.70 -112.31
N ASP Y 1080 53.96 36.91 -113.11
CA ASP Y 1080 53.42 35.81 -113.91
C ASP Y 1080 54.08 35.75 -115.29
N CYS Y 1081 55.40 35.75 -115.32
CA CYS Y 1081 56.11 35.52 -116.57
C CYS Y 1081 55.94 34.05 -116.94
N ARG Y 1082 55.40 33.78 -118.12
CA ARG Y 1082 55.09 32.41 -118.51
C ARG Y 1082 55.54 32.17 -119.94
N ILE Y 1083 56.19 31.03 -120.15
CA ILE Y 1083 56.80 30.67 -121.43
C ILE Y 1083 55.92 29.63 -122.11
N SER Y 1084 55.83 29.72 -123.43
CA SER Y 1084 55.11 28.73 -124.23
C SER Y 1084 55.94 28.41 -125.45
N PHE Y 1085 56.30 27.14 -125.62
CA PHE Y 1085 57.17 26.75 -126.72
C PHE Y 1085 56.48 27.01 -128.05
N GLY Y 1086 57.15 27.75 -128.93
CA GLY Y 1086 56.66 27.94 -130.28
C GLY Y 1086 56.85 26.69 -131.09
N MET Y 1087 55.78 26.12 -131.61
CA MET Y 1087 55.86 24.85 -132.33
C MET Y 1087 56.01 25.08 -133.82
N ASN Y 1088 56.60 24.09 -134.49
CA ASN Y 1088 56.73 24.06 -135.95
C ASN Y 1088 57.63 25.15 -136.48
N GLY Y 1089 58.51 25.71 -135.66
CA GLY Y 1089 59.45 26.72 -136.08
C GLY Y 1089 59.23 28.09 -135.46
N ALA Y 1090 58.02 28.36 -134.98
CA ALA Y 1090 57.74 29.64 -134.35
C ALA Y 1090 58.52 29.76 -133.06
N ALA Y 1091 59.05 30.96 -132.80
CA ALA Y 1091 59.87 31.17 -131.62
C ALA Y 1091 59.02 31.09 -130.36
N PRO Y 1092 59.61 30.71 -129.24
CA PRO Y 1092 58.87 30.71 -127.98
C PRO Y 1092 58.57 32.12 -127.52
N MET Y 1093 57.50 32.26 -126.76
CA MET Y 1093 57.02 33.55 -126.29
C MET Y 1093 57.05 33.58 -124.77
N ILE Y 1094 57.03 34.79 -124.21
CA ILE Y 1094 56.99 34.99 -122.77
C ILE Y 1094 55.93 36.05 -122.46
N ARG Y 1095 55.34 35.94 -121.27
CA ARG Y 1095 54.18 36.73 -120.89
C ARG Y 1095 54.62 38.07 -120.31
N ASP Y 1096 54.49 39.12 -121.11
CA ASP Y 1096 54.77 40.48 -120.66
C ASP Y 1096 53.81 40.87 -119.53
N GLU Y 1097 54.20 41.90 -118.77
CA GLU Y 1097 53.37 42.33 -117.65
C GLU Y 1097 52.01 42.83 -118.11
N THR Y 1098 51.93 43.44 -119.29
CA THR Y 1098 50.68 43.98 -119.79
C THR Y 1098 49.83 42.94 -120.51
N GLY Y 1099 50.20 41.66 -120.44
CA GLY Y 1099 49.46 40.60 -121.05
C GLY Y 1099 50.03 40.10 -122.35
N MET Y 1100 50.82 40.92 -123.05
CA MET Y 1100 51.36 40.53 -124.34
C MET Y 1100 52.36 39.39 -124.20
N MET Y 1101 52.51 38.63 -125.28
CA MET Y 1101 53.54 37.61 -125.42
C MET Y 1101 54.62 38.13 -126.35
N VAL Y 1102 55.88 37.95 -125.95
CA VAL Y 1102 56.98 38.50 -126.73
C VAL Y 1102 58.06 37.43 -126.92
N PRO Y 1103 58.78 37.44 -128.04
CA PRO Y 1103 59.83 36.46 -128.26
C PRO Y 1103 61.06 36.73 -127.40
N PHE Y 1104 62.13 35.96 -127.60
CA PHE Y 1104 63.34 36.09 -126.81
C PHE Y 1104 64.32 37.00 -127.55
N GLU Y 1105 64.08 38.30 -127.45
CA GLU Y 1105 64.98 39.28 -128.04
C GLU Y 1105 64.56 40.66 -127.58
N GLY Y 1106 65.52 41.59 -127.62
CA GLY Y 1106 65.24 42.96 -127.24
C GLY Y 1106 65.85 43.36 -125.93
N ASN Y 1107 65.08 44.07 -125.10
CA ASN Y 1107 65.55 44.56 -123.82
C ASN Y 1107 64.48 44.33 -122.78
N TRP Y 1108 64.79 43.55 -121.76
CA TRP Y 1108 63.83 43.19 -120.73
C TRP Y 1108 64.21 43.85 -119.41
N ILE Y 1109 63.31 43.73 -118.43
CA ILE Y 1109 63.53 44.23 -117.09
C ILE Y 1109 62.92 43.25 -116.11
N PHE Y 1110 63.76 42.54 -115.37
CA PHE Y 1110 63.34 41.61 -114.35
C PHE Y 1110 63.44 42.24 -112.96
N PRO Y 1111 62.56 41.85 -112.05
CA PRO Y 1111 62.95 41.82 -110.64
C PRO Y 1111 63.77 40.58 -110.38
N LEU Y 1112 64.68 40.68 -109.40
CA LEU Y 1112 65.51 39.52 -109.08
C LEU Y 1112 64.69 38.35 -108.53
N ALA Y 1113 63.51 38.65 -107.99
CA ALA Y 1113 62.68 37.60 -107.38
C ALA Y 1113 62.22 36.58 -108.41
N LEU Y 1114 61.98 37.00 -109.66
CA LEU Y 1114 61.60 36.06 -110.70
C LEU Y 1114 62.68 35.01 -110.92
N TRP Y 1115 63.92 35.48 -111.14
CA TRP Y 1115 65.01 34.56 -111.36
C TRP Y 1115 65.25 33.69 -110.14
N GLN Y 1116 65.09 34.25 -108.94
CA GLN Y 1116 65.23 33.42 -107.75
C GLN Y 1116 64.15 32.36 -107.68
N MET Y 1117 62.94 32.68 -108.14
CA MET Y 1117 61.85 31.73 -108.05
C MET Y 1117 62.02 30.60 -109.06
N ASN Y 1118 62.61 30.89 -110.21
CA ASN Y 1118 62.69 29.90 -111.29
C ASN Y 1118 64.10 29.84 -111.85
N THR Y 1119 65.09 29.73 -110.97
CA THR Y 1119 66.49 29.69 -111.40
C THR Y 1119 66.78 28.53 -112.34
N ARG Y 1120 66.11 27.39 -112.17
CA ARG Y 1120 66.39 26.24 -113.02
C ARG Y 1120 65.67 26.35 -114.36
N TYR Y 1121 64.35 26.54 -114.33
CA TYR Y 1121 63.58 26.57 -115.56
C TYR Y 1121 63.95 27.77 -116.43
N PHE Y 1122 64.46 28.85 -115.85
CA PHE Y 1122 64.74 30.03 -116.65
C PHE Y 1122 66.04 29.91 -117.43
N ASN Y 1123 67.12 29.43 -116.81
CA ASN Y 1123 68.39 29.45 -117.52
C ASN Y 1123 68.46 28.38 -118.61
N GLN Y 1124 67.79 27.25 -118.41
CA GLN Y 1124 67.66 26.26 -119.49
C GLN Y 1124 67.03 26.88 -120.73
N GLN Y 1125 66.14 27.84 -120.54
CA GLN Y 1125 65.45 28.51 -121.64
C GLN Y 1125 66.23 29.69 -122.20
N PHE Y 1126 66.97 30.40 -121.36
CA PHE Y 1126 67.53 31.69 -121.72
C PHE Y 1126 69.01 31.65 -122.08
N ASP Y 1127 69.77 30.71 -121.52
CA ASP Y 1127 71.22 30.72 -121.67
C ASP Y 1127 71.64 30.62 -123.13
N ALA Y 1128 70.92 29.81 -123.92
CA ALA Y 1128 71.25 29.69 -125.33
C ALA Y 1128 71.00 30.99 -126.08
N TRP Y 1129 70.15 31.86 -125.55
CA TRP Y 1129 69.83 33.12 -126.21
C TRP Y 1129 70.66 34.29 -125.71
N ILE Y 1130 71.03 34.30 -124.43
CA ILE Y 1130 71.90 35.36 -123.91
C ILE Y 1130 73.29 35.22 -124.51
N LYS Y 1131 73.77 33.99 -124.68
CA LYS Y 1131 75.14 33.77 -125.11
C LYS Y 1131 75.35 34.18 -126.56
N THR Y 1132 74.44 33.78 -127.44
CA THR Y 1132 74.58 34.08 -128.87
C THR Y 1132 73.46 34.93 -129.43
N GLY Y 1133 72.25 34.87 -128.88
CA GLY Y 1133 71.15 35.63 -129.42
C GLY Y 1133 71.27 37.13 -129.18
N GLU Y 1134 70.15 37.83 -129.29
CA GLU Y 1134 70.11 39.28 -129.08
C GLU Y 1134 69.42 39.64 -127.79
N LEU Y 1135 69.31 38.71 -126.85
CA LEU Y 1135 68.58 38.94 -125.62
C LEU Y 1135 69.46 39.67 -124.61
N ARG Y 1136 68.96 40.78 -124.09
CA ARG Y 1136 69.59 41.51 -123.00
C ARG Y 1136 68.58 41.65 -121.87
N ILE Y 1137 69.07 41.63 -120.64
CA ILE Y 1137 68.20 41.66 -119.48
C ILE Y 1137 68.79 42.59 -118.43
N ARG Y 1138 67.93 43.36 -117.77
CA ARG Y 1138 68.32 44.24 -116.66
C ARG Y 1138 67.68 43.71 -115.39
N ILE Y 1139 68.46 42.95 -114.61
CA ILE Y 1139 67.96 42.42 -113.35
C ILE Y 1139 68.00 43.51 -112.30
N GLU Y 1140 66.85 43.77 -111.67
CA GLU Y 1140 66.75 44.78 -110.64
C GLU Y 1140 67.15 44.18 -109.30
N MET Y 1141 68.15 44.76 -108.65
CA MET Y 1141 68.68 44.19 -107.42
C MET Y 1141 68.72 45.22 -106.30
N GLY Y 1142 68.99 46.48 -106.64
CA GLY Y 1142 69.07 47.51 -105.64
C GLY Y 1142 70.42 47.57 -104.96
N ALA Y 1143 70.81 46.48 -104.31
CA ALA Y 1143 72.08 46.40 -103.62
C ALA Y 1143 72.65 45.00 -103.80
N TYR Y 1144 73.94 44.91 -104.11
CA TYR Y 1144 74.52 43.60 -104.33
C TYR Y 1144 76.02 43.65 -104.08
N PRO Y 1145 76.60 42.63 -103.44
CA PRO Y 1145 78.05 42.55 -103.33
C PRO Y 1145 78.67 42.12 -104.65
N TYR Y 1146 79.89 42.60 -104.89
CA TYR Y 1146 80.55 42.35 -106.16
C TYR Y 1146 81.95 41.78 -105.94
N MET Y 1147 82.47 41.17 -107.01
CA MET Y 1147 83.81 40.61 -107.04
C MET Y 1147 84.47 40.99 -108.35
N LEU Y 1148 85.79 41.18 -108.32
CA LEU Y 1148 86.52 41.69 -109.46
C LEU Y 1148 87.45 40.62 -110.04
N HIS Y 1149 87.59 40.66 -111.36
CA HIS Y 1149 88.48 39.76 -112.09
C HIS Y 1149 89.25 40.60 -113.10
N TYR Y 1150 90.51 40.93 -112.79
CA TYR Y 1150 91.31 41.72 -113.69
C TYR Y 1150 91.91 40.84 -114.77
N TYR Y 1151 91.83 41.30 -116.03
CA TYR Y 1151 92.39 40.56 -117.14
C TYR Y 1151 93.35 41.45 -117.91
N ASP Y 1152 94.25 40.79 -118.64
CA ASP Y 1152 95.22 41.49 -119.48
C ASP Y 1152 94.54 41.90 -120.77
N PRO Y 1153 94.39 43.19 -121.03
CA PRO Y 1153 93.60 43.62 -122.19
C PRO Y 1153 94.24 43.32 -123.53
N ARG Y 1154 95.50 42.91 -123.57
CA ARG Y 1154 96.19 42.63 -124.81
C ARG Y 1154 96.06 41.18 -125.25
N GLN Y 1155 95.14 40.43 -124.65
CA GLN Y 1155 94.89 39.05 -125.04
C GLN Y 1155 93.39 38.80 -125.04
N TYR Y 1156 93.00 37.71 -125.70
CA TYR Y 1156 91.59 37.36 -125.76
C TYR Y 1156 91.05 37.06 -124.37
N ALA Y 1157 89.82 37.50 -124.11
CA ALA Y 1157 89.16 37.25 -122.84
C ALA Y 1157 87.67 37.07 -123.08
N ASN Y 1158 87.05 36.24 -122.25
CA ASN Y 1158 85.63 35.93 -122.41
C ASN Y 1158 85.08 35.57 -121.03
N ALA Y 1159 84.05 36.28 -120.61
CA ALA Y 1159 83.52 36.17 -119.25
C ALA Y 1159 82.29 35.27 -119.17
N TRP Y 1160 82.01 34.48 -120.22
CA TRP Y 1160 80.80 33.67 -120.20
C TRP Y 1160 80.85 32.61 -119.12
N ASN Y 1161 82.04 32.08 -118.81
CA ASN Y 1161 82.13 31.06 -117.77
C ASN Y 1161 81.74 31.62 -116.42
N LEU Y 1162 82.28 32.79 -116.06
CA LEU Y 1162 81.91 33.42 -114.80
C LEU Y 1162 80.44 33.78 -114.77
N THR Y 1163 79.91 34.33 -115.87
CA THR Y 1163 78.52 34.72 -115.91
C THR Y 1163 77.61 33.51 -115.74
N SER Y 1164 77.92 32.41 -116.43
CA SER Y 1164 77.11 31.21 -116.32
C SER Y 1164 77.20 30.63 -114.92
N ALA Y 1165 78.38 30.68 -114.31
CA ALA Y 1165 78.51 30.18 -112.95
C ALA Y 1165 77.63 30.95 -111.99
N TRP Y 1166 77.60 32.29 -112.11
CA TRP Y 1166 76.74 33.09 -111.25
C TRP Y 1166 75.26 32.77 -111.50
N LEU Y 1167 74.86 32.77 -112.77
CA LEU Y 1167 73.46 32.51 -113.10
C LEU Y 1167 73.02 31.13 -112.66
N GLU Y 1168 73.96 30.17 -112.60
CA GLU Y 1168 73.61 28.84 -112.10
C GLU Y 1168 73.52 28.81 -110.59
N GLU Y 1169 74.43 29.51 -109.91
CA GLU Y 1169 74.46 29.47 -108.45
C GLU Y 1169 73.38 30.31 -107.81
N ILE Y 1170 72.67 31.17 -108.56
CA ILE Y 1170 71.54 31.86 -107.95
C ILE Y 1170 70.51 30.83 -107.49
N THR Y 1171 69.85 31.12 -106.37
CA THR Y 1171 69.08 30.15 -105.61
C THR Y 1171 67.92 30.87 -104.95
N PRO Y 1172 66.82 30.18 -104.67
CA PRO Y 1172 65.68 30.84 -104.01
C PRO Y 1172 66.01 31.46 -102.66
N THR Y 1173 67.13 31.14 -102.03
CA THR Y 1173 67.47 31.73 -100.75
C THR Y 1173 68.84 32.39 -100.74
N SER Y 1174 69.46 32.60 -101.89
CA SER Y 1174 70.81 33.17 -101.88
C SER Y 1174 71.23 33.53 -103.29
N ILE Y 1175 72.26 34.37 -103.37
CA ILE Y 1175 72.96 34.68 -104.62
C ILE Y 1175 74.43 34.89 -104.29
N PRO Y 1176 75.36 34.46 -105.14
CA PRO Y 1176 76.77 34.74 -104.92
C PRO Y 1176 77.13 36.13 -105.42
N SER Y 1177 78.37 36.53 -105.17
CA SER Y 1177 78.84 37.85 -105.57
C SER Y 1177 78.82 37.99 -107.08
N VAL Y 1178 78.48 39.18 -107.56
CA VAL Y 1178 78.40 39.44 -108.99
C VAL Y 1178 79.81 39.60 -109.54
N PRO Y 1179 80.26 38.73 -110.44
CA PRO Y 1179 81.63 38.84 -110.94
C PRO Y 1179 81.76 39.82 -112.09
N PHE Y 1180 82.63 40.81 -111.94
CA PHE Y 1180 82.93 41.77 -113.00
C PHE Y 1180 84.29 41.47 -113.59
N MET Y 1181 84.47 41.82 -114.85
CA MET Y 1181 85.70 41.55 -115.59
C MET Y 1181 86.20 42.85 -116.19
N VAL Y 1182 87.04 43.56 -115.44
CA VAL Y 1182 87.50 44.90 -115.82
C VAL Y 1182 88.98 44.84 -116.17
N PRO Y 1183 89.43 45.57 -117.19
CA PRO Y 1183 90.81 45.40 -117.67
C PRO Y 1183 91.83 46.05 -116.76
N ILE Y 1184 93.08 45.64 -116.95
CA ILE Y 1184 94.23 46.24 -116.28
C ILE Y 1184 94.71 47.40 -117.13
N SER Y 1185 95.12 48.49 -116.47
CA SER Y 1185 95.55 49.69 -117.16
C SER Y 1185 97.08 49.75 -117.21
N SER Y 1186 97.58 50.35 -118.29
CA SER Y 1186 99.02 50.42 -118.52
C SER Y 1186 99.43 51.85 -118.84
N ASP Y 1187 100.65 52.19 -118.46
CA ASP Y 1187 101.20 53.52 -118.70
C ASP Y 1187 101.87 53.65 -120.05
N HIS Y 1188 101.79 52.62 -120.88
CA HIS Y 1188 102.42 52.60 -122.20
C HIS Y 1188 101.42 52.06 -123.20
N ASP Y 1189 101.60 52.43 -124.47
CA ASP Y 1189 100.69 51.95 -125.50
C ASP Y 1189 100.79 50.43 -125.63
N ILE Y 1190 99.66 49.79 -125.92
CA ILE Y 1190 99.56 48.34 -125.93
C ILE Y 1190 98.75 47.92 -127.15
N SER Y 1191 98.80 46.62 -127.44
CA SER Y 1191 98.01 46.04 -128.51
C SER Y 1191 96.56 45.88 -128.06
N SER Y 1192 95.66 45.86 -129.03
CA SER Y 1192 94.22 45.78 -128.77
C SER Y 1192 93.72 44.41 -129.21
N ALA Y 1193 93.20 43.65 -128.26
CA ALA Y 1193 92.67 42.33 -128.54
C ALA Y 1193 91.19 42.26 -128.15
N PRO Y 1194 90.41 41.41 -128.80
CA PRO Y 1194 88.97 41.39 -128.55
C PRO Y 1194 88.64 40.84 -127.18
N ALA Y 1195 87.55 41.35 -126.60
CA ALA Y 1195 87.07 40.92 -125.31
C ALA Y 1195 85.55 40.82 -125.37
N VAL Y 1196 84.99 39.95 -124.53
CA VAL Y 1196 83.56 39.67 -124.54
C VAL Y 1196 83.03 39.84 -123.13
N GLN Y 1197 82.20 40.86 -122.91
CA GLN Y 1197 81.60 41.16 -121.63
C GLN Y 1197 80.19 40.60 -121.56
N TYR Y 1198 79.75 40.25 -120.36
CA TYR Y 1198 78.37 39.81 -120.16
C TYR Y 1198 77.68 40.42 -118.96
N ILE Y 1199 78.37 41.17 -118.11
CA ILE Y 1199 77.76 41.84 -116.96
C ILE Y 1199 78.38 43.22 -116.82
N ILE Y 1200 77.53 44.23 -116.72
CA ILE Y 1200 77.96 45.61 -116.57
C ILE Y 1200 77.01 46.31 -115.62
N SER Y 1201 77.53 47.15 -114.74
CA SER Y 1201 76.67 47.88 -113.82
C SER Y 1201 75.85 48.91 -114.59
N THR Y 1202 74.83 49.43 -113.92
CA THR Y 1202 73.94 50.43 -114.50
C THR Y 1202 74.21 51.84 -113.99
N GLU Y 1203 75.30 52.04 -113.28
CA GLU Y 1203 75.68 53.35 -112.77
C GLU Y 1203 77.09 53.25 -112.20
N TYR Y 1204 77.64 54.41 -111.84
CA TYR Y 1204 79.03 54.46 -111.41
C TYR Y 1204 79.20 53.75 -110.07
N ASN Y 1205 80.00 52.70 -110.06
CA ASN Y 1205 80.36 51.99 -108.83
C ASN Y 1205 81.85 51.92 -108.62
N ASP Y 1206 82.64 52.57 -109.47
CA ASP Y 1206 84.10 52.56 -109.38
C ASP Y 1206 84.59 53.64 -108.43
N ARG Y 1207 84.07 53.64 -107.21
CA ARG Y 1207 84.38 54.69 -106.25
C ARG Y 1207 85.59 54.36 -105.38
N SER Y 1208 85.83 53.07 -105.12
CA SER Y 1208 86.96 52.68 -104.30
C SER Y 1208 88.28 52.69 -105.05
N LEU Y 1209 88.27 52.98 -106.35
CA LEU Y 1209 89.50 53.00 -107.14
C LEU Y 1209 90.35 54.16 -106.69
N PHE Y 1210 91.38 53.88 -105.90
CA PHE Y 1210 92.23 54.94 -105.36
C PHE Y 1210 93.08 55.58 -106.46
N CYS Y 1211 93.93 54.79 -107.09
CA CYS Y 1211 94.81 55.31 -108.14
C CYS Y 1211 95.24 54.17 -109.03
N THR Y 1212 95.68 54.52 -110.24
CA THR Y 1212 96.15 53.56 -111.22
C THR Y 1212 97.49 54.02 -111.76
N ASN Y 1213 98.46 53.11 -111.76
CA ASN Y 1213 99.82 53.41 -112.21
C ASN Y 1213 100.44 54.52 -111.34
N SER Y 1214 100.55 54.22 -110.05
CA SER Y 1214 101.08 55.20 -109.10
C SER Y 1214 102.51 55.59 -109.44
N SER Y 1215 103.29 54.66 -109.99
CA SER Y 1215 104.71 54.88 -110.22
C SER Y 1215 105.01 55.49 -111.58
N SER Y 1216 104.01 55.69 -112.42
CA SER Y 1216 104.22 56.18 -113.77
C SER Y 1216 103.83 57.64 -113.89
N PRO Y 1217 104.26 58.30 -114.97
CA PRO Y 1217 103.91 59.72 -115.13
C PRO Y 1217 102.48 59.93 -115.60
N GLN Y 1218 101.90 58.95 -116.29
CA GLN Y 1218 100.52 59.05 -116.73
C GLN Y 1218 100.08 57.72 -117.30
N THR Y 1219 98.76 57.53 -117.39
CA THR Y 1219 98.17 56.31 -117.92
C THR Y 1219 97.73 56.53 -119.36
N ILE Y 1220 98.13 55.63 -120.24
CA ILE Y 1220 97.92 55.80 -121.67
C ILE Y 1220 96.66 55.07 -122.14
N ALA Y 1221 96.36 53.94 -121.51
CA ALA Y 1221 95.22 53.14 -121.94
C ALA Y 1221 94.61 52.45 -120.73
N GLY Y 1222 93.28 52.48 -120.64
CA GLY Y 1222 92.58 51.91 -119.52
C GLY Y 1222 92.05 52.97 -118.60
N PRO Y 1223 91.27 52.57 -117.60
CA PRO Y 1223 90.70 53.56 -116.68
C PRO Y 1223 91.76 54.17 -115.78
N ASP Y 1224 92.08 55.44 -115.98
CA ASP Y 1224 93.06 56.11 -115.14
C ASP Y 1224 92.38 56.90 -114.03
N LYS Y 1225 93.12 57.10 -112.94
CA LYS Y 1225 92.58 57.77 -111.78
C LYS Y 1225 93.74 58.36 -111.00
N HIS Y 1226 93.91 59.67 -111.06
CA HIS Y 1226 94.95 60.32 -110.28
C HIS Y 1226 94.61 60.26 -108.79
N ILE Y 1227 95.56 60.64 -107.97
CA ILE Y 1227 95.35 60.57 -106.52
C ILE Y 1227 94.22 61.51 -106.13
N PRO Y 1228 93.22 61.05 -105.38
CA PRO Y 1228 92.05 61.90 -105.13
C PRO Y 1228 92.38 63.04 -104.19
N VAL Y 1229 92.50 64.26 -104.73
CA VAL Y 1229 92.78 65.41 -103.90
C VAL Y 1229 91.59 65.78 -103.02
N GLU Y 1230 90.39 65.33 -103.39
CA GLU Y 1230 89.21 65.65 -102.60
C GLU Y 1230 89.29 65.07 -101.20
N ARG Y 1231 90.02 63.96 -101.03
CA ARG Y 1231 90.18 63.31 -99.75
C ARG Y 1231 91.38 63.85 -98.97
N TYR Y 1232 91.98 64.93 -99.43
CA TYR Y 1232 93.13 65.56 -98.77
C TYR Y 1232 92.93 67.06 -98.74
N ASN Y 1233 91.76 67.47 -98.25
CA ASN Y 1233 91.32 68.86 -98.34
C ASN Y 1233 92.30 69.80 -97.63
N ILE Y 1234 92.77 69.43 -96.44
CA ILE Y 1234 93.59 70.34 -95.65
C ILE Y 1234 95.01 70.48 -96.18
N LEU Y 1235 95.38 69.71 -97.19
CA LEU Y 1235 96.69 69.84 -97.83
C LEU Y 1235 96.61 70.48 -99.21
N THR Y 1236 95.74 69.96 -100.07
CA THR Y 1236 95.62 70.52 -101.41
C THR Y 1236 94.96 71.89 -101.37
N ASN Y 1237 93.82 71.99 -100.71
CA ASN Y 1237 93.10 73.25 -100.64
C ASN Y 1237 93.83 74.22 -99.72
N PRO Y 1238 94.33 75.34 -100.23
CA PRO Y 1238 95.11 76.23 -99.35
C PRO Y 1238 94.26 77.00 -98.34
N ASP Y 1239 93.09 77.47 -98.75
CA ASP Y 1239 92.27 78.30 -97.87
C ASP Y 1239 91.23 77.46 -97.12
N ALA Y 1240 91.73 76.55 -96.30
CA ALA Y 1240 90.87 75.70 -95.49
C ALA Y 1240 91.31 75.74 -94.04
N PRO Y 1241 90.38 75.83 -93.10
CA PRO Y 1241 90.75 75.76 -91.69
C PRO Y 1241 91.27 74.37 -91.35
N PRO Y 1242 92.25 74.27 -90.46
CA PRO Y 1242 92.83 72.96 -90.14
C PRO Y 1242 91.83 71.96 -89.57
N THR Y 1243 90.76 72.43 -88.94
CA THR Y 1243 89.75 71.55 -88.38
C THR Y 1243 88.56 71.37 -89.31
N GLN Y 1244 88.73 71.65 -90.60
CA GLN Y 1244 87.63 71.56 -91.54
C GLN Y 1244 87.44 70.12 -92.00
N ILE Y 1245 86.17 69.70 -92.09
CA ILE Y 1245 85.82 68.38 -92.59
C ILE Y 1245 84.60 68.51 -93.48
N GLN Y 1246 84.47 67.55 -94.40
CA GLN Y 1246 83.37 67.45 -95.34
C GLN Y 1246 82.76 66.06 -95.24
N LEU Y 1247 82.46 65.66 -94.00
CA LEU Y 1247 82.26 64.25 -93.67
C LEU Y 1247 81.11 63.58 -94.39
N PRO Y 1248 79.88 64.11 -94.39
CA PRO Y 1248 78.74 63.31 -94.89
C PRO Y 1248 78.86 62.89 -96.34
N GLU Y 1249 79.57 63.66 -97.17
CA GLU Y 1249 79.64 63.36 -98.59
C GLU Y 1249 80.91 62.61 -98.99
N VAL Y 1250 82.03 62.86 -98.32
CA VAL Y 1250 83.26 62.14 -98.60
C VAL Y 1250 84.12 62.03 -97.35
N VAL Y 1251 84.43 60.80 -96.94
CA VAL Y 1251 85.27 60.61 -95.75
C VAL Y 1251 86.67 61.09 -96.06
N ASP Y 1252 87.23 61.87 -95.15
CA ASP Y 1252 88.49 62.57 -95.37
C ASP Y 1252 89.63 61.79 -94.74
N LEU Y 1253 90.73 61.69 -95.47
CA LEU Y 1253 91.97 61.12 -94.96
C LEU Y 1253 92.93 62.23 -94.59
N TYR Y 1254 93.85 61.94 -93.67
CA TYR Y 1254 94.78 62.95 -93.17
C TYR Y 1254 94.04 64.09 -92.49
N ASN Y 1255 93.44 63.77 -91.35
CA ASN Y 1255 92.69 64.72 -90.55
C ASN Y 1255 93.56 65.30 -89.43
N VAL Y 1256 92.93 66.05 -88.53
CA VAL Y 1256 93.55 66.55 -87.32
C VAL Y 1256 92.99 65.76 -86.15
N VAL Y 1257 93.87 65.05 -85.44
CA VAL Y 1257 93.46 64.22 -84.33
C VAL Y 1257 94.04 64.79 -83.05
N THR Y 1258 93.33 64.59 -81.95
CA THR Y 1258 93.71 65.14 -80.65
C THR Y 1258 94.06 64.00 -79.71
N ARG Y 1259 95.29 63.99 -79.21
CA ARG Y 1259 95.79 62.92 -78.36
C ARG Y 1259 95.76 63.33 -76.90
N TYR Y 1260 95.30 62.41 -76.06
CA TYR Y 1260 95.11 62.66 -74.64
C TYR Y 1260 96.06 61.79 -73.82
N ALA Y 1261 96.10 62.09 -72.52
CA ALA Y 1261 96.74 61.21 -71.55
C ALA Y 1261 96.13 61.54 -70.19
N TYR Y 1262 95.16 60.74 -69.76
CA TYR Y 1262 94.48 60.97 -68.50
C TYR Y 1262 95.06 60.08 -67.43
N GLU Y 1263 94.52 60.22 -66.23
CA GLU Y 1263 94.84 59.34 -65.11
C GLU Y 1263 93.56 59.09 -64.34
N THR Y 1264 93.27 57.83 -64.05
CA THR Y 1264 92.01 57.43 -63.41
C THR Y 1264 92.33 56.75 -62.09
N PRO Y 1265 92.44 57.49 -61.01
CA PRO Y 1265 92.77 56.88 -59.72
C PRO Y 1265 91.59 56.13 -59.15
N PRO Y 1266 91.80 55.36 -58.10
CA PRO Y 1266 90.68 54.66 -57.45
C PRO Y 1266 89.85 55.59 -56.59
N ILE Y 1267 88.88 55.04 -55.88
CA ILE Y 1267 87.99 55.81 -55.01
C ILE Y 1267 88.56 55.71 -53.60
N THR Y 1268 89.23 56.76 -53.15
CA THR Y 1268 89.77 56.80 -51.81
C THR Y 1268 88.77 57.42 -50.84
N ALA Y 1269 89.06 57.29 -49.55
CA ALA Y 1269 88.19 57.85 -48.52
C ALA Y 1269 88.85 57.70 -47.18
N VAL Y 1270 88.58 58.64 -46.29
CA VAL Y 1270 89.09 58.60 -44.92
C VAL Y 1270 87.86 58.61 -44.01
N VAL Y 1271 87.40 57.42 -43.64
CA VAL Y 1271 86.23 57.31 -42.77
C VAL Y 1271 86.62 57.81 -41.38
N MET Y 1272 85.92 58.84 -40.91
CA MET Y 1272 86.16 59.42 -39.60
C MET Y 1272 84.96 59.18 -38.70
N GLY Y 1273 85.21 58.68 -37.50
CA GLY Y 1273 84.15 58.56 -36.52
C GLY Y 1273 83.62 59.91 -36.11
N VAL Y 1274 82.49 59.89 -35.41
CA VAL Y 1274 81.86 61.13 -34.99
C VAL Y 1274 81.51 61.02 -33.51
N PRO Y 1275 81.88 62.00 -32.68
CA PRO Y 1275 81.74 62.02 -31.22
C PRO Y 1275 80.35 61.66 -30.73
ZN ZN Z . 0.06 -35.95 -36.28
ZN ZN AA . 21.38 -41.38 -37.14
ZN ZN BA . 7.13 -40.51 -11.07
N SAM CA . -79.18 8.31 -15.09
CA SAM CA . -78.43 7.15 -14.73
C SAM CA . -77.15 7.70 -14.23
O SAM CA . -76.07 7.12 -14.44
OXT SAM CA . -77.23 8.76 -13.61
CB SAM CA . -78.20 6.23 -15.92
CG SAM CA . -79.52 5.66 -16.45
SD SAM CA . -79.22 4.36 -17.43
CE SAM CA . -79.32 4.84 -19.02
C5' SAM CA . -80.36 3.18 -17.16
C4' SAM CA . -80.02 2.38 -15.90
O4' SAM CA . -81.18 1.64 -15.51
C3' SAM CA . -78.89 1.38 -16.09
O3' SAM CA . -77.89 1.58 -15.11
C2' SAM CA . -79.52 0.01 -15.91
O2' SAM CA . -78.68 -0.79 -15.09
C1' SAM CA . -80.86 0.29 -15.23
N9 SAM CA . -81.98 -0.57 -15.68
C8 SAM CA . -82.30 -0.90 -16.94
N7 SAM CA . -83.40 -1.70 -16.95
C5 SAM CA . -83.81 -1.86 -15.69
C6 SAM CA . -84.89 -2.57 -15.00
N6 SAM CA . -85.80 -3.28 -15.71
N1 SAM CA . -84.95 -2.48 -13.67
C2 SAM CA . -84.06 -1.78 -12.96
N3 SAM CA . -83.05 -1.11 -13.52
C4 SAM CA . -82.86 -1.11 -14.85
HN1 SAM CA . -78.70 9.19 -15.21
HN2 SAM CA . -80.17 8.24 -15.21
HA SAM CA . -78.92 6.60 -13.92
HB1 SAM CA . -77.70 6.78 -16.72
HB2 SAM CA . -77.57 5.39 -15.61
HG1 SAM CA . -80.17 5.38 -15.62
HG2 SAM CA . -80.03 6.43 -17.04
HE1 SAM CA . -79.00 4.05 -19.65
HE2 SAM CA . -78.71 5.69 -19.17
HE3 SAM CA . -80.33 5.08 -19.24
H5'1 SAM CA . -80.41 2.51 -18.02
H5'2 SAM CA . -81.33 3.65 -17.04
H4' SAM CA . -79.74 3.06 -15.10
H3' SAM CA . -78.47 1.45 -17.11
HO3' SAM CA . -77.07 1.15 -15.39
H2' SAM CA . -79.64 -0.44 -16.90
HO2' SAM CA . -78.00 -1.20 -15.65
H1' SAM CA . -80.70 0.17 -14.15
H8 SAM CA . -81.77 -0.61 -17.82
HN61 SAM CA . -85.73 -3.33 -16.71
HN62 SAM CA . -86.55 -3.77 -15.23
H2 SAM CA . -84.17 -1.76 -11.88
N SAM DA . -72.46 37.94 -48.44
CA SAM DA . -73.59 38.91 -48.34
C SAM DA . -74.71 38.61 -49.30
O SAM DA . -75.75 38.10 -48.84
OXT SAM DA . -74.56 38.87 -50.51
CB SAM DA . -73.10 40.33 -48.53
CG SAM DA . -72.65 40.93 -47.20
SD SAM DA . -71.80 42.33 -47.42
CE SAM DA . -70.92 42.62 -46.03
C5' SAM DA . -72.83 43.60 -47.68
C4' SAM DA . -72.73 44.10 -49.11
O4' SAM DA . -73.92 44.80 -49.48
C3' SAM DA . -71.58 45.06 -49.39
O3' SAM DA . -70.52 44.40 -50.08
C2' SAM DA . -72.16 46.19 -50.22
O2' SAM DA . -71.44 46.34 -51.44
C1' SAM DA . -73.61 45.76 -50.49
N9 SAM DA . -74.66 46.81 -50.50
C8 SAM DA . -74.68 47.73 -49.34
N7 SAM DA . -74.89 49.10 -49.86
C5 SAM DA . -74.42 49.05 -51.25
C6 SAM DA . -75.15 49.92 -52.25
N6 SAM DA . -75.08 51.34 -51.88
N1 SAM DA . -74.47 49.71 -53.54
C2 SAM DA . -74.33 48.27 -53.91
N3 SAM DA . -73.83 47.41 -52.83
C4 SAM DA . -74.73 47.65 -51.70
HN1 SAM DA . -72.73 37.17 -49.06
HN2 SAM DA . -72.25 37.56 -47.50
HA SAM DA . -73.13 38.92 -49.34
HB1 SAM DA . -73.89 40.95 -48.95
HB2 SAM DA . -72.24 40.40 -49.23
HG1 SAM DA . -72.03 40.20 -46.67
HG2 SAM DA . -73.53 41.13 -46.59
HE1 SAM DA . -70.47 43.57 -46.10
HE2 SAM DA . -70.18 41.86 -45.93
HE3 SAM DA . -71.57 42.59 -45.20
H5'1 SAM DA . -72.60 44.41 -46.98
H5'2 SAM DA . -73.85 43.27 -47.48
H4' SAM DA . -72.60 43.24 -49.78
H3' SAM DA . -71.21 45.48 -48.44
HO3' SAM DA . -69.73 44.95 -50.06
H2' SAM DA . -72.10 47.11 -49.64
HO2' SAM DA . -70.58 46.71 -51.24
H1' SAM DA . -73.61 45.23 -51.44
H8 SAM DA . -75.50 47.46 -48.68
HN61 SAM DA . -74.13 51.71 -52.03
HN62 SAM DA . -75.76 51.88 -52.46
H2 SAM DA . -73.68 48.19 -54.79
PG GTP EA . -7.30 37.60 -37.69
O1G GTP EA . -6.96 38.94 -37.09
O2G GTP EA . -8.79 37.43 -37.81
O3G GTP EA . -6.71 36.49 -36.86
O3B GTP EA . -6.67 37.54 -39.16
PB GTP EA . -7.18 38.60 -40.25
O1B GTP EA . -8.58 38.24 -40.65
O2B GTP EA . -7.13 39.97 -39.63
O3A GTP EA . -6.21 38.57 -41.52
PA GTP EA . -4.79 39.34 -41.49
O1A GTP EA . -4.17 39.26 -42.86
O2A GTP EA . -5.01 40.76 -41.07
O5' GTP EA . -3.80 38.63 -40.46
C5' GTP EA . -2.89 37.67 -40.97
C4' GTP EA . -2.27 36.80 -39.89
O4' GTP EA . -1.46 37.56 -38.97
C3' GTP EA . -3.31 36.08 -39.03
O3' GTP EA . -3.50 34.68 -39.29
C2' GTP EA . -2.92 36.38 -37.59
O2' GTP EA . -3.14 35.30 -36.67
C1' GTP EA . -1.50 36.91 -37.70
N9 GTP EA . -1.14 37.77 -36.58
C8 GTP EA . -1.58 39.15 -36.78
N7 GTP EA . -0.54 40.02 -36.23
C5 GTP EA . 0.70 39.22 -36.15
C6 GTP EA . 1.28 39.23 -34.75
O6 GTP EA . 1.57 40.57 -34.35
N1 GTP EA . 2.52 38.45 -34.79
C2 GTP EA . 2.24 37.11 -35.34
N2 GTP EA . 2.80 36.07 -34.48
N3 GTP EA . 0.78 36.91 -35.44
C4 GTP EA . 0.32 37.80 -36.51
H5' GTP EA . -3.42 37.04 -41.69
H5'' GTP EA . -2.10 38.19 -41.52
H4' GTP EA . -1.65 36.04 -40.36
H3' GTP EA . -4.27 36.57 -39.19
HO3' GTP EA . -4.23 34.35 -38.77
H2' GTP EA . -3.53 37.21 -37.26
HO2' GTP EA . -4.09 35.18 -36.56
H1' GTP EA . -0.83 36.04 -37.71
H8 GTP EA . -2.51 39.32 -36.23
HN1 GTP EA . 2.90 38.35 -33.84
HN21 GTP EA . 2.69 35.16 -34.95
HN22 GTP EA . 3.80 36.26 -34.31
N SAM FA . -69.73 8.03 42.26
CA SAM FA . -68.49 7.35 41.99
C SAM FA . -67.59 8.04 41.04
O SAM FA . -66.57 7.47 40.60
OXT SAM FA . -67.93 9.16 40.70
CB SAM FA . -68.36 5.84 42.18
CG SAM FA . -69.30 5.34 43.28
SD SAM FA . -68.99 3.74 43.59
CE SAM FA . -70.11 2.83 42.80
C5' SAM FA . -69.10 3.48 45.22
C4' SAM FA . -67.81 3.87 45.94
O4' SAM FA . -68.09 3.95 47.33
C3' SAM FA . -66.67 2.89 45.75
O3' SAM FA . -65.55 3.57 45.19
C2' SAM FA . -66.36 2.36 47.13
O2' SAM FA . -64.96 2.34 47.37
C1' SAM FA . -67.05 3.33 48.08
N9 SAM FA . -67.64 2.71 49.30
C8 SAM FA . -68.31 1.55 49.41
N7 SAM FA . -68.71 1.33 50.69
C5 SAM FA . -68.31 2.38 51.42
C6 SAM FA . -68.39 2.78 52.83
N6 SAM FA . -69.02 2.01 53.74
N1 SAM FA . -67.84 3.95 53.18
C2 SAM FA . -67.20 4.74 52.29
N3 SAM FA . -67.10 4.42 50.99
C4 SAM FA . -67.60 3.27 50.50
HN1 SAM FA . -70.29 8.39 41.50
HN2 SAM FA . -70.03 8.18 43.22
HA SAM FA . -69.01 7.02 41.08
HB1 SAM FA . -67.34 5.61 42.46
HB2 SAM FA . -68.60 5.33 41.25
HG1 SAM FA . -69.17 5.94 44.18
HG2 SAM FA . -70.34 5.45 42.96
HE1 SAM FA . -70.07 3.02 41.76
HE2 SAM FA . -71.08 3.06 43.16
HE3 SAM FA . -69.92 1.80 42.98
H5'1 SAM FA . -69.31 2.42 45.41
H5'2 SAM FA . -69.93 4.06 45.63
H4' SAM FA . -67.49 4.86 45.57
H3' SAM FA . -66.97 2.06 45.10
HO3' SAM FA . -65.22 3.08 44.43
H2' SAM FA . -66.76 1.34 47.20
HO2' SAM FA . -64.51 3.02 46.84
H1' SAM FA . -66.32 4.08 48.37
H8 SAM FA . -68.51 0.86 48.60
HN61 SAM FA . -69.43 1.13 53.45
HN62 SAM FA . -69.07 2.31 54.71
H2 SAM FA . -66.77 5.67 52.63
PG GTP GA . -46.19 -6.83 -34.25
O1G GTP GA . -46.24 -5.62 -35.16
O2G GTP GA . -47.21 -6.70 -33.15
O3G GTP GA . -44.80 -6.99 -33.68
O3B GTP GA . -46.55 -8.12 -35.12
PB GTP GA . -48.00 -8.19 -35.80
O1B GTP GA . -49.04 -8.43 -34.73
O2B GTP GA . -48.25 -6.89 -36.52
O3A GTP GA . -48.04 -9.40 -36.87
PA GTP GA . -47.40 -9.21 -38.33
O1A GTP GA . -47.71 -10.44 -39.16
O2A GTP GA . -47.97 -7.97 -38.97
O5' GTP GA . -45.81 -9.06 -38.22
C5' GTP GA . -45.03 -10.24 -38.41
C4' GTP GA . -43.59 -10.08 -37.92
O4' GTP GA . -42.88 -9.09 -38.67
C3' GTP GA . -43.50 -9.63 -36.46
O3' GTP GA . -43.13 -10.65 -35.52
C2' GTP GA . -42.55 -8.43 -36.46
O2' GTP GA . -41.70 -8.34 -35.32
C1' GTP GA . -41.89 -8.51 -37.82
N9 GTP GA . -41.40 -7.21 -38.27
C8 GTP GA . -42.46 -6.42 -38.92
N7 GTP GA . -41.83 -5.70 -40.04
C5 GTP GA . -40.57 -6.39 -40.35
C6 GTP GA . -39.39 -5.44 -40.31
O6 GTP GA . -39.58 -4.38 -41.25
N1 GTP GA . -38.19 -6.22 -40.67
C2 GTP GA . -38.09 -7.39 -39.79
N2 GTP GA . -36.73 -7.47 -39.23
N3 GTP GA . -39.05 -7.26 -38.69
C4 GTP GA . -40.39 -7.45 -39.28
H5' GTP GA . -45.51 -11.06 -37.87
H5'' GTP GA . -45.03 -10.51 -39.46
H4' GTP GA . -43.12 -11.06 -38.11
H3' GTP GA . -42.67 -10.28 -36.72
HO3' GTP GA . -43.22 -10.30 -34.62
H2' GTP GA . -41.69 -9.10 -36.33
HO2' GTP GA . -42.24 -8.15 -34.55
H1' GTP GA . -41.01 -9.17 -37.85
H8 GTP GA . -42.87 -5.71 -38.22
HN1 GTP GA . -37.36 -5.63 -40.57
HN21 GTP GA . -36.66 -8.37 -38.71
HN22 GTP GA . -36.04 -7.46 -39.98
N SAM HA . -97.25 -0.75 7.18
CA SAM HA . -98.43 0.15 7.37
C SAM HA . -99.60 -0.52 8.03
O SAM HA . -99.83 -0.26 9.23
OXT SAM HA . -100.29 -1.33 7.38
CB SAM HA . -98.85 0.77 6.04
CG SAM HA . -98.07 2.04 5.78
SD SAM HA . -98.24 2.55 4.21
CE SAM HA . -97.00 3.60 3.86
C5' SAM HA . -99.69 3.35 4.01
C4' SAM HA . -100.65 2.54 3.16
O4' SAM HA . -102.00 2.94 3.42
C3' SAM HA . -100.46 2.67 1.66
O3' SAM HA . -99.81 1.51 1.14
C2' SAM HA . -101.85 2.84 1.07
O2' SAM HA . -102.11 1.85 0.09
C1' SAM HA . -102.79 2.69 2.26
N9 SAM HA . -104.00 3.55 2.31
C8 SAM HA . -103.79 5.00 2.10
N7 SAM HA . -104.85 5.47 1.19
C5 SAM HA . -105.29 4.28 0.45
C6 SAM HA . -106.75 4.20 0.07
N6 SAM HA . -107.15 5.34 -0.77
N1 SAM HA . -106.90 2.94 -0.67
C2 SAM HA . -106.36 1.76 0.04
N3 SAM HA . -105.01 1.95 0.60
C4 SAM HA . -105.12 3.15 1.43
HN1 SAM HA . -96.71 -0.78 8.05
HN2 SAM HA . -97.60 -1.71 6.97
HA SAM HA . -98.10 0.97 8.02
HB1 SAM HA . -99.92 0.99 6.07
HB2 SAM HA . -98.67 0.05 5.23
HG1 SAM HA . -98.42 2.82 6.46
HG2 SAM HA . -97.01 1.87 5.99
HE1 SAM HA . -97.06 3.91 2.85
HE2 SAM HA . -96.07 3.09 4.02
HE3 SAM HA . -97.05 4.43 4.51
H5'1 SAM HA . -99.52 4.33 3.57
H5'2 SAM HA . -100.13 3.52 5.00
H4' SAM HA . -100.54 1.47 3.42
H3' SAM HA . -99.86 3.57 1.45
HO3' SAM HA . -99.49 1.68 0.25
H2' SAM HA . -101.89 3.84 0.61
HO2' SAM HA . -101.56 2.02 -0.68
H1' SAM HA . -103.09 1.63 2.29
H8 SAM HA . -103.86 5.52 3.05
HN61 SAM HA . -106.99 5.11 -1.77
HN62 SAM HA . -108.15 5.53 -0.63
H2 SAM HA . -106.36 0.90 -0.63
N SAM IA . -65.38 23.47 67.16
CA SAM IA . -66.50 24.42 67.45
C SAM IA . -66.62 24.76 68.90
O SAM IA . -66.22 25.89 69.27
OXT SAM IA . -67.10 23.93 69.70
CB SAM IA . -67.82 23.87 66.92
CG SAM IA . -68.01 24.28 65.46
SD SAM IA . -69.25 23.43 64.76
CE SAM IA . -69.06 23.53 63.11
C5' SAM IA . -70.72 24.08 65.18
C4' SAM IA . -71.48 23.14 66.10
O4' SAM IA . -72.45 23.87 66.85
C3' SAM IA . -72.25 22.04 65.39
O3' SAM IA . -71.57 20.79 65.53
C2' SAM IA . -73.61 21.99 66.05
O2' SAM IA . -73.89 20.69 66.56
C1' SAM IA . -73.53 23.00 67.19
N9 SAM IA . -74.73 23.83 67.50
C8 SAM IA . -75.37 24.50 66.34
N7 SAM IA . -76.84 24.33 66.47
C5 SAM IA . -77.00 23.13 67.30
C6 SAM IA . -78.19 23.11 68.25
N6 SAM IA . -79.46 23.24 67.52
N1 SAM IA . -78.13 21.80 68.93
C2 SAM IA . -76.81 21.51 69.56
N3 SAM IA . -75.66 21.77 68.67
C4 SAM IA . -75.82 23.15 68.23
HN1 SAM IA . -64.51 23.83 67.59
HN2 SAM IA . -65.26 23.38 66.14
HA SAM IA . -66.28 25.34 66.90
HB1 SAM IA . -68.65 24.25 67.52
HB2 SAM IA . -67.82 22.78 66.98
HG1 SAM IA . -67.09 24.12 64.91
HG2 SAM IA . -68.24 25.35 65.42
HE1 SAM IA . -69.82 22.97 62.62
HE2 SAM IA . -68.11 23.15 62.85
HE3 SAM IA . -69.12 24.54 62.82
H5'1 SAM IA . -71.29 24.30 64.28
H5'2 SAM IA . -70.55 25.03 65.69
H4' SAM IA . -70.76 22.70 66.79
H3' SAM IA . -72.38 22.28 64.33
HO3' SAM IA . -71.43 20.59 66.46
H2' SAM IA . -74.37 22.26 65.30
HO2' SAM IA . -73.94 20.07 65.82
H1' SAM IA . -73.23 22.45 68.08
H8 SAM IA . -75.12 25.56 66.34
HN61 SAM IA . -79.41 24.03 66.85
HN62 SAM IA . -80.21 23.43 68.20
H2 SAM IA . -76.80 20.48 69.90
N SAM JA . -31.12 49.36 53.83
CA SAM JA . -29.80 49.05 53.34
C SAM JA . -30.01 48.48 52.00
O SAM JA . -29.10 47.86 51.44
OXT SAM JA . -31.12 48.68 51.50
CB SAM JA . -29.12 48.05 54.25
CG SAM JA . -28.89 48.66 55.63
SD SAM JA . -27.43 48.07 56.20
CE SAM JA . -27.38 46.45 56.63
C5' SAM JA . -26.51 49.14 57.11
C4' SAM JA . -25.37 49.64 56.22
O4' SAM JA . -24.77 50.80 56.82
C3' SAM JA . -24.28 48.61 56.04
O3' SAM JA . -23.95 48.49 54.66
C2' SAM JA . -23.10 49.16 56.81
O2' SAM JA . -21.89 48.84 56.12
C1' SAM JA . -23.36 50.65 56.86
N9 SAM JA . -22.88 51.37 58.07
C8 SAM JA . -22.84 50.95 59.34
N7 SAM JA . -22.33 51.91 60.16
C5 SAM JA . -22.04 52.97 59.39
C6 SAM JA . -21.48 54.31 59.63
N6 SAM JA . -21.12 54.71 60.86
N1 SAM JA . -21.34 55.13 58.56
C2 SAM JA . -21.70 54.75 57.32
N3 SAM JA . -22.21 53.53 57.05
C4 SAM JA . -22.40 52.62 58.03
HN1 SAM JA . -31.93 48.88 53.45
HN2 SAM JA . -31.25 50.07 54.53
HA SAM JA . -29.20 49.97 53.25
HB1 SAM JA . -28.15 47.76 53.85
HB2 SAM JA . -29.74 47.16 54.35
HG1 SAM JA . -29.70 48.38 56.31
HG2 SAM JA . -28.85 49.75 55.58
HE1 SAM JA . -26.53 46.26 57.23
HE2 SAM JA . -27.32 45.87 55.74
HE3 SAM JA . -28.26 46.20 57.15
H5'1 SAM JA . -26.11 48.66 57.99
H5'2 SAM JA . -27.12 49.99 57.42
H4' SAM JA . -25.78 49.89 55.24
H3' SAM JA . -24.56 47.64 56.46
HO3' SAM JA . -23.32 47.76 54.55
H2' SAM JA . -23.10 48.70 57.80
HO2' SAM JA . -21.58 47.97 56.39
H1' SAM JA . -22.92 51.11 55.97
H8 SAM JA . -23.15 49.97 59.70
HN61 SAM JA . -21.23 54.08 61.64
HN62 SAM JA . -20.74 55.63 61.01
H2 SAM JA . -21.57 55.44 56.50
PG GTP KA . -50.65 -22.86 22.47
O1G GTP KA . -51.74 -22.80 21.43
O2G GTP KA . -50.79 -21.72 23.45
O3G GTP KA . -49.30 -22.82 21.81
O3B GTP KA . -50.79 -24.24 23.28
PB GTP KA . -52.14 -24.49 24.10
O1B GTP KA . -52.14 -23.59 25.31
O2B GTP KA . -53.30 -24.19 23.21
O3A GTP KA . -52.20 -26.03 24.57
PA GTP KA . -52.67 -27.16 23.54
O1A GTP KA . -52.79 -28.48 24.28
O2A GTP KA . -53.98 -26.77 22.93
O5' GTP KA . -51.58 -27.34 22.37
C5' GTP KA . -50.61 -28.36 22.54
C4' GTP KA . -49.43 -28.19 21.59
O4' GTP KA . -49.80 -28.33 20.22
C3' GTP KA . -48.74 -26.83 21.71
O3' GTP KA . -47.49 -26.81 22.42
C2' GTP KA . -48.64 -26.31 20.29
O2' GTP KA . -47.46 -25.57 19.99
C1' GTP KA . -48.91 -27.54 19.43
N9 GTP KA . -49.43 -27.19 18.11
C8 GTP KA . -50.89 -26.99 18.13
N7 GTP KA . -51.40 -27.53 16.87
C5 GTP KA . -50.39 -28.46 16.35
C6 GTP KA . -49.99 -28.11 14.92
O6 GTP KA . -51.14 -28.14 14.07
N1 GTP KA . -49.01 -29.12 14.48
C2 GTP KA . -47.91 -29.18 15.45
N2 GTP KA . -46.62 -29.09 14.75
N3 GTP KA . -48.01 -28.05 16.39
C4 GTP KA . -49.18 -28.33 17.24
H5' GTP KA . -50.26 -28.34 23.57
H5'' GTP KA . -51.07 -29.33 22.38
H4' GTP KA . -48.68 -28.97 21.83
H3' GTP KA . -49.43 -26.16 22.24
HO3' GTP KA . -47.22 -25.90 22.52
H2' GTP KA . -49.49 -25.63 20.14
HO2' GTP KA . -47.49 -24.73 20.49
H1' GTP KA . -47.97 -28.08 19.32
H8 GTP KA . -51.09 -25.92 18.16
HN1 GTP KA . -48.64 -28.86 13.56
HN21 GTP KA . -46.57 -29.84 14.04
HN22 GTP KA . -45.87 -29.23 15.45
N SAM LA . -20.94 77.14 48.64
CA SAM LA . -21.99 78.18 48.89
C SAM LA . -21.42 79.53 49.21
O SAM LA . -21.45 80.41 48.34
OXT SAM LA . -20.92 79.73 50.35
CB SAM LA . -22.94 77.72 49.99
CG SAM LA . -24.08 76.90 49.39
SD SAM LA . -24.93 76.12 50.57
CE SAM LA . -25.77 74.88 49.85
C5' SAM LA . -26.01 77.15 51.29
C4' SAM LA . -25.59 77.45 52.73
O4' SAM LA . -26.18 78.67 53.17
C3' SAM LA . -26.02 76.40 53.76
O3' SAM LA . -24.89 75.59 54.13
C2' SAM LA . -26.57 77.17 54.94
O2' SAM LA . -25.87 76.83 56.14
C1' SAM LA . -26.33 78.64 54.59
N9 SAM LA . -27.37 79.62 54.98
C8 SAM LA . -28.76 79.30 54.62
N7 SAM LA . -29.62 79.61 55.78
C5 SAM LA . -28.72 79.56 56.93
C6 SAM LA . -29.00 80.51 58.07
N6 SAM LA . -30.35 80.31 58.64
N1 SAM LA . -27.98 80.24 59.10
C2 SAM LA . -26.59 80.24 58.58
N3 SAM LA . -26.40 79.47 57.33
C4 SAM LA . -27.40 80.01 56.41
HN1 SAM LA . -20.22 77.54 48.02
HN2 SAM LA . -21.38 76.32 48.20
HA SAM LA . -22.57 78.27 47.97
HB1 SAM LA . -23.34 78.59 50.51
HB2 SAM LA . -22.40 77.12 50.72
HG1 SAM LA . -24.75 77.57 48.84
HG2 SAM LA . -23.68 76.18 48.68
HE1 SAM LA . -26.44 74.43 50.55
HE2 SAM LA . -25.09 74.15 49.49
HE3 SAM LA . -26.33 75.26 49.03
H5'1 SAM LA . -27.02 76.72 51.27
H5'2 SAM LA . -26.05 78.08 50.74
H4' SAM LA . -24.50 77.53 52.78
H3' SAM LA . -26.81 75.77 53.34
HO3' SAM LA . -25.20 74.80 54.57
H2' SAM LA . -27.63 76.92 55.05
HO2' SAM LA . -26.08 75.91 56.37
H1' SAM LA . -25.37 78.92 55.03
H8 SAM LA . -29.07 79.89 53.76
HN61 SAM LA . -31.04 80.38 57.88
HN62 SAM LA . -30.54 81.03 59.35
H2 SAM LA . -25.90 79.88 59.35
N SAM MA . -17.30 74.60 2.78
CA SAM MA . -16.50 73.47 3.17
C SAM MA . -16.76 73.36 4.61
O SAM MA . -16.64 72.27 5.17
OXT SAM MA . -17.10 74.41 5.19
CB SAM MA . -15.02 73.72 2.91
CG SAM MA . -14.53 75.15 3.12
SD SAM MA . -12.85 75.22 2.91
CE SAM MA . -11.91 74.67 4.20
C5' SAM MA . -12.21 76.47 2.00
C4' SAM MA . -11.85 75.96 0.60
O4' SAM MA . -11.52 77.08 -0.24
C3' SAM MA . -10.66 75.03 0.57
O3' SAM MA . -11.07 73.73 0.11
C2' SAM MA . -9.67 75.64 -0.41
O2' SAM MA . -9.16 74.67 -1.30
C1' SAM MA . -10.50 76.69 -1.15
N9 SAM MA . -9.75 77.90 -1.61
C8 SAM MA . -8.75 78.56 -0.97
N7 SAM MA . -8.33 79.61 -1.71
C5 SAM MA . -9.06 79.65 -2.83
C6 SAM MA . -9.11 80.51 -4.03
N6 SAM MA . -8.29 81.57 -4.17
N1 SAM MA . -10.02 80.20 -4.97
C2 SAM MA . -10.84 79.15 -4.85
N3 SAM MA . -10.84 78.34 -3.79
C4 SAM MA . -9.98 78.53 -2.76
HN1 SAM MA . -17.92 75.03 3.43
HN2 SAM MA . -17.23 74.95 1.83
HA SAM MA . -16.83 72.57 2.65
HB1 SAM MA . -14.45 73.05 3.55
HB2 SAM MA . -14.80 73.43 1.87
HG1 SAM MA . -14.77 75.49 4.13
HG2 SAM MA . -14.99 75.83 2.41
HE1 SAM MA . -10.89 74.86 4.00
HE2 SAM MA . -12.06 73.63 4.33
HE3 SAM MA . -12.20 75.19 5.08
H5'1 SAM MA . -11.32 76.87 2.49
H5'2 SAM MA . -12.95 77.28 1.91
H4' SAM MA . -12.72 75.44 0.19
H3' SAM MA . -10.20 74.95 1.55
HO3' SAM MA . -10.34 73.11 0.23
H2' SAM MA . -8.87 76.09 0.19
HO2' SAM MA . -8.38 74.26 -0.92
H1' SAM MA . -10.94 76.20 -2.02
H8 SAM MA . -8.34 78.29 -0.01
HN61 SAM MA . -7.62 81.78 -3.44
HN62 SAM MA . -8.34 82.14 -4.99
H2 SAM MA . -11.55 78.96 -5.65
PG GTP NA . -14.55 11.64 54.15
O1G GTP NA . -15.91 11.12 54.54
O2G GTP NA . -14.63 13.12 53.83
O3G GTP NA . -14.00 10.86 52.98
O3B GTP NA . -13.57 11.46 55.40
PB GTP NA . -13.92 12.23 56.75
O1B GTP NA . -13.66 13.70 56.57
O2B GTP NA . -15.37 11.97 57.09
O3A GTP NA . -13.00 11.66 57.95
PA GTP NA . -13.38 10.28 58.68
O1A GTP NA . -12.44 10.07 59.84
O2A GTP NA . -14.81 10.33 59.14
O5' GTP NA . -13.20 9.05 57.67
C5' GTP NA . -11.97 8.34 57.71
C4' GTP NA . -11.75 7.46 56.49
O4' GTP NA . -12.73 6.41 56.39
C3' GTP NA . -11.84 8.24 55.16
O3' GTP NA . -10.60 8.51 54.51
C2' GTP NA . -12.81 7.44 54.30
O2' GTP NA . -12.50 7.42 52.90
C1' GTP NA . -12.92 6.11 55.01
N9 GTP NA . -14.17 5.42 54.72
C8 GTP NA . -15.25 5.87 55.59
N7 GTP NA . -16.07 4.69 55.91
C5 GTP NA . -15.24 3.51 55.64
C6 GTP NA . -15.93 2.55 54.68
O6 GTP NA . -17.18 2.12 55.22
N1 GTP NA . -15.03 1.38 54.52
C2 GTP NA . -13.70 1.84 54.10
N2 GTP NA . -13.25 1.09 52.93
N3 GTP NA . -13.76 3.27 53.75
C4 GTP NA . -13.96 4.01 55.00
H5' GTP NA . -11.93 7.74 58.61
H5'' GTP NA . -11.16 9.08 57.78
H4' GTP NA . -10.75 7.02 56.53
H3' GTP NA . -12.32 9.19 55.37
HO3' GTP NA . -10.76 9.15 53.80
H2' GTP NA . -13.79 7.93 54.41
HO2' GTP NA . -12.63 8.31 52.55
H1' GTP NA . -12.07 5.49 54.67
H8 GTP NA . -15.88 6.59 55.06
HN1 GTP NA . -15.41 0.75 53.79
HN21 GTP NA . -12.29 1.38 52.71
HN22 GTP NA . -13.26 0.08 53.15
PG GTP OA . 12.23 49.05 17.01
O1G GTP OA . 11.74 49.32 18.40
O2G GTP OA . 11.32 49.71 15.99
O3G GTP OA . 12.30 47.56 16.76
O3B GTP OA . 13.69 49.67 16.85
PB GTP OA . 13.86 51.25 17.02
O1B GTP OA . 13.26 51.95 15.82
O2B GTP OA . 13.16 51.67 18.29
O3A GTP OA . 15.42 51.62 17.13
PA GTP OA . 16.21 51.43 18.52
O1A GTP OA . 17.60 51.98 18.38
O2A GTP OA . 15.44 52.12 19.62
O5' GTP OA . 16.33 49.87 18.87
C5' GTP OA . 17.52 49.20 18.48
C4' GTP OA . 17.38 47.68 18.53
O4' GTP OA . 17.14 47.18 19.84
C3' GTP OA . 16.23 47.16 17.66
O3' GTP OA . 16.58 46.56 16.42
C2' GTP OA . 15.43 46.23 18.56
O2' GTP OA . 14.88 45.08 17.92
C1' GTP OA . 16.38 45.98 19.73
N9 GTP OA . 15.66 45.62 20.96
C8 GTP OA . 15.20 46.79 21.70
N7 GTP OA . 15.35 46.48 23.12
C5 GTP OA . 16.31 45.38 23.23
C6 GTP OA . 15.75 44.21 24.02
O6 GTP OA . 15.37 44.64 25.33
N1 GTP OA . 16.79 43.19 24.10
C2 GTP OA . 17.28 42.87 22.74
N2 GTP OA . 17.28 41.42 22.55
N3 GTP OA . 16.38 43.48 21.75
C4 GTP OA . 16.60 44.92 21.82
H5' GTP OA . 17.79 49.51 17.48
H5'' GTP OA . 18.33 49.51 19.15
H4' GTP OA . 18.30 47.24 18.12
H3' GTP OA . 15.57 48.01 17.45
HO3' GTP OA . 15.78 46.37 15.91
H2' GTP OA . 14.60 46.82 18.97
HO2' GTP OA . 14.15 45.37 17.36
H1' GTP OA . 17.03 45.15 19.46
H8 GTP OA . 14.14 46.95 21.48
HN1 GTP OA . 16.41 42.34 24.54
HN21 GTP OA . 17.86 40.97 23.28
HN22 GTP OA . 17.67 41.21 21.61
N SAM PA . -45.52 50.06 -38.72
CA SAM PA . -45.89 48.79 -39.26
C SAM PA . -46.01 47.87 -38.11
O SAM PA . -45.12 47.86 -37.24
OXT SAM PA . -47.00 47.13 -38.06
CB SAM PA . -44.83 48.29 -40.23
CG SAM PA . -44.87 49.07 -41.54
SD SAM PA . -43.76 48.46 -42.60
CE SAM PA . -42.53 49.56 -42.82
C5' SAM PA . -44.49 48.17 -44.06
C4' SAM PA . -45.07 46.76 -44.04
O4' SAM PA . -46.07 46.66 -45.05
C3' SAM PA . -44.05 45.67 -44.28
O3' SAM PA . -44.04 44.74 -43.20
C2' SAM PA . -44.49 44.98 -45.56
O2' SAM PA . -44.45 43.57 -45.41
C1' SAM PA . -45.91 45.46 -45.79
N9 SAM PA . -46.25 45.74 -47.21
C8 SAM PA . -45.54 46.48 -48.07
N7 SAM PA . -46.15 46.52 -49.28
C5 SAM PA . -47.27 45.80 -49.19
C6 SAM PA . -48.38 45.43 -50.09
N6 SAM PA . -48.40 45.87 -51.38
N1 SAM PA . -49.36 44.67 -49.60
C2 SAM PA . -49.36 44.23 -48.33
N3 SAM PA . -48.39 44.53 -47.46
C4 SAM PA . -47.33 45.30 -47.83
HN1 SAM PA . -45.10 50.12 -37.80
HN2 SAM PA . -45.68 50.91 -39.25
HA SAM PA . -46.86 48.85 -39.78
HB1 SAM PA . -43.84 48.40 -39.78
HB2 SAM PA . -44.99 47.23 -40.43
HG1 SAM PA . -44.65 50.12 -41.35
HG2 SAM PA . -45.88 49.01 -41.96
HE1 SAM PA . -41.77 49.12 -43.40
HE2 SAM PA . -42.15 49.84 -41.87
HE3 SAM PA . -42.91 50.41 -43.32
H5'1 SAM PA . -43.76 48.26 -44.87
H5'2 SAM PA . -45.28 48.90 -44.24
H4' SAM PA . -45.53 46.58 -43.05
H3' SAM PA . -43.05 46.09 -44.43
HO3' SAM PA . -44.68 44.04 -43.36
H2' SAM PA . -43.82 45.29 -46.37
HO2' SAM PA . -43.54 43.26 -45.48
H1' SAM PA . -46.59 44.70 -45.39
H8 SAM PA . -44.61 46.98 -47.85
HN61 SAM PA . -47.65 46.45 -51.72
HN62 SAM PA . -49.17 45.61 -51.98
H2 SAM PA . -50.18 43.61 -47.99
N SAM QA . -25.27 86.07 -22.81
CA SAM QA . -26.32 87.12 -22.67
C SAM QA . -26.35 88.07 -23.84
O SAM QA . -27.29 87.94 -24.67
OXT SAM QA . -25.47 88.95 -23.94
CB SAM QA . -26.15 87.89 -21.37
CG SAM QA . -26.91 87.19 -20.25
SD SAM QA . -26.47 87.79 -18.76
CE SAM QA . -26.89 86.67 -17.61
C5' SAM QA . -27.27 89.21 -18.45
C4' SAM QA . -26.32 90.40 -18.47
O4' SAM QA . -27.04 91.60 -18.73
C3' SAM QA . -25.55 90.63 -17.18
O3' SAM QA . -24.20 90.18 -17.31
C2' SAM QA . -25.61 92.12 -16.93
O2' SAM QA . -24.32 92.68 -16.80
C1' SAM QA . -26.33 92.69 -18.15
N9 SAM QA . -27.27 93.83 -17.95
C8 SAM QA . -28.29 93.64 -16.88
N7 SAM QA . -28.37 94.91 -16.12
C5 SAM QA . -27.07 95.57 -16.34
C6 SAM QA . -27.08 97.08 -16.41
N6 SAM QA . -27.59 97.68 -15.16
N1 SAM QA . -25.66 97.47 -16.61
C2 SAM QA . -25.00 96.77 -17.73
N3 SAM QA . -25.22 95.32 -17.77
C4 SAM QA . -26.67 95.15 -17.72
HN1 SAM QA . -25.01 85.72 -21.88
HN2 SAM QA . -24.43 86.49 -23.25
HA SAM QA . -27.28 86.60 -22.62
HB1 SAM QA . -26.55 88.90 -21.49
HB2 SAM QA . -25.09 87.97 -21.12
HG1 SAM QA . -26.69 86.12 -20.28
HG2 SAM QA . -27.97 87.31 -20.39
HE1 SAM QA . -26.74 87.07 -16.65
HE2 SAM QA . -26.29 85.80 -17.73
HE3 SAM QA . -27.91 86.41 -17.72
H5'1 SAM QA . -27.77 89.15 -17.49
H5'2 SAM QA . -28.04 89.36 -19.22
H4' SAM QA . -25.59 90.23 -19.28
H3' SAM QA . -26.04 90.11 -16.36
HO3' SAM QA . -23.80 90.13 -16.45
H2' SAM QA . -26.17 92.28 -16.00
HO2' SAM QA . -23.92 92.36 -15.97
H1' SAM QA . -25.55 92.99 -18.85
H8 SAM QA . -29.26 93.43 -17.33
HN61 SAM QA . -28.47 97.22 -14.89
HN62 SAM QA . -27.76 98.68 -15.32
H2 SAM QA . -23.93 96.98 -17.72
PA UTP RA . 61.47 -6.29 -26.36
O1A UTP RA . 62.45 -5.14 -26.27
O2A UTP RA . 62.17 -7.60 -26.07
O3A UTP RA . 60.83 -6.35 -27.83
O5' UTP RA . 60.31 -6.10 -25.25
PB UTP RA . 61.77 -6.18 -29.13
O1B UTP RA . 62.66 -7.40 -29.25
O2B UTP RA . 62.62 -4.93 -28.97
O3B UTP RA . 60.88 -6.06 -30.45
PG UTP RA . 61.50 -6.46 -31.88
O1G UTP RA . 62.84 -5.77 -32.04
O2G UTP RA . 60.56 -6.01 -32.97
O3G UTP RA . 61.66 -7.95 -31.92
C5' UTP RA . 59.82 -4.82 -24.88
C4' UTP RA . 59.33 -4.85 -23.43
O4' UTP RA . 58.61 -6.07 -23.20
C1' UTP RA . 59.05 -6.72 -21.99
C2' UTP RA . 60.36 -6.04 -21.59
O2' UTP RA . 60.37 -5.69 -20.21
C3' UTP RA . 60.47 -4.79 -22.43
O3' UTP RA . 60.36 -3.64 -21.60
N1 UTP RA . 59.17 -8.18 -22.20
C6 UTP RA . 59.87 -8.42 -23.48
C2 UTP RA . 59.80 -8.81 -21.04
O2 UTP RA . 58.91 -8.75 -19.91
N3 UTP RA . 60.14 -10.21 -21.31
C4 UTP RA . 61.17 -10.18 -22.35
O4 UTP RA . 61.80 -11.45 -22.46
C5 UTP RA . 60.42 -9.84 -23.62
H5'1 UTP RA . 60.59 -4.06 -25.00
H5'2 UTP RA . 58.98 -4.55 -25.54
H4' UTP RA . 58.67 -3.99 -23.27
H1' UTP RA . 58.32 -6.52 -21.20
H2' UTP RA . 61.24 -6.67 -21.83
HA UTP RA . 60.13 -6.45 -19.66
H3' UTP RA . 61.42 -4.80 -22.98
HB UTP RA . 61.19 -3.51 -21.12
H6 UTP RA . 59.18 -8.25 -24.30
H3 UTP RA . 60.53 -10.65 -20.46
H5 UTP RA . 59.60 -10.54 -23.75
MG MG SA . 59.73 -8.42 -31.43
MG MG TA . 58.75 -7.61 -27.29
ZN ZN UA . 10.55 -25.41 -124.22
ZN ZN VA . -53.09 -115.23 -33.23
ZN ZN WA . -5.28 -86.52 97.93
ZN ZN XA . 88.05 20.88 88.32
ZN ZN YA . 98.04 58.37 -49.03
#